data_6D6S
#
_entry.id   6D6S
#
_entity_poly.entity_id   1
_entity_poly.type   'polypeptide(L)'
_entity_poly.pdbx_seq_one_letter_code
;MNHKVHHHHHHMQVSVETTQGLGRRVTITIAADSIETAVKSELVNVAKKVRIDGFRKGKVPMNIVAQRYGASVRQDVLGD
LMSRNFIDAIIKEKINPAGAPTYVPGEYKLGEDFTYSVEFEVYPEVELQGLEAIEVEKPIVEVTDADVDGMLDTLRKQQA
TWKEKDGAVEAEDRVTIDFTGSVDGEEFEGGKASDFVLAMGQGRMIPGFEDGIKGHKAGEEFTIDVTFPEEYHAENLKGK
AAKFAINLKKVEERELPELTAEFIKRFGVEDGSVEGLRAEVRKNMERELKSAIRNRVKSQAIEGLVKANDIDVPAALIDS
EIDVLRRQAAQRFGGNEKQALELPRELFEEQAKRRVVVGLLLGEVIRTNELKADEERVKGLIEEMASAYEDPKEVIEFYS
KNKELMDNMRNVALEEQAVEAVLAKAKVTEKETTFNELMNQQA
;
_entity_poly.pdbx_strand_id   A,B
#
# COMPACT_ATOMS: atom_id res chain seq x y z
N MET A 12 13.66 -26.87 5.32
CA MET A 12 13.65 -25.57 4.62
C MET A 12 15.09 -25.15 4.27
N GLN A 13 15.29 -24.63 3.05
CA GLN A 13 16.62 -24.22 2.56
C GLN A 13 16.88 -22.75 2.93
N VAL A 14 17.72 -22.52 3.96
CA VAL A 14 18.10 -21.15 4.40
C VAL A 14 19.64 -21.07 4.57
N SER A 15 20.23 -19.89 4.31
CA SER A 15 21.68 -19.67 4.44
C SER A 15 21.97 -18.24 4.94
N VAL A 16 22.22 -18.10 6.26
CA VAL A 16 22.61 -16.81 6.86
C VAL A 16 24.08 -16.48 6.53
N GLU A 17 24.27 -15.55 5.58
CA GLU A 17 25.57 -14.95 5.25
C GLU A 17 25.72 -13.63 6.02
N THR A 18 26.94 -13.23 6.35
CA THR A 18 27.25 -11.90 6.90
C THR A 18 27.85 -11.03 5.80
N THR A 19 27.29 -9.81 5.63
CA THR A 19 27.78 -8.83 4.65
C THR A 19 28.89 -7.97 5.31
N GLN A 20 28.50 -7.17 6.32
CA GLN A 20 29.45 -6.37 7.13
C GLN A 20 28.72 -5.85 8.38
N GLY A 21 29.16 -6.32 9.57
CA GLY A 21 28.78 -5.75 10.87
C GLY A 21 27.27 -5.82 11.16
N LEU A 22 26.54 -4.80 10.69
CA LEU A 22 25.09 -4.68 10.87
C LEU A 22 24.36 -5.59 9.88
N GLY A 23 24.85 -5.56 8.63
CA GLY A 23 24.19 -6.21 7.50
C GLY A 23 24.56 -7.68 7.36
N ARG A 24 23.53 -8.51 7.15
CA ARG A 24 23.65 -9.97 6.96
C ARG A 24 22.63 -10.43 5.91
N ARG A 25 23.09 -11.26 4.97
CA ARG A 25 22.33 -11.70 3.80
C ARG A 25 21.83 -13.15 3.99
N VAL A 26 20.62 -13.31 4.55
CA VAL A 26 19.99 -14.63 4.74
C VAL A 26 19.30 -15.07 3.43
N THR A 27 20.02 -15.84 2.60
CA THR A 27 19.50 -16.33 1.31
C THR A 27 18.62 -17.58 1.55
N ILE A 28 17.32 -17.48 1.20
CA ILE A 28 16.32 -18.56 1.42
C ILE A 28 15.76 -19.05 0.07
N THR A 29 15.62 -20.38 -0.08
CA THR A 29 15.04 -21.04 -1.25
C THR A 29 13.85 -21.92 -0.82
N ILE A 30 12.65 -21.55 -1.29
CA ILE A 30 11.40 -22.31 -1.02
C ILE A 30 11.18 -23.33 -2.16
N ALA A 31 10.87 -24.60 -1.82
CA ALA A 31 10.69 -25.68 -2.82
C ALA A 31 9.39 -25.48 -3.64
N ALA A 32 9.31 -26.15 -4.82
CA ALA A 32 8.23 -25.95 -5.82
C ALA A 32 6.82 -26.25 -5.26
N ASP A 33 6.68 -27.46 -4.71
CA ASP A 33 5.40 -27.94 -4.14
C ASP A 33 5.10 -27.27 -2.79
N SER A 34 6.15 -26.73 -2.14
CA SER A 34 5.99 -25.95 -0.90
C SER A 34 5.28 -24.61 -1.20
N ILE A 35 5.60 -24.04 -2.38
CA ILE A 35 4.90 -22.86 -2.92
C ILE A 35 3.49 -23.27 -3.37
N GLU A 36 3.43 -24.35 -4.18
CA GLU A 36 2.22 -24.79 -4.89
C GLU A 36 1.07 -25.11 -3.91
N THR A 37 1.37 -25.91 -2.87
CA THR A 37 0.42 -26.27 -1.80
C THR A 37 -0.10 -25.02 -1.06
N ALA A 38 0.80 -24.04 -0.86
CA ALA A 38 0.45 -22.75 -0.23
C ALA A 38 -0.47 -21.91 -1.14
N VAL A 39 -0.27 -22.02 -2.48
CA VAL A 39 -1.15 -21.34 -3.47
C VAL A 39 -2.57 -21.91 -3.38
N LYS A 40 -2.65 -23.26 -3.39
CA LYS A 40 -3.93 -24.01 -3.29
C LYS A 40 -4.69 -23.65 -1.99
N SER A 41 -3.91 -23.63 -0.89
CA SER A 41 -4.40 -23.30 0.46
C SER A 41 -5.02 -21.91 0.49
N GLU A 42 -4.25 -20.88 0.05
CA GLU A 42 -4.71 -19.48 0.10
C GLU A 42 -5.77 -19.18 -0.96
N LEU A 43 -5.79 -19.97 -2.06
CA LEU A 43 -6.84 -19.90 -3.09
C LEU A 43 -8.19 -20.25 -2.45
N VAL A 44 -8.30 -21.49 -1.91
CA VAL A 44 -9.56 -21.97 -1.32
C VAL A 44 -9.91 -21.21 -0.02
N ASN A 45 -8.89 -20.72 0.72
CA ASN A 45 -9.09 -19.87 1.92
C ASN A 45 -9.83 -18.59 1.55
N VAL A 46 -9.19 -17.75 0.70
CA VAL A 46 -9.75 -16.45 0.32
C VAL A 46 -11.04 -16.63 -0.50
N ALA A 47 -11.15 -17.78 -1.17
CA ALA A 47 -12.37 -18.19 -1.88
C ALA A 47 -13.53 -18.42 -0.89
N LYS A 48 -13.22 -19.06 0.27
CA LYS A 48 -14.25 -19.41 1.28
C LYS A 48 -14.75 -18.15 2.00
N LYS A 49 -13.81 -17.31 2.47
CA LYS A 49 -14.15 -16.09 3.23
C LYS A 49 -14.86 -15.03 2.34
N VAL A 50 -14.37 -14.81 1.11
CA VAL A 50 -14.94 -13.79 0.18
C VAL A 50 -16.05 -14.42 -0.70
N ARG A 51 -16.38 -15.71 -0.41
CA ARG A 51 -17.58 -16.44 -0.95
C ARG A 51 -17.42 -16.79 -2.47
N ILE A 52 -16.22 -16.55 -3.02
CA ILE A 52 -15.95 -16.72 -4.48
C ILE A 52 -15.04 -17.95 -4.74
N ASP A 53 -15.61 -19.15 -4.53
CA ASP A 53 -14.90 -20.45 -4.73
C ASP A 53 -14.93 -20.90 -6.20
N GLY A 54 -14.79 -19.94 -7.13
CA GLY A 54 -14.99 -20.19 -8.56
C GLY A 54 -16.47 -20.35 -8.87
N PHE A 55 -17.01 -21.51 -8.46
CA PHE A 55 -18.44 -21.81 -8.50
C PHE A 55 -18.96 -21.84 -7.05
N ARG A 56 -18.64 -22.95 -6.32
CA ARG A 56 -18.98 -23.13 -4.89
C ARG A 56 -17.93 -24.03 -4.19
N LYS A 57 -18.06 -24.10 -2.85
CA LYS A 57 -17.08 -24.70 -1.92
C LYS A 57 -17.15 -26.25 -1.89
N GLY A 58 -16.98 -26.89 -3.04
CA GLY A 58 -16.93 -28.35 -3.13
C GLY A 58 -16.52 -28.86 -4.50
N LYS A 59 -15.84 -28.01 -5.30
CA LYS A 59 -15.48 -28.36 -6.70
C LYS A 59 -14.18 -27.66 -7.13
N VAL A 60 -13.52 -28.30 -8.12
CA VAL A 60 -12.39 -27.74 -8.90
C VAL A 60 -11.13 -27.63 -8.01
N PRO A 61 -10.25 -28.69 -8.02
CA PRO A 61 -8.97 -28.68 -7.27
C PRO A 61 -8.08 -27.48 -7.66
N MET A 62 -7.70 -26.68 -6.64
CA MET A 62 -6.92 -25.44 -6.80
C MET A 62 -5.49 -25.71 -7.37
N ASN A 63 -5.12 -27.00 -7.45
CA ASN A 63 -3.89 -27.50 -8.10
C ASN A 63 -3.73 -26.94 -9.54
N ILE A 64 -4.76 -27.18 -10.37
CA ILE A 64 -4.75 -26.76 -11.79
C ILE A 64 -4.91 -25.22 -11.92
N VAL A 65 -5.70 -24.62 -11.00
CA VAL A 65 -5.95 -23.17 -10.97
C VAL A 65 -4.63 -22.41 -10.73
N ALA A 66 -3.85 -22.93 -9.79
CA ALA A 66 -2.53 -22.39 -9.42
C ALA A 66 -1.52 -22.50 -10.58
N GLN A 67 -1.34 -23.73 -11.08
CA GLN A 67 -0.28 -24.07 -12.04
C GLN A 67 -0.51 -23.45 -13.43
N ARG A 68 -1.78 -23.39 -13.87
CA ARG A 68 -2.13 -22.93 -15.25
C ARG A 68 -2.34 -21.41 -15.32
N TYR A 69 -3.01 -20.82 -14.31
CA TYR A 69 -3.36 -19.38 -14.33
C TYR A 69 -3.36 -18.78 -12.92
N GLY A 70 -2.47 -19.29 -12.04
CA GLY A 70 -2.30 -18.75 -10.69
C GLY A 70 -1.06 -17.89 -10.54
N ALA A 71 -0.74 -17.10 -11.58
CA ALA A 71 0.38 -16.13 -11.57
C ALA A 71 -0.02 -14.84 -10.80
N SER A 72 -1.33 -14.60 -10.73
CA SER A 72 -1.93 -13.44 -10.07
C SER A 72 -1.95 -13.62 -8.53
N VAL A 73 -2.50 -14.76 -8.09
CA VAL A 73 -2.53 -15.18 -6.66
C VAL A 73 -1.09 -15.38 -6.10
N ARG A 74 -0.13 -15.65 -7.00
CA ARG A 74 1.29 -15.88 -6.66
C ARG A 74 1.90 -14.68 -5.87
N GLN A 75 1.32 -13.47 -6.07
CA GLN A 75 1.71 -12.26 -5.30
C GLN A 75 1.33 -12.40 -3.81
N ASP A 76 0.07 -12.82 -3.56
CA ASP A 76 -0.44 -13.07 -2.19
C ASP A 76 0.37 -14.18 -1.50
N VAL A 77 0.60 -15.27 -2.27
CA VAL A 77 1.29 -16.47 -1.79
C VAL A 77 2.75 -16.16 -1.42
N LEU A 78 3.57 -15.74 -2.41
CA LEU A 78 4.99 -15.39 -2.20
C LEU A 78 5.13 -14.25 -1.18
N GLY A 79 4.11 -13.36 -1.17
CA GLY A 79 3.97 -12.30 -0.16
C GLY A 79 3.92 -12.86 1.26
N ASP A 80 3.18 -13.97 1.45
CA ASP A 80 3.13 -14.69 2.73
C ASP A 80 4.41 -15.50 2.96
N LEU A 81 4.90 -16.16 1.90
CA LEU A 81 5.98 -17.17 1.97
C LEU A 81 7.33 -16.55 2.35
N MET A 82 7.58 -15.30 1.94
CA MET A 82 8.80 -14.56 2.32
C MET A 82 8.85 -14.38 3.84
N SER A 83 7.71 -14.01 4.44
CA SER A 83 7.59 -13.82 5.90
C SER A 83 7.30 -15.15 6.63
N ARG A 84 6.84 -16.18 5.89
CA ARG A 84 6.48 -17.51 6.45
C ARG A 84 7.76 -18.31 6.75
N ASN A 85 8.67 -18.32 5.77
CA ASN A 85 9.99 -18.94 5.89
C ASN A 85 10.91 -18.07 6.78
N PHE A 86 10.74 -16.74 6.69
CA PHE A 86 11.49 -15.79 7.52
C PHE A 86 11.19 -16.04 9.01
N ILE A 87 9.89 -15.98 9.38
CA ILE A 87 9.46 -16.03 10.80
C ILE A 87 9.96 -17.32 11.50
N ASP A 88 10.01 -18.43 10.75
CA ASP A 88 10.47 -19.72 11.29
C ASP A 88 12.02 -19.74 11.38
N ALA A 89 12.69 -19.39 10.28
CA ALA A 89 14.18 -19.42 10.19
C ALA A 89 14.85 -18.50 11.25
N ILE A 90 14.20 -17.37 11.56
CA ILE A 90 14.73 -16.39 12.52
C ILE A 90 14.56 -16.86 13.97
N ILE A 91 13.68 -17.85 14.18
CA ILE A 91 13.48 -18.46 15.50
C ILE A 91 14.71 -19.28 15.88
N LYS A 92 15.17 -20.10 14.93
CA LYS A 92 16.24 -21.07 15.17
C LYS A 92 17.61 -20.36 15.26
N GLU A 93 17.78 -19.30 14.45
CA GLU A 93 19.07 -18.58 14.32
C GLU A 93 19.15 -17.28 15.15
N LYS A 94 18.00 -16.84 15.72
CA LYS A 94 17.90 -15.55 16.46
C LYS A 94 18.31 -14.37 15.56
N ILE A 95 17.49 -14.16 14.52
CA ILE A 95 17.66 -13.09 13.52
C ILE A 95 16.60 -12.02 13.78
N ASN A 96 17.03 -10.79 14.12
CA ASN A 96 16.12 -9.64 14.36
C ASN A 96 16.55 -8.47 13.47
N PRO A 97 15.72 -8.09 12.44
CA PRO A 97 16.00 -6.93 11.57
C PRO A 97 15.74 -5.58 12.28
N ALA A 98 16.41 -4.52 11.77
CA ALA A 98 16.20 -3.14 12.22
C ALA A 98 14.97 -2.55 11.52
N GLY A 99 13.79 -2.86 12.08
CA GLY A 99 12.51 -2.47 11.49
C GLY A 99 12.05 -3.44 10.42
N ALA A 100 12.69 -3.36 9.24
CA ALA A 100 12.34 -4.18 8.05
C ALA A 100 13.61 -4.74 7.40
N PRO A 101 13.59 -6.02 6.88
CA PRO A 101 14.69 -6.57 6.07
C PRO A 101 14.55 -6.17 4.58
N THR A 102 15.68 -5.89 3.93
CA THR A 102 15.70 -5.57 2.50
C THR A 102 15.62 -6.89 1.69
N TYR A 103 14.38 -7.29 1.34
CA TYR A 103 14.13 -8.46 0.48
C TYR A 103 14.50 -8.13 -0.97
N VAL A 104 15.69 -8.56 -1.39
CA VAL A 104 16.18 -8.45 -2.77
C VAL A 104 16.00 -9.83 -3.46
N PRO A 105 14.95 -10.03 -4.31
CA PRO A 105 14.79 -11.27 -5.10
C PRO A 105 15.55 -11.19 -6.45
N GLY A 106 16.17 -12.31 -6.86
CA GLY A 106 16.79 -12.42 -8.18
C GLY A 106 15.73 -12.66 -9.25
N GLU A 107 15.21 -13.90 -9.28
CA GLU A 107 14.10 -14.32 -10.15
C GLU A 107 13.29 -15.42 -9.47
N TYR A 108 12.03 -15.57 -9.93
CA TYR A 108 11.16 -16.70 -9.59
C TYR A 108 10.90 -17.53 -10.85
N LYS A 109 11.39 -18.77 -10.88
CA LYS A 109 11.04 -19.76 -11.91
C LYS A 109 9.72 -20.42 -11.48
N LEU A 110 8.67 -20.29 -12.32
CA LEU A 110 7.35 -20.88 -12.06
C LEU A 110 7.44 -22.44 -12.13
N GLY A 111 7.27 -23.08 -10.96
CA GLY A 111 7.36 -24.53 -10.86
C GLY A 111 8.80 -25.03 -10.86
N GLU A 112 9.56 -24.61 -9.82
CA GLU A 112 10.94 -25.07 -9.56
C GLU A 112 11.30 -24.75 -8.10
N ASP A 113 11.31 -23.43 -7.80
CA ASP A 113 11.60 -22.91 -6.44
C ASP A 113 11.38 -21.39 -6.40
N PHE A 114 11.65 -20.79 -5.22
CA PHE A 114 11.68 -19.33 -5.04
C PHE A 114 12.86 -18.96 -4.13
N THR A 115 14.00 -18.64 -4.76
CA THR A 115 15.17 -18.10 -4.05
C THR A 115 15.04 -16.56 -3.92
N TYR A 116 15.44 -16.03 -2.75
CA TYR A 116 15.41 -14.59 -2.46
C TYR A 116 16.41 -14.26 -1.34
N SER A 117 17.10 -13.13 -1.49
CA SER A 117 18.14 -12.66 -0.57
C SER A 117 17.55 -11.70 0.48
N VAL A 118 17.42 -12.18 1.73
CA VAL A 118 16.89 -11.38 2.85
C VAL A 118 18.05 -10.64 3.55
N GLU A 119 18.34 -9.43 3.05
CA GLU A 119 19.45 -8.59 3.56
C GLU A 119 18.94 -7.68 4.68
N PHE A 120 18.97 -8.21 5.92
CA PHE A 120 18.54 -7.46 7.10
C PHE A 120 19.74 -6.75 7.74
N GLU A 121 19.44 -5.71 8.51
CA GLU A 121 20.41 -4.97 9.32
C GLU A 121 20.05 -5.14 10.79
N VAL A 122 21.01 -4.91 11.70
CA VAL A 122 20.74 -4.82 13.14
C VAL A 122 20.90 -3.35 13.59
N TYR A 123 20.09 -2.93 14.56
CA TYR A 123 20.09 -1.55 15.09
C TYR A 123 21.13 -1.42 16.24
N PRO A 124 22.25 -0.64 16.06
CA PRO A 124 23.21 -0.36 17.16
C PRO A 124 22.74 0.78 18.08
N GLU A 125 23.30 0.83 19.29
CA GLU A 125 23.02 1.91 20.25
C GLU A 125 23.81 3.16 19.86
N VAL A 126 23.08 4.17 19.35
CA VAL A 126 23.63 5.46 18.91
C VAL A 126 24.01 6.35 20.13
N GLU A 127 25.14 7.07 20.02
CA GLU A 127 25.52 8.12 20.97
C GLU A 127 26.03 9.34 20.17
N LEU A 128 25.77 10.54 20.70
CA LEU A 128 26.18 11.81 20.07
C LEU A 128 27.16 12.55 20.99
N GLN A 129 28.15 13.20 20.36
CA GLN A 129 29.22 13.98 21.03
C GLN A 129 29.50 15.24 20.20
N GLY A 130 29.89 16.34 20.87
CA GLY A 130 30.12 17.63 20.21
C GLY A 130 28.93 18.55 20.32
N LEU A 131 28.04 18.27 21.31
CA LEU A 131 26.78 19.00 21.51
C LEU A 131 27.03 20.51 21.68
N GLU A 132 28.09 20.86 22.44
CA GLU A 132 28.49 22.26 22.66
C GLU A 132 29.27 22.81 21.45
N ALA A 133 29.90 21.89 20.68
CA ALA A 133 30.77 22.25 19.53
C ALA A 133 29.95 22.65 18.31
N ILE A 134 28.69 22.15 18.25
CA ILE A 134 27.69 22.55 17.25
C ILE A 134 27.44 24.06 17.31
N GLU A 135 27.49 24.74 16.15
CA GLU A 135 27.14 26.16 16.04
C GLU A 135 25.63 26.26 15.76
N VAL A 136 24.91 26.90 16.67
CA VAL A 136 23.52 27.32 16.42
C VAL A 136 23.54 28.72 15.84
N GLU A 137 22.88 28.90 14.70
CA GLU A 137 22.67 30.23 14.11
C GLU A 137 21.29 30.73 14.53
N LYS A 138 21.26 31.91 15.15
CA LYS A 138 20.06 32.73 15.25
C LYS A 138 20.23 33.89 14.26
N PRO A 139 19.64 33.78 13.02
CA PRO A 139 19.71 34.87 12.02
C PRO A 139 18.78 36.02 12.44
N ILE A 140 19.33 36.95 13.22
CA ILE A 140 18.59 38.09 13.79
C ILE A 140 18.21 39.06 12.68
N VAL A 141 17.09 38.77 12.03
CA VAL A 141 16.47 39.65 11.07
C VAL A 141 15.25 40.31 11.75
N GLU A 142 15.18 41.61 11.63
CA GLU A 142 14.13 42.44 12.20
C GLU A 142 13.63 43.32 11.07
N VAL A 143 12.55 42.87 10.43
CA VAL A 143 12.09 43.41 9.15
C VAL A 143 11.49 44.81 9.32
N THR A 144 12.39 45.81 9.34
CA THR A 144 12.03 47.22 9.38
C THR A 144 11.53 47.64 7.99
N ASP A 145 11.07 48.88 7.86
CA ASP A 145 10.51 49.39 6.58
C ASP A 145 11.59 49.47 5.49
N ALA A 146 12.86 49.44 5.92
CA ALA A 146 14.03 49.27 5.04
C ALA A 146 13.95 47.92 4.30
N ASP A 147 13.59 46.85 5.04
CA ASP A 147 13.50 45.49 4.52
C ASP A 147 12.21 45.29 3.74
N VAL A 148 11.10 45.89 4.27
CA VAL A 148 9.77 45.81 3.66
C VAL A 148 9.81 46.41 2.25
N ASP A 149 10.26 47.67 2.18
CA ASP A 149 10.30 48.44 0.93
C ASP A 149 11.52 48.07 0.07
N GLY A 150 12.60 47.57 0.70
CA GLY A 150 13.75 47.00 -0.05
C GLY A 150 13.35 45.77 -0.86
N MET A 151 12.65 44.84 -0.21
CA MET A 151 12.10 43.64 -0.85
C MET A 151 10.93 44.01 -1.77
N LEU A 152 10.18 45.07 -1.41
CA LEU A 152 9.06 45.59 -2.24
C LEU A 152 9.62 46.14 -3.58
N ASP A 153 10.83 46.73 -3.52
CA ASP A 153 11.54 47.22 -4.71
C ASP A 153 12.10 46.05 -5.52
N THR A 154 12.64 45.03 -4.82
CA THR A 154 13.07 43.77 -5.43
C THR A 154 11.89 43.10 -6.17
N LEU A 155 10.70 43.17 -5.56
CA LEU A 155 9.44 42.63 -6.11
C LEU A 155 9.00 43.44 -7.34
N ARG A 156 9.07 44.76 -7.20
CA ARG A 156 8.68 45.76 -8.22
C ARG A 156 9.54 45.61 -9.50
N LYS A 157 10.83 45.33 -9.29
CA LYS A 157 11.86 45.30 -10.34
C LYS A 157 12.00 43.89 -10.97
N GLN A 158 11.80 42.84 -10.16
CA GLN A 158 11.88 41.43 -10.61
C GLN A 158 10.58 40.98 -11.29
N GLN A 159 9.44 41.52 -10.84
CA GLN A 159 8.12 41.24 -11.44
C GLN A 159 7.72 42.36 -12.42
N ALA A 160 8.75 43.04 -12.99
CA ALA A 160 8.59 44.03 -14.07
C ALA A 160 7.78 43.42 -15.23
N THR A 161 6.77 44.17 -15.70
CA THR A 161 5.71 43.64 -16.60
C THR A 161 6.27 43.13 -17.94
N TRP A 162 5.52 42.21 -18.55
CA TRP A 162 5.86 41.60 -19.84
C TRP A 162 5.50 42.56 -20.98
N LYS A 163 6.30 42.56 -22.05
CA LYS A 163 6.07 43.40 -23.25
C LYS A 163 6.68 42.74 -24.49
N GLU A 164 5.89 42.68 -25.58
CA GLU A 164 6.27 41.99 -26.83
C GLU A 164 7.50 42.66 -27.50
N LYS A 165 8.69 42.11 -27.21
CA LYS A 165 9.95 42.56 -27.78
C LYS A 165 10.00 42.25 -29.29
N ASP A 166 10.54 43.21 -30.07
CA ASP A 166 10.74 43.08 -31.51
C ASP A 166 12.23 42.87 -31.81
N GLY A 167 12.61 41.60 -32.01
CA GLY A 167 13.98 41.24 -32.37
C GLY A 167 14.31 39.81 -31.98
N ALA A 168 15.56 39.60 -31.57
CA ALA A 168 16.06 38.28 -31.16
C ALA A 168 15.79 38.02 -29.67
N VAL A 169 15.90 36.76 -29.24
CA VAL A 169 15.85 36.38 -27.81
C VAL A 169 17.24 36.65 -27.20
N GLU A 170 17.29 37.05 -25.92
CA GLU A 170 18.56 37.23 -25.18
C GLU A 170 18.40 36.71 -23.74
N ALA A 171 19.47 36.85 -22.95
CA ALA A 171 19.52 36.38 -21.56
C ALA A 171 18.47 37.08 -20.67
N GLU A 172 18.35 38.41 -20.85
CA GLU A 172 17.45 39.26 -20.03
C GLU A 172 16.04 39.37 -20.68
N ASP A 173 15.51 38.26 -21.21
CA ASP A 173 14.14 38.23 -21.79
C ASP A 173 13.38 36.99 -21.30
N ARG A 174 12.03 37.13 -21.21
CA ARG A 174 11.12 36.00 -21.23
C ARG A 174 10.89 35.58 -22.69
N VAL A 175 10.61 34.29 -22.89
CA VAL A 175 10.08 33.79 -24.16
C VAL A 175 9.06 32.66 -23.86
N THR A 176 7.83 32.86 -24.34
CA THR A 176 6.80 31.81 -24.37
C THR A 176 7.03 30.97 -25.63
N ILE A 177 7.46 29.72 -25.40
CA ILE A 177 7.83 28.74 -26.43
C ILE A 177 7.21 27.38 -26.05
N ASP A 178 7.69 26.32 -26.68
CA ASP A 178 7.58 24.94 -26.15
C ASP A 178 8.79 24.14 -26.60
N PHE A 179 9.14 23.12 -25.80
CA PHE A 179 10.18 22.16 -26.15
C PHE A 179 9.62 20.76 -25.97
N THR A 180 9.83 19.93 -26.99
CA THR A 180 9.33 18.55 -27.03
C THR A 180 10.01 17.82 -28.19
N GLY A 181 10.25 16.52 -28.02
CA GLY A 181 10.92 15.72 -29.04
C GLY A 181 11.32 14.37 -28.49
N SER A 182 12.62 14.04 -28.58
CA SER A 182 13.16 12.79 -28.03
C SER A 182 14.65 12.95 -27.73
N VAL A 183 15.10 12.14 -26.76
CA VAL A 183 16.50 12.05 -26.34
C VAL A 183 17.07 10.74 -26.90
N ASP A 184 17.83 10.86 -28.02
CA ASP A 184 18.54 9.72 -28.67
C ASP A 184 17.53 8.67 -29.22
N GLY A 185 16.27 9.11 -29.41
CA GLY A 185 15.20 8.28 -29.97
C GLY A 185 14.18 7.84 -28.93
N GLU A 186 14.43 8.14 -27.64
CA GLU A 186 13.54 7.75 -26.54
C GLU A 186 12.66 8.94 -26.09
N GLU A 187 11.36 8.65 -25.86
CA GLU A 187 10.39 9.63 -25.35
C GLU A 187 10.59 9.83 -23.84
N PHE A 188 11.22 10.96 -23.48
CA PHE A 188 11.39 11.40 -22.09
C PHE A 188 10.01 11.76 -21.46
N GLU A 189 9.51 10.82 -20.63
CA GLU A 189 8.15 10.83 -20.07
C GLU A 189 7.92 12.01 -19.10
N GLY A 190 7.17 13.03 -19.59
CA GLY A 190 6.77 14.17 -18.78
C GLY A 190 7.89 15.18 -18.50
N GLY A 191 9.03 15.04 -19.21
CA GLY A 191 10.20 15.91 -19.01
C GLY A 191 10.21 17.14 -19.94
N LYS A 192 9.03 17.50 -20.46
CA LYS A 192 8.87 18.57 -21.46
C LYS A 192 7.61 19.39 -21.18
N ALA A 193 7.67 20.68 -21.55
CA ALA A 193 6.64 21.66 -21.22
C ALA A 193 6.10 22.32 -22.49
N SER A 194 4.93 21.81 -22.92
CA SER A 194 4.08 22.46 -23.93
C SER A 194 3.58 23.83 -23.40
N ASP A 195 3.92 24.89 -24.15
CA ASP A 195 3.81 26.31 -23.73
C ASP A 195 4.62 26.55 -22.44
N PHE A 196 5.94 26.46 -22.60
CA PHE A 196 6.94 26.76 -21.57
C PHE A 196 7.17 28.28 -21.48
N VAL A 197 7.15 28.83 -20.25
CA VAL A 197 7.56 30.22 -20.00
C VAL A 197 9.01 30.21 -19.47
N LEU A 198 9.95 30.59 -20.35
CA LEU A 198 11.32 30.89 -19.95
C LEU A 198 11.32 32.33 -19.43
N ALA A 199 11.45 32.52 -18.10
CA ALA A 199 11.51 33.87 -17.51
C ALA A 199 12.95 34.21 -17.08
N MET A 200 13.36 35.43 -17.42
CA MET A 200 14.69 36.02 -17.07
C MET A 200 14.86 36.28 -15.55
N GLY A 201 16.07 36.74 -15.17
CA GLY A 201 16.37 37.24 -13.82
C GLY A 201 16.79 36.15 -12.85
N GLN A 202 15.96 35.11 -12.75
CA GLN A 202 16.29 33.87 -12.01
C GLN A 202 17.41 33.10 -12.74
N GLY A 203 17.79 31.92 -12.21
CA GLY A 203 18.83 31.08 -12.82
C GLY A 203 18.47 30.60 -14.21
N ARG A 204 19.43 29.99 -14.92
CA ARG A 204 19.21 29.45 -16.29
C ARG A 204 19.29 27.92 -16.27
N MET A 205 18.79 27.27 -17.34
CA MET A 205 18.83 25.80 -17.48
C MET A 205 20.22 25.33 -17.92
N ILE A 206 20.31 24.06 -18.36
CA ILE A 206 21.55 23.47 -18.90
C ILE A 206 22.16 24.34 -20.05
N PRO A 207 23.47 24.77 -19.91
CA PRO A 207 24.20 25.49 -20.99
C PRO A 207 24.08 24.77 -22.34
N GLY A 208 23.40 25.41 -23.29
CA GLY A 208 23.12 24.81 -24.59
C GLY A 208 21.65 24.96 -24.96
N PHE A 209 20.77 24.62 -24.00
CA PHE A 209 19.32 24.68 -24.22
C PHE A 209 18.90 26.15 -24.39
N GLU A 210 18.99 26.92 -23.28
CA GLU A 210 18.64 28.36 -23.27
C GLU A 210 19.49 29.16 -24.27
N ASP A 211 20.68 28.62 -24.59
CA ASP A 211 21.64 29.19 -25.55
C ASP A 211 21.10 29.09 -26.98
N GLY A 212 20.39 27.98 -27.28
CA GLY A 212 19.77 27.81 -28.60
C GLY A 212 18.63 28.78 -28.77
N ILE A 213 17.84 28.91 -27.69
CA ILE A 213 16.70 29.83 -27.61
C ILE A 213 17.15 31.26 -27.93
N LYS A 214 18.19 31.72 -27.19
CA LYS A 214 18.76 33.07 -27.34
C LYS A 214 19.78 33.14 -28.48
N GLY A 215 19.74 32.17 -29.42
CA GLY A 215 20.62 32.17 -30.60
C GLY A 215 19.88 32.62 -31.87
N HIS A 216 18.56 32.83 -31.74
CA HIS A 216 17.66 33.12 -32.87
C HIS A 216 16.60 34.19 -32.49
N LYS A 217 15.83 34.62 -33.51
CA LYS A 217 14.75 35.63 -33.37
C LYS A 217 13.39 34.94 -33.18
N ALA A 218 12.39 35.69 -32.70
CA ALA A 218 11.01 35.18 -32.56
C ALA A 218 10.40 34.82 -33.94
N GLY A 219 9.45 33.89 -33.94
CA GLY A 219 8.77 33.45 -35.17
C GLY A 219 9.47 32.29 -35.86
N GLU A 220 10.81 32.37 -35.98
CA GLU A 220 11.62 31.34 -36.68
C GLU A 220 11.88 30.15 -35.71
N GLU A 221 11.05 29.12 -35.89
CA GLU A 221 11.02 27.92 -35.02
C GLU A 221 11.95 26.83 -35.61
N PHE A 222 12.68 26.14 -34.73
CA PHE A 222 13.76 25.19 -35.12
C PHE A 222 14.00 24.21 -33.97
N THR A 223 14.80 23.16 -34.22
CA THR A 223 15.16 22.18 -33.17
C THR A 223 16.61 22.40 -32.72
N ILE A 224 16.84 22.29 -31.39
CA ILE A 224 18.20 22.30 -30.81
C ILE A 224 18.59 20.86 -30.40
N ASP A 225 19.87 20.50 -30.54
CA ASP A 225 20.39 19.19 -30.09
C ASP A 225 21.41 19.43 -28.97
N VAL A 226 21.01 19.16 -27.73
CA VAL A 226 21.86 19.35 -26.55
C VAL A 226 21.92 18.04 -25.72
N THR A 227 23.14 17.67 -25.33
CA THR A 227 23.41 16.54 -24.44
C THR A 227 23.09 16.95 -22.98
N PHE A 228 22.43 16.06 -22.21
CA PHE A 228 22.19 16.29 -20.77
C PHE A 228 23.48 16.02 -19.96
N PRO A 229 23.76 16.84 -18.90
CA PRO A 229 24.86 16.58 -17.92
C PRO A 229 24.76 15.21 -17.26
N GLU A 230 25.90 14.67 -16.81
CA GLU A 230 25.94 13.43 -16.01
C GLU A 230 25.45 13.70 -14.57
N GLU A 231 25.24 14.99 -14.25
CA GLU A 231 24.63 15.45 -12.99
C GLU A 231 23.10 15.37 -13.08
N TYR A 232 22.57 15.19 -14.32
CA TYR A 232 21.12 15.05 -14.57
C TYR A 232 20.63 13.72 -13.97
N HIS A 233 19.40 13.73 -13.47
CA HIS A 233 18.90 12.75 -12.49
C HIS A 233 18.18 11.53 -13.13
N ALA A 234 18.59 11.15 -14.36
CA ALA A 234 18.06 9.95 -15.04
C ALA A 234 19.13 9.40 -15.99
N GLU A 235 19.43 8.08 -15.90
CA GLU A 235 20.59 7.44 -16.54
C GLU A 235 20.52 7.47 -18.08
N ASN A 236 19.31 7.25 -18.63
CA ASN A 236 19.11 7.19 -20.11
C ASN A 236 19.11 8.57 -20.75
N LEU A 237 18.79 9.61 -19.97
CA LEU A 237 18.72 10.99 -20.49
C LEU A 237 20.10 11.66 -20.39
N LYS A 238 20.81 11.41 -19.27
CA LYS A 238 22.17 11.97 -19.04
C LYS A 238 23.18 11.35 -20.04
N GLY A 239 24.05 12.19 -20.61
CA GLY A 239 25.05 11.75 -21.58
C GLY A 239 24.50 11.53 -23.00
N LYS A 240 23.17 11.34 -23.10
CA LYS A 240 22.46 11.18 -24.37
C LYS A 240 22.12 12.57 -24.95
N ALA A 241 22.28 12.69 -26.28
CA ALA A 241 21.93 13.91 -27.03
C ALA A 241 20.40 14.01 -27.17
N ALA A 242 19.85 15.24 -27.04
CA ALA A 242 18.40 15.47 -26.96
C ALA A 242 17.96 16.55 -27.95
N LYS A 243 17.06 16.20 -28.89
CA LYS A 243 16.51 17.14 -29.87
C LYS A 243 15.18 17.71 -29.36
N PHE A 244 15.14 19.04 -29.25
CA PHE A 244 14.03 19.82 -28.70
C PHE A 244 13.46 20.70 -29.80
N ALA A 245 12.22 20.41 -30.21
CA ALA A 245 11.49 21.23 -31.17
C ALA A 245 11.08 22.57 -30.52
N ILE A 246 11.95 23.57 -30.67
CA ILE A 246 11.77 24.91 -30.10
C ILE A 246 10.87 25.76 -30.99
N ASN A 247 9.64 25.97 -30.53
CA ASN A 247 8.69 26.85 -31.20
C ASN A 247 8.80 28.27 -30.62
N LEU A 248 9.71 29.09 -31.21
CA LEU A 248 9.85 30.51 -30.84
C LEU A 248 8.58 31.27 -31.21
N LYS A 249 7.67 31.37 -30.24
CA LYS A 249 6.41 32.09 -30.39
C LYS A 249 6.60 33.56 -29.99
N LYS A 250 6.60 33.85 -28.66
CA LYS A 250 6.53 35.25 -28.15
C LYS A 250 7.72 35.58 -27.26
N VAL A 251 8.54 36.56 -27.66
CA VAL A 251 9.61 37.11 -26.81
C VAL A 251 9.05 38.32 -26.05
N GLU A 252 9.00 38.21 -24.72
CA GLU A 252 8.44 39.24 -23.83
C GLU A 252 9.54 39.73 -22.89
N GLU A 253 9.93 40.99 -23.04
CA GLU A 253 10.94 41.64 -22.19
C GLU A 253 10.29 42.10 -20.87
N ARG A 254 11.09 42.18 -19.79
CA ARG A 254 10.65 42.80 -18.53
C ARG A 254 11.03 44.28 -18.51
N GLU A 255 10.05 45.13 -18.14
CA GLU A 255 10.25 46.58 -17.98
C GLU A 255 9.21 47.12 -17.00
N LEU A 256 9.63 48.04 -16.11
CA LEU A 256 8.76 48.68 -15.12
C LEU A 256 8.01 49.88 -15.75
N PRO A 257 6.65 49.83 -15.88
CA PRO A 257 5.85 51.01 -16.25
C PRO A 257 5.70 51.93 -15.02
N GLU A 258 5.06 51.36 -13.97
CA GLU A 258 5.02 51.93 -12.61
C GLU A 258 4.36 50.90 -11.66
N LEU A 259 4.44 51.16 -10.34
CA LEU A 259 3.83 50.31 -9.30
C LEU A 259 2.34 50.73 -9.13
N THR A 260 1.57 50.46 -10.18
CA THR A 260 0.16 50.88 -10.31
C THR A 260 -0.78 49.82 -9.74
N ALA A 261 -2.03 50.24 -9.48
CA ALA A 261 -3.09 49.37 -8.93
C ALA A 261 -3.42 48.19 -9.87
N GLU A 262 -3.09 48.35 -11.17
CA GLU A 262 -3.18 47.26 -12.17
C GLU A 262 -2.22 46.10 -11.81
N PHE A 263 -1.02 46.47 -11.34
CA PHE A 263 0.03 45.52 -10.89
C PHE A 263 -0.37 44.94 -9.52
N ILE A 264 -0.73 45.86 -8.60
CA ILE A 264 -1.07 45.53 -7.19
C ILE A 264 -2.25 44.53 -7.13
N LYS A 265 -3.20 44.71 -8.05
CA LYS A 265 -4.41 43.88 -8.20
C LYS A 265 -4.07 42.38 -8.42
N ARG A 266 -2.93 42.12 -9.11
CA ARG A 266 -2.54 40.76 -9.54
C ARG A 266 -2.04 39.90 -8.34
N PHE A 267 -1.90 40.53 -7.16
CA PHE A 267 -1.57 39.82 -5.90
C PHE A 267 -2.84 39.49 -5.09
N GLY A 268 -4.02 39.84 -5.66
CA GLY A 268 -5.31 39.60 -5.02
C GLY A 268 -5.74 40.70 -4.07
N VAL A 269 -5.02 41.84 -4.12
CA VAL A 269 -5.28 42.99 -3.23
C VAL A 269 -6.59 43.70 -3.64
N GLU A 270 -7.66 43.42 -2.86
CA GLU A 270 -9.03 43.97 -3.09
C GLU A 270 -9.01 45.51 -3.03
N ASP A 271 -8.24 46.04 -2.06
CA ASP A 271 -8.04 47.49 -1.85
C ASP A 271 -7.41 48.15 -3.09
N GLY A 272 -6.55 47.39 -3.79
CA GLY A 272 -5.95 47.82 -5.06
C GLY A 272 -4.79 48.82 -4.91
N SER A 273 -4.82 49.64 -3.85
CA SER A 273 -3.74 50.62 -3.58
C SER A 273 -2.49 49.89 -3.07
N VAL A 274 -1.33 50.51 -3.30
CA VAL A 274 -0.01 49.99 -2.90
C VAL A 274 0.06 49.76 -1.36
N GLU A 275 -0.67 50.58 -0.60
CA GLU A 275 -0.75 50.45 0.87
C GLU A 275 -1.43 49.13 1.27
N GLY A 276 -2.36 48.66 0.40
CA GLY A 276 -2.96 47.34 0.54
C GLY A 276 -1.98 46.22 0.17
N LEU A 277 -1.02 46.54 -0.75
CA LEU A 277 0.00 45.58 -1.22
C LEU A 277 0.96 45.29 -0.06
N ARG A 278 1.36 46.37 0.65
CA ARG A 278 2.18 46.28 1.88
C ARG A 278 1.49 45.37 2.91
N ALA A 279 0.16 45.53 3.06
CA ALA A 279 -0.65 44.79 4.05
C ALA A 279 -0.68 43.27 3.73
N GLU A 280 -0.95 42.92 2.45
CA GLU A 280 -0.85 41.52 1.97
C GLU A 280 0.57 40.96 2.18
N VAL A 281 1.58 41.81 1.91
CA VAL A 281 3.00 41.47 2.12
C VAL A 281 3.31 41.30 3.62
N ARG A 282 2.60 42.01 4.52
CA ARG A 282 2.73 41.82 5.99
C ARG A 282 2.19 40.43 6.38
N LYS A 283 1.03 40.07 5.79
CA LYS A 283 0.37 38.76 6.03
C LYS A 283 1.25 37.59 5.55
N ASN A 284 1.97 37.81 4.43
CA ASN A 284 2.97 36.86 3.93
C ASN A 284 4.17 36.83 4.89
N MET A 285 4.74 38.03 5.17
CA MET A 285 5.94 38.22 6.03
C MET A 285 5.78 37.58 7.41
N GLU A 286 4.54 37.49 7.90
CA GLU A 286 4.21 36.81 9.18
C GLU A 286 4.78 35.36 9.19
N ARG A 287 4.19 34.51 8.35
CA ARG A 287 4.52 33.07 8.28
C ARG A 287 5.83 32.83 7.52
N GLU A 288 6.18 33.72 6.57
CA GLU A 288 7.44 33.61 5.82
C GLU A 288 8.64 33.84 6.76
N LEU A 289 8.56 34.90 7.59
CA LEU A 289 9.66 35.27 8.51
C LEU A 289 9.78 34.22 9.62
N LYS A 290 8.64 33.85 10.25
CA LYS A 290 8.62 32.84 11.32
C LYS A 290 9.16 31.47 10.83
N SER A 291 8.68 31.01 9.66
CA SER A 291 9.07 29.69 9.11
C SER A 291 10.50 29.70 8.56
N ALA A 292 10.97 30.85 8.04
CA ALA A 292 12.35 30.98 7.52
C ALA A 292 13.37 30.98 8.66
N ILE A 293 13.11 31.77 9.72
CA ILE A 293 13.95 31.77 10.94
C ILE A 293 14.01 30.37 11.55
N ARG A 294 12.82 29.74 11.68
CA ARG A 294 12.70 28.40 12.24
C ARG A 294 13.39 27.37 11.33
N ASN A 295 13.35 27.60 10.00
CA ASN A 295 14.03 26.74 9.00
C ASN A 295 15.54 26.87 9.11
N ARG A 296 16.03 28.10 9.38
CA ARG A 296 17.47 28.40 9.45
C ARG A 296 18.11 27.78 10.71
N VAL A 297 17.44 27.97 11.87
CA VAL A 297 17.93 27.43 13.15
C VAL A 297 17.76 25.89 13.19
N LYS A 298 16.66 25.38 12.58
CA LYS A 298 16.41 23.93 12.41
C LYS A 298 17.48 23.31 11.50
N SER A 299 17.77 23.98 10.37
CA SER A 299 18.74 23.50 9.37
C SER A 299 20.13 23.44 9.99
N GLN A 300 20.55 24.54 10.61
CA GLN A 300 21.87 24.68 11.25
C GLN A 300 22.02 23.65 12.40
N ALA A 301 20.91 23.38 13.11
CA ALA A 301 20.86 22.33 14.15
C ALA A 301 21.08 20.93 13.55
N ILE A 302 20.20 20.52 12.61
CA ILE A 302 20.25 19.20 11.94
C ILE A 302 21.63 18.94 11.31
N GLU A 303 22.13 19.95 10.58
CA GLU A 303 23.47 19.94 9.97
C GLU A 303 24.55 19.79 11.04
N GLY A 304 24.38 20.53 12.16
CA GLY A 304 25.29 20.46 13.29
C GLY A 304 25.31 19.08 13.96
N LEU A 305 24.12 18.45 14.09
CA LEU A 305 23.96 17.14 14.78
C LEU A 305 24.63 16.03 13.97
N VAL A 306 24.36 16.02 12.66
CA VAL A 306 24.97 15.07 11.74
C VAL A 306 26.50 15.30 11.66
N LYS A 307 26.91 16.57 11.54
CA LYS A 307 28.34 16.95 11.42
C LYS A 307 29.10 16.73 12.75
N ALA A 308 28.35 16.71 13.87
CA ALA A 308 28.90 16.39 15.20
C ALA A 308 29.14 14.88 15.35
N ASN A 309 28.37 14.08 14.59
CA ASN A 309 28.37 12.61 14.72
C ASN A 309 27.76 12.00 13.47
N ASP A 310 28.60 11.88 12.42
CA ASP A 310 28.22 11.19 11.18
C ASP A 310 28.27 9.68 11.44
N ILE A 311 27.23 9.21 12.16
CA ILE A 311 27.13 7.84 12.66
C ILE A 311 26.91 6.84 11.52
N ASP A 312 27.18 5.57 11.82
CA ASP A 312 27.02 4.47 10.86
C ASP A 312 25.67 3.79 11.14
N VAL A 313 24.65 4.25 10.41
CA VAL A 313 23.25 3.82 10.56
C VAL A 313 22.98 2.47 9.83
N PRO A 314 21.95 1.68 10.28
CA PRO A 314 21.49 0.48 9.56
C PRO A 314 20.92 0.85 8.17
N ALA A 315 21.42 0.17 7.12
CA ALA A 315 21.04 0.42 5.71
C ALA A 315 19.58 0.07 5.41
N ALA A 316 18.91 -0.67 6.32
CA ALA A 316 17.50 -1.10 6.16
C ALA A 316 16.54 0.09 6.22
N LEU A 317 16.89 1.06 7.10
CA LEU A 317 16.10 2.29 7.27
C LEU A 317 16.29 3.19 6.03
N ILE A 318 17.55 3.23 5.54
CA ILE A 318 17.93 3.95 4.30
C ILE A 318 17.19 3.35 3.09
N ASP A 319 17.14 2.00 3.05
CA ASP A 319 16.51 1.24 1.95
C ASP A 319 14.99 1.46 1.95
N SER A 320 14.38 1.50 3.14
CA SER A 320 12.93 1.75 3.30
C SER A 320 12.58 3.16 2.79
N GLU A 321 13.37 4.16 3.24
CA GLU A 321 13.30 5.54 2.74
C GLU A 321 13.47 5.58 1.20
N ILE A 322 14.43 4.79 0.69
CA ILE A 322 14.77 4.73 -0.75
C ILE A 322 13.63 4.08 -1.56
N ASP A 323 12.93 3.08 -0.98
CA ASP A 323 11.77 2.44 -1.65
C ASP A 323 10.63 3.44 -1.80
N VAL A 324 10.33 4.16 -0.70
CA VAL A 324 9.31 5.23 -0.69
C VAL A 324 9.67 6.33 -1.72
N LEU A 325 10.93 6.79 -1.68
CA LEU A 325 11.44 7.89 -2.52
C LEU A 325 11.56 7.48 -4.00
N ARG A 326 11.88 6.21 -4.28
CA ARG A 326 12.01 5.70 -5.67
C ARG A 326 10.62 5.58 -6.31
N ARG A 327 9.69 4.93 -5.59
CA ARG A 327 8.30 4.75 -6.05
C ARG A 327 7.61 6.12 -6.29
N GLN A 328 7.83 7.04 -5.33
CA GLN A 328 7.21 8.38 -5.33
C GLN A 328 7.82 9.26 -6.46
N ALA A 329 9.15 9.16 -6.68
CA ALA A 329 9.82 9.91 -7.75
C ALA A 329 9.34 9.41 -9.13
N ALA A 330 9.33 8.09 -9.29
CA ALA A 330 8.87 7.42 -10.53
C ALA A 330 7.38 7.71 -10.79
N GLN A 331 6.59 7.90 -9.70
CA GLN A 331 5.19 8.37 -9.77
C GLN A 331 5.12 9.75 -10.43
N ARG A 332 6.13 10.61 -10.14
CA ARG A 332 6.23 11.96 -10.71
C ARG A 332 6.70 11.87 -12.18
N PHE A 333 7.61 10.92 -12.47
CA PHE A 333 8.10 10.66 -13.84
C PHE A 333 7.14 9.71 -14.60
N GLY A 334 5.89 10.20 -14.75
CA GLY A 334 4.86 9.52 -15.55
C GLY A 334 4.16 8.36 -14.85
N GLY A 335 4.66 7.93 -13.66
CA GLY A 335 4.11 6.77 -12.96
C GLY A 335 4.74 5.45 -13.39
N ASN A 336 5.82 5.53 -14.17
CA ASN A 336 6.53 4.35 -14.70
C ASN A 336 7.54 3.86 -13.65
N GLU A 337 7.39 2.59 -13.24
CA GLU A 337 8.21 1.95 -12.17
C GLU A 337 9.69 1.90 -12.57
N LYS A 338 9.94 1.64 -13.86
CA LYS A 338 11.29 1.42 -14.42
C LYS A 338 12.17 2.68 -14.28
N GLN A 339 11.52 3.87 -14.26
CA GLN A 339 12.20 5.17 -14.10
C GLN A 339 12.96 5.22 -12.77
N ALA A 340 12.35 4.70 -11.69
CA ALA A 340 12.94 4.67 -10.33
C ALA A 340 14.36 4.06 -10.33
N LEU A 341 14.47 2.92 -11.03
CA LEU A 341 15.70 2.10 -11.07
C LEU A 341 16.84 2.81 -11.85
N GLU A 342 16.52 3.93 -12.53
CA GLU A 342 17.52 4.72 -13.26
C GLU A 342 17.64 6.16 -12.72
N LEU A 343 17.11 6.45 -11.51
CA LEU A 343 17.50 7.68 -10.79
C LEU A 343 18.70 7.34 -9.86
N PRO A 344 19.85 8.10 -9.95
CA PRO A 344 21.03 7.95 -9.06
C PRO A 344 20.67 7.78 -7.57
N ARG A 345 21.02 6.62 -6.97
CA ARG A 345 20.59 6.25 -5.59
C ARG A 345 20.94 7.35 -4.56
N GLU A 346 22.11 7.99 -4.75
CA GLU A 346 22.67 8.96 -3.79
C GLU A 346 21.87 10.28 -3.74
N LEU A 347 20.99 10.54 -4.75
CA LEU A 347 20.10 11.73 -4.70
C LEU A 347 18.92 11.47 -3.76
N PHE A 348 18.59 10.18 -3.53
CA PHE A 348 17.55 9.76 -2.56
C PHE A 348 18.17 9.63 -1.17
N GLU A 349 19.36 8.98 -1.15
CA GLU A 349 20.15 8.73 0.07
C GLU A 349 20.60 10.05 0.71
N GLU A 350 20.47 11.18 -0.01
CA GLU A 350 20.72 12.51 0.55
C GLU A 350 19.76 12.80 1.73
N GLN A 351 18.45 12.91 1.44
CA GLN A 351 17.40 13.16 2.45
C GLN A 351 17.30 11.96 3.39
N ALA A 352 17.38 10.75 2.81
CA ALA A 352 17.25 9.48 3.56
C ALA A 352 18.28 9.39 4.70
N LYS A 353 19.59 9.50 4.35
CA LYS A 353 20.71 9.50 5.35
C LYS A 353 20.45 10.49 6.49
N ARG A 354 20.05 11.72 6.14
CA ARG A 354 19.79 12.78 7.12
C ARG A 354 18.56 12.42 8.00
N ARG A 355 17.55 11.75 7.38
CA ARG A 355 16.28 11.41 8.05
C ARG A 355 16.56 10.37 9.13
N VAL A 356 17.28 9.31 8.73
CA VAL A 356 17.54 8.16 9.59
C VAL A 356 18.58 8.52 10.69
N VAL A 357 19.66 9.28 10.33
CA VAL A 357 20.67 9.73 11.31
C VAL A 357 20.01 10.60 12.41
N VAL A 358 19.20 11.58 11.99
CA VAL A 358 18.42 12.44 12.91
C VAL A 358 17.37 11.60 13.70
N GLY A 359 16.87 10.53 13.05
CA GLY A 359 15.95 9.58 13.68
C GLY A 359 16.58 8.84 14.87
N LEU A 360 17.86 8.44 14.69
CA LEU A 360 18.66 7.81 15.76
C LEU A 360 18.99 8.83 16.86
N LEU A 361 19.56 9.99 16.45
CA LEU A 361 20.07 11.02 17.38
C LEU A 361 18.95 11.60 18.27
N LEU A 362 17.93 12.22 17.64
CA LEU A 362 16.80 12.87 18.36
C LEU A 362 15.97 11.84 19.17
N GLY A 363 15.88 10.60 18.63
CA GLY A 363 15.20 9.50 19.35
C GLY A 363 15.88 9.18 20.67
N GLU A 364 17.22 9.06 20.61
CA GLU A 364 18.09 8.85 21.77
C GLU A 364 17.93 10.00 22.80
N VAL A 365 17.81 11.24 22.29
CA VAL A 365 17.64 12.43 23.15
C VAL A 365 16.33 12.33 23.97
N ILE A 366 15.17 12.30 23.28
CA ILE A 366 13.85 12.26 23.97
C ILE A 366 13.66 11.02 24.86
N ARG A 367 14.31 9.90 24.49
CA ARG A 367 14.28 8.65 25.26
C ARG A 367 15.03 8.80 26.61
N THR A 368 16.35 9.03 26.55
CA THR A 368 17.23 8.97 27.73
C THR A 368 17.22 10.27 28.55
N ASN A 369 17.01 11.42 27.86
CA ASN A 369 16.84 12.73 28.51
C ASN A 369 15.38 12.90 29.02
N GLU A 370 14.54 11.85 28.77
CA GLU A 370 13.19 11.71 29.36
C GLU A 370 12.27 12.89 28.99
N LEU A 371 12.39 13.35 27.73
CA LEU A 371 11.67 14.52 27.25
C LEU A 371 10.18 14.17 27.06
N LYS A 372 9.32 14.88 27.79
CA LYS A 372 7.86 14.69 27.77
C LYS A 372 7.28 15.70 26.77
N ALA A 373 6.07 15.43 26.22
CA ALA A 373 5.32 16.43 25.44
C ALA A 373 4.99 17.62 26.36
N ASP A 374 5.91 18.61 26.38
CA ASP A 374 5.86 19.76 27.28
C ASP A 374 4.63 20.62 26.95
N GLU A 375 3.65 20.60 27.86
CA GLU A 375 2.31 21.19 27.64
C GLU A 375 2.36 22.65 27.15
N GLU A 376 3.33 23.44 27.67
CA GLU A 376 3.53 24.85 27.30
C GLU A 376 4.07 24.94 25.86
N ARG A 377 5.04 24.06 25.53
CA ARG A 377 5.74 24.10 24.24
C ARG A 377 4.76 23.73 23.11
N VAL A 378 4.05 22.62 23.32
CA VAL A 378 3.06 22.10 22.37
C VAL A 378 1.82 23.02 22.33
N LYS A 379 1.50 23.71 23.47
CA LYS A 379 0.42 24.73 23.48
C LYS A 379 0.74 25.80 22.42
N GLY A 380 1.87 26.51 22.62
CA GLY A 380 2.27 27.61 21.73
C GLY A 380 2.49 27.17 20.28
N LEU A 381 3.03 25.95 20.09
CA LEU A 381 3.22 25.32 18.76
C LEU A 381 1.86 25.21 18.05
N ILE A 382 0.87 24.63 18.76
CA ILE A 382 -0.50 24.47 18.24
C ILE A 382 -1.13 25.85 17.96
N GLU A 383 -0.87 26.86 18.82
CA GLU A 383 -1.40 28.22 18.62
C GLU A 383 -0.87 28.85 17.33
N GLU A 384 0.43 28.63 17.04
CA GLU A 384 1.09 29.16 15.83
C GLU A 384 0.54 28.52 14.54
N MET A 385 0.46 27.16 14.52
CA MET A 385 -0.08 26.44 13.34
C MET A 385 -1.61 26.65 13.20
N ALA A 386 -2.27 26.98 14.31
CA ALA A 386 -3.71 27.30 14.34
C ALA A 386 -3.96 28.71 13.81
N SER A 387 -3.00 29.63 14.08
CA SER A 387 -3.04 31.00 13.57
C SER A 387 -2.75 31.04 12.04
N ALA A 388 -2.36 29.88 11.47
CA ALA A 388 -2.32 29.69 10.01
C ALA A 388 -3.74 29.39 9.47
N TYR A 389 -4.62 28.81 10.33
CA TYR A 389 -6.04 28.56 10.00
C TYR A 389 -6.87 29.83 10.32
N GLU A 390 -8.16 29.82 9.93
CA GLU A 390 -9.05 30.99 10.05
C GLU A 390 -9.46 31.27 11.52
N ASP A 391 -9.64 30.21 12.32
CA ASP A 391 -10.05 30.31 13.73
C ASP A 391 -9.03 29.55 14.62
N PRO A 392 -7.95 30.23 15.12
CA PRO A 392 -6.91 29.59 15.97
C PRO A 392 -7.46 28.94 17.25
N LYS A 393 -8.23 29.71 18.03
CA LYS A 393 -8.64 29.34 19.41
C LYS A 393 -9.36 27.97 19.45
N GLU A 394 -10.29 27.79 18.50
CA GLU A 394 -11.09 26.54 18.38
C GLU A 394 -10.25 25.38 17.81
N VAL A 395 -9.16 25.67 17.04
CA VAL A 395 -8.26 24.61 16.52
C VAL A 395 -7.48 23.99 17.69
N ILE A 396 -6.98 24.88 18.56
CA ILE A 396 -6.29 24.50 19.82
C ILE A 396 -7.25 23.66 20.70
N GLU A 397 -8.47 24.19 20.85
CA GLU A 397 -9.54 23.61 21.66
C GLU A 397 -9.98 22.22 21.16
N PHE A 398 -10.01 21.99 19.83
CA PHE A 398 -10.41 20.67 19.26
C PHE A 398 -9.27 19.65 19.38
N TYR A 399 -8.03 20.09 19.04
CA TYR A 399 -6.81 19.26 19.20
C TYR A 399 -6.70 18.73 20.65
N SER A 400 -7.03 19.63 21.60
CA SER A 400 -7.04 19.35 23.06
C SER A 400 -7.81 18.06 23.42
N LYS A 401 -8.94 17.80 22.71
CA LYS A 401 -9.72 16.56 22.90
C LYS A 401 -9.06 15.37 22.18
N ASN A 402 -8.57 15.61 20.96
CA ASN A 402 -8.32 14.53 19.99
C ASN A 402 -7.02 13.77 20.34
N LYS A 403 -7.20 12.45 20.57
CA LYS A 403 -6.11 11.52 20.94
C LYS A 403 -4.99 11.52 19.89
N GLU A 404 -5.30 11.00 18.68
CA GLU A 404 -4.28 10.74 17.64
C GLU A 404 -3.67 12.04 17.06
N LEU A 405 -4.38 13.18 17.23
CA LEU A 405 -3.78 14.51 16.96
C LEU A 405 -2.69 14.78 18.00
N MET A 406 -3.02 14.62 19.28
CA MET A 406 -2.08 14.84 20.41
C MET A 406 -0.92 13.81 20.42
N ASP A 407 -1.09 12.67 19.73
CA ASP A 407 0.03 11.73 19.46
C ASP A 407 1.04 12.39 18.51
N ASN A 408 0.51 12.93 17.40
CA ASN A 408 1.31 13.59 16.35
C ASN A 408 1.94 14.90 16.88
N MET A 409 1.18 15.60 17.76
CA MET A 409 1.63 16.87 18.36
C MET A 409 2.65 16.60 19.48
N ARG A 410 2.54 15.42 20.13
CA ARG A 410 3.58 14.92 21.07
C ARG A 410 4.88 14.73 20.32
N ASN A 411 4.81 13.96 19.21
CA ASN A 411 5.97 13.60 18.39
C ASN A 411 6.68 14.85 17.83
N VAL A 412 5.93 15.79 17.20
CA VAL A 412 6.54 17.01 16.57
C VAL A 412 7.11 17.97 17.64
N ALA A 413 6.42 18.07 18.80
CA ALA A 413 6.89 18.88 19.93
C ALA A 413 8.19 18.30 20.49
N LEU A 414 8.30 16.96 20.45
CA LEU A 414 9.49 16.23 20.89
C LEU A 414 10.63 16.25 19.85
N GLU A 415 10.30 16.38 18.55
CA GLU A 415 11.34 16.56 17.50
C GLU A 415 12.02 17.90 17.76
N GLU A 416 11.16 18.92 17.94
CA GLU A 416 11.57 20.29 18.23
C GLU A 416 12.29 20.39 19.60
N GLN A 417 11.81 19.63 20.60
CA GLN A 417 12.36 19.63 21.98
C GLN A 417 13.70 18.88 22.04
N ALA A 418 13.86 17.86 21.19
CA ALA A 418 15.11 17.09 21.07
C ALA A 418 16.19 17.93 20.41
N VAL A 419 15.79 18.66 19.34
CA VAL A 419 16.62 19.69 18.70
C VAL A 419 17.01 20.76 19.75
N GLU A 420 16.02 21.19 20.55
CA GLU A 420 16.19 22.26 21.56
C GLU A 420 17.14 21.86 22.71
N ALA A 421 17.08 20.58 23.11
CA ALA A 421 17.92 20.05 24.21
C ALA A 421 19.42 20.17 23.89
N VAL A 422 19.77 19.95 22.62
CA VAL A 422 21.15 20.10 22.12
C VAL A 422 21.40 21.53 21.57
N LEU A 423 20.32 22.24 21.20
CA LEU A 423 20.37 23.63 20.66
C LEU A 423 20.90 24.60 21.73
N ALA A 424 20.27 24.52 22.92
CA ALA A 424 20.63 25.33 24.10
C ALA A 424 21.99 24.91 24.67
N LYS A 425 22.37 23.64 24.43
CA LYS A 425 23.66 23.08 24.85
C LYS A 425 24.79 23.56 23.91
N ALA A 426 24.41 23.91 22.67
CA ALA A 426 25.35 24.27 21.59
C ALA A 426 25.73 25.77 21.61
N LYS A 427 26.78 26.10 20.83
CA LYS A 427 27.27 27.49 20.65
C LYS A 427 26.23 28.34 19.90
N VAL A 428 25.30 28.95 20.64
CA VAL A 428 24.27 29.83 20.08
C VAL A 428 24.91 31.18 19.71
N THR A 429 24.81 31.58 18.42
CA THR A 429 25.40 32.83 17.91
C THR A 429 24.29 33.70 17.28
N GLU A 430 23.86 34.73 18.03
CA GLU A 430 22.85 35.71 17.58
C GLU A 430 23.51 36.69 16.58
N LYS A 431 23.29 36.42 15.29
CA LYS A 431 23.99 37.09 14.18
C LYS A 431 23.00 37.92 13.36
N GLU A 432 23.22 39.24 13.31
CA GLU A 432 22.33 40.20 12.61
C GLU A 432 22.42 40.00 11.07
N THR A 433 21.25 39.88 10.44
CA THR A 433 21.09 39.85 8.97
C THR A 433 19.82 40.63 8.58
N THR A 434 19.55 40.73 7.28
CA THR A 434 18.32 41.35 6.74
C THR A 434 17.40 40.30 6.11
N PHE A 435 16.12 40.70 5.87
CA PHE A 435 15.07 39.84 5.27
C PHE A 435 15.54 39.22 3.94
N ASN A 436 16.26 40.04 3.15
CA ASN A 436 16.83 39.65 1.85
C ASN A 436 17.79 38.46 2.02
N GLU A 437 18.81 38.63 2.89
CA GLU A 437 19.89 37.65 3.10
C GLU A 437 19.36 36.27 3.55
N LEU A 438 18.32 36.34 4.39
CA LEU A 438 17.68 35.18 5.01
C LEU A 438 17.21 34.13 3.98
N MET A 439 16.60 34.63 2.89
CA MET A 439 15.96 33.77 1.86
C MET A 439 16.79 33.72 0.57
N ASN A 440 17.71 34.70 0.41
CA ASN A 440 18.67 34.75 -0.72
C ASN A 440 19.71 33.62 -0.59
N GLN A 441 20.05 33.28 0.67
CA GLN A 441 20.99 32.19 0.99
C GLN A 441 20.28 30.80 0.91
N GLN A 442 18.98 30.78 0.56
CA GLN A 442 18.19 29.55 0.42
C GLN A 442 17.85 29.28 -1.06
N ALA A 443 16.71 29.82 -1.55
CA ALA A 443 16.21 29.60 -2.92
C ALA A 443 15.03 30.56 -3.20
N MET B 12 -11.38 27.26 -0.23
CA MET B 12 -12.12 26.03 0.20
C MET B 12 -13.55 26.38 0.67
N GLN B 13 -14.46 25.40 0.54
CA GLN B 13 -15.86 25.48 1.01
C GLN B 13 -16.23 24.10 1.58
N VAL B 14 -16.96 24.05 2.72
CA VAL B 14 -17.43 22.77 3.33
C VAL B 14 -18.96 22.85 3.56
N SER B 15 -19.65 21.69 3.45
CA SER B 15 -21.12 21.62 3.66
C SER B 15 -21.54 20.18 4.03
N VAL B 16 -22.02 19.99 5.28
CA VAL B 16 -22.45 18.66 5.79
C VAL B 16 -23.96 18.41 5.48
N GLU B 17 -24.28 17.14 5.19
CA GLU B 17 -25.63 16.67 4.82
C GLU B 17 -25.81 15.26 5.40
N THR B 18 -26.92 15.01 6.11
CA THR B 18 -27.21 13.67 6.65
C THR B 18 -27.67 12.72 5.51
N THR B 19 -26.80 11.75 5.16
CA THR B 19 -27.11 10.70 4.19
C THR B 19 -28.19 9.75 4.75
N GLN B 20 -27.89 9.12 5.91
CA GLN B 20 -28.80 8.19 6.58
C GLN B 20 -28.30 7.97 8.03
N GLY B 21 -28.92 8.71 8.98
CA GLY B 21 -28.65 8.59 10.41
C GLY B 21 -27.24 8.99 10.82
N LEU B 22 -26.35 7.98 10.89
CA LEU B 22 -24.93 8.17 11.28
C LEU B 22 -24.17 8.69 10.06
N GLY B 23 -24.63 8.25 8.87
CA GLY B 23 -24.09 8.68 7.58
C GLY B 23 -24.22 10.18 7.40
N ARG B 24 -23.09 10.89 7.49
CA ARG B 24 -23.02 12.36 7.37
C ARG B 24 -22.05 12.75 6.25
N ARG B 25 -22.64 13.03 5.09
CA ARG B 25 -21.97 13.50 3.89
C ARG B 25 -21.44 14.93 4.06
N VAL B 26 -20.17 15.07 4.45
CA VAL B 26 -19.49 16.37 4.52
C VAL B 26 -18.92 16.69 3.13
N THR B 27 -19.77 17.29 2.28
CA THR B 27 -19.42 17.68 0.91
C THR B 27 -18.48 18.90 0.96
N ILE B 28 -17.20 18.70 0.57
CA ILE B 28 -16.18 19.77 0.61
C ILE B 28 -15.79 20.17 -0.84
N THR B 29 -16.08 21.44 -1.19
CA THR B 29 -15.68 22.04 -2.46
C THR B 29 -14.27 22.67 -2.34
N ILE B 30 -13.25 21.96 -2.86
CA ILE B 30 -11.88 22.51 -2.95
C ILE B 30 -11.80 23.31 -4.26
N ALA B 31 -11.64 24.65 -4.16
CA ALA B 31 -11.59 25.56 -5.35
C ALA B 31 -10.41 25.20 -6.27
N ALA B 32 -10.50 25.58 -7.56
CA ALA B 32 -9.47 25.30 -8.58
C ALA B 32 -8.08 25.76 -8.11
N ASP B 33 -8.00 27.02 -7.66
CA ASP B 33 -6.75 27.63 -7.14
C ASP B 33 -6.29 26.94 -5.85
N SER B 34 -7.25 26.53 -4.98
CA SER B 34 -6.93 25.80 -3.74
C SER B 34 -6.18 24.48 -4.03
N ILE B 35 -6.47 23.89 -5.21
CA ILE B 35 -5.75 22.70 -5.70
C ILE B 35 -4.41 23.14 -6.29
N GLU B 36 -4.45 24.02 -7.33
CA GLU B 36 -3.28 24.39 -8.16
C GLU B 36 -2.11 24.90 -7.31
N THR B 37 -2.40 25.76 -6.32
CA THR B 37 -1.40 26.32 -5.39
C THR B 37 -0.72 25.20 -4.56
N ALA B 38 -1.54 24.25 -4.10
CA ALA B 38 -1.06 23.06 -3.36
C ALA B 38 -0.29 22.10 -4.28
N VAL B 39 -0.61 22.11 -5.60
CA VAL B 39 0.12 21.30 -6.61
C VAL B 39 1.54 21.85 -6.79
N LYS B 40 1.62 23.17 -7.04
CA LYS B 40 2.88 23.91 -7.20
C LYS B 40 3.75 23.77 -5.95
N SER B 41 3.07 23.78 -4.77
CA SER B 41 3.68 23.55 -3.46
C SER B 41 4.38 22.18 -3.42
N GLU B 42 3.61 21.09 -3.62
CA GLU B 42 4.14 19.72 -3.52
C GLU B 42 5.19 19.41 -4.60
N LEU B 43 5.08 20.10 -5.76
CA LEU B 43 6.06 20.04 -6.85
C LEU B 43 7.42 20.60 -6.40
N VAL B 44 7.44 21.88 -5.93
CA VAL B 44 8.70 22.55 -5.53
C VAL B 44 9.29 21.89 -4.26
N ASN B 45 8.40 21.40 -3.37
CA ASN B 45 8.79 20.63 -2.18
C ASN B 45 9.59 19.40 -2.59
N VAL B 46 8.92 18.46 -3.33
CA VAL B 46 9.53 17.18 -3.74
C VAL B 46 10.80 17.40 -4.60
N ALA B 47 10.78 18.51 -5.36
CA ALA B 47 11.91 18.92 -6.18
C ALA B 47 13.12 19.26 -5.30
N LYS B 48 12.91 20.04 -4.21
CA LYS B 48 14.04 20.57 -3.41
C LYS B 48 14.57 19.54 -2.39
N LYS B 49 13.67 18.68 -1.86
CA LYS B 49 14.08 17.65 -0.87
C LYS B 49 14.81 16.46 -1.54
N VAL B 50 14.31 16.02 -2.72
CA VAL B 50 14.88 14.88 -3.47
C VAL B 50 15.97 15.38 -4.47
N ARG B 51 16.01 16.71 -4.67
CA ARG B 51 16.97 17.43 -5.55
C ARG B 51 16.75 17.05 -7.04
N ILE B 52 15.48 16.78 -7.38
CA ILE B 52 15.05 16.50 -8.77
C ILE B 52 14.16 17.65 -9.29
N ASP B 53 14.77 18.84 -9.35
CA ASP B 53 14.09 20.09 -9.76
C ASP B 53 14.05 20.22 -11.31
N GLY B 54 14.02 19.07 -12.01
CA GLY B 54 14.20 19.02 -13.46
C GLY B 54 15.67 19.25 -13.81
N PHE B 55 16.07 20.53 -13.78
CA PHE B 55 17.46 20.95 -14.00
C PHE B 55 18.14 21.20 -12.64
N ARG B 56 17.68 22.26 -11.92
CA ARG B 56 18.23 22.65 -10.59
C ARG B 56 17.30 23.67 -9.89
N LYS B 57 17.44 23.74 -8.54
CA LYS B 57 16.67 24.54 -7.57
C LYS B 57 16.80 26.09 -7.75
N GLY B 58 16.46 26.59 -8.94
CA GLY B 58 16.48 28.02 -9.22
C GLY B 58 15.92 28.35 -10.60
N LYS B 59 15.06 27.46 -11.14
CA LYS B 59 14.52 27.61 -12.50
C LYS B 59 13.18 26.86 -12.67
N VAL B 60 12.35 27.39 -13.61
CA VAL B 60 11.15 26.73 -14.15
C VAL B 60 10.01 26.75 -13.11
N PRO B 61 9.11 27.79 -13.18
CA PRO B 61 7.97 27.94 -12.24
C PRO B 61 7.02 26.71 -12.30
N MET B 62 6.65 26.23 -11.10
CA MET B 62 5.80 25.02 -10.94
C MET B 62 4.35 25.27 -11.38
N ASN B 63 4.04 26.54 -11.73
CA ASN B 63 2.77 26.98 -12.30
C ASN B 63 2.42 26.19 -13.57
N ILE B 64 3.32 26.29 -14.57
CA ILE B 64 3.13 25.63 -15.88
C ILE B 64 3.32 24.10 -15.77
N VAL B 65 4.17 23.66 -14.81
CA VAL B 65 4.42 22.24 -14.55
C VAL B 65 3.12 21.57 -14.07
N ALA B 66 2.43 22.24 -13.13
CA ALA B 66 1.13 21.81 -12.57
C ALA B 66 0.05 21.77 -13.67
N GLN B 67 -0.13 22.93 -14.30
CA GLN B 67 -1.22 23.23 -15.23
C GLN B 67 -1.18 22.37 -16.50
N ARG B 68 0.02 22.16 -17.06
CA ARG B 68 0.19 21.50 -18.37
C ARG B 68 0.42 19.98 -18.27
N TYR B 69 1.13 19.51 -17.23
CA TYR B 69 1.48 18.07 -17.10
C TYR B 69 1.66 17.62 -15.65
N GLY B 70 1.03 18.35 -14.69
CA GLY B 70 1.12 18.01 -13.26
C GLY B 70 0.08 17.00 -12.81
N ALA B 71 -0.30 16.07 -13.70
CA ALA B 71 -1.22 14.96 -13.36
C ALA B 71 -0.53 13.97 -12.42
N SER B 72 0.79 13.84 -12.58
CA SER B 72 1.63 12.84 -11.89
C SER B 72 1.99 13.21 -10.42
N VAL B 73 1.37 14.30 -9.91
CA VAL B 73 1.53 14.75 -8.50
C VAL B 73 0.15 14.83 -7.80
N ARG B 74 -0.96 14.61 -8.54
CA ARG B 74 -2.34 14.75 -7.99
C ARG B 74 -2.64 13.74 -6.86
N GLN B 75 -1.88 12.62 -6.81
CA GLN B 75 -1.97 11.63 -5.72
C GLN B 75 -1.45 12.26 -4.41
N ASP B 76 -0.31 12.95 -4.54
CA ASP B 76 0.38 13.63 -3.43
C ASP B 76 -0.48 14.80 -2.92
N VAL B 77 -0.94 15.61 -3.89
CA VAL B 77 -1.73 16.83 -3.64
C VAL B 77 -3.07 16.49 -3.01
N LEU B 78 -3.93 15.74 -3.75
CA LEU B 78 -5.27 15.35 -3.25
C LEU B 78 -5.14 14.50 -1.98
N GLY B 79 -4.06 13.67 -1.91
CA GLY B 79 -3.72 12.92 -0.70
C GLY B 79 -3.49 13.83 0.51
N ASP B 80 -2.89 15.02 0.27
CA ASP B 80 -2.69 16.04 1.32
C ASP B 80 -4.03 16.77 1.62
N LEU B 81 -4.76 17.12 0.55
CA LEU B 81 -5.99 17.95 0.62
C LEU B 81 -7.12 17.22 1.35
N MET B 82 -7.15 15.87 1.24
CA MET B 82 -8.17 15.01 1.89
C MET B 82 -8.12 15.17 3.41
N SER B 83 -6.92 15.34 3.96
CA SER B 83 -6.72 15.60 5.40
C SER B 83 -6.69 17.12 5.70
N ARG B 84 -6.20 17.92 4.73
CA ARG B 84 -5.97 19.39 4.91
C ARG B 84 -7.30 20.15 5.12
N ASN B 85 -8.28 19.89 4.24
CA ASN B 85 -9.60 20.53 4.30
C ASN B 85 -10.45 19.92 5.44
N PHE B 86 -10.33 18.58 5.58
CA PHE B 86 -11.12 17.79 6.54
C PHE B 86 -10.75 18.14 8.00
N ILE B 87 -9.44 18.31 8.28
CA ILE B 87 -8.95 18.53 9.66
C ILE B 87 -9.54 19.83 10.24
N ASP B 88 -9.66 20.86 9.40
CA ASP B 88 -10.21 22.16 9.83
C ASP B 88 -11.74 22.06 9.89
N ALA B 89 -12.35 21.43 8.85
CA ALA B 89 -13.82 21.24 8.75
C ALA B 89 -14.43 20.59 10.03
N ILE B 90 -13.71 19.59 10.57
CA ILE B 90 -14.18 18.84 11.75
C ILE B 90 -13.96 19.63 13.06
N ILE B 91 -13.04 20.61 13.02
CA ILE B 91 -12.72 21.44 14.19
C ILE B 91 -13.90 22.38 14.47
N LYS B 92 -14.20 23.22 13.48
CA LYS B 92 -15.13 24.34 13.60
C LYS B 92 -16.55 23.87 13.96
N GLU B 93 -17.00 22.78 13.31
CA GLU B 93 -18.42 22.36 13.33
C GLU B 93 -18.75 21.24 14.32
N LYS B 94 -17.75 20.43 14.76
CA LYS B 94 -18.01 19.20 15.57
C LYS B 94 -18.68 18.12 14.70
N ILE B 95 -17.92 17.05 14.43
CA ILE B 95 -18.07 16.13 13.28
C ILE B 95 -16.75 15.32 13.24
N ASN B 96 -16.86 13.97 13.20
CA ASN B 96 -15.70 13.06 13.30
C ASN B 96 -16.13 11.63 12.90
N PRO B 97 -15.30 10.89 12.08
CA PRO B 97 -15.64 9.51 11.62
C PRO B 97 -15.34 8.42 12.68
N ALA B 98 -16.05 7.28 12.56
CA ALA B 98 -15.70 6.05 13.27
C ALA B 98 -14.59 5.33 12.48
N GLY B 99 -13.34 5.65 12.83
CA GLY B 99 -12.16 5.06 12.21
C GLY B 99 -11.61 5.91 11.07
N ALA B 100 -12.32 5.92 9.93
CA ALA B 100 -11.86 6.59 8.69
C ALA B 100 -13.06 7.16 7.90
N PRO B 101 -12.93 8.34 7.22
CA PRO B 101 -13.98 8.87 6.34
C PRO B 101 -13.88 8.32 4.90
N THR B 102 -15.01 7.87 4.36
CA THR B 102 -15.15 7.40 2.99
C THR B 102 -15.22 8.62 2.03
N TYR B 103 -14.08 8.91 1.38
CA TYR B 103 -13.99 9.97 0.36
C TYR B 103 -14.57 9.47 -0.97
N VAL B 104 -15.81 9.89 -1.26
CA VAL B 104 -16.49 9.64 -2.56
C VAL B 104 -16.22 10.87 -3.47
N PRO B 105 -15.19 10.80 -4.38
CA PRO B 105 -14.74 11.97 -5.15
C PRO B 105 -15.44 12.12 -6.52
N GLY B 106 -15.52 13.37 -7.01
CA GLY B 106 -15.93 13.64 -8.39
C GLY B 106 -14.79 13.35 -9.36
N GLU B 107 -15.12 13.25 -10.66
CA GLU B 107 -14.13 13.01 -11.73
C GLU B 107 -13.30 14.30 -11.90
N TYR B 108 -11.96 14.22 -11.68
CA TYR B 108 -11.09 15.40 -11.60
C TYR B 108 -10.96 16.09 -12.99
N LYS B 109 -11.81 17.09 -13.24
CA LYS B 109 -11.67 18.01 -14.38
C LYS B 109 -10.73 19.16 -13.96
N LEU B 110 -9.67 19.39 -14.77
CA LEU B 110 -8.63 20.40 -14.48
C LEU B 110 -9.14 21.82 -14.76
N GLY B 111 -8.75 22.79 -13.90
CA GLY B 111 -9.29 24.15 -13.97
C GLY B 111 -10.75 24.17 -13.54
N GLU B 112 -11.00 23.58 -12.37
CA GLU B 112 -12.36 23.42 -11.82
C GLU B 112 -12.27 23.14 -10.31
N ASP B 113 -13.35 23.47 -9.58
CA ASP B 113 -13.46 23.17 -8.15
C ASP B 113 -13.69 21.65 -7.94
N PHE B 114 -12.75 20.99 -7.24
CA PHE B 114 -12.86 19.57 -6.91
C PHE B 114 -13.73 19.41 -5.65
N THR B 115 -15.04 19.30 -5.90
CA THR B 115 -16.02 19.00 -4.88
C THR B 115 -16.09 17.48 -4.67
N TYR B 116 -15.77 17.02 -3.45
CA TYR B 116 -15.82 15.59 -3.10
C TYR B 116 -16.66 15.37 -1.83
N SER B 117 -17.45 14.30 -1.88
CA SER B 117 -18.40 13.92 -0.83
C SER B 117 -17.67 13.12 0.26
N VAL B 118 -17.24 13.80 1.34
CA VAL B 118 -16.50 13.16 2.44
C VAL B 118 -17.52 12.54 3.42
N GLU B 119 -17.96 11.32 3.10
CA GLU B 119 -18.98 10.59 3.88
C GLU B 119 -18.31 9.74 4.96
N PHE B 120 -19.08 9.42 5.99
CA PHE B 120 -18.66 8.53 7.09
C PHE B 120 -19.86 8.27 7.99
N GLU B 121 -19.68 7.38 8.98
CA GLU B 121 -20.67 7.13 10.03
C GLU B 121 -20.00 7.28 11.39
N VAL B 122 -20.76 7.84 12.36
CA VAL B 122 -20.30 7.99 13.75
C VAL B 122 -20.51 6.67 14.51
N TYR B 123 -19.73 6.47 15.59
CA TYR B 123 -19.66 5.18 16.30
C TYR B 123 -20.84 5.02 17.29
N PRO B 124 -21.75 4.00 17.11
CA PRO B 124 -22.81 3.70 18.10
C PRO B 124 -22.27 2.81 19.26
N GLU B 125 -22.95 2.88 20.42
CA GLU B 125 -22.60 2.08 21.60
C GLU B 125 -22.96 0.60 21.34
N VAL B 126 -21.97 -0.22 20.98
CA VAL B 126 -22.19 -1.64 20.68
C VAL B 126 -22.49 -2.45 21.96
N GLU B 127 -23.51 -3.31 21.89
CA GLU B 127 -23.86 -4.21 22.99
C GLU B 127 -24.22 -5.60 22.42
N LEU B 128 -23.71 -6.64 23.07
CA LEU B 128 -24.06 -8.04 22.77
C LEU B 128 -25.16 -8.49 23.74
N GLN B 129 -26.07 -9.32 23.23
CA GLN B 129 -27.29 -9.74 23.95
C GLN B 129 -27.71 -11.14 23.44
N GLY B 130 -28.50 -11.87 24.26
CA GLY B 130 -28.92 -13.22 23.94
C GLY B 130 -27.78 -14.23 24.12
N LEU B 131 -26.88 -13.93 25.08
CA LEU B 131 -25.70 -14.77 25.39
C LEU B 131 -26.15 -16.20 25.73
N GLU B 132 -27.22 -16.30 26.54
CA GLU B 132 -27.84 -17.58 26.94
C GLU B 132 -28.52 -18.27 25.74
N ALA B 133 -28.97 -17.47 24.74
CA ALA B 133 -29.68 -17.99 23.55
C ALA B 133 -28.69 -18.59 22.55
N ILE B 134 -27.45 -18.05 22.56
CA ILE B 134 -26.31 -18.60 21.80
C ILE B 134 -25.99 -20.02 22.32
N GLU B 135 -26.28 -21.03 21.50
CA GLU B 135 -26.00 -22.44 21.81
C GLU B 135 -24.61 -22.82 21.28
N VAL B 136 -23.69 -23.10 22.20
CA VAL B 136 -22.31 -23.50 21.88
C VAL B 136 -22.28 -24.99 21.51
N GLU B 137 -21.68 -25.28 20.35
CA GLU B 137 -21.49 -26.64 19.86
C GLU B 137 -20.08 -27.08 20.28
N LYS B 138 -19.99 -28.08 21.17
CA LYS B 138 -18.75 -28.81 21.44
C LYS B 138 -18.87 -30.19 20.77
N PRO B 139 -18.40 -30.35 19.49
CA PRO B 139 -18.47 -31.63 18.77
C PRO B 139 -17.47 -32.65 19.35
N ILE B 140 -17.99 -33.57 20.18
CA ILE B 140 -17.17 -34.53 20.94
C ILE B 140 -16.73 -35.67 20.00
N VAL B 141 -15.50 -35.53 19.47
CA VAL B 141 -14.86 -36.51 18.58
C VAL B 141 -13.55 -37.01 19.22
N GLU B 142 -13.01 -38.12 18.70
CA GLU B 142 -11.70 -38.68 19.12
C GLU B 142 -10.93 -39.18 17.88
N VAL B 143 -9.59 -39.24 17.96
CA VAL B 143 -8.77 -39.89 16.93
C VAL B 143 -8.49 -41.34 17.38
N THR B 144 -9.51 -42.20 17.21
CA THR B 144 -9.41 -43.65 17.44
C THR B 144 -9.14 -44.33 16.10
N ASP B 145 -8.64 -45.58 16.12
CA ASP B 145 -8.44 -46.38 14.88
C ASP B 145 -9.76 -46.63 14.13
N ALA B 146 -10.90 -46.43 14.80
CA ALA B 146 -12.23 -46.48 14.17
C ALA B 146 -12.41 -45.30 13.19
N ASP B 147 -12.02 -44.10 13.66
CA ASP B 147 -12.09 -42.86 12.85
C ASP B 147 -10.96 -42.83 11.80
N VAL B 148 -9.80 -43.40 12.17
CA VAL B 148 -8.64 -43.51 11.26
C VAL B 148 -8.95 -44.48 10.12
N ASP B 149 -9.51 -45.67 10.46
CA ASP B 149 -9.91 -46.70 9.45
C ASP B 149 -11.13 -46.24 8.65
N GLY B 150 -12.01 -45.43 9.27
CA GLY B 150 -13.15 -44.84 8.57
C GLY B 150 -12.70 -43.91 7.45
N MET B 151 -11.81 -42.96 7.83
CA MET B 151 -11.22 -41.99 6.89
C MET B 151 -10.29 -42.71 5.89
N LEU B 152 -9.60 -43.78 6.36
CA LEU B 152 -8.63 -44.56 5.54
C LEU B 152 -9.37 -45.27 4.41
N ASP B 153 -10.52 -45.87 4.78
CA ASP B 153 -11.39 -46.58 3.85
C ASP B 153 -11.97 -45.59 2.84
N THR B 154 -12.46 -44.44 3.35
CA THR B 154 -12.92 -43.33 2.51
C THR B 154 -11.79 -42.83 1.56
N LEU B 155 -10.54 -42.85 2.05
CA LEU B 155 -9.35 -42.36 1.31
C LEU B 155 -9.08 -43.27 0.09
N ARG B 156 -8.97 -44.58 0.34
CA ARG B 156 -8.72 -45.59 -0.74
C ARG B 156 -9.95 -45.77 -1.65
N LYS B 157 -11.16 -45.47 -1.12
CA LYS B 157 -12.43 -45.63 -1.86
C LYS B 157 -12.82 -44.34 -2.65
N GLN B 158 -12.29 -43.17 -2.24
CA GLN B 158 -12.58 -41.87 -2.93
C GLN B 158 -11.45 -41.51 -3.90
N GLN B 159 -10.22 -41.54 -3.39
CA GLN B 159 -9.02 -41.05 -4.09
C GLN B 159 -8.36 -42.17 -4.90
N ALA B 160 -9.20 -43.00 -5.56
CA ALA B 160 -8.76 -44.11 -6.40
C ALA B 160 -7.97 -43.62 -7.64
N THR B 161 -7.06 -44.47 -8.13
CA THR B 161 -6.18 -44.14 -9.26
C THR B 161 -6.97 -44.01 -10.59
N TRP B 162 -6.36 -43.31 -11.55
CA TRP B 162 -7.02 -42.97 -12.83
C TRP B 162 -6.44 -43.82 -13.97
N LYS B 163 -7.33 -44.24 -14.88
CA LYS B 163 -6.97 -45.02 -16.08
C LYS B 163 -7.53 -44.30 -17.31
N GLU B 164 -6.80 -44.34 -18.43
CA GLU B 164 -7.20 -43.66 -19.68
C GLU B 164 -8.40 -44.38 -20.32
N LYS B 165 -9.53 -43.66 -20.42
CA LYS B 165 -10.80 -44.20 -20.95
C LYS B 165 -11.02 -43.72 -22.40
N ASP B 166 -11.28 -44.67 -23.32
CA ASP B 166 -11.68 -44.35 -24.70
C ASP B 166 -13.17 -44.70 -24.85
N GLY B 167 -14.03 -43.67 -24.74
CA GLY B 167 -15.48 -43.84 -24.83
C GLY B 167 -16.25 -42.66 -24.27
N ALA B 168 -17.57 -42.85 -24.10
CA ALA B 168 -18.50 -41.81 -23.64
C ALA B 168 -18.25 -41.41 -22.17
N VAL B 169 -18.29 -40.10 -21.89
CA VAL B 169 -18.05 -39.52 -20.54
C VAL B 169 -19.37 -39.53 -19.71
N GLU B 170 -19.28 -39.87 -18.42
CA GLU B 170 -20.42 -39.74 -17.45
C GLU B 170 -20.13 -38.60 -16.47
N ALA B 171 -21.14 -38.29 -15.62
CA ALA B 171 -20.98 -37.40 -14.46
C ALA B 171 -20.01 -38.03 -13.44
N GLU B 172 -20.05 -39.38 -13.41
CA GLU B 172 -19.21 -40.19 -12.52
C GLU B 172 -17.99 -40.74 -13.31
N ASP B 173 -17.33 -39.85 -14.06
CA ASP B 173 -16.00 -40.06 -14.65
C ASP B 173 -15.09 -38.87 -14.33
N ARG B 174 -13.80 -39.04 -14.60
CA ARG B 174 -12.84 -37.92 -14.71
C ARG B 174 -12.67 -37.57 -16.19
N VAL B 175 -12.43 -36.29 -16.46
CA VAL B 175 -12.12 -35.83 -17.81
C VAL B 175 -11.30 -34.51 -17.75
N THR B 176 -10.03 -34.63 -18.15
CA THR B 176 -9.05 -33.53 -18.14
C THR B 176 -9.06 -32.82 -19.51
N ILE B 177 -9.94 -31.81 -19.61
CA ILE B 177 -10.20 -31.06 -20.85
C ILE B 177 -9.57 -29.68 -20.80
N ASP B 178 -9.18 -29.14 -21.96
CA ASP B 178 -8.79 -27.74 -22.08
C ASP B 178 -9.96 -26.96 -22.70
N PHE B 179 -10.57 -26.07 -21.90
CA PHE B 179 -11.73 -25.28 -22.33
C PHE B 179 -11.35 -23.80 -22.39
N THR B 180 -11.89 -23.13 -23.40
CA THR B 180 -11.73 -21.69 -23.64
C THR B 180 -12.81 -21.24 -24.62
N GLY B 181 -13.05 -19.94 -24.70
CA GLY B 181 -14.00 -19.42 -25.69
C GLY B 181 -14.33 -17.97 -25.43
N SER B 182 -15.63 -17.63 -25.50
CA SER B 182 -16.10 -16.25 -25.36
C SER B 182 -17.52 -16.20 -24.80
N VAL B 183 -17.74 -15.27 -23.85
CA VAL B 183 -19.04 -15.02 -23.23
C VAL B 183 -19.74 -13.90 -24.03
N ASP B 184 -20.90 -14.26 -24.63
CA ASP B 184 -21.74 -13.34 -25.44
C ASP B 184 -21.08 -13.02 -26.81
N GLY B 185 -19.85 -13.53 -27.03
CA GLY B 185 -19.02 -13.17 -28.18
C GLY B 185 -17.72 -12.49 -27.76
N GLU B 186 -17.67 -11.98 -26.52
CA GLU B 186 -16.50 -11.27 -25.97
C GLU B 186 -15.59 -12.24 -25.18
N GLU B 187 -14.27 -12.14 -25.44
CA GLU B 187 -13.24 -12.94 -24.73
C GLU B 187 -13.20 -12.51 -23.24
N PHE B 188 -13.05 -13.48 -22.34
CA PHE B 188 -13.12 -13.27 -20.87
C PHE B 188 -11.86 -13.83 -20.19
N GLU B 189 -11.27 -13.02 -19.29
CA GLU B 189 -9.99 -13.34 -18.61
C GLU B 189 -10.25 -14.20 -17.36
N GLY B 190 -9.36 -15.19 -17.11
CA GLY B 190 -9.39 -15.99 -15.88
C GLY B 190 -10.30 -17.22 -15.97
N GLY B 191 -11.42 -17.11 -16.70
CA GLY B 191 -12.46 -18.16 -16.74
C GLY B 191 -12.18 -19.31 -17.72
N LYS B 192 -10.90 -19.63 -17.92
CA LYS B 192 -10.48 -20.75 -18.78
C LYS B 192 -9.36 -21.53 -18.07
N ALA B 193 -9.21 -22.81 -18.43
CA ALA B 193 -8.21 -23.70 -17.82
C ALA B 193 -7.80 -24.79 -18.81
N SER B 194 -6.54 -24.74 -19.23
CA SER B 194 -5.93 -25.80 -20.03
C SER B 194 -5.63 -27.01 -19.14
N ASP B 195 -6.09 -28.20 -19.58
CA ASP B 195 -6.07 -29.46 -18.78
C ASP B 195 -6.82 -29.29 -17.44
N PHE B 196 -8.01 -28.67 -17.54
CA PHE B 196 -9.00 -28.62 -16.46
C PHE B 196 -9.47 -30.05 -16.13
N VAL B 197 -9.28 -30.48 -14.87
CA VAL B 197 -9.70 -31.82 -14.43
C VAL B 197 -11.11 -31.76 -13.81
N LEU B 198 -12.11 -32.19 -14.58
CA LEU B 198 -13.45 -32.50 -14.06
C LEU B 198 -13.39 -33.90 -13.43
N ALA B 199 -13.04 -33.94 -12.14
CA ALA B 199 -13.04 -35.19 -11.36
C ALA B 199 -14.39 -35.37 -10.64
N MET B 200 -14.90 -36.59 -10.69
CA MET B 200 -16.12 -37.01 -9.98
C MET B 200 -15.88 -37.19 -8.46
N GLY B 201 -16.97 -37.56 -7.75
CA GLY B 201 -16.91 -37.88 -6.30
C GLY B 201 -17.19 -36.64 -5.45
N GLN B 202 -16.43 -35.59 -5.74
CA GLN B 202 -16.69 -34.23 -5.23
C GLN B 202 -17.95 -33.62 -5.90
N GLY B 203 -18.33 -32.41 -5.45
CA GLY B 203 -19.60 -31.76 -5.85
C GLY B 203 -19.77 -31.49 -7.35
N ARG B 204 -20.93 -30.93 -7.71
CA ARG B 204 -21.34 -30.72 -9.12
C ARG B 204 -21.13 -29.25 -9.54
N MET B 205 -20.76 -29.07 -10.82
CA MET B 205 -20.54 -27.74 -11.45
C MET B 205 -21.88 -27.12 -11.92
N ILE B 206 -21.80 -25.97 -12.62
CA ILE B 206 -22.99 -25.27 -13.17
C ILE B 206 -23.75 -26.15 -14.20
N PRO B 207 -25.12 -26.03 -14.27
CA PRO B 207 -25.94 -26.78 -15.25
C PRO B 207 -25.57 -26.42 -16.70
N GLY B 208 -25.56 -27.44 -17.57
CA GLY B 208 -25.23 -27.26 -18.97
C GLY B 208 -23.78 -27.57 -19.29
N PHE B 209 -22.85 -27.07 -18.45
CA PHE B 209 -21.40 -27.23 -18.68
C PHE B 209 -21.02 -28.71 -18.62
N GLU B 210 -20.97 -29.27 -17.40
CA GLU B 210 -20.58 -30.68 -17.17
C GLU B 210 -21.58 -31.66 -17.82
N ASP B 211 -22.84 -31.19 -17.99
CA ASP B 211 -23.90 -31.92 -18.71
C ASP B 211 -23.54 -32.07 -20.20
N GLY B 212 -22.86 -31.04 -20.73
CA GLY B 212 -22.36 -31.05 -22.10
C GLY B 212 -21.18 -31.99 -22.26
N ILE B 213 -20.27 -31.95 -21.27
CA ILE B 213 -19.03 -32.77 -21.28
C ILE B 213 -19.41 -34.27 -21.28
N LYS B 214 -20.37 -34.63 -20.41
CA LYS B 214 -20.87 -36.01 -20.30
C LYS B 214 -21.91 -36.34 -21.38
N GLY B 215 -22.20 -35.37 -22.28
CA GLY B 215 -23.12 -35.60 -23.39
C GLY B 215 -22.36 -35.93 -24.67
N HIS B 216 -21.03 -36.15 -24.54
CA HIS B 216 -20.12 -36.35 -25.67
C HIS B 216 -19.08 -37.44 -25.37
N LYS B 217 -18.59 -38.10 -26.44
CA LYS B 217 -17.64 -39.21 -26.37
C LYS B 217 -16.21 -38.70 -26.64
N ALA B 218 -15.22 -39.38 -26.01
CA ALA B 218 -13.79 -39.03 -26.06
C ALA B 218 -13.26 -38.84 -27.51
N GLY B 219 -12.62 -37.69 -27.75
CA GLY B 219 -12.05 -37.34 -29.06
C GLY B 219 -12.70 -36.12 -29.68
N GLU B 220 -13.95 -35.82 -29.29
CA GLU B 220 -14.72 -34.70 -29.86
C GLU B 220 -14.19 -33.33 -29.40
N GLU B 221 -13.90 -32.46 -30.37
CA GLU B 221 -13.60 -31.04 -30.15
C GLU B 221 -14.82 -30.22 -30.62
N PHE B 222 -15.57 -29.70 -29.65
CA PHE B 222 -16.87 -29.03 -29.88
C PHE B 222 -16.95 -27.76 -29.03
N THR B 223 -18.15 -27.16 -28.93
CA THR B 223 -18.41 -26.05 -28.01
C THR B 223 -19.76 -26.25 -27.30
N ILE B 224 -19.83 -25.81 -26.03
CA ILE B 224 -21.07 -25.82 -25.24
C ILE B 224 -21.42 -24.35 -24.88
N ASP B 225 -22.51 -23.84 -25.46
CA ASP B 225 -22.96 -22.48 -25.20
C ASP B 225 -23.95 -22.50 -24.03
N VAL B 226 -23.42 -22.24 -22.82
CA VAL B 226 -24.22 -22.28 -21.58
C VAL B 226 -24.27 -20.89 -20.95
N THR B 227 -25.45 -20.51 -20.45
CA THR B 227 -25.67 -19.19 -19.82
C THR B 227 -25.20 -19.21 -18.36
N PHE B 228 -24.42 -18.18 -17.96
CA PHE B 228 -24.03 -18.00 -16.55
C PHE B 228 -25.27 -17.63 -15.70
N PRO B 229 -25.40 -18.23 -14.47
CA PRO B 229 -26.45 -17.82 -13.50
C PRO B 229 -26.44 -16.30 -13.21
N GLU B 230 -27.63 -15.73 -12.98
CA GLU B 230 -27.76 -14.32 -12.55
C GLU B 230 -27.29 -14.14 -11.08
N GLU B 231 -26.90 -15.26 -10.45
CA GLU B 231 -26.34 -15.32 -9.10
C GLU B 231 -24.80 -15.41 -9.14
N TYR B 232 -24.24 -15.46 -10.37
CA TYR B 232 -22.78 -15.62 -10.60
C TYR B 232 -21.98 -14.39 -10.06
N HIS B 233 -20.67 -14.62 -9.79
CA HIS B 233 -19.79 -13.70 -9.02
C HIS B 233 -19.29 -12.46 -9.82
N ALA B 234 -19.95 -12.12 -10.96
CA ALA B 234 -19.58 -10.94 -11.79
C ALA B 234 -20.77 -10.52 -12.69
N GLU B 235 -20.92 -9.19 -12.90
CA GLU B 235 -22.09 -8.57 -13.60
C GLU B 235 -22.16 -8.93 -15.11
N ASN B 236 -21.13 -8.54 -15.89
CA ASN B 236 -21.17 -8.66 -17.38
C ASN B 236 -20.96 -10.11 -17.86
N LEU B 237 -20.71 -11.03 -16.93
CA LEU B 237 -20.65 -12.47 -17.24
C LEU B 237 -22.01 -13.13 -16.94
N LYS B 238 -22.65 -12.72 -15.82
CA LYS B 238 -23.95 -13.30 -15.37
C LYS B 238 -25.07 -12.92 -16.36
N GLY B 239 -25.96 -13.88 -16.67
CA GLY B 239 -27.09 -13.63 -17.58
C GLY B 239 -26.72 -13.79 -19.06
N LYS B 240 -25.42 -13.72 -19.38
CA LYS B 240 -24.91 -13.90 -20.74
C LYS B 240 -24.58 -15.38 -20.99
N ALA B 241 -25.00 -15.88 -22.16
CA ALA B 241 -24.58 -17.18 -22.69
C ALA B 241 -23.06 -17.18 -22.94
N ALA B 242 -22.42 -18.34 -22.84
CA ALA B 242 -20.96 -18.48 -22.92
C ALA B 242 -20.58 -19.72 -23.73
N LYS B 243 -19.96 -19.49 -24.90
CA LYS B 243 -19.53 -20.56 -25.80
C LYS B 243 -18.15 -21.09 -25.31
N PHE B 244 -18.15 -22.30 -24.76
CA PHE B 244 -16.95 -22.97 -24.23
C PHE B 244 -16.49 -24.04 -25.21
N ALA B 245 -15.49 -23.72 -26.04
CA ALA B 245 -14.83 -24.68 -26.93
C ALA B 245 -14.16 -25.80 -26.10
N ILE B 246 -14.92 -26.90 -25.90
CA ILE B 246 -14.47 -28.07 -25.14
C ILE B 246 -13.72 -29.02 -26.07
N ASN B 247 -12.42 -29.10 -25.87
CA ASN B 247 -11.58 -30.08 -26.53
C ASN B 247 -11.40 -31.25 -25.56
N LEU B 248 -12.13 -32.38 -25.80
CA LEU B 248 -11.98 -33.62 -25.01
C LEU B 248 -10.55 -34.17 -25.23
N LYS B 249 -9.63 -33.66 -24.40
CA LYS B 249 -8.20 -33.94 -24.51
C LYS B 249 -7.90 -35.28 -23.86
N LYS B 250 -8.03 -35.32 -22.52
CA LYS B 250 -7.85 -36.55 -21.74
C LYS B 250 -9.19 -36.93 -21.12
N VAL B 251 -9.60 -38.20 -21.30
CA VAL B 251 -10.78 -38.78 -20.66
C VAL B 251 -10.29 -39.96 -19.83
N GLU B 252 -10.63 -39.99 -18.53
CA GLU B 252 -10.08 -40.95 -17.56
C GLU B 252 -11.20 -41.57 -16.71
N GLU B 253 -11.24 -42.90 -16.70
CA GLU B 253 -12.21 -43.66 -15.92
C GLU B 253 -11.71 -43.79 -14.46
N ARG B 254 -12.66 -43.65 -13.54
CA ARG B 254 -12.44 -43.79 -12.10
C ARG B 254 -12.52 -45.29 -11.75
N GLU B 255 -11.39 -45.90 -11.35
CA GLU B 255 -11.34 -47.33 -11.00
C GLU B 255 -10.43 -47.55 -9.79
N LEU B 256 -10.91 -48.40 -8.87
CA LEU B 256 -10.21 -48.77 -7.64
C LEU B 256 -9.44 -50.09 -7.85
N PRO B 257 -8.06 -50.07 -7.86
CA PRO B 257 -7.26 -51.32 -7.83
C PRO B 257 -7.15 -51.84 -6.38
N GLU B 258 -6.36 -51.11 -5.56
CA GLU B 258 -6.22 -51.33 -4.11
C GLU B 258 -5.35 -50.22 -3.50
N LEU B 259 -5.16 -50.28 -2.17
CA LEU B 259 -4.29 -49.35 -1.42
C LEU B 259 -2.82 -49.87 -1.49
N THR B 260 -2.33 -50.05 -2.73
CA THR B 260 -1.01 -50.65 -3.04
C THR B 260 0.13 -49.72 -2.61
N ALA B 261 1.36 -50.26 -2.47
CA ALA B 261 2.59 -49.49 -2.16
C ALA B 261 2.85 -48.41 -3.23
N GLU B 262 2.36 -48.69 -4.46
CA GLU B 262 2.32 -47.74 -5.58
C GLU B 262 1.53 -46.48 -5.17
N PHE B 263 0.36 -46.70 -4.54
CA PHE B 263 -0.53 -45.62 -4.09
C PHE B 263 0.06 -44.93 -2.85
N ILE B 264 0.59 -45.72 -1.90
CA ILE B 264 1.17 -45.21 -0.63
C ILE B 264 2.28 -44.18 -0.94
N LYS B 265 3.13 -44.53 -1.93
CA LYS B 265 4.18 -43.63 -2.48
C LYS B 265 3.57 -42.39 -3.15
N ARG B 266 2.44 -42.59 -3.87
CA ARG B 266 1.81 -41.53 -4.72
C ARG B 266 1.17 -40.46 -3.81
N PHE B 267 0.77 -40.90 -2.60
CA PHE B 267 0.20 -40.02 -1.56
C PHE B 267 1.30 -39.10 -0.95
N GLY B 268 2.58 -39.49 -1.16
CA GLY B 268 3.72 -38.74 -0.66
C GLY B 268 4.48 -39.49 0.43
N VAL B 269 3.91 -40.63 0.87
CA VAL B 269 4.50 -41.47 1.92
C VAL B 269 5.66 -42.31 1.35
N GLU B 270 6.89 -41.83 1.62
CA GLU B 270 8.15 -42.46 1.17
C GLU B 270 8.36 -43.82 1.90
N ASP B 271 7.76 -43.94 3.11
CA ASP B 271 7.85 -45.13 3.98
C ASP B 271 7.42 -46.43 3.24
N GLY B 272 6.44 -46.30 2.31
CA GLY B 272 6.10 -47.38 1.37
C GLY B 272 5.08 -48.37 1.93
N SER B 273 5.34 -48.87 3.15
CA SER B 273 4.40 -49.77 3.84
C SER B 273 3.25 -48.96 4.43
N VAL B 274 2.07 -49.60 4.53
CA VAL B 274 0.81 -48.97 4.96
C VAL B 274 0.93 -48.35 6.37
N GLU B 275 1.79 -48.95 7.22
CA GLU B 275 2.07 -48.43 8.60
C GLU B 275 2.54 -46.95 8.57
N GLY B 276 3.26 -46.58 7.48
CA GLY B 276 3.67 -45.21 7.24
C GLY B 276 2.53 -44.33 6.75
N LEU B 277 1.59 -44.93 6.00
CA LEU B 277 0.40 -44.22 5.49
C LEU B 277 -0.45 -43.82 6.70
N ARG B 278 -0.52 -44.75 7.68
CA ARG B 278 -1.26 -44.58 8.94
C ARG B 278 -0.58 -43.53 9.84
N ALA B 279 0.78 -43.49 9.80
CA ALA B 279 1.58 -42.54 10.58
C ALA B 279 1.35 -41.10 10.10
N GLU B 280 1.54 -40.89 8.80
CA GLU B 280 1.28 -39.59 8.14
C GLU B 280 -0.20 -39.18 8.30
N VAL B 281 -1.10 -40.17 8.25
CA VAL B 281 -2.54 -39.95 8.53
C VAL B 281 -2.76 -39.52 9.99
N ARG B 282 -2.01 -40.09 10.94
CA ARG B 282 -2.12 -39.69 12.37
C ARG B 282 -1.67 -38.24 12.58
N LYS B 283 -0.59 -37.83 11.88
CA LYS B 283 -0.05 -36.46 11.97
C LYS B 283 -1.02 -35.45 11.33
N ASN B 284 -1.53 -35.79 10.14
CA ASN B 284 -2.48 -34.93 9.40
C ASN B 284 -3.80 -34.80 10.20
N MET B 285 -4.37 -35.95 10.59
CA MET B 285 -5.60 -36.01 11.41
C MET B 285 -5.43 -35.27 12.74
N GLU B 286 -4.23 -35.32 13.34
CA GLU B 286 -3.89 -34.55 14.57
C GLU B 286 -4.17 -33.04 14.38
N ARG B 287 -3.49 -32.44 13.39
CA ARG B 287 -3.51 -30.97 13.21
C ARG B 287 -4.88 -30.52 12.67
N GLU B 288 -5.50 -31.34 11.81
CA GLU B 288 -6.80 -31.04 11.21
C GLU B 288 -7.94 -31.24 12.22
N LEU B 289 -7.77 -32.18 13.18
CA LEU B 289 -8.75 -32.43 14.27
C LEU B 289 -8.78 -31.20 15.17
N LYS B 290 -7.57 -30.73 15.53
CA LYS B 290 -7.35 -29.50 16.30
C LYS B 290 -8.03 -28.30 15.61
N SER B 291 -7.74 -28.12 14.32
CA SER B 291 -8.25 -27.00 13.51
C SER B 291 -9.76 -27.13 13.25
N ALA B 292 -10.27 -28.38 13.22
CA ALA B 292 -11.71 -28.67 13.02
C ALA B 292 -12.50 -28.25 14.25
N ILE B 293 -12.14 -28.79 15.43
CA ILE B 293 -12.79 -28.47 16.72
C ILE B 293 -12.73 -26.97 16.98
N ARG B 294 -11.53 -26.39 16.75
CA ARG B 294 -11.29 -24.94 16.84
C ARG B 294 -12.30 -24.20 15.96
N ASN B 295 -12.40 -24.62 14.67
CA ASN B 295 -13.29 -23.97 13.67
C ASN B 295 -14.78 -24.19 14.00
N ARG B 296 -15.12 -25.32 14.63
CA ARG B 296 -16.53 -25.67 14.91
C ARG B 296 -17.07 -24.80 16.04
N VAL B 297 -16.35 -24.79 17.18
CA VAL B 297 -16.75 -24.00 18.37
C VAL B 297 -16.59 -22.47 18.09
N LYS B 298 -15.52 -22.12 17.32
CA LYS B 298 -15.26 -20.72 16.91
C LYS B 298 -16.37 -20.20 16.01
N SER B 299 -16.68 -20.94 14.92
CA SER B 299 -17.69 -20.50 13.93
C SER B 299 -19.09 -20.50 14.57
N GLN B 300 -19.37 -21.48 15.45
CA GLN B 300 -20.64 -21.53 16.18
C GLN B 300 -20.82 -20.28 17.07
N ALA B 301 -19.75 -19.93 17.80
CA ALA B 301 -19.72 -18.76 18.70
C ALA B 301 -19.77 -17.43 17.92
N ILE B 302 -18.98 -17.33 16.84
CA ILE B 302 -18.88 -16.13 16.00
C ILE B 302 -20.24 -15.83 15.36
N GLU B 303 -20.80 -16.83 14.68
CA GLU B 303 -22.13 -16.74 14.06
C GLU B 303 -23.23 -16.60 15.14
N GLY B 304 -22.98 -17.14 16.35
CA GLY B 304 -23.85 -16.92 17.51
C GLY B 304 -23.99 -15.43 17.84
N LEU B 305 -22.84 -14.79 18.11
CA LEU B 305 -22.74 -13.37 18.49
C LEU B 305 -23.31 -12.45 17.38
N VAL B 306 -22.89 -12.70 16.13
CA VAL B 306 -23.28 -11.87 14.97
C VAL B 306 -24.78 -12.04 14.68
N LYS B 307 -25.24 -13.27 14.45
CA LYS B 307 -26.62 -13.53 13.98
C LYS B 307 -27.65 -13.27 15.11
N ALA B 308 -27.22 -13.33 16.39
CA ALA B 308 -28.06 -12.91 17.54
C ALA B 308 -28.07 -11.37 17.67
N ASN B 309 -26.99 -10.70 17.22
CA ASN B 309 -26.83 -9.24 17.40
C ASN B 309 -26.36 -8.63 16.08
N ASP B 310 -27.32 -8.46 15.15
CA ASP B 310 -27.08 -7.73 13.91
C ASP B 310 -27.09 -6.23 14.24
N ILE B 311 -26.01 -5.82 14.93
CA ILE B 311 -25.80 -4.47 15.43
C ILE B 311 -25.62 -3.48 14.29
N ASP B 312 -25.76 -2.19 14.60
CA ASP B 312 -25.53 -1.14 13.63
C ASP B 312 -24.02 -0.88 13.54
N VAL B 313 -23.45 -1.23 12.40
CA VAL B 313 -22.01 -1.09 12.13
C VAL B 313 -21.76 0.14 11.21
N PRO B 314 -20.80 1.05 11.58
CA PRO B 314 -20.43 2.18 10.71
C PRO B 314 -19.84 1.70 9.38
N ALA B 315 -20.42 2.20 8.26
CA ALA B 315 -20.08 1.80 6.89
C ALA B 315 -18.58 1.97 6.57
N ALA B 316 -17.92 2.89 7.30
CA ALA B 316 -16.46 3.18 7.17
C ALA B 316 -15.59 1.91 7.32
N LEU B 317 -15.96 1.07 8.30
CA LEU B 317 -15.26 -0.21 8.59
C LEU B 317 -15.49 -1.21 7.44
N ILE B 318 -16.72 -1.18 6.87
CA ILE B 318 -17.12 -2.01 5.73
C ILE B 318 -16.29 -1.60 4.49
N ASP B 319 -16.16 -0.28 4.25
CA ASP B 319 -15.36 0.25 3.13
C ASP B 319 -13.89 -0.18 3.25
N SER B 320 -13.33 -0.09 4.48
CA SER B 320 -11.95 -0.54 4.78
C SER B 320 -11.75 -2.02 4.37
N GLU B 321 -12.60 -2.91 4.94
CA GLU B 321 -12.57 -4.35 4.62
C GLU B 321 -12.74 -4.61 3.11
N ILE B 322 -13.68 -3.88 2.50
CA ILE B 322 -14.04 -4.03 1.08
C ILE B 322 -12.89 -3.58 0.16
N ASP B 323 -12.13 -2.54 0.56
CA ASP B 323 -10.95 -2.06 -0.20
C ASP B 323 -9.84 -3.11 -0.15
N VAL B 324 -9.63 -3.73 1.04
CA VAL B 324 -8.66 -4.84 1.20
C VAL B 324 -9.09 -6.04 0.30
N LEU B 325 -10.39 -6.38 0.36
CA LEU B 325 -10.97 -7.53 -0.34
C LEU B 325 -11.03 -7.32 -1.87
N ARG B 326 -11.21 -6.05 -2.31
CA ARG B 326 -11.28 -5.70 -3.75
C ARG B 326 -9.88 -5.67 -4.37
N ARG B 327 -8.90 -5.14 -3.61
CA ARG B 327 -7.47 -5.18 -4.00
C ARG B 327 -7.05 -6.64 -4.22
N GLN B 328 -7.29 -7.45 -3.18
CA GLN B 328 -6.86 -8.86 -3.10
C GLN B 328 -7.53 -9.71 -4.21
N ALA B 329 -8.85 -9.51 -4.39
CA ALA B 329 -9.65 -10.26 -5.36
C ALA B 329 -9.32 -9.87 -6.80
N ALA B 330 -9.42 -8.56 -7.12
CA ALA B 330 -9.22 -8.06 -8.50
C ALA B 330 -7.76 -8.25 -8.98
N GLN B 331 -6.81 -8.29 -8.03
CA GLN B 331 -5.42 -8.71 -8.30
C GLN B 331 -5.39 -10.13 -8.92
N ARG B 332 -6.24 -10.99 -8.36
CA ARG B 332 -6.37 -12.40 -8.76
C ARG B 332 -7.17 -12.49 -10.09
N PHE B 333 -8.15 -11.57 -10.27
CA PHE B 333 -8.90 -11.43 -11.55
C PHE B 333 -8.10 -10.56 -12.53
N GLY B 334 -6.87 -11.03 -12.85
CA GLY B 334 -6.00 -10.41 -13.87
C GLY B 334 -5.35 -9.06 -13.48
N GLY B 335 -5.58 -8.58 -12.24
CA GLY B 335 -5.04 -7.28 -11.80
C GLY B 335 -5.92 -6.11 -12.23
N ASN B 336 -7.17 -6.42 -12.64
CA ASN B 336 -8.11 -5.42 -13.19
C ASN B 336 -8.94 -4.81 -12.05
N GLU B 337 -8.47 -3.65 -11.55
CA GLU B 337 -9.12 -2.91 -10.44
C GLU B 337 -10.55 -2.41 -10.78
N LYS B 338 -10.85 -2.23 -12.08
CA LYS B 338 -12.20 -1.86 -12.57
C LYS B 338 -13.22 -2.98 -12.29
N GLN B 339 -12.77 -4.23 -12.48
CA GLN B 339 -13.60 -5.44 -12.31
C GLN B 339 -14.00 -5.66 -10.84
N ALA B 340 -13.19 -5.13 -9.91
CA ALA B 340 -13.46 -5.20 -8.45
C ALA B 340 -14.86 -4.64 -8.11
N LEU B 341 -15.09 -3.40 -8.58
CA LEU B 341 -16.35 -2.65 -8.37
C LEU B 341 -17.54 -3.38 -9.05
N GLU B 342 -17.22 -4.28 -10.01
CA GLU B 342 -18.21 -5.04 -10.79
C GLU B 342 -18.66 -6.32 -10.04
N LEU B 343 -17.86 -6.84 -9.08
CA LEU B 343 -18.28 -8.04 -8.29
C LEU B 343 -19.47 -7.66 -7.37
N PRO B 344 -20.60 -8.47 -7.38
CA PRO B 344 -21.76 -8.25 -6.47
C PRO B 344 -21.32 -8.13 -4.99
N ARG B 345 -21.32 -6.89 -4.49
CA ARG B 345 -20.67 -6.49 -3.23
C ARG B 345 -21.01 -7.36 -2.01
N GLU B 346 -22.21 -7.95 -2.00
CA GLU B 346 -22.69 -8.86 -0.90
C GLU B 346 -21.73 -10.04 -0.62
N LEU B 347 -20.87 -10.41 -1.61
CA LEU B 347 -19.85 -11.46 -1.42
C LEU B 347 -18.68 -10.94 -0.54
N PHE B 348 -18.39 -9.62 -0.66
CA PHE B 348 -17.38 -8.94 0.17
C PHE B 348 -17.96 -8.67 1.57
N GLU B 349 -19.15 -8.04 1.61
CA GLU B 349 -19.91 -7.76 2.85
C GLU B 349 -20.26 -9.03 3.63
N GLU B 350 -20.18 -10.22 3.00
CA GLU B 350 -20.39 -11.49 3.71
C GLU B 350 -19.37 -11.66 4.85
N GLN B 351 -18.07 -11.61 4.48
CA GLN B 351 -16.95 -11.70 5.44
C GLN B 351 -16.86 -10.42 6.27
N ALA B 352 -16.96 -9.26 5.58
CA ALA B 352 -16.78 -7.94 6.19
C ALA B 352 -17.75 -7.73 7.37
N LYS B 353 -19.07 -8.00 7.13
CA LYS B 353 -20.12 -7.95 8.18
C LYS B 353 -19.69 -8.73 9.43
N ARG B 354 -19.21 -9.97 9.22
CA ARG B 354 -18.76 -10.84 10.30
C ARG B 354 -17.57 -10.21 11.05
N ARG B 355 -16.62 -9.60 10.28
CA ARG B 355 -15.35 -9.10 10.86
C ARG B 355 -15.61 -7.82 11.69
N VAL B 356 -16.51 -6.96 11.20
CA VAL B 356 -16.80 -5.67 11.82
C VAL B 356 -17.71 -5.87 13.05
N VAL B 357 -18.76 -6.72 12.92
CA VAL B 357 -19.67 -7.03 14.04
C VAL B 357 -18.89 -7.72 15.19
N VAL B 358 -18.08 -8.74 14.86
CA VAL B 358 -17.17 -9.42 15.82
C VAL B 358 -16.16 -8.42 16.42
N GLY B 359 -15.64 -7.52 15.57
CA GLY B 359 -14.66 -6.51 15.96
C GLY B 359 -15.21 -5.52 16.99
N LEU B 360 -16.52 -5.20 16.88
CA LEU B 360 -17.20 -4.31 17.82
C LEU B 360 -17.61 -5.06 19.11
N LEU B 361 -18.28 -6.22 18.95
CA LEU B 361 -18.78 -7.05 20.07
C LEU B 361 -17.62 -7.50 20.98
N LEU B 362 -16.68 -8.28 20.39
CA LEU B 362 -15.52 -8.83 21.14
C LEU B 362 -14.57 -7.72 21.63
N GLY B 363 -14.49 -6.61 20.87
CA GLY B 363 -13.74 -5.42 21.28
C GLY B 363 -14.28 -4.83 22.59
N GLU B 364 -15.62 -4.73 22.65
CA GLU B 364 -16.34 -4.22 23.82
C GLU B 364 -16.16 -5.15 25.03
N VAL B 365 -16.09 -6.48 24.76
CA VAL B 365 -15.88 -7.50 25.80
C VAL B 365 -14.51 -7.30 26.46
N ILE B 366 -13.42 -7.38 25.67
CA ILE B 366 -12.04 -7.29 26.19
C ILE B 366 -11.75 -5.93 26.84
N ARG B 367 -12.38 -4.86 26.30
CA ARG B 367 -12.27 -3.51 26.86
C ARG B 367 -12.92 -3.40 28.27
N THR B 368 -14.25 -3.59 28.33
CA THR B 368 -15.05 -3.34 29.54
C THR B 368 -14.82 -4.41 30.63
N ASN B 369 -14.59 -5.65 30.20
CA ASN B 369 -14.37 -6.80 31.12
C ASN B 369 -12.87 -6.89 31.52
N GLU B 370 -12.03 -6.01 30.91
CA GLU B 370 -10.58 -5.85 31.24
C GLU B 370 -9.80 -7.14 30.94
N LEU B 371 -10.14 -7.80 29.82
CA LEU B 371 -9.48 -9.06 29.42
C LEU B 371 -8.05 -8.77 28.96
N LYS B 372 -7.08 -9.24 29.75
CA LYS B 372 -5.65 -9.09 29.48
C LYS B 372 -5.18 -10.35 28.75
N ALA B 373 -4.25 -10.20 27.78
CA ALA B 373 -3.59 -11.35 27.15
C ALA B 373 -2.83 -12.14 28.24
N ASP B 374 -3.53 -13.14 28.80
CA ASP B 374 -3.03 -13.97 29.91
C ASP B 374 -1.80 -14.75 29.41
N GLU B 375 -0.64 -14.49 30.07
CA GLU B 375 0.67 -14.99 29.64
C GLU B 375 0.67 -16.51 29.37
N GLU B 376 -0.03 -17.27 30.24
CA GLU B 376 -0.10 -18.74 30.18
C GLU B 376 -1.02 -19.17 29.02
N ARG B 377 -2.08 -18.38 28.77
CA ARG B 377 -3.09 -18.70 27.75
C ARG B 377 -2.51 -18.48 26.35
N VAL B 378 -1.88 -17.31 26.13
CA VAL B 378 -1.24 -16.98 24.85
C VAL B 378 -0.02 -17.92 24.61
N LYS B 379 0.71 -18.26 25.70
CA LYS B 379 1.83 -19.24 25.64
C LYS B 379 1.33 -20.61 25.12
N GLY B 380 0.24 -21.10 25.74
CA GLY B 380 -0.37 -22.39 25.38
C GLY B 380 -0.94 -22.41 23.97
N LEU B 381 -1.52 -21.26 23.57
CA LEU B 381 -2.02 -21.01 22.20
C LEU B 381 -0.85 -21.13 21.20
N ILE B 382 0.31 -20.53 21.58
CA ILE B 382 1.52 -20.58 20.74
C ILE B 382 2.08 -22.02 20.71
N GLU B 383 1.97 -22.81 21.81
CA GLU B 383 2.38 -24.25 21.80
C GLU B 383 1.56 -25.01 20.75
N GLU B 384 0.24 -24.75 20.79
CA GLU B 384 -0.76 -25.38 19.93
C GLU B 384 -0.48 -25.12 18.43
N MET B 385 -0.22 -23.84 18.06
CA MET B 385 0.07 -23.46 16.65
C MET B 385 1.53 -23.76 16.24
N ALA B 386 2.45 -23.71 17.21
CA ALA B 386 3.89 -23.95 16.96
C ALA B 386 4.20 -25.43 16.80
N SER B 387 3.27 -26.27 17.29
CA SER B 387 3.24 -27.72 17.00
C SER B 387 3.40 -27.98 15.49
N ALA B 388 2.78 -27.13 14.66
CA ALA B 388 2.87 -27.19 13.18
C ALA B 388 4.28 -26.81 12.67
N TYR B 389 5.01 -25.93 13.40
CA TYR B 389 6.32 -25.38 12.98
C TYR B 389 7.47 -26.37 13.22
N GLU B 390 8.69 -25.97 12.77
CA GLU B 390 9.89 -26.83 12.75
C GLU B 390 10.49 -27.09 14.15
N ASP B 391 10.21 -26.20 15.13
CA ASP B 391 10.78 -26.32 16.50
C ASP B 391 9.90 -25.58 17.54
N PRO B 392 8.76 -26.21 18.01
CA PRO B 392 7.68 -25.55 18.79
C PRO B 392 8.13 -24.67 19.99
N LYS B 393 8.84 -25.27 20.96
CA LYS B 393 9.12 -24.59 22.25
C LYS B 393 10.11 -23.41 22.07
N GLU B 394 11.00 -23.53 21.06
CA GLU B 394 11.88 -22.41 20.64
C GLU B 394 11.08 -21.33 19.87
N VAL B 395 9.94 -21.72 19.22
CA VAL B 395 9.04 -20.76 18.54
C VAL B 395 8.44 -19.83 19.60
N ILE B 396 7.88 -20.45 20.64
CA ILE B 396 7.26 -19.74 21.79
C ILE B 396 8.30 -18.80 22.46
N GLU B 397 9.48 -19.40 22.73
CA GLU B 397 10.62 -18.72 23.36
C GLU B 397 11.08 -17.46 22.59
N PHE B 398 11.21 -17.57 21.25
CA PHE B 398 11.66 -16.43 20.41
C PHE B 398 10.55 -15.36 20.30
N TYR B 399 9.29 -15.82 20.13
CA TYR B 399 8.09 -14.94 20.04
C TYR B 399 8.00 -14.01 21.26
N SER B 400 8.31 -14.59 22.44
CA SER B 400 8.30 -13.89 23.74
C SER B 400 9.10 -12.57 23.72
N LYS B 401 10.18 -12.51 22.92
CA LYS B 401 11.03 -11.30 22.79
C LYS B 401 10.39 -10.23 21.86
N ASN B 402 9.70 -10.69 20.79
CA ASN B 402 9.27 -9.80 19.70
C ASN B 402 7.86 -9.23 19.98
N LYS B 403 7.82 -7.93 20.33
CA LYS B 403 6.57 -7.22 20.73
C LYS B 403 5.58 -7.08 19.54
N GLU B 404 6.11 -6.83 18.34
CA GLU B 404 5.29 -6.57 17.14
C GLU B 404 4.44 -7.81 16.77
N LEU B 405 5.03 -8.98 16.98
CA LEU B 405 4.36 -10.26 16.75
C LEU B 405 3.47 -10.62 17.94
N MET B 406 3.97 -10.38 19.18
CA MET B 406 3.19 -10.60 20.43
C MET B 406 1.98 -9.66 20.52
N ASP B 407 1.98 -8.60 19.71
CA ASP B 407 0.84 -7.68 19.56
C ASP B 407 -0.30 -8.40 18.82
N ASN B 408 0.09 -9.12 17.74
CA ASN B 408 -0.83 -9.95 16.93
C ASN B 408 -1.26 -11.21 17.69
N MET B 409 -0.33 -11.75 18.51
CA MET B 409 -0.62 -12.90 19.38
C MET B 409 -1.54 -12.49 20.53
N ARG B 410 -1.46 -11.20 20.92
CA ARG B 410 -2.39 -10.59 21.89
C ARG B 410 -3.77 -10.41 21.23
N ASN B 411 -3.77 -9.98 19.94
CA ASN B 411 -5.00 -9.84 19.15
C ASN B 411 -5.80 -11.17 19.15
N VAL B 412 -5.16 -12.24 18.63
CA VAL B 412 -5.83 -13.56 18.47
C VAL B 412 -6.21 -14.18 19.83
N ALA B 413 -5.36 -13.96 20.86
CA ALA B 413 -5.60 -14.44 22.22
C ALA B 413 -6.85 -13.80 22.81
N LEU B 414 -6.96 -12.48 22.64
CA LEU B 414 -8.08 -11.69 23.19
C LEU B 414 -9.37 -11.88 22.39
N GLU B 415 -9.25 -12.18 21.08
CA GLU B 415 -10.41 -12.52 20.24
C GLU B 415 -11.03 -13.84 20.74
N GLU B 416 -10.17 -14.85 20.94
CA GLU B 416 -10.60 -16.16 21.48
C GLU B 416 -11.06 -16.06 22.95
N GLN B 417 -10.42 -15.16 23.72
CA GLN B 417 -10.71 -14.99 25.16
C GLN B 417 -12.04 -14.22 25.35
N ALA B 418 -12.34 -13.33 24.39
CA ALA B 418 -13.62 -12.59 24.35
C ALA B 418 -14.76 -13.53 23.92
N VAL B 419 -14.46 -14.40 22.93
CA VAL B 419 -15.34 -15.52 22.54
C VAL B 419 -15.63 -16.40 23.77
N GLU B 420 -14.58 -16.65 24.58
CA GLU B 420 -14.66 -17.53 25.77
C GLU B 420 -15.47 -16.88 26.92
N ALA B 421 -15.32 -15.56 27.08
CA ALA B 421 -16.04 -14.78 28.12
C ALA B 421 -17.58 -14.86 27.91
N VAL B 422 -18.00 -14.98 26.64
CA VAL B 422 -19.41 -15.19 26.27
C VAL B 422 -19.71 -16.70 26.04
N LEU B 423 -18.67 -17.51 25.77
CA LEU B 423 -18.81 -18.98 25.50
C LEU B 423 -19.29 -19.71 26.77
N ALA B 424 -18.58 -19.45 27.88
CA ALA B 424 -18.88 -20.03 29.20
C ALA B 424 -20.20 -19.46 29.78
N LYS B 425 -20.64 -18.32 29.24
CA LYS B 425 -21.91 -17.66 29.58
C LYS B 425 -23.06 -18.23 28.72
N ALA B 426 -22.70 -18.70 27.51
CA ALA B 426 -23.64 -19.19 26.51
C ALA B 426 -24.03 -20.65 26.79
N LYS B 427 -25.15 -21.09 26.19
CA LYS B 427 -25.70 -22.45 26.39
C LYS B 427 -24.78 -23.51 25.76
N VAL B 428 -23.78 -23.97 26.54
CA VAL B 428 -22.83 -25.00 26.09
C VAL B 428 -23.52 -26.37 26.06
N THR B 429 -23.52 -26.99 24.87
CA THR B 429 -24.12 -28.31 24.64
C THR B 429 -23.08 -29.22 23.95
N GLU B 430 -22.64 -30.26 24.66
CA GLU B 430 -21.73 -31.28 24.12
C GLU B 430 -22.52 -32.22 23.17
N LYS B 431 -22.02 -32.37 21.94
CA LYS B 431 -22.71 -33.08 20.85
C LYS B 431 -21.70 -34.01 20.19
N GLU B 432 -21.83 -35.33 20.42
CA GLU B 432 -20.89 -36.34 19.90
C GLU B 432 -20.98 -36.45 18.37
N THR B 433 -19.81 -36.61 17.74
CA THR B 433 -19.67 -36.75 16.28
C THR B 433 -18.47 -37.67 15.98
N THR B 434 -18.39 -38.13 14.74
CA THR B 434 -17.19 -38.83 14.22
C THR B 434 -16.28 -37.81 13.54
N PHE B 435 -15.05 -38.27 13.17
CA PHE B 435 -14.07 -37.48 12.41
C PHE B 435 -14.66 -37.07 11.03
N ASN B 436 -15.39 -38.03 10.42
CA ASN B 436 -16.01 -37.84 9.09
C ASN B 436 -17.10 -36.76 9.15
N GLU B 437 -18.07 -36.93 10.08
CA GLU B 437 -19.21 -36.01 10.24
C GLU B 437 -18.76 -34.60 10.68
N LEU B 438 -17.62 -34.55 11.39
CA LEU B 438 -17.02 -33.29 11.88
C LEU B 438 -16.64 -32.35 10.73
N MET B 439 -16.15 -32.96 9.62
CA MET B 439 -15.62 -32.21 8.47
C MET B 439 -16.53 -32.33 7.23
N ASN B 440 -17.56 -33.22 7.30
CA ASN B 440 -18.44 -33.54 6.15
C ASN B 440 -19.13 -32.28 5.58
N GLN B 441 -19.73 -31.47 6.46
CA GLN B 441 -20.42 -30.21 6.08
C GLN B 441 -19.38 -29.10 5.76
N GLN B 442 -18.29 -29.07 6.54
CA GLN B 442 -17.27 -27.99 6.48
C GLN B 442 -16.44 -28.04 5.18
N ALA B 443 -16.26 -29.24 4.62
CA ALA B 443 -15.41 -29.47 3.44
C ALA B 443 -16.21 -29.14 2.16
N MET A 12 15.81 -27.74 6.68
CA MET A 12 15.30 -27.12 5.42
C MET A 12 16.47 -26.89 4.45
N GLN A 13 16.17 -26.90 3.13
CA GLN A 13 17.17 -26.63 2.07
C GLN A 13 17.37 -25.12 1.93
N VAL A 14 18.08 -24.54 2.92
CA VAL A 14 18.31 -23.10 3.04
C VAL A 14 19.82 -22.82 3.29
N SER A 15 20.54 -22.47 2.21
CA SER A 15 21.99 -22.25 2.25
C SER A 15 22.30 -20.75 2.40
N VAL A 16 22.52 -20.32 3.65
CA VAL A 16 22.88 -18.92 3.95
C VAL A 16 24.33 -18.64 3.51
N GLU A 17 24.45 -17.86 2.42
CA GLU A 17 25.74 -17.37 1.90
C GLU A 17 25.87 -15.91 2.36
N THR A 18 27.09 -15.39 2.50
CA THR A 18 27.34 -14.00 2.96
C THR A 18 28.01 -13.19 1.83
N THR A 19 27.35 -12.10 1.39
CA THR A 19 27.85 -11.27 0.30
C THR A 19 29.00 -10.35 0.80
N GLN A 20 28.68 -9.47 1.77
CA GLN A 20 29.68 -8.56 2.37
C GLN A 20 29.19 -8.14 3.77
N GLY A 21 29.77 -8.78 4.81
CA GLY A 21 29.59 -8.36 6.20
C GLY A 21 28.15 -8.47 6.68
N LEU A 22 27.42 -7.35 6.56
CA LEU A 22 25.99 -7.27 6.91
C LEU A 22 25.17 -8.13 5.92
N GLY A 23 25.54 -8.00 4.63
CA GLY A 23 24.81 -8.62 3.52
C GLY A 23 24.95 -10.13 3.47
N ARG A 24 23.80 -10.82 3.40
CA ARG A 24 23.72 -12.29 3.33
C ARG A 24 22.66 -12.69 2.29
N ARG A 25 23.06 -13.60 1.39
CA ARG A 25 22.19 -14.16 0.35
C ARG A 25 21.81 -15.62 0.74
N VAL A 26 20.64 -15.80 1.36
CA VAL A 26 20.14 -17.15 1.73
C VAL A 26 19.49 -17.81 0.50
N THR A 27 20.22 -18.74 -0.13
CA THR A 27 19.78 -19.46 -1.31
C THR A 27 18.86 -20.63 -0.88
N ILE A 28 17.54 -20.43 -1.04
CA ILE A 28 16.51 -21.39 -0.59
C ILE A 28 15.95 -22.16 -1.80
N THR A 29 15.96 -23.50 -1.71
CA THR A 29 15.34 -24.38 -2.68
C THR A 29 14.01 -24.92 -2.11
N ILE A 30 12.88 -24.49 -2.69
CA ILE A 30 11.56 -25.06 -2.40
C ILE A 30 11.33 -26.23 -3.38
N ALA A 31 11.17 -27.45 -2.84
CA ALA A 31 10.83 -28.62 -3.64
C ALA A 31 9.48 -28.40 -4.35
N ALA A 32 9.38 -28.82 -5.62
CA ALA A 32 8.16 -28.66 -6.45
C ALA A 32 6.92 -29.27 -5.76
N ASP A 33 7.15 -30.39 -5.05
CA ASP A 33 6.13 -31.09 -4.26
C ASP A 33 5.67 -30.23 -3.06
N SER A 34 6.65 -29.60 -2.38
CA SER A 34 6.39 -28.71 -1.23
C SER A 34 5.59 -27.46 -1.65
N ILE A 35 5.87 -26.97 -2.89
CA ILE A 35 5.14 -25.85 -3.51
C ILE A 35 3.71 -26.30 -3.78
N GLU A 36 3.60 -27.41 -4.53
CA GLU A 36 2.32 -27.97 -5.01
C GLU A 36 1.35 -28.27 -3.85
N THR A 37 1.89 -28.75 -2.71
CA THR A 37 1.10 -28.99 -1.50
C THR A 37 0.43 -27.67 -1.06
N ALA A 38 1.23 -26.60 -0.97
CA ALA A 38 0.76 -25.25 -0.61
C ALA A 38 -0.21 -24.67 -1.68
N VAL A 39 0.04 -25.01 -2.97
CA VAL A 39 -0.80 -24.54 -4.10
C VAL A 39 -2.23 -25.09 -3.97
N LYS A 40 -2.31 -26.43 -3.83
CA LYS A 40 -3.57 -27.17 -3.78
C LYS A 40 -4.33 -26.87 -2.48
N SER A 41 -3.56 -26.61 -1.40
CA SER A 41 -4.10 -26.16 -0.10
C SER A 41 -4.79 -24.77 -0.24
N GLU A 42 -4.08 -23.79 -0.86
CA GLU A 42 -4.63 -22.42 -1.07
C GLU A 42 -5.82 -22.43 -2.05
N LEU A 43 -5.78 -23.36 -3.02
CA LEU A 43 -6.87 -23.57 -3.99
C LEU A 43 -8.15 -24.02 -3.27
N VAL A 44 -8.06 -25.10 -2.46
CA VAL A 44 -9.25 -25.61 -1.73
C VAL A 44 -9.74 -24.62 -0.65
N ASN A 45 -8.79 -23.90 -0.01
CA ASN A 45 -9.11 -22.85 0.98
C ASN A 45 -10.00 -21.77 0.35
N VAL A 46 -9.50 -21.13 -0.73
CA VAL A 46 -10.22 -20.04 -1.43
C VAL A 46 -11.53 -20.57 -2.05
N ALA A 47 -11.54 -21.86 -2.44
CA ALA A 47 -12.73 -22.54 -2.98
C ALA A 47 -13.80 -22.77 -1.88
N LYS A 48 -13.37 -22.89 -0.60
CA LYS A 48 -14.31 -23.09 0.53
C LYS A 48 -14.78 -21.74 1.11
N LYS A 49 -13.93 -20.70 1.02
CA LYS A 49 -14.26 -19.34 1.52
C LYS A 49 -15.13 -18.56 0.51
N VAL A 50 -14.63 -18.45 -0.73
CA VAL A 50 -15.25 -17.61 -1.78
C VAL A 50 -16.24 -18.46 -2.62
N ARG A 51 -16.26 -19.80 -2.39
CA ARG A 51 -17.17 -20.76 -3.08
C ARG A 51 -16.87 -20.87 -4.58
N ILE A 52 -15.64 -20.48 -4.98
CA ILE A 52 -15.19 -20.62 -6.36
C ILE A 52 -14.63 -22.02 -6.59
N ASP A 53 -15.55 -22.94 -6.83
CA ASP A 53 -15.29 -24.26 -7.42
C ASP A 53 -15.19 -24.11 -8.96
N GLY A 54 -15.69 -22.95 -9.45
CA GLY A 54 -15.91 -22.71 -10.86
C GLY A 54 -17.36 -22.97 -11.18
N PHE A 55 -17.79 -24.23 -10.91
CA PHE A 55 -19.13 -24.73 -11.25
C PHE A 55 -20.09 -24.59 -10.07
N ARG A 56 -19.86 -25.34 -8.97
CA ARG A 56 -20.82 -25.41 -7.86
C ARG A 56 -20.10 -25.51 -6.49
N LYS A 57 -19.52 -26.68 -6.18
CA LYS A 57 -19.02 -26.99 -4.81
C LYS A 57 -17.91 -28.06 -4.84
N GLY A 58 -18.09 -29.08 -5.69
CA GLY A 58 -17.16 -30.23 -5.76
C GLY A 58 -17.06 -30.79 -7.16
N LYS A 59 -16.27 -30.13 -8.01
CA LYS A 59 -16.06 -30.51 -9.40
C LYS A 59 -14.68 -30.06 -9.89
N VAL A 60 -14.02 -30.94 -10.68
CA VAL A 60 -12.68 -30.70 -11.25
C VAL A 60 -11.61 -30.63 -10.12
N PRO A 61 -10.97 -31.80 -9.78
CA PRO A 61 -9.94 -31.85 -8.70
C PRO A 61 -8.77 -30.89 -8.99
N MET A 62 -8.53 -29.94 -8.07
CA MET A 62 -7.51 -28.89 -8.25
C MET A 62 -6.07 -29.40 -8.02
N ASN A 63 -5.96 -30.70 -7.68
CA ASN A 63 -4.69 -31.44 -7.61
C ASN A 63 -3.93 -31.33 -8.95
N ILE A 64 -4.64 -31.61 -10.05
CA ILE A 64 -4.08 -31.54 -11.41
C ILE A 64 -4.05 -30.08 -11.91
N VAL A 65 -5.10 -29.29 -11.57
CA VAL A 65 -5.25 -27.88 -12.02
C VAL A 65 -4.02 -27.06 -11.61
N ALA A 66 -3.56 -27.29 -10.37
CA ALA A 66 -2.36 -26.66 -9.79
C ALA A 66 -1.12 -26.87 -10.68
N GLN A 67 -0.73 -28.13 -10.82
CA GLN A 67 0.54 -28.53 -11.44
C GLN A 67 0.53 -28.38 -12.97
N ARG A 68 -0.67 -28.39 -13.60
CA ARG A 68 -0.81 -28.23 -15.07
C ARG A 68 -0.84 -26.74 -15.47
N TYR A 69 -1.78 -25.96 -14.92
CA TYR A 69 -1.99 -24.55 -15.35
C TYR A 69 -2.38 -23.63 -14.18
N GLY A 70 -2.04 -24.04 -12.93
CA GLY A 70 -2.38 -23.26 -11.74
C GLY A 70 -1.34 -22.19 -11.41
N ALA A 71 -1.04 -21.33 -12.40
CA ALA A 71 -0.16 -20.16 -12.22
C ALA A 71 -0.94 -18.98 -11.63
N SER A 72 -2.28 -19.05 -11.75
CA SER A 72 -3.23 -18.02 -11.26
C SER A 72 -3.24 -17.90 -9.72
N VAL A 73 -2.67 -18.90 -9.03
CA VAL A 73 -2.58 -18.94 -7.54
C VAL A 73 -1.12 -18.78 -7.07
N ARG A 74 -0.17 -18.75 -8.03
CA ARG A 74 1.27 -18.80 -7.72
C ARG A 74 1.76 -17.56 -6.96
N GLN A 75 1.06 -16.41 -7.06
CA GLN A 75 1.42 -15.20 -6.27
C GLN A 75 0.94 -15.33 -4.82
N ASP A 76 -0.17 -16.09 -4.58
CA ASP A 76 -0.62 -16.46 -3.21
C ASP A 76 0.45 -17.36 -2.57
N VAL A 77 0.76 -18.45 -3.31
CA VAL A 77 1.67 -19.50 -2.86
C VAL A 77 3.06 -18.93 -2.57
N LEU A 78 3.73 -18.41 -3.62
CA LEU A 78 5.06 -17.78 -3.48
C LEU A 78 4.98 -16.54 -2.56
N GLY A 79 3.82 -15.85 -2.53
CA GLY A 79 3.57 -14.79 -1.56
C GLY A 79 3.72 -15.24 -0.12
N ASP A 80 3.35 -16.51 0.15
CA ASP A 80 3.60 -17.14 1.46
C ASP A 80 5.05 -17.68 1.48
N LEU A 81 5.29 -18.78 0.73
CA LEU A 81 6.53 -19.60 0.75
C LEU A 81 7.84 -18.80 0.65
N MET A 82 7.87 -17.73 -0.16
CA MET A 82 9.11 -16.94 -0.37
C MET A 82 9.55 -16.25 0.95
N SER A 83 8.56 -15.75 1.70
CA SER A 83 8.77 -15.11 3.01
C SER A 83 8.73 -16.16 4.15
N ARG A 84 8.01 -17.27 3.91
CA ARG A 84 7.74 -18.32 4.91
C ARG A 84 9.02 -19.12 5.20
N ASN A 85 9.63 -19.62 4.11
CA ASN A 85 10.88 -20.37 4.16
C ASN A 85 12.01 -19.50 4.72
N PHE A 86 11.96 -18.19 4.40
CA PHE A 86 12.95 -17.22 4.86
C PHE A 86 12.86 -16.99 6.38
N ILE A 87 11.65 -16.71 6.89
CA ILE A 87 11.44 -16.36 8.31
C ILE A 87 11.86 -17.51 9.23
N ASP A 88 11.67 -18.76 8.76
CA ASP A 88 12.09 -19.96 9.50
C ASP A 88 13.60 -20.27 9.30
N ALA A 89 14.12 -20.00 8.08
CA ALA A 89 15.57 -20.20 7.75
C ALA A 89 16.49 -19.41 8.71
N ILE A 90 16.09 -18.16 8.97
CA ILE A 90 16.85 -17.24 9.84
C ILE A 90 16.62 -17.53 11.34
N ILE A 91 15.71 -18.47 11.66
CA ILE A 91 15.52 -18.97 13.03
C ILE A 91 16.61 -20.00 13.33
N LYS A 92 16.85 -20.86 12.34
CA LYS A 92 17.80 -21.97 12.42
C LYS A 92 19.23 -21.46 12.70
N GLU A 93 19.58 -20.31 12.13
CA GLU A 93 20.90 -19.67 12.35
C GLU A 93 20.79 -18.43 13.25
N LYS A 94 19.57 -18.13 13.74
CA LYS A 94 19.28 -17.01 14.67
C LYS A 94 19.70 -15.64 14.08
N ILE A 95 19.66 -15.53 12.74
CA ILE A 95 20.08 -14.33 12.00
C ILE A 95 19.01 -13.23 12.12
N ASN A 96 19.30 -12.19 12.92
CA ASN A 96 18.42 -11.02 13.07
C ASN A 96 18.57 -10.12 11.81
N PRO A 97 17.52 -10.02 10.93
CA PRO A 97 17.57 -9.16 9.74
C PRO A 97 17.28 -7.68 10.08
N ALA A 98 17.50 -6.78 9.12
CA ALA A 98 17.29 -5.33 9.29
C ALA A 98 15.83 -4.92 8.97
N GLY A 99 14.88 -5.82 9.27
CA GLY A 99 13.46 -5.58 9.02
C GLY A 99 13.05 -5.96 7.61
N ALA A 100 13.49 -5.14 6.63
CA ALA A 100 13.14 -5.30 5.20
C ALA A 100 14.25 -6.08 4.46
N PRO A 101 13.98 -7.35 4.00
CA PRO A 101 14.88 -8.10 3.10
C PRO A 101 14.60 -7.79 1.61
N THR A 102 15.57 -8.09 0.73
CA THR A 102 15.38 -8.01 -0.73
C THR A 102 15.45 -9.44 -1.32
N TYR A 103 14.26 -10.02 -1.57
CA TYR A 103 14.14 -11.35 -2.19
C TYR A 103 14.55 -11.24 -3.67
N VAL A 104 15.54 -12.04 -4.10
CA VAL A 104 15.93 -12.14 -5.52
C VAL A 104 15.44 -13.50 -6.07
N PRO A 105 14.22 -13.53 -6.70
CA PRO A 105 13.67 -14.73 -7.35
C PRO A 105 14.00 -14.75 -8.87
N GLY A 106 13.22 -15.52 -9.63
CA GLY A 106 13.36 -15.57 -11.08
C GLY A 106 12.10 -16.12 -11.72
N GLU A 107 12.23 -16.52 -13.01
CA GLU A 107 11.12 -17.14 -13.75
C GLU A 107 10.73 -18.47 -13.10
N TYR A 108 9.48 -18.57 -12.62
CA TYR A 108 8.98 -19.78 -11.97
C TYR A 108 8.91 -20.92 -13.01
N LYS A 109 9.88 -21.84 -12.93
CA LYS A 109 9.95 -23.00 -13.81
C LYS A 109 8.92 -24.05 -13.33
N LEU A 110 7.71 -23.98 -13.94
CA LEU A 110 6.56 -24.84 -13.62
C LEU A 110 6.91 -26.33 -13.81
N GLY A 111 6.62 -27.15 -12.79
CA GLY A 111 6.92 -28.58 -12.80
C GLY A 111 8.22 -28.92 -12.07
N GLU A 112 9.18 -27.99 -12.11
CA GLU A 112 10.52 -28.15 -11.51
C GLU A 112 10.57 -27.49 -10.12
N ASP A 113 11.53 -27.94 -9.30
CA ASP A 113 11.77 -27.42 -7.93
C ASP A 113 12.27 -25.98 -8.03
N PHE A 114 11.66 -25.05 -7.28
CA PHE A 114 11.98 -23.62 -7.39
C PHE A 114 13.15 -23.29 -6.45
N THR A 115 14.06 -22.42 -6.91
CA THR A 115 15.18 -21.93 -6.12
C THR A 115 15.27 -20.40 -6.29
N TYR A 116 15.45 -19.70 -5.16
CA TYR A 116 15.63 -18.25 -5.12
C TYR A 116 16.70 -17.91 -4.08
N SER A 117 17.04 -16.63 -3.99
CA SER A 117 18.15 -16.17 -3.15
C SER A 117 17.78 -14.84 -2.47
N VAL A 118 17.60 -14.88 -1.13
CA VAL A 118 17.18 -13.70 -0.36
C VAL A 118 18.40 -12.87 0.05
N GLU A 119 18.59 -11.71 -0.60
CA GLU A 119 19.65 -10.76 -0.23
C GLU A 119 19.09 -9.74 0.78
N PHE A 120 19.38 -9.98 2.04
CA PHE A 120 19.07 -9.05 3.13
C PHE A 120 20.36 -8.65 3.81
N GLU A 121 20.25 -7.85 4.87
CA GLU A 121 21.35 -7.49 5.75
C GLU A 121 20.90 -7.65 7.19
N VAL A 122 21.84 -8.08 8.04
CA VAL A 122 21.61 -8.17 9.49
C VAL A 122 21.47 -6.76 10.07
N TYR A 123 20.67 -6.62 11.14
CA TYR A 123 20.40 -5.32 11.76
C TYR A 123 21.64 -4.81 12.53
N PRO A 124 22.29 -3.69 12.07
CA PRO A 124 23.37 -3.05 12.82
C PRO A 124 22.76 -2.16 13.92
N GLU A 125 23.02 -2.50 15.19
CA GLU A 125 22.50 -1.74 16.33
C GLU A 125 23.17 -0.35 16.35
N VAL A 126 22.42 0.63 15.85
CA VAL A 126 22.81 2.03 15.80
C VAL A 126 23.03 2.60 17.22
N GLU A 127 23.99 3.54 17.33
CA GLU A 127 24.19 4.33 18.55
C GLU A 127 24.46 5.80 18.15
N LEU A 128 24.04 6.73 19.01
CA LEU A 128 24.25 8.17 18.81
C LEU A 128 25.74 8.55 19.07
N GLN A 129 26.23 9.46 18.22
CA GLN A 129 27.62 9.93 18.24
C GLN A 129 27.61 11.45 18.01
N GLY A 130 28.76 12.13 18.25
CA GLY A 130 28.87 13.57 18.09
C GLY A 130 27.96 14.34 19.05
N LEU A 131 27.66 13.68 20.18
CA LEU A 131 26.67 14.10 21.19
C LEU A 131 26.89 15.57 21.62
N GLU A 132 28.16 15.93 21.76
CA GLU A 132 28.63 17.30 22.09
C GLU A 132 29.47 17.89 20.92
N ALA A 133 29.62 17.14 19.83
CA ALA A 133 30.43 17.52 18.65
C ALA A 133 29.55 17.80 17.41
N ILE A 134 28.23 17.91 17.60
CA ILE A 134 27.30 18.44 16.58
C ILE A 134 27.13 19.96 16.76
N GLU A 135 27.32 20.72 15.67
CA GLU A 135 27.06 22.18 15.63
C GLU A 135 25.65 22.42 15.12
N VAL A 136 24.86 23.19 15.88
CA VAL A 136 23.52 23.63 15.47
C VAL A 136 23.40 25.12 15.78
N GLU A 137 22.83 25.92 14.87
CA GLU A 137 22.70 27.37 15.06
C GLU A 137 21.23 27.70 15.27
N LYS A 138 20.93 28.38 16.38
CA LYS A 138 19.59 28.87 16.68
C LYS A 138 19.49 30.32 16.18
N PRO A 139 18.79 30.57 15.02
CA PRO A 139 18.75 31.89 14.38
C PRO A 139 17.94 32.90 15.20
N ILE A 140 18.64 33.72 15.98
CA ILE A 140 18.04 34.78 16.79
C ILE A 140 17.69 35.96 15.87
N VAL A 141 16.53 35.84 15.21
CA VAL A 141 16.05 36.78 14.17
C VAL A 141 14.63 37.26 14.53
N GLU A 142 14.39 38.56 14.34
CA GLU A 142 13.08 39.20 14.62
C GLU A 142 12.57 39.87 13.33
N VAL A 143 11.23 39.93 13.18
CA VAL A 143 10.58 40.59 12.03
C VAL A 143 10.53 42.10 12.30
N THR A 144 11.63 42.80 11.96
CA THR A 144 11.77 44.25 12.14
C THR A 144 11.19 44.97 10.91
N ASP A 145 10.78 46.24 11.08
CA ASP A 145 10.30 47.10 9.96
C ASP A 145 11.37 47.21 8.84
N ALA A 146 12.65 47.24 9.25
CA ALA A 146 13.81 47.26 8.34
C ALA A 146 13.84 45.97 7.49
N ASP A 147 13.57 44.83 8.15
CA ASP A 147 13.51 43.52 7.50
C ASP A 147 12.34 43.44 6.52
N VAL A 148 11.15 43.89 6.95
CA VAL A 148 9.93 43.84 6.14
C VAL A 148 10.11 44.67 4.88
N ASP A 149 10.23 45.99 5.06
CA ASP A 149 10.28 46.96 3.96
C ASP A 149 11.58 46.88 3.17
N GLY A 150 12.66 46.37 3.81
CA GLY A 150 13.89 46.03 3.10
C GLY A 150 13.71 44.83 2.17
N MET A 151 12.93 43.82 2.63
CA MET A 151 12.60 42.63 1.83
C MET A 151 11.53 42.97 0.76
N LEU A 152 10.68 43.98 1.05
CA LEU A 152 9.68 44.49 0.10
C LEU A 152 10.38 45.23 -1.04
N ASP A 153 11.45 45.95 -0.67
CA ASP A 153 12.40 46.51 -1.64
C ASP A 153 13.02 45.37 -2.48
N THR A 154 13.54 44.35 -1.80
CA THR A 154 14.22 43.21 -2.44
C THR A 154 13.32 42.55 -3.51
N LEU A 155 12.03 42.28 -3.19
CA LEU A 155 11.09 41.65 -4.16
C LEU A 155 10.60 42.68 -5.20
N ARG A 156 10.56 43.98 -4.83
CA ARG A 156 10.26 45.10 -5.78
C ARG A 156 11.32 45.13 -6.90
N LYS A 157 12.56 44.74 -6.56
CA LYS A 157 13.69 44.71 -7.53
C LYS A 157 13.89 43.30 -8.13
N GLN A 158 13.58 42.24 -7.36
CA GLN A 158 13.91 40.83 -7.75
C GLN A 158 12.75 40.19 -8.53
N GLN A 159 11.52 40.32 -7.98
CA GLN A 159 10.29 39.78 -8.62
C GLN A 159 9.55 40.91 -9.39
N ALA A 160 10.33 41.93 -9.80
CA ALA A 160 9.82 43.13 -10.49
C ALA A 160 9.09 42.81 -11.81
N THR A 161 8.15 43.68 -12.19
CA THR A 161 7.39 43.54 -13.45
C THR A 161 8.32 43.77 -14.67
N TRP A 162 7.96 43.16 -15.80
CA TRP A 162 8.74 43.21 -17.06
C TRP A 162 8.03 44.13 -18.07
N LYS A 163 8.64 44.32 -19.25
CA LYS A 163 8.06 45.14 -20.33
C LYS A 163 8.52 44.63 -21.70
N GLU A 164 7.64 44.75 -22.70
CA GLU A 164 7.84 44.22 -24.07
C GLU A 164 9.11 44.83 -24.72
N LYS A 165 9.91 43.97 -25.39
CA LYS A 165 11.21 44.36 -25.97
C LYS A 165 11.21 44.15 -27.49
N ASP A 166 11.52 45.23 -28.21
CA ASP A 166 11.69 45.19 -29.68
C ASP A 166 13.18 45.16 -30.02
N GLY A 167 13.67 43.98 -30.38
CA GLY A 167 15.05 43.81 -30.84
C GLY A 167 15.45 42.36 -30.94
N ALA A 168 16.77 42.09 -30.95
CA ALA A 168 17.29 40.72 -30.87
C ALA A 168 17.04 40.14 -29.48
N VAL A 169 16.65 38.84 -29.43
CA VAL A 169 16.45 38.14 -28.16
C VAL A 169 17.79 37.99 -27.45
N GLU A 170 17.96 38.75 -26.37
CA GLU A 170 19.06 38.58 -25.44
C GLU A 170 18.71 37.45 -24.46
N ALA A 171 19.74 36.85 -23.84
CA ALA A 171 19.56 35.83 -22.77
C ALA A 171 19.05 36.50 -21.47
N GLU A 172 19.06 37.84 -21.45
CA GLU A 172 18.53 38.64 -20.34
C GLU A 172 17.12 39.17 -20.66
N ASP A 173 16.52 38.71 -21.76
CA ASP A 173 15.08 38.97 -22.05
C ASP A 173 14.24 37.78 -21.57
N ARG A 174 13.05 38.08 -21.02
CA ARG A 174 12.05 37.06 -20.69
C ARG A 174 11.33 36.69 -21.99
N VAL A 175 11.84 35.65 -22.61
CA VAL A 175 11.37 35.18 -23.91
C VAL A 175 10.46 33.97 -23.69
N THR A 176 9.15 34.25 -23.73
CA THR A 176 8.10 33.25 -23.64
C THR A 176 7.91 32.61 -25.03
N ILE A 177 8.30 31.34 -25.16
CA ILE A 177 8.15 30.57 -26.40
C ILE A 177 7.20 29.39 -26.17
N ASP A 178 6.39 29.07 -27.17
CA ASP A 178 5.65 27.82 -27.22
C ASP A 178 6.41 26.90 -28.18
N PHE A 179 6.93 25.79 -27.65
CA PHE A 179 7.82 24.91 -28.42
C PHE A 179 7.49 23.44 -28.18
N THR A 180 7.87 22.62 -29.15
CA THR A 180 7.84 21.16 -29.06
C THR A 180 9.22 20.63 -29.45
N GLY A 181 9.51 19.37 -29.11
CA GLY A 181 10.84 18.79 -29.31
C GLY A 181 10.80 17.32 -29.65
N SER A 182 11.94 16.83 -30.17
CA SER A 182 12.11 15.43 -30.57
C SER A 182 13.57 15.03 -30.31
N VAL A 183 13.79 14.00 -29.49
CA VAL A 183 15.14 13.52 -29.16
C VAL A 183 15.58 12.50 -30.22
N ASP A 184 16.63 12.87 -30.96
CA ASP A 184 17.25 12.04 -32.01
C ASP A 184 16.25 11.78 -33.17
N GLY A 185 15.25 12.69 -33.29
CA GLY A 185 14.20 12.60 -34.31
C GLY A 185 12.93 11.91 -33.82
N GLU A 186 12.95 11.38 -32.58
CA GLU A 186 11.79 10.68 -31.96
C GLU A 186 11.07 11.58 -30.96
N GLU A 187 9.72 11.59 -31.02
CA GLU A 187 8.85 12.36 -30.10
C GLU A 187 9.00 11.81 -28.67
N PHE A 188 9.81 12.48 -27.84
CA PHE A 188 10.03 12.05 -26.45
C PHE A 188 8.83 12.45 -25.58
N GLU A 189 8.58 11.65 -24.54
CA GLU A 189 7.31 11.65 -23.80
C GLU A 189 7.07 12.98 -23.06
N GLY A 190 6.07 13.74 -23.55
CA GLY A 190 5.78 15.07 -23.02
C GLY A 190 6.84 16.09 -23.41
N GLY A 191 7.36 15.95 -24.64
CA GLY A 191 8.41 16.82 -25.15
C GLY A 191 7.89 18.11 -25.74
N LYS A 192 7.20 18.91 -24.91
CA LYS A 192 6.64 20.21 -25.31
C LYS A 192 6.20 21.00 -24.06
N ALA A 193 6.27 22.33 -24.16
CA ALA A 193 5.76 23.25 -23.14
C ALA A 193 5.21 24.51 -23.86
N SER A 194 3.88 24.58 -23.96
CA SER A 194 3.18 25.69 -24.59
C SER A 194 3.17 26.91 -23.66
N ASP A 195 3.57 28.07 -24.21
CA ASP A 195 3.71 29.34 -23.48
C ASP A 195 4.76 29.20 -22.33
N PHE A 196 5.87 28.53 -22.68
CA PHE A 196 7.06 28.41 -21.80
C PHE A 196 7.75 29.76 -21.68
N VAL A 197 8.02 30.20 -20.45
CA VAL A 197 8.73 31.46 -20.18
C VAL A 197 10.20 31.19 -19.82
N LEU A 198 11.13 31.65 -20.68
CA LEU A 198 12.56 31.72 -20.33
C LEU A 198 12.84 33.12 -19.77
N ALA A 199 12.79 33.24 -18.43
CA ALA A 199 13.05 34.50 -17.73
C ALA A 199 14.44 34.47 -17.12
N MET A 200 15.19 35.58 -17.28
CA MET A 200 16.44 35.81 -16.54
C MET A 200 16.13 36.08 -15.05
N GLY A 201 17.17 35.98 -14.23
CA GLY A 201 17.06 36.14 -12.77
C GLY A 201 17.03 34.78 -12.08
N GLN A 202 16.85 33.73 -12.90
CA GLN A 202 16.95 32.33 -12.49
C GLN A 202 18.41 31.84 -12.69
N GLY A 203 18.62 30.52 -12.53
CA GLY A 203 19.91 29.90 -12.81
C GLY A 203 20.19 29.71 -14.32
N ARG A 204 21.20 28.89 -14.63
CA ARG A 204 21.69 28.67 -16.02
C ARG A 204 21.11 27.35 -16.55
N MET A 205 21.07 27.18 -17.89
CA MET A 205 20.50 25.98 -18.56
C MET A 205 21.65 25.13 -19.17
N ILE A 206 21.29 24.04 -19.88
CA ILE A 206 22.23 23.28 -20.71
C ILE A 206 22.83 24.18 -21.83
N PRO A 207 24.20 24.24 -21.96
CA PRO A 207 24.88 25.00 -23.04
C PRO A 207 24.44 24.50 -24.44
N GLY A 208 23.48 25.24 -25.02
CA GLY A 208 22.90 24.89 -26.31
C GLY A 208 21.57 25.57 -26.55
N PHE A 209 20.63 25.37 -25.58
CA PHE A 209 19.23 25.82 -25.73
C PHE A 209 19.16 27.36 -25.76
N GLU A 210 19.57 27.99 -24.62
CA GLU A 210 19.62 29.47 -24.49
C GLU A 210 20.46 30.11 -25.63
N ASP A 211 21.54 29.40 -26.02
CA ASP A 211 22.43 29.77 -27.13
C ASP A 211 21.66 29.92 -28.46
N GLY A 212 20.70 29.00 -28.69
CA GLY A 212 19.89 29.03 -29.90
C GLY A 212 18.86 30.15 -29.88
N ILE A 213 18.20 30.29 -28.72
CA ILE A 213 17.13 31.29 -28.50
C ILE A 213 17.66 32.72 -28.72
N LYS A 214 18.88 32.98 -28.18
CA LYS A 214 19.53 34.31 -28.29
C LYS A 214 20.16 34.55 -29.69
N GLY A 215 20.02 33.58 -30.61
CA GLY A 215 20.64 33.68 -31.93
C GLY A 215 19.71 34.28 -32.96
N HIS A 216 18.56 34.81 -32.51
CA HIS A 216 17.46 35.29 -33.37
C HIS A 216 16.87 36.61 -32.85
N LYS A 217 16.01 37.23 -33.69
CA LYS A 217 15.30 38.49 -33.35
C LYS A 217 13.90 38.17 -32.83
N ALA A 218 13.42 38.97 -31.88
CA ALA A 218 12.05 38.86 -31.32
C ALA A 218 10.98 39.01 -32.41
N GLY A 219 10.23 37.92 -32.67
CA GLY A 219 9.11 37.95 -33.61
C GLY A 219 9.21 36.91 -34.72
N GLU A 220 10.37 36.24 -34.86
CA GLU A 220 10.58 35.19 -35.90
C GLU A 220 10.60 33.79 -35.25
N GLU A 221 9.95 32.83 -35.92
CA GLU A 221 9.87 31.42 -35.49
C GLU A 221 10.95 30.59 -36.20
N PHE A 222 11.49 29.59 -35.50
CA PHE A 222 12.65 28.79 -35.98
C PHE A 222 12.71 27.44 -35.26
N THR A 223 13.70 26.62 -35.61
CA THR A 223 13.97 25.36 -34.92
C THR A 223 15.46 25.26 -34.58
N ILE A 224 15.75 24.93 -33.32
CA ILE A 224 17.12 24.68 -32.84
C ILE A 224 17.38 23.18 -32.71
N ASP A 225 18.63 22.81 -32.45
CA ASP A 225 19.03 21.41 -32.21
C ASP A 225 20.15 21.41 -31.17
N VAL A 226 19.86 20.84 -30.00
CA VAL A 226 20.79 20.81 -28.86
C VAL A 226 20.97 19.37 -28.37
N THR A 227 22.22 18.98 -28.13
CA THR A 227 22.54 17.67 -27.56
C THR A 227 22.54 17.78 -26.02
N PHE A 228 21.77 16.89 -25.35
CA PHE A 228 21.75 16.84 -23.88
C PHE A 228 23.14 16.39 -23.34
N PRO A 229 23.71 17.12 -22.33
CA PRO A 229 25.02 16.76 -21.69
C PRO A 229 25.06 15.33 -21.15
N GLU A 230 26.26 14.75 -21.06
CA GLU A 230 26.45 13.44 -20.40
C GLU A 230 26.15 13.52 -18.90
N GLU A 231 26.18 14.75 -18.35
CA GLU A 231 25.86 15.03 -16.94
C GLU A 231 24.32 15.06 -16.73
N TYR A 232 23.55 15.06 -17.84
CA TYR A 232 22.07 15.09 -17.80
C TYR A 232 21.54 13.74 -17.26
N HIS A 233 20.49 13.81 -16.41
CA HIS A 233 20.04 12.68 -15.57
C HIS A 233 18.99 11.78 -16.26
N ALA A 234 19.04 11.68 -17.59
CA ALA A 234 18.21 10.73 -18.36
C ALA A 234 19.04 10.26 -19.55
N GLU A 235 19.44 8.97 -19.54
CA GLU A 235 20.54 8.47 -20.37
C GLU A 235 20.10 8.29 -21.85
N ASN A 236 18.80 8.02 -22.06
CA ASN A 236 18.22 7.94 -23.43
C ASN A 236 18.20 9.31 -24.13
N LEU A 237 18.25 10.39 -23.33
CA LEU A 237 18.23 11.75 -23.84
C LEU A 237 19.66 12.29 -24.05
N LYS A 238 20.57 11.94 -23.12
CA LYS A 238 21.97 12.43 -23.16
C LYS A 238 22.73 11.82 -24.35
N GLY A 239 23.55 12.64 -25.04
CA GLY A 239 24.32 12.20 -26.20
C GLY A 239 23.53 12.28 -27.51
N LYS A 240 22.19 12.34 -27.41
CA LYS A 240 21.29 12.42 -28.56
C LYS A 240 21.00 13.90 -28.88
N ALA A 241 20.96 14.22 -30.18
CA ALA A 241 20.67 15.56 -30.68
C ALA A 241 19.15 15.78 -30.76
N ALA A 242 18.62 16.62 -29.86
CA ALA A 242 17.18 16.91 -29.76
C ALA A 242 16.84 18.22 -30.48
N LYS A 243 15.94 18.13 -31.47
CA LYS A 243 15.47 19.32 -32.21
C LYS A 243 14.28 19.96 -31.46
N PHE A 244 14.08 21.28 -31.64
CA PHE A 244 13.08 22.06 -30.88
C PHE A 244 12.48 23.16 -31.77
N ALA A 245 11.19 23.05 -32.09
CA ALA A 245 10.46 24.04 -32.89
C ALA A 245 10.06 25.24 -32.01
N ILE A 246 10.96 26.23 -31.96
CA ILE A 246 10.83 27.43 -31.12
C ILE A 246 9.94 28.50 -31.79
N ASN A 247 8.88 28.94 -31.09
CA ASN A 247 8.01 30.02 -31.57
C ASN A 247 8.09 31.19 -30.57
N LEU A 248 8.76 32.30 -30.97
CA LEU A 248 8.91 33.50 -30.10
C LEU A 248 7.55 34.18 -29.89
N LYS A 249 6.83 33.72 -28.87
CA LYS A 249 5.45 34.15 -28.57
C LYS A 249 5.48 35.55 -27.91
N LYS A 250 6.42 35.73 -26.97
CA LYS A 250 6.68 37.00 -26.25
C LYS A 250 8.18 37.14 -26.02
N VAL A 251 8.66 38.39 -25.98
CA VAL A 251 10.03 38.75 -25.57
C VAL A 251 9.92 40.06 -24.76
N GLU A 252 10.16 39.96 -23.45
CA GLU A 252 9.90 41.05 -22.48
C GLU A 252 11.15 41.30 -21.63
N GLU A 253 11.77 42.48 -21.79
CA GLU A 253 13.01 42.85 -21.09
C GLU A 253 12.71 43.32 -19.67
N ARG A 254 13.66 43.06 -18.74
CA ARG A 254 13.56 43.50 -17.34
C ARG A 254 13.76 45.02 -17.26
N GLU A 255 12.78 45.71 -16.69
CA GLU A 255 12.91 47.11 -16.28
C GLU A 255 12.20 47.21 -14.92
N LEU A 256 12.99 47.49 -13.87
CA LEU A 256 12.54 47.43 -12.47
C LEU A 256 11.61 48.63 -12.14
N PRO A 257 10.26 48.40 -11.99
CA PRO A 257 9.31 49.47 -11.65
C PRO A 257 9.18 49.65 -10.13
N GLU A 258 8.16 50.38 -9.71
CA GLU A 258 7.86 50.58 -8.28
C GLU A 258 6.96 49.49 -7.73
N LEU A 259 6.76 49.55 -6.40
CA LEU A 259 5.89 48.63 -5.66
C LEU A 259 4.43 49.17 -5.76
N THR A 260 3.94 49.22 -7.01
CA THR A 260 2.63 49.77 -7.38
C THR A 260 1.56 48.66 -7.38
N ALA A 261 0.27 49.07 -7.46
CA ALA A 261 -0.91 48.17 -7.30
C ALA A 261 -0.91 47.00 -8.31
N GLU A 262 -0.23 47.18 -9.46
CA GLU A 262 -0.03 46.15 -10.49
C GLU A 262 0.69 44.92 -9.90
N PHE A 263 1.65 45.17 -9.01
CA PHE A 263 2.42 44.13 -8.31
C PHE A 263 1.69 43.74 -7.01
N ILE A 264 1.18 44.75 -6.26
CA ILE A 264 0.52 44.51 -4.94
C ILE A 264 -0.60 43.45 -5.08
N LYS A 265 -1.42 43.62 -6.13
CA LYS A 265 -2.51 42.69 -6.44
C LYS A 265 -1.94 41.32 -6.92
N ARG A 266 -0.79 41.38 -7.62
CA ARG A 266 -0.16 40.19 -8.23
C ARG A 266 0.55 39.32 -7.16
N PHE A 267 0.76 39.93 -5.99
CA PHE A 267 1.26 39.20 -4.80
C PHE A 267 0.13 38.35 -4.20
N GLY A 268 -1.14 38.75 -4.46
CA GLY A 268 -2.31 38.09 -3.91
C GLY A 268 -2.98 38.91 -2.82
N VAL A 269 -2.61 40.20 -2.72
CA VAL A 269 -3.20 41.14 -1.77
C VAL A 269 -4.55 41.66 -2.30
N GLU A 270 -5.61 41.40 -1.53
CA GLU A 270 -6.99 41.82 -1.86
C GLU A 270 -7.07 43.36 -1.77
N ASP A 271 -6.51 43.90 -0.67
CA ASP A 271 -6.58 45.33 -0.31
C ASP A 271 -6.08 46.25 -1.45
N GLY A 272 -5.09 45.80 -2.23
CA GLY A 272 -4.61 46.52 -3.41
C GLY A 272 -3.65 47.68 -3.10
N SER A 273 -3.81 48.33 -1.93
CA SER A 273 -2.88 49.39 -1.45
C SER A 273 -1.67 48.75 -0.74
N VAL A 274 -0.53 49.47 -0.76
CA VAL A 274 0.74 48.99 -0.18
C VAL A 274 0.57 48.73 1.34
N GLU A 275 -0.32 49.49 2.01
CA GLU A 275 -0.67 49.27 3.44
C GLU A 275 -1.19 47.84 3.67
N GLY A 276 -1.97 47.33 2.71
CA GLY A 276 -2.48 45.96 2.78
C GLY A 276 -1.42 44.95 2.41
N LEU A 277 -0.39 45.41 1.65
CA LEU A 277 0.74 44.58 1.21
C LEU A 277 1.61 44.32 2.44
N ARG A 278 1.89 45.40 3.20
CA ARG A 278 2.71 45.36 4.42
C ARG A 278 2.03 44.48 5.48
N ALA A 279 0.70 44.62 5.62
CA ALA A 279 -0.10 43.83 6.58
C ALA A 279 -0.02 42.33 6.25
N GLU A 280 -0.38 42.02 4.98
CA GLU A 280 -0.43 40.65 4.46
C GLU A 280 0.95 39.97 4.59
N VAL A 281 1.99 40.71 4.18
CA VAL A 281 3.38 40.25 4.21
C VAL A 281 3.86 39.99 5.64
N ARG A 282 3.58 40.93 6.58
CA ARG A 282 4.04 40.81 7.99
C ARG A 282 3.40 39.61 8.70
N LYS A 283 2.12 39.34 8.37
CA LYS A 283 1.43 38.12 8.86
C LYS A 283 2.09 36.87 8.28
N ASN A 284 2.37 36.90 6.96
CA ASN A 284 3.09 35.81 6.26
C ASN A 284 4.52 35.65 6.79
N MET A 285 5.16 36.77 7.18
CA MET A 285 6.59 36.82 7.57
C MET A 285 6.78 36.32 8.99
N GLU A 286 5.82 36.57 9.89
CA GLU A 286 5.86 36.04 11.27
C GLU A 286 5.69 34.52 11.22
N ARG A 287 4.66 34.09 10.47
CA ARG A 287 4.32 32.68 10.24
C ARG A 287 5.49 31.93 9.57
N GLU A 288 6.13 32.60 8.60
CA GLU A 288 7.26 32.05 7.84
C GLU A 288 8.53 32.02 8.72
N LEU A 289 8.69 33.06 9.54
CA LEU A 289 9.83 33.21 10.51
C LEU A 289 9.84 31.99 11.45
N LYS A 290 8.63 31.70 11.96
CA LYS A 290 8.35 30.59 12.86
C LYS A 290 8.81 29.23 12.26
N SER A 291 8.19 28.88 11.11
CA SER A 291 8.45 27.62 10.40
C SER A 291 9.87 27.57 9.80
N ALA A 292 10.46 28.76 9.55
CA ALA A 292 11.82 28.89 9.02
C ALA A 292 12.82 28.41 10.05
N ILE A 293 12.74 29.01 11.26
CA ILE A 293 13.65 28.68 12.38
C ILE A 293 13.43 27.23 12.82
N ARG A 294 12.17 26.79 12.84
CA ARG A 294 11.82 25.38 13.13
C ARG A 294 12.62 24.44 12.20
N ASN A 295 12.38 24.60 10.89
CA ASN A 295 12.96 23.75 9.84
C ASN A 295 14.50 23.94 9.76
N ARG A 296 14.99 25.15 10.11
CA ARG A 296 16.43 25.49 10.03
C ARG A 296 17.19 24.74 11.12
N VAL A 297 16.79 24.97 12.39
CA VAL A 297 17.49 24.40 13.55
C VAL A 297 17.39 22.85 13.52
N LYS A 298 16.20 22.34 13.10
CA LYS A 298 15.98 20.88 12.99
C LYS A 298 16.83 20.28 11.87
N SER A 299 16.82 20.88 10.66
CA SER A 299 17.57 20.34 9.48
C SER A 299 19.09 20.41 9.69
N GLN A 300 19.55 21.49 10.36
CA GLN A 300 20.98 21.65 10.74
C GLN A 300 21.38 20.53 11.71
N ALA A 301 20.51 20.29 12.71
CA ALA A 301 20.70 19.19 13.66
C ALA A 301 20.72 17.83 12.94
N ILE A 302 19.77 17.62 12.00
CA ILE A 302 19.62 16.37 11.22
C ILE A 302 20.93 16.04 10.46
N GLU A 303 21.43 17.05 9.72
CA GLU A 303 22.68 16.94 8.96
C GLU A 303 23.88 16.75 9.90
N GLY A 304 23.80 17.39 11.08
CA GLY A 304 24.82 17.23 12.13
C GLY A 304 24.82 15.83 12.73
N LEU A 305 23.63 15.22 12.84
CA LEU A 305 23.44 13.84 13.35
C LEU A 305 24.08 12.84 12.39
N VAL A 306 23.87 13.07 11.08
CA VAL A 306 24.51 12.28 10.02
C VAL A 306 26.05 12.49 10.06
N LYS A 307 26.45 13.78 10.11
CA LYS A 307 27.85 14.22 10.12
C LYS A 307 28.61 13.64 11.33
N ALA A 308 27.87 13.42 12.41
CA ALA A 308 28.38 12.84 13.65
C ALA A 308 28.92 11.42 13.45
N ASN A 309 28.23 10.64 12.58
CA ASN A 309 28.58 9.24 12.30
C ASN A 309 27.69 8.68 11.19
N ASP A 310 28.26 8.55 9.98
CA ASP A 310 27.63 7.87 8.86
C ASP A 310 27.67 6.36 9.10
N ILE A 311 26.65 5.87 9.81
CA ILE A 311 26.49 4.45 10.17
C ILE A 311 26.24 3.59 8.92
N ASP A 312 26.49 2.27 9.06
CA ASP A 312 26.34 1.30 7.96
C ASP A 312 24.87 0.87 7.88
N VAL A 313 24.08 1.76 7.27
CA VAL A 313 22.65 1.56 7.05
C VAL A 313 22.40 0.45 6.01
N PRO A 314 21.46 -0.50 6.29
CA PRO A 314 21.10 -1.59 5.36
C PRO A 314 20.62 -1.07 3.99
N ALA A 315 21.39 -1.39 2.94
CA ALA A 315 21.13 -0.97 1.55
C ALA A 315 19.84 -1.57 0.97
N ALA A 316 19.22 -2.54 1.69
CA ALA A 316 17.87 -3.04 1.38
C ALA A 316 16.81 -1.96 1.64
N LEU A 317 17.01 -1.22 2.76
CA LEU A 317 16.17 -0.05 3.12
C LEU A 317 16.44 1.11 2.15
N ILE A 318 17.72 1.27 1.75
CA ILE A 318 18.12 2.25 0.70
C ILE A 318 17.44 1.87 -0.63
N ASP A 319 17.37 0.56 -0.91
CA ASP A 319 16.76 0.03 -2.14
C ASP A 319 15.25 0.37 -2.16
N SER A 320 14.58 0.21 -1.01
CA SER A 320 13.14 0.55 -0.85
C SER A 320 12.90 2.07 -1.00
N GLU A 321 13.74 2.88 -0.35
CA GLU A 321 13.67 4.36 -0.41
C GLU A 321 13.85 4.85 -1.86
N ILE A 322 14.97 4.44 -2.48
CA ILE A 322 15.30 4.73 -3.88
C ILE A 322 14.19 4.22 -4.80
N ASP A 323 13.58 3.06 -4.47
CA ASP A 323 12.47 2.48 -5.26
C ASP A 323 11.26 3.45 -5.33
N VAL A 324 10.82 3.94 -4.17
CA VAL A 324 9.72 4.92 -4.08
C VAL A 324 10.08 6.21 -4.86
N LEU A 325 11.31 6.72 -4.62
CA LEU A 325 11.81 7.97 -5.24
C LEU A 325 12.01 7.83 -6.77
N ARG A 326 12.46 6.64 -7.21
CA ARG A 326 12.84 6.39 -8.60
C ARG A 326 11.59 6.16 -9.45
N ARG A 327 10.55 5.57 -8.81
CA ARG A 327 9.23 5.38 -9.43
C ARG A 327 8.53 6.73 -9.53
N GLN A 328 8.69 7.56 -8.47
CA GLN A 328 8.18 8.94 -8.40
C GLN A 328 8.80 9.85 -9.50
N ALA A 329 9.98 9.45 -10.03
CA ALA A 329 10.65 10.15 -11.14
C ALA A 329 10.29 9.50 -12.49
N ALA A 330 10.50 8.19 -12.60
CA ALA A 330 10.38 7.42 -13.86
C ALA A 330 8.95 7.42 -14.43
N GLN A 331 7.97 7.29 -13.52
CA GLN A 331 6.54 7.28 -13.88
C GLN A 331 5.98 8.72 -14.02
N ARG A 332 6.85 9.73 -13.82
CA ARG A 332 6.47 11.15 -13.90
C ARG A 332 7.03 11.74 -15.20
N PHE A 333 8.37 11.77 -15.26
CA PHE A 333 9.13 12.24 -16.44
C PHE A 333 9.23 11.10 -17.46
N GLY A 334 8.10 10.80 -18.11
CA GLY A 334 8.02 9.79 -19.15
C GLY A 334 6.82 8.88 -18.94
N GLY A 335 6.90 8.05 -17.88
CA GLY A 335 5.79 7.16 -17.51
C GLY A 335 6.13 5.68 -17.61
N ASN A 336 7.44 5.34 -17.52
CA ASN A 336 7.91 3.94 -17.59
C ASN A 336 8.99 3.68 -16.55
N GLU A 337 9.01 2.45 -16.03
CA GLU A 337 9.89 2.02 -14.94
C GLU A 337 11.38 1.93 -15.38
N LYS A 338 11.61 1.76 -16.70
CA LYS A 338 12.98 1.61 -17.26
C LYS A 338 13.78 2.93 -17.03
N GLN A 339 13.09 4.09 -17.14
CA GLN A 339 13.69 5.43 -16.93
C GLN A 339 14.44 5.51 -15.57
N ALA A 340 13.89 4.85 -14.55
CA ALA A 340 14.44 4.86 -13.17
C ALA A 340 15.92 4.42 -13.14
N LEU A 341 16.18 3.30 -13.84
CA LEU A 341 17.51 2.66 -13.88
C LEU A 341 18.51 3.48 -14.72
N GLU A 342 18.01 4.54 -15.38
CA GLU A 342 18.81 5.49 -16.16
C GLU A 342 19.23 6.69 -15.30
N LEU A 343 18.48 6.98 -14.20
CA LEU A 343 18.83 8.07 -13.28
C LEU A 343 19.86 7.54 -12.26
N PRO A 344 21.10 8.15 -12.20
CA PRO A 344 22.15 7.75 -11.22
C PRO A 344 21.63 7.80 -9.77
N ARG A 345 21.55 6.62 -9.10
CA ARG A 345 20.83 6.43 -7.82
C ARG A 345 21.28 7.42 -6.73
N GLU A 346 22.53 7.91 -6.84
CA GLU A 346 23.16 8.83 -5.88
C GLU A 346 22.33 10.12 -5.66
N LEU A 347 21.60 10.55 -6.72
CA LEU A 347 20.72 11.75 -6.63
C LEU A 347 19.51 11.49 -5.69
N PHE A 348 19.08 10.21 -5.61
CA PHE A 348 18.02 9.78 -4.68
C PHE A 348 18.64 9.47 -3.31
N GLU A 349 19.82 8.82 -3.36
CA GLU A 349 20.47 8.14 -2.24
C GLU A 349 21.10 9.12 -1.25
N GLU A 350 21.54 10.29 -1.74
CA GLU A 350 22.11 11.35 -0.88
C GLU A 350 21.11 11.72 0.24
N GLN A 351 19.84 11.92 -0.17
CA GLN A 351 18.74 12.28 0.75
C GLN A 351 18.26 11.02 1.51
N ALA A 352 17.86 10.00 0.74
CA ALA A 352 17.24 8.76 1.27
C ALA A 352 18.11 8.04 2.32
N LYS A 353 19.39 7.79 1.96
CA LYS A 353 20.34 7.11 2.86
C LYS A 353 20.56 7.94 4.13
N ARG A 354 20.62 9.29 4.01
CA ARG A 354 20.64 10.20 5.17
C ARG A 354 19.34 10.09 5.98
N ARG A 355 18.20 9.82 5.29
CA ARG A 355 16.88 9.75 5.94
C ARG A 355 16.81 8.50 6.85
N VAL A 356 17.36 7.37 6.36
CA VAL A 356 17.38 6.12 7.16
C VAL A 356 18.48 6.13 8.24
N VAL A 357 19.61 6.86 7.99
CA VAL A 357 20.63 7.12 9.05
C VAL A 357 19.94 7.81 10.24
N VAL A 358 19.25 8.92 9.93
CA VAL A 358 18.47 9.71 10.91
C VAL A 358 17.32 8.89 11.51
N GLY A 359 16.69 8.04 10.69
CA GLY A 359 15.60 7.18 11.14
C GLY A 359 16.05 6.19 12.21
N LEU A 360 17.28 5.69 12.06
CA LEU A 360 17.91 4.80 13.03
C LEU A 360 18.39 5.58 14.28
N LEU A 361 19.02 6.75 14.05
CA LEU A 361 19.57 7.61 15.15
C LEU A 361 18.45 8.07 16.09
N LEU A 362 17.48 8.82 15.55
CA LEU A 362 16.35 9.36 16.32
C LEU A 362 15.49 8.24 16.92
N GLY A 363 15.38 7.12 16.18
CA GLY A 363 14.68 5.92 16.65
C GLY A 363 15.31 5.35 17.91
N GLU A 364 16.65 5.26 17.90
CA GLU A 364 17.44 4.74 19.03
C GLU A 364 17.21 5.60 20.28
N VAL A 365 17.13 6.93 20.08
CA VAL A 365 16.90 7.88 21.20
C VAL A 365 15.54 7.61 21.86
N ILE A 366 14.46 7.69 21.06
CA ILE A 366 13.07 7.61 21.56
C ILE A 366 12.72 6.23 22.13
N ARG A 367 13.44 5.16 21.70
CA ARG A 367 13.27 3.80 22.27
C ARG A 367 14.09 3.63 23.58
N THR A 368 15.42 3.77 23.47
CA THR A 368 16.37 3.42 24.55
C THR A 368 16.28 4.41 25.74
N ASN A 369 16.20 5.71 25.43
CA ASN A 369 16.02 6.77 26.44
C ASN A 369 14.53 6.83 26.86
N GLU A 370 13.68 6.25 26.00
CA GLU A 370 12.22 6.25 26.12
C GLU A 370 11.68 7.68 26.21
N LEU A 371 11.52 8.31 25.04
CA LEU A 371 10.91 9.64 24.93
C LEU A 371 9.41 9.51 24.69
N LYS A 372 8.62 10.28 25.45
CA LYS A 372 7.15 10.31 25.34
C LYS A 372 6.73 11.66 24.74
N ALA A 373 6.02 11.61 23.59
CA ALA A 373 5.50 12.81 22.92
C ALA A 373 4.56 13.57 23.86
N ASP A 374 5.07 14.69 24.40
CA ASP A 374 4.35 15.55 25.36
C ASP A 374 3.03 16.03 24.74
N GLU A 375 1.93 15.91 25.50
CA GLU A 375 0.59 16.35 25.04
C GLU A 375 0.62 17.82 24.59
N GLU A 376 1.36 18.63 25.36
CA GLU A 376 1.56 20.06 25.07
C GLU A 376 2.39 20.27 23.77
N ARG A 377 3.30 19.32 23.47
CA ARG A 377 4.21 19.43 22.32
C ARG A 377 3.44 19.16 21.03
N VAL A 378 2.79 17.98 21.00
CA VAL A 378 1.98 17.53 19.85
C VAL A 378 0.81 18.51 19.62
N LYS A 379 0.07 18.87 20.69
CA LYS A 379 -1.04 19.84 20.62
C LYS A 379 -0.52 21.21 20.16
N GLY A 380 0.69 21.56 20.65
CA GLY A 380 1.35 22.84 20.32
C GLY A 380 1.58 23.02 18.82
N LEU A 381 2.29 22.05 18.17
CA LEU A 381 2.59 22.13 16.72
C LEU A 381 1.29 22.01 15.88
N ILE A 382 0.33 21.17 16.38
CA ILE A 382 -1.02 21.08 15.79
C ILE A 382 -1.70 22.46 15.83
N GLU A 383 -1.59 23.17 16.97
CA GLU A 383 -2.24 24.47 17.19
C GLU A 383 -1.66 25.55 16.26
N GLU A 384 -0.33 25.53 16.11
CA GLU A 384 0.41 26.46 15.25
C GLU A 384 0.00 26.31 13.77
N MET A 385 -0.11 25.05 13.29
CA MET A 385 -0.60 24.82 11.91
C MET A 385 -2.13 24.97 11.82
N ALA A 386 -2.83 24.81 12.97
CA ALA A 386 -4.30 24.91 13.05
C ALA A 386 -4.76 26.37 12.99
N SER A 387 -3.85 27.28 13.41
CA SER A 387 -4.03 28.74 13.21
C SER A 387 -4.21 29.07 11.73
N ALA A 388 -3.48 28.30 10.88
CA ALA A 388 -3.53 28.39 9.42
C ALA A 388 -4.79 27.67 8.85
N TYR A 389 -5.45 26.84 9.67
CA TYR A 389 -6.63 26.04 9.26
C TYR A 389 -7.93 26.78 9.57
N GLU A 390 -9.06 26.10 9.30
CA GLU A 390 -10.43 26.63 9.45
C GLU A 390 -10.73 27.14 10.87
N ASP A 391 -10.39 26.32 11.88
CA ASP A 391 -10.78 26.57 13.27
C ASP A 391 -9.79 25.85 14.21
N PRO A 392 -8.77 26.57 14.78
CA PRO A 392 -7.70 25.99 15.64
C PRO A 392 -8.18 24.94 16.67
N LYS A 393 -8.99 25.39 17.65
CA LYS A 393 -9.47 24.55 18.78
C LYS A 393 -10.19 23.28 18.30
N GLU A 394 -10.93 23.40 17.20
CA GLU A 394 -11.72 22.31 16.61
C GLU A 394 -10.80 21.30 15.88
N VAL A 395 -9.66 21.79 15.35
CA VAL A 395 -8.66 20.94 14.67
C VAL A 395 -7.94 20.11 15.73
N ILE A 396 -7.53 20.81 16.79
CA ILE A 396 -6.94 20.21 18.00
C ILE A 396 -7.85 19.11 18.57
N GLU A 397 -9.17 19.42 18.64
CA GLU A 397 -10.21 18.50 19.12
C GLU A 397 -10.24 17.21 18.30
N PHE A 398 -10.47 17.35 16.98
CA PHE A 398 -10.70 16.21 16.08
C PHE A 398 -9.42 15.35 15.92
N TYR A 399 -8.26 16.00 15.95
CA TYR A 399 -6.95 15.30 15.95
C TYR A 399 -6.81 14.43 17.21
N SER A 400 -7.04 15.05 18.39
CA SER A 400 -7.01 14.32 19.69
C SER A 400 -8.06 13.18 19.75
N LYS A 401 -9.13 13.33 18.94
CA LYS A 401 -10.19 12.31 18.81
C LYS A 401 -9.72 11.15 17.91
N ASN A 402 -8.88 11.47 16.90
CA ASN A 402 -8.47 10.50 15.87
C ASN A 402 -7.12 9.88 16.25
N LYS A 403 -7.14 8.59 16.66
CA LYS A 403 -5.99 7.87 17.23
C LYS A 403 -4.78 7.84 16.26
N GLU A 404 -5.02 7.41 15.01
CA GLU A 404 -3.95 7.21 14.01
C GLU A 404 -3.28 8.53 13.62
N LEU A 405 -4.10 9.58 13.43
CA LEU A 405 -3.61 10.92 13.05
C LEU A 405 -2.76 11.50 14.19
N MET A 406 -3.30 11.46 15.42
CA MET A 406 -2.62 11.94 16.62
C MET A 406 -1.30 11.18 16.83
N ASP A 407 -1.31 9.86 16.56
CA ASP A 407 -0.12 8.99 16.69
C ASP A 407 0.97 9.39 15.69
N ASN A 408 0.54 9.82 14.48
CA ASN A 408 1.43 10.38 13.45
C ASN A 408 2.03 11.73 13.91
N MET A 409 1.19 12.55 14.55
CA MET A 409 1.60 13.87 15.07
C MET A 409 2.48 13.71 16.33
N ARG A 410 2.33 12.57 17.02
CA ARG A 410 3.19 12.20 18.16
C ARG A 410 4.53 11.68 17.63
N ASN A 411 4.47 11.00 16.48
CA ASN A 411 5.65 10.49 15.77
C ASN A 411 6.57 11.64 15.34
N VAL A 412 5.99 12.70 14.71
CA VAL A 412 6.77 13.89 14.29
C VAL A 412 7.26 14.69 15.51
N ALA A 413 6.45 14.69 16.59
CA ALA A 413 6.81 15.31 17.88
C ALA A 413 8.00 14.56 18.51
N LEU A 414 8.06 13.24 18.29
CA LEU A 414 9.17 12.39 18.79
C LEU A 414 10.42 12.48 17.91
N GLU A 415 10.25 12.72 16.59
CA GLU A 415 11.38 13.04 15.69
C GLU A 415 12.07 14.29 16.23
N GLU A 416 11.23 15.31 16.50
CA GLU A 416 11.66 16.62 17.01
C GLU A 416 12.23 16.51 18.44
N GLN A 417 11.62 15.64 19.27
CA GLN A 417 12.04 15.44 20.68
C GLN A 417 13.37 14.68 20.75
N ALA A 418 13.59 13.76 19.79
CA ALA A 418 14.84 12.99 19.66
C ALA A 418 15.98 13.88 19.18
N VAL A 419 15.65 14.77 18.22
CA VAL A 419 16.53 15.86 17.78
C VAL A 419 16.90 16.74 19.00
N GLU A 420 15.87 17.11 19.79
CA GLU A 420 16.00 18.03 20.92
C GLU A 420 16.83 17.42 22.07
N ALA A 421 16.71 16.09 22.25
CA ALA A 421 17.46 15.35 23.28
C ALA A 421 18.97 15.56 23.10
N VAL A 422 19.47 15.27 21.89
CA VAL A 422 20.90 15.46 21.53
C VAL A 422 21.23 16.97 21.32
N LEU A 423 20.21 17.75 20.90
CA LEU A 423 20.36 19.20 20.59
C LEU A 423 20.75 20.02 21.84
N ALA A 424 20.04 19.79 22.95
CA ALA A 424 20.30 20.51 24.22
C ALA A 424 21.66 20.13 24.83
N LYS A 425 22.25 19.02 24.33
CA LYS A 425 23.58 18.54 24.72
C LYS A 425 24.65 18.93 23.69
N ALA A 426 24.21 19.33 22.48
CA ALA A 426 25.08 19.72 21.34
C ALA A 426 25.41 21.22 21.40
N LYS A 427 26.30 21.66 20.49
CA LYS A 427 26.80 23.05 20.45
C LYS A 427 25.79 23.97 19.74
N VAL A 428 24.82 24.50 20.51
CA VAL A 428 23.80 25.43 20.01
C VAL A 428 24.34 26.87 20.02
N THR A 429 24.79 27.33 18.84
CA THR A 429 25.24 28.71 18.61
C THR A 429 24.02 29.61 18.37
N GLU A 430 23.67 30.40 19.39
CA GLU A 430 22.62 31.44 19.31
C GLU A 430 23.01 32.51 18.24
N LYS A 431 22.66 32.24 16.99
CA LYS A 431 23.12 33.01 15.83
C LYS A 431 22.31 34.31 15.70
N GLU A 432 22.80 35.40 16.35
CA GLU A 432 22.15 36.73 16.31
C GLU A 432 22.23 37.31 14.90
N THR A 433 21.11 37.27 14.20
CA THR A 433 20.98 37.74 12.81
C THR A 433 19.60 38.42 12.62
N THR A 434 19.24 38.78 11.39
CA THR A 434 17.91 39.37 11.07
C THR A 434 17.17 38.47 10.07
N PHE A 435 15.90 38.81 9.73
CA PHE A 435 15.08 38.04 8.75
C PHE A 435 15.82 38.00 7.39
N ASN A 436 16.44 39.14 7.04
CA ASN A 436 17.27 39.27 5.83
C ASN A 436 18.39 38.20 5.84
N GLU A 437 19.05 38.05 7.01
CA GLU A 437 20.19 37.14 7.19
C GLU A 437 19.73 35.69 7.53
N LEU A 438 18.40 35.50 7.72
CA LEU A 438 17.80 34.16 7.93
C LEU A 438 17.58 33.47 6.57
N MET A 439 17.12 34.25 5.59
CA MET A 439 16.80 33.75 4.24
C MET A 439 18.06 33.85 3.34
N ASN A 440 18.72 35.02 3.40
CA ASN A 440 20.06 35.24 2.79
C ASN A 440 21.10 34.85 3.86
N GLN A 441 21.12 33.54 4.16
CA GLN A 441 21.76 32.99 5.35
C GLN A 441 23.26 32.73 5.17
N GLN A 442 23.63 32.03 4.08
CA GLN A 442 25.02 31.61 3.84
C GLN A 442 25.84 32.84 3.38
N ALA A 443 26.33 33.60 4.36
CA ALA A 443 27.11 34.82 4.14
C ALA A 443 27.95 35.09 5.41
N MET B 12 -13.84 26.30 3.67
CA MET B 12 -13.74 25.24 2.63
C MET B 12 -14.99 25.26 1.73
N GLN B 13 -14.94 24.44 0.66
CA GLN B 13 -16.04 24.25 -0.28
C GLN B 13 -16.54 22.79 -0.19
N VAL B 14 -17.25 22.48 0.91
CA VAL B 14 -17.71 21.09 1.21
C VAL B 14 -19.22 21.08 1.54
N SER B 15 -19.89 19.94 1.27
CA SER B 15 -21.33 19.77 1.54
C SER B 15 -21.64 18.29 1.86
N VAL B 16 -21.90 17.98 3.15
CA VAL B 16 -22.33 16.65 3.57
C VAL B 16 -23.78 16.38 3.10
N GLU B 17 -23.99 15.20 2.52
CA GLU B 17 -25.28 14.81 1.95
C GLU B 17 -25.58 13.38 2.44
N THR B 18 -26.46 13.27 3.46
CA THR B 18 -26.80 11.98 4.08
C THR B 18 -27.52 11.06 3.04
N THR B 19 -26.89 9.92 2.73
CA THR B 19 -27.39 8.99 1.70
C THR B 19 -28.51 8.09 2.27
N GLN B 20 -28.20 7.41 3.39
CA GLN B 20 -29.14 6.47 4.03
C GLN B 20 -28.62 6.15 5.44
N GLY B 21 -29.30 6.71 6.47
CA GLY B 21 -29.01 6.43 7.87
C GLY B 21 -27.66 6.95 8.34
N LEU B 22 -26.67 6.03 8.43
CA LEU B 22 -25.30 6.35 8.84
C LEU B 22 -24.52 6.96 7.63
N GLY B 23 -25.01 6.64 6.40
CA GLY B 23 -24.37 7.05 5.15
C GLY B 23 -24.32 8.56 4.95
N ARG B 24 -23.14 9.08 4.59
CA ARG B 24 -22.85 10.51 4.49
C ARG B 24 -21.91 10.77 3.30
N ARG B 25 -22.49 11.19 2.18
CA ARG B 25 -21.77 11.63 0.98
C ARG B 25 -21.32 13.09 1.16
N VAL B 26 -20.11 13.27 1.69
CA VAL B 26 -19.53 14.61 1.88
C VAL B 26 -18.91 15.09 0.55
N THR B 27 -19.75 15.76 -0.24
CA THR B 27 -19.41 16.32 -1.55
C THR B 27 -18.41 17.49 -1.38
N ILE B 28 -17.11 17.21 -1.61
CA ILE B 28 -16.02 18.20 -1.42
C ILE B 28 -15.53 18.72 -2.77
N THR B 29 -15.75 20.01 -3.03
CA THR B 29 -15.18 20.71 -4.18
C THR B 29 -13.80 21.27 -3.79
N ILE B 30 -12.76 20.78 -4.47
CA ILE B 30 -11.41 21.33 -4.37
C ILE B 30 -11.30 22.49 -5.37
N ALA B 31 -11.04 23.70 -4.86
CA ALA B 31 -10.93 24.92 -5.68
C ALA B 31 -9.78 24.79 -6.71
N ALA B 32 -10.01 25.27 -7.95
CA ALA B 32 -9.03 25.23 -9.05
C ALA B 32 -7.70 25.89 -8.66
N ASP B 33 -7.83 27.05 -7.97
CA ASP B 33 -6.68 27.79 -7.44
C ASP B 33 -5.95 27.01 -6.34
N SER B 34 -6.74 26.34 -5.46
CA SER B 34 -6.18 25.46 -4.40
C SER B 34 -5.41 24.27 -5.00
N ILE B 35 -5.89 23.79 -6.17
CA ILE B 35 -5.23 22.72 -6.91
C ILE B 35 -3.88 23.23 -7.43
N GLU B 36 -3.90 24.34 -8.19
CA GLU B 36 -2.69 24.91 -8.84
C GLU B 36 -1.59 25.26 -7.81
N THR B 37 -1.99 25.89 -6.69
CA THR B 37 -1.06 26.20 -5.58
C THR B 37 -0.39 24.91 -5.09
N ALA B 38 -1.24 23.88 -4.85
CA ALA B 38 -0.78 22.56 -4.39
C ALA B 38 0.13 21.88 -5.44
N VAL B 39 -0.17 22.06 -6.75
CA VAL B 39 0.61 21.43 -7.84
C VAL B 39 2.04 21.97 -7.82
N LYS B 40 2.16 23.31 -7.84
CA LYS B 40 3.44 24.03 -7.91
C LYS B 40 4.28 23.80 -6.63
N SER B 41 3.57 23.67 -5.49
CA SER B 41 4.18 23.31 -4.21
C SER B 41 4.75 21.87 -4.24
N GLU B 42 3.96 20.89 -4.73
CA GLU B 42 4.39 19.48 -4.82
C GLU B 42 5.49 19.32 -5.88
N LEU B 43 5.51 20.23 -6.87
CA LEU B 43 6.56 20.29 -7.90
C LEU B 43 7.89 20.71 -7.29
N VAL B 44 7.92 21.82 -6.51
CA VAL B 44 9.18 22.28 -5.88
C VAL B 44 9.66 21.25 -4.81
N ASN B 45 8.70 20.66 -4.06
CA ASN B 45 8.99 19.64 -3.04
C ASN B 45 9.69 18.42 -3.68
N VAL B 46 9.07 17.84 -4.73
CA VAL B 46 9.63 16.68 -5.44
C VAL B 46 10.96 17.05 -6.15
N ALA B 47 11.08 18.34 -6.56
CA ALA B 47 12.32 18.88 -7.15
C ALA B 47 13.42 19.06 -6.09
N LYS B 48 13.03 19.17 -4.80
CA LYS B 48 14.00 19.30 -3.67
C LYS B 48 14.45 17.91 -3.17
N LYS B 49 13.54 16.92 -3.22
CA LYS B 49 13.84 15.53 -2.78
C LYS B 49 14.53 14.72 -3.90
N VAL B 50 13.83 14.57 -5.03
CA VAL B 50 14.35 13.82 -6.21
C VAL B 50 15.43 14.66 -6.94
N ARG B 51 15.56 15.96 -6.55
CA ARG B 51 16.73 16.82 -6.87
C ARG B 51 16.76 17.24 -8.35
N ILE B 52 15.66 16.97 -9.08
CA ILE B 52 15.55 17.26 -10.51
C ILE B 52 15.08 18.71 -10.72
N ASP B 53 16.01 19.56 -11.17
CA ASP B 53 15.68 20.88 -11.71
C ASP B 53 15.00 20.71 -13.08
N GLY B 54 15.77 20.17 -14.02
CA GLY B 54 15.32 19.97 -15.39
C GLY B 54 16.47 20.03 -16.36
N PHE B 55 17.41 20.97 -16.12
CA PHE B 55 18.58 21.20 -17.02
C PHE B 55 19.90 21.36 -16.24
N ARG B 56 19.93 22.26 -15.23
CA ARG B 56 21.19 22.61 -14.54
C ARG B 56 20.89 23.01 -13.06
N LYS B 57 20.50 24.30 -12.84
CA LYS B 57 20.38 24.86 -11.47
C LYS B 57 19.42 26.06 -11.44
N GLY B 58 18.22 25.86 -11.96
CA GLY B 58 17.13 26.83 -11.82
C GLY B 58 16.64 27.35 -13.14
N LYS B 59 15.99 26.47 -13.93
CA LYS B 59 15.36 26.85 -15.21
C LYS B 59 14.01 26.16 -15.36
N VAL B 60 13.18 26.75 -16.23
CA VAL B 60 11.83 26.29 -16.56
C VAL B 60 10.90 26.38 -15.32
N PRO B 61 10.26 27.59 -15.10
CA PRO B 61 9.40 27.84 -13.92
C PRO B 61 8.25 26.82 -13.77
N MET B 62 8.18 26.15 -12.60
CA MET B 62 7.16 25.11 -12.33
C MET B 62 5.74 25.70 -12.21
N ASN B 63 5.67 27.04 -12.14
CA ASN B 63 4.42 27.81 -12.22
C ASN B 63 3.64 27.47 -13.51
N ILE B 64 4.31 27.60 -14.67
CA ILE B 64 3.72 27.29 -15.99
C ILE B 64 3.65 25.76 -16.21
N VAL B 65 4.69 25.03 -15.71
CA VAL B 65 4.81 23.57 -15.89
C VAL B 65 3.58 22.87 -15.31
N ALA B 66 3.13 23.35 -14.14
CA ALA B 66 1.93 22.86 -13.45
C ALA B 66 0.68 22.83 -14.35
N GLN B 67 0.27 24.04 -14.75
CA GLN B 67 -1.05 24.28 -15.37
C GLN B 67 -1.06 23.89 -16.87
N ARG B 68 0.09 23.98 -17.56
CA ARG B 68 0.18 23.64 -19.01
C ARG B 68 0.55 22.16 -19.24
N TYR B 69 1.40 21.60 -18.36
CA TYR B 69 2.11 20.32 -18.64
C TYR B 69 2.07 19.33 -17.44
N GLY B 70 1.61 19.79 -16.26
CA GLY B 70 1.68 18.99 -15.03
C GLY B 70 0.52 18.01 -14.89
N ALA B 71 0.50 16.98 -15.76
CA ALA B 71 -0.55 15.95 -15.76
C ALA B 71 -0.23 14.84 -14.72
N SER B 72 1.04 14.39 -14.71
CA SER B 72 1.50 13.25 -13.88
C SER B 72 1.52 13.59 -12.37
N VAL B 73 1.85 14.86 -12.06
CA VAL B 73 1.94 15.37 -10.67
C VAL B 73 0.58 15.34 -9.94
N ARG B 74 -0.53 15.20 -10.69
CA ARG B 74 -1.89 15.06 -10.11
C ARG B 74 -2.00 13.85 -9.14
N GLN B 75 -1.05 12.90 -9.26
CA GLN B 75 -0.90 11.80 -8.28
C GLN B 75 -0.51 12.36 -6.90
N ASP B 76 0.53 13.23 -6.88
CA ASP B 76 1.00 13.94 -5.67
C ASP B 76 -0.12 14.80 -5.09
N VAL B 77 -0.65 15.66 -5.97
CA VAL B 77 -1.65 16.69 -5.65
C VAL B 77 -2.89 16.03 -5.05
N LEU B 78 -3.62 15.25 -5.87
CA LEU B 78 -4.85 14.56 -5.44
C LEU B 78 -4.55 13.53 -4.34
N GLY B 79 -3.34 12.94 -4.38
CA GLY B 79 -2.88 12.02 -3.33
C GLY B 79 -2.74 12.68 -1.96
N ASP B 80 -2.44 14.01 -1.95
CA ASP B 80 -2.41 14.80 -0.72
C ASP B 80 -3.84 15.21 -0.36
N LEU B 81 -4.48 15.91 -1.31
CA LEU B 81 -5.80 16.55 -1.17
C LEU B 81 -6.92 15.55 -0.81
N MET B 82 -6.71 14.27 -1.16
CA MET B 82 -7.65 13.16 -0.86
C MET B 82 -7.89 13.04 0.65
N SER B 83 -6.80 13.17 1.42
CA SER B 83 -6.84 13.10 2.90
C SER B 83 -6.80 14.52 3.52
N ARG B 84 -6.20 15.47 2.78
CA ARG B 84 -5.98 16.86 3.23
C ARG B 84 -7.31 17.61 3.34
N ASN B 85 -8.06 17.63 2.23
CA ASN B 85 -9.37 18.30 2.19
C ASN B 85 -10.39 17.52 3.02
N PHE B 86 -10.23 16.19 3.02
CA PHE B 86 -11.10 15.29 3.79
C PHE B 86 -11.04 15.60 5.30
N ILE B 87 -9.82 15.70 5.86
CA ILE B 87 -9.64 15.88 7.31
C ILE B 87 -10.21 17.22 7.79
N ASP B 88 -9.86 18.33 7.11
CA ASP B 88 -10.35 19.66 7.49
C ASP B 88 -11.89 19.75 7.34
N ALA B 89 -12.42 19.15 6.25
CA ALA B 89 -13.88 19.07 6.00
C ALA B 89 -14.62 18.45 7.19
N ILE B 90 -14.15 17.27 7.64
CA ILE B 90 -14.78 16.53 8.75
C ILE B 90 -14.44 17.14 10.13
N ILE B 91 -13.54 18.15 10.15
CA ILE B 91 -13.27 18.94 11.36
C ILE B 91 -14.34 20.03 11.47
N LYS B 92 -14.49 20.78 10.36
CA LYS B 92 -15.41 21.92 10.26
C LYS B 92 -16.90 21.46 10.25
N GLU B 93 -17.11 20.20 9.84
CA GLU B 93 -18.42 19.53 9.93
C GLU B 93 -18.60 18.87 11.30
N LYS B 94 -17.49 18.31 11.85
CA LYS B 94 -17.51 17.47 13.06
C LYS B 94 -18.36 16.20 12.82
N ILE B 95 -17.69 15.06 12.60
CA ILE B 95 -18.21 13.83 11.93
C ILE B 95 -16.97 12.95 11.66
N ASN B 96 -16.83 11.84 12.39
CA ASN B 96 -15.68 10.92 12.25
C ASN B 96 -16.13 9.66 11.47
N PRO B 97 -15.40 9.27 10.37
CA PRO B 97 -15.69 8.02 9.61
C PRO B 97 -15.38 6.75 10.42
N ALA B 98 -16.03 5.65 10.06
CA ALA B 98 -15.73 4.33 10.63
C ALA B 98 -14.43 3.78 10.01
N GLY B 99 -13.29 4.26 10.54
CA GLY B 99 -11.96 3.83 10.10
C GLY B 99 -11.51 4.52 8.81
N ALA B 100 -12.11 4.11 7.67
CA ALA B 100 -11.73 4.60 6.33
C ALA B 100 -13.00 4.95 5.51
N PRO B 101 -12.96 6.07 4.71
CA PRO B 101 -14.07 6.44 3.80
C PRO B 101 -13.89 5.94 2.36
N THR B 102 -15.02 5.81 1.63
CA THR B 102 -15.01 5.55 0.19
C THR B 102 -14.99 6.89 -0.56
N TYR B 103 -13.81 7.27 -1.05
CA TYR B 103 -13.65 8.44 -1.92
C TYR B 103 -14.25 8.10 -3.29
N VAL B 104 -15.41 8.70 -3.61
CA VAL B 104 -16.07 8.49 -4.92
C VAL B 104 -15.84 9.76 -5.78
N PRO B 105 -14.76 9.79 -6.62
CA PRO B 105 -14.38 10.97 -7.42
C PRO B 105 -15.04 10.99 -8.82
N GLY B 106 -15.25 12.20 -9.35
CA GLY B 106 -15.68 12.38 -10.74
C GLY B 106 -14.50 12.37 -11.70
N GLU B 107 -14.76 12.57 -13.01
CA GLU B 107 -13.69 12.73 -14.01
C GLU B 107 -12.95 14.05 -13.75
N TYR B 108 -11.60 13.96 -13.62
CA TYR B 108 -10.78 15.12 -13.26
C TYR B 108 -10.87 16.20 -14.35
N LYS B 109 -11.65 17.24 -14.05
CA LYS B 109 -11.84 18.39 -14.92
C LYS B 109 -10.51 19.20 -14.93
N LEU B 110 -9.69 18.96 -15.98
CA LEU B 110 -8.26 19.35 -16.03
C LEU B 110 -8.05 20.87 -15.92
N GLY B 111 -7.60 21.30 -14.72
CA GLY B 111 -7.29 22.71 -14.46
C GLY B 111 -8.39 23.40 -13.66
N GLU B 112 -9.63 22.91 -13.83
CA GLU B 112 -10.82 23.44 -13.14
C GLU B 112 -10.97 22.84 -11.73
N ASP B 113 -12.01 23.30 -11.02
CA ASP B 113 -12.38 22.84 -9.67
C ASP B 113 -12.77 21.36 -9.71
N PHE B 114 -12.15 20.53 -8.84
CA PHE B 114 -12.37 19.07 -8.84
C PHE B 114 -13.23 18.66 -7.64
N THR B 115 -14.46 18.24 -7.91
CA THR B 115 -15.38 17.75 -6.88
C THR B 115 -15.26 16.22 -6.75
N TYR B 116 -15.12 15.72 -5.51
CA TYR B 116 -15.20 14.28 -5.20
C TYR B 116 -16.15 14.07 -4.02
N SER B 117 -17.11 13.15 -4.20
CA SER B 117 -18.13 12.82 -3.20
C SER B 117 -17.58 11.73 -2.25
N VAL B 118 -17.22 12.13 -1.03
CA VAL B 118 -16.57 11.24 -0.06
C VAL B 118 -17.65 10.52 0.76
N GLU B 119 -18.03 9.32 0.31
CA GLU B 119 -19.11 8.53 0.93
C GLU B 119 -18.54 7.62 2.03
N PHE B 120 -19.08 7.77 3.24
CA PHE B 120 -18.73 6.90 4.36
C PHE B 120 -19.89 6.85 5.35
N GLU B 121 -19.72 6.03 6.38
CA GLU B 121 -20.65 5.97 7.51
C GLU B 121 -19.87 6.24 8.80
N VAL B 122 -20.51 6.93 9.75
CA VAL B 122 -19.95 7.13 11.10
C VAL B 122 -19.85 5.78 11.83
N TYR B 123 -18.94 5.70 12.83
CA TYR B 123 -18.64 4.43 13.52
C TYR B 123 -19.92 3.82 14.14
N PRO B 124 -20.38 2.62 13.62
CA PRO B 124 -21.58 1.93 14.16
C PRO B 124 -21.32 1.38 15.57
N GLU B 125 -22.12 1.84 16.55
CA GLU B 125 -22.01 1.41 17.94
C GLU B 125 -22.44 -0.07 18.07
N VAL B 126 -21.44 -0.95 18.01
CA VAL B 126 -21.63 -2.40 18.04
C VAL B 126 -21.82 -2.90 19.48
N GLU B 127 -22.67 -3.94 19.63
CA GLU B 127 -22.89 -4.64 20.90
C GLU B 127 -22.96 -6.15 20.64
N LEU B 128 -22.41 -6.92 21.59
CA LEU B 128 -22.50 -8.38 21.61
C LEU B 128 -23.92 -8.76 22.10
N GLN B 129 -24.85 -8.90 21.16
CA GLN B 129 -26.27 -9.19 21.47
C GLN B 129 -26.52 -10.70 21.40
N GLY B 130 -27.32 -11.21 22.36
CA GLY B 130 -27.64 -12.64 22.43
C GLY B 130 -26.55 -13.43 23.13
N LEU B 131 -25.78 -12.75 24.00
CA LEU B 131 -24.61 -13.29 24.73
C LEU B 131 -24.88 -14.70 25.31
N GLU B 132 -25.94 -14.76 26.12
CA GLU B 132 -26.39 -15.99 26.81
C GLU B 132 -27.36 -16.81 25.93
N ALA B 133 -27.81 -16.23 24.80
CA ALA B 133 -28.76 -16.90 23.88
C ALA B 133 -28.02 -17.83 22.92
N ILE B 134 -26.75 -17.48 22.59
CA ILE B 134 -25.90 -18.26 21.67
C ILE B 134 -25.56 -19.63 22.27
N GLU B 135 -26.05 -20.68 21.60
CA GLU B 135 -25.73 -22.07 21.93
C GLU B 135 -24.48 -22.50 21.14
N VAL B 136 -23.53 -23.12 21.84
CA VAL B 136 -22.30 -23.66 21.27
C VAL B 136 -22.13 -25.11 21.76
N GLU B 137 -21.45 -25.93 20.97
CA GLU B 137 -21.17 -27.33 21.31
C GLU B 137 -19.66 -27.55 21.29
N LYS B 138 -19.18 -28.34 22.26
CA LYS B 138 -17.76 -28.66 22.40
C LYS B 138 -17.59 -30.15 22.05
N PRO B 139 -17.19 -30.48 20.78
CA PRO B 139 -17.08 -31.87 20.32
C PRO B 139 -16.05 -32.69 21.13
N ILE B 140 -16.56 -33.38 22.17
CA ILE B 140 -15.75 -34.27 23.00
C ILE B 140 -15.60 -35.62 22.27
N VAL B 141 -14.64 -35.61 21.35
CA VAL B 141 -14.29 -36.76 20.52
C VAL B 141 -12.90 -37.27 20.93
N GLU B 142 -12.69 -38.57 20.83
CA GLU B 142 -11.42 -39.22 21.19
C GLU B 142 -10.99 -40.15 20.06
N VAL B 143 -9.69 -40.14 19.74
CA VAL B 143 -9.10 -40.99 18.71
C VAL B 143 -8.93 -42.42 19.27
N THR B 144 -10.03 -43.16 19.30
CA THR B 144 -10.08 -44.55 19.81
C THR B 144 -9.68 -45.49 18.65
N ASP B 145 -9.35 -46.76 18.95
CA ASP B 145 -8.90 -47.75 17.92
C ASP B 145 -10.02 -48.01 16.88
N ALA B 146 -11.28 -47.95 17.35
CA ALA B 146 -12.46 -48.07 16.50
C ALA B 146 -12.60 -46.85 15.57
N ASP B 147 -12.19 -45.67 16.07
CA ASP B 147 -12.19 -44.41 15.29
C ASP B 147 -11.07 -44.42 14.25
N VAL B 148 -9.91 -45.00 14.63
CA VAL B 148 -8.74 -45.12 13.74
C VAL B 148 -9.10 -46.04 12.57
N ASP B 149 -9.38 -47.31 12.87
CA ASP B 149 -9.72 -48.33 11.86
C ASP B 149 -11.09 -48.08 11.20
N GLY B 150 -11.97 -47.35 11.91
CA GLY B 150 -13.21 -46.88 11.32
C GLY B 150 -12.97 -45.85 10.22
N MET B 151 -12.03 -44.92 10.49
CA MET B 151 -11.63 -43.89 9.52
C MET B 151 -10.77 -44.50 8.40
N LEU B 152 -10.01 -45.57 8.73
CA LEU B 152 -9.22 -46.32 7.74
C LEU B 152 -10.16 -47.03 6.76
N ASP B 153 -11.26 -47.60 7.31
CA ASP B 153 -12.35 -48.19 6.53
C ASP B 153 -13.00 -47.11 5.64
N THR B 154 -13.20 -45.91 6.22
CA THR B 154 -13.79 -44.77 5.52
C THR B 154 -12.97 -44.44 4.26
N LEU B 155 -11.68 -44.09 4.42
CA LEU B 155 -10.80 -43.74 3.27
C LEU B 155 -10.52 -44.96 2.37
N ARG B 156 -10.67 -46.19 2.91
CA ARG B 156 -10.55 -47.42 2.12
C ARG B 156 -11.68 -47.54 1.11
N LYS B 157 -12.92 -47.17 1.52
CA LYS B 157 -14.11 -47.26 0.65
C LYS B 157 -14.38 -45.92 -0.08
N GLN B 158 -13.82 -44.80 0.45
CA GLN B 158 -14.08 -43.44 -0.05
C GLN B 158 -13.01 -43.05 -1.09
N GLN B 159 -11.74 -43.35 -0.77
CA GLN B 159 -10.59 -43.17 -1.67
C GLN B 159 -10.15 -44.56 -2.20
N ALA B 160 -11.14 -45.46 -2.38
CA ALA B 160 -10.94 -46.80 -2.95
C ALA B 160 -10.30 -46.73 -4.35
N THR B 161 -9.29 -47.57 -4.58
CA THR B 161 -8.48 -47.57 -5.80
C THR B 161 -9.32 -47.98 -7.03
N TRP B 162 -8.93 -47.45 -8.18
CA TRP B 162 -9.61 -47.66 -9.47
C TRP B 162 -8.97 -48.83 -10.22
N LYS B 163 -9.63 -49.29 -11.27
CA LYS B 163 -9.10 -50.34 -12.17
C LYS B 163 -9.64 -50.12 -13.58
N GLU B 164 -8.85 -50.55 -14.58
CA GLU B 164 -9.09 -50.23 -16.00
C GLU B 164 -10.41 -50.85 -16.51
N LYS B 165 -11.18 -50.07 -17.30
CA LYS B 165 -12.49 -50.50 -17.84
C LYS B 165 -12.38 -50.81 -19.34
N ASP B 166 -13.28 -51.68 -19.83
CA ASP B 166 -13.45 -51.97 -21.27
C ASP B 166 -14.87 -51.54 -21.70
N GLY B 167 -14.97 -50.35 -22.33
CA GLY B 167 -16.27 -49.87 -22.83
C GLY B 167 -16.38 -48.36 -22.85
N ALA B 168 -17.62 -47.88 -22.65
CA ALA B 168 -17.95 -46.45 -22.64
C ALA B 168 -17.99 -45.92 -21.20
N VAL B 169 -17.95 -44.58 -21.05
CA VAL B 169 -18.00 -43.93 -19.74
C VAL B 169 -19.43 -43.94 -19.21
N GLU B 170 -19.60 -44.28 -17.93
CA GLU B 170 -20.88 -44.19 -17.20
C GLU B 170 -20.72 -43.33 -15.94
N ALA B 171 -21.81 -43.19 -15.17
CA ALA B 171 -21.82 -42.39 -13.93
C ALA B 171 -21.13 -43.12 -12.76
N GLU B 172 -20.71 -44.37 -13.01
CA GLU B 172 -20.05 -45.24 -12.01
C GLU B 172 -18.52 -45.24 -12.19
N ASP B 173 -18.04 -44.51 -13.22
CA ASP B 173 -16.65 -44.66 -13.70
C ASP B 173 -15.82 -43.38 -13.55
N ARG B 174 -14.54 -43.53 -13.88
CA ARG B 174 -13.56 -42.46 -14.00
C ARG B 174 -13.21 -42.32 -15.48
N VAL B 175 -12.81 -41.11 -15.87
CA VAL B 175 -12.33 -40.84 -17.21
C VAL B 175 -11.27 -39.71 -17.20
N THR B 176 -10.01 -40.11 -17.41
CA THR B 176 -8.86 -39.20 -17.52
C THR B 176 -8.70 -38.76 -18.98
N ILE B 177 -9.04 -37.48 -19.27
CA ILE B 177 -9.03 -36.91 -20.62
C ILE B 177 -8.16 -35.66 -20.68
N ASP B 178 -7.62 -35.35 -21.85
CA ASP B 178 -7.10 -34.02 -22.16
C ASP B 178 -8.11 -33.34 -23.09
N PHE B 179 -8.58 -32.16 -22.70
CA PHE B 179 -9.57 -31.40 -23.47
C PHE B 179 -9.19 -29.92 -23.50
N THR B 180 -9.69 -29.22 -24.52
CA THR B 180 -9.50 -27.78 -24.66
C THR B 180 -10.84 -27.13 -25.05
N GLY B 181 -11.30 -26.19 -24.21
CA GLY B 181 -12.61 -25.56 -24.37
C GLY B 181 -12.55 -24.18 -24.98
N SER B 182 -13.71 -23.75 -25.52
CA SER B 182 -13.87 -22.43 -26.13
C SER B 182 -15.33 -21.97 -25.95
N VAL B 183 -15.52 -20.87 -25.21
CA VAL B 183 -16.85 -20.35 -24.88
C VAL B 183 -17.30 -19.34 -25.93
N ASP B 184 -18.48 -19.60 -26.56
CA ASP B 184 -19.05 -18.78 -27.65
C ASP B 184 -18.17 -18.93 -28.93
N GLY B 185 -17.31 -19.97 -28.92
CA GLY B 185 -16.30 -20.20 -29.95
C GLY B 185 -14.97 -19.54 -29.63
N GLU B 186 -14.93 -18.71 -28.57
CA GLU B 186 -13.74 -17.94 -28.17
C GLU B 186 -12.90 -18.73 -27.15
N GLU B 187 -11.57 -18.75 -27.37
CA GLU B 187 -10.60 -19.41 -26.49
C GLU B 187 -10.51 -18.63 -25.18
N PHE B 188 -11.28 -19.04 -24.16
CA PHE B 188 -11.31 -18.35 -22.86
C PHE B 188 -10.07 -18.71 -22.03
N GLU B 189 -9.59 -17.71 -21.26
CA GLU B 189 -8.28 -17.74 -20.58
C GLU B 189 -8.20 -18.86 -19.52
N GLY B 190 -7.26 -19.80 -19.73
CA GLY B 190 -7.06 -20.94 -18.83
C GLY B 190 -8.18 -21.98 -18.93
N GLY B 191 -8.98 -21.89 -20.02
CA GLY B 191 -10.16 -22.73 -20.19
C GLY B 191 -9.87 -24.05 -20.90
N LYS B 192 -8.89 -24.78 -20.35
CA LYS B 192 -8.44 -26.08 -20.89
C LYS B 192 -7.59 -26.79 -19.84
N ALA B 193 -7.60 -28.13 -19.90
CA ALA B 193 -6.94 -28.98 -18.91
C ALA B 193 -6.39 -30.25 -19.58
N SER B 194 -5.08 -30.23 -19.87
CA SER B 194 -4.35 -31.39 -20.38
C SER B 194 -4.17 -32.45 -19.25
N ASP B 195 -4.57 -33.69 -19.56
CA ASP B 195 -4.55 -34.85 -18.63
C ASP B 195 -5.44 -34.57 -17.39
N PHE B 196 -6.61 -33.98 -17.65
CA PHE B 196 -7.70 -33.84 -16.67
C PHE B 196 -8.20 -35.23 -16.24
N VAL B 197 -8.61 -35.36 -14.97
CA VAL B 197 -9.20 -36.59 -14.44
C VAL B 197 -10.59 -36.28 -13.86
N LEU B 198 -11.63 -36.80 -14.51
CA LEU B 198 -12.99 -36.79 -13.95
C LEU B 198 -13.17 -38.07 -13.13
N ALA B 199 -13.54 -37.89 -11.87
CA ALA B 199 -13.94 -38.98 -10.99
C ALA B 199 -15.44 -38.87 -10.73
N MET B 200 -16.08 -40.02 -10.54
CA MET B 200 -17.47 -40.10 -10.07
C MET B 200 -17.57 -39.73 -8.58
N GLY B 201 -18.80 -39.78 -8.02
CA GLY B 201 -19.02 -39.62 -6.57
C GLY B 201 -18.67 -38.24 -6.04
N GLN B 202 -19.10 -37.21 -6.77
CA GLN B 202 -18.87 -35.79 -6.45
C GLN B 202 -20.06 -34.96 -6.94
N GLY B 203 -19.90 -33.62 -6.95
CA GLY B 203 -20.94 -32.71 -7.44
C GLY B 203 -21.31 -32.89 -8.92
N ARG B 204 -22.21 -32.04 -9.41
CA ARG B 204 -22.67 -32.07 -10.82
C ARG B 204 -22.09 -30.85 -11.54
N MET B 205 -21.57 -31.06 -12.77
CA MET B 205 -21.00 -29.98 -13.60
C MET B 205 -22.14 -29.30 -14.39
N ILE B 206 -21.77 -28.34 -15.27
CA ILE B 206 -22.69 -27.66 -16.19
C ILE B 206 -23.52 -28.67 -17.04
N PRO B 207 -24.83 -28.35 -17.32
CA PRO B 207 -25.71 -29.22 -18.13
C PRO B 207 -25.11 -29.51 -19.52
N GLY B 208 -24.99 -30.80 -19.85
CA GLY B 208 -24.48 -31.24 -21.14
C GLY B 208 -23.10 -31.87 -21.07
N PHE B 209 -22.19 -31.28 -20.25
CA PHE B 209 -20.76 -31.63 -20.26
C PHE B 209 -20.54 -33.12 -19.95
N GLU B 210 -20.73 -33.52 -18.67
CA GLU B 210 -20.49 -34.91 -18.21
C GLU B 210 -21.36 -35.92 -18.99
N ASP B 211 -22.53 -35.46 -19.45
CA ASP B 211 -23.48 -36.24 -20.25
C ASP B 211 -22.89 -36.57 -21.63
N GLY B 212 -22.07 -35.64 -22.16
CA GLY B 212 -21.37 -35.83 -23.43
C GLY B 212 -20.15 -36.74 -23.27
N ILE B 213 -19.43 -36.54 -22.15
CA ILE B 213 -18.25 -37.35 -21.79
C ILE B 213 -18.65 -38.82 -21.72
N LYS B 214 -19.77 -39.08 -21.02
CA LYS B 214 -20.31 -40.43 -20.84
C LYS B 214 -21.23 -40.84 -22.00
N GLY B 215 -21.11 -40.16 -23.16
CA GLY B 215 -21.87 -40.49 -24.36
C GLY B 215 -21.01 -41.19 -25.41
N HIS B 216 -19.76 -41.56 -25.03
CA HIS B 216 -18.77 -42.11 -25.97
C HIS B 216 -17.87 -43.17 -25.26
N LYS B 217 -17.09 -43.93 -26.07
CA LYS B 217 -16.17 -44.97 -25.58
C LYS B 217 -14.75 -44.42 -25.42
N ALA B 218 -13.87 -45.17 -24.74
CA ALA B 218 -12.45 -44.77 -24.62
C ALA B 218 -11.71 -44.96 -25.96
N GLY B 219 -10.66 -44.14 -26.15
CA GLY B 219 -9.80 -44.21 -27.33
C GLY B 219 -10.34 -43.47 -28.55
N GLU B 220 -11.36 -42.61 -28.36
CA GLU B 220 -11.92 -41.79 -29.46
C GLU B 220 -12.02 -40.31 -29.03
N GLU B 221 -11.82 -39.43 -30.03
CA GLU B 221 -11.80 -37.96 -29.84
C GLU B 221 -13.01 -37.33 -30.54
N PHE B 222 -13.52 -36.25 -29.94
CA PHE B 222 -14.73 -35.54 -30.40
C PHE B 222 -14.80 -34.15 -29.73
N THR B 223 -15.92 -33.44 -29.94
CA THR B 223 -16.19 -32.17 -29.25
C THR B 223 -17.63 -32.16 -28.72
N ILE B 224 -17.83 -31.50 -27.56
CA ILE B 224 -19.16 -31.28 -26.98
C ILE B 224 -19.40 -29.76 -26.84
N ASP B 225 -20.33 -29.24 -27.62
CA ASP B 225 -20.74 -27.83 -27.53
C ASP B 225 -21.92 -27.74 -26.57
N VAL B 226 -21.60 -27.48 -25.31
CA VAL B 226 -22.60 -27.39 -24.23
C VAL B 226 -22.81 -25.92 -23.86
N THR B 227 -23.54 -25.63 -22.78
CA THR B 227 -23.83 -24.25 -22.35
C THR B 227 -23.76 -24.13 -20.81
N PHE B 228 -23.01 -23.12 -20.32
CA PHE B 228 -22.91 -22.80 -18.89
C PHE B 228 -24.23 -22.17 -18.38
N PRO B 229 -24.72 -22.53 -17.15
CA PRO B 229 -25.96 -21.98 -16.57
C PRO B 229 -25.76 -20.64 -15.85
N GLU B 230 -26.88 -20.00 -15.45
CA GLU B 230 -26.86 -18.76 -14.65
C GLU B 230 -26.32 -19.00 -13.23
N GLU B 231 -26.30 -20.28 -12.82
CA GLU B 231 -25.73 -20.74 -11.54
C GLU B 231 -24.18 -20.70 -11.59
N TYR B 232 -23.62 -20.65 -12.82
CA TYR B 232 -22.18 -20.53 -13.01
C TYR B 232 -21.73 -19.07 -12.71
N HIS B 233 -20.48 -18.94 -12.21
CA HIS B 233 -20.05 -17.75 -11.44
C HIS B 233 -19.26 -16.71 -12.27
N ALA B 234 -19.51 -16.61 -13.59
CA ALA B 234 -18.82 -15.62 -14.48
C ALA B 234 -19.67 -15.34 -15.73
N GLU B 235 -19.83 -14.05 -16.09
CA GLU B 235 -20.82 -13.59 -17.10
C GLU B 235 -20.38 -13.89 -18.55
N ASN B 236 -19.05 -13.81 -18.82
CA ASN B 236 -18.47 -14.16 -20.15
C ASN B 236 -18.77 -15.62 -20.53
N LEU B 237 -18.91 -16.47 -19.51
CA LEU B 237 -19.00 -17.91 -19.70
C LEU B 237 -20.46 -18.41 -19.59
N LYS B 238 -21.20 -17.87 -18.58
CA LYS B 238 -22.59 -18.29 -18.32
C LYS B 238 -23.52 -17.69 -19.38
N GLY B 239 -24.54 -18.47 -19.79
CA GLY B 239 -25.48 -18.06 -20.83
C GLY B 239 -24.97 -18.39 -22.24
N LYS B 240 -23.63 -18.43 -22.42
CA LYS B 240 -22.98 -18.75 -23.69
C LYS B 240 -22.76 -20.26 -23.84
N ALA B 241 -22.70 -20.70 -25.11
CA ALA B 241 -22.29 -22.06 -25.49
C ALA B 241 -20.78 -22.25 -25.24
N ALA B 242 -20.28 -23.48 -25.41
CA ALA B 242 -18.86 -23.81 -25.17
C ALA B 242 -18.50 -25.13 -25.83
N LYS B 243 -17.68 -25.06 -26.89
CA LYS B 243 -17.16 -26.25 -27.58
C LYS B 243 -15.92 -26.79 -26.84
N PHE B 244 -16.02 -28.03 -26.36
CA PHE B 244 -14.96 -28.72 -25.59
C PHE B 244 -14.45 -29.91 -26.39
N ALA B 245 -13.23 -29.78 -26.94
CA ALA B 245 -12.60 -30.86 -27.72
C ALA B 245 -12.12 -31.99 -26.79
N ILE B 246 -13.03 -32.94 -26.52
CA ILE B 246 -12.82 -34.05 -25.59
C ILE B 246 -12.04 -35.18 -26.25
N ASN B 247 -10.91 -35.57 -25.67
CA ASN B 247 -10.13 -36.73 -26.11
C ASN B 247 -10.22 -37.82 -25.03
N LEU B 248 -11.17 -38.77 -25.19
CA LEU B 248 -11.33 -39.90 -24.23
C LEU B 248 -10.08 -40.77 -24.27
N LYS B 249 -9.19 -40.55 -23.30
CA LYS B 249 -7.88 -41.20 -23.21
C LYS B 249 -7.98 -42.46 -22.34
N LYS B 250 -8.25 -42.27 -21.03
CA LYS B 250 -8.34 -43.37 -20.04
C LYS B 250 -9.76 -43.41 -19.48
N VAL B 251 -10.34 -44.62 -19.40
CA VAL B 251 -11.61 -44.88 -18.68
C VAL B 251 -11.38 -46.06 -17.73
N GLU B 252 -11.57 -45.81 -16.44
CA GLU B 252 -11.31 -46.78 -15.36
C GLU B 252 -12.56 -46.93 -14.49
N GLU B 253 -13.03 -48.18 -14.29
CA GLU B 253 -14.23 -48.45 -13.52
C GLU B 253 -13.91 -48.43 -12.02
N ARG B 254 -14.82 -47.83 -11.23
CA ARG B 254 -14.65 -47.69 -9.78
C ARG B 254 -15.02 -49.02 -9.09
N GLU B 255 -13.99 -49.77 -8.75
CA GLU B 255 -14.09 -50.94 -7.88
C GLU B 255 -13.83 -50.48 -6.44
N LEU B 256 -14.32 -51.23 -5.44
CA LEU B 256 -14.05 -50.95 -4.02
C LEU B 256 -13.14 -52.06 -3.45
N PRO B 257 -11.78 -51.96 -3.62
CA PRO B 257 -10.83 -52.97 -3.14
C PRO B 257 -10.41 -52.75 -1.66
N GLU B 258 -9.52 -53.63 -1.18
CA GLU B 258 -8.95 -53.54 0.17
C GLU B 258 -7.97 -52.37 0.29
N LEU B 259 -7.52 -52.10 1.53
CA LEU B 259 -6.56 -51.03 1.83
C LEU B 259 -5.15 -51.51 1.42
N THR B 260 -4.90 -51.42 0.11
CA THR B 260 -3.70 -51.96 -0.56
C THR B 260 -2.45 -51.14 -0.24
N ALA B 261 -1.28 -51.83 -0.26
CA ALA B 261 0.04 -51.26 0.11
C ALA B 261 0.45 -50.10 -0.81
N GLU B 262 -0.14 -50.04 -2.02
CA GLU B 262 0.03 -48.90 -2.95
C GLU B 262 -0.51 -47.61 -2.29
N PHE B 263 -1.67 -47.74 -1.61
CA PHE B 263 -2.35 -46.61 -0.96
C PHE B 263 -1.70 -46.34 0.40
N ILE B 264 -1.38 -47.43 1.14
CA ILE B 264 -0.64 -47.35 2.43
C ILE B 264 0.60 -46.46 2.25
N LYS B 265 1.41 -46.80 1.22
CA LYS B 265 2.63 -46.06 0.86
C LYS B 265 2.26 -44.61 0.42
N ARG B 266 1.10 -44.46 -0.28
CA ARG B 266 0.70 -43.19 -0.92
C ARG B 266 0.32 -42.14 0.15
N PHE B 267 -0.14 -42.63 1.31
CA PHE B 267 -0.47 -41.79 2.47
C PHE B 267 0.81 -41.13 3.04
N GLY B 268 1.97 -41.78 2.78
CA GLY B 268 3.28 -41.32 3.28
C GLY B 268 3.84 -42.29 4.30
N VAL B 269 3.59 -43.59 4.08
CA VAL B 269 4.08 -44.66 4.96
C VAL B 269 5.29 -45.35 4.30
N GLU B 270 6.36 -45.49 5.09
CA GLU B 270 7.68 -45.92 4.61
C GLU B 270 7.79 -47.46 4.71
N ASP B 271 7.48 -47.99 5.90
CA ASP B 271 7.59 -49.42 6.23
C ASP B 271 6.49 -50.25 5.53
N GLY B 272 5.39 -49.59 5.11
CA GLY B 272 4.33 -50.24 4.33
C GLY B 272 3.39 -51.13 5.14
N SER B 273 3.82 -51.61 6.32
CA SER B 273 2.97 -52.38 7.25
C SER B 273 1.87 -51.48 7.87
N VAL B 274 0.64 -52.03 7.99
CA VAL B 274 -0.57 -51.25 8.33
C VAL B 274 -0.49 -50.64 9.75
N GLU B 275 0.13 -51.36 10.71
CA GLU B 275 0.43 -50.81 12.06
C GLU B 275 1.26 -49.51 11.98
N GLY B 276 2.14 -49.43 10.94
CA GLY B 276 2.88 -48.20 10.64
C GLY B 276 1.96 -47.14 10.06
N LEU B 277 0.96 -47.59 9.25
CA LEU B 277 0.00 -46.72 8.58
C LEU B 277 -0.87 -46.04 9.66
N ARG B 278 -1.23 -46.82 10.69
CA ARG B 278 -2.01 -46.33 11.84
C ARG B 278 -1.21 -45.28 12.63
N ALA B 279 0.12 -45.48 12.70
CA ALA B 279 1.03 -44.55 13.40
C ALA B 279 1.06 -43.19 12.70
N GLU B 280 1.31 -43.21 11.37
CA GLU B 280 1.27 -42.00 10.52
C GLU B 280 -0.11 -41.32 10.59
N VAL B 281 -1.17 -42.14 10.51
CA VAL B 281 -2.57 -41.69 10.58
C VAL B 281 -2.84 -40.96 11.91
N ARG B 282 -2.37 -41.56 13.03
CA ARG B 282 -2.58 -41.00 14.37
C ARG B 282 -1.78 -39.70 14.58
N LYS B 283 -0.60 -39.60 13.93
CA LYS B 283 0.20 -38.35 13.92
C LYS B 283 -0.53 -37.23 13.15
N ASN B 284 -1.17 -37.60 12.02
CA ASN B 284 -2.04 -36.67 11.25
C ASN B 284 -3.31 -36.36 12.04
N MET B 285 -3.80 -37.35 12.81
CA MET B 285 -5.05 -37.25 13.58
C MET B 285 -4.89 -36.24 14.71
N GLU B 286 -3.85 -36.36 15.54
CA GLU B 286 -3.59 -35.45 16.69
C GLU B 286 -3.66 -33.97 16.25
N ARG B 287 -2.92 -33.69 15.17
CA ARG B 287 -2.81 -32.36 14.57
C ARG B 287 -4.17 -31.87 14.04
N GLU B 288 -4.84 -32.74 13.24
CA GLU B 288 -6.14 -32.45 12.64
C GLU B 288 -7.22 -32.26 13.73
N LEU B 289 -7.46 -33.34 14.50
CA LEU B 289 -8.37 -33.42 15.68
C LEU B 289 -8.34 -32.13 16.53
N LYS B 290 -7.10 -31.72 16.89
CA LYS B 290 -6.85 -30.49 17.66
C LYS B 290 -7.48 -29.25 16.98
N SER B 291 -7.03 -29.01 15.73
CA SER B 291 -7.46 -27.83 14.94
C SER B 291 -8.89 -28.00 14.40
N ALA B 292 -9.43 -29.22 14.48
CA ALA B 292 -10.77 -29.57 14.00
C ALA B 292 -11.80 -29.10 15.02
N ILE B 293 -11.61 -29.53 16.28
CA ILE B 293 -12.43 -29.08 17.42
C ILE B 293 -12.24 -27.58 17.66
N ARG B 294 -10.99 -27.10 17.46
CA ARG B 294 -10.66 -25.66 17.55
C ARG B 294 -11.56 -24.88 16.57
N ASN B 295 -11.48 -25.25 15.27
CA ASN B 295 -12.21 -24.58 14.18
C ASN B 295 -13.72 -24.83 14.31
N ARG B 296 -14.12 -25.97 14.92
CA ARG B 296 -15.54 -26.35 15.08
C ARG B 296 -16.22 -25.39 16.08
N VAL B 297 -15.66 -25.32 17.31
CA VAL B 297 -16.20 -24.50 18.39
C VAL B 297 -16.09 -23.00 18.04
N LYS B 298 -15.00 -22.63 17.31
CA LYS B 298 -14.82 -21.26 16.76
C LYS B 298 -15.87 -20.97 15.67
N SER B 299 -16.20 -21.98 14.84
CA SER B 299 -17.21 -21.82 13.76
C SER B 299 -18.60 -21.54 14.36
N GLN B 300 -19.00 -22.38 15.32
CA GLN B 300 -20.28 -22.28 16.04
C GLN B 300 -20.37 -20.94 16.80
N ALA B 301 -19.24 -20.52 17.42
CA ALA B 301 -19.15 -19.24 18.15
C ALA B 301 -19.25 -18.04 17.19
N ILE B 302 -18.28 -17.90 16.26
CA ILE B 302 -18.23 -16.78 15.26
C ILE B 302 -19.57 -16.61 14.51
N GLU B 303 -20.09 -17.74 13.98
CA GLU B 303 -21.39 -17.78 13.31
C GLU B 303 -22.49 -17.32 14.28
N GLY B 304 -22.49 -17.90 15.49
CA GLY B 304 -23.46 -17.55 16.53
C GLY B 304 -23.49 -16.05 16.83
N LEU B 305 -22.30 -15.44 16.91
CA LEU B 305 -22.12 -14.01 17.22
C LEU B 305 -22.71 -13.11 16.11
N VAL B 306 -22.33 -13.37 14.84
CA VAL B 306 -22.81 -12.56 13.70
C VAL B 306 -24.33 -12.78 13.47
N LYS B 307 -24.71 -14.05 13.41
CA LYS B 307 -26.10 -14.50 13.18
C LYS B 307 -27.06 -14.07 14.32
N ALA B 308 -26.50 -13.86 15.53
CA ALA B 308 -27.29 -13.31 16.68
C ALA B 308 -27.64 -11.82 16.45
N ASN B 309 -26.80 -11.10 15.69
CA ASN B 309 -26.99 -9.66 15.44
C ASN B 309 -26.14 -9.20 14.25
N ASP B 310 -26.72 -9.33 13.04
CA ASP B 310 -26.14 -8.77 11.79
C ASP B 310 -26.28 -7.26 11.82
N ILE B 311 -25.28 -6.60 12.40
CA ILE B 311 -25.24 -5.15 12.60
C ILE B 311 -25.14 -4.38 11.26
N ASP B 312 -25.38 -3.06 11.33
CA ASP B 312 -25.20 -2.15 10.19
C ASP B 312 -23.70 -1.94 9.98
N VAL B 313 -23.15 -2.67 9.02
CA VAL B 313 -21.74 -2.65 8.69
C VAL B 313 -21.37 -1.41 7.86
N PRO B 314 -20.23 -0.72 8.19
CA PRO B 314 -19.79 0.46 7.42
C PRO B 314 -19.40 0.05 5.99
N ALA B 315 -20.26 0.46 5.03
CA ALA B 315 -20.19 0.05 3.61
C ALA B 315 -18.84 0.39 2.95
N ALA B 316 -18.13 1.38 3.52
CA ALA B 316 -16.77 1.77 3.07
C ALA B 316 -15.77 0.60 3.23
N LEU B 317 -15.88 -0.11 4.37
CA LEU B 317 -15.08 -1.31 4.67
C LEU B 317 -15.45 -2.44 3.69
N ILE B 318 -16.74 -2.51 3.30
CA ILE B 318 -17.24 -3.50 2.33
C ILE B 318 -16.70 -3.18 0.93
N ASP B 319 -16.59 -1.88 0.59
CA ASP B 319 -15.99 -1.43 -0.68
C ASP B 319 -14.52 -1.89 -0.75
N SER B 320 -13.77 -1.65 0.36
CA SER B 320 -12.36 -2.03 0.49
C SER B 320 -12.15 -3.57 0.34
N GLU B 321 -12.87 -4.33 1.18
CA GLU B 321 -12.77 -5.80 1.22
C GLU B 321 -13.17 -6.42 -0.12
N ILE B 322 -14.35 -6.02 -0.66
CA ILE B 322 -14.84 -6.49 -1.97
C ILE B 322 -13.86 -6.11 -3.09
N ASP B 323 -13.23 -4.93 -3.00
CA ASP B 323 -12.23 -4.47 -4.01
C ASP B 323 -11.01 -5.42 -4.09
N VAL B 324 -10.42 -5.70 -2.92
CA VAL B 324 -9.26 -6.61 -2.83
C VAL B 324 -9.63 -8.06 -3.21
N LEU B 325 -10.78 -8.53 -2.68
CA LEU B 325 -11.32 -9.89 -2.97
C LEU B 325 -11.62 -10.05 -4.46
N ARG B 326 -12.23 -9.01 -5.06
CA ARG B 326 -12.70 -9.05 -6.45
C ARG B 326 -11.50 -9.02 -7.40
N ARG B 327 -10.42 -8.32 -6.99
CA ARG B 327 -9.18 -8.26 -7.80
C ARG B 327 -8.47 -9.61 -7.79
N GLN B 328 -8.25 -10.15 -6.57
CA GLN B 328 -7.53 -11.44 -6.38
C GLN B 328 -8.37 -12.64 -6.92
N ALA B 329 -9.68 -12.42 -7.13
CA ALA B 329 -10.55 -13.39 -7.79
C ALA B 329 -10.47 -13.21 -9.32
N ALA B 330 -10.76 -11.99 -9.81
CA ALA B 330 -10.92 -11.71 -11.25
C ALA B 330 -9.63 -11.92 -12.06
N GLN B 331 -8.48 -11.66 -11.41
CA GLN B 331 -7.15 -11.84 -12.03
C GLN B 331 -6.70 -13.32 -12.02
N ARG B 332 -7.39 -14.13 -11.20
CA ARG B 332 -7.06 -15.55 -10.97
C ARG B 332 -8.11 -16.43 -11.69
N PHE B 333 -9.34 -16.36 -11.18
CA PHE B 333 -10.54 -16.91 -11.81
C PHE B 333 -10.99 -15.95 -12.94
N GLY B 334 -10.22 -15.96 -14.04
CA GLY B 334 -10.54 -15.20 -15.24
C GLY B 334 -9.31 -14.67 -15.95
N GLY B 335 -8.53 -13.84 -15.24
CA GLY B 335 -7.31 -13.22 -15.79
C GLY B 335 -7.39 -11.69 -15.91
N ASN B 336 -8.60 -11.10 -15.77
CA ASN B 336 -8.83 -9.64 -15.99
C ASN B 336 -9.75 -9.02 -14.92
N GLU B 337 -9.51 -7.71 -14.65
CA GLU B 337 -10.29 -6.86 -13.72
C GLU B 337 -11.82 -6.93 -13.97
N LYS B 338 -12.18 -7.00 -15.27
CA LYS B 338 -13.59 -6.99 -15.76
C LYS B 338 -14.43 -8.08 -15.05
N GLN B 339 -13.83 -9.29 -14.92
CA GLN B 339 -14.51 -10.50 -14.40
C GLN B 339 -15.17 -10.26 -13.02
N ALA B 340 -14.50 -9.42 -12.22
CA ALA B 340 -14.90 -9.08 -10.84
C ALA B 340 -16.38 -8.66 -10.74
N LEU B 341 -16.74 -7.66 -11.56
CA LEU B 341 -18.06 -7.03 -11.57
C LEU B 341 -19.15 -8.04 -11.98
N GLU B 342 -18.72 -9.10 -12.69
CA GLU B 342 -19.59 -10.15 -13.21
C GLU B 342 -19.92 -11.19 -12.11
N LEU B 343 -19.00 -11.35 -11.14
CA LEU B 343 -19.22 -12.31 -10.03
C LEU B 343 -20.27 -11.72 -9.07
N PRO B 344 -21.34 -12.51 -8.71
CA PRO B 344 -22.33 -12.09 -7.70
C PRO B 344 -21.63 -11.82 -6.35
N ARG B 345 -21.51 -10.52 -5.99
CA ARG B 345 -20.67 -10.03 -4.88
C ARG B 345 -20.99 -10.72 -3.54
N GLU B 346 -22.18 -11.37 -3.47
CA GLU B 346 -22.62 -12.17 -2.30
C GLU B 346 -21.54 -13.17 -1.83
N LEU B 347 -20.85 -13.83 -2.80
CA LEU B 347 -19.81 -14.83 -2.47
C LEU B 347 -18.52 -14.17 -1.92
N PHE B 348 -18.42 -12.83 -2.04
CA PHE B 348 -17.34 -12.02 -1.40
C PHE B 348 -17.83 -11.43 -0.08
N GLU B 349 -19.07 -10.90 -0.12
CA GLU B 349 -19.64 -10.02 0.91
C GLU B 349 -20.13 -10.83 2.13
N GLU B 350 -20.37 -12.14 1.93
CA GLU B 350 -20.66 -13.08 3.03
C GLU B 350 -19.49 -13.03 4.03
N GLN B 351 -18.29 -13.33 3.53
CA GLN B 351 -17.06 -13.38 4.33
C GLN B 351 -16.64 -11.97 4.77
N ALA B 352 -16.67 -11.01 3.85
CA ALA B 352 -16.25 -9.62 4.11
C ALA B 352 -17.08 -9.00 5.25
N LYS B 353 -18.42 -8.99 5.07
CA LYS B 353 -19.35 -8.45 6.07
C LYS B 353 -19.14 -9.15 7.42
N ARG B 354 -19.11 -10.50 7.42
CA ARG B 354 -18.85 -11.27 8.65
C ARG B 354 -17.47 -10.96 9.25
N ARG B 355 -16.50 -10.56 8.40
CA ARG B 355 -15.13 -10.26 8.88
C ARG B 355 -15.12 -8.94 9.64
N VAL B 356 -15.89 -7.95 9.13
CA VAL B 356 -16.00 -6.62 9.77
C VAL B 356 -16.97 -6.69 10.99
N VAL B 357 -18.01 -7.56 10.93
CA VAL B 357 -18.94 -7.76 12.06
C VAL B 357 -18.17 -8.35 13.25
N VAL B 358 -17.40 -9.42 12.98
CA VAL B 358 -16.50 -10.05 13.99
C VAL B 358 -15.43 -9.05 14.46
N GLY B 359 -14.89 -8.26 13.51
CA GLY B 359 -13.90 -7.22 13.81
C GLY B 359 -14.43 -6.15 14.77
N LEU B 360 -15.74 -5.87 14.67
CA LEU B 360 -16.43 -4.94 15.57
C LEU B 360 -16.89 -5.64 16.89
N LEU B 361 -17.34 -6.91 16.77
CA LEU B 361 -17.88 -7.69 17.91
C LEU B 361 -16.75 -8.06 18.88
N LEU B 362 -15.82 -8.92 18.41
CA LEU B 362 -14.65 -9.34 19.18
C LEU B 362 -13.74 -8.14 19.50
N GLY B 363 -13.78 -7.13 18.61
CA GLY B 363 -13.12 -5.85 18.85
C GLY B 363 -13.63 -5.17 20.11
N GLU B 364 -14.97 -5.08 20.21
CA GLU B 364 -15.69 -4.45 21.36
C GLU B 364 -15.30 -5.16 22.67
N VAL B 365 -15.19 -6.51 22.58
CA VAL B 365 -14.79 -7.35 23.71
C VAL B 365 -13.36 -7.00 24.18
N ILE B 366 -12.36 -7.22 23.29
CA ILE B 366 -10.92 -7.06 23.66
C ILE B 366 -10.59 -5.63 24.12
N ARG B 367 -11.29 -4.62 23.56
CA ARG B 367 -11.12 -3.21 23.95
C ARG B 367 -11.70 -2.95 25.36
N THR B 368 -13.02 -3.16 25.54
CA THR B 368 -13.74 -2.72 26.76
C THR B 368 -13.47 -3.67 27.96
N ASN B 369 -13.42 -4.98 27.67
CA ASN B 369 -13.02 -6.01 28.66
C ASN B 369 -11.50 -5.97 28.91
N GLU B 370 -10.77 -5.23 28.03
CA GLU B 370 -9.32 -4.94 28.18
C GLU B 370 -8.48 -6.25 28.14
N LEU B 371 -8.81 -7.11 27.16
CA LEU B 371 -8.12 -8.39 26.96
C LEU B 371 -6.70 -8.17 26.44
N LYS B 372 -5.71 -8.69 27.16
CA LYS B 372 -4.29 -8.55 26.81
C LYS B 372 -3.81 -9.88 26.25
N ALA B 373 -2.85 -9.82 25.31
CA ALA B 373 -2.29 -11.01 24.65
C ALA B 373 -1.53 -11.87 25.67
N ASP B 374 -2.20 -12.90 26.20
CA ASP B 374 -1.60 -13.90 27.10
C ASP B 374 -0.36 -14.52 26.45
N GLU B 375 0.83 -14.23 27.01
CA GLU B 375 2.11 -14.74 26.49
C GLU B 375 2.12 -16.28 26.46
N GLU B 376 1.43 -16.88 27.42
CA GLU B 376 1.24 -18.33 27.52
C GLU B 376 0.42 -18.87 26.33
N ARG B 377 -0.61 -18.09 25.92
CA ARG B 377 -1.59 -18.50 24.89
C ARG B 377 -0.98 -18.36 23.50
N VAL B 378 -0.29 -17.21 23.27
CA VAL B 378 0.35 -16.91 21.98
C VAL B 378 1.57 -17.84 21.79
N LYS B 379 2.38 -18.04 22.87
CA LYS B 379 3.48 -19.02 22.87
C LYS B 379 2.91 -20.43 22.62
N GLY B 380 1.72 -20.69 23.22
CA GLY B 380 1.01 -21.96 23.07
C GLY B 380 0.73 -22.32 21.61
N LEU B 381 -0.03 -21.46 20.90
CA LEU B 381 -0.42 -21.71 19.49
C LEU B 381 0.79 -21.66 18.54
N ILE B 382 1.78 -20.78 18.85
CA ILE B 382 3.06 -20.73 18.12
C ILE B 382 3.81 -22.06 18.29
N GLU B 383 3.80 -22.62 19.52
CA GLU B 383 4.50 -23.88 19.85
C GLU B 383 3.86 -25.07 19.10
N GLU B 384 2.50 -25.05 19.06
CA GLU B 384 1.70 -26.08 18.39
C GLU B 384 2.01 -26.11 16.88
N MET B 385 2.12 -24.93 16.23
CA MET B 385 2.52 -24.87 14.80
C MET B 385 4.06 -25.05 14.63
N ALA B 386 4.84 -24.72 15.68
CA ALA B 386 6.32 -24.76 15.65
C ALA B 386 6.85 -26.21 15.71
N SER B 387 6.03 -27.11 16.29
CA SER B 387 6.29 -28.57 16.28
C SER B 387 6.45 -29.12 14.84
N ALA B 388 5.84 -28.41 13.86
CA ALA B 388 5.90 -28.78 12.43
C ALA B 388 7.15 -28.20 11.73
N TYR B 389 7.85 -27.24 12.40
CA TYR B 389 9.07 -26.60 11.86
C TYR B 389 10.34 -27.32 12.36
N GLU B 390 11.51 -26.67 12.18
CA GLU B 390 12.82 -27.22 12.60
C GLU B 390 12.86 -27.48 14.12
N ASP B 391 12.95 -26.40 14.90
CA ASP B 391 13.16 -26.43 16.36
C ASP B 391 12.09 -25.57 17.05
N PRO B 392 11.00 -26.20 17.62
CA PRO B 392 9.87 -25.48 18.26
C PRO B 392 10.24 -24.26 19.13
N LYS B 393 11.01 -24.51 20.20
CA LYS B 393 11.38 -23.50 21.21
C LYS B 393 12.18 -22.33 20.58
N GLU B 394 13.03 -22.68 19.61
CA GLU B 394 13.85 -21.74 18.84
C GLU B 394 12.96 -20.87 17.92
N VAL B 395 11.84 -21.45 17.43
CA VAL B 395 10.89 -20.74 16.53
C VAL B 395 10.15 -19.67 17.34
N ILE B 396 9.66 -20.09 18.51
CA ILE B 396 9.01 -19.21 19.50
C ILE B 396 9.95 -18.03 19.87
N GLU B 397 11.21 -18.40 20.17
CA GLU B 397 12.29 -17.49 20.56
C GLU B 397 12.47 -16.35 19.53
N PHE B 398 12.71 -16.75 18.26
CA PHE B 398 12.99 -15.78 17.19
C PHE B 398 11.75 -14.94 16.85
N TYR B 399 10.55 -15.55 16.96
CA TYR B 399 9.27 -14.83 16.75
C TYR B 399 9.08 -13.73 17.80
N SER B 400 9.51 -14.00 19.05
CA SER B 400 9.48 -13.00 20.16
C SER B 400 10.51 -11.85 19.96
N LYS B 401 11.25 -11.88 18.82
CA LYS B 401 12.18 -10.80 18.40
C LYS B 401 11.70 -10.14 17.08
N ASN B 402 10.53 -10.56 16.59
CA ASN B 402 9.89 -9.97 15.39
C ASN B 402 8.57 -9.31 15.80
N LYS B 403 8.56 -7.97 15.78
CA LYS B 403 7.37 -7.15 16.13
C LYS B 403 6.18 -7.44 15.19
N GLU B 404 6.46 -7.45 13.89
CA GLU B 404 5.42 -7.56 12.84
C GLU B 404 4.66 -8.90 12.93
N LEU B 405 5.43 -9.99 13.03
CA LEU B 405 4.89 -11.35 13.09
C LEU B 405 4.17 -11.58 14.42
N MET B 406 4.82 -11.21 15.56
CA MET B 406 4.23 -11.36 16.90
C MET B 406 2.91 -10.60 17.00
N ASP B 407 2.83 -9.43 16.34
CA ASP B 407 1.60 -8.60 16.33
C ASP B 407 0.42 -9.40 15.78
N ASN B 408 0.64 -10.05 14.62
CA ASN B 408 -0.35 -10.93 13.96
C ASN B 408 -0.75 -12.09 14.88
N MET B 409 0.27 -12.71 15.53
CA MET B 409 0.05 -13.86 16.41
C MET B 409 -0.69 -13.45 17.70
N ARG B 410 -0.56 -12.18 18.10
CA ARG B 410 -1.29 -11.62 19.25
C ARG B 410 -2.74 -11.28 18.84
N ASN B 411 -2.93 -10.88 17.57
CA ASN B 411 -4.27 -10.60 17.02
C ASN B 411 -5.10 -11.90 17.01
N VAL B 412 -4.52 -13.00 16.47
CA VAL B 412 -5.23 -14.30 16.42
C VAL B 412 -5.42 -14.90 17.83
N ALA B 413 -4.46 -14.59 18.75
CA ALA B 413 -4.56 -14.98 20.16
C ALA B 413 -5.73 -14.25 20.82
N LEU B 414 -5.90 -12.95 20.51
CA LEU B 414 -6.99 -12.11 21.04
C LEU B 414 -8.32 -12.38 20.34
N GLU B 415 -8.27 -12.91 19.09
CA GLU B 415 -9.46 -13.37 18.37
C GLU B 415 -10.04 -14.57 19.09
N GLU B 416 -9.17 -15.58 19.34
CA GLU B 416 -9.54 -16.82 20.04
C GLU B 416 -9.90 -16.54 21.51
N GLN B 417 -9.21 -15.55 22.12
CA GLN B 417 -9.43 -15.13 23.52
C GLN B 417 -10.75 -14.34 23.66
N ALA B 418 -11.10 -13.54 22.63
CA ALA B 418 -12.36 -12.78 22.60
C ALA B 418 -13.54 -13.73 22.36
N VAL B 419 -13.31 -14.73 21.48
CA VAL B 419 -14.25 -15.85 21.26
C VAL B 419 -14.50 -16.56 22.60
N GLU B 420 -13.42 -16.85 23.34
CA GLU B 420 -13.47 -17.55 24.63
C GLU B 420 -14.13 -16.68 25.73
N ALA B 421 -13.92 -15.35 25.67
CA ALA B 421 -14.50 -14.39 26.63
C ALA B 421 -16.03 -14.37 26.55
N VAL B 422 -16.57 -14.29 25.32
CA VAL B 422 -18.02 -14.37 25.07
C VAL B 422 -18.53 -15.82 25.29
N LEU B 423 -17.66 -16.80 24.97
CA LEU B 423 -17.98 -18.26 25.09
C LEU B 423 -18.14 -18.68 26.56
N ALA B 424 -17.45 -17.96 27.47
CA ALA B 424 -17.55 -18.17 28.92
C ALA B 424 -19.01 -18.13 29.42
N LYS B 425 -19.82 -17.22 28.85
CA LYS B 425 -21.23 -17.04 29.23
C LYS B 425 -22.15 -17.76 28.22
N ALA B 426 -21.68 -17.87 26.96
CA ALA B 426 -22.42 -18.57 25.87
C ALA B 426 -22.58 -20.05 26.22
N LYS B 427 -23.75 -20.61 25.91
CA LYS B 427 -24.19 -21.93 26.39
C LYS B 427 -23.35 -23.07 25.77
N VAL B 428 -22.21 -23.39 26.40
CA VAL B 428 -21.32 -24.49 25.95
C VAL B 428 -21.90 -25.83 26.42
N THR B 429 -22.19 -26.72 25.46
CA THR B 429 -22.66 -28.08 25.73
C THR B 429 -21.63 -29.08 25.19
N GLU B 430 -20.98 -29.82 26.12
CA GLU B 430 -19.95 -30.82 25.76
C GLU B 430 -20.57 -31.94 24.90
N LYS B 431 -20.42 -31.78 23.58
CA LYS B 431 -21.00 -32.66 22.56
C LYS B 431 -20.16 -33.95 22.46
N GLU B 432 -20.46 -34.90 23.36
CA GLU B 432 -19.73 -36.18 23.44
C GLU B 432 -20.02 -37.03 22.20
N THR B 433 -19.07 -37.03 21.27
CA THR B 433 -19.22 -37.66 19.95
C THR B 433 -17.96 -38.46 19.59
N THR B 434 -17.97 -39.15 18.44
CA THR B 434 -16.81 -39.91 17.93
C THR B 434 -16.02 -39.08 16.92
N PHE B 435 -14.81 -39.54 16.57
CA PHE B 435 -13.94 -38.91 15.54
C PHE B 435 -14.72 -38.75 14.22
N ASN B 436 -15.51 -39.80 13.89
CA ASN B 436 -16.39 -39.85 12.70
C ASN B 436 -17.39 -38.68 12.70
N GLU B 437 -18.00 -38.41 13.86
CA GLU B 437 -19.04 -37.36 14.01
C GLU B 437 -18.44 -35.95 14.00
N LEU B 438 -17.14 -35.83 14.35
CA LEU B 438 -16.39 -34.56 14.22
C LEU B 438 -16.12 -34.26 12.73
N MET B 439 -15.80 -35.32 11.98
CA MET B 439 -15.55 -35.23 10.52
C MET B 439 -16.88 -35.22 9.74
N ASN B 440 -17.98 -35.50 10.46
CA ASN B 440 -19.36 -35.31 9.99
C ASN B 440 -19.93 -34.01 10.64
N GLN B 441 -18.99 -33.07 10.94
CA GLN B 441 -19.16 -31.81 11.75
C GLN B 441 -20.55 -31.59 12.39
N GLN B 442 -21.56 -31.26 11.56
CA GLN B 442 -22.94 -31.07 12.00
C GLN B 442 -23.52 -32.45 12.35
N ALA B 443 -23.49 -32.80 13.65
CA ALA B 443 -23.92 -34.11 14.14
C ALA B 443 -25.47 -34.22 14.09
N MET A 12 12.13 -30.08 4.58
CA MET A 12 12.30 -29.05 3.55
C MET A 12 13.76 -28.57 3.51
N GLN A 13 14.32 -28.42 2.30
CA GLN A 13 15.72 -27.99 2.10
C GLN A 13 15.87 -26.49 2.37
N VAL A 14 16.69 -26.13 3.38
CA VAL A 14 17.01 -24.73 3.71
C VAL A 14 18.54 -24.59 3.88
N SER A 15 19.12 -23.56 3.27
CA SER A 15 20.56 -23.30 3.34
C SER A 15 20.84 -21.78 3.29
N VAL A 16 21.37 -21.25 4.41
CA VAL A 16 21.78 -19.84 4.54
C VAL A 16 23.25 -19.69 4.12
N GLU A 17 23.53 -18.66 3.31
CA GLU A 17 24.90 -18.28 2.90
C GLU A 17 25.05 -16.77 3.05
N THR A 18 26.18 -16.33 3.61
CA THR A 18 26.48 -14.90 3.78
C THR A 18 26.77 -14.27 2.40
N THR A 19 25.90 -13.35 1.97
CA THR A 19 26.04 -12.64 0.69
C THR A 19 27.22 -11.63 0.78
N GLN A 20 27.27 -10.88 1.90
CA GLN A 20 28.33 -9.90 2.17
C GLN A 20 28.23 -9.38 3.63
N GLY A 21 29.05 -9.95 4.53
CA GLY A 21 29.17 -9.50 5.93
C GLY A 21 27.87 -9.66 6.71
N LEU A 22 27.06 -8.59 6.74
CA LEU A 22 25.72 -8.61 7.36
C LEU A 22 24.73 -9.33 6.42
N GLY A 23 24.88 -9.03 5.11
CA GLY A 23 24.05 -9.59 4.04
C GLY A 23 24.12 -11.11 3.96
N ARG A 24 22.98 -11.75 3.77
CA ARG A 24 22.81 -13.22 3.77
C ARG A 24 21.74 -13.63 2.75
N ARG A 25 21.66 -14.94 2.50
CA ARG A 25 20.80 -15.52 1.46
C ARG A 25 20.35 -16.92 1.92
N VAL A 26 19.14 -16.97 2.50
CA VAL A 26 18.52 -18.24 2.94
C VAL A 26 17.74 -18.84 1.76
N THR A 27 18.42 -19.70 0.98
CA THR A 27 17.79 -20.43 -0.13
C THR A 27 16.93 -21.57 0.43
N ILE A 28 15.61 -21.44 0.28
CA ILE A 28 14.62 -22.42 0.74
C ILE A 28 13.90 -23.05 -0.46
N THR A 29 14.08 -24.36 -0.63
CA THR A 29 13.39 -25.15 -1.65
C THR A 29 12.10 -25.73 -1.05
N ILE A 30 10.97 -25.07 -1.33
CA ILE A 30 9.63 -25.61 -0.98
C ILE A 30 9.34 -26.82 -1.87
N ALA A 31 9.23 -28.02 -1.26
CA ALA A 31 8.89 -29.26 -1.98
C ALA A 31 7.51 -29.13 -2.66
N ALA A 32 7.37 -29.78 -3.83
CA ALA A 32 6.12 -29.75 -4.63
C ALA A 32 4.91 -30.24 -3.81
N ASP A 33 5.14 -31.24 -2.93
CA ASP A 33 4.09 -31.78 -2.03
C ASP A 33 3.57 -30.68 -1.08
N SER A 34 4.51 -29.91 -0.51
CA SER A 34 4.21 -28.78 0.40
C SER A 34 3.38 -27.70 -0.31
N ILE A 35 3.69 -27.48 -1.62
CA ILE A 35 2.99 -26.50 -2.46
C ILE A 35 1.56 -27.00 -2.73
N GLU A 36 1.45 -28.18 -3.37
CA GLU A 36 0.16 -28.79 -3.80
C GLU A 36 -0.84 -28.87 -2.63
N THR A 37 -0.37 -29.38 -1.46
CA THR A 37 -1.20 -29.50 -0.25
C THR A 37 -1.73 -28.11 0.19
N ALA A 38 -0.83 -27.10 0.16
CA ALA A 38 -1.17 -25.71 0.53
C ALA A 38 -2.09 -25.04 -0.51
N VAL A 39 -2.03 -25.49 -1.78
CA VAL A 39 -2.96 -25.01 -2.84
C VAL A 39 -4.38 -25.50 -2.53
N LYS A 40 -4.47 -26.81 -2.24
CA LYS A 40 -5.73 -27.48 -1.86
C LYS A 40 -6.31 -26.87 -0.57
N SER A 41 -5.39 -26.49 0.36
CA SER A 41 -5.75 -25.82 1.62
C SER A 41 -6.35 -24.44 1.34
N GLU A 42 -5.72 -23.65 0.47
CA GLU A 42 -6.22 -22.30 0.10
C GLU A 42 -7.56 -22.40 -0.65
N LEU A 43 -7.72 -23.47 -1.47
CA LEU A 43 -8.97 -23.73 -2.21
C LEU A 43 -10.14 -23.99 -1.25
N VAL A 44 -9.94 -24.91 -0.28
CA VAL A 44 -11.01 -25.26 0.69
C VAL A 44 -11.27 -24.09 1.67
N ASN A 45 -10.21 -23.35 2.06
CA ASN A 45 -10.32 -22.16 2.94
C ASN A 45 -11.25 -21.12 2.29
N VAL A 46 -10.92 -20.71 1.05
CA VAL A 46 -11.74 -19.71 0.32
C VAL A 46 -13.13 -20.30 -0.02
N ALA A 47 -13.22 -21.64 -0.20
CA ALA A 47 -14.50 -22.34 -0.44
C ALA A 47 -15.33 -22.50 0.86
N LYS A 48 -14.71 -22.24 2.03
CA LYS A 48 -15.43 -22.17 3.32
C LYS A 48 -15.92 -20.74 3.58
N LYS A 49 -15.07 -19.75 3.29
CA LYS A 49 -15.39 -18.33 3.54
C LYS A 49 -16.44 -17.80 2.54
N VAL A 50 -16.29 -18.20 1.26
CA VAL A 50 -17.29 -17.92 0.20
C VAL A 50 -18.43 -18.96 0.27
N ARG A 51 -18.15 -20.12 0.94
CA ARG A 51 -19.16 -21.15 1.31
C ARG A 51 -19.61 -22.01 0.07
N ILE A 52 -18.95 -21.80 -1.08
CA ILE A 52 -19.19 -22.58 -2.31
C ILE A 52 -18.33 -23.87 -2.28
N ASP A 53 -18.92 -24.96 -1.78
CA ASP A 53 -18.28 -26.30 -1.78
C ASP A 53 -18.52 -27.00 -3.12
N GLY A 54 -17.89 -26.44 -4.18
CA GLY A 54 -18.10 -26.88 -5.56
C GLY A 54 -19.50 -26.53 -6.04
N PHE A 55 -20.46 -27.41 -5.72
CA PHE A 55 -21.90 -27.22 -6.03
C PHE A 55 -22.70 -26.93 -4.74
N ARG A 56 -21.97 -26.70 -3.62
CA ARG A 56 -22.54 -26.56 -2.25
C ARG A 56 -23.23 -27.89 -1.84
N LYS A 57 -22.59 -29.01 -2.25
CA LYS A 57 -23.11 -30.37 -1.97
C LYS A 57 -21.94 -31.28 -1.52
N GLY A 58 -20.89 -30.62 -0.98
CA GLY A 58 -19.82 -31.30 -0.24
C GLY A 58 -18.60 -31.68 -1.07
N LYS A 59 -18.82 -32.45 -2.16
CA LYS A 59 -17.73 -33.17 -2.85
C LYS A 59 -17.06 -32.34 -3.97
N VAL A 60 -16.28 -33.06 -4.85
CA VAL A 60 -15.42 -32.52 -5.91
C VAL A 60 -14.09 -32.05 -5.25
N PRO A 61 -13.07 -32.98 -5.16
CA PRO A 61 -11.84 -32.76 -4.38
C PRO A 61 -10.95 -31.65 -4.97
N MET A 62 -10.24 -30.95 -4.08
CA MET A 62 -9.37 -29.82 -4.42
C MET A 62 -8.08 -30.28 -5.12
N ASN A 63 -7.79 -31.62 -5.08
CA ASN A 63 -6.62 -32.24 -5.74
C ASN A 63 -6.60 -31.95 -7.25
N ILE A 64 -7.69 -32.32 -7.94
CA ILE A 64 -7.82 -32.13 -9.40
C ILE A 64 -7.97 -30.63 -9.76
N VAL A 65 -8.82 -29.92 -8.97
CA VAL A 65 -9.11 -28.47 -9.20
C VAL A 65 -7.81 -27.65 -9.16
N ALA A 66 -6.94 -27.97 -8.18
CA ALA A 66 -5.61 -27.35 -8.03
C ALA A 66 -4.69 -27.72 -9.19
N GLN A 67 -4.28 -29.00 -9.20
CA GLN A 67 -3.16 -29.52 -10.00
C GLN A 67 -3.39 -29.26 -11.51
N ARG A 68 -4.64 -29.44 -11.95
CA ARG A 68 -5.00 -29.30 -13.37
C ARG A 68 -5.10 -27.81 -13.80
N TYR A 69 -6.09 -27.08 -13.25
CA TYR A 69 -6.47 -25.72 -13.77
C TYR A 69 -6.44 -24.62 -12.69
N GLY A 70 -6.05 -24.95 -11.45
CA GLY A 70 -5.92 -23.95 -10.37
C GLY A 70 -4.50 -23.42 -10.26
N ALA A 71 -3.96 -22.97 -11.40
CA ALA A 71 -2.56 -22.49 -11.50
C ALA A 71 -2.42 -21.03 -11.03
N SER A 72 -3.54 -20.30 -11.03
CA SER A 72 -3.61 -18.86 -10.68
C SER A 72 -3.42 -18.61 -9.18
N VAL A 73 -4.08 -19.46 -8.35
CA VAL A 73 -4.03 -19.38 -6.88
C VAL A 73 -2.59 -19.64 -6.34
N ARG A 74 -1.72 -20.28 -7.16
CA ARG A 74 -0.30 -20.54 -6.82
C ARG A 74 0.45 -19.27 -6.38
N GLN A 75 0.02 -18.09 -6.86
CA GLN A 75 0.63 -16.80 -6.45
C GLN A 75 0.39 -16.54 -4.93
N ASP A 76 -0.87 -16.73 -4.51
CA ASP A 76 -1.30 -16.58 -3.11
C ASP A 76 -0.64 -17.65 -2.22
N VAL A 77 -0.62 -18.89 -2.75
CA VAL A 77 -0.06 -20.07 -2.06
C VAL A 77 1.41 -19.85 -1.75
N LEU A 78 2.22 -19.60 -2.81
CA LEU A 78 3.67 -19.32 -2.66
C LEU A 78 3.90 -18.07 -1.80
N GLY A 79 3.00 -17.08 -1.94
CA GLY A 79 3.01 -15.87 -1.10
C GLY A 79 2.77 -16.17 0.38
N ASP A 80 1.99 -17.25 0.66
CA ASP A 80 1.74 -17.72 2.03
C ASP A 80 2.97 -18.51 2.52
N LEU A 81 3.52 -19.34 1.62
CA LEU A 81 4.61 -20.29 1.92
C LEU A 81 5.97 -19.58 2.12
N MET A 82 6.13 -18.39 1.50
CA MET A 82 7.33 -17.55 1.69
C MET A 82 7.43 -17.07 3.14
N SER A 83 6.27 -16.97 3.82
CA SER A 83 6.19 -16.64 5.24
C SER A 83 6.08 -17.92 6.09
N ARG A 84 5.30 -18.90 5.60
CA ARG A 84 4.90 -20.12 6.35
C ARG A 84 6.11 -21.01 6.61
N ASN A 85 6.81 -21.35 5.52
CA ASN A 85 7.93 -22.29 5.52
C ASN A 85 9.20 -21.62 6.05
N PHE A 86 9.33 -20.30 5.78
CA PHE A 86 10.45 -19.49 6.28
C PHE A 86 10.39 -19.40 7.82
N ILE A 87 9.23 -18.96 8.36
CA ILE A 87 9.06 -18.71 9.81
C ILE A 87 9.28 -20.01 10.61
N ASP A 88 8.91 -21.13 9.99
CA ASP A 88 9.11 -22.47 10.53
C ASP A 88 10.63 -22.79 10.57
N ALA A 89 11.26 -22.73 9.38
CA ALA A 89 12.66 -23.16 9.14
C ALA A 89 13.69 -22.42 10.03
N ILE A 90 13.43 -21.14 10.30
CA ILE A 90 14.38 -20.27 11.02
C ILE A 90 14.34 -20.48 12.54
N ILE A 91 13.47 -21.42 13.01
CA ILE A 91 13.40 -21.82 14.43
C ILE A 91 14.49 -22.91 14.72
N LYS A 92 15.75 -22.46 14.52
CA LYS A 92 17.00 -23.23 14.66
C LYS A 92 18.16 -22.34 14.17
N GLU A 93 17.96 -21.74 12.97
CA GLU A 93 18.96 -20.88 12.32
C GLU A 93 19.05 -19.51 13.03
N LYS A 94 17.92 -19.11 13.66
CA LYS A 94 17.79 -17.85 14.44
C LYS A 94 18.07 -16.63 13.55
N ILE A 95 17.15 -16.40 12.60
CA ILE A 95 17.28 -15.36 11.57
C ILE A 95 16.64 -14.04 12.03
N ASN A 96 17.39 -12.93 11.87
CA ASN A 96 16.92 -11.57 12.19
C ASN A 96 17.12 -10.65 10.94
N PRO A 97 16.08 -10.53 10.06
CA PRO A 97 16.14 -9.62 8.88
C PRO A 97 16.12 -8.13 9.27
N ALA A 98 16.95 -7.33 8.60
CA ALA A 98 17.00 -5.88 8.79
C ALA A 98 15.79 -5.24 8.10
N GLY A 99 14.68 -5.15 8.84
CA GLY A 99 13.44 -4.53 8.37
C GLY A 99 12.75 -5.35 7.28
N ALA A 100 13.23 -5.20 6.03
CA ALA A 100 12.65 -5.83 4.83
C ALA A 100 13.58 -6.95 4.28
N PRO A 101 13.20 -8.25 4.46
CA PRO A 101 13.88 -9.38 3.77
C PRO A 101 13.43 -9.48 2.29
N THR A 102 14.40 -9.33 1.37
CA THR A 102 14.17 -9.43 -0.07
C THR A 102 13.99 -10.90 -0.50
N TYR A 103 12.72 -11.34 -0.61
CA TYR A 103 12.35 -12.68 -1.10
C TYR A 103 12.54 -12.76 -2.62
N VAL A 104 13.76 -13.15 -3.05
CA VAL A 104 14.09 -13.36 -4.47
C VAL A 104 13.34 -14.61 -4.98
N PRO A 105 12.31 -14.45 -5.87
CA PRO A 105 11.47 -15.59 -6.31
C PRO A 105 12.10 -16.33 -7.52
N GLY A 106 11.29 -17.19 -8.15
CA GLY A 106 11.71 -17.95 -9.32
C GLY A 106 10.53 -18.30 -10.21
N GLU A 107 10.80 -19.00 -11.31
CA GLU A 107 9.78 -19.47 -12.25
C GLU A 107 9.14 -20.75 -11.70
N TYR A 108 7.90 -20.65 -11.20
CA TYR A 108 7.14 -21.81 -10.74
C TYR A 108 6.81 -22.70 -11.96
N LYS A 109 7.24 -23.95 -11.88
CA LYS A 109 6.88 -24.99 -12.85
C LYS A 109 5.87 -25.92 -12.16
N LEU A 110 4.80 -26.28 -12.89
CA LEU A 110 3.65 -27.03 -12.35
C LEU A 110 4.11 -28.45 -11.93
N GLY A 111 3.86 -28.78 -10.65
CA GLY A 111 4.23 -30.09 -10.10
C GLY A 111 5.69 -30.18 -9.68
N GLU A 112 6.46 -29.09 -9.88
CA GLU A 112 7.87 -29.00 -9.47
C GLU A 112 7.99 -28.19 -8.17
N ASP A 113 9.13 -28.37 -7.47
CA ASP A 113 9.45 -27.59 -6.26
C ASP A 113 9.75 -26.12 -6.61
N PHE A 114 9.48 -25.23 -5.65
CA PHE A 114 9.72 -23.79 -5.80
C PHE A 114 10.81 -23.36 -4.81
N THR A 115 11.93 -22.88 -5.34
CA THR A 115 13.05 -22.37 -4.54
C THR A 115 13.03 -20.83 -4.54
N TYR A 116 13.12 -20.22 -3.36
CA TYR A 116 13.20 -18.74 -3.21
C TYR A 116 14.37 -18.41 -2.25
N SER A 117 15.08 -17.33 -2.55
CA SER A 117 16.29 -16.92 -1.83
C SER A 117 16.01 -15.65 -1.00
N VAL A 118 15.94 -15.81 0.32
CA VAL A 118 15.65 -14.70 1.24
C VAL A 118 16.96 -13.93 1.52
N GLU A 119 17.18 -12.85 0.75
CA GLU A 119 18.36 -11.98 0.91
C GLU A 119 18.04 -10.78 1.82
N PHE A 120 18.91 -10.55 2.80
CA PHE A 120 18.73 -9.53 3.84
C PHE A 120 20.06 -9.31 4.57
N GLU A 121 20.27 -8.10 5.08
CA GLU A 121 21.30 -7.87 6.11
C GLU A 121 20.70 -8.33 7.46
N VAL A 122 21.55 -8.91 8.33
CA VAL A 122 21.14 -9.19 9.72
C VAL A 122 20.98 -7.87 10.48
N TYR A 123 19.98 -7.79 11.38
CA TYR A 123 19.63 -6.54 12.06
C TYR A 123 20.36 -6.43 13.42
N PRO A 124 21.39 -5.53 13.56
CA PRO A 124 21.97 -5.20 14.86
C PRO A 124 21.31 -3.96 15.50
N GLU A 125 21.50 -3.80 16.81
CA GLU A 125 21.10 -2.60 17.54
C GLU A 125 22.25 -1.58 17.43
N VAL A 126 21.95 -0.45 16.77
CA VAL A 126 22.94 0.59 16.43
C VAL A 126 23.47 1.31 17.70
N GLU A 127 24.78 1.60 17.68
CA GLU A 127 25.44 2.39 18.72
C GLU A 127 25.35 3.89 18.38
N LEU A 128 24.69 4.64 19.25
CA LEU A 128 24.45 6.09 19.09
C LEU A 128 25.40 6.88 20.00
N GLN A 129 26.50 7.37 19.41
CA GLN A 129 27.53 8.17 20.10
C GLN A 129 27.43 9.65 19.69
N GLY A 130 28.19 10.50 20.40
CA GLY A 130 28.36 11.91 20.05
C GLY A 130 27.27 12.82 20.61
N LEU A 131 26.53 12.35 21.64
CA LEU A 131 25.40 13.09 22.26
C LEU A 131 25.82 14.50 22.74
N GLU A 132 27.03 14.56 23.33
CA GLU A 132 27.65 15.82 23.78
C GLU A 132 28.18 16.65 22.58
N ALA A 133 28.56 15.95 21.50
CA ALA A 133 29.19 16.57 20.30
C ALA A 133 28.13 17.19 19.38
N ILE A 134 26.85 16.79 19.56
CA ILE A 134 25.70 17.41 18.87
C ILE A 134 25.58 18.90 19.28
N GLU A 135 25.53 19.78 18.28
CA GLU A 135 25.48 21.24 18.46
C GLU A 135 24.11 21.74 17.99
N VAL A 136 23.49 22.60 18.81
CA VAL A 136 22.11 23.04 18.62
C VAL A 136 22.06 24.56 18.34
N GLU A 137 21.56 24.90 17.15
CA GLU A 137 21.31 26.29 16.74
C GLU A 137 19.90 26.63 17.23
N LYS A 138 19.84 27.35 18.38
CA LYS A 138 18.59 27.76 19.01
C LYS A 138 18.44 29.28 18.83
N PRO A 139 17.87 29.75 17.66
CA PRO A 139 17.85 31.17 17.28
C PRO A 139 16.80 31.95 18.07
N ILE A 140 17.24 32.67 19.10
CA ILE A 140 16.38 33.54 19.90
C ILE A 140 16.09 34.81 19.11
N VAL A 141 14.99 34.73 18.35
CA VAL A 141 14.52 35.81 17.48
C VAL A 141 13.26 36.46 18.06
N GLU A 142 12.99 37.67 17.59
CA GLU A 142 11.73 38.37 17.82
C GLU A 142 11.46 39.24 16.59
N VAL A 143 10.25 39.09 16.03
CA VAL A 143 9.83 39.89 14.89
C VAL A 143 9.29 41.22 15.42
N THR A 144 10.13 42.25 15.42
CA THR A 144 9.68 43.61 15.73
C THR A 144 8.95 44.18 14.51
N ASP A 145 8.20 45.28 14.69
CA ASP A 145 7.50 45.93 13.56
C ASP A 145 8.51 46.49 12.53
N ALA A 146 9.76 46.73 13.01
CA ALA A 146 10.90 47.15 12.17
C ALA A 146 11.42 45.96 11.31
N ASP A 147 11.44 44.73 11.91
CA ASP A 147 11.71 43.48 11.16
C ASP A 147 10.69 43.32 10.05
N VAL A 148 9.40 43.50 10.41
CA VAL A 148 8.28 43.40 9.46
C VAL A 148 8.41 44.44 8.35
N ASP A 149 8.75 45.69 8.73
CA ASP A 149 8.80 46.85 7.80
C ASP A 149 9.91 46.66 6.74
N GLY A 150 11.12 46.29 7.21
CA GLY A 150 12.28 46.07 6.32
C GLY A 150 12.10 44.86 5.42
N MET A 151 11.53 43.77 6.00
CA MET A 151 11.22 42.55 5.25
C MET A 151 10.15 42.84 4.19
N LEU A 152 9.15 43.67 4.57
CA LEU A 152 8.02 44.03 3.69
C LEU A 152 8.54 44.88 2.53
N ASP A 153 9.55 45.71 2.82
CA ASP A 153 10.27 46.51 1.81
C ASP A 153 10.95 45.60 0.77
N THR A 154 11.80 44.66 1.25
CA THR A 154 12.49 43.70 0.36
C THR A 154 11.49 42.76 -0.35
N LEU A 155 10.31 42.54 0.28
CA LEU A 155 9.23 41.69 -0.26
C LEU A 155 8.54 42.44 -1.41
N ARG A 156 8.26 43.75 -1.21
CA ARG A 156 7.55 44.57 -2.21
C ARG A 156 8.48 44.91 -3.39
N LYS A 157 9.80 44.74 -3.19
CA LYS A 157 10.81 44.79 -4.27
C LYS A 157 10.97 43.41 -4.96
N GLN A 158 10.86 42.30 -4.19
CA GLN A 158 11.04 40.92 -4.72
C GLN A 158 9.81 40.51 -5.58
N GLN A 159 8.62 40.60 -4.97
CA GLN A 159 7.32 40.36 -5.64
C GLN A 159 6.74 41.70 -6.15
N ALA A 160 7.64 42.55 -6.71
CA ALA A 160 7.27 43.84 -7.32
C ALA A 160 6.50 43.67 -8.64
N THR A 161 5.89 44.76 -9.11
CA THR A 161 5.18 44.81 -10.40
C THR A 161 6.16 44.77 -11.59
N TRP A 162 5.60 44.77 -12.81
CA TRP A 162 6.36 44.62 -14.06
C TRP A 162 5.86 45.65 -15.09
N LYS A 163 6.51 45.69 -16.27
CA LYS A 163 6.03 46.47 -17.42
C LYS A 163 6.51 45.81 -18.73
N GLU A 164 5.71 45.95 -19.79
CA GLU A 164 6.02 45.40 -21.11
C GLU A 164 7.20 46.16 -21.75
N LYS A 165 8.38 45.57 -21.58
CA LYS A 165 9.67 46.11 -22.03
C LYS A 165 10.04 45.52 -23.40
N ASP A 166 10.72 46.32 -24.22
CA ASP A 166 11.35 45.86 -25.48
C ASP A 166 12.57 46.73 -25.79
N GLY A 167 13.77 46.19 -25.47
CA GLY A 167 15.03 46.87 -25.73
C GLY A 167 16.15 45.84 -25.90
N ALA A 168 16.64 45.36 -24.76
CA ALA A 168 17.56 44.23 -24.67
C ALA A 168 17.33 43.57 -23.30
N VAL A 169 17.09 42.24 -23.30
CA VAL A 169 16.84 41.47 -22.07
C VAL A 169 18.12 41.50 -21.21
N GLU A 170 18.00 41.89 -19.94
CA GLU A 170 19.14 41.94 -19.00
C GLU A 170 18.93 40.89 -17.90
N ALA A 171 20.03 40.48 -17.24
CA ALA A 171 20.00 39.60 -16.05
C ALA A 171 19.40 40.33 -14.81
N GLU A 172 19.11 41.64 -14.97
CA GLU A 172 18.41 42.48 -13.98
C GLU A 172 16.96 42.76 -14.46
N ASP A 173 16.47 41.95 -15.42
CA ASP A 173 15.07 42.02 -15.90
C ASP A 173 14.41 40.64 -15.86
N ARG A 174 13.10 40.62 -16.12
CA ARG A 174 12.33 39.40 -16.32
C ARG A 174 12.06 39.21 -17.83
N VAL A 175 11.79 37.97 -18.22
CA VAL A 175 11.35 37.64 -19.58
C VAL A 175 10.43 36.40 -19.52
N THR A 176 9.20 36.56 -20.04
CA THR A 176 8.24 35.46 -20.19
C THR A 176 8.33 34.94 -21.63
N ILE A 177 8.79 33.69 -21.78
CA ILE A 177 8.98 33.05 -23.09
C ILE A 177 8.21 31.74 -23.17
N ASP A 178 8.28 31.11 -24.34
CA ASP A 178 7.87 29.71 -24.53
C ASP A 178 8.88 29.04 -25.44
N PHE A 179 9.31 27.84 -25.05
CA PHE A 179 10.35 27.09 -25.76
C PHE A 179 10.13 25.58 -25.63
N THR A 180 10.86 24.82 -26.46
CA THR A 180 10.92 23.36 -26.38
C THR A 180 12.40 22.93 -26.31
N GLY A 181 12.71 22.10 -25.32
CA GLY A 181 14.05 21.56 -25.11
C GLY A 181 14.23 20.20 -25.77
N SER A 182 15.35 20.03 -26.50
CA SER A 182 15.68 18.78 -27.19
C SER A 182 17.14 18.43 -26.94
N VAL A 183 17.37 17.46 -26.04
CA VAL A 183 18.72 17.01 -25.67
C VAL A 183 19.28 16.13 -26.78
N ASP A 184 20.31 16.63 -27.50
CA ASP A 184 21.05 15.85 -28.51
C ASP A 184 20.08 15.37 -29.63
N GLY A 185 19.13 16.25 -30.00
CA GLY A 185 18.14 15.98 -31.05
C GLY A 185 16.80 15.48 -30.52
N GLU A 186 16.77 15.01 -29.26
CA GLU A 186 15.60 14.32 -28.67
C GLU A 186 14.96 15.16 -27.56
N GLU A 187 13.66 15.49 -27.74
CA GLU A 187 12.87 16.23 -26.75
C GLU A 187 12.58 15.31 -25.56
N PHE A 188 13.29 15.56 -24.44
CA PHE A 188 13.08 14.84 -23.17
C PHE A 188 11.64 15.11 -22.65
N GLU A 189 11.06 14.08 -21.99
CA GLU A 189 9.61 14.01 -21.68
C GLU A 189 9.17 15.13 -20.71
N GLY A 190 8.27 16.00 -21.19
CA GLY A 190 7.83 17.17 -20.42
C GLY A 190 8.90 18.24 -20.31
N GLY A 191 9.83 18.24 -21.29
CA GLY A 191 11.01 19.12 -21.26
C GLY A 191 10.79 20.41 -22.01
N LYS A 192 9.74 21.15 -21.61
CA LYS A 192 9.39 22.46 -22.18
C LYS A 192 8.43 23.19 -21.24
N ALA A 193 8.31 24.51 -21.44
CA ALA A 193 7.46 25.38 -20.62
C ALA A 193 7.03 26.61 -21.42
N SER A 194 5.73 26.67 -21.76
CA SER A 194 5.11 27.89 -22.29
C SER A 194 4.83 28.85 -21.11
N ASP A 195 4.99 30.16 -21.37
CA ASP A 195 4.86 31.21 -20.35
C ASP A 195 5.94 31.05 -19.24
N PHE A 196 7.12 30.51 -19.63
CA PHE A 196 8.29 30.39 -18.75
C PHE A 196 8.71 31.77 -18.22
N VAL A 197 8.67 31.92 -16.89
CA VAL A 197 8.94 33.20 -16.22
C VAL A 197 10.38 33.21 -15.66
N LEU A 198 11.31 33.80 -16.44
CA LEU A 198 12.69 34.04 -15.99
C LEU A 198 12.74 35.40 -15.30
N ALA A 199 12.48 35.42 -13.99
CA ALA A 199 12.56 36.64 -13.16
C ALA A 199 13.93 36.72 -12.49
N MET A 200 14.60 37.86 -12.63
CA MET A 200 15.88 38.16 -11.94
C MET A 200 15.74 38.15 -10.39
N GLY A 201 16.89 38.19 -9.70
CA GLY A 201 16.94 38.24 -8.25
C GLY A 201 16.61 36.90 -7.61
N GLN A 202 17.09 35.81 -8.26
CA GLN A 202 16.87 34.43 -7.81
C GLN A 202 18.21 33.65 -7.90
N GLY A 203 18.21 32.38 -7.43
CA GLY A 203 19.39 31.51 -7.47
C GLY A 203 19.68 30.99 -8.88
N ARG A 204 20.53 31.73 -9.62
CA ARG A 204 20.80 31.62 -11.09
C ARG A 204 20.77 30.18 -11.70
N MET A 205 20.34 30.11 -12.99
CA MET A 205 20.26 28.85 -13.79
C MET A 205 21.64 28.45 -14.34
N ILE A 206 21.68 27.36 -15.14
CA ILE A 206 22.91 26.90 -15.81
C ILE A 206 23.43 27.93 -16.85
N PRO A 207 24.78 28.02 -17.09
CA PRO A 207 25.35 28.88 -18.15
C PRO A 207 24.89 28.44 -19.55
N GLY A 208 25.14 29.31 -20.55
CA GLY A 208 24.70 29.06 -21.93
C GLY A 208 23.30 29.61 -22.20
N PHE A 209 22.31 29.13 -21.42
CA PHE A 209 20.89 29.50 -21.58
C PHE A 209 20.73 31.02 -21.45
N GLU A 210 21.16 31.55 -20.28
CA GLU A 210 21.15 32.98 -19.93
C GLU A 210 21.72 33.84 -21.07
N ASP A 211 22.89 33.40 -21.58
CA ASP A 211 23.68 34.11 -22.62
C ASP A 211 22.85 34.35 -23.90
N GLY A 212 21.97 33.39 -24.25
CA GLY A 212 21.14 33.49 -25.44
C GLY A 212 20.00 34.48 -25.22
N ILE A 213 19.28 34.23 -24.12
CA ILE A 213 18.07 34.99 -23.72
C ILE A 213 18.38 36.50 -23.61
N LYS A 214 19.44 36.83 -22.85
CA LYS A 214 19.82 38.22 -22.56
C LYS A 214 20.61 38.87 -23.71
N GLY A 215 20.85 38.11 -24.80
CA GLY A 215 21.58 38.63 -25.95
C GLY A 215 20.64 39.10 -27.06
N HIS A 216 19.33 39.26 -26.73
CA HIS A 216 18.27 39.52 -27.72
C HIS A 216 17.15 40.43 -27.15
N LYS A 217 16.10 40.65 -27.98
CA LYS A 217 14.95 41.56 -27.66
C LYS A 217 13.61 40.90 -28.05
N ALA A 218 12.50 41.38 -27.45
CA ALA A 218 11.16 40.77 -27.58
C ALA A 218 10.66 40.79 -29.04
N GLY A 219 10.31 39.60 -29.55
CA GLY A 219 9.82 39.42 -30.91
C GLY A 219 10.53 38.28 -31.63
N GLU A 220 11.81 38.08 -31.26
CA GLU A 220 12.70 37.12 -31.93
C GLU A 220 12.41 35.67 -31.51
N GLU A 221 12.42 34.76 -32.50
CA GLU A 221 12.16 33.32 -32.32
C GLU A 221 13.37 32.53 -32.90
N PHE A 222 14.18 31.96 -31.99
CA PHE A 222 15.47 31.33 -32.32
C PHE A 222 15.76 30.17 -31.37
N THR A 223 16.61 29.23 -31.79
CA THR A 223 17.02 28.08 -30.97
C THR A 223 18.42 28.33 -30.35
N ILE A 224 18.55 28.04 -29.04
CA ILE A 224 19.84 28.12 -28.32
C ILE A 224 20.27 26.69 -27.87
N ASP A 225 21.43 26.22 -28.36
CA ASP A 225 21.99 24.92 -27.93
C ASP A 225 22.98 25.15 -26.79
N VAL A 226 22.67 24.56 -25.62
CA VAL A 226 23.54 24.66 -24.44
C VAL A 226 23.88 23.24 -23.97
N THR A 227 25.16 23.01 -23.66
CA THR A 227 25.61 21.73 -23.13
C THR A 227 25.26 21.65 -21.63
N PHE A 228 24.43 20.66 -21.25
CA PHE A 228 24.10 20.39 -19.84
C PHE A 228 25.40 20.10 -19.04
N PRO A 229 25.58 20.71 -17.84
CA PRO A 229 26.76 20.47 -16.98
C PRO A 229 26.86 19.00 -16.53
N GLU A 230 28.08 18.54 -16.27
CA GLU A 230 28.34 17.20 -15.69
C GLU A 230 27.80 17.09 -14.23
N GLU A 231 27.44 18.25 -13.68
CA GLU A 231 26.80 18.40 -12.35
C GLU A 231 25.27 18.11 -12.41
N TYR A 232 24.69 18.24 -13.63
CA TYR A 232 23.22 18.11 -13.85
C TYR A 232 22.70 16.69 -13.46
N HIS A 233 21.42 16.63 -13.07
CA HIS A 233 20.77 15.46 -12.37
C HIS A 233 20.92 14.14 -13.16
N ALA A 234 20.59 14.22 -14.45
CA ALA A 234 20.39 13.07 -15.34
C ALA A 234 21.64 12.81 -16.18
N GLU A 235 22.11 11.54 -16.22
CA GLU A 235 23.41 11.16 -16.80
C GLU A 235 23.43 11.23 -18.34
N ASN A 236 22.47 10.56 -18.97
CA ASN A 236 22.32 10.54 -20.44
C ASN A 236 22.03 11.95 -21.00
N LEU A 237 21.35 12.80 -20.20
CA LEU A 237 21.05 14.19 -20.60
C LEU A 237 22.27 15.12 -20.47
N LYS A 238 23.09 14.90 -19.42
CA LYS A 238 24.24 15.78 -19.12
C LYS A 238 25.44 15.43 -20.03
N GLY A 239 26.26 16.47 -20.33
CA GLY A 239 27.35 16.34 -21.30
C GLY A 239 26.89 16.65 -22.74
N LYS A 240 25.56 16.58 -22.96
CA LYS A 240 24.96 16.65 -24.31
C LYS A 240 24.37 18.05 -24.56
N ALA A 241 24.38 18.45 -25.85
CA ALA A 241 23.92 19.77 -26.31
C ALA A 241 22.39 19.78 -26.54
N ALA A 242 21.66 20.42 -25.63
CA ALA A 242 20.19 20.56 -25.70
C ALA A 242 19.80 21.87 -26.39
N LYS A 243 19.03 21.78 -27.47
CA LYS A 243 18.57 22.96 -28.25
C LYS A 243 17.18 23.41 -27.76
N PHE A 244 17.04 24.73 -27.57
CA PHE A 244 15.86 25.35 -26.94
C PHE A 244 15.28 26.39 -27.90
N ALA A 245 14.16 26.04 -28.57
CA ALA A 245 13.50 26.93 -29.54
C ALA A 245 12.76 28.08 -28.83
N ILE A 246 13.55 29.09 -28.42
CA ILE A 246 13.10 30.26 -27.66
C ILE A 246 12.20 31.16 -28.51
N ASN A 247 11.00 31.42 -28.01
CA ASN A 247 10.11 32.45 -28.56
C ASN A 247 10.02 33.58 -27.51
N LEU A 248 10.76 34.69 -27.75
CA LEU A 248 10.72 35.89 -26.89
C LEU A 248 9.37 36.59 -27.06
N LYS A 249 8.32 36.02 -26.45
CA LYS A 249 6.95 36.53 -26.59
C LYS A 249 6.77 37.81 -25.77
N LYS A 250 7.27 37.80 -24.52
CA LYS A 250 7.19 38.94 -23.59
C LYS A 250 8.53 39.11 -22.85
N VAL A 251 8.88 40.37 -22.57
CA VAL A 251 10.01 40.75 -21.70
C VAL A 251 9.49 41.78 -20.70
N GLU A 252 9.55 41.47 -19.39
CA GLU A 252 9.06 42.37 -18.33
C GLU A 252 10.26 43.07 -17.69
N GLU A 253 10.20 44.40 -17.61
CA GLU A 253 11.21 45.17 -16.89
C GLU A 253 10.87 45.19 -15.40
N ARG A 254 11.92 45.09 -14.56
CA ARG A 254 11.80 45.22 -13.10
C ARG A 254 11.25 46.61 -12.73
N GLU A 255 10.01 46.62 -12.26
CA GLU A 255 9.33 47.83 -11.82
C GLU A 255 9.09 47.69 -10.31
N LEU A 256 9.92 48.37 -9.49
CA LEU A 256 9.78 48.37 -8.02
C LEU A 256 8.88 49.56 -7.59
N PRO A 257 7.56 49.35 -7.35
CA PRO A 257 6.63 50.44 -7.03
C PRO A 257 6.54 50.74 -5.53
N GLU A 258 5.91 51.87 -5.20
CA GLU A 258 5.60 52.24 -3.82
C GLU A 258 4.46 51.33 -3.30
N LEU A 259 4.44 51.09 -1.99
CA LEU A 259 3.45 50.21 -1.35
C LEU A 259 2.11 50.97 -1.16
N THR A 260 1.32 51.04 -2.26
CA THR A 260 0.01 51.72 -2.30
C THR A 260 -1.12 50.65 -2.46
N ALA A 261 -2.39 51.12 -2.47
CA ALA A 261 -3.60 50.26 -2.56
C ALA A 261 -3.54 49.29 -3.77
N GLU A 262 -3.01 49.81 -4.88
CA GLU A 262 -2.85 49.06 -6.14
C GLU A 262 -1.93 47.85 -5.94
N PHE A 263 -0.92 48.03 -5.07
CA PHE A 263 0.07 46.99 -4.78
C PHE A 263 -0.43 46.08 -3.63
N ILE A 264 -1.32 46.60 -2.75
CA ILE A 264 -2.01 45.78 -1.73
C ILE A 264 -2.88 44.71 -2.42
N LYS A 265 -3.50 45.12 -3.55
CA LYS A 265 -4.26 44.22 -4.44
C LYS A 265 -3.35 43.19 -5.18
N ARG A 266 -2.03 43.47 -5.27
CA ARG A 266 -1.06 42.61 -6.03
C ARG A 266 -0.92 41.24 -5.33
N PHE A 267 -1.15 41.23 -4.01
CA PHE A 267 -1.14 40.00 -3.18
C PHE A 267 -2.56 39.44 -2.99
N GLY A 268 -3.57 40.18 -3.50
CA GLY A 268 -4.98 39.80 -3.37
C GLY A 268 -5.60 40.20 -2.03
N VAL A 269 -4.91 41.08 -1.28
CA VAL A 269 -5.39 41.57 0.04
C VAL A 269 -6.52 42.59 -0.18
N GLU A 270 -7.76 42.16 0.17
CA GLU A 270 -9.01 42.94 -0.05
C GLU A 270 -9.08 44.20 0.84
N ASP A 271 -8.23 44.26 1.87
CA ASP A 271 -8.17 45.37 2.84
C ASP A 271 -7.90 46.72 2.15
N GLY A 272 -7.06 46.70 1.08
CA GLY A 272 -6.75 47.91 0.30
C GLY A 272 -5.70 48.81 0.97
N SER A 273 -5.72 48.89 2.30
CA SER A 273 -4.73 49.67 3.07
C SER A 273 -3.54 48.77 3.47
N VAL A 274 -2.35 49.39 3.58
CA VAL A 274 -1.10 48.73 4.01
C VAL A 274 -1.28 48.08 5.40
N GLU A 275 -2.13 48.71 6.22
CA GLU A 275 -2.49 48.25 7.57
C GLU A 275 -3.01 46.78 7.57
N GLY A 276 -3.70 46.37 6.48
CA GLY A 276 -4.17 44.99 6.34
C GLY A 276 -3.14 44.08 5.71
N LEU A 277 -2.21 44.67 4.93
CA LEU A 277 -1.16 43.93 4.20
C LEU A 277 -0.21 43.33 5.25
N ARG A 278 0.31 44.25 6.08
CA ARG A 278 1.23 43.95 7.18
C ARG A 278 0.56 43.04 8.24
N ALA A 279 -0.76 43.20 8.39
CA ALA A 279 -1.56 42.39 9.35
C ALA A 279 -1.60 40.92 8.92
N GLU A 280 -1.97 40.67 7.65
CA GLU A 280 -2.05 39.31 7.11
C GLU A 280 -0.64 38.69 6.96
N VAL A 281 0.37 39.54 6.72
CA VAL A 281 1.78 39.14 6.73
C VAL A 281 2.27 38.81 8.15
N ARG A 282 1.68 39.46 9.17
CA ARG A 282 1.96 39.13 10.60
C ARG A 282 1.38 37.73 10.93
N LYS A 283 0.16 37.48 10.38
CA LYS A 283 -0.52 36.16 10.49
C LYS A 283 0.26 35.07 9.73
N ASN A 284 0.94 35.46 8.63
CA ASN A 284 1.88 34.58 7.92
C ASN A 284 3.09 34.32 8.82
N MET A 285 3.64 35.41 9.41
CA MET A 285 4.85 35.38 10.26
C MET A 285 4.62 34.58 11.55
N GLU A 286 3.36 34.44 11.98
CA GLU A 286 2.99 33.56 13.11
C GLU A 286 3.51 32.13 12.82
N ARG A 287 2.96 31.57 11.73
CA ARG A 287 3.23 30.20 11.28
C ARG A 287 4.67 30.07 10.74
N GLU A 288 5.14 31.10 10.03
CA GLU A 288 6.48 31.12 9.40
C GLU A 288 7.57 31.12 10.48
N LEU A 289 7.52 32.09 11.40
CA LEU A 289 8.53 32.29 12.45
C LEU A 289 8.58 31.06 13.38
N LYS A 290 7.40 30.63 13.89
CA LYS A 290 7.34 29.53 14.89
C LYS A 290 7.75 28.18 14.28
N SER A 291 7.21 27.86 13.10
CA SER A 291 7.57 26.62 12.38
C SER A 291 9.00 26.71 11.83
N ALA A 292 9.56 27.94 11.70
CA ALA A 292 10.98 28.14 11.38
C ALA A 292 11.86 27.88 12.59
N ILE A 293 11.37 28.21 13.80
CA ILE A 293 12.07 27.86 15.05
C ILE A 293 12.22 26.33 15.13
N ARG A 294 11.07 25.62 15.00
CA ARG A 294 11.08 24.14 14.98
C ARG A 294 11.88 23.58 13.78
N ASN A 295 11.78 24.24 12.60
CA ASN A 295 12.47 23.78 11.38
C ASN A 295 13.99 23.84 11.56
N ARG A 296 14.51 25.01 11.99
CA ARG A 296 15.96 25.25 12.10
C ARG A 296 16.57 24.42 13.22
N VAL A 297 15.89 24.35 14.41
CA VAL A 297 16.44 23.62 15.56
C VAL A 297 16.40 22.09 15.34
N LYS A 298 15.30 21.59 14.70
CA LYS A 298 15.13 20.14 14.46
C LYS A 298 16.01 19.67 13.30
N SER A 299 16.13 20.50 12.24
CA SER A 299 17.05 20.21 11.11
C SER A 299 18.51 20.19 11.59
N GLN A 300 18.88 21.19 12.42
CA GLN A 300 20.23 21.28 13.03
C GLN A 300 20.49 20.08 13.95
N ALA A 301 19.42 19.64 14.67
CA ALA A 301 19.46 18.45 15.54
C ALA A 301 19.80 17.21 14.72
N ILE A 302 19.11 17.03 13.58
CA ILE A 302 19.31 15.89 12.66
C ILE A 302 20.75 15.88 12.10
N GLU A 303 21.19 17.07 11.64
CA GLU A 303 22.56 17.31 11.18
C GLU A 303 23.56 16.98 12.30
N GLY A 304 23.15 17.26 13.55
CA GLY A 304 23.95 16.98 14.74
C GLY A 304 23.98 15.50 15.10
N LEU A 305 22.86 14.76 14.84
CA LEU A 305 22.77 13.29 15.09
C LEU A 305 23.74 12.56 14.15
N VAL A 306 23.79 13.01 12.89
CA VAL A 306 24.73 12.47 11.90
C VAL A 306 26.18 12.90 12.27
N LYS A 307 26.35 14.20 12.61
CA LYS A 307 27.64 14.81 13.04
C LYS A 307 28.18 14.12 14.31
N ALA A 308 27.25 13.57 15.09
CA ALA A 308 27.53 12.79 16.29
C ALA A 308 28.16 11.43 15.95
N ASN A 309 27.62 10.78 14.89
CA ASN A 309 28.01 9.41 14.50
C ASN A 309 27.31 9.03 13.19
N ASP A 310 28.03 9.19 12.06
CA ASP A 310 27.56 8.76 10.73
C ASP A 310 27.75 7.22 10.62
N ILE A 311 26.68 6.50 10.99
CA ILE A 311 26.71 5.05 11.22
C ILE A 311 26.68 4.22 9.93
N ASP A 312 26.95 2.91 10.08
CA ASP A 312 26.75 1.90 9.01
C ASP A 312 25.27 1.64 8.84
N VAL A 313 24.86 1.37 7.60
CA VAL A 313 23.45 1.30 7.20
C VAL A 313 23.18 -0.01 6.41
N PRO A 314 22.13 -0.83 6.82
CA PRO A 314 21.73 -2.04 6.06
C PRO A 314 21.08 -1.65 4.71
N ALA A 315 21.71 -2.11 3.61
CA ALA A 315 21.43 -1.63 2.23
C ALA A 315 19.98 -1.91 1.77
N ALA A 316 19.30 -2.87 2.41
CA ALA A 316 17.89 -3.20 2.11
C ALA A 316 16.96 -1.98 2.32
N LEU A 317 17.23 -1.23 3.41
CA LEU A 317 16.47 -0.03 3.80
C LEU A 317 16.78 1.14 2.85
N ILE A 318 18.06 1.23 2.41
CA ILE A 318 18.53 2.27 1.50
C ILE A 318 17.89 2.07 0.15
N ASP A 319 17.98 0.83 -0.38
CA ASP A 319 17.38 0.42 -1.68
C ASP A 319 15.87 0.64 -1.70
N SER A 320 15.19 0.30 -0.59
CA SER A 320 13.76 0.59 -0.41
C SER A 320 13.51 2.11 -0.58
N GLU A 321 14.29 2.91 0.17
CA GLU A 321 14.28 4.38 0.08
C GLU A 321 14.67 4.90 -1.31
N ILE A 322 15.55 4.16 -2.05
CA ILE A 322 16.01 4.58 -3.39
C ILE A 322 14.83 4.50 -4.35
N ASP A 323 14.23 3.31 -4.44
CA ASP A 323 13.10 3.04 -5.35
C ASP A 323 11.89 3.93 -5.03
N VAL A 324 11.66 4.24 -3.74
CA VAL A 324 10.64 5.24 -3.34
C VAL A 324 11.00 6.63 -3.93
N LEU A 325 12.19 7.15 -3.55
CA LEU A 325 12.68 8.48 -3.99
C LEU A 325 12.81 8.58 -5.53
N ARG A 326 13.07 7.43 -6.19
CA ARG A 326 13.43 7.35 -7.62
C ARG A 326 12.17 7.34 -8.48
N ARG A 327 11.20 6.48 -8.07
CA ARG A 327 9.89 6.38 -8.70
C ARG A 327 9.12 7.71 -8.54
N GLN A 328 9.13 8.27 -7.31
CA GLN A 328 8.45 9.55 -7.00
C GLN A 328 9.09 10.71 -7.77
N ALA A 329 10.44 10.75 -7.80
CA ALA A 329 11.20 11.77 -8.57
C ALA A 329 10.76 11.77 -10.04
N ALA A 330 10.84 10.57 -10.65
CA ALA A 330 10.47 10.35 -12.05
C ALA A 330 8.98 10.63 -12.31
N GLN A 331 8.14 10.43 -11.28
CA GLN A 331 6.68 10.65 -11.33
C GLN A 331 6.33 12.16 -11.32
N ARG A 332 7.31 13.03 -10.97
CA ARG A 332 7.14 14.50 -11.02
C ARG A 332 7.91 15.06 -12.23
N PHE A 333 9.25 14.89 -12.18
CA PHE A 333 10.18 15.41 -13.19
C PHE A 333 10.18 14.48 -14.43
N GLY A 334 9.10 14.57 -15.22
CA GLY A 334 8.95 13.79 -16.46
C GLY A 334 7.64 13.02 -16.46
N GLY A 335 7.26 12.51 -15.27
CA GLY A 335 5.97 11.88 -15.05
C GLY A 335 5.89 10.40 -15.42
N ASN A 336 7.06 9.74 -15.54
CA ASN A 336 7.15 8.34 -16.03
C ASN A 336 8.18 7.54 -15.22
N GLU A 337 7.83 6.27 -14.90
CA GLU A 337 8.66 5.34 -14.10
C GLU A 337 9.90 4.90 -14.90
N LYS A 338 9.77 4.97 -16.23
CA LYS A 338 10.87 4.70 -17.19
C LYS A 338 11.99 5.75 -17.02
N GLN A 339 11.59 6.98 -16.68
CA GLN A 339 12.52 8.12 -16.50
C GLN A 339 13.37 7.92 -15.21
N ALA A 340 12.93 7.04 -14.29
CA ALA A 340 13.66 6.73 -13.04
C ALA A 340 15.07 6.18 -13.33
N LEU A 341 15.16 5.32 -14.37
CA LEU A 341 16.40 4.63 -14.78
C LEU A 341 17.46 5.63 -15.31
N GLU A 342 16.98 6.81 -15.74
CA GLU A 342 17.82 7.94 -16.22
C GLU A 342 18.66 8.54 -15.05
N LEU A 343 18.17 8.39 -13.80
CA LEU A 343 18.86 8.94 -12.60
C LEU A 343 19.66 7.84 -11.86
N PRO A 344 20.95 8.12 -11.46
CA PRO A 344 21.77 7.21 -10.62
C PRO A 344 21.31 7.15 -9.15
N ARG A 345 21.27 5.91 -8.60
CA ARG A 345 20.88 5.61 -7.20
C ARG A 345 21.66 6.50 -6.19
N GLU A 346 22.90 6.82 -6.56
CA GLU A 346 23.83 7.65 -5.76
C GLU A 346 23.20 8.96 -5.26
N LEU A 347 22.42 9.65 -6.14
CA LEU A 347 21.87 10.98 -5.81
C LEU A 347 20.71 10.85 -4.79
N PHE A 348 20.14 9.63 -4.70
CA PHE A 348 19.07 9.31 -3.74
C PHE A 348 19.69 8.80 -2.43
N GLU A 349 20.85 8.08 -2.55
CA GLU A 349 21.53 7.41 -1.43
C GLU A 349 22.01 8.40 -0.35
N GLU A 350 22.48 9.58 -0.76
CA GLU A 350 23.03 10.57 0.20
C GLU A 350 21.97 11.10 1.19
N GLN A 351 20.67 10.95 0.83
CA GLN A 351 19.52 11.38 1.67
C GLN A 351 18.88 10.14 2.35
N ALA A 352 18.77 9.05 1.57
CA ALA A 352 18.23 7.74 2.02
C ALA A 352 19.03 7.17 3.21
N LYS A 353 20.37 7.08 3.02
CA LYS A 353 21.36 6.72 4.06
C LYS A 353 21.06 7.50 5.35
N ARG A 354 21.00 8.84 5.21
CA ARG A 354 20.72 9.75 6.33
C ARG A 354 19.31 9.51 6.91
N ARG A 355 18.35 9.09 6.06
CA ARG A 355 16.95 8.91 6.47
C ARG A 355 16.84 7.76 7.46
N VAL A 356 17.53 6.64 7.14
CA VAL A 356 17.56 5.46 8.00
C VAL A 356 18.47 5.70 9.23
N VAL A 357 19.56 6.52 9.08
CA VAL A 357 20.43 6.93 10.21
C VAL A 357 19.61 7.62 11.32
N VAL A 358 18.76 8.57 10.91
CA VAL A 358 17.85 9.30 11.82
C VAL A 358 16.89 8.33 12.53
N GLY A 359 16.28 7.43 11.74
CA GLY A 359 15.31 6.45 12.24
C GLY A 359 15.93 5.41 13.18
N LEU A 360 17.23 5.13 13.00
CA LEU A 360 17.98 4.19 13.84
C LEU A 360 18.42 4.86 15.16
N LEU A 361 19.05 6.05 15.06
CA LEU A 361 19.63 6.76 16.23
C LEU A 361 18.52 7.28 17.16
N LEU A 362 17.56 8.05 16.61
CA LEU A 362 16.36 8.52 17.37
C LEU A 362 15.47 7.33 17.76
N GLY A 363 15.54 6.26 16.95
CA GLY A 363 14.86 4.99 17.24
C GLY A 363 15.33 4.39 18.55
N GLU A 364 16.66 4.34 18.76
CA GLU A 364 17.27 3.79 19.99
C GLU A 364 17.09 4.73 21.19
N VAL A 365 16.92 6.05 20.94
CA VAL A 365 16.63 7.02 22.02
C VAL A 365 15.28 6.64 22.66
N ILE A 366 14.23 6.64 21.82
CA ILE A 366 12.85 6.39 22.26
C ILE A 366 12.66 4.93 22.72
N ARG A 367 13.39 3.98 22.08
CA ARG A 367 13.31 2.54 22.39
C ARG A 367 13.92 2.24 23.77
N THR A 368 15.21 2.60 23.95
CA THR A 368 15.99 2.22 25.14
C THR A 368 15.58 3.07 26.37
N ASN A 369 15.20 4.34 26.15
CA ASN A 369 14.62 5.20 27.21
C ASN A 369 13.13 4.82 27.45
N GLU A 370 12.55 4.09 26.46
CA GLU A 370 11.15 3.58 26.48
C GLU A 370 10.15 4.75 26.48
N LEU A 371 10.57 5.91 25.92
CA LEU A 371 9.77 7.14 26.01
C LEU A 371 8.68 7.08 24.92
N LYS A 372 7.42 7.24 25.35
CA LYS A 372 6.24 7.17 24.47
C LYS A 372 5.71 8.58 24.31
N ALA A 373 4.83 8.77 23.32
CA ALA A 373 4.12 10.03 23.10
C ALA A 373 3.27 10.35 24.33
N ASP A 374 3.88 11.10 25.27
CA ASP A 374 3.27 11.52 26.53
C ASP A 374 1.98 12.29 26.24
N GLU A 375 0.95 12.04 27.06
CA GLU A 375 -0.42 12.57 26.83
C GLU A 375 -0.42 14.09 26.71
N GLU A 376 0.43 14.76 27.49
CA GLU A 376 0.56 16.23 27.50
C GLU A 376 1.49 16.73 26.36
N ARG A 377 2.39 15.85 25.86
CA ARG A 377 3.28 16.17 24.71
C ARG A 377 2.42 16.24 23.43
N VAL A 378 1.59 15.21 23.23
CA VAL A 378 0.69 15.11 22.07
C VAL A 378 -0.48 16.10 22.20
N LYS A 379 -1.03 16.26 23.43
CA LYS A 379 -2.09 17.28 23.72
C LYS A 379 -1.56 18.70 23.45
N GLY A 380 -0.32 18.96 23.90
CA GLY A 380 0.36 20.24 23.73
C GLY A 380 0.57 20.57 22.26
N LEU A 381 1.13 19.60 21.52
CA LEU A 381 1.41 19.74 20.08
C LEU A 381 0.10 20.02 19.32
N ILE A 382 -0.95 19.22 19.63
CA ILE A 382 -2.29 19.35 19.02
C ILE A 382 -2.88 20.74 19.26
N GLU A 383 -2.78 21.25 20.50
CA GLU A 383 -3.36 22.55 20.90
C GLU A 383 -2.65 23.72 20.16
N GLU A 384 -1.31 23.68 20.17
CA GLU A 384 -0.47 24.73 19.53
C GLU A 384 -0.66 24.76 18.00
N MET A 385 -0.85 23.59 17.36
CA MET A 385 -1.09 23.54 15.90
C MET A 385 -2.59 23.78 15.58
N ALA A 386 -3.47 23.55 16.59
CA ALA A 386 -4.91 23.85 16.48
C ALA A 386 -5.13 25.38 16.46
N SER A 387 -4.24 26.11 17.17
CA SER A 387 -4.18 27.58 17.11
C SER A 387 -3.98 28.07 15.66
N ALA A 388 -3.20 27.31 14.87
CA ALA A 388 -2.94 27.59 13.45
C ALA A 388 -4.19 27.29 12.57
N TYR A 389 -5.16 26.53 13.13
CA TYR A 389 -6.49 26.34 12.51
C TYR A 389 -7.43 27.45 13.02
N GLU A 390 -8.60 27.56 12.38
CA GLU A 390 -9.57 28.61 12.72
C GLU A 390 -10.40 28.22 13.96
N ASP A 391 -10.95 26.99 13.98
CA ASP A 391 -11.81 26.49 15.08
C ASP A 391 -11.07 25.38 15.86
N PRO A 392 -10.19 25.74 16.86
CA PRO A 392 -9.28 24.78 17.54
C PRO A 392 -10.03 23.65 18.29
N LYS A 393 -11.16 24.02 18.93
CA LYS A 393 -11.96 23.10 19.79
C LYS A 393 -12.28 21.79 19.04
N GLU A 394 -12.85 21.96 17.85
CA GLU A 394 -13.32 20.86 17.01
C GLU A 394 -12.15 20.12 16.31
N VAL A 395 -10.96 20.78 16.27
CA VAL A 395 -9.74 20.18 15.70
C VAL A 395 -9.26 19.10 16.68
N ILE A 396 -9.03 19.56 17.92
CA ILE A 396 -8.62 18.71 19.04
C ILE A 396 -9.64 17.55 19.23
N GLU A 397 -10.94 17.91 19.10
CA GLU A 397 -12.07 16.97 19.15
C GLU A 397 -11.90 15.79 18.16
N PHE A 398 -12.07 16.06 16.83
CA PHE A 398 -12.11 14.97 15.83
C PHE A 398 -10.75 14.25 15.72
N TYR A 399 -9.65 14.98 15.93
CA TYR A 399 -8.30 14.40 15.87
C TYR A 399 -8.15 13.32 16.96
N SER A 400 -8.45 13.70 18.22
CA SER A 400 -8.41 12.75 19.37
C SER A 400 -9.50 11.65 19.26
N LYS A 401 -10.50 11.84 18.37
CA LYS A 401 -11.52 10.81 18.06
C LYS A 401 -10.97 9.75 17.09
N ASN A 402 -10.17 10.18 16.09
CA ASN A 402 -9.76 9.31 14.97
C ASN A 402 -8.48 8.58 15.35
N LYS A 403 -8.49 7.24 15.27
CA LYS A 403 -7.39 6.36 15.75
C LYS A 403 -6.09 6.58 14.95
N GLU A 404 -6.27 6.61 13.62
CA GLU A 404 -5.17 6.77 12.64
C GLU A 404 -4.48 8.13 12.83
N LEU A 405 -5.30 9.17 13.02
CA LEU A 405 -4.84 10.54 13.18
C LEU A 405 -4.20 10.72 14.56
N MET A 406 -4.83 10.13 15.59
CA MET A 406 -4.35 10.20 16.99
C MET A 406 -2.93 9.64 17.09
N ASP A 407 -2.74 8.45 16.49
CA ASP A 407 -1.44 7.74 16.50
C ASP A 407 -0.41 8.45 15.59
N ASN A 408 -0.90 9.12 14.53
CA ASN A 408 -0.07 9.97 13.65
C ASN A 408 0.46 11.19 14.44
N MET A 409 -0.41 11.74 15.31
CA MET A 409 -0.06 12.85 16.21
C MET A 409 0.88 12.35 17.32
N ARG A 410 0.76 11.06 17.68
CA ARG A 410 1.67 10.43 18.64
C ARG A 410 3.05 10.21 18.00
N ASN A 411 3.06 9.93 16.68
CA ASN A 411 4.30 9.75 15.89
C ASN A 411 5.06 11.08 15.82
N VAL A 412 4.35 12.17 15.46
CA VAL A 412 4.96 13.53 15.38
C VAL A 412 5.28 14.09 16.77
N ALA A 413 4.55 13.61 17.81
CA ALA A 413 4.86 13.93 19.22
C ALA A 413 6.12 13.20 19.66
N LEU A 414 6.37 12.02 19.05
CA LEU A 414 7.62 11.26 19.26
C LEU A 414 8.77 11.81 18.40
N GLU A 415 8.50 12.49 17.26
CA GLU A 415 9.54 13.27 16.56
C GLU A 415 9.98 14.42 17.47
N GLU A 416 8.98 15.20 17.91
CA GLU A 416 9.14 16.34 18.82
C GLU A 416 9.93 15.92 20.06
N GLN A 417 9.45 14.86 20.74
CA GLN A 417 9.99 14.43 22.03
C GLN A 417 11.36 13.71 21.90
N ALA A 418 11.58 12.95 20.77
CA ALA A 418 12.89 12.28 20.52
C ALA A 418 13.99 13.30 20.30
N VAL A 419 13.68 14.30 19.44
CA VAL A 419 14.58 15.40 19.13
C VAL A 419 14.86 16.24 20.39
N GLU A 420 13.82 16.56 21.18
CA GLU A 420 13.95 17.30 22.45
C GLU A 420 14.77 16.52 23.51
N ALA A 421 14.59 15.18 23.53
CA ALA A 421 15.31 14.30 24.48
C ALA A 421 16.82 14.33 24.23
N VAL A 422 17.20 14.34 22.93
CA VAL A 422 18.62 14.36 22.54
C VAL A 422 19.19 15.81 22.56
N LEU A 423 18.31 16.84 22.40
CA LEU A 423 18.70 18.26 22.56
C LEU A 423 18.98 18.58 24.04
N ALA A 424 18.28 17.87 24.94
CA ALA A 424 18.50 17.95 26.40
C ALA A 424 19.91 17.45 26.76
N LYS A 425 20.46 16.55 25.93
CA LYS A 425 21.82 16.00 26.11
C LYS A 425 22.85 16.79 25.27
N ALA A 426 22.37 17.47 24.23
CA ALA A 426 23.21 18.21 23.27
C ALA A 426 23.49 19.65 23.74
N LYS A 427 24.55 20.25 23.18
CA LYS A 427 25.00 21.61 23.51
C LYS A 427 24.10 22.66 22.82
N VAL A 428 23.16 23.24 23.58
CA VAL A 428 22.20 24.24 23.09
C VAL A 428 22.72 25.66 23.33
N THR A 429 22.76 26.49 22.27
CA THR A 429 23.21 27.89 22.35
C THR A 429 22.01 28.85 22.18
N GLU A 430 21.76 29.70 23.20
CA GLU A 430 20.78 30.81 23.12
C GLU A 430 21.32 31.90 22.16
N LYS A 431 21.07 31.67 20.86
CA LYS A 431 21.71 32.42 19.78
C LYS A 431 20.81 33.61 19.36
N GLU A 432 21.13 34.81 19.90
CA GLU A 432 20.44 36.07 19.54
C GLU A 432 20.51 36.34 18.02
N THR A 433 19.33 36.35 17.39
CA THR A 433 19.17 36.67 15.95
C THR A 433 17.86 37.46 15.72
N THR A 434 17.71 38.01 14.50
CA THR A 434 16.47 38.71 14.07
C THR A 434 15.65 37.80 13.12
N PHE A 435 14.51 38.33 12.62
CA PHE A 435 13.66 37.64 11.62
C PHE A 435 14.48 37.34 10.35
N ASN A 436 15.25 38.35 9.92
CA ASN A 436 16.14 38.28 8.73
C ASN A 436 17.17 37.15 8.89
N GLU A 437 17.77 37.05 10.09
CA GLU A 437 18.86 36.11 10.36
C GLU A 437 18.37 34.66 10.57
N LEU A 438 17.04 34.48 10.78
CA LEU A 438 16.44 33.14 10.92
C LEU A 438 16.13 32.54 9.54
N MET A 439 15.44 33.34 8.69
CA MET A 439 15.07 32.94 7.31
C MET A 439 16.30 32.92 6.38
N ASN A 440 17.27 33.79 6.69
CA ASN A 440 18.57 33.84 6.00
C ASN A 440 19.65 33.47 7.03
N GLN A 441 19.64 32.19 7.44
CA GLN A 441 20.59 31.63 8.43
C GLN A 441 21.88 31.20 7.69
N GLN A 442 22.57 32.22 7.16
CA GLN A 442 23.87 32.06 6.49
C GLN A 442 24.43 33.47 6.21
N ALA A 443 25.57 33.79 6.83
CA ALA A 443 26.23 35.09 6.69
C ALA A 443 27.17 35.08 5.45
N MET B 12 -11.87 27.17 -0.33
CA MET B 12 -12.42 25.82 -0.61
C MET B 12 -13.91 25.78 -0.22
N GLN B 13 -14.75 25.36 -1.17
CA GLN B 13 -16.19 25.12 -0.91
C GLN B 13 -16.37 23.66 -0.45
N VAL B 14 -17.12 23.46 0.64
CA VAL B 14 -17.46 22.11 1.15
C VAL B 14 -18.97 22.06 1.46
N SER B 15 -19.62 20.93 1.12
CA SER B 15 -21.06 20.77 1.34
C SER B 15 -21.42 19.30 1.66
N VAL B 16 -21.78 19.05 2.93
CA VAL B 16 -22.22 17.72 3.41
C VAL B 16 -23.72 17.49 3.13
N GLU B 17 -24.08 16.26 2.80
CA GLU B 17 -25.47 15.83 2.54
C GLU B 17 -25.60 14.33 2.87
N THR B 18 -26.81 13.87 3.22
CA THR B 18 -27.06 12.47 3.57
C THR B 18 -27.65 11.72 2.35
N THR B 19 -26.89 10.76 1.82
CA THR B 19 -27.29 9.96 0.64
C THR B 19 -28.31 8.87 1.04
N GLN B 20 -27.96 8.03 2.04
CA GLN B 20 -28.82 6.92 2.50
C GLN B 20 -28.52 6.64 3.99
N GLY B 21 -29.38 7.18 4.88
CA GLY B 21 -29.34 6.88 6.31
C GLY B 21 -28.05 7.35 6.98
N LEU B 22 -27.17 6.39 7.32
CA LEU B 22 -25.84 6.70 7.91
C LEU B 22 -24.89 7.24 6.81
N GLY B 23 -25.12 6.77 5.57
CA GLY B 23 -24.32 7.14 4.40
C GLY B 23 -24.41 8.62 4.06
N ARG B 24 -23.42 9.39 4.52
CA ARG B 24 -23.21 10.81 4.16
C ARG B 24 -22.53 10.94 2.77
N ARG B 25 -22.38 12.21 2.37
CA ARG B 25 -21.75 12.64 1.12
C ARG B 25 -21.28 14.09 1.31
N VAL B 26 -19.99 14.27 1.56
CA VAL B 26 -19.38 15.61 1.66
C VAL B 26 -18.80 15.98 0.28
N THR B 27 -19.59 16.67 -0.56
CA THR B 27 -19.10 17.16 -1.86
C THR B 27 -18.24 18.41 -1.64
N ILE B 28 -16.93 18.23 -1.86
CA ILE B 28 -15.93 19.29 -1.65
C ILE B 28 -15.42 19.80 -3.00
N THR B 29 -15.71 21.09 -3.28
CA THR B 29 -15.18 21.82 -4.42
C THR B 29 -13.82 22.45 -4.04
N ILE B 30 -12.73 21.77 -4.41
CA ILE B 30 -11.37 22.27 -4.24
C ILE B 30 -11.05 23.21 -5.41
N ALA B 31 -10.89 24.51 -5.10
CA ALA B 31 -10.66 25.56 -6.12
C ALA B 31 -9.33 25.32 -6.87
N ALA B 32 -9.30 25.74 -8.15
CA ALA B 32 -8.13 25.55 -9.04
C ALA B 32 -6.87 26.25 -8.50
N ASP B 33 -7.06 27.35 -7.73
CA ASP B 33 -5.98 28.05 -7.01
C ASP B 33 -5.31 27.09 -6.00
N SER B 34 -6.14 26.43 -5.18
CA SER B 34 -5.70 25.50 -4.11
C SER B 34 -4.98 24.28 -4.69
N ILE B 35 -5.48 23.80 -5.84
CA ILE B 35 -4.90 22.66 -6.57
C ILE B 35 -3.49 23.04 -7.05
N GLU B 36 -3.41 24.15 -7.83
CA GLU B 36 -2.15 24.72 -8.36
C GLU B 36 -1.07 24.84 -7.25
N THR B 37 -1.44 25.57 -6.17
CA THR B 37 -0.55 25.84 -5.01
C THR B 37 0.03 24.54 -4.43
N ALA B 38 -0.86 23.54 -4.27
CA ALA B 38 -0.51 22.25 -3.67
C ALA B 38 0.40 21.43 -4.60
N VAL B 39 0.21 21.54 -5.94
CA VAL B 39 1.10 20.86 -6.93
C VAL B 39 2.51 21.43 -6.82
N LYS B 40 2.59 22.77 -6.77
CA LYS B 40 3.85 23.53 -6.64
C LYS B 40 4.57 23.16 -5.33
N SER B 41 3.76 22.97 -4.26
CA SER B 41 4.25 22.54 -2.95
C SER B 41 4.84 21.11 -3.03
N GLU B 42 4.13 20.18 -3.69
CA GLU B 42 4.57 18.77 -3.85
C GLU B 42 5.84 18.68 -4.71
N LEU B 43 5.95 19.59 -5.70
CA LEU B 43 7.11 19.67 -6.59
C LEU B 43 8.35 20.13 -5.82
N VAL B 44 8.23 21.20 -5.00
CA VAL B 44 9.38 21.70 -4.19
C VAL B 44 9.71 20.73 -3.03
N ASN B 45 8.69 19.98 -2.54
CA ASN B 45 8.89 18.94 -1.48
C ASN B 45 9.79 17.82 -2.02
N VAL B 46 9.35 17.17 -3.12
CA VAL B 46 10.11 16.08 -3.78
C VAL B 46 11.48 16.62 -4.27
N ALA B 47 11.51 17.91 -4.65
CA ALA B 47 12.75 18.60 -5.04
C ALA B 47 13.72 18.76 -3.84
N LYS B 48 13.16 18.94 -2.61
CA LYS B 48 13.99 19.08 -1.40
C LYS B 48 14.58 17.72 -0.99
N LYS B 49 13.70 16.71 -0.84
CA LYS B 49 14.07 15.40 -0.26
C LYS B 49 14.88 14.53 -1.25
N VAL B 50 14.67 14.74 -2.56
CA VAL B 50 15.38 13.98 -3.61
C VAL B 50 16.56 14.81 -4.18
N ARG B 51 16.58 16.14 -3.86
CA ARG B 51 17.72 17.05 -4.14
C ARG B 51 17.89 17.31 -5.68
N ILE B 52 16.76 17.23 -6.41
CA ILE B 52 16.67 17.58 -7.86
C ILE B 52 16.30 19.08 -8.04
N ASP B 53 16.13 19.77 -6.90
CA ASP B 53 15.59 21.15 -6.80
C ASP B 53 16.21 22.16 -7.79
N GLY B 54 15.42 22.51 -8.84
CA GLY B 54 15.82 23.47 -9.87
C GLY B 54 17.07 23.04 -10.62
N PHE B 55 18.04 23.95 -10.73
CA PHE B 55 19.40 23.65 -11.24
C PHE B 55 20.41 23.65 -10.07
N ARG B 56 19.91 23.16 -8.91
CA ARG B 56 20.65 22.98 -7.63
C ARG B 56 20.91 24.33 -6.90
N LYS B 57 20.75 25.46 -7.61
CA LYS B 57 21.08 26.79 -7.07
C LYS B 57 19.84 27.49 -6.48
N GLY B 58 18.64 27.10 -6.95
CA GLY B 58 17.39 27.49 -6.29
C GLY B 58 16.22 27.74 -7.24
N LYS B 59 16.46 28.50 -8.34
CA LYS B 59 15.37 29.09 -9.14
C LYS B 59 14.75 28.11 -10.17
N VAL B 60 13.91 28.70 -11.08
CA VAL B 60 12.95 28.00 -11.95
C VAL B 60 11.75 27.59 -11.06
N PRO B 61 10.76 28.54 -10.89
CA PRO B 61 9.64 28.33 -9.95
C PRO B 61 8.70 27.20 -10.42
N MET B 62 8.16 26.48 -9.43
CA MET B 62 7.23 25.36 -9.65
C MET B 62 5.88 25.86 -10.20
N ASN B 63 5.68 27.21 -10.17
CA ASN B 63 4.51 27.92 -10.72
C ASN B 63 4.15 27.46 -12.14
N ILE B 64 5.15 27.50 -13.01
CA ILE B 64 5.02 27.13 -14.42
C ILE B 64 5.17 25.60 -14.60
N VAL B 65 6.07 24.97 -13.82
CA VAL B 65 6.38 23.52 -13.90
C VAL B 65 5.10 22.66 -13.67
N ALA B 66 4.30 23.09 -12.68
CA ALA B 66 3.02 22.46 -12.33
C ALA B 66 1.99 22.66 -13.45
N GLN B 67 1.83 23.92 -13.82
CA GLN B 67 0.78 24.39 -14.73
C GLN B 67 1.01 23.91 -16.18
N ARG B 68 2.27 23.55 -16.50
CA ARG B 68 2.65 23.04 -17.82
C ARG B 68 2.62 21.50 -17.87
N TYR B 69 3.47 20.85 -17.05
CA TYR B 69 3.69 19.39 -17.13
C TYR B 69 3.63 18.71 -15.75
N GLY B 70 2.93 19.35 -14.80
CA GLY B 70 2.62 18.72 -13.52
C GLY B 70 1.30 17.94 -13.57
N ALA B 71 1.12 17.18 -14.68
CA ALA B 71 -0.12 16.43 -14.97
C ALA B 71 -0.10 15.04 -14.29
N SER B 72 1.11 14.48 -14.13
CA SER B 72 1.35 13.17 -13.51
C SER B 72 1.23 13.25 -11.99
N VAL B 73 2.01 14.20 -11.40
CA VAL B 73 1.99 14.49 -9.95
C VAL B 73 0.60 14.99 -9.50
N ARG B 74 -0.19 15.53 -10.48
CA ARG B 74 -1.54 16.08 -10.24
C ARG B 74 -2.43 15.07 -9.48
N GLN B 75 -2.25 13.76 -9.77
CA GLN B 75 -2.99 12.66 -9.11
C GLN B 75 -2.67 12.56 -7.62
N ASP B 76 -1.37 12.60 -7.32
CA ASP B 76 -0.84 12.54 -5.94
C ASP B 76 -1.35 13.75 -5.14
N VAL B 77 -1.32 14.91 -5.81
CA VAL B 77 -1.78 16.19 -5.25
C VAL B 77 -3.26 16.10 -4.90
N LEU B 78 -4.10 15.67 -5.87
CA LEU B 78 -5.56 15.53 -5.68
C LEU B 78 -5.85 14.58 -4.50
N GLY B 79 -5.05 13.49 -4.41
CA GLY B 79 -5.14 12.54 -3.28
C GLY B 79 -4.66 13.13 -1.95
N ASP B 80 -3.71 14.08 -2.02
CA ASP B 80 -3.16 14.80 -0.86
C ASP B 80 -4.20 15.85 -0.36
N LEU B 81 -4.97 16.37 -1.32
CA LEU B 81 -6.09 17.28 -1.07
C LEU B 81 -7.27 16.48 -0.45
N MET B 82 -7.47 15.24 -0.95
CA MET B 82 -8.50 14.29 -0.44
C MET B 82 -8.27 13.96 1.05
N SER B 83 -7.03 14.13 1.51
CA SER B 83 -6.64 13.93 2.91
C SER B 83 -6.80 15.25 3.69
N ARG B 84 -5.96 16.26 3.35
CA ARG B 84 -5.79 17.50 4.16
C ARG B 84 -7.03 18.42 4.08
N ASN B 85 -7.63 18.56 2.88
CA ASN B 85 -8.82 19.44 2.69
C ASN B 85 -10.06 18.82 3.33
N PHE B 86 -10.18 17.48 3.22
CA PHE B 86 -11.26 16.71 3.87
C PHE B 86 -11.19 16.83 5.40
N ILE B 87 -9.98 16.58 5.96
CA ILE B 87 -9.79 16.47 7.42
C ILE B 87 -10.05 17.83 8.13
N ASP B 88 -9.86 18.93 7.37
CA ASP B 88 -10.14 20.30 7.83
C ASP B 88 -11.63 20.62 7.65
N ALA B 89 -12.16 20.27 6.46
CA ALA B 89 -13.57 20.56 6.06
C ALA B 89 -14.60 20.04 7.07
N ILE B 90 -14.32 18.85 7.59
CA ILE B 90 -15.24 18.10 8.46
C ILE B 90 -15.19 18.60 9.92
N ILE B 91 -14.29 19.56 10.21
CA ILE B 91 -14.18 20.24 11.52
C ILE B 91 -15.29 21.31 11.61
N LYS B 92 -16.55 20.82 11.75
CA LYS B 92 -17.75 21.66 11.83
C LYS B 92 -19.00 20.81 12.16
N GLU B 93 -19.26 19.79 11.32
CA GLU B 93 -20.54 19.02 11.35
C GLU B 93 -20.43 17.73 12.20
N LYS B 94 -19.34 17.61 12.98
CA LYS B 94 -19.04 16.49 13.93
C LYS B 94 -18.64 15.18 13.21
N ILE B 95 -18.88 15.12 11.86
CA ILE B 95 -18.43 14.07 10.90
C ILE B 95 -17.48 13.02 11.49
N ASN B 96 -17.99 11.81 11.72
CA ASN B 96 -17.20 10.67 12.19
C ASN B 96 -17.39 9.49 11.20
N PRO B 97 -16.49 9.34 10.17
CA PRO B 97 -16.56 8.20 9.23
C PRO B 97 -16.45 6.84 9.94
N ALA B 98 -17.08 5.81 9.36
CA ALA B 98 -17.09 4.44 9.91
C ALA B 98 -15.79 3.66 9.54
N GLY B 99 -14.67 4.40 9.38
CA GLY B 99 -13.38 3.82 8.99
C GLY B 99 -13.20 3.73 7.47
N ALA B 100 -14.31 3.76 6.70
CA ALA B 100 -14.32 3.52 5.25
C ALA B 100 -14.76 4.79 4.48
N PRO B 101 -13.79 5.63 3.97
CA PRO B 101 -14.10 6.84 3.17
C PRO B 101 -14.08 6.54 1.65
N THR B 102 -15.28 6.44 1.07
CA THR B 102 -15.47 6.24 -0.38
C THR B 102 -15.29 7.59 -1.13
N TYR B 103 -14.08 7.82 -1.67
CA TYR B 103 -13.77 8.99 -2.49
C TYR B 103 -14.30 8.77 -3.91
N VAL B 104 -15.28 9.57 -4.33
CA VAL B 104 -15.79 9.58 -5.71
C VAL B 104 -15.24 10.86 -6.41
N PRO B 105 -14.09 10.75 -7.15
CA PRO B 105 -13.45 11.92 -7.80
C PRO B 105 -14.12 12.28 -9.16
N GLY B 106 -14.45 13.57 -9.32
CA GLY B 106 -14.96 14.09 -10.59
C GLY B 106 -13.89 14.13 -11.68
N GLU B 107 -14.32 14.25 -12.94
CA GLU B 107 -13.41 14.33 -14.10
C GLU B 107 -12.62 15.64 -14.02
N TYR B 108 -11.39 15.56 -13.47
CA TYR B 108 -10.52 16.74 -13.33
C TYR B 108 -10.13 17.29 -14.72
N LYS B 109 -10.52 18.54 -14.96
CA LYS B 109 -10.17 19.29 -16.17
C LYS B 109 -9.06 20.28 -15.80
N LEU B 110 -8.03 20.39 -16.64
CA LEU B 110 -6.87 21.28 -16.39
C LEU B 110 -7.35 22.75 -16.58
N GLY B 111 -7.35 23.53 -15.49
CA GLY B 111 -7.83 24.92 -15.51
C GLY B 111 -9.12 25.10 -14.72
N GLU B 112 -9.86 23.99 -14.52
CA GLU B 112 -11.09 23.96 -13.71
C GLU B 112 -10.77 23.52 -12.26
N ASP B 113 -11.78 23.61 -11.40
CA ASP B 113 -11.72 23.09 -10.01
C ASP B 113 -11.81 21.56 -10.00
N PHE B 114 -11.79 21.00 -8.78
CA PHE B 114 -11.93 19.56 -8.56
C PHE B 114 -12.95 19.34 -7.44
N THR B 115 -14.20 19.08 -7.82
CA THR B 115 -15.23 18.66 -6.88
C THR B 115 -15.23 17.13 -6.78
N TYR B 116 -15.13 16.60 -5.54
CA TYR B 116 -15.21 15.15 -5.30
C TYR B 116 -16.21 14.86 -4.17
N SER B 117 -17.01 13.81 -4.37
CA SER B 117 -18.04 13.35 -3.45
C SER B 117 -17.43 12.37 -2.45
N VAL B 118 -17.13 12.85 -1.23
CA VAL B 118 -16.57 11.99 -0.17
C VAL B 118 -17.74 11.29 0.56
N GLU B 119 -18.14 10.13 0.05
CA GLU B 119 -19.23 9.34 0.64
C GLU B 119 -18.68 8.36 1.67
N PHE B 120 -19.46 8.11 2.71
CA PHE B 120 -19.07 7.26 3.85
C PHE B 120 -20.27 7.20 4.80
N GLU B 121 -20.42 6.09 5.51
CA GLU B 121 -21.38 6.04 6.62
C GLU B 121 -20.72 6.65 7.85
N VAL B 122 -21.47 7.47 8.60
CA VAL B 122 -21.06 7.89 9.95
C VAL B 122 -21.16 6.67 10.88
N TYR B 123 -20.18 6.52 11.78
CA TYR B 123 -19.98 5.30 12.57
C TYR B 123 -21.19 5.02 13.49
N PRO B 124 -21.98 3.91 13.23
CA PRO B 124 -23.14 3.55 14.04
C PRO B 124 -22.71 2.79 15.31
N GLU B 125 -22.95 3.41 16.49
CA GLU B 125 -22.68 2.80 17.79
C GLU B 125 -23.51 1.53 17.98
N VAL B 126 -22.82 0.39 17.95
CA VAL B 126 -23.41 -0.95 18.08
C VAL B 126 -23.72 -1.27 19.55
N GLU B 127 -24.99 -1.59 19.83
CA GLU B 127 -25.45 -2.05 21.13
C GLU B 127 -25.41 -3.59 21.16
N LEU B 128 -24.70 -4.15 22.15
CA LEU B 128 -24.60 -5.59 22.36
C LEU B 128 -25.54 -5.99 23.50
N GLN B 129 -26.51 -6.85 23.17
CA GLN B 129 -27.54 -7.34 24.08
C GLN B 129 -27.82 -8.81 23.75
N GLY B 130 -27.77 -9.67 24.78
CA GLY B 130 -27.96 -11.11 24.61
C GLY B 130 -26.79 -11.92 25.15
N LEU B 131 -25.86 -11.24 25.87
CA LEU B 131 -24.59 -11.84 26.34
C LEU B 131 -24.83 -13.06 27.27
N GLU B 132 -25.93 -12.98 28.05
CA GLU B 132 -26.40 -14.07 28.92
C GLU B 132 -27.32 -15.04 28.14
N ALA B 133 -27.98 -14.53 27.09
CA ALA B 133 -29.01 -15.27 26.31
C ALA B 133 -28.36 -16.27 25.33
N ILE B 134 -27.08 -16.02 24.98
CA ILE B 134 -26.27 -16.92 24.14
C ILE B 134 -26.06 -18.27 24.87
N GLU B 135 -26.58 -19.36 24.30
CA GLU B 135 -26.43 -20.73 24.83
C GLU B 135 -25.38 -21.46 23.99
N VAL B 136 -24.25 -21.80 24.61
CA VAL B 136 -23.09 -22.41 23.94
C VAL B 136 -22.90 -23.86 24.44
N GLU B 137 -22.36 -24.73 23.58
CA GLU B 137 -22.08 -26.14 23.94
C GLU B 137 -20.56 -26.34 23.97
N LYS B 138 -20.10 -26.99 25.03
CA LYS B 138 -18.69 -27.33 25.22
C LYS B 138 -18.54 -28.85 24.96
N PRO B 139 -18.08 -29.26 23.73
CA PRO B 139 -18.00 -30.70 23.35
C PRO B 139 -16.85 -31.41 24.09
N ILE B 140 -17.17 -31.99 25.26
CA ILE B 140 -16.21 -32.70 26.10
C ILE B 140 -15.91 -34.06 25.48
N VAL B 141 -14.89 -34.09 24.63
CA VAL B 141 -14.40 -35.31 23.98
C VAL B 141 -13.06 -35.73 24.59
N GLU B 142 -12.60 -36.93 24.21
CA GLU B 142 -11.26 -37.41 24.55
C GLU B 142 -10.89 -38.56 23.60
N VAL B 143 -9.67 -38.53 23.05
CA VAL B 143 -9.20 -39.54 22.09
C VAL B 143 -8.67 -40.77 22.86
N THR B 144 -9.50 -41.82 22.94
CA THR B 144 -9.09 -43.15 23.43
C THR B 144 -9.02 -44.12 22.24
N ASP B 145 -8.51 -45.33 22.49
CA ASP B 145 -8.28 -46.34 21.42
C ASP B 145 -9.61 -46.85 20.81
N ALA B 146 -10.73 -46.65 21.52
CA ALA B 146 -12.08 -46.93 21.00
C ALA B 146 -12.44 -45.95 19.87
N ASP B 147 -12.17 -44.65 20.13
CA ASP B 147 -12.32 -43.55 19.15
C ASP B 147 -11.42 -43.81 17.94
N VAL B 148 -10.14 -44.16 18.24
CA VAL B 148 -9.12 -44.44 17.22
C VAL B 148 -9.55 -45.61 16.33
N ASP B 149 -10.03 -46.71 16.97
CA ASP B 149 -10.37 -47.98 16.27
C ASP B 149 -11.58 -47.80 15.33
N GLY B 150 -12.64 -47.12 15.85
CA GLY B 150 -13.84 -46.85 15.05
C GLY B 150 -13.53 -45.95 13.86
N MET B 151 -12.77 -44.87 14.13
CA MET B 151 -12.34 -43.91 13.11
C MET B 151 -11.44 -44.60 12.07
N LEU B 152 -10.55 -45.51 12.54
CA LEU B 152 -9.54 -46.20 11.71
C LEU B 152 -10.23 -47.19 10.76
N ASP B 153 -11.28 -47.85 11.29
CA ASP B 153 -12.12 -48.79 10.53
C ASP B 153 -12.82 -48.05 9.38
N THR B 154 -13.52 -46.95 9.74
CA THR B 154 -14.19 -46.11 8.75
C THR B 154 -13.17 -45.43 7.80
N LEU B 155 -11.93 -45.19 8.28
CA LEU B 155 -10.83 -44.58 7.50
C LEU B 155 -10.30 -45.58 6.45
N ARG B 156 -10.22 -46.87 6.82
CA ARG B 156 -9.73 -47.91 5.90
C ARG B 156 -10.84 -48.32 4.90
N LYS B 157 -12.10 -48.01 5.27
CA LYS B 157 -13.27 -48.15 4.39
C LYS B 157 -13.54 -46.86 3.56
N GLN B 158 -13.00 -45.70 4.00
CA GLN B 158 -13.16 -44.41 3.27
C GLN B 158 -12.01 -44.23 2.26
N GLN B 159 -10.78 -44.23 2.79
CA GLN B 159 -9.52 -44.12 2.00
C GLN B 159 -9.06 -45.54 1.57
N ALA B 160 -10.04 -46.34 1.11
CA ALA B 160 -9.83 -47.72 0.63
C ALA B 160 -9.06 -47.75 -0.70
N THR B 161 -8.54 -48.92 -1.05
CA THR B 161 -7.72 -49.14 -2.25
C THR B 161 -8.61 -49.27 -3.51
N TRP B 162 -7.99 -49.02 -4.67
CA TRP B 162 -8.67 -48.97 -5.98
C TRP B 162 -8.07 -50.02 -6.93
N LYS B 163 -8.93 -50.67 -7.71
CA LYS B 163 -8.54 -51.65 -8.73
C LYS B 163 -9.32 -51.38 -10.03
N GLU B 164 -8.79 -51.85 -11.17
CA GLU B 164 -9.32 -51.54 -12.52
C GLU B 164 -10.72 -52.14 -12.73
N LYS B 165 -11.50 -51.53 -13.64
CA LYS B 165 -12.88 -51.94 -13.94
C LYS B 165 -13.28 -51.51 -15.37
N ASP B 166 -14.19 -52.30 -15.95
CA ASP B 166 -14.94 -51.94 -17.16
C ASP B 166 -16.11 -52.92 -17.34
N GLY B 167 -17.32 -52.43 -17.08
CA GLY B 167 -18.56 -53.17 -17.35
C GLY B 167 -19.69 -52.18 -17.58
N ALA B 168 -20.13 -51.59 -16.48
CA ALA B 168 -20.97 -50.40 -16.46
C ALA B 168 -20.60 -49.61 -15.21
N VAL B 169 -20.16 -48.35 -15.40
CA VAL B 169 -19.83 -47.44 -14.29
C VAL B 169 -21.09 -47.22 -13.43
N GLU B 170 -20.96 -47.31 -12.11
CA GLU B 170 -22.06 -47.01 -11.17
C GLU B 170 -21.65 -45.77 -10.36
N ALA B 171 -22.64 -45.09 -9.75
CA ALA B 171 -22.39 -43.97 -8.81
C ALA B 171 -21.69 -44.46 -7.52
N GLU B 172 -21.74 -45.81 -7.31
CA GLU B 172 -21.04 -46.51 -6.23
C GLU B 172 -19.68 -47.09 -6.71
N ASP B 173 -19.21 -46.62 -7.89
CA ASP B 173 -17.83 -46.87 -8.39
C ASP B 173 -17.04 -45.55 -8.41
N ARG B 174 -15.77 -45.65 -8.80
CA ARG B 174 -14.93 -44.49 -9.11
C ARG B 174 -14.61 -44.50 -10.60
N VAL B 175 -14.37 -43.31 -11.17
CA VAL B 175 -14.04 -43.18 -12.58
C VAL B 175 -13.15 -41.94 -12.80
N THR B 176 -12.05 -42.16 -13.53
CA THR B 176 -11.14 -41.11 -13.97
C THR B 176 -11.44 -40.77 -15.45
N ILE B 177 -11.84 -39.52 -15.73
CA ILE B 177 -12.31 -39.08 -17.07
C ILE B 177 -11.60 -37.78 -17.50
N ASP B 178 -11.96 -37.31 -18.70
CA ASP B 178 -11.59 -35.97 -19.19
C ASP B 178 -12.68 -35.49 -20.15
N PHE B 179 -13.05 -34.21 -20.03
CA PHE B 179 -14.18 -33.61 -20.76
C PHE B 179 -13.99 -32.11 -20.97
N THR B 180 -14.68 -31.56 -21.97
CA THR B 180 -14.81 -30.10 -22.15
C THR B 180 -16.28 -29.70 -21.92
N GLY B 181 -16.46 -28.62 -21.16
CA GLY B 181 -17.77 -28.10 -20.81
C GLY B 181 -18.05 -26.78 -21.50
N SER B 182 -19.14 -26.75 -22.28
CA SER B 182 -19.62 -25.54 -22.95
C SER B 182 -21.11 -25.35 -22.67
N VAL B 183 -21.41 -24.43 -21.76
CA VAL B 183 -22.77 -24.11 -21.31
C VAL B 183 -23.55 -23.43 -22.45
N ASP B 184 -24.24 -24.26 -23.25
CA ASP B 184 -25.06 -23.84 -24.40
C ASP B 184 -24.17 -23.15 -25.47
N GLY B 185 -22.88 -23.53 -25.47
CA GLY B 185 -21.86 -22.91 -26.34
C GLY B 185 -21.01 -21.86 -25.60
N GLU B 186 -21.02 -21.88 -24.25
CA GLU B 186 -20.14 -21.02 -23.41
C GLU B 186 -19.11 -21.87 -22.67
N GLU B 187 -17.88 -21.92 -23.21
CA GLU B 187 -16.77 -22.71 -22.65
C GLU B 187 -16.27 -22.02 -21.37
N PHE B 188 -16.90 -22.36 -20.24
CA PHE B 188 -16.60 -21.76 -18.94
C PHE B 188 -15.25 -22.24 -18.40
N GLU B 189 -14.52 -21.31 -17.74
CA GLU B 189 -13.17 -21.53 -17.23
C GLU B 189 -13.21 -22.43 -15.99
N GLY B 190 -12.45 -23.53 -16.05
CA GLY B 190 -12.51 -24.58 -15.03
C GLY B 190 -13.61 -25.61 -15.31
N GLY B 191 -14.26 -25.48 -16.48
CA GLY B 191 -15.31 -26.39 -16.93
C GLY B 191 -14.76 -27.56 -17.72
N LYS B 192 -13.65 -28.10 -17.24
CA LYS B 192 -12.89 -29.16 -17.88
C LYS B 192 -11.86 -29.66 -16.86
N ALA B 193 -11.52 -30.93 -16.92
CA ALA B 193 -10.55 -31.54 -16.02
C ALA B 193 -10.06 -32.87 -16.60
N SER B 194 -8.82 -32.85 -17.11
CA SER B 194 -8.10 -34.07 -17.46
C SER B 194 -7.90 -34.90 -16.19
N ASP B 195 -8.18 -36.21 -16.27
CA ASP B 195 -8.03 -37.14 -15.13
C ASP B 195 -8.96 -36.76 -13.95
N PHE B 196 -10.15 -36.17 -14.28
CA PHE B 196 -11.21 -35.86 -13.31
C PHE B 196 -11.63 -37.15 -12.58
N VAL B 197 -11.45 -37.17 -11.26
CA VAL B 197 -11.67 -38.37 -10.45
C VAL B 197 -13.00 -38.26 -9.68
N LEU B 198 -14.06 -38.84 -10.27
CA LEU B 198 -15.37 -38.97 -9.62
C LEU B 198 -15.33 -40.22 -8.74
N ALA B 199 -15.09 -40.02 -7.44
CA ALA B 199 -15.07 -41.11 -6.44
C ALA B 199 -16.37 -41.13 -5.63
N MET B 200 -16.97 -42.32 -5.53
CA MET B 200 -18.09 -42.56 -4.61
C MET B 200 -17.65 -42.40 -3.14
N GLY B 201 -18.65 -42.37 -2.24
CA GLY B 201 -18.40 -42.27 -0.78
C GLY B 201 -18.30 -40.84 -0.30
N GLN B 202 -18.16 -39.91 -1.26
CA GLN B 202 -18.21 -38.47 -1.04
C GLN B 202 -19.70 -38.01 -1.03
N GLY B 203 -19.94 -36.69 -1.08
CA GLY B 203 -21.28 -36.12 -1.27
C GLY B 203 -21.84 -36.39 -2.68
N ARG B 204 -22.51 -35.41 -3.29
CA ARG B 204 -23.00 -35.53 -4.69
C ARG B 204 -22.72 -34.25 -5.48
N MET B 205 -22.95 -34.33 -6.80
CA MET B 205 -22.77 -33.22 -7.75
C MET B 205 -24.15 -32.78 -8.24
N ILE B 206 -24.21 -32.10 -9.39
CA ILE B 206 -25.47 -31.85 -10.10
C ILE B 206 -26.03 -33.18 -10.68
N PRO B 207 -27.38 -33.43 -10.58
CA PRO B 207 -28.04 -34.57 -11.26
C PRO B 207 -27.88 -34.50 -12.79
N GLY B 208 -28.11 -35.62 -13.46
CA GLY B 208 -27.95 -35.71 -14.91
C GLY B 208 -26.52 -36.03 -15.33
N PHE B 209 -25.55 -35.19 -14.85
CA PHE B 209 -24.11 -35.38 -15.12
C PHE B 209 -23.70 -36.79 -14.66
N GLU B 210 -23.92 -37.04 -13.35
CA GLU B 210 -23.67 -38.34 -12.69
C GLU B 210 -24.32 -39.48 -13.48
N ASP B 211 -25.58 -39.24 -13.92
CA ASP B 211 -26.41 -40.22 -14.66
C ASP B 211 -25.81 -40.58 -16.02
N GLY B 212 -25.09 -39.63 -16.63
CA GLY B 212 -24.42 -39.88 -17.90
C GLY B 212 -23.23 -40.80 -17.70
N ILE B 213 -22.39 -40.41 -16.74
CA ILE B 213 -21.18 -41.14 -16.35
C ILE B 213 -21.49 -42.60 -15.97
N LYS B 214 -22.54 -42.77 -15.12
CA LYS B 214 -22.94 -44.08 -14.58
C LYS B 214 -23.92 -44.82 -15.54
N GLY B 215 -24.17 -44.24 -16.72
CA GLY B 215 -25.04 -44.88 -17.72
C GLY B 215 -24.24 -45.45 -18.90
N HIS B 216 -22.91 -45.65 -18.69
CA HIS B 216 -21.96 -46.01 -19.75
C HIS B 216 -20.83 -46.94 -19.24
N LYS B 217 -19.92 -47.34 -20.16
CA LYS B 217 -18.75 -48.22 -19.86
C LYS B 217 -17.44 -47.51 -20.29
N ALA B 218 -16.29 -47.97 -19.76
CA ALA B 218 -14.97 -47.40 -20.11
C ALA B 218 -14.60 -47.66 -21.59
N GLY B 219 -13.65 -46.87 -22.08
CA GLY B 219 -13.10 -47.02 -23.43
C GLY B 219 -13.83 -46.20 -24.49
N GLU B 220 -15.08 -45.78 -24.20
CA GLU B 220 -15.90 -45.02 -25.15
C GLU B 220 -15.79 -43.50 -24.90
N GLU B 221 -16.20 -42.72 -25.93
CA GLU B 221 -16.26 -41.26 -25.90
C GLU B 221 -17.63 -40.83 -26.45
N PHE B 222 -18.27 -39.89 -25.73
CA PHE B 222 -19.63 -39.42 -26.02
C PHE B 222 -19.75 -37.98 -25.49
N THR B 223 -20.98 -37.44 -25.47
CA THR B 223 -21.27 -36.17 -24.83
C THR B 223 -22.62 -36.24 -24.11
N ILE B 224 -22.64 -35.80 -22.85
CA ILE B 224 -23.87 -35.58 -22.08
C ILE B 224 -24.16 -34.07 -22.08
N ASP B 225 -25.37 -33.71 -21.67
CA ASP B 225 -25.75 -32.31 -21.48
C ASP B 225 -26.76 -32.22 -20.36
N VAL B 226 -26.57 -31.23 -19.47
CA VAL B 226 -27.48 -30.97 -18.35
C VAL B 226 -27.65 -29.48 -18.16
N THR B 227 -28.90 -29.05 -17.98
CA THR B 227 -29.22 -27.67 -17.62
C THR B 227 -28.67 -27.39 -16.21
N PHE B 228 -27.78 -26.39 -16.09
CA PHE B 228 -27.28 -25.96 -14.77
C PHE B 228 -28.47 -25.45 -13.90
N PRO B 229 -28.58 -25.90 -12.62
CA PRO B 229 -29.65 -25.45 -11.69
C PRO B 229 -29.68 -23.91 -11.53
N GLU B 230 -30.86 -23.35 -11.26
CA GLU B 230 -31.01 -21.90 -10.97
C GLU B 230 -30.26 -21.52 -9.67
N GLU B 231 -30.08 -22.52 -8.79
CA GLU B 231 -29.36 -22.38 -7.52
C GLU B 231 -27.82 -22.44 -7.72
N TYR B 232 -27.36 -22.83 -8.95
CA TYR B 232 -25.93 -22.84 -9.31
C TYR B 232 -25.38 -21.39 -9.24
N HIS B 233 -24.24 -21.22 -8.54
CA HIS B 233 -23.81 -19.90 -7.99
C HIS B 233 -23.01 -19.03 -8.99
N ALA B 234 -23.22 -19.27 -10.30
CA ALA B 234 -22.65 -18.44 -11.39
C ALA B 234 -23.79 -18.08 -12.36
N GLU B 235 -24.01 -16.77 -12.54
CA GLU B 235 -25.22 -16.22 -13.16
C GLU B 235 -25.34 -16.56 -14.65
N ASN B 236 -24.23 -16.42 -15.40
CA ASN B 236 -24.23 -16.64 -16.86
C ASN B 236 -24.40 -18.14 -17.21
N LEU B 237 -24.01 -19.00 -16.25
CA LEU B 237 -23.98 -20.46 -16.45
C LEU B 237 -25.34 -21.10 -16.08
N LYS B 238 -25.93 -20.63 -14.98
CA LYS B 238 -27.18 -21.21 -14.43
C LYS B 238 -28.36 -21.00 -15.41
N GLY B 239 -29.12 -22.08 -15.68
CA GLY B 239 -30.33 -22.03 -16.51
C GLY B 239 -30.11 -22.52 -17.94
N LYS B 240 -28.84 -22.54 -18.40
CA LYS B 240 -28.49 -22.95 -19.78
C LYS B 240 -27.98 -24.41 -19.76
N ALA B 241 -28.16 -25.11 -20.89
CA ALA B 241 -27.76 -26.52 -21.05
C ALA B 241 -26.24 -26.64 -21.18
N ALA B 242 -25.59 -27.07 -20.08
CA ALA B 242 -24.15 -27.28 -20.02
C ALA B 242 -23.78 -28.59 -20.72
N LYS B 243 -23.14 -28.44 -21.89
CA LYS B 243 -22.69 -29.57 -22.72
C LYS B 243 -21.34 -30.08 -22.17
N PHE B 244 -21.15 -31.40 -22.16
CA PHE B 244 -19.96 -32.06 -21.56
C PHE B 244 -19.55 -33.23 -22.45
N ALA B 245 -18.50 -33.04 -23.26
CA ALA B 245 -17.96 -34.09 -24.12
C ALA B 245 -17.09 -35.05 -23.28
N ILE B 246 -17.74 -36.10 -22.75
CA ILE B 246 -17.11 -37.03 -21.79
C ILE B 246 -16.26 -38.09 -22.52
N ASN B 247 -15.03 -38.30 -22.02
CA ASN B 247 -14.17 -39.42 -22.40
C ASN B 247 -13.94 -40.30 -21.16
N LEU B 248 -14.59 -41.48 -21.12
CA LEU B 248 -14.36 -42.49 -20.07
C LEU B 248 -13.03 -43.21 -20.39
N LYS B 249 -11.93 -42.68 -19.84
CA LYS B 249 -10.58 -43.24 -20.07
C LYS B 249 -10.27 -44.37 -19.06
N LYS B 250 -10.58 -44.15 -17.78
CA LYS B 250 -10.27 -45.10 -16.68
C LYS B 250 -11.47 -45.22 -15.74
N VAL B 251 -11.71 -46.44 -15.21
CA VAL B 251 -12.77 -46.70 -14.21
C VAL B 251 -12.19 -47.62 -13.13
N GLU B 252 -12.25 -47.17 -11.86
CA GLU B 252 -11.73 -47.92 -10.70
C GLU B 252 -12.91 -48.42 -9.87
N GLU B 253 -13.01 -49.73 -9.71
CA GLU B 253 -14.04 -50.36 -8.89
C GLU B 253 -13.58 -50.34 -7.42
N ARG B 254 -14.54 -50.05 -6.53
CA ARG B 254 -14.33 -49.99 -5.08
C ARG B 254 -13.98 -51.38 -4.52
N GLU B 255 -12.98 -51.40 -3.63
CA GLU B 255 -12.60 -52.60 -2.89
C GLU B 255 -12.06 -52.16 -1.51
N LEU B 256 -12.65 -52.70 -0.44
CA LEU B 256 -12.27 -52.35 0.95
C LEU B 256 -11.20 -53.34 1.45
N PRO B 257 -9.92 -52.88 1.66
CA PRO B 257 -8.85 -53.72 2.21
C PRO B 257 -8.89 -53.76 3.75
N GLU B 258 -7.87 -54.39 4.35
CA GLU B 258 -7.66 -54.41 5.80
C GLU B 258 -6.34 -53.68 6.12
N LEU B 259 -6.12 -53.37 7.40
CA LEU B 259 -4.98 -52.56 7.86
C LEU B 259 -3.69 -53.42 7.97
N THR B 260 -3.14 -53.81 6.79
CA THR B 260 -1.87 -54.55 6.67
C THR B 260 -0.71 -53.57 6.41
N ALA B 261 0.55 -54.07 6.42
CA ALA B 261 1.77 -53.25 6.20
C ALA B 261 1.71 -52.46 4.88
N GLU B 262 1.16 -53.14 3.85
CA GLU B 262 0.96 -52.57 2.50
C GLU B 262 0.02 -51.35 2.57
N PHE B 263 -0.95 -51.44 3.50
CA PHE B 263 -1.97 -50.41 3.70
C PHE B 263 -1.47 -49.32 4.68
N ILE B 264 -0.50 -49.67 5.57
CA ILE B 264 0.21 -48.67 6.41
C ILE B 264 0.94 -47.70 5.47
N LYS B 265 1.57 -48.29 4.44
CA LYS B 265 2.26 -47.55 3.38
C LYS B 265 1.29 -46.87 2.38
N ARG B 266 -0.03 -47.20 2.44
CA ARG B 266 -1.06 -46.60 1.54
C ARG B 266 -1.24 -45.12 1.91
N PHE B 267 -1.07 -44.81 3.21
CA PHE B 267 -1.06 -43.42 3.73
C PHE B 267 0.35 -42.80 3.67
N GLY B 268 1.33 -43.56 3.14
CA GLY B 268 2.73 -43.11 3.04
C GLY B 268 3.46 -43.13 4.37
N VAL B 269 2.95 -43.89 5.36
CA VAL B 269 3.57 -44.02 6.68
C VAL B 269 4.77 -44.99 6.58
N GLU B 270 5.98 -44.39 6.55
CA GLU B 270 7.26 -45.10 6.35
C GLU B 270 7.62 -46.02 7.54
N ASP B 271 6.98 -45.78 8.70
CA ASP B 271 7.18 -46.57 9.94
C ASP B 271 6.90 -48.08 9.69
N GLY B 272 5.91 -48.36 8.82
CA GLY B 272 5.61 -49.74 8.40
C GLY B 272 4.70 -50.48 9.37
N SER B 273 4.95 -50.32 10.69
CA SER B 273 4.15 -50.97 11.75
C SER B 273 2.80 -50.26 11.92
N VAL B 274 1.78 -51.03 12.36
CA VAL B 274 0.41 -50.53 12.65
C VAL B 274 0.47 -49.46 13.76
N GLU B 275 1.38 -49.66 14.72
CA GLU B 275 1.65 -48.70 15.81
C GLU B 275 2.06 -47.33 15.25
N GLY B 276 2.73 -47.33 14.08
CA GLY B 276 3.10 -46.10 13.38
C GLY B 276 1.92 -45.45 12.69
N LEU B 277 0.96 -46.28 12.24
CA LEU B 277 -0.24 -45.80 11.53
C LEU B 277 -1.10 -45.03 12.55
N ARG B 278 -1.35 -45.71 13.68
CA ARG B 278 -2.10 -45.18 14.82
C ARG B 278 -1.37 -44.00 15.48
N ALA B 279 -0.01 -44.01 15.48
CA ALA B 279 0.81 -42.92 16.06
C ALA B 279 0.64 -41.63 15.26
N GLU B 280 0.82 -41.73 13.92
CA GLU B 280 0.72 -40.57 13.00
C GLU B 280 -0.73 -40.08 12.92
N VAL B 281 -1.69 -41.01 12.91
CA VAL B 281 -3.13 -40.71 13.01
C VAL B 281 -3.41 -39.97 14.33
N ARG B 282 -2.74 -40.38 15.43
CA ARG B 282 -2.89 -39.74 16.76
C ARG B 282 -2.22 -38.34 16.77
N LYS B 283 -1.18 -38.14 15.93
CA LYS B 283 -0.55 -36.79 15.74
C LYS B 283 -1.56 -35.83 15.11
N ASN B 284 -2.23 -36.34 14.04
CA ASN B 284 -3.31 -35.62 13.35
C ASN B 284 -4.52 -35.45 14.29
N MET B 285 -4.79 -36.47 15.12
CA MET B 285 -5.93 -36.46 16.06
C MET B 285 -5.74 -35.35 17.08
N GLU B 286 -4.54 -35.27 17.69
CA GLU B 286 -4.15 -34.22 18.67
C GLU B 286 -4.51 -32.80 18.18
N ARG B 287 -3.90 -32.43 17.04
CA ARG B 287 -3.98 -31.08 16.48
C ARG B 287 -5.39 -30.78 15.95
N GLU B 288 -6.01 -31.77 15.27
CA GLU B 288 -7.39 -31.63 14.74
C GLU B 288 -8.42 -31.68 15.87
N LEU B 289 -8.08 -32.32 17.01
CA LEU B 289 -8.99 -32.46 18.18
C LEU B 289 -9.17 -31.08 18.78
N LYS B 290 -8.04 -30.46 19.15
CA LYS B 290 -8.04 -29.15 19.79
C LYS B 290 -8.51 -28.05 18.80
N SER B 291 -8.13 -28.20 17.51
CA SER B 291 -8.59 -27.30 16.43
C SER B 291 -10.12 -27.40 16.27
N ALA B 292 -10.67 -28.62 16.42
CA ALA B 292 -12.12 -28.87 16.33
C ALA B 292 -12.84 -28.33 17.57
N ILE B 293 -12.22 -28.45 18.76
CA ILE B 293 -12.79 -27.92 20.01
C ILE B 293 -12.96 -26.40 19.89
N ARG B 294 -11.83 -25.69 19.67
CA ARG B 294 -11.82 -24.22 19.59
C ARG B 294 -12.69 -23.73 18.43
N ASN B 295 -12.55 -24.31 17.22
CA ASN B 295 -13.28 -23.82 16.03
C ASN B 295 -14.80 -24.09 16.14
N ARG B 296 -15.22 -25.26 16.68
CA ARG B 296 -16.67 -25.58 16.82
C ARG B 296 -17.33 -24.72 17.92
N VAL B 297 -16.67 -24.58 19.11
CA VAL B 297 -17.24 -23.80 20.23
C VAL B 297 -17.22 -22.27 19.90
N LYS B 298 -16.21 -21.86 19.12
CA LYS B 298 -16.09 -20.49 18.60
C LYS B 298 -17.24 -20.22 17.63
N SER B 299 -17.40 -21.11 16.62
CA SER B 299 -18.45 -20.98 15.58
C SER B 299 -19.85 -21.00 16.19
N GLN B 300 -20.02 -21.81 17.26
CA GLN B 300 -21.28 -21.90 18.05
C GLN B 300 -21.55 -20.56 18.76
N ALA B 301 -20.48 -19.98 19.34
CA ALA B 301 -20.51 -18.65 19.95
C ALA B 301 -20.84 -17.57 18.88
N ILE B 302 -20.31 -17.72 17.66
CA ILE B 302 -20.52 -16.76 16.55
C ILE B 302 -21.99 -16.81 16.08
N GLU B 303 -22.57 -18.04 16.06
CA GLU B 303 -24.03 -18.24 15.84
C GLU B 303 -24.80 -17.43 16.87
N GLY B 304 -24.40 -17.62 18.15
CA GLY B 304 -25.01 -16.93 19.29
C GLY B 304 -24.81 -15.41 19.26
N LEU B 305 -23.65 -14.94 18.71
CA LEU B 305 -23.32 -13.50 18.64
C LEU B 305 -24.23 -12.78 17.64
N VAL B 306 -24.37 -13.35 16.41
CA VAL B 306 -25.30 -12.81 15.39
C VAL B 306 -26.75 -12.85 15.96
N LYS B 307 -27.14 -14.06 16.42
CA LYS B 307 -28.47 -14.36 16.99
C LYS B 307 -28.82 -13.40 18.15
N ALA B 308 -27.79 -13.01 18.94
CA ALA B 308 -27.94 -12.11 20.10
C ALA B 308 -28.65 -10.81 19.70
N ASN B 309 -28.30 -10.26 18.51
CA ASN B 309 -28.90 -9.01 18.00
C ASN B 309 -28.44 -8.75 16.55
N ASP B 310 -29.41 -8.59 15.64
CA ASP B 310 -29.16 -8.19 14.25
C ASP B 310 -28.94 -6.67 14.22
N ILE B 311 -27.67 -6.26 14.36
CA ILE B 311 -27.28 -4.86 14.57
C ILE B 311 -27.23 -4.06 13.25
N ASP B 312 -27.14 -2.73 13.37
CA ASP B 312 -26.89 -1.83 12.23
C ASP B 312 -25.39 -1.82 11.91
N VAL B 313 -25.07 -1.99 10.63
CA VAL B 313 -23.69 -2.15 10.12
C VAL B 313 -23.44 -1.20 8.93
N PRO B 314 -22.22 -0.56 8.83
CA PRO B 314 -21.87 0.36 7.73
C PRO B 314 -21.70 -0.40 6.39
N ALA B 315 -22.50 -0.01 5.38
CA ALA B 315 -22.64 -0.74 4.10
C ALA B 315 -21.29 -0.98 3.39
N ALA B 316 -20.40 0.04 3.42
CA ALA B 316 -19.08 0.00 2.76
C ALA B 316 -18.22 -1.19 3.21
N LEU B 317 -18.37 -1.60 4.48
CA LEU B 317 -17.65 -2.75 5.06
C LEU B 317 -18.13 -4.08 4.44
N ILE B 318 -19.46 -4.18 4.26
CA ILE B 318 -20.11 -5.35 3.63
C ILE B 318 -19.68 -5.43 2.16
N ASP B 319 -19.80 -4.30 1.44
CA ASP B 319 -19.44 -4.18 0.01
C ASP B 319 -17.97 -4.50 -0.24
N SER B 320 -17.10 -4.07 0.69
CA SER B 320 -15.65 -4.35 0.64
C SER B 320 -15.41 -5.86 0.80
N GLU B 321 -16.09 -6.48 1.79
CA GLU B 321 -16.08 -7.93 2.01
C GLU B 321 -16.53 -8.68 0.73
N ILE B 322 -17.63 -8.20 0.10
CA ILE B 322 -18.21 -8.79 -1.13
C ILE B 322 -17.21 -8.73 -2.29
N ASP B 323 -16.52 -7.58 -2.42
CA ASP B 323 -15.58 -7.32 -3.51
C ASP B 323 -14.35 -8.23 -3.40
N VAL B 324 -13.82 -8.36 -2.17
CA VAL B 324 -12.68 -9.24 -1.88
C VAL B 324 -13.09 -10.71 -2.04
N LEU B 325 -14.31 -11.06 -1.59
CA LEU B 325 -14.86 -12.44 -1.71
C LEU B 325 -15.12 -12.82 -3.19
N ARG B 326 -15.49 -11.82 -4.02
CA ARG B 326 -15.68 -11.98 -5.47
C ARG B 326 -14.33 -12.27 -6.13
N ARG B 327 -13.35 -11.36 -5.86
CA ARG B 327 -11.98 -11.45 -6.36
C ARG B 327 -11.40 -12.84 -6.02
N GLN B 328 -11.35 -13.14 -4.71
CA GLN B 328 -10.79 -14.39 -4.16
C GLN B 328 -11.44 -15.64 -4.77
N ALA B 329 -12.78 -15.62 -4.92
CA ALA B 329 -13.52 -16.75 -5.55
C ALA B 329 -12.98 -17.00 -6.97
N ALA B 330 -13.17 -16.00 -7.88
CA ALA B 330 -12.80 -16.14 -9.29
C ALA B 330 -11.26 -16.14 -9.50
N GLN B 331 -10.49 -15.78 -8.46
CA GLN B 331 -9.01 -15.80 -8.47
C GLN B 331 -8.50 -17.25 -8.30
N ARG B 332 -9.37 -18.12 -7.73
CA ARG B 332 -9.12 -19.56 -7.63
C ARG B 332 -9.74 -20.27 -8.86
N PHE B 333 -10.98 -19.87 -9.20
CA PHE B 333 -11.70 -20.40 -10.37
C PHE B 333 -11.20 -19.71 -11.65
N GLY B 334 -9.98 -20.09 -12.08
CA GLY B 334 -9.37 -19.62 -13.34
C GLY B 334 -8.37 -18.49 -13.12
N GLY B 335 -8.71 -17.54 -12.23
CA GLY B 335 -7.84 -16.38 -11.95
C GLY B 335 -8.23 -15.19 -12.79
N ASN B 336 -9.47 -14.70 -12.61
CA ASN B 336 -10.06 -13.63 -13.43
C ASN B 336 -10.83 -12.63 -12.55
N GLU B 337 -10.88 -11.39 -13.03
CA GLU B 337 -11.65 -10.29 -12.40
C GLU B 337 -13.04 -10.20 -13.05
N LYS B 338 -13.13 -10.55 -14.36
CA LYS B 338 -14.34 -10.40 -15.19
C LYS B 338 -15.53 -11.13 -14.56
N GLN B 339 -15.37 -12.46 -14.34
CA GLN B 339 -16.44 -13.34 -13.84
C GLN B 339 -16.72 -13.08 -12.34
N ALA B 340 -15.74 -12.47 -11.62
CA ALA B 340 -15.85 -12.17 -10.17
C ALA B 340 -17.10 -11.29 -9.87
N LEU B 341 -17.13 -10.09 -10.49
CA LEU B 341 -18.20 -9.08 -10.27
C LEU B 341 -19.60 -9.62 -10.59
N GLU B 342 -19.66 -10.67 -11.42
CA GLU B 342 -20.90 -11.33 -11.84
C GLU B 342 -21.64 -11.98 -10.64
N LEU B 343 -20.88 -12.65 -9.72
CA LEU B 343 -21.50 -13.46 -8.62
C LEU B 343 -22.32 -12.55 -7.69
N PRO B 344 -23.58 -12.95 -7.31
CA PRO B 344 -24.50 -12.09 -6.53
C PRO B 344 -23.98 -11.85 -5.09
N ARG B 345 -23.90 -10.56 -4.71
CA ARG B 345 -23.41 -10.11 -3.38
C ARG B 345 -24.12 -10.88 -2.24
N GLU B 346 -25.40 -11.22 -2.50
CA GLU B 346 -26.28 -12.02 -1.62
C GLU B 346 -25.57 -13.23 -0.99
N LEU B 347 -24.89 -14.06 -1.84
CA LEU B 347 -24.30 -15.33 -1.38
C LEU B 347 -23.04 -15.07 -0.53
N PHE B 348 -22.48 -13.87 -0.68
CA PHE B 348 -21.28 -13.45 0.06
C PHE B 348 -21.68 -12.80 1.40
N GLU B 349 -22.81 -12.06 1.39
CA GLU B 349 -23.28 -11.24 2.54
C GLU B 349 -23.62 -12.09 3.77
N GLU B 350 -24.04 -13.34 3.56
CA GLU B 350 -24.40 -14.25 4.67
C GLU B 350 -23.18 -14.59 5.57
N GLN B 351 -21.96 -14.40 5.03
CA GLN B 351 -20.68 -14.57 5.78
C GLN B 351 -20.08 -13.17 6.09
N ALA B 352 -20.15 -12.28 5.09
CA ALA B 352 -19.62 -10.90 5.18
C ALA B 352 -20.28 -10.09 6.31
N LYS B 353 -21.63 -9.93 6.19
CA LYS B 353 -22.46 -9.25 7.21
C LYS B 353 -22.26 -9.91 8.59
N ARG B 354 -22.10 -11.25 8.60
CA ARG B 354 -21.75 -11.99 9.84
C ARG B 354 -20.42 -11.47 10.43
N ARG B 355 -19.40 -11.25 9.56
CA ARG B 355 -18.06 -10.80 10.00
C ARG B 355 -18.14 -9.40 10.62
N VAL B 356 -18.83 -8.48 9.92
CA VAL B 356 -18.92 -7.07 10.37
C VAL B 356 -19.78 -6.95 11.65
N VAL B 357 -20.86 -7.77 11.75
CA VAL B 357 -21.75 -7.81 12.94
C VAL B 357 -20.96 -8.27 14.17
N VAL B 358 -20.37 -9.47 14.08
CA VAL B 358 -19.59 -10.08 15.19
C VAL B 358 -18.29 -9.29 15.44
N GLY B 359 -17.78 -8.63 14.40
CA GLY B 359 -16.58 -7.77 14.51
C GLY B 359 -16.84 -6.53 15.35
N LEU B 360 -18.04 -5.94 15.18
CA LEU B 360 -18.51 -4.81 15.98
C LEU B 360 -18.86 -5.26 17.42
N LEU B 361 -19.53 -6.43 17.54
CA LEU B 361 -20.00 -6.98 18.84
C LEU B 361 -18.81 -7.36 19.74
N LEU B 362 -17.96 -8.31 19.27
CA LEU B 362 -16.71 -8.70 19.98
C LEU B 362 -15.77 -7.49 20.14
N GLY B 363 -15.82 -6.57 19.16
CA GLY B 363 -15.10 -5.30 19.21
C GLY B 363 -15.49 -4.47 20.44
N GLU B 364 -16.81 -4.42 20.72
CA GLU B 364 -17.34 -3.69 21.89
C GLU B 364 -17.29 -4.49 23.19
N VAL B 365 -17.12 -5.83 23.12
CA VAL B 365 -16.86 -6.65 24.32
C VAL B 365 -15.49 -6.23 24.89
N ILE B 366 -14.48 -6.30 24.01
CA ILE B 366 -13.08 -6.00 24.35
C ILE B 366 -12.86 -4.49 24.55
N ARG B 367 -13.70 -3.66 23.86
CA ARG B 367 -13.71 -2.18 24.02
C ARG B 367 -14.17 -1.78 25.42
N THR B 368 -15.43 -2.17 25.76
CA THR B 368 -16.09 -1.75 27.01
C THR B 368 -15.36 -2.33 28.23
N ASN B 369 -14.92 -3.60 28.13
CA ASN B 369 -14.12 -4.24 29.20
C ASN B 369 -12.66 -3.73 29.19
N GLU B 370 -12.22 -3.20 28.02
CA GLU B 370 -10.83 -2.71 27.78
C GLU B 370 -9.81 -3.85 27.93
N LEU B 371 -10.23 -5.07 27.55
CA LEU B 371 -9.44 -6.29 27.81
C LEU B 371 -8.36 -6.44 26.72
N LYS B 372 -7.14 -6.77 27.15
CA LYS B 372 -5.95 -6.89 26.29
C LYS B 372 -5.44 -8.32 26.37
N ALA B 373 -4.82 -8.81 25.28
CA ALA B 373 -4.23 -10.14 25.24
C ALA B 373 -3.03 -10.21 26.18
N ASP B 374 -3.33 -10.56 27.43
CA ASP B 374 -2.36 -10.65 28.53
C ASP B 374 -1.20 -11.58 28.18
N GLU B 375 0.01 -11.21 28.63
CA GLU B 375 1.27 -11.86 28.24
C GLU B 375 1.28 -13.37 28.53
N GLU B 376 0.61 -13.78 29.61
CA GLU B 376 0.50 -15.20 30.01
C GLU B 376 -0.55 -15.94 29.15
N ARG B 377 -1.63 -15.22 28.72
CA ARG B 377 -2.69 -15.78 27.85
C ARG B 377 -2.07 -16.12 26.48
N VAL B 378 -1.40 -15.11 25.90
CA VAL B 378 -0.76 -15.23 24.58
C VAL B 378 0.48 -16.15 24.66
N LYS B 379 1.20 -16.16 25.82
CA LYS B 379 2.36 -17.08 26.02
C LYS B 379 1.89 -18.54 25.89
N GLY B 380 0.77 -18.83 26.62
CA GLY B 380 0.14 -20.14 26.60
C GLY B 380 -0.30 -20.57 25.20
N LEU B 381 -1.01 -19.65 24.51
CA LEU B 381 -1.49 -19.87 23.13
C LEU B 381 -0.32 -20.23 22.19
N ILE B 382 0.75 -19.40 22.26
CA ILE B 382 1.95 -19.57 21.43
C ILE B 382 2.62 -20.92 21.71
N GLU B 383 2.75 -21.31 23.00
CA GLU B 383 3.43 -22.57 23.40
C GLU B 383 2.63 -23.80 22.93
N GLU B 384 1.30 -23.72 23.03
CA GLU B 384 0.38 -24.79 22.58
C GLU B 384 0.48 -25.00 21.05
N MET B 385 0.54 -23.90 20.27
CA MET B 385 0.73 -24.00 18.80
C MET B 385 2.22 -24.23 18.43
N ALA B 386 3.12 -23.94 19.40
CA ALA B 386 4.58 -24.17 19.27
C ALA B 386 4.91 -25.64 19.45
N SER B 387 4.04 -26.34 20.21
CA SER B 387 4.11 -27.80 20.38
C SER B 387 3.96 -28.53 19.03
N ALA B 388 3.31 -27.84 18.05
CA ALA B 388 3.16 -28.34 16.67
C ALA B 388 4.46 -28.12 15.84
N TYR B 389 5.33 -27.19 16.30
CA TYR B 389 6.64 -26.92 15.67
C TYR B 389 7.71 -27.90 16.20
N GLU B 390 8.95 -27.72 15.71
CA GLU B 390 10.09 -28.56 16.08
C GLU B 390 10.64 -28.14 17.45
N ASP B 391 11.00 -26.84 17.58
CA ASP B 391 11.57 -26.27 18.82
C ASP B 391 10.61 -25.22 19.40
N PRO B 392 9.65 -25.63 20.32
CA PRO B 392 8.67 -24.70 20.95
C PRO B 392 9.35 -23.45 21.56
N LYS B 393 10.49 -23.69 22.23
CA LYS B 393 11.28 -22.66 22.92
C LYS B 393 11.54 -21.43 22.02
N GLU B 394 12.12 -21.69 20.83
CA GLU B 394 12.49 -20.63 19.87
C GLU B 394 11.25 -20.05 19.16
N VAL B 395 10.08 -20.74 19.24
CA VAL B 395 8.83 -20.22 18.65
C VAL B 395 8.32 -19.10 19.56
N ILE B 396 8.17 -19.45 20.85
CA ILE B 396 7.68 -18.52 21.89
C ILE B 396 8.61 -17.29 21.96
N GLU B 397 9.93 -17.59 21.97
CA GLU B 397 11.01 -16.60 22.02
C GLU B 397 10.95 -15.62 20.84
N PHE B 398 11.12 -16.15 19.60
CA PHE B 398 11.26 -15.32 18.39
C PHE B 398 9.96 -14.55 18.09
N TYR B 399 8.80 -15.19 18.33
CA TYR B 399 7.49 -14.55 18.13
C TYR B 399 7.32 -13.36 19.08
N SER B 400 7.52 -13.59 20.40
CA SER B 400 7.36 -12.53 21.43
C SER B 400 8.40 -11.39 21.24
N LYS B 401 9.54 -11.72 20.60
CA LYS B 401 10.60 -10.76 20.28
C LYS B 401 10.24 -9.93 19.02
N ASN B 402 9.53 -10.57 18.08
CA ASN B 402 9.22 -9.98 16.76
C ASN B 402 7.95 -9.15 16.91
N LYS B 403 8.03 -7.84 16.60
CA LYS B 403 6.88 -6.90 16.75
C LYS B 403 5.65 -7.40 15.95
N GLU B 404 5.94 -7.84 14.72
CA GLU B 404 4.94 -8.33 13.75
C GLU B 404 4.19 -9.55 14.31
N LEU B 405 4.98 -10.56 14.72
CA LEU B 405 4.45 -11.83 15.24
C LEU B 405 3.72 -11.61 16.56
N MET B 406 4.40 -10.99 17.55
CA MET B 406 3.86 -10.72 18.90
C MET B 406 2.49 -10.00 18.82
N ASP B 407 2.39 -8.98 17.92
CA ASP B 407 1.13 -8.23 17.70
C ASP B 407 0.03 -9.16 17.14
N ASN B 408 0.40 -9.96 16.13
CA ASN B 408 -0.51 -10.88 15.42
C ASN B 408 -0.98 -12.02 16.36
N MET B 409 -0.08 -12.44 17.27
CA MET B 409 -0.35 -13.53 18.22
C MET B 409 -1.23 -13.02 19.36
N ARG B 410 -1.06 -11.73 19.72
CA ARG B 410 -1.94 -11.06 20.69
C ARG B 410 -3.28 -10.70 20.04
N ASN B 411 -3.28 -10.54 18.71
CA ASN B 411 -4.52 -10.30 17.94
C ASN B 411 -5.39 -11.56 18.02
N VAL B 412 -4.81 -12.74 17.65
CA VAL B 412 -5.54 -14.03 17.69
C VAL B 412 -5.88 -14.43 19.15
N ALA B 413 -5.05 -13.98 20.10
CA ALA B 413 -5.30 -14.17 21.54
C ALA B 413 -6.44 -13.25 22.01
N LEU B 414 -6.62 -12.09 21.35
CA LEU B 414 -7.76 -11.20 21.60
C LEU B 414 -9.05 -11.73 20.95
N GLU B 415 -8.96 -12.42 19.79
CA GLU B 415 -10.11 -13.14 19.21
C GLU B 415 -10.59 -14.21 20.19
N GLU B 416 -9.63 -15.05 20.63
CA GLU B 416 -9.88 -16.14 21.59
C GLU B 416 -10.47 -15.58 22.91
N GLN B 417 -9.83 -14.51 23.44
CA GLN B 417 -10.22 -13.90 24.73
C GLN B 417 -11.56 -13.15 24.61
N ALA B 418 -11.87 -12.63 23.39
CA ALA B 418 -13.15 -11.96 23.10
C ALA B 418 -14.31 -12.95 23.17
N VAL B 419 -14.10 -14.11 22.51
CA VAL B 419 -15.06 -15.21 22.50
C VAL B 419 -15.24 -15.74 23.95
N GLU B 420 -14.14 -15.97 24.67
CA GLU B 420 -14.19 -16.50 26.06
C GLU B 420 -14.80 -15.50 27.05
N ALA B 421 -14.63 -14.19 26.77
CA ALA B 421 -15.22 -13.12 27.59
C ALA B 421 -16.76 -13.19 27.58
N VAL B 422 -17.33 -13.36 26.37
CA VAL B 422 -18.78 -13.52 26.21
C VAL B 422 -19.23 -14.93 26.64
N LEU B 423 -18.33 -15.96 26.51
CA LEU B 423 -18.63 -17.35 26.97
C LEU B 423 -18.74 -17.42 28.51
N ALA B 424 -17.96 -16.56 29.20
CA ALA B 424 -17.96 -16.46 30.67
C ALA B 424 -19.34 -16.03 31.21
N LYS B 425 -20.14 -15.35 30.36
CA LYS B 425 -21.50 -14.89 30.70
C LYS B 425 -22.56 -15.75 29.98
N ALA B 426 -22.17 -16.34 28.84
CA ALA B 426 -23.04 -17.21 28.03
C ALA B 426 -23.13 -18.60 28.68
N LYS B 427 -24.27 -19.28 28.50
CA LYS B 427 -24.54 -20.58 29.14
C LYS B 427 -23.68 -21.69 28.50
N VAL B 428 -22.48 -21.92 29.07
CA VAL B 428 -21.57 -22.99 28.62
C VAL B 428 -22.03 -24.33 29.20
N THR B 429 -22.72 -25.13 28.38
CA THR B 429 -23.19 -26.46 28.76
C THR B 429 -22.14 -27.51 28.37
N GLU B 430 -21.37 -27.97 29.38
CA GLU B 430 -20.44 -29.11 29.24
C GLU B 430 -21.23 -30.36 28.77
N LYS B 431 -20.83 -30.93 27.63
CA LYS B 431 -21.63 -31.94 26.93
C LYS B 431 -20.71 -33.06 26.44
N GLU B 432 -20.87 -34.25 27.03
CA GLU B 432 -20.07 -35.44 26.72
C GLU B 432 -20.30 -35.89 25.26
N THR B 433 -19.23 -35.90 24.49
CA THR B 433 -19.19 -36.36 23.09
C THR B 433 -17.96 -37.25 22.87
N THR B 434 -17.96 -37.97 21.74
CA THR B 434 -16.80 -38.75 21.27
C THR B 434 -16.12 -38.03 20.10
N PHE B 435 -14.95 -38.57 19.67
CA PHE B 435 -14.17 -38.06 18.52
C PHE B 435 -15.06 -37.98 17.27
N ASN B 436 -15.89 -39.04 17.08
CA ASN B 436 -16.85 -39.14 15.98
C ASN B 436 -17.84 -37.96 16.02
N GLU B 437 -18.49 -37.75 17.19
CA GLU B 437 -19.54 -36.73 17.37
C GLU B 437 -18.99 -35.28 17.26
N LEU B 438 -17.67 -35.12 17.42
CA LEU B 438 -17.00 -33.81 17.30
C LEU B 438 -16.74 -33.46 15.82
N MET B 439 -16.06 -34.39 15.11
CA MET B 439 -15.71 -34.22 13.68
C MET B 439 -16.96 -34.31 12.77
N ASN B 440 -18.03 -34.94 13.27
CA ASN B 440 -19.31 -35.04 12.55
C ASN B 440 -20.22 -33.85 12.90
N GLN B 441 -19.98 -33.27 14.11
CA GLN B 441 -20.87 -32.33 14.86
C GLN B 441 -22.27 -32.10 14.20
N GLN B 442 -23.08 -33.19 14.21
CA GLN B 442 -24.44 -33.19 13.65
C GLN B 442 -25.16 -34.49 14.07
N ALA B 443 -24.77 -35.60 13.43
CA ALA B 443 -25.37 -36.93 13.64
C ALA B 443 -24.49 -37.99 12.92
N MET A 12 11.56 -26.75 3.25
CA MET A 12 12.20 -25.42 3.19
C MET A 12 13.71 -25.55 3.45
N GLN A 13 14.51 -25.27 2.41
CA GLN A 13 15.98 -25.26 2.49
C GLN A 13 16.45 -23.82 2.71
N VAL A 14 16.95 -23.52 3.92
CA VAL A 14 17.43 -22.18 4.30
C VAL A 14 18.91 -22.24 4.70
N SER A 15 19.71 -21.22 4.32
CA SER A 15 21.13 -21.12 4.70
C SER A 15 21.55 -19.65 4.81
N VAL A 16 21.71 -19.18 6.06
CA VAL A 16 22.24 -17.83 6.36
C VAL A 16 23.77 -17.80 6.16
N GLU A 17 24.28 -16.68 5.65
CA GLU A 17 25.72 -16.45 5.45
C GLU A 17 25.97 -14.93 5.57
N THR A 18 26.58 -14.53 6.70
CA THR A 18 26.87 -13.13 7.03
C THR A 18 27.79 -12.47 5.95
N THR A 19 27.24 -11.46 5.25
CA THR A 19 27.93 -10.80 4.11
C THR A 19 28.68 -9.53 4.60
N GLN A 20 27.97 -8.65 5.31
CA GLN A 20 28.54 -7.38 5.84
C GLN A 20 27.99 -7.11 7.26
N GLY A 21 28.40 -7.98 8.22
CA GLY A 21 28.10 -7.80 9.66
C GLY A 21 26.62 -7.82 10.00
N LEU A 22 25.97 -6.64 9.86
CA LEU A 22 24.51 -6.49 10.00
C LEU A 22 23.82 -7.21 8.83
N GLY A 23 24.39 -7.00 7.63
CA GLY A 23 23.95 -7.64 6.39
C GLY A 23 24.29 -9.13 6.36
N ARG A 24 23.26 -9.99 6.25
CA ARG A 24 23.44 -11.46 6.25
C ARG A 24 22.46 -12.09 5.23
N ARG A 25 23.03 -12.82 4.26
CA ARG A 25 22.28 -13.44 3.15
C ARG A 25 21.75 -14.83 3.55
N VAL A 26 20.43 -14.93 3.73
CA VAL A 26 19.73 -16.22 3.95
C VAL A 26 19.18 -16.72 2.60
N THR A 27 19.93 -17.63 1.97
CA THR A 27 19.49 -18.30 0.74
C THR A 27 18.38 -19.31 1.06
N ILE A 28 17.15 -19.05 0.57
CA ILE A 28 15.99 -19.93 0.81
C ILE A 28 15.50 -20.53 -0.54
N THR A 29 15.68 -21.85 -0.68
CA THR A 29 15.14 -22.65 -1.78
C THR A 29 13.80 -23.29 -1.34
N ILE A 30 12.69 -22.86 -1.97
CA ILE A 30 11.37 -23.48 -1.78
C ILE A 30 11.13 -24.49 -2.92
N ALA A 31 11.08 -25.78 -2.59
CA ALA A 31 10.83 -26.86 -3.58
C ALA A 31 9.44 -26.70 -4.23
N ALA A 32 9.29 -27.22 -5.47
CA ALA A 32 8.04 -27.15 -6.24
C ALA A 32 6.85 -27.80 -5.51
N ASP A 33 7.16 -28.80 -4.66
CA ASP A 33 6.20 -29.51 -3.79
C ASP A 33 5.68 -28.57 -2.67
N SER A 34 6.61 -27.79 -2.08
CA SER A 34 6.30 -26.85 -1.00
C SER A 34 5.49 -25.64 -1.55
N ILE A 35 5.81 -25.24 -2.80
CA ILE A 35 5.06 -24.21 -3.53
C ILE A 35 3.64 -24.75 -3.84
N GLU A 36 3.59 -26.01 -4.33
CA GLU A 36 2.34 -26.71 -4.71
C GLU A 36 1.32 -26.70 -3.54
N THR A 37 1.79 -27.14 -2.36
CA THR A 37 0.98 -27.24 -1.14
C THR A 37 0.48 -25.85 -0.70
N ALA A 38 1.36 -24.84 -0.80
CA ALA A 38 1.04 -23.45 -0.41
C ALA A 38 -0.07 -22.86 -1.32
N VAL A 39 0.08 -23.04 -2.65
CA VAL A 39 -0.88 -22.54 -3.65
C VAL A 39 -2.26 -23.19 -3.44
N LYS A 40 -2.25 -24.53 -3.25
CA LYS A 40 -3.46 -25.34 -2.99
C LYS A 40 -4.21 -24.85 -1.75
N SER A 41 -3.47 -24.75 -0.63
CA SER A 41 -4.02 -24.36 0.67
C SER A 41 -4.65 -22.96 0.61
N GLU A 42 -3.91 -21.98 0.07
CA GLU A 42 -4.34 -20.57 0.06
C GLU A 42 -5.48 -20.32 -0.95
N LEU A 43 -5.50 -21.08 -2.07
CA LEU A 43 -6.56 -20.96 -3.09
C LEU A 43 -7.88 -21.52 -2.50
N VAL A 44 -7.84 -22.71 -1.87
CA VAL A 44 -9.05 -23.31 -1.27
C VAL A 44 -9.49 -22.53 -0.01
N ASN A 45 -8.51 -21.92 0.70
CA ASN A 45 -8.79 -21.01 1.86
C ASN A 45 -9.66 -19.84 1.39
N VAL A 46 -9.15 -19.05 0.41
CA VAL A 46 -9.87 -17.86 -0.10
C VAL A 46 -11.20 -18.27 -0.78
N ALA A 47 -11.24 -19.51 -1.33
CA ALA A 47 -12.47 -20.11 -1.90
C ALA A 47 -13.54 -20.36 -0.81
N LYS A 48 -13.09 -20.75 0.41
CA LYS A 48 -14.00 -21.01 1.56
C LYS A 48 -14.34 -19.69 2.30
N LYS A 49 -13.41 -18.72 2.22
CA LYS A 49 -13.55 -17.40 2.85
C LYS A 49 -14.64 -16.60 2.14
N VAL A 50 -14.45 -16.39 0.83
CA VAL A 50 -15.43 -15.72 -0.05
C VAL A 50 -16.69 -16.61 -0.24
N ARG A 51 -16.50 -17.95 -0.06
CA ARG A 51 -17.60 -18.96 0.08
C ARG A 51 -18.34 -19.23 -1.27
N ILE A 52 -17.73 -18.80 -2.39
CA ILE A 52 -18.33 -18.96 -3.74
C ILE A 52 -17.85 -20.25 -4.46
N ASP A 53 -17.01 -21.05 -3.75
CA ASP A 53 -16.41 -22.32 -4.26
C ASP A 53 -15.34 -22.03 -5.33
N GLY A 54 -15.79 -21.56 -6.50
CA GLY A 54 -14.91 -21.24 -7.62
C GLY A 54 -15.52 -21.69 -8.92
N PHE A 55 -16.08 -22.90 -8.89
CA PHE A 55 -16.78 -23.51 -10.04
C PHE A 55 -18.28 -23.54 -9.73
N ARG A 56 -18.66 -24.44 -8.81
CA ARG A 56 -20.05 -24.68 -8.39
C ARG A 56 -19.96 -25.61 -7.16
N LYS A 57 -19.60 -26.88 -7.44
CA LYS A 57 -19.24 -27.88 -6.42
C LYS A 57 -18.66 -29.12 -7.14
N GLY A 58 -18.09 -28.88 -8.35
CA GLY A 58 -17.54 -29.96 -9.19
C GLY A 58 -16.32 -30.63 -8.57
N LYS A 59 -15.83 -31.74 -9.19
CA LYS A 59 -14.62 -32.42 -8.70
C LYS A 59 -13.45 -31.43 -8.83
N VAL A 60 -12.98 -31.21 -10.09
CA VAL A 60 -11.94 -30.22 -10.46
C VAL A 60 -10.84 -30.11 -9.37
N PRO A 61 -9.84 -31.07 -9.36
CA PRO A 61 -8.89 -31.20 -8.24
C PRO A 61 -8.05 -29.92 -8.03
N MET A 62 -7.75 -29.59 -6.77
CA MET A 62 -6.96 -28.38 -6.46
C MET A 62 -5.51 -28.55 -6.99
N ASN A 63 -5.09 -29.82 -7.17
CA ASN A 63 -3.76 -30.18 -7.72
C ASN A 63 -3.58 -29.77 -9.21
N ILE A 64 -4.67 -29.41 -9.92
CA ILE A 64 -4.54 -28.86 -11.29
C ILE A 64 -4.67 -27.31 -11.26
N VAL A 65 -5.81 -26.80 -10.75
CA VAL A 65 -6.16 -25.36 -10.81
C VAL A 65 -5.19 -24.49 -9.98
N ALA A 66 -4.67 -25.04 -8.88
CA ALA A 66 -3.66 -24.36 -8.09
C ALA A 66 -2.26 -24.60 -8.69
N GLN A 67 -1.77 -25.85 -8.57
CA GLN A 67 -0.38 -26.24 -8.90
C GLN A 67 0.04 -25.82 -10.32
N ARG A 68 -0.80 -26.13 -11.32
CA ARG A 68 -0.47 -25.92 -12.74
C ARG A 68 -1.00 -24.54 -13.20
N TYR A 69 -2.32 -24.38 -13.02
CA TYR A 69 -3.10 -23.32 -13.68
C TYR A 69 -3.04 -21.99 -12.90
N GLY A 70 -2.69 -22.04 -11.58
CA GLY A 70 -2.67 -20.85 -10.74
C GLY A 70 -1.39 -20.04 -10.91
N ALA A 71 -1.23 -19.39 -12.07
CA ALA A 71 -0.06 -18.53 -12.38
C ALA A 71 -0.21 -17.16 -11.71
N SER A 72 -1.45 -16.65 -11.71
CA SER A 72 -1.80 -15.31 -11.20
C SER A 72 -1.86 -15.24 -9.66
N VAL A 73 -2.04 -16.42 -9.01
CA VAL A 73 -2.06 -16.53 -7.54
C VAL A 73 -0.64 -16.62 -6.94
N ARG A 74 0.37 -16.91 -7.81
CA ARG A 74 1.80 -16.99 -7.40
C ARG A 74 2.28 -15.67 -6.75
N GLN A 75 1.65 -14.55 -7.13
CA GLN A 75 1.87 -13.22 -6.52
C GLN A 75 1.64 -13.29 -4.99
N ASP A 76 0.44 -13.77 -4.61
CA ASP A 76 -0.03 -13.84 -3.22
C ASP A 76 0.71 -14.95 -2.45
N VAL A 77 0.86 -16.11 -3.14
CA VAL A 77 1.50 -17.30 -2.56
C VAL A 77 2.96 -17.02 -2.21
N LEU A 78 3.78 -16.65 -3.22
CA LEU A 78 5.21 -16.28 -3.01
C LEU A 78 5.32 -15.04 -2.12
N GLY A 79 4.31 -14.13 -2.26
CA GLY A 79 4.18 -12.97 -1.39
C GLY A 79 4.02 -13.34 0.08
N ASP A 80 3.39 -14.51 0.34
CA ASP A 80 3.29 -15.06 1.71
C ASP A 80 4.54 -15.88 2.06
N LEU A 81 5.06 -16.64 1.07
CA LEU A 81 6.14 -17.64 1.27
C LEU A 81 7.46 -16.98 1.68
N MET A 82 7.75 -15.79 1.11
CA MET A 82 8.96 -15.03 1.46
C MET A 82 9.00 -14.72 2.97
N SER A 83 7.84 -14.38 3.54
CA SER A 83 7.69 -14.13 4.99
C SER A 83 7.47 -15.46 5.77
N ARG A 84 6.88 -16.48 5.11
CA ARG A 84 6.49 -17.78 5.73
C ARG A 84 7.73 -18.60 6.14
N ASN A 85 8.70 -18.69 5.23
CA ASN A 85 9.97 -19.43 5.47
C ASN A 85 10.89 -18.62 6.38
N PHE A 86 10.89 -17.29 6.19
CA PHE A 86 11.73 -16.36 6.96
C PHE A 86 11.38 -16.42 8.45
N ILE A 87 10.09 -16.16 8.78
CA ILE A 87 9.61 -16.07 10.18
C ILE A 87 9.88 -17.40 10.95
N ASP A 88 9.89 -18.53 10.21
CA ASP A 88 10.23 -19.84 10.78
C ASP A 88 11.73 -19.89 11.12
N ALA A 89 12.56 -19.79 10.06
CA ALA A 89 14.02 -20.00 10.14
C ALA A 89 14.73 -19.08 11.15
N ILE A 90 14.19 -17.86 11.32
CA ILE A 90 14.80 -16.83 12.17
C ILE A 90 14.52 -17.03 13.66
N ILE A 91 13.50 -17.84 14.00
CA ILE A 91 13.13 -18.10 15.39
C ILE A 91 14.22 -18.91 16.10
N LYS A 92 14.78 -19.89 15.37
CA LYS A 92 15.85 -20.76 15.89
C LYS A 92 17.10 -19.90 16.26
N GLU A 93 17.51 -19.01 15.35
CA GLU A 93 18.73 -18.18 15.51
C GLU A 93 18.43 -16.78 16.10
N LYS A 94 17.17 -16.57 16.56
CA LYS A 94 16.71 -15.30 17.22
C LYS A 94 16.91 -14.05 16.32
N ILE A 95 16.95 -14.27 14.99
CA ILE A 95 17.18 -13.21 13.98
C ILE A 95 15.99 -12.23 13.90
N ASN A 96 16.20 -11.00 14.39
CA ASN A 96 15.23 -9.89 14.28
C ASN A 96 15.90 -8.74 13.46
N PRO A 97 15.53 -8.57 12.15
CA PRO A 97 16.09 -7.49 11.28
C PRO A 97 15.53 -6.09 11.62
N ALA A 98 16.09 -5.06 10.95
CA ALA A 98 15.63 -3.67 11.09
C ALA A 98 14.39 -3.41 10.20
N GLY A 99 13.25 -3.95 10.64
CA GLY A 99 11.97 -3.77 9.96
C GLY A 99 11.80 -4.68 8.74
N ALA A 100 12.41 -4.26 7.61
CA ALA A 100 12.22 -4.91 6.29
C ALA A 100 13.54 -5.55 5.79
N PRO A 101 13.57 -6.91 5.56
CA PRO A 101 14.72 -7.60 4.92
C PRO A 101 14.70 -7.40 3.38
N THR A 102 15.89 -7.40 2.75
CA THR A 102 16.01 -7.31 1.29
C THR A 102 15.78 -8.70 0.67
N TYR A 103 14.51 -8.98 0.32
CA TYR A 103 14.13 -10.21 -0.41
C TYR A 103 14.50 -10.05 -1.90
N VAL A 104 15.76 -10.38 -2.22
CA VAL A 104 16.24 -10.41 -3.61
C VAL A 104 15.60 -11.62 -4.30
N PRO A 105 14.68 -11.42 -5.29
CA PRO A 105 13.92 -12.52 -5.94
C PRO A 105 14.77 -13.31 -6.95
N GLY A 106 14.10 -14.06 -7.83
CA GLY A 106 14.77 -14.83 -8.87
C GLY A 106 13.80 -15.33 -9.91
N GLU A 107 14.34 -15.89 -11.00
CA GLU A 107 13.56 -16.48 -12.09
C GLU A 107 12.77 -17.70 -11.55
N TYR A 108 11.47 -17.50 -11.24
CA TYR A 108 10.61 -18.56 -10.70
C TYR A 108 10.49 -19.71 -11.72
N LYS A 109 11.04 -20.86 -11.34
CA LYS A 109 11.12 -22.04 -12.19
C LYS A 109 9.82 -22.86 -12.05
N LEU A 110 9.01 -22.87 -13.14
CA LEU A 110 7.70 -23.56 -13.21
C LEU A 110 7.86 -25.08 -12.98
N GLY A 111 7.56 -25.50 -11.74
CA GLY A 111 7.57 -26.92 -11.38
C GLY A 111 8.97 -27.48 -11.16
N GLU A 112 9.90 -26.61 -10.70
CA GLU A 112 11.25 -27.01 -10.28
C GLU A 112 11.45 -26.54 -8.83
N ASP A 113 11.48 -25.19 -8.62
CA ASP A 113 11.60 -24.57 -7.28
C ASP A 113 11.57 -23.03 -7.38
N PHE A 114 11.85 -22.36 -6.25
CA PHE A 114 12.00 -20.90 -6.16
C PHE A 114 13.06 -20.56 -5.10
N THR A 115 14.31 -20.34 -5.55
CA THR A 115 15.40 -19.85 -4.70
C THR A 115 15.43 -18.30 -4.69
N TYR A 116 15.56 -17.70 -3.51
CA TYR A 116 15.65 -16.24 -3.33
C TYR A 116 16.59 -15.88 -2.16
N SER A 117 17.26 -14.75 -2.30
CA SER A 117 18.31 -14.26 -1.39
C SER A 117 17.72 -13.27 -0.38
N VAL A 118 17.43 -13.74 0.85
CA VAL A 118 16.89 -12.89 1.93
C VAL A 118 18.04 -12.21 2.70
N GLU A 119 18.52 -11.09 2.17
CA GLU A 119 19.58 -10.31 2.79
C GLU A 119 18.98 -9.35 3.82
N PHE A 120 18.77 -9.87 5.05
CA PHE A 120 18.30 -9.07 6.16
C PHE A 120 19.46 -8.26 6.74
N GLU A 121 19.17 -7.07 7.26
CA GLU A 121 20.15 -6.21 7.92
C GLU A 121 19.55 -5.76 9.25
N VAL A 122 20.12 -6.26 10.36
CA VAL A 122 19.67 -5.96 11.72
C VAL A 122 20.04 -4.52 12.13
N TYR A 123 19.45 -4.05 13.25
CA TYR A 123 19.66 -2.69 13.76
C TYR A 123 21.13 -2.51 14.23
N PRO A 124 21.92 -1.57 13.61
CA PRO A 124 23.29 -1.27 14.06
C PRO A 124 23.29 -0.46 15.37
N GLU A 125 24.17 -0.85 16.31
CA GLU A 125 24.40 -0.10 17.56
C GLU A 125 25.20 1.15 17.19
N VAL A 126 24.46 2.22 16.85
CA VAL A 126 25.03 3.44 16.26
C VAL A 126 25.48 4.43 17.36
N GLU A 127 26.60 5.11 17.11
CA GLU A 127 27.14 6.17 17.96
C GLU A 127 27.14 7.47 17.15
N LEU A 128 26.92 8.58 17.86
CA LEU A 128 27.09 9.93 17.32
C LEU A 128 28.09 10.68 18.21
N GLN A 129 28.91 11.51 17.56
CA GLN A 129 30.03 12.22 18.19
C GLN A 129 30.24 13.56 17.45
N GLY A 130 30.84 14.55 18.13
CA GLY A 130 31.04 15.88 17.55
C GLY A 130 29.83 16.79 17.71
N LEU A 131 28.83 16.35 18.53
CA LEU A 131 27.55 17.06 18.78
C LEU A 131 27.80 18.53 19.14
N GLU A 132 28.57 18.72 20.23
CA GLU A 132 28.92 20.04 20.78
C GLU A 132 30.06 20.72 20.00
N ALA A 133 30.49 20.10 18.88
CA ALA A 133 31.49 20.68 17.95
C ALA A 133 30.82 21.11 16.62
N ILE A 134 29.62 20.55 16.33
CA ILE A 134 28.81 20.89 15.13
C ILE A 134 28.47 22.39 15.09
N GLU A 135 28.64 23.01 13.92
CA GLU A 135 28.29 24.41 13.66
C GLU A 135 26.76 24.56 13.69
N VAL A 136 26.25 25.45 14.55
CA VAL A 136 24.83 25.84 14.55
C VAL A 136 24.70 27.29 14.08
N GLU A 137 24.04 27.48 12.93
CA GLU A 137 23.63 28.81 12.47
C GLU A 137 22.40 29.23 13.26
N LYS A 138 22.51 30.32 14.03
CA LYS A 138 21.36 31.03 14.60
C LYS A 138 21.19 32.35 13.83
N PRO A 139 20.38 32.34 12.73
CA PRO A 139 20.12 33.55 11.95
C PRO A 139 19.17 34.48 12.73
N ILE A 140 19.77 35.40 13.50
CA ILE A 140 19.05 36.39 14.29
C ILE A 140 18.43 37.42 13.33
N VAL A 141 17.22 37.12 12.86
CA VAL A 141 16.53 37.93 11.85
C VAL A 141 15.22 38.51 12.42
N GLU A 142 14.76 39.57 11.77
CA GLU A 142 13.39 40.09 11.92
C GLU A 142 12.92 40.55 10.54
N VAL A 143 11.60 40.45 10.30
CA VAL A 143 10.99 41.00 9.10
C VAL A 143 10.81 42.51 9.33
N THR A 144 11.89 43.25 9.09
CA THR A 144 11.97 44.70 9.30
C THR A 144 11.35 45.42 8.10
N ASP A 145 10.84 46.64 8.32
CA ASP A 145 10.16 47.43 7.27
C ASP A 145 11.10 47.72 6.08
N ALA A 146 12.41 47.85 6.40
CA ALA A 146 13.48 48.08 5.41
C ALA A 146 13.65 46.86 4.51
N ASP A 147 13.57 45.67 5.13
CA ASP A 147 13.69 44.37 4.43
C ASP A 147 12.47 44.18 3.52
N VAL A 148 11.25 44.38 4.08
CA VAL A 148 9.98 44.22 3.35
C VAL A 148 9.94 45.15 2.14
N ASP A 149 10.35 46.40 2.36
CA ASP A 149 10.31 47.46 1.35
C ASP A 149 11.32 47.19 0.22
N GLY A 150 12.53 46.73 0.60
CA GLY A 150 13.59 46.37 -0.35
C GLY A 150 13.26 45.10 -1.16
N MET A 151 12.64 44.12 -0.48
CA MET A 151 12.22 42.83 -1.07
C MET A 151 11.08 43.08 -2.07
N LEU A 152 10.16 43.97 -1.67
CA LEU A 152 8.96 44.32 -2.45
C LEU A 152 9.37 45.20 -3.65
N ASP A 153 10.40 46.03 -3.46
CA ASP A 153 11.01 46.85 -4.52
C ASP A 153 11.61 45.93 -5.59
N THR A 154 12.39 44.94 -5.12
CA THR A 154 12.98 43.89 -5.96
C THR A 154 11.88 43.07 -6.67
N LEU A 155 10.77 42.81 -5.94
CA LEU A 155 9.63 42.00 -6.44
C LEU A 155 8.98 42.72 -7.63
N ARG A 156 8.73 44.04 -7.50
CA ARG A 156 8.12 44.84 -8.58
C ARG A 156 9.15 45.22 -9.66
N LYS A 157 10.45 45.18 -9.31
CA LYS A 157 11.56 45.45 -10.27
C LYS A 157 11.94 44.15 -11.03
N GLN A 158 11.45 42.99 -10.54
CA GLN A 158 11.59 41.69 -11.23
C GLN A 158 10.31 41.33 -12.03
N GLN A 159 9.15 41.58 -11.39
CA GLN A 159 7.86 41.01 -11.78
C GLN A 159 6.83 42.15 -12.05
N ALA A 160 7.32 43.27 -12.62
CA ALA A 160 6.47 44.42 -13.01
C ALA A 160 5.48 44.05 -14.15
N THR A 161 4.73 45.04 -14.62
CA THR A 161 4.00 44.92 -15.88
C THR A 161 4.99 45.08 -17.04
N TRP A 162 5.06 44.06 -17.90
CA TRP A 162 5.97 44.01 -19.06
C TRP A 162 5.28 44.68 -20.27
N LYS A 163 5.87 44.51 -21.45
CA LYS A 163 5.28 44.90 -22.75
C LYS A 163 5.65 43.83 -23.79
N GLU A 164 4.88 43.73 -24.88
CA GLU A 164 5.23 42.80 -26.00
C GLU A 164 6.39 43.37 -26.83
N LYS A 165 7.02 42.51 -27.64
CA LYS A 165 8.23 42.86 -28.42
C LYS A 165 8.09 42.45 -29.90
N ASP A 166 8.19 43.43 -30.80
CA ASP A 166 8.42 43.19 -32.24
C ASP A 166 9.93 43.37 -32.51
N GLY A 167 10.69 42.27 -32.57
CA GLY A 167 12.13 42.33 -32.83
C GLY A 167 12.88 41.09 -32.39
N ALA A 168 14.22 41.15 -32.47
CA ALA A 168 15.12 40.04 -32.11
C ALA A 168 15.14 39.84 -30.58
N VAL A 169 14.83 38.60 -30.15
CA VAL A 169 14.77 38.20 -28.73
C VAL A 169 16.16 38.37 -28.07
N GLU A 170 16.18 38.86 -26.82
CA GLU A 170 17.40 38.93 -26.00
C GLU A 170 17.23 38.14 -24.71
N ALA A 171 18.35 38.04 -23.97
CA ALA A 171 18.40 37.40 -22.66
C ALA A 171 17.73 38.27 -21.59
N GLU A 172 17.44 39.55 -21.93
CA GLU A 172 16.80 40.53 -21.03
C GLU A 172 15.32 40.76 -21.44
N ASP A 173 14.66 39.68 -21.91
CA ASP A 173 13.23 39.70 -22.32
C ASP A 173 12.49 38.47 -21.76
N ARG A 174 11.16 38.43 -21.97
CA ARG A 174 10.31 37.32 -21.53
C ARG A 174 9.63 36.69 -22.74
N VAL A 175 9.93 35.42 -23.02
CA VAL A 175 9.43 34.74 -24.23
C VAL A 175 8.67 33.44 -23.87
N THR A 176 7.40 33.35 -24.30
CA THR A 176 6.59 32.14 -24.17
C THR A 176 6.68 31.31 -25.47
N ILE A 177 7.38 30.19 -25.36
CA ILE A 177 7.58 29.20 -26.43
C ILE A 177 6.94 27.87 -26.02
N ASP A 178 7.00 26.90 -26.93
CA ASP A 178 6.77 25.49 -26.61
C ASP A 178 7.85 24.69 -27.34
N PHE A 179 8.79 24.12 -26.55
CA PHE A 179 9.99 23.45 -27.08
C PHE A 179 9.82 21.92 -26.97
N THR A 180 10.20 21.22 -28.05
CA THR A 180 10.16 19.75 -28.12
C THR A 180 10.98 19.28 -29.33
N GLY A 181 11.39 18.00 -29.30
CA GLY A 181 12.14 17.41 -30.38
C GLY A 181 12.67 16.04 -30.00
N SER A 182 14.00 15.87 -30.04
CA SER A 182 14.63 14.57 -29.80
C SER A 182 16.08 14.75 -29.30
N VAL A 183 16.39 14.03 -28.22
CA VAL A 183 17.75 13.89 -27.68
C VAL A 183 18.41 12.65 -28.33
N ASP A 184 19.40 12.89 -29.22
CA ASP A 184 20.21 11.83 -29.88
C ASP A 184 19.37 10.99 -30.89
N GLY A 185 18.14 11.46 -31.19
CA GLY A 185 17.21 10.75 -32.07
C GLY A 185 15.99 10.22 -31.34
N GLU A 186 16.07 10.14 -30.00
CA GLU A 186 14.96 9.67 -29.15
C GLU A 186 14.35 10.88 -28.43
N GLU A 187 13.01 11.01 -28.49
CA GLU A 187 12.29 12.11 -27.83
C GLU A 187 12.42 11.99 -26.29
N PHE A 188 12.31 13.13 -25.61
CA PHE A 188 12.55 13.23 -24.15
C PHE A 188 11.20 13.23 -23.40
N GLU A 189 10.95 12.14 -22.65
CA GLU A 189 9.69 11.90 -21.94
C GLU A 189 9.52 12.93 -20.79
N GLY A 190 8.53 13.84 -20.97
CA GLY A 190 8.18 14.82 -19.94
C GLY A 190 9.24 15.91 -19.70
N GLY A 191 10.30 15.94 -20.55
CA GLY A 191 11.40 16.92 -20.40
C GLY A 191 11.09 18.27 -21.06
N LYS A 192 9.84 18.43 -21.54
CA LYS A 192 9.36 19.62 -22.25
C LYS A 192 8.24 20.30 -21.48
N ALA A 193 7.99 21.57 -21.80
CA ALA A 193 6.93 22.38 -21.17
C ALA A 193 6.16 23.11 -22.27
N SER A 194 4.87 22.75 -22.40
CA SER A 194 3.92 23.42 -23.31
C SER A 194 3.55 24.80 -22.75
N ASP A 195 3.61 25.84 -23.63
CA ASP A 195 3.34 27.24 -23.28
C ASP A 195 4.36 27.73 -22.21
N PHE A 196 5.62 27.28 -22.37
CA PHE A 196 6.73 27.62 -21.47
C PHE A 196 7.05 29.12 -21.51
N VAL A 197 6.86 29.79 -20.37
CA VAL A 197 7.20 31.19 -20.19
C VAL A 197 8.61 31.29 -19.55
N LEU A 198 9.56 31.83 -20.32
CA LEU A 198 10.93 32.12 -19.84
C LEU A 198 11.03 33.61 -19.54
N ALA A 199 11.10 33.97 -18.24
CA ALA A 199 11.43 35.34 -17.83
C ALA A 199 12.95 35.46 -17.62
N MET A 200 13.46 36.63 -17.95
CA MET A 200 14.86 37.02 -17.76
C MET A 200 15.23 37.19 -16.27
N GLY A 201 16.48 37.66 -16.04
CA GLY A 201 17.06 37.78 -14.69
C GLY A 201 17.85 36.54 -14.29
N GLN A 202 17.80 35.51 -15.15
CA GLN A 202 18.38 34.17 -14.88
C GLN A 202 19.46 33.86 -15.93
N GLY A 203 20.51 33.11 -15.53
CA GLY A 203 21.62 32.81 -16.43
C GLY A 203 22.50 31.67 -15.92
N ARG A 204 21.87 30.54 -15.57
CA ARG A 204 22.59 29.34 -15.08
C ARG A 204 21.76 28.06 -15.39
N MET A 205 21.52 27.85 -16.70
CA MET A 205 20.77 26.68 -17.22
C MET A 205 21.73 25.77 -18.02
N ILE A 206 21.17 24.91 -18.91
CA ILE A 206 21.97 24.14 -19.88
C ILE A 206 22.59 25.11 -20.94
N PRO A 207 23.98 25.17 -21.04
CA PRO A 207 24.67 26.10 -21.95
C PRO A 207 24.33 25.84 -23.43
N GLY A 208 23.57 26.76 -24.02
CA GLY A 208 23.17 26.70 -25.43
C GLY A 208 21.70 27.01 -25.64
N PHE A 209 20.85 26.69 -24.64
CA PHE A 209 19.39 26.87 -24.74
C PHE A 209 19.05 28.36 -24.85
N GLU A 210 19.30 29.07 -23.74
CA GLU A 210 19.10 30.54 -23.62
C GLU A 210 19.88 31.34 -24.71
N ASP A 211 21.07 30.79 -25.08
CA ASP A 211 21.89 31.28 -26.21
C ASP A 211 21.10 31.26 -27.54
N GLY A 212 20.37 30.15 -27.77
CA GLY A 212 19.58 29.98 -28.98
C GLY A 212 18.37 30.90 -28.99
N ILE A 213 17.75 31.03 -27.81
CA ILE A 213 16.60 31.91 -27.57
C ILE A 213 16.93 33.35 -28.00
N LYS A 214 18.04 33.89 -27.46
CA LYS A 214 18.49 35.26 -27.79
C LYS A 214 19.23 35.36 -29.14
N GLY A 215 19.32 34.24 -29.88
CA GLY A 215 20.07 34.20 -31.11
C GLY A 215 19.19 34.39 -32.34
N HIS A 216 17.91 34.78 -32.11
CA HIS A 216 16.87 34.79 -33.16
C HIS A 216 15.85 35.93 -32.97
N LYS A 217 14.91 36.05 -33.94
CA LYS A 217 13.92 37.14 -34.01
C LYS A 217 12.50 36.59 -33.84
N ALA A 218 11.62 37.41 -33.24
CA ALA A 218 10.22 37.03 -32.93
C ALA A 218 9.42 36.67 -34.20
N GLY A 219 8.64 35.58 -34.12
CA GLY A 219 7.72 35.18 -35.20
C GLY A 219 8.18 33.93 -35.96
N GLU A 220 9.38 33.41 -35.66
CA GLU A 220 9.94 32.24 -36.37
C GLU A 220 9.98 31.00 -35.46
N GLU A 221 10.26 29.84 -36.08
CA GLU A 221 10.46 28.56 -35.38
C GLU A 221 11.81 27.97 -35.83
N PHE A 222 12.64 27.53 -34.89
CA PHE A 222 13.99 26.99 -35.17
C PHE A 222 14.34 25.91 -34.17
N THR A 223 15.29 25.03 -34.54
CA THR A 223 15.81 23.99 -33.64
C THR A 223 17.19 24.39 -33.10
N ILE A 224 17.41 24.14 -31.80
CA ILE A 224 18.72 24.29 -31.14
C ILE A 224 19.20 22.92 -30.64
N ASP A 225 20.31 22.43 -31.19
CA ASP A 225 20.90 21.16 -30.79
C ASP A 225 22.00 21.43 -29.75
N VAL A 226 21.67 21.17 -28.47
CA VAL A 226 22.59 21.40 -27.34
C VAL A 226 22.81 20.08 -26.58
N THR A 227 24.08 19.77 -26.28
CA THR A 227 24.45 18.62 -25.47
C THR A 227 24.11 18.91 -24.00
N PHE A 228 23.32 18.02 -23.36
CA PHE A 228 23.06 18.10 -21.92
C PHE A 228 24.38 17.92 -21.15
N PRO A 229 24.66 18.80 -20.12
CA PRO A 229 25.84 18.69 -19.24
C PRO A 229 26.06 17.27 -18.71
N GLU A 230 27.33 16.85 -18.58
CA GLU A 230 27.69 15.51 -18.06
C GLU A 230 27.38 15.40 -16.54
N GLU A 231 26.98 16.54 -15.94
CA GLU A 231 26.61 16.67 -14.52
C GLU A 231 25.08 16.59 -14.33
N TYR A 232 24.33 16.57 -15.46
CA TYR A 232 22.85 16.60 -15.49
C TYR A 232 22.24 15.37 -14.76
N HIS A 233 21.01 15.54 -14.25
CA HIS A 233 20.38 14.59 -13.28
C HIS A 233 19.76 13.32 -13.94
N ALA A 234 20.09 13.04 -15.21
CA ALA A 234 19.54 11.87 -15.94
C ALA A 234 20.57 11.34 -16.96
N GLU A 235 20.98 10.06 -16.76
CA GLU A 235 21.94 9.33 -17.65
C GLU A 235 21.51 9.36 -19.13
N ASN A 236 20.19 9.22 -19.35
CA ASN A 236 19.56 9.09 -20.69
C ASN A 236 19.84 10.33 -21.55
N LEU A 237 19.83 11.50 -20.90
CA LEU A 237 19.91 12.80 -21.58
C LEU A 237 21.35 13.34 -21.58
N LYS A 238 22.11 13.11 -20.47
CA LYS A 238 23.44 13.73 -20.29
C LYS A 238 24.50 13.04 -21.16
N GLY A 239 25.30 13.87 -21.87
CA GLY A 239 26.28 13.38 -22.86
C GLY A 239 25.70 13.36 -24.27
N LYS A 240 24.36 13.34 -24.37
CA LYS A 240 23.63 13.27 -25.64
C LYS A 240 23.24 14.70 -26.08
N ALA A 241 23.34 14.96 -27.40
CA ALA A 241 22.90 16.23 -28.00
C ALA A 241 21.36 16.23 -28.16
N ALA A 242 20.73 17.40 -27.97
CA ALA A 242 19.26 17.51 -27.86
C ALA A 242 18.73 18.65 -28.74
N LYS A 243 17.95 18.29 -29.77
CA LYS A 243 17.34 19.25 -30.70
C LYS A 243 15.99 19.76 -30.12
N PHE A 244 15.89 21.08 -29.95
CA PHE A 244 14.72 21.76 -29.35
C PHE A 244 14.09 22.70 -30.38
N ALA A 245 12.90 22.36 -30.90
CA ALA A 245 12.11 23.24 -31.77
C ALA A 245 11.53 24.40 -30.93
N ILE A 246 12.34 25.46 -30.81
CA ILE A 246 11.94 26.72 -30.17
C ILE A 246 10.97 27.46 -31.10
N ASN A 247 9.70 27.46 -30.70
CA ASN A 247 8.61 28.06 -31.47
C ASN A 247 8.27 29.41 -30.83
N LEU A 248 8.82 30.51 -31.40
CA LEU A 248 8.62 31.88 -30.88
C LEU A 248 7.16 32.33 -31.14
N LYS A 249 6.28 31.84 -30.26
CA LYS A 249 4.83 32.04 -30.33
C LYS A 249 4.46 33.38 -29.71
N LYS A 250 5.01 33.63 -28.50
CA LYS A 250 4.85 34.91 -27.78
C LYS A 250 6.24 35.41 -27.42
N VAL A 251 6.59 36.61 -27.88
CA VAL A 251 7.86 37.28 -27.53
C VAL A 251 7.54 38.65 -26.93
N GLU A 252 7.90 38.83 -25.66
CA GLU A 252 7.66 40.06 -24.91
C GLU A 252 9.01 40.66 -24.50
N GLU A 253 8.95 41.76 -23.77
CA GLU A 253 10.09 42.64 -23.50
C GLU A 253 10.01 43.16 -22.07
N ARG A 254 11.18 43.35 -21.44
CA ARG A 254 11.32 43.92 -20.10
C ARG A 254 10.93 45.40 -20.11
N GLU A 255 10.02 45.76 -19.21
CA GLU A 255 9.65 47.15 -18.95
C GLU A 255 9.29 47.24 -17.47
N LEU A 256 9.90 48.19 -16.75
CA LEU A 256 9.69 48.38 -15.31
C LEU A 256 9.15 49.81 -15.07
N PRO A 257 7.79 49.99 -14.97
CA PRO A 257 7.22 51.28 -14.55
C PRO A 257 7.43 51.48 -13.04
N GLU A 258 6.68 50.69 -12.25
CA GLU A 258 6.65 50.78 -10.78
C GLU A 258 5.67 49.71 -10.24
N LEU A 259 5.31 49.80 -8.94
CA LEU A 259 4.23 48.99 -8.36
C LEU A 259 2.87 49.57 -8.85
N THR A 260 2.30 48.95 -9.88
CA THR A 260 1.04 49.42 -10.50
C THR A 260 -0.17 48.67 -9.91
N ALA A 261 -1.38 49.26 -10.06
CA ALA A 261 -2.65 48.61 -9.66
C ALA A 261 -2.86 47.30 -10.43
N GLU A 262 -2.28 47.23 -11.64
CA GLU A 262 -2.26 46.01 -12.47
C GLU A 262 -1.46 44.90 -11.74
N PHE A 263 -0.36 45.27 -11.05
CA PHE A 263 0.49 44.34 -10.28
C PHE A 263 -0.31 43.85 -9.06
N ILE A 264 -0.80 44.85 -8.26
CA ILE A 264 -1.57 44.61 -7.01
C ILE A 264 -2.73 43.62 -7.25
N LYS A 265 -3.47 43.87 -8.34
CA LYS A 265 -4.62 43.06 -8.77
C LYS A 265 -4.15 41.67 -9.27
N ARG A 266 -2.96 41.61 -9.92
CA ARG A 266 -2.45 40.37 -10.57
C ARG A 266 -1.98 39.36 -9.49
N PHE A 267 -1.64 39.91 -8.31
CA PHE A 267 -1.29 39.11 -7.12
C PHE A 267 -2.54 38.83 -6.26
N GLY A 268 -3.74 39.05 -6.84
CA GLY A 268 -5.00 38.62 -6.23
C GLY A 268 -5.38 39.40 -4.99
N VAL A 269 -4.98 40.68 -4.95
CA VAL A 269 -5.32 41.59 -3.85
C VAL A 269 -6.53 42.45 -4.28
N GLU A 270 -7.74 41.92 -4.00
CA GLU A 270 -9.03 42.63 -4.24
C GLU A 270 -9.21 43.82 -3.28
N ASP A 271 -8.37 43.85 -2.22
CA ASP A 271 -8.29 44.98 -1.28
C ASP A 271 -7.96 46.29 -2.03
N GLY A 272 -7.11 46.17 -3.07
CA GLY A 272 -6.77 47.29 -3.95
C GLY A 272 -5.65 48.16 -3.40
N SER A 273 -5.78 48.56 -2.12
CA SER A 273 -4.80 49.40 -1.42
C SER A 273 -3.50 48.61 -1.19
N VAL A 274 -2.35 49.31 -1.32
CA VAL A 274 -1.01 48.70 -1.21
C VAL A 274 -0.79 48.09 0.19
N GLU A 275 -1.35 48.73 1.23
CA GLU A 275 -1.32 48.23 2.62
C GLU A 275 -1.90 46.79 2.74
N GLY A 276 -2.84 46.43 1.82
CA GLY A 276 -3.38 45.06 1.74
C GLY A 276 -2.40 44.07 1.12
N LEU A 277 -1.61 44.58 0.14
CA LEU A 277 -0.58 43.79 -0.56
C LEU A 277 0.54 43.47 0.44
N ARG A 278 0.93 44.50 1.22
CA ARG A 278 1.95 44.43 2.26
C ARG A 278 1.48 43.53 3.43
N ALA A 279 0.16 43.59 3.74
CA ALA A 279 -0.46 42.75 4.79
C ALA A 279 -0.39 41.26 4.41
N GLU A 280 -0.70 40.97 3.13
CA GLU A 280 -0.58 39.62 2.55
C GLU A 280 0.89 39.13 2.62
N VAL A 281 1.81 40.03 2.23
CA VAL A 281 3.26 39.80 2.30
C VAL A 281 3.67 39.44 3.74
N ARG A 282 3.11 40.14 4.75
CA ARG A 282 3.40 39.86 6.18
C ARG A 282 2.83 38.51 6.64
N LYS A 283 1.63 38.13 6.12
CA LYS A 283 1.03 36.80 6.41
C LYS A 283 1.97 35.67 5.93
N ASN A 284 2.53 35.86 4.72
CA ASN A 284 3.51 34.94 4.12
C ASN A 284 4.85 34.99 4.90
N MET A 285 5.28 36.23 5.24
CA MET A 285 6.62 36.51 5.79
C MET A 285 6.80 35.91 7.18
N GLU A 286 5.83 36.12 8.09
CA GLU A 286 5.92 35.65 9.49
C GLU A 286 5.95 34.12 9.58
N ARG A 287 4.99 33.49 8.87
CA ARG A 287 4.88 32.01 8.78
C ARG A 287 6.20 31.42 8.24
N GLU A 288 6.64 31.91 7.07
CA GLU A 288 7.87 31.43 6.44
C GLU A 288 9.13 31.87 7.19
N LEU A 289 9.02 32.93 8.04
CA LEU A 289 10.14 33.41 8.88
C LEU A 289 10.47 32.32 9.90
N LYS A 290 9.44 31.90 10.67
CA LYS A 290 9.61 30.81 11.67
C LYS A 290 10.09 29.52 10.97
N SER A 291 9.41 29.16 9.86
CA SER A 291 9.71 27.98 9.05
C SER A 291 11.15 28.00 8.48
N ALA A 292 11.68 29.21 8.19
CA ALA A 292 13.03 29.38 7.62
C ALA A 292 14.11 29.42 8.71
N ILE A 293 13.78 29.90 9.92
CA ILE A 293 14.68 29.78 11.10
C ILE A 293 14.94 28.29 11.33
N ARG A 294 13.82 27.54 11.35
CA ARG A 294 13.83 26.09 11.47
C ARG A 294 14.61 25.46 10.30
N ASN A 295 14.27 25.85 9.05
CA ASN A 295 14.82 25.25 7.80
C ASN A 295 16.36 25.39 7.75
N ARG A 296 16.84 26.61 8.06
CA ARG A 296 18.28 26.91 8.10
C ARG A 296 18.98 26.08 9.19
N VAL A 297 18.46 26.14 10.44
CA VAL A 297 19.08 25.46 11.59
C VAL A 297 18.91 23.91 11.50
N LYS A 298 17.92 23.45 10.68
CA LYS A 298 17.70 22.01 10.43
C LYS A 298 18.75 21.51 9.45
N SER A 299 18.83 22.14 8.26
CA SER A 299 19.83 21.79 7.22
C SER A 299 21.25 21.75 7.84
N GLN A 300 21.52 22.78 8.65
CA GLN A 300 22.79 22.94 9.37
C GLN A 300 23.03 21.79 10.40
N ALA A 301 22.06 21.60 11.33
CA ALA A 301 22.17 20.59 12.42
C ALA A 301 22.16 19.16 11.87
N ILE A 302 21.09 18.83 11.12
CA ILE A 302 20.88 17.52 10.47
C ILE A 302 22.11 17.09 9.62
N GLU A 303 22.52 17.93 8.64
CA GLU A 303 23.68 17.59 7.78
C GLU A 303 24.99 17.76 8.57
N GLY A 304 24.95 18.49 9.70
CA GLY A 304 26.06 18.49 10.66
C GLY A 304 26.24 17.13 11.33
N LEU A 305 25.11 16.52 11.76
CA LEU A 305 25.09 15.19 12.40
C LEU A 305 25.59 14.13 11.41
N VAL A 306 25.10 14.20 10.16
CA VAL A 306 25.49 13.25 9.10
C VAL A 306 26.98 13.41 8.73
N LYS A 307 27.40 14.66 8.40
CA LYS A 307 28.78 14.97 7.96
C LYS A 307 29.82 14.60 9.06
N ALA A 308 29.43 14.80 10.33
CA ALA A 308 30.26 14.41 11.49
C ALA A 308 30.24 12.88 11.70
N ASN A 309 29.10 12.23 11.36
CA ASN A 309 28.87 10.80 11.69
C ASN A 309 28.42 10.06 10.43
N ASP A 310 29.35 9.94 9.47
CA ASP A 310 29.13 9.19 8.24
C ASP A 310 29.24 7.69 8.56
N ILE A 311 28.12 7.15 9.06
CA ILE A 311 28.00 5.78 9.56
C ILE A 311 27.58 4.81 8.44
N ASP A 312 27.77 3.50 8.69
CA ASP A 312 27.32 2.43 7.79
C ASP A 312 25.86 2.08 8.15
N VAL A 313 24.97 2.49 7.25
CA VAL A 313 23.52 2.33 7.40
C VAL A 313 23.04 1.08 6.60
N PRO A 314 21.97 0.35 7.09
CA PRO A 314 21.42 -0.83 6.39
C PRO A 314 20.88 -0.46 4.99
N ALA A 315 21.52 -1.01 3.94
CA ALA A 315 21.26 -0.68 2.52
C ALA A 315 19.85 -1.07 2.05
N ALA A 316 19.13 -1.87 2.88
CA ALA A 316 17.73 -2.23 2.69
C ALA A 316 16.83 -0.97 2.73
N LEU A 317 17.07 -0.15 3.77
CA LEU A 317 16.36 1.12 4.02
C LEU A 317 16.59 2.09 2.85
N ILE A 318 17.87 2.17 2.42
CA ILE A 318 18.31 3.03 1.31
C ILE A 318 17.58 2.62 0.02
N ASP A 319 17.70 1.34 -0.35
CA ASP A 319 17.16 0.79 -1.62
C ASP A 319 15.63 0.97 -1.69
N SER A 320 14.98 0.78 -0.53
CA SER A 320 13.53 0.99 -0.37
C SER A 320 13.16 2.45 -0.69
N GLU A 321 13.69 3.41 0.10
CA GLU A 321 13.40 4.85 -0.08
C GLU A 321 13.94 5.39 -1.43
N ILE A 322 14.93 4.68 -2.01
CA ILE A 322 15.47 5.00 -3.34
C ILE A 322 14.41 4.72 -4.40
N ASP A 323 13.83 3.50 -4.36
CA ASP A 323 12.85 3.05 -5.35
C ASP A 323 11.55 3.88 -5.21
N VAL A 324 11.24 4.29 -3.95
CA VAL A 324 10.11 5.19 -3.65
C VAL A 324 10.31 6.57 -4.32
N LEU A 325 11.41 7.26 -3.96
CA LEU A 325 11.75 8.61 -4.48
C LEU A 325 11.96 8.58 -6.00
N ARG A 326 12.45 7.43 -6.53
CA ARG A 326 12.76 7.27 -7.95
C ARG A 326 11.50 7.11 -8.78
N ARG A 327 10.54 6.31 -8.26
CA ARG A 327 9.23 6.12 -8.90
C ARG A 327 8.45 7.46 -8.92
N GLN A 328 8.42 8.13 -7.75
CA GLN A 328 7.68 9.39 -7.55
C GLN A 328 8.26 10.53 -8.44
N ALA A 329 9.61 10.57 -8.53
CA ALA A 329 10.33 11.58 -9.35
C ALA A 329 10.22 11.28 -10.84
N ALA A 330 10.19 9.98 -11.20
CA ALA A 330 9.99 9.53 -12.60
C ALA A 330 8.60 9.92 -13.10
N GLN A 331 7.61 9.90 -12.18
CA GLN A 331 6.27 10.43 -12.44
C GLN A 331 6.30 11.93 -12.76
N ARG A 332 7.34 12.67 -12.28
CA ARG A 332 7.48 14.11 -12.55
C ARG A 332 8.23 14.30 -13.87
N PHE A 333 9.51 13.88 -13.87
CA PHE A 333 10.42 13.96 -15.01
C PHE A 333 10.24 12.72 -15.90
N GLY A 334 9.05 12.63 -16.51
CA GLY A 334 8.71 11.53 -17.41
C GLY A 334 7.21 11.30 -17.47
N GLY A 335 6.60 11.13 -16.28
CA GLY A 335 5.18 10.77 -16.16
C GLY A 335 4.95 9.28 -16.10
N ASN A 336 6.06 8.50 -16.03
CA ASN A 336 6.05 7.04 -16.12
C ASN A 336 7.06 6.41 -15.14
N GLU A 337 7.14 5.08 -15.15
CA GLU A 337 8.12 4.31 -14.35
C GLU A 337 9.37 3.93 -15.19
N LYS A 338 9.28 4.04 -16.53
CA LYS A 338 10.37 3.66 -17.47
C LYS A 338 11.64 4.50 -17.25
N GLN A 339 11.44 5.82 -17.25
CA GLN A 339 12.54 6.81 -17.21
C GLN A 339 13.26 6.80 -15.84
N ALA A 340 12.63 6.16 -14.82
CA ALA A 340 13.17 6.02 -13.44
C ALA A 340 14.58 5.42 -13.42
N LEU A 341 14.77 4.37 -14.25
CA LEU A 341 16.00 3.56 -14.25
C LEU A 341 17.21 4.35 -14.80
N GLU A 342 16.94 5.52 -15.41
CA GLU A 342 17.98 6.41 -15.93
C GLU A 342 18.39 7.51 -14.92
N LEU A 343 17.74 7.56 -13.73
CA LEU A 343 18.18 8.44 -12.61
C LEU A 343 18.96 7.59 -11.58
N PRO A 344 20.29 7.85 -11.36
CA PRO A 344 21.12 7.12 -10.35
C PRO A 344 20.54 7.18 -8.91
N ARG A 345 20.52 6.00 -8.24
CA ARG A 345 20.02 5.85 -6.86
C ARG A 345 20.71 6.85 -5.89
N GLU A 346 21.99 7.16 -6.20
CA GLU A 346 22.84 8.06 -5.40
C GLU A 346 22.24 9.48 -5.24
N LEU A 347 21.49 9.97 -6.27
CA LEU A 347 20.90 11.32 -6.19
C LEU A 347 19.66 11.31 -5.29
N PHE A 348 19.06 10.12 -5.08
CA PHE A 348 17.92 9.92 -4.14
C PHE A 348 18.46 9.58 -2.75
N GLU A 349 19.67 8.99 -2.75
CA GLU A 349 20.39 8.54 -1.56
C GLU A 349 20.89 9.74 -0.74
N GLU A 350 21.15 10.86 -1.44
CA GLU A 350 21.44 12.17 -0.82
C GLU A 350 20.41 12.51 0.27
N GLN A 351 19.12 12.35 -0.05
CA GLN A 351 18.05 12.59 0.92
C GLN A 351 17.86 11.33 1.80
N ALA A 352 17.56 10.20 1.15
CA ALA A 352 17.16 8.94 1.80
C ALA A 352 18.18 8.45 2.85
N LYS A 353 19.44 8.24 2.42
CA LYS A 353 20.52 7.74 3.31
C LYS A 353 20.75 8.71 4.47
N ARG A 354 20.75 10.03 4.20
CA ARG A 354 20.88 11.04 5.26
C ARG A 354 19.67 11.01 6.22
N ARG A 355 18.48 10.60 5.70
CA ARG A 355 17.25 10.51 6.52
C ARG A 355 17.33 9.28 7.45
N VAL A 356 17.93 8.17 6.97
CA VAL A 356 18.09 6.95 7.79
C VAL A 356 19.31 7.09 8.75
N VAL A 357 20.31 7.92 8.36
CA VAL A 357 21.45 8.27 9.26
C VAL A 357 20.87 9.02 10.47
N VAL A 358 20.05 10.05 10.18
CA VAL A 358 19.31 10.82 11.21
C VAL A 358 18.34 9.91 12.00
N GLY A 359 17.72 8.97 11.29
CA GLY A 359 16.80 7.99 11.89
C GLY A 359 17.49 7.07 12.90
N LEU A 360 18.78 6.77 12.63
CA LEU A 360 19.62 6.00 13.55
C LEU A 360 20.15 6.90 14.69
N LEU A 361 20.64 8.12 14.34
CA LEU A 361 21.30 9.03 15.30
C LEU A 361 20.29 9.59 16.32
N LEU A 362 19.32 10.40 15.83
CA LEU A 362 18.26 11.00 16.68
C LEU A 362 17.37 9.91 17.31
N GLY A 363 17.19 8.79 16.57
CA GLY A 363 16.49 7.62 17.09
C GLY A 363 17.15 7.05 18.33
N GLU A 364 18.49 6.91 18.25
CA GLU A 364 19.32 6.40 19.35
C GLU A 364 19.25 7.36 20.56
N VAL A 365 19.19 8.68 20.28
CA VAL A 365 19.10 9.72 21.33
C VAL A 365 17.79 9.58 22.13
N ILE A 366 16.64 9.62 21.42
CA ILE A 366 15.31 9.59 22.04
C ILE A 366 15.04 8.25 22.75
N ARG A 367 15.66 7.17 22.24
CA ARG A 367 15.56 5.81 22.81
C ARG A 367 16.41 5.67 24.10
N THR A 368 17.71 6.04 24.04
CA THR A 368 18.66 5.82 25.17
C THR A 368 18.44 6.85 26.29
N ASN A 369 18.46 8.15 25.91
CA ASN A 369 18.31 9.28 26.86
C ASN A 369 16.90 9.31 27.46
N GLU A 370 15.94 8.69 26.73
CA GLU A 370 14.52 8.67 27.10
C GLU A 370 13.93 10.08 26.93
N LEU A 371 13.82 10.53 25.67
CA LEU A 371 13.20 11.84 25.34
C LEU A 371 11.69 11.67 25.17
N LYS A 372 10.94 12.73 25.52
CA LYS A 372 9.47 12.78 25.40
C LYS A 372 9.10 13.93 24.44
N ALA A 373 7.90 13.86 23.87
CA ALA A 373 7.31 14.98 23.14
C ALA A 373 6.77 15.99 24.18
N ASP A 374 7.71 16.77 24.77
CA ASP A 374 7.40 17.73 25.87
C ASP A 374 6.23 18.63 25.51
N GLU A 375 5.31 18.81 26.47
CA GLU A 375 4.02 19.51 26.27
C GLU A 375 4.23 20.94 25.74
N GLU A 376 5.32 21.58 26.19
CA GLU A 376 5.73 22.92 25.72
C GLU A 376 5.99 22.87 24.19
N ARG A 377 6.72 21.83 23.76
CA ARG A 377 7.19 21.67 22.37
C ARG A 377 6.06 21.20 21.44
N VAL A 378 5.29 20.19 21.86
CA VAL A 378 4.23 19.60 21.04
C VAL A 378 3.03 20.56 20.94
N LYS A 379 2.69 21.27 22.05
CA LYS A 379 1.64 22.30 22.03
C LYS A 379 2.11 23.48 21.16
N GLY A 380 3.38 23.91 21.34
CA GLY A 380 3.96 25.01 20.54
C GLY A 380 3.86 24.76 19.04
N LEU A 381 4.26 23.54 18.64
CA LEU A 381 4.25 23.08 17.25
C LEU A 381 2.81 23.10 16.70
N ILE A 382 1.90 22.34 17.38
CA ILE A 382 0.51 22.18 16.95
C ILE A 382 -0.18 23.55 16.89
N GLU A 383 -0.12 24.33 17.98
CA GLU A 383 -0.73 25.69 18.10
C GLU A 383 -0.29 26.61 16.95
N GLU A 384 1.03 26.63 16.67
CA GLU A 384 1.62 27.51 15.63
C GLU A 384 1.09 27.13 14.23
N MET A 385 1.18 25.83 13.89
CA MET A 385 0.68 25.33 12.58
C MET A 385 -0.86 25.34 12.52
N ALA A 386 -1.51 25.35 13.71
CA ALA A 386 -2.97 25.37 13.85
C ALA A 386 -3.51 26.77 13.59
N SER A 387 -2.68 27.79 13.88
CA SER A 387 -2.94 29.19 13.50
C SER A 387 -3.01 29.36 11.96
N ALA A 388 -2.45 28.37 11.21
CA ALA A 388 -2.60 28.30 9.74
C ALA A 388 -3.97 27.73 9.32
N TYR A 389 -4.63 26.97 10.25
CA TYR A 389 -6.05 26.54 10.07
C TYR A 389 -6.98 27.73 10.41
N GLU A 390 -8.30 27.52 10.29
CA GLU A 390 -9.30 28.53 10.65
C GLU A 390 -9.47 28.64 12.18
N ASP A 391 -9.39 27.50 12.88
CA ASP A 391 -9.65 27.41 14.34
C ASP A 391 -8.61 26.50 15.03
N PRO A 392 -7.51 27.10 15.59
CA PRO A 392 -6.40 26.35 16.23
C PRO A 392 -6.83 25.45 17.42
N LYS A 393 -7.73 25.95 18.27
CA LYS A 393 -8.14 25.25 19.50
C LYS A 393 -8.91 23.96 19.16
N GLU A 394 -9.66 24.00 18.03
CA GLU A 394 -10.35 22.82 17.49
C GLU A 394 -9.35 21.83 16.85
N VAL A 395 -8.16 22.31 16.44
CA VAL A 395 -7.09 21.45 15.86
C VAL A 395 -6.52 20.58 16.98
N ILE A 396 -6.09 21.29 18.03
CA ILE A 396 -5.53 20.68 19.24
C ILE A 396 -6.57 19.70 19.88
N GLU A 397 -7.86 20.13 19.86
CA GLU A 397 -9.00 19.32 20.34
C GLU A 397 -9.13 18.01 19.54
N PHE A 398 -9.21 18.12 18.19
CA PHE A 398 -9.43 16.97 17.29
C PHE A 398 -8.27 15.96 17.42
N TYR A 399 -7.05 16.48 17.61
CA TYR A 399 -5.86 15.65 17.80
C TYR A 399 -5.97 14.86 19.12
N SER A 400 -6.38 15.54 20.21
CA SER A 400 -6.67 14.88 21.51
C SER A 400 -7.80 13.82 21.38
N LYS A 401 -8.74 14.08 20.44
CA LYS A 401 -9.88 13.18 20.14
C LYS A 401 -9.46 11.98 19.26
N ASN A 402 -8.27 12.06 18.63
CA ASN A 402 -7.80 11.02 17.68
C ASN A 402 -6.41 10.55 18.12
N LYS A 403 -6.35 9.34 18.73
CA LYS A 403 -5.11 8.71 19.24
C LYS A 403 -4.02 8.72 18.17
N GLU A 404 -4.38 8.28 16.95
CA GLU A 404 -3.40 7.97 15.90
C GLU A 404 -2.71 9.23 15.38
N LEU A 405 -3.50 10.29 15.11
CA LEU A 405 -2.98 11.58 14.63
C LEU A 405 -2.08 12.21 15.74
N MET A 406 -2.60 12.18 16.98
CA MET A 406 -1.88 12.68 18.17
C MET A 406 -0.53 11.95 18.36
N ASP A 407 -0.55 10.63 18.10
CA ASP A 407 0.62 9.74 18.26
C ASP A 407 1.70 10.07 17.20
N ASN A 408 1.22 10.41 15.98
CA ASN A 408 2.09 10.87 14.88
C ASN A 408 2.66 12.26 15.20
N MET A 409 1.86 13.07 15.92
CA MET A 409 2.30 14.41 16.36
C MET A 409 3.29 14.33 17.52
N ARG A 410 3.22 13.24 18.31
CA ARG A 410 4.21 12.94 19.35
C ARG A 410 5.54 12.50 18.70
N ASN A 411 5.40 11.69 17.64
CA ASN A 411 6.53 11.20 16.82
C ASN A 411 7.31 12.39 16.21
N VAL A 412 6.61 13.26 15.45
CA VAL A 412 7.24 14.40 14.76
C VAL A 412 7.81 15.42 15.78
N ALA A 413 7.11 15.59 16.93
CA ALA A 413 7.57 16.47 18.01
C ALA A 413 8.79 15.88 18.72
N LEU A 414 8.92 14.53 18.69
CA LEU A 414 10.11 13.83 19.20
C LEU A 414 11.31 14.04 18.26
N GLU A 415 11.08 14.06 16.91
CA GLU A 415 12.15 14.41 15.94
C GLU A 415 12.61 15.87 16.14
N GLU A 416 11.63 16.78 16.29
CA GLU A 416 11.90 18.22 16.55
C GLU A 416 12.75 18.37 17.83
N GLN A 417 12.24 17.79 18.93
CA GLN A 417 12.83 17.93 20.26
C GLN A 417 14.13 17.11 20.38
N ALA A 418 14.31 16.10 19.48
CA ALA A 418 15.59 15.37 19.34
C ALA A 418 16.65 16.29 18.76
N VAL A 419 16.27 17.05 17.71
CA VAL A 419 17.12 18.10 17.12
C VAL A 419 17.45 19.15 18.18
N GLU A 420 16.43 19.57 18.96
CA GLU A 420 16.59 20.62 19.98
C GLU A 420 17.50 20.16 21.14
N ALA A 421 17.44 18.86 21.49
CA ALA A 421 18.29 18.25 22.53
C ALA A 421 19.78 18.35 22.16
N VAL A 422 20.12 17.90 20.93
CA VAL A 422 21.50 17.97 20.42
C VAL A 422 21.91 19.44 20.11
N LEU A 423 20.93 20.25 19.66
CA LEU A 423 21.14 21.65 19.22
C LEU A 423 21.53 22.54 20.41
N ALA A 424 20.84 22.32 21.55
CA ALA A 424 21.05 23.06 22.80
C ALA A 424 22.49 22.92 23.30
N LYS A 425 23.06 21.71 23.14
CA LYS A 425 24.43 21.39 23.56
C LYS A 425 25.45 21.67 22.44
N ALA A 426 24.99 21.69 21.18
CA ALA A 426 25.85 21.87 20.00
C ALA A 426 26.53 23.26 19.98
N LYS A 427 27.66 23.38 19.27
CA LYS A 427 28.42 24.64 19.18
C LYS A 427 27.58 25.67 18.39
N VAL A 428 26.90 26.54 19.15
CA VAL A 428 26.00 27.56 18.61
C VAL A 428 26.78 28.82 18.24
N THR A 429 26.39 29.42 17.10
CA THR A 429 26.95 30.69 16.60
C THR A 429 25.79 31.61 16.21
N GLU A 430 25.60 32.69 16.98
CA GLU A 430 24.60 33.73 16.64
C GLU A 430 25.10 34.54 15.43
N LYS A 431 24.17 34.94 14.55
CA LYS A 431 24.50 35.67 13.32
C LYS A 431 23.32 36.59 12.94
N GLU A 432 23.47 37.89 13.23
CA GLU A 432 22.48 38.92 12.88
C GLU A 432 22.35 39.03 11.34
N THR A 433 21.17 38.65 10.84
CA THR A 433 20.83 38.67 9.42
C THR A 433 19.41 39.26 9.25
N THR A 434 18.93 39.36 8.01
CA THR A 434 17.54 39.79 7.69
C THR A 434 16.74 38.63 7.09
N PHE A 435 15.42 38.83 6.88
CA PHE A 435 14.52 37.85 6.20
C PHE A 435 15.12 37.43 4.83
N ASN A 436 15.69 38.43 4.13
CA ASN A 436 16.38 38.26 2.84
C ASN A 436 17.57 37.28 2.98
N GLU A 437 18.52 37.63 3.86
CA GLU A 437 19.78 36.88 4.07
C GLU A 437 19.54 35.51 4.75
N LEU A 438 18.35 35.36 5.35
CA LEU A 438 17.89 34.11 5.96
C LEU A 438 17.69 33.03 4.88
N MET A 439 16.79 33.32 3.94
CA MET A 439 16.37 32.37 2.89
C MET A 439 17.39 32.31 1.74
N ASN A 440 18.20 33.37 1.62
CA ASN A 440 19.33 33.45 0.67
C ASN A 440 20.63 32.87 1.31
N GLN A 441 20.49 32.34 2.57
CA GLN A 441 21.59 31.89 3.50
C GLN A 441 23.03 32.22 2.99
N GLN A 442 23.48 33.45 3.31
CA GLN A 442 24.79 33.97 2.89
C GLN A 442 25.20 35.14 3.81
N ALA A 443 26.52 35.37 3.91
CA ALA A 443 27.09 36.56 4.59
C ALA A 443 27.18 37.72 3.57
N MET B 12 -14.20 28.28 1.44
CA MET B 12 -14.38 27.04 0.66
C MET B 12 -15.80 26.50 0.87
N GLN B 13 -16.41 25.97 -0.21
CA GLN B 13 -17.77 25.40 -0.19
C GLN B 13 -17.74 23.96 0.36
N VAL B 14 -18.01 23.80 1.67
CA VAL B 14 -18.06 22.48 2.34
C VAL B 14 -19.48 22.25 2.92
N SER B 15 -20.24 21.33 2.32
CA SER B 15 -21.63 21.05 2.72
C SER B 15 -21.73 19.65 3.34
N VAL B 16 -21.96 19.58 4.67
CA VAL B 16 -22.18 18.31 5.40
C VAL B 16 -23.65 17.83 5.20
N GLU B 17 -23.87 17.28 4.00
CA GLU B 17 -25.14 16.66 3.57
C GLU B 17 -25.25 15.27 4.28
N THR B 18 -26.45 14.66 4.33
CA THR B 18 -26.65 13.33 4.95
C THR B 18 -27.19 12.32 3.93
N THR B 19 -26.57 11.12 3.88
CA THR B 19 -26.95 10.04 2.93
C THR B 19 -27.73 8.93 3.67
N GLN B 20 -27.10 8.26 4.64
CA GLN B 20 -27.70 7.15 5.38
C GLN B 20 -27.51 7.34 6.91
N GLY B 21 -28.17 8.40 7.43
CA GLY B 21 -28.21 8.69 8.87
C GLY B 21 -26.84 9.02 9.48
N LEU B 22 -26.15 7.95 9.93
CA LEU B 22 -24.77 8.03 10.44
C LEU B 22 -23.82 8.43 9.30
N GLY B 23 -24.15 7.93 8.10
CA GLY B 23 -23.48 8.30 6.86
C GLY B 23 -23.87 9.69 6.39
N ARG B 24 -22.88 10.59 6.33
CA ARG B 24 -23.05 11.97 5.91
C ARG B 24 -22.02 12.32 4.83
N ARG B 25 -22.52 12.96 3.76
CA ARG B 25 -21.74 13.41 2.61
C ARG B 25 -21.23 14.85 2.83
N VAL B 26 -19.98 15.00 3.28
CA VAL B 26 -19.33 16.32 3.34
C VAL B 26 -18.76 16.64 1.95
N THR B 27 -19.59 17.27 1.10
CA THR B 27 -19.20 17.65 -0.25
C THR B 27 -18.28 18.88 -0.20
N ILE B 28 -16.97 18.64 -0.40
CA ILE B 28 -15.93 19.68 -0.33
C ILE B 28 -15.47 20.04 -1.74
N THR B 29 -15.76 21.28 -2.15
CA THR B 29 -15.26 21.85 -3.39
C THR B 29 -13.93 22.57 -3.11
N ILE B 30 -12.83 21.92 -3.51
CA ILE B 30 -11.47 22.49 -3.43
C ILE B 30 -11.31 23.49 -4.59
N ALA B 31 -11.23 24.80 -4.26
CA ALA B 31 -11.19 25.90 -5.26
C ALA B 31 -9.94 25.80 -6.16
N ALA B 32 -9.98 26.53 -7.29
CA ALA B 32 -8.88 26.58 -8.29
C ALA B 32 -7.52 26.94 -7.64
N ASP B 33 -7.56 27.92 -6.72
CA ASP B 33 -6.39 28.36 -5.93
C ASP B 33 -5.99 27.30 -4.91
N SER B 34 -7.00 26.76 -4.19
CA SER B 34 -6.81 25.73 -3.15
C SER B 34 -6.14 24.45 -3.71
N ILE B 35 -6.32 24.23 -5.04
CA ILE B 35 -5.62 23.17 -5.77
C ILE B 35 -4.22 23.64 -6.17
N GLU B 36 -4.17 24.66 -7.08
CA GLU B 36 -2.93 25.03 -7.81
C GLU B 36 -1.80 25.35 -6.83
N THR B 37 -2.13 26.18 -5.81
CA THR B 37 -1.18 26.59 -4.76
C THR B 37 -0.63 25.36 -4.03
N ALA B 38 -1.52 24.40 -3.69
CA ALA B 38 -1.15 23.15 -2.98
C ALA B 38 -0.22 22.27 -3.83
N VAL B 39 -0.48 22.25 -5.16
CA VAL B 39 0.37 21.51 -6.12
C VAL B 39 1.77 22.12 -6.11
N LYS B 40 1.83 23.45 -6.28
CA LYS B 40 3.07 24.26 -6.29
C LYS B 40 3.86 24.11 -4.98
N SER B 41 3.13 23.99 -3.85
CA SER B 41 3.72 23.86 -2.51
C SER B 41 4.39 22.49 -2.34
N GLU B 42 3.64 21.41 -2.61
CA GLU B 42 4.15 20.03 -2.53
C GLU B 42 5.22 19.75 -3.61
N LEU B 43 5.13 20.49 -4.73
CA LEU B 43 6.05 20.38 -5.87
C LEU B 43 7.41 20.98 -5.49
N VAL B 44 7.39 22.21 -4.93
CA VAL B 44 8.63 22.90 -4.52
C VAL B 44 9.26 22.17 -3.33
N ASN B 45 8.41 21.62 -2.42
CA ASN B 45 8.86 20.81 -1.27
C ASN B 45 9.64 19.59 -1.75
N VAL B 46 9.01 18.77 -2.63
CA VAL B 46 9.66 17.54 -3.16
C VAL B 46 10.85 17.92 -4.09
N ALA B 47 10.85 19.16 -4.63
CA ALA B 47 11.97 19.71 -5.40
C ALA B 47 13.12 20.17 -4.48
N LYS B 48 12.83 20.45 -3.18
CA LYS B 48 13.90 20.69 -2.16
C LYS B 48 14.43 19.33 -1.65
N LYS B 49 13.50 18.37 -1.53
CA LYS B 49 13.75 17.03 -0.97
C LYS B 49 14.69 16.21 -1.88
N VAL B 50 14.28 16.02 -3.15
CA VAL B 50 15.06 15.29 -4.16
C VAL B 50 16.17 16.20 -4.75
N ARG B 51 15.94 17.54 -4.66
CA ARG B 51 16.94 18.60 -4.96
C ARG B 51 17.20 18.81 -6.48
N ILE B 52 16.61 17.95 -7.34
CA ILE B 52 16.77 18.04 -8.80
C ILE B 52 15.87 19.17 -9.39
N ASP B 53 16.53 20.26 -9.80
CA ASP B 53 15.91 21.45 -10.43
C ASP B 53 15.10 21.07 -11.70
N GLY B 54 15.84 20.55 -12.69
CA GLY B 54 15.29 20.24 -14.01
C GLY B 54 16.38 20.33 -15.06
N PHE B 55 17.25 21.33 -14.89
CA PHE B 55 18.44 21.56 -15.73
C PHE B 55 19.66 21.78 -14.82
N ARG B 56 19.60 22.87 -14.03
CA ARG B 56 20.69 23.26 -13.10
C ARG B 56 20.13 24.37 -12.17
N LYS B 57 19.71 25.47 -12.80
CA LYS B 57 19.11 26.65 -12.12
C LYS B 57 18.20 27.36 -13.14
N GLY B 58 17.22 26.61 -13.65
CA GLY B 58 16.23 27.13 -14.59
C GLY B 58 15.27 28.13 -13.93
N LYS B 59 14.64 29.01 -14.75
CA LYS B 59 13.57 29.92 -14.27
C LYS B 59 12.39 29.04 -13.84
N VAL B 60 11.76 28.42 -14.90
CA VAL B 60 10.70 27.38 -14.82
C VAL B 60 9.87 27.44 -13.51
N PRO B 61 9.01 28.51 -13.32
CA PRO B 61 8.31 28.76 -12.03
C PRO B 61 7.30 27.62 -11.71
N MET B 62 7.22 27.21 -10.43
CA MET B 62 6.33 26.07 -10.00
C MET B 62 4.86 26.29 -10.41
N ASN B 63 4.49 27.56 -10.68
CA ASN B 63 3.18 27.97 -11.23
C ASN B 63 2.84 27.18 -12.50
N ILE B 64 3.73 27.25 -13.50
CA ILE B 64 3.54 26.56 -14.80
C ILE B 64 3.80 25.03 -14.64
N VAL B 65 4.82 24.68 -13.82
CA VAL B 65 5.25 23.28 -13.57
C VAL B 65 4.09 22.47 -12.97
N ALA B 66 3.23 23.16 -12.20
CA ALA B 66 1.99 22.59 -11.67
C ALA B 66 0.88 22.65 -12.73
N GLN B 67 0.42 23.89 -13.00
CA GLN B 67 -0.80 24.21 -13.76
C GLN B 67 -0.83 23.54 -15.16
N ARG B 68 0.19 23.85 -15.98
CA ARG B 68 0.17 23.53 -17.43
C ARG B 68 0.94 22.24 -17.71
N TYR B 69 1.98 21.97 -16.90
CA TYR B 69 2.91 20.86 -17.10
C TYR B 69 2.54 19.63 -16.24
N GLY B 70 2.18 19.86 -14.97
CA GLY B 70 2.11 18.78 -13.96
C GLY B 70 0.78 18.04 -13.95
N ALA B 71 0.47 17.35 -15.06
CA ALA B 71 -0.77 16.57 -15.20
C ALA B 71 -0.76 15.33 -14.29
N SER B 72 0.42 14.70 -14.16
CA SER B 72 0.59 13.43 -13.42
C SER B 72 0.60 13.66 -11.89
N VAL B 73 1.17 14.81 -11.46
CA VAL B 73 1.34 15.13 -10.02
C VAL B 73 -0.02 15.48 -9.34
N ARG B 74 -1.08 15.59 -10.15
CA ARG B 74 -2.46 15.75 -9.66
C ARG B 74 -2.88 14.56 -8.79
N GLN B 75 -2.49 13.33 -9.16
CA GLN B 75 -2.82 12.12 -8.37
C GLN B 75 -2.20 12.20 -6.96
N ASP B 76 -0.93 12.66 -6.91
CA ASP B 76 -0.16 12.84 -5.66
C ASP B 76 -0.81 13.91 -4.76
N VAL B 77 -1.02 15.11 -5.34
CA VAL B 77 -1.50 16.28 -4.60
C VAL B 77 -2.96 16.09 -4.18
N LEU B 78 -3.85 15.65 -5.10
CA LEU B 78 -5.26 15.32 -4.77
C LEU B 78 -5.33 14.21 -3.71
N GLY B 79 -4.37 13.26 -3.80
CA GLY B 79 -4.16 12.25 -2.75
C GLY B 79 -3.88 12.89 -1.38
N ASP B 80 -3.14 14.02 -1.38
CA ASP B 80 -2.87 14.81 -0.17
C ASP B 80 -4.10 15.68 0.20
N LEU B 81 -4.81 16.21 -0.83
CA LEU B 81 -5.91 17.20 -0.67
C LEU B 81 -7.17 16.58 -0.09
N MET B 82 -7.35 15.27 -0.36
CA MET B 82 -8.46 14.48 0.20
C MET B 82 -8.31 14.30 1.72
N SER B 83 -7.10 14.58 2.24
CA SER B 83 -6.83 14.66 3.69
C SER B 83 -6.67 16.14 4.14
N ARG B 84 -6.16 16.99 3.22
CA ARG B 84 -5.74 18.38 3.51
C ARG B 84 -6.96 19.30 3.77
N ASN B 85 -7.97 19.21 2.90
CA ASN B 85 -9.20 20.02 3.03
C ASN B 85 -10.17 19.37 4.04
N PHE B 86 -10.13 18.02 4.07
CA PHE B 86 -10.94 17.21 4.99
C PHE B 86 -10.60 17.53 6.46
N ILE B 87 -9.28 17.60 6.79
CA ILE B 87 -8.80 17.83 8.17
C ILE B 87 -9.30 19.19 8.70
N ASP B 88 -9.30 20.24 7.85
CA ASP B 88 -9.77 21.59 8.26
C ASP B 88 -11.30 21.59 8.42
N ALA B 89 -12.01 21.01 7.44
CA ALA B 89 -13.50 20.98 7.40
C ALA B 89 -14.13 20.29 8.64
N ILE B 90 -13.44 19.26 9.18
CA ILE B 90 -13.91 18.52 10.37
C ILE B 90 -13.45 19.21 11.67
N ILE B 91 -12.45 20.12 11.54
CA ILE B 91 -11.98 21.00 12.62
C ILE B 91 -12.84 22.29 12.52
N LYS B 92 -14.15 22.07 12.73
CA LYS B 92 -15.21 23.06 12.50
C LYS B 92 -16.54 22.47 12.96
N GLU B 93 -16.84 21.26 12.48
CA GLU B 93 -18.15 20.62 12.63
C GLU B 93 -18.17 19.59 13.79
N LYS B 94 -16.96 19.16 14.28
CA LYS B 94 -16.80 18.07 15.29
C LYS B 94 -17.40 16.75 14.70
N ILE B 95 -16.55 15.79 14.30
CA ILE B 95 -16.84 14.80 13.22
C ILE B 95 -15.53 14.05 12.88
N ASN B 96 -15.63 12.70 12.90
CA ASN B 96 -14.54 11.77 12.61
C ASN B 96 -15.19 10.43 12.16
N PRO B 97 -14.77 9.86 10.99
CA PRO B 97 -15.28 8.53 10.51
C PRO B 97 -14.76 7.32 11.34
N ALA B 98 -15.40 6.16 11.11
CA ALA B 98 -14.96 4.87 11.68
C ALA B 98 -13.96 4.22 10.71
N GLY B 99 -12.67 4.38 11.00
CA GLY B 99 -11.60 3.84 10.16
C GLY B 99 -11.21 4.81 9.04
N ALA B 100 -12.10 4.94 8.03
CA ALA B 100 -11.86 5.76 6.84
C ALA B 100 -13.21 6.26 6.24
N PRO B 101 -13.26 7.51 5.67
CA PRO B 101 -14.45 8.02 4.97
C PRO B 101 -14.51 7.55 3.50
N THR B 102 -15.74 7.46 2.96
CA THR B 102 -15.96 7.04 1.57
C THR B 102 -15.71 8.23 0.62
N TYR B 103 -14.54 8.22 -0.03
CA TYR B 103 -14.17 9.26 -1.02
C TYR B 103 -14.83 8.96 -2.37
N VAL B 104 -15.92 9.66 -2.67
CA VAL B 104 -16.58 9.62 -3.98
C VAL B 104 -16.23 10.93 -4.74
N PRO B 105 -15.11 10.96 -5.53
CA PRO B 105 -14.67 12.19 -6.21
C PRO B 105 -15.55 12.52 -7.43
N GLY B 106 -15.68 13.82 -7.73
CA GLY B 106 -16.31 14.29 -8.95
C GLY B 106 -15.42 14.03 -10.14
N GLU B 107 -14.60 15.04 -10.49
CA GLU B 107 -13.59 14.93 -11.56
C GLU B 107 -12.67 16.17 -11.43
N TYR B 108 -11.36 16.00 -11.69
CA TYR B 108 -10.41 17.11 -11.63
C TYR B 108 -10.67 18.11 -12.77
N LYS B 109 -11.11 19.32 -12.41
CA LYS B 109 -11.34 20.40 -13.36
C LYS B 109 -10.12 21.36 -13.33
N LEU B 110 -9.34 21.32 -14.44
CA LEU B 110 -8.09 22.10 -14.62
C LEU B 110 -8.37 23.61 -14.40
N GLY B 111 -7.96 24.11 -13.22
CA GLY B 111 -8.03 25.54 -12.92
C GLY B 111 -9.44 26.08 -12.70
N GLU B 112 -10.40 25.17 -12.45
CA GLU B 112 -11.78 25.53 -12.08
C GLU B 112 -12.00 25.13 -10.60
N ASP B 113 -11.93 23.80 -10.32
CA ASP B 113 -12.04 23.25 -8.95
C ASP B 113 -11.87 21.70 -8.97
N PHE B 114 -11.99 21.11 -7.77
CA PHE B 114 -12.07 19.66 -7.57
C PHE B 114 -13.04 19.40 -6.42
N THR B 115 -14.28 19.05 -6.75
CA THR B 115 -15.28 18.64 -5.76
C THR B 115 -15.11 17.13 -5.47
N TYR B 116 -15.14 16.76 -4.17
CA TYR B 116 -15.20 15.35 -3.74
C TYR B 116 -16.21 15.20 -2.59
N SER B 117 -17.10 14.22 -2.79
CA SER B 117 -18.13 13.81 -1.83
C SER B 117 -17.50 12.93 -0.74
N VAL B 118 -17.23 13.51 0.44
CA VAL B 118 -16.57 12.80 1.55
C VAL B 118 -17.65 12.18 2.46
N GLU B 119 -18.15 11.02 2.05
CA GLU B 119 -19.23 10.30 2.76
C GLU B 119 -18.65 9.51 3.93
N PHE B 120 -18.36 10.22 5.04
CA PHE B 120 -17.86 9.60 6.27
C PHE B 120 -19.05 8.94 7.00
N GLU B 121 -18.76 7.87 7.73
CA GLU B 121 -19.75 7.17 8.56
C GLU B 121 -19.13 6.95 9.94
N VAL B 122 -19.76 7.55 10.98
CA VAL B 122 -19.29 7.44 12.37
C VAL B 122 -19.39 5.99 12.89
N TYR B 123 -18.72 5.73 14.02
CA TYR B 123 -18.80 4.44 14.72
C TYR B 123 -20.25 4.21 15.22
N PRO B 124 -21.00 3.19 14.70
CA PRO B 124 -22.37 2.91 15.18
C PRO B 124 -22.34 2.34 16.61
N GLU B 125 -23.34 2.72 17.42
CA GLU B 125 -23.50 2.22 18.78
C GLU B 125 -23.98 0.76 18.73
N VAL B 126 -23.01 -0.15 18.57
CA VAL B 126 -23.25 -1.59 18.43
C VAL B 126 -23.64 -2.21 19.79
N GLU B 127 -24.74 -2.98 19.79
CA GLU B 127 -25.20 -3.74 20.94
C GLU B 127 -25.26 -5.22 20.55
N LEU B 128 -24.85 -6.07 21.49
CA LEU B 128 -24.92 -7.53 21.37
C LEU B 128 -25.95 -8.06 22.38
N GLN B 129 -26.82 -8.96 21.91
CA GLN B 129 -27.87 -9.58 22.73
C GLN B 129 -28.29 -10.90 22.07
N GLY B 130 -28.80 -11.84 22.88
CA GLY B 130 -29.18 -13.18 22.43
C GLY B 130 -28.03 -14.17 22.54
N LEU B 131 -27.03 -13.84 23.39
CA LEU B 131 -25.80 -14.64 23.60
C LEU B 131 -26.17 -16.10 23.97
N GLU B 132 -26.92 -16.20 25.07
CA GLU B 132 -27.46 -17.47 25.60
C GLU B 132 -28.68 -18.00 24.78
N ALA B 133 -29.03 -17.31 23.69
CA ALA B 133 -30.08 -17.79 22.75
C ALA B 133 -29.41 -18.52 21.56
N ILE B 134 -28.20 -18.06 21.19
CA ILE B 134 -27.38 -18.66 20.10
C ILE B 134 -27.16 -20.16 20.31
N GLU B 135 -27.47 -20.95 19.27
CA GLU B 135 -27.35 -22.42 19.27
C GLU B 135 -25.95 -22.83 18.79
N VAL B 136 -25.04 -23.16 19.72
CA VAL B 136 -23.68 -23.60 19.36
C VAL B 136 -23.58 -25.16 19.41
N GLU B 137 -22.74 -25.73 18.54
CA GLU B 137 -22.48 -27.18 18.49
C GLU B 137 -21.07 -27.49 19.01
N LYS B 138 -20.95 -28.56 19.81
CA LYS B 138 -19.67 -29.21 20.17
C LYS B 138 -19.70 -30.63 19.61
N PRO B 139 -19.16 -30.87 18.37
CA PRO B 139 -19.07 -32.22 17.80
C PRO B 139 -18.04 -33.07 18.58
N ILE B 140 -18.54 -33.86 19.55
CA ILE B 140 -17.72 -34.75 20.38
C ILE B 140 -17.18 -35.91 19.52
N VAL B 141 -16.05 -35.62 18.87
CA VAL B 141 -15.32 -36.56 18.03
C VAL B 141 -14.13 -37.12 18.82
N GLU B 142 -13.95 -38.43 18.75
CA GLU B 142 -12.83 -39.14 19.38
C GLU B 142 -12.24 -40.10 18.36
N VAL B 143 -11.06 -39.77 17.83
CA VAL B 143 -10.41 -40.55 16.76
C VAL B 143 -9.86 -41.88 17.34
N THR B 144 -10.72 -42.91 17.31
CA THR B 144 -10.36 -44.27 17.67
C THR B 144 -9.89 -45.02 16.42
N ASP B 145 -9.37 -46.25 16.60
CA ASP B 145 -8.92 -47.11 15.49
C ASP B 145 -10.06 -47.41 14.50
N ALA B 146 -11.32 -47.35 14.99
CA ALA B 146 -12.52 -47.52 14.15
C ALA B 146 -12.67 -46.33 13.17
N ASP B 147 -12.46 -45.10 13.68
CA ASP B 147 -12.48 -43.85 12.87
C ASP B 147 -11.34 -43.87 11.83
N VAL B 148 -10.13 -44.23 12.30
CA VAL B 148 -8.92 -44.25 11.45
C VAL B 148 -9.06 -45.28 10.33
N ASP B 149 -9.43 -46.52 10.70
CA ASP B 149 -9.52 -47.67 9.78
C ASP B 149 -10.69 -47.50 8.79
N GLY B 150 -11.82 -46.96 9.29
CA GLY B 150 -12.97 -46.66 8.44
C GLY B 150 -12.64 -45.61 7.38
N MET B 151 -12.02 -44.51 7.82
CA MET B 151 -11.60 -43.40 6.95
C MET B 151 -10.51 -43.85 5.96
N LEU B 152 -9.58 -44.71 6.44
CA LEU B 152 -8.39 -45.15 5.66
C LEU B 152 -8.82 -46.16 4.57
N ASP B 153 -9.82 -47.00 4.93
CA ASP B 153 -10.49 -47.91 4.01
C ASP B 153 -11.20 -47.11 2.90
N THR B 154 -11.96 -46.09 3.32
CA THR B 154 -12.63 -45.16 2.37
C THR B 154 -11.60 -44.37 1.53
N LEU B 155 -10.43 -44.06 2.14
CA LEU B 155 -9.35 -43.26 1.49
C LEU B 155 -8.74 -44.06 0.32
N ARG B 156 -8.45 -45.36 0.59
CA ARG B 156 -7.90 -46.25 -0.44
C ARG B 156 -9.00 -46.67 -1.45
N LYS B 157 -10.27 -46.66 -1.02
CA LYS B 157 -11.42 -46.86 -1.93
C LYS B 157 -11.81 -45.56 -2.66
N GLN B 158 -11.23 -44.43 -2.23
CA GLN B 158 -11.34 -43.14 -2.92
C GLN B 158 -10.30 -43.04 -4.05
N GLN B 159 -9.02 -43.34 -3.72
CA GLN B 159 -7.88 -43.06 -4.59
C GLN B 159 -6.91 -44.27 -4.72
N ALA B 160 -7.48 -45.50 -4.85
CA ALA B 160 -6.69 -46.71 -5.20
C ALA B 160 -6.06 -46.56 -6.60
N THR B 161 -5.23 -47.55 -7.00
CA THR B 161 -4.63 -47.58 -8.34
C THR B 161 -5.73 -47.71 -9.42
N TRP B 162 -5.87 -46.66 -10.25
CA TRP B 162 -6.85 -46.59 -11.34
C TRP B 162 -6.29 -47.33 -12.57
N LYS B 163 -7.15 -48.10 -13.25
CA LYS B 163 -6.81 -48.73 -14.54
C LYS B 163 -7.27 -47.81 -15.69
N GLU B 164 -6.96 -48.19 -16.95
CA GLU B 164 -7.40 -47.46 -18.15
C GLU B 164 -8.67 -48.10 -18.74
N LYS B 165 -9.23 -47.46 -19.79
CA LYS B 165 -10.45 -47.94 -20.46
C LYS B 165 -10.34 -47.71 -21.97
N ASP B 166 -10.73 -48.73 -22.75
CA ASP B 166 -10.79 -48.66 -24.22
C ASP B 166 -12.26 -48.71 -24.65
N GLY B 167 -12.85 -47.53 -24.91
CA GLY B 167 -14.24 -47.43 -25.37
C GLY B 167 -14.85 -46.06 -25.16
N ALA B 168 -16.17 -46.03 -24.91
CA ALA B 168 -16.93 -44.79 -24.66
C ALA B 168 -16.67 -44.28 -23.23
N VAL B 169 -16.76 -42.96 -23.07
CA VAL B 169 -16.55 -42.29 -21.77
C VAL B 169 -17.86 -42.31 -20.97
N GLU B 170 -17.73 -42.43 -19.64
CA GLU B 170 -18.87 -42.30 -18.71
C GLU B 170 -18.51 -41.33 -17.59
N ALA B 171 -19.54 -40.93 -16.83
CA ALA B 171 -19.38 -40.11 -15.60
C ALA B 171 -18.95 -41.00 -14.41
N GLU B 172 -18.73 -42.29 -14.69
CA GLU B 172 -18.20 -43.29 -13.75
C GLU B 172 -16.74 -43.65 -14.10
N ASP B 173 -16.10 -42.80 -14.93
CA ASP B 173 -14.69 -42.95 -15.35
C ASP B 173 -13.87 -41.73 -14.94
N ARG B 174 -12.54 -41.88 -14.97
CA ARG B 174 -11.60 -40.76 -14.82
C ARG B 174 -11.03 -40.39 -16.20
N VAL B 175 -11.47 -39.26 -16.74
CA VAL B 175 -11.13 -38.85 -18.12
C VAL B 175 -10.32 -37.54 -18.13
N THR B 176 -9.10 -37.59 -18.70
CA THR B 176 -8.25 -36.41 -18.90
C THR B 176 -8.50 -35.82 -20.28
N ILE B 177 -9.20 -34.68 -20.27
CA ILE B 177 -9.58 -33.91 -21.46
C ILE B 177 -8.96 -32.51 -21.36
N ASP B 178 -9.39 -31.63 -22.26
CA ASP B 178 -9.21 -30.18 -22.12
C ASP B 178 -10.39 -29.52 -22.84
N PHE B 179 -11.04 -28.57 -22.14
CA PHE B 179 -12.27 -27.92 -22.60
C PHE B 179 -12.04 -26.40 -22.72
N THR B 180 -12.45 -25.84 -23.86
CA THR B 180 -12.33 -24.42 -24.18
C THR B 180 -13.19 -24.09 -25.40
N GLY B 181 -13.46 -22.80 -25.61
CA GLY B 181 -14.24 -22.35 -26.75
C GLY B 181 -14.66 -20.91 -26.57
N SER B 182 -15.96 -20.68 -26.41
CA SER B 182 -16.51 -19.35 -26.17
C SER B 182 -17.86 -19.47 -25.46
N VAL B 183 -18.04 -18.66 -24.41
CA VAL B 183 -19.31 -18.48 -23.72
C VAL B 183 -20.06 -17.33 -24.42
N ASP B 184 -21.18 -17.67 -25.09
CA ASP B 184 -22.09 -16.72 -25.76
C ASP B 184 -21.50 -16.20 -27.10
N GLY B 185 -20.25 -16.57 -27.40
CA GLY B 185 -19.49 -16.04 -28.55
C GLY B 185 -18.27 -15.24 -28.11
N GLU B 186 -18.10 -15.10 -26.78
CA GLU B 186 -16.95 -14.38 -26.17
C GLU B 186 -16.10 -15.37 -25.36
N GLU B 187 -14.78 -15.15 -25.29
CA GLU B 187 -13.86 -16.02 -24.51
C GLU B 187 -14.06 -15.85 -22.98
N PHE B 188 -13.45 -16.75 -22.21
CA PHE B 188 -13.68 -16.87 -20.75
C PHE B 188 -12.38 -17.25 -20.00
N GLU B 189 -11.97 -16.37 -19.07
CA GLU B 189 -10.76 -16.55 -18.24
C GLU B 189 -11.09 -17.30 -16.95
N GLY B 190 -10.24 -18.28 -16.57
CA GLY B 190 -10.39 -19.03 -15.30
C GLY B 190 -11.32 -20.23 -15.40
N GLY B 191 -12.37 -20.14 -16.25
CA GLY B 191 -13.43 -21.17 -16.34
C GLY B 191 -13.10 -22.32 -17.30
N LYS B 192 -11.79 -22.55 -17.55
CA LYS B 192 -11.30 -23.64 -18.41
C LYS B 192 -9.97 -24.16 -17.86
N ALA B 193 -9.58 -25.38 -18.27
CA ALA B 193 -8.34 -26.01 -17.81
C ALA B 193 -7.83 -27.01 -18.87
N SER B 194 -6.61 -26.73 -19.37
CA SER B 194 -5.86 -27.65 -20.23
C SER B 194 -5.26 -28.79 -19.39
N ASP B 195 -5.35 -30.03 -19.95
CA ASP B 195 -4.95 -31.29 -19.27
C ASP B 195 -5.82 -31.51 -17.99
N PHE B 196 -7.13 -31.25 -18.15
CA PHE B 196 -8.12 -31.39 -17.07
C PHE B 196 -8.39 -32.87 -16.77
N VAL B 197 -8.12 -33.26 -15.53
CA VAL B 197 -8.31 -34.62 -15.03
C VAL B 197 -9.64 -34.69 -14.23
N LEU B 198 -10.70 -35.19 -14.90
CA LEU B 198 -12.03 -35.37 -14.30
C LEU B 198 -12.12 -36.75 -13.64
N ALA B 199 -12.04 -36.78 -12.30
CA ALA B 199 -12.29 -38.00 -11.51
C ALA B 199 -13.76 -38.07 -11.11
N MET B 200 -14.31 -39.28 -11.16
CA MET B 200 -15.71 -39.58 -10.79
C MET B 200 -15.89 -39.74 -9.27
N GLY B 201 -17.14 -40.02 -8.85
CA GLY B 201 -17.46 -40.43 -7.47
C GLY B 201 -17.81 -39.27 -6.55
N GLN B 202 -17.02 -38.19 -6.63
CA GLN B 202 -17.14 -37.02 -5.74
C GLN B 202 -17.12 -35.72 -6.58
N GLY B 203 -18.31 -35.15 -6.82
CA GLY B 203 -18.43 -33.89 -7.56
C GLY B 203 -19.86 -33.57 -7.96
N ARG B 204 -20.13 -32.28 -8.17
CA ARG B 204 -21.43 -31.77 -8.65
C ARG B 204 -21.16 -30.54 -9.55
N MET B 205 -20.84 -30.82 -10.82
CA MET B 205 -20.46 -29.81 -11.83
C MET B 205 -21.70 -29.08 -12.38
N ILE B 206 -21.51 -28.22 -13.39
CA ILE B 206 -22.63 -27.54 -14.07
C ILE B 206 -23.45 -28.58 -14.90
N PRO B 207 -24.83 -28.63 -14.70
CA PRO B 207 -25.71 -29.58 -15.41
C PRO B 207 -25.60 -29.48 -16.94
N GLY B 208 -25.22 -30.59 -17.58
CA GLY B 208 -25.07 -30.68 -19.04
C GLY B 208 -23.67 -31.05 -19.47
N PHE B 209 -22.67 -30.62 -18.66
CA PHE B 209 -21.24 -30.83 -18.97
C PHE B 209 -20.94 -32.33 -18.98
N GLU B 210 -20.98 -32.93 -17.78
CA GLU B 210 -20.72 -34.38 -17.55
C GLU B 210 -21.63 -35.28 -18.42
N ASP B 211 -22.86 -34.78 -18.66
CA ASP B 211 -23.87 -35.42 -19.53
C ASP B 211 -23.35 -35.56 -20.98
N GLY B 212 -22.64 -34.51 -21.45
CA GLY B 212 -22.05 -34.50 -22.79
C GLY B 212 -20.80 -35.36 -22.86
N ILE B 213 -20.01 -35.34 -21.76
CA ILE B 213 -18.76 -36.11 -21.63
C ILE B 213 -19.04 -37.62 -21.79
N LYS B 214 -20.09 -38.09 -21.09
CA LYS B 214 -20.52 -39.51 -21.15
C LYS B 214 -21.38 -39.82 -22.39
N GLY B 215 -21.54 -38.83 -23.29
CA GLY B 215 -22.38 -39.00 -24.48
C GLY B 215 -21.56 -39.34 -25.72
N HIS B 216 -20.25 -39.57 -25.52
CA HIS B 216 -19.28 -39.74 -26.62
C HIS B 216 -18.19 -40.78 -26.25
N LYS B 217 -17.25 -41.02 -27.18
CA LYS B 217 -16.23 -42.09 -27.06
C LYS B 217 -14.83 -41.53 -27.30
N ALA B 218 -13.83 -42.21 -26.73
CA ALA B 218 -12.41 -41.79 -26.73
C ALA B 218 -11.85 -41.54 -28.14
N GLY B 219 -10.88 -40.60 -28.23
CA GLY B 219 -10.15 -40.33 -29.48
C GLY B 219 -10.86 -39.36 -30.42
N GLU B 220 -11.80 -38.55 -29.89
CA GLU B 220 -12.48 -37.52 -30.70
C GLU B 220 -12.45 -36.15 -30.01
N GLU B 221 -12.51 -35.10 -30.84
CA GLU B 221 -12.66 -33.71 -30.39
C GLU B 221 -14.04 -33.23 -30.86
N PHE B 222 -14.97 -33.05 -29.93
CA PHE B 222 -16.33 -32.54 -30.21
C PHE B 222 -16.56 -31.26 -29.40
N THR B 223 -17.81 -30.78 -29.31
CA THR B 223 -18.18 -29.68 -28.40
C THR B 223 -19.52 -29.98 -27.74
N ILE B 224 -19.69 -29.46 -26.52
CA ILE B 224 -20.97 -29.44 -25.79
C ILE B 224 -21.38 -27.97 -25.60
N ASP B 225 -22.66 -27.66 -25.77
CA ASP B 225 -23.17 -26.29 -25.61
C ASP B 225 -24.12 -26.27 -24.40
N VAL B 226 -23.58 -25.86 -23.24
CA VAL B 226 -24.30 -25.90 -21.95
C VAL B 226 -24.37 -24.50 -21.32
N THR B 227 -25.54 -24.15 -20.79
CA THR B 227 -25.81 -22.81 -20.21
C THR B 227 -25.36 -22.78 -18.74
N PHE B 228 -24.62 -21.72 -18.36
CA PHE B 228 -24.35 -21.42 -16.94
C PHE B 228 -25.65 -20.98 -16.25
N PRO B 229 -25.90 -21.44 -14.97
CA PRO B 229 -27.05 -20.97 -14.16
C PRO B 229 -27.11 -19.43 -14.09
N GLU B 230 -28.34 -18.87 -14.09
CA GLU B 230 -28.56 -17.41 -13.94
C GLU B 230 -28.24 -16.94 -12.51
N GLU B 231 -27.95 -17.91 -11.61
CA GLU B 231 -27.53 -17.67 -10.21
C GLU B 231 -26.00 -17.87 -10.04
N TYR B 232 -25.29 -18.11 -11.16
CA TYR B 232 -23.82 -18.34 -11.18
C TYR B 232 -23.07 -17.04 -10.75
N HIS B 233 -21.88 -17.22 -10.15
CA HIS B 233 -21.14 -16.15 -9.42
C HIS B 233 -20.38 -15.15 -10.35
N ALA B 234 -20.74 -15.06 -11.65
CA ALA B 234 -20.11 -14.13 -12.61
C ALA B 234 -21.15 -13.66 -13.64
N GLU B 235 -21.31 -12.31 -13.74
CA GLU B 235 -22.34 -11.63 -14.56
C GLU B 235 -22.34 -12.09 -16.05
N ASN B 236 -21.16 -12.04 -16.67
CA ASN B 236 -20.95 -12.31 -18.12
C ASN B 236 -21.28 -13.77 -18.48
N LEU B 237 -21.03 -14.68 -17.53
CA LEU B 237 -21.18 -16.12 -17.76
C LEU B 237 -22.61 -16.58 -17.43
N LYS B 238 -23.22 -16.00 -16.37
CA LYS B 238 -24.54 -16.46 -15.86
C LYS B 238 -25.68 -16.13 -16.87
N GLY B 239 -26.45 -17.17 -17.25
CA GLY B 239 -27.53 -17.03 -18.24
C GLY B 239 -27.07 -17.36 -19.66
N LYS B 240 -25.75 -17.31 -19.89
CA LYS B 240 -25.14 -17.48 -21.22
C LYS B 240 -24.80 -18.97 -21.48
N ALA B 241 -25.04 -19.43 -22.73
CA ALA B 241 -24.65 -20.77 -23.19
C ALA B 241 -23.15 -20.80 -23.53
N ALA B 242 -22.50 -21.94 -23.29
CA ALA B 242 -21.03 -22.09 -23.40
C ALA B 242 -20.67 -23.28 -24.28
N LYS B 243 -19.93 -23.00 -25.38
CA LYS B 243 -19.43 -24.01 -26.31
C LYS B 243 -18.07 -24.54 -25.81
N PHE B 244 -18.12 -25.65 -25.06
CA PHE B 244 -16.94 -26.33 -24.51
C PHE B 244 -16.49 -27.44 -25.48
N ALA B 245 -15.49 -27.13 -26.30
CA ALA B 245 -14.88 -28.11 -27.20
C ALA B 245 -14.07 -29.13 -26.38
N ILE B 246 -14.63 -30.33 -26.24
CA ILE B 246 -14.07 -31.41 -25.43
C ILE B 246 -13.16 -32.31 -26.29
N ASN B 247 -11.89 -32.43 -25.89
CA ASN B 247 -10.92 -33.34 -26.53
C ASN B 247 -10.73 -34.59 -25.65
N LEU B 248 -11.45 -35.68 -25.99
CA LEU B 248 -11.34 -36.97 -25.28
C LEU B 248 -9.98 -37.62 -25.58
N LYS B 249 -8.97 -37.16 -24.83
CA LYS B 249 -7.57 -37.56 -25.02
C LYS B 249 -7.28 -38.87 -24.27
N LYS B 250 -7.41 -38.83 -22.93
CA LYS B 250 -7.14 -39.98 -22.05
C LYS B 250 -8.43 -40.40 -21.36
N VAL B 251 -8.79 -41.69 -21.49
CA VAL B 251 -9.97 -42.26 -20.80
C VAL B 251 -9.51 -43.45 -19.95
N GLU B 252 -9.73 -43.33 -18.63
CA GLU B 252 -9.35 -44.35 -17.65
C GLU B 252 -10.58 -44.79 -16.85
N GLU B 253 -10.55 -46.03 -16.37
CA GLU B 253 -11.67 -46.62 -15.65
C GLU B 253 -11.36 -46.71 -14.15
N ARG B 254 -12.41 -46.54 -13.34
CA ARG B 254 -12.35 -46.60 -11.88
C ARG B 254 -12.13 -48.07 -11.46
N GLU B 255 -11.06 -48.33 -10.69
CA GLU B 255 -10.77 -49.67 -10.16
C GLU B 255 -10.19 -49.51 -8.75
N LEU B 256 -10.67 -50.36 -7.83
CA LEU B 256 -10.29 -50.35 -6.42
C LEU B 256 -9.85 -51.78 -6.01
N PRO B 257 -8.52 -52.13 -6.10
CA PRO B 257 -8.06 -53.45 -5.65
C PRO B 257 -7.91 -53.51 -4.11
N GLU B 258 -6.86 -52.85 -3.58
CA GLU B 258 -6.46 -52.92 -2.16
C GLU B 258 -5.62 -51.67 -1.81
N LEU B 259 -5.07 -51.67 -0.58
CA LEU B 259 -4.17 -50.62 -0.09
C LEU B 259 -2.73 -50.90 -0.61
N THR B 260 -2.27 -50.08 -1.58
CA THR B 260 -1.05 -50.36 -2.38
C THR B 260 0.13 -49.43 -2.02
N ALA B 261 1.37 -49.90 -2.28
CA ALA B 261 2.63 -49.23 -1.86
C ALA B 261 2.80 -47.83 -2.48
N GLU B 262 2.41 -47.71 -3.75
CA GLU B 262 2.43 -46.43 -4.50
C GLU B 262 1.33 -45.46 -3.98
N PHE B 263 0.30 -46.00 -3.31
CA PHE B 263 -0.72 -45.18 -2.63
C PHE B 263 -0.11 -44.62 -1.35
N ILE B 264 0.52 -45.53 -0.56
CA ILE B 264 1.23 -45.20 0.70
C ILE B 264 2.24 -44.04 0.48
N LYS B 265 3.02 -44.17 -0.60
CA LYS B 265 4.08 -43.24 -1.00
C LYS B 265 3.48 -41.86 -1.38
N ARG B 266 2.21 -41.84 -1.90
CA ARG B 266 1.55 -40.61 -2.42
C ARG B 266 1.24 -39.59 -1.28
N PHE B 267 1.32 -40.05 -0.02
CA PHE B 267 1.15 -39.19 1.17
C PHE B 267 2.52 -38.74 1.71
N GLY B 268 3.57 -38.88 0.86
CA GLY B 268 4.93 -38.51 1.22
C GLY B 268 5.57 -39.46 2.22
N VAL B 269 5.06 -40.70 2.28
CA VAL B 269 5.58 -41.73 3.18
C VAL B 269 6.70 -42.50 2.45
N GLU B 270 7.94 -41.96 2.55
CA GLU B 270 9.18 -42.62 2.06
C GLU B 270 9.41 -43.96 2.79
N ASP B 271 8.86 -44.06 4.01
CA ASP B 271 8.92 -45.25 4.88
C ASP B 271 8.36 -46.51 4.17
N GLY B 272 7.32 -46.31 3.34
CA GLY B 272 6.78 -47.40 2.51
C GLY B 272 5.80 -48.33 3.24
N SER B 273 6.11 -48.65 4.52
CA SER B 273 5.28 -49.52 5.36
C SER B 273 3.99 -48.79 5.76
N VAL B 274 2.87 -49.52 5.74
CA VAL B 274 1.54 -48.97 6.12
C VAL B 274 1.55 -48.48 7.59
N GLU B 275 2.40 -49.11 8.45
CA GLU B 275 2.63 -48.64 9.84
C GLU B 275 3.01 -47.13 9.84
N GLY B 276 3.86 -46.75 8.86
CA GLY B 276 4.30 -45.37 8.69
C GLY B 276 3.21 -44.48 8.11
N LEU B 277 2.29 -45.10 7.35
CA LEU B 277 1.19 -44.40 6.67
C LEU B 277 0.14 -44.03 7.72
N ARG B 278 -0.17 -44.98 8.62
CA ARG B 278 -1.09 -44.79 9.75
C ARG B 278 -0.60 -43.65 10.65
N ALA B 279 0.73 -43.63 10.89
CA ALA B 279 1.38 -42.66 11.79
C ALA B 279 1.33 -41.24 11.20
N GLU B 280 1.74 -41.11 9.93
CA GLU B 280 1.74 -39.84 9.17
C GLU B 280 0.31 -39.28 9.07
N VAL B 281 -0.61 -40.13 8.58
CA VAL B 281 -2.04 -39.81 8.46
C VAL B 281 -2.63 -39.40 9.82
N ARG B 282 -2.20 -40.06 10.93
CA ARG B 282 -2.65 -39.69 12.28
C ARG B 282 -2.17 -38.27 12.67
N LYS B 283 -0.91 -37.92 12.32
CA LYS B 283 -0.36 -36.56 12.59
C LYS B 283 -1.16 -35.48 11.83
N ASN B 284 -1.56 -35.81 10.58
CA ASN B 284 -2.44 -34.94 9.75
C ASN B 284 -3.83 -34.82 10.40
N MET B 285 -4.42 -35.99 10.71
CA MET B 285 -5.78 -36.13 11.25
C MET B 285 -5.92 -35.35 12.55
N GLU B 286 -4.92 -35.49 13.46
CA GLU B 286 -4.93 -34.88 14.81
C GLU B 286 -4.94 -33.35 14.73
N ARG B 287 -3.98 -32.78 13.98
CA ARG B 287 -3.86 -31.32 13.81
C ARG B 287 -5.15 -30.76 13.20
N GLU B 288 -5.63 -31.42 12.13
CA GLU B 288 -6.86 -31.02 11.44
C GLU B 288 -8.12 -31.29 12.29
N LEU B 289 -8.06 -32.28 13.21
CA LEU B 289 -9.22 -32.69 14.05
C LEU B 289 -9.52 -31.60 15.05
N LYS B 290 -8.46 -31.22 15.78
CA LYS B 290 -8.54 -30.17 16.79
C LYS B 290 -8.91 -28.83 16.11
N SER B 291 -8.23 -28.53 14.98
CA SER B 291 -8.50 -27.33 14.16
C SER B 291 -9.91 -27.37 13.50
N ALA B 292 -10.49 -28.58 13.30
CA ALA B 292 -11.85 -28.74 12.75
C ALA B 292 -12.89 -28.45 13.82
N ILE B 293 -12.63 -28.87 15.08
CA ILE B 293 -13.48 -28.52 16.24
C ILE B 293 -13.47 -27.01 16.44
N ARG B 294 -12.26 -26.43 16.38
CA ARG B 294 -12.04 -24.98 16.48
C ARG B 294 -12.84 -24.24 15.39
N ASN B 295 -12.63 -24.63 14.12
CA ASN B 295 -13.25 -23.95 12.95
C ASN B 295 -14.79 -24.10 12.95
N ARG B 296 -15.29 -25.30 13.34
CA ARG B 296 -16.74 -25.57 13.40
C ARG B 296 -17.40 -24.66 14.45
N VAL B 297 -16.91 -24.74 15.71
CA VAL B 297 -17.51 -24.00 16.84
C VAL B 297 -17.36 -22.48 16.65
N LYS B 298 -16.23 -22.06 16.05
CA LYS B 298 -15.94 -20.63 15.83
C LYS B 298 -16.85 -20.06 14.77
N SER B 299 -16.88 -20.67 13.56
CA SER B 299 -17.73 -20.21 12.44
C SER B 299 -19.23 -20.21 12.82
N GLN B 300 -19.63 -21.23 13.61
CA GLN B 300 -21.02 -21.39 14.11
C GLN B 300 -21.36 -20.25 15.10
N ALA B 301 -20.42 -19.97 16.03
CA ALA B 301 -20.58 -18.90 17.03
C ALA B 301 -20.50 -17.51 16.39
N ILE B 302 -19.66 -17.37 15.35
CA ILE B 302 -19.42 -16.11 14.63
C ILE B 302 -20.70 -15.70 13.91
N GLU B 303 -21.21 -16.60 13.05
CA GLU B 303 -22.45 -16.38 12.29
C GLU B 303 -23.68 -16.47 13.21
N GLY B 304 -23.52 -17.12 14.38
CA GLY B 304 -24.52 -17.07 15.45
C GLY B 304 -24.67 -15.67 16.02
N LEU B 305 -23.52 -14.99 16.27
CA LEU B 305 -23.47 -13.61 16.78
C LEU B 305 -24.06 -12.64 15.75
N VAL B 306 -23.65 -12.82 14.47
CA VAL B 306 -24.13 -11.98 13.35
C VAL B 306 -25.66 -12.13 13.20
N LYS B 307 -26.15 -13.38 13.14
CA LYS B 307 -27.59 -13.68 12.94
C LYS B 307 -28.43 -13.12 14.12
N ALA B 308 -27.89 -13.27 15.36
CA ALA B 308 -28.52 -12.77 16.58
C ALA B 308 -28.48 -11.22 16.64
N ASN B 309 -27.51 -10.58 15.93
CA ASN B 309 -27.29 -9.12 15.99
C ASN B 309 -26.95 -8.59 14.60
N ASP B 310 -27.97 -8.62 13.71
CA ASP B 310 -27.86 -8.04 12.36
C ASP B 310 -27.92 -6.51 12.49
N ILE B 311 -26.78 -5.93 12.86
CA ILE B 311 -26.63 -4.48 13.14
C ILE B 311 -26.43 -3.69 11.83
N ASP B 312 -26.56 -2.36 11.92
CA ASP B 312 -26.34 -1.44 10.79
C ASP B 312 -24.85 -1.01 10.80
N VAL B 313 -24.07 -1.64 9.94
CA VAL B 313 -22.61 -1.44 9.83
C VAL B 313 -22.25 -0.38 8.75
N PRO B 314 -21.18 0.46 8.99
CA PRO B 314 -20.75 1.51 8.02
C PRO B 314 -20.27 0.92 6.68
N ALA B 315 -20.97 1.32 5.59
CA ALA B 315 -20.77 0.79 4.22
C ALA B 315 -19.40 1.15 3.62
N ALA B 316 -18.62 2.01 4.31
CA ALA B 316 -17.24 2.36 3.93
C ALA B 316 -16.31 1.13 4.12
N LEU B 317 -16.54 0.41 5.24
CA LEU B 317 -15.80 -0.82 5.59
C LEU B 317 -16.16 -1.96 4.62
N ILE B 318 -17.47 -2.02 4.28
CA ILE B 318 -18.01 -2.99 3.30
C ILE B 318 -17.34 -2.73 1.94
N ASP B 319 -17.38 -1.47 1.49
CA ASP B 319 -16.78 -0.98 0.22
C ASP B 319 -15.29 -1.41 0.10
N SER B 320 -14.54 -1.08 1.17
CA SER B 320 -13.10 -1.37 1.28
C SER B 320 -12.82 -2.90 1.13
N GLU B 321 -13.38 -3.70 2.06
CA GLU B 321 -13.19 -5.17 2.08
C GLU B 321 -13.81 -5.84 0.84
N ILE B 322 -14.81 -5.19 0.21
CA ILE B 322 -15.43 -5.67 -1.03
C ILE B 322 -14.38 -5.66 -2.13
N ASP B 323 -13.71 -4.50 -2.34
CA ASP B 323 -12.69 -4.36 -3.40
C ASP B 323 -11.43 -5.18 -3.11
N VAL B 324 -11.08 -5.37 -1.81
CA VAL B 324 -9.98 -6.28 -1.42
C VAL B 324 -10.27 -7.73 -1.91
N LEU B 325 -11.44 -8.26 -1.49
CA LEU B 325 -11.89 -9.62 -1.87
C LEU B 325 -12.18 -9.73 -3.38
N ARG B 326 -12.59 -8.60 -4.00
CA ARG B 326 -12.97 -8.54 -5.41
C ARG B 326 -11.74 -8.60 -6.31
N ARG B 327 -10.65 -7.92 -5.88
CA ARG B 327 -9.34 -8.01 -6.54
C ARG B 327 -8.82 -9.45 -6.40
N GLN B 328 -8.89 -9.99 -5.15
CA GLN B 328 -8.44 -11.37 -4.83
C GLN B 328 -9.08 -12.40 -5.78
N ALA B 329 -10.42 -12.33 -5.92
CA ALA B 329 -11.18 -13.26 -6.76
C ALA B 329 -10.84 -13.08 -8.25
N ALA B 330 -10.75 -11.81 -8.70
CA ALA B 330 -10.36 -11.47 -10.08
C ALA B 330 -8.96 -12.01 -10.44
N GLN B 331 -8.09 -12.02 -9.43
CA GLN B 331 -6.72 -12.51 -9.53
C GLN B 331 -6.65 -14.05 -9.46
N ARG B 332 -7.78 -14.73 -9.16
CA ARG B 332 -7.87 -16.21 -9.23
C ARG B 332 -8.45 -16.60 -10.61
N PHE B 333 -9.60 -15.98 -10.95
CA PHE B 333 -10.31 -16.22 -12.22
C PHE B 333 -9.61 -15.45 -13.35
N GLY B 334 -8.47 -16.00 -13.82
CA GLY B 334 -7.72 -15.42 -14.93
C GLY B 334 -6.57 -14.53 -14.46
N GLY B 335 -6.87 -13.58 -13.54
CA GLY B 335 -5.85 -12.64 -13.03
C GLY B 335 -5.85 -11.32 -13.78
N ASN B 336 -7.03 -10.68 -13.89
CA ASN B 336 -7.19 -9.42 -14.63
C ASN B 336 -8.10 -8.43 -13.86
N GLU B 337 -8.24 -7.21 -14.43
CA GLU B 337 -8.88 -6.06 -13.76
C GLU B 337 -10.42 -6.08 -13.96
N LYS B 338 -10.86 -6.35 -15.19
CA LYS B 338 -12.28 -6.34 -15.60
C LYS B 338 -13.06 -7.51 -14.93
N GLN B 339 -12.33 -8.56 -14.55
CA GLN B 339 -12.89 -9.75 -13.86
C GLN B 339 -13.39 -9.37 -12.46
N ALA B 340 -12.81 -8.31 -11.85
CA ALA B 340 -13.26 -7.81 -10.54
C ALA B 340 -14.73 -7.39 -10.61
N LEU B 341 -15.01 -6.40 -11.48
CA LEU B 341 -16.36 -5.85 -11.67
C LEU B 341 -17.29 -6.87 -12.37
N GLU B 342 -16.74 -8.05 -12.73
CA GLU B 342 -17.49 -9.15 -13.33
C GLU B 342 -18.21 -9.99 -12.25
N LEU B 343 -17.69 -9.98 -11.00
CA LEU B 343 -18.38 -10.64 -9.86
C LEU B 343 -19.18 -9.60 -9.06
N PRO B 344 -20.52 -9.83 -8.82
CA PRO B 344 -21.35 -8.92 -7.99
C PRO B 344 -20.83 -8.85 -6.53
N ARG B 345 -20.57 -7.63 -6.05
CA ARG B 345 -19.90 -7.38 -4.76
C ARG B 345 -20.65 -7.98 -3.54
N GLU B 346 -21.95 -8.30 -3.74
CA GLU B 346 -22.81 -8.94 -2.73
C GLU B 346 -22.25 -10.30 -2.26
N LEU B 347 -21.59 -11.05 -3.18
CA LEU B 347 -20.98 -12.36 -2.82
C LEU B 347 -19.64 -12.17 -2.08
N PHE B 348 -19.10 -10.93 -2.08
CA PHE B 348 -17.93 -10.55 -1.26
C PHE B 348 -18.42 -9.97 0.09
N GLU B 349 -19.65 -9.42 0.07
CA GLU B 349 -20.32 -8.88 1.26
C GLU B 349 -20.66 -10.01 2.24
N GLU B 350 -21.01 -11.18 1.69
CA GLU B 350 -21.29 -12.39 2.49
C GLU B 350 -20.07 -12.85 3.32
N GLN B 351 -18.89 -12.26 3.07
CA GLN B 351 -17.70 -12.41 3.91
C GLN B 351 -17.50 -11.10 4.72
N ALA B 352 -17.39 -9.98 3.96
CA ALA B 352 -16.97 -8.67 4.49
C ALA B 352 -17.91 -8.17 5.59
N LYS B 353 -19.21 -8.15 5.28
CA LYS B 353 -20.28 -7.77 6.23
C LYS B 353 -20.21 -8.61 7.52
N ARG B 354 -19.98 -9.94 7.40
CA ARG B 354 -19.76 -10.81 8.59
C ARG B 354 -18.52 -10.33 9.39
N ARG B 355 -17.45 -9.92 8.66
CA ARG B 355 -16.17 -9.53 9.29
C ARG B 355 -16.31 -8.19 10.05
N VAL B 356 -17.10 -7.26 9.49
CA VAL B 356 -17.29 -5.92 10.09
C VAL B 356 -18.32 -5.99 11.25
N VAL B 357 -19.38 -6.84 11.10
CA VAL B 357 -20.39 -7.06 12.16
C VAL B 357 -19.71 -7.67 13.40
N VAL B 358 -18.90 -8.72 13.17
CA VAL B 358 -18.09 -9.38 14.21
C VAL B 358 -16.99 -8.43 14.74
N GLY B 359 -16.47 -7.58 13.86
CA GLY B 359 -15.48 -6.56 14.23
C GLY B 359 -16.02 -5.59 15.26
N LEU B 360 -17.31 -5.21 15.07
CA LEU B 360 -18.01 -4.30 16.00
C LEU B 360 -18.53 -5.06 17.23
N LEU B 361 -19.02 -6.30 17.03
CA LEU B 361 -19.62 -7.13 18.10
C LEU B 361 -18.54 -7.58 19.10
N LEU B 362 -17.58 -8.38 18.60
CA LEU B 362 -16.46 -8.90 19.42
C LEU B 362 -15.52 -7.77 19.87
N GLY B 363 -15.45 -6.69 19.06
CA GLY B 363 -14.79 -5.46 19.46
C GLY B 363 -15.45 -4.86 20.71
N GLU B 364 -16.79 -4.83 20.70
CA GLU B 364 -17.58 -4.29 21.81
C GLU B 364 -17.59 -5.27 23.01
N VAL B 365 -17.39 -6.59 22.76
CA VAL B 365 -17.28 -7.59 23.84
C VAL B 365 -16.04 -7.25 24.68
N ILE B 366 -14.87 -7.19 24.01
CA ILE B 366 -13.58 -6.94 24.66
C ILE B 366 -13.48 -5.50 25.23
N ARG B 367 -14.25 -4.56 24.61
CA ARG B 367 -14.37 -3.17 25.10
C ARG B 367 -15.20 -3.14 26.42
N THR B 368 -16.54 -3.37 26.35
CA THR B 368 -17.45 -3.25 27.53
C THR B 368 -17.09 -4.25 28.65
N ASN B 369 -16.87 -5.53 28.28
CA ASN B 369 -16.56 -6.62 29.24
C ASN B 369 -15.10 -6.51 29.76
N GLU B 370 -14.33 -5.54 29.21
CA GLU B 370 -13.01 -5.13 29.74
C GLU B 370 -11.99 -6.29 29.65
N LEU B 371 -11.99 -6.96 28.50
CA LEU B 371 -11.19 -8.17 28.27
C LEU B 371 -9.76 -7.79 27.84
N LYS B 372 -8.76 -8.38 28.53
CA LYS B 372 -7.35 -8.34 28.11
C LYS B 372 -7.01 -9.62 27.33
N ALA B 373 -5.96 -9.56 26.51
CA ALA B 373 -5.46 -10.71 25.76
C ALA B 373 -4.68 -11.62 26.73
N ASP B 374 -5.42 -12.54 27.39
CA ASP B 374 -4.87 -13.44 28.43
C ASP B 374 -3.60 -14.12 27.96
N GLU B 375 -2.54 -13.95 28.75
CA GLU B 375 -1.19 -14.46 28.44
C GLU B 375 -1.22 -15.98 28.21
N GLU B 376 -2.11 -16.66 28.95
CA GLU B 376 -2.38 -18.10 28.83
C GLU B 376 -2.97 -18.42 27.43
N ARG B 377 -3.96 -17.59 26.97
CA ARG B 377 -4.69 -17.85 25.72
C ARG B 377 -3.75 -17.58 24.52
N VAL B 378 -3.07 -16.41 24.55
CA VAL B 378 -2.20 -15.98 23.45
C VAL B 378 -0.99 -16.91 23.32
N LYS B 379 -0.35 -17.29 24.45
CA LYS B 379 0.80 -18.22 24.46
C LYS B 379 0.34 -19.62 24.02
N GLY B 380 -0.89 -20.01 24.40
CA GLY B 380 -1.49 -21.30 23.97
C GLY B 380 -1.66 -21.38 22.46
N LEU B 381 -2.16 -20.28 21.86
CA LEU B 381 -2.36 -20.16 20.41
C LEU B 381 -1.00 -20.23 19.69
N ILE B 382 -0.06 -19.36 20.16
CA ILE B 382 1.29 -19.26 19.61
C ILE B 382 1.98 -20.63 19.67
N GLU B 383 1.85 -21.33 20.83
CA GLU B 383 2.50 -22.64 21.07
C GLU B 383 1.90 -23.74 20.17
N GLU B 384 0.56 -23.69 19.99
CA GLU B 384 -0.18 -24.64 19.13
C GLU B 384 0.33 -24.58 17.68
N MET B 385 0.45 -23.35 17.14
CA MET B 385 1.02 -23.13 15.79
C MET B 385 2.56 -23.25 15.81
N ALA B 386 3.17 -23.07 17.01
CA ALA B 386 4.63 -23.14 17.21
C ALA B 386 5.14 -24.57 17.15
N SER B 387 4.23 -25.53 17.42
CA SER B 387 4.47 -26.97 17.20
C SER B 387 4.79 -27.27 15.70
N ALA B 388 4.35 -26.36 14.80
CA ALA B 388 4.61 -26.45 13.35
C ALA B 388 5.94 -25.75 12.94
N TYR B 389 6.59 -25.07 13.92
CA TYR B 389 7.93 -24.44 13.72
C TYR B 389 9.04 -25.38 14.24
N GLU B 390 10.24 -24.80 14.51
CA GLU B 390 11.38 -25.55 15.09
C GLU B 390 11.18 -25.82 16.60
N ASP B 391 11.07 -24.75 17.41
CA ASP B 391 11.05 -24.86 18.90
C ASP B 391 9.93 -23.96 19.48
N PRO B 392 8.83 -24.54 20.06
CA PRO B 392 7.62 -23.78 20.50
C PRO B 392 7.91 -22.60 21.45
N LYS B 393 8.59 -22.88 22.58
CA LYS B 393 8.90 -21.87 23.62
C LYS B 393 9.77 -20.73 23.04
N GLU B 394 10.62 -21.06 22.04
CA GLU B 394 11.46 -20.07 21.34
C GLU B 394 10.63 -19.21 20.36
N VAL B 395 9.50 -19.76 19.85
CA VAL B 395 8.58 -19.01 18.96
C VAL B 395 7.84 -17.94 19.77
N ILE B 396 7.33 -18.38 20.93
CA ILE B 396 6.64 -17.53 21.91
C ILE B 396 7.60 -16.40 22.38
N GLU B 397 8.83 -16.83 22.74
CA GLU B 397 9.95 -15.95 23.17
C GLU B 397 10.27 -14.89 22.09
N PHE B 398 10.37 -15.34 20.82
CA PHE B 398 10.77 -14.49 19.68
C PHE B 398 9.71 -13.41 19.42
N TYR B 399 8.43 -13.82 19.44
CA TYR B 399 7.30 -12.90 19.20
C TYR B 399 7.20 -11.88 20.34
N SER B 400 7.51 -12.34 21.57
CA SER B 400 7.58 -11.47 22.76
C SER B 400 8.68 -10.39 22.63
N LYS B 401 9.69 -10.65 21.77
CA LYS B 401 10.79 -9.70 21.49
C LYS B 401 10.46 -8.73 20.34
N ASN B 402 9.33 -8.95 19.65
CA ASN B 402 8.91 -8.08 18.53
C ASN B 402 7.54 -7.47 18.87
N LYS B 403 7.54 -6.17 19.24
CA LYS B 403 6.33 -5.44 19.71
C LYS B 403 5.21 -5.50 18.67
N GLU B 404 5.59 -5.25 17.39
CA GLU B 404 4.67 -5.23 16.24
C GLU B 404 3.87 -6.55 16.16
N LEU B 405 4.60 -7.68 16.04
CA LEU B 405 4.02 -9.02 15.87
C LEU B 405 3.21 -9.42 17.13
N MET B 406 3.79 -9.14 18.31
CA MET B 406 3.20 -9.44 19.63
C MET B 406 1.82 -8.75 19.79
N ASP B 407 1.73 -7.50 19.30
CA ASP B 407 0.52 -6.67 19.40
C ASP B 407 -0.62 -7.28 18.54
N ASN B 408 -0.25 -7.76 17.34
CA ASN B 408 -1.17 -8.48 16.44
C ASN B 408 -1.60 -9.84 17.05
N MET B 409 -0.67 -10.48 17.79
CA MET B 409 -0.98 -11.73 18.51
C MET B 409 -1.97 -11.47 19.66
N ARG B 410 -1.87 -10.27 20.27
CA ARG B 410 -2.80 -9.84 21.33
C ARG B 410 -4.18 -9.51 20.73
N ASN B 411 -4.18 -8.95 19.51
CA ASN B 411 -5.42 -8.65 18.76
C ASN B 411 -6.18 -9.95 18.42
N VAL B 412 -5.48 -10.94 17.84
CA VAL B 412 -6.09 -12.24 17.46
C VAL B 412 -6.41 -13.09 18.70
N ALA B 413 -5.67 -12.85 19.81
CA ALA B 413 -5.96 -13.48 21.11
C ALA B 413 -7.26 -12.91 21.68
N LEU B 414 -7.48 -11.59 21.51
CA LEU B 414 -8.73 -10.93 21.93
C LEU B 414 -9.89 -11.29 20.99
N GLU B 415 -9.60 -11.61 19.72
CA GLU B 415 -10.60 -12.14 18.76
C GLU B 415 -11.13 -13.49 19.29
N GLU B 416 -10.16 -14.42 19.46
CA GLU B 416 -10.36 -15.75 20.06
C GLU B 416 -11.14 -15.68 21.37
N GLN B 417 -10.63 -14.85 22.29
CA GLN B 417 -11.09 -14.79 23.69
C GLN B 417 -12.37 -13.94 23.82
N ALA B 418 -12.66 -13.11 22.80
CA ALA B 418 -13.98 -12.48 22.66
C ALA B 418 -15.01 -13.55 22.37
N VAL B 419 -14.66 -14.50 21.45
CA VAL B 419 -15.53 -15.66 21.17
C VAL B 419 -15.62 -16.55 22.43
N GLU B 420 -14.51 -16.75 23.16
CA GLU B 420 -14.47 -17.61 24.37
C GLU B 420 -15.42 -17.07 25.47
N ALA B 421 -15.40 -15.73 25.65
CA ALA B 421 -16.24 -15.03 26.64
C ALA B 421 -17.75 -15.14 26.30
N VAL B 422 -18.10 -14.88 25.02
CA VAL B 422 -19.51 -14.95 24.56
C VAL B 422 -19.99 -16.42 24.47
N LEU B 423 -19.04 -17.36 24.23
CA LEU B 423 -19.31 -18.80 24.11
C LEU B 423 -19.56 -19.41 25.49
N ALA B 424 -18.85 -18.88 26.51
CA ALA B 424 -19.06 -19.22 27.91
C ALA B 424 -20.53 -18.94 28.33
N LYS B 425 -21.09 -17.84 27.79
CA LYS B 425 -22.47 -17.42 28.07
C LYS B 425 -23.47 -18.10 27.10
N ALA B 426 -23.02 -18.41 25.88
CA ALA B 426 -23.87 -18.96 24.80
C ALA B 426 -24.43 -20.33 25.14
N LYS B 427 -25.65 -20.61 24.66
CA LYS B 427 -26.30 -21.91 24.84
C LYS B 427 -25.66 -22.92 23.87
N VAL B 428 -24.78 -23.76 24.44
CA VAL B 428 -24.01 -24.77 23.71
C VAL B 428 -24.63 -26.15 23.93
N THR B 429 -24.60 -26.99 22.89
CA THR B 429 -25.06 -28.37 22.95
C THR B 429 -23.97 -29.29 22.39
N GLU B 430 -23.44 -30.17 23.24
CA GLU B 430 -22.53 -31.24 22.81
C GLU B 430 -23.33 -32.34 22.11
N LYS B 431 -22.74 -32.91 21.04
CA LYS B 431 -23.33 -33.97 20.24
C LYS B 431 -22.24 -34.96 19.85
N GLU B 432 -22.42 -36.23 20.21
CA GLU B 432 -21.55 -37.34 19.77
C GLU B 432 -21.49 -37.38 18.22
N THR B 433 -20.28 -37.23 17.69
CA THR B 433 -20.00 -37.10 16.25
C THR B 433 -18.76 -37.94 15.92
N THR B 434 -18.73 -38.57 14.72
CA THR B 434 -17.54 -39.30 14.25
C THR B 434 -16.61 -38.38 13.46
N PHE B 435 -15.39 -38.87 13.20
CA PHE B 435 -14.37 -38.18 12.37
C PHE B 435 -14.96 -37.79 11.00
N ASN B 436 -15.75 -38.72 10.43
CA ASN B 436 -16.41 -38.56 9.13
C ASN B 436 -17.39 -37.37 9.18
N GLU B 437 -18.38 -37.45 10.10
CA GLU B 437 -19.51 -36.47 10.18
C GLU B 437 -19.02 -35.01 10.38
N LEU B 438 -17.84 -34.87 11.02
CA LEU B 438 -17.21 -33.58 11.32
C LEU B 438 -16.68 -32.91 10.02
N MET B 439 -15.93 -33.70 9.23
CA MET B 439 -15.19 -33.22 8.04
C MET B 439 -15.96 -33.48 6.72
N ASN B 440 -17.10 -34.16 6.84
CA ASN B 440 -18.03 -34.43 5.72
C ASN B 440 -19.35 -33.67 5.98
N GLN B 441 -19.24 -32.60 6.84
CA GLN B 441 -20.34 -31.80 7.45
C GLN B 441 -21.76 -32.33 7.14
N GLN B 442 -22.15 -33.38 7.88
CA GLN B 442 -23.47 -34.03 7.72
C GLN B 442 -23.84 -34.79 9.02
N ALA B 443 -23.48 -34.16 10.16
CA ALA B 443 -23.81 -34.68 11.49
C ALA B 443 -25.30 -34.31 11.81
N MET A 12 12.38 -28.64 5.56
CA MET A 12 12.97 -27.30 5.77
C MET A 12 14.43 -27.30 5.27
N GLN A 13 14.62 -26.98 3.97
CA GLN A 13 15.96 -26.82 3.36
C GLN A 13 16.25 -25.32 3.25
N VAL A 14 17.03 -24.81 4.22
CA VAL A 14 17.37 -23.37 4.31
C VAL A 14 18.91 -23.22 4.41
N SER A 15 19.44 -22.12 3.85
CA SER A 15 20.87 -21.78 3.91
C SER A 15 21.03 -20.26 4.07
N VAL A 16 21.77 -19.81 5.10
CA VAL A 16 22.04 -18.38 5.33
C VAL A 16 23.56 -18.09 5.19
N GLU A 17 23.90 -17.11 4.34
CA GLU A 17 25.29 -16.64 4.14
C GLU A 17 25.38 -15.15 4.48
N THR A 18 26.27 -14.79 5.43
CA THR A 18 26.55 -13.37 5.74
C THR A 18 27.41 -12.78 4.60
N THR A 19 26.75 -12.00 3.73
CA THR A 19 27.33 -11.53 2.47
C THR A 19 28.28 -10.33 2.66
N GLN A 20 27.83 -9.31 3.42
CA GLN A 20 28.59 -8.06 3.63
C GLN A 20 28.17 -7.41 4.96
N GLY A 21 29.01 -7.58 6.00
CA GLY A 21 28.82 -6.95 7.30
C GLY A 21 27.61 -7.50 8.06
N LEU A 22 26.51 -6.74 8.05
CA LEU A 22 25.23 -7.14 8.64
C LEU A 22 24.39 -7.92 7.60
N GLY A 23 24.71 -7.67 6.30
CA GLY A 23 24.01 -8.26 5.17
C GLY A 23 24.10 -9.78 5.12
N ARG A 24 22.96 -10.42 4.79
CA ARG A 24 22.78 -11.89 4.81
C ARG A 24 21.80 -12.29 3.71
N ARG A 25 22.00 -13.50 3.18
CA ARG A 25 21.17 -14.10 2.13
C ARG A 25 20.64 -15.45 2.65
N VAL A 26 19.35 -15.46 3.03
CA VAL A 26 18.65 -16.67 3.48
C VAL A 26 17.96 -17.31 2.26
N THR A 27 18.70 -18.19 1.58
CA THR A 27 18.24 -18.96 0.42
C THR A 27 17.46 -20.20 0.90
N ILE A 28 16.13 -20.20 0.70
CA ILE A 28 15.23 -21.28 1.14
C ILE A 28 14.62 -21.99 -0.07
N THR A 29 14.71 -23.33 -0.07
CA THR A 29 14.08 -24.19 -1.07
C THR A 29 12.83 -24.85 -0.45
N ILE A 30 11.64 -24.51 -0.97
CA ILE A 30 10.37 -25.15 -0.58
C ILE A 30 10.10 -26.29 -1.56
N ALA A 31 9.98 -27.53 -1.05
CA ALA A 31 9.65 -28.71 -1.87
C ALA A 31 8.19 -28.63 -2.37
N ALA A 32 7.92 -29.25 -3.55
CA ALA A 32 6.59 -29.24 -4.20
C ALA A 32 5.49 -29.84 -3.29
N ASP A 33 5.90 -30.65 -2.30
CA ASP A 33 5.00 -31.18 -1.24
C ASP A 33 4.31 -30.02 -0.49
N SER A 34 5.10 -29.21 0.24
CA SER A 34 4.57 -28.10 1.07
C SER A 34 3.91 -27.00 0.22
N ILE A 35 4.34 -26.87 -1.06
CA ILE A 35 3.73 -25.90 -1.99
C ILE A 35 2.32 -26.37 -2.38
N GLU A 36 2.23 -27.52 -3.10
CA GLU A 36 0.96 -28.05 -3.65
C GLU A 36 -0.10 -28.34 -2.58
N THR A 37 0.36 -28.82 -1.40
CA THR A 37 -0.53 -29.02 -0.24
C THR A 37 -1.16 -27.67 0.18
N ALA A 38 -0.31 -26.62 0.31
CA ALA A 38 -0.74 -25.27 0.70
C ALA A 38 -1.61 -24.62 -0.40
N VAL A 39 -1.33 -24.94 -1.70
CA VAL A 39 -2.10 -24.40 -2.84
C VAL A 39 -3.54 -24.90 -2.76
N LYS A 40 -3.70 -26.24 -2.72
CA LYS A 40 -5.03 -26.89 -2.73
C LYS A 40 -5.84 -26.54 -1.47
N SER A 41 -5.15 -26.58 -0.29
CA SER A 41 -5.77 -26.29 1.02
C SER A 41 -6.25 -24.82 1.08
N GLU A 42 -5.41 -23.86 0.67
CA GLU A 42 -5.79 -22.44 0.68
C GLU A 42 -6.78 -22.09 -0.45
N LEU A 43 -6.81 -22.92 -1.52
CA LEU A 43 -7.83 -22.81 -2.59
C LEU A 43 -9.22 -23.12 -2.02
N VAL A 44 -9.38 -24.31 -1.37
CA VAL A 44 -10.69 -24.71 -0.79
C VAL A 44 -11.08 -23.81 0.41
N ASN A 45 -10.08 -23.36 1.21
CA ASN A 45 -10.30 -22.41 2.32
C ASN A 45 -10.90 -21.10 1.79
N VAL A 46 -10.19 -20.42 0.86
CA VAL A 46 -10.64 -19.13 0.28
C VAL A 46 -11.99 -19.31 -0.48
N ALA A 47 -12.20 -20.53 -1.03
CA ALA A 47 -13.46 -20.91 -1.70
C ALA A 47 -14.62 -21.03 -0.69
N LYS A 48 -14.32 -21.43 0.57
CA LYS A 48 -15.34 -21.52 1.65
C LYS A 48 -15.62 -20.13 2.26
N LYS A 49 -14.56 -19.29 2.32
CA LYS A 49 -14.65 -17.91 2.88
C LYS A 49 -15.48 -16.99 1.95
N VAL A 50 -15.09 -16.94 0.67
CA VAL A 50 -15.71 -16.08 -0.36
C VAL A 50 -16.94 -16.80 -1.00
N ARG A 51 -17.17 -18.08 -0.58
CA ARG A 51 -18.36 -18.89 -0.93
C ARG A 51 -18.31 -19.43 -2.40
N ILE A 52 -17.25 -19.07 -3.15
CA ILE A 52 -17.10 -19.44 -4.57
C ILE A 52 -16.27 -20.74 -4.73
N ASP A 53 -16.97 -21.88 -4.55
CA ASP A 53 -16.39 -23.24 -4.72
C ASP A 53 -16.11 -23.53 -6.21
N GLY A 54 -17.07 -23.14 -7.08
CA GLY A 54 -17.01 -23.42 -8.52
C GLY A 54 -18.40 -23.53 -9.14
N PHE A 55 -19.21 -24.49 -8.65
CA PHE A 55 -20.54 -24.82 -9.24
C PHE A 55 -21.67 -24.84 -8.19
N ARG A 56 -21.39 -24.24 -7.01
CA ARG A 56 -22.35 -24.15 -5.88
C ARG A 56 -22.82 -25.54 -5.41
N LYS A 57 -21.88 -26.51 -5.45
CA LYS A 57 -22.15 -27.91 -5.07
C LYS A 57 -20.85 -28.66 -4.71
N GLY A 58 -19.70 -28.12 -5.14
CA GLY A 58 -18.39 -28.72 -4.87
C GLY A 58 -17.90 -29.55 -6.05
N LYS A 59 -17.44 -28.88 -7.11
CA LYS A 59 -16.99 -29.53 -8.36
C LYS A 59 -15.69 -28.93 -8.88
N VAL A 60 -15.01 -29.73 -9.74
CA VAL A 60 -13.67 -29.44 -10.29
C VAL A 60 -12.64 -29.30 -9.13
N PRO A 61 -12.01 -30.44 -8.69
CA PRO A 61 -11.04 -30.44 -7.57
C PRO A 61 -9.86 -29.46 -7.78
N MET A 62 -9.31 -28.97 -6.66
CA MET A 62 -8.34 -27.86 -6.61
C MET A 62 -6.99 -28.22 -7.26
N ASN A 63 -6.79 -29.52 -7.57
CA ASN A 63 -5.63 -30.03 -8.32
C ASN A 63 -5.64 -29.44 -9.74
N ILE A 64 -6.84 -29.42 -10.37
CA ILE A 64 -7.03 -28.96 -11.76
C ILE A 64 -6.98 -27.42 -11.79
N VAL A 65 -7.58 -26.80 -10.77
CA VAL A 65 -7.59 -25.33 -10.60
C VAL A 65 -6.16 -24.82 -10.33
N ALA A 66 -5.32 -25.65 -9.68
CA ALA A 66 -3.87 -25.38 -9.53
C ALA A 66 -3.12 -25.64 -10.86
N GLN A 67 -3.53 -26.71 -11.56
CA GLN A 67 -2.86 -27.16 -12.79
C GLN A 67 -2.93 -26.09 -13.91
N ARG A 68 -4.07 -25.38 -13.99
CA ARG A 68 -4.29 -24.27 -14.95
C ARG A 68 -4.03 -22.90 -14.29
N TYR A 69 -4.72 -22.63 -13.18
CA TYR A 69 -4.75 -21.28 -12.55
C TYR A 69 -3.84 -21.22 -11.30
N GLY A 70 -2.86 -22.14 -11.22
CA GLY A 70 -1.88 -22.13 -10.13
C GLY A 70 -1.02 -20.88 -10.09
N ALA A 71 -0.66 -20.34 -11.26
CA ALA A 71 0.24 -19.17 -11.38
C ALA A 71 -0.30 -17.93 -10.62
N SER A 72 -1.63 -17.76 -10.66
CA SER A 72 -2.31 -16.60 -10.06
C SER A 72 -2.40 -16.75 -8.52
N VAL A 73 -2.83 -17.94 -8.05
CA VAL A 73 -2.92 -18.26 -6.60
C VAL A 73 -1.52 -18.44 -5.97
N ARG A 74 -0.49 -18.65 -6.82
CA ARG A 74 0.91 -18.85 -6.38
C ARG A 74 1.45 -17.62 -5.63
N GLN A 75 0.87 -16.43 -5.89
CA GLN A 75 1.29 -15.19 -5.21
C GLN A 75 0.84 -15.21 -3.74
N ASP A 76 -0.40 -15.68 -3.50
CA ASP A 76 -0.94 -15.85 -2.13
C ASP A 76 -0.16 -16.96 -1.39
N VAL A 77 -0.05 -18.13 -2.06
CA VAL A 77 0.61 -19.32 -1.48
C VAL A 77 2.09 -19.04 -1.18
N LEU A 78 2.90 -18.81 -2.24
CA LEU A 78 4.35 -18.54 -2.09
C LEU A 78 4.59 -17.23 -1.32
N GLY A 79 3.66 -16.26 -1.42
CA GLY A 79 3.70 -15.05 -0.60
C GLY A 79 3.58 -15.32 0.89
N ASP A 80 2.80 -16.37 1.25
CA ASP A 80 2.67 -16.83 2.64
C ASP A 80 3.94 -17.60 3.04
N LEU A 81 4.30 -18.59 2.20
CA LEU A 81 5.40 -19.54 2.44
C LEU A 81 6.77 -18.83 2.52
N MET A 82 6.95 -17.74 1.76
CA MET A 82 8.23 -17.00 1.72
C MET A 82 8.45 -16.28 3.06
N SER A 83 7.34 -15.90 3.72
CA SER A 83 7.36 -15.21 5.02
C SER A 83 7.34 -16.23 6.17
N ARG A 84 6.67 -17.39 5.93
CA ARG A 84 6.40 -18.44 6.94
C ARG A 84 7.70 -19.21 7.22
N ASN A 85 8.30 -19.76 6.14
CA ASN A 85 9.56 -20.53 6.21
C ASN A 85 10.73 -19.63 6.63
N PHE A 86 10.63 -18.32 6.30
CA PHE A 86 11.60 -17.30 6.71
C PHE A 86 11.54 -17.09 8.23
N ILE A 87 10.33 -16.81 8.75
CA ILE A 87 10.09 -16.53 10.19
C ILE A 87 10.23 -17.83 11.04
N ASP A 88 10.56 -18.97 10.38
CA ASP A 88 10.93 -20.23 11.05
C ASP A 88 12.46 -20.36 11.07
N ALA A 89 13.08 -20.27 9.87
CA ALA A 89 14.53 -20.48 9.65
C ALA A 89 15.42 -19.56 10.51
N ILE A 90 15.01 -18.29 10.61
CA ILE A 90 15.77 -17.26 11.35
C ILE A 90 15.67 -17.42 12.88
N ILE A 91 14.75 -18.30 13.36
CA ILE A 91 14.57 -18.52 14.80
C ILE A 91 15.77 -19.31 15.37
N LYS A 92 16.21 -20.32 14.63
CA LYS A 92 17.34 -21.19 14.99
C LYS A 92 18.65 -20.38 15.08
N GLU A 93 18.79 -19.42 14.16
CA GLU A 93 19.98 -18.54 14.09
C GLU A 93 19.78 -17.24 14.89
N LYS A 94 18.53 -17.03 15.40
CA LYS A 94 18.12 -15.84 16.20
C LYS A 94 18.28 -14.51 15.41
N ILE A 95 18.27 -14.62 14.06
CA ILE A 95 18.45 -13.48 13.14
C ILE A 95 17.21 -12.57 13.16
N ASN A 96 17.37 -11.35 13.71
CA ASN A 96 16.33 -10.31 13.69
C ASN A 96 16.61 -9.36 12.50
N PRO A 97 15.77 -9.39 11.41
CA PRO A 97 15.93 -8.49 10.23
C PRO A 97 15.77 -7.00 10.59
N ALA A 98 16.47 -6.13 9.85
CA ALA A 98 16.38 -4.67 10.02
C ALA A 98 15.13 -4.13 9.29
N GLY A 99 13.99 -4.10 10.00
CA GLY A 99 12.74 -3.55 9.49
C GLY A 99 12.03 -4.50 8.53
N ALA A 100 12.42 -4.44 7.24
CA ALA A 100 11.77 -5.21 6.16
C ALA A 100 12.84 -5.88 5.26
N PRO A 101 12.83 -7.24 5.10
CA PRO A 101 13.77 -7.95 4.22
C PRO A 101 13.33 -7.98 2.74
N THR A 102 14.32 -8.00 1.83
CA THR A 102 14.09 -8.01 0.38
C THR A 102 13.95 -9.47 -0.13
N TYR A 103 12.70 -9.91 -0.36
CA TYR A 103 12.39 -11.25 -0.88
C TYR A 103 12.65 -11.30 -2.41
N VAL A 104 13.85 -11.77 -2.80
CA VAL A 104 14.25 -11.91 -4.22
C VAL A 104 13.95 -13.34 -4.69
N PRO A 105 12.88 -13.57 -5.53
CA PRO A 105 12.47 -14.92 -5.96
C PRO A 105 13.22 -15.38 -7.24
N GLY A 106 12.67 -16.41 -7.91
CA GLY A 106 13.17 -16.88 -9.20
C GLY A 106 12.04 -17.46 -10.03
N GLU A 107 12.37 -18.12 -11.15
CA GLU A 107 11.38 -18.80 -11.99
C GLU A 107 10.86 -20.04 -11.25
N TYR A 108 9.52 -20.17 -11.15
CA TYR A 108 8.89 -21.28 -10.42
C TYR A 108 9.12 -22.60 -11.19
N LYS A 109 9.86 -23.53 -10.56
CA LYS A 109 10.13 -24.85 -11.14
C LYS A 109 8.96 -25.80 -10.85
N LEU A 110 7.97 -25.80 -11.77
CA LEU A 110 6.72 -26.56 -11.63
C LEU A 110 6.99 -28.08 -11.59
N GLY A 111 6.50 -28.72 -10.51
CA GLY A 111 6.61 -30.17 -10.33
C GLY A 111 7.84 -30.58 -9.53
N GLU A 112 8.71 -29.62 -9.17
CA GLU A 112 9.95 -29.91 -8.42
C GLU A 112 9.98 -29.11 -7.09
N ASP A 113 10.11 -27.77 -7.17
CA ASP A 113 10.26 -26.91 -5.96
C ASP A 113 10.11 -25.40 -6.30
N PHE A 114 10.36 -24.56 -5.28
CA PHE A 114 10.51 -23.11 -5.42
C PHE A 114 11.61 -22.64 -4.46
N THR A 115 12.77 -22.28 -5.01
CA THR A 115 13.85 -21.65 -4.25
C THR A 115 13.73 -20.11 -4.34
N TYR A 116 14.09 -19.42 -3.25
CA TYR A 116 14.11 -17.94 -3.21
C TYR A 116 15.21 -17.46 -2.25
N SER A 117 15.56 -16.18 -2.38
CA SER A 117 16.70 -15.56 -1.71
C SER A 117 16.23 -14.32 -0.93
N VAL A 118 16.07 -14.46 0.39
CA VAL A 118 15.68 -13.33 1.27
C VAL A 118 16.94 -12.59 1.74
N GLU A 119 17.24 -11.46 1.09
CA GLU A 119 18.45 -10.66 1.35
C GLU A 119 18.10 -9.42 2.20
N PHE A 120 18.92 -9.16 3.22
CA PHE A 120 18.68 -8.09 4.21
C PHE A 120 19.89 -7.98 5.15
N GLU A 121 19.97 -6.88 5.88
CA GLU A 121 20.91 -6.72 7.00
C GLU A 121 20.16 -7.00 8.31
N VAL A 122 20.89 -7.49 9.32
CA VAL A 122 20.34 -7.64 10.69
C VAL A 122 20.34 -6.26 11.39
N TYR A 123 19.43 -6.09 12.36
CA TYR A 123 19.32 -4.85 13.13
C TYR A 123 20.21 -4.91 14.40
N PRO A 124 21.27 -4.05 14.49
CA PRO A 124 21.99 -3.81 15.76
C PRO A 124 21.39 -2.61 16.53
N GLU A 125 21.84 -2.42 17.78
CA GLU A 125 21.45 -1.25 18.58
C GLU A 125 22.35 -0.06 18.18
N VAL A 126 21.72 1.04 17.78
CA VAL A 126 22.41 2.24 17.28
C VAL A 126 22.76 3.21 18.43
N GLU A 127 23.96 3.82 18.33
CA GLU A 127 24.52 4.73 19.32
C GLU A 127 24.78 6.11 18.66
N LEU A 128 24.47 7.21 19.39
CA LEU A 128 24.64 8.60 18.89
C LEU A 128 25.45 9.46 19.89
N GLN A 129 26.42 10.24 19.34
CA GLN A 129 27.27 11.19 20.09
C GLN A 129 27.43 12.48 19.28
N GLY A 130 28.35 13.36 19.73
CA GLY A 130 28.65 14.62 19.06
C GLY A 130 27.59 15.67 19.34
N LEU A 131 26.91 15.55 20.50
CA LEU A 131 25.84 16.48 20.92
C LEU A 131 26.36 17.92 20.94
N GLU A 132 27.50 18.15 21.61
CA GLU A 132 28.14 19.48 21.67
C GLU A 132 28.85 19.86 20.34
N ALA A 133 28.89 18.92 19.36
CA ALA A 133 29.40 19.18 17.99
C ALA A 133 28.26 19.63 17.06
N ILE A 134 27.01 19.21 17.40
CA ILE A 134 25.78 19.61 16.68
C ILE A 134 25.64 21.15 16.65
N GLU A 135 25.75 21.69 15.43
CA GLU A 135 25.63 23.12 15.16
C GLU A 135 24.15 23.54 15.19
N VAL A 136 23.69 24.02 16.36
CA VAL A 136 22.35 24.59 16.52
C VAL A 136 22.40 26.06 16.13
N GLU A 137 21.75 26.38 15.02
CA GLU A 137 21.55 27.74 14.58
C GLU A 137 20.25 28.26 15.20
N LYS A 138 20.36 29.35 15.98
CA LYS A 138 19.20 30.16 16.39
C LYS A 138 19.25 31.47 15.58
N PRO A 139 18.57 31.53 14.39
CA PRO A 139 18.51 32.75 13.60
C PRO A 139 17.41 33.65 14.17
N ILE A 140 17.81 34.47 15.16
CA ILE A 140 16.93 35.38 15.89
C ILE A 140 16.42 36.48 14.94
N VAL A 141 15.22 36.23 14.40
CA VAL A 141 14.54 37.13 13.46
C VAL A 141 13.15 37.50 14.00
N GLU A 142 12.70 38.71 13.68
CA GLU A 142 11.30 39.15 13.86
C GLU A 142 10.86 39.95 12.64
N VAL A 143 9.60 39.75 12.23
CA VAL A 143 8.98 40.47 11.12
C VAL A 143 8.80 41.96 11.47
N THR A 144 9.81 42.77 11.11
CA THR A 144 9.82 44.23 11.29
C THR A 144 9.61 44.89 9.93
N ASP A 145 8.87 46.02 9.90
CA ASP A 145 8.52 46.72 8.63
C ASP A 145 9.74 47.26 7.87
N ALA A 146 10.89 47.36 8.57
CA ALA A 146 12.20 47.61 7.94
C ALA A 146 12.51 46.50 6.91
N ASP A 147 12.42 45.23 7.39
CA ASP A 147 12.73 44.06 6.56
C ASP A 147 11.62 43.84 5.55
N VAL A 148 10.35 44.03 5.99
CA VAL A 148 9.18 43.84 5.13
C VAL A 148 9.28 44.73 3.90
N ASP A 149 9.53 46.03 4.11
CA ASP A 149 9.55 47.06 3.05
C ASP A 149 10.82 46.93 2.16
N GLY A 150 11.97 46.57 2.76
CA GLY A 150 13.22 46.34 1.98
C GLY A 150 13.13 45.08 1.08
N MET A 151 12.62 44.00 1.66
CA MET A 151 12.37 42.73 0.96
C MET A 151 11.27 42.93 -0.09
N LEU A 152 10.30 43.83 0.21
CA LEU A 152 9.18 44.17 -0.70
C LEU A 152 9.70 44.99 -1.90
N ASP A 153 10.72 45.83 -1.67
CA ASP A 153 11.46 46.53 -2.74
C ASP A 153 12.08 45.50 -3.69
N THR A 154 12.85 44.56 -3.10
CA THR A 154 13.48 43.44 -3.81
C THR A 154 12.42 42.54 -4.52
N LEU A 155 11.24 42.41 -3.87
CA LEU A 155 10.14 41.59 -4.35
C LEU A 155 9.56 42.20 -5.63
N ARG A 156 9.22 43.51 -5.58
CA ARG A 156 8.61 44.22 -6.73
C ARG A 156 9.65 44.50 -7.83
N LYS A 157 10.93 44.39 -7.48
CA LYS A 157 12.05 44.43 -8.45
C LYS A 157 12.10 43.10 -9.26
N GLN A 158 12.03 41.95 -8.54
CA GLN A 158 12.16 40.60 -9.17
C GLN A 158 10.80 40.01 -9.63
N GLN A 159 9.69 40.64 -9.23
CA GLN A 159 8.32 40.24 -9.64
C GLN A 159 7.69 41.39 -10.45
N ALA A 160 8.56 42.30 -10.94
CA ALA A 160 8.17 43.46 -11.75
C ALA A 160 7.43 43.06 -13.03
N THR A 161 6.56 43.96 -13.50
CA THR A 161 5.65 43.74 -14.62
C THR A 161 6.41 43.49 -15.94
N TRP A 162 5.69 42.93 -16.92
CA TRP A 162 6.25 42.57 -18.23
C TRP A 162 5.58 43.40 -19.33
N LYS A 163 6.25 43.48 -20.47
CA LYS A 163 5.76 44.20 -21.67
C LYS A 163 6.10 43.36 -22.91
N GLU A 164 5.67 43.79 -24.09
CA GLU A 164 5.98 43.10 -25.37
C GLU A 164 7.43 43.45 -25.82
N LYS A 165 8.08 42.51 -26.53
CA LYS A 165 9.44 42.73 -27.07
C LYS A 165 9.47 42.46 -28.58
N ASP A 166 9.82 43.49 -29.36
CA ASP A 166 10.13 43.35 -30.79
C ASP A 166 11.65 43.26 -30.93
N GLY A 167 12.18 42.04 -31.07
CA GLY A 167 13.62 41.86 -31.26
C GLY A 167 14.13 40.52 -30.79
N ALA A 168 15.47 40.42 -30.69
CA ALA A 168 16.17 39.18 -30.32
C ALA A 168 16.17 38.99 -28.80
N VAL A 169 15.79 37.77 -28.37
CA VAL A 169 15.69 37.37 -26.95
C VAL A 169 17.06 37.55 -26.24
N GLU A 170 17.05 38.02 -24.99
CA GLU A 170 18.25 38.06 -24.13
C GLU A 170 18.02 37.22 -22.86
N ALA A 171 19.09 37.05 -22.07
CA ALA A 171 19.05 36.31 -20.79
C ALA A 171 18.44 37.18 -19.67
N GLU A 172 18.16 38.47 -20.00
CA GLU A 172 17.47 39.42 -19.12
C GLU A 172 16.03 39.69 -19.64
N ASP A 173 15.50 38.73 -20.42
CA ASP A 173 14.10 38.77 -20.92
C ASP A 173 13.35 37.49 -20.54
N ARG A 174 12.04 37.53 -20.80
CA ARG A 174 11.11 36.40 -20.64
C ARG A 174 10.61 36.00 -22.03
N VAL A 175 10.38 34.71 -22.23
CA VAL A 175 9.87 34.19 -23.51
C VAL A 175 8.92 32.99 -23.27
N THR A 176 7.63 33.21 -23.61
CA THR A 176 6.58 32.18 -23.56
C THR A 176 6.51 31.45 -24.91
N ILE A 177 7.04 30.23 -24.93
CA ILE A 177 7.09 29.37 -26.12
C ILE A 177 6.41 28.03 -25.85
N ASP A 178 6.33 27.22 -26.89
CA ASP A 178 5.96 25.81 -26.81
C ASP A 178 7.01 25.01 -27.57
N PHE A 179 7.81 24.21 -26.83
CA PHE A 179 8.95 23.49 -27.40
C PHE A 179 8.81 21.98 -27.16
N THR A 180 9.23 21.21 -28.17
CA THR A 180 9.19 19.75 -28.20
C THR A 180 10.08 19.26 -29.34
N GLY A 181 10.46 18.00 -29.30
CA GLY A 181 11.28 17.41 -30.36
C GLY A 181 11.53 15.95 -30.09
N SER A 182 12.81 15.57 -30.00
CA SER A 182 13.23 14.20 -29.73
C SER A 182 14.64 14.19 -29.11
N VAL A 183 14.80 13.42 -28.02
CA VAL A 183 16.09 13.16 -27.37
C VAL A 183 16.72 11.94 -28.06
N ASP A 184 17.76 12.19 -28.90
CA ASP A 184 18.53 11.18 -29.67
C ASP A 184 17.73 10.64 -30.90
N GLY A 185 16.45 11.04 -31.02
CA GLY A 185 15.51 10.45 -31.99
C GLY A 185 14.32 9.80 -31.29
N GLU A 186 14.38 9.74 -29.95
CA GLU A 186 13.31 9.20 -29.09
C GLU A 186 12.42 10.35 -28.59
N GLU A 187 11.08 10.26 -28.81
CA GLU A 187 10.12 11.19 -28.17
C GLU A 187 10.09 10.90 -26.65
N PHE A 188 9.84 11.93 -25.83
CA PHE A 188 10.23 11.92 -24.42
C PHE A 188 9.28 12.76 -23.54
N GLU A 189 9.15 12.35 -22.29
CA GLU A 189 8.44 13.12 -21.24
C GLU A 189 9.45 13.91 -20.38
N GLY A 190 8.95 14.96 -19.70
CA GLY A 190 9.71 15.70 -18.68
C GLY A 190 10.53 16.87 -19.24
N GLY A 191 11.43 16.58 -20.22
CA GLY A 191 12.39 17.57 -20.74
C GLY A 191 11.80 18.58 -21.74
N LYS A 192 10.59 18.28 -22.25
CA LYS A 192 9.84 19.22 -23.12
C LYS A 192 8.71 19.87 -22.30
N ALA A 193 8.11 20.94 -22.86
CA ALA A 193 6.96 21.61 -22.25
C ALA A 193 6.36 22.63 -23.24
N SER A 194 5.14 22.35 -23.70
CA SER A 194 4.32 23.34 -24.40
C SER A 194 3.73 24.33 -23.36
N ASP A 195 3.47 25.60 -23.79
CA ASP A 195 3.01 26.71 -22.91
C ASP A 195 4.08 27.06 -21.85
N PHE A 196 5.34 26.75 -22.17
CA PHE A 196 6.50 27.04 -21.32
C PHE A 196 6.76 28.55 -21.29
N VAL A 197 6.96 29.10 -20.10
CA VAL A 197 7.36 30.49 -19.94
C VAL A 197 8.73 30.54 -19.23
N LEU A 198 9.78 30.83 -20.02
CA LEU A 198 11.13 31.11 -19.52
C LEU A 198 11.14 32.52 -18.95
N ALA A 199 11.63 32.68 -17.72
CA ALA A 199 11.87 34.00 -17.14
C ALA A 199 13.35 34.14 -16.78
N MET A 200 13.83 35.37 -16.93
CA MET A 200 15.17 35.79 -16.50
C MET A 200 15.31 35.85 -14.97
N GLY A 201 16.55 36.13 -14.52
CA GLY A 201 16.85 36.30 -13.09
C GLY A 201 16.78 35.01 -12.29
N GLN A 202 17.05 33.89 -12.99
CA GLN A 202 17.00 32.52 -12.42
C GLN A 202 18.31 31.79 -12.72
N GLY A 203 18.56 30.67 -12.02
CA GLY A 203 19.75 29.84 -12.23
C GLY A 203 19.76 29.18 -13.60
N ARG A 204 20.95 28.83 -14.11
CA ARG A 204 21.14 28.30 -15.48
C ARG A 204 20.46 26.91 -15.65
N MET A 205 20.09 26.60 -16.91
CA MET A 205 19.53 25.30 -17.31
C MET A 205 20.65 24.38 -17.89
N ILE A 206 20.23 23.31 -18.61
CA ILE A 206 21.13 22.42 -19.38
C ILE A 206 21.93 23.22 -20.46
N PRO A 207 23.16 22.73 -20.86
CA PRO A 207 23.98 23.38 -21.92
C PRO A 207 23.26 23.43 -23.28
N GLY A 208 23.49 24.52 -24.03
CA GLY A 208 22.93 24.68 -25.37
C GLY A 208 21.60 25.44 -25.40
N PHE A 209 20.67 25.11 -24.46
CA PHE A 209 19.27 25.58 -24.51
C PHE A 209 19.18 27.12 -24.58
N GLU A 210 19.59 27.80 -23.47
CA GLU A 210 19.56 29.28 -23.34
C GLU A 210 20.24 29.96 -24.54
N ASP A 211 21.41 29.42 -24.92
CA ASP A 211 22.22 29.89 -26.06
C ASP A 211 21.39 30.00 -27.33
N GLY A 212 20.55 28.99 -27.61
CA GLY A 212 19.75 28.94 -28.83
C GLY A 212 18.60 29.94 -28.77
N ILE A 213 17.88 29.90 -27.63
CA ILE A 213 16.71 30.76 -27.35
C ILE A 213 17.05 32.25 -27.54
N LYS A 214 18.15 32.67 -26.88
CA LYS A 214 18.59 34.07 -26.89
C LYS A 214 19.43 34.39 -28.14
N GLY A 215 19.68 33.38 -28.98
CA GLY A 215 20.47 33.56 -30.20
C GLY A 215 19.58 33.87 -31.40
N HIS A 216 18.28 34.08 -31.12
CA HIS A 216 17.23 34.22 -32.14
C HIS A 216 16.21 35.29 -31.72
N LYS A 217 15.36 35.69 -32.68
CA LYS A 217 14.40 36.80 -32.50
C LYS A 217 12.95 36.30 -32.54
N ALA A 218 12.06 37.06 -31.90
CA ALA A 218 10.64 36.72 -31.78
C ALA A 218 9.94 36.63 -33.16
N GLY A 219 9.03 35.64 -33.28
CA GLY A 219 8.19 35.48 -34.46
C GLY A 219 8.64 34.39 -35.43
N GLU A 220 9.66 33.61 -35.03
CA GLU A 220 10.22 32.54 -35.90
C GLU A 220 10.07 31.15 -35.25
N GLU A 221 10.24 30.11 -36.09
CA GLU A 221 10.31 28.72 -35.65
C GLU A 221 11.62 28.11 -36.17
N PHE A 222 12.25 27.28 -35.32
CA PHE A 222 13.53 26.63 -35.62
C PHE A 222 13.68 25.41 -34.68
N THR A 223 14.88 24.79 -34.65
CA THR A 223 15.19 23.70 -33.71
C THR A 223 16.62 23.86 -33.17
N ILE A 224 16.78 23.69 -31.84
CA ILE A 224 18.08 23.68 -31.18
C ILE A 224 18.47 22.24 -30.81
N ASP A 225 19.53 21.72 -31.44
CA ASP A 225 20.05 20.39 -31.10
C ASP A 225 21.09 20.55 -29.99
N VAL A 226 20.63 20.38 -28.76
CA VAL A 226 21.48 20.46 -27.57
C VAL A 226 21.75 19.03 -27.08
N THR A 227 22.41 18.89 -25.93
CA THR A 227 22.70 17.59 -25.33
C THR A 227 22.58 17.70 -23.80
N PHE A 228 21.78 16.81 -23.18
CA PHE A 228 21.66 16.72 -21.72
C PHE A 228 23.02 16.30 -21.11
N PRO A 229 23.51 17.03 -20.05
CA PRO A 229 24.84 16.77 -19.44
C PRO A 229 24.90 15.39 -18.76
N GLU A 230 26.12 14.89 -18.55
CA GLU A 230 26.36 13.59 -17.87
C GLU A 230 25.96 13.68 -16.38
N GLU A 231 25.80 14.92 -15.89
CA GLU A 231 25.41 15.24 -14.50
C GLU A 231 23.88 15.37 -14.37
N TYR A 232 23.16 15.28 -15.51
CA TYR A 232 21.69 15.37 -15.54
C TYR A 232 21.06 14.12 -14.88
N HIS A 233 20.07 14.36 -14.01
CA HIS A 233 19.55 13.35 -13.04
C HIS A 233 18.64 12.25 -13.67
N ALA A 234 18.59 12.15 -15.00
CA ALA A 234 17.80 11.10 -15.70
C ALA A 234 18.68 10.43 -16.76
N GLU A 235 19.02 9.16 -16.50
CA GLU A 235 19.86 8.29 -17.36
C GLU A 235 19.24 8.11 -18.78
N ASN A 236 17.91 8.28 -18.85
CA ASN A 236 17.11 8.17 -20.09
C ASN A 236 17.49 9.25 -21.10
N LEU A 237 17.76 10.46 -20.58
CA LEU A 237 17.95 11.67 -21.42
C LEU A 237 19.43 12.10 -21.47
N LYS A 238 20.21 11.82 -20.39
CA LYS A 238 21.61 12.29 -20.28
C LYS A 238 22.53 11.51 -21.23
N GLY A 239 23.45 12.23 -21.91
CA GLY A 239 24.35 11.62 -22.90
C GLY A 239 23.81 11.68 -24.33
N LYS A 240 22.48 11.89 -24.45
CA LYS A 240 21.76 11.90 -25.74
C LYS A 240 21.66 13.35 -26.28
N ALA A 241 21.86 13.52 -27.61
CA ALA A 241 21.69 14.82 -28.30
C ALA A 241 20.19 15.10 -28.51
N ALA A 242 19.65 16.02 -27.70
CA ALA A 242 18.22 16.35 -27.67
C ALA A 242 17.94 17.57 -28.55
N LYS A 243 17.20 17.36 -29.65
CA LYS A 243 16.79 18.45 -30.55
C LYS A 243 15.38 18.94 -30.16
N PHE A 244 15.24 20.27 -30.05
CA PHE A 244 14.06 20.95 -29.51
C PHE A 244 13.54 21.97 -30.53
N ALA A 245 12.45 21.63 -31.22
CA ALA A 245 11.76 22.55 -32.14
C ALA A 245 11.17 23.75 -31.34
N ILE A 246 11.93 24.85 -31.32
CA ILE A 246 11.58 26.07 -30.59
C ILE A 246 10.69 26.96 -31.48
N ASN A 247 9.49 27.25 -30.97
CA ASN A 247 8.54 28.15 -31.64
C ASN A 247 8.49 29.46 -30.83
N LEU A 248 9.34 30.46 -31.20
CA LEU A 248 9.38 31.78 -30.52
C LEU A 248 8.05 32.51 -30.78
N LYS A 249 7.09 32.25 -29.88
CA LYS A 249 5.71 32.71 -30.00
C LYS A 249 5.58 34.10 -29.35
N LYS A 250 5.76 34.14 -28.02
CA LYS A 250 5.69 35.41 -27.24
C LYS A 250 7.04 35.63 -26.56
N VAL A 251 7.60 36.84 -26.71
CA VAL A 251 8.77 37.28 -25.94
C VAL A 251 8.37 38.54 -25.17
N GLU A 252 8.29 38.40 -23.84
CA GLU A 252 7.92 39.48 -22.92
C GLU A 252 9.18 40.09 -22.31
N GLU A 253 9.37 41.38 -22.52
CA GLU A 253 10.53 42.11 -22.02
C GLU A 253 10.30 42.51 -20.55
N ARG A 254 11.40 42.51 -19.77
CA ARG A 254 11.40 43.02 -18.39
C ARG A 254 11.04 44.51 -18.40
N GLU A 255 10.13 44.88 -17.50
CA GLU A 255 9.75 46.28 -17.26
C GLU A 255 9.85 46.54 -15.75
N LEU A 256 10.53 47.61 -15.37
CA LEU A 256 10.67 48.04 -13.98
C LEU A 256 10.02 49.44 -13.83
N PRO A 257 8.65 49.52 -13.63
CA PRO A 257 7.97 50.81 -13.42
C PRO A 257 8.04 51.20 -11.92
N GLU A 258 7.26 50.48 -11.08
CA GLU A 258 7.23 50.63 -9.62
C GLU A 258 6.29 49.56 -9.02
N LEU A 259 5.95 49.73 -7.74
CA LEU A 259 4.91 48.96 -7.06
C LEU A 259 3.53 49.40 -7.62
N THR A 260 3.09 48.77 -8.73
CA THR A 260 1.90 49.19 -9.49
C THR A 260 0.63 48.48 -9.00
N ALA A 261 -0.54 49.11 -9.24
CA ALA A 261 -1.86 48.56 -8.88
C ALA A 261 -2.03 47.15 -9.43
N GLU A 262 -1.63 46.97 -10.71
CA GLU A 262 -1.70 45.69 -11.44
C GLU A 262 -0.78 44.63 -10.83
N PHE A 263 0.31 45.09 -10.18
CA PHE A 263 1.26 44.21 -9.46
C PHE A 263 0.54 43.67 -8.21
N ILE A 264 -0.02 44.62 -7.42
CA ILE A 264 -0.74 44.33 -6.16
C ILE A 264 -1.89 43.32 -6.41
N LYS A 265 -2.60 43.51 -7.54
CA LYS A 265 -3.73 42.64 -7.97
C LYS A 265 -3.28 41.19 -8.23
N ARG A 266 -2.01 41.01 -8.68
CA ARG A 266 -1.46 39.69 -9.06
C ARG A 266 -1.45 38.73 -7.85
N PHE A 267 -1.30 39.33 -6.66
CA PHE A 267 -1.20 38.60 -5.38
C PHE A 267 -2.59 38.16 -4.86
N GLY A 268 -3.66 38.62 -5.53
CA GLY A 268 -5.03 38.29 -5.12
C GLY A 268 -5.56 39.25 -4.07
N VAL A 269 -5.01 40.48 -4.04
CA VAL A 269 -5.47 41.55 -3.15
C VAL A 269 -6.86 42.03 -3.61
N GLU A 270 -7.89 41.69 -2.82
CA GLU A 270 -9.31 41.92 -3.17
C GLU A 270 -9.67 43.41 -3.21
N ASP A 271 -9.06 44.21 -2.32
CA ASP A 271 -9.23 45.68 -2.30
C ASP A 271 -8.35 46.34 -3.37
N GLY A 272 -7.42 45.58 -3.96
CA GLY A 272 -6.58 46.04 -5.06
C GLY A 272 -5.45 47.00 -4.65
N SER A 273 -5.60 47.66 -3.50
CA SER A 273 -4.64 48.66 -3.00
C SER A 273 -3.59 48.02 -2.08
N VAL A 274 -2.50 48.76 -1.85
CA VAL A 274 -1.26 48.26 -1.18
C VAL A 274 -1.54 47.75 0.25
N GLU A 275 -2.60 48.27 0.90
CA GLU A 275 -2.98 47.89 2.28
C GLU A 275 -3.28 46.38 2.36
N GLY A 276 -3.89 45.83 1.29
CA GLY A 276 -4.17 44.40 1.22
C GLY A 276 -2.91 43.58 1.01
N LEU A 277 -1.90 44.21 0.36
CA LEU A 277 -0.62 43.57 0.05
C LEU A 277 0.19 43.45 1.35
N ARG A 278 0.29 44.55 2.11
CA ARG A 278 0.99 44.59 3.41
C ARG A 278 0.30 43.64 4.43
N ALA A 279 -1.04 43.52 4.33
CA ALA A 279 -1.86 42.68 5.22
C ALA A 279 -1.58 41.18 4.95
N GLU A 280 -1.71 40.76 3.67
CA GLU A 280 -1.47 39.36 3.28
C GLU A 280 -0.03 38.98 3.59
N VAL A 281 0.93 39.86 3.23
CA VAL A 281 2.35 39.68 3.53
C VAL A 281 2.58 39.61 5.06
N ARG A 282 1.80 40.37 5.86
CA ARG A 282 1.90 40.35 7.34
C ARG A 282 1.58 38.93 7.88
N LYS A 283 0.39 38.40 7.54
CA LYS A 283 -0.05 37.08 8.05
C LYS A 283 0.74 35.92 7.42
N ASN A 284 1.15 36.08 6.14
CA ASN A 284 2.01 35.09 5.45
C ASN A 284 3.34 34.99 6.17
N MET A 285 3.95 36.17 6.44
CA MET A 285 5.24 36.28 7.14
C MET A 285 5.15 35.61 8.51
N GLU A 286 4.18 36.00 9.35
CA GLU A 286 3.98 35.42 10.72
C GLU A 286 4.01 33.88 10.71
N ARG A 287 3.12 33.28 9.90
CA ARG A 287 2.91 31.81 9.89
C ARG A 287 4.12 31.08 9.28
N GLU A 288 4.67 31.61 8.18
CA GLU A 288 5.81 31.01 7.48
C GLU A 288 7.12 31.21 8.26
N LEU A 289 7.21 32.32 9.01
CA LEU A 289 8.43 32.69 9.77
C LEU A 289 8.54 31.80 10.99
N LYS A 290 7.42 31.62 11.71
CA LYS A 290 7.34 30.73 12.88
C LYS A 290 7.71 29.28 12.47
N SER A 291 7.09 28.85 11.35
CA SER A 291 7.32 27.54 10.75
C SER A 291 8.77 27.41 10.24
N ALA A 292 9.37 28.53 9.79
CA ALA A 292 10.76 28.59 9.28
C ALA A 292 11.77 28.64 10.43
N ILE A 293 11.35 29.13 11.61
CA ILE A 293 12.16 29.07 12.83
C ILE A 293 12.33 27.59 13.19
N ARG A 294 11.18 26.90 13.28
CA ARG A 294 11.15 25.46 13.59
C ARG A 294 11.85 24.65 12.48
N ASN A 295 11.63 25.05 11.20
CA ASN A 295 12.17 24.35 10.02
C ASN A 295 13.70 24.40 10.02
N ARG A 296 14.26 25.62 10.10
CA ARG A 296 15.70 25.81 10.04
C ARG A 296 16.39 25.21 11.27
N VAL A 297 15.89 25.50 12.49
CA VAL A 297 16.54 25.01 13.73
C VAL A 297 16.52 23.46 13.79
N LYS A 298 15.39 22.83 13.34
CA LYS A 298 15.30 21.37 13.34
C LYS A 298 16.25 20.80 12.28
N SER A 299 16.34 21.46 11.09
CA SER A 299 17.22 21.02 9.99
C SER A 299 18.72 21.13 10.37
N GLN A 300 19.08 22.14 11.19
CA GLN A 300 20.45 22.32 11.67
C GLN A 300 20.78 21.24 12.72
N ALA A 301 19.76 20.90 13.54
CA ALA A 301 19.82 19.77 14.47
C ALA A 301 19.89 18.44 13.72
N ILE A 302 19.20 18.33 12.55
CA ILE A 302 19.15 17.11 11.73
C ILE A 302 20.54 16.81 11.15
N GLU A 303 21.07 17.80 10.41
CA GLU A 303 22.44 17.73 9.85
C GLU A 303 23.48 17.58 10.98
N GLY A 304 23.14 18.16 12.16
CA GLY A 304 23.90 17.94 13.38
C GLY A 304 23.97 16.47 13.78
N LEU A 305 22.80 15.81 13.97
CA LEU A 305 22.71 14.39 14.42
C LEU A 305 23.47 13.48 13.46
N VAL A 306 23.22 13.66 12.14
CA VAL A 306 23.83 12.83 11.10
C VAL A 306 25.37 13.03 11.08
N LYS A 307 25.80 14.28 10.83
CA LYS A 307 27.25 14.58 10.60
C LYS A 307 28.10 14.38 11.87
N ALA A 308 27.48 14.59 13.06
CA ALA A 308 28.18 14.42 14.36
C ALA A 308 28.35 12.94 14.73
N ASN A 309 27.64 12.04 14.02
CA ASN A 309 27.64 10.61 14.35
C ASN A 309 27.08 9.81 13.18
N ASP A 310 27.94 9.61 12.16
CA ASP A 310 27.58 8.92 10.90
C ASP A 310 27.45 7.41 11.16
N ILE A 311 26.21 6.98 11.45
CA ILE A 311 25.91 5.59 11.85
C ILE A 311 25.83 4.64 10.65
N ASP A 312 25.92 3.33 10.95
CA ASP A 312 25.86 2.26 9.94
C ASP A 312 24.40 1.83 9.75
N VAL A 313 23.73 2.48 8.79
CA VAL A 313 22.33 2.22 8.46
C VAL A 313 22.21 1.05 7.44
N PRO A 314 21.37 0.00 7.77
CA PRO A 314 21.12 -1.14 6.87
C PRO A 314 20.51 -0.73 5.51
N ALA A 315 21.04 -1.32 4.42
CA ALA A 315 20.65 -1.02 3.03
C ALA A 315 19.20 -1.44 2.72
N ALA A 316 18.58 -2.23 3.63
CA ALA A 316 17.16 -2.61 3.56
C ALA A 316 16.26 -1.38 3.80
N LEU A 317 16.68 -0.50 4.75
CA LEU A 317 16.00 0.78 5.04
C LEU A 317 16.17 1.75 3.86
N ILE A 318 17.37 1.74 3.25
CA ILE A 318 17.68 2.57 2.06
C ILE A 318 16.86 2.07 0.86
N ASP A 319 16.68 0.74 0.75
CA ASP A 319 15.89 0.10 -0.33
C ASP A 319 14.42 0.52 -0.21
N SER A 320 13.90 0.45 1.04
CA SER A 320 12.55 0.89 1.42
C SER A 320 12.30 2.36 1.01
N GLU A 321 13.12 3.27 1.56
CA GLU A 321 12.97 4.72 1.36
C GLU A 321 13.21 5.12 -0.11
N ILE A 322 14.16 4.45 -0.81
CA ILE A 322 14.41 4.71 -2.25
C ILE A 322 13.19 4.30 -3.08
N ASP A 323 12.56 3.16 -2.73
CA ASP A 323 11.37 2.63 -3.43
C ASP A 323 10.17 3.60 -3.28
N VAL A 324 9.98 4.11 -2.05
CA VAL A 324 8.93 5.10 -1.74
C VAL A 324 9.17 6.42 -2.51
N LEU A 325 10.43 6.90 -2.46
CA LEU A 325 10.87 8.15 -3.13
C LEU A 325 10.84 7.99 -4.67
N ARG A 326 11.05 6.74 -5.15
CA ARG A 326 11.07 6.44 -6.59
C ARG A 326 9.65 6.46 -7.14
N ARG A 327 8.69 5.93 -6.34
CA ARG A 327 7.24 6.08 -6.65
C ARG A 327 6.89 7.57 -6.72
N GLN A 328 7.34 8.30 -5.68
CA GLN A 328 7.07 9.73 -5.50
C GLN A 328 7.59 10.60 -6.68
N ALA A 329 8.76 10.23 -7.24
CA ALA A 329 9.35 10.91 -8.40
C ALA A 329 8.62 10.51 -9.69
N ALA A 330 8.57 9.18 -9.94
CA ALA A 330 7.99 8.59 -11.16
C ALA A 330 6.52 8.96 -11.36
N GLN A 331 5.81 9.17 -10.23
CA GLN A 331 4.40 9.60 -10.22
C GLN A 331 4.25 10.96 -10.90
N ARG A 332 5.24 11.83 -10.66
CA ARG A 332 5.31 13.17 -11.24
C ARG A 332 5.77 13.08 -12.72
N PHE A 333 6.71 12.15 -12.98
CA PHE A 333 7.16 11.84 -14.36
C PHE A 333 6.17 10.88 -15.06
N GLY A 334 4.91 11.36 -15.20
CA GLY A 334 3.87 10.67 -15.98
C GLY A 334 3.25 9.45 -15.31
N GLY A 335 3.83 8.98 -14.18
CA GLY A 335 3.40 7.73 -13.53
C GLY A 335 3.94 6.49 -14.22
N ASN A 336 5.13 6.61 -14.86
CA ASN A 336 5.74 5.54 -15.68
C ASN A 336 6.64 4.61 -14.83
N GLU A 337 6.62 3.29 -15.16
CA GLU A 337 7.39 2.24 -14.46
C GLU A 337 8.90 2.38 -14.71
N LYS A 338 9.29 2.19 -15.98
CA LYS A 338 10.70 1.99 -16.36
C LYS A 338 11.50 3.29 -16.32
N GLN A 339 10.83 4.43 -16.60
CA GLN A 339 11.45 5.78 -16.53
C GLN A 339 11.96 6.10 -15.10
N ALA A 340 11.32 5.46 -14.10
CA ALA A 340 11.69 5.56 -12.68
C ALA A 340 13.10 5.01 -12.43
N LEU A 341 13.42 3.89 -13.10
CA LEU A 341 14.72 3.19 -12.97
C LEU A 341 15.87 4.05 -13.52
N GLU A 342 15.54 4.96 -14.46
CA GLU A 342 16.52 5.92 -15.01
C GLU A 342 16.78 7.10 -14.04
N LEU A 343 16.07 7.19 -12.91
CA LEU A 343 16.49 8.08 -11.81
C LEU A 343 17.40 7.27 -10.86
N PRO A 344 18.75 7.53 -10.85
CA PRO A 344 19.71 6.80 -9.99
C PRO A 344 19.41 6.94 -8.48
N ARG A 345 19.52 5.81 -7.76
CA ARG A 345 19.32 5.71 -6.29
C ARG A 345 20.04 6.84 -5.53
N GLU A 346 21.21 7.22 -6.07
CA GLU A 346 22.13 8.21 -5.49
C GLU A 346 21.43 9.57 -5.19
N LEU A 347 20.45 9.98 -6.03
CA LEU A 347 19.74 11.27 -5.81
C LEU A 347 18.62 11.13 -4.75
N PHE A 348 18.10 9.89 -4.57
CA PHE A 348 17.08 9.57 -3.55
C PHE A 348 17.76 9.35 -2.18
N GLU A 349 19.00 8.85 -2.26
CA GLU A 349 19.81 8.40 -1.12
C GLU A 349 20.18 9.57 -0.19
N GLU A 350 20.19 10.80 -0.74
CA GLU A 350 20.42 12.03 0.05
C GLU A 350 19.40 12.15 1.21
N GLN A 351 18.11 12.21 0.84
CA GLN A 351 17.00 12.37 1.79
C GLN A 351 16.76 11.07 2.56
N ALA A 352 16.98 9.93 1.88
CA ALA A 352 16.80 8.61 2.49
C ALA A 352 17.75 8.41 3.68
N LYS A 353 19.06 8.64 3.47
CA LYS A 353 20.08 8.56 4.54
C LYS A 353 19.73 9.48 5.70
N ARG A 354 19.34 10.71 5.38
CA ARG A 354 18.80 11.67 6.36
C ARG A 354 17.63 11.05 7.16
N ARG A 355 16.70 10.38 6.43
CA ARG A 355 15.43 9.90 7.01
C ARG A 355 15.68 8.69 7.95
N VAL A 356 16.58 7.79 7.51
CA VAL A 356 16.85 6.53 8.22
C VAL A 356 17.77 6.78 9.43
N VAL A 357 18.81 7.64 9.26
CA VAL A 357 19.73 8.02 10.35
C VAL A 357 18.95 8.75 11.45
N VAL A 358 18.19 9.80 11.06
CA VAL A 358 17.36 10.58 12.00
C VAL A 358 16.25 9.71 12.64
N GLY A 359 15.68 8.78 11.84
CA GLY A 359 14.66 7.85 12.32
C GLY A 359 15.17 6.96 13.45
N LEU A 360 16.43 6.52 13.32
CA LEU A 360 17.12 5.72 14.33
C LEU A 360 17.55 6.59 15.53
N LEU A 361 18.16 7.78 15.26
CA LEU A 361 18.81 8.61 16.30
C LEU A 361 17.79 9.32 17.18
N LEU A 362 16.82 10.05 16.57
CA LEU A 362 15.71 10.68 17.32
C LEU A 362 14.87 9.61 18.03
N GLY A 363 14.83 8.40 17.43
CA GLY A 363 14.26 7.24 18.06
C GLY A 363 14.93 6.94 19.39
N GLU A 364 16.26 6.80 19.38
CA GLU A 364 17.04 6.51 20.59
C GLU A 364 17.09 7.70 21.56
N VAL A 365 16.75 8.94 21.10
CA VAL A 365 16.57 10.09 22.01
C VAL A 365 15.32 9.83 22.88
N ILE A 366 14.15 9.68 22.21
CA ILE A 366 12.85 9.47 22.87
C ILE A 366 12.79 8.12 23.63
N ARG A 367 13.68 7.15 23.27
CA ARG A 367 13.79 5.86 23.99
C ARG A 367 14.70 5.99 25.22
N THR A 368 16.02 6.27 25.02
CA THR A 368 17.03 6.22 26.12
C THR A 368 16.80 7.36 27.14
N ASN A 369 16.47 8.57 26.65
CA ASN A 369 16.14 9.72 27.52
C ASN A 369 14.71 9.57 28.08
N GLU A 370 13.93 8.68 27.41
CA GLU A 370 12.53 8.37 27.75
C GLU A 370 11.68 9.65 27.72
N LEU A 371 11.42 10.15 26.50
CA LEU A 371 10.58 11.32 26.29
C LEU A 371 9.10 10.90 26.25
N LYS A 372 8.32 11.49 27.14
CA LYS A 372 6.88 11.27 27.27
C LYS A 372 6.23 12.19 26.23
N ALA A 373 5.14 11.71 25.56
CA ALA A 373 4.35 12.55 24.62
C ALA A 373 3.77 13.75 25.40
N ASP A 374 4.59 14.81 25.48
CA ASP A 374 4.39 15.93 26.41
C ASP A 374 3.15 16.75 26.00
N GLU A 375 2.28 16.99 27.00
CA GLU A 375 0.98 17.66 26.82
C GLU A 375 1.16 19.01 26.12
N GLU A 376 2.09 19.82 26.63
CA GLU A 376 2.37 21.18 26.10
C GLU A 376 2.91 21.11 24.65
N ARG A 377 3.59 20.00 24.29
CA ARG A 377 4.27 19.85 22.98
C ARG A 377 3.24 19.48 21.90
N VAL A 378 2.42 18.47 22.20
CA VAL A 378 1.36 17.98 21.28
C VAL A 378 0.23 19.02 21.17
N LYS A 379 -0.17 19.59 22.31
CA LYS A 379 -1.18 20.67 22.39
C LYS A 379 -0.65 21.94 21.71
N GLY A 380 0.65 22.21 21.89
CA GLY A 380 1.33 23.34 21.24
C GLY A 380 1.32 23.24 19.73
N LEU A 381 1.66 22.05 19.21
CA LEU A 381 1.76 21.79 17.76
C LEU A 381 0.35 21.83 17.10
N ILE A 382 -0.62 21.13 17.75
CA ILE A 382 -2.02 21.10 17.29
C ILE A 382 -2.59 22.52 17.28
N GLU A 383 -2.39 23.29 18.36
CA GLU A 383 -2.89 24.69 18.49
C GLU A 383 -2.18 25.63 17.49
N GLU A 384 -0.88 25.35 17.23
CA GLU A 384 -0.06 26.10 16.27
C GLU A 384 -0.71 26.07 14.87
N MET A 385 -1.02 24.86 14.38
CA MET A 385 -1.68 24.68 13.07
C MET A 385 -3.20 24.98 13.16
N ALA A 386 -3.78 24.84 14.37
CA ALA A 386 -5.22 25.08 14.62
C ALA A 386 -5.58 26.56 14.45
N SER A 387 -4.58 27.41 14.76
CA SER A 387 -4.61 28.85 14.51
C SER A 387 -4.98 29.18 13.03
N ALA A 388 -4.57 28.30 12.09
CA ALA A 388 -4.88 28.43 10.65
C ALA A 388 -6.30 27.93 10.32
N TYR A 389 -6.87 27.06 11.18
CA TYR A 389 -8.23 26.50 10.99
C TYR A 389 -9.32 27.50 11.46
N GLU A 390 -10.59 27.07 11.37
CA GLU A 390 -11.77 27.90 11.72
C GLU A 390 -11.75 28.32 13.20
N ASP A 391 -12.09 27.39 14.10
CA ASP A 391 -12.00 27.59 15.55
C ASP A 391 -10.92 26.64 16.08
N PRO A 392 -9.77 27.16 16.61
CA PRO A 392 -8.68 26.32 17.13
C PRO A 392 -9.14 25.31 18.21
N LYS A 393 -10.07 25.76 19.07
CA LYS A 393 -10.62 24.93 20.17
C LYS A 393 -11.26 23.64 19.62
N GLU A 394 -12.05 23.78 18.53
CA GLU A 394 -12.73 22.66 17.87
C GLU A 394 -11.70 21.67 17.28
N VAL A 395 -10.51 22.18 16.88
CA VAL A 395 -9.47 21.37 16.23
C VAL A 395 -8.81 20.49 17.27
N ILE A 396 -8.37 21.14 18.36
CA ILE A 396 -7.75 20.50 19.52
C ILE A 396 -8.66 19.40 20.10
N GLU A 397 -9.94 19.80 20.30
CA GLU A 397 -11.00 18.92 20.85
C GLU A 397 -11.15 17.66 20.00
N PHE A 398 -11.50 17.86 18.71
CA PHE A 398 -11.84 16.78 17.78
C PHE A 398 -10.64 15.84 17.53
N TYR A 399 -9.43 16.41 17.40
CA TYR A 399 -8.19 15.64 17.17
C TYR A 399 -7.91 14.74 18.37
N SER A 400 -8.03 15.31 19.59
CA SER A 400 -7.91 14.57 20.86
C SER A 400 -8.93 13.40 20.91
N LYS A 401 -10.14 13.63 20.36
CA LYS A 401 -11.22 12.63 20.32
C LYS A 401 -11.01 11.59 19.20
N ASN A 402 -10.13 11.88 18.22
CA ASN A 402 -9.89 10.98 17.07
C ASN A 402 -8.64 10.13 17.38
N LYS A 403 -8.52 8.96 16.74
CA LYS A 403 -7.63 7.88 17.24
C LYS A 403 -6.24 7.96 16.57
N GLU A 404 -6.21 7.55 15.29
CA GLU A 404 -4.97 7.46 14.48
C GLU A 404 -4.35 8.84 14.22
N LEU A 405 -5.24 9.86 14.18
CA LEU A 405 -4.85 11.27 14.06
C LEU A 405 -4.02 11.66 15.29
N MET A 406 -4.56 11.31 16.49
CA MET A 406 -3.92 11.62 17.78
C MET A 406 -2.55 10.93 17.85
N ASP A 407 -2.50 9.65 17.41
CA ASP A 407 -1.23 8.88 17.31
C ASP A 407 -0.18 9.65 16.51
N ASN A 408 -0.57 10.18 15.34
CA ASN A 408 0.32 10.94 14.45
C ASN A 408 0.77 12.25 15.10
N MET A 409 -0.14 12.90 15.85
CA MET A 409 0.17 14.17 16.55
C MET A 409 1.11 13.94 17.74
N ARG A 410 1.02 12.75 18.36
CA ARG A 410 1.91 12.32 19.46
C ARG A 410 3.30 11.97 18.91
N ASN A 411 3.31 11.36 17.69
CA ASN A 411 4.53 11.02 16.95
C ASN A 411 5.32 12.29 16.67
N VAL A 412 4.70 13.25 15.94
CA VAL A 412 5.35 14.50 15.53
C VAL A 412 5.66 15.42 16.72
N ALA A 413 4.91 15.24 17.84
CA ALA A 413 5.20 15.93 19.11
C ALA A 413 6.51 15.41 19.69
N LEU A 414 6.69 14.08 19.67
CA LEU A 414 7.92 13.43 20.13
C LEU A 414 9.09 13.62 19.15
N GLU A 415 8.80 13.85 17.86
CA GLU A 415 9.85 14.17 16.87
C GLU A 415 10.37 15.58 17.13
N GLU A 416 9.42 16.51 17.37
CA GLU A 416 9.72 17.90 17.72
C GLU A 416 10.48 17.96 19.04
N GLN A 417 10.05 17.13 20.01
CA GLN A 417 10.61 17.05 21.36
C GLN A 417 11.97 16.31 21.35
N ALA A 418 12.14 15.38 20.38
CA ALA A 418 13.41 14.64 20.21
C ALA A 418 14.50 15.58 19.71
N VAL A 419 14.15 16.37 18.67
CA VAL A 419 14.98 17.45 18.16
C VAL A 419 15.31 18.43 19.30
N GLU A 420 14.26 18.87 20.00
CA GLU A 420 14.34 19.88 21.07
C GLU A 420 15.22 19.43 22.26
N ALA A 421 15.12 18.13 22.61
CA ALA A 421 15.87 17.55 23.74
C ALA A 421 17.38 17.64 23.43
N VAL A 422 17.81 16.97 22.35
CA VAL A 422 19.21 16.95 21.93
C VAL A 422 19.72 18.38 21.56
N LEU A 423 18.77 19.26 21.15
CA LEU A 423 19.03 20.69 20.84
C LEU A 423 19.53 21.42 22.11
N ALA A 424 18.84 21.13 23.24
CA ALA A 424 19.19 21.67 24.56
C ALA A 424 20.56 21.20 25.06
N LYS A 425 20.99 19.99 24.64
CA LYS A 425 22.32 19.43 24.99
C LYS A 425 23.31 19.61 23.82
N ALA A 426 23.01 20.54 22.89
CA ALA A 426 23.86 20.81 21.71
C ALA A 426 24.42 22.23 21.72
N LYS A 427 25.41 22.50 20.83
CA LYS A 427 26.09 23.80 20.76
C LYS A 427 25.20 24.83 20.05
N VAL A 428 24.53 25.67 20.84
CA VAL A 428 23.59 26.71 20.37
C VAL A 428 24.32 28.05 20.14
N THR A 429 24.09 28.64 18.96
CA THR A 429 24.60 29.97 18.58
C THR A 429 23.41 30.93 18.33
N GLU A 430 23.22 31.90 19.24
CA GLU A 430 22.14 32.92 19.13
C GLU A 430 22.58 34.04 18.16
N LYS A 431 22.32 33.83 16.87
CA LYS A 431 22.77 34.74 15.80
C LYS A 431 21.63 35.69 15.43
N GLU A 432 21.86 37.00 15.66
CA GLU A 432 20.91 38.06 15.30
C GLU A 432 20.82 38.17 13.77
N THR A 433 19.74 37.67 13.21
CA THR A 433 19.53 37.55 11.76
C THR A 433 18.30 38.40 11.36
N THR A 434 18.18 38.75 10.07
CA THR A 434 16.96 39.42 9.54
C THR A 434 16.08 38.38 8.81
N PHE A 435 14.76 38.68 8.66
CA PHE A 435 13.77 37.77 8.02
C PHE A 435 14.28 37.31 6.63
N ASN A 436 14.77 38.27 5.84
CA ASN A 436 15.33 38.06 4.48
C ASN A 436 16.46 37.01 4.48
N GLU A 437 17.43 37.17 5.40
CA GLU A 437 18.62 36.28 5.49
C GLU A 437 18.23 34.86 5.94
N LEU A 438 17.13 34.75 6.69
CA LEU A 438 16.61 33.44 7.15
C LEU A 438 15.93 32.70 5.97
N MET A 439 15.15 33.46 5.18
CA MET A 439 14.43 32.92 4.00
C MET A 439 15.37 32.57 2.84
N ASN A 440 16.63 33.01 2.96
CA ASN A 440 17.76 32.52 2.16
C ASN A 440 18.59 31.61 3.08
N GLN A 441 18.18 30.32 3.16
CA GLN A 441 18.77 29.32 4.08
C GLN A 441 20.33 29.33 4.03
N GLN A 442 20.94 29.71 5.18
CA GLN A 442 22.41 29.77 5.34
C GLN A 442 23.03 28.39 5.13
N ALA A 443 22.47 27.39 5.81
CA ALA A 443 22.80 25.97 5.62
C ALA A 443 21.49 25.22 5.30
N MET B 12 -13.90 27.31 4.15
CA MET B 12 -13.80 26.59 2.86
C MET B 12 -15.13 25.87 2.58
N GLN B 13 -15.59 25.92 1.31
CA GLN B 13 -16.95 25.54 0.91
C GLN B 13 -17.21 24.03 1.13
N VAL B 14 -17.96 23.71 2.20
CA VAL B 14 -18.36 22.32 2.54
C VAL B 14 -19.84 22.29 2.95
N SER B 15 -20.51 21.15 2.70
CA SER B 15 -21.91 20.92 3.10
C SER B 15 -22.11 19.44 3.44
N VAL B 16 -22.20 19.14 4.75
CA VAL B 16 -22.47 17.78 5.24
C VAL B 16 -23.98 17.45 5.13
N GLU B 17 -24.32 16.53 4.21
CA GLU B 17 -25.69 16.05 3.98
C GLU B 17 -25.91 14.75 4.76
N THR B 18 -26.89 14.72 5.68
CA THR B 18 -27.31 13.49 6.37
C THR B 18 -28.13 12.63 5.40
N THR B 19 -27.40 11.81 4.61
CA THR B 19 -27.93 11.14 3.42
C THR B 19 -28.82 9.94 3.79
N GLN B 20 -28.24 8.98 4.53
CA GLN B 20 -28.93 7.75 4.96
C GLN B 20 -28.64 7.54 6.46
N GLY B 21 -29.29 8.36 7.30
CA GLY B 21 -29.18 8.26 8.76
C GLY B 21 -27.76 8.51 9.29
N LEU B 22 -26.97 7.44 9.38
CA LEU B 22 -25.57 7.49 9.81
C LEU B 22 -24.70 7.99 8.63
N GLY B 23 -25.09 7.56 7.41
CA GLY B 23 -24.42 7.95 6.17
C GLY B 23 -24.54 9.45 5.89
N ARG B 24 -23.38 10.11 5.76
CA ARG B 24 -23.26 11.57 5.56
C ARG B 24 -22.42 11.84 4.32
N ARG B 25 -23.06 12.42 3.29
CA ARG B 25 -22.40 12.88 2.07
C ARG B 25 -21.85 14.29 2.31
N VAL B 26 -20.62 14.35 2.81
CA VAL B 26 -19.91 15.62 3.00
C VAL B 26 -19.46 16.12 1.62
N THR B 27 -20.28 16.99 1.02
CA THR B 27 -20.03 17.56 -0.30
C THR B 27 -19.08 18.76 -0.16
N ILE B 28 -17.80 18.54 -0.49
CA ILE B 28 -16.75 19.56 -0.39
C ILE B 28 -16.42 20.11 -1.78
N THR B 29 -16.13 21.41 -1.86
CA THR B 29 -15.83 22.11 -3.10
C THR B 29 -14.52 22.89 -2.91
N ILE B 30 -13.42 22.31 -3.40
CA ILE B 30 -12.06 22.86 -3.28
C ILE B 30 -11.84 23.92 -4.38
N ALA B 31 -11.47 25.14 -3.98
CA ALA B 31 -11.21 26.26 -4.91
C ALA B 31 -9.95 26.00 -5.75
N ALA B 32 -9.90 26.63 -6.95
CA ALA B 32 -8.76 26.57 -7.90
C ALA B 32 -7.44 26.97 -7.22
N ASP B 33 -7.53 27.92 -6.27
CA ASP B 33 -6.44 28.35 -5.40
C ASP B 33 -5.87 27.16 -4.60
N SER B 34 -6.75 26.52 -3.81
CA SER B 34 -6.36 25.45 -2.88
C SER B 34 -5.93 24.15 -3.61
N ILE B 35 -6.14 24.10 -4.95
CA ILE B 35 -5.55 23.07 -5.82
C ILE B 35 -4.16 23.54 -6.28
N GLU B 36 -4.15 24.54 -7.19
CA GLU B 36 -2.94 24.96 -7.95
C GLU B 36 -1.78 25.44 -7.07
N THR B 37 -2.10 26.25 -6.04
CA THR B 37 -1.11 26.76 -5.08
C THR B 37 -0.46 25.59 -4.31
N ALA B 38 -1.33 24.65 -3.86
CA ALA B 38 -0.92 23.43 -3.14
C ALA B 38 -0.06 22.53 -4.06
N VAL B 39 -0.43 22.43 -5.35
CA VAL B 39 0.31 21.62 -6.35
C VAL B 39 1.74 22.14 -6.49
N LYS B 40 1.88 23.44 -6.79
CA LYS B 40 3.19 24.08 -7.08
C LYS B 40 4.11 24.08 -5.84
N SER B 41 3.50 24.29 -4.64
CA SER B 41 4.22 24.23 -3.36
C SER B 41 4.77 22.81 -3.13
N GLU B 42 3.90 21.80 -3.28
CA GLU B 42 4.28 20.39 -3.12
C GLU B 42 5.26 19.94 -4.23
N LEU B 43 5.19 20.59 -5.41
CA LEU B 43 6.12 20.31 -6.52
C LEU B 43 7.55 20.76 -6.16
N VAL B 44 7.72 22.03 -5.75
CA VAL B 44 9.06 22.55 -5.40
C VAL B 44 9.64 21.82 -4.16
N ASN B 45 8.74 21.51 -3.18
CA ASN B 45 9.10 20.69 -2.00
C ASN B 45 9.69 19.35 -2.45
N VAL B 46 8.84 18.49 -3.07
CA VAL B 46 9.23 17.12 -3.50
C VAL B 46 10.48 17.14 -4.39
N ALA B 47 10.57 18.18 -5.24
CA ALA B 47 11.68 18.35 -6.16
C ALA B 47 13.00 18.55 -5.41
N LYS B 48 12.99 19.36 -4.32
CA LYS B 48 14.21 19.61 -3.52
C LYS B 48 14.54 18.39 -2.64
N LYS B 49 13.48 17.70 -2.16
CA LYS B 49 13.61 16.52 -1.28
C LYS B 49 14.19 15.31 -2.04
N VAL B 50 13.84 15.20 -3.32
CA VAL B 50 14.25 14.08 -4.20
C VAL B 50 15.49 14.49 -5.07
N ARG B 51 15.91 15.79 -4.96
CA ARG B 51 17.12 16.33 -5.65
C ARG B 51 16.90 16.43 -7.19
N ILE B 52 15.62 16.48 -7.58
CA ILE B 52 15.19 16.71 -8.98
C ILE B 52 14.56 18.13 -9.11
N ASP B 53 15.12 19.05 -8.29
CA ASP B 53 14.63 20.45 -8.08
C ASP B 53 14.34 21.26 -9.38
N GLY B 54 15.40 21.71 -10.06
CA GLY B 54 15.27 22.56 -11.24
C GLY B 54 16.63 22.80 -11.82
N PHE B 55 16.94 22.06 -12.91
CA PHE B 55 18.31 21.71 -13.40
C PHE B 55 19.49 22.08 -12.43
N ARG B 56 19.32 21.70 -11.14
CA ARG B 56 20.33 21.81 -10.08
C ARG B 56 20.93 23.24 -9.93
N LYS B 57 20.09 24.28 -10.13
CA LYS B 57 20.58 25.68 -10.11
C LYS B 57 19.41 26.67 -9.95
N GLY B 58 18.21 26.27 -10.40
CA GLY B 58 16.97 27.05 -10.18
C GLY B 58 16.38 27.58 -11.48
N LYS B 59 16.00 26.66 -12.38
CA LYS B 59 15.38 27.01 -13.67
C LYS B 59 14.12 26.14 -13.90
N VAL B 60 13.17 26.70 -14.68
CA VAL B 60 11.86 26.09 -14.99
C VAL B 60 10.96 26.07 -13.72
N PRO B 61 10.17 27.18 -13.49
CA PRO B 61 9.19 27.25 -12.38
C PRO B 61 8.15 26.12 -12.40
N MET B 62 7.64 25.79 -11.21
CA MET B 62 6.60 24.75 -11.02
C MET B 62 5.25 25.19 -11.59
N ASN B 63 5.17 26.48 -11.99
CA ASN B 63 4.07 27.05 -12.77
C ASN B 63 3.82 26.24 -14.06
N ILE B 64 4.90 25.98 -14.81
CA ILE B 64 4.83 25.26 -16.09
C ILE B 64 4.61 23.76 -15.82
N VAL B 65 5.33 23.23 -14.81
CA VAL B 65 5.29 21.80 -14.47
C VAL B 65 3.92 21.40 -13.87
N ALA B 66 3.18 22.37 -13.31
CA ALA B 66 1.78 22.16 -12.88
C ALA B 66 0.84 22.19 -14.10
N GLN B 67 1.02 23.24 -14.92
CA GLN B 67 0.22 23.50 -16.13
C GLN B 67 0.27 22.33 -17.14
N ARG B 68 1.45 21.70 -17.24
CA ARG B 68 1.73 20.66 -18.25
C ARG B 68 1.71 19.24 -17.63
N TYR B 69 2.36 19.08 -16.48
CA TYR B 69 2.59 17.75 -15.85
C TYR B 69 1.89 17.61 -14.48
N GLY B 70 1.14 18.64 -14.04
CA GLY B 70 0.56 18.65 -12.69
C GLY B 70 -0.51 17.58 -12.47
N ALA B 71 -1.15 17.14 -13.56
CA ALA B 71 -2.22 16.11 -13.54
C ALA B 71 -1.70 14.76 -12.99
N SER B 72 -0.37 14.53 -13.07
CA SER B 72 0.26 13.27 -12.65
C SER B 72 0.43 13.21 -11.12
N VAL B 73 0.84 14.35 -10.51
CA VAL B 73 1.09 14.46 -9.05
C VAL B 73 -0.24 14.64 -8.25
N ARG B 74 -1.39 14.65 -8.96
CA ARG B 74 -2.75 14.75 -8.37
C ARG B 74 -3.02 13.62 -7.35
N GLN B 75 -2.32 12.47 -7.49
CA GLN B 75 -2.37 11.38 -6.50
C GLN B 75 -1.95 11.90 -5.11
N ASP B 76 -0.73 12.47 -5.04
CA ASP B 76 -0.15 12.98 -3.78
C ASP B 76 -0.94 14.21 -3.27
N VAL B 77 -1.14 15.19 -4.20
CA VAL B 77 -1.80 16.46 -3.87
C VAL B 77 -3.25 16.23 -3.41
N LEU B 78 -4.11 15.65 -4.28
CA LEU B 78 -5.52 15.38 -3.93
C LEU B 78 -5.60 14.33 -2.81
N GLY B 79 -4.58 13.44 -2.70
CA GLY B 79 -4.44 12.52 -1.58
C GLY B 79 -4.28 13.23 -0.24
N ASP B 80 -3.58 14.40 -0.26
CA ASP B 80 -3.39 15.24 0.94
C ASP B 80 -4.66 16.09 1.19
N LEU B 81 -5.23 16.64 0.09
CA LEU B 81 -6.42 17.54 0.14
C LEU B 81 -7.67 16.79 0.61
N MET B 82 -7.81 15.51 0.22
CA MET B 82 -8.99 14.68 0.58
C MET B 82 -8.96 14.29 2.07
N SER B 83 -7.85 14.61 2.76
CA SER B 83 -7.68 14.33 4.19
C SER B 83 -7.71 15.65 4.99
N ARG B 84 -7.06 16.69 4.44
CA ARG B 84 -6.82 17.98 5.13
C ARG B 84 -8.04 18.89 5.02
N ASN B 85 -8.65 18.91 3.82
CA ASN B 85 -9.91 19.67 3.57
C ASN B 85 -11.11 18.92 4.19
N PHE B 86 -11.03 17.57 4.17
CA PHE B 86 -12.05 16.71 4.81
C PHE B 86 -12.04 16.90 6.33
N ILE B 87 -10.83 16.87 6.94
CA ILE B 87 -10.70 16.98 8.40
C ILE B 87 -11.23 18.36 8.83
N ASP B 88 -10.93 19.39 8.00
CA ASP B 88 -11.40 20.77 8.18
C ASP B 88 -12.93 20.84 8.22
N ALA B 89 -13.56 20.20 7.22
CA ALA B 89 -15.03 20.15 7.04
C ALA B 89 -15.79 19.69 8.32
N ILE B 90 -15.20 18.72 9.03
CA ILE B 90 -15.82 18.09 10.21
C ILE B 90 -15.31 18.68 11.55
N ILE B 91 -14.49 19.76 11.48
CA ILE B 91 -14.02 20.51 12.68
C ILE B 91 -15.04 21.61 13.04
N LYS B 92 -16.18 21.13 13.56
CA LYS B 92 -17.22 21.91 14.25
C LYS B 92 -18.42 21.00 14.43
N GLU B 93 -18.65 20.19 13.39
CA GLU B 93 -19.66 19.12 13.37
C GLU B 93 -19.27 18.00 14.34
N LYS B 94 -17.94 17.80 14.53
CA LYS B 94 -17.32 16.89 15.53
C LYS B 94 -17.45 15.38 15.16
N ILE B 95 -18.33 15.09 14.15
CA ILE B 95 -18.36 13.85 13.33
C ILE B 95 -17.16 12.89 13.52
N ASN B 96 -17.40 11.79 14.23
CA ASN B 96 -16.43 10.69 14.39
C ASN B 96 -16.63 9.67 13.24
N PRO B 97 -15.75 9.62 12.19
CA PRO B 97 -15.90 8.66 11.06
C PRO B 97 -15.66 7.19 11.49
N ALA B 98 -16.48 6.28 10.95
CA ALA B 98 -16.33 4.84 11.20
C ALA B 98 -15.16 4.27 10.37
N GLY B 99 -13.96 4.29 10.97
CA GLY B 99 -12.75 3.73 10.36
C GLY B 99 -12.14 4.64 9.29
N ALA B 100 -12.78 4.66 8.12
CA ALA B 100 -12.32 5.44 6.95
C ALA B 100 -13.52 5.86 6.08
N PRO B 101 -13.55 7.13 5.53
CA PRO B 101 -14.65 7.58 4.65
C PRO B 101 -14.53 7.02 3.21
N THR B 102 -15.68 6.70 2.59
CA THR B 102 -15.74 6.28 1.18
C THR B 102 -15.66 7.53 0.27
N TYR B 103 -14.49 7.70 -0.37
CA TYR B 103 -14.22 8.81 -1.28
C TYR B 103 -14.87 8.55 -2.65
N VAL B 104 -15.92 9.34 -2.96
CA VAL B 104 -16.55 9.37 -4.28
C VAL B 104 -16.28 10.76 -4.92
N PRO B 105 -15.10 10.96 -5.59
CA PRO B 105 -14.75 12.25 -6.20
C PRO B 105 -15.57 12.51 -7.48
N GLY B 106 -15.89 13.80 -7.73
CA GLY B 106 -16.50 14.22 -8.98
C GLY B 106 -15.48 14.29 -10.12
N GLU B 107 -15.95 14.72 -11.30
CA GLU B 107 -15.10 14.89 -12.49
C GLU B 107 -13.99 15.93 -12.21
N TYR B 108 -12.77 15.63 -12.70
CA TYR B 108 -11.56 16.43 -12.44
C TYR B 108 -11.73 17.88 -12.92
N LYS B 109 -11.44 18.83 -12.01
CA LYS B 109 -11.57 20.27 -12.25
C LYS B 109 -10.19 20.96 -12.19
N LEU B 110 -9.59 21.16 -13.37
CA LEU B 110 -8.34 21.92 -13.54
C LEU B 110 -8.64 23.42 -13.53
N GLY B 111 -8.17 24.13 -12.50
CA GLY B 111 -8.39 25.57 -12.35
C GLY B 111 -9.87 25.94 -12.16
N GLU B 112 -10.63 25.01 -11.56
CA GLU B 112 -12.08 25.19 -11.34
C GLU B 112 -12.48 24.52 -10.00
N ASP B 113 -13.72 24.80 -9.55
CA ASP B 113 -14.28 24.30 -8.27
C ASP B 113 -14.36 22.74 -8.25
N PHE B 114 -13.37 22.10 -7.60
CA PHE B 114 -13.28 20.63 -7.50
C PHE B 114 -14.26 20.12 -6.42
N THR B 115 -15.48 19.82 -6.86
CA THR B 115 -16.53 19.27 -6.00
C THR B 115 -16.37 17.73 -5.88
N TYR B 116 -16.06 17.23 -4.67
CA TYR B 116 -15.97 15.79 -4.39
C TYR B 116 -16.84 15.43 -3.18
N SER B 117 -17.34 14.19 -3.19
CA SER B 117 -18.25 13.66 -2.17
C SER B 117 -17.49 12.72 -1.24
N VAL B 118 -17.57 12.95 0.09
CA VAL B 118 -17.00 12.04 1.11
C VAL B 118 -18.16 11.43 1.91
N GLU B 119 -18.54 10.20 1.54
CA GLU B 119 -19.71 9.49 2.12
C GLU B 119 -19.24 8.41 3.10
N PHE B 120 -19.84 8.38 4.29
CA PHE B 120 -19.46 7.45 5.36
C PHE B 120 -20.48 7.52 6.50
N GLU B 121 -20.46 6.50 7.33
CA GLU B 121 -21.28 6.46 8.55
C GLU B 121 -20.41 6.93 9.72
N VAL B 122 -21.03 7.63 10.68
CA VAL B 122 -20.39 7.93 11.97
C VAL B 122 -20.24 6.63 12.78
N TYR B 123 -19.24 6.61 13.68
CA TYR B 123 -18.86 5.41 14.42
C TYR B 123 -19.68 5.30 15.73
N PRO B 124 -20.67 4.35 15.81
CA PRO B 124 -21.49 4.14 17.02
C PRO B 124 -20.97 2.97 17.88
N GLU B 125 -21.70 2.69 18.98
CA GLU B 125 -21.48 1.48 19.80
C GLU B 125 -22.22 0.29 19.18
N VAL B 126 -22.13 -0.87 19.84
CA VAL B 126 -22.81 -2.09 19.38
C VAL B 126 -23.10 -3.04 20.57
N GLU B 127 -24.32 -3.58 20.56
CA GLU B 127 -24.80 -4.51 21.58
C GLU B 127 -24.72 -5.97 21.06
N LEU B 128 -24.33 -6.87 21.96
CA LEU B 128 -24.35 -8.32 21.74
C LEU B 128 -25.13 -8.96 22.89
N GLN B 129 -26.36 -9.41 22.60
CA GLN B 129 -27.30 -9.90 23.63
C GLN B 129 -27.79 -11.31 23.25
N GLY B 130 -28.14 -12.11 24.29
CA GLY B 130 -28.52 -13.52 24.14
C GLY B 130 -27.36 -14.45 24.41
N LEU B 131 -26.42 -13.97 25.28
CA LEU B 131 -25.11 -14.61 25.54
C LEU B 131 -25.27 -16.08 25.94
N GLU B 132 -26.15 -16.32 26.93
CA GLU B 132 -26.41 -17.67 27.45
C GLU B 132 -27.38 -18.45 26.53
N ALA B 133 -28.10 -17.74 25.65
CA ALA B 133 -29.05 -18.38 24.72
C ALA B 133 -28.28 -19.05 23.57
N ILE B 134 -27.10 -18.47 23.26
CA ILE B 134 -26.12 -19.02 22.29
C ILE B 134 -25.74 -20.46 22.69
N GLU B 135 -26.34 -21.45 22.00
CA GLU B 135 -26.03 -22.87 22.24
C GLU B 135 -24.84 -23.30 21.36
N VAL B 136 -23.64 -23.23 21.95
CA VAL B 136 -22.38 -23.55 21.28
C VAL B 136 -22.16 -25.06 21.25
N GLU B 137 -21.48 -25.59 20.23
CA GLU B 137 -21.22 -27.02 20.09
C GLU B 137 -19.77 -27.33 20.52
N LYS B 138 -19.64 -28.17 21.56
CA LYS B 138 -18.39 -28.88 21.89
C LYS B 138 -18.56 -30.34 21.45
N PRO B 139 -18.07 -30.73 20.23
CA PRO B 139 -18.11 -32.12 19.77
C PRO B 139 -17.06 -32.93 20.54
N ILE B 140 -17.51 -33.64 21.60
CA ILE B 140 -16.64 -34.47 22.45
C ILE B 140 -16.23 -35.73 21.67
N VAL B 141 -15.20 -35.56 20.83
CA VAL B 141 -14.75 -36.56 19.84
C VAL B 141 -13.31 -37.00 20.13
N GLU B 142 -12.98 -38.21 19.66
CA GLU B 142 -11.63 -38.78 19.75
C GLU B 142 -11.29 -39.49 18.44
N VAL B 143 -9.99 -39.60 18.16
CA VAL B 143 -9.46 -40.40 17.06
C VAL B 143 -9.41 -41.88 17.51
N THR B 144 -10.58 -42.54 17.42
CA THR B 144 -10.74 -43.94 17.84
C THR B 144 -10.28 -44.84 16.69
N ASP B 145 -9.85 -46.08 16.98
CA ASP B 145 -9.40 -47.04 15.92
C ASP B 145 -10.57 -47.51 15.03
N ALA B 146 -11.80 -47.36 15.55
CA ALA B 146 -13.03 -47.53 14.77
C ALA B 146 -13.09 -46.46 13.66
N ASP B 147 -12.71 -45.21 14.02
CA ASP B 147 -12.65 -44.07 13.08
C ASP B 147 -11.47 -44.21 12.14
N VAL B 148 -10.29 -44.62 12.66
CA VAL B 148 -9.06 -44.76 11.87
C VAL B 148 -9.27 -45.80 10.76
N ASP B 149 -9.69 -47.01 11.18
CA ASP B 149 -9.90 -48.15 10.27
C ASP B 149 -11.11 -47.95 9.36
N GLY B 150 -12.20 -47.36 9.90
CA GLY B 150 -13.43 -47.09 9.12
C GLY B 150 -13.20 -46.08 8.00
N MET B 151 -12.51 -44.98 8.34
CA MET B 151 -12.15 -43.92 7.40
C MET B 151 -11.11 -44.44 6.41
N LEU B 152 -10.16 -45.29 6.88
CA LEU B 152 -9.09 -45.88 6.04
C LEU B 152 -9.71 -46.85 5.00
N ASP B 153 -10.78 -47.57 5.40
CA ASP B 153 -11.56 -48.44 4.52
C ASP B 153 -12.20 -47.56 3.42
N THR B 154 -12.94 -46.54 3.89
CA THR B 154 -13.61 -45.55 3.02
C THR B 154 -12.58 -44.73 2.19
N LEU B 155 -11.32 -44.67 2.64
CA LEU B 155 -10.22 -43.97 1.92
C LEU B 155 -9.80 -44.85 0.74
N ARG B 156 -9.44 -46.12 1.02
CA ARG B 156 -8.98 -47.07 -0.03
C ARG B 156 -10.13 -47.46 -0.97
N LYS B 157 -11.36 -47.16 -0.54
CA LYS B 157 -12.57 -47.30 -1.37
C LYS B 157 -12.82 -46.03 -2.24
N GLN B 158 -12.78 -44.83 -1.63
CA GLN B 158 -13.17 -43.56 -2.31
C GLN B 158 -11.95 -42.86 -2.96
N GLN B 159 -10.77 -43.47 -2.84
CA GLN B 159 -9.54 -43.02 -3.55
C GLN B 159 -8.93 -44.26 -4.25
N ALA B 160 -9.79 -45.28 -4.49
CA ALA B 160 -9.40 -46.56 -5.08
C ALA B 160 -8.88 -46.43 -6.53
N THR B 161 -8.28 -47.52 -7.01
CA THR B 161 -7.55 -47.57 -8.28
C THR B 161 -8.50 -47.44 -9.50
N TRP B 162 -7.89 -47.18 -10.68
CA TRP B 162 -8.61 -46.80 -11.91
C TRP B 162 -8.27 -47.79 -13.04
N LYS B 163 -9.31 -48.43 -13.58
CA LYS B 163 -9.18 -49.38 -14.70
C LYS B 163 -9.61 -48.70 -16.00
N GLU B 164 -8.73 -48.70 -17.01
CA GLU B 164 -8.95 -48.02 -18.32
C GLU B 164 -10.20 -48.59 -19.03
N LYS B 165 -11.32 -47.87 -18.91
CA LYS B 165 -12.64 -48.34 -19.38
C LYS B 165 -12.71 -48.33 -20.92
N ASP B 166 -13.35 -49.37 -21.47
CA ASP B 166 -13.62 -49.46 -22.91
C ASP B 166 -15.15 -49.42 -23.11
N GLY B 167 -15.66 -48.21 -23.43
CA GLY B 167 -17.10 -48.02 -23.63
C GLY B 167 -17.53 -46.57 -23.42
N ALA B 168 -18.85 -46.38 -23.24
CA ALA B 168 -19.47 -45.08 -22.97
C ALA B 168 -19.19 -44.61 -21.54
N VAL B 169 -19.11 -43.28 -21.34
CA VAL B 169 -18.94 -42.67 -20.02
C VAL B 169 -20.26 -42.79 -19.22
N GLU B 170 -20.13 -42.97 -17.91
CA GLU B 170 -21.26 -42.96 -16.97
C GLU B 170 -20.95 -41.99 -15.81
N ALA B 171 -21.95 -41.86 -14.92
CA ALA B 171 -21.84 -41.02 -13.72
C ALA B 171 -20.87 -41.61 -12.69
N GLU B 172 -20.54 -42.92 -12.84
CA GLU B 172 -19.65 -43.65 -11.91
C GLU B 172 -18.25 -43.91 -12.52
N ASP B 173 -17.90 -43.16 -13.58
CA ASP B 173 -16.57 -43.24 -14.23
C ASP B 173 -15.79 -41.94 -14.01
N ARG B 174 -14.46 -42.08 -13.76
CA ARG B 174 -13.54 -40.95 -13.70
C ARG B 174 -13.03 -40.62 -15.11
N VAL B 175 -13.59 -39.58 -15.72
CA VAL B 175 -13.29 -39.23 -17.12
C VAL B 175 -12.31 -38.03 -17.17
N THR B 176 -11.09 -38.31 -17.66
CA THR B 176 -10.02 -37.31 -17.79
C THR B 176 -10.05 -36.72 -19.22
N ILE B 177 -10.50 -35.46 -19.32
CA ILE B 177 -10.67 -34.76 -20.61
C ILE B 177 -9.99 -33.38 -20.57
N ASP B 178 -9.96 -32.76 -21.73
CA ASP B 178 -9.64 -31.34 -21.89
C ASP B 178 -10.86 -30.67 -22.53
N PHE B 179 -11.50 -29.74 -21.78
CA PHE B 179 -12.71 -29.05 -22.25
C PHE B 179 -12.42 -27.53 -22.33
N THR B 180 -12.67 -26.98 -23.52
CA THR B 180 -12.51 -25.56 -23.82
C THR B 180 -13.42 -25.20 -24.99
N GLY B 181 -13.71 -23.90 -25.13
CA GLY B 181 -14.60 -23.41 -26.17
C GLY B 181 -14.85 -21.93 -26.00
N SER B 182 -16.13 -21.54 -25.91
CA SER B 182 -16.52 -20.13 -25.83
C SER B 182 -17.92 -19.98 -25.24
N VAL B 183 -18.08 -18.96 -24.39
CA VAL B 183 -19.37 -18.53 -23.85
C VAL B 183 -19.89 -17.38 -24.75
N ASP B 184 -20.99 -17.64 -25.48
CA ASP B 184 -21.68 -16.64 -26.33
C ASP B 184 -20.71 -16.11 -27.44
N GLY B 185 -19.79 -16.99 -27.86
CA GLY B 185 -18.80 -16.67 -28.90
C GLY B 185 -17.46 -16.23 -28.33
N GLU B 186 -17.46 -15.75 -27.07
CA GLU B 186 -16.27 -15.23 -26.38
C GLU B 186 -15.56 -16.35 -25.62
N GLU B 187 -14.31 -16.71 -26.01
CA GLU B 187 -13.48 -17.61 -25.19
C GLU B 187 -13.13 -16.91 -23.87
N PHE B 188 -13.02 -17.68 -22.78
CA PHE B 188 -13.18 -17.15 -21.42
C PHE B 188 -12.25 -17.85 -20.42
N GLU B 189 -11.99 -17.17 -19.31
CA GLU B 189 -11.18 -17.70 -18.19
C GLU B 189 -12.10 -18.26 -17.10
N GLY B 190 -11.52 -19.10 -16.22
CA GLY B 190 -12.17 -19.58 -15.00
C GLY B 190 -12.93 -20.90 -15.19
N GLY B 191 -13.88 -20.91 -16.14
CA GLY B 191 -14.83 -22.03 -16.29
C GLY B 191 -14.43 -23.10 -17.31
N LYS B 192 -13.13 -23.12 -17.69
CA LYS B 192 -12.57 -24.15 -18.59
C LYS B 192 -11.23 -24.63 -18.01
N ALA B 193 -10.79 -25.83 -18.41
CA ALA B 193 -9.50 -26.40 -17.96
C ALA B 193 -9.12 -27.62 -18.81
N SER B 194 -7.90 -27.58 -19.37
CA SER B 194 -7.24 -28.72 -20.02
C SER B 194 -6.72 -29.71 -18.96
N ASP B 195 -6.61 -31.00 -19.34
CA ASP B 195 -6.18 -32.11 -18.45
C ASP B 195 -7.06 -32.21 -17.17
N PHE B 196 -8.32 -31.77 -17.32
CA PHE B 196 -9.36 -31.87 -16.28
C PHE B 196 -9.69 -33.35 -16.04
N VAL B 197 -9.94 -33.72 -14.78
CA VAL B 197 -10.29 -35.09 -14.43
C VAL B 197 -11.56 -35.09 -13.54
N LEU B 198 -12.70 -35.46 -14.16
CA LEU B 198 -14.00 -35.57 -13.48
C LEU B 198 -14.10 -36.93 -12.79
N ALA B 199 -13.86 -36.92 -11.48
CA ALA B 199 -14.06 -38.09 -10.63
C ALA B 199 -15.46 -38.06 -10.01
N MET B 200 -16.10 -39.23 -9.96
CA MET B 200 -17.31 -39.45 -9.15
C MET B 200 -16.93 -39.55 -7.65
N GLY B 201 -17.95 -39.46 -6.80
CA GLY B 201 -17.76 -39.41 -5.35
C GLY B 201 -17.51 -37.98 -4.86
N GLN B 202 -18.10 -37.04 -5.61
CA GLN B 202 -17.99 -35.58 -5.41
C GLN B 202 -19.39 -34.96 -5.52
N GLY B 203 -19.46 -33.61 -5.61
CA GLY B 203 -20.72 -32.92 -5.93
C GLY B 203 -21.23 -33.24 -7.35
N ARG B 204 -22.35 -32.61 -7.74
CA ARG B 204 -22.96 -32.76 -9.07
C ARG B 204 -23.08 -31.36 -9.70
N MET B 205 -22.39 -31.14 -10.84
CA MET B 205 -22.32 -29.84 -11.54
C MET B 205 -23.65 -29.47 -12.22
N ILE B 206 -23.63 -28.31 -12.93
CA ILE B 206 -24.80 -27.77 -13.66
C ILE B 206 -25.34 -28.80 -14.70
N PRO B 207 -26.71 -28.81 -14.93
CA PRO B 207 -27.32 -29.65 -15.99
C PRO B 207 -26.79 -29.25 -17.38
N GLY B 208 -26.72 -30.23 -18.29
CA GLY B 208 -26.19 -30.03 -19.62
C GLY B 208 -24.79 -30.63 -19.75
N PHE B 209 -23.87 -30.22 -18.84
CA PHE B 209 -22.45 -30.65 -18.89
C PHE B 209 -22.38 -32.19 -18.77
N GLU B 210 -22.87 -32.72 -17.63
CA GLU B 210 -22.91 -34.16 -17.34
C GLU B 210 -23.57 -34.95 -18.48
N ASP B 211 -24.71 -34.42 -18.96
CA ASP B 211 -25.53 -35.00 -20.03
C ASP B 211 -24.70 -35.21 -21.31
N GLY B 212 -23.76 -34.30 -21.57
CA GLY B 212 -22.90 -34.40 -22.74
C GLY B 212 -21.83 -35.46 -22.55
N ILE B 213 -21.13 -35.36 -21.41
CA ILE B 213 -19.99 -36.23 -21.05
C ILE B 213 -20.38 -37.71 -21.12
N LYS B 214 -21.45 -38.06 -20.37
CA LYS B 214 -21.94 -39.46 -20.26
C LYS B 214 -22.87 -39.83 -21.43
N GLY B 215 -23.00 -38.92 -22.42
CA GLY B 215 -23.86 -39.16 -23.57
C GLY B 215 -23.08 -39.71 -24.76
N HIS B 216 -21.77 -39.94 -24.53
CA HIS B 216 -20.81 -40.35 -25.57
C HIS B 216 -19.78 -41.35 -25.00
N LYS B 217 -18.91 -41.87 -25.88
CA LYS B 217 -17.87 -42.88 -25.51
C LYS B 217 -16.45 -42.35 -25.74
N ALA B 218 -15.46 -43.06 -25.18
CA ALA B 218 -14.03 -42.67 -25.30
C ALA B 218 -13.54 -42.80 -26.77
N GLY B 219 -12.66 -41.87 -27.17
CA GLY B 219 -12.06 -41.87 -28.50
C GLY B 219 -12.84 -41.08 -29.54
N GLU B 220 -13.90 -40.37 -29.11
CA GLU B 220 -14.67 -39.46 -29.99
C GLU B 220 -14.82 -38.08 -29.32
N GLU B 221 -14.45 -37.04 -30.06
CA GLU B 221 -14.57 -35.65 -29.63
C GLU B 221 -15.86 -35.04 -30.19
N PHE B 222 -16.43 -34.07 -29.47
CA PHE B 222 -17.72 -33.43 -29.82
C PHE B 222 -17.81 -32.06 -29.15
N THR B 223 -19.01 -31.45 -29.14
CA THR B 223 -19.25 -30.18 -28.46
C THR B 223 -20.62 -30.16 -27.75
N ILE B 224 -20.69 -29.41 -26.62
CA ILE B 224 -21.92 -29.21 -25.83
C ILE B 224 -22.14 -27.70 -25.56
N ASP B 225 -23.28 -27.14 -26.00
CA ASP B 225 -23.64 -25.75 -25.72
C ASP B 225 -24.64 -25.74 -24.55
N VAL B 226 -24.13 -25.44 -23.35
CA VAL B 226 -24.91 -25.44 -22.11
C VAL B 226 -24.98 -24.01 -21.53
N THR B 227 -26.15 -23.60 -21.06
CA THR B 227 -26.36 -22.25 -20.49
C THR B 227 -25.98 -22.25 -19.00
N PHE B 228 -25.12 -21.29 -18.59
CA PHE B 228 -24.82 -21.05 -17.18
C PHE B 228 -26.08 -20.47 -16.48
N PRO B 229 -26.39 -20.91 -15.22
CA PRO B 229 -27.50 -20.34 -14.41
C PRO B 229 -27.36 -18.82 -14.24
N GLU B 230 -28.48 -18.09 -14.30
CA GLU B 230 -28.51 -16.62 -14.14
C GLU B 230 -28.17 -16.18 -12.69
N GLU B 231 -28.01 -17.15 -11.78
CA GLU B 231 -27.63 -16.91 -10.37
C GLU B 231 -26.17 -17.32 -10.10
N TYR B 232 -25.48 -17.84 -11.14
CA TYR B 232 -24.07 -18.30 -11.04
C TYR B 232 -23.14 -17.16 -10.56
N HIS B 233 -22.09 -17.53 -9.81
CA HIS B 233 -21.26 -16.58 -9.02
C HIS B 233 -20.29 -15.70 -9.87
N ALA B 234 -20.51 -15.64 -11.19
CA ALA B 234 -19.77 -14.77 -12.11
C ALA B 234 -20.75 -14.19 -13.14
N GLU B 235 -20.99 -12.87 -13.04
CA GLU B 235 -21.96 -12.11 -13.87
C GLU B 235 -21.65 -12.27 -15.38
N ASN B 236 -20.34 -12.33 -15.72
CA ASN B 236 -19.84 -12.51 -17.11
C ASN B 236 -20.44 -13.77 -17.77
N LEU B 237 -20.40 -14.88 -17.04
CA LEU B 237 -20.77 -16.21 -17.56
C LEU B 237 -22.27 -16.51 -17.39
N LYS B 238 -22.85 -16.02 -16.27
CA LYS B 238 -24.22 -16.40 -15.84
C LYS B 238 -25.29 -15.89 -16.85
N GLY B 239 -26.21 -16.78 -17.24
CA GLY B 239 -27.28 -16.43 -18.19
C GLY B 239 -26.89 -16.66 -19.65
N LYS B 240 -25.58 -16.71 -19.94
CA LYS B 240 -25.06 -16.88 -21.31
C LYS B 240 -24.89 -18.38 -21.64
N ALA B 241 -25.08 -18.72 -22.92
CA ALA B 241 -24.89 -20.09 -23.45
C ALA B 241 -23.38 -20.32 -23.72
N ALA B 242 -22.89 -21.55 -23.47
CA ALA B 242 -21.46 -21.86 -23.46
C ALA B 242 -21.17 -23.18 -24.19
N LYS B 243 -20.55 -23.08 -25.37
CA LYS B 243 -20.19 -24.26 -26.20
C LYS B 243 -18.78 -24.77 -25.82
N PHE B 244 -18.69 -26.09 -25.60
CA PHE B 244 -17.50 -26.76 -25.05
C PHE B 244 -17.10 -27.94 -25.95
N ALA B 245 -15.94 -27.84 -26.61
CA ALA B 245 -15.34 -28.98 -27.32
C ALA B 245 -14.84 -30.01 -26.29
N ILE B 246 -15.70 -31.01 -26.03
CA ILE B 246 -15.37 -32.12 -25.12
C ILE B 246 -14.56 -33.17 -25.90
N ASN B 247 -13.28 -33.30 -25.54
CA ASN B 247 -12.39 -34.30 -26.13
C ASN B 247 -12.26 -35.47 -25.15
N LEU B 248 -13.10 -36.53 -25.34
CA LEU B 248 -13.07 -37.75 -24.50
C LEU B 248 -11.76 -38.52 -24.73
N LYS B 249 -10.74 -38.09 -23.97
CA LYS B 249 -9.34 -38.54 -24.11
C LYS B 249 -9.12 -39.82 -23.29
N LYS B 250 -9.46 -39.76 -21.98
CA LYS B 250 -9.38 -40.91 -21.06
C LYS B 250 -10.71 -41.08 -20.33
N VAL B 251 -11.20 -42.31 -20.27
CA VAL B 251 -12.35 -42.70 -19.42
C VAL B 251 -11.89 -43.89 -18.57
N GLU B 252 -11.62 -43.61 -17.29
CA GLU B 252 -11.12 -44.58 -16.32
C GLU B 252 -12.24 -44.93 -15.34
N GLU B 253 -12.61 -46.20 -15.29
CA GLU B 253 -13.70 -46.70 -14.44
C GLU B 253 -13.20 -46.91 -13.00
N ARG B 254 -14.12 -46.63 -12.05
CA ARG B 254 -13.93 -46.93 -10.63
C ARG B 254 -13.71 -48.44 -10.42
N GLU B 255 -12.61 -48.77 -9.77
CA GLU B 255 -12.27 -50.14 -9.36
C GLU B 255 -11.97 -50.09 -7.87
N LEU B 256 -12.68 -50.91 -7.06
CA LEU B 256 -12.46 -51.01 -5.61
C LEU B 256 -11.83 -52.38 -5.31
N PRO B 257 -10.47 -52.56 -5.45
CA PRO B 257 -9.83 -53.86 -5.22
C PRO B 257 -9.58 -54.11 -3.70
N GLU B 258 -8.63 -53.35 -3.12
CA GLU B 258 -8.25 -53.41 -1.70
C GLU B 258 -7.19 -52.32 -1.42
N LEU B 259 -6.63 -52.37 -0.20
CA LEU B 259 -5.55 -51.48 0.23
C LEU B 259 -4.19 -52.05 -0.29
N THR B 260 -3.98 -51.90 -1.60
CA THR B 260 -2.83 -52.51 -2.31
C THR B 260 -1.52 -51.73 -2.06
N ALA B 261 -0.37 -52.41 -2.19
CA ALA B 261 0.97 -51.85 -1.93
C ALA B 261 1.23 -50.62 -2.81
N GLU B 262 0.80 -50.69 -4.09
CA GLU B 262 0.91 -49.57 -5.04
C GLU B 262 0.05 -48.37 -4.61
N PHE B 263 -1.05 -48.65 -3.89
CA PHE B 263 -1.91 -47.59 -3.33
C PHE B 263 -1.21 -46.95 -2.10
N ILE B 264 -0.57 -47.80 -1.26
CA ILE B 264 0.22 -47.36 -0.10
C ILE B 264 1.32 -46.35 -0.54
N LYS B 265 1.98 -46.68 -1.68
CA LYS B 265 3.05 -45.87 -2.28
C LYS B 265 2.55 -44.47 -2.76
N ARG B 266 1.21 -44.32 -2.99
CA ARG B 266 0.61 -43.03 -3.45
C ARG B 266 0.87 -41.93 -2.40
N PHE B 267 0.88 -42.34 -1.12
CA PHE B 267 1.04 -41.46 0.04
C PHE B 267 2.52 -41.12 0.29
N GLY B 268 3.44 -41.72 -0.51
CA GLY B 268 4.88 -41.51 -0.36
C GLY B 268 5.41 -42.13 0.92
N VAL B 269 4.89 -43.32 1.25
CA VAL B 269 5.23 -44.06 2.47
C VAL B 269 6.63 -44.68 2.34
N GLU B 270 7.63 -44.03 2.97
CA GLU B 270 9.03 -44.52 3.03
C GLU B 270 9.11 -45.84 3.80
N ASP B 271 8.22 -45.96 4.81
CA ASP B 271 8.02 -47.18 5.62
C ASP B 271 7.63 -48.38 4.72
N GLY B 272 6.96 -48.07 3.59
CA GLY B 272 6.56 -49.08 2.61
C GLY B 272 5.27 -49.81 2.97
N SER B 273 5.15 -50.20 4.24
CA SER B 273 4.03 -51.02 4.73
C SER B 273 2.87 -50.13 5.25
N VAL B 274 1.75 -50.79 5.61
CA VAL B 274 0.48 -50.15 6.03
C VAL B 274 0.67 -49.35 7.35
N GLU B 275 1.70 -49.68 8.14
CA GLU B 275 2.08 -48.93 9.37
C GLU B 275 2.33 -47.45 9.06
N GLY B 276 2.80 -47.17 7.82
CA GLY B 276 2.93 -45.80 7.34
C GLY B 276 1.58 -45.09 7.24
N LEU B 277 0.56 -45.84 6.78
CA LEU B 277 -0.82 -45.31 6.64
C LEU B 277 -1.43 -45.09 8.01
N ARG B 278 -1.25 -46.07 8.92
CA ARG B 278 -1.77 -46.00 10.30
C ARG B 278 -1.17 -44.78 11.04
N ALA B 279 0.11 -44.50 10.74
CA ALA B 279 0.88 -43.39 11.36
C ALA B 279 0.38 -42.03 10.88
N GLU B 280 0.43 -41.83 9.54
CA GLU B 280 0.07 -40.54 8.91
C GLU B 280 -1.40 -40.22 9.18
N VAL B 281 -2.28 -41.24 9.08
CA VAL B 281 -3.71 -41.09 9.36
C VAL B 281 -3.93 -40.74 10.84
N ARG B 282 -3.23 -41.42 11.78
CA ARG B 282 -3.35 -41.14 13.23
C ARG B 282 -3.08 -39.64 13.53
N LYS B 283 -1.86 -39.18 13.16
CA LYS B 283 -1.41 -37.82 13.51
C LYS B 283 -2.11 -36.74 12.67
N ASN B 284 -2.44 -37.01 11.40
CA ASN B 284 -3.19 -36.05 10.55
C ASN B 284 -4.63 -35.91 11.04
N MET B 285 -5.22 -37.03 11.53
CA MET B 285 -6.54 -37.03 12.18
C MET B 285 -6.49 -36.15 13.43
N GLU B 286 -5.44 -36.31 14.24
CA GLU B 286 -5.24 -35.54 15.49
C GLU B 286 -5.05 -34.03 15.18
N ARG B 287 -4.30 -33.72 14.10
CA ARG B 287 -4.07 -32.32 13.66
C ARG B 287 -5.40 -31.69 13.28
N GLU B 288 -6.17 -32.40 12.43
CA GLU B 288 -7.48 -31.93 11.94
C GLU B 288 -8.57 -32.08 13.03
N LEU B 289 -8.30 -32.88 14.08
CA LEU B 289 -9.19 -33.04 15.26
C LEU B 289 -9.15 -31.71 16.03
N LYS B 290 -7.92 -31.31 16.42
CA LYS B 290 -7.63 -30.06 17.14
C LYS B 290 -8.18 -28.85 16.36
N SER B 291 -7.83 -28.80 15.07
CA SER B 291 -8.21 -27.73 14.15
C SER B 291 -9.73 -27.64 13.98
N ALA B 292 -10.42 -28.80 13.80
CA ALA B 292 -11.88 -28.83 13.59
C ALA B 292 -12.64 -28.48 14.87
N ILE B 293 -12.13 -28.87 16.05
CA ILE B 293 -12.73 -28.51 17.36
C ILE B 293 -12.70 -26.99 17.53
N ARG B 294 -11.49 -26.41 17.40
CA ARG B 294 -11.28 -24.95 17.58
C ARG B 294 -12.06 -24.14 16.52
N ASN B 295 -12.06 -24.64 15.28
CA ASN B 295 -12.77 -24.00 14.14
C ASN B 295 -14.29 -24.00 14.38
N ARG B 296 -14.82 -25.17 14.80
CA ARG B 296 -16.26 -25.36 15.00
C ARG B 296 -16.79 -24.55 16.18
N VAL B 297 -16.07 -24.56 17.31
CA VAL B 297 -16.50 -23.80 18.50
C VAL B 297 -16.38 -22.29 18.26
N LYS B 298 -15.30 -21.86 17.55
CA LYS B 298 -15.08 -20.46 17.18
C LYS B 298 -16.26 -19.95 16.34
N SER B 299 -16.52 -20.64 15.21
CA SER B 299 -17.53 -20.26 14.23
C SER B 299 -18.96 -20.35 14.79
N GLN B 300 -19.24 -21.39 15.62
CA GLN B 300 -20.57 -21.60 16.23
C GLN B 300 -20.88 -20.48 17.24
N ALA B 301 -19.87 -20.13 18.07
CA ALA B 301 -19.95 -19.02 19.01
C ALA B 301 -20.23 -17.71 18.28
N ILE B 302 -19.44 -17.45 17.21
CA ILE B 302 -19.57 -16.24 16.38
C ILE B 302 -21.00 -16.12 15.81
N GLU B 303 -21.48 -17.20 15.13
CA GLU B 303 -22.83 -17.23 14.54
C GLU B 303 -23.91 -17.08 15.62
N GLY B 304 -23.57 -17.51 16.85
CA GLY B 304 -24.39 -17.22 18.01
C GLY B 304 -24.51 -15.72 18.27
N LEU B 305 -23.36 -15.02 18.44
CA LEU B 305 -23.31 -13.55 18.70
C LEU B 305 -24.05 -12.75 17.61
N VAL B 306 -23.86 -13.18 16.34
CA VAL B 306 -24.46 -12.54 15.18
C VAL B 306 -26.00 -12.76 15.19
N LYS B 307 -26.42 -14.03 15.12
CA LYS B 307 -27.82 -14.41 14.89
C LYS B 307 -28.72 -14.09 16.11
N ALA B 308 -28.12 -14.03 17.32
CA ALA B 308 -28.83 -13.69 18.57
C ALA B 308 -29.14 -12.18 18.65
N ASN B 309 -28.39 -11.36 17.87
CA ASN B 309 -28.57 -9.91 17.84
C ASN B 309 -27.88 -9.36 16.58
N ASP B 310 -28.61 -9.36 15.44
CA ASP B 310 -28.10 -8.85 14.15
C ASP B 310 -27.96 -7.32 14.25
N ILE B 311 -26.72 -6.84 14.13
CA ILE B 311 -26.35 -5.46 14.51
C ILE B 311 -26.37 -4.49 13.33
N ASP B 312 -26.24 -3.20 13.64
CA ASP B 312 -26.05 -2.14 12.63
C ASP B 312 -24.56 -2.04 12.30
N VAL B 313 -24.23 -2.12 11.01
CA VAL B 313 -22.84 -2.09 10.52
C VAL B 313 -22.64 -0.95 9.50
N PRO B 314 -21.52 -0.16 9.60
CA PRO B 314 -21.21 0.93 8.65
C PRO B 314 -20.81 0.40 7.26
N ALA B 315 -21.42 0.98 6.21
CA ALA B 315 -21.18 0.61 4.81
C ALA B 315 -19.72 0.80 4.40
N ALA B 316 -19.03 1.78 5.04
CA ALA B 316 -17.60 2.05 4.79
C ALA B 316 -16.72 0.79 5.05
N LEU B 317 -17.05 0.08 6.15
CA LEU B 317 -16.34 -1.17 6.54
C LEU B 317 -16.69 -2.33 5.57
N ILE B 318 -17.96 -2.32 5.11
CA ILE B 318 -18.48 -3.33 4.17
C ILE B 318 -17.81 -3.18 2.79
N ASP B 319 -17.63 -1.92 2.37
CA ASP B 319 -16.97 -1.55 1.10
C ASP B 319 -15.45 -1.79 1.20
N SER B 320 -14.89 -1.63 2.42
CA SER B 320 -13.50 -2.02 2.73
C SER B 320 -13.29 -3.51 2.40
N GLU B 321 -14.07 -4.38 3.07
CA GLU B 321 -14.00 -5.84 2.85
C GLU B 321 -14.46 -6.24 1.44
N ILE B 322 -15.40 -5.50 0.83
CA ILE B 322 -15.86 -5.77 -0.56
C ILE B 322 -14.71 -5.54 -1.54
N ASP B 323 -13.93 -4.46 -1.33
CA ASP B 323 -12.78 -4.10 -2.17
C ASP B 323 -11.66 -5.14 -2.04
N VAL B 324 -11.31 -5.49 -0.78
CA VAL B 324 -10.25 -6.46 -0.46
C VAL B 324 -10.59 -7.85 -1.04
N LEU B 325 -11.81 -8.35 -0.75
CA LEU B 325 -12.29 -9.66 -1.20
C LEU B 325 -12.43 -9.71 -2.74
N ARG B 326 -12.86 -8.58 -3.35
CA ARG B 326 -13.01 -8.47 -4.81
C ARG B 326 -11.65 -8.65 -5.49
N ARG B 327 -10.64 -7.92 -4.98
CA ARG B 327 -9.26 -7.99 -5.49
C ARG B 327 -8.66 -9.39 -5.22
N GLN B 328 -8.98 -9.97 -4.05
CA GLN B 328 -8.42 -11.26 -3.59
C GLN B 328 -8.90 -12.43 -4.48
N ALA B 329 -10.17 -12.34 -4.90
CA ALA B 329 -10.79 -13.32 -5.80
C ALA B 329 -10.25 -13.12 -7.22
N ALA B 330 -10.32 -11.85 -7.70
CA ALA B 330 -9.94 -11.46 -9.07
C ALA B 330 -8.48 -11.81 -9.39
N GLN B 331 -7.60 -11.64 -8.39
CA GLN B 331 -6.16 -11.96 -8.47
C GLN B 331 -5.96 -13.46 -8.78
N ARG B 332 -6.89 -14.28 -8.26
CA ARG B 332 -6.90 -15.73 -8.42
C ARG B 332 -7.59 -16.12 -9.75
N PHE B 333 -8.54 -15.26 -10.21
CA PHE B 333 -9.15 -15.38 -11.56
C PHE B 333 -8.23 -14.72 -12.63
N GLY B 334 -6.93 -15.08 -12.57
CA GLY B 334 -5.93 -14.60 -13.53
C GLY B 334 -5.40 -13.19 -13.26
N GLY B 335 -6.11 -12.40 -12.42
CA GLY B 335 -5.77 -10.99 -12.16
C GLY B 335 -6.57 -10.03 -13.06
N ASN B 336 -7.58 -10.56 -13.75
CA ASN B 336 -8.40 -9.80 -14.73
C ASN B 336 -9.22 -8.70 -14.01
N GLU B 337 -9.06 -7.45 -14.49
CA GLU B 337 -9.70 -6.25 -13.91
C GLU B 337 -11.22 -6.30 -14.07
N LYS B 338 -11.70 -6.63 -15.28
CA LYS B 338 -13.14 -6.58 -15.60
C LYS B 338 -13.90 -7.69 -14.90
N GLN B 339 -13.29 -8.92 -14.85
CA GLN B 339 -13.88 -10.08 -14.14
C GLN B 339 -14.14 -9.74 -12.66
N ALA B 340 -13.24 -8.93 -12.05
CA ALA B 340 -13.37 -8.44 -10.66
C ALA B 340 -14.74 -7.79 -10.44
N LEU B 341 -15.02 -6.76 -11.25
CA LEU B 341 -16.28 -6.00 -11.18
C LEU B 341 -17.48 -6.88 -11.59
N GLU B 342 -17.21 -7.95 -12.36
CA GLU B 342 -18.22 -8.93 -12.81
C GLU B 342 -18.39 -10.10 -11.81
N LEU B 343 -17.80 -10.01 -10.61
CA LEU B 343 -18.28 -10.81 -9.46
C LEU B 343 -19.23 -9.90 -8.64
N PRO B 344 -20.57 -10.23 -8.56
CA PRO B 344 -21.54 -9.42 -7.78
C PRO B 344 -21.13 -9.30 -6.30
N ARG B 345 -21.08 -8.05 -5.78
CA ARG B 345 -20.51 -7.74 -4.45
C ARG B 345 -21.22 -8.52 -3.32
N GLU B 346 -22.46 -8.98 -3.60
CA GLU B 346 -23.32 -9.70 -2.66
C GLU B 346 -22.70 -11.03 -2.20
N LEU B 347 -21.87 -11.67 -3.06
CA LEU B 347 -21.17 -12.93 -2.70
C LEU B 347 -19.96 -12.64 -1.78
N PHE B 348 -19.44 -11.38 -1.85
CA PHE B 348 -18.37 -10.91 -0.96
C PHE B 348 -18.99 -10.42 0.36
N GLU B 349 -20.20 -9.86 0.24
CA GLU B 349 -20.95 -9.18 1.31
C GLU B 349 -21.28 -10.14 2.46
N GLU B 350 -21.65 -11.39 2.11
CA GLU B 350 -22.04 -12.42 3.09
C GLU B 350 -20.93 -12.61 4.15
N GLN B 351 -19.67 -12.66 3.69
CA GLN B 351 -18.49 -12.82 4.56
C GLN B 351 -18.06 -11.46 5.12
N ALA B 352 -18.20 -10.41 4.29
CA ALA B 352 -17.77 -9.04 4.62
C ALA B 352 -18.54 -8.49 5.83
N LYS B 353 -19.89 -8.33 5.67
CA LYS B 353 -20.79 -7.90 6.75
C LYS B 353 -20.62 -8.79 7.99
N ARG B 354 -20.46 -10.12 7.78
CA ARG B 354 -20.20 -11.08 8.86
C ARG B 354 -18.91 -10.68 9.62
N ARG B 355 -17.86 -10.30 8.87
CA ARG B 355 -16.53 -10.01 9.44
C ARG B 355 -16.56 -8.70 10.23
N VAL B 356 -17.28 -7.69 9.70
CA VAL B 356 -17.39 -6.37 10.35
C VAL B 356 -18.28 -6.47 11.62
N VAL B 357 -19.26 -7.42 11.59
CA VAL B 357 -20.07 -7.78 12.78
C VAL B 357 -19.14 -8.35 13.87
N VAL B 358 -18.30 -9.35 13.49
CA VAL B 358 -17.29 -9.96 14.39
C VAL B 358 -16.36 -8.88 14.99
N GLY B 359 -15.93 -7.94 14.11
CA GLY B 359 -15.01 -6.88 14.48
C GLY B 359 -15.58 -5.96 15.56
N LEU B 360 -16.83 -5.50 15.33
CA LEU B 360 -17.55 -4.63 16.27
C LEU B 360 -17.82 -5.35 17.61
N LEU B 361 -18.37 -6.59 17.54
CA LEU B 361 -18.77 -7.36 18.73
C LEU B 361 -17.57 -7.71 19.62
N LEU B 362 -16.60 -8.47 19.06
CA LEU B 362 -15.39 -8.92 19.81
C LEU B 362 -14.54 -7.72 20.25
N GLY B 363 -14.59 -6.64 19.46
CA GLY B 363 -13.95 -5.38 19.80
C GLY B 363 -14.48 -4.81 21.11
N GLU B 364 -15.82 -4.67 21.19
CA GLU B 364 -16.48 -4.14 22.38
C GLU B 364 -16.42 -5.11 23.57
N VAL B 365 -16.17 -6.42 23.33
CA VAL B 365 -15.90 -7.38 24.42
C VAL B 365 -14.58 -6.99 25.10
N ILE B 366 -13.47 -7.05 24.34
CA ILE B 366 -12.11 -6.78 24.88
C ILE B 366 -11.96 -5.33 25.41
N ARG B 367 -12.78 -4.39 24.88
CA ARG B 367 -12.84 -3.00 25.39
C ARG B 367 -13.63 -2.90 26.73
N THR B 368 -14.94 -3.22 26.72
CA THR B 368 -15.83 -2.97 27.90
C THR B 368 -15.58 -3.96 29.05
N ASN B 369 -15.35 -5.24 28.69
CA ASN B 369 -14.98 -6.30 29.66
C ASN B 369 -13.56 -6.02 30.21
N GLU B 370 -12.74 -5.30 29.39
CA GLU B 370 -11.34 -4.97 29.68
C GLU B 370 -10.52 -6.27 29.75
N LEU B 371 -10.45 -6.96 28.59
CA LEU B 371 -9.69 -8.21 28.48
C LEU B 371 -8.22 -7.90 28.24
N LYS B 372 -7.37 -8.50 29.05
CA LYS B 372 -5.93 -8.29 29.04
C LYS B 372 -5.34 -9.42 28.20
N ALA B 373 -4.48 -9.10 27.21
CA ALA B 373 -3.73 -10.09 26.42
C ALA B 373 -2.78 -10.86 27.35
N ASP B 374 -3.35 -11.84 28.05
CA ASP B 374 -2.79 -12.45 29.24
C ASP B 374 -1.70 -13.46 28.89
N GLU B 375 -0.60 -13.40 29.68
CA GLU B 375 0.65 -14.15 29.45
C GLU B 375 0.35 -15.64 29.24
N GLU B 376 -0.54 -16.21 30.07
CA GLU B 376 -0.88 -17.64 30.02
C GLU B 376 -1.52 -18.03 28.66
N ARG B 377 -2.42 -17.18 28.12
CA ARG B 377 -3.21 -17.53 26.91
C ARG B 377 -2.41 -17.24 25.63
N VAL B 378 -1.63 -16.14 25.60
CA VAL B 378 -0.77 -15.82 24.47
C VAL B 378 0.39 -16.86 24.39
N LYS B 379 0.87 -17.31 25.57
CA LYS B 379 1.88 -18.38 25.69
C LYS B 379 1.31 -19.71 25.18
N GLY B 380 0.07 -20.02 25.60
CA GLY B 380 -0.63 -21.23 25.19
C GLY B 380 -0.89 -21.30 23.70
N LEU B 381 -1.24 -20.15 23.10
CA LEU B 381 -1.55 -20.03 21.66
C LEU B 381 -0.25 -20.21 20.83
N ILE B 382 0.81 -19.51 21.25
CA ILE B 382 2.13 -19.59 20.57
C ILE B 382 2.69 -21.02 20.69
N GLU B 383 2.53 -21.65 21.87
CA GLU B 383 2.98 -23.04 22.12
C GLU B 383 2.13 -24.04 21.32
N GLU B 384 0.83 -23.71 21.16
CA GLU B 384 -0.14 -24.52 20.38
C GLU B 384 0.34 -24.65 18.92
N MET B 385 0.66 -23.49 18.30
CA MET B 385 1.18 -23.46 16.91
C MET B 385 2.65 -23.93 16.83
N ALA B 386 3.42 -23.73 17.93
CA ALA B 386 4.86 -24.06 17.99
C ALA B 386 5.09 -25.57 18.16
N SER B 387 4.06 -26.27 18.67
CA SER B 387 4.02 -27.74 18.76
C SER B 387 4.10 -28.38 17.35
N ALA B 388 3.74 -27.59 16.33
CA ALA B 388 3.79 -28.00 14.91
C ALA B 388 5.14 -27.66 14.26
N TYR B 389 6.09 -27.08 15.03
CA TYR B 389 7.44 -26.69 14.52
C TYR B 389 8.53 -27.54 15.20
N GLU B 390 9.82 -27.26 14.83
CA GLU B 390 11.00 -28.05 15.28
C GLU B 390 11.10 -28.08 16.83
N ASP B 391 11.26 -26.89 17.42
CA ASP B 391 11.36 -26.72 18.88
C ASP B 391 10.41 -25.59 19.29
N PRO B 392 9.32 -25.88 20.08
CA PRO B 392 8.42 -24.84 20.62
C PRO B 392 9.18 -23.71 21.34
N LYS B 393 10.12 -24.12 22.23
CA LYS B 393 11.02 -23.22 23.01
C LYS B 393 11.54 -22.05 22.16
N GLU B 394 12.15 -22.43 21.03
CA GLU B 394 12.77 -21.51 20.07
C GLU B 394 11.76 -20.49 19.53
N VAL B 395 10.57 -20.98 19.18
CA VAL B 395 9.56 -20.20 18.45
C VAL B 395 9.00 -19.11 19.38
N ILE B 396 8.68 -19.57 20.61
CA ILE B 396 8.24 -18.73 21.72
C ILE B 396 9.28 -17.63 22.01
N GLU B 397 10.57 -18.03 22.07
CA GLU B 397 11.71 -17.14 22.38
C GLU B 397 11.78 -15.97 21.37
N PHE B 398 11.95 -16.32 20.08
CA PHE B 398 12.20 -15.35 19.00
C PHE B 398 10.99 -14.42 18.82
N TYR B 399 9.78 -15.01 18.82
CA TYR B 399 8.52 -14.27 18.60
C TYR B 399 8.28 -13.25 19.73
N SER B 400 8.54 -13.68 20.98
CA SER B 400 8.37 -12.83 22.18
C SER B 400 9.24 -11.55 22.12
N LYS B 401 10.43 -11.67 21.52
CA LYS B 401 11.37 -10.54 21.35
C LYS B 401 10.90 -9.56 20.26
N ASN B 402 10.12 -10.04 19.27
CA ASN B 402 9.82 -9.30 18.04
C ASN B 402 8.40 -8.69 18.12
N LYS B 403 8.33 -7.37 18.43
CA LYS B 403 7.08 -6.67 18.80
C LYS B 403 6.08 -6.60 17.63
N GLU B 404 6.59 -6.50 16.39
CA GLU B 404 5.78 -6.38 15.16
C GLU B 404 4.83 -7.59 15.01
N LEU B 405 5.33 -8.77 15.40
CA LEU B 405 4.61 -10.04 15.35
C LEU B 405 3.85 -10.26 16.67
N MET B 406 4.52 -9.95 17.78
CA MET B 406 4.05 -10.27 19.15
C MET B 406 2.72 -9.56 19.44
N ASP B 407 2.63 -8.30 18.98
CA ASP B 407 1.43 -7.46 19.14
C ASP B 407 0.20 -8.15 18.51
N ASN B 408 0.39 -8.66 17.29
CA ASN B 408 -0.66 -9.37 16.53
C ASN B 408 -1.01 -10.72 17.18
N MET B 409 -0.01 -11.37 17.82
CA MET B 409 -0.26 -12.60 18.60
C MET B 409 -1.06 -12.32 19.88
N ARG B 410 -0.91 -11.10 20.41
CA ARG B 410 -1.69 -10.61 21.57
C ARG B 410 -3.12 -10.24 21.14
N ASN B 411 -3.24 -9.73 19.89
CA ASN B 411 -4.54 -9.36 19.30
C ASN B 411 -5.39 -10.62 19.01
N VAL B 412 -4.76 -11.67 18.41
CA VAL B 412 -5.47 -12.95 18.13
C VAL B 412 -5.73 -13.74 19.43
N ALA B 413 -4.86 -13.51 20.45
CA ALA B 413 -5.09 -14.02 21.82
C ALA B 413 -6.35 -13.38 22.39
N LEU B 414 -6.49 -12.05 22.19
CA LEU B 414 -7.68 -11.29 22.60
C LEU B 414 -8.94 -11.73 21.84
N GLU B 415 -8.81 -12.08 20.55
CA GLU B 415 -9.94 -12.61 19.75
C GLU B 415 -10.43 -13.92 20.35
N GLU B 416 -9.46 -14.82 20.67
CA GLU B 416 -9.75 -16.11 21.31
C GLU B 416 -10.39 -15.89 22.70
N GLN B 417 -9.87 -14.89 23.46
CA GLN B 417 -10.35 -14.56 24.81
C GLN B 417 -11.70 -13.81 24.77
N ALA B 418 -11.99 -13.13 23.64
CA ALA B 418 -13.24 -12.37 23.44
C ALA B 418 -14.38 -13.33 23.18
N VAL B 419 -14.10 -14.31 22.32
CA VAL B 419 -14.99 -15.44 22.04
C VAL B 419 -15.17 -16.28 23.33
N GLU B 420 -14.06 -16.54 24.04
CA GLU B 420 -14.04 -17.38 25.25
C GLU B 420 -14.78 -16.70 26.43
N ALA B 421 -14.70 -15.36 26.49
CA ALA B 421 -15.37 -14.55 27.53
C ALA B 421 -16.87 -14.83 27.49
N VAL B 422 -17.49 -14.56 26.32
CA VAL B 422 -18.92 -14.80 26.10
C VAL B 422 -19.25 -16.32 26.03
N LEU B 423 -18.25 -17.15 25.67
CA LEU B 423 -18.40 -18.63 25.61
C LEU B 423 -18.69 -19.21 27.00
N ALA B 424 -18.05 -18.61 28.02
CA ALA B 424 -18.26 -18.94 29.43
C ALA B 424 -19.73 -18.72 29.86
N LYS B 425 -20.39 -17.69 29.30
CA LYS B 425 -21.81 -17.40 29.58
C LYS B 425 -22.72 -18.27 28.67
N ALA B 426 -22.20 -18.63 27.49
CA ALA B 426 -22.95 -19.34 26.45
C ALA B 426 -23.29 -20.78 26.86
N LYS B 427 -24.46 -21.27 26.40
CA LYS B 427 -24.95 -22.63 26.70
C LYS B 427 -24.16 -23.65 25.86
N VAL B 428 -23.29 -24.41 26.53
CA VAL B 428 -22.44 -25.41 25.86
C VAL B 428 -23.19 -26.76 25.75
N THR B 429 -23.34 -27.24 24.50
CA THR B 429 -23.84 -28.58 24.19
C THR B 429 -22.63 -29.51 23.96
N GLU B 430 -22.14 -30.09 25.06
CA GLU B 430 -21.07 -31.11 25.03
C GLU B 430 -21.70 -32.43 24.54
N LYS B 431 -21.42 -32.80 23.29
CA LYS B 431 -22.02 -33.98 22.64
C LYS B 431 -20.95 -35.03 22.33
N GLU B 432 -21.03 -36.16 23.07
CA GLU B 432 -20.13 -37.31 22.90
C GLU B 432 -20.34 -37.94 21.51
N THR B 433 -19.43 -37.64 20.59
CA THR B 433 -19.47 -38.11 19.19
C THR B 433 -18.08 -38.69 18.82
N THR B 434 -17.94 -39.16 17.57
CA THR B 434 -16.68 -39.75 17.06
C THR B 434 -16.04 -38.83 15.99
N PHE B 435 -14.81 -39.17 15.53
CA PHE B 435 -14.09 -38.39 14.48
C PHE B 435 -14.94 -38.29 13.21
N ASN B 436 -15.62 -39.41 12.87
CA ASN B 436 -16.52 -39.51 11.70
C ASN B 436 -17.65 -38.47 11.79
N GLU B 437 -18.20 -38.31 13.00
CA GLU B 437 -19.31 -37.38 13.28
C GLU B 437 -18.82 -35.92 13.40
N LEU B 438 -17.53 -35.73 13.72
CA LEU B 438 -16.89 -34.39 13.73
C LEU B 438 -16.77 -33.87 12.28
N MET B 439 -16.40 -34.79 11.37
CA MET B 439 -16.26 -34.51 9.94
C MET B 439 -17.64 -34.51 9.22
N ASN B 440 -18.70 -34.62 10.02
CA ASN B 440 -20.07 -34.30 9.62
C ASN B 440 -20.51 -33.08 10.48
N GLN B 441 -20.05 -31.86 10.06
CA GLN B 441 -20.26 -30.60 10.84
C GLN B 441 -21.75 -30.27 11.04
N GLN B 442 -22.09 -29.60 12.16
CA GLN B 442 -23.43 -29.03 12.38
C GLN B 442 -23.66 -27.89 11.37
N ALA B 443 -22.65 -27.03 11.25
CA ALA B 443 -22.59 -25.93 10.28
C ALA B 443 -21.12 -25.46 10.16
N MET A 12 18.09 -25.77 7.18
CA MET A 12 17.49 -25.01 6.04
C MET A 12 18.49 -24.89 4.88
N GLN A 13 18.00 -24.45 3.72
CA GLN A 13 18.82 -24.17 2.52
C GLN A 13 19.21 -22.67 2.52
N VAL A 14 19.81 -22.22 3.65
CA VAL A 14 20.16 -20.80 3.87
C VAL A 14 21.68 -20.67 4.16
N SER A 15 22.28 -19.54 3.78
CA SER A 15 23.71 -19.26 3.98
C SER A 15 23.95 -17.76 4.22
N VAL A 16 24.28 -17.39 5.47
CA VAL A 16 24.65 -16.02 5.84
C VAL A 16 26.12 -15.73 5.45
N GLU A 17 26.31 -15.28 4.21
CA GLU A 17 27.60 -14.81 3.68
C GLU A 17 27.85 -13.37 4.15
N THR A 18 29.10 -12.90 4.10
CA THR A 18 29.44 -11.51 4.40
C THR A 18 29.43 -10.69 3.09
N THR A 19 28.64 -9.61 3.06
CA THR A 19 28.62 -8.66 1.93
C THR A 19 29.80 -7.68 2.08
N GLN A 20 29.82 -6.93 3.20
CA GLN A 20 30.83 -5.90 3.46
C GLN A 20 30.74 -5.48 4.94
N GLY A 21 31.56 -6.14 5.79
CA GLY A 21 31.66 -5.82 7.22
C GLY A 21 30.35 -6.05 7.98
N LEU A 22 29.54 -4.98 8.10
CA LEU A 22 28.20 -5.03 8.72
C LEU A 22 27.24 -5.79 7.80
N GLY A 23 27.40 -5.57 6.47
CA GLY A 23 26.57 -6.19 5.45
C GLY A 23 26.76 -7.70 5.39
N ARG A 24 25.65 -8.44 5.26
CA ARG A 24 25.62 -9.91 5.30
C ARG A 24 24.52 -10.44 4.35
N ARG A 25 24.96 -11.20 3.35
CA ARG A 25 24.14 -11.74 2.27
C ARG A 25 23.59 -13.13 2.66
N VAL A 26 22.37 -13.16 3.23
CA VAL A 26 21.70 -14.42 3.63
C VAL A 26 21.00 -15.04 2.39
N THR A 27 21.77 -15.86 1.64
CA THR A 27 21.29 -16.56 0.44
C THR A 27 20.36 -17.73 0.84
N ILE A 28 19.08 -17.64 0.45
CA ILE A 28 18.02 -18.62 0.79
C ILE A 28 17.43 -19.21 -0.51
N THR A 29 17.55 -20.54 -0.70
CA THR A 29 16.94 -21.25 -1.83
C THR A 29 15.70 -22.02 -1.34
N ILE A 30 14.54 -21.62 -1.86
CA ILE A 30 13.25 -22.30 -1.62
C ILE A 30 13.13 -23.46 -2.62
N ALA A 31 12.85 -24.67 -2.12
CA ALA A 31 12.56 -25.84 -2.97
C ALA A 31 11.23 -25.63 -3.72
N ALA A 32 11.14 -26.19 -4.95
CA ALA A 32 9.92 -26.08 -5.81
C ALA A 32 8.71 -26.75 -5.14
N ASP A 33 8.97 -27.72 -4.26
CA ASP A 33 7.95 -28.37 -3.40
C ASP A 33 7.27 -27.33 -2.49
N SER A 34 8.10 -26.54 -1.78
CA SER A 34 7.64 -25.52 -0.83
C SER A 34 6.87 -24.40 -1.54
N ILE A 35 7.33 -24.04 -2.76
CA ILE A 35 6.65 -23.05 -3.60
C ILE A 35 5.27 -23.57 -4.01
N GLU A 36 5.25 -24.79 -4.60
CA GLU A 36 4.03 -25.46 -5.12
C GLU A 36 2.93 -25.55 -4.06
N THR A 37 3.30 -26.07 -2.88
CA THR A 37 2.39 -26.23 -1.73
C THR A 37 1.84 -24.86 -1.26
N ALA A 38 2.73 -23.84 -1.26
CA ALA A 38 2.37 -22.47 -0.87
C ALA A 38 1.45 -21.81 -1.92
N VAL A 39 1.61 -22.18 -3.20
CA VAL A 39 0.76 -21.67 -4.29
C VAL A 39 -0.67 -22.18 -4.11
N LYS A 40 -0.78 -23.50 -3.93
CA LYS A 40 -2.06 -24.19 -3.68
C LYS A 40 -2.72 -23.67 -2.38
N SER A 41 -1.87 -23.35 -1.39
CA SER A 41 -2.29 -22.74 -0.13
C SER A 41 -2.99 -21.41 -0.39
N GLU A 42 -2.29 -20.45 -1.02
CA GLU A 42 -2.82 -19.08 -1.24
C GLU A 42 -4.07 -19.08 -2.14
N LEU A 43 -4.07 -19.98 -3.13
CA LEU A 43 -5.21 -20.20 -4.02
C LEU A 43 -6.46 -20.63 -3.22
N VAL A 44 -6.35 -21.76 -2.47
CA VAL A 44 -7.49 -22.32 -1.72
C VAL A 44 -7.92 -21.37 -0.57
N ASN A 45 -6.92 -20.63 -0.02
CA ASN A 45 -7.14 -19.62 1.04
C ASN A 45 -8.09 -18.55 0.51
N VAL A 46 -7.67 -17.81 -0.53
CA VAL A 46 -8.47 -16.69 -1.08
C VAL A 46 -9.80 -17.21 -1.66
N ALA A 47 -9.79 -18.47 -2.15
CA ALA A 47 -10.98 -19.15 -2.69
C ALA A 47 -11.99 -19.55 -1.59
N LYS A 48 -11.52 -19.75 -0.33
CA LYS A 48 -12.43 -20.04 0.80
C LYS A 48 -12.67 -18.79 1.67
N LYS A 49 -11.82 -17.77 1.49
CA LYS A 49 -11.87 -16.53 2.28
C LYS A 49 -12.92 -15.60 1.67
N VAL A 50 -12.68 -15.23 0.39
CA VAL A 50 -13.62 -14.42 -0.40
C VAL A 50 -14.81 -15.29 -0.87
N ARG A 51 -14.56 -16.63 -0.87
CA ARG A 51 -15.46 -17.66 -1.38
C ARG A 51 -15.69 -17.46 -2.89
N ILE A 52 -14.67 -17.86 -3.67
CA ILE A 52 -14.74 -17.98 -5.13
C ILE A 52 -14.06 -19.32 -5.48
N ASP A 53 -14.81 -20.41 -5.28
CA ASP A 53 -14.32 -21.80 -5.44
C ASP A 53 -14.39 -22.20 -6.92
N GLY A 54 -13.62 -21.49 -7.75
CA GLY A 54 -13.73 -21.54 -9.21
C GLY A 54 -15.04 -20.94 -9.70
N PHE A 55 -16.12 -21.72 -9.55
CA PHE A 55 -17.50 -21.30 -9.91
C PHE A 55 -18.44 -21.45 -8.70
N ARG A 56 -17.84 -21.63 -7.48
CA ARG A 56 -18.54 -22.03 -6.23
C ARG A 56 -19.23 -23.41 -6.38
N LYS A 57 -18.65 -24.25 -7.27
CA LYS A 57 -19.22 -25.56 -7.66
C LYS A 57 -18.38 -26.73 -7.12
N GLY A 58 -17.07 -26.49 -6.93
CA GLY A 58 -16.14 -27.55 -6.53
C GLY A 58 -15.60 -28.31 -7.73
N LYS A 59 -14.87 -27.59 -8.59
CA LYS A 59 -14.20 -28.14 -9.80
C LYS A 59 -12.82 -27.50 -9.98
N VAL A 60 -11.95 -28.23 -10.73
CA VAL A 60 -10.61 -27.77 -11.14
C VAL A 60 -9.69 -27.56 -9.91
N PRO A 61 -8.93 -28.64 -9.49
CA PRO A 61 -7.98 -28.57 -8.33
C PRO A 61 -6.94 -27.43 -8.45
N MET A 62 -6.69 -26.73 -7.34
CA MET A 62 -5.77 -25.56 -7.29
C MET A 62 -4.33 -25.94 -7.67
N ASN A 63 -3.99 -27.24 -7.54
CA ASN A 63 -2.70 -27.79 -7.99
C ASN A 63 -2.47 -27.53 -9.49
N ILE A 64 -3.49 -27.84 -10.32
CA ILE A 64 -3.38 -27.69 -11.77
C ILE A 64 -3.70 -26.24 -12.20
N VAL A 65 -4.51 -25.51 -11.39
CA VAL A 65 -4.76 -24.06 -11.61
C VAL A 65 -3.43 -23.31 -11.59
N ALA A 66 -2.61 -23.64 -10.58
CA ALA A 66 -1.25 -23.12 -10.41
C ALA A 66 -0.41 -23.32 -11.68
N GLN A 67 -0.22 -24.61 -12.02
CA GLN A 67 0.70 -25.04 -13.09
C GLN A 67 0.27 -24.53 -14.48
N ARG A 68 -1.07 -24.44 -14.69
CA ARG A 68 -1.63 -24.01 -15.99
C ARG A 68 -1.55 -22.49 -16.18
N TYR A 69 -2.22 -21.71 -15.30
CA TYR A 69 -2.37 -20.25 -15.49
C TYR A 69 -2.24 -19.47 -14.17
N GLY A 70 -1.78 -20.13 -13.10
CA GLY A 70 -1.63 -19.49 -11.79
C GLY A 70 -0.27 -18.82 -11.61
N ALA A 71 0.18 -18.07 -12.62
CA ALA A 71 1.46 -17.32 -12.58
C ALA A 71 1.30 -16.04 -11.72
N SER A 72 0.06 -15.51 -11.70
CA SER A 72 -0.32 -14.29 -10.98
C SER A 72 -0.13 -14.45 -9.44
N VAL A 73 -0.64 -15.57 -8.91
CA VAL A 73 -0.60 -15.88 -7.47
C VAL A 73 0.84 -16.06 -6.95
N ARG A 74 1.80 -16.41 -7.86
CA ARG A 74 3.22 -16.59 -7.48
C ARG A 74 3.85 -15.30 -6.91
N GLN A 75 3.25 -14.13 -7.21
CA GLN A 75 3.68 -12.85 -6.62
C GLN A 75 3.42 -12.87 -5.10
N ASP A 76 2.19 -13.26 -4.77
CA ASP A 76 1.68 -13.35 -3.38
C ASP A 76 2.47 -14.42 -2.60
N VAL A 77 2.68 -15.56 -3.29
CA VAL A 77 3.39 -16.73 -2.77
C VAL A 77 4.84 -16.35 -2.41
N LEU A 78 5.64 -15.94 -3.42
CA LEU A 78 7.06 -15.56 -3.23
C LEU A 78 7.17 -14.42 -2.18
N GLY A 79 6.19 -13.50 -2.20
CA GLY A 79 6.09 -12.43 -1.20
C GLY A 79 5.91 -12.96 0.23
N ASP A 80 5.13 -14.05 0.35
CA ASP A 80 4.87 -14.70 1.66
C ASP A 80 6.07 -15.56 2.09
N LEU A 81 6.72 -16.21 1.10
CA LEU A 81 7.84 -17.13 1.33
C LEU A 81 9.10 -16.37 1.75
N MET A 82 9.32 -15.18 1.16
CA MET A 82 10.49 -14.34 1.48
C MET A 82 10.43 -13.85 2.94
N SER A 83 9.21 -13.59 3.44
CA SER A 83 8.98 -13.17 4.83
C SER A 83 8.99 -14.36 5.80
N ARG A 84 8.36 -15.49 5.38
CA ARG A 84 8.14 -16.69 6.24
C ARG A 84 9.47 -17.43 6.50
N ASN A 85 10.26 -17.62 5.43
CA ASN A 85 11.57 -18.31 5.52
C ASN A 85 12.60 -17.41 6.21
N PHE A 86 12.48 -16.08 6.01
CA PHE A 86 13.37 -15.09 6.66
C PHE A 86 13.17 -15.13 8.19
N ILE A 87 11.91 -14.92 8.64
CA ILE A 87 11.58 -14.78 10.07
C ILE A 87 11.96 -16.04 10.88
N ASP A 88 12.00 -17.19 10.20
CA ASP A 88 12.38 -18.47 10.80
C ASP A 88 13.91 -18.67 10.79
N ALA A 89 14.55 -18.40 9.63
CA ALA A 89 16.02 -18.54 9.47
C ALA A 89 16.79 -17.69 10.50
N ILE A 90 16.25 -16.50 10.77
CA ILE A 90 16.88 -15.52 11.66
C ILE A 90 16.71 -15.89 13.15
N ILE A 91 15.82 -16.87 13.44
CA ILE A 91 15.59 -17.37 14.81
C ILE A 91 16.82 -18.15 15.29
N LYS A 92 17.35 -19.03 14.43
CA LYS A 92 18.51 -19.86 14.76
C LYS A 92 19.78 -19.00 14.63
N GLU A 93 19.85 -18.18 13.57
CA GLU A 93 21.05 -17.40 13.20
C GLU A 93 21.18 -16.07 13.99
N LYS A 94 20.18 -15.77 14.85
CA LYS A 94 20.20 -14.61 15.79
C LYS A 94 20.37 -13.27 15.06
N ILE A 95 19.78 -13.20 13.86
CA ILE A 95 19.92 -12.04 12.96
C ILE A 95 19.10 -10.86 13.48
N ASN A 96 19.81 -9.78 13.88
CA ASN A 96 19.22 -8.48 14.20
C ASN A 96 19.58 -7.50 13.04
N PRO A 97 18.68 -7.34 12.02
CA PRO A 97 18.92 -6.42 10.89
C PRO A 97 18.59 -4.96 11.23
N ALA A 98 19.31 -4.03 10.59
CA ALA A 98 19.04 -2.60 10.71
C ALA A 98 17.82 -2.20 9.85
N GLY A 99 16.63 -2.24 10.48
CA GLY A 99 15.37 -1.82 9.84
C GLY A 99 14.89 -2.81 8.78
N ALA A 100 14.72 -2.32 7.53
CA ALA A 100 14.21 -3.12 6.40
C ALA A 100 15.39 -3.59 5.52
N PRO A 101 15.76 -4.93 5.55
CA PRO A 101 16.93 -5.47 4.82
C PRO A 101 16.80 -5.33 3.28
N THR A 102 17.94 -5.29 2.58
CA THR A 102 17.97 -5.25 1.11
C THR A 102 17.79 -6.67 0.56
N TYR A 103 16.53 -7.04 0.26
CA TYR A 103 16.19 -8.33 -0.36
C TYR A 103 16.63 -8.32 -1.83
N VAL A 104 17.44 -9.32 -2.24
CA VAL A 104 17.92 -9.45 -3.63
C VAL A 104 17.42 -10.79 -4.23
N PRO A 105 16.13 -10.83 -4.74
CA PRO A 105 15.62 -11.98 -5.46
C PRO A 105 16.05 -11.96 -6.94
N GLY A 106 16.04 -13.13 -7.58
CA GLY A 106 16.31 -13.24 -9.02
C GLY A 106 15.05 -12.99 -9.84
N GLU A 107 14.90 -13.74 -10.93
CA GLU A 107 13.63 -13.82 -11.69
C GLU A 107 12.78 -14.97 -11.11
N TYR A 108 11.45 -14.90 -11.29
CA TYR A 108 10.56 -16.03 -11.00
C TYR A 108 10.97 -17.21 -11.91
N LYS A 109 11.69 -18.15 -11.30
CA LYS A 109 12.11 -19.40 -11.93
C LYS A 109 10.87 -20.31 -12.06
N LEU A 110 10.39 -20.45 -13.32
CA LEU A 110 9.07 -21.03 -13.69
C LEU A 110 8.89 -22.44 -13.10
N GLY A 111 8.05 -22.56 -12.05
CA GLY A 111 7.70 -23.85 -11.43
C GLY A 111 8.91 -24.60 -10.84
N GLU A 112 9.99 -23.83 -10.62
CA GLU A 112 11.31 -24.33 -10.25
C GLU A 112 11.71 -23.66 -8.92
N ASP A 113 12.82 -24.13 -8.30
CA ASP A 113 13.36 -23.55 -7.05
C ASP A 113 13.60 -22.03 -7.19
N PHE A 114 13.52 -21.28 -6.09
CA PHE A 114 13.66 -19.81 -6.11
C PHE A 114 14.69 -19.36 -5.07
N THR A 115 15.81 -18.81 -5.54
CA THR A 115 16.87 -18.29 -4.67
C THR A 115 16.75 -16.75 -4.52
N TYR A 116 16.93 -16.25 -3.29
CA TYR A 116 16.96 -14.81 -2.98
C TYR A 116 17.93 -14.56 -1.82
N SER A 117 18.80 -13.57 -1.98
CA SER A 117 19.82 -13.21 -0.99
C SER A 117 19.39 -11.96 -0.19
N VAL A 118 19.00 -12.16 1.07
CA VAL A 118 18.62 -11.07 1.97
C VAL A 118 19.89 -10.40 2.56
N GLU A 119 20.34 -9.33 1.91
CA GLU A 119 21.51 -8.55 2.36
C GLU A 119 21.07 -7.53 3.42
N PHE A 120 21.45 -7.77 4.68
CA PHE A 120 21.20 -6.85 5.79
C PHE A 120 22.53 -6.42 6.39
N GLU A 121 22.61 -5.18 6.86
CA GLU A 121 23.68 -4.75 7.75
C GLU A 121 23.18 -4.98 9.19
N VAL A 122 24.04 -5.62 10.02
CA VAL A 122 23.74 -5.85 11.45
C VAL A 122 23.48 -4.50 12.14
N TYR A 123 22.40 -4.46 12.95
CA TYR A 123 21.91 -3.23 13.59
C TYR A 123 22.95 -2.70 14.62
N PRO A 124 23.70 -1.59 14.27
CA PRO A 124 24.76 -1.05 15.14
C PRO A 124 24.22 0.08 16.04
N GLU A 125 25.12 0.80 16.71
CA GLU A 125 24.77 1.98 17.50
C GLU A 125 25.70 3.14 17.15
N VAL A 126 25.12 4.34 17.03
CA VAL A 126 25.83 5.57 16.68
C VAL A 126 26.20 6.36 17.96
N GLU A 127 27.40 6.95 17.96
CA GLU A 127 27.86 7.84 19.04
C GLU A 127 27.55 9.30 18.65
N LEU A 128 27.13 10.10 19.64
CA LEU A 128 26.96 11.55 19.47
C LEU A 128 28.34 12.20 19.58
N GLN A 129 29.00 12.34 18.43
CA GLN A 129 30.38 12.83 18.33
C GLN A 129 30.38 14.19 17.65
N GLY A 130 31.29 15.09 18.10
CA GLY A 130 31.43 16.43 17.55
C GLY A 130 30.35 17.40 18.04
N LEU A 131 29.80 17.13 19.24
CA LEU A 131 28.65 17.88 19.81
C LEU A 131 28.97 19.39 19.88
N GLU A 132 30.15 19.73 20.41
CA GLU A 132 30.62 21.13 20.51
C GLU A 132 31.29 21.59 19.20
N ALA A 133 31.52 20.64 18.26
CA ALA A 133 32.13 20.92 16.95
C ALA A 133 31.06 21.16 15.87
N ILE A 134 29.76 21.00 16.24
CA ILE A 134 28.63 21.45 15.42
C ILE A 134 28.56 22.99 15.42
N GLU A 135 29.07 23.62 14.35
CA GLU A 135 28.87 25.07 14.12
C GLU A 135 27.42 25.30 13.66
N VAL A 136 26.63 25.95 14.52
CA VAL A 136 25.26 26.37 14.20
C VAL A 136 25.24 27.90 14.10
N GLU A 137 24.32 28.44 13.29
CA GLU A 137 24.17 29.89 13.07
C GLU A 137 22.70 30.26 13.24
N LYS A 138 22.43 31.19 14.18
CA LYS A 138 21.09 31.78 14.38
C LYS A 138 21.09 33.22 13.84
N PRO A 139 20.59 33.43 12.58
CA PRO A 139 20.53 34.79 11.96
C PRO A 139 19.53 35.71 12.71
N ILE A 140 20.07 36.56 13.59
CA ILE A 140 19.28 37.54 14.35
C ILE A 140 18.93 38.72 13.42
N VAL A 141 17.90 38.49 12.61
CA VAL A 141 17.44 39.44 11.59
C VAL A 141 16.39 40.41 12.16
N GLU A 142 16.26 41.56 11.52
CA GLU A 142 15.38 42.66 11.93
C GLU A 142 14.83 43.32 10.68
N VAL A 143 13.58 42.98 10.30
CA VAL A 143 12.89 43.59 9.16
C VAL A 143 12.47 45.02 9.51
N THR A 144 13.19 45.99 8.97
CA THR A 144 12.94 47.43 9.15
C THR A 144 12.55 48.04 7.79
N ASP A 145 12.29 49.35 7.74
CA ASP A 145 11.88 50.08 6.52
C ASP A 145 12.94 49.99 5.41
N ALA A 146 14.22 49.94 5.81
CA ALA A 146 15.36 49.78 4.89
C ALA A 146 15.32 48.39 4.20
N ASP A 147 14.99 47.36 5.00
CA ASP A 147 14.87 45.97 4.54
C ASP A 147 13.69 45.83 3.57
N VAL A 148 12.55 46.43 3.95
CA VAL A 148 11.30 46.40 3.15
C VAL A 148 11.51 47.07 1.77
N ASP A 149 12.02 48.33 1.81
CA ASP A 149 12.22 49.18 0.60
C ASP A 149 13.31 48.58 -0.32
N GLY A 150 14.41 48.13 0.30
CA GLY A 150 15.51 47.49 -0.42
C GLY A 150 15.08 46.21 -1.14
N MET A 151 14.40 45.33 -0.37
CA MET A 151 13.81 44.08 -0.90
C MET A 151 12.77 44.39 -2.00
N LEU A 152 12.04 45.50 -1.80
CA LEU A 152 11.00 45.95 -2.73
C LEU A 152 11.60 46.16 -4.11
N ASP A 153 12.62 47.03 -4.19
CA ASP A 153 13.31 47.34 -5.46
C ASP A 153 14.06 46.10 -6.01
N THR A 154 14.52 45.20 -5.11
CA THR A 154 15.13 43.91 -5.49
C THR A 154 14.17 43.07 -6.37
N LEU A 155 12.99 42.68 -5.82
CA LEU A 155 12.02 41.87 -6.60
C LEU A 155 11.22 42.73 -7.61
N ARG A 156 11.26 44.07 -7.48
CA ARG A 156 10.63 44.97 -8.50
C ARG A 156 11.48 44.95 -9.78
N LYS A 157 12.79 44.86 -9.59
CA LYS A 157 13.77 44.77 -10.68
C LYS A 157 13.83 43.33 -11.26
N GLN A 158 13.77 42.32 -10.37
CA GLN A 158 13.89 40.89 -10.75
C GLN A 158 12.59 40.32 -11.33
N GLN A 159 11.44 40.77 -10.80
CA GLN A 159 10.10 40.37 -11.31
C GLN A 159 9.50 41.53 -12.13
N ALA A 160 10.40 42.30 -12.78
CA ALA A 160 10.02 43.42 -13.66
C ALA A 160 9.22 42.93 -14.88
N THR A 161 8.55 43.87 -15.55
CA THR A 161 7.62 43.59 -16.64
C THR A 161 8.37 43.34 -17.98
N TRP A 162 7.60 43.18 -19.06
CA TRP A 162 8.13 42.87 -20.41
C TRP A 162 7.47 43.81 -21.44
N LYS A 163 8.01 43.84 -22.66
CA LYS A 163 7.48 44.67 -23.76
C LYS A 163 7.65 43.95 -25.09
N GLU A 164 6.91 44.40 -26.10
CA GLU A 164 6.94 43.81 -27.46
C GLU A 164 8.26 44.19 -28.16
N LYS A 165 9.22 43.26 -28.24
CA LYS A 165 10.56 43.54 -28.79
C LYS A 165 10.54 43.58 -30.33
N ASP A 166 11.38 44.44 -30.91
CA ASP A 166 11.66 44.47 -32.35
C ASP A 166 13.15 44.17 -32.58
N GLY A 167 13.44 42.92 -32.95
CA GLY A 167 14.80 42.46 -33.18
C GLY A 167 14.87 40.93 -33.27
N ALA A 168 15.98 40.35 -32.80
CA ALA A 168 16.14 38.90 -32.66
C ALA A 168 15.95 38.51 -31.18
N VAL A 169 16.17 37.22 -30.88
CA VAL A 169 16.13 36.71 -29.50
C VAL A 169 17.49 36.96 -28.83
N GLU A 170 17.58 37.95 -27.92
CA GLU A 170 18.80 38.17 -27.12
C GLU A 170 18.77 37.24 -25.91
N ALA A 171 19.96 36.87 -25.42
CA ALA A 171 20.10 36.06 -24.19
C ALA A 171 19.67 36.86 -22.94
N GLU A 172 19.75 38.20 -23.06
CA GLU A 172 19.39 39.14 -21.97
C GLU A 172 17.91 39.56 -22.02
N ASP A 173 17.06 38.84 -22.79
CA ASP A 173 15.60 39.13 -22.87
C ASP A 173 14.77 37.85 -22.71
N ARG A 174 13.43 38.04 -22.66
CA ARG A 174 12.44 36.95 -22.63
C ARG A 174 12.09 36.51 -24.06
N VAL A 175 11.77 35.23 -24.20
CA VAL A 175 11.24 34.66 -25.44
C VAL A 175 10.25 33.54 -25.10
N THR A 176 8.99 33.73 -25.50
CA THR A 176 7.97 32.69 -25.43
C THR A 176 8.07 31.84 -26.72
N ILE A 177 8.20 30.51 -26.55
CA ILE A 177 8.26 29.56 -27.67
C ILE A 177 7.27 28.42 -27.43
N ASP A 178 7.16 27.55 -28.42
CA ASP A 178 6.56 26.21 -28.27
C ASP A 178 7.42 25.23 -29.05
N PHE A 179 7.49 23.98 -28.59
CA PHE A 179 8.36 22.97 -29.20
C PHE A 179 8.00 21.56 -28.74
N THR A 180 8.51 20.58 -29.48
CA THR A 180 8.56 19.18 -29.06
C THR A 180 9.94 18.62 -29.45
N GLY A 181 10.35 17.52 -28.82
CA GLY A 181 11.69 16.97 -28.99
C GLY A 181 11.74 15.47 -28.92
N SER A 182 12.94 14.91 -29.16
CA SER A 182 13.17 13.46 -29.16
C SER A 182 14.64 13.18 -28.87
N VAL A 183 14.90 12.36 -27.83
CA VAL A 183 16.24 11.97 -27.40
C VAL A 183 16.73 10.81 -28.27
N ASP A 184 17.76 11.07 -29.10
CA ASP A 184 18.41 10.04 -29.95
C ASP A 184 17.40 9.49 -31.03
N GLY A 185 16.30 10.25 -31.26
CA GLY A 185 15.24 9.86 -32.19
C GLY A 185 13.94 9.48 -31.48
N GLU A 186 14.05 9.08 -30.21
CA GLU A 186 12.91 8.59 -29.39
C GLU A 186 12.28 9.75 -28.61
N GLU A 187 10.99 10.04 -28.88
CA GLU A 187 10.23 11.08 -28.16
C GLU A 187 10.08 10.66 -26.68
N PHE A 188 10.33 11.57 -25.75
CA PHE A 188 10.46 11.26 -24.31
C PHE A 188 9.32 11.90 -23.51
N GLU A 189 9.13 11.39 -22.28
CA GLU A 189 8.07 11.84 -21.37
C GLU A 189 8.31 13.29 -20.92
N GLY A 190 7.40 14.20 -21.30
CA GLY A 190 7.55 15.63 -21.03
C GLY A 190 8.48 16.33 -22.01
N GLY A 191 8.62 15.72 -23.21
CA GLY A 191 9.48 16.25 -24.28
C GLY A 191 8.78 17.24 -25.18
N LYS A 192 7.98 18.14 -24.57
CA LYS A 192 7.25 19.20 -25.27
C LYS A 192 6.67 20.19 -24.25
N ALA A 193 6.44 21.42 -24.71
CA ALA A 193 5.96 22.52 -23.85
C ALA A 193 5.31 23.61 -24.73
N SER A 194 3.97 23.58 -24.78
CA SER A 194 3.16 24.56 -25.52
C SER A 194 3.14 25.91 -24.77
N ASP A 195 3.48 27.00 -25.50
CA ASP A 195 3.53 28.38 -24.95
C ASP A 195 4.54 28.49 -23.78
N PHE A 196 5.63 27.70 -23.88
CA PHE A 196 6.79 27.75 -22.96
C PHE A 196 7.40 29.17 -22.99
N VAL A 197 7.98 29.61 -21.88
CA VAL A 197 8.61 30.94 -21.82
C VAL A 197 9.96 30.86 -21.11
N LEU A 198 11.01 31.23 -21.85
CA LEU A 198 12.35 31.43 -21.31
C LEU A 198 12.49 32.90 -20.87
N ALA A 199 12.85 33.11 -19.61
CA ALA A 199 13.10 34.45 -19.05
C ALA A 199 14.54 34.54 -18.54
N MET A 200 15.17 35.70 -18.79
CA MET A 200 16.50 36.03 -18.24
C MET A 200 16.45 36.34 -16.74
N GLY A 201 17.64 36.54 -16.13
CA GLY A 201 17.77 36.91 -14.70
C GLY A 201 17.99 35.70 -13.80
N GLN A 202 17.73 34.53 -14.37
CA GLN A 202 17.87 33.23 -13.70
C GLN A 202 19.30 32.67 -13.96
N GLY A 203 19.51 31.37 -13.63
CA GLY A 203 20.75 30.65 -14.00
C GLY A 203 20.95 30.48 -15.52
N ARG A 204 21.62 29.39 -15.95
CA ARG A 204 21.99 29.18 -17.36
C ARG A 204 21.68 27.71 -17.74
N MET A 205 20.97 27.54 -18.87
CA MET A 205 20.34 26.26 -19.28
C MET A 205 21.37 25.32 -19.95
N ILE A 206 20.92 24.09 -20.29
CA ILE A 206 21.74 23.06 -20.96
C ILE A 206 22.31 23.54 -22.32
N PRO A 207 23.51 23.03 -22.76
CA PRO A 207 24.15 23.41 -24.04
C PRO A 207 23.32 22.97 -25.25
N GLY A 208 23.44 23.75 -26.35
CA GLY A 208 22.69 23.48 -27.57
C GLY A 208 21.39 24.26 -27.63
N PHE A 209 20.57 24.13 -26.55
CA PHE A 209 19.21 24.70 -26.51
C PHE A 209 19.28 26.22 -26.65
N GLU A 210 19.88 26.85 -25.62
CA GLU A 210 20.10 28.31 -25.54
C GLU A 210 20.71 28.85 -26.86
N ASP A 211 21.74 28.13 -27.35
CA ASP A 211 22.50 28.50 -28.57
C ASP A 211 21.58 28.61 -29.81
N GLY A 212 20.54 27.74 -29.87
CA GLY A 212 19.60 27.77 -30.99
C GLY A 212 18.63 28.93 -30.87
N ILE A 213 18.00 29.01 -29.68
CA ILE A 213 16.98 30.01 -29.35
C ILE A 213 17.48 31.44 -29.62
N LYS A 214 18.67 31.76 -29.07
CA LYS A 214 19.27 33.11 -29.16
C LYS A 214 19.92 33.38 -30.53
N GLY A 215 19.92 32.36 -31.42
CA GLY A 215 20.56 32.47 -32.72
C GLY A 215 19.56 32.66 -33.85
N HIS A 216 18.32 33.10 -33.49
CA HIS A 216 17.19 33.25 -34.43
C HIS A 216 16.29 34.44 -34.00
N LYS A 217 15.13 34.61 -34.70
CA LYS A 217 14.15 35.72 -34.46
C LYS A 217 12.71 35.19 -34.59
N ALA A 218 11.73 35.82 -33.88
CA ALA A 218 10.30 35.38 -33.86
C ALA A 218 9.65 35.32 -35.25
N GLY A 219 8.60 34.48 -35.36
CA GLY A 219 7.82 34.32 -36.59
C GLY A 219 8.23 33.10 -37.40
N GLU A 220 9.37 32.46 -37.03
CA GLU A 220 9.97 31.36 -37.83
C GLU A 220 10.15 30.08 -36.98
N GLU A 221 10.35 28.96 -37.70
CA GLU A 221 10.52 27.62 -37.11
C GLU A 221 11.87 27.02 -37.51
N PHE A 222 12.38 26.12 -36.66
CA PHE A 222 13.65 25.39 -36.87
C PHE A 222 13.70 24.16 -35.94
N THR A 223 14.79 23.41 -36.01
CA THR A 223 15.07 22.32 -35.06
C THR A 223 16.51 22.48 -34.52
N ILE A 224 16.72 22.04 -33.27
CA ILE A 224 18.02 22.12 -32.58
C ILE A 224 18.40 20.76 -32.00
N ASP A 225 19.51 20.18 -32.49
CA ASP A 225 20.04 18.93 -31.97
C ASP A 225 21.02 19.25 -30.83
N VAL A 226 20.52 19.12 -29.59
CA VAL A 226 21.24 19.49 -28.38
C VAL A 226 21.70 18.21 -27.66
N THR A 227 22.97 18.18 -27.23
CA THR A 227 23.49 17.05 -26.46
C THR A 227 23.26 17.32 -24.96
N PHE A 228 22.59 16.38 -24.28
CA PHE A 228 22.42 16.46 -22.82
C PHE A 228 23.78 16.35 -22.12
N PRO A 229 24.07 17.25 -21.12
CA PRO A 229 25.35 17.23 -20.38
C PRO A 229 25.48 16.01 -19.46
N GLU A 230 26.72 15.66 -19.09
CA GLU A 230 26.98 14.57 -18.11
C GLU A 230 26.54 14.98 -16.69
N GLU A 231 26.20 16.27 -16.53
CA GLU A 231 25.68 16.85 -15.29
C GLU A 231 24.14 16.71 -15.21
N TYR A 232 23.52 16.33 -16.35
CA TYR A 232 22.05 16.18 -16.46
C TYR A 232 21.56 15.02 -15.53
N HIS A 233 20.34 15.21 -14.96
CA HIS A 233 19.82 14.41 -13.82
C HIS A 233 19.58 12.91 -14.13
N ALA A 234 19.57 12.53 -15.43
CA ALA A 234 19.29 11.13 -15.85
C ALA A 234 20.48 10.59 -16.66
N GLU A 235 21.07 9.50 -16.14
CA GLU A 235 22.22 8.79 -16.74
C GLU A 235 21.91 8.24 -18.16
N ASN A 236 20.65 7.82 -18.37
CA ASN A 236 20.18 7.27 -19.66
C ASN A 236 20.10 8.36 -20.75
N LEU A 237 19.66 9.57 -20.38
CA LEU A 237 19.41 10.65 -21.33
C LEU A 237 20.67 11.51 -21.57
N LYS A 238 21.58 11.55 -20.57
CA LYS A 238 22.83 12.34 -20.69
C LYS A 238 23.75 11.70 -21.75
N GLY A 239 24.45 12.56 -22.52
CA GLY A 239 25.33 12.09 -23.60
C GLY A 239 24.60 11.96 -24.94
N LYS A 240 23.25 11.85 -24.90
CA LYS A 240 22.42 11.65 -26.09
C LYS A 240 22.03 13.00 -26.69
N ALA A 241 22.02 13.04 -28.03
CA ALA A 241 21.67 14.23 -28.81
C ALA A 241 20.17 14.23 -29.12
N ALA A 242 19.41 15.08 -28.40
CA ALA A 242 17.98 15.25 -28.57
C ALA A 242 17.67 16.41 -29.51
N LYS A 243 16.89 16.14 -30.58
CA LYS A 243 16.49 17.18 -31.55
C LYS A 243 15.16 17.82 -31.10
N PHE A 244 15.07 19.16 -31.18
CA PHE A 244 13.89 19.93 -30.68
C PHE A 244 13.39 20.87 -31.78
N ALA A 245 12.19 20.58 -32.32
CA ALA A 245 11.53 21.43 -33.32
C ALA A 245 10.94 22.68 -32.64
N ILE A 246 11.72 23.77 -32.64
CA ILE A 246 11.37 25.04 -31.99
C ILE A 246 10.51 25.91 -32.94
N ASN A 247 9.60 26.66 -32.35
CA ASN A 247 8.86 27.73 -33.02
C ASN A 247 8.92 28.96 -32.09
N LEU A 248 9.57 30.04 -32.58
CA LEU A 248 9.74 31.26 -31.79
C LEU A 248 8.44 32.07 -31.82
N LYS A 249 7.59 31.79 -30.82
CA LYS A 249 6.21 32.30 -30.75
C LYS A 249 6.22 33.84 -30.59
N LYS A 250 6.80 34.32 -29.48
CA LYS A 250 6.93 35.76 -29.16
C LYS A 250 8.35 36.04 -28.60
N VAL A 251 8.89 37.24 -28.86
CA VAL A 251 10.12 37.73 -28.21
C VAL A 251 9.77 39.01 -27.45
N GLU A 252 9.91 38.96 -26.13
CA GLU A 252 9.54 40.06 -25.23
C GLU A 252 10.79 40.60 -24.53
N GLU A 253 11.02 41.90 -24.68
CA GLU A 253 12.23 42.56 -24.18
C GLU A 253 12.07 42.91 -22.69
N ARG A 254 13.18 42.85 -21.95
CA ARG A 254 13.24 43.19 -20.51
C ARG A 254 12.87 44.66 -20.30
N GLU A 255 11.72 44.91 -19.66
CA GLU A 255 11.23 46.26 -19.35
C GLU A 255 11.17 46.45 -17.83
N LEU A 256 12.05 47.32 -17.33
CA LEU A 256 12.12 47.73 -15.93
C LEU A 256 11.74 49.22 -15.83
N PRO A 257 10.41 49.57 -15.83
CA PRO A 257 9.96 50.97 -15.80
C PRO A 257 9.85 51.51 -14.35
N GLU A 258 8.94 50.91 -13.55
CA GLU A 258 8.68 51.31 -12.17
C GLU A 258 7.75 50.24 -11.53
N LEU A 259 7.29 50.48 -10.30
CA LEU A 259 6.26 49.67 -9.63
C LEU A 259 4.90 49.84 -10.36
N THR A 260 4.65 48.96 -11.35
CA THR A 260 3.43 48.99 -12.19
C THR A 260 2.35 48.06 -11.60
N ALA A 261 1.08 48.34 -11.97
CA ALA A 261 -0.09 47.53 -11.54
C ALA A 261 0.01 46.07 -12.01
N GLU A 262 0.74 45.86 -13.13
CA GLU A 262 1.04 44.51 -13.66
C GLU A 262 1.84 43.68 -12.63
N PHE A 263 2.69 44.39 -11.88
CA PHE A 263 3.54 43.79 -10.84
C PHE A 263 2.70 43.63 -9.56
N ILE A 264 2.08 44.76 -9.14
CA ILE A 264 1.33 44.87 -7.87
C ILE A 264 0.22 43.80 -7.76
N LYS A 265 -0.45 43.54 -8.88
CA LYS A 265 -1.54 42.54 -8.97
C LYS A 265 -0.98 41.12 -8.80
N ARG A 266 0.27 40.89 -9.29
CA ARG A 266 0.89 39.54 -9.28
C ARG A 266 1.14 39.05 -7.83
N PHE A 267 1.32 40.01 -6.92
CA PHE A 267 1.49 39.73 -5.48
C PHE A 267 0.14 39.64 -4.76
N GLY A 268 -0.96 39.45 -5.52
CA GLY A 268 -2.29 39.27 -4.97
C GLY A 268 -2.93 40.57 -4.51
N VAL A 269 -2.27 41.71 -4.80
CA VAL A 269 -2.78 43.04 -4.43
C VAL A 269 -3.65 43.57 -5.58
N GLU A 270 -4.91 43.12 -5.58
CA GLU A 270 -5.95 43.58 -6.50
C GLU A 270 -6.39 45.01 -6.09
N ASP A 271 -6.14 45.35 -4.80
CA ASP A 271 -6.44 46.68 -4.21
C ASP A 271 -5.76 47.81 -5.00
N GLY A 272 -4.62 47.50 -5.63
CA GLY A 272 -3.90 48.45 -6.49
C GLY A 272 -2.96 49.36 -5.71
N SER A 273 -3.47 49.96 -4.62
CA SER A 273 -2.73 50.91 -3.74
C SER A 273 -1.36 50.34 -3.32
N VAL A 274 -0.32 51.19 -3.35
CA VAL A 274 1.07 50.79 -3.09
C VAL A 274 1.25 50.33 -1.62
N GLU A 275 0.54 51.02 -0.71
CA GLU A 275 0.43 50.60 0.71
C GLU A 275 -0.23 49.21 0.86
N GLY A 276 -1.01 48.80 -0.17
CA GLY A 276 -1.51 47.43 -0.26
C GLY A 276 -0.41 46.45 -0.65
N LEU A 277 0.56 46.93 -1.46
CA LEU A 277 1.73 46.14 -1.89
C LEU A 277 2.63 45.91 -0.66
N ARG A 278 2.77 46.96 0.18
CA ARG A 278 3.49 46.91 1.47
C ARG A 278 2.76 45.99 2.49
N ALA A 279 1.41 45.94 2.39
CA ALA A 279 0.59 45.03 3.20
C ALA A 279 0.96 43.59 2.88
N GLU A 280 0.98 43.28 1.56
CA GLU A 280 1.43 41.98 1.05
C GLU A 280 2.88 41.69 1.49
N VAL A 281 3.74 42.72 1.43
CA VAL A 281 5.15 42.58 1.85
C VAL A 281 5.24 42.07 3.29
N ARG A 282 4.52 42.72 4.23
CA ARG A 282 4.61 42.36 5.67
C ARG A 282 3.90 41.00 5.96
N LYS A 283 2.79 40.70 5.26
CA LYS A 283 2.05 39.42 5.44
C LYS A 283 2.88 38.23 4.90
N ASN A 284 3.56 38.47 3.76
CA ASN A 284 4.43 37.46 3.12
C ASN A 284 5.71 37.31 3.95
N MET A 285 6.29 38.46 4.34
CA MET A 285 7.53 38.53 5.16
C MET A 285 7.35 37.83 6.50
N GLU A 286 6.15 37.89 7.09
CA GLU A 286 5.83 37.16 8.34
C GLU A 286 6.16 35.65 8.18
N ARG A 287 5.53 35.06 7.15
CA ARG A 287 5.69 33.64 6.78
C ARG A 287 7.17 33.35 6.45
N GLU A 288 7.73 34.21 5.58
CA GLU A 288 9.10 34.06 5.04
C GLU A 288 10.17 34.21 6.13
N LEU A 289 9.90 35.07 7.11
CA LEU A 289 10.87 35.39 8.18
C LEU A 289 10.92 34.20 9.12
N LYS A 290 9.74 33.77 9.60
CA LYS A 290 9.62 32.64 10.53
C LYS A 290 10.20 31.34 9.91
N SER A 291 9.76 31.09 8.65
CA SER A 291 10.19 29.93 7.86
C SER A 291 11.70 29.94 7.67
N ALA A 292 12.25 31.05 7.15
CA ALA A 292 13.69 31.15 6.83
C ALA A 292 14.58 31.06 8.08
N ILE A 293 14.09 31.56 9.23
CA ILE A 293 14.82 31.43 10.52
C ILE A 293 14.92 29.95 10.92
N ARG A 294 13.75 29.28 11.01
CA ARG A 294 13.70 27.86 11.44
C ARG A 294 14.46 26.96 10.42
N ASN A 295 14.33 27.27 9.12
CA ASN A 295 14.98 26.50 8.04
C ASN A 295 16.49 26.68 8.11
N ARG A 296 16.95 27.94 8.29
CA ARG A 296 18.38 28.26 8.30
C ARG A 296 19.08 27.59 9.49
N VAL A 297 18.52 27.79 10.70
CA VAL A 297 19.13 27.27 11.94
C VAL A 297 19.04 25.73 12.00
N LYS A 298 17.89 25.15 11.62
CA LYS A 298 17.68 23.71 11.68
C LYS A 298 18.57 23.01 10.66
N SER A 299 18.54 23.48 9.40
CA SER A 299 19.36 22.88 8.31
C SER A 299 20.86 23.03 8.59
N GLN A 300 21.26 24.13 9.26
CA GLN A 300 22.67 24.33 9.72
C GLN A 300 23.02 23.28 10.80
N ALA A 301 22.06 23.04 11.71
CA ALA A 301 22.19 22.05 12.79
C ALA A 301 22.28 20.62 12.21
N ILE A 302 21.40 20.30 11.25
CA ILE A 302 21.30 18.96 10.62
C ILE A 302 22.60 18.66 9.84
N GLU A 303 22.99 19.66 9.03
CA GLU A 303 24.26 19.65 8.27
C GLU A 303 25.43 19.47 9.24
N GLY A 304 25.36 20.18 10.38
CA GLY A 304 26.40 20.15 11.41
C GLY A 304 26.40 18.85 12.21
N LEU A 305 25.23 18.19 12.31
CA LEU A 305 25.07 16.88 12.98
C LEU A 305 25.84 15.83 12.18
N VAL A 306 25.62 15.82 10.83
CA VAL A 306 26.36 14.94 9.93
C VAL A 306 27.87 15.30 9.95
N LYS A 307 28.15 16.61 9.87
CA LYS A 307 29.53 17.17 9.84
C LYS A 307 30.30 16.78 11.12
N ALA A 308 29.56 16.65 12.21
CA ALA A 308 30.10 16.26 13.52
C ALA A 308 30.51 14.78 13.56
N ASN A 309 29.80 13.93 12.80
CA ASN A 309 30.03 12.47 12.79
C ASN A 309 29.49 11.87 11.49
N ASP A 310 30.33 11.92 10.43
CA ASP A 310 30.00 11.41 9.10
C ASP A 310 30.11 9.88 9.10
N ILE A 311 29.02 9.23 9.57
CA ILE A 311 28.89 7.78 9.54
C ILE A 311 28.30 7.34 8.20
N ASP A 312 28.49 6.05 7.87
CA ASP A 312 27.83 5.43 6.73
C ASP A 312 26.80 4.46 7.30
N VAL A 313 25.56 4.96 7.39
CA VAL A 313 24.39 4.20 7.88
C VAL A 313 24.17 2.96 7.00
N PRO A 314 23.82 1.77 7.60
CA PRO A 314 23.38 0.56 6.88
C PRO A 314 22.64 0.83 5.54
N ALA A 315 23.17 0.23 4.45
CA ALA A 315 22.69 0.46 3.07
C ALA A 315 21.25 -0.07 2.84
N ALA A 316 20.72 -0.78 3.85
CA ALA A 316 19.32 -1.20 3.91
C ALA A 316 18.38 0.04 3.99
N LEU A 317 18.72 0.98 4.91
CA LEU A 317 17.95 2.24 5.09
C LEU A 317 18.13 3.15 3.86
N ILE A 318 19.36 3.17 3.31
CA ILE A 318 19.67 3.95 2.10
C ILE A 318 18.83 3.44 0.92
N ASP A 319 18.77 2.11 0.75
CA ASP A 319 18.00 1.46 -0.33
C ASP A 319 16.49 1.72 -0.19
N SER A 320 16.00 1.71 1.07
CA SER A 320 14.59 2.01 1.41
C SER A 320 14.20 3.45 0.99
N GLU A 321 14.92 4.44 1.54
CA GLU A 321 14.68 5.87 1.29
C GLU A 321 14.93 6.22 -0.18
N ILE A 322 15.90 5.55 -0.82
CA ILE A 322 16.18 5.71 -2.25
C ILE A 322 15.01 5.19 -3.08
N ASP A 323 14.43 4.04 -2.69
CA ASP A 323 13.26 3.45 -3.37
C ASP A 323 12.11 4.47 -3.37
N VAL A 324 11.83 5.03 -2.18
CA VAL A 324 10.76 6.04 -1.99
C VAL A 324 10.99 7.28 -2.89
N LEU A 325 12.17 7.93 -2.74
CA LEU A 325 12.52 9.19 -3.46
C LEU A 325 12.57 8.99 -5.00
N ARG A 326 13.13 7.85 -5.42
CA ARG A 326 13.46 7.56 -6.83
C ARG A 326 12.19 7.19 -7.61
N ARG A 327 11.34 6.37 -6.96
CA ARG A 327 10.01 5.98 -7.51
C ARG A 327 9.09 7.22 -7.61
N GLN A 328 9.08 8.02 -6.52
CA GLN A 328 8.29 9.28 -6.45
C GLN A 328 8.80 10.30 -7.48
N ALA A 329 10.11 10.25 -7.77
CA ALA A 329 10.75 11.08 -8.80
C ALA A 329 10.25 10.68 -10.19
N ALA A 330 10.35 9.38 -10.52
CA ALA A 330 9.92 8.83 -11.82
C ALA A 330 8.43 9.08 -12.09
N GLN A 331 7.64 9.03 -11.01
CA GLN A 331 6.19 9.31 -11.01
C GLN A 331 5.89 10.73 -11.54
N ARG A 332 6.79 11.69 -11.27
CA ARG A 332 6.59 13.12 -11.61
C ARG A 332 7.38 13.53 -12.87
N PHE A 333 8.69 13.28 -12.83
CA PHE A 333 9.68 13.73 -13.84
C PHE A 333 9.74 12.74 -15.03
N GLY A 334 8.57 12.23 -15.42
CA GLY A 334 8.44 11.23 -16.46
C GLY A 334 7.04 10.64 -16.44
N GLY A 335 6.89 9.52 -15.74
CA GLY A 335 5.62 8.79 -15.67
C GLY A 335 5.85 7.33 -15.31
N ASN A 336 6.64 6.63 -16.14
CA ASN A 336 6.95 5.20 -15.91
C ASN A 336 7.85 5.01 -14.69
N GLU A 337 7.62 3.92 -13.92
CA GLU A 337 8.43 3.54 -12.76
C GLU A 337 9.88 3.23 -13.16
N LYS A 338 10.07 2.75 -14.40
CA LYS A 338 11.39 2.34 -14.91
C LYS A 338 12.29 3.56 -15.19
N GLN A 339 11.66 4.74 -15.29
CA GLN A 339 12.35 6.03 -15.48
C GLN A 339 13.20 6.34 -14.23
N ALA A 340 12.82 5.76 -13.07
CA ALA A 340 13.55 5.90 -11.79
C ALA A 340 15.01 5.44 -11.90
N LEU A 341 15.17 4.23 -12.48
CA LEU A 341 16.48 3.55 -12.62
C LEU A 341 17.44 4.37 -13.50
N GLU A 342 16.85 5.21 -14.36
CA GLU A 342 17.60 6.06 -15.31
C GLU A 342 18.29 7.23 -14.58
N LEU A 343 17.77 7.61 -13.39
CA LEU A 343 18.45 8.61 -12.51
C LEU A 343 19.39 7.86 -11.54
N PRO A 344 20.68 8.29 -11.39
CA PRO A 344 21.62 7.70 -10.41
C PRO A 344 21.15 7.96 -8.95
N ARG A 345 20.94 6.87 -8.18
CA ARG A 345 20.39 6.92 -6.81
C ARG A 345 21.21 7.82 -5.87
N GLU A 346 22.47 8.01 -6.25
CA GLU A 346 23.46 8.80 -5.52
C GLU A 346 23.00 10.25 -5.28
N LEU A 347 22.21 10.80 -6.23
CA LEU A 347 21.68 12.19 -6.08
C LEU A 347 20.55 12.23 -5.04
N PHE A 348 19.89 11.07 -4.82
CA PHE A 348 18.83 10.90 -3.81
C PHE A 348 19.47 10.66 -2.43
N GLU A 349 20.64 9.97 -2.45
CA GLU A 349 21.44 9.70 -1.24
C GLU A 349 21.96 10.98 -0.59
N GLU A 350 22.15 12.05 -1.39
CA GLU A 350 22.64 13.36 -0.88
C GLU A 350 21.70 13.96 0.20
N GLN A 351 20.41 13.59 0.11
CA GLN A 351 19.39 13.96 1.10
C GLN A 351 19.17 12.81 2.09
N ALA A 352 18.93 11.60 1.54
CA ALA A 352 18.56 10.38 2.31
C ALA A 352 19.61 10.05 3.37
N LYS A 353 20.89 9.88 2.93
CA LYS A 353 22.04 9.55 3.81
C LYS A 353 22.07 10.49 5.02
N ARG A 354 21.92 11.79 4.73
CA ARG A 354 21.93 12.85 5.76
C ARG A 354 20.72 12.70 6.71
N ARG A 355 19.55 12.31 6.16
CA ARG A 355 18.31 12.23 6.97
C ARG A 355 18.33 10.99 7.89
N VAL A 356 19.00 9.91 7.45
CA VAL A 356 19.11 8.67 8.27
C VAL A 356 20.30 8.77 9.26
N VAL A 357 21.36 9.55 8.89
CA VAL A 357 22.48 9.88 9.81
C VAL A 357 21.92 10.66 11.01
N VAL A 358 21.21 11.76 10.71
CA VAL A 358 20.61 12.63 11.75
C VAL A 358 19.36 11.97 12.37
N GLY A 359 18.71 11.07 11.61
CA GLY A 359 17.63 10.22 12.16
C GLY A 359 18.13 9.37 13.31
N LEU A 360 19.33 8.79 13.12
CA LEU A 360 20.07 8.08 14.16
C LEU A 360 20.53 9.05 15.28
N LEU A 361 21.13 10.18 14.88
CA LEU A 361 21.75 11.15 15.82
C LEU A 361 20.72 11.80 16.76
N LEU A 362 19.79 12.61 16.22
CA LEU A 362 18.73 13.28 17.02
C LEU A 362 17.84 12.26 17.76
N GLY A 363 17.69 11.05 17.16
CA GLY A 363 17.03 9.93 17.83
C GLY A 363 17.75 9.55 19.14
N GLU A 364 19.07 9.38 19.05
CA GLU A 364 19.91 9.07 20.21
C GLU A 364 20.02 10.25 21.19
N VAL A 365 19.88 11.50 20.71
CA VAL A 365 19.87 12.70 21.58
C VAL A 365 18.66 12.62 22.54
N ILE A 366 17.47 12.45 21.95
CA ILE A 366 16.19 12.46 22.70
C ILE A 366 16.02 11.20 23.55
N ARG A 367 16.65 10.08 23.12
CA ARG A 367 16.68 8.83 23.91
C ARG A 367 17.65 8.92 25.11
N THR A 368 18.94 9.30 24.88
CA THR A 368 19.96 9.34 25.95
C THR A 368 19.62 10.41 27.01
N ASN A 369 19.32 11.64 26.53
CA ASN A 369 18.91 12.76 27.41
C ASN A 369 17.52 12.49 28.01
N GLU A 370 16.72 11.65 27.32
CA GLU A 370 15.35 11.30 27.68
C GLU A 370 14.50 12.57 27.75
N LEU A 371 14.38 13.24 26.58
CA LEU A 371 13.59 14.47 26.48
C LEU A 371 12.35 14.17 25.64
N LYS A 372 11.25 14.77 26.04
CA LYS A 372 9.91 14.56 25.46
C LYS A 372 9.37 15.90 25.00
N ALA A 373 8.41 15.86 24.06
CA ALA A 373 7.73 17.06 23.56
C ALA A 373 6.94 17.71 24.71
N ASP A 374 7.67 18.55 25.46
CA ASP A 374 7.20 19.24 26.69
C ASP A 374 5.89 19.98 26.44
N GLU A 375 4.97 19.95 27.45
CA GLU A 375 3.60 20.52 27.36
C GLU A 375 3.65 21.91 26.72
N GLU A 376 4.43 22.81 27.32
CA GLU A 376 4.56 24.21 26.89
C GLU A 376 5.24 24.31 25.49
N ARG A 377 6.14 23.35 25.18
CA ARG A 377 6.93 23.36 23.92
C ARG A 377 6.04 22.98 22.72
N VAL A 378 5.40 21.79 22.81
CA VAL A 378 4.52 21.26 21.76
C VAL A 378 3.28 22.16 21.59
N LYS A 379 2.67 22.59 22.72
CA LYS A 379 1.51 23.51 22.72
C LYS A 379 1.90 24.86 22.09
N GLY A 380 3.09 25.36 22.47
CA GLY A 380 3.64 26.60 21.93
C GLY A 380 3.84 26.56 20.42
N LEU A 381 4.35 25.41 19.93
CA LEU A 381 4.60 25.17 18.49
C LEU A 381 3.24 25.16 17.73
N ILE A 382 2.29 24.36 18.25
CA ILE A 382 0.94 24.21 17.67
C ILE A 382 0.24 25.58 17.59
N GLU A 383 0.35 26.37 18.67
CA GLU A 383 -0.29 27.70 18.77
C GLU A 383 0.35 28.69 17.79
N GLU A 384 1.70 28.63 17.69
CA GLU A 384 2.50 29.52 16.84
C GLU A 384 2.08 29.33 15.37
N MET A 385 2.03 28.07 14.90
CA MET A 385 1.66 27.77 13.49
C MET A 385 0.13 27.90 13.28
N ALA A 386 -0.67 27.70 14.36
CA ALA A 386 -2.15 27.87 14.32
C ALA A 386 -2.55 29.34 14.19
N SER A 387 -1.66 30.25 14.63
CA SER A 387 -1.80 31.71 14.47
C SER A 387 -2.02 32.11 12.98
N ALA A 388 -1.51 31.29 12.05
CA ALA A 388 -1.68 31.50 10.60
C ALA A 388 -3.11 31.12 10.13
N TYR A 389 -3.75 30.17 10.85
CA TYR A 389 -5.08 29.62 10.47
C TYR A 389 -6.21 30.58 10.91
N GLU A 390 -7.43 30.31 10.38
CA GLU A 390 -8.62 31.16 10.59
C GLU A 390 -9.00 31.26 12.07
N ASP A 391 -8.98 30.11 12.76
CA ASP A 391 -9.41 29.99 14.17
C ASP A 391 -8.34 29.23 14.98
N PRO A 392 -7.24 29.94 15.43
CA PRO A 392 -6.12 29.33 16.19
C PRO A 392 -6.55 28.39 17.35
N LYS A 393 -7.36 28.94 18.29
CA LYS A 393 -7.77 28.23 19.54
C LYS A 393 -8.45 26.90 19.20
N GLU A 394 -9.35 26.95 18.22
CA GLU A 394 -10.10 25.78 17.74
C GLU A 394 -9.16 24.76 17.07
N VAL A 395 -8.09 25.24 16.39
CA VAL A 395 -7.15 24.36 15.69
C VAL A 395 -6.39 23.51 16.71
N ILE A 396 -5.86 24.19 17.73
CA ILE A 396 -5.11 23.57 18.84
C ILE A 396 -6.02 22.56 19.59
N GLU A 397 -7.23 23.02 19.90
CA GLU A 397 -8.25 22.25 20.64
C GLU A 397 -8.67 20.98 19.87
N PHE A 398 -8.87 21.10 18.56
CA PHE A 398 -9.31 19.98 17.70
C PHE A 398 -8.18 18.95 17.52
N TYR A 399 -6.97 19.48 17.28
CA TYR A 399 -5.75 18.68 17.13
C TYR A 399 -5.48 17.81 18.37
N SER A 400 -5.77 18.40 19.55
CA SER A 400 -5.67 17.71 20.86
C SER A 400 -6.45 16.38 20.89
N LYS A 401 -7.57 16.28 20.15
CA LYS A 401 -8.40 15.05 20.06
C LYS A 401 -7.85 14.08 18.99
N ASN A 402 -7.15 14.61 17.97
CA ASN A 402 -6.72 13.80 16.81
C ASN A 402 -5.40 13.10 17.14
N LYS A 403 -5.48 11.79 17.42
CA LYS A 403 -4.33 10.95 17.83
C LYS A 403 -3.27 10.85 16.71
N GLU A 404 -3.72 10.52 15.49
CA GLU A 404 -2.84 10.27 14.33
C GLU A 404 -2.01 11.50 13.99
N LEU A 405 -2.66 12.66 14.06
CA LEU A 405 -2.00 13.95 13.83
C LEU A 405 -1.14 14.34 15.05
N MET A 406 -1.59 13.95 16.27
CA MET A 406 -0.84 14.22 17.53
C MET A 406 0.53 13.52 17.49
N ASP A 407 0.60 12.35 16.80
CA ASP A 407 1.88 11.66 16.51
C ASP A 407 2.80 12.54 15.65
N ASN A 408 2.22 13.18 14.62
CA ASN A 408 2.95 14.04 13.67
C ASN A 408 3.45 15.32 14.36
N MET A 409 2.60 15.88 15.25
CA MET A 409 2.94 17.09 16.04
C MET A 409 3.89 16.74 17.19
N ARG A 410 3.89 15.45 17.58
CA ARG A 410 4.88 14.90 18.54
C ARG A 410 6.25 14.83 17.85
N ASN A 411 6.22 14.42 16.56
CA ASN A 411 7.41 14.31 15.70
C ASN A 411 8.07 15.67 15.47
N VAL A 412 7.29 16.65 14.96
CA VAL A 412 7.83 18.01 14.64
C VAL A 412 8.27 18.76 15.90
N ALA A 413 7.58 18.48 17.03
CA ALA A 413 7.96 19.03 18.33
C ALA A 413 9.32 18.49 18.75
N LEU A 414 9.49 17.16 18.68
CA LEU A 414 10.78 16.51 18.99
C LEU A 414 11.85 16.83 17.93
N GLU A 415 11.44 17.21 16.70
CA GLU A 415 12.39 17.66 15.66
C GLU A 415 13.05 18.97 16.11
N GLU A 416 12.22 20.01 16.24
CA GLU A 416 12.68 21.36 16.60
C GLU A 416 13.31 21.41 18.00
N GLN A 417 12.78 20.58 18.93
CA GLN A 417 13.25 20.55 20.33
C GLN A 417 14.56 19.74 20.46
N ALA A 418 14.73 18.66 19.66
CA ALA A 418 16.00 17.90 19.62
C ALA A 418 17.11 18.77 19.04
N VAL A 419 16.75 19.53 17.99
CA VAL A 419 17.64 20.54 17.39
C VAL A 419 18.03 21.60 18.45
N GLU A 420 17.04 22.18 19.15
CA GLU A 420 17.33 23.18 20.21
C GLU A 420 18.08 22.57 21.41
N ALA A 421 17.89 21.25 21.65
CA ALA A 421 18.56 20.52 22.75
C ALA A 421 20.06 20.37 22.50
N VAL A 422 20.42 19.91 21.29
CA VAL A 422 21.83 19.80 20.87
C VAL A 422 22.46 21.20 20.75
N LEU A 423 21.65 22.17 20.28
CA LEU A 423 22.03 23.61 20.15
C LEU A 423 22.34 24.24 21.51
N ALA A 424 21.62 23.80 22.56
CA ALA A 424 21.84 24.29 23.95
C ALA A 424 23.28 24.00 24.46
N LYS A 425 24.01 23.10 23.76
CA LYS A 425 25.40 22.75 24.12
C LYS A 425 26.27 22.54 22.83
N ALA A 426 25.80 23.10 21.69
CA ALA A 426 26.58 23.11 20.42
C ALA A 426 27.20 24.50 20.21
N LYS A 427 28.10 24.61 19.22
CA LYS A 427 28.82 25.87 18.92
C LYS A 427 27.89 26.81 18.11
N VAL A 428 26.90 27.40 18.82
CA VAL A 428 25.89 28.25 18.19
C VAL A 428 26.33 29.72 18.22
N THR A 429 26.41 30.33 17.04
CA THR A 429 26.78 31.74 16.85
C THR A 429 25.56 32.53 16.35
N GLU A 430 24.91 33.24 17.28
CA GLU A 430 23.75 34.11 16.97
C GLU A 430 24.23 35.39 16.23
N LYS A 431 24.08 35.38 14.91
CA LYS A 431 24.66 36.39 14.01
C LYS A 431 23.63 37.45 13.62
N GLU A 432 23.79 38.69 14.14
CA GLU A 432 22.89 39.81 13.79
C GLU A 432 23.05 40.16 12.28
N THR A 433 21.96 39.99 11.55
CA THR A 433 21.92 40.13 10.09
C THR A 433 20.66 40.92 9.68
N THR A 434 20.50 41.15 8.37
CA THR A 434 19.31 41.80 7.80
C THR A 434 18.45 40.76 7.07
N PHE A 435 17.27 41.20 6.60
CA PHE A 435 16.38 40.39 5.75
C PHE A 435 17.10 40.02 4.42
N ASN A 436 17.96 40.95 3.95
CA ASN A 436 18.80 40.75 2.75
C ASN A 436 19.79 39.60 2.96
N GLU A 437 20.46 39.58 4.13
CA GLU A 437 21.48 38.55 4.47
C GLU A 437 20.84 37.16 4.64
N LEU A 438 19.59 37.15 5.11
CA LEU A 438 18.82 35.93 5.36
C LEU A 438 18.40 35.26 4.02
N MET A 439 17.84 36.09 3.11
CA MET A 439 17.26 35.62 1.84
C MET A 439 18.33 35.37 0.77
N ASN A 440 19.42 36.15 0.82
CA ASN A 440 20.63 35.86 0.03
C ASN A 440 21.44 34.88 0.87
N GLN A 441 21.07 33.58 0.68
CA GLN A 441 21.50 32.42 1.50
C GLN A 441 22.97 32.50 1.95
N GLN A 442 23.17 33.11 3.12
CA GLN A 442 24.46 33.15 3.82
C GLN A 442 24.73 31.75 4.39
N ALA A 443 25.59 30.97 3.70
CA ALA A 443 25.94 29.60 4.09
C ALA A 443 27.17 29.15 3.26
N MET B 12 -14.48 28.76 3.69
CA MET B 12 -14.12 27.84 2.59
C MET B 12 -15.39 27.30 1.91
N GLN B 13 -15.26 26.89 0.63
CA GLN B 13 -16.37 26.38 -0.19
C GLN B 13 -16.63 24.90 0.14
N VAL B 14 -17.07 24.62 1.38
CA VAL B 14 -17.24 23.25 1.91
C VAL B 14 -18.72 23.05 2.33
N SER B 15 -19.24 21.83 2.12
CA SER B 15 -20.64 21.47 2.44
C SER B 15 -20.72 20.02 2.95
N VAL B 16 -20.85 19.87 4.28
CA VAL B 16 -21.10 18.56 4.91
C VAL B 16 -22.56 18.14 4.67
N GLU B 17 -22.74 17.15 3.81
CA GLU B 17 -24.06 16.60 3.46
C GLU B 17 -24.27 15.30 4.24
N THR B 18 -25.13 15.32 5.26
CA THR B 18 -25.51 14.08 5.97
C THR B 18 -26.31 13.18 4.99
N THR B 19 -25.57 12.30 4.29
CA THR B 19 -26.08 11.50 3.18
C THR B 19 -27.05 10.42 3.67
N GLN B 20 -26.66 9.72 4.75
CA GLN B 20 -27.46 8.62 5.31
C GLN B 20 -27.12 8.44 6.81
N GLY B 21 -27.67 9.33 7.65
CA GLY B 21 -27.55 9.25 9.12
C GLY B 21 -26.13 9.36 9.64
N LEU B 22 -25.43 8.21 9.64
CA LEU B 22 -24.02 8.12 10.03
C LEU B 22 -23.15 8.74 8.91
N GLY B 23 -23.54 8.40 7.65
CA GLY B 23 -22.82 8.82 6.45
C GLY B 23 -22.99 10.32 6.16
N ARG B 24 -21.85 11.01 6.00
CA ARG B 24 -21.79 12.46 5.82
C ARG B 24 -20.72 12.78 4.75
N ARG B 25 -21.19 13.10 3.55
CA ARG B 25 -20.38 13.51 2.40
C ARG B 25 -19.93 15.00 2.53
N VAL B 26 -18.76 15.22 3.16
CA VAL B 26 -18.15 16.56 3.26
C VAL B 26 -17.55 16.96 1.90
N THR B 27 -18.37 17.62 1.09
CA THR B 27 -18.03 18.06 -0.26
C THR B 27 -17.21 19.37 -0.19
N ILE B 28 -15.88 19.24 -0.33
CA ILE B 28 -14.92 20.36 -0.18
C ILE B 28 -14.40 20.79 -1.56
N THR B 29 -14.50 22.11 -1.86
CA THR B 29 -13.94 22.71 -3.06
C THR B 29 -12.66 23.49 -2.71
N ILE B 30 -11.53 23.03 -3.27
CA ILE B 30 -10.24 23.72 -3.20
C ILE B 30 -10.17 24.75 -4.35
N ALA B 31 -9.79 26.00 -4.04
CA ALA B 31 -9.67 27.09 -5.03
C ALA B 31 -8.51 26.83 -6.01
N ALA B 32 -8.64 27.36 -7.23
CA ALA B 32 -7.64 27.22 -8.31
C ALA B 32 -6.26 27.79 -7.90
N ASP B 33 -6.29 28.85 -7.08
CA ASP B 33 -5.08 29.51 -6.54
C ASP B 33 -4.42 28.62 -5.46
N SER B 34 -5.26 27.99 -4.62
CA SER B 34 -4.79 27.08 -3.56
C SER B 34 -4.08 25.85 -4.18
N ILE B 35 -4.62 25.37 -5.33
CA ILE B 35 -4.04 24.26 -6.10
C ILE B 35 -2.74 24.73 -6.76
N GLU B 36 -2.80 25.87 -7.48
CA GLU B 36 -1.67 26.45 -8.24
C GLU B 36 -0.43 26.62 -7.35
N THR B 37 -0.65 27.24 -6.18
CA THR B 37 0.39 27.52 -5.20
C THR B 37 0.95 26.21 -4.60
N ALA B 38 0.05 25.20 -4.41
CA ALA B 38 0.44 23.87 -3.90
C ALA B 38 1.27 23.09 -4.95
N VAL B 39 0.96 23.30 -6.24
CA VAL B 39 1.72 22.67 -7.35
C VAL B 39 3.13 23.24 -7.38
N LYS B 40 3.21 24.57 -7.46
CA LYS B 40 4.47 25.33 -7.45
C LYS B 40 5.29 25.05 -6.19
N SER B 41 4.58 24.85 -5.05
CA SER B 41 5.19 24.50 -3.76
C SER B 41 5.89 23.15 -3.88
N GLU B 42 5.12 22.07 -4.15
CA GLU B 42 5.65 20.69 -4.22
C GLU B 42 6.78 20.57 -5.27
N LEU B 43 6.67 21.35 -6.36
CA LEU B 43 7.69 21.43 -7.41
C LEU B 43 9.02 21.99 -6.86
N VAL B 44 9.00 23.23 -6.34
CA VAL B 44 10.24 23.89 -5.84
C VAL B 44 10.82 23.10 -4.64
N ASN B 45 9.91 22.60 -3.78
CA ASN B 45 10.26 21.79 -2.59
C ASN B 45 11.10 20.58 -3.03
N VAL B 46 10.50 19.66 -3.83
CA VAL B 46 11.19 18.42 -4.27
C VAL B 46 12.47 18.77 -5.07
N ALA B 47 12.43 19.90 -5.78
CA ALA B 47 13.56 20.39 -6.60
C ALA B 47 14.74 20.92 -5.75
N LYS B 48 14.48 21.35 -4.48
CA LYS B 48 15.59 21.79 -3.58
C LYS B 48 15.79 20.84 -2.38
N LYS B 49 14.85 19.89 -2.21
CA LYS B 49 14.86 18.91 -1.11
C LYS B 49 15.71 17.72 -1.53
N VAL B 50 15.33 17.14 -2.68
CA VAL B 50 16.11 16.07 -3.35
C VAL B 50 17.26 16.70 -4.16
N ARG B 51 17.02 17.97 -4.59
CA ARG B 51 17.89 18.73 -5.50
C ARG B 51 17.82 18.13 -6.92
N ILE B 52 16.74 18.48 -7.64
CA ILE B 52 16.57 18.24 -9.08
C ILE B 52 15.88 19.50 -9.64
N ASP B 53 16.67 20.59 -9.75
CA ASP B 53 16.17 21.93 -10.12
C ASP B 53 15.97 22.03 -11.64
N GLY B 54 14.98 21.27 -12.13
CA GLY B 54 14.78 21.05 -13.57
C GLY B 54 15.93 20.27 -14.19
N PHE B 55 17.02 20.98 -14.49
CA PHE B 55 18.27 20.39 -15.02
C PHE B 55 19.43 20.59 -14.02
N ARG B 56 19.08 21.05 -12.78
CA ARG B 56 20.03 21.57 -11.76
C ARG B 56 20.77 22.83 -12.29
N LYS B 57 20.11 23.58 -13.20
CA LYS B 57 20.71 24.74 -13.91
C LYS B 57 20.06 26.08 -13.51
N GLY B 58 19.12 26.03 -12.55
CA GLY B 58 18.39 27.24 -12.10
C GLY B 58 17.61 27.89 -13.24
N LYS B 59 16.89 27.05 -14.00
CA LYS B 59 16.13 27.48 -15.19
C LYS B 59 14.75 26.84 -15.22
N VAL B 60 13.85 27.46 -16.01
CA VAL B 60 12.45 27.03 -16.19
C VAL B 60 11.67 27.15 -14.85
N PRO B 61 11.02 28.34 -14.57
CA PRO B 61 10.28 28.57 -13.31
C PRO B 61 9.11 27.57 -13.13
N MET B 62 8.94 27.08 -11.90
CA MET B 62 7.97 26.02 -11.55
C MET B 62 6.50 26.45 -11.83
N ASN B 63 6.29 27.78 -11.88
CA ASN B 63 5.00 28.41 -12.23
C ASN B 63 4.55 27.97 -13.63
N ILE B 64 5.50 28.02 -14.60
CA ILE B 64 5.21 27.68 -16.00
C ILE B 64 5.29 26.15 -16.21
N VAL B 65 6.09 25.44 -15.37
CA VAL B 65 6.15 23.97 -15.38
C VAL B 65 4.76 23.40 -15.07
N ALA B 66 4.09 24.00 -14.08
CA ALA B 66 2.71 23.70 -13.71
C ALA B 66 1.77 23.84 -14.93
N GLN B 67 1.80 25.04 -15.55
CA GLN B 67 0.87 25.45 -16.63
C GLN B 67 1.14 24.71 -17.96
N ARG B 68 2.39 24.26 -18.19
CA ARG B 68 2.79 23.61 -19.45
C ARG B 68 2.57 22.08 -19.40
N TYR B 69 3.06 21.43 -18.33
CA TYR B 69 3.04 19.95 -18.22
C TYR B 69 3.02 19.46 -16.76
N GLY B 70 2.51 20.30 -15.83
CA GLY B 70 2.41 19.92 -14.41
C GLY B 70 1.16 19.09 -14.08
N ALA B 71 0.99 17.96 -14.80
CA ALA B 71 -0.18 17.07 -14.66
C ALA B 71 0.11 15.91 -13.69
N SER B 72 1.34 15.38 -13.76
CA SER B 72 1.80 14.23 -12.96
C SER B 72 1.90 14.58 -11.45
N VAL B 73 2.41 15.80 -11.19
CA VAL B 73 2.58 16.34 -9.81
C VAL B 73 1.23 16.51 -9.08
N ARG B 74 0.10 16.53 -9.83
CA ARG B 74 -1.26 16.68 -9.24
C ARG B 74 -1.61 15.54 -8.25
N GLN B 75 -0.88 14.42 -8.33
CA GLN B 75 -1.01 13.31 -7.36
C GLN B 75 -0.43 13.73 -5.98
N ASP B 76 0.77 14.32 -5.99
CA ASP B 76 1.40 14.92 -4.78
C ASP B 76 0.51 16.02 -4.20
N VAL B 77 0.09 16.92 -5.09
CA VAL B 77 -0.71 18.11 -4.75
C VAL B 77 -2.03 17.69 -4.09
N LEU B 78 -2.92 17.03 -4.86
CA LEU B 78 -4.24 16.60 -4.37
C LEU B 78 -4.10 15.66 -3.16
N GLY B 79 -3.02 14.82 -3.18
CA GLY B 79 -2.69 13.94 -2.07
C GLY B 79 -2.32 14.69 -0.78
N ASP B 80 -1.65 15.86 -0.93
CA ASP B 80 -1.23 16.70 0.21
C ASP B 80 -2.45 17.45 0.78
N LEU B 81 -3.17 18.12 -0.14
CA LEU B 81 -4.38 18.91 0.17
C LEU B 81 -5.50 18.03 0.77
N MET B 82 -5.51 16.74 0.37
CA MET B 82 -6.49 15.72 0.84
C MET B 82 -6.51 15.58 2.38
N SER B 83 -5.35 15.81 3.01
CA SER B 83 -5.24 15.83 4.48
C SER B 83 -5.19 17.28 4.99
N ARG B 84 -4.49 18.17 4.24
CA ARG B 84 -4.18 19.56 4.65
C ARG B 84 -5.48 20.40 4.76
N ASN B 85 -6.20 20.51 3.63
CA ASN B 85 -7.43 21.32 3.53
C ASN B 85 -8.58 20.68 4.31
N PHE B 86 -8.60 19.32 4.31
CA PHE B 86 -9.61 18.53 5.02
C PHE B 86 -9.52 18.80 6.54
N ILE B 87 -8.33 18.60 7.13
CA ILE B 87 -8.11 18.71 8.60
C ILE B 87 -8.48 20.10 9.12
N ASP B 88 -8.38 21.11 8.24
CA ASP B 88 -8.70 22.51 8.57
C ASP B 88 -10.22 22.74 8.53
N ALA B 89 -10.83 22.35 7.38
CA ALA B 89 -12.27 22.55 7.12
C ALA B 89 -13.17 21.87 8.16
N ILE B 90 -12.67 20.77 8.74
CA ILE B 90 -13.43 19.95 9.69
C ILE B 90 -13.34 20.48 11.14
N ILE B 91 -12.60 21.59 11.35
CA ILE B 91 -12.53 22.27 12.66
C ILE B 91 -13.71 23.28 12.80
N LYS B 92 -14.93 22.78 12.51
CA LYS B 92 -16.21 23.51 12.66
C LYS B 92 -17.34 22.52 12.92
N GLU B 93 -17.37 21.42 12.16
CA GLU B 93 -18.41 20.38 12.27
C GLU B 93 -17.93 19.20 13.15
N LYS B 94 -16.64 19.23 13.54
CA LYS B 94 -15.97 18.27 14.46
C LYS B 94 -15.70 16.87 13.85
N ILE B 95 -16.37 16.56 12.72
CA ILE B 95 -16.14 15.38 11.82
C ILE B 95 -15.39 14.19 12.49
N ASN B 96 -16.17 13.27 13.08
CA ASN B 96 -15.64 12.05 13.72
C ASN B 96 -15.81 10.83 12.77
N PRO B 97 -14.76 10.45 11.98
CA PRO B 97 -14.83 9.26 11.10
C PRO B 97 -14.46 7.97 11.86
N ALA B 98 -15.11 6.85 11.49
CA ALA B 98 -14.81 5.54 12.05
C ALA B 98 -13.55 4.97 11.38
N GLY B 99 -12.39 5.21 12.00
CA GLY B 99 -11.10 4.74 11.50
C GLY B 99 -10.55 5.62 10.37
N ALA B 100 -11.24 5.60 9.22
CA ALA B 100 -10.83 6.30 7.99
C ALA B 100 -12.07 6.82 7.22
N PRO B 101 -12.00 8.05 6.60
CA PRO B 101 -13.05 8.55 5.71
C PRO B 101 -12.78 8.23 4.21
N THR B 102 -13.84 7.87 3.47
CA THR B 102 -13.78 7.62 2.03
C THR B 102 -13.68 8.96 1.25
N TYR B 103 -12.45 9.35 0.88
CA TYR B 103 -12.22 10.51 0.00
C TYR B 103 -12.58 10.13 -1.44
N VAL B 104 -13.77 10.56 -1.91
CA VAL B 104 -14.19 10.35 -3.31
C VAL B 104 -13.83 11.61 -4.12
N PRO B 105 -12.74 11.58 -4.95
CA PRO B 105 -12.34 12.75 -5.75
C PRO B 105 -13.23 12.93 -7.01
N GLY B 106 -13.66 14.18 -7.27
CA GLY B 106 -14.36 14.51 -8.50
C GLY B 106 -13.41 14.60 -9.68
N GLU B 107 -13.95 14.82 -10.89
CA GLU B 107 -13.13 15.00 -12.10
C GLU B 107 -12.33 16.32 -12.00
N TYR B 108 -11.00 16.24 -12.21
CA TYR B 108 -10.13 17.40 -12.10
C TYR B 108 -10.40 18.37 -13.25
N LYS B 109 -10.90 19.56 -12.90
CA LYS B 109 -11.22 20.62 -13.85
C LYS B 109 -9.92 21.35 -14.25
N LEU B 110 -9.70 21.45 -15.57
CA LEU B 110 -8.42 21.84 -16.20
C LEU B 110 -7.88 23.17 -15.63
N GLY B 111 -6.82 23.06 -14.79
CA GLY B 111 -6.10 24.21 -14.23
C GLY B 111 -6.99 25.15 -13.41
N GLU B 112 -8.07 24.59 -12.87
CA GLU B 112 -9.14 25.35 -12.21
C GLU B 112 -9.49 24.67 -10.87
N ASP B 113 -10.48 25.23 -10.13
CA ASP B 113 -10.91 24.73 -8.81
C ASP B 113 -11.31 23.24 -8.87
N PHE B 114 -10.99 22.52 -7.79
CA PHE B 114 -11.25 21.08 -7.67
C PHE B 114 -12.20 20.84 -6.50
N THR B 115 -12.99 19.77 -6.58
CA THR B 115 -13.91 19.35 -5.52
C THR B 115 -13.75 17.84 -5.26
N TYR B 116 -13.69 17.46 -3.98
CA TYR B 116 -13.77 16.05 -3.57
C TYR B 116 -14.82 15.87 -2.47
N SER B 117 -15.65 14.84 -2.64
CA SER B 117 -16.73 14.47 -1.72
C SER B 117 -16.20 13.42 -0.71
N VAL B 118 -15.87 13.88 0.50
CA VAL B 118 -15.30 13.02 1.55
C VAL B 118 -16.43 12.42 2.42
N GLU B 119 -16.84 11.20 2.07
CA GLU B 119 -17.88 10.45 2.80
C GLU B 119 -17.27 9.74 4.00
N PHE B 120 -17.85 9.93 5.19
CA PHE B 120 -17.46 9.21 6.41
C PHE B 120 -18.71 8.88 7.22
N GLU B 121 -18.65 7.77 7.94
CA GLU B 121 -19.66 7.43 8.93
C GLU B 121 -19.01 7.57 10.30
N VAL B 122 -19.79 8.00 11.30
CA VAL B 122 -19.32 8.12 12.69
C VAL B 122 -19.08 6.73 13.30
N TYR B 123 -18.28 6.68 14.38
CA TYR B 123 -17.83 5.41 14.96
C TYR B 123 -19.03 4.60 15.53
N PRO B 124 -19.26 3.33 15.03
CA PRO B 124 -20.39 2.49 15.48
C PRO B 124 -20.13 1.93 16.88
N GLU B 125 -20.74 2.56 17.90
CA GLU B 125 -20.67 2.11 19.29
C GLU B 125 -21.53 0.81 19.39
N VAL B 126 -20.86 -0.33 19.18
CA VAL B 126 -21.52 -1.64 19.07
C VAL B 126 -21.76 -2.26 20.46
N GLU B 127 -22.98 -2.77 20.66
CA GLU B 127 -23.37 -3.48 21.88
C GLU B 127 -22.99 -4.96 21.76
N LEU B 128 -22.58 -5.57 22.87
CA LEU B 128 -22.43 -7.02 22.98
C LEU B 128 -23.77 -7.60 23.46
N GLN B 129 -24.46 -8.30 22.56
CA GLN B 129 -25.80 -8.85 22.80
C GLN B 129 -25.90 -10.25 22.18
N GLY B 130 -26.86 -11.05 22.67
CA GLY B 130 -27.09 -12.40 22.14
C GLY B 130 -26.10 -13.44 22.67
N LEU B 131 -25.46 -13.11 23.82
CA LEU B 131 -24.33 -13.87 24.40
C LEU B 131 -24.68 -15.38 24.58
N GLU B 132 -25.85 -15.66 25.19
CA GLU B 132 -26.34 -17.03 25.41
C GLU B 132 -27.18 -17.53 24.21
N ALA B 133 -27.46 -16.62 23.25
CA ALA B 133 -28.16 -16.96 21.99
C ALA B 133 -27.13 -17.42 20.93
N ILE B 134 -25.83 -17.20 21.22
CA ILE B 134 -24.73 -17.81 20.46
C ILE B 134 -24.64 -19.31 20.77
N GLU B 135 -25.29 -20.14 19.92
CA GLU B 135 -25.14 -21.60 19.96
C GLU B 135 -23.78 -21.98 19.33
N VAL B 136 -22.81 -22.24 20.20
CA VAL B 136 -21.46 -22.69 19.81
C VAL B 136 -21.44 -24.22 19.77
N GLU B 137 -20.57 -24.80 18.95
CA GLU B 137 -20.39 -26.26 18.85
C GLU B 137 -18.92 -26.61 19.08
N LYS B 138 -18.66 -27.52 20.03
CA LYS B 138 -17.36 -28.16 20.22
C LYS B 138 -17.46 -29.65 19.89
N PRO B 139 -17.01 -30.09 18.66
CA PRO B 139 -16.95 -31.52 18.30
C PRO B 139 -15.87 -32.24 19.13
N ILE B 140 -16.29 -32.85 20.23
CA ILE B 140 -15.40 -33.62 21.11
C ILE B 140 -15.02 -34.93 20.40
N VAL B 141 -13.90 -34.86 19.64
CA VAL B 141 -13.42 -35.94 18.77
C VAL B 141 -11.98 -36.34 19.18
N GLU B 142 -11.61 -37.60 18.88
CA GLU B 142 -10.25 -38.14 19.13
C GLU B 142 -9.82 -39.02 17.95
N VAL B 143 -8.55 -38.89 17.51
CA VAL B 143 -7.99 -39.73 16.42
C VAL B 143 -7.81 -41.18 16.93
N THR B 144 -8.85 -42.00 16.74
CA THR B 144 -8.84 -43.42 17.16
C THR B 144 -8.61 -44.30 15.90
N ASP B 145 -8.27 -45.58 16.13
CA ASP B 145 -8.00 -46.57 15.07
C ASP B 145 -9.16 -46.62 14.06
N ALA B 146 -10.40 -46.61 14.58
CA ALA B 146 -11.63 -46.61 13.78
C ALA B 146 -11.68 -45.43 12.80
N ASP B 147 -11.34 -44.23 13.30
CA ASP B 147 -11.31 -42.99 12.51
C ASP B 147 -10.25 -43.07 11.41
N VAL B 148 -9.08 -43.63 11.77
CA VAL B 148 -7.95 -43.78 10.83
C VAL B 148 -8.34 -44.71 9.67
N ASP B 149 -8.91 -45.89 10.00
CA ASP B 149 -9.34 -46.91 9.00
C ASP B 149 -10.45 -46.36 8.09
N GLY B 150 -11.40 -45.61 8.70
CA GLY B 150 -12.49 -44.98 7.96
C GLY B 150 -12.01 -43.96 6.93
N MET B 151 -11.14 -43.04 7.39
CA MET B 151 -10.60 -41.95 6.54
C MET B 151 -9.56 -42.52 5.54
N LEU B 152 -8.93 -43.66 5.90
CA LEU B 152 -8.01 -44.39 5.01
C LEU B 152 -8.79 -44.95 3.82
N ASP B 153 -9.93 -45.58 4.14
CA ASP B 153 -10.85 -46.16 3.15
C ASP B 153 -11.41 -45.04 2.25
N THR B 154 -11.69 -43.87 2.89
CA THR B 154 -12.14 -42.66 2.20
C THR B 154 -11.13 -42.24 1.12
N LEU B 155 -9.86 -41.96 1.52
CA LEU B 155 -8.81 -41.51 0.57
C LEU B 155 -8.49 -42.61 -0.46
N ARG B 156 -8.63 -43.89 -0.04
CA ARG B 156 -8.38 -45.07 -0.89
C ARG B 156 -9.31 -45.07 -2.10
N LYS B 157 -10.59 -44.73 -1.85
CA LYS B 157 -11.59 -44.59 -2.94
C LYS B 157 -11.49 -43.21 -3.63
N GLN B 158 -11.29 -42.16 -2.82
CA GLN B 158 -11.49 -40.75 -3.22
C GLN B 158 -10.39 -40.26 -4.16
N GLN B 159 -9.16 -40.70 -3.88
CA GLN B 159 -7.96 -40.33 -4.65
C GLN B 159 -7.44 -41.53 -5.46
N ALA B 160 -8.30 -42.59 -5.58
CA ALA B 160 -7.93 -43.89 -6.19
C ALA B 160 -7.31 -43.74 -7.59
N THR B 161 -6.35 -44.63 -7.88
CA THR B 161 -5.53 -44.60 -9.10
C THR B 161 -6.37 -44.82 -10.38
N TRP B 162 -5.80 -44.40 -11.52
CA TRP B 162 -6.49 -44.39 -12.81
C TRP B 162 -6.04 -45.58 -13.68
N LYS B 163 -6.56 -45.64 -14.91
CA LYS B 163 -6.15 -46.62 -15.93
C LYS B 163 -6.39 -46.03 -17.31
N GLU B 164 -5.53 -46.36 -18.28
CA GLU B 164 -5.65 -45.88 -19.66
C GLU B 164 -6.93 -46.43 -20.31
N LYS B 165 -7.82 -45.53 -20.76
CA LYS B 165 -9.12 -45.92 -21.34
C LYS B 165 -9.10 -45.74 -22.86
N ASP B 166 -9.47 -46.80 -23.58
CA ASP B 166 -9.64 -46.76 -25.04
C ASP B 166 -11.13 -46.67 -25.36
N GLY B 167 -11.61 -45.44 -25.62
CA GLY B 167 -13.02 -45.18 -25.90
C GLY B 167 -13.43 -43.74 -25.67
N ALA B 168 -14.76 -43.50 -25.65
CA ALA B 168 -15.33 -42.18 -25.38
C ALA B 168 -15.18 -41.79 -23.90
N VAL B 169 -15.19 -40.48 -23.64
CA VAL B 169 -15.19 -39.94 -22.27
C VAL B 169 -16.55 -40.24 -21.62
N GLU B 170 -16.55 -41.00 -20.53
CA GLU B 170 -17.77 -41.24 -19.75
C GLU B 170 -17.86 -40.17 -18.65
N ALA B 171 -19.09 -39.92 -18.17
CA ALA B 171 -19.39 -38.87 -17.16
C ALA B 171 -18.66 -39.11 -15.83
N GLU B 172 -18.43 -40.40 -15.49
CA GLU B 172 -17.74 -40.79 -14.24
C GLU B 172 -16.32 -41.32 -14.54
N ASP B 173 -15.62 -40.69 -15.51
CA ASP B 173 -14.20 -40.98 -15.80
C ASP B 173 -13.38 -39.68 -15.89
N ARG B 174 -12.05 -39.84 -15.76
CA ARG B 174 -11.06 -38.75 -15.91
C ARG B 174 -10.77 -38.48 -17.39
N VAL B 175 -10.33 -37.24 -17.70
CA VAL B 175 -9.79 -36.90 -19.01
C VAL B 175 -8.78 -35.72 -18.89
N THR B 176 -7.50 -36.04 -19.18
CA THR B 176 -6.42 -35.05 -19.26
C THR B 176 -6.41 -34.45 -20.67
N ILE B 177 -6.70 -33.14 -20.78
CA ILE B 177 -6.83 -32.43 -22.07
C ILE B 177 -5.98 -31.16 -22.11
N ASP B 178 -6.07 -30.45 -23.24
CA ASP B 178 -5.66 -29.04 -23.34
C ASP B 178 -6.75 -28.30 -24.11
N PHE B 179 -7.01 -27.04 -23.74
CA PHE B 179 -8.00 -26.21 -24.42
C PHE B 179 -7.64 -24.74 -24.31
N THR B 180 -8.40 -23.90 -25.03
CA THR B 180 -8.30 -22.46 -24.95
C THR B 180 -9.74 -21.86 -24.97
N GLY B 181 -10.07 -21.10 -23.93
CA GLY B 181 -11.41 -20.54 -23.74
C GLY B 181 -11.51 -19.11 -24.22
N SER B 182 -12.46 -18.84 -25.12
CA SER B 182 -12.65 -17.51 -25.74
C SER B 182 -14.10 -17.05 -25.57
N VAL B 183 -14.29 -16.01 -24.73
CA VAL B 183 -15.60 -15.42 -24.44
C VAL B 183 -15.94 -14.39 -25.50
N ASP B 184 -17.07 -14.63 -26.21
CA ASP B 184 -17.65 -13.70 -27.20
C ASP B 184 -16.68 -13.48 -28.40
N GLY B 185 -15.70 -14.40 -28.55
CA GLY B 185 -14.67 -14.33 -29.59
C GLY B 185 -13.26 -14.21 -29.00
N GLU B 186 -13.15 -13.53 -27.85
CA GLU B 186 -11.85 -13.12 -27.27
C GLU B 186 -11.41 -14.06 -26.14
N GLU B 187 -10.22 -14.65 -26.31
CA GLU B 187 -9.56 -15.51 -25.30
C GLU B 187 -9.15 -14.63 -24.09
N PHE B 188 -9.74 -14.92 -22.92
CA PHE B 188 -9.54 -14.11 -21.69
C PHE B 188 -8.29 -14.56 -20.92
N GLU B 189 -7.86 -13.71 -19.97
CA GLU B 189 -6.61 -13.94 -19.20
C GLU B 189 -6.75 -15.17 -18.29
N GLY B 190 -5.99 -16.22 -18.60
CA GLY B 190 -6.08 -17.50 -17.91
C GLY B 190 -7.25 -18.36 -18.38
N GLY B 191 -7.72 -18.11 -19.63
CA GLY B 191 -8.86 -18.83 -20.20
C GLY B 191 -8.47 -20.14 -20.85
N LYS B 192 -7.17 -20.29 -21.10
CA LYS B 192 -6.59 -21.53 -21.62
C LYS B 192 -6.01 -22.37 -20.48
N ALA B 193 -5.80 -23.66 -20.77
CA ALA B 193 -5.25 -24.62 -19.81
C ALA B 193 -4.65 -25.81 -20.57
N SER B 194 -3.31 -25.78 -20.75
CA SER B 194 -2.55 -26.87 -21.39
C SER B 194 -2.14 -27.89 -20.33
N ASP B 195 -2.34 -29.19 -20.62
CA ASP B 195 -2.11 -30.32 -19.67
C ASP B 195 -3.08 -30.21 -18.45
N PHE B 196 -4.29 -29.74 -18.76
CA PHE B 196 -5.42 -29.70 -17.82
C PHE B 196 -5.91 -31.13 -17.56
N VAL B 197 -6.54 -31.36 -16.41
CA VAL B 197 -7.18 -32.65 -16.10
C VAL B 197 -8.55 -32.43 -15.43
N LEU B 198 -9.60 -32.98 -16.06
CA LEU B 198 -10.92 -33.08 -15.48
C LEU B 198 -11.03 -34.43 -14.76
N ALA B 199 -11.08 -34.39 -13.42
CA ALA B 199 -11.33 -35.59 -12.60
C ALA B 199 -12.83 -35.69 -12.26
N MET B 200 -13.32 -36.92 -12.27
CA MET B 200 -14.70 -37.26 -11.85
C MET B 200 -14.80 -37.34 -10.32
N GLY B 201 -16.04 -37.59 -9.83
CA GLY B 201 -16.29 -37.77 -8.39
C GLY B 201 -16.22 -36.47 -7.61
N GLN B 202 -16.66 -35.38 -8.26
CA GLN B 202 -16.64 -34.02 -7.68
C GLN B 202 -17.97 -33.31 -8.01
N GLY B 203 -18.06 -31.99 -7.73
CA GLY B 203 -19.22 -31.18 -8.08
C GLY B 203 -19.40 -31.02 -9.60
N ARG B 204 -20.51 -30.38 -10.01
CA ARG B 204 -20.81 -30.11 -11.43
C ARG B 204 -20.03 -28.87 -11.92
N MET B 205 -19.66 -28.84 -13.20
CA MET B 205 -18.98 -27.67 -13.82
C MET B 205 -20.03 -26.83 -14.59
N ILE B 206 -19.60 -25.67 -15.12
CA ILE B 206 -20.46 -24.74 -15.89
C ILE B 206 -21.30 -25.46 -17.00
N PRO B 207 -22.64 -25.15 -17.09
CA PRO B 207 -23.58 -25.80 -18.04
C PRO B 207 -23.13 -25.70 -19.51
N GLY B 208 -22.68 -26.85 -20.04
CA GLY B 208 -22.27 -26.99 -21.43
C GLY B 208 -20.99 -27.80 -21.54
N PHE B 209 -20.04 -27.51 -20.62
CA PHE B 209 -18.67 -28.09 -20.64
C PHE B 209 -18.75 -29.62 -20.54
N GLU B 210 -19.23 -30.10 -19.37
CA GLU B 210 -19.34 -31.52 -19.00
C GLU B 210 -19.90 -32.38 -20.16
N ASP B 211 -21.04 -31.91 -20.69
CA ASP B 211 -21.83 -32.62 -21.72
C ASP B 211 -21.05 -32.71 -23.05
N GLY B 212 -20.23 -31.68 -23.34
CA GLY B 212 -19.44 -31.64 -24.57
C GLY B 212 -18.32 -32.66 -24.53
N ILE B 213 -17.56 -32.59 -23.41
CA ILE B 213 -16.42 -33.46 -23.14
C ILE B 213 -16.82 -34.94 -23.23
N LYS B 214 -17.89 -35.31 -22.48
CA LYS B 214 -18.38 -36.70 -22.41
C LYS B 214 -19.14 -37.13 -23.69
N GLY B 215 -19.28 -36.22 -24.67
CA GLY B 215 -19.99 -36.53 -25.92
C GLY B 215 -19.04 -36.90 -27.04
N HIS B 216 -17.75 -37.14 -26.71
CA HIS B 216 -16.67 -37.34 -27.69
C HIS B 216 -15.66 -38.40 -27.19
N LYS B 217 -14.72 -38.80 -28.08
CA LYS B 217 -13.69 -39.84 -27.78
C LYS B 217 -12.28 -39.24 -27.86
N ALA B 218 -11.27 -39.96 -27.35
CA ALA B 218 -9.87 -39.47 -27.33
C ALA B 218 -9.27 -39.33 -28.75
N GLY B 219 -8.25 -38.48 -28.86
CA GLY B 219 -7.46 -38.33 -30.07
C GLY B 219 -8.07 -37.39 -31.11
N GLU B 220 -9.13 -36.64 -30.76
CA GLU B 220 -9.79 -35.69 -31.68
C GLU B 220 -9.95 -34.30 -31.04
N GLU B 221 -10.18 -33.31 -31.93
CA GLU B 221 -10.28 -31.88 -31.57
C GLU B 221 -11.63 -31.31 -32.02
N PHE B 222 -12.23 -30.51 -31.14
CA PHE B 222 -13.53 -29.84 -31.34
C PHE B 222 -13.57 -28.60 -30.46
N THR B 223 -14.68 -27.86 -30.49
CA THR B 223 -14.90 -26.74 -29.58
C THR B 223 -16.30 -26.83 -28.97
N ILE B 224 -16.41 -26.41 -27.69
CA ILE B 224 -17.69 -26.43 -26.95
C ILE B 224 -18.06 -25.01 -26.49
N ASP B 225 -19.13 -24.49 -27.08
CA ASP B 225 -19.66 -23.15 -26.77
C ASP B 225 -20.65 -23.26 -25.60
N VAL B 226 -20.22 -22.75 -24.42
CA VAL B 226 -21.01 -22.83 -23.19
C VAL B 226 -21.25 -21.40 -22.67
N THR B 227 -22.46 -21.12 -22.18
CA THR B 227 -22.79 -19.80 -21.61
C THR B 227 -22.41 -19.76 -20.11
N PHE B 228 -21.63 -18.74 -19.72
CA PHE B 228 -21.32 -18.50 -18.30
C PHE B 228 -22.58 -17.97 -17.57
N PRO B 229 -22.88 -18.49 -16.33
CA PRO B 229 -24.07 -18.09 -15.55
C PRO B 229 -23.88 -16.74 -14.82
N GLU B 230 -24.98 -16.16 -14.32
CA GLU B 230 -24.92 -14.92 -13.51
C GLU B 230 -24.22 -15.15 -12.16
N GLU B 231 -24.13 -16.44 -11.76
CA GLU B 231 -23.44 -16.90 -10.54
C GLU B 231 -21.90 -16.88 -10.74
N TYR B 232 -21.45 -16.72 -12.00
CA TYR B 232 -20.02 -16.68 -12.35
C TYR B 232 -19.37 -15.35 -11.86
N HIS B 233 -18.08 -15.46 -11.44
CA HIS B 233 -17.37 -14.41 -10.66
C HIS B 233 -16.82 -13.24 -11.52
N ALA B 234 -17.31 -13.05 -12.75
CA ALA B 234 -16.87 -11.92 -13.60
C ALA B 234 -18.00 -11.50 -14.54
N GLU B 235 -18.47 -10.25 -14.37
CA GLU B 235 -19.63 -9.70 -15.13
C GLU B 235 -19.32 -9.57 -16.62
N ASN B 236 -18.02 -9.48 -16.95
CA ASN B 236 -17.54 -9.35 -18.34
C ASN B 236 -17.85 -10.62 -19.15
N LEU B 237 -17.69 -11.77 -18.48
CA LEU B 237 -17.75 -13.09 -19.14
C LEU B 237 -19.12 -13.76 -18.94
N LYS B 238 -19.81 -13.42 -17.83
CA LYS B 238 -21.16 -13.99 -17.53
C LYS B 238 -22.19 -13.40 -18.50
N GLY B 239 -23.24 -14.19 -18.79
CA GLY B 239 -24.24 -13.82 -19.81
C GLY B 239 -23.78 -14.19 -21.22
N LYS B 240 -22.48 -13.97 -21.50
CA LYS B 240 -21.84 -14.32 -22.76
C LYS B 240 -21.55 -15.84 -22.82
N ALA B 241 -21.35 -16.32 -24.03
CA ALA B 241 -20.93 -17.69 -24.32
C ALA B 241 -19.44 -17.70 -24.68
N ALA B 242 -18.73 -18.74 -24.24
CA ALA B 242 -17.32 -18.96 -24.52
C ALA B 242 -17.13 -20.29 -25.24
N LYS B 243 -16.36 -20.29 -26.33
CA LYS B 243 -16.02 -21.55 -27.03
C LYS B 243 -14.68 -22.07 -26.48
N PHE B 244 -14.67 -23.33 -26.06
CA PHE B 244 -13.50 -24.00 -25.47
C PHE B 244 -12.99 -25.02 -26.48
N ALA B 245 -11.86 -24.71 -27.13
CA ALA B 245 -11.25 -25.56 -28.16
C ALA B 245 -10.62 -26.81 -27.52
N ILE B 246 -11.45 -27.85 -27.30
CA ILE B 246 -11.05 -29.06 -26.58
C ILE B 246 -10.25 -30.00 -27.50
N ASN B 247 -9.04 -30.32 -27.07
CA ASN B 247 -8.24 -31.41 -27.64
C ASN B 247 -8.21 -32.53 -26.60
N LEU B 248 -9.01 -33.59 -26.83
CA LEU B 248 -9.04 -34.77 -25.95
C LEU B 248 -7.72 -35.54 -26.12
N LYS B 249 -6.76 -35.31 -25.20
CA LYS B 249 -5.49 -36.05 -25.19
C LYS B 249 -5.73 -37.47 -24.66
N LYS B 250 -5.84 -37.58 -23.32
CA LYS B 250 -5.80 -38.85 -22.59
C LYS B 250 -7.10 -39.03 -21.82
N VAL B 251 -7.99 -39.88 -22.33
CA VAL B 251 -9.18 -40.30 -21.58
C VAL B 251 -8.76 -41.48 -20.69
N GLU B 252 -8.89 -41.29 -19.39
CA GLU B 252 -8.47 -42.25 -18.37
C GLU B 252 -9.68 -42.71 -17.56
N GLU B 253 -9.87 -44.03 -17.48
CA GLU B 253 -10.98 -44.61 -16.74
C GLU B 253 -10.63 -44.64 -15.25
N ARG B 254 -11.62 -44.37 -14.40
CA ARG B 254 -11.46 -44.38 -12.95
C ARG B 254 -11.45 -45.84 -12.47
N GLU B 255 -10.41 -46.21 -11.73
CA GLU B 255 -10.28 -47.53 -11.12
C GLU B 255 -10.26 -47.37 -9.58
N LEU B 256 -10.94 -48.28 -8.87
CA LEU B 256 -10.88 -48.38 -7.39
C LEU B 256 -10.24 -49.74 -7.03
N PRO B 257 -8.87 -49.84 -7.00
CA PRO B 257 -8.19 -51.11 -6.71
C PRO B 257 -8.03 -51.32 -5.19
N GLU B 258 -7.11 -50.54 -4.58
CA GLU B 258 -6.73 -50.65 -3.17
C GLU B 258 -5.63 -49.59 -2.89
N LEU B 259 -5.21 -49.48 -1.61
CA LEU B 259 -4.03 -48.71 -1.22
C LEU B 259 -2.76 -49.43 -1.76
N THR B 260 -2.45 -49.18 -3.05
CA THR B 260 -1.28 -49.76 -3.73
C THR B 260 -0.03 -48.94 -3.39
N ALA B 261 1.16 -49.58 -3.44
CA ALA B 261 2.46 -48.92 -3.17
C ALA B 261 2.70 -47.72 -4.13
N GLU B 262 2.15 -47.84 -5.35
CA GLU B 262 2.15 -46.77 -6.37
C GLU B 262 1.34 -45.56 -5.87
N PHE B 263 0.22 -45.85 -5.20
CA PHE B 263 -0.71 -44.84 -4.66
C PHE B 263 -0.08 -44.17 -3.42
N ILE B 264 0.58 -44.99 -2.59
CA ILE B 264 1.33 -44.56 -1.39
C ILE B 264 2.44 -43.56 -1.77
N LYS B 265 3.15 -43.87 -2.87
CA LYS B 265 4.17 -42.97 -3.44
C LYS B 265 3.57 -41.64 -3.96
N ARG B 266 2.27 -41.62 -4.30
CA ARG B 266 1.61 -40.41 -4.85
C ARG B 266 1.34 -39.38 -3.73
N PHE B 267 1.36 -39.84 -2.47
CA PHE B 267 1.34 -38.96 -1.28
C PHE B 267 2.75 -38.38 -1.00
N GLY B 268 3.78 -38.89 -1.72
CA GLY B 268 5.17 -38.48 -1.53
C GLY B 268 5.84 -39.20 -0.37
N VAL B 269 5.26 -40.34 0.05
CA VAL B 269 5.80 -41.18 1.14
C VAL B 269 7.15 -41.79 0.73
N GLU B 270 8.24 -41.17 1.23
CA GLU B 270 9.64 -41.56 0.94
C GLU B 270 9.97 -42.97 1.48
N ASP B 271 9.29 -43.36 2.57
CA ASP B 271 9.41 -44.70 3.16
C ASP B 271 8.96 -45.77 2.14
N GLY B 272 7.94 -45.44 1.34
CA GLY B 272 7.44 -46.31 0.27
C GLY B 272 6.48 -47.39 0.79
N SER B 273 6.83 -47.99 1.94
CA SER B 273 6.03 -49.01 2.61
C SER B 273 4.79 -48.37 3.27
N VAL B 274 3.77 -49.21 3.51
CA VAL B 274 2.50 -48.78 4.14
C VAL B 274 2.77 -48.16 5.52
N GLU B 275 3.85 -48.62 6.18
CA GLU B 275 4.35 -48.07 7.46
C GLU B 275 4.50 -46.54 7.42
N GLY B 276 5.01 -46.02 6.29
CA GLY B 276 5.15 -44.58 6.10
C GLY B 276 3.81 -43.92 5.85
N LEU B 277 2.92 -44.64 5.15
CA LEU B 277 1.61 -44.12 4.71
C LEU B 277 0.73 -43.90 5.92
N ARG B 278 0.70 -44.92 6.81
CA ARG B 278 -0.24 -45.02 7.93
C ARG B 278 0.15 -44.03 9.03
N ALA B 279 1.47 -43.90 9.25
CA ALA B 279 2.06 -42.97 10.22
C ALA B 279 1.84 -41.53 9.74
N GLU B 280 2.08 -41.29 8.44
CA GLU B 280 1.85 -39.97 7.81
C GLU B 280 0.37 -39.58 7.91
N VAL B 281 -0.52 -40.56 7.67
CA VAL B 281 -1.98 -40.35 7.76
C VAL B 281 -2.37 -39.93 9.18
N ARG B 282 -1.92 -40.68 10.20
CA ARG B 282 -2.29 -40.40 11.60
C ARG B 282 -1.77 -39.04 12.09
N LYS B 283 -0.52 -38.71 11.75
CA LYS B 283 0.10 -37.42 12.15
C LYS B 283 -0.45 -36.25 11.31
N ASN B 284 -0.92 -36.57 10.08
CA ASN B 284 -1.65 -35.60 9.25
C ASN B 284 -3.01 -35.31 9.89
N MET B 285 -3.69 -36.39 10.35
CA MET B 285 -5.02 -36.33 11.01
C MET B 285 -4.91 -35.56 12.34
N GLU B 286 -3.72 -35.62 12.98
CA GLU B 286 -3.39 -34.79 14.15
C GLU B 286 -3.42 -33.29 13.77
N ARG B 287 -2.73 -32.94 12.67
CA ARG B 287 -2.67 -31.56 12.15
C ARG B 287 -4.08 -31.07 11.78
N GLU B 288 -4.86 -31.98 11.15
CA GLU B 288 -6.24 -31.68 10.70
C GLU B 288 -7.18 -31.62 11.90
N LEU B 289 -6.86 -32.41 12.96
CA LEU B 289 -7.65 -32.42 14.21
C LEU B 289 -7.56 -31.04 14.85
N LYS B 290 -6.31 -30.58 15.07
CA LYS B 290 -6.01 -29.29 15.73
C LYS B 290 -6.68 -28.11 14.99
N SER B 291 -6.42 -28.04 13.66
CA SER B 291 -6.90 -26.95 12.81
C SER B 291 -8.42 -26.98 12.68
N ALA B 292 -9.01 -28.19 12.50
CA ALA B 292 -10.47 -28.33 12.34
C ALA B 292 -11.20 -27.92 13.62
N ILE B 293 -10.71 -28.38 14.80
CA ILE B 293 -11.30 -28.04 16.11
C ILE B 293 -11.28 -26.52 16.34
N ARG B 294 -10.08 -25.92 16.21
CA ARG B 294 -9.89 -24.47 16.45
C ARG B 294 -10.77 -23.65 15.49
N ASN B 295 -10.67 -23.93 14.17
CA ASN B 295 -11.44 -23.19 13.15
C ASN B 295 -12.95 -23.52 13.22
N ARG B 296 -13.33 -24.70 13.78
CA ARG B 296 -14.75 -25.07 13.91
C ARG B 296 -15.40 -24.21 14.99
N VAL B 297 -14.84 -24.29 16.21
CA VAL B 297 -15.40 -23.60 17.38
C VAL B 297 -15.29 -22.07 17.19
N LYS B 298 -14.18 -21.62 16.55
CA LYS B 298 -13.97 -20.21 16.22
C LYS B 298 -15.06 -19.76 15.24
N SER B 299 -15.14 -20.40 14.04
CA SER B 299 -16.09 -20.00 12.99
C SER B 299 -17.55 -20.09 13.45
N GLN B 300 -17.88 -21.08 14.30
CA GLN B 300 -19.25 -21.27 14.84
C GLN B 300 -19.59 -20.13 15.82
N ALA B 301 -18.61 -19.78 16.67
CA ALA B 301 -18.72 -18.65 17.60
C ALA B 301 -18.82 -17.32 16.85
N ILE B 302 -18.07 -17.20 15.73
CA ILE B 302 -17.99 -15.98 14.91
C ILE B 302 -19.33 -15.75 14.17
N GLU B 303 -19.87 -16.85 13.58
CA GLU B 303 -21.22 -16.85 12.97
C GLU B 303 -22.26 -16.48 14.03
N GLY B 304 -22.06 -17.01 15.25
CA GLY B 304 -22.92 -16.73 16.39
C GLY B 304 -22.83 -15.28 16.83
N LEU B 305 -21.62 -14.69 16.79
CA LEU B 305 -21.35 -13.29 17.22
C LEU B 305 -22.07 -12.31 16.29
N VAL B 306 -21.92 -12.54 14.98
CA VAL B 306 -22.58 -11.72 13.95
C VAL B 306 -24.12 -11.87 14.07
N LYS B 307 -24.59 -13.13 14.15
CA LYS B 307 -26.04 -13.45 14.26
C LYS B 307 -26.62 -12.87 15.58
N ALA B 308 -25.75 -12.78 16.60
CA ALA B 308 -26.13 -12.24 17.92
C ALA B 308 -26.45 -10.73 17.85
N ASN B 309 -25.84 -10.02 16.87
CA ASN B 309 -26.06 -8.58 16.69
C ASN B 309 -25.69 -8.19 15.24
N ASP B 310 -26.62 -8.50 14.29
CA ASP B 310 -26.45 -8.20 12.86
C ASP B 310 -26.59 -6.69 12.63
N ILE B 311 -25.48 -5.97 12.79
CA ILE B 311 -25.41 -4.53 12.52
C ILE B 311 -24.86 -4.30 11.12
N ASP B 312 -25.03 -3.07 10.62
CA ASP B 312 -24.31 -2.58 9.45
C ASP B 312 -23.27 -1.58 9.93
N VAL B 313 -22.09 -1.68 9.32
CA VAL B 313 -20.90 -0.92 9.71
C VAL B 313 -20.61 0.16 8.63
N PRO B 314 -19.79 1.22 8.96
CA PRO B 314 -19.42 2.31 8.02
C PRO B 314 -19.03 1.84 6.59
N ALA B 315 -19.62 2.52 5.58
CA ALA B 315 -19.34 2.29 4.14
C ALA B 315 -17.87 2.58 3.78
N ALA B 316 -17.16 3.27 4.68
CA ALA B 316 -15.71 3.51 4.58
C ALA B 316 -14.92 2.19 4.78
N LEU B 317 -15.35 1.39 5.78
CA LEU B 317 -14.75 0.08 6.09
C LEU B 317 -15.09 -0.92 4.96
N ILE B 318 -16.33 -0.83 4.45
CA ILE B 318 -16.77 -1.58 3.25
C ILE B 318 -15.84 -1.23 2.08
N ASP B 319 -15.72 0.08 1.78
CA ASP B 319 -14.96 0.57 0.61
C ASP B 319 -13.50 0.09 0.68
N SER B 320 -12.92 0.16 1.89
CA SER B 320 -11.55 -0.26 2.18
C SER B 320 -11.36 -1.75 1.86
N GLU B 321 -12.01 -2.63 2.66
CA GLU B 321 -11.81 -4.10 2.58
C GLU B 321 -12.30 -4.67 1.24
N ILE B 322 -13.39 -4.08 0.68
CA ILE B 322 -13.88 -4.46 -0.67
C ILE B 322 -12.81 -4.18 -1.72
N ASP B 323 -12.30 -2.93 -1.75
CA ASP B 323 -11.32 -2.50 -2.78
C ASP B 323 -10.03 -3.35 -2.69
N VAL B 324 -9.63 -3.70 -1.45
CA VAL B 324 -8.49 -4.60 -1.20
C VAL B 324 -8.76 -6.02 -1.80
N LEU B 325 -9.92 -6.60 -1.46
CA LEU B 325 -10.32 -7.96 -1.93
C LEU B 325 -10.63 -7.97 -3.46
N ARG B 326 -11.02 -6.81 -3.99
CA ARG B 326 -11.48 -6.65 -5.39
C ARG B 326 -10.25 -6.57 -6.30
N ARG B 327 -9.28 -5.78 -5.85
CA ARG B 327 -7.94 -5.67 -6.45
C ARG B 327 -7.22 -7.03 -6.38
N GLN B 328 -7.34 -7.68 -5.21
CA GLN B 328 -6.79 -9.04 -4.94
C GLN B 328 -7.38 -10.07 -5.92
N ALA B 329 -8.69 -9.96 -6.16
CA ALA B 329 -9.44 -10.86 -7.06
C ALA B 329 -8.97 -10.67 -8.51
N ALA B 330 -8.97 -9.41 -8.98
CA ALA B 330 -8.58 -9.07 -10.37
C ALA B 330 -7.11 -9.43 -10.66
N GLN B 331 -6.25 -9.29 -9.63
CA GLN B 331 -4.84 -9.68 -9.70
C GLN B 331 -4.71 -11.21 -9.83
N ARG B 332 -5.68 -11.95 -9.24
CA ARG B 332 -5.66 -13.42 -9.18
C ARG B 332 -6.23 -14.03 -10.47
N PHE B 333 -7.52 -13.73 -10.75
CA PHE B 333 -8.32 -14.34 -11.84
C PHE B 333 -8.08 -13.61 -13.19
N GLY B 334 -6.83 -13.23 -13.43
CA GLY B 334 -6.45 -12.51 -14.65
C GLY B 334 -5.06 -11.91 -14.51
N GLY B 335 -5.01 -10.71 -13.90
CA GLY B 335 -3.76 -9.97 -13.73
C GLY B 335 -4.02 -8.48 -13.66
N ASN B 336 -4.76 -7.96 -14.67
CA ASN B 336 -5.16 -6.54 -14.72
C ASN B 336 -6.20 -6.23 -13.64
N GLU B 337 -5.87 -5.27 -12.75
CA GLU B 337 -6.77 -4.78 -11.68
C GLU B 337 -7.94 -3.93 -12.25
N LYS B 338 -7.91 -3.68 -13.56
CA LYS B 338 -9.03 -3.09 -14.30
C LYS B 338 -10.24 -4.05 -14.33
N GLN B 339 -9.97 -5.37 -14.20
CA GLN B 339 -11.00 -6.43 -14.20
C GLN B 339 -11.78 -6.44 -12.85
N ALA B 340 -11.24 -5.74 -11.83
CA ALA B 340 -11.85 -5.64 -10.49
C ALA B 340 -13.30 -5.13 -10.54
N LEU B 341 -13.53 -4.15 -11.42
CA LEU B 341 -14.82 -3.47 -11.60
C LEU B 341 -15.94 -4.46 -12.02
N GLU B 342 -15.53 -5.57 -12.69
CA GLU B 342 -16.46 -6.62 -13.16
C GLU B 342 -17.02 -7.47 -12.02
N LEU B 343 -16.37 -7.45 -10.84
CA LEU B 343 -16.86 -8.18 -9.66
C LEU B 343 -17.65 -7.21 -8.76
N PRO B 344 -19.00 -7.44 -8.57
CA PRO B 344 -19.83 -6.62 -7.65
C PRO B 344 -19.38 -6.80 -6.17
N ARG B 345 -19.27 -5.67 -5.45
CA ARG B 345 -18.75 -5.63 -4.07
C ARG B 345 -19.56 -6.53 -3.13
N GLU B 346 -20.80 -6.81 -3.56
CA GLU B 346 -21.78 -7.66 -2.85
C GLU B 346 -21.16 -9.01 -2.44
N LEU B 347 -20.28 -9.58 -3.29
CA LEU B 347 -19.67 -10.90 -3.02
C LEU B 347 -18.43 -10.78 -2.09
N PHE B 348 -17.85 -9.56 -2.02
CA PHE B 348 -16.68 -9.26 -1.17
C PHE B 348 -17.11 -8.88 0.25
N GLU B 349 -18.32 -8.30 0.38
CA GLU B 349 -18.91 -7.92 1.68
C GLU B 349 -19.17 -9.17 2.53
N GLU B 350 -19.33 -10.34 1.88
CA GLU B 350 -19.57 -11.62 2.56
C GLU B 350 -18.35 -12.03 3.43
N GLN B 351 -17.17 -11.47 3.12
CA GLN B 351 -15.94 -11.61 3.93
C GLN B 351 -15.75 -10.35 4.79
N ALA B 352 -15.70 -9.21 4.09
CA ALA B 352 -15.33 -7.90 4.64
C ALA B 352 -16.24 -7.46 5.82
N LYS B 353 -17.57 -7.49 5.59
CA LYS B 353 -18.59 -7.05 6.58
C LYS B 353 -18.33 -7.75 7.92
N ARG B 354 -18.09 -9.07 7.84
CA ARG B 354 -17.86 -9.91 9.01
C ARG B 354 -16.45 -9.67 9.58
N ARG B 355 -15.47 -9.30 8.72
CA ARG B 355 -14.08 -9.03 9.17
C ARG B 355 -14.05 -7.83 10.12
N VAL B 356 -14.79 -6.77 9.75
CA VAL B 356 -14.86 -5.52 10.52
C VAL B 356 -15.86 -5.64 11.70
N VAL B 357 -16.97 -6.42 11.52
CA VAL B 357 -17.96 -6.68 12.60
C VAL B 357 -17.33 -7.47 13.76
N VAL B 358 -16.48 -8.47 13.43
CA VAL B 358 -15.72 -9.25 14.45
C VAL B 358 -14.71 -8.33 15.17
N GLY B 359 -14.07 -7.44 14.40
CA GLY B 359 -13.15 -6.43 14.94
C GLY B 359 -13.81 -5.51 15.97
N LEU B 360 -15.08 -5.15 15.68
CA LEU B 360 -15.93 -4.37 16.59
C LEU B 360 -16.31 -5.18 17.84
N LEU B 361 -16.90 -6.38 17.62
CA LEU B 361 -17.48 -7.22 18.69
C LEU B 361 -16.39 -7.68 19.67
N LEU B 362 -15.43 -8.49 19.17
CA LEU B 362 -14.32 -9.03 19.99
C LEU B 362 -13.43 -7.90 20.54
N GLY B 363 -13.38 -6.78 19.78
CA GLY B 363 -12.70 -5.57 20.22
C GLY B 363 -13.29 -5.02 21.51
N GLU B 364 -14.61 -4.80 21.52
CA GLU B 364 -15.30 -4.23 22.69
C GLU B 364 -15.43 -5.24 23.83
N VAL B 365 -15.32 -6.56 23.54
CA VAL B 365 -15.21 -7.59 24.61
C VAL B 365 -13.96 -7.31 25.46
N ILE B 366 -12.81 -7.32 24.76
CA ILE B 366 -11.48 -7.22 25.40
C ILE B 366 -11.22 -5.80 25.94
N ARG B 367 -11.92 -4.80 25.38
CA ARG B 367 -11.88 -3.41 25.89
C ARG B 367 -12.70 -3.24 27.19
N THR B 368 -14.00 -3.60 27.17
CA THR B 368 -14.93 -3.33 28.30
C THR B 368 -14.62 -4.25 29.50
N ASN B 369 -14.38 -5.55 29.22
CA ASN B 369 -14.00 -6.54 30.26
C ASN B 369 -12.54 -6.27 30.71
N GLU B 370 -11.78 -5.66 29.79
CA GLU B 370 -10.36 -5.31 29.95
C GLU B 370 -9.55 -6.58 30.18
N LEU B 371 -9.33 -7.32 29.09
CA LEU B 371 -8.43 -8.48 29.08
C LEU B 371 -7.41 -8.30 27.96
N LYS B 372 -6.16 -8.70 28.24
CA LYS B 372 -5.06 -8.69 27.27
C LYS B 372 -4.60 -10.13 27.08
N ALA B 373 -3.86 -10.39 25.98
CA ALA B 373 -3.29 -11.71 25.69
C ALA B 373 -2.41 -12.13 26.87
N ASP B 374 -3.00 -12.92 27.79
CA ASP B 374 -2.34 -13.41 29.02
C ASP B 374 -0.98 -14.04 28.70
N GLU B 375 -0.02 -13.87 29.62
CA GLU B 375 1.38 -14.31 29.44
C GLU B 375 1.43 -15.77 28.96
N GLU B 376 0.75 -16.67 29.71
CA GLU B 376 0.69 -18.11 29.39
C GLU B 376 -0.14 -18.39 28.11
N ARG B 377 -1.06 -17.47 27.77
CA ARG B 377 -1.95 -17.63 26.59
C ARG B 377 -1.14 -17.38 25.29
N VAL B 378 -0.47 -16.22 25.22
CA VAL B 378 0.35 -15.84 24.05
C VAL B 378 1.60 -16.72 23.94
N LYS B 379 2.29 -16.97 25.09
CA LYS B 379 3.49 -17.84 25.16
C LYS B 379 3.12 -19.30 24.84
N GLY B 380 1.93 -19.73 25.33
CA GLY B 380 1.42 -21.08 25.08
C GLY B 380 1.12 -21.32 23.61
N LEU B 381 0.53 -20.30 22.96
CA LEU B 381 0.24 -20.31 21.51
C LEU B 381 1.57 -20.43 20.74
N ILE B 382 2.52 -19.53 21.09
CA ILE B 382 3.85 -19.46 20.47
C ILE B 382 4.60 -20.81 20.62
N GLU B 383 4.49 -21.44 21.79
CA GLU B 383 5.14 -22.75 22.07
C GLU B 383 4.52 -23.85 21.16
N GLU B 384 3.17 -23.86 21.15
CA GLU B 384 2.34 -24.85 20.45
C GLU B 384 2.70 -24.88 18.93
N MET B 385 2.86 -23.67 18.34
CA MET B 385 3.26 -23.53 16.93
C MET B 385 4.79 -23.69 16.74
N ALA B 386 5.59 -23.29 17.78
CA ALA B 386 7.07 -23.33 17.74
C ALA B 386 7.60 -24.77 17.65
N SER B 387 6.81 -25.71 18.20
CA SER B 387 7.09 -27.15 18.13
C SER B 387 7.19 -27.68 16.66
N ALA B 388 6.66 -26.89 15.71
CA ALA B 388 6.70 -27.20 14.26
C ALA B 388 7.88 -26.50 13.54
N TYR B 389 8.50 -25.50 14.20
CA TYR B 389 9.63 -24.72 13.63
C TYR B 389 11.00 -25.38 13.93
N GLU B 390 12.08 -24.69 13.51
CA GLU B 390 13.49 -25.17 13.64
C GLU B 390 13.82 -25.62 15.07
N ASP B 391 13.78 -24.68 16.02
CA ASP B 391 14.10 -24.90 17.42
C ASP B 391 13.06 -24.17 18.30
N PRO B 392 12.02 -24.90 18.84
CA PRO B 392 10.86 -24.30 19.57
C PRO B 392 11.23 -23.20 20.59
N LYS B 393 12.07 -23.56 21.56
CA LYS B 393 12.40 -22.71 22.71
C LYS B 393 13.21 -21.47 22.25
N GLU B 394 13.99 -21.65 21.16
CA GLU B 394 14.73 -20.55 20.51
C GLU B 394 13.79 -19.65 19.70
N VAL B 395 12.62 -20.19 19.26
CA VAL B 395 11.59 -19.41 18.52
C VAL B 395 10.93 -18.44 19.49
N ILE B 396 10.55 -18.98 20.66
CA ILE B 396 9.95 -18.20 21.77
C ILE B 396 10.96 -17.13 22.27
N GLU B 397 12.21 -17.57 22.45
CA GLU B 397 13.34 -16.72 22.90
C GLU B 397 13.62 -15.56 21.92
N PHE B 398 13.57 -15.85 20.60
CA PHE B 398 13.80 -14.84 19.55
C PHE B 398 12.64 -13.82 19.53
N TYR B 399 11.41 -14.35 19.61
CA TYR B 399 10.19 -13.52 19.61
C TYR B 399 10.11 -12.62 20.85
N SER B 400 10.73 -13.07 21.95
CA SER B 400 10.90 -12.26 23.18
C SER B 400 11.67 -10.94 22.89
N LYS B 401 12.60 -10.97 21.91
CA LYS B 401 13.29 -9.76 21.42
C LYS B 401 12.49 -9.09 20.28
N ASN B 402 11.61 -9.87 19.61
CA ASN B 402 10.85 -9.39 18.45
C ASN B 402 9.41 -9.14 18.91
N LYS B 403 9.27 -8.06 19.69
CA LYS B 403 7.99 -7.70 20.34
C LYS B 403 7.00 -7.18 19.29
N GLU B 404 7.53 -6.67 18.16
CA GLU B 404 6.72 -6.27 16.99
C GLU B 404 5.85 -7.44 16.50
N LEU B 405 6.49 -8.62 16.40
CA LEU B 405 5.82 -9.86 16.03
C LEU B 405 4.93 -10.34 17.18
N MET B 406 5.44 -10.22 18.42
CA MET B 406 4.72 -10.67 19.63
C MET B 406 3.42 -9.87 19.86
N ASP B 407 3.37 -8.63 19.32
CA ASP B 407 2.14 -7.81 19.33
C ASP B 407 1.10 -8.34 18.33
N ASN B 408 1.57 -8.85 17.18
CA ASN B 408 0.69 -9.54 16.19
C ASN B 408 0.19 -10.88 16.77
N MET B 409 1.08 -11.55 17.53
CA MET B 409 0.74 -12.76 18.28
C MET B 409 -0.18 -12.43 19.45
N ARG B 410 -0.08 -11.20 19.94
CA ARG B 410 -0.95 -10.65 20.98
C ARG B 410 -2.31 -10.27 20.38
N ASN B 411 -2.34 -9.90 19.09
CA ASN B 411 -3.61 -9.66 18.34
C ASN B 411 -4.37 -10.99 18.16
N VAL B 412 -3.67 -12.02 17.66
CA VAL B 412 -4.29 -13.34 17.39
C VAL B 412 -4.60 -14.10 18.69
N ALA B 413 -3.77 -13.90 19.73
CA ALA B 413 -4.01 -14.51 21.06
C ALA B 413 -5.17 -13.80 21.76
N LEU B 414 -5.29 -12.46 21.54
CA LEU B 414 -6.47 -11.69 22.01
C LEU B 414 -7.73 -12.07 21.23
N GLU B 415 -7.59 -12.38 19.94
CA GLU B 415 -8.71 -12.80 19.08
C GLU B 415 -9.31 -14.11 19.61
N GLU B 416 -8.43 -15.14 19.72
CA GLU B 416 -8.81 -16.45 20.23
C GLU B 416 -9.35 -16.34 21.67
N GLN B 417 -8.63 -15.59 22.53
CA GLN B 417 -9.00 -15.46 23.96
C GLN B 417 -10.28 -14.63 24.14
N ALA B 418 -10.58 -13.75 23.16
CA ALA B 418 -11.86 -12.98 23.13
C ALA B 418 -13.02 -13.91 22.81
N VAL B 419 -12.78 -14.82 21.84
CA VAL B 419 -13.70 -15.92 21.53
C VAL B 419 -13.90 -16.77 22.82
N GLU B 420 -12.81 -17.25 23.43
CA GLU B 420 -12.85 -18.10 24.66
C GLU B 420 -13.55 -17.39 25.83
N ALA B 421 -13.37 -16.05 25.90
CA ALA B 421 -13.97 -15.20 26.95
C ALA B 421 -15.49 -15.24 26.89
N VAL B 422 -16.07 -15.16 25.67
CA VAL B 422 -17.53 -15.25 25.49
C VAL B 422 -17.98 -16.73 25.62
N LEU B 423 -17.12 -17.69 25.17
CA LEU B 423 -17.42 -19.16 25.23
C LEU B 423 -17.48 -19.67 26.67
N ALA B 424 -16.77 -18.97 27.56
CA ALA B 424 -16.75 -19.25 29.02
C ALA B 424 -18.15 -19.09 29.66
N LYS B 425 -19.10 -18.45 28.93
CA LYS B 425 -20.48 -18.26 29.40
C LYS B 425 -21.51 -18.36 28.24
N ALA B 426 -21.04 -18.62 27.00
CA ALA B 426 -21.93 -18.80 25.81
C ALA B 426 -22.48 -20.23 25.81
N LYS B 427 -23.53 -20.46 25.00
CA LYS B 427 -24.20 -21.76 24.94
C LYS B 427 -23.36 -22.73 24.08
N VAL B 428 -22.30 -23.28 24.69
CA VAL B 428 -21.39 -24.21 24.03
C VAL B 428 -21.91 -25.65 24.19
N THR B 429 -22.33 -26.26 23.07
CA THR B 429 -22.79 -27.64 23.04
C THR B 429 -21.55 -28.55 22.91
N GLU B 430 -21.21 -29.22 24.02
CA GLU B 430 -20.08 -30.18 24.09
C GLU B 430 -20.45 -31.46 23.28
N LYS B 431 -20.32 -31.34 21.95
CA LYS B 431 -20.89 -32.30 20.99
C LYS B 431 -19.89 -33.45 20.70
N GLU B 432 -19.98 -34.51 21.50
CA GLU B 432 -19.16 -35.73 21.32
C GLU B 432 -19.45 -36.37 19.94
N THR B 433 -18.41 -36.43 19.10
CA THR B 433 -18.51 -36.93 17.71
C THR B 433 -17.24 -37.69 17.30
N THR B 434 -17.22 -38.19 16.06
CA THR B 434 -16.05 -38.85 15.45
C THR B 434 -15.31 -37.86 14.52
N PHE B 435 -14.06 -38.20 14.16
CA PHE B 435 -13.25 -37.46 13.15
C PHE B 435 -14.00 -37.36 11.81
N ASN B 436 -14.80 -38.41 11.52
CA ASN B 436 -15.68 -38.44 10.35
C ASN B 436 -16.67 -37.27 10.40
N GLU B 437 -17.27 -37.05 11.59
CA GLU B 437 -18.28 -35.98 11.81
C GLU B 437 -17.64 -34.60 12.11
N LEU B 438 -16.30 -34.60 12.32
CA LEU B 438 -15.52 -33.35 12.43
C LEU B 438 -15.35 -32.70 11.04
N MET B 439 -15.25 -33.55 10.01
CA MET B 439 -15.11 -33.11 8.61
C MET B 439 -16.48 -33.07 7.92
N ASN B 440 -17.36 -34.02 8.30
CA ASN B 440 -18.77 -34.07 7.86
C ASN B 440 -19.62 -33.48 9.00
N GLN B 441 -19.62 -32.14 9.06
CA GLN B 441 -20.21 -31.35 10.16
C GLN B 441 -21.74 -31.25 10.02
N GLN B 442 -22.36 -30.64 11.07
CA GLN B 442 -23.80 -30.30 11.09
C GLN B 442 -24.12 -29.33 9.94
N ALA B 443 -23.25 -28.32 9.77
CA ALA B 443 -23.36 -27.31 8.71
C ALA B 443 -22.53 -27.79 7.49
N MET A 12 13.66 -28.18 4.36
CA MET A 12 13.80 -27.07 3.41
C MET A 12 15.29 -26.75 3.20
N GLN A 13 15.68 -26.57 1.92
CA GLN A 13 17.04 -26.20 1.53
C GLN A 13 17.24 -24.69 1.75
N VAL A 14 17.59 -24.31 3.00
CA VAL A 14 17.78 -22.91 3.42
C VAL A 14 19.24 -22.68 3.85
N SER A 15 19.79 -21.50 3.52
CA SER A 15 21.16 -21.13 3.91
C SER A 15 21.31 -19.60 4.05
N VAL A 16 21.80 -19.15 5.23
CA VAL A 16 22.08 -17.73 5.48
C VAL A 16 23.56 -17.41 5.18
N GLU A 17 23.78 -16.66 4.09
CA GLU A 17 25.08 -16.07 3.75
C GLU A 17 25.22 -14.71 4.47
N THR A 18 26.40 -14.40 5.00
CA THR A 18 26.71 -13.03 5.46
C THR A 18 27.26 -12.23 4.26
N THR A 19 26.47 -11.27 3.74
CA THR A 19 26.85 -10.44 2.60
C THR A 19 28.02 -9.49 2.98
N GLN A 20 27.82 -8.70 4.07
CA GLN A 20 28.87 -7.79 4.61
C GLN A 20 28.47 -7.32 6.02
N GLY A 21 28.96 -8.06 7.05
CA GLY A 21 28.80 -7.69 8.46
C GLY A 21 27.34 -7.72 8.93
N LEU A 22 26.62 -6.63 8.68
CA LEU A 22 25.17 -6.53 8.90
C LEU A 22 24.43 -7.28 7.80
N GLY A 23 24.89 -7.06 6.55
CA GLY A 23 24.29 -7.63 5.35
C GLY A 23 24.29 -9.15 5.36
N ARG A 24 23.17 -9.74 4.94
CA ARG A 24 22.92 -11.18 4.94
C ARG A 24 21.96 -11.55 3.80
N ARG A 25 21.86 -12.86 3.55
CA ARG A 25 21.16 -13.41 2.40
C ARG A 25 20.69 -14.84 2.72
N VAL A 26 19.48 -14.95 3.30
CA VAL A 26 18.87 -16.25 3.63
C VAL A 26 18.18 -16.79 2.36
N THR A 27 18.94 -17.57 1.59
CA THR A 27 18.44 -18.20 0.36
C THR A 27 17.63 -19.45 0.73
N ILE A 28 16.29 -19.38 0.50
CA ILE A 28 15.35 -20.46 0.82
C ILE A 28 14.80 -21.08 -0.48
N THR A 29 14.88 -22.41 -0.57
CA THR A 29 14.31 -23.20 -1.65
C THR A 29 13.09 -23.96 -1.11
N ILE A 30 11.98 -23.96 -1.89
CA ILE A 30 10.79 -24.78 -1.61
C ILE A 30 10.44 -25.55 -2.90
N ALA A 31 10.15 -26.86 -2.79
CA ALA A 31 9.85 -27.72 -3.94
C ALA A 31 8.52 -27.34 -4.61
N ALA A 32 8.38 -27.75 -5.88
CA ALA A 32 7.24 -27.39 -6.76
C ALA A 32 5.88 -27.81 -6.17
N ASP A 33 5.73 -29.13 -5.89
CA ASP A 33 4.48 -29.71 -5.37
C ASP A 33 4.31 -29.43 -3.86
N SER A 34 5.42 -29.09 -3.16
CA SER A 34 5.36 -28.61 -1.76
C SER A 34 4.56 -27.29 -1.70
N ILE A 35 4.84 -26.42 -2.68
CA ILE A 35 4.10 -25.17 -2.88
C ILE A 35 2.67 -25.48 -3.38
N GLU A 36 2.58 -26.37 -4.38
CA GLU A 36 1.30 -26.72 -5.05
C GLU A 36 0.27 -27.35 -4.07
N THR A 37 0.74 -28.03 -3.01
CA THR A 37 -0.13 -28.54 -1.94
C THR A 37 -0.70 -27.34 -1.14
N ALA A 38 0.19 -26.37 -0.82
CA ALA A 38 -0.18 -25.12 -0.14
C ALA A 38 -1.09 -24.26 -1.04
N VAL A 39 -0.93 -24.40 -2.39
CA VAL A 39 -1.77 -23.68 -3.37
C VAL A 39 -3.19 -24.24 -3.34
N LYS A 40 -3.30 -25.60 -3.35
CA LYS A 40 -4.60 -26.31 -3.20
C LYS A 40 -5.34 -25.82 -1.95
N SER A 41 -4.61 -25.90 -0.81
CA SER A 41 -5.11 -25.53 0.52
C SER A 41 -5.64 -24.09 0.53
N GLU A 42 -4.77 -23.12 0.19
CA GLU A 42 -5.09 -21.68 0.26
C GLU A 42 -6.15 -21.26 -0.75
N LEU A 43 -6.19 -21.95 -1.92
CA LEU A 43 -7.17 -21.65 -2.99
C LEU A 43 -8.58 -22.02 -2.48
N VAL A 44 -8.75 -23.25 -1.99
CA VAL A 44 -10.07 -23.72 -1.51
C VAL A 44 -10.48 -23.00 -0.20
N ASN A 45 -9.47 -22.68 0.66
CA ASN A 45 -9.69 -21.92 1.92
C ASN A 45 -10.31 -20.57 1.59
N VAL A 46 -9.59 -19.75 0.80
CA VAL A 46 -10.04 -18.39 0.42
C VAL A 46 -11.36 -18.46 -0.39
N ALA A 47 -11.53 -19.56 -1.17
CA ALA A 47 -12.78 -19.81 -1.90
C ALA A 47 -13.96 -19.99 -0.93
N LYS A 48 -13.72 -20.63 0.23
CA LYS A 48 -14.78 -20.85 1.25
C LYS A 48 -14.90 -19.65 2.21
N LYS A 49 -13.82 -18.85 2.31
CA LYS A 49 -13.78 -17.63 3.14
C LYS A 49 -14.62 -16.53 2.48
N VAL A 50 -14.46 -16.39 1.16
CA VAL A 50 -15.22 -15.45 0.31
C VAL A 50 -16.58 -16.10 -0.12
N ARG A 51 -16.65 -17.44 0.07
CA ARG A 51 -17.82 -18.30 -0.25
C ARG A 51 -18.14 -18.29 -1.77
N ILE A 52 -17.06 -18.27 -2.57
CA ILE A 52 -17.12 -18.55 -4.02
C ILE A 52 -17.25 -20.07 -4.25
N ASP A 53 -16.69 -20.84 -3.30
CA ASP A 53 -16.68 -22.33 -3.28
C ASP A 53 -15.57 -22.89 -4.21
N GLY A 54 -15.49 -22.34 -5.43
CA GLY A 54 -14.49 -22.74 -6.41
C GLY A 54 -14.92 -23.97 -7.19
N PHE A 55 -16.07 -23.81 -7.90
CA PHE A 55 -16.96 -24.88 -8.47
C PHE A 55 -16.67 -26.34 -7.94
N ARG A 56 -16.43 -26.42 -6.62
CA ARG A 56 -16.05 -27.66 -5.90
C ARG A 56 -17.32 -28.42 -5.40
N LYS A 57 -18.51 -27.88 -5.73
CA LYS A 57 -19.83 -28.32 -5.18
C LYS A 57 -20.09 -29.84 -5.32
N GLY A 58 -19.47 -30.47 -6.33
CA GLY A 58 -19.51 -31.93 -6.50
C GLY A 58 -18.18 -32.51 -6.07
N LYS A 59 -17.14 -32.22 -6.86
CA LYS A 59 -15.74 -32.51 -6.53
C LYS A 59 -14.86 -31.36 -7.02
N VAL A 60 -14.61 -31.33 -8.37
CA VAL A 60 -13.70 -30.39 -9.06
C VAL A 60 -12.52 -29.91 -8.17
N PRO A 61 -11.52 -30.82 -7.90
CA PRO A 61 -10.46 -30.55 -6.93
C PRO A 61 -9.39 -29.62 -7.51
N MET A 62 -8.65 -28.96 -6.59
CA MET A 62 -7.58 -28.02 -6.94
C MET A 62 -6.35 -28.77 -7.51
N ASN A 63 -6.41 -30.12 -7.51
CA ASN A 63 -5.44 -31.00 -8.20
C ASN A 63 -5.30 -30.61 -9.69
N ILE A 64 -6.40 -30.11 -10.28
CA ILE A 64 -6.42 -29.60 -11.67
C ILE A 64 -6.49 -28.06 -11.64
N VAL A 65 -7.45 -27.53 -10.84
CA VAL A 65 -7.77 -26.08 -10.80
C VAL A 65 -6.54 -25.23 -10.41
N ALA A 66 -5.83 -25.64 -9.36
CA ALA A 66 -4.63 -24.92 -8.88
C ALA A 66 -3.42 -25.20 -9.79
N GLN A 67 -3.20 -26.48 -10.09
CA GLN A 67 -1.99 -26.97 -10.75
C GLN A 67 -1.89 -26.58 -12.24
N ARG A 68 -3.05 -26.36 -12.90
CA ARG A 68 -3.09 -26.11 -14.36
C ARG A 68 -3.92 -24.84 -14.70
N TYR A 69 -4.27 -24.04 -13.68
CA TYR A 69 -5.09 -22.82 -13.88
C TYR A 69 -4.88 -21.80 -12.72
N GLY A 70 -4.41 -22.27 -11.54
CA GLY A 70 -4.25 -21.40 -10.37
C GLY A 70 -2.93 -20.63 -10.39
N ALA A 71 -2.73 -19.80 -11.43
CA ALA A 71 -1.52 -19.01 -11.62
C ALA A 71 -1.54 -17.73 -10.77
N SER A 72 -2.72 -17.08 -10.71
CA SER A 72 -2.91 -15.78 -10.07
C SER A 72 -2.96 -15.88 -8.52
N VAL A 73 -3.33 -17.08 -8.00
CA VAL A 73 -3.38 -17.35 -6.54
C VAL A 73 -1.96 -17.45 -5.94
N ARG A 74 -0.94 -17.66 -6.81
CA ARG A 74 0.49 -17.69 -6.40
C ARG A 74 0.91 -16.38 -5.72
N GLN A 75 0.19 -15.29 -6.00
CA GLN A 75 0.34 -14.01 -5.30
C GLN A 75 0.20 -14.21 -3.76
N ASP A 76 -0.96 -14.74 -3.37
CA ASP A 76 -1.32 -15.02 -1.98
C ASP A 76 -0.41 -16.11 -1.39
N VAL A 77 -0.29 -17.23 -2.14
CA VAL A 77 0.45 -18.43 -1.70
C VAL A 77 1.93 -18.08 -1.49
N LEU A 78 2.66 -17.74 -2.58
CA LEU A 78 4.10 -17.39 -2.51
C LEU A 78 4.31 -16.18 -1.59
N GLY A 79 3.35 -15.22 -1.63
CA GLY A 79 3.35 -14.07 -0.71
C GLY A 79 3.36 -14.47 0.76
N ASP A 80 2.64 -15.56 1.11
CA ASP A 80 2.60 -16.07 2.49
C ASP A 80 3.86 -16.88 2.79
N LEU A 81 4.20 -17.84 1.90
CA LEU A 81 5.30 -18.82 2.09
C LEU A 81 6.66 -18.12 2.24
N MET A 82 6.88 -17.03 1.47
CA MET A 82 8.13 -16.26 1.52
C MET A 82 8.37 -15.68 2.92
N SER A 83 7.29 -15.27 3.60
CA SER A 83 7.35 -14.70 4.94
C SER A 83 7.20 -15.79 6.04
N ARG A 84 6.48 -16.89 5.72
CA ARG A 84 6.07 -17.90 6.72
C ARG A 84 7.22 -18.90 6.94
N ASN A 85 7.75 -19.45 5.84
CA ASN A 85 8.89 -20.39 5.88
C ASN A 85 10.14 -19.68 6.39
N PHE A 86 10.23 -18.37 6.08
CA PHE A 86 11.29 -17.49 6.57
C PHE A 86 11.18 -17.36 8.10
N ILE A 87 10.02 -16.84 8.59
CA ILE A 87 9.81 -16.53 10.02
C ILE A 87 9.94 -17.79 10.90
N ASP A 88 9.65 -18.97 10.33
CA ASP A 88 9.85 -20.27 11.00
C ASP A 88 11.34 -20.62 11.06
N ALA A 89 11.98 -20.73 9.87
CA ALA A 89 13.39 -21.18 9.75
C ALA A 89 14.36 -20.34 10.62
N ILE A 90 14.10 -19.01 10.65
CA ILE A 90 14.98 -18.04 11.33
C ILE A 90 14.86 -18.09 12.86
N ILE A 91 13.85 -18.82 13.39
CA ILE A 91 13.69 -19.04 14.83
C ILE A 91 14.87 -19.88 15.35
N LYS A 92 15.16 -20.95 14.62
CA LYS A 92 16.24 -21.89 14.96
C LYS A 92 17.61 -21.26 14.68
N GLU A 93 17.66 -20.43 13.64
CA GLU A 93 18.92 -19.80 13.17
C GLU A 93 19.17 -18.43 13.85
N LYS A 94 18.19 -17.95 14.66
CA LYS A 94 18.28 -16.66 15.41
C LYS A 94 18.48 -15.45 14.47
N ILE A 95 17.97 -15.56 13.25
CA ILE A 95 18.11 -14.51 12.23
C ILE A 95 17.07 -13.41 12.49
N ASN A 96 17.50 -12.32 13.14
CA ASN A 96 16.65 -11.14 13.39
C ASN A 96 16.98 -10.05 12.34
N PRO A 97 16.11 -9.87 11.27
CA PRO A 97 16.32 -8.83 10.22
C PRO A 97 16.07 -7.40 10.76
N ALA A 98 16.39 -6.38 9.92
CA ALA A 98 16.16 -4.95 10.24
C ALA A 98 14.70 -4.52 9.99
N GLY A 99 13.75 -5.46 10.12
CA GLY A 99 12.32 -5.20 9.91
C GLY A 99 11.90 -5.51 8.47
N ALA A 100 12.58 -4.89 7.49
CA ALA A 100 12.29 -5.05 6.06
C ALA A 100 13.27 -6.08 5.43
N PRO A 101 12.79 -7.33 5.08
CA PRO A 101 13.57 -8.33 4.35
C PRO A 101 13.26 -8.31 2.83
N THR A 102 14.26 -7.94 2.01
CA THR A 102 14.13 -7.85 0.55
C THR A 102 14.07 -9.26 -0.06
N TYR A 103 12.83 -9.76 -0.30
CA TYR A 103 12.61 -11.05 -0.97
C TYR A 103 12.94 -10.90 -2.45
N VAL A 104 14.04 -11.52 -2.89
CA VAL A 104 14.44 -11.59 -4.30
C VAL A 104 13.97 -12.95 -4.85
N PRO A 105 12.74 -13.01 -5.48
CA PRO A 105 12.14 -14.28 -5.92
C PRO A 105 12.72 -14.77 -7.26
N GLY A 106 12.92 -16.09 -7.37
CA GLY A 106 13.26 -16.73 -8.63
C GLY A 106 12.07 -16.76 -9.57
N GLU A 107 12.33 -16.87 -10.89
CA GLU A 107 11.26 -17.01 -11.90
C GLU A 107 10.53 -18.33 -11.61
N TYR A 108 9.26 -18.23 -11.15
CA TYR A 108 8.47 -19.40 -10.73
C TYR A 108 8.12 -20.29 -11.95
N LYS A 109 9.03 -21.21 -12.26
CA LYS A 109 8.88 -22.17 -13.36
C LYS A 109 8.11 -23.41 -12.85
N LEU A 110 6.99 -23.72 -13.53
CA LEU A 110 6.15 -24.88 -13.22
C LEU A 110 6.90 -26.18 -13.59
N GLY A 111 7.08 -27.06 -12.59
CA GLY A 111 7.85 -28.31 -12.73
C GLY A 111 9.15 -28.25 -11.95
N GLU A 112 9.72 -27.04 -11.84
CA GLU A 112 10.93 -26.77 -11.04
C GLU A 112 10.55 -26.12 -9.70
N ASP A 113 11.51 -26.13 -8.75
CA ASP A 113 11.33 -25.51 -7.43
C ASP A 113 11.38 -23.97 -7.52
N PHE A 114 10.94 -23.32 -6.43
CA PHE A 114 10.97 -21.86 -6.30
C PHE A 114 11.98 -21.50 -5.20
N THR A 115 13.04 -20.81 -5.60
CA THR A 115 14.10 -20.34 -4.70
C THR A 115 14.05 -18.81 -4.62
N TYR A 116 13.85 -18.28 -3.40
CA TYR A 116 13.86 -16.84 -3.13
C TYR A 116 15.01 -16.49 -2.17
N SER A 117 15.87 -15.57 -2.61
CA SER A 117 17.00 -15.06 -1.85
C SER A 117 16.54 -13.87 -0.98
N VAL A 118 16.36 -14.11 0.32
CA VAL A 118 15.94 -13.06 1.27
C VAL A 118 17.18 -12.25 1.69
N GLU A 119 17.43 -11.12 0.99
CA GLU A 119 18.54 -10.21 1.29
C GLU A 119 18.07 -9.10 2.23
N PHE A 120 18.91 -8.77 3.22
CA PHE A 120 18.60 -7.78 4.27
C PHE A 120 19.84 -7.62 5.16
N GLU A 121 19.84 -6.55 5.95
CA GLU A 121 20.78 -6.40 7.07
C GLU A 121 20.05 -6.79 8.35
N VAL A 122 20.79 -7.32 9.33
CA VAL A 122 20.25 -7.54 10.69
C VAL A 122 20.03 -6.19 11.39
N TYR A 123 19.07 -6.15 12.34
CA TYR A 123 18.63 -4.90 12.97
C TYR A 123 19.80 -4.17 13.67
N PRO A 124 20.24 -2.97 13.13
CA PRO A 124 21.34 -2.19 13.71
C PRO A 124 20.93 -1.43 14.98
N GLU A 125 21.92 -0.80 15.61
CA GLU A 125 21.74 0.06 16.78
C GLU A 125 22.32 1.46 16.51
N VAL A 126 21.94 2.43 17.34
CA VAL A 126 22.24 3.84 17.15
C VAL A 126 22.58 4.48 18.52
N GLU A 127 23.57 5.38 18.53
CA GLU A 127 24.12 5.98 19.76
C GLU A 127 24.04 7.51 19.67
N LEU A 128 23.19 8.14 20.50
CA LEU A 128 23.10 9.62 20.54
C LEU A 128 24.40 10.19 21.14
N GLN A 129 25.32 10.48 20.22
CA GLN A 129 26.68 10.94 20.53
C GLN A 129 26.80 12.38 20.01
N GLY A 130 27.96 13.03 20.27
CA GLY A 130 28.29 14.34 19.69
C GLY A 130 27.30 15.45 20.00
N LEU A 131 26.64 15.36 21.17
CA LEU A 131 25.57 16.30 21.57
C LEU A 131 26.13 17.72 21.85
N GLU A 132 27.47 17.78 22.04
CA GLU A 132 28.24 19.02 22.20
C GLU A 132 28.55 19.60 20.80
N ALA A 133 28.69 18.68 19.81
CA ALA A 133 29.03 19.02 18.42
C ALA A 133 27.81 19.53 17.64
N ILE A 134 26.60 19.03 18.05
CA ILE A 134 25.29 19.44 17.45
C ILE A 134 25.12 20.96 17.50
N GLU A 135 25.14 21.58 16.31
CA GLU A 135 24.97 23.02 16.16
C GLU A 135 23.47 23.39 16.24
N VAL A 136 23.20 24.45 17.00
CA VAL A 136 21.87 25.04 17.15
C VAL A 136 21.98 26.49 16.67
N GLU A 137 21.82 26.69 15.36
CA GLU A 137 21.98 28.01 14.74
C GLU A 137 20.61 28.70 14.72
N LYS A 138 20.40 29.60 15.69
CA LYS A 138 19.17 30.40 15.81
C LYS A 138 19.35 31.80 15.16
N PRO A 139 18.75 32.08 13.96
CA PRO A 139 18.69 33.44 13.41
C PRO A 139 17.60 34.26 14.13
N ILE A 140 18.02 35.03 15.15
CA ILE A 140 17.14 35.85 15.99
C ILE A 140 16.60 37.02 15.15
N VAL A 141 15.44 36.81 14.51
CA VAL A 141 14.84 37.80 13.59
C VAL A 141 13.45 38.24 14.10
N GLU A 142 13.16 39.53 13.95
CA GLU A 142 11.85 40.13 14.28
C GLU A 142 11.40 40.91 13.05
N VAL A 143 10.19 40.62 12.56
CA VAL A 143 9.61 41.37 11.44
C VAL A 143 9.14 42.74 11.96
N THR A 144 9.97 43.76 11.79
CA THR A 144 9.63 45.14 12.17
C THR A 144 9.01 45.86 10.96
N ASP A 145 8.59 47.12 11.16
CA ASP A 145 8.06 47.99 10.08
C ASP A 145 9.12 48.19 8.99
N ALA A 146 10.40 48.20 9.42
CA ALA A 146 11.57 48.27 8.52
C ALA A 146 11.59 47.06 7.56
N ASP A 147 11.40 45.86 8.14
CA ASP A 147 11.42 44.59 7.38
C ASP A 147 10.24 44.50 6.40
N VAL A 148 9.03 44.84 6.90
CA VAL A 148 7.80 44.81 6.09
C VAL A 148 7.91 45.76 4.87
N ASP A 149 8.29 47.03 5.15
CA ASP A 149 8.29 48.09 4.15
C ASP A 149 9.46 47.92 3.16
N GLY A 150 10.62 47.49 3.68
CA GLY A 150 11.81 47.22 2.86
C GLY A 150 11.60 46.04 1.90
N MET A 151 10.94 44.98 2.43
CA MET A 151 10.54 43.82 1.63
C MET A 151 9.50 44.26 0.58
N LEU A 152 8.59 45.18 0.99
CA LEU A 152 7.53 45.72 0.11
C LEU A 152 8.14 46.49 -1.09
N ASP A 153 9.25 47.20 -0.85
CA ASP A 153 10.01 47.88 -1.91
C ASP A 153 10.67 46.85 -2.84
N THR A 154 11.30 45.84 -2.23
CA THR A 154 11.92 44.71 -2.96
C THR A 154 10.84 43.87 -3.69
N LEU A 155 9.59 43.95 -3.22
CA LEU A 155 8.44 43.27 -3.83
C LEU A 155 8.02 44.04 -5.10
N ARG A 156 7.87 45.38 -4.99
CA ARG A 156 7.45 46.23 -6.13
C ARG A 156 8.57 46.31 -7.20
N LYS A 157 9.83 46.09 -6.78
CA LYS A 157 10.99 46.15 -7.69
C LYS A 157 11.29 44.78 -8.33
N GLN A 158 11.45 43.73 -7.49
CA GLN A 158 11.81 42.36 -7.96
C GLN A 158 10.59 41.61 -8.53
N GLN A 159 9.38 41.89 -8.03
CA GLN A 159 8.14 41.30 -8.58
C GLN A 159 7.33 42.37 -9.31
N ALA A 160 8.05 43.22 -10.06
CA ALA A 160 7.46 44.27 -10.90
C ALA A 160 6.70 43.65 -12.11
N THR A 161 5.91 44.50 -12.79
CA THR A 161 5.11 44.09 -13.95
C THR A 161 5.99 44.00 -15.23
N TRP A 162 5.35 43.71 -16.38
CA TRP A 162 6.05 43.41 -17.64
C TRP A 162 5.39 44.16 -18.81
N LYS A 163 6.20 44.96 -19.51
CA LYS A 163 5.81 45.61 -20.77
C LYS A 163 6.24 44.76 -21.96
N GLU A 164 5.91 45.20 -23.18
CA GLU A 164 6.35 44.55 -24.43
C GLU A 164 7.69 45.15 -24.88
N LYS A 165 8.39 44.46 -25.79
CA LYS A 165 9.70 44.92 -26.31
C LYS A 165 9.88 44.58 -27.79
N ASP A 166 10.54 45.50 -28.52
CA ASP A 166 11.04 45.28 -29.90
C ASP A 166 12.57 45.37 -29.88
N GLY A 167 13.26 44.22 -29.97
CA GLY A 167 14.72 44.20 -30.00
C GLY A 167 15.27 42.85 -29.53
N ALA A 168 16.52 42.86 -29.03
CA ALA A 168 17.18 41.66 -28.51
C ALA A 168 16.62 41.27 -27.14
N VAL A 169 16.74 39.98 -26.80
CA VAL A 169 16.43 39.50 -25.46
C VAL A 169 17.65 39.82 -24.56
N GLU A 170 17.41 40.41 -23.38
CA GLU A 170 18.46 40.66 -22.38
C GLU A 170 18.32 39.66 -21.23
N ALA A 171 19.36 39.59 -20.38
CA ALA A 171 19.33 38.80 -19.14
C ALA A 171 18.40 39.45 -18.09
N GLU A 172 18.06 40.74 -18.32
CA GLU A 172 17.16 41.52 -17.46
C GLU A 172 15.81 41.77 -18.16
N ASP A 173 15.35 40.76 -18.92
CA ASP A 173 14.03 40.78 -19.61
C ASP A 173 13.19 39.55 -19.22
N ARG A 174 12.00 39.50 -19.81
CA ARG A 174 11.11 38.34 -19.79
C ARG A 174 10.92 37.87 -21.22
N VAL A 175 11.23 36.61 -21.50
CA VAL A 175 11.06 36.05 -22.84
C VAL A 175 10.18 34.77 -22.76
N THR A 176 9.00 34.85 -23.38
CA THR A 176 8.08 33.73 -23.50
C THR A 176 8.42 32.95 -24.78
N ILE A 177 8.85 31.69 -24.59
CA ILE A 177 9.28 30.80 -25.68
C ILE A 177 8.65 29.41 -25.52
N ASP A 178 8.38 28.76 -26.64
CA ASP A 178 7.99 27.34 -26.65
C ASP A 178 9.16 26.55 -27.25
N PHE A 179 9.57 25.48 -26.56
CA PHE A 179 10.74 24.69 -26.96
C PHE A 179 10.53 23.21 -26.66
N THR A 180 11.31 22.39 -27.36
CA THR A 180 11.40 20.94 -27.13
C THR A 180 12.89 20.57 -27.00
N GLY A 181 13.21 19.69 -26.04
CA GLY A 181 14.60 19.39 -25.68
C GLY A 181 14.95 17.91 -25.82
N SER A 182 16.20 17.64 -26.25
CA SER A 182 16.74 16.29 -26.38
C SER A 182 18.18 16.27 -25.83
N VAL A 183 18.36 15.59 -24.69
CA VAL A 183 19.67 15.45 -24.05
C VAL A 183 20.53 14.45 -24.85
N ASP A 184 21.38 15.01 -25.74
CA ASP A 184 22.32 14.25 -26.61
C ASP A 184 21.54 13.37 -27.63
N GLY A 185 20.26 13.71 -27.84
CA GLY A 185 19.35 12.97 -28.72
C GLY A 185 18.17 12.38 -27.96
N GLU A 186 18.38 12.12 -26.66
CA GLU A 186 17.37 11.51 -25.79
C GLU A 186 16.33 12.57 -25.40
N GLU A 187 15.17 12.54 -26.09
CA GLU A 187 14.06 13.48 -25.83
C GLU A 187 13.42 13.11 -24.48
N PHE A 188 14.04 13.63 -23.41
CA PHE A 188 13.70 13.34 -22.02
C PHE A 188 12.28 13.82 -21.69
N GLU A 189 11.58 13.01 -20.88
CA GLU A 189 10.15 13.19 -20.57
C GLU A 189 9.98 14.34 -19.57
N GLY A 190 9.33 15.41 -20.05
CA GLY A 190 9.25 16.68 -19.32
C GLY A 190 10.29 17.68 -19.80
N GLY A 191 10.93 17.36 -20.94
CA GLY A 191 11.97 18.19 -21.53
C GLY A 191 11.46 19.22 -22.53
N LYS A 192 10.20 19.63 -22.36
CA LYS A 192 9.57 20.65 -23.19
C LYS A 192 8.51 21.40 -22.36
N ALA A 193 8.10 22.55 -22.89
CA ALA A 193 7.02 23.36 -22.33
C ALA A 193 6.52 24.33 -23.41
N SER A 194 5.36 23.99 -24.00
CA SER A 194 4.68 24.82 -24.99
C SER A 194 4.12 26.08 -24.29
N ASP A 195 4.53 27.25 -24.80
CA ASP A 195 4.33 28.56 -24.18
C ASP A 195 4.92 28.57 -22.74
N PHE A 196 6.23 28.45 -22.67
CA PHE A 196 6.99 28.66 -21.43
C PHE A 196 7.36 30.13 -21.32
N VAL A 197 7.56 30.64 -20.10
CA VAL A 197 8.03 32.01 -19.89
C VAL A 197 9.26 32.02 -18.95
N LEU A 198 10.38 32.50 -19.49
CA LEU A 198 11.58 32.85 -18.71
C LEU A 198 11.46 34.30 -18.26
N ALA A 199 11.72 34.55 -16.97
CA ALA A 199 11.85 35.91 -16.43
C ALA A 199 13.23 36.05 -15.76
N MET A 200 13.69 37.28 -15.69
CA MET A 200 14.92 37.65 -14.97
C MET A 200 14.69 37.71 -13.44
N GLY A 201 15.78 37.93 -12.70
CA GLY A 201 15.72 38.14 -11.25
C GLY A 201 15.87 36.86 -10.44
N GLN A 202 16.34 35.79 -11.11
CA GLN A 202 16.60 34.48 -10.47
C GLN A 202 18.06 34.09 -10.69
N GLY A 203 18.44 32.92 -10.12
CA GLY A 203 19.78 32.38 -10.24
C GLY A 203 20.11 31.91 -11.66
N ARG A 204 21.41 31.81 -11.94
CA ARG A 204 21.95 31.43 -13.26
C ARG A 204 21.55 29.97 -13.58
N MET A 205 20.94 29.75 -14.77
CA MET A 205 20.43 28.44 -15.20
C MET A 205 21.60 27.51 -15.62
N ILE A 206 21.27 26.28 -16.05
CA ILE A 206 22.24 25.28 -16.56
C ILE A 206 23.20 25.90 -17.62
N PRO A 207 24.54 25.54 -17.57
CA PRO A 207 25.58 26.00 -18.53
C PRO A 207 25.06 26.19 -19.96
N GLY A 208 25.09 27.44 -20.44
CA GLY A 208 24.47 27.81 -21.70
C GLY A 208 23.09 28.38 -21.47
N PHE A 209 22.04 27.64 -21.88
CA PHE A 209 20.62 28.09 -21.99
C PHE A 209 20.49 29.62 -22.30
N GLU A 210 20.56 30.43 -21.21
CA GLU A 210 20.41 31.91 -21.25
C GLU A 210 21.33 32.55 -22.30
N ASP A 211 22.58 32.05 -22.39
CA ASP A 211 23.61 32.51 -23.35
C ASP A 211 23.08 32.50 -24.81
N GLY A 212 22.26 31.50 -25.13
CA GLY A 212 21.67 31.37 -26.46
C GLY A 212 20.43 32.23 -26.63
N ILE A 213 19.56 32.21 -25.59
CA ILE A 213 18.27 32.93 -25.56
C ILE A 213 18.48 34.45 -25.81
N LYS A 214 19.36 35.03 -24.97
CA LYS A 214 19.72 36.46 -25.04
C LYS A 214 20.85 36.72 -26.07
N GLY A 215 21.12 35.70 -26.91
CA GLY A 215 22.10 35.83 -27.99
C GLY A 215 21.41 36.11 -29.32
N HIS A 216 20.11 36.44 -29.26
CA HIS A 216 19.25 36.68 -30.43
C HIS A 216 18.22 37.79 -30.13
N LYS A 217 17.48 38.16 -31.19
CA LYS A 217 16.39 39.15 -31.13
C LYS A 217 15.06 38.49 -31.55
N ALA A 218 13.93 39.12 -31.22
CA ALA A 218 12.59 38.60 -31.58
C ALA A 218 12.40 38.60 -33.11
N GLY A 219 11.98 37.46 -33.67
CA GLY A 219 11.82 37.31 -35.12
C GLY A 219 12.31 35.96 -35.62
N GLU A 220 13.53 35.58 -35.18
CA GLU A 220 14.16 34.30 -35.57
C GLU A 220 13.85 33.20 -34.55
N GLU A 221 13.97 31.94 -35.02
CA GLU A 221 13.87 30.74 -34.19
C GLU A 221 15.13 29.90 -34.41
N PHE A 222 15.61 29.24 -33.37
CA PHE A 222 16.93 28.58 -33.35
C PHE A 222 16.92 27.39 -32.37
N THR A 223 18.07 26.73 -32.22
CA THR A 223 18.25 25.66 -31.23
C THR A 223 19.56 25.88 -30.46
N ILE A 224 19.53 25.64 -29.14
CA ILE A 224 20.71 25.80 -28.26
C ILE A 224 21.13 24.43 -27.70
N ASP A 225 22.31 23.98 -28.12
CA ASP A 225 22.89 22.71 -27.67
C ASP A 225 23.78 23.01 -26.47
N VAL A 226 23.25 22.75 -25.26
CA VAL A 226 23.90 23.10 -23.99
C VAL A 226 24.08 21.84 -23.13
N THR A 227 25.33 21.61 -22.66
CA THR A 227 25.68 20.45 -21.84
C THR A 227 25.05 20.57 -20.44
N PHE A 228 24.32 19.50 -20.03
CA PHE A 228 23.76 19.36 -18.67
C PHE A 228 24.90 19.36 -17.63
N PRO A 229 24.70 20.00 -16.43
CA PRO A 229 25.73 20.08 -15.36
C PRO A 229 26.18 18.69 -14.88
N GLU A 230 27.48 18.49 -14.68
CA GLU A 230 28.01 17.26 -14.04
C GLU A 230 27.60 17.22 -12.55
N GLU A 231 27.21 18.40 -12.02
CA GLU A 231 26.59 18.55 -10.69
C GLU A 231 25.20 17.89 -10.65
N TYR A 232 24.52 17.84 -11.82
CA TYR A 232 23.12 17.36 -11.93
C TYR A 232 23.08 15.84 -11.61
N HIS A 233 22.46 15.50 -10.47
CA HIS A 233 22.56 14.16 -9.82
C HIS A 233 21.96 12.97 -10.62
N ALA A 234 21.29 13.23 -11.75
CA ALA A 234 20.72 12.16 -12.60
C ALA A 234 21.73 11.80 -13.72
N GLU A 235 22.27 10.57 -13.66
CA GLU A 235 23.27 10.05 -14.62
C GLU A 235 22.69 9.95 -16.06
N ASN A 236 21.35 9.85 -16.15
CA ASN A 236 20.62 9.81 -17.44
C ASN A 236 20.86 11.10 -18.26
N LEU A 237 20.98 12.25 -17.57
CA LEU A 237 20.98 13.57 -18.22
C LEU A 237 22.37 14.26 -18.15
N LYS A 238 23.04 14.17 -16.99
CA LYS A 238 24.28 14.96 -16.71
C LYS A 238 25.43 14.66 -17.69
N GLY A 239 26.17 15.71 -18.09
CA GLY A 239 27.33 15.55 -18.98
C GLY A 239 26.98 15.46 -20.46
N LYS A 240 25.72 15.13 -20.78
CA LYS A 240 25.23 15.00 -22.16
C LYS A 240 24.67 16.35 -22.65
N ALA A 241 24.87 16.64 -23.95
CA ALA A 241 24.57 17.96 -24.55
C ALA A 241 23.08 18.07 -24.96
N ALA A 242 22.28 18.74 -24.12
CA ALA A 242 20.83 18.93 -24.33
C ALA A 242 20.53 20.06 -25.32
N LYS A 243 20.05 19.69 -26.52
CA LYS A 243 19.63 20.68 -27.54
C LYS A 243 18.18 21.12 -27.26
N PHE A 244 17.92 22.42 -27.33
CA PHE A 244 16.60 23.03 -27.03
C PHE A 244 16.15 23.89 -28.21
N ALA A 245 15.14 23.42 -28.95
CA ALA A 245 14.62 24.11 -30.13
C ALA A 245 13.78 25.35 -29.72
N ILE A 246 14.46 26.49 -29.54
CA ILE A 246 13.88 27.74 -29.03
C ILE A 246 13.07 28.46 -30.12
N ASN A 247 11.76 28.57 -29.91
CA ASN A 247 10.88 29.40 -30.74
C ASN A 247 10.57 30.69 -29.99
N LEU A 248 11.22 31.81 -30.39
CA LEU A 248 10.94 33.14 -29.82
C LEU A 248 9.53 33.58 -30.26
N LYS A 249 8.53 33.31 -29.42
CA LYS A 249 7.13 33.62 -29.75
C LYS A 249 6.71 34.99 -29.19
N LYS A 250 7.18 35.32 -27.97
CA LYS A 250 6.96 36.63 -27.32
C LYS A 250 8.26 37.08 -26.62
N VAL A 251 8.64 38.36 -26.80
CA VAL A 251 9.71 39.00 -26.01
C VAL A 251 9.12 40.24 -25.32
N GLU A 252 9.35 40.29 -24.01
CA GLU A 252 8.81 41.31 -23.10
C GLU A 252 9.98 41.93 -22.32
N GLU A 253 9.71 43.04 -21.63
CA GLU A 253 10.73 43.82 -20.92
C GLU A 253 10.27 44.11 -19.50
N ARG A 254 11.25 44.27 -18.59
CA ARG A 254 11.02 44.70 -17.20
C ARG A 254 10.31 46.08 -17.16
N GLU A 255 9.25 46.16 -16.35
CA GLU A 255 8.44 47.37 -16.19
C GLU A 255 8.12 47.57 -14.70
N LEU A 256 8.69 48.62 -14.11
CA LEU A 256 8.45 48.99 -12.71
C LEU A 256 7.56 50.26 -12.68
N PRO A 257 6.19 50.10 -12.62
CA PRO A 257 5.26 51.24 -12.69
C PRO A 257 5.25 52.03 -11.35
N GLU A 258 4.69 51.41 -10.29
CA GLU A 258 4.78 51.85 -8.89
C GLU A 258 4.04 50.85 -7.98
N LEU A 259 4.09 51.12 -6.66
CA LEU A 259 3.32 50.39 -5.66
C LEU A 259 1.88 50.99 -5.62
N THR A 260 1.12 50.70 -6.69
CA THR A 260 -0.24 51.21 -6.91
C THR A 260 -1.25 50.06 -6.83
N ALA A 261 -2.56 50.41 -6.87
CA ALA A 261 -3.67 49.43 -6.85
C ALA A 261 -3.58 48.44 -8.04
N GLU A 262 -2.90 48.88 -9.13
CA GLU A 262 -2.54 48.03 -10.29
C GLU A 262 -1.70 46.82 -9.83
N PHE A 263 -0.69 47.14 -8.99
CA PHE A 263 0.27 46.17 -8.46
C PHE A 263 -0.40 45.29 -7.38
N ILE A 264 -1.20 45.94 -6.52
CA ILE A 264 -1.89 45.26 -5.40
C ILE A 264 -2.83 44.18 -5.94
N LYS A 265 -3.59 44.55 -6.99
CA LYS A 265 -4.56 43.65 -7.65
C LYS A 265 -3.83 42.50 -8.39
N ARG A 266 -2.53 42.69 -8.73
CA ARG A 266 -1.74 41.71 -9.53
C ARG A 266 -1.59 40.36 -8.77
N PHE A 267 -1.59 40.44 -7.42
CA PHE A 267 -1.44 39.26 -6.54
C PHE A 267 -2.80 38.63 -6.20
N GLY A 268 -3.88 39.12 -6.85
CA GLY A 268 -5.23 38.58 -6.64
C GLY A 268 -5.91 39.16 -5.40
N VAL A 269 -5.43 40.34 -4.97
CA VAL A 269 -5.96 41.03 -3.77
C VAL A 269 -7.26 41.76 -4.12
N GLU A 270 -8.34 41.39 -3.42
CA GLU A 270 -9.69 41.94 -3.61
C GLU A 270 -9.91 43.22 -2.81
N ASP A 271 -9.01 43.47 -1.85
CA ASP A 271 -9.07 44.64 -0.96
C ASP A 271 -8.90 45.96 -1.75
N GLY A 272 -8.06 45.93 -2.80
CA GLY A 272 -7.81 47.10 -3.64
C GLY A 272 -6.76 48.05 -3.04
N SER A 273 -6.94 48.40 -1.75
CA SER A 273 -6.02 49.26 -1.01
C SER A 273 -4.69 48.53 -0.75
N VAL A 274 -3.58 49.30 -0.79
CA VAL A 274 -2.21 48.80 -0.54
C VAL A 274 -2.09 48.22 0.88
N GLU A 275 -2.91 48.78 1.80
CA GLU A 275 -2.98 48.33 3.21
C GLU A 275 -3.50 46.88 3.31
N GLY A 276 -4.28 46.46 2.29
CA GLY A 276 -4.71 45.07 2.15
C GLY A 276 -3.56 44.15 1.75
N LEU A 277 -2.60 44.71 0.97
CA LEU A 277 -1.39 43.98 0.55
C LEU A 277 -0.52 43.77 1.80
N ARG A 278 -0.34 44.86 2.59
CA ARG A 278 0.37 44.82 3.89
C ARG A 278 -0.27 43.80 4.84
N ALA A 279 -1.62 43.74 4.84
CA ALA A 279 -2.40 42.87 5.73
C ALA A 279 -2.12 41.39 5.43
N GLU A 280 -2.35 41.01 4.14
CA GLU A 280 -2.12 39.64 3.64
C GLU A 280 -0.68 39.21 3.94
N VAL A 281 0.29 40.00 3.45
CA VAL A 281 1.72 39.69 3.55
C VAL A 281 2.17 39.57 5.02
N ARG A 282 1.66 40.46 5.91
CA ARG A 282 2.04 40.46 7.33
C ARG A 282 1.50 39.21 8.05
N LYS A 283 0.28 38.77 7.69
CA LYS A 283 -0.32 37.55 8.29
C LYS A 283 0.34 36.28 7.74
N ASN A 284 0.90 36.36 6.51
CA ASN A 284 1.79 35.32 5.98
C ASN A 284 3.16 35.41 6.68
N MET A 285 3.58 36.64 7.06
CA MET A 285 4.87 36.87 7.74
C MET A 285 4.90 36.13 9.07
N GLU A 286 3.92 36.42 9.97
CA GLU A 286 3.80 35.72 11.30
C GLU A 286 3.89 34.18 11.16
N ARG A 287 3.03 33.64 10.29
CA ARG A 287 2.87 32.18 10.10
C ARG A 287 4.16 31.54 9.56
N GLU A 288 4.76 32.18 8.54
CA GLU A 288 5.97 31.66 7.85
C GLU A 288 7.25 32.02 8.61
N LEU A 289 7.19 33.02 9.50
CA LEU A 289 8.35 33.45 10.32
C LEU A 289 8.54 32.39 11.39
N LYS A 290 7.43 32.07 12.07
CA LYS A 290 7.38 31.04 13.12
C LYS A 290 7.84 29.68 12.56
N SER A 291 7.28 29.34 11.37
CA SER A 291 7.59 28.10 10.65
C SER A 291 9.07 28.06 10.23
N ALA A 292 9.59 29.20 9.72
CA ALA A 292 10.97 29.29 9.22
C ALA A 292 12.01 29.23 10.36
N ILE A 293 11.69 29.85 11.52
CA ILE A 293 12.56 29.79 12.73
C ILE A 293 12.68 28.34 13.21
N ARG A 294 11.50 27.69 13.41
CA ARG A 294 11.44 26.31 13.91
C ARG A 294 12.10 25.33 12.90
N ASN A 295 11.77 25.49 11.62
CA ASN A 295 12.31 24.62 10.53
C ASN A 295 13.85 24.77 10.43
N ARG A 296 14.33 26.03 10.45
CA ARG A 296 15.77 26.35 10.37
C ARG A 296 16.55 25.72 11.53
N VAL A 297 16.13 26.02 12.77
CA VAL A 297 16.85 25.55 13.97
C VAL A 297 16.83 24.00 14.03
N LYS A 298 15.72 23.39 13.53
CA LYS A 298 15.61 21.93 13.42
C LYS A 298 16.43 21.37 12.25
N SER A 299 16.66 22.17 11.18
CA SER A 299 17.50 21.74 10.04
C SER A 299 18.96 21.60 10.48
N GLN A 300 19.46 22.62 11.18
CA GLN A 300 20.82 22.61 11.76
C GLN A 300 20.91 21.56 12.91
N ALA A 301 19.79 21.34 13.63
CA ALA A 301 19.69 20.25 14.64
C ALA A 301 19.86 18.86 14.00
N ILE A 302 19.12 18.60 12.90
CA ILE A 302 19.16 17.32 12.16
C ILE A 302 20.57 17.07 11.60
N GLU A 303 21.16 18.12 11.00
CA GLU A 303 22.56 18.13 10.56
C GLU A 303 23.50 17.74 11.71
N GLY A 304 23.24 18.36 12.89
CA GLY A 304 24.00 18.07 14.10
C GLY A 304 23.90 16.61 14.51
N LEU A 305 22.66 16.10 14.56
CA LEU A 305 22.32 14.73 15.00
C LEU A 305 23.02 13.65 14.14
N VAL A 306 22.92 13.80 12.79
CA VAL A 306 23.51 12.85 11.83
C VAL A 306 25.05 12.91 11.91
N LYS A 307 25.61 14.14 11.82
CA LYS A 307 27.07 14.36 11.86
C LYS A 307 27.66 14.06 13.25
N ALA A 308 26.79 13.99 14.27
CA ALA A 308 27.16 13.59 15.64
C ALA A 308 27.34 12.07 15.76
N ASN A 309 26.68 11.31 14.86
CA ASN A 309 26.79 9.84 14.83
C ASN A 309 26.26 9.29 13.49
N ASP A 310 27.16 9.22 12.51
CA ASP A 310 26.88 8.59 11.21
C ASP A 310 27.01 7.06 11.36
N ILE A 311 25.91 6.44 11.80
CA ILE A 311 25.79 4.98 11.97
C ILE A 311 25.88 4.25 10.62
N ASP A 312 26.08 2.93 10.70
CA ASP A 312 26.08 2.05 9.54
C ASP A 312 24.63 1.65 9.25
N VAL A 313 24.13 2.06 8.09
CA VAL A 313 22.70 1.95 7.74
C VAL A 313 22.36 0.57 7.12
N PRO A 314 21.12 0.04 7.39
CA PRO A 314 20.65 -1.20 6.74
C PRO A 314 20.11 -0.91 5.31
N ALA A 315 20.89 -1.33 4.30
CA ALA A 315 20.63 -1.03 2.86
C ALA A 315 19.25 -1.53 2.36
N ALA A 316 18.60 -2.42 3.15
CA ALA A 316 17.23 -2.91 2.87
C ALA A 316 16.18 -1.79 3.10
N LEU A 317 16.38 -1.01 4.18
CA LEU A 317 15.51 0.14 4.53
C LEU A 317 15.74 1.30 3.54
N ILE A 318 17.01 1.45 3.11
CA ILE A 318 17.38 2.43 2.08
C ILE A 318 16.77 1.98 0.73
N ASP A 319 16.77 0.67 0.46
CA ASP A 319 16.21 0.08 -0.77
C ASP A 319 14.70 0.32 -0.85
N SER A 320 14.02 0.18 0.32
CA SER A 320 12.58 0.46 0.49
C SER A 320 12.28 1.95 0.21
N GLU A 321 13.10 2.82 0.84
CA GLU A 321 13.02 4.27 0.65
C GLU A 321 13.22 4.64 -0.82
N ILE A 322 14.22 4.01 -1.45
CA ILE A 322 14.58 4.23 -2.87
C ILE A 322 13.45 3.75 -3.78
N ASP A 323 12.78 2.66 -3.38
CA ASP A 323 11.64 2.10 -4.11
C ASP A 323 10.49 3.13 -4.18
N VAL A 324 10.09 3.65 -2.99
CA VAL A 324 8.99 4.63 -2.89
C VAL A 324 9.33 5.98 -3.58
N LEU A 325 10.54 6.51 -3.27
CA LEU A 325 11.05 7.80 -3.81
C LEU A 325 11.19 7.75 -5.34
N ARG A 326 11.75 6.64 -5.86
CA ARG A 326 11.97 6.45 -7.32
C ARG A 326 10.63 6.34 -8.06
N ARG A 327 9.73 5.51 -7.49
CA ARG A 327 8.37 5.32 -8.03
C ARG A 327 7.69 6.68 -8.21
N GLN A 328 7.61 7.44 -7.09
CA GLN A 328 6.86 8.70 -7.04
C GLN A 328 7.51 9.78 -7.92
N ALA A 329 8.86 9.89 -7.85
CA ALA A 329 9.64 10.89 -8.59
C ALA A 329 9.45 10.71 -10.11
N ALA A 330 9.67 9.47 -10.60
CA ALA A 330 9.51 9.14 -12.03
C ALA A 330 8.05 9.35 -12.48
N GLN A 331 7.11 9.01 -11.56
CA GLN A 331 5.66 9.18 -11.76
C GLN A 331 5.26 10.68 -11.83
N ARG A 332 6.14 11.58 -11.33
CA ARG A 332 5.93 13.05 -11.38
C ARG A 332 6.58 13.62 -12.66
N PHE A 333 7.91 13.48 -12.71
CA PHE A 333 8.77 14.03 -13.77
C PHE A 333 8.75 13.08 -14.98
N GLY A 334 7.62 13.12 -15.71
CA GLY A 334 7.43 12.36 -16.95
C GLY A 334 6.24 11.42 -16.86
N GLY A 335 6.04 10.83 -15.66
CA GLY A 335 4.94 9.90 -15.42
C GLY A 335 5.26 8.49 -15.89
N ASN A 336 6.56 8.15 -15.85
CA ASN A 336 7.10 6.88 -16.35
C ASN A 336 7.30 5.87 -15.22
N GLU A 337 7.14 4.59 -15.58
CA GLU A 337 7.38 3.45 -14.67
C GLU A 337 8.80 2.88 -14.89
N LYS A 338 9.21 2.80 -16.18
CA LYS A 338 10.44 2.09 -16.61
C LYS A 338 11.67 3.00 -16.60
N GLN A 339 11.51 4.27 -17.02
CA GLN A 339 12.63 5.25 -17.07
C GLN A 339 13.03 5.72 -15.65
N ALA A 340 12.31 5.21 -14.63
CA ALA A 340 12.63 5.39 -13.21
C ALA A 340 14.06 4.96 -12.87
N LEU A 341 14.48 3.82 -13.46
CA LEU A 341 15.80 3.20 -13.22
C LEU A 341 16.95 4.07 -13.75
N GLU A 342 16.62 5.02 -14.64
CA GLU A 342 17.58 6.00 -15.19
C GLU A 342 18.07 6.99 -14.14
N LEU A 343 17.32 7.10 -13.02
CA LEU A 343 17.74 7.90 -11.86
C LEU A 343 18.49 6.96 -10.88
N PRO A 344 19.86 7.07 -10.74
CA PRO A 344 20.66 6.22 -9.81
C PRO A 344 20.21 6.42 -8.35
N ARG A 345 20.11 5.30 -7.59
CA ARG A 345 19.48 5.28 -6.25
C ARG A 345 20.18 6.21 -5.24
N GLU A 346 21.45 6.52 -5.52
CA GLU A 346 22.30 7.41 -4.72
C GLU A 346 21.66 8.80 -4.54
N LEU A 347 20.96 9.29 -5.59
CA LEU A 347 20.32 10.62 -5.55
C LEU A 347 19.06 10.60 -4.65
N PHE A 348 18.49 9.39 -4.45
CA PHE A 348 17.33 9.19 -3.57
C PHE A 348 17.82 8.98 -2.13
N GLU A 349 19.06 8.45 -1.99
CA GLU A 349 19.75 8.29 -0.69
C GLU A 349 20.05 9.66 -0.04
N GLU A 350 20.00 10.74 -0.83
CA GLU A 350 20.18 12.12 -0.33
C GLU A 350 19.21 12.37 0.85
N GLN A 351 17.94 11.95 0.66
CA GLN A 351 16.89 12.03 1.68
C GLN A 351 16.87 10.73 2.51
N ALA A 352 16.90 9.58 1.79
CA ALA A 352 16.68 8.23 2.37
C ALA A 352 17.65 7.92 3.53
N LYS A 353 18.95 8.21 3.31
CA LYS A 353 20.02 8.03 4.31
C LYS A 353 19.64 8.76 5.60
N ARG A 354 19.22 10.02 5.46
CA ARG A 354 18.79 10.86 6.59
C ARG A 354 17.44 10.36 7.16
N ARG A 355 16.60 9.72 6.32
CA ARG A 355 15.25 9.28 6.73
C ARG A 355 15.40 8.11 7.74
N VAL A 356 16.35 7.20 7.45
CA VAL A 356 16.63 6.03 8.29
C VAL A 356 17.49 6.41 9.52
N VAL A 357 18.56 7.25 9.30
CA VAL A 357 19.48 7.66 10.38
C VAL A 357 18.73 8.47 11.44
N VAL A 358 18.02 9.53 11.00
CA VAL A 358 17.22 10.40 11.90
C VAL A 358 16.03 9.63 12.52
N GLY A 359 15.47 8.67 11.74
CA GLY A 359 14.42 7.77 12.23
C GLY A 359 14.88 6.97 13.45
N LEU A 360 16.13 6.47 13.38
CA LEU A 360 16.79 5.74 14.47
C LEU A 360 17.23 6.69 15.62
N LEU A 361 17.78 7.87 15.25
CA LEU A 361 18.30 8.87 16.22
C LEU A 361 17.18 9.34 17.15
N LEU A 362 16.16 10.02 16.56
CA LEU A 362 15.02 10.62 17.30
C LEU A 362 14.15 9.54 17.97
N GLY A 363 14.06 8.37 17.31
CA GLY A 363 13.38 7.21 17.91
C GLY A 363 14.05 6.75 19.20
N GLU A 364 15.39 6.71 19.18
CA GLU A 364 16.18 6.31 20.35
C GLU A 364 16.27 7.44 21.40
N VAL A 365 16.10 8.72 20.97
CA VAL A 365 16.02 9.87 21.91
C VAL A 365 14.81 9.67 22.83
N ILE A 366 13.62 9.54 22.20
CA ILE A 366 12.34 9.43 22.92
C ILE A 366 12.25 8.10 23.69
N ARG A 367 12.82 7.02 23.14
CA ARG A 367 12.84 5.71 23.83
C ARG A 367 13.73 5.76 25.10
N THR A 368 15.03 6.11 24.94
CA THR A 368 16.00 6.11 26.06
C THR A 368 15.60 7.12 27.17
N ASN A 369 15.19 8.33 26.75
CA ASN A 369 14.85 9.45 27.67
C ASN A 369 13.45 9.22 28.31
N GLU A 370 12.64 8.32 27.70
CA GLU A 370 11.22 8.08 28.09
C GLU A 370 10.38 9.35 27.81
N LEU A 371 10.69 10.02 26.67
CA LEU A 371 9.91 11.17 26.21
C LEU A 371 8.54 10.68 25.76
N LYS A 372 7.48 11.28 26.28
CA LYS A 372 6.10 10.94 25.94
C LYS A 372 5.39 12.21 25.48
N ALA A 373 4.43 12.06 24.55
CA ALA A 373 3.69 13.19 23.98
C ALA A 373 2.81 13.83 25.06
N ASP A 374 3.40 14.79 25.80
CA ASP A 374 2.72 15.55 26.86
C ASP A 374 1.48 16.20 26.29
N GLU A 375 0.31 15.95 26.93
CA GLU A 375 -1.00 16.44 26.46
C GLU A 375 -0.93 17.94 26.17
N GLU A 376 -0.32 18.68 27.11
CA GLU A 376 -0.12 20.14 27.03
C GLU A 376 0.73 20.50 25.78
N ARG A 377 1.76 19.68 25.49
CA ARG A 377 2.74 19.94 24.41
C ARG A 377 2.08 19.75 23.04
N VAL A 378 1.48 18.56 22.84
CA VAL A 378 0.86 18.17 21.57
C VAL A 378 -0.35 19.09 21.29
N LYS A 379 -1.14 19.41 22.35
CA LYS A 379 -2.26 20.39 22.28
C LYS A 379 -1.75 21.76 21.80
N GLY A 380 -0.62 22.19 22.39
CA GLY A 380 0.03 23.46 22.05
C GLY A 380 0.47 23.53 20.59
N LEU A 381 1.02 22.41 20.07
CA LEU A 381 1.46 22.29 18.67
C LEU A 381 0.24 22.38 17.73
N ILE A 382 -0.81 21.60 18.07
CA ILE A 382 -2.07 21.56 17.34
C ILE A 382 -2.68 22.97 17.27
N GLU A 383 -2.68 23.69 18.41
CA GLU A 383 -3.25 25.06 18.50
C GLU A 383 -2.37 26.08 17.76
N GLU A 384 -1.05 25.82 17.77
CA GLU A 384 -0.04 26.66 17.09
C GLU A 384 -0.35 26.71 15.58
N MET A 385 -0.65 25.53 14.99
CA MET A 385 -1.10 25.43 13.57
C MET A 385 -2.61 25.68 13.41
N ALA A 386 -3.38 25.51 14.51
CA ALA A 386 -4.86 25.64 14.51
C ALA A 386 -5.29 27.11 14.41
N SER A 387 -4.39 28.02 14.82
CA SER A 387 -4.53 29.47 14.59
C SER A 387 -4.66 29.79 13.07
N ALA A 388 -4.16 28.87 12.21
CA ALA A 388 -4.29 28.97 10.75
C ALA A 388 -5.63 28.37 10.25
N TYR A 389 -6.27 27.51 11.08
CA TYR A 389 -7.60 26.90 10.77
C TYR A 389 -8.73 27.82 11.30
N GLU A 390 -10.00 27.36 11.17
CA GLU A 390 -11.18 28.15 11.58
C GLU A 390 -11.19 28.33 13.12
N ASP A 391 -11.47 27.23 13.84
CA ASP A 391 -11.64 27.25 15.30
C ASP A 391 -10.55 26.37 15.95
N PRO A 392 -9.48 27.00 16.57
CA PRO A 392 -8.37 26.25 17.21
C PRO A 392 -8.82 25.13 18.17
N LYS A 393 -9.75 25.49 19.07
CA LYS A 393 -10.22 24.60 20.14
C LYS A 393 -10.92 23.36 19.56
N GLU A 394 -11.64 23.54 18.44
CA GLU A 394 -12.32 22.45 17.73
C GLU A 394 -11.35 21.59 16.90
N VAL A 395 -10.13 22.13 16.59
CA VAL A 395 -9.07 21.33 15.94
C VAL A 395 -8.54 20.34 16.98
N ILE A 396 -8.18 20.92 18.15
CA ILE A 396 -7.71 20.17 19.33
C ILE A 396 -8.77 19.13 19.78
N GLU A 397 -10.06 19.54 19.70
CA GLU A 397 -11.22 18.72 20.06
C GLU A 397 -11.27 17.47 19.17
N PHE A 398 -11.43 17.68 17.83
CA PHE A 398 -11.58 16.57 16.86
C PHE A 398 -10.42 15.59 16.99
N TYR A 399 -9.18 16.14 17.02
CA TYR A 399 -7.95 15.33 17.09
C TYR A 399 -7.94 14.45 18.34
N SER A 400 -8.23 15.06 19.51
CA SER A 400 -8.25 14.37 20.81
C SER A 400 -9.19 13.14 20.82
N LYS A 401 -10.36 13.30 20.17
CA LYS A 401 -11.40 12.23 20.10
C LYS A 401 -11.13 11.27 18.92
N ASN A 402 -10.22 11.63 18.00
CA ASN A 402 -9.87 10.81 16.84
C ASN A 402 -8.49 10.19 17.09
N LYS A 403 -8.48 8.97 17.67
CA LYS A 403 -7.24 8.27 18.10
C LYS A 403 -6.14 8.22 17.02
N GLU A 404 -6.55 8.01 15.75
CA GLU A 404 -5.62 7.88 14.62
C GLU A 404 -4.84 9.19 14.37
N LEU A 405 -5.58 10.29 14.18
CA LEU A 405 -5.01 11.63 13.93
C LEU A 405 -4.22 12.10 15.17
N MET A 406 -4.78 11.79 16.35
CA MET A 406 -4.16 12.10 17.65
C MET A 406 -2.80 11.39 17.79
N ASP A 407 -2.72 10.15 17.26
CA ASP A 407 -1.49 9.34 17.30
C ASP A 407 -0.44 9.92 16.34
N ASN A 408 -0.92 10.40 15.17
CA ASN A 408 -0.05 11.07 14.17
C ASN A 408 0.56 12.35 14.79
N MET A 409 -0.29 13.11 15.50
CA MET A 409 0.12 14.34 16.20
C MET A 409 1.03 14.02 17.39
N ARG A 410 0.78 12.87 18.02
CA ARG A 410 1.62 12.32 19.12
C ARG A 410 3.05 12.07 18.60
N ASN A 411 3.12 11.42 17.43
CA ASN A 411 4.39 11.01 16.80
C ASN A 411 5.20 12.24 16.37
N VAL A 412 4.56 13.19 15.65
CA VAL A 412 5.25 14.41 15.16
C VAL A 412 5.66 15.33 16.33
N ALA A 413 4.84 15.35 17.41
CA ALA A 413 5.12 16.14 18.63
C ALA A 413 6.25 15.50 19.44
N LEU A 414 6.37 14.17 19.36
CA LEU A 414 7.46 13.43 20.00
C LEU A 414 8.79 13.62 19.25
N GLU A 415 8.75 13.63 17.91
CA GLU A 415 9.94 13.92 17.09
C GLU A 415 10.37 15.39 17.26
N GLU A 416 9.35 16.27 17.43
CA GLU A 416 9.56 17.70 17.69
C GLU A 416 10.26 17.87 19.05
N GLN A 417 9.74 17.14 20.05
CA GLN A 417 10.24 17.18 21.43
C GLN A 417 11.59 16.44 21.54
N ALA A 418 11.81 15.46 20.64
CA ALA A 418 13.07 14.67 20.57
C ALA A 418 14.22 15.55 20.11
N VAL A 419 13.94 16.35 19.06
CA VAL A 419 14.87 17.37 18.57
C VAL A 419 15.13 18.41 19.67
N GLU A 420 14.04 19.03 20.20
CA GLU A 420 14.14 20.16 21.15
C GLU A 420 14.78 19.75 22.50
N ALA A 421 14.61 18.46 22.89
CA ALA A 421 15.19 17.89 24.13
C ALA A 421 16.70 18.12 24.19
N VAL A 422 17.40 17.65 23.15
CA VAL A 422 18.86 17.82 23.03
C VAL A 422 19.21 19.26 22.58
N LEU A 423 18.36 19.84 21.72
CA LEU A 423 18.55 21.18 21.09
C LEU A 423 18.74 22.29 22.13
N ALA A 424 17.90 22.26 23.17
CA ALA A 424 17.83 23.30 24.21
C ALA A 424 19.08 23.30 25.14
N LYS A 425 19.91 22.25 25.04
CA LYS A 425 21.12 22.10 25.88
C LYS A 425 22.38 21.86 25.02
N ALA A 426 22.18 21.68 23.69
CA ALA A 426 23.28 21.50 22.72
C ALA A 426 24.00 22.84 22.46
N LYS A 427 24.93 22.85 21.50
CA LYS A 427 25.74 24.04 21.17
C LYS A 427 24.85 25.14 20.54
N VAL A 428 24.22 25.97 21.39
CA VAL A 428 23.32 27.04 20.95
C VAL A 428 24.13 28.30 20.57
N THR A 429 24.22 28.55 19.27
CA THR A 429 24.91 29.72 18.71
C THR A 429 23.86 30.55 17.96
N GLU A 430 23.38 31.62 18.61
CA GLU A 430 22.36 32.50 18.03
C GLU A 430 23.01 33.65 17.24
N LYS A 431 22.21 34.30 16.38
CA LYS A 431 22.68 35.31 15.43
C LYS A 431 21.54 36.33 15.22
N GLU A 432 21.67 37.51 15.84
CA GLU A 432 20.65 38.57 15.74
C GLU A 432 20.68 39.17 14.32
N THR A 433 19.66 38.81 13.53
CA THR A 433 19.55 39.18 12.09
C THR A 433 18.13 39.70 11.78
N THR A 434 17.88 40.00 10.48
CA THR A 434 16.59 40.53 10.01
C THR A 434 15.78 39.45 9.23
N PHE A 435 14.53 39.80 8.88
CA PHE A 435 13.58 38.93 8.11
C PHE A 435 14.23 38.37 6.81
N ASN A 436 14.98 39.25 6.13
CA ASN A 436 15.70 38.92 4.88
C ASN A 436 16.74 37.81 5.10
N GLU A 437 17.48 37.91 6.23
CA GLU A 437 18.61 37.01 6.52
C GLU A 437 18.14 35.59 6.90
N LEU A 438 16.90 35.50 7.44
CA LEU A 438 16.29 34.21 7.81
C LEU A 438 16.02 33.38 6.55
N MET A 439 15.37 34.03 5.57
CA MET A 439 14.95 33.39 4.31
C MET A 439 16.05 33.48 3.24
N ASN A 440 17.26 33.88 3.67
CA ASN A 440 18.50 33.78 2.91
C ASN A 440 19.40 32.78 3.67
N GLN A 441 19.29 31.50 3.27
CA GLN A 441 20.03 30.35 3.88
C GLN A 441 21.55 30.54 3.91
N GLN A 442 22.08 31.43 3.05
CA GLN A 442 23.51 31.81 3.04
C GLN A 442 23.74 32.85 4.15
N ALA A 443 23.66 32.39 5.42
CA ALA A 443 23.76 33.24 6.61
C ALA A 443 24.35 32.40 7.76
N MET B 12 -13.09 28.04 0.19
CA MET B 12 -13.48 26.67 -0.22
C MET B 12 -14.96 26.44 0.10
N GLN B 13 -15.73 26.07 -0.94
CA GLN B 13 -17.17 25.78 -0.82
C GLN B 13 -17.37 24.38 -0.25
N VAL B 14 -18.00 24.27 0.93
CA VAL B 14 -18.32 22.97 1.54
C VAL B 14 -19.81 22.94 1.92
N SER B 15 -20.45 21.77 1.77
CA SER B 15 -21.86 21.57 2.11
C SER B 15 -22.09 20.12 2.56
N VAL B 16 -22.15 19.93 3.90
CA VAL B 16 -22.56 18.66 4.50
C VAL B 16 -24.07 18.46 4.29
N GLU B 17 -24.44 17.22 3.98
CA GLU B 17 -25.82 16.77 3.76
C GLU B 17 -26.01 15.45 4.53
N THR B 18 -27.25 15.18 4.96
CA THR B 18 -27.61 13.88 5.55
C THR B 18 -28.17 12.97 4.44
N THR B 19 -27.47 11.87 4.15
CA THR B 19 -27.87 10.91 3.11
C THR B 19 -28.92 9.93 3.67
N GLN B 20 -28.55 9.19 4.73
CA GLN B 20 -29.42 8.20 5.37
C GLN B 20 -28.93 7.96 6.81
N GLY B 21 -29.57 8.64 7.78
CA GLY B 21 -29.30 8.44 9.22
C GLY B 21 -27.86 8.77 9.62
N LEU B 22 -27.01 7.72 9.58
CA LEU B 22 -25.57 7.83 9.86
C LEU B 22 -24.85 8.39 8.60
N GLY B 23 -25.27 7.86 7.43
CA GLY B 23 -24.74 8.25 6.12
C GLY B 23 -24.95 9.73 5.82
N ARG B 24 -23.89 10.40 5.35
CA ARG B 24 -23.83 11.86 5.16
C ARG B 24 -22.88 12.21 4.00
N ARG B 25 -23.34 13.15 3.16
CA ARG B 25 -22.66 13.59 1.94
C ARG B 25 -22.10 15.02 2.13
N VAL B 26 -20.78 15.13 2.36
CA VAL B 26 -20.10 16.44 2.51
C VAL B 26 -19.50 16.83 1.14
N THR B 27 -20.26 17.57 0.33
CA THR B 27 -19.81 18.02 -1.00
C THR B 27 -18.85 19.22 -0.87
N ILE B 28 -17.56 19.01 -1.22
CA ILE B 28 -16.49 20.03 -1.09
C ILE B 28 -15.93 20.41 -2.47
N THR B 29 -16.21 21.65 -2.90
CA THR B 29 -15.65 22.26 -4.10
C THR B 29 -14.39 23.08 -3.74
N ILE B 30 -13.24 22.65 -4.24
CA ILE B 30 -11.95 23.34 -4.07
C ILE B 30 -11.67 24.15 -5.35
N ALA B 31 -11.57 25.49 -5.26
CA ALA B 31 -11.33 26.38 -6.41
C ALA B 31 -9.99 26.08 -7.10
N ALA B 32 -9.91 26.37 -8.42
CA ALA B 32 -8.72 26.07 -9.27
C ALA B 32 -7.44 26.73 -8.73
N ASP B 33 -7.59 27.95 -8.18
CA ASP B 33 -6.47 28.72 -7.59
C ASP B 33 -5.96 28.04 -6.31
N SER B 34 -6.89 27.54 -5.48
CA SER B 34 -6.57 26.85 -4.22
C SER B 34 -5.82 25.51 -4.49
N ILE B 35 -6.19 24.86 -5.62
CA ILE B 35 -5.52 23.66 -6.11
C ILE B 35 -4.11 24.05 -6.57
N GLU B 36 -4.01 25.05 -7.47
CA GLU B 36 -2.73 25.55 -8.04
C GLU B 36 -1.72 25.94 -6.94
N THR B 37 -2.23 26.53 -5.85
CA THR B 37 -1.43 26.84 -4.65
C THR B 37 -0.76 25.55 -4.13
N ALA B 38 -1.61 24.53 -3.90
CA ALA B 38 -1.19 23.22 -3.38
C ALA B 38 -0.31 22.46 -4.40
N VAL B 39 -0.53 22.68 -5.72
CA VAL B 39 0.22 22.01 -6.78
C VAL B 39 1.66 22.50 -6.78
N LYS B 40 1.81 23.83 -6.95
CA LYS B 40 3.11 24.50 -6.99
C LYS B 40 3.90 24.28 -5.69
N SER B 41 3.17 24.25 -4.55
CA SER B 41 3.73 23.88 -3.25
C SER B 41 4.29 22.44 -3.28
N GLU B 42 3.49 21.45 -3.73
CA GLU B 42 3.93 20.02 -3.79
C GLU B 42 5.09 19.82 -4.80
N LEU B 43 5.13 20.68 -5.84
CA LEU B 43 6.21 20.68 -6.84
C LEU B 43 7.53 21.05 -6.16
N VAL B 44 7.59 22.24 -5.53
CA VAL B 44 8.83 22.73 -4.88
C VAL B 44 9.20 21.81 -3.67
N ASN B 45 8.18 21.26 -2.99
CA ASN B 45 8.37 20.33 -1.84
C ASN B 45 9.12 19.08 -2.30
N VAL B 46 8.55 18.33 -3.27
CA VAL B 46 9.17 17.08 -3.79
C VAL B 46 10.54 17.40 -4.45
N ALA B 47 10.64 18.62 -4.99
CA ALA B 47 11.86 19.15 -5.61
C ALA B 47 12.97 19.38 -4.57
N LYS B 48 12.60 19.69 -3.32
CA LYS B 48 13.57 19.87 -2.21
C LYS B 48 13.82 18.54 -1.49
N LYS B 49 12.78 17.69 -1.42
CA LYS B 49 12.77 16.43 -0.65
C LYS B 49 13.60 15.36 -1.36
N VAL B 50 13.49 15.31 -2.70
CA VAL B 50 14.26 14.37 -3.54
C VAL B 50 15.45 15.12 -4.23
N ARG B 51 15.46 16.47 -4.08
CA ARG B 51 16.52 17.39 -4.55
C ARG B 51 16.64 17.42 -6.11
N ILE B 52 15.55 17.04 -6.80
CA ILE B 52 15.48 17.09 -8.29
C ILE B 52 15.39 18.57 -8.76
N ASP B 53 14.92 19.45 -7.84
CA ASP B 53 14.79 20.92 -8.04
C ASP B 53 13.59 21.30 -8.91
N GLY B 54 13.07 20.35 -9.73
CA GLY B 54 11.96 20.61 -10.63
C GLY B 54 12.34 21.63 -11.70
N PHE B 55 13.35 21.24 -12.52
CA PHE B 55 14.24 22.13 -13.31
C PHE B 55 14.13 23.65 -12.94
N ARG B 56 14.24 23.96 -11.63
CA ARG B 56 14.22 25.35 -11.11
C ARG B 56 15.67 25.93 -11.08
N LYS B 57 16.49 25.50 -12.06
CA LYS B 57 17.91 25.85 -12.15
C LYS B 57 18.09 27.33 -12.54
N GLY B 58 17.08 27.89 -13.21
CA GLY B 58 17.02 29.32 -13.53
C GLY B 58 15.78 29.93 -12.93
N LYS B 59 14.86 30.45 -13.78
CA LYS B 59 13.56 30.93 -13.32
C LYS B 59 12.62 29.72 -13.22
N VAL B 60 12.05 29.33 -14.40
CA VAL B 60 11.04 28.27 -14.53
C VAL B 60 9.91 28.41 -13.49
N PRO B 61 8.89 29.30 -13.78
CA PRO B 61 7.75 29.50 -12.89
C PRO B 61 6.95 28.19 -12.76
N MET B 62 6.66 27.80 -11.52
CA MET B 62 5.87 26.60 -11.20
C MET B 62 4.44 26.68 -11.76
N ASN B 63 4.02 27.90 -12.19
CA ASN B 63 2.75 28.13 -12.89
C ASN B 63 2.66 27.29 -14.19
N ILE B 64 3.78 27.20 -14.94
CA ILE B 64 3.85 26.33 -16.14
C ILE B 64 3.84 24.87 -15.66
N VAL B 65 4.74 24.58 -14.70
CA VAL B 65 4.99 23.22 -14.18
C VAL B 65 3.72 22.62 -13.49
N ALA B 66 2.76 23.49 -13.13
CA ALA B 66 1.47 23.10 -12.53
C ALA B 66 0.33 23.13 -13.57
N GLN B 67 -0.05 24.34 -13.98
CA GLN B 67 -1.22 24.61 -14.84
C GLN B 67 -1.05 24.05 -16.27
N ARG B 68 0.20 24.05 -16.77
CA ARG B 68 0.50 23.84 -18.20
C ARG B 68 1.39 22.59 -18.42
N TYR B 69 1.58 21.80 -17.35
CA TYR B 69 2.51 20.66 -17.33
C TYR B 69 2.13 19.63 -16.24
N GLY B 70 1.60 20.12 -15.11
CA GLY B 70 1.38 19.30 -13.92
C GLY B 70 0.11 18.46 -13.96
N ALA B 71 0.12 17.42 -14.80
CA ALA B 71 -0.97 16.42 -14.84
C ALA B 71 -0.73 15.34 -13.76
N SER B 72 0.52 14.83 -13.71
CA SER B 72 0.93 13.69 -12.86
C SER B 72 1.01 14.06 -11.36
N VAL B 73 1.29 15.35 -11.09
CA VAL B 73 1.42 15.89 -9.70
C VAL B 73 0.08 15.82 -8.93
N ARG B 74 -1.03 15.81 -9.67
CA ARG B 74 -2.41 15.83 -9.13
C ARG B 74 -2.70 14.61 -8.23
N GLN B 75 -1.89 13.54 -8.36
CA GLN B 75 -1.94 12.39 -7.44
C GLN B 75 -1.65 12.86 -5.99
N ASP B 76 -0.48 13.50 -5.81
CA ASP B 76 -0.04 14.05 -4.52
C ASP B 76 -0.96 15.18 -4.06
N VAL B 77 -1.28 16.09 -5.01
CA VAL B 77 -2.09 17.29 -4.71
C VAL B 77 -3.49 16.89 -4.22
N LEU B 78 -4.30 16.28 -5.11
CA LEU B 78 -5.68 15.88 -4.79
C LEU B 78 -5.68 14.85 -3.64
N GLY B 79 -4.66 13.95 -3.65
CA GLY B 79 -4.44 13.00 -2.56
C GLY B 79 -4.21 13.66 -1.21
N ASP B 80 -3.58 14.85 -1.20
CA ASP B 80 -3.36 15.62 0.04
C ASP B 80 -4.62 16.38 0.43
N LEU B 81 -5.25 17.04 -0.58
CA LEU B 81 -6.39 17.97 -0.39
C LEU B 81 -7.64 17.24 0.14
N MET B 82 -7.84 15.99 -0.31
CA MET B 82 -8.98 15.16 0.13
C MET B 82 -8.90 14.78 1.63
N SER B 83 -7.70 14.92 2.22
CA SER B 83 -7.49 14.75 3.68
C SER B 83 -7.45 16.14 4.37
N ARG B 84 -6.65 17.07 3.79
CA ARG B 84 -6.30 18.37 4.43
C ARG B 84 -7.50 19.31 4.46
N ASN B 85 -8.15 19.46 3.32
CA ASN B 85 -9.32 20.36 3.17
C ASN B 85 -10.57 19.74 3.79
N PHE B 86 -10.59 18.39 3.87
CA PHE B 86 -11.67 17.66 4.55
C PHE B 86 -11.63 17.95 6.06
N ILE B 87 -10.45 17.69 6.69
CA ILE B 87 -10.26 17.90 8.15
C ILE B 87 -10.52 19.38 8.50
N ASP B 88 -10.00 20.28 7.66
CA ASP B 88 -10.22 21.74 7.77
C ASP B 88 -11.74 22.04 7.86
N ALA B 89 -12.46 21.66 6.78
CA ALA B 89 -13.90 21.94 6.61
C ALA B 89 -14.76 21.46 7.79
N ILE B 90 -14.46 20.25 8.28
CA ILE B 90 -15.30 19.57 9.29
C ILE B 90 -14.99 20.07 10.72
N ILE B 91 -13.94 20.93 10.87
CA ILE B 91 -13.65 21.61 12.15
C ILE B 91 -14.53 22.87 12.24
N LYS B 92 -15.84 22.59 12.42
CA LYS B 92 -16.92 23.57 12.61
C LYS B 92 -18.25 22.81 12.54
N GLU B 93 -18.39 22.01 11.47
CA GLU B 93 -19.66 21.37 11.08
C GLU B 93 -20.09 20.26 12.04
N LYS B 94 -19.10 19.64 12.75
CA LYS B 94 -19.35 18.49 13.67
C LYS B 94 -19.77 17.25 12.84
N ILE B 95 -18.87 16.26 12.71
CA ILE B 95 -18.80 15.32 11.56
C ILE B 95 -17.46 14.57 11.67
N ASN B 96 -17.54 13.23 11.54
CA ASN B 96 -16.42 12.30 11.64
C ASN B 96 -16.76 11.02 10.85
N PRO B 97 -15.90 10.57 9.90
CA PRO B 97 -16.12 9.32 9.14
C PRO B 97 -15.88 8.05 9.99
N ALA B 98 -16.68 7.00 9.71
CA ALA B 98 -16.46 5.67 10.28
C ALA B 98 -15.23 5.03 9.61
N GLY B 99 -14.06 5.25 10.22
CA GLY B 99 -12.78 4.77 9.70
C GLY B 99 -12.30 5.62 8.52
N ALA B 100 -12.80 5.30 7.31
CA ALA B 100 -12.39 5.95 6.06
C ALA B 100 -13.63 6.42 5.27
N PRO B 101 -13.67 7.70 4.77
CA PRO B 101 -14.79 8.22 3.98
C PRO B 101 -14.70 7.83 2.48
N THR B 102 -15.85 7.54 1.86
CA THR B 102 -15.93 7.19 0.43
C THR B 102 -15.88 8.50 -0.40
N TYR B 103 -14.71 8.77 -0.98
CA TYR B 103 -14.49 9.92 -1.86
C TYR B 103 -15.20 9.66 -3.20
N VAL B 104 -16.24 10.44 -3.50
CA VAL B 104 -16.98 10.36 -4.78
C VAL B 104 -16.72 11.67 -5.57
N PRO B 105 -15.56 11.78 -6.29
CA PRO B 105 -15.16 13.01 -6.97
C PRO B 105 -15.72 13.11 -8.41
N GLY B 106 -15.65 14.32 -8.97
CA GLY B 106 -15.85 14.53 -10.39
C GLY B 106 -14.58 14.20 -11.15
N GLU B 107 -14.71 13.83 -12.45
CA GLU B 107 -13.56 13.54 -13.31
C GLU B 107 -12.80 14.87 -13.53
N TYR B 108 -11.77 15.09 -12.71
CA TYR B 108 -11.05 16.38 -12.59
C TYR B 108 -10.47 16.86 -13.94
N LYS B 109 -10.90 18.05 -14.36
CA LYS B 109 -10.31 18.74 -15.50
C LYS B 109 -9.06 19.49 -15.01
N LEU B 110 -7.90 19.24 -15.65
CA LEU B 110 -6.63 19.91 -15.31
C LEU B 110 -6.73 21.44 -15.52
N GLY B 111 -6.52 22.20 -14.44
CA GLY B 111 -6.64 23.67 -14.46
C GLY B 111 -8.07 24.15 -14.21
N GLU B 112 -8.88 23.29 -13.56
CA GLU B 112 -10.27 23.60 -13.16
C GLU B 112 -10.41 23.27 -11.65
N ASP B 113 -11.60 23.51 -11.07
CA ASP B 113 -11.90 23.16 -9.66
C ASP B 113 -11.94 21.63 -9.44
N PHE B 114 -11.90 21.22 -8.17
CA PHE B 114 -12.01 19.82 -7.77
C PHE B 114 -13.13 19.69 -6.73
N THR B 115 -14.33 19.32 -7.21
CA THR B 115 -15.43 18.95 -6.34
C THR B 115 -15.36 17.44 -6.04
N TYR B 116 -15.32 17.07 -4.75
CA TYR B 116 -15.44 15.68 -4.30
C TYR B 116 -16.52 15.59 -3.22
N SER B 117 -17.50 14.72 -3.47
CA SER B 117 -18.60 14.42 -2.57
C SER B 117 -18.11 13.37 -1.57
N VAL B 118 -17.73 13.81 -0.36
CA VAL B 118 -17.18 12.93 0.69
C VAL B 118 -18.35 12.23 1.41
N GLU B 119 -18.74 11.06 0.88
CA GLU B 119 -19.89 10.30 1.37
C GLU B 119 -19.42 9.22 2.35
N PHE B 120 -20.00 9.22 3.56
CA PHE B 120 -19.62 8.30 4.63
C PHE B 120 -20.70 8.25 5.69
N GLU B 121 -20.74 7.15 6.42
CA GLU B 121 -21.53 7.03 7.63
C GLU B 121 -20.68 7.56 8.78
N VAL B 122 -21.28 8.36 9.67
CA VAL B 122 -20.62 8.79 10.92
C VAL B 122 -20.44 7.55 11.82
N TYR B 123 -19.31 7.51 12.55
CA TYR B 123 -18.93 6.34 13.35
C TYR B 123 -19.97 6.08 14.48
N PRO B 124 -20.77 4.96 14.40
CA PRO B 124 -21.81 4.64 15.39
C PRO B 124 -21.22 3.90 16.61
N GLU B 125 -22.09 3.22 17.37
CA GLU B 125 -21.69 2.43 18.55
C GLU B 125 -22.14 0.97 18.38
N VAL B 126 -21.89 0.16 19.43
CA VAL B 126 -22.25 -1.26 19.49
C VAL B 126 -22.25 -1.71 20.98
N GLU B 127 -23.15 -2.63 21.33
CA GLU B 127 -23.30 -3.14 22.70
C GLU B 127 -23.50 -4.66 22.63
N LEU B 128 -22.82 -5.37 23.54
CA LEU B 128 -22.88 -6.83 23.64
C LEU B 128 -24.23 -7.27 24.24
N GLN B 129 -25.17 -7.61 23.34
CA GLN B 129 -26.50 -8.11 23.69
C GLN B 129 -26.61 -9.59 23.29
N GLY B 130 -27.54 -10.32 23.94
CA GLY B 130 -27.85 -11.70 23.59
C GLY B 130 -26.81 -12.71 24.06
N LEU B 131 -26.00 -12.30 25.05
CA LEU B 131 -24.86 -13.09 25.55
C LEU B 131 -25.31 -14.41 26.20
N GLU B 132 -26.55 -14.41 26.72
CA GLU B 132 -27.22 -15.62 27.26
C GLU B 132 -27.96 -16.39 26.14
N ALA B 133 -28.34 -15.67 25.07
CA ALA B 133 -29.12 -16.23 23.94
C ALA B 133 -28.23 -17.04 22.99
N ILE B 134 -26.91 -16.70 22.99
CA ILE B 134 -25.89 -17.44 22.23
C ILE B 134 -25.80 -18.89 22.72
N GLU B 135 -25.88 -19.85 21.78
CA GLU B 135 -25.61 -21.26 22.04
C GLU B 135 -24.15 -21.60 21.64
N VAL B 136 -23.57 -22.58 22.32
CA VAL B 136 -22.19 -23.05 22.09
C VAL B 136 -22.24 -24.55 21.82
N GLU B 137 -21.56 -24.99 20.75
CA GLU B 137 -21.50 -26.39 20.36
C GLU B 137 -20.03 -26.85 20.52
N LYS B 138 -19.78 -27.69 21.54
CA LYS B 138 -18.47 -28.34 21.76
C LYS B 138 -18.56 -29.82 21.36
N PRO B 139 -18.05 -30.21 20.16
CA PRO B 139 -18.00 -31.62 19.74
C PRO B 139 -16.85 -32.35 20.46
N ILE B 140 -17.19 -32.99 21.60
CA ILE B 140 -16.23 -33.73 22.42
C ILE B 140 -15.82 -35.00 21.66
N VAL B 141 -14.63 -34.97 21.06
CA VAL B 141 -14.12 -36.04 20.19
C VAL B 141 -12.68 -36.45 20.62
N GLU B 142 -12.41 -37.75 20.60
CA GLU B 142 -11.07 -38.32 20.90
C GLU B 142 -10.72 -39.29 19.76
N VAL B 143 -9.62 -39.03 19.02
CA VAL B 143 -9.21 -39.90 17.91
C VAL B 143 -8.70 -41.25 18.49
N THR B 144 -9.64 -42.19 18.65
CA THR B 144 -9.37 -43.53 19.20
C THR B 144 -9.21 -44.53 18.06
N ASP B 145 -9.07 -45.82 18.42
CA ASP B 145 -8.93 -46.93 17.44
C ASP B 145 -10.13 -46.98 16.47
N ALA B 146 -11.31 -46.61 16.99
CA ALA B 146 -12.55 -46.52 16.18
C ALA B 146 -12.42 -45.47 15.07
N ASP B 147 -11.79 -44.33 15.39
CA ASP B 147 -11.65 -43.18 14.47
C ASP B 147 -10.57 -43.47 13.43
N VAL B 148 -9.44 -44.01 13.89
CA VAL B 148 -8.30 -44.35 13.01
C VAL B 148 -8.72 -45.43 12.00
N ASP B 149 -9.34 -46.53 12.52
CA ASP B 149 -9.83 -47.67 11.71
C ASP B 149 -10.93 -47.23 10.72
N GLY B 150 -11.93 -46.51 11.25
CA GLY B 150 -13.08 -46.06 10.45
C GLY B 150 -12.68 -45.14 9.30
N MET B 151 -11.81 -44.16 9.63
CA MET B 151 -11.27 -43.21 8.65
C MET B 151 -10.40 -43.97 7.62
N LEU B 152 -9.60 -44.96 8.10
CA LEU B 152 -8.69 -45.76 7.26
C LEU B 152 -9.47 -46.59 6.22
N ASP B 153 -10.64 -47.11 6.64
CA ASP B 153 -11.54 -47.88 5.78
C ASP B 153 -12.14 -46.95 4.71
N THR B 154 -12.64 -45.78 5.17
CA THR B 154 -13.15 -44.73 4.29
C THR B 154 -12.03 -44.22 3.33
N LEU B 155 -10.78 -44.25 3.81
CA LEU B 155 -9.60 -43.76 3.09
C LEU B 155 -9.24 -44.69 1.93
N ARG B 156 -9.25 -46.01 2.21
CA ARG B 156 -8.96 -47.04 1.18
C ARG B 156 -10.15 -47.17 0.21
N LYS B 157 -11.34 -46.76 0.68
CA LYS B 157 -12.56 -46.77 -0.13
C LYS B 157 -12.66 -45.52 -1.04
N GLN B 158 -12.11 -44.38 -0.57
CA GLN B 158 -12.16 -43.09 -1.30
C GLN B 158 -10.96 -42.92 -2.26
N GLN B 159 -9.79 -43.40 -1.81
CA GLN B 159 -8.50 -43.22 -2.51
C GLN B 159 -8.00 -44.55 -3.08
N ALA B 160 -8.94 -45.48 -3.36
CA ALA B 160 -8.63 -46.78 -3.99
C ALA B 160 -8.01 -46.57 -5.40
N THR B 161 -7.46 -47.66 -5.96
CA THR B 161 -6.78 -47.63 -7.27
C THR B 161 -7.77 -47.47 -8.44
N TRP B 162 -7.24 -47.37 -9.67
CA TRP B 162 -8.05 -47.13 -10.88
C TRP B 162 -7.64 -48.09 -12.01
N LYS B 163 -8.51 -48.12 -13.02
CA LYS B 163 -8.30 -48.85 -14.28
C LYS B 163 -9.07 -48.12 -15.39
N GLU B 164 -8.98 -48.59 -16.63
CA GLU B 164 -9.73 -48.01 -17.77
C GLU B 164 -11.12 -48.65 -17.89
N LYS B 165 -12.01 -48.05 -18.72
CA LYS B 165 -13.38 -48.56 -18.93
C LYS B 165 -13.74 -48.55 -20.42
N ASP B 166 -14.45 -49.61 -20.86
CA ASP B 166 -15.05 -49.68 -22.20
C ASP B 166 -16.58 -49.60 -22.09
N GLY B 167 -17.14 -48.43 -22.47
CA GLY B 167 -18.60 -48.26 -22.56
C GLY B 167 -19.04 -46.84 -22.30
N ALA B 168 -20.29 -46.69 -21.86
CA ALA B 168 -20.88 -45.39 -21.48
C ALA B 168 -20.37 -44.96 -20.11
N VAL B 169 -20.22 -43.65 -19.91
CA VAL B 169 -19.80 -43.07 -18.63
C VAL B 169 -20.97 -43.13 -17.63
N GLU B 170 -20.67 -43.30 -16.33
CA GLU B 170 -21.64 -43.13 -15.24
C GLU B 170 -21.07 -42.14 -14.21
N ALA B 171 -21.93 -41.70 -13.28
CA ALA B 171 -21.52 -40.79 -12.19
C ALA B 171 -20.66 -41.54 -11.14
N GLU B 172 -20.72 -42.89 -11.17
CA GLU B 172 -19.93 -43.78 -10.31
C GLU B 172 -18.62 -44.24 -11.00
N ASP B 173 -18.14 -43.46 -12.01
CA ASP B 173 -16.86 -43.72 -12.69
C ASP B 173 -15.92 -42.51 -12.58
N ARG B 174 -14.65 -42.77 -12.92
CA ARG B 174 -13.66 -41.74 -13.19
C ARG B 174 -13.72 -41.40 -14.68
N VAL B 175 -13.54 -40.13 -15.01
CA VAL B 175 -13.53 -39.68 -16.40
C VAL B 175 -12.72 -38.38 -16.53
N THR B 176 -11.59 -38.47 -17.24
CA THR B 176 -10.76 -37.32 -17.56
C THR B 176 -11.25 -36.72 -18.89
N ILE B 177 -11.67 -35.44 -18.82
CA ILE B 177 -12.22 -34.67 -19.92
C ILE B 177 -11.49 -33.33 -20.03
N ASP B 178 -11.35 -32.79 -21.23
CA ASP B 178 -11.02 -31.38 -21.41
C ASP B 178 -12.29 -30.69 -21.88
N PHE B 179 -12.81 -29.79 -21.05
CA PHE B 179 -14.10 -29.16 -21.27
C PHE B 179 -13.96 -27.65 -21.28
N THR B 180 -14.88 -26.97 -21.96
CA THR B 180 -14.96 -25.52 -21.98
C THR B 180 -16.44 -25.09 -21.90
N GLY B 181 -16.79 -24.37 -20.83
CA GLY B 181 -18.15 -23.91 -20.60
C GLY B 181 -18.43 -22.57 -21.25
N SER B 182 -19.67 -22.37 -21.71
CA SER B 182 -20.09 -21.13 -22.36
C SER B 182 -21.49 -20.72 -21.89
N VAL B 183 -21.56 -19.69 -21.02
CA VAL B 183 -22.82 -19.16 -20.47
C VAL B 183 -23.41 -18.17 -21.49
N ASP B 184 -24.63 -18.49 -21.98
CA ASP B 184 -25.32 -17.74 -23.06
C ASP B 184 -24.53 -17.86 -24.38
N GLY B 185 -23.69 -18.91 -24.46
CA GLY B 185 -22.79 -19.11 -25.60
C GLY B 185 -21.52 -18.30 -25.51
N GLU B 186 -21.28 -17.65 -24.35
CA GLU B 186 -20.07 -16.86 -24.10
C GLU B 186 -19.16 -17.62 -23.11
N GLU B 187 -17.93 -17.94 -23.56
CA GLU B 187 -16.97 -18.77 -22.81
C GLU B 187 -16.49 -17.98 -21.57
N PHE B 188 -17.08 -18.30 -20.41
CA PHE B 188 -16.86 -17.54 -19.17
C PHE B 188 -15.55 -17.98 -18.48
N GLU B 189 -14.89 -16.99 -17.85
CA GLU B 189 -13.59 -17.17 -17.16
C GLU B 189 -13.75 -18.10 -15.95
N GLY B 190 -12.93 -19.17 -15.93
CA GLY B 190 -12.96 -20.17 -14.86
C GLY B 190 -13.91 -21.32 -15.13
N GLY B 191 -14.57 -21.28 -16.29
CA GLY B 191 -15.52 -22.32 -16.70
C GLY B 191 -14.92 -23.43 -17.52
N LYS B 192 -13.57 -23.50 -17.53
CA LYS B 192 -12.84 -24.55 -18.24
C LYS B 192 -11.53 -24.89 -17.54
N ALA B 193 -11.04 -26.11 -17.80
CA ALA B 193 -9.76 -26.61 -17.31
C ALA B 193 -9.36 -27.79 -18.22
N SER B 194 -8.28 -27.59 -18.99
CA SER B 194 -7.75 -28.60 -19.93
C SER B 194 -7.27 -29.86 -19.17
N ASP B 195 -7.79 -31.03 -19.59
CA ASP B 195 -7.44 -32.35 -19.02
C ASP B 195 -7.81 -32.43 -17.51
N PHE B 196 -9.08 -32.10 -17.24
CA PHE B 196 -9.68 -32.23 -15.91
C PHE B 196 -10.03 -33.69 -15.63
N VAL B 197 -9.55 -34.26 -14.51
CA VAL B 197 -9.91 -35.62 -14.08
C VAL B 197 -11.04 -35.55 -13.04
N LEU B 198 -12.22 -36.05 -13.43
CA LEU B 198 -13.36 -36.24 -12.53
C LEU B 198 -13.25 -37.64 -11.89
N ALA B 199 -13.42 -37.69 -10.56
CA ALA B 199 -13.45 -38.95 -9.81
C ALA B 199 -14.76 -39.04 -9.00
N MET B 200 -15.32 -40.24 -8.95
CA MET B 200 -16.55 -40.56 -8.22
C MET B 200 -16.35 -40.62 -6.67
N GLY B 201 -17.43 -40.97 -5.96
CA GLY B 201 -17.42 -41.14 -4.48
C GLY B 201 -17.64 -39.84 -3.74
N GLN B 202 -18.23 -38.86 -4.45
CA GLN B 202 -18.36 -37.47 -3.98
C GLN B 202 -19.83 -37.05 -3.85
N GLY B 203 -20.06 -35.75 -3.55
CA GLY B 203 -21.40 -35.18 -3.49
C GLY B 203 -21.90 -34.74 -4.86
N ARG B 204 -23.19 -34.41 -4.94
CA ARG B 204 -23.83 -33.94 -6.19
C ARG B 204 -23.48 -32.45 -6.40
N MET B 205 -23.10 -32.09 -7.63
CA MET B 205 -22.72 -30.71 -8.04
C MET B 205 -24.00 -29.92 -8.39
N ILE B 206 -23.86 -28.87 -9.22
CA ILE B 206 -25.01 -28.12 -9.79
C ILE B 206 -25.95 -29.07 -10.59
N PRO B 207 -27.29 -28.78 -10.64
CA PRO B 207 -28.26 -29.58 -11.44
C PRO B 207 -27.82 -29.68 -12.91
N GLY B 208 -27.32 -30.87 -13.27
CA GLY B 208 -26.79 -31.15 -14.60
C GLY B 208 -25.40 -31.76 -14.52
N PHE B 209 -24.40 -31.05 -15.09
CA PHE B 209 -23.00 -31.52 -15.30
C PHE B 209 -22.85 -33.06 -15.46
N GLU B 210 -22.74 -33.79 -14.31
CA GLU B 210 -22.46 -35.26 -14.27
C GLU B 210 -23.50 -36.05 -15.09
N ASP B 211 -24.75 -35.53 -15.08
CA ASP B 211 -25.89 -36.10 -15.81
C ASP B 211 -25.60 -36.21 -17.31
N GLY B 212 -24.95 -35.16 -17.86
CA GLY B 212 -24.61 -35.10 -19.28
C GLY B 212 -23.32 -35.81 -19.60
N ILE B 213 -22.39 -35.81 -18.62
CA ILE B 213 -21.12 -36.57 -18.69
C ILE B 213 -21.43 -38.07 -18.89
N LYS B 214 -22.43 -38.55 -18.12
CA LYS B 214 -22.93 -39.93 -18.21
C LYS B 214 -24.01 -40.10 -19.30
N GLY B 215 -24.15 -39.10 -20.18
CA GLY B 215 -25.14 -39.13 -21.26
C GLY B 215 -24.54 -39.62 -22.57
N HIS B 216 -23.24 -39.98 -22.53
CA HIS B 216 -22.45 -40.34 -23.73
C HIS B 216 -21.46 -41.48 -23.42
N LYS B 217 -20.73 -41.90 -24.46
CA LYS B 217 -19.72 -42.99 -24.40
C LYS B 217 -18.34 -42.44 -24.78
N ALA B 218 -17.27 -43.18 -24.45
CA ALA B 218 -15.87 -42.75 -24.70
C ALA B 218 -15.55 -42.57 -26.19
N GLY B 219 -14.55 -41.72 -26.48
CA GLY B 219 -14.01 -41.57 -27.84
C GLY B 219 -14.71 -40.52 -28.70
N GLU B 220 -15.64 -39.74 -28.11
CA GLU B 220 -16.39 -38.70 -28.84
C GLU B 220 -16.39 -37.36 -28.09
N GLU B 221 -16.76 -36.30 -28.85
CA GLU B 221 -16.85 -34.91 -28.37
C GLU B 221 -18.31 -34.43 -28.49
N PHE B 222 -18.74 -33.59 -27.53
CA PHE B 222 -20.13 -33.09 -27.43
C PHE B 222 -20.19 -31.88 -26.51
N THR B 223 -21.41 -31.37 -26.26
CA THR B 223 -21.62 -30.29 -25.28
C THR B 223 -22.89 -30.57 -24.45
N ILE B 224 -22.81 -30.28 -23.14
CA ILE B 224 -23.91 -30.48 -22.19
C ILE B 224 -24.49 -29.12 -21.77
N ASP B 225 -25.78 -28.91 -22.07
CA ASP B 225 -26.44 -27.62 -21.81
C ASP B 225 -27.08 -27.65 -20.41
N VAL B 226 -26.35 -27.10 -19.42
CA VAL B 226 -26.80 -27.06 -18.00
C VAL B 226 -26.95 -25.60 -17.55
N THR B 227 -28.02 -25.30 -16.80
CA THR B 227 -28.27 -23.94 -16.28
C THR B 227 -27.73 -23.83 -14.85
N PHE B 228 -27.04 -22.70 -14.56
CA PHE B 228 -26.54 -22.40 -13.21
C PHE B 228 -27.72 -22.12 -12.26
N PRO B 229 -27.64 -22.64 -10.98
CA PRO B 229 -28.71 -22.47 -9.97
C PRO B 229 -29.05 -20.99 -9.71
N GLU B 230 -30.30 -20.76 -9.34
CA GLU B 230 -30.80 -19.43 -8.94
C GLU B 230 -30.28 -19.06 -7.52
N GLU B 231 -29.67 -20.05 -6.86
CA GLU B 231 -28.96 -19.90 -5.59
C GLU B 231 -27.48 -19.51 -5.84
N TYR B 232 -26.98 -19.76 -7.08
CA TYR B 232 -25.56 -19.56 -7.43
C TYR B 232 -25.24 -18.05 -7.38
N HIS B 233 -24.53 -17.65 -6.31
CA HIS B 233 -24.38 -16.24 -5.89
C HIS B 233 -23.72 -15.26 -6.92
N ALA B 234 -23.22 -15.76 -8.08
CA ALA B 234 -22.69 -14.90 -9.15
C ALA B 234 -23.80 -14.58 -10.16
N GLU B 235 -24.17 -13.28 -10.25
CA GLU B 235 -25.33 -12.79 -11.04
C GLU B 235 -25.17 -13.12 -12.54
N ASN B 236 -23.95 -12.87 -13.06
CA ASN B 236 -23.61 -13.02 -14.49
C ASN B 236 -23.84 -14.48 -14.98
N LEU B 237 -23.68 -15.45 -14.08
CA LEU B 237 -23.72 -16.88 -14.42
C LEU B 237 -25.10 -17.50 -14.07
N LYS B 238 -25.68 -17.11 -12.92
CA LYS B 238 -26.93 -17.72 -12.41
C LYS B 238 -28.13 -17.35 -13.29
N GLY B 239 -29.07 -18.31 -13.42
CA GLY B 239 -30.29 -18.10 -14.21
C GLY B 239 -30.10 -18.33 -15.70
N LYS B 240 -28.84 -18.29 -16.16
CA LYS B 240 -28.49 -18.44 -17.58
C LYS B 240 -27.96 -19.87 -17.84
N ALA B 241 -28.38 -20.45 -18.97
CA ALA B 241 -27.93 -21.78 -19.41
C ALA B 241 -26.50 -21.70 -19.95
N ALA B 242 -25.76 -22.81 -19.84
CA ALA B 242 -24.34 -22.87 -20.18
C ALA B 242 -24.03 -24.19 -20.90
N LYS B 243 -23.48 -24.10 -22.12
CA LYS B 243 -23.08 -25.27 -22.89
C LYS B 243 -21.59 -25.60 -22.59
N PHE B 244 -21.36 -26.75 -21.94
CA PHE B 244 -20.01 -27.24 -21.57
C PHE B 244 -19.56 -28.26 -22.61
N ALA B 245 -18.67 -27.84 -23.52
CA ALA B 245 -18.14 -28.70 -24.57
C ALA B 245 -17.19 -29.77 -23.98
N ILE B 246 -17.77 -30.94 -23.66
CA ILE B 246 -17.06 -32.06 -23.03
C ILE B 246 -16.40 -32.94 -24.10
N ASN B 247 -15.11 -33.26 -23.91
CA ASN B 247 -14.38 -34.23 -24.75
C ASN B 247 -13.96 -35.40 -23.88
N LEU B 248 -14.58 -36.58 -24.10
CA LEU B 248 -14.26 -37.80 -23.34
C LEU B 248 -12.95 -38.42 -23.88
N LYS B 249 -11.81 -37.95 -23.32
CA LYS B 249 -10.47 -38.47 -23.71
C LYS B 249 -10.16 -39.75 -22.94
N LYS B 250 -10.50 -39.76 -21.63
CA LYS B 250 -10.32 -40.94 -20.75
C LYS B 250 -11.63 -41.21 -20.00
N VAL B 251 -12.15 -42.43 -20.14
CA VAL B 251 -13.25 -42.96 -19.32
C VAL B 251 -12.68 -44.16 -18.58
N GLU B 252 -12.39 -43.96 -17.29
CA GLU B 252 -11.65 -44.89 -16.45
C GLU B 252 -12.57 -45.51 -15.38
N GLU B 253 -12.50 -46.84 -15.24
CA GLU B 253 -13.36 -47.60 -14.32
C GLU B 253 -12.76 -47.57 -12.90
N ARG B 254 -13.65 -47.59 -11.90
CA ARG B 254 -13.29 -47.60 -10.48
C ARG B 254 -12.88 -49.03 -10.06
N GLU B 255 -11.98 -49.14 -9.06
CA GLU B 255 -11.54 -50.44 -8.53
C GLU B 255 -11.04 -50.28 -7.08
N LEU B 256 -11.64 -51.06 -6.15
CA LEU B 256 -11.14 -51.20 -4.77
C LEU B 256 -10.48 -52.59 -4.62
N PRO B 257 -9.11 -52.70 -4.71
CA PRO B 257 -8.41 -53.99 -4.59
C PRO B 257 -8.18 -54.42 -3.11
N GLU B 258 -7.26 -53.72 -2.41
CA GLU B 258 -6.85 -54.03 -1.02
C GLU B 258 -5.92 -52.90 -0.53
N LEU B 259 -5.69 -52.86 0.78
CA LEU B 259 -4.76 -51.92 1.43
C LEU B 259 -3.29 -52.31 1.08
N THR B 260 -2.82 -51.86 -0.11
CA THR B 260 -1.53 -52.28 -0.69
C THR B 260 -0.42 -51.24 -0.43
N ALA B 261 0.84 -51.68 -0.63
CA ALA B 261 2.04 -50.83 -0.58
C ALA B 261 1.92 -49.66 -1.58
N GLU B 262 1.27 -49.95 -2.73
CA GLU B 262 0.97 -48.97 -3.77
C GLU B 262 -0.01 -47.89 -3.27
N PHE B 263 -0.89 -48.29 -2.33
CA PHE B 263 -1.84 -47.36 -1.69
C PHE B 263 -1.09 -46.49 -0.66
N ILE B 264 -0.20 -47.12 0.12
CA ILE B 264 0.59 -46.40 1.16
C ILE B 264 1.47 -45.31 0.51
N LYS B 265 2.06 -45.65 -0.66
CA LYS B 265 2.87 -44.72 -1.49
C LYS B 265 2.00 -43.70 -2.27
N ARG B 266 0.67 -43.92 -2.33
CA ARG B 266 -0.26 -43.00 -3.04
C ARG B 266 -0.35 -41.64 -2.29
N PHE B 267 -0.07 -41.69 -0.97
CA PHE B 267 -0.02 -40.50 -0.10
C PHE B 267 1.42 -40.00 0.08
N GLY B 268 2.38 -40.69 -0.57
CA GLY B 268 3.79 -40.37 -0.45
C GLY B 268 4.37 -40.74 0.91
N VAL B 269 3.80 -41.77 1.56
CA VAL B 269 4.32 -42.29 2.83
C VAL B 269 5.53 -43.19 2.52
N GLU B 270 6.74 -42.58 2.66
CA GLU B 270 8.04 -43.24 2.48
C GLU B 270 8.14 -44.51 3.33
N ASP B 271 7.65 -44.40 4.58
CA ASP B 271 7.78 -45.44 5.62
C ASP B 271 7.36 -46.82 5.11
N GLY B 272 6.30 -46.85 4.28
CA GLY B 272 5.88 -48.06 3.58
C GLY B 272 4.97 -48.96 4.41
N SER B 273 5.41 -49.24 5.65
CA SER B 273 4.62 -49.99 6.63
C SER B 273 3.29 -49.27 6.86
N VAL B 274 2.19 -50.04 7.00
CA VAL B 274 0.84 -49.48 7.20
C VAL B 274 0.79 -48.69 8.52
N GLU B 275 1.60 -49.10 9.52
CA GLU B 275 1.77 -48.35 10.78
C GLU B 275 2.34 -46.94 10.52
N GLY B 276 3.12 -46.81 9.43
CA GLY B 276 3.59 -45.52 8.96
C GLY B 276 2.50 -44.69 8.31
N LEU B 277 1.48 -45.38 7.71
CA LEU B 277 0.29 -44.71 7.14
C LEU B 277 -0.49 -44.11 8.32
N ARG B 278 -0.72 -44.94 9.37
CA ARG B 278 -1.39 -44.53 10.63
C ARG B 278 -0.59 -43.40 11.32
N ALA B 279 0.75 -43.42 11.20
CA ALA B 279 1.65 -42.45 11.86
C ALA B 279 1.55 -41.06 11.21
N GLU B 280 1.73 -41.02 9.88
CA GLU B 280 1.62 -39.76 9.09
C GLU B 280 0.21 -39.15 9.25
N VAL B 281 -0.80 -40.02 9.09
CA VAL B 281 -2.21 -39.64 9.27
C VAL B 281 -2.48 -39.20 10.72
N ARG B 282 -1.81 -39.82 11.72
CA ARG B 282 -1.93 -39.41 13.15
C ARG B 282 -1.44 -37.95 13.31
N LYS B 283 -0.25 -37.66 12.73
CA LYS B 283 0.37 -36.32 12.79
C LYS B 283 -0.55 -35.26 12.16
N ASN B 284 -1.17 -35.62 11.04
CA ASN B 284 -2.16 -34.76 10.37
C ASN B 284 -3.42 -34.61 11.25
N MET B 285 -3.93 -35.74 11.78
CA MET B 285 -5.22 -35.79 12.51
C MET B 285 -5.15 -35.02 13.83
N GLU B 286 -3.96 -34.94 14.47
CA GLU B 286 -3.77 -34.17 15.73
C GLU B 286 -4.06 -32.68 15.48
N ARG B 287 -3.35 -32.13 14.48
CA ARG B 287 -3.46 -30.72 14.08
C ARG B 287 -4.87 -30.41 13.56
N GLU B 288 -5.42 -31.31 12.72
CA GLU B 288 -6.75 -31.13 12.12
C GLU B 288 -7.87 -31.28 13.17
N LEU B 289 -7.64 -32.13 14.18
CA LEU B 289 -8.62 -32.36 15.28
C LEU B 289 -8.74 -31.07 16.09
N LYS B 290 -7.58 -30.59 16.57
CA LYS B 290 -7.46 -29.39 17.43
C LYS B 290 -7.99 -28.13 16.70
N SER B 291 -7.56 -27.99 15.43
CA SER B 291 -7.96 -26.88 14.56
C SER B 291 -9.47 -26.91 14.31
N ALA B 292 -10.02 -28.14 14.10
CA ALA B 292 -11.46 -28.34 13.88
C ALA B 292 -12.27 -27.99 15.14
N ILE B 293 -11.76 -28.36 16.34
CA ILE B 293 -12.41 -28.04 17.65
C ILE B 293 -12.53 -26.52 17.82
N ARG B 294 -11.39 -25.83 17.74
CA ARG B 294 -11.31 -24.39 17.99
C ARG B 294 -12.11 -23.61 16.91
N ASN B 295 -11.95 -24.00 15.63
CA ASN B 295 -12.65 -23.33 14.51
C ASN B 295 -14.17 -23.57 14.61
N ARG B 296 -14.57 -24.79 15.00
CA ARG B 296 -15.99 -25.17 15.18
C ARG B 296 -16.67 -24.28 16.23
N VAL B 297 -16.08 -24.28 17.44
CA VAL B 297 -16.66 -23.60 18.60
C VAL B 297 -16.63 -22.07 18.43
N LYS B 298 -15.59 -21.54 17.71
CA LYS B 298 -15.49 -20.12 17.38
C LYS B 298 -16.51 -19.72 16.32
N SER B 299 -16.67 -20.53 15.26
CA SER B 299 -17.64 -20.26 14.17
C SER B 299 -19.08 -20.22 14.73
N GLN B 300 -19.33 -21.14 15.68
CA GLN B 300 -20.56 -21.21 16.45
C GLN B 300 -20.75 -19.90 17.27
N ALA B 301 -19.66 -19.46 17.92
CA ALA B 301 -19.65 -18.20 18.70
C ALA B 301 -19.84 -16.96 17.80
N ILE B 302 -19.25 -16.96 16.58
CA ILE B 302 -19.31 -15.81 15.64
C ILE B 302 -20.74 -15.62 15.17
N GLU B 303 -21.36 -16.72 14.69
CA GLU B 303 -22.78 -16.73 14.29
C GLU B 303 -23.69 -16.43 15.48
N GLY B 304 -23.31 -16.92 16.68
CA GLY B 304 -24.00 -16.60 17.92
C GLY B 304 -24.03 -15.10 18.20
N LEU B 305 -22.86 -14.46 18.02
CA LEU B 305 -22.65 -13.01 18.27
C LEU B 305 -23.45 -12.15 17.28
N VAL B 306 -23.46 -12.54 15.98
CA VAL B 306 -24.24 -11.84 14.94
C VAL B 306 -25.75 -11.93 15.26
N LYS B 307 -26.23 -13.16 15.51
CA LYS B 307 -27.66 -13.42 15.81
C LYS B 307 -28.08 -12.76 17.14
N ALA B 308 -27.12 -12.60 18.06
CA ALA B 308 -27.33 -11.94 19.36
C ALA B 308 -27.32 -10.41 19.24
N ASN B 309 -26.70 -9.89 18.15
CA ASN B 309 -26.52 -8.44 17.95
C ASN B 309 -26.76 -8.11 16.47
N ASP B 310 -28.05 -7.97 16.12
CA ASP B 310 -28.51 -7.77 14.74
C ASP B 310 -28.56 -6.26 14.40
N ILE B 311 -27.38 -5.60 14.48
CA ILE B 311 -27.25 -4.16 14.23
C ILE B 311 -26.93 -3.89 12.76
N ASP B 312 -27.14 -2.63 12.36
CA ASP B 312 -26.66 -2.11 11.08
C ASP B 312 -25.26 -1.53 11.29
N VAL B 313 -24.42 -1.63 10.25
CA VAL B 313 -23.00 -1.27 10.32
C VAL B 313 -22.62 -0.38 9.11
N PRO B 314 -21.71 0.65 9.32
CA PRO B 314 -21.34 1.65 8.28
C PRO B 314 -20.90 1.01 6.93
N ALA B 315 -21.62 1.39 5.85
CA ALA B 315 -21.46 0.83 4.49
C ALA B 315 -20.05 1.07 3.89
N ALA B 316 -19.28 1.99 4.49
CA ALA B 316 -17.87 2.25 4.11
C ALA B 316 -16.98 1.04 4.48
N LEU B 317 -17.22 0.45 5.67
CA LEU B 317 -16.50 -0.74 6.17
C LEU B 317 -16.87 -1.97 5.31
N ILE B 318 -18.16 -2.05 4.92
CA ILE B 318 -18.67 -3.11 4.04
C ILE B 318 -18.06 -2.96 2.65
N ASP B 319 -18.01 -1.72 2.14
CA ASP B 319 -17.48 -1.41 0.80
C ASP B 319 -15.97 -1.73 0.73
N SER B 320 -15.27 -1.48 1.85
CA SER B 320 -13.83 -1.76 2.01
C SER B 320 -13.57 -3.29 2.02
N GLU B 321 -14.37 -4.02 2.83
CA GLU B 321 -14.33 -5.50 2.90
C GLU B 321 -14.62 -6.11 1.52
N ILE B 322 -15.66 -5.59 0.87
CA ILE B 322 -16.13 -6.02 -0.45
C ILE B 322 -15.09 -5.68 -1.53
N ASP B 323 -14.39 -4.56 -1.35
CA ASP B 323 -13.28 -4.16 -2.24
C ASP B 323 -12.17 -5.21 -2.20
N VAL B 324 -11.71 -5.55 -0.97
CA VAL B 324 -10.63 -6.54 -0.75
C VAL B 324 -11.03 -7.91 -1.31
N LEU B 325 -12.19 -8.43 -0.83
CA LEU B 325 -12.71 -9.76 -1.19
C LEU B 325 -12.92 -9.88 -2.71
N ARG B 326 -13.73 -8.96 -3.29
CA ARG B 326 -14.10 -8.98 -4.73
C ARG B 326 -12.88 -8.84 -5.64
N ARG B 327 -12.01 -7.85 -5.35
CA ARG B 327 -10.84 -7.57 -6.20
C ARG B 327 -9.89 -8.78 -6.17
N GLN B 328 -9.53 -9.23 -4.95
CA GLN B 328 -8.57 -10.34 -4.75
C GLN B 328 -9.18 -11.71 -5.18
N ALA B 329 -10.53 -11.76 -5.32
CA ALA B 329 -11.26 -12.94 -5.81
C ALA B 329 -11.17 -13.03 -7.33
N ALA B 330 -11.71 -12.02 -8.03
CA ALA B 330 -11.78 -12.01 -9.51
C ALA B 330 -10.37 -11.96 -10.13
N GLN B 331 -9.43 -11.30 -9.41
CA GLN B 331 -7.99 -11.25 -9.77
C GLN B 331 -7.37 -12.67 -9.76
N ARG B 332 -7.91 -13.53 -8.90
CA ARG B 332 -7.43 -14.90 -8.68
C ARG B 332 -8.04 -15.85 -9.73
N PHE B 333 -9.38 -15.89 -9.76
CA PHE B 333 -10.16 -16.71 -10.69
C PHE B 333 -10.23 -16.04 -12.06
N GLY B 334 -9.11 -16.13 -12.81
CA GLY B 334 -9.03 -15.64 -14.19
C GLY B 334 -8.23 -14.34 -14.31
N GLY B 335 -8.53 -13.38 -13.41
CA GLY B 335 -7.82 -12.10 -13.37
C GLY B 335 -8.59 -10.98 -14.05
N ASN B 336 -9.83 -10.74 -13.58
CA ASN B 336 -10.74 -9.74 -14.15
C ASN B 336 -10.94 -8.59 -13.15
N GLU B 337 -10.76 -7.34 -13.62
CA GLU B 337 -10.82 -6.13 -12.77
C GLU B 337 -12.21 -5.48 -12.79
N LYS B 338 -12.76 -5.22 -14.00
CA LYS B 338 -14.00 -4.41 -14.19
C LYS B 338 -15.27 -5.27 -14.03
N GLN B 339 -15.29 -6.47 -14.64
CA GLN B 339 -16.45 -7.41 -14.57
C GLN B 339 -16.54 -8.09 -13.18
N ALA B 340 -15.58 -7.79 -12.29
CA ALA B 340 -15.62 -8.19 -10.87
C ALA B 340 -16.90 -7.70 -10.18
N LEU B 341 -17.37 -6.50 -10.60
CA LEU B 341 -18.57 -5.83 -10.04
C LEU B 341 -19.87 -6.62 -10.31
N GLU B 342 -19.82 -7.57 -11.28
CA GLU B 342 -20.96 -8.44 -11.61
C GLU B 342 -21.14 -9.59 -10.58
N LEU B 343 -20.18 -9.71 -9.64
CA LEU B 343 -20.39 -10.52 -8.42
C LEU B 343 -21.07 -9.60 -7.37
N PRO B 344 -22.38 -9.84 -7.02
CA PRO B 344 -23.12 -9.01 -6.02
C PRO B 344 -22.41 -8.97 -4.65
N ARG B 345 -22.28 -7.75 -4.08
CA ARG B 345 -21.57 -7.54 -2.81
C ARG B 345 -22.16 -8.38 -1.68
N GLU B 346 -23.46 -8.70 -1.81
CA GLU B 346 -24.22 -9.53 -0.87
C GLU B 346 -23.51 -10.86 -0.55
N LEU B 347 -22.87 -11.48 -1.58
CA LEU B 347 -22.17 -12.78 -1.42
C LEU B 347 -20.90 -12.60 -0.59
N PHE B 348 -20.28 -11.41 -0.71
CA PHE B 348 -19.04 -11.05 0.02
C PHE B 348 -19.42 -10.61 1.44
N GLU B 349 -20.65 -10.06 1.57
CA GLU B 349 -21.21 -9.60 2.85
C GLU B 349 -21.56 -10.76 3.77
N GLU B 350 -21.46 -12.02 3.28
CA GLU B 350 -21.56 -13.20 4.13
C GLU B 350 -20.43 -13.09 5.19
N GLN B 351 -19.18 -13.15 4.72
CA GLN B 351 -18.00 -13.06 5.58
C GLN B 351 -17.84 -11.63 6.13
N ALA B 352 -18.07 -10.64 5.26
CA ALA B 352 -17.82 -9.22 5.56
C ALA B 352 -18.69 -8.72 6.71
N LYS B 353 -20.02 -9.03 6.67
CA LYS B 353 -20.96 -8.61 7.74
C LYS B 353 -20.50 -9.18 9.08
N ARG B 354 -20.06 -10.44 9.07
CA ARG B 354 -19.49 -11.10 10.27
C ARG B 354 -18.18 -10.39 10.70
N ARG B 355 -17.37 -9.96 9.70
CA ARG B 355 -16.02 -9.40 9.95
C ARG B 355 -16.17 -8.04 10.67
N VAL B 356 -17.10 -7.20 10.18
CA VAL B 356 -17.28 -5.82 10.67
C VAL B 356 -18.17 -5.79 11.95
N VAL B 357 -19.26 -6.60 11.98
CA VAL B 357 -20.17 -6.68 13.16
C VAL B 357 -19.44 -7.29 14.35
N VAL B 358 -18.84 -8.48 14.13
CA VAL B 358 -18.09 -9.19 15.20
C VAL B 358 -16.70 -8.53 15.42
N GLY B 359 -16.26 -7.71 14.44
CA GLY B 359 -15.10 -6.82 14.62
C GLY B 359 -15.39 -5.73 15.66
N LEU B 360 -16.59 -5.15 15.55
CA LEU B 360 -17.12 -4.19 16.53
C LEU B 360 -17.38 -4.88 17.89
N LEU B 361 -17.98 -6.09 17.84
CA LEU B 361 -18.36 -6.86 19.04
C LEU B 361 -17.14 -7.26 19.86
N LEU B 362 -16.24 -8.10 19.28
CA LEU B 362 -15.02 -8.59 19.96
C LEU B 362 -14.09 -7.43 20.37
N GLY B 363 -14.05 -6.40 19.50
CA GLY B 363 -13.33 -5.15 19.79
C GLY B 363 -13.87 -4.46 21.04
N GLU B 364 -15.22 -4.43 21.16
CA GLU B 364 -15.89 -3.79 22.30
C GLU B 364 -15.90 -4.71 23.54
N VAL B 365 -15.71 -6.04 23.36
CA VAL B 365 -15.55 -6.97 24.49
C VAL B 365 -14.23 -6.64 25.20
N ILE B 366 -13.12 -6.69 24.43
CA ILE B 366 -11.78 -6.45 24.96
C ILE B 366 -11.60 -4.99 25.44
N ARG B 367 -12.32 -4.04 24.79
CA ARG B 367 -12.28 -2.62 25.20
C ARG B 367 -13.04 -2.38 26.53
N THR B 368 -14.37 -2.68 26.53
CA THR B 368 -15.26 -2.41 27.69
C THR B 368 -14.86 -3.24 28.93
N ASN B 369 -14.58 -4.53 28.71
CA ASN B 369 -14.24 -5.47 29.80
C ASN B 369 -12.78 -5.26 30.30
N GLU B 370 -11.98 -4.53 29.49
CA GLU B 370 -10.54 -4.32 29.71
C GLU B 370 -9.83 -5.69 29.68
N LEU B 371 -10.10 -6.45 28.59
CA LEU B 371 -9.37 -7.69 28.31
C LEU B 371 -8.02 -7.30 27.70
N LYS B 372 -6.95 -7.68 28.38
CA LYS B 372 -5.58 -7.40 27.97
C LYS B 372 -4.92 -8.74 27.65
N ALA B 373 -3.98 -8.73 26.68
CA ALA B 373 -3.31 -9.95 26.18
C ALA B 373 -2.74 -10.78 27.33
N ASP B 374 -3.56 -11.76 27.77
CA ASP B 374 -3.25 -12.65 28.88
C ASP B 374 -2.06 -13.53 28.51
N GLU B 375 -0.96 -13.38 29.29
CA GLU B 375 0.35 -14.02 29.02
C GLU B 375 0.19 -15.53 28.80
N GLU B 376 -0.70 -16.14 29.59
CA GLU B 376 -0.96 -17.59 29.55
C GLU B 376 -1.62 -17.95 28.21
N ARG B 377 -2.57 -17.10 27.75
CA ARG B 377 -3.38 -17.36 26.55
C ARG B 377 -2.55 -17.14 25.26
N VAL B 378 -1.74 -16.07 25.25
CA VAL B 378 -0.92 -15.73 24.06
C VAL B 378 0.26 -16.71 23.93
N LYS B 379 0.95 -17.01 25.06
CA LYS B 379 2.06 -17.99 25.09
C LYS B 379 1.53 -19.37 24.71
N GLY B 380 0.35 -19.70 25.28
CA GLY B 380 -0.32 -20.98 25.04
C GLY B 380 -0.73 -21.17 23.60
N LEU B 381 -1.25 -20.08 22.98
CA LEU B 381 -1.67 -20.07 21.56
C LEU B 381 -0.44 -20.37 20.67
N ILE B 382 0.62 -19.55 20.89
CA ILE B 382 1.86 -19.65 20.10
C ILE B 382 2.46 -21.05 20.25
N GLU B 383 2.52 -21.58 21.49
CA GLU B 383 3.13 -22.90 21.78
C GLU B 383 2.34 -24.03 21.11
N GLU B 384 1.00 -23.89 21.15
CA GLU B 384 0.06 -24.84 20.57
C GLU B 384 0.34 -24.98 19.05
N MET B 385 0.39 -23.84 18.34
CA MET B 385 0.73 -23.84 16.89
C MET B 385 2.23 -24.12 16.65
N ALA B 386 3.07 -23.84 17.68
CA ALA B 386 4.55 -23.99 17.62
C ALA B 386 4.99 -25.45 17.73
N SER B 387 4.06 -26.31 18.22
CA SER B 387 4.21 -27.77 18.17
C SER B 387 4.37 -28.27 16.70
N ALA B 388 3.94 -27.43 15.72
CA ALA B 388 4.09 -27.70 14.28
C ALA B 388 5.27 -26.90 13.66
N TYR B 389 6.07 -26.20 14.50
CA TYR B 389 7.28 -25.43 14.06
C TYR B 389 8.55 -26.05 14.64
N GLU B 390 9.71 -25.34 14.48
CA GLU B 390 11.05 -25.78 14.95
C GLU B 390 11.05 -26.27 16.42
N ASP B 391 10.97 -25.33 17.37
CA ASP B 391 11.00 -25.63 18.81
C ASP B 391 9.99 -24.72 19.53
N PRO B 392 8.83 -25.26 20.03
CA PRO B 392 7.75 -24.48 20.68
C PRO B 392 8.22 -23.27 21.54
N LYS B 393 8.98 -23.58 22.61
CA LYS B 393 9.47 -22.60 23.59
C LYS B 393 10.29 -21.48 22.88
N GLU B 394 11.16 -21.90 21.93
CA GLU B 394 12.02 -20.99 21.16
C GLU B 394 11.23 -20.17 20.11
N VAL B 395 10.05 -20.69 19.68
CA VAL B 395 9.19 -20.00 18.69
C VAL B 395 8.51 -18.81 19.37
N ILE B 396 7.96 -19.08 20.57
CA ILE B 396 7.31 -18.07 21.42
C ILE B 396 8.32 -16.98 21.79
N GLU B 397 9.50 -17.46 22.25
CA GLU B 397 10.62 -16.63 22.68
C GLU B 397 11.11 -15.72 21.54
N PHE B 398 11.31 -16.29 20.33
CA PHE B 398 11.80 -15.52 19.16
C PHE B 398 10.78 -14.43 18.77
N TYR B 399 9.48 -14.82 18.73
CA TYR B 399 8.38 -13.89 18.40
C TYR B 399 8.30 -12.74 19.42
N SER B 400 8.60 -13.05 20.70
CA SER B 400 8.60 -12.08 21.82
C SER B 400 9.55 -10.88 21.59
N LYS B 401 10.63 -11.10 20.79
CA LYS B 401 11.57 -10.02 20.40
C LYS B 401 10.99 -9.15 19.27
N ASN B 402 10.15 -9.76 18.40
CA ASN B 402 9.60 -9.06 17.23
C ASN B 402 8.24 -8.46 17.64
N LYS B 403 8.25 -7.17 18.02
CA LYS B 403 7.06 -6.45 18.52
C LYS B 403 5.84 -6.57 17.59
N GLU B 404 6.08 -6.52 16.26
CA GLU B 404 5.01 -6.57 15.24
C GLU B 404 4.20 -7.87 15.34
N LEU B 405 4.91 -9.01 15.24
CA LEU B 405 4.28 -10.34 15.24
C LEU B 405 3.77 -10.67 16.66
N MET B 406 4.52 -10.21 17.68
CA MET B 406 4.11 -10.35 19.10
C MET B 406 2.78 -9.61 19.35
N ASP B 407 2.58 -8.50 18.61
CA ASP B 407 1.35 -7.69 18.67
C ASP B 407 0.22 -8.38 17.88
N ASN B 408 0.58 -9.06 16.77
CA ASN B 408 -0.38 -9.82 15.94
C ASN B 408 -0.94 -11.01 16.74
N MET B 409 -0.03 -11.71 17.48
CA MET B 409 -0.39 -12.84 18.34
C MET B 409 -1.16 -12.37 19.57
N ARG B 410 -0.83 -11.16 20.04
CA ARG B 410 -1.58 -10.44 21.09
C ARG B 410 -3.05 -10.25 20.66
N ASN B 411 -3.23 -9.73 19.44
CA ASN B 411 -4.54 -9.35 18.90
C ASN B 411 -5.41 -10.59 18.65
N VAL B 412 -4.82 -11.65 18.05
CA VAL B 412 -5.55 -12.92 17.78
C VAL B 412 -5.80 -13.69 19.10
N ALA B 413 -4.95 -13.47 20.12
CA ALA B 413 -5.15 -14.02 21.48
C ALA B 413 -6.24 -13.25 22.21
N LEU B 414 -6.42 -11.96 21.83
CA LEU B 414 -7.53 -11.13 22.33
C LEU B 414 -8.82 -11.43 21.56
N GLU B 415 -8.72 -11.96 20.32
CA GLU B 415 -9.89 -12.51 19.61
C GLU B 415 -10.30 -13.83 20.26
N GLU B 416 -9.30 -14.66 20.60
CA GLU B 416 -9.48 -15.89 21.39
C GLU B 416 -10.16 -15.57 22.73
N GLN B 417 -9.62 -14.54 23.42
CA GLN B 417 -10.02 -14.14 24.79
C GLN B 417 -11.40 -13.46 24.79
N ALA B 418 -11.69 -12.67 23.74
CA ALA B 418 -12.98 -11.97 23.58
C ALA B 418 -14.10 -12.97 23.30
N VAL B 419 -13.82 -13.91 22.36
CA VAL B 419 -14.72 -15.04 22.07
C VAL B 419 -14.91 -15.88 23.33
N GLU B 420 -13.81 -16.14 24.05
CA GLU B 420 -13.78 -17.06 25.21
C GLU B 420 -14.63 -16.52 26.38
N ALA B 421 -14.53 -15.18 26.60
CA ALA B 421 -15.25 -14.47 27.67
C ALA B 421 -16.78 -14.62 27.52
N VAL B 422 -17.27 -14.49 26.27
CA VAL B 422 -18.71 -14.60 25.96
C VAL B 422 -19.12 -16.09 25.73
N LEU B 423 -18.14 -16.92 25.34
CA LEU B 423 -18.34 -18.36 25.01
C LEU B 423 -18.70 -19.14 26.28
N ALA B 424 -17.86 -18.95 27.32
CA ALA B 424 -18.05 -19.59 28.64
C ALA B 424 -19.23 -18.96 29.40
N LYS B 425 -19.65 -17.75 28.97
CA LYS B 425 -20.80 -17.03 29.56
C LYS B 425 -22.13 -17.46 28.89
N ALA B 426 -22.03 -17.96 27.64
CA ALA B 426 -23.19 -18.40 26.85
C ALA B 426 -23.65 -19.82 27.24
N LYS B 427 -24.78 -20.27 26.67
CA LYS B 427 -25.32 -21.61 26.90
C LYS B 427 -24.44 -22.65 26.20
N VAL B 428 -23.55 -23.31 26.96
CA VAL B 428 -22.61 -24.29 26.42
C VAL B 428 -23.21 -25.71 26.48
N THR B 429 -23.21 -26.42 25.34
CA THR B 429 -23.67 -27.81 25.25
C THR B 429 -22.57 -28.66 24.59
N GLU B 430 -22.11 -29.68 25.33
CA GLU B 430 -21.02 -30.60 24.90
C GLU B 430 -21.62 -31.90 24.32
N LYS B 431 -21.05 -32.38 23.22
CA LYS B 431 -21.62 -33.47 22.41
C LYS B 431 -20.53 -34.50 22.10
N GLU B 432 -20.64 -35.69 22.70
CA GLU B 432 -19.67 -36.77 22.54
C GLU B 432 -19.82 -37.41 21.14
N THR B 433 -19.00 -36.93 20.20
CA THR B 433 -19.03 -37.33 18.79
C THR B 433 -17.69 -37.96 18.38
N THR B 434 -17.53 -38.26 17.08
CA THR B 434 -16.28 -38.79 16.52
C THR B 434 -15.58 -37.73 15.65
N PHE B 435 -14.33 -38.03 15.26
CA PHE B 435 -13.52 -37.25 14.28
C PHE B 435 -14.36 -36.89 13.03
N ASN B 436 -15.14 -37.89 12.59
CA ASN B 436 -16.00 -37.81 11.40
C ASN B 436 -17.14 -36.80 11.62
N GLU B 437 -17.76 -36.88 12.82
CA GLU B 437 -18.95 -36.08 13.18
C GLU B 437 -18.61 -34.63 13.53
N LEU B 438 -17.35 -34.41 13.94
CA LEU B 438 -16.79 -33.07 14.21
C LEU B 438 -16.87 -32.24 12.92
N MET B 439 -16.26 -32.82 11.87
CA MET B 439 -16.09 -32.18 10.55
C MET B 439 -17.33 -32.39 9.68
N ASN B 440 -18.31 -33.19 10.17
CA ASN B 440 -19.61 -33.40 9.53
C ASN B 440 -20.49 -32.18 9.86
N GLN B 441 -20.35 -31.16 9.00
CA GLN B 441 -21.09 -29.90 9.09
C GLN B 441 -22.58 -30.04 8.62
N GLN B 442 -23.03 -31.28 8.40
CA GLN B 442 -24.46 -31.63 8.22
C GLN B 442 -25.09 -32.08 9.56
N ALA B 443 -24.38 -31.85 10.67
CA ALA B 443 -24.91 -32.04 12.02
C ALA B 443 -24.60 -30.76 12.83
N MET A 12 14.61 -25.11 8.71
CA MET A 12 14.91 -24.04 7.72
C MET A 12 16.41 -23.99 7.43
N GLN A 13 16.75 -23.70 6.17
CA GLN A 13 18.15 -23.50 5.73
C GLN A 13 18.55 -22.04 6.03
N VAL A 14 19.03 -21.77 7.25
CA VAL A 14 19.51 -20.43 7.66
C VAL A 14 21.01 -20.50 8.02
N SER A 15 21.75 -19.43 7.68
CA SER A 15 23.18 -19.30 8.02
C SER A 15 23.54 -17.84 8.29
N VAL A 16 23.60 -17.48 9.60
CA VAL A 16 24.01 -16.14 10.04
C VAL A 16 25.51 -15.91 9.79
N GLU A 17 25.81 -15.06 8.82
CA GLU A 17 27.18 -14.64 8.47
C GLU A 17 27.48 -13.31 9.16
N THR A 18 28.69 -13.17 9.72
CA THR A 18 29.21 -11.88 10.16
C THR A 18 29.98 -11.26 8.98
N THR A 19 29.37 -10.24 8.35
CA THR A 19 29.92 -9.59 7.15
C THR A 19 31.07 -8.63 7.54
N GLN A 20 30.77 -7.65 8.41
CA GLN A 20 31.74 -6.64 8.84
C GLN A 20 31.15 -5.85 10.02
N GLY A 21 31.65 -6.14 11.25
CA GLY A 21 31.29 -5.38 12.46
C GLY A 21 29.80 -5.44 12.80
N LEU A 22 29.06 -4.43 12.30
CA LEU A 22 27.59 -4.34 12.47
C LEU A 22 26.89 -5.27 11.47
N GLY A 23 27.42 -5.26 10.22
CA GLY A 23 26.87 -6.00 9.10
C GLY A 23 26.88 -7.50 9.33
N ARG A 24 25.69 -8.11 9.37
CA ARG A 24 25.54 -9.56 9.56
C ARG A 24 24.45 -10.08 8.60
N ARG A 25 24.87 -10.95 7.66
CA ARG A 25 24.06 -11.45 6.54
C ARG A 25 23.49 -12.85 6.88
N VAL A 26 22.26 -12.88 7.42
CA VAL A 26 21.56 -14.15 7.69
C VAL A 26 20.96 -14.67 6.38
N THR A 27 21.67 -15.61 5.76
CA THR A 27 21.25 -16.25 4.51
C THR A 27 20.13 -17.25 4.80
N ILE A 28 18.87 -16.87 4.51
CA ILE A 28 17.68 -17.72 4.80
C ILE A 28 17.10 -18.25 3.49
N THR A 29 16.70 -19.53 3.51
CA THR A 29 16.06 -20.20 2.38
C THR A 29 14.76 -20.84 2.85
N ILE A 30 13.65 -20.48 2.18
CA ILE A 30 12.32 -21.08 2.44
C ILE A 30 11.98 -22.03 1.27
N ALA A 31 11.27 -23.13 1.58
CA ALA A 31 10.86 -24.14 0.57
C ALA A 31 9.88 -23.54 -0.45
N ALA A 32 10.00 -24.00 -1.71
CA ALA A 32 9.20 -23.53 -2.88
C ALA A 32 7.69 -23.57 -2.61
N ASP A 33 7.20 -24.80 -2.39
CA ASP A 33 5.77 -25.08 -2.17
C ASP A 33 5.26 -24.38 -0.90
N SER A 34 6.11 -24.24 0.12
CA SER A 34 5.74 -23.58 1.40
C SER A 34 5.39 -22.10 1.19
N ILE A 35 6.11 -21.44 0.25
CA ILE A 35 5.84 -20.04 -0.14
C ILE A 35 4.61 -19.96 -1.04
N GLU A 36 4.63 -20.77 -2.11
CA GLU A 36 3.63 -20.67 -3.19
C GLU A 36 2.25 -21.23 -2.78
N THR A 37 2.22 -22.06 -1.71
CA THR A 37 0.96 -22.52 -1.07
C THR A 37 0.38 -21.41 -0.19
N ALA A 38 1.27 -20.66 0.49
CA ALA A 38 0.88 -19.44 1.23
C ALA A 38 0.32 -18.38 0.26
N VAL A 39 0.92 -18.32 -0.95
CA VAL A 39 0.42 -17.50 -2.08
C VAL A 39 -1.01 -17.94 -2.48
N LYS A 40 -1.18 -19.25 -2.76
CA LYS A 40 -2.48 -19.86 -3.10
C LYS A 40 -3.56 -19.54 -2.05
N SER A 41 -3.16 -19.61 -0.77
CA SER A 41 -4.04 -19.34 0.37
C SER A 41 -4.48 -17.86 0.41
N GLU A 42 -3.51 -16.93 0.31
CA GLU A 42 -3.80 -15.48 0.38
C GLU A 42 -4.62 -15.00 -0.82
N LEU A 43 -4.42 -15.66 -1.98
CA LEU A 43 -5.18 -15.36 -3.20
C LEU A 43 -6.64 -15.80 -3.04
N VAL A 44 -6.88 -17.08 -2.63
CA VAL A 44 -8.27 -17.59 -2.46
C VAL A 44 -8.99 -16.82 -1.33
N ASN A 45 -8.23 -16.43 -0.27
CA ASN A 45 -8.75 -15.59 0.83
C ASN A 45 -9.26 -14.25 0.28
N VAL A 46 -8.34 -13.41 -0.24
CA VAL A 46 -8.67 -12.03 -0.69
C VAL A 46 -9.72 -12.05 -1.83
N ALA A 47 -9.71 -13.13 -2.63
CA ALA A 47 -10.71 -13.33 -3.71
C ALA A 47 -12.09 -13.64 -3.14
N LYS A 48 -12.15 -14.47 -2.07
CA LYS A 48 -13.43 -15.00 -1.56
C LYS A 48 -14.10 -14.00 -0.58
N LYS A 49 -13.26 -13.30 0.19
CA LYS A 49 -13.71 -12.41 1.29
C LYS A 49 -14.09 -11.01 0.76
N VAL A 50 -13.46 -10.61 -0.37
CA VAL A 50 -13.78 -9.36 -1.11
C VAL A 50 -14.74 -9.70 -2.30
N ARG A 51 -15.09 -11.01 -2.43
CA ARG A 51 -16.10 -11.53 -3.41
C ARG A 51 -15.63 -11.35 -4.88
N ILE A 52 -14.34 -11.05 -5.08
CA ILE A 52 -13.73 -10.95 -6.41
C ILE A 52 -13.01 -12.27 -6.77
N ASP A 53 -13.84 -13.27 -7.16
CA ASP A 53 -13.34 -14.58 -7.65
C ASP A 53 -12.54 -14.43 -8.98
N GLY A 54 -12.54 -13.19 -9.54
CA GLY A 54 -11.71 -12.83 -10.68
C GLY A 54 -12.35 -13.25 -11.98
N PHE A 55 -12.01 -14.47 -12.43
CA PHE A 55 -12.45 -15.03 -13.70
C PHE A 55 -13.93 -15.44 -13.61
N ARG A 56 -14.20 -16.59 -12.97
CA ARG A 56 -15.57 -17.09 -12.73
C ARG A 56 -15.68 -17.56 -11.27
N LYS A 57 -15.30 -18.84 -11.01
CA LYS A 57 -15.32 -19.41 -9.64
C LYS A 57 -14.66 -20.80 -9.64
N GLY A 58 -15.15 -21.68 -10.54
CA GLY A 58 -14.70 -23.07 -10.62
C GLY A 58 -13.52 -23.30 -11.55
N LYS A 59 -13.05 -22.24 -12.22
CA LYS A 59 -11.88 -22.30 -13.14
C LYS A 59 -10.83 -21.25 -12.77
N VAL A 60 -9.63 -21.45 -13.37
CA VAL A 60 -8.43 -20.61 -13.18
C VAL A 60 -8.01 -20.58 -11.68
N PRO A 61 -7.35 -21.71 -11.21
CA PRO A 61 -6.81 -21.81 -9.83
C PRO A 61 -5.76 -20.76 -9.50
N MET A 62 -5.54 -20.56 -8.20
CA MET A 62 -4.65 -19.53 -7.65
C MET A 62 -3.18 -19.81 -8.01
N ASN A 63 -2.87 -21.10 -8.28
CA ASN A 63 -1.55 -21.55 -8.77
C ASN A 63 -1.20 -20.86 -10.10
N ILE A 64 -2.19 -20.88 -11.02
CA ILE A 64 -2.04 -20.31 -12.38
C ILE A 64 -2.01 -18.77 -12.30
N VAL A 65 -2.96 -18.21 -11.51
CA VAL A 65 -3.08 -16.75 -11.27
C VAL A 65 -1.72 -16.16 -10.82
N ALA A 66 -1.10 -16.84 -9.84
CA ALA A 66 0.20 -16.46 -9.29
C ALA A 66 1.33 -16.63 -10.32
N GLN A 67 1.53 -17.87 -10.78
CA GLN A 67 2.72 -18.27 -11.55
C GLN A 67 2.76 -17.62 -12.96
N ARG A 68 1.58 -17.17 -13.47
CA ARG A 68 1.50 -16.50 -14.79
C ARG A 68 1.52 -14.96 -14.66
N TYR A 69 0.59 -14.38 -13.87
CA TYR A 69 0.43 -12.90 -13.82
C TYR A 69 0.27 -12.38 -12.37
N GLY A 70 0.72 -13.18 -11.39
CA GLY A 70 0.68 -12.78 -9.97
C GLY A 70 2.07 -12.67 -9.38
N ALA A 71 2.91 -11.84 -10.02
CA ALA A 71 4.26 -11.48 -9.50
C ALA A 71 4.12 -10.56 -8.27
N SER A 72 3.03 -9.78 -8.27
CA SER A 72 2.67 -8.84 -7.19
C SER A 72 2.54 -9.52 -5.82
N VAL A 73 1.78 -10.64 -5.78
CA VAL A 73 1.43 -11.33 -4.51
C VAL A 73 2.66 -11.91 -3.80
N ARG A 74 3.80 -12.03 -4.53
CA ARG A 74 5.08 -12.44 -3.94
C ARG A 74 5.59 -11.38 -2.96
N GLN A 75 5.38 -10.09 -3.27
CA GLN A 75 5.79 -8.98 -2.38
C GLN A 75 5.05 -9.07 -1.03
N ASP A 76 3.75 -9.38 -1.11
CA ASP A 76 2.84 -9.51 0.05
C ASP A 76 3.24 -10.72 0.92
N VAL A 77 3.23 -11.89 0.26
CA VAL A 77 3.46 -13.19 0.91
C VAL A 77 4.89 -13.25 1.46
N LEU A 78 5.92 -13.02 0.60
CA LEU A 78 7.32 -12.95 1.07
C LEU A 78 7.46 -11.87 2.16
N GLY A 79 6.78 -10.72 1.97
CA GLY A 79 6.74 -9.66 3.00
C GLY A 79 6.28 -10.16 4.38
N ASP A 80 5.33 -11.13 4.37
CA ASP A 80 4.79 -11.75 5.60
C ASP A 80 5.76 -12.85 6.12
N LEU A 81 6.00 -13.87 5.29
CA LEU A 81 6.81 -15.06 5.62
C LEU A 81 8.22 -14.68 6.09
N MET A 82 8.90 -13.77 5.37
CA MET A 82 10.30 -13.37 5.67
C MET A 82 10.43 -12.80 7.10
N SER A 83 9.39 -12.06 7.56
CA SER A 83 9.36 -11.49 8.91
C SER A 83 8.99 -12.56 9.96
N ARG A 84 8.01 -13.45 9.62
CA ARG A 84 7.64 -14.62 10.47
C ARG A 84 8.84 -15.56 10.68
N ASN A 85 9.68 -15.69 9.64
CA ASN A 85 10.83 -16.62 9.62
C ASN A 85 12.04 -15.98 10.30
N PHE A 86 12.21 -14.66 10.10
CA PHE A 86 13.27 -13.87 10.74
C PHE A 86 13.11 -13.91 12.26
N ILE A 87 11.91 -13.49 12.73
CA ILE A 87 11.61 -13.28 14.16
C ILE A 87 11.81 -14.57 15.00
N ASP A 88 11.74 -15.74 14.35
CA ASP A 88 11.95 -17.05 14.97
C ASP A 88 13.44 -17.47 14.88
N ALA A 89 14.00 -17.40 13.65
CA ALA A 89 15.41 -17.83 13.36
C ALA A 89 16.44 -17.07 14.22
N ILE A 90 16.09 -15.83 14.63
CA ILE A 90 16.98 -14.95 15.39
C ILE A 90 17.02 -15.27 16.89
N ILE A 91 16.05 -16.06 17.37
CA ILE A 91 15.88 -16.29 18.83
C ILE A 91 17.04 -17.12 19.40
N LYS A 92 17.37 -18.21 18.70
CA LYS A 92 18.48 -19.10 19.08
C LYS A 92 19.84 -18.38 18.94
N GLU A 93 19.87 -17.38 18.05
CA GLU A 93 21.08 -16.57 17.80
C GLU A 93 21.13 -15.33 18.72
N LYS A 94 19.98 -15.02 19.38
CA LYS A 94 19.83 -13.87 20.30
C LYS A 94 20.08 -12.53 19.56
N ILE A 95 19.75 -12.51 18.27
CA ILE A 95 19.89 -11.33 17.40
C ILE A 95 18.94 -10.19 17.83
N ASN A 96 19.50 -8.99 17.97
CA ASN A 96 18.76 -7.75 18.25
C ASN A 96 19.20 -6.68 17.22
N PRO A 97 18.47 -6.53 16.07
CA PRO A 97 18.80 -5.53 15.03
C PRO A 97 18.33 -4.10 15.39
N ALA A 98 18.79 -3.12 14.62
CA ALA A 98 18.40 -1.70 14.79
C ALA A 98 17.05 -1.44 14.09
N GLY A 99 15.97 -1.85 14.77
CA GLY A 99 14.60 -1.68 14.27
C GLY A 99 14.20 -2.80 13.30
N ALA A 100 14.82 -2.80 12.10
CA ALA A 100 14.50 -3.75 11.01
C ALA A 100 15.79 -4.16 10.28
N PRO A 101 15.82 -5.39 9.65
CA PRO A 101 16.93 -5.82 8.76
C PRO A 101 16.68 -5.44 7.28
N THR A 102 17.71 -5.66 6.44
CA THR A 102 17.58 -5.51 4.98
C THR A 102 17.34 -6.90 4.36
N TYR A 103 16.10 -7.16 3.93
CA TYR A 103 15.76 -8.38 3.19
C TYR A 103 16.15 -8.18 1.72
N VAL A 104 17.42 -8.47 1.40
CA VAL A 104 17.91 -8.44 0.01
C VAL A 104 17.27 -9.63 -0.75
N PRO A 105 16.29 -9.37 -1.68
CA PRO A 105 15.52 -10.43 -2.35
C PRO A 105 16.39 -11.16 -3.38
N GLY A 106 16.58 -12.48 -3.18
CA GLY A 106 17.33 -13.32 -4.10
C GLY A 106 16.59 -13.51 -5.43
N GLU A 107 17.23 -14.26 -6.34
CA GLU A 107 16.64 -14.59 -7.64
C GLU A 107 15.47 -15.57 -7.42
N TYR A 108 14.24 -15.02 -7.35
CA TYR A 108 13.01 -15.82 -7.18
C TYR A 108 12.75 -16.64 -8.47
N LYS A 109 12.84 -17.97 -8.34
CA LYS A 109 12.64 -18.90 -9.44
C LYS A 109 11.35 -19.70 -9.16
N LEU A 110 10.43 -19.72 -10.14
CA LEU A 110 9.11 -20.39 -10.02
C LEU A 110 9.28 -21.92 -9.83
N GLY A 111 8.75 -22.46 -8.71
CA GLY A 111 8.89 -23.89 -8.38
C GLY A 111 10.30 -24.24 -7.91
N GLU A 112 10.92 -23.29 -7.18
CA GLU A 112 12.28 -23.44 -6.65
C GLU A 112 12.35 -22.77 -5.28
N ASP A 113 13.19 -23.32 -4.37
CA ASP A 113 13.39 -22.76 -3.01
C ASP A 113 13.96 -21.34 -3.12
N PHE A 114 13.47 -20.43 -2.29
CA PHE A 114 13.85 -19.00 -2.35
C PHE A 114 14.86 -18.68 -1.25
N THR A 115 16.12 -18.49 -1.66
CA THR A 115 17.18 -17.95 -0.82
C THR A 115 17.15 -16.42 -0.90
N TYR A 116 17.40 -15.75 0.24
CA TYR A 116 17.46 -14.30 0.34
C TYR A 116 18.40 -13.90 1.49
N SER A 117 19.03 -12.74 1.33
CA SER A 117 20.11 -12.25 2.19
C SER A 117 19.54 -11.25 3.21
N VAL A 118 19.29 -11.72 4.45
CA VAL A 118 18.75 -10.87 5.53
C VAL A 118 19.93 -10.18 6.25
N GLU A 119 20.39 -9.07 5.65
CA GLU A 119 21.51 -8.28 6.16
C GLU A 119 21.02 -7.31 7.25
N PHE A 120 21.02 -7.78 8.50
CA PHE A 120 20.69 -6.93 9.66
C PHE A 120 21.98 -6.30 10.19
N GLU A 121 21.80 -5.18 10.89
CA GLU A 121 22.85 -4.50 11.63
C GLU A 121 22.29 -4.04 12.96
N VAL A 122 23.02 -4.30 14.05
CA VAL A 122 22.62 -3.88 15.40
C VAL A 122 22.81 -2.36 15.56
N TYR A 123 22.21 -1.79 16.61
CA TYR A 123 22.38 -0.37 16.94
C TYR A 123 23.69 -0.17 17.73
N PRO A 124 24.71 0.55 17.15
CA PRO A 124 25.98 0.83 17.85
C PRO A 124 25.95 2.15 18.65
N GLU A 125 27.09 2.49 19.26
CA GLU A 125 27.28 3.77 19.95
C GLU A 125 27.85 4.81 18.96
N VAL A 126 27.00 5.76 18.56
CA VAL A 126 27.34 6.81 17.61
C VAL A 126 28.07 7.97 18.33
N GLU A 127 29.18 8.43 17.73
CA GLU A 127 29.88 9.65 18.15
C GLU A 127 29.46 10.80 17.21
N LEU A 128 29.43 12.02 17.75
CA LEU A 128 29.23 13.25 16.98
C LEU A 128 30.44 14.16 17.22
N GLN A 129 30.94 14.80 16.15
CA GLN A 129 32.17 15.61 16.21
C GLN A 129 32.03 16.83 15.27
N GLY A 130 32.82 17.90 15.55
CA GLY A 130 32.82 19.12 14.75
C GLY A 130 31.71 20.10 15.14
N LEU A 131 31.04 19.82 16.29
CA LEU A 131 29.85 20.55 16.77
C LEU A 131 30.09 22.07 16.83
N GLU A 132 31.19 22.45 17.52
CA GLU A 132 31.58 23.87 17.69
C GLU A 132 32.37 24.41 16.48
N ALA A 133 32.71 23.51 15.53
CA ALA A 133 33.50 23.84 14.33
C ALA A 133 32.62 24.21 13.13
N ILE A 134 31.36 23.70 13.11
CA ILE A 134 30.37 24.00 12.04
C ILE A 134 30.15 25.52 11.89
N GLU A 135 30.40 26.05 10.66
CA GLU A 135 30.13 27.45 10.30
C GLU A 135 28.61 27.61 10.09
N VAL A 136 27.98 28.43 10.96
CA VAL A 136 26.53 28.58 11.04
C VAL A 136 26.10 29.90 10.39
N GLU A 137 25.45 29.81 9.22
CA GLU A 137 24.94 30.98 8.50
C GLU A 137 23.56 31.36 9.05
N LYS A 138 23.52 32.40 9.90
CA LYS A 138 22.25 33.03 10.31
C LYS A 138 22.07 34.34 9.51
N PRO A 139 21.32 34.32 8.37
CA PRO A 139 21.09 35.52 7.56
C PRO A 139 19.99 36.40 8.17
N ILE A 140 20.42 37.34 9.03
CA ILE A 140 19.52 38.25 9.75
C ILE A 140 19.07 39.36 8.78
N VAL A 141 17.87 39.22 8.23
CA VAL A 141 17.33 40.17 7.24
C VAL A 141 16.15 40.93 7.85
N GLU A 142 15.95 42.18 7.39
CA GLU A 142 14.79 43.02 7.69
C GLU A 142 14.25 43.56 6.36
N VAL A 143 13.01 43.16 6.00
CA VAL A 143 12.41 43.56 4.72
C VAL A 143 12.00 45.04 4.77
N THR A 144 12.68 45.85 3.95
CA THR A 144 12.34 47.25 3.71
C THR A 144 11.57 47.37 2.38
N ASP A 145 11.16 48.60 2.04
CA ASP A 145 10.52 48.90 0.73
C ASP A 145 11.48 48.57 -0.43
N ALA A 146 12.80 48.65 -0.16
CA ALA A 146 13.84 48.29 -1.14
C ALA A 146 13.73 46.81 -1.53
N ASP A 147 13.54 45.94 -0.51
CA ASP A 147 13.43 44.49 -0.70
C ASP A 147 12.08 44.14 -1.37
N VAL A 148 11.00 44.80 -0.91
CA VAL A 148 9.64 44.61 -1.45
C VAL A 148 9.61 44.94 -2.96
N ASP A 149 9.94 46.20 -3.29
CA ASP A 149 9.88 46.72 -4.68
C ASP A 149 10.95 46.09 -5.59
N GLY A 150 12.11 45.74 -5.00
CA GLY A 150 13.16 45.02 -5.74
C GLY A 150 12.69 43.65 -6.21
N MET A 151 12.21 42.85 -5.24
CA MET A 151 11.63 41.51 -5.49
C MET A 151 10.38 41.62 -6.38
N LEU A 152 9.60 42.70 -6.19
CA LEU A 152 8.35 42.96 -6.92
C LEU A 152 8.66 43.17 -8.42
N ASP A 153 9.76 43.94 -8.68
CA ASP A 153 10.25 44.19 -10.04
C ASP A 153 10.73 42.89 -10.69
N THR A 154 11.55 42.12 -9.95
CA THR A 154 12.07 40.82 -10.41
C THR A 154 10.92 39.85 -10.76
N LEU A 155 9.86 39.88 -9.92
CA LEU A 155 8.67 39.01 -10.06
C LEU A 155 7.90 39.40 -11.33
N ARG A 156 7.56 40.69 -11.43
CA ARG A 156 6.69 41.23 -12.48
C ARG A 156 7.39 41.24 -13.85
N LYS A 157 8.73 41.23 -13.86
CA LYS A 157 9.54 41.25 -15.08
C LYS A 157 9.78 39.81 -15.58
N GLN A 158 10.15 38.91 -14.65
CA GLN A 158 10.42 37.49 -14.96
C GLN A 158 9.14 36.74 -15.38
N GLN A 159 8.02 37.08 -14.73
CA GLN A 159 6.74 36.39 -14.92
C GLN A 159 5.71 37.26 -15.68
N ALA A 160 6.20 38.33 -16.36
CA ALA A 160 5.34 39.30 -17.09
C ALA A 160 4.48 38.62 -18.18
N THR A 161 3.39 39.31 -18.57
CA THR A 161 2.46 38.84 -19.59
C THR A 161 3.11 38.75 -20.99
N TRP A 162 2.63 37.79 -21.79
CA TRP A 162 3.13 37.50 -23.15
C TRP A 162 2.04 37.87 -24.18
N LYS A 163 2.41 37.88 -25.46
CA LYS A 163 1.47 38.07 -26.58
C LYS A 163 1.59 36.88 -27.54
N GLU A 164 0.61 36.70 -28.44
CA GLU A 164 0.64 35.64 -29.47
C GLU A 164 1.63 36.02 -30.60
N LYS A 165 1.89 35.06 -31.51
CA LYS A 165 2.82 35.27 -32.65
C LYS A 165 2.24 34.65 -33.93
N ASP A 166 2.71 35.16 -35.08
CA ASP A 166 2.39 34.61 -36.40
C ASP A 166 3.69 34.52 -37.21
N GLY A 167 4.28 33.31 -37.29
CA GLY A 167 5.54 33.09 -37.99
C GLY A 167 6.31 31.88 -37.46
N ALA A 168 7.66 31.97 -37.51
CA ALA A 168 8.56 30.88 -37.11
C ALA A 168 8.90 30.92 -35.62
N VAL A 169 9.20 29.73 -35.05
CA VAL A 169 9.63 29.60 -33.65
C VAL A 169 11.04 30.20 -33.49
N GLU A 170 11.10 31.45 -33.04
CA GLU A 170 12.36 32.13 -32.72
C GLU A 170 12.95 31.54 -31.43
N ALA A 171 14.28 31.56 -31.34
CA ALA A 171 15.01 31.13 -30.13
C ALA A 171 14.72 32.07 -28.94
N GLU A 172 14.21 33.28 -29.25
CA GLU A 172 13.93 34.34 -28.26
C GLU A 172 12.43 34.51 -27.99
N ASP A 173 11.59 33.54 -28.42
CA ASP A 173 10.13 33.59 -28.18
C ASP A 173 9.61 32.30 -27.50
N ARG A 174 8.31 32.31 -27.21
CA ARG A 174 7.58 31.19 -26.58
C ARG A 174 6.94 30.31 -27.65
N VAL A 175 6.77 29.02 -27.32
CA VAL A 175 6.10 28.05 -28.19
C VAL A 175 5.44 26.96 -27.32
N THR A 176 4.10 26.91 -27.35
CA THR A 176 3.33 25.87 -26.67
C THR A 176 3.15 24.69 -27.65
N ILE A 177 3.68 23.53 -27.25
CA ILE A 177 3.67 22.28 -28.02
C ILE A 177 3.20 21.14 -27.11
N ASP A 178 3.48 19.90 -27.54
CA ASP A 178 3.49 18.72 -26.66
C ASP A 178 4.66 17.83 -27.08
N PHE A 179 5.43 17.34 -26.11
CA PHE A 179 6.52 16.40 -26.36
C PHE A 179 6.12 15.03 -25.80
N THR A 180 5.91 14.08 -26.71
CA THR A 180 5.45 12.72 -26.39
C THR A 180 5.70 11.80 -27.59
N GLY A 181 5.67 10.50 -27.33
CA GLY A 181 5.80 9.48 -28.35
C GLY A 181 6.34 8.20 -27.75
N SER A 182 7.63 7.95 -27.95
CA SER A 182 8.32 6.77 -27.39
C SER A 182 9.83 7.01 -27.33
N VAL A 183 10.45 6.59 -26.23
CA VAL A 183 11.90 6.60 -26.06
C VAL A 183 12.45 5.25 -26.54
N ASP A 184 12.98 5.25 -27.79
CA ASP A 184 13.60 4.06 -28.45
C ASP A 184 12.52 3.00 -28.84
N GLY A 185 11.25 3.38 -28.70
CA GLY A 185 10.11 2.47 -28.93
C GLY A 185 9.34 2.21 -27.65
N GLU A 186 9.98 2.49 -26.49
CA GLU A 186 9.36 2.31 -25.17
C GLU A 186 8.48 3.51 -24.84
N GLU A 187 7.17 3.25 -24.68
CA GLU A 187 6.19 4.28 -24.30
C GLU A 187 6.44 4.63 -22.80
N PHE A 188 6.75 5.89 -22.54
CA PHE A 188 7.37 6.35 -21.28
C PHE A 188 6.36 7.10 -20.41
N GLU A 189 6.26 6.69 -19.13
CA GLU A 189 5.23 7.15 -18.18
C GLU A 189 5.71 8.37 -17.39
N GLY A 190 4.88 9.44 -17.37
CA GLY A 190 5.06 10.58 -16.47
C GLY A 190 6.00 11.66 -16.98
N GLY A 191 7.14 11.27 -17.59
CA GLY A 191 8.18 12.21 -18.05
C GLY A 191 7.87 12.87 -19.39
N LYS A 192 6.65 13.44 -19.51
CA LYS A 192 6.18 14.13 -20.72
C LYS A 192 5.00 15.03 -20.36
N ALA A 193 4.76 16.04 -21.21
CA ALA A 193 3.71 17.04 -20.98
C ALA A 193 3.05 17.42 -22.30
N SER A 194 1.72 17.18 -22.37
CA SER A 194 0.86 17.82 -23.37
C SER A 194 0.70 19.30 -23.01
N ASP A 195 0.48 20.15 -24.03
CA ASP A 195 0.22 21.61 -23.84
C ASP A 195 1.42 22.30 -23.17
N PHE A 196 2.62 21.72 -23.35
CA PHE A 196 3.87 22.21 -22.76
C PHE A 196 4.25 23.58 -23.35
N VAL A 197 4.24 24.61 -22.51
CA VAL A 197 4.55 25.97 -22.90
C VAL A 197 6.06 26.24 -22.69
N LEU A 198 6.84 26.11 -23.79
CA LEU A 198 8.27 26.42 -23.77
C LEU A 198 8.48 27.94 -23.77
N ALA A 199 8.75 28.49 -22.58
CA ALA A 199 9.13 29.89 -22.40
C ALA A 199 10.66 30.03 -22.55
N MET A 200 11.09 31.07 -23.24
CA MET A 200 12.51 31.49 -23.30
C MET A 200 12.91 32.20 -21.99
N GLY A 201 14.18 32.63 -21.93
CA GLY A 201 14.72 33.33 -20.75
C GLY A 201 15.10 32.36 -19.64
N GLN A 202 15.65 31.21 -20.04
CA GLN A 202 16.06 30.12 -19.14
C GLN A 202 17.53 29.76 -19.44
N GLY A 203 18.02 28.66 -18.83
CA GLY A 203 19.33 28.09 -19.20
C GLY A 203 19.33 27.44 -20.59
N ARG A 204 20.24 26.50 -20.84
CA ARG A 204 20.33 25.80 -22.15
C ARG A 204 19.83 24.35 -21.99
N MET A 205 18.94 23.93 -22.91
CA MET A 205 18.30 22.60 -22.88
C MET A 205 19.29 21.50 -23.36
N ILE A 206 18.87 20.22 -23.27
CA ILE A 206 19.64 19.07 -23.76
C ILE A 206 19.99 19.22 -25.27
N PRO A 207 21.23 18.79 -25.70
CA PRO A 207 21.70 18.96 -27.09
C PRO A 207 20.88 18.09 -28.09
N GLY A 208 19.88 18.72 -28.73
CA GLY A 208 19.02 18.02 -29.69
C GLY A 208 17.61 18.59 -29.73
N PHE A 209 16.97 18.67 -28.55
CA PHE A 209 15.54 19.00 -28.44
C PHE A 209 15.29 20.45 -28.91
N GLU A 210 15.89 21.41 -28.17
CA GLU A 210 15.84 22.86 -28.45
C GLU A 210 16.18 23.17 -29.92
N ASP A 211 17.15 22.39 -30.45
CA ASP A 211 17.63 22.46 -31.85
C ASP A 211 16.48 22.21 -32.85
N GLY A 212 15.64 21.22 -32.53
CA GLY A 212 14.49 20.87 -33.37
C GLY A 212 13.47 22.01 -33.38
N ILE A 213 13.11 22.42 -32.15
CA ILE A 213 12.05 23.41 -31.89
C ILE A 213 12.32 24.73 -32.62
N LYS A 214 13.54 25.24 -32.46
CA LYS A 214 13.94 26.57 -32.99
C LYS A 214 14.07 26.58 -34.53
N GLY A 215 14.04 25.38 -35.17
CA GLY A 215 14.34 25.26 -36.60
C GLY A 215 13.11 25.07 -37.45
N HIS A 216 11.92 25.37 -36.88
CA HIS A 216 10.62 25.14 -37.53
C HIS A 216 9.67 26.33 -37.28
N LYS A 217 8.54 26.34 -38.02
CA LYS A 217 7.54 27.45 -37.93
C LYS A 217 6.17 26.90 -37.53
N ALA A 218 5.29 27.78 -36.99
CA ALA A 218 3.94 27.36 -36.52
C ALA A 218 3.11 26.76 -37.66
N GLY A 219 2.29 25.73 -37.34
CA GLY A 219 1.44 25.05 -38.32
C GLY A 219 1.98 23.69 -38.72
N GLU A 220 3.28 23.63 -39.07
CA GLU A 220 3.94 22.37 -39.47
C GLU A 220 4.30 21.54 -38.23
N GLU A 221 3.40 20.61 -37.90
CA GLU A 221 3.59 19.64 -36.82
C GLU A 221 4.46 18.49 -37.35
N PHE A 222 5.51 18.15 -36.61
CA PHE A 222 6.56 17.21 -37.06
C PHE A 222 6.98 16.31 -35.88
N THR A 223 8.08 15.55 -36.06
CA THR A 223 8.62 14.70 -35.01
C THR A 223 10.15 14.74 -35.01
N ILE A 224 10.74 15.08 -33.85
CA ILE A 224 12.20 15.03 -33.65
C ILE A 224 12.59 13.66 -33.07
N ASP A 225 13.90 13.42 -32.96
CA ASP A 225 14.46 12.21 -32.33
C ASP A 225 15.75 12.61 -31.64
N VAL A 226 15.68 12.75 -30.30
CA VAL A 226 16.79 13.29 -29.49
C VAL A 226 17.14 12.30 -28.36
N THR A 227 18.44 11.94 -28.30
CA THR A 227 18.96 11.02 -27.29
C THR A 227 19.08 11.74 -25.94
N PHE A 228 18.46 11.18 -24.89
CA PHE A 228 18.58 11.71 -23.53
C PHE A 228 20.03 11.56 -23.02
N PRO A 229 20.63 12.65 -22.42
CA PRO A 229 21.96 12.59 -21.76
C PRO A 229 21.96 11.59 -20.59
N GLU A 230 23.13 11.05 -20.21
CA GLU A 230 23.23 10.22 -19.00
C GLU A 230 23.20 11.08 -17.72
N GLU A 231 23.21 12.41 -17.91
CA GLU A 231 22.92 13.39 -16.86
C GLU A 231 21.41 13.40 -16.54
N TYR A 232 20.60 12.87 -17.49
CA TYR A 232 19.16 12.64 -17.32
C TYR A 232 19.00 11.40 -16.42
N HIS A 233 18.66 11.63 -15.14
CA HIS A 233 18.78 10.63 -14.05
C HIS A 233 17.77 9.46 -14.14
N ALA A 234 16.80 9.56 -15.07
CA ALA A 234 15.89 8.44 -15.38
C ALA A 234 16.66 7.44 -16.25
N GLU A 235 17.13 6.36 -15.61
CA GLU A 235 18.07 5.36 -16.20
C GLU A 235 17.47 4.70 -17.48
N ASN A 236 16.14 4.51 -17.47
CA ASN A 236 15.38 3.90 -18.58
C ASN A 236 15.48 4.74 -19.85
N LEU A 237 15.39 6.06 -19.67
CA LEU A 237 15.24 7.01 -20.77
C LEU A 237 16.62 7.47 -21.31
N LYS A 238 17.61 7.59 -20.40
CA LYS A 238 18.96 8.06 -20.77
C LYS A 238 19.69 7.04 -21.67
N GLY A 239 20.47 7.54 -22.64
CA GLY A 239 21.20 6.68 -23.59
C GLY A 239 20.34 6.25 -24.79
N LYS A 240 19.02 6.15 -24.58
CA LYS A 240 18.06 5.88 -25.65
C LYS A 240 17.69 7.19 -26.38
N ALA A 241 17.43 7.08 -27.70
CA ALA A 241 16.91 8.19 -28.51
C ALA A 241 15.39 8.22 -28.40
N ALA A 242 14.83 9.39 -28.06
CA ALA A 242 13.39 9.58 -27.88
C ALA A 242 12.79 10.32 -29.09
N LYS A 243 11.84 9.66 -29.78
CA LYS A 243 11.10 10.25 -30.89
C LYS A 243 9.87 11.00 -30.33
N PHE A 244 9.82 12.31 -30.62
CA PHE A 244 8.87 13.26 -30.02
C PHE A 244 8.05 13.93 -31.12
N ALA A 245 6.74 13.64 -31.14
CA ALA A 245 5.79 14.34 -32.03
C ALA A 245 5.63 15.79 -31.55
N ILE A 246 6.51 16.68 -32.05
CA ILE A 246 6.48 18.10 -31.72
C ILE A 246 5.39 18.76 -32.56
N ASN A 247 4.23 18.90 -31.95
CA ASN A 247 3.09 19.55 -32.58
C ASN A 247 3.13 21.03 -32.25
N LEU A 248 3.61 21.85 -33.23
CA LEU A 248 3.62 23.32 -33.11
C LEU A 248 2.18 23.84 -33.19
N LYS A 249 1.47 23.68 -32.06
CA LYS A 249 0.05 24.02 -31.94
C LYS A 249 -0.10 25.53 -31.71
N LYS A 250 0.74 26.08 -30.80
CA LYS A 250 0.72 27.50 -30.43
C LYS A 250 2.17 28.04 -30.40
N VAL A 251 2.36 29.27 -30.90
CA VAL A 251 3.64 30.00 -30.82
C VAL A 251 3.31 31.43 -30.39
N GLU A 252 3.78 31.82 -29.20
CA GLU A 252 3.55 33.16 -28.63
C GLU A 252 4.84 33.98 -28.69
N GLU A 253 4.71 35.27 -28.95
CA GLU A 253 5.84 36.18 -29.06
C GLU A 253 6.15 36.80 -27.70
N ARG A 254 7.45 36.85 -27.39
CA ARG A 254 7.96 37.37 -26.13
C ARG A 254 7.97 38.90 -26.18
N GLU A 255 7.04 39.48 -25.44
CA GLU A 255 6.95 40.93 -25.20
C GLU A 255 6.50 41.06 -23.76
N LEU A 256 7.38 41.59 -22.89
CA LEU A 256 7.10 41.71 -21.45
C LEU A 256 6.77 43.18 -21.11
N PRO A 257 5.46 43.54 -20.88
CA PRO A 257 5.07 44.93 -20.55
C PRO A 257 5.54 45.31 -19.14
N GLU A 258 4.88 44.69 -18.13
CA GLU A 258 5.17 44.88 -16.69
C GLU A 258 4.08 44.11 -15.88
N LEU A 259 3.93 44.43 -14.59
CA LEU A 259 2.83 43.95 -13.73
C LEU A 259 1.49 44.51 -14.25
N THR A 260 0.70 43.66 -14.92
CA THR A 260 -0.61 44.04 -15.50
C THR A 260 -1.75 43.26 -14.78
N ALA A 261 -3.00 43.76 -14.90
CA ALA A 261 -4.15 43.29 -14.07
C ALA A 261 -4.50 41.79 -14.25
N GLU A 262 -4.39 41.29 -15.48
CA GLU A 262 -4.59 39.85 -15.79
C GLU A 262 -3.44 39.00 -15.20
N PHE A 263 -2.26 39.62 -15.00
CA PHE A 263 -1.12 38.95 -14.36
C PHE A 263 -1.31 38.97 -12.82
N ILE A 264 -1.94 40.06 -12.30
CA ILE A 264 -2.35 40.12 -10.88
C ILE A 264 -3.27 38.91 -10.58
N LYS A 265 -4.28 38.73 -11.45
CA LYS A 265 -5.24 37.61 -11.39
C LYS A 265 -4.59 36.22 -11.60
N ARG A 266 -3.31 36.16 -12.07
CA ARG A 266 -2.63 34.85 -12.34
C ARG A 266 -2.43 34.07 -11.02
N PHE A 267 -2.28 34.82 -9.91
CA PHE A 267 -2.11 34.25 -8.56
C PHE A 267 -3.48 34.08 -7.85
N GLY A 268 -4.58 34.41 -8.57
CA GLY A 268 -5.93 34.36 -8.02
C GLY A 268 -6.22 35.52 -7.08
N VAL A 269 -5.53 36.66 -7.30
CA VAL A 269 -5.67 37.86 -6.46
C VAL A 269 -7.03 38.53 -6.72
N GLU A 270 -7.93 38.40 -5.73
CA GLU A 270 -9.29 38.97 -5.74
C GLU A 270 -9.25 40.47 -6.08
N ASP A 271 -8.41 41.21 -5.33
CA ASP A 271 -8.34 42.69 -5.38
C ASP A 271 -8.08 43.24 -6.81
N GLY A 272 -7.27 42.51 -7.61
CA GLY A 272 -7.07 42.85 -9.02
C GLY A 272 -6.07 44.00 -9.27
N SER A 273 -5.97 44.93 -8.32
CA SER A 273 -4.98 46.03 -8.37
C SER A 273 -3.63 45.55 -7.80
N VAL A 274 -2.55 46.34 -8.05
CA VAL A 274 -1.18 46.06 -7.55
C VAL A 274 -1.18 45.92 -6.02
N GLU A 275 -2.02 46.73 -5.34
CA GLU A 275 -2.20 46.67 -3.87
C GLU A 275 -2.58 45.25 -3.40
N GLY A 276 -3.34 44.53 -4.25
CA GLY A 276 -3.67 43.15 -3.99
C GLY A 276 -2.46 42.24 -4.12
N LEU A 277 -1.59 42.55 -5.11
CA LEU A 277 -0.35 41.79 -5.37
C LEU A 277 0.58 41.95 -4.15
N ARG A 278 0.57 43.18 -3.58
CA ARG A 278 1.34 43.54 -2.39
C ARG A 278 0.85 42.73 -1.18
N ALA A 279 -0.49 42.64 -1.01
CA ALA A 279 -1.13 41.92 0.11
C ALA A 279 -0.77 40.42 0.09
N GLU A 280 -0.98 39.79 -1.08
CA GLU A 280 -0.71 38.35 -1.29
C GLU A 280 0.79 38.05 -1.12
N VAL A 281 1.65 38.90 -1.72
CA VAL A 281 3.11 38.70 -1.68
C VAL A 281 3.66 39.03 -0.29
N ARG A 282 2.91 39.82 0.52
CA ARG A 282 3.22 40.03 1.95
C ARG A 282 2.94 38.74 2.74
N LYS A 283 1.76 38.14 2.50
CA LYS A 283 1.37 36.87 3.19
C LYS A 283 2.36 35.74 2.90
N ASN A 284 2.78 35.67 1.62
CA ASN A 284 3.80 34.73 1.16
C ASN A 284 5.15 35.09 1.80
N MET A 285 5.52 36.39 1.73
CA MET A 285 6.83 36.90 2.21
C MET A 285 7.06 36.52 3.68
N GLU A 286 6.07 36.83 4.56
CA GLU A 286 6.17 36.60 6.02
C GLU A 286 6.55 35.14 6.34
N ARG A 287 5.73 34.20 5.81
CA ARG A 287 5.93 32.76 6.01
C ARG A 287 7.27 32.30 5.45
N GLU A 288 7.58 32.71 4.21
CA GLU A 288 8.80 32.32 3.50
C GLU A 288 10.03 33.06 4.02
N LEU A 289 9.84 34.13 4.80
CA LEU A 289 10.93 34.93 5.39
C LEU A 289 11.44 34.21 6.64
N LYS A 290 10.46 33.87 7.51
CA LYS A 290 10.70 33.06 8.70
C LYS A 290 11.29 31.70 8.31
N SER A 291 10.69 31.09 7.27
CA SER A 291 11.13 29.78 6.75
C SER A 291 12.44 29.90 5.95
N ALA A 292 12.72 31.07 5.34
CA ALA A 292 14.01 31.31 4.65
C ALA A 292 15.16 31.26 5.65
N ILE A 293 15.11 32.15 6.65
CA ILE A 293 16.18 32.27 7.67
C ILE A 293 16.32 30.95 8.45
N ARG A 294 15.16 30.37 8.84
CA ARG A 294 15.09 29.13 9.63
C ARG A 294 15.69 27.95 8.84
N ASN A 295 15.23 27.73 7.59
CA ASN A 295 15.68 26.59 6.75
C ASN A 295 17.14 26.79 6.28
N ARG A 296 17.58 28.05 6.16
CA ARG A 296 19.00 28.37 5.86
C ARG A 296 19.88 27.86 7.00
N VAL A 297 19.71 28.46 8.20
CA VAL A 297 20.54 28.12 9.38
C VAL A 297 20.42 26.63 9.73
N LYS A 298 19.19 26.09 9.60
CA LYS A 298 18.86 24.71 9.93
C LYS A 298 19.61 23.75 9.00
N SER A 299 19.39 23.88 7.68
CA SER A 299 19.92 22.93 6.68
C SER A 299 21.45 23.03 6.52
N GLN A 300 22.02 24.23 6.78
CA GLN A 300 23.49 24.41 6.79
C GLN A 300 24.09 23.71 8.04
N ALA A 301 23.37 23.81 9.18
CA ALA A 301 23.74 23.09 10.42
C ALA A 301 23.55 21.57 10.27
N ILE A 302 22.49 21.15 9.53
CA ILE A 302 22.15 19.74 9.29
C ILE A 302 23.26 19.05 8.47
N GLU A 303 23.55 19.62 7.29
CA GLU A 303 24.65 19.15 6.43
C GLU A 303 26.01 19.35 7.13
N GLY A 304 26.09 20.38 8.00
CA GLY A 304 27.26 20.59 8.85
C GLY A 304 27.51 19.42 9.79
N LEU A 305 26.44 18.95 10.46
CA LEU A 305 26.49 17.81 11.41
C LEU A 305 26.88 16.52 10.69
N VAL A 306 26.29 16.30 9.49
CA VAL A 306 26.60 15.12 8.67
C VAL A 306 28.08 15.14 8.22
N LYS A 307 28.49 16.24 7.56
CA LYS A 307 29.79 16.32 6.87
C LYS A 307 30.96 16.45 7.87
N ALA A 308 30.70 17.02 9.05
CA ALA A 308 31.72 17.12 10.12
C ALA A 308 31.87 15.77 10.85
N ASN A 309 30.92 14.84 10.63
CA ASN A 309 30.89 13.55 11.35
C ASN A 309 30.30 12.48 10.41
N ASP A 310 31.09 12.13 9.38
CA ASP A 310 30.70 11.17 8.33
C ASP A 310 30.71 9.73 8.88
N ILE A 311 29.65 9.36 9.62
CA ILE A 311 29.47 7.98 10.12
C ILE A 311 28.84 7.10 9.02
N ASP A 312 29.06 5.78 9.16
CA ASP A 312 28.55 4.77 8.22
C ASP A 312 27.50 3.96 8.97
N VAL A 313 26.25 4.37 8.79
CA VAL A 313 25.09 3.92 9.57
C VAL A 313 24.52 2.59 9.00
N PRO A 314 23.70 1.83 9.80
CA PRO A 314 23.01 0.61 9.29
C PRO A 314 22.23 0.87 7.98
N ALA A 315 22.62 0.14 6.91
CA ALA A 315 22.04 0.22 5.55
C ALA A 315 20.56 -0.26 5.50
N ALA A 316 20.07 -0.81 6.62
CA ALA A 316 18.64 -1.12 6.83
C ALA A 316 17.79 0.16 6.77
N LEU A 317 18.31 1.22 7.43
CA LEU A 317 17.70 2.55 7.46
C LEU A 317 17.71 3.17 6.04
N ILE A 318 18.82 2.93 5.30
CA ILE A 318 18.98 3.40 3.91
C ILE A 318 17.93 2.73 3.01
N ASP A 319 17.81 1.39 3.13
CA ASP A 319 16.89 0.57 2.31
C ASP A 319 15.43 0.97 2.57
N SER A 320 15.13 1.28 3.85
CA SER A 320 13.81 1.79 4.28
C SER A 320 13.48 3.14 3.60
N GLU A 321 14.41 4.11 3.75
CA GLU A 321 14.23 5.47 3.19
C GLU A 321 14.16 5.42 1.66
N ILE A 322 15.03 4.61 1.04
CA ILE A 322 15.06 4.39 -0.43
C ILE A 322 13.73 3.79 -0.90
N ASP A 323 13.15 2.85 -0.12
CA ASP A 323 11.84 2.22 -0.44
C ASP A 323 10.71 3.28 -0.48
N VAL A 324 10.63 4.11 0.59
CA VAL A 324 9.64 5.20 0.70
C VAL A 324 9.81 6.21 -0.47
N LEU A 325 11.07 6.65 -0.66
CA LEU A 325 11.46 7.62 -1.71
C LEU A 325 11.21 7.05 -3.12
N ARG A 326 11.45 5.73 -3.30
CA ARG A 326 11.25 5.04 -4.60
C ARG A 326 9.78 5.07 -4.99
N ARG A 327 8.95 4.49 -4.10
CA ARG A 327 7.50 4.40 -4.29
C ARG A 327 6.91 5.78 -4.59
N GLN A 328 7.20 6.75 -3.70
CA GLN A 328 6.60 8.09 -3.77
C GLN A 328 7.23 8.96 -4.88
N ALA A 329 8.40 8.55 -5.43
CA ALA A 329 8.99 9.21 -6.63
C ALA A 329 8.28 8.71 -7.89
N ALA A 330 8.39 7.40 -8.16
CA ALA A 330 7.88 6.77 -9.41
C ALA A 330 6.37 6.95 -9.57
N GLN A 331 5.63 6.88 -8.45
CA GLN A 331 4.17 7.09 -8.43
C GLN A 331 3.82 8.56 -8.81
N ARG A 332 4.72 9.48 -8.41
CA ARG A 332 4.53 10.93 -8.56
C ARG A 332 4.88 11.38 -9.99
N PHE A 333 6.09 11.02 -10.43
CA PHE A 333 6.62 11.38 -11.75
C PHE A 333 6.21 10.29 -12.78
N GLY A 334 4.98 9.75 -12.61
CA GLY A 334 4.50 8.62 -13.42
C GLY A 334 3.28 7.94 -12.82
N GLY A 335 3.49 6.81 -12.13
CA GLY A 335 2.39 5.98 -11.61
C GLY A 335 2.87 4.65 -11.03
N ASN A 336 3.71 3.93 -11.81
CA ASN A 336 4.16 2.56 -11.46
C ASN A 336 5.46 2.58 -10.66
N GLU A 337 5.50 1.72 -9.61
CA GLU A 337 6.71 1.41 -8.79
C GLU A 337 7.86 0.88 -9.69
N LYS A 338 7.50 0.25 -10.83
CA LYS A 338 8.46 -0.34 -11.78
C LYS A 338 9.47 0.69 -12.31
N GLN A 339 9.06 1.97 -12.36
CA GLN A 339 9.92 3.09 -12.80
C GLN A 339 11.02 3.41 -11.76
N ALA A 340 10.72 3.18 -10.47
CA ALA A 340 11.61 3.56 -9.33
C ALA A 340 12.84 2.66 -9.22
N LEU A 341 12.63 1.34 -9.38
CA LEU A 341 13.72 0.32 -9.34
C LEU A 341 14.77 0.59 -10.44
N GLU A 342 14.33 1.36 -11.45
CA GLU A 342 15.18 1.84 -12.52
C GLU A 342 16.11 2.98 -12.02
N LEU A 343 15.56 3.90 -11.18
CA LEU A 343 16.36 5.02 -10.62
C LEU A 343 17.38 4.44 -9.61
N PRO A 344 18.73 4.67 -9.83
CA PRO A 344 19.77 4.19 -8.91
C PRO A 344 19.61 4.83 -7.52
N ARG A 345 19.64 3.98 -6.45
CA ARG A 345 19.40 4.42 -5.06
C ARG A 345 20.33 5.58 -4.64
N GLU A 346 21.48 5.70 -5.35
CA GLU A 346 22.50 6.75 -5.13
C GLU A 346 21.89 8.17 -5.16
N LEU A 347 20.90 8.40 -6.03
CA LEU A 347 20.23 9.72 -6.10
C LEU A 347 19.23 9.89 -4.93
N PHE A 348 18.65 8.78 -4.43
CA PHE A 348 17.72 8.80 -3.26
C PHE A 348 18.52 8.95 -1.95
N GLU A 349 19.77 8.49 -2.01
CA GLU A 349 20.70 8.43 -0.88
C GLU A 349 21.03 9.83 -0.33
N GLU A 350 20.95 10.84 -1.21
CA GLU A 350 21.23 12.24 -0.85
C GLU A 350 20.33 12.76 0.27
N GLN A 351 19.05 12.33 0.26
CA GLN A 351 18.09 12.66 1.33
C GLN A 351 18.06 11.56 2.40
N ALA A 352 18.20 10.29 1.97
CA ALA A 352 18.17 9.13 2.87
C ALA A 352 19.30 9.20 3.92
N LYS A 353 20.56 9.11 3.44
CA LYS A 353 21.79 9.22 4.27
C LYS A 353 21.72 10.45 5.19
N ARG A 354 21.22 11.56 4.62
CA ARG A 354 21.03 12.82 5.34
C ARG A 354 20.12 12.60 6.55
N ARG A 355 18.95 11.99 6.31
CA ARG A 355 17.86 11.90 7.30
C ARG A 355 18.19 10.90 8.42
N VAL A 356 18.92 9.83 8.07
CA VAL A 356 19.27 8.75 9.01
C VAL A 356 20.50 9.13 9.89
N VAL A 357 21.54 9.77 9.27
CA VAL A 357 22.72 10.28 10.00
C VAL A 357 22.28 11.38 10.98
N VAL A 358 21.44 12.31 10.49
CA VAL A 358 20.82 13.37 11.32
C VAL A 358 19.90 12.77 12.40
N GLY A 359 19.18 11.70 12.05
CA GLY A 359 18.31 10.98 13.00
C GLY A 359 19.08 10.41 14.19
N LEU A 360 20.28 9.89 13.91
CA LEU A 360 21.17 9.31 14.93
C LEU A 360 21.90 10.39 15.75
N LEU A 361 22.43 11.42 15.05
CA LEU A 361 23.22 12.50 15.67
C LEU A 361 22.33 13.39 16.56
N LEU A 362 21.24 13.94 15.97
CA LEU A 362 20.25 14.76 16.72
C LEU A 362 19.54 13.93 17.79
N GLY A 363 19.37 12.62 17.50
CA GLY A 363 18.89 11.68 18.50
C GLY A 363 19.77 11.67 19.73
N GLU A 364 21.09 11.55 19.49
CA GLU A 364 22.09 11.55 20.57
C GLU A 364 22.16 12.93 21.28
N VAL A 365 21.89 14.02 20.53
CA VAL A 365 21.87 15.39 21.11
C VAL A 365 20.74 15.50 22.13
N ILE A 366 19.50 15.14 21.73
CA ILE A 366 18.31 15.28 22.60
C ILE A 366 18.36 14.31 23.80
N ARG A 367 18.94 13.12 23.58
CA ARG A 367 19.12 12.12 24.65
C ARG A 367 20.15 12.58 25.72
N THR A 368 21.40 12.90 25.29
CA THR A 368 22.51 13.27 26.20
C THR A 368 22.29 14.66 26.83
N ASN A 369 21.99 15.67 25.99
CA ASN A 369 21.92 17.10 26.39
C ASN A 369 20.58 17.42 27.12
N GLU A 370 19.83 16.36 27.53
CA GLU A 370 18.65 16.47 28.42
C GLU A 370 17.55 17.31 27.76
N LEU A 371 17.43 17.19 26.43
CA LEU A 371 16.47 18.00 25.67
C LEU A 371 15.09 17.34 25.70
N LYS A 372 14.17 17.98 26.42
CA LYS A 372 12.76 17.59 26.52
C LYS A 372 11.98 18.51 25.57
N ALA A 373 10.74 18.17 25.23
CA ALA A 373 9.83 19.09 24.54
C ALA A 373 9.56 20.31 25.45
N ASP A 374 10.53 21.24 25.42
CA ASP A 374 10.63 22.39 26.33
C ASP A 374 9.52 23.39 26.00
N GLU A 375 8.71 23.76 27.01
CA GLU A 375 7.49 24.61 26.85
C GLU A 375 7.76 25.83 25.97
N GLU A 376 8.86 26.54 26.28
CA GLU A 376 9.28 27.75 25.55
C GLU A 376 9.52 27.42 24.06
N ARG A 377 10.21 26.30 23.80
CA ARG A 377 10.62 25.91 22.43
C ARG A 377 9.40 25.45 21.61
N VAL A 378 8.66 24.45 22.13
CA VAL A 378 7.52 23.83 21.44
C VAL A 378 6.37 24.85 21.27
N LYS A 379 5.95 25.50 22.37
CA LYS A 379 4.83 26.45 22.34
C LYS A 379 5.25 27.80 21.75
N GLY A 380 6.57 28.11 21.75
CA GLY A 380 7.09 29.26 20.99
C GLY A 380 6.98 29.03 19.48
N LEU A 381 7.29 27.80 19.06
CA LEU A 381 7.12 27.36 17.66
C LEU A 381 5.62 27.43 17.28
N ILE A 382 4.76 26.95 18.21
CA ILE A 382 3.29 26.96 18.02
C ILE A 382 2.77 28.41 17.94
N GLU A 383 3.35 29.33 18.75
CA GLU A 383 3.05 30.79 18.66
C GLU A 383 3.34 31.30 17.25
N GLU A 384 4.57 31.00 16.77
CA GLU A 384 5.10 31.47 15.49
C GLU A 384 4.16 31.07 14.32
N MET A 385 3.83 29.76 14.25
CA MET A 385 2.96 29.20 13.18
C MET A 385 1.48 29.61 13.34
N ALA A 386 1.01 29.78 14.60
CA ALA A 386 -0.41 30.10 14.89
C ALA A 386 -0.73 31.57 14.61
N SER A 387 0.29 32.45 14.70
CA SER A 387 0.15 33.89 14.34
C SER A 387 -0.25 34.06 12.86
N ALA A 388 0.14 33.06 12.03
CA ALA A 388 -0.24 32.98 10.60
C ALA A 388 -1.73 32.62 10.43
N TYR A 389 -2.31 31.95 11.45
CA TYR A 389 -3.75 31.61 11.47
C TYR A 389 -4.55 32.81 12.02
N GLU A 390 -5.85 32.83 11.73
CA GLU A 390 -6.74 33.97 12.08
C GLU A 390 -7.13 33.96 13.56
N ASP A 391 -6.97 32.80 14.23
CA ASP A 391 -7.24 32.65 15.68
C ASP A 391 -6.04 31.94 16.34
N PRO A 392 -4.90 32.65 16.55
CA PRO A 392 -3.66 32.06 17.11
C PRO A 392 -3.89 31.27 18.40
N LYS A 393 -4.35 31.97 19.45
CA LYS A 393 -4.46 31.41 20.83
C LYS A 393 -5.44 30.23 20.91
N GLU A 394 -6.47 30.23 20.04
CA GLU A 394 -7.39 29.09 19.92
C GLU A 394 -6.67 27.87 19.30
N VAL A 395 -5.81 28.14 18.30
CA VAL A 395 -5.05 27.07 17.61
C VAL A 395 -4.09 26.41 18.59
N ILE A 396 -3.43 27.26 19.38
CA ILE A 396 -2.48 26.84 20.42
C ILE A 396 -3.20 26.03 21.53
N GLU A 397 -4.39 26.52 21.93
CA GLU A 397 -5.22 25.91 22.99
C GLU A 397 -5.64 24.47 22.61
N PHE A 398 -6.06 24.29 21.35
CA PHE A 398 -6.48 22.98 20.84
C PHE A 398 -5.27 22.04 20.65
N TYR A 399 -4.24 22.55 19.93
CA TYR A 399 -3.02 21.79 19.59
C TYR A 399 -2.36 21.18 20.85
N SER A 400 -2.08 22.04 21.85
CA SER A 400 -1.38 21.64 23.10
C SER A 400 -2.11 20.50 23.85
N LYS A 401 -3.44 20.50 23.78
CA LYS A 401 -4.28 19.47 24.44
C LYS A 401 -4.46 18.23 23.56
N ASN A 402 -4.29 18.38 22.24
CA ASN A 402 -4.50 17.28 21.28
C ASN A 402 -3.18 16.49 21.16
N LYS A 403 -3.12 15.34 21.84
CA LYS A 403 -1.86 14.61 22.11
C LYS A 403 -1.27 13.93 20.86
N GLU A 404 -2.15 13.46 19.96
CA GLU A 404 -1.73 12.83 18.68
C GLU A 404 -1.07 13.86 17.73
N LEU A 405 -1.46 15.13 17.94
CA LEU A 405 -0.91 16.30 17.23
C LEU A 405 0.37 16.77 17.94
N MET A 406 0.28 16.80 19.29
CA MET A 406 1.35 17.29 20.17
C MET A 406 2.61 16.44 19.98
N ASP A 407 2.41 15.14 19.66
CA ASP A 407 3.48 14.22 19.26
C ASP A 407 4.32 14.84 18.12
N ASN A 408 3.65 15.20 17.02
CA ASN A 408 4.29 15.83 15.83
C ASN A 408 4.96 17.16 16.24
N MET A 409 4.27 17.94 17.10
CA MET A 409 4.80 19.23 17.59
C MET A 409 6.04 19.04 18.48
N ARG A 410 6.12 17.90 19.18
CA ARG A 410 7.28 17.54 20.04
C ARG A 410 8.44 17.05 19.19
N ASN A 411 8.12 16.32 18.10
CA ASN A 411 9.11 15.81 17.14
C ASN A 411 9.84 16.98 16.47
N VAL A 412 9.04 17.91 15.88
CA VAL A 412 9.59 19.11 15.20
C VAL A 412 10.31 20.02 16.22
N ALA A 413 9.75 20.12 17.45
CA ALA A 413 10.32 20.94 18.53
C ALA A 413 11.69 20.44 18.97
N LEU A 414 11.83 19.11 19.05
CA LEU A 414 13.09 18.46 19.47
C LEU A 414 14.15 18.44 18.37
N GLU A 415 13.75 18.35 17.09
CA GLU A 415 14.71 18.44 15.97
C GLU A 415 15.25 19.88 15.86
N GLU A 416 14.31 20.86 15.93
CA GLU A 416 14.66 22.29 16.05
C GLU A 416 15.62 22.48 17.23
N GLN A 417 15.19 22.02 18.42
CA GLN A 417 15.90 22.24 19.70
C GLN A 417 17.28 21.55 19.71
N ALA A 418 17.34 20.38 19.05
CA ALA A 418 18.59 19.59 18.94
C ALA A 418 19.63 20.36 18.14
N VAL A 419 19.16 20.96 17.02
CA VAL A 419 20.01 21.81 16.20
C VAL A 419 20.33 23.14 16.93
N GLU A 420 19.33 23.80 17.53
CA GLU A 420 19.56 25.11 18.20
C GLU A 420 20.48 24.96 19.43
N ALA A 421 20.49 23.74 20.02
CA ALA A 421 21.38 23.37 21.14
C ALA A 421 22.84 23.31 20.66
N VAL A 422 23.08 22.63 19.52
CA VAL A 422 24.43 22.54 18.93
C VAL A 422 24.85 23.92 18.38
N LEU A 423 23.86 24.74 17.91
CA LEU A 423 24.10 26.12 17.41
C LEU A 423 24.48 27.06 18.56
N ALA A 424 23.92 26.80 19.75
CA ALA A 424 24.25 27.54 20.98
C ALA A 424 25.74 27.38 21.39
N LYS A 425 26.43 26.37 20.78
CA LYS A 425 27.88 26.14 21.02
C LYS A 425 28.67 26.16 19.68
N ALA A 426 27.98 26.16 18.53
CA ALA A 426 28.64 26.10 17.20
C ALA A 426 29.26 27.46 16.81
N LYS A 427 30.04 27.45 15.72
CA LYS A 427 30.69 28.67 15.20
C LYS A 427 29.63 29.51 14.47
N VAL A 428 28.86 30.29 15.24
CA VAL A 428 27.79 31.14 14.69
C VAL A 428 28.39 32.40 14.04
N THR A 429 28.07 32.55 12.75
CA THR A 429 28.41 33.73 11.95
C THR A 429 27.07 34.31 11.43
N GLU A 430 26.47 35.17 12.26
CA GLU A 430 25.18 35.81 11.96
C GLU A 430 25.43 37.14 11.21
N LYS A 431 24.94 37.22 9.97
CA LYS A 431 25.25 38.30 9.04
C LYS A 431 24.04 39.23 8.85
N GLU A 432 24.31 40.54 8.77
CA GLU A 432 23.34 41.56 8.34
C GLU A 432 23.08 41.39 6.81
N THR A 433 22.04 40.63 6.50
CA THR A 433 21.76 40.14 5.14
C THR A 433 20.49 40.83 4.57
N THR A 434 20.34 40.80 3.22
CA THR A 434 19.13 41.29 2.52
C THR A 434 18.33 40.10 1.94
N PHE A 435 17.11 40.41 1.44
CA PHE A 435 16.16 39.42 0.87
C PHE A 435 16.81 38.65 -0.30
N ASN A 436 17.54 39.40 -1.15
CA ASN A 436 18.22 38.88 -2.36
C ASN A 436 19.26 37.78 -2.00
N GLU A 437 20.08 38.08 -0.98
CA GLU A 437 21.14 37.16 -0.51
C GLU A 437 20.53 35.97 0.25
N LEU A 438 19.38 36.23 0.92
CA LEU A 438 18.72 35.28 1.80
C LEU A 438 18.21 34.05 1.03
N MET A 439 17.36 34.30 0.02
CA MET A 439 16.68 33.25 -0.75
C MET A 439 17.48 32.86 -2.00
N ASN A 440 18.80 33.13 -1.96
CA ASN A 440 19.76 32.71 -2.99
C ASN A 440 20.18 31.25 -2.72
N GLN A 441 19.21 30.34 -2.88
CA GLN A 441 19.39 28.89 -2.62
C GLN A 441 20.07 28.23 -3.82
N GLN A 442 19.59 28.57 -5.02
CA GLN A 442 20.07 28.00 -6.29
C GLN A 442 19.61 28.94 -7.42
N ALA A 443 20.53 29.81 -7.88
CA ALA A 443 20.27 30.75 -8.98
C ALA A 443 20.52 30.04 -10.34
N MET B 12 -11.09 31.62 6.67
CA MET B 12 -11.10 30.26 6.11
C MET B 12 -12.51 29.97 5.59
N GLN B 13 -12.61 29.71 4.27
CA GLN B 13 -13.88 29.37 3.61
C GLN B 13 -14.28 27.92 3.98
N VAL B 14 -14.80 27.76 5.21
CA VAL B 14 -15.20 26.45 5.76
C VAL B 14 -16.66 26.54 6.23
N SER B 15 -17.40 25.42 6.13
CA SER B 15 -18.82 25.37 6.53
C SER B 15 -19.21 23.96 6.99
N VAL B 16 -19.61 23.84 8.28
CA VAL B 16 -19.94 22.56 8.92
C VAL B 16 -21.48 22.34 8.94
N GLU B 17 -21.88 21.07 8.77
CA GLU B 17 -23.29 20.62 8.68
C GLU B 17 -23.42 19.23 9.33
N THR B 18 -24.65 18.79 9.63
CA THR B 18 -24.94 17.44 10.15
C THR B 18 -25.55 16.59 9.01
N THR B 19 -24.89 15.47 8.69
CA THR B 19 -25.32 14.55 7.62
C THR B 19 -26.50 13.69 8.11
N GLN B 20 -26.27 12.92 9.19
CA GLN B 20 -27.30 12.04 9.79
C GLN B 20 -26.75 11.49 11.13
N GLY B 21 -27.19 12.08 12.25
CA GLY B 21 -26.87 11.60 13.60
C GLY B 21 -25.38 11.68 13.92
N LEU B 22 -24.67 10.58 13.62
CA LEU B 22 -23.21 10.48 13.81
C LEU B 22 -22.49 11.27 12.70
N GLY B 23 -23.04 11.14 11.47
CA GLY B 23 -22.49 11.76 10.28
C GLY B 23 -22.64 13.27 10.29
N ARG B 24 -21.57 13.98 9.90
CA ARG B 24 -21.50 15.44 9.84
C ARG B 24 -20.60 15.87 8.67
N ARG B 25 -21.13 16.81 7.86
CA ARG B 25 -20.51 17.25 6.61
C ARG B 25 -19.90 18.65 6.77
N VAL B 26 -18.57 18.74 6.84
CA VAL B 26 -17.87 20.02 6.66
C VAL B 26 -17.63 20.20 5.14
N THR B 27 -17.44 21.43 4.69
CA THR B 27 -17.14 21.76 3.30
C THR B 27 -16.14 22.91 3.29
N ILE B 28 -14.93 22.67 2.74
CA ILE B 28 -13.83 23.65 2.74
C ILE B 28 -13.43 23.97 1.29
N THR B 29 -13.19 25.26 1.01
CA THR B 29 -12.77 25.76 -0.30
C THR B 29 -11.38 26.40 -0.19
N ILE B 30 -10.46 25.96 -1.06
CA ILE B 30 -9.08 26.50 -1.17
C ILE B 30 -8.89 26.99 -2.62
N ALA B 31 -8.00 27.99 -2.83
CA ALA B 31 -7.67 28.51 -4.18
C ALA B 31 -6.75 27.52 -4.92
N ALA B 32 -6.82 27.55 -6.28
CA ALA B 32 -6.07 26.62 -7.16
C ALA B 32 -4.55 26.69 -6.93
N ASP B 33 -3.95 27.86 -7.24
CA ASP B 33 -2.49 28.07 -7.13
C ASP B 33 -2.02 28.15 -5.66
N SER B 34 -2.96 28.32 -4.71
CA SER B 34 -2.65 28.25 -3.26
C SER B 34 -2.20 26.82 -2.88
N ILE B 35 -2.74 25.82 -3.61
CA ILE B 35 -2.35 24.40 -3.49
C ILE B 35 -1.19 24.09 -4.43
N GLU B 36 -1.29 24.57 -5.68
CA GLU B 36 -0.32 24.26 -6.73
C GLU B 36 1.06 24.88 -6.45
N THR B 37 1.13 25.95 -5.64
CA THR B 37 2.39 26.51 -5.13
C THR B 37 3.05 25.52 -4.14
N ALA B 38 2.21 24.87 -3.32
CA ALA B 38 2.68 23.81 -2.37
C ALA B 38 3.08 22.52 -3.14
N VAL B 39 2.43 22.30 -4.31
CA VAL B 39 2.82 21.25 -5.28
C VAL B 39 4.23 21.55 -5.84
N LYS B 40 4.42 22.80 -6.25
CA LYS B 40 5.71 23.33 -6.72
C LYS B 40 6.77 23.28 -5.61
N SER B 41 6.34 23.49 -4.34
CA SER B 41 7.21 23.45 -3.16
C SER B 41 7.72 22.02 -2.92
N GLU B 42 6.79 21.04 -2.90
CA GLU B 42 7.12 19.63 -2.66
C GLU B 42 7.99 19.05 -3.78
N LEU B 43 7.72 19.46 -5.03
CA LEU B 43 8.48 18.99 -6.19
C LEU B 43 9.88 19.62 -6.27
N VAL B 44 10.00 20.93 -5.95
CA VAL B 44 11.33 21.60 -5.95
C VAL B 44 12.20 21.01 -4.82
N ASN B 45 11.55 20.74 -3.66
CA ASN B 45 12.18 20.05 -2.52
C ASN B 45 12.75 18.70 -3.01
N VAL B 46 11.86 17.75 -3.36
CA VAL B 46 12.25 16.37 -3.73
C VAL B 46 13.18 16.35 -4.97
N ALA B 47 13.12 17.41 -5.80
CA ALA B 47 14.04 17.60 -6.93
C ALA B 47 15.47 17.83 -6.44
N LYS B 48 15.65 18.74 -5.45
CA LYS B 48 17.01 19.06 -4.93
C LYS B 48 17.37 18.19 -3.70
N LYS B 49 16.44 17.33 -3.25
CA LYS B 49 16.70 16.29 -2.22
C LYS B 49 17.33 15.06 -2.87
N VAL B 50 16.69 14.62 -3.95
CA VAL B 50 17.02 13.38 -4.66
C VAL B 50 17.93 13.67 -5.89
N ARG B 51 18.32 14.94 -6.08
CA ARG B 51 19.25 15.40 -7.16
C ARG B 51 18.61 15.29 -8.58
N ILE B 52 17.36 14.76 -8.67
CA ILE B 52 16.57 14.78 -9.91
C ILE B 52 15.99 16.19 -10.10
N ASP B 53 16.92 17.12 -10.44
CA ASP B 53 16.76 18.59 -10.38
C ASP B 53 15.50 19.09 -11.11
N GLY B 54 15.13 18.37 -12.16
CA GLY B 54 13.91 18.61 -12.92
C GLY B 54 13.92 17.74 -14.16
N PHE B 55 14.04 18.37 -15.33
CA PHE B 55 14.33 17.68 -16.59
C PHE B 55 15.83 17.29 -16.58
N ARG B 56 16.65 18.27 -16.18
CA ARG B 56 18.09 18.12 -15.89
C ARG B 56 18.52 19.38 -15.12
N LYS B 57 18.37 20.52 -15.82
CA LYS B 57 18.32 21.87 -15.25
C LYS B 57 17.89 22.81 -16.40
N GLY B 58 18.88 23.44 -17.09
CA GLY B 58 18.68 24.20 -18.34
C GLY B 58 17.36 24.97 -18.45
N LYS B 59 16.45 24.44 -19.28
CA LYS B 59 15.09 25.00 -19.48
C LYS B 59 14.05 24.11 -18.78
N VAL B 60 12.75 24.34 -19.08
CA VAL B 60 11.61 23.58 -18.49
C VAL B 60 11.48 23.90 -16.98
N PRO B 61 10.73 24.97 -16.60
CA PRO B 61 10.65 25.44 -15.19
C PRO B 61 9.74 24.55 -14.31
N MET B 62 9.99 24.60 -12.99
CA MET B 62 9.31 23.73 -11.99
C MET B 62 7.79 23.94 -11.94
N ASN B 63 7.37 25.18 -12.28
CA ASN B 63 5.94 25.58 -12.32
C ASN B 63 5.15 24.69 -13.30
N ILE B 64 5.75 24.45 -14.48
CA ILE B 64 5.13 23.66 -15.55
C ILE B 64 5.26 22.16 -15.25
N VAL B 65 6.46 21.73 -14.78
CA VAL B 65 6.73 20.32 -14.36
C VAL B 65 5.66 19.83 -13.37
N ALA B 66 5.36 20.70 -12.40
CA ALA B 66 4.35 20.45 -11.37
C ALA B 66 2.95 20.34 -11.95
N GLN B 67 2.48 21.45 -12.54
CA GLN B 67 1.07 21.63 -12.96
C GLN B 67 0.66 20.57 -14.01
N ARG B 68 1.57 20.27 -14.96
CA ARG B 68 1.31 19.34 -16.06
C ARG B 68 1.33 17.87 -15.60
N TYR B 69 2.53 17.36 -15.21
CA TYR B 69 2.73 15.90 -14.99
C TYR B 69 3.15 15.57 -13.54
N GLY B 70 2.91 16.50 -12.61
CA GLY B 70 2.97 16.20 -11.19
C GLY B 70 1.71 15.47 -10.73
N ALA B 71 1.59 14.19 -11.10
CA ALA B 71 0.40 13.37 -10.82
C ALA B 71 0.17 13.17 -9.30
N SER B 72 0.95 12.25 -8.69
CA SER B 72 0.73 11.82 -7.29
C SER B 72 1.42 12.77 -6.27
N VAL B 73 1.93 13.93 -6.72
CA VAL B 73 2.36 15.01 -5.80
C VAL B 73 1.13 15.66 -5.15
N ARG B 74 -0.01 15.62 -5.88
CA ARG B 74 -1.31 16.03 -5.34
C ARG B 74 -1.70 15.16 -4.14
N GLN B 75 -1.27 13.88 -4.13
CA GLN B 75 -1.51 12.97 -3.00
C GLN B 75 -0.77 13.44 -1.73
N ASP B 76 0.53 13.82 -1.90
CA ASP B 76 1.35 14.40 -0.80
C ASP B 76 0.71 15.69 -0.27
N VAL B 77 0.57 16.66 -1.20
CA VAL B 77 0.13 18.02 -0.92
C VAL B 77 -1.30 18.03 -0.37
N LEU B 78 -2.29 17.59 -1.20
CA LEU B 78 -3.70 17.51 -0.77
C LEU B 78 -3.84 16.59 0.46
N GLY B 79 -3.06 15.49 0.50
CA GLY B 79 -3.02 14.62 1.68
C GLY B 79 -2.72 15.37 2.97
N ASP B 80 -1.80 16.36 2.88
CA ASP B 80 -1.43 17.19 4.06
C ASP B 80 -2.47 18.30 4.28
N LEU B 81 -2.87 18.98 3.18
CA LEU B 81 -3.70 20.21 3.23
C LEU B 81 -5.15 19.90 3.65
N MET B 82 -5.64 18.70 3.33
CA MET B 82 -7.01 18.28 3.70
C MET B 82 -7.10 18.09 5.22
N SER B 83 -6.06 17.48 5.81
CA SER B 83 -5.95 17.31 7.27
C SER B 83 -5.50 18.61 7.97
N ARG B 84 -4.77 19.47 7.22
CA ARG B 84 -4.23 20.75 7.76
C ARG B 84 -5.36 21.76 7.97
N ASN B 85 -6.18 21.92 6.93
CA ASN B 85 -7.31 22.86 6.94
C ASN B 85 -8.40 22.35 7.88
N PHE B 86 -8.54 21.01 7.96
CA PHE B 86 -9.50 20.36 8.87
C PHE B 86 -9.12 20.65 10.33
N ILE B 87 -7.87 20.28 10.71
CA ILE B 87 -7.40 20.32 12.13
C ILE B 87 -7.53 21.74 12.74
N ASP B 88 -7.46 22.78 11.89
CA ASP B 88 -7.63 24.18 12.31
C ASP B 88 -9.11 24.60 12.29
N ALA B 89 -9.82 24.26 11.19
CA ALA B 89 -11.26 24.62 11.03
C ALA B 89 -12.16 24.05 12.15
N ILE B 90 -11.73 22.92 12.72
CA ILE B 90 -12.49 22.20 13.76
C ILE B 90 -12.27 22.74 15.16
N ILE B 91 -11.26 23.61 15.32
CA ILE B 91 -10.80 24.09 16.65
C ILE B 91 -11.91 24.84 17.42
N LYS B 92 -12.71 25.63 16.69
CA LYS B 92 -13.84 26.38 17.28
C LYS B 92 -15.00 25.43 17.67
N GLU B 93 -15.15 24.33 16.92
CA GLU B 93 -16.26 23.36 17.10
C GLU B 93 -15.89 22.23 18.08
N LYS B 94 -14.57 22.01 18.24
CA LYS B 94 -13.95 20.90 19.04
C LYS B 94 -14.08 19.50 18.37
N ILE B 95 -14.91 19.39 17.28
CA ILE B 95 -15.06 18.20 16.37
C ILE B 95 -14.13 17.00 16.68
N ASN B 96 -14.73 15.90 17.17
CA ASN B 96 -14.03 14.65 17.45
C ASN B 96 -14.59 13.53 16.55
N PRO B 97 -13.94 13.25 15.39
CA PRO B 97 -14.35 12.16 14.48
C PRO B 97 -13.86 10.78 14.96
N ALA B 98 -14.51 9.72 14.45
CA ALA B 98 -14.05 8.35 14.63
C ALA B 98 -12.92 8.08 13.63
N GLY B 99 -11.72 7.77 14.16
CA GLY B 99 -10.55 7.46 13.34
C GLY B 99 -10.05 8.64 12.50
N ALA B 100 -10.60 8.76 11.29
CA ALA B 100 -10.21 9.79 10.30
C ALA B 100 -11.45 10.18 9.44
N PRO B 101 -11.57 11.48 8.98
CA PRO B 101 -12.70 11.93 8.13
C PRO B 101 -12.56 11.47 6.65
N THR B 102 -13.70 11.27 5.99
CA THR B 102 -13.74 11.05 4.54
C THR B 102 -13.65 12.41 3.82
N TYR B 103 -12.48 12.70 3.27
CA TYR B 103 -12.24 13.88 2.44
C TYR B 103 -12.76 13.57 1.03
N VAL B 104 -13.99 14.02 0.73
CA VAL B 104 -14.62 13.82 -0.59
C VAL B 104 -14.30 15.05 -1.47
N PRO B 105 -13.31 14.97 -2.41
CA PRO B 105 -12.95 16.11 -3.26
C PRO B 105 -13.83 16.19 -4.53
N GLY B 106 -13.89 17.41 -5.11
CA GLY B 106 -14.45 17.59 -6.43
C GLY B 106 -13.50 17.13 -7.53
N GLU B 107 -13.93 17.20 -8.79
CA GLU B 107 -13.08 16.84 -9.95
C GLU B 107 -11.95 17.89 -10.06
N TYR B 108 -10.69 17.42 -10.18
CA TYR B 108 -9.52 18.31 -10.23
C TYR B 108 -9.48 19.03 -11.60
N LYS B 109 -10.26 20.12 -11.70
CA LYS B 109 -10.35 20.94 -12.89
C LYS B 109 -9.18 21.93 -12.85
N LEU B 110 -8.42 21.98 -13.97
CA LEU B 110 -7.23 22.83 -14.08
C LEU B 110 -7.62 24.32 -14.18
N GLY B 111 -7.21 25.11 -13.16
CA GLY B 111 -7.57 26.53 -13.07
C GLY B 111 -8.92 26.74 -12.43
N GLU B 112 -9.16 26.03 -11.31
CA GLU B 112 -10.45 26.03 -10.60
C GLU B 112 -10.22 25.90 -9.08
N ASP B 113 -11.14 26.43 -8.25
CA ASP B 113 -11.04 26.36 -6.78
C ASP B 113 -11.28 24.91 -6.31
N PHE B 114 -10.48 24.47 -5.33
CA PHE B 114 -10.59 23.11 -4.77
C PHE B 114 -11.53 23.11 -3.56
N THR B 115 -12.81 22.83 -3.83
CA THR B 115 -13.80 22.60 -2.78
C THR B 115 -13.92 21.08 -2.54
N TYR B 116 -13.85 20.67 -1.26
CA TYR B 116 -14.01 19.27 -0.86
C TYR B 116 -14.95 19.16 0.35
N SER B 117 -15.89 18.20 0.25
CA SER B 117 -16.84 17.86 1.31
C SER B 117 -16.13 16.98 2.35
N VAL B 118 -15.75 17.62 3.46
CA VAL B 118 -14.97 17.01 4.54
C VAL B 118 -15.93 16.33 5.54
N GLU B 119 -16.37 15.11 5.20
CA GLU B 119 -17.42 14.40 5.95
C GLU B 119 -16.81 13.47 7.00
N PHE B 120 -16.95 13.87 8.27
CA PHE B 120 -16.51 13.07 9.41
C PHE B 120 -17.75 12.52 10.12
N GLU B 121 -17.58 11.39 10.79
CA GLU B 121 -18.65 10.72 11.56
C GLU B 121 -18.10 10.45 12.96
N VAL B 122 -18.72 11.09 13.97
CA VAL B 122 -18.28 10.98 15.39
C VAL B 122 -18.38 9.52 15.90
N TYR B 123 -17.50 9.15 16.86
CA TYR B 123 -17.41 7.76 17.37
C TYR B 123 -18.77 7.31 17.97
N PRO B 124 -19.46 6.30 17.34
CA PRO B 124 -20.71 5.74 17.90
C PRO B 124 -20.40 4.64 18.94
N GLU B 125 -21.16 4.65 20.03
CA GLU B 125 -21.09 3.60 21.05
C GLU B 125 -21.78 2.34 20.49
N VAL B 126 -20.93 1.44 19.98
CA VAL B 126 -21.36 0.19 19.33
C VAL B 126 -22.20 -0.70 20.28
N GLU B 127 -23.23 -1.34 19.74
CA GLU B 127 -24.17 -2.16 20.51
C GLU B 127 -24.26 -3.56 19.88
N LEU B 128 -24.27 -4.59 20.74
CA LEU B 128 -24.48 -5.98 20.34
C LEU B 128 -25.56 -6.63 21.24
N GLN B 129 -26.49 -7.37 20.60
CA GLN B 129 -27.50 -8.20 21.29
C GLN B 129 -27.23 -9.68 20.96
N GLY B 130 -28.19 -10.55 21.32
CA GLY B 130 -28.13 -11.97 20.94
C GLY B 130 -27.01 -12.74 21.62
N LEU B 131 -26.66 -12.33 22.86
CA LEU B 131 -25.50 -12.87 23.62
C LEU B 131 -25.59 -14.41 23.80
N GLU B 132 -26.83 -14.95 23.84
CA GLU B 132 -27.09 -16.41 23.87
C GLU B 132 -27.82 -16.91 22.61
N ALA B 133 -28.15 -15.99 21.68
CA ALA B 133 -28.90 -16.29 20.45
C ALA B 133 -27.96 -16.64 19.28
N ILE B 134 -26.74 -16.06 19.30
CA ILE B 134 -25.72 -16.25 18.25
C ILE B 134 -25.33 -17.74 18.12
N GLU B 135 -25.61 -18.32 16.93
CA GLU B 135 -25.30 -19.72 16.60
C GLU B 135 -23.78 -19.92 16.49
N VAL B 136 -23.27 -21.01 17.08
CA VAL B 136 -21.84 -21.33 17.10
C VAL B 136 -21.63 -22.73 16.50
N GLU B 137 -21.18 -22.77 15.24
CA GLU B 137 -20.90 -24.02 14.52
C GLU B 137 -19.53 -24.58 14.95
N LYS B 138 -19.54 -25.63 15.81
CA LYS B 138 -18.35 -26.43 16.11
C LYS B 138 -18.39 -27.77 15.30
N PRO B 139 -17.66 -27.86 14.15
CA PRO B 139 -17.53 -29.09 13.36
C PRO B 139 -16.42 -29.99 13.96
N ILE B 140 -16.86 -30.95 14.79
CA ILE B 140 -15.95 -31.89 15.48
C ILE B 140 -15.50 -32.97 14.48
N VAL B 141 -14.46 -32.63 13.69
CA VAL B 141 -13.88 -33.55 12.71
C VAL B 141 -12.78 -34.41 13.36
N GLU B 142 -12.25 -35.37 12.59
CA GLU B 142 -11.20 -36.29 13.07
C GLU B 142 -10.43 -36.86 11.87
N VAL B 143 -9.23 -36.33 11.62
CA VAL B 143 -8.40 -36.70 10.47
C VAL B 143 -7.71 -38.05 10.73
N THR B 144 -8.41 -39.14 10.40
CA THR B 144 -7.87 -40.50 10.45
C THR B 144 -7.37 -40.90 9.04
N ASP B 145 -6.86 -42.13 8.93
CA ASP B 145 -6.28 -42.67 7.68
C ASP B 145 -7.28 -42.60 6.52
N ALA B 146 -8.56 -42.88 6.82
CA ALA B 146 -9.66 -42.84 5.83
C ALA B 146 -9.80 -41.43 5.22
N ASP B 147 -9.72 -40.40 6.07
CA ASP B 147 -9.80 -38.98 5.66
C ASP B 147 -8.59 -38.61 4.80
N VAL B 148 -7.39 -39.07 5.24
CA VAL B 148 -6.13 -38.79 4.51
C VAL B 148 -6.16 -39.44 3.12
N ASP B 149 -6.61 -40.71 3.03
CA ASP B 149 -6.62 -41.50 1.77
C ASP B 149 -7.67 -40.98 0.78
N GLY B 150 -8.86 -40.63 1.30
CA GLY B 150 -9.95 -40.07 0.50
C GLY B 150 -9.58 -38.71 -0.09
N MET B 151 -9.01 -37.85 0.78
CA MET B 151 -8.48 -36.53 0.39
C MET B 151 -7.32 -36.70 -0.60
N LEU B 152 -6.47 -37.73 -0.36
CA LEU B 152 -5.27 -38.02 -1.19
C LEU B 152 -5.71 -38.41 -2.60
N ASP B 153 -6.81 -39.17 -2.68
CA ASP B 153 -7.41 -39.59 -3.94
C ASP B 153 -7.97 -38.39 -4.71
N THR B 154 -8.73 -37.52 -3.99
CA THR B 154 -9.25 -36.24 -4.53
C THR B 154 -8.11 -35.34 -5.06
N LEU B 155 -7.02 -35.29 -4.28
CA LEU B 155 -5.87 -34.40 -4.51
C LEU B 155 -5.11 -34.87 -5.76
N ARG B 156 -4.82 -36.17 -5.82
CA ARG B 156 -4.02 -36.78 -6.90
C ARG B 156 -4.81 -36.84 -8.21
N LYS B 157 -6.16 -36.88 -8.10
CA LYS B 157 -7.05 -36.79 -9.26
C LYS B 157 -7.01 -35.38 -9.86
N GLN B 158 -7.14 -34.38 -8.97
CA GLN B 158 -7.18 -32.95 -9.35
C GLN B 158 -5.81 -32.45 -9.85
N GLN B 159 -4.73 -32.97 -9.24
CA GLN B 159 -3.34 -32.52 -9.49
C GLN B 159 -2.54 -33.62 -10.23
N ALA B 160 -3.28 -34.47 -10.98
CA ALA B 160 -2.71 -35.61 -11.74
C ALA B 160 -1.69 -35.17 -12.79
N THR B 161 -0.70 -36.02 -13.03
CA THR B 161 0.33 -35.80 -14.03
C THR B 161 -0.24 -35.98 -15.45
N TRP B 162 -0.08 -34.94 -16.27
CA TRP B 162 -0.62 -34.89 -17.63
C TRP B 162 0.36 -35.58 -18.61
N LYS B 163 -0.04 -35.64 -19.88
CA LYS B 163 0.82 -36.07 -20.99
C LYS B 163 0.49 -35.18 -22.19
N GLU B 164 1.32 -35.23 -23.25
CA GLU B 164 1.06 -34.48 -24.50
C GLU B 164 -0.01 -35.20 -25.34
N LYS B 165 -0.77 -34.41 -26.14
CA LYS B 165 -1.88 -34.95 -26.96
C LYS B 165 -1.56 -34.88 -28.45
N ASP B 166 -2.01 -35.90 -29.20
CA ASP B 166 -1.97 -35.91 -30.67
C ASP B 166 -3.42 -35.92 -31.19
N GLY B 167 -3.93 -34.74 -31.55
CA GLY B 167 -5.29 -34.60 -32.04
C GLY B 167 -5.73 -33.15 -32.07
N ALA B 168 -6.67 -32.80 -31.19
CA ALA B 168 -7.25 -31.47 -31.11
C ALA B 168 -7.62 -31.15 -29.66
N VAL B 169 -7.89 -29.85 -29.39
CA VAL B 169 -8.29 -29.38 -28.06
C VAL B 169 -9.70 -29.88 -27.74
N GLU B 170 -9.78 -30.93 -26.94
CA GLU B 170 -11.05 -31.39 -26.37
C GLU B 170 -11.37 -30.58 -25.12
N ALA B 171 -12.67 -30.38 -24.85
CA ALA B 171 -13.16 -29.77 -23.61
C ALA B 171 -12.98 -30.75 -22.42
N GLU B 172 -12.68 -32.02 -22.76
CA GLU B 172 -12.32 -33.07 -21.81
C GLU B 172 -10.79 -33.27 -21.75
N ASP B 173 -10.01 -32.29 -22.25
CA ASP B 173 -8.53 -32.33 -22.20
C ASP B 173 -7.96 -30.94 -21.86
N ARG B 174 -6.65 -30.92 -21.54
CA ARG B 174 -5.90 -29.70 -21.17
C ARG B 174 -5.30 -29.03 -22.42
N VAL B 175 -5.04 -27.72 -22.31
CA VAL B 175 -4.41 -26.92 -23.36
C VAL B 175 -3.66 -25.70 -22.76
N THR B 176 -2.32 -25.67 -22.91
CA THR B 176 -1.48 -24.53 -22.50
C THR B 176 -1.27 -23.58 -23.71
N ILE B 177 -1.77 -22.34 -23.58
CA ILE B 177 -1.74 -21.31 -24.63
C ILE B 177 -1.36 -19.96 -24.06
N ASP B 178 -0.98 -19.04 -24.93
CA ASP B 178 -0.82 -17.63 -24.59
C ASP B 178 -1.90 -16.83 -25.34
N PHE B 179 -2.56 -15.92 -24.60
CA PHE B 179 -3.63 -15.08 -25.17
C PHE B 179 -3.43 -13.62 -24.72
N THR B 180 -3.80 -12.72 -25.63
CA THR B 180 -3.74 -11.26 -25.42
C THR B 180 -4.55 -10.59 -26.55
N GLY B 181 -5.07 -9.39 -26.30
CA GLY B 181 -5.85 -8.65 -27.31
C GLY B 181 -6.31 -7.30 -26.80
N SER B 182 -7.64 -7.09 -26.74
CA SER B 182 -8.26 -5.87 -26.22
C SER B 182 -9.76 -6.07 -25.95
N VAL B 183 -10.22 -5.52 -24.82
CA VAL B 183 -11.64 -5.49 -24.44
C VAL B 183 -12.28 -4.24 -25.02
N ASP B 184 -12.80 -4.37 -26.26
CA ASP B 184 -13.47 -3.28 -27.02
C ASP B 184 -12.49 -2.11 -27.32
N GLY B 185 -11.17 -2.42 -27.26
CA GLY B 185 -10.10 -1.43 -27.46
C GLY B 185 -9.23 -1.29 -26.22
N GLU B 186 -9.82 -1.53 -25.03
CA GLU B 186 -9.14 -1.37 -23.73
C GLU B 186 -8.06 -2.45 -23.54
N GLU B 187 -6.82 -2.01 -23.27
CA GLU B 187 -5.72 -2.92 -22.93
C GLU B 187 -5.89 -3.36 -21.46
N PHE B 188 -6.12 -4.66 -21.25
CA PHE B 188 -6.44 -5.23 -19.94
C PHE B 188 -5.17 -5.69 -19.18
N GLU B 189 -4.83 -4.93 -18.12
CA GLU B 189 -3.70 -5.24 -17.22
C GLU B 189 -4.08 -6.36 -16.25
N GLY B 190 -3.30 -7.46 -16.26
CA GLY B 190 -3.52 -8.61 -15.37
C GLY B 190 -4.47 -9.67 -15.96
N GLY B 191 -5.43 -9.22 -16.81
CA GLY B 191 -6.43 -10.11 -17.40
C GLY B 191 -5.88 -11.04 -18.48
N LYS B 192 -4.65 -10.75 -18.93
CA LYS B 192 -3.93 -11.61 -19.91
C LYS B 192 -3.09 -12.65 -19.15
N ALA B 193 -2.75 -13.74 -19.86
CA ALA B 193 -1.93 -14.80 -19.30
C ALA B 193 -1.22 -15.55 -20.43
N SER B 194 0.09 -15.29 -20.56
CA SER B 194 0.98 -16.03 -21.46
C SER B 194 1.34 -17.37 -20.81
N ASP B 195 1.26 -18.48 -21.60
CA ASP B 195 1.46 -19.88 -21.13
C ASP B 195 0.36 -20.30 -20.14
N PHE B 196 -0.83 -19.67 -20.28
CA PHE B 196 -2.03 -20.02 -19.51
C PHE B 196 -2.42 -21.49 -19.75
N VAL B 197 -2.49 -22.28 -18.68
CA VAL B 197 -2.92 -23.67 -18.76
C VAL B 197 -4.42 -23.76 -18.42
N LEU B 198 -5.23 -24.11 -19.42
CA LEU B 198 -6.62 -24.50 -19.23
C LEU B 198 -6.68 -26.01 -18.94
N ALA B 199 -7.12 -26.37 -17.74
CA ALA B 199 -7.39 -27.76 -17.37
C ALA B 199 -8.90 -28.05 -17.54
N MET B 200 -9.21 -29.27 -17.92
CA MET B 200 -10.61 -29.77 -17.98
C MET B 200 -11.06 -30.24 -16.58
N GLY B 201 -12.33 -30.71 -16.49
CA GLY B 201 -12.88 -31.30 -15.26
C GLY B 201 -13.24 -30.28 -14.18
N GLN B 202 -12.92 -29.00 -14.44
CA GLN B 202 -13.21 -27.88 -13.54
C GLN B 202 -14.66 -27.39 -13.74
N GLY B 203 -15.00 -26.23 -13.14
CA GLY B 203 -16.26 -25.52 -13.43
C GLY B 203 -16.34 -25.00 -14.87
N ARG B 204 -17.30 -24.09 -15.13
CA ARG B 204 -17.59 -23.58 -16.49
C ARG B 204 -16.93 -22.20 -16.71
N MET B 205 -16.26 -22.04 -17.86
CA MET B 205 -15.55 -20.82 -18.28
C MET B 205 -16.54 -19.71 -18.71
N ILE B 206 -16.04 -18.46 -18.89
CA ILE B 206 -16.80 -17.37 -19.52
C ILE B 206 -17.31 -17.80 -20.93
N PRO B 207 -18.60 -17.49 -21.29
CA PRO B 207 -19.15 -17.82 -22.63
C PRO B 207 -18.33 -17.18 -23.76
N GLY B 208 -18.06 -17.97 -24.82
CA GLY B 208 -17.30 -17.52 -25.97
C GLY B 208 -15.91 -18.11 -26.00
N PHE B 209 -15.15 -17.91 -24.89
CA PHE B 209 -13.74 -18.30 -24.80
C PHE B 209 -13.61 -19.82 -24.91
N GLU B 210 -14.28 -20.54 -23.98
CA GLU B 210 -14.33 -22.04 -23.93
C GLU B 210 -14.71 -22.64 -25.30
N ASP B 211 -15.73 -22.01 -25.92
CA ASP B 211 -16.29 -22.42 -27.21
C ASP B 211 -15.27 -22.27 -28.36
N GLY B 212 -14.36 -21.28 -28.25
CA GLY B 212 -13.30 -21.08 -29.24
C GLY B 212 -12.22 -22.14 -29.10
N ILE B 213 -11.71 -22.24 -27.86
CA ILE B 213 -10.58 -23.10 -27.50
C ILE B 213 -10.85 -24.57 -27.86
N LYS B 214 -12.03 -25.08 -27.44
CA LYS B 214 -12.40 -26.50 -27.60
C LYS B 214 -12.76 -26.84 -29.06
N GLY B 215 -12.79 -25.84 -29.97
CA GLY B 215 -13.23 -26.05 -31.33
C GLY B 215 -12.10 -26.00 -32.33
N HIS B 216 -10.85 -26.25 -31.87
CA HIS B 216 -9.63 -26.16 -32.71
C HIS B 216 -8.57 -27.18 -32.25
N LYS B 217 -7.36 -27.14 -32.88
CA LYS B 217 -6.22 -28.05 -32.55
C LYS B 217 -4.90 -27.27 -32.40
N ALA B 218 -3.87 -27.91 -31.80
CA ALA B 218 -2.54 -27.29 -31.63
C ALA B 218 -1.86 -26.99 -32.99
N GLY B 219 -0.95 -26.00 -32.96
CA GLY B 219 -0.20 -25.59 -34.15
C GLY B 219 -0.79 -24.35 -34.80
N GLU B 220 -2.09 -24.42 -35.11
CA GLU B 220 -2.82 -23.31 -35.75
C GLU B 220 -3.12 -22.21 -34.72
N GLU B 221 -3.01 -20.97 -35.19
CA GLU B 221 -3.15 -19.75 -34.38
C GLU B 221 -4.17 -18.82 -35.03
N PHE B 222 -4.96 -18.15 -34.19
CA PHE B 222 -6.11 -17.33 -34.63
C PHE B 222 -6.44 -16.29 -33.55
N THR B 223 -7.53 -15.55 -33.76
CA THR B 223 -8.09 -14.67 -32.73
C THR B 223 -9.60 -14.91 -32.60
N ILE B 224 -10.06 -15.20 -31.37
CA ILE B 224 -11.49 -15.31 -31.06
C ILE B 224 -12.08 -13.93 -30.77
N ASP B 225 -13.39 -13.84 -30.88
CA ASP B 225 -14.15 -12.60 -30.67
C ASP B 225 -15.31 -12.92 -29.71
N VAL B 226 -15.13 -12.58 -28.43
CA VAL B 226 -16.10 -12.91 -27.35
C VAL B 226 -16.62 -11.63 -26.70
N THR B 227 -17.44 -11.80 -25.65
CA THR B 227 -17.94 -10.74 -24.79
C THR B 227 -17.88 -11.22 -23.34
N PHE B 228 -17.24 -10.42 -22.45
CA PHE B 228 -17.18 -10.73 -21.01
C PHE B 228 -18.59 -10.71 -20.39
N PRO B 229 -18.93 -11.69 -19.51
CA PRO B 229 -20.21 -11.70 -18.77
C PRO B 229 -20.22 -10.57 -17.71
N GLU B 230 -21.43 -10.07 -17.40
CA GLU B 230 -21.64 -9.09 -16.32
C GLU B 230 -21.40 -9.74 -14.93
N GLU B 231 -21.29 -11.08 -14.93
CA GLU B 231 -20.99 -11.90 -13.75
C GLU B 231 -19.46 -11.98 -13.51
N TYR B 232 -18.67 -11.44 -14.48
CA TYR B 232 -17.21 -11.34 -14.35
C TYR B 232 -16.85 -10.21 -13.34
N HIS B 233 -15.79 -10.45 -12.54
CA HIS B 233 -15.53 -9.69 -11.28
C HIS B 233 -14.63 -8.44 -11.47
N ALA B 234 -14.61 -7.87 -12.70
CA ALA B 234 -13.93 -6.59 -12.99
C ALA B 234 -14.87 -5.71 -13.82
N GLU B 235 -15.06 -4.46 -13.38
CA GLU B 235 -16.18 -3.58 -13.80
C GLU B 235 -16.07 -3.16 -15.28
N ASN B 236 -14.89 -2.70 -15.67
CA ASN B 236 -14.61 -2.21 -17.05
C ASN B 236 -14.74 -3.37 -18.06
N LEU B 237 -14.16 -4.52 -17.70
CA LEU B 237 -14.06 -5.68 -18.59
C LEU B 237 -15.43 -6.32 -18.83
N LYS B 238 -16.21 -6.49 -17.73
CA LYS B 238 -17.53 -7.16 -17.78
C LYS B 238 -18.51 -6.35 -18.66
N GLY B 239 -19.32 -7.06 -19.47
CA GLY B 239 -20.31 -6.41 -20.35
C GLY B 239 -19.75 -6.12 -21.75
N LYS B 240 -18.47 -5.67 -21.82
CA LYS B 240 -17.82 -5.32 -23.10
C LYS B 240 -17.36 -6.56 -23.86
N ALA B 241 -17.29 -6.42 -25.19
CA ALA B 241 -16.80 -7.46 -26.09
C ALA B 241 -15.26 -7.39 -26.16
N ALA B 242 -14.60 -8.54 -26.04
CA ALA B 242 -13.12 -8.64 -26.03
C ALA B 242 -12.64 -9.64 -27.08
N LYS B 243 -11.61 -9.25 -27.87
CA LYS B 243 -10.98 -10.16 -28.84
C LYS B 243 -9.64 -10.66 -28.27
N PHE B 244 -9.30 -11.93 -28.58
CA PHE B 244 -8.18 -12.66 -27.95
C PHE B 244 -7.41 -13.44 -29.00
N ALA B 245 -6.16 -13.02 -29.29
CA ALA B 245 -5.21 -13.78 -30.12
C ALA B 245 -4.86 -15.11 -29.43
N ILE B 246 -5.60 -16.17 -29.79
CA ILE B 246 -5.41 -17.52 -29.24
C ILE B 246 -4.33 -18.25 -30.06
N ASN B 247 -3.20 -18.49 -29.39
CA ASN B 247 -2.07 -19.20 -29.97
C ASN B 247 -2.01 -20.60 -29.34
N LEU B 248 -2.63 -21.58 -30.01
CA LEU B 248 -2.63 -22.98 -29.55
C LEU B 248 -1.23 -23.58 -29.72
N LYS B 249 -0.39 -23.41 -28.69
CA LYS B 249 1.01 -23.87 -28.72
C LYS B 249 1.13 -25.28 -28.13
N LYS B 250 0.43 -25.51 -26.99
CA LYS B 250 0.50 -26.79 -26.25
C LYS B 250 -0.93 -27.29 -25.97
N VAL B 251 -1.15 -28.59 -26.22
CA VAL B 251 -2.39 -29.30 -25.88
C VAL B 251 -2.00 -30.60 -25.18
N GLU B 252 -2.25 -30.67 -23.87
CA GLU B 252 -1.94 -31.85 -23.05
C GLU B 252 -3.19 -32.71 -22.92
N GLU B 253 -3.01 -34.02 -23.05
CA GLU B 253 -4.06 -34.99 -22.86
C GLU B 253 -4.25 -35.30 -21.39
N ARG B 254 -5.49 -35.08 -20.94
CA ARG B 254 -5.98 -35.56 -19.66
C ARG B 254 -6.11 -37.08 -19.76
N GLU B 255 -5.20 -37.77 -19.07
CA GLU B 255 -5.21 -39.22 -18.97
C GLU B 255 -4.66 -39.54 -17.57
N LEU B 256 -5.49 -40.11 -16.68
CA LEU B 256 -5.13 -40.35 -15.28
C LEU B 256 -4.27 -41.64 -15.17
N PRO B 257 -2.94 -41.53 -14.84
CA PRO B 257 -2.04 -42.71 -14.75
C PRO B 257 -2.25 -43.47 -13.42
N GLU B 258 -1.82 -42.83 -12.31
CA GLU B 258 -1.90 -43.38 -10.92
C GLU B 258 -1.20 -42.37 -9.98
N LEU B 259 -1.06 -42.70 -8.68
CA LEU B 259 -0.21 -41.96 -7.73
C LEU B 259 1.28 -42.23 -8.06
N THR B 260 1.78 -41.54 -9.11
CA THR B 260 3.12 -41.77 -9.68
C THR B 260 4.21 -40.95 -8.94
N ALA B 261 5.47 -41.39 -9.10
CA ALA B 261 6.66 -40.69 -8.59
C ALA B 261 6.79 -39.29 -9.20
N GLU B 262 6.27 -39.17 -10.44
CA GLU B 262 6.14 -37.88 -11.16
C GLU B 262 5.22 -36.91 -10.40
N PHE B 263 4.18 -37.47 -9.73
CA PHE B 263 3.24 -36.69 -8.91
C PHE B 263 3.90 -36.32 -7.58
N ILE B 264 4.51 -37.33 -6.91
CA ILE B 264 5.13 -37.15 -5.57
C ILE B 264 6.19 -36.03 -5.61
N LYS B 265 7.05 -36.07 -6.65
CA LYS B 265 8.14 -35.08 -6.85
C LYS B 265 7.61 -33.74 -7.39
N ARG B 266 6.34 -33.67 -7.83
CA ARG B 266 5.75 -32.45 -8.42
C ARG B 266 5.64 -31.33 -7.35
N PHE B 267 5.53 -31.76 -6.08
CA PHE B 267 5.44 -30.86 -4.90
C PHE B 267 6.84 -30.50 -4.38
N GLY B 268 7.89 -31.16 -4.92
CA GLY B 268 9.24 -31.02 -4.40
C GLY B 268 9.42 -31.70 -3.06
N VAL B 269 8.81 -32.90 -2.92
CA VAL B 269 8.98 -33.76 -1.74
C VAL B 269 10.42 -34.30 -1.71
N GLU B 270 11.19 -33.83 -0.72
CA GLU B 270 12.62 -34.12 -0.58
C GLU B 270 12.82 -35.62 -0.30
N ASP B 271 12.00 -36.15 0.62
CA ASP B 271 12.02 -37.56 1.05
C ASP B 271 11.84 -38.51 -0.14
N GLY B 272 11.05 -38.07 -1.13
CA GLY B 272 10.87 -38.78 -2.38
C GLY B 272 9.81 -39.88 -2.33
N SER B 273 9.81 -40.68 -1.26
CA SER B 273 8.88 -41.83 -1.09
C SER B 273 7.42 -41.37 -1.01
N VAL B 274 6.46 -42.29 -1.32
CA VAL B 274 5.02 -42.02 -1.14
C VAL B 274 4.72 -41.71 0.34
N GLU B 275 5.40 -42.44 1.24
CA GLU B 275 5.32 -42.20 2.68
C GLU B 275 5.89 -40.82 3.05
N GLY B 276 6.77 -40.28 2.18
CA GLY B 276 7.21 -38.89 2.30
C GLY B 276 6.10 -37.92 1.94
N LEU B 277 5.26 -38.30 0.96
CA LEU B 277 4.10 -37.49 0.52
C LEU B 277 3.06 -37.46 1.66
N ARG B 278 2.93 -38.62 2.35
CA ARG B 278 2.08 -38.74 3.57
C ARG B 278 2.50 -37.69 4.61
N ALA B 279 3.81 -37.67 4.88
CA ALA B 279 4.43 -36.77 5.87
C ALA B 279 4.15 -35.30 5.54
N GLU B 280 4.51 -34.89 4.32
CA GLU B 280 4.34 -33.50 3.83
C GLU B 280 2.86 -33.06 3.93
N VAL B 281 1.97 -33.87 3.31
CA VAL B 281 0.56 -33.52 3.19
C VAL B 281 -0.11 -33.41 4.56
N ARG B 282 0.23 -34.33 5.50
CA ARG B 282 -0.35 -34.33 6.87
C ARG B 282 0.16 -33.12 7.68
N LYS B 283 1.46 -32.80 7.56
CA LYS B 283 2.05 -31.59 8.20
C LYS B 283 1.30 -30.33 7.76
N ASN B 284 0.93 -30.27 6.46
CA ASN B 284 0.11 -29.18 5.91
C ASN B 284 -1.35 -29.28 6.43
N MET B 285 -1.93 -30.50 6.35
CA MET B 285 -3.36 -30.76 6.65
C MET B 285 -3.72 -30.35 8.08
N GLU B 286 -2.81 -30.64 9.02
CA GLU B 286 -2.96 -30.29 10.44
C GLU B 286 -3.15 -28.78 10.63
N ARG B 287 -2.22 -27.99 10.03
CA ARG B 287 -2.26 -26.53 10.12
C ARG B 287 -3.53 -25.97 9.46
N GLU B 288 -3.88 -26.54 8.30
CA GLU B 288 -5.10 -26.14 7.54
C GLU B 288 -6.38 -26.60 8.25
N LEU B 289 -6.28 -27.68 9.06
CA LEU B 289 -7.42 -28.29 9.77
C LEU B 289 -7.82 -27.40 10.94
N LYS B 290 -6.83 -27.10 11.81
CA LYS B 290 -7.03 -26.24 12.98
C LYS B 290 -7.51 -24.85 12.52
N SER B 291 -6.85 -24.32 11.47
CA SER B 291 -7.20 -23.00 10.89
C SER B 291 -8.57 -23.04 10.17
N ALA B 292 -8.94 -24.20 9.60
CA ALA B 292 -10.28 -24.39 8.96
C ALA B 292 -11.39 -24.23 9.99
N ILE B 293 -11.25 -24.97 11.11
CA ILE B 293 -12.23 -24.94 12.21
C ILE B 293 -12.25 -23.56 12.89
N ARG B 294 -11.05 -22.93 13.01
CA ARG B 294 -10.93 -21.57 13.55
C ARG B 294 -11.72 -20.58 12.70
N ASN B 295 -11.46 -20.57 11.39
CA ASN B 295 -12.16 -19.68 10.44
C ASN B 295 -13.68 -19.91 10.49
N ARG B 296 -14.08 -21.20 10.58
CA ARG B 296 -15.48 -21.60 10.75
C ARG B 296 -16.10 -20.96 12.02
N VAL B 297 -15.75 -21.50 13.20
CA VAL B 297 -16.34 -21.10 14.50
C VAL B 297 -16.17 -19.59 14.79
N LYS B 298 -14.94 -19.08 14.56
CA LYS B 298 -14.56 -17.70 14.91
C LYS B 298 -15.22 -16.68 13.96
N SER B 299 -15.11 -16.88 12.61
CA SER B 299 -15.63 -15.87 11.65
C SER B 299 -17.16 -15.96 11.56
N GLN B 300 -17.75 -17.14 11.86
CA GLN B 300 -19.22 -17.30 11.91
C GLN B 300 -19.76 -16.66 13.22
N ALA B 301 -18.96 -16.77 14.31
CA ALA B 301 -19.25 -16.08 15.59
C ALA B 301 -19.26 -14.56 15.41
N ILE B 302 -18.23 -14.07 14.66
CA ILE B 302 -18.11 -12.66 14.25
C ILE B 302 -19.35 -12.23 13.47
N GLU B 303 -19.69 -13.02 12.45
CA GLU B 303 -20.85 -12.79 11.57
C GLU B 303 -22.16 -12.75 12.38
N GLY B 304 -22.20 -13.59 13.43
CA GLY B 304 -23.32 -13.62 14.38
C GLY B 304 -23.41 -12.35 15.20
N LEU B 305 -22.25 -11.90 15.73
CA LEU B 305 -22.12 -10.66 16.53
C LEU B 305 -22.59 -9.43 15.74
N VAL B 306 -22.19 -9.38 14.45
CA VAL B 306 -22.59 -8.32 13.52
C VAL B 306 -24.11 -8.35 13.32
N LYS B 307 -24.62 -9.52 12.88
CA LYS B 307 -26.04 -9.65 12.49
C LYS B 307 -26.96 -9.91 13.70
N ALA B 308 -26.38 -9.90 14.91
CA ALA B 308 -27.16 -9.85 16.18
C ALA B 308 -27.57 -8.40 16.50
N ASN B 309 -26.95 -7.42 15.80
CA ASN B 309 -27.31 -6.00 15.92
C ASN B 309 -26.59 -5.24 14.78
N ASP B 310 -27.19 -5.30 13.58
CA ASP B 310 -26.63 -4.68 12.37
C ASP B 310 -26.67 -3.15 12.47
N ILE B 311 -25.60 -2.56 13.02
CA ILE B 311 -25.40 -1.11 12.97
C ILE B 311 -24.66 -0.76 11.67
N ASP B 312 -24.87 0.47 11.20
CA ASP B 312 -24.20 1.00 10.02
C ASP B 312 -23.09 1.92 10.51
N VAL B 313 -21.94 1.30 10.75
CA VAL B 313 -20.74 1.92 11.32
C VAL B 313 -20.19 3.06 10.42
N PRO B 314 -19.44 4.05 11.02
CA PRO B 314 -18.92 5.22 10.29
C PRO B 314 -18.17 4.84 8.99
N ALA B 315 -18.76 5.25 7.84
CA ALA B 315 -18.26 4.95 6.48
C ALA B 315 -16.87 5.58 6.23
N ALA B 316 -16.47 6.49 7.13
CA ALA B 316 -15.12 7.09 7.18
C ALA B 316 -14.04 6.03 7.43
N LEU B 317 -14.35 5.10 8.37
CA LEU B 317 -13.47 3.96 8.70
C LEU B 317 -13.46 2.97 7.53
N ILE B 318 -14.64 2.78 6.90
CA ILE B 318 -14.78 1.93 5.69
C ILE B 318 -13.95 2.51 4.53
N ASP B 319 -13.93 3.84 4.43
CA ASP B 319 -13.23 4.57 3.36
C ASP B 319 -11.71 4.46 3.54
N SER B 320 -11.26 4.52 4.80
CA SER B 320 -9.86 4.25 5.18
C SER B 320 -9.46 2.80 4.79
N GLU B 321 -10.32 1.83 5.17
CA GLU B 321 -10.16 0.42 4.82
C GLU B 321 -10.23 0.20 3.31
N ILE B 322 -11.05 1.02 2.63
CA ILE B 322 -11.22 0.96 1.16
C ILE B 322 -9.94 1.43 0.48
N ASP B 323 -9.26 2.44 1.08
CA ASP B 323 -7.96 2.93 0.60
C ASP B 323 -6.91 1.81 0.70
N VAL B 324 -6.88 1.13 1.87
CA VAL B 324 -6.00 -0.03 2.13
C VAL B 324 -6.31 -1.20 1.15
N LEU B 325 -7.61 -1.42 0.87
CA LEU B 325 -8.10 -2.53 0.01
C LEU B 325 -7.95 -2.17 -1.48
N ARG B 326 -7.91 -0.86 -1.79
CA ARG B 326 -7.67 -0.37 -3.16
C ARG B 326 -6.20 -0.61 -3.52
N ARG B 327 -5.33 -0.26 -2.56
CA ARG B 327 -3.89 -0.55 -2.64
C ARG B 327 -3.70 -2.07 -2.84
N GLN B 328 -4.29 -2.85 -1.92
CA GLN B 328 -4.20 -4.33 -1.86
C GLN B 328 -4.62 -5.00 -3.18
N ALA B 329 -5.78 -4.60 -3.72
CA ALA B 329 -6.38 -5.21 -4.91
C ALA B 329 -5.65 -4.77 -6.20
N ALA B 330 -5.57 -3.44 -6.43
CA ALA B 330 -5.03 -2.90 -7.69
C ALA B 330 -3.51 -3.13 -7.82
N GLN B 331 -2.83 -3.35 -6.68
CA GLN B 331 -1.43 -3.84 -6.66
C GLN B 331 -1.32 -5.16 -7.46
N ARG B 332 -2.35 -6.01 -7.30
CA ARG B 332 -2.43 -7.32 -7.97
C ARG B 332 -2.88 -7.12 -9.43
N PHE B 333 -4.03 -6.43 -9.59
CA PHE B 333 -4.65 -6.15 -10.89
C PHE B 333 -3.93 -4.98 -11.59
N GLY B 334 -2.74 -5.28 -12.14
CA GLY B 334 -2.00 -4.33 -13.00
C GLY B 334 -0.89 -3.57 -12.28
N GLY B 335 -1.05 -3.39 -10.95
CA GLY B 335 -0.06 -2.65 -10.13
C GLY B 335 -0.24 -1.14 -10.23
N ASN B 336 -1.49 -0.69 -10.46
CA ASN B 336 -1.83 0.73 -10.70
C ASN B 336 -3.08 1.13 -9.93
N GLU B 337 -2.99 2.28 -9.22
CA GLU B 337 -4.07 2.84 -8.38
C GLU B 337 -5.34 3.18 -9.21
N LYS B 338 -5.14 3.48 -10.52
CA LYS B 338 -6.24 3.82 -11.45
C LYS B 338 -7.26 2.67 -11.56
N GLN B 339 -6.76 1.43 -11.49
CA GLN B 339 -7.57 0.20 -11.56
C GLN B 339 -8.50 0.07 -10.34
N ALA B 340 -8.01 0.51 -9.18
CA ALA B 340 -8.69 0.37 -7.88
C ALA B 340 -10.01 1.15 -7.81
N LEU B 341 -9.93 2.45 -8.15
CA LEU B 341 -11.10 3.39 -8.14
C LEU B 341 -12.21 2.91 -9.11
N GLU B 342 -11.85 2.00 -10.02
CA GLU B 342 -12.73 1.41 -11.02
C GLU B 342 -13.42 0.13 -10.48
N LEU B 343 -12.80 -0.55 -9.47
CA LEU B 343 -13.50 -1.64 -8.73
C LEU B 343 -14.46 -0.98 -7.72
N PRO B 344 -15.82 -1.21 -7.84
CA PRO B 344 -16.82 -0.57 -6.94
C PRO B 344 -16.61 -1.00 -5.47
N ARG B 345 -16.61 -0.01 -4.55
CA ARG B 345 -16.29 -0.23 -3.12
C ARG B 345 -17.21 -1.28 -2.46
N GLU B 346 -18.38 -1.51 -3.10
CA GLU B 346 -19.41 -2.49 -2.68
C GLU B 346 -18.80 -3.90 -2.51
N LEU B 347 -17.86 -4.28 -3.38
CA LEU B 347 -17.19 -5.60 -3.27
C LEU B 347 -16.11 -5.57 -2.16
N PHE B 348 -15.53 -4.37 -1.89
CA PHE B 348 -14.52 -4.18 -0.82
C PHE B 348 -15.22 -4.08 0.55
N GLU B 349 -16.51 -3.71 0.52
CA GLU B 349 -17.34 -3.46 1.71
C GLU B 349 -17.45 -4.72 2.59
N GLU B 350 -17.52 -5.89 1.95
CA GLU B 350 -17.64 -7.20 2.65
C GLU B 350 -16.45 -7.47 3.57
N GLN B 351 -15.31 -6.84 3.25
CA GLN B 351 -14.08 -6.92 4.03
C GLN B 351 -13.96 -5.69 4.98
N ALA B 352 -14.31 -4.49 4.47
CA ALA B 352 -14.16 -3.21 5.19
C ALA B 352 -15.13 -3.14 6.38
N LYS B 353 -16.46 -3.19 6.07
CA LYS B 353 -17.55 -3.21 7.07
C LYS B 353 -17.25 -4.27 8.13
N ARG B 354 -16.87 -5.46 7.65
CA ARG B 354 -16.50 -6.60 8.49
C ARG B 354 -15.37 -6.20 9.47
N ARG B 355 -14.30 -5.57 8.93
CA ARG B 355 -13.05 -5.31 9.68
C ARG B 355 -13.34 -4.35 10.85
N VAL B 356 -14.01 -3.23 10.53
CA VAL B 356 -14.27 -2.16 11.49
C VAL B 356 -15.36 -2.55 12.52
N VAL B 357 -16.39 -3.32 12.08
CA VAL B 357 -17.46 -3.81 12.99
C VAL B 357 -16.86 -4.84 13.98
N VAL B 358 -15.86 -5.64 13.53
CA VAL B 358 -15.09 -6.54 14.44
C VAL B 358 -14.37 -5.72 15.52
N GLY B 359 -13.62 -4.69 15.07
CA GLY B 359 -12.87 -3.81 15.98
C GLY B 359 -13.75 -3.10 17.00
N LEU B 360 -14.96 -2.73 16.57
CA LEU B 360 -15.95 -2.06 17.44
C LEU B 360 -16.61 -3.04 18.43
N LEU B 361 -17.24 -4.12 17.92
CA LEU B 361 -17.95 -5.13 18.76
C LEU B 361 -17.01 -5.74 19.82
N LEU B 362 -15.87 -6.27 19.33
CA LEU B 362 -14.89 -6.94 20.19
C LEU B 362 -14.18 -5.95 21.10
N GLY B 363 -14.03 -4.70 20.61
CA GLY B 363 -13.57 -3.57 21.43
C GLY B 363 -14.49 -3.34 22.62
N GLU B 364 -15.80 -3.35 22.35
CA GLU B 364 -16.84 -3.11 23.36
C GLU B 364 -16.81 -4.19 24.44
N VAL B 365 -16.53 -5.45 24.01
CA VAL B 365 -16.43 -6.59 24.93
C VAL B 365 -15.20 -6.43 25.84
N ILE B 366 -14.01 -6.23 25.24
CA ILE B 366 -12.73 -6.19 26.01
C ILE B 366 -12.62 -4.95 26.91
N ARG B 367 -13.40 -3.89 26.59
CA ARG B 367 -13.55 -2.73 27.49
C ARG B 367 -14.59 -3.02 28.60
N THR B 368 -15.88 -3.07 28.23
CA THR B 368 -17.01 -3.10 29.19
C THR B 368 -17.05 -4.41 30.04
N ASN B 369 -16.76 -5.55 29.39
CA ASN B 369 -16.81 -6.88 30.05
C ASN B 369 -15.50 -7.14 30.84
N GLU B 370 -14.51 -6.23 30.65
CA GLU B 370 -13.19 -6.27 31.32
C GLU B 370 -12.39 -7.51 30.88
N LEU B 371 -11.72 -7.39 29.72
CA LEU B 371 -10.82 -8.44 29.21
C LEU B 371 -9.41 -7.86 28.97
N LYS B 372 -8.40 -8.58 29.48
CA LYS B 372 -6.98 -8.31 29.28
C LYS B 372 -6.37 -9.54 28.59
N ALA B 373 -5.26 -9.37 27.84
CA ALA B 373 -4.54 -10.51 27.27
C ALA B 373 -3.82 -11.26 28.39
N ASP B 374 -4.55 -12.21 29.00
CA ASP B 374 -4.06 -13.04 30.12
C ASP B 374 -2.85 -13.85 29.67
N GLU B 375 -1.75 -13.78 30.46
CA GLU B 375 -0.47 -14.49 30.21
C GLU B 375 -0.70 -15.94 29.71
N GLU B 376 -1.64 -16.61 30.39
CA GLU B 376 -2.13 -17.97 30.08
C GLU B 376 -2.58 -18.07 28.61
N ARG B 377 -3.55 -17.22 28.24
CA ARG B 377 -4.29 -17.34 26.97
C ARG B 377 -3.41 -16.93 25.78
N VAL B 378 -2.69 -15.78 25.95
CA VAL B 378 -1.83 -15.21 24.91
C VAL B 378 -0.62 -16.14 24.63
N LYS B 379 0.07 -16.63 25.69
CA LYS B 379 1.20 -17.56 25.50
C LYS B 379 0.73 -18.96 25.08
N GLY B 380 -0.54 -19.30 25.39
CA GLY B 380 -1.15 -20.54 24.91
C GLY B 380 -1.31 -20.55 23.38
N LEU B 381 -1.82 -19.42 22.86
CA LEU B 381 -1.96 -19.16 21.41
C LEU B 381 -0.56 -19.20 20.75
N ILE B 382 0.39 -18.45 21.38
CA ILE B 382 1.78 -18.37 20.93
C ILE B 382 2.41 -19.77 20.87
N GLU B 383 2.14 -20.60 21.92
CA GLU B 383 2.67 -21.98 22.04
C GLU B 383 2.18 -22.82 20.84
N GLU B 384 0.85 -22.74 20.59
CA GLU B 384 0.17 -23.52 19.54
C GLU B 384 0.80 -23.22 18.16
N MET B 385 0.90 -21.92 17.81
CA MET B 385 1.48 -21.49 16.50
C MET B 385 3.03 -21.66 16.49
N ALA B 386 3.65 -21.68 17.69
CA ALA B 386 5.11 -21.84 17.85
C ALA B 386 5.55 -23.25 17.51
N SER B 387 4.66 -24.21 17.77
CA SER B 387 4.83 -25.63 17.38
C SER B 387 4.92 -25.81 15.84
N ALA B 388 4.56 -24.75 15.06
CA ALA B 388 4.67 -24.74 13.58
C ALA B 388 6.01 -24.12 13.12
N TYR B 389 6.79 -23.53 14.04
CA TYR B 389 8.10 -22.87 13.75
C TYR B 389 9.27 -23.89 13.89
N GLU B 390 10.51 -23.35 13.98
CA GLU B 390 11.74 -24.16 14.17
C GLU B 390 11.75 -24.87 15.53
N ASP B 391 11.36 -24.15 16.59
CA ASP B 391 11.42 -24.69 17.96
C ASP B 391 10.50 -23.85 18.89
N PRO B 392 9.39 -24.46 19.45
CA PRO B 392 8.29 -23.72 20.12
C PRO B 392 8.71 -22.78 21.28
N LYS B 393 9.41 -23.36 22.27
CA LYS B 393 9.71 -22.67 23.54
C LYS B 393 10.63 -21.47 23.32
N GLU B 394 11.43 -21.52 22.23
CA GLU B 394 12.24 -20.36 21.79
C GLU B 394 11.32 -19.18 21.40
N VAL B 395 10.27 -19.53 20.62
CA VAL B 395 9.32 -18.55 20.06
C VAL B 395 8.63 -17.83 21.22
N ILE B 396 8.12 -18.64 22.14
CA ILE B 396 7.40 -18.17 23.34
C ILE B 396 8.33 -17.28 24.22
N GLU B 397 9.58 -17.74 24.41
CA GLU B 397 10.60 -17.05 25.23
C GLU B 397 10.85 -15.61 24.75
N PHE B 398 11.23 -15.47 23.47
CA PHE B 398 11.59 -14.17 22.89
C PHE B 398 10.37 -13.25 22.74
N TYR B 399 9.23 -13.83 22.31
CA TYR B 399 7.97 -13.09 22.11
C TYR B 399 7.53 -12.42 23.43
N SER B 400 7.55 -13.21 24.53
CA SER B 400 7.14 -12.76 25.88
C SER B 400 8.13 -11.73 26.49
N LYS B 401 9.21 -11.41 25.77
CA LYS B 401 10.18 -10.35 26.16
C LYS B 401 10.08 -9.14 25.21
N ASN B 402 9.55 -9.36 24.00
CA ASN B 402 9.47 -8.31 22.97
C ASN B 402 8.08 -7.66 23.07
N LYS B 403 8.03 -6.50 23.74
CA LYS B 403 6.78 -5.85 24.19
C LYS B 403 5.94 -5.29 23.02
N GLU B 404 6.63 -4.78 21.99
CA GLU B 404 5.99 -4.24 20.77
C GLU B 404 5.36 -5.36 19.91
N LEU B 405 5.95 -6.56 19.97
CA LEU B 405 5.39 -7.77 19.33
C LEU B 405 4.22 -8.27 20.19
N MET B 406 4.43 -8.26 21.51
CA MET B 406 3.41 -8.67 22.49
C MET B 406 2.17 -7.77 22.39
N ASP B 407 2.37 -6.51 21.97
CA ASP B 407 1.27 -5.57 21.65
C ASP B 407 0.32 -6.20 20.60
N ASN B 408 0.92 -6.65 19.49
CA ASN B 408 0.17 -7.28 18.37
C ASN B 408 -0.51 -8.56 18.86
N MET B 409 0.24 -9.34 19.67
CA MET B 409 -0.26 -10.60 20.26
C MET B 409 -1.35 -10.34 21.32
N ARG B 410 -1.32 -9.17 21.96
CA ARG B 410 -2.35 -8.73 22.93
C ARG B 410 -3.64 -8.42 22.18
N ASN B 411 -3.49 -7.69 21.05
CA ASN B 411 -4.61 -7.28 20.19
C ASN B 411 -5.36 -8.51 19.65
N VAL B 412 -4.61 -9.44 19.01
CA VAL B 412 -5.19 -10.63 18.38
C VAL B 412 -5.74 -11.62 19.44
N ALA B 413 -5.06 -11.71 20.62
CA ALA B 413 -5.51 -12.58 21.73
C ALA B 413 -6.77 -12.03 22.38
N LEU B 414 -6.92 -10.69 22.34
CA LEU B 414 -8.12 -10.01 22.87
C LEU B 414 -9.30 -10.08 21.90
N GLU B 415 -9.04 -10.10 20.59
CA GLU B 415 -10.09 -10.35 19.59
C GLU B 415 -10.61 -11.78 19.74
N GLU B 416 -9.65 -12.73 19.83
CA GLU B 416 -9.91 -14.14 20.16
C GLU B 416 -10.82 -14.22 21.39
N GLN B 417 -10.31 -13.67 22.51
CA GLN B 417 -10.92 -13.80 23.83
C GLN B 417 -12.25 -13.04 23.95
N ALA B 418 -12.38 -11.96 23.15
CA ALA B 418 -13.64 -11.17 23.09
C ALA B 418 -14.75 -12.01 22.48
N VAL B 419 -14.38 -12.79 21.44
CA VAL B 419 -15.29 -13.77 20.85
C VAL B 419 -15.50 -14.96 21.81
N GLU B 420 -14.43 -15.47 22.45
CA GLU B 420 -14.53 -16.65 23.36
C GLU B 420 -15.43 -16.35 24.57
N ALA B 421 -15.43 -15.06 24.98
CA ALA B 421 -16.29 -14.55 26.07
C ALA B 421 -17.78 -14.67 25.68
N VAL B 422 -18.13 -14.23 24.45
CA VAL B 422 -19.53 -14.31 23.98
C VAL B 422 -19.89 -15.76 23.61
N LEU B 423 -18.89 -16.58 23.17
CA LEU B 423 -19.09 -18.02 22.86
C LEU B 423 -19.42 -18.82 24.11
N ALA B 424 -18.81 -18.38 25.24
CA ALA B 424 -19.07 -18.96 26.57
C ALA B 424 -20.53 -18.75 27.01
N LYS B 425 -21.25 -17.80 26.36
CA LYS B 425 -22.65 -17.49 26.66
C LYS B 425 -23.58 -17.83 25.46
N ALA B 426 -23.01 -17.95 24.25
CA ALA B 426 -23.79 -18.05 22.99
C ALA B 426 -24.39 -19.45 22.76
N LYS B 427 -25.21 -19.55 21.70
CA LYS B 427 -25.89 -20.79 21.31
C LYS B 427 -24.88 -21.74 20.61
N VAL B 428 -24.13 -22.50 21.42
CA VAL B 428 -23.11 -23.42 20.90
C VAL B 428 -23.74 -24.75 20.49
N THR B 429 -23.44 -25.19 19.28
CA THR B 429 -23.83 -26.48 18.73
C THR B 429 -22.60 -27.18 18.15
N GLU B 430 -22.08 -28.16 18.92
CA GLU B 430 -20.98 -29.03 18.50
C GLU B 430 -21.57 -30.34 17.97
N LYS B 431 -21.07 -30.78 16.82
CA LYS B 431 -21.56 -32.00 16.17
C LYS B 431 -20.39 -32.66 15.44
N GLU B 432 -20.30 -34.00 15.53
CA GLU B 432 -19.30 -34.77 14.76
C GLU B 432 -19.54 -34.55 13.26
N THR B 433 -18.46 -34.20 12.57
CA THR B 433 -18.45 -33.79 11.16
C THR B 433 -17.27 -34.49 10.45
N THR B 434 -17.37 -34.71 9.14
CA THR B 434 -16.26 -35.29 8.37
C THR B 434 -15.35 -34.17 7.84
N PHE B 435 -14.08 -34.53 7.57
CA PHE B 435 -13.05 -33.64 7.00
C PHE B 435 -13.55 -32.95 5.70
N ASN B 436 -14.31 -33.74 4.91
CA ASN B 436 -14.86 -33.31 3.62
C ASN B 436 -15.86 -32.15 3.77
N GLU B 437 -16.81 -32.31 4.72
CA GLU B 437 -17.88 -31.32 4.98
C GLU B 437 -17.32 -29.99 5.53
N LEU B 438 -16.20 -30.10 6.26
CA LEU B 438 -15.49 -28.94 6.84
C LEU B 438 -14.95 -28.02 5.72
N MET B 439 -14.38 -28.66 4.68
CA MET B 439 -13.73 -27.97 3.55
C MET B 439 -14.56 -28.09 2.26
N ASN B 440 -15.85 -28.43 2.41
CA ASN B 440 -16.82 -28.51 1.29
C ASN B 440 -17.09 -27.11 0.71
N GLN B 441 -17.03 -26.09 1.59
CA GLN B 441 -17.24 -24.68 1.22
C GLN B 441 -15.99 -24.05 0.54
N GLN B 442 -14.90 -24.84 0.42
CA GLN B 442 -13.67 -24.40 -0.26
C GLN B 442 -13.74 -24.80 -1.74
N ALA B 443 -13.72 -26.12 -1.99
CA ALA B 443 -13.70 -26.68 -3.35
C ALA B 443 -15.10 -26.61 -4.01
N MET A 12 12.65 -25.92 7.60
CA MET A 12 12.73 -25.46 6.20
C MET A 12 14.20 -25.31 5.76
N GLN A 13 14.50 -25.74 4.52
CA GLN A 13 15.86 -25.68 3.94
C GLN A 13 16.31 -24.21 3.73
N VAL A 14 16.98 -23.66 4.75
CA VAL A 14 17.47 -22.26 4.75
C VAL A 14 18.95 -22.22 5.14
N SER A 15 19.64 -21.15 4.74
CA SER A 15 21.09 -21.02 4.92
C SER A 15 21.52 -19.55 4.77
N VAL A 16 22.09 -18.97 5.86
CA VAL A 16 22.58 -17.57 5.86
C VAL A 16 24.07 -17.51 5.44
N GLU A 17 24.30 -16.94 4.25
CA GLU A 17 25.63 -16.62 3.71
C GLU A 17 26.04 -15.19 4.17
N THR A 18 27.31 -14.81 3.95
CA THR A 18 27.81 -13.45 4.16
C THR A 18 28.20 -12.84 2.80
N THR A 19 27.55 -11.73 2.43
CA THR A 19 27.84 -10.98 1.21
C THR A 19 29.14 -10.18 1.40
N GLN A 20 29.19 -9.40 2.49
CA GLN A 20 30.33 -8.54 2.85
C GLN A 20 30.18 -8.10 4.32
N GLY A 21 30.83 -8.85 5.24
CA GLY A 21 30.92 -8.51 6.67
C GLY A 21 29.56 -8.29 7.36
N LEU A 22 29.16 -7.00 7.46
CA LEU A 22 27.84 -6.59 8.00
C LEU A 22 26.73 -7.20 7.11
N GLY A 23 26.92 -7.04 5.79
CA GLY A 23 26.03 -7.56 4.77
C GLY A 23 25.96 -9.09 4.76
N ARG A 24 24.93 -9.63 5.40
CA ARG A 24 24.61 -11.07 5.38
C ARG A 24 23.49 -11.34 4.39
N ARG A 25 23.18 -12.62 4.19
CA ARG A 25 22.28 -13.08 3.12
C ARG A 25 21.56 -14.37 3.53
N VAL A 26 20.37 -14.23 4.15
CA VAL A 26 19.53 -15.39 4.50
C VAL A 26 18.86 -15.93 3.22
N THR A 27 19.49 -16.97 2.64
CA THR A 27 19.01 -17.62 1.42
C THR A 27 18.05 -18.77 1.80
N ILE A 28 16.79 -18.64 1.37
CA ILE A 28 15.69 -19.56 1.74
C ILE A 28 15.16 -20.29 0.51
N THR A 29 15.18 -21.64 0.55
CA THR A 29 14.59 -22.49 -0.49
C THR A 29 13.22 -23.00 -0.02
N ILE A 30 12.14 -22.53 -0.67
CA ILE A 30 10.79 -23.07 -0.44
C ILE A 30 10.44 -24.03 -1.60
N ALA A 31 9.93 -25.22 -1.26
CA ALA A 31 9.60 -26.27 -2.23
C ALA A 31 8.49 -25.81 -3.19
N ALA A 32 8.51 -26.37 -4.42
CA ALA A 32 7.59 -26.03 -5.52
C ALA A 32 6.13 -26.19 -5.10
N ASP A 33 5.80 -27.41 -4.66
CA ASP A 33 4.43 -27.78 -4.25
C ASP A 33 4.06 -27.16 -2.90
N SER A 34 5.07 -26.76 -2.10
CA SER A 34 4.83 -26.06 -0.82
C SER A 34 4.29 -24.63 -1.10
N ILE A 35 4.71 -24.05 -2.24
CA ILE A 35 4.19 -22.76 -2.73
C ILE A 35 2.87 -22.97 -3.47
N GLU A 36 2.85 -23.94 -4.40
CA GLU A 36 1.71 -24.15 -5.31
C GLU A 36 0.47 -24.65 -4.57
N THR A 37 0.65 -25.48 -3.53
CA THR A 37 -0.46 -25.94 -2.68
C THR A 37 -0.91 -24.81 -1.74
N ALA A 38 -0.01 -23.86 -1.44
CA ALA A 38 -0.37 -22.60 -0.74
C ALA A 38 -1.18 -21.69 -1.68
N VAL A 39 -0.89 -21.75 -3.00
CA VAL A 39 -1.67 -21.02 -4.04
C VAL A 39 -3.08 -21.64 -4.16
N LYS A 40 -3.12 -23.00 -4.28
CA LYS A 40 -4.38 -23.77 -4.35
C LYS A 40 -5.24 -23.50 -3.09
N SER A 41 -4.55 -23.52 -1.93
CA SER A 41 -5.17 -23.31 -0.62
C SER A 41 -5.81 -21.93 -0.54
N GLU A 42 -5.00 -20.88 -0.65
CA GLU A 42 -5.47 -19.49 -0.46
C GLU A 42 -6.50 -19.08 -1.52
N LEU A 43 -6.39 -19.65 -2.75
CA LEU A 43 -7.41 -19.47 -3.81
C LEU A 43 -8.77 -20.05 -3.36
N VAL A 44 -8.81 -21.38 -3.06
CA VAL A 44 -10.08 -22.07 -2.71
C VAL A 44 -10.65 -21.50 -1.38
N ASN A 45 -9.75 -21.09 -0.45
CA ASN A 45 -10.12 -20.51 0.84
C ASN A 45 -10.87 -19.19 0.63
N VAL A 46 -10.18 -18.20 -0.01
CA VAL A 46 -10.77 -16.87 -0.25
C VAL A 46 -12.04 -16.98 -1.11
N ALA A 47 -12.06 -17.98 -2.00
CA ALA A 47 -13.20 -18.26 -2.86
C ALA A 47 -14.39 -18.87 -2.07
N LYS A 48 -14.11 -19.67 -1.02
CA LYS A 48 -15.17 -20.28 -0.17
C LYS A 48 -15.80 -19.20 0.72
N LYS A 49 -14.92 -18.37 1.31
CA LYS A 49 -15.31 -17.34 2.26
C LYS A 49 -16.13 -16.24 1.56
N VAL A 50 -15.56 -15.72 0.46
CA VAL A 50 -16.21 -14.69 -0.39
C VAL A 50 -17.36 -15.31 -1.25
N ARG A 51 -17.53 -16.65 -1.12
CA ARG A 51 -18.78 -17.38 -1.51
C ARG A 51 -18.87 -17.69 -3.02
N ILE A 52 -17.82 -17.33 -3.78
CA ILE A 52 -17.82 -17.40 -5.26
C ILE A 52 -16.81 -18.45 -5.78
N ASP A 53 -16.71 -19.58 -5.05
CA ASP A 53 -15.74 -20.66 -5.31
C ASP A 53 -16.00 -21.40 -6.64
N GLY A 54 -15.03 -21.32 -7.58
CA GLY A 54 -15.18 -21.87 -8.92
C GLY A 54 -16.19 -21.09 -9.74
N PHE A 55 -17.42 -21.61 -9.82
CA PHE A 55 -18.60 -20.90 -10.37
C PHE A 55 -19.73 -20.83 -9.33
N ARG A 56 -19.38 -21.16 -8.06
CA ARG A 56 -20.30 -21.37 -6.90
C ARG A 56 -21.53 -22.23 -7.24
N LYS A 57 -21.34 -23.11 -8.25
CA LYS A 57 -22.32 -24.08 -8.77
C LYS A 57 -21.54 -25.37 -9.01
N GLY A 58 -20.47 -25.22 -9.82
CA GLY A 58 -19.41 -26.20 -9.92
C GLY A 58 -18.18 -25.75 -9.13
N LYS A 59 -17.28 -26.69 -8.83
CA LYS A 59 -16.07 -26.43 -8.00
C LYS A 59 -14.89 -26.00 -8.87
N VAL A 60 -14.69 -26.71 -10.02
CA VAL A 60 -13.62 -26.42 -10.99
C VAL A 60 -12.19 -26.62 -10.37
N PRO A 61 -11.55 -27.83 -10.57
CA PRO A 61 -10.29 -28.27 -9.90
C PRO A 61 -9.23 -27.15 -9.71
N MET A 62 -9.17 -26.61 -8.47
CA MET A 62 -8.29 -25.47 -8.11
C MET A 62 -6.79 -25.79 -8.33
N ASN A 63 -6.46 -27.09 -8.28
CA ASN A 63 -5.12 -27.66 -8.59
C ASN A 63 -4.55 -27.07 -9.90
N ILE A 64 -5.35 -27.15 -10.98
CA ILE A 64 -4.93 -26.67 -12.32
C ILE A 64 -5.43 -25.25 -12.63
N VAL A 65 -6.39 -24.73 -11.83
CA VAL A 65 -6.81 -23.30 -11.92
C VAL A 65 -5.64 -22.38 -11.55
N ALA A 66 -4.92 -22.79 -10.50
CA ALA A 66 -3.66 -22.13 -10.08
C ALA A 66 -2.63 -22.16 -11.23
N GLN A 67 -2.46 -23.34 -11.82
CA GLN A 67 -1.43 -23.61 -12.84
C GLN A 67 -1.78 -22.97 -14.22
N ARG A 68 -3.08 -22.77 -14.49
CA ARG A 68 -3.56 -22.19 -15.78
C ARG A 68 -3.53 -20.65 -15.74
N TYR A 69 -4.17 -20.05 -14.72
CA TYR A 69 -4.34 -18.57 -14.65
C TYR A 69 -4.33 -18.05 -13.19
N GLY A 70 -3.68 -18.79 -12.28
CA GLY A 70 -3.49 -18.34 -10.90
C GLY A 70 -2.08 -17.80 -10.69
N ALA A 71 -1.59 -17.02 -11.67
CA ALA A 71 -0.24 -16.42 -11.64
C ALA A 71 -0.27 -15.03 -10.95
N SER A 72 -1.45 -14.38 -10.96
CA SER A 72 -1.66 -13.07 -10.33
C SER A 72 -1.60 -13.17 -8.80
N VAL A 73 -2.30 -14.19 -8.27
CA VAL A 73 -2.36 -14.48 -6.83
C VAL A 73 -0.99 -14.93 -6.26
N ARG A 74 -0.03 -15.29 -7.16
CA ARG A 74 1.35 -15.64 -6.75
C ARG A 74 2.03 -14.47 -5.99
N GLN A 75 1.62 -13.22 -6.29
CA GLN A 75 2.13 -12.03 -5.58
C GLN A 75 1.68 -12.04 -4.10
N ASP A 76 0.41 -12.41 -3.90
CA ASP A 76 -0.23 -12.51 -2.56
C ASP A 76 0.40 -13.65 -1.75
N VAL A 77 0.56 -14.82 -2.43
CA VAL A 77 1.11 -16.05 -1.81
C VAL A 77 2.59 -15.84 -1.44
N LEU A 78 3.44 -15.52 -2.45
CA LEU A 78 4.87 -15.21 -2.23
C LEU A 78 5.03 -14.04 -1.24
N GLY A 79 4.06 -13.11 -1.24
CA GLY A 79 3.98 -12.02 -0.26
C GLY A 79 3.78 -12.54 1.17
N ASP A 80 2.96 -13.59 1.31
CA ASP A 80 2.72 -14.26 2.62
C ASP A 80 3.97 -15.06 3.05
N LEU A 81 4.64 -15.67 2.06
CA LEU A 81 5.79 -16.56 2.28
C LEU A 81 7.05 -15.75 2.69
N MET A 82 7.27 -14.59 2.05
CA MET A 82 8.44 -13.72 2.36
C MET A 82 8.24 -12.97 3.70
N SER A 83 7.08 -13.21 4.35
CA SER A 83 6.82 -12.74 5.71
C SER A 83 6.94 -13.93 6.71
N ARG A 84 6.23 -15.04 6.40
CA ARG A 84 6.10 -16.21 7.29
C ARG A 84 7.40 -17.02 7.32
N ASN A 85 7.87 -17.44 6.13
CA ASN A 85 9.07 -18.27 5.98
C ASN A 85 10.33 -17.48 6.34
N PHE A 86 10.31 -16.18 6.02
CA PHE A 86 11.36 -15.24 6.43
C PHE A 86 11.45 -15.20 7.96
N ILE A 87 10.34 -14.81 8.64
CA ILE A 87 10.33 -14.61 10.10
C ILE A 87 10.69 -15.92 10.84
N ASP A 88 10.29 -17.05 10.23
CA ASP A 88 10.62 -18.41 10.68
C ASP A 88 12.15 -18.61 10.71
N ALA A 89 12.75 -18.65 9.51
CA ALA A 89 14.16 -19.03 9.30
C ALA A 89 15.14 -18.23 10.18
N ILE A 90 14.91 -16.92 10.24
CA ILE A 90 15.82 -15.96 10.85
C ILE A 90 15.92 -16.10 12.39
N ILE A 91 14.94 -16.79 13.00
CA ILE A 91 14.84 -16.96 14.46
C ILE A 91 16.02 -17.77 15.04
N LYS A 92 16.43 -18.82 14.31
CA LYS A 92 17.46 -19.77 14.78
C LYS A 92 18.85 -19.10 14.88
N GLU A 93 19.15 -18.17 13.94
CA GLU A 93 20.44 -17.45 13.90
C GLU A 93 20.39 -16.12 14.66
N LYS A 94 19.19 -15.75 15.18
CA LYS A 94 18.94 -14.44 15.85
C LYS A 94 19.22 -13.27 14.87
N ILE A 95 18.88 -13.49 13.60
CA ILE A 95 18.98 -12.47 12.54
C ILE A 95 18.12 -11.26 12.89
N ASN A 96 18.77 -10.20 13.37
CA ASN A 96 18.15 -8.89 13.61
C ASN A 96 18.63 -7.92 12.52
N PRO A 97 17.84 -7.74 11.41
CA PRO A 97 18.21 -6.82 10.31
C PRO A 97 18.09 -5.35 10.75
N ALA A 98 18.84 -4.47 10.07
CA ALA A 98 18.79 -3.04 10.33
C ALA A 98 17.48 -2.44 9.80
N GLY A 99 16.46 -2.40 10.68
CA GLY A 99 15.14 -1.86 10.35
C GLY A 99 14.36 -2.76 9.39
N ALA A 100 14.68 -2.63 8.08
CA ALA A 100 14.06 -3.40 7.00
C ALA A 100 15.17 -4.08 6.15
N PRO A 101 15.08 -5.42 5.89
CA PRO A 101 16.05 -6.13 5.04
C PRO A 101 15.73 -5.99 3.53
N THR A 102 16.78 -6.04 2.70
CA THR A 102 16.68 -6.00 1.24
C THR A 102 16.33 -7.41 0.69
N TYR A 103 15.02 -7.62 0.43
CA TYR A 103 14.52 -8.81 -0.27
C TYR A 103 14.97 -8.78 -1.75
N VAL A 104 15.89 -9.68 -2.11
CA VAL A 104 16.32 -9.89 -3.50
C VAL A 104 15.72 -11.24 -3.98
N PRO A 105 14.49 -11.22 -4.58
CA PRO A 105 13.81 -12.44 -5.03
C PRO A 105 14.22 -12.84 -6.46
N GLY A 106 13.53 -13.85 -7.00
CA GLY A 106 13.64 -14.22 -8.41
C GLY A 106 12.35 -13.95 -9.13
N GLU A 107 12.42 -13.84 -10.48
CA GLU A 107 11.22 -13.82 -11.33
C GLU A 107 10.56 -15.21 -11.21
N TYR A 108 9.24 -15.26 -10.91
CA TYR A 108 8.56 -16.52 -10.53
C TYR A 108 8.74 -17.61 -11.61
N LYS A 109 9.57 -18.59 -11.26
CA LYS A 109 9.77 -19.80 -12.05
C LYS A 109 8.51 -20.67 -11.88
N LEU A 110 7.82 -20.98 -13.01
CA LEU A 110 6.46 -21.59 -13.01
C LEU A 110 6.42 -22.95 -12.28
N GLY A 111 6.27 -22.88 -10.94
CA GLY A 111 6.16 -24.05 -10.09
C GLY A 111 7.46 -24.82 -9.93
N GLU A 112 8.46 -24.15 -9.33
CA GLU A 112 9.77 -24.78 -9.04
C GLU A 112 10.27 -24.28 -7.67
N ASP A 113 11.19 -25.06 -7.04
CA ASP A 113 11.74 -24.78 -5.69
C ASP A 113 12.35 -23.37 -5.65
N PHE A 114 11.57 -22.41 -5.11
CA PHE A 114 11.89 -20.98 -5.20
C PHE A 114 12.88 -20.60 -4.09
N THR A 115 14.14 -20.44 -4.51
CA THR A 115 15.25 -20.02 -3.66
C THR A 115 15.42 -18.49 -3.78
N TYR A 116 15.00 -17.75 -2.76
CA TYR A 116 15.14 -16.27 -2.74
C TYR A 116 16.20 -15.85 -1.71
N SER A 117 16.80 -14.68 -1.96
CA SER A 117 17.87 -14.13 -1.13
C SER A 117 17.31 -12.97 -0.30
N VAL A 118 17.60 -12.95 1.02
CA VAL A 118 17.32 -11.79 1.87
C VAL A 118 18.65 -11.20 2.35
N GLU A 119 19.09 -10.14 1.69
CA GLU A 119 20.34 -9.44 2.05
C GLU A 119 20.02 -8.26 2.98
N PHE A 120 20.96 -7.94 3.86
CA PHE A 120 20.77 -6.94 4.93
C PHE A 120 22.09 -6.77 5.66
N GLU A 121 22.21 -5.72 6.44
CA GLU A 121 23.25 -5.58 7.46
C GLU A 121 22.57 -5.73 8.82
N VAL A 122 23.30 -6.32 9.79
CA VAL A 122 22.86 -6.38 11.19
C VAL A 122 22.70 -4.95 11.75
N TYR A 123 21.67 -4.73 12.59
CA TYR A 123 21.38 -3.41 13.16
C TYR A 123 22.51 -3.00 14.13
N PRO A 124 23.34 -1.97 13.78
CA PRO A 124 24.50 -1.57 14.58
C PRO A 124 24.14 -0.49 15.62
N GLU A 125 25.18 0.04 16.28
CA GLU A 125 25.07 1.18 17.19
C GLU A 125 25.24 2.50 16.41
N VAL A 126 25.25 3.61 17.14
CA VAL A 126 25.45 4.96 16.60
C VAL A 126 26.07 5.87 17.68
N GLU A 127 26.94 6.79 17.25
CA GLU A 127 27.55 7.82 18.10
C GLU A 127 27.29 9.18 17.45
N LEU A 128 27.21 10.25 18.27
CA LEU A 128 27.13 11.65 17.81
C LEU A 128 28.20 12.48 18.52
N GLN A 129 28.75 13.50 17.84
CA GLN A 129 29.84 14.32 18.39
C GLN A 129 29.86 15.71 17.73
N GLY A 130 30.52 16.68 18.39
CA GLY A 130 30.64 18.05 17.88
C GLY A 130 29.50 18.95 18.32
N LEU A 131 28.70 18.46 19.31
CA LEU A 131 27.45 19.10 19.80
C LEU A 131 27.64 20.62 20.03
N GLU A 132 28.60 20.97 20.89
CA GLU A 132 28.88 22.37 21.27
C GLU A 132 29.91 23.04 20.34
N ALA A 133 30.39 22.30 19.32
CA ALA A 133 31.32 22.81 18.30
C ALA A 133 30.55 23.41 17.10
N ILE A 134 29.36 22.85 16.82
CA ILE A 134 28.49 23.24 15.69
C ILE A 134 28.15 24.75 15.71
N GLU A 135 28.61 25.50 14.67
CA GLU A 135 28.21 26.91 14.45
C GLU A 135 26.73 26.96 14.08
N VAL A 136 25.88 27.08 15.10
CA VAL A 136 24.43 27.17 14.96
C VAL A 136 24.02 28.58 14.54
N GLU A 137 23.52 28.72 13.30
CA GLU A 137 23.16 30.02 12.73
C GLU A 137 21.83 30.48 13.33
N LYS A 138 21.92 31.44 14.27
CA LYS A 138 20.77 32.13 14.83
C LYS A 138 20.43 33.35 13.93
N PRO A 139 19.40 33.26 13.03
CA PRO A 139 19.05 34.35 12.11
C PRO A 139 18.28 35.48 12.82
N ILE A 140 19.02 36.52 13.22
CA ILE A 140 18.45 37.74 13.82
C ILE A 140 17.88 38.61 12.69
N VAL A 141 16.60 38.36 12.40
CA VAL A 141 15.85 38.98 11.29
C VAL A 141 14.60 39.67 11.85
N GLU A 142 14.10 40.67 11.12
CA GLU A 142 12.82 41.35 11.44
C GLU A 142 12.11 41.69 10.13
N VAL A 143 10.77 41.53 10.10
CA VAL A 143 9.94 41.98 8.97
C VAL A 143 9.83 43.52 9.05
N THR A 144 10.85 44.19 8.52
CA THR A 144 10.93 45.64 8.48
C THR A 144 10.36 46.13 7.14
N ASP A 145 9.88 47.38 7.08
CA ASP A 145 9.34 47.96 5.83
C ASP A 145 10.41 48.14 4.75
N ALA A 146 11.69 48.11 5.15
CA ALA A 146 12.83 48.01 4.21
C ALA A 146 12.79 46.67 3.48
N ASP A 147 12.57 45.59 4.25
CA ASP A 147 12.47 44.21 3.73
C ASP A 147 11.20 44.05 2.88
N VAL A 148 10.07 44.60 3.38
CA VAL A 148 8.76 44.49 2.71
C VAL A 148 8.80 45.22 1.36
N ASP A 149 9.17 46.52 1.40
CA ASP A 149 9.16 47.41 0.21
C ASP A 149 10.23 46.97 -0.82
N GLY A 150 11.42 46.57 -0.32
CA GLY A 150 12.50 46.08 -1.18
C GLY A 150 12.14 44.78 -1.89
N MET A 151 11.63 43.80 -1.13
CA MET A 151 11.20 42.50 -1.66
C MET A 151 10.03 42.70 -2.63
N LEU A 152 9.16 43.68 -2.34
CA LEU A 152 7.95 43.97 -3.13
C LEU A 152 8.33 44.56 -4.50
N ASP A 153 9.33 45.45 -4.51
CA ASP A 153 9.94 45.98 -5.74
C ASP A 153 10.47 44.80 -6.57
N THR A 154 11.33 43.98 -5.95
CA THR A 154 11.90 42.78 -6.57
C THR A 154 10.80 41.77 -7.01
N LEU A 155 9.65 41.77 -6.29
CA LEU A 155 8.51 40.86 -6.57
C LEU A 155 7.79 41.26 -7.87
N ARG A 156 7.48 42.57 -8.00
CA ARG A 156 6.81 43.11 -9.21
C ARG A 156 7.79 43.17 -10.39
N LYS A 157 9.11 43.04 -10.12
CA LYS A 157 10.12 42.86 -11.16
C LYS A 157 10.27 41.38 -11.59
N GLN A 158 10.13 40.43 -10.64
CA GLN A 158 10.19 38.97 -10.93
C GLN A 158 8.87 38.50 -11.58
N GLN A 159 7.78 39.20 -11.27
CA GLN A 159 6.45 38.93 -11.85
C GLN A 159 5.99 40.17 -12.65
N ALA A 160 6.98 40.79 -13.32
CA ALA A 160 6.75 41.90 -14.25
C ALA A 160 5.89 41.48 -15.44
N THR A 161 4.93 42.34 -15.82
CA THR A 161 3.97 42.07 -16.90
C THR A 161 4.69 41.91 -18.25
N TRP A 162 4.08 41.16 -19.16
CA TRP A 162 4.71 40.79 -20.43
C TRP A 162 4.11 41.60 -21.57
N LYS A 163 4.87 42.59 -22.05
CA LYS A 163 4.59 43.27 -23.32
C LYS A 163 5.18 42.41 -24.44
N GLU A 164 4.47 42.28 -25.58
CA GLU A 164 4.95 41.48 -26.72
C GLU A 164 6.23 42.10 -27.34
N LYS A 165 7.02 41.26 -28.04
CA LYS A 165 8.33 41.67 -28.59
C LYS A 165 8.44 41.37 -30.09
N ASP A 166 8.82 42.40 -30.87
CA ASP A 166 9.21 42.26 -32.29
C ASP A 166 10.71 42.50 -32.42
N GLY A 167 11.49 41.41 -32.53
CA GLY A 167 12.93 41.48 -32.68
C GLY A 167 13.62 40.16 -32.37
N ALA A 168 14.96 40.19 -32.34
CA ALA A 168 15.78 39.02 -31.98
C ALA A 168 15.67 38.72 -30.49
N VAL A 169 15.55 37.43 -30.15
CA VAL A 169 15.42 36.95 -28.76
C VAL A 169 16.73 37.17 -27.97
N GLU A 170 16.61 37.44 -26.66
CA GLU A 170 17.75 37.44 -25.71
C GLU A 170 17.42 36.53 -24.52
N ALA A 171 18.44 36.30 -23.67
CA ALA A 171 18.30 35.50 -22.44
C ALA A 171 17.58 36.30 -21.34
N GLU A 172 17.33 37.60 -21.59
CA GLU A 172 16.57 38.48 -20.68
C GLU A 172 15.20 38.85 -21.29
N ASP A 173 14.60 37.92 -22.05
CA ASP A 173 13.23 38.06 -22.57
C ASP A 173 12.37 36.85 -22.17
N ARG A 174 11.13 36.82 -22.68
CA ARG A 174 10.23 35.67 -22.60
C ARG A 174 10.09 35.08 -23.99
N VAL A 175 10.30 33.78 -24.13
CA VAL A 175 10.21 33.10 -25.43
C VAL A 175 9.43 31.79 -25.27
N THR A 176 8.14 31.86 -25.65
CA THR A 176 7.24 30.72 -25.66
C THR A 176 7.51 29.86 -26.91
N ILE A 177 8.02 28.64 -26.69
CA ILE A 177 8.35 27.70 -27.76
C ILE A 177 7.72 26.33 -27.49
N ASP A 178 7.42 25.60 -28.54
CA ASP A 178 7.12 24.17 -28.46
C ASP A 178 8.28 23.44 -29.14
N PHE A 179 9.10 22.74 -28.34
CA PHE A 179 10.32 22.08 -28.84
C PHE A 179 10.23 20.58 -28.61
N THR A 180 10.88 19.81 -29.51
CA THR A 180 10.99 18.36 -29.39
C THR A 180 12.47 17.96 -29.49
N GLY A 181 12.96 17.30 -28.42
CA GLY A 181 14.36 16.89 -28.33
C GLY A 181 14.57 15.44 -28.71
N SER A 182 15.71 15.17 -29.36
CA SER A 182 16.13 13.82 -29.71
C SER A 182 17.58 13.61 -29.23
N VAL A 183 17.71 12.88 -28.12
CA VAL A 183 19.01 12.59 -27.49
C VAL A 183 19.55 11.28 -28.07
N ASP A 184 20.77 11.32 -28.66
CA ASP A 184 21.42 10.14 -29.30
C ASP A 184 20.62 9.72 -30.57
N GLY A 185 19.81 10.66 -31.10
CA GLY A 185 18.89 10.38 -32.21
C GLY A 185 17.62 9.67 -31.76
N GLU A 186 17.37 9.67 -30.44
CA GLU A 186 16.17 9.05 -29.82
C GLU A 186 15.31 10.14 -29.18
N GLU A 187 14.03 10.23 -29.62
CA GLU A 187 13.02 11.05 -28.95
C GLU A 187 12.74 10.42 -27.57
N PHE A 188 13.40 10.96 -26.54
CA PHE A 188 13.39 10.43 -25.16
C PHE A 188 12.01 10.60 -24.49
N GLU A 189 11.86 9.98 -23.31
CA GLU A 189 10.64 10.05 -22.50
C GLU A 189 10.42 11.48 -21.99
N GLY A 190 9.35 12.12 -22.50
CA GLY A 190 9.15 13.56 -22.30
C GLY A 190 10.08 14.37 -23.18
N GLY A 191 10.32 13.89 -24.42
CA GLY A 191 11.21 14.56 -25.39
C GLY A 191 10.50 15.62 -26.21
N LYS A 192 9.59 16.35 -25.56
CA LYS A 192 8.78 17.42 -26.15
C LYS A 192 8.05 18.17 -25.01
N ALA A 193 8.03 19.51 -25.11
CA ALA A 193 7.32 20.37 -24.17
C ALA A 193 6.48 21.38 -24.98
N SER A 194 5.20 21.01 -25.20
CA SER A 194 4.25 21.82 -25.97
C SER A 194 3.83 23.08 -25.16
N ASP A 195 3.99 24.26 -25.81
CA ASP A 195 3.71 25.59 -25.22
C ASP A 195 4.61 25.85 -23.99
N PHE A 196 5.85 25.34 -24.04
CA PHE A 196 6.90 25.68 -23.08
C PHE A 196 7.22 27.17 -23.20
N VAL A 197 7.75 27.78 -22.13
CA VAL A 197 8.18 29.17 -22.18
C VAL A 197 9.40 29.41 -21.28
N LEU A 198 10.45 29.95 -21.90
CA LEU A 198 11.65 30.42 -21.19
C LEU A 198 11.43 31.89 -20.81
N ALA A 199 10.95 32.11 -19.58
CA ALA A 199 10.86 33.44 -18.99
C ALA A 199 12.14 33.73 -18.19
N MET A 200 12.68 34.93 -18.37
CA MET A 200 13.85 35.40 -17.60
C MET A 200 13.46 35.70 -16.13
N GLY A 201 14.46 36.04 -15.31
CA GLY A 201 14.31 36.07 -13.85
C GLY A 201 14.94 34.81 -13.26
N GLN A 202 14.73 33.70 -13.98
CA GLN A 202 15.42 32.43 -13.76
C GLN A 202 16.80 32.46 -14.43
N GLY A 203 17.77 31.74 -13.82
CA GLY A 203 19.09 31.51 -14.42
C GLY A 203 19.03 30.72 -15.73
N ARG A 204 20.03 30.92 -16.59
CA ARG A 204 20.06 30.42 -17.98
C ARG A 204 20.11 28.89 -18.06
N MET A 205 19.58 28.34 -19.18
CA MET A 205 19.49 26.90 -19.43
C MET A 205 20.84 26.31 -19.89
N ILE A 206 20.88 24.96 -20.06
CA ILE A 206 22.08 24.17 -20.44
C ILE A 206 22.87 24.78 -21.64
N PRO A 207 24.25 24.62 -21.66
CA PRO A 207 25.12 25.20 -22.71
C PRO A 207 24.66 24.80 -24.12
N GLY A 208 24.52 25.81 -24.99
CA GLY A 208 24.06 25.64 -26.36
C GLY A 208 22.59 26.00 -26.53
N PHE A 209 21.75 25.65 -25.51
CA PHE A 209 20.28 25.76 -25.62
C PHE A 209 19.86 27.23 -25.76
N GLU A 210 19.92 28.01 -24.64
CA GLU A 210 19.48 29.42 -24.64
C GLU A 210 20.32 30.29 -25.60
N ASP A 211 21.52 29.78 -25.92
CA ASP A 211 22.46 30.39 -26.87
C ASP A 211 21.89 30.32 -28.31
N GLY A 212 21.24 29.19 -28.62
CA GLY A 212 20.58 29.01 -29.92
C GLY A 212 19.27 29.77 -29.99
N ILE A 213 18.53 29.75 -28.87
CA ILE A 213 17.27 30.49 -28.69
C ILE A 213 17.46 31.98 -29.00
N LYS A 214 18.48 32.58 -28.35
CA LYS A 214 18.80 34.01 -28.53
C LYS A 214 19.69 34.25 -29.75
N GLY A 215 19.90 33.20 -30.58
CA GLY A 215 20.68 33.32 -31.80
C GLY A 215 19.81 33.57 -33.01
N HIS A 216 18.49 33.81 -32.76
CA HIS A 216 17.46 33.92 -33.80
C HIS A 216 16.46 35.05 -33.48
N LYS A 217 15.62 35.36 -34.49
CA LYS A 217 14.60 36.42 -34.43
C LYS A 217 13.20 35.80 -34.38
N ALA A 218 12.30 36.46 -33.63
CA ALA A 218 10.97 35.94 -33.22
C ALA A 218 10.10 35.46 -34.40
N GLY A 219 9.50 34.27 -34.23
CA GLY A 219 8.54 33.70 -35.17
C GLY A 219 9.03 32.41 -35.84
N GLU A 220 10.27 32.44 -36.34
CA GLU A 220 10.83 31.36 -37.19
C GLU A 220 11.11 30.07 -36.41
N GLU A 221 11.15 28.94 -37.14
CA GLU A 221 11.43 27.61 -36.57
C GLU A 221 12.79 27.11 -37.06
N PHE A 222 13.49 26.37 -36.19
CA PHE A 222 14.87 25.89 -36.41
C PHE A 222 15.15 24.70 -35.45
N THR A 223 16.43 24.28 -35.33
CA THR A 223 16.84 23.19 -34.43
C THR A 223 18.25 23.48 -33.87
N ILE A 224 18.45 23.15 -32.58
CA ILE A 224 19.73 23.29 -31.88
C ILE A 224 20.14 21.92 -31.31
N ASP A 225 21.27 21.38 -31.79
CA ASP A 225 21.82 20.12 -31.27
C ASP A 225 22.81 20.47 -30.15
N VAL A 226 22.39 20.25 -28.89
CA VAL A 226 23.17 20.64 -27.71
C VAL A 226 23.42 19.41 -26.83
N THR A 227 24.69 19.20 -26.45
CA THR A 227 25.12 18.05 -25.65
C THR A 227 24.82 18.29 -24.16
N PHE A 228 24.09 17.34 -23.52
CA PHE A 228 23.76 17.41 -22.10
C PHE A 228 25.03 17.38 -21.21
N PRO A 229 25.11 18.30 -20.19
CA PRO A 229 26.25 18.35 -19.22
C PRO A 229 26.44 17.05 -18.43
N GLU A 230 27.66 16.79 -17.96
CA GLU A 230 27.94 15.67 -17.04
C GLU A 230 27.33 15.94 -15.65
N GLU A 231 26.95 17.20 -15.40
CA GLU A 231 26.22 17.61 -14.19
C GLU A 231 24.72 17.26 -14.29
N TYR A 232 24.25 16.86 -15.49
CA TYR A 232 22.83 16.52 -15.73
C TYR A 232 22.43 15.26 -14.92
N HIS A 233 21.10 15.13 -14.66
CA HIS A 233 20.51 14.08 -13.79
C HIS A 233 20.92 12.65 -14.21
N ALA A 234 20.45 12.24 -15.40
CA ALA A 234 20.57 10.85 -15.89
C ALA A 234 21.83 10.67 -16.74
N GLU A 235 22.51 9.53 -16.53
CA GLU A 235 23.74 9.14 -17.24
C GLU A 235 23.44 8.68 -18.68
N ASN A 236 22.15 8.43 -18.95
CA ASN A 236 21.62 8.11 -20.29
C ASN A 236 21.79 9.30 -21.24
N LEU A 237 21.21 10.45 -20.83
CA LEU A 237 21.08 11.63 -21.69
C LEU A 237 22.38 12.46 -21.71
N LYS A 238 23.16 12.43 -20.60
CA LYS A 238 24.41 13.22 -20.49
C LYS A 238 25.49 12.66 -21.47
N GLY A 239 26.28 13.56 -22.05
CA GLY A 239 27.31 13.18 -23.04
C GLY A 239 26.78 13.03 -24.45
N LYS A 240 25.45 12.83 -24.57
CA LYS A 240 24.77 12.67 -25.86
C LYS A 240 24.23 14.03 -26.35
N ALA A 241 24.40 14.31 -27.64
CA ALA A 241 23.86 15.51 -28.30
C ALA A 241 22.34 15.35 -28.52
N ALA A 242 21.60 16.42 -28.20
CA ALA A 242 20.13 16.42 -28.26
C ALA A 242 19.66 17.47 -29.24
N LYS A 243 19.07 17.01 -30.35
CA LYS A 243 18.57 17.90 -31.41
C LYS A 243 17.16 18.42 -31.03
N PHE A 244 17.14 19.62 -30.42
CA PHE A 244 15.92 20.31 -29.97
C PHE A 244 15.37 21.18 -31.11
N ALA A 245 14.30 20.69 -31.77
CA ALA A 245 13.62 21.44 -32.83
C ALA A 245 12.79 22.60 -32.23
N ILE A 246 13.43 23.78 -32.17
CA ILE A 246 12.86 24.97 -31.53
C ILE A 246 11.87 25.67 -32.46
N ASN A 247 10.61 25.76 -32.04
CA ASN A 247 9.55 26.42 -32.80
C ASN A 247 9.13 27.69 -32.05
N LEU A 248 9.66 28.87 -32.48
CA LEU A 248 9.35 30.18 -31.84
C LEU A 248 7.87 30.52 -32.02
N LYS A 249 7.03 30.11 -31.06
CA LYS A 249 5.60 30.39 -31.09
C LYS A 249 5.36 31.89 -30.84
N LYS A 250 5.69 32.32 -29.61
CA LYS A 250 5.51 33.72 -29.16
C LYS A 250 6.79 34.16 -28.47
N VAL A 251 7.17 35.43 -28.62
CA VAL A 251 8.31 36.04 -27.90
C VAL A 251 7.85 37.35 -27.29
N GLU A 252 7.71 37.36 -25.96
CA GLU A 252 7.36 38.55 -25.18
C GLU A 252 8.62 39.20 -24.60
N GLU A 253 8.42 40.26 -23.84
CA GLU A 253 9.47 41.13 -23.33
C GLU A 253 9.05 41.62 -21.93
N ARG A 254 10.04 41.78 -21.02
CA ARG A 254 9.80 42.25 -19.64
C ARG A 254 9.32 43.72 -19.64
N GLU A 255 8.24 43.97 -18.89
CA GLU A 255 7.69 45.30 -18.65
C GLU A 255 7.41 45.41 -17.15
N LEU A 256 8.25 46.20 -16.43
CA LEU A 256 8.10 46.41 -14.98
C LEU A 256 6.84 47.28 -14.73
N PRO A 257 5.73 46.70 -14.17
CA PRO A 257 4.44 47.38 -14.08
C PRO A 257 4.35 48.31 -12.85
N GLU A 258 3.56 49.37 -12.98
CA GLU A 258 3.17 50.20 -11.85
C GLU A 258 2.35 49.37 -10.86
N LEU A 259 2.61 49.57 -9.55
CA LEU A 259 2.02 48.74 -8.49
C LEU A 259 0.52 49.11 -8.33
N THR A 260 -0.29 48.63 -9.28
CA THR A 260 -1.69 49.02 -9.46
C THR A 260 -2.61 47.97 -8.83
N ALA A 261 -3.85 48.40 -8.50
CA ALA A 261 -4.86 47.56 -7.84
C ALA A 261 -5.17 46.26 -8.64
N GLU A 262 -4.98 46.32 -9.96
CA GLU A 262 -5.13 45.16 -10.86
C GLU A 262 -4.01 44.12 -10.62
N PHE A 263 -2.79 44.61 -10.33
CA PHE A 263 -1.64 43.73 -9.98
C PHE A 263 -1.89 43.13 -8.59
N ILE A 264 -2.28 44.01 -7.64
CA ILE A 264 -2.56 43.68 -6.23
C ILE A 264 -3.62 42.56 -6.12
N LYS A 265 -4.67 42.69 -6.96
CA LYS A 265 -5.82 41.77 -7.00
C LYS A 265 -5.37 40.33 -7.38
N ARG A 266 -4.29 40.23 -8.19
CA ARG A 266 -3.80 38.93 -8.73
C ARG A 266 -3.26 38.03 -7.59
N PHE A 267 -2.83 38.66 -6.49
CA PHE A 267 -2.30 37.97 -5.29
C PHE A 267 -3.42 37.57 -4.32
N GLY A 268 -4.68 37.71 -4.75
CA GLY A 268 -5.84 37.30 -3.96
C GLY A 268 -6.26 38.36 -2.96
N VAL A 269 -5.72 39.58 -3.10
CA VAL A 269 -6.06 40.71 -2.24
C VAL A 269 -7.40 41.33 -2.73
N GLU A 270 -8.48 40.96 -2.03
CA GLU A 270 -9.86 41.40 -2.33
C GLU A 270 -10.01 42.92 -2.07
N ASP A 271 -9.20 43.43 -1.13
CA ASP A 271 -9.13 44.86 -0.78
C ASP A 271 -8.77 45.72 -2.02
N GLY A 272 -7.87 45.19 -2.86
CA GLY A 272 -7.48 45.86 -4.11
C GLY A 272 -6.44 46.95 -3.94
N SER A 273 -6.63 47.84 -2.95
CA SER A 273 -5.68 48.92 -2.65
C SER A 273 -4.35 48.31 -2.14
N VAL A 274 -3.24 48.98 -2.47
CA VAL A 274 -1.88 48.51 -2.10
C VAL A 274 -1.73 48.40 -0.57
N GLU A 275 -2.52 49.21 0.17
CA GLU A 275 -2.56 49.16 1.66
C GLU A 275 -2.95 47.74 2.16
N GLY A 276 -3.84 47.07 1.40
CA GLY A 276 -4.22 45.68 1.69
C GLY A 276 -3.13 44.70 1.32
N LEU A 277 -2.31 45.08 0.31
CA LEU A 277 -1.20 44.24 -0.17
C LEU A 277 -0.09 44.26 0.89
N ARG A 278 0.15 45.45 1.47
CA ARG A 278 1.13 45.65 2.54
C ARG A 278 0.76 44.82 3.78
N ALA A 279 -0.55 44.78 4.07
CA ALA A 279 -1.11 44.03 5.21
C ALA A 279 -0.90 42.52 5.01
N GLU A 280 -1.30 42.02 3.82
CA GLU A 280 -1.15 40.61 3.44
C GLU A 280 0.33 40.18 3.44
N VAL A 281 1.20 40.99 2.81
CA VAL A 281 2.64 40.66 2.67
C VAL A 281 3.34 40.66 4.03
N ARG A 282 2.99 41.62 4.91
CA ARG A 282 3.48 41.63 6.31
C ARG A 282 3.07 40.33 7.05
N LYS A 283 1.78 39.97 6.93
CA LYS A 283 1.19 38.81 7.62
C LYS A 283 1.80 37.49 7.11
N ASN A 284 2.02 37.44 5.77
CA ASN A 284 2.62 36.29 5.09
C ASN A 284 4.08 36.15 5.49
N MET A 285 4.77 37.31 5.54
CA MET A 285 6.20 37.38 5.92
C MET A 285 6.42 36.89 7.34
N GLU A 286 5.51 37.24 8.27
CA GLU A 286 5.59 36.81 9.69
C GLU A 286 5.44 35.28 9.82
N ARG A 287 4.43 34.73 9.12
CA ARG A 287 4.17 33.28 9.08
C ARG A 287 5.39 32.51 8.53
N GLU A 288 5.96 33.06 7.42
CA GLU A 288 7.15 32.52 6.76
C GLU A 288 8.41 32.78 7.60
N LEU A 289 8.40 33.87 8.40
CA LEU A 289 9.55 34.30 9.23
C LEU A 289 9.78 33.23 10.29
N LYS A 290 8.69 32.91 11.02
CA LYS A 290 8.68 31.89 12.08
C LYS A 290 9.13 30.50 11.54
N SER A 291 8.46 30.05 10.46
CA SER A 291 8.75 28.78 9.78
C SER A 291 10.21 28.73 9.27
N ALA A 292 10.72 29.91 8.82
CA ALA A 292 12.09 30.04 8.32
C ALA A 292 13.11 30.01 9.46
N ILE A 293 12.75 30.56 10.65
CA ILE A 293 13.63 30.49 11.85
C ILE A 293 13.84 29.02 12.21
N ARG A 294 12.70 28.28 12.29
CA ARG A 294 12.70 26.83 12.59
C ARG A 294 13.61 26.07 11.61
N ASN A 295 13.27 26.15 10.31
CA ASN A 295 13.97 25.39 9.26
C ASN A 295 15.42 25.86 9.07
N ARG A 296 15.73 27.14 9.38
CA ARG A 296 17.10 27.67 9.27
C ARG A 296 17.98 27.03 10.34
N VAL A 297 17.62 27.28 11.61
CA VAL A 297 18.43 26.87 12.76
C VAL A 297 18.50 25.32 12.86
N LYS A 298 17.38 24.65 12.46
CA LYS A 298 17.26 23.19 12.52
C LYS A 298 18.07 22.54 11.39
N SER A 299 17.96 23.04 10.13
CA SER A 299 18.75 22.46 9.00
C SER A 299 20.25 22.75 9.16
N GLN A 300 20.60 23.87 9.81
CA GLN A 300 21.99 24.18 10.20
C GLN A 300 22.47 23.20 11.31
N ALA A 301 21.55 22.86 12.24
CA ALA A 301 21.81 21.84 13.28
C ALA A 301 21.94 20.43 12.67
N ILE A 302 21.13 20.12 11.65
CA ILE A 302 21.12 18.80 10.98
C ILE A 302 22.43 18.62 10.21
N GLU A 303 22.77 19.63 9.40
CA GLU A 303 24.06 19.73 8.71
C GLU A 303 25.21 19.72 9.72
N GLY A 304 24.99 20.33 10.90
CA GLY A 304 25.94 20.30 11.99
C GLY A 304 26.24 18.89 12.47
N LEU A 305 25.20 18.16 12.91
CA LEU A 305 25.34 16.81 13.50
C LEU A 305 25.93 15.80 12.48
N VAL A 306 25.50 15.89 11.20
CA VAL A 306 26.01 15.00 10.14
C VAL A 306 27.47 15.35 9.78
N LYS A 307 27.72 16.61 9.38
CA LYS A 307 29.05 17.03 8.87
C LYS A 307 30.14 16.93 9.95
N ALA A 308 29.76 17.18 11.22
CA ALA A 308 30.67 17.03 12.38
C ALA A 308 30.86 15.55 12.74
N ASN A 309 29.85 14.70 12.46
CA ASN A 309 29.84 13.30 12.92
C ASN A 309 29.00 12.44 11.96
N ASP A 310 29.62 12.12 10.81
CA ASP A 310 28.99 11.31 9.76
C ASP A 310 29.28 9.84 10.02
N ILE A 311 28.24 9.11 10.46
CA ILE A 311 28.35 7.69 10.80
C ILE A 311 28.26 6.82 9.55
N ASP A 312 28.66 5.55 9.70
CA ASP A 312 28.46 4.52 8.67
C ASP A 312 27.08 3.90 8.88
N VAL A 313 26.31 3.80 7.80
CA VAL A 313 24.90 3.34 7.83
C VAL A 313 24.70 2.13 6.89
N PRO A 314 23.83 1.14 7.30
CA PRO A 314 23.56 -0.09 6.51
C PRO A 314 22.95 0.19 5.11
N ALA A 315 23.43 -0.55 4.10
CA ALA A 315 23.05 -0.41 2.68
C ALA A 315 21.60 -0.83 2.40
N ALA A 316 20.96 -1.51 3.37
CA ALA A 316 19.54 -1.89 3.29
C ALA A 316 18.65 -0.64 3.46
N LEU A 317 19.09 0.28 4.33
CA LEU A 317 18.43 1.58 4.55
C LEU A 317 18.59 2.45 3.29
N ILE A 318 19.83 2.46 2.74
CA ILE A 318 20.15 3.16 1.48
C ILE A 318 19.26 2.61 0.34
N ASP A 319 19.14 1.27 0.27
CA ASP A 319 18.36 0.60 -0.79
C ASP A 319 16.87 0.99 -0.71
N SER A 320 16.32 0.94 0.51
CA SER A 320 14.90 1.28 0.77
C SER A 320 14.60 2.74 0.39
N GLU A 321 15.36 3.68 0.96
CA GLU A 321 15.10 5.12 0.80
C GLU A 321 15.40 5.60 -0.63
N ILE A 322 16.48 5.05 -1.25
CA ILE A 322 16.80 5.33 -2.67
C ILE A 322 15.70 4.75 -3.58
N ASP A 323 15.15 3.56 -3.23
CA ASP A 323 14.03 2.97 -3.99
C ASP A 323 12.85 3.95 -4.03
N VAL A 324 12.45 4.45 -2.84
CA VAL A 324 11.34 5.43 -2.73
C VAL A 324 11.65 6.73 -3.54
N LEU A 325 12.77 7.40 -3.19
CA LEU A 325 13.16 8.71 -3.76
C LEU A 325 13.36 8.65 -5.29
N ARG A 326 14.05 7.60 -5.76
CA ARG A 326 14.48 7.47 -7.17
C ARG A 326 13.37 6.91 -8.04
N ARG A 327 12.44 6.11 -7.44
CA ARG A 327 11.22 5.66 -8.15
C ARG A 327 10.29 6.88 -8.38
N GLN A 328 10.11 7.69 -7.31
CA GLN A 328 9.30 8.93 -7.35
C GLN A 328 9.90 9.96 -8.35
N ALA A 329 11.24 10.05 -8.39
CA ALA A 329 11.94 10.98 -9.29
C ALA A 329 11.79 10.54 -10.76
N ALA A 330 12.08 9.25 -11.02
CA ALA A 330 11.90 8.64 -12.35
C ALA A 330 10.43 8.66 -12.79
N GLN A 331 9.50 8.71 -11.80
CA GLN A 331 8.06 8.86 -12.02
C GLN A 331 7.76 10.29 -12.53
N ARG A 332 8.56 11.29 -12.05
CA ARG A 332 8.43 12.69 -12.53
C ARG A 332 8.88 12.72 -14.00
N PHE A 333 10.07 12.15 -14.24
CA PHE A 333 10.69 12.09 -15.57
C PHE A 333 10.14 10.89 -16.37
N GLY A 334 8.84 10.96 -16.71
CA GLY A 334 8.18 9.96 -17.55
C GLY A 334 7.46 8.88 -16.76
N GLY A 335 8.21 8.14 -15.92
CA GLY A 335 7.67 7.00 -15.15
C GLY A 335 8.30 5.69 -15.56
N ASN A 336 9.65 5.61 -15.54
CA ASN A 336 10.40 4.40 -15.97
C ASN A 336 11.43 3.99 -14.91
N GLU A 337 11.46 2.69 -14.57
CA GLU A 337 12.42 2.11 -13.63
C GLU A 337 13.82 2.02 -14.27
N LYS A 338 13.87 1.71 -15.58
CA LYS A 338 15.12 1.60 -16.36
C LYS A 338 15.92 2.93 -16.31
N GLN A 339 15.19 4.06 -16.38
CA GLN A 339 15.77 5.42 -16.27
C GLN A 339 16.27 5.71 -14.82
N ALA A 340 15.61 5.08 -13.82
CA ALA A 340 16.00 5.21 -12.41
C ALA A 340 17.40 4.63 -12.15
N LEU A 341 17.69 3.43 -12.71
CA LEU A 341 19.03 2.80 -12.57
C LEU A 341 20.13 3.70 -13.19
N GLU A 342 19.73 4.53 -14.17
CA GLU A 342 20.66 5.47 -14.86
C GLU A 342 20.79 6.80 -14.10
N LEU A 343 19.91 7.03 -13.10
CA LEU A 343 20.07 8.14 -12.14
C LEU A 343 21.11 7.71 -11.06
N PRO A 344 22.32 8.37 -11.02
CA PRO A 344 23.39 8.03 -10.06
C PRO A 344 22.92 8.11 -8.58
N ARG A 345 22.90 6.93 -7.92
CA ARG A 345 22.33 6.71 -6.58
C ARG A 345 22.79 7.76 -5.54
N GLU A 346 24.01 8.25 -5.76
CA GLU A 346 24.72 9.13 -4.83
C GLU A 346 23.96 10.44 -4.58
N LEU A 347 23.19 10.93 -5.60
CA LEU A 347 22.44 12.20 -5.45
C LEU A 347 21.19 12.01 -4.57
N PHE A 348 20.71 10.75 -4.47
CA PHE A 348 19.57 10.38 -3.60
C PHE A 348 20.07 9.95 -2.20
N GLU A 349 21.31 9.44 -2.18
CA GLU A 349 22.00 9.03 -0.94
C GLU A 349 22.38 10.27 -0.12
N GLU A 350 22.66 11.38 -0.83
CA GLU A 350 22.90 12.72 -0.23
C GLU A 350 21.72 13.19 0.64
N GLN A 351 20.54 12.59 0.44
CA GLN A 351 19.34 12.89 1.24
C GLN A 351 19.09 11.75 2.25
N ALA A 352 18.99 10.55 1.68
CA ALA A 352 18.61 9.33 2.40
C ALA A 352 19.59 9.01 3.53
N LYS A 353 20.90 8.92 3.18
CA LYS A 353 21.97 8.62 4.14
C LYS A 353 21.89 9.59 5.32
N ARG A 354 21.84 10.91 4.99
CA ARG A 354 21.77 11.97 6.01
C ARG A 354 20.48 11.83 6.87
N ARG A 355 19.36 11.34 6.27
CA ARG A 355 18.07 11.25 6.97
C ARG A 355 18.11 10.09 7.98
N VAL A 356 18.72 8.95 7.59
CA VAL A 356 18.82 7.77 8.46
C VAL A 356 19.90 7.98 9.55
N VAL A 357 20.98 8.75 9.20
CA VAL A 357 22.00 9.20 10.16
C VAL A 357 21.31 10.01 11.28
N VAL A 358 20.57 11.06 10.88
CA VAL A 358 19.81 11.94 11.79
C VAL A 358 18.71 11.16 12.55
N GLY A 359 18.13 10.16 11.89
CA GLY A 359 17.13 9.29 12.51
C GLY A 359 17.71 8.54 13.70
N LEU A 360 18.96 8.07 13.53
CA LEU A 360 19.71 7.41 14.60
C LEU A 360 20.23 8.44 15.65
N LEU A 361 20.70 9.63 15.19
CA LEU A 361 21.31 10.67 16.07
C LEU A 361 20.26 11.30 17.01
N LEU A 362 19.24 11.97 16.41
CA LEU A 362 18.13 12.58 17.16
C LEU A 362 17.30 11.52 17.89
N GLY A 363 17.29 10.29 17.34
CA GLY A 363 16.71 9.13 18.01
C GLY A 363 17.36 8.89 19.37
N GLU A 364 18.69 8.82 19.37
CA GLU A 364 19.50 8.68 20.60
C GLU A 364 19.25 9.82 21.58
N VAL A 365 19.02 11.05 21.06
CA VAL A 365 18.76 12.23 21.91
C VAL A 365 17.44 12.02 22.70
N ILE A 366 16.31 11.89 21.98
CA ILE A 366 14.97 11.79 22.61
C ILE A 366 14.80 10.52 23.47
N ARG A 367 15.47 9.42 23.09
CA ARG A 367 15.37 8.15 23.84
C ARG A 367 16.25 8.17 25.12
N THR A 368 17.56 8.48 24.97
CA THR A 368 18.53 8.42 26.10
C THR A 368 18.28 9.56 27.11
N ASN A 369 18.04 10.78 26.59
CA ASN A 369 17.68 11.96 27.42
C ASN A 369 16.26 11.79 28.00
N GLU A 370 15.48 10.86 27.39
CA GLU A 370 14.09 10.56 27.74
C GLU A 370 13.22 11.81 27.61
N LEU A 371 13.39 12.50 26.46
CA LEU A 371 12.63 13.69 26.10
C LEU A 371 11.16 13.30 25.93
N LYS A 372 10.32 13.81 26.82
CA LYS A 372 8.87 13.53 26.83
C LYS A 372 8.22 14.54 25.88
N ALA A 373 7.17 14.12 25.15
CA ALA A 373 6.47 14.97 24.17
C ALA A 373 5.93 16.26 24.83
N ASP A 374 6.80 17.29 24.83
CA ASP A 374 6.58 18.57 25.53
C ASP A 374 5.37 19.29 24.91
N GLU A 375 4.23 19.24 25.63
CA GLU A 375 2.94 19.73 25.12
C GLU A 375 2.97 21.24 24.89
N GLU A 376 3.85 21.96 25.60
CA GLU A 376 4.05 23.40 25.39
C GLU A 376 4.77 23.64 24.03
N ARG A 377 5.69 22.71 23.65
CA ARG A 377 6.45 22.82 22.38
C ARG A 377 5.54 22.48 21.20
N VAL A 378 4.76 21.37 21.33
CA VAL A 378 3.86 20.94 20.25
C VAL A 378 2.73 21.96 20.07
N LYS A 379 2.18 22.48 21.19
CA LYS A 379 1.15 23.54 21.16
C LYS A 379 1.75 24.81 20.55
N GLY A 380 3.04 25.08 20.85
CA GLY A 380 3.76 26.22 20.28
C GLY A 380 3.87 26.20 18.75
N LEU A 381 4.31 25.05 18.19
CA LEU A 381 4.47 24.89 16.72
C LEU A 381 3.10 24.79 16.02
N ILE A 382 2.10 24.22 16.73
CA ILE A 382 0.70 24.22 16.27
C ILE A 382 0.19 25.67 16.19
N GLU A 383 0.41 26.49 17.25
CA GLU A 383 0.04 27.94 17.27
C GLU A 383 0.66 28.68 16.08
N GLU A 384 1.95 28.42 15.89
CA GLU A 384 2.79 29.03 14.84
C GLU A 384 2.21 28.76 13.43
N MET A 385 1.90 27.49 13.13
CA MET A 385 1.28 27.12 11.83
C MET A 385 -0.23 27.45 11.81
N ALA A 386 -0.84 27.60 13.00
CA ALA A 386 -2.28 27.90 13.15
C ALA A 386 -2.58 29.35 12.81
N SER A 387 -1.55 30.21 12.98
CA SER A 387 -1.56 31.60 12.48
C SER A 387 -1.86 31.64 10.97
N ALA A 388 -1.44 30.58 10.24
CA ALA A 388 -1.67 30.44 8.80
C ALA A 388 -3.03 29.77 8.48
N TYR A 389 -3.65 29.10 9.47
CA TYR A 389 -4.94 28.38 9.27
C TYR A 389 -6.13 29.33 9.49
N GLU A 390 -7.33 28.87 9.06
CA GLU A 390 -8.56 29.70 9.10
C GLU A 390 -9.05 29.89 10.55
N ASP A 391 -9.01 28.82 11.36
CA ASP A 391 -9.39 28.89 12.79
C ASP A 391 -8.28 28.27 13.67
N PRO A 392 -7.33 29.11 14.21
CA PRO A 392 -6.17 28.63 15.00
C PRO A 392 -6.56 27.74 16.22
N LYS A 393 -7.40 28.30 17.11
CA LYS A 393 -7.69 27.68 18.42
C LYS A 393 -8.40 26.33 18.26
N GLU A 394 -9.32 26.27 17.28
CA GLU A 394 -9.99 25.03 16.93
C GLU A 394 -9.04 24.02 16.24
N VAL A 395 -7.96 24.51 15.57
CA VAL A 395 -6.95 23.60 14.96
C VAL A 395 -6.24 22.85 16.08
N ILE A 396 -5.85 23.60 17.12
CA ILE A 396 -5.22 23.03 18.34
C ILE A 396 -6.17 21.99 18.99
N GLU A 397 -7.45 22.40 19.15
CA GLU A 397 -8.57 21.58 19.68
C GLU A 397 -8.64 20.18 19.01
N PHE A 398 -8.83 20.18 17.68
CA PHE A 398 -9.06 18.97 16.89
C PHE A 398 -7.81 18.08 16.86
N TYR A 399 -6.66 18.70 16.56
CA TYR A 399 -5.37 18.00 16.41
C TYR A 399 -5.00 17.25 17.71
N SER A 400 -5.08 17.96 18.85
CA SER A 400 -4.72 17.41 20.17
C SER A 400 -5.60 16.21 20.56
N LYS A 401 -6.88 16.23 20.14
CA LYS A 401 -7.84 15.13 20.42
C LYS A 401 -8.03 14.22 19.19
N ASN A 402 -7.07 14.24 18.24
CA ASN A 402 -7.00 13.24 17.16
C ASN A 402 -5.76 12.37 17.41
N LYS A 403 -5.96 11.07 17.69
CA LYS A 403 -4.89 10.13 18.11
C LYS A 403 -3.69 10.12 17.13
N GLU A 404 -3.98 9.79 15.86
CA GLU A 404 -2.94 9.59 14.83
C GLU A 404 -2.17 10.88 14.55
N LEU A 405 -2.94 11.98 14.38
CA LEU A 405 -2.39 13.29 14.02
C LEU A 405 -1.53 13.86 15.16
N MET A 406 -2.10 13.88 16.39
CA MET A 406 -1.41 14.35 17.61
C MET A 406 -0.10 13.58 17.84
N ASP A 407 -0.14 12.25 17.59
CA ASP A 407 1.02 11.35 17.77
C ASP A 407 2.19 11.77 16.84
N ASN A 408 1.84 12.07 15.58
CA ASN A 408 2.78 12.58 14.56
C ASN A 408 3.30 13.96 14.94
N MET A 409 2.43 14.80 15.53
CA MET A 409 2.81 16.16 15.96
C MET A 409 3.71 16.11 17.20
N ARG A 410 3.54 15.06 18.02
CA ARG A 410 4.39 14.81 19.19
C ARG A 410 5.77 14.31 18.74
N ASN A 411 5.78 13.56 17.62
CA ASN A 411 7.03 13.11 16.96
C ASN A 411 7.82 14.33 16.43
N VAL A 412 7.14 15.24 15.70
CA VAL A 412 7.79 16.46 15.15
C VAL A 412 8.11 17.46 16.27
N ALA A 413 7.39 17.37 17.40
CA ALA A 413 7.69 18.14 18.61
C ALA A 413 8.97 17.62 19.25
N LEU A 414 9.16 16.30 19.21
CA LEU A 414 10.38 15.65 19.69
C LEU A 414 11.55 15.84 18.71
N GLU A 415 11.28 16.07 17.41
CA GLU A 415 12.33 16.51 16.46
C GLU A 415 12.80 17.91 16.86
N GLU A 416 11.80 18.80 17.03
CA GLU A 416 12.02 20.18 17.50
C GLU A 416 12.73 20.21 18.87
N GLN A 417 12.40 19.24 19.75
CA GLN A 417 12.93 19.17 21.13
C GLN A 417 14.30 18.47 21.18
N ALA A 418 14.55 17.55 20.23
CA ALA A 418 15.86 16.85 20.10
C ALA A 418 16.91 17.83 19.60
N VAL A 419 16.52 18.59 18.56
CA VAL A 419 17.31 19.68 18.02
C VAL A 419 17.46 20.79 19.07
N GLU A 420 16.35 21.16 19.76
CA GLU A 420 16.38 22.21 20.81
C GLU A 420 17.35 21.84 21.96
N ALA A 421 17.37 20.54 22.34
CA ALA A 421 18.26 20.03 23.38
C ALA A 421 19.74 20.28 23.01
N VAL A 422 20.16 19.80 21.82
CA VAL A 422 21.55 19.96 21.37
C VAL A 422 21.90 21.46 21.16
N LEU A 423 20.91 22.27 20.68
CA LEU A 423 21.12 23.73 20.44
C LEU A 423 21.27 24.50 21.76
N ALA A 424 20.56 24.05 22.80
CA ALA A 424 20.61 24.67 24.14
C ALA A 424 21.96 24.44 24.84
N LYS A 425 22.83 23.64 24.20
CA LYS A 425 24.21 23.37 24.67
C LYS A 425 25.24 23.65 23.54
N ALA A 426 24.74 23.91 22.31
CA ALA A 426 25.60 24.10 21.10
C ALA A 426 26.17 25.52 21.00
N LYS A 427 27.10 25.70 20.04
CA LYS A 427 27.74 27.00 19.75
C LYS A 427 26.77 27.88 18.91
N VAL A 428 25.77 28.46 19.58
CA VAL A 428 24.77 29.33 18.95
C VAL A 428 25.41 30.68 18.60
N THR A 429 25.80 30.81 17.32
CA THR A 429 26.39 32.03 16.78
C THR A 429 25.27 32.92 16.21
N GLU A 430 24.93 34.01 16.94
CA GLU A 430 23.90 34.95 16.48
C GLU A 430 24.39 35.72 15.25
N LYS A 431 23.48 35.93 14.30
CA LYS A 431 23.81 36.45 12.98
C LYS A 431 22.70 37.38 12.50
N GLU A 432 22.98 38.69 12.52
CA GLU A 432 22.10 39.69 11.94
C GLU A 432 21.95 39.44 10.42
N THR A 433 20.72 39.25 9.97
CA THR A 433 20.38 38.95 8.57
C THR A 433 19.08 39.67 8.19
N THR A 434 18.78 39.74 6.88
CA THR A 434 17.53 40.30 6.36
C THR A 434 16.52 39.15 6.09
N PHE A 435 15.26 39.52 5.77
CA PHE A 435 14.22 38.55 5.35
C PHE A 435 14.70 37.78 4.09
N ASN A 436 15.40 38.51 3.19
CA ASN A 436 16.05 37.93 2.01
C ASN A 436 17.07 36.86 2.44
N GLU A 437 18.03 37.27 3.28
CA GLU A 437 19.17 36.44 3.72
C GLU A 437 18.76 35.14 4.45
N LEU A 438 17.57 35.14 5.05
CA LEU A 438 17.00 33.97 5.75
C LEU A 438 16.80 32.81 4.74
N MET A 439 16.24 33.16 3.56
CA MET A 439 15.96 32.20 2.46
C MET A 439 17.16 32.12 1.48
N ASN A 440 18.00 33.17 1.44
CA ASN A 440 19.13 33.30 0.49
C ASN A 440 20.41 32.67 1.05
N GLN A 441 20.33 32.17 2.31
CA GLN A 441 21.44 31.68 3.18
C GLN A 441 22.87 31.93 2.61
N GLN A 442 23.40 33.12 2.93
CA GLN A 442 24.73 33.57 2.49
C GLN A 442 25.61 33.84 3.71
N ALA A 443 26.87 33.38 3.65
CA ALA A 443 27.86 33.59 4.71
C ALA A 443 28.23 35.09 4.83
N MET B 12 -12.08 28.32 3.74
CA MET B 12 -11.98 27.89 2.33
C MET B 12 -13.38 27.55 1.81
N GLN B 13 -13.54 27.51 0.46
CA GLN B 13 -14.79 27.11 -0.20
C GLN B 13 -15.13 25.64 0.15
N VAL B 14 -15.91 25.44 1.23
CA VAL B 14 -16.36 24.09 1.68
C VAL B 14 -17.82 24.14 2.13
N SER B 15 -18.56 23.04 1.95
CA SER B 15 -19.98 22.95 2.29
C SER B 15 -20.33 21.53 2.77
N VAL B 16 -20.48 21.37 4.11
CA VAL B 16 -20.91 20.10 4.70
C VAL B 16 -22.43 19.93 4.50
N GLU B 17 -22.77 19.12 3.51
CA GLU B 17 -24.14 18.71 3.22
C GLU B 17 -24.42 17.38 3.94
N THR B 18 -25.32 17.38 4.93
CA THR B 18 -25.79 16.15 5.57
C THR B 18 -26.73 15.41 4.60
N THR B 19 -26.26 14.27 4.04
CA THR B 19 -26.97 13.55 2.98
C THR B 19 -28.17 12.75 3.54
N GLN B 20 -27.95 11.98 4.63
CA GLN B 20 -29.01 11.19 5.28
C GLN B 20 -28.58 10.86 6.72
N GLY B 21 -29.07 11.66 7.69
CA GLY B 21 -28.86 11.41 9.12
C GLY B 21 -27.40 11.47 9.54
N LEU B 22 -26.73 10.31 9.44
CA LEU B 22 -25.30 10.16 9.77
C LEU B 22 -24.43 10.60 8.58
N GLY B 23 -24.94 10.34 7.36
CA GLY B 23 -24.23 10.64 6.10
C GLY B 23 -24.02 12.12 5.86
N ARG B 24 -22.83 12.49 5.34
CA ARG B 24 -22.35 13.87 5.23
C ARG B 24 -21.37 14.03 4.04
N ARG B 25 -21.87 14.60 2.95
CA ARG B 25 -21.07 15.02 1.79
C ARG B 25 -20.47 16.41 2.03
N VAL B 26 -19.24 16.44 2.55
CA VAL B 26 -18.47 17.70 2.68
C VAL B 26 -17.87 18.02 1.30
N THR B 27 -18.58 18.84 0.53
CA THR B 27 -18.16 19.28 -0.80
C THR B 27 -17.06 20.35 -0.65
N ILE B 28 -15.83 20.02 -1.07
CA ILE B 28 -14.65 20.89 -0.91
C ILE B 28 -14.11 21.31 -2.27
N THR B 29 -13.99 22.63 -2.48
CA THR B 29 -13.33 23.22 -3.64
C THR B 29 -11.94 23.73 -3.21
N ILE B 30 -10.91 22.94 -3.53
CA ILE B 30 -9.51 23.36 -3.38
C ILE B 30 -9.20 24.31 -4.55
N ALA B 31 -8.92 25.59 -4.24
CA ALA B 31 -8.72 26.66 -5.23
C ALA B 31 -7.55 26.34 -6.19
N ALA B 32 -7.80 26.45 -7.52
CA ALA B 32 -6.83 26.13 -8.57
C ALA B 32 -5.50 26.86 -8.38
N ASP B 33 -5.59 28.14 -7.98
CA ASP B 33 -4.42 29.00 -7.72
C ASP B 33 -3.60 28.48 -6.52
N SER B 34 -4.32 28.04 -5.47
CA SER B 34 -3.71 27.43 -4.26
C SER B 34 -3.03 26.08 -4.60
N ILE B 35 -3.59 25.36 -5.59
CA ILE B 35 -3.05 24.08 -6.08
C ILE B 35 -1.77 24.34 -6.88
N GLU B 36 -1.82 25.36 -7.76
CA GLU B 36 -0.65 25.79 -8.56
C GLU B 36 0.53 26.10 -7.63
N THR B 37 0.27 27.02 -6.66
CA THR B 37 1.26 27.43 -5.66
C THR B 37 1.82 26.22 -4.89
N ALA B 38 0.92 25.29 -4.50
CA ALA B 38 1.30 24.06 -3.75
C ALA B 38 2.26 23.17 -4.56
N VAL B 39 1.85 22.79 -5.79
CA VAL B 39 2.62 21.91 -6.69
C VAL B 39 4.02 22.48 -6.94
N LYS B 40 4.07 23.75 -7.37
CA LYS B 40 5.30 24.42 -7.80
C LYS B 40 6.25 24.68 -6.61
N SER B 41 5.67 24.94 -5.42
CA SER B 41 6.47 25.16 -4.19
C SER B 41 7.11 23.85 -3.72
N GLU B 42 6.34 22.74 -3.76
CA GLU B 42 6.85 21.40 -3.39
C GLU B 42 7.89 20.90 -4.41
N LEU B 43 7.70 21.30 -5.69
CA LEU B 43 8.62 20.98 -6.77
C LEU B 43 9.97 21.67 -6.56
N VAL B 44 9.99 23.00 -6.30
CA VAL B 44 11.25 23.73 -6.05
C VAL B 44 11.89 23.28 -4.72
N ASN B 45 11.05 22.87 -3.73
CA ASN B 45 11.55 22.26 -2.47
C ASN B 45 12.42 21.03 -2.80
N VAL B 46 11.78 19.97 -3.35
CA VAL B 46 12.48 18.69 -3.66
C VAL B 46 13.63 18.91 -4.68
N ALA B 47 13.47 19.93 -5.54
CA ALA B 47 14.49 20.32 -6.52
C ALA B 47 15.74 20.92 -5.85
N LYS B 48 15.56 21.70 -4.77
CA LYS B 48 16.68 22.36 -4.07
C LYS B 48 17.32 21.41 -3.05
N LYS B 49 16.47 20.57 -2.43
CA LYS B 49 16.86 19.67 -1.35
C LYS B 49 17.70 18.52 -1.95
N VAL B 50 17.13 17.81 -2.95
CA VAL B 50 17.81 16.71 -3.67
C VAL B 50 18.85 17.30 -4.67
N ARG B 51 18.81 18.64 -4.88
CA ARG B 51 19.87 19.41 -5.57
C ARG B 51 19.90 19.09 -7.10
N ILE B 52 18.70 18.85 -7.64
CA ILE B 52 18.48 18.53 -9.07
C ILE B 52 17.58 19.58 -9.75
N ASP B 53 17.65 20.83 -9.22
CA ASP B 53 16.79 21.95 -9.64
C ASP B 53 16.95 22.29 -11.14
N GLY B 54 15.83 22.13 -11.90
CA GLY B 54 15.82 22.28 -13.35
C GLY B 54 16.61 21.18 -14.04
N PHE B 55 17.60 21.54 -14.87
CA PHE B 55 18.58 20.60 -15.44
C PHE B 55 19.86 20.51 -14.56
N ARG B 56 19.86 21.29 -13.44
CA ARG B 56 21.02 21.59 -12.57
C ARG B 56 21.90 22.69 -13.21
N LYS B 57 22.13 22.59 -14.53
CA LYS B 57 22.79 23.66 -15.32
C LYS B 57 21.75 24.50 -16.07
N GLY B 58 20.56 24.61 -15.46
CA GLY B 58 19.46 25.39 -15.99
C GLY B 58 18.32 25.45 -14.98
N LYS B 59 17.86 26.67 -14.61
CA LYS B 59 16.76 26.86 -13.65
C LYS B 59 15.43 26.36 -14.21
N VAL B 60 15.04 26.92 -15.38
CA VAL B 60 13.85 26.49 -16.14
C VAL B 60 12.54 26.73 -15.35
N PRO B 61 11.82 27.89 -15.61
CA PRO B 61 10.69 28.39 -14.77
C PRO B 61 9.73 27.27 -14.26
N MET B 62 9.86 26.94 -12.95
CA MET B 62 9.09 25.86 -12.27
C MET B 62 7.57 26.07 -12.42
N ASN B 63 7.20 27.36 -12.51
CA ASN B 63 5.82 27.85 -12.69
C ASN B 63 5.14 27.19 -13.91
N ILE B 64 5.91 27.00 -15.00
CA ILE B 64 5.38 26.36 -16.23
C ILE B 64 5.84 24.90 -16.36
N VAL B 65 6.89 24.50 -15.60
CA VAL B 65 7.36 23.09 -15.53
C VAL B 65 6.25 22.19 -14.97
N ALA B 66 5.54 22.69 -13.93
CA ALA B 66 4.40 21.98 -13.32
C ALA B 66 3.29 21.71 -14.37
N GLN B 67 2.97 22.74 -15.17
CA GLN B 67 1.90 22.67 -16.17
C GLN B 67 2.32 21.82 -17.40
N ARG B 68 3.61 21.90 -17.78
CA ARG B 68 4.15 21.22 -18.98
C ARG B 68 4.32 19.70 -18.75
N TYR B 69 4.95 19.31 -17.62
CA TYR B 69 5.25 17.89 -17.31
C TYR B 69 5.30 17.62 -15.79
N GLY B 70 4.48 18.35 -15.01
CA GLY B 70 4.26 18.05 -13.58
C GLY B 70 2.88 17.44 -13.35
N ALA B 71 2.38 16.70 -14.35
CA ALA B 71 1.11 15.94 -14.25
C ALA B 71 1.34 14.63 -13.47
N SER B 72 2.59 14.17 -13.50
CA SER B 72 3.07 12.98 -12.79
C SER B 72 3.07 13.21 -11.26
N VAL B 73 3.50 14.42 -10.86
CA VAL B 73 3.52 14.85 -9.44
C VAL B 73 2.16 15.42 -8.99
N ARG B 74 1.26 15.70 -9.97
CA ARG B 74 -0.05 16.33 -9.70
C ARG B 74 -0.91 15.41 -8.80
N GLN B 75 -0.81 14.10 -9.06
CA GLN B 75 -1.48 13.06 -8.26
C GLN B 75 -0.99 13.05 -6.80
N ASP B 76 0.33 13.24 -6.64
CA ASP B 76 1.01 13.26 -5.34
C ASP B 76 0.52 14.47 -4.52
N VAL B 77 0.61 15.68 -5.13
CA VAL B 77 0.26 16.94 -4.46
C VAL B 77 -1.23 16.96 -4.09
N LEU B 78 -2.12 16.63 -5.06
CA LEU B 78 -3.58 16.52 -4.82
C LEU B 78 -3.87 15.47 -3.72
N GLY B 79 -3.07 14.38 -3.73
CA GLY B 79 -3.09 13.36 -2.69
C GLY B 79 -2.75 13.93 -1.31
N ASP B 80 -1.83 14.91 -1.27
CA ASP B 80 -1.48 15.61 -0.01
C ASP B 80 -2.56 16.65 0.34
N LEU B 81 -3.15 17.33 -0.68
CA LEU B 81 -4.10 18.45 -0.48
C LEU B 81 -5.45 17.97 0.06
N MET B 82 -5.84 16.74 -0.35
CA MET B 82 -7.10 16.10 0.13
C MET B 82 -7.00 15.69 1.61
N SER B 83 -5.80 15.87 2.20
CA SER B 83 -5.59 15.77 3.65
C SER B 83 -5.27 17.16 4.23
N ARG B 84 -4.44 17.93 3.48
CA ARG B 84 -3.78 19.18 3.97
C ARG B 84 -4.83 20.29 4.18
N ASN B 85 -5.65 20.53 3.14
CA ASN B 85 -6.68 21.58 3.13
C ASN B 85 -7.94 21.08 3.86
N PHE B 86 -8.26 19.79 3.62
CA PHE B 86 -9.38 19.07 4.24
C PHE B 86 -9.36 19.17 5.77
N ILE B 87 -8.20 18.83 6.37
CA ILE B 87 -8.06 18.67 7.83
C ILE B 87 -8.33 19.98 8.59
N ASP B 88 -8.01 21.14 7.98
CA ASP B 88 -8.33 22.47 8.57
C ASP B 88 -9.82 22.79 8.34
N ALA B 89 -10.24 22.63 7.06
CA ALA B 89 -11.60 22.99 6.60
C ALA B 89 -12.74 22.36 7.44
N ILE B 90 -12.50 21.14 7.92
CA ILE B 90 -13.52 20.36 8.65
C ILE B 90 -13.70 20.82 10.11
N ILE B 91 -12.68 21.49 10.67
CA ILE B 91 -12.62 21.82 12.11
C ILE B 91 -13.55 23.00 12.45
N LYS B 92 -13.49 24.05 11.61
CA LYS B 92 -14.32 25.26 11.73
C LYS B 92 -15.82 24.92 11.74
N GLU B 93 -16.18 23.80 11.09
CA GLU B 93 -17.58 23.34 10.98
C GLU B 93 -17.92 22.25 12.03
N LYS B 94 -16.89 21.68 12.72
CA LYS B 94 -17.06 20.52 13.65
C LYS B 94 -17.62 19.31 12.87
N ILE B 95 -16.77 18.30 12.64
CA ILE B 95 -16.87 17.35 11.51
C ILE B 95 -15.56 16.56 11.45
N ASN B 96 -15.73 15.23 11.58
CA ASN B 96 -14.66 14.23 11.62
C ASN B 96 -15.23 12.92 11.04
N PRO B 97 -14.60 12.32 9.99
CA PRO B 97 -15.04 11.02 9.40
C PRO B 97 -15.08 9.86 10.42
N ALA B 98 -15.97 8.88 10.16
CA ALA B 98 -16.02 7.61 10.91
C ALA B 98 -14.82 6.72 10.51
N GLY B 99 -13.60 7.15 10.84
CA GLY B 99 -12.38 6.43 10.44
C GLY B 99 -12.01 6.69 8.98
N ALA B 100 -12.80 6.11 8.05
CA ALA B 100 -12.59 6.21 6.59
C ALA B 100 -13.51 7.30 5.97
N PRO B 101 -12.91 8.35 5.31
CA PRO B 101 -13.68 9.26 4.43
C PRO B 101 -13.71 8.74 2.97
N THR B 102 -14.91 8.54 2.43
CA THR B 102 -15.10 8.21 1.01
C THR B 102 -14.90 9.50 0.16
N TYR B 103 -13.63 9.79 -0.16
CA TYR B 103 -13.28 10.86 -1.11
C TYR B 103 -13.78 10.45 -2.49
N VAL B 104 -14.87 11.10 -2.95
CA VAL B 104 -15.39 10.94 -4.32
C VAL B 104 -14.83 12.10 -5.15
N PRO B 105 -13.69 11.91 -5.88
CA PRO B 105 -13.04 12.97 -6.64
C PRO B 105 -13.50 13.00 -8.11
N GLY B 106 -13.12 14.07 -8.80
CA GLY B 106 -13.24 14.14 -10.26
C GLY B 106 -11.88 14.04 -10.90
N GLU B 107 -11.86 13.74 -12.21
CA GLU B 107 -10.64 13.85 -13.02
C GLU B 107 -10.28 15.36 -13.08
N TYR B 108 -9.03 15.72 -12.69
CA TYR B 108 -8.64 17.12 -12.48
C TYR B 108 -8.80 17.94 -13.78
N LYS B 109 -9.62 19.00 -13.72
CA LYS B 109 -9.85 19.91 -14.86
C LYS B 109 -8.69 20.92 -14.90
N LEU B 110 -7.94 20.92 -16.02
CA LEU B 110 -6.78 21.80 -16.23
C LEU B 110 -7.29 23.24 -16.51
N GLY B 111 -6.96 24.18 -15.60
CA GLY B 111 -7.36 25.58 -15.72
C GLY B 111 -8.47 25.97 -14.76
N GLU B 112 -9.11 24.97 -14.12
CA GLU B 112 -10.21 25.18 -13.14
C GLU B 112 -9.88 24.50 -11.80
N ASP B 113 -10.69 24.82 -10.77
CA ASP B 113 -10.49 24.40 -9.37
C ASP B 113 -10.80 22.91 -9.17
N PHE B 114 -10.25 22.32 -8.09
CA PHE B 114 -10.50 20.90 -7.75
C PHE B 114 -11.64 20.81 -6.71
N THR B 115 -12.88 20.78 -7.22
CA THR B 115 -14.05 20.46 -6.41
C THR B 115 -14.20 18.93 -6.33
N TYR B 116 -14.48 18.40 -5.13
CA TYR B 116 -14.72 16.96 -4.93
C TYR B 116 -15.65 16.73 -3.73
N SER B 117 -16.39 15.63 -3.80
CA SER B 117 -17.43 15.26 -2.86
C SER B 117 -16.85 14.34 -1.76
N VAL B 118 -16.45 14.93 -0.61
CA VAL B 118 -15.86 14.13 0.48
C VAL B 118 -16.99 13.58 1.36
N GLU B 119 -17.47 12.38 1.00
CA GLU B 119 -18.60 11.72 1.66
C GLU B 119 -18.11 10.82 2.81
N PHE B 120 -18.86 10.82 3.90
CA PHE B 120 -18.63 9.93 5.06
C PHE B 120 -19.82 10.04 6.01
N GLU B 121 -19.93 9.09 6.92
CA GLU B 121 -20.83 9.18 8.07
C GLU B 121 -19.99 9.54 9.31
N VAL B 122 -20.66 10.03 10.36
CA VAL B 122 -20.05 10.21 11.68
C VAL B 122 -20.13 8.89 12.47
N TYR B 123 -19.19 8.70 13.44
CA TYR B 123 -18.98 7.40 14.10
C TYR B 123 -20.10 7.14 15.14
N PRO B 124 -20.95 6.08 14.93
CA PRO B 124 -22.17 5.83 15.74
C PRO B 124 -21.93 4.87 16.92
N GLU B 125 -23.03 4.56 17.64
CA GLU B 125 -23.04 3.61 18.75
C GLU B 125 -23.11 2.14 18.24
N VAL B 126 -22.93 1.20 19.17
CA VAL B 126 -22.97 -0.26 18.91
C VAL B 126 -23.53 -0.97 20.15
N GLU B 127 -24.38 -2.00 19.94
CA GLU B 127 -24.95 -2.78 21.04
C GLU B 127 -24.62 -4.28 20.88
N LEU B 128 -24.33 -4.92 22.01
CA LEU B 128 -24.05 -6.37 22.11
C LEU B 128 -25.08 -6.98 23.09
N GLN B 129 -25.90 -7.90 22.57
CA GLN B 129 -27.05 -8.48 23.29
C GLN B 129 -27.41 -9.84 22.67
N GLY B 130 -27.94 -10.74 23.52
CA GLY B 130 -28.24 -12.13 23.14
C GLY B 130 -27.08 -13.06 23.44
N LEU B 131 -26.15 -12.58 24.31
CA LEU B 131 -24.88 -13.28 24.63
C LEU B 131 -25.15 -14.74 25.04
N GLU B 132 -25.95 -14.90 26.11
CA GLU B 132 -26.35 -16.21 26.64
C GLU B 132 -27.24 -17.02 25.66
N ALA B 133 -27.83 -16.35 24.67
CA ALA B 133 -28.72 -16.97 23.67
C ALA B 133 -27.94 -17.49 22.45
N ILE B 134 -26.73 -16.92 22.22
CA ILE B 134 -25.80 -17.31 21.14
C ILE B 134 -25.36 -18.78 21.28
N GLU B 135 -25.68 -19.61 20.28
CA GLU B 135 -25.26 -21.01 20.20
C GLU B 135 -23.77 -21.07 19.84
N VAL B 136 -23.00 -21.77 20.66
CA VAL B 136 -21.54 -21.91 20.52
C VAL B 136 -21.21 -23.39 20.40
N GLU B 137 -20.61 -23.78 19.27
CA GLU B 137 -20.20 -25.17 19.04
C GLU B 137 -18.90 -25.46 19.79
N LYS B 138 -18.92 -26.49 20.64
CA LYS B 138 -17.70 -27.03 21.26
C LYS B 138 -17.43 -28.43 20.68
N PRO B 139 -16.70 -28.53 19.51
CA PRO B 139 -16.46 -29.81 18.82
C PRO B 139 -15.41 -30.67 19.56
N ILE B 140 -15.91 -31.60 20.38
CA ILE B 140 -15.08 -32.57 21.10
C ILE B 140 -14.67 -33.71 20.12
N VAL B 141 -13.54 -33.49 19.43
CA VAL B 141 -13.01 -34.44 18.43
C VAL B 141 -11.63 -34.96 18.88
N GLU B 142 -11.15 -36.03 18.22
CA GLU B 142 -9.79 -36.57 18.39
C GLU B 142 -9.30 -37.15 17.05
N VAL B 143 -7.97 -37.25 16.89
CA VAL B 143 -7.32 -37.91 15.74
C VAL B 143 -7.27 -39.43 16.02
N THR B 144 -8.42 -40.09 15.85
CA THR B 144 -8.59 -41.54 16.10
C THR B 144 -8.02 -42.33 14.91
N ASP B 145 -7.75 -43.64 15.10
CA ASP B 145 -7.30 -44.55 14.01
C ASP B 145 -8.31 -44.60 12.86
N ALA B 146 -9.61 -44.52 13.23
CA ALA B 146 -10.73 -44.42 12.27
C ALA B 146 -10.62 -43.16 11.41
N ASP B 147 -10.25 -42.05 12.06
CA ASP B 147 -10.10 -40.73 11.42
C ASP B 147 -8.88 -40.71 10.49
N VAL B 148 -7.75 -41.26 10.96
CA VAL B 148 -6.50 -41.30 10.19
C VAL B 148 -6.70 -42.13 8.93
N ASP B 149 -7.03 -43.43 9.14
CA ASP B 149 -7.15 -44.42 8.05
C ASP B 149 -8.34 -44.09 7.14
N GLY B 150 -9.42 -43.54 7.72
CA GLY B 150 -10.60 -43.10 6.98
C GLY B 150 -10.29 -41.96 6.01
N MET B 151 -9.64 -40.90 6.54
CA MET B 151 -9.27 -39.71 5.75
C MET B 151 -8.10 -40.04 4.80
N LEU B 152 -7.27 -41.04 5.18
CA LEU B 152 -6.10 -41.51 4.38
C LEU B 152 -6.61 -42.25 3.13
N ASP B 153 -7.68 -43.05 3.35
CA ASP B 153 -8.39 -43.79 2.30
C ASP B 153 -9.07 -42.78 1.34
N THR B 154 -9.75 -41.78 1.94
CA THR B 154 -10.36 -40.68 1.19
C THR B 154 -9.29 -39.94 0.36
N LEU B 155 -8.10 -39.74 0.96
CA LEU B 155 -6.95 -39.04 0.34
C LEU B 155 -6.49 -39.81 -0.92
N ARG B 156 -6.28 -41.13 -0.76
CA ARG B 156 -5.80 -42.00 -1.84
C ARG B 156 -6.86 -42.20 -2.93
N LYS B 157 -8.15 -41.97 -2.58
CA LYS B 157 -9.26 -41.97 -3.57
C LYS B 157 -9.38 -40.62 -4.30
N GLN B 158 -9.12 -39.50 -3.60
CA GLN B 158 -9.25 -38.14 -4.20
C GLN B 158 -8.10 -37.87 -5.17
N GLN B 159 -6.88 -38.28 -4.78
CA GLN B 159 -5.64 -37.99 -5.54
C GLN B 159 -5.13 -39.27 -6.24
N ALA B 160 -6.02 -40.27 -6.41
CA ALA B 160 -5.68 -41.56 -7.03
C ALA B 160 -5.07 -41.38 -8.42
N THR B 161 -3.83 -41.92 -8.59
CA THR B 161 -3.10 -41.87 -9.85
C THR B 161 -3.90 -42.56 -10.96
N TRP B 162 -4.07 -41.84 -12.07
CA TRP B 162 -5.06 -42.12 -13.11
C TRP B 162 -4.51 -43.13 -14.14
N LYS B 163 -5.34 -43.42 -15.15
CA LYS B 163 -4.95 -44.18 -16.35
C LYS B 163 -5.52 -43.44 -17.57
N GLU B 164 -4.99 -43.72 -18.77
CA GLU B 164 -5.53 -43.11 -20.01
C GLU B 164 -6.84 -43.82 -20.43
N LYS B 165 -7.68 -43.11 -21.20
CA LYS B 165 -8.96 -43.64 -21.71
C LYS B 165 -8.94 -43.66 -23.24
N ASP B 166 -9.77 -44.54 -23.82
CA ASP B 166 -10.13 -44.51 -25.24
C ASP B 166 -11.66 -44.63 -25.36
N GLY B 167 -12.31 -43.53 -25.79
CA GLY B 167 -13.76 -43.50 -25.97
C GLY B 167 -14.35 -42.12 -25.68
N ALA B 168 -15.65 -42.08 -25.36
CA ALA B 168 -16.39 -40.83 -25.08
C ALA B 168 -16.15 -40.35 -23.63
N VAL B 169 -16.25 -39.02 -23.43
CA VAL B 169 -16.09 -38.39 -22.11
C VAL B 169 -17.38 -38.56 -21.28
N GLU B 170 -17.24 -39.05 -20.04
CA GLU B 170 -18.32 -39.00 -19.04
C GLU B 170 -18.03 -37.88 -18.02
N ALA B 171 -19.03 -37.60 -17.16
CA ALA B 171 -18.95 -36.59 -16.11
C ALA B 171 -17.94 -36.99 -15.00
N GLU B 172 -17.59 -38.29 -14.95
CA GLU B 172 -16.67 -38.85 -13.95
C GLU B 172 -15.31 -39.23 -14.56
N ASP B 173 -15.04 -38.81 -15.82
CA ASP B 173 -13.70 -38.97 -16.45
C ASP B 173 -12.88 -37.69 -16.28
N ARG B 174 -11.55 -37.86 -16.12
CA ARG B 174 -10.60 -36.76 -16.04
C ARG B 174 -10.27 -36.29 -17.47
N VAL B 175 -10.96 -35.25 -17.92
CA VAL B 175 -10.87 -34.77 -19.32
C VAL B 175 -10.00 -33.49 -19.41
N THR B 176 -8.84 -33.64 -20.06
CA THR B 176 -7.95 -32.53 -20.37
C THR B 176 -8.37 -31.86 -21.70
N ILE B 177 -8.67 -30.58 -21.61
CA ILE B 177 -9.11 -29.75 -22.73
C ILE B 177 -8.25 -28.48 -22.80
N ASP B 178 -8.10 -27.95 -24.00
CA ASP B 178 -7.53 -26.63 -24.24
C ASP B 178 -8.53 -25.83 -25.06
N PHE B 179 -9.04 -24.75 -24.46
CA PHE B 179 -10.14 -23.97 -25.04
C PHE B 179 -9.97 -22.47 -24.83
N THR B 180 -10.80 -21.72 -25.54
CA THR B 180 -10.95 -20.26 -25.40
C THR B 180 -12.44 -19.91 -25.35
N GLY B 181 -12.77 -18.71 -24.86
CA GLY B 181 -14.16 -18.33 -24.60
C GLY B 181 -14.45 -16.87 -24.91
N SER B 182 -15.67 -16.60 -25.39
CA SER B 182 -16.11 -15.26 -25.82
C SER B 182 -17.57 -15.03 -25.38
N VAL B 183 -17.77 -14.10 -24.41
CA VAL B 183 -19.11 -13.70 -23.93
C VAL B 183 -19.84 -12.94 -25.04
N ASP B 184 -20.70 -13.68 -25.77
CA ASP B 184 -21.53 -13.15 -26.87
C ASP B 184 -20.65 -12.57 -28.02
N GLY B 185 -19.38 -13.03 -28.07
CA GLY B 185 -18.40 -12.55 -29.05
C GLY B 185 -17.20 -11.88 -28.40
N GLU B 186 -17.41 -11.24 -27.22
CA GLU B 186 -16.34 -10.50 -26.51
C GLU B 186 -15.50 -11.45 -25.66
N GLU B 187 -14.21 -11.56 -26.01
CA GLU B 187 -13.21 -12.27 -25.19
C GLU B 187 -13.18 -11.63 -23.78
N PHE B 188 -13.85 -12.29 -22.81
CA PHE B 188 -13.83 -11.86 -21.42
C PHE B 188 -12.40 -12.00 -20.89
N GLU B 189 -11.87 -10.90 -20.32
CA GLU B 189 -10.44 -10.72 -19.98
C GLU B 189 -9.84 -11.94 -19.23
N GLY B 190 -8.98 -12.69 -19.97
CA GLY B 190 -8.37 -13.93 -19.45
C GLY B 190 -9.25 -15.16 -19.67
N GLY B 191 -10.08 -15.09 -20.72
CA GLY B 191 -11.08 -16.13 -21.02
C GLY B 191 -10.55 -17.23 -21.90
N LYS B 192 -9.57 -17.97 -21.37
CA LYS B 192 -9.03 -19.19 -21.97
C LYS B 192 -8.37 -20.03 -20.87
N ALA B 193 -8.10 -21.29 -21.20
CA ALA B 193 -7.41 -22.21 -20.30
C ALA B 193 -6.85 -23.38 -21.12
N SER B 194 -5.54 -23.27 -21.46
CA SER B 194 -4.83 -24.29 -22.24
C SER B 194 -4.31 -25.40 -21.30
N ASP B 195 -4.57 -26.67 -21.70
CA ASP B 195 -4.21 -27.89 -20.92
C ASP B 195 -5.00 -27.93 -19.57
N PHE B 196 -6.15 -27.24 -19.55
CA PHE B 196 -7.11 -27.25 -18.42
C PHE B 196 -7.69 -28.65 -18.28
N VAL B 197 -7.64 -29.25 -17.09
CA VAL B 197 -8.18 -30.61 -16.92
C VAL B 197 -9.30 -30.65 -15.86
N LEU B 198 -10.51 -31.01 -16.33
CA LEU B 198 -11.66 -31.27 -15.46
C LEU B 198 -11.53 -32.68 -14.88
N ALA B 199 -11.14 -32.74 -13.60
CA ALA B 199 -11.05 -33.99 -12.85
C ALA B 199 -12.27 -34.17 -11.95
N MET B 200 -12.74 -35.42 -11.85
CA MET B 200 -13.79 -35.83 -10.90
C MET B 200 -13.31 -35.73 -9.44
N GLY B 201 -14.25 -35.91 -8.49
CA GLY B 201 -14.01 -35.66 -7.07
C GLY B 201 -14.36 -34.22 -6.74
N GLN B 202 -13.78 -33.29 -7.50
CA GLN B 202 -14.23 -31.89 -7.56
C GLN B 202 -15.56 -31.82 -8.34
N GLY B 203 -16.40 -30.86 -7.97
CA GLY B 203 -17.59 -30.51 -8.75
C GLY B 203 -17.22 -30.04 -10.16
N ARG B 204 -18.12 -30.31 -11.10
CA ARG B 204 -17.91 -30.09 -12.54
C ARG B 204 -18.02 -28.60 -12.92
N MET B 205 -18.39 -28.33 -14.19
CA MET B 205 -18.50 -26.96 -14.73
C MET B 205 -19.95 -26.44 -14.58
N ILE B 206 -20.23 -25.24 -15.16
CA ILE B 206 -21.61 -24.69 -15.20
C ILE B 206 -22.57 -25.57 -16.05
N PRO B 207 -23.90 -25.63 -15.67
CA PRO B 207 -24.94 -26.33 -16.47
C PRO B 207 -24.95 -25.87 -17.95
N GLY B 208 -24.63 -26.79 -18.85
CA GLY B 208 -24.51 -26.51 -20.28
C GLY B 208 -23.12 -26.82 -20.79
N PHE B 209 -22.10 -26.26 -20.10
CA PHE B 209 -20.68 -26.37 -20.51
C PHE B 209 -20.23 -27.82 -20.41
N GLU B 210 -20.29 -28.37 -19.17
CA GLU B 210 -19.86 -29.76 -18.89
C GLU B 210 -20.64 -30.79 -19.74
N ASP B 211 -21.85 -30.39 -20.18
CA ASP B 211 -22.71 -31.21 -21.04
C ASP B 211 -22.10 -31.37 -22.44
N GLY B 212 -21.49 -30.28 -22.95
CA GLY B 212 -20.83 -30.32 -24.26
C GLY B 212 -19.56 -31.17 -24.19
N ILE B 213 -18.81 -30.98 -23.09
CA ILE B 213 -17.60 -31.76 -22.76
C ILE B 213 -17.89 -33.26 -22.80
N LYS B 214 -18.91 -33.69 -22.02
CA LYS B 214 -19.32 -35.11 -21.94
C LYS B 214 -20.28 -35.49 -23.08
N GLY B 215 -20.49 -34.58 -24.05
CA GLY B 215 -21.38 -34.85 -25.19
C GLY B 215 -20.60 -35.27 -26.43
N HIS B 216 -19.27 -35.47 -26.25
CA HIS B 216 -18.32 -35.74 -27.33
C HIS B 216 -17.29 -36.80 -26.90
N LYS B 217 -16.48 -37.28 -27.87
CA LYS B 217 -15.48 -38.35 -27.66
C LYS B 217 -14.05 -37.81 -27.78
N ALA B 218 -13.10 -38.45 -27.09
CA ALA B 218 -11.70 -38.02 -27.01
C ALA B 218 -11.01 -37.93 -28.40
N GLY B 219 -10.17 -36.91 -28.56
CA GLY B 219 -9.36 -36.74 -29.77
C GLY B 219 -10.07 -36.01 -30.91
N GLU B 220 -11.06 -35.16 -30.58
CA GLU B 220 -11.69 -34.25 -31.57
C GLU B 220 -11.81 -32.81 -31.02
N GLU B 221 -12.03 -31.87 -31.96
CA GLU B 221 -12.23 -30.43 -31.67
C GLU B 221 -13.68 -30.05 -32.00
N PHE B 222 -14.24 -29.07 -31.26
CA PHE B 222 -15.62 -28.57 -31.47
C PHE B 222 -15.82 -27.23 -30.75
N THR B 223 -17.03 -26.69 -30.82
CA THR B 223 -17.43 -25.51 -30.05
C THR B 223 -18.77 -25.74 -29.36
N ILE B 224 -18.94 -25.08 -28.21
CA ILE B 224 -20.20 -25.04 -27.45
C ILE B 224 -20.52 -23.58 -27.13
N ASP B 225 -21.80 -23.26 -26.97
CA ASP B 225 -22.23 -21.94 -26.49
C ASP B 225 -23.27 -22.13 -25.39
N VAL B 226 -23.03 -21.50 -24.23
CA VAL B 226 -23.89 -21.60 -23.05
C VAL B 226 -24.20 -20.21 -22.52
N THR B 227 -24.95 -20.12 -21.41
CA THR B 227 -25.35 -18.85 -20.80
C THR B 227 -24.97 -18.87 -19.31
N PHE B 228 -24.27 -17.81 -18.85
CA PHE B 228 -23.79 -17.70 -17.47
C PHE B 228 -24.96 -17.61 -16.46
N PRO B 229 -24.90 -18.37 -15.32
CA PRO B 229 -25.96 -18.35 -14.28
C PRO B 229 -26.06 -16.98 -13.57
N GLU B 230 -27.20 -16.72 -12.91
CA GLU B 230 -27.36 -15.51 -12.06
C GLU B 230 -26.38 -15.55 -10.86
N GLU B 231 -25.97 -16.77 -10.47
CA GLU B 231 -24.97 -16.99 -9.41
C GLU B 231 -23.55 -16.62 -9.87
N TYR B 232 -23.33 -16.46 -11.20
CA TYR B 232 -21.99 -16.17 -11.76
C TYR B 232 -21.44 -14.81 -11.25
N HIS B 233 -20.09 -14.72 -11.22
CA HIS B 233 -19.32 -13.63 -10.57
C HIS B 233 -19.75 -12.22 -11.01
N ALA B 234 -19.49 -11.90 -12.29
CA ALA B 234 -19.69 -10.54 -12.83
C ALA B 234 -21.12 -10.39 -13.39
N GLU B 235 -21.83 -9.38 -12.87
CA GLU B 235 -23.19 -8.99 -13.28
C GLU B 235 -23.29 -8.69 -14.79
N ASN B 236 -22.23 -8.06 -15.32
CA ASN B 236 -22.13 -7.70 -16.75
C ASN B 236 -22.13 -8.94 -17.66
N LEU B 237 -21.57 -10.05 -17.14
CA LEU B 237 -21.43 -11.31 -17.89
C LEU B 237 -22.56 -12.30 -17.59
N LYS B 238 -23.17 -12.22 -16.38
CA LYS B 238 -24.25 -13.16 -15.98
C LYS B 238 -25.55 -12.83 -16.74
N GLY B 239 -26.29 -13.87 -17.15
CA GLY B 239 -27.48 -13.71 -18.00
C GLY B 239 -27.12 -13.66 -19.48
N LYS B 240 -25.84 -13.35 -19.80
CA LYS B 240 -25.34 -13.22 -21.17
C LYS B 240 -24.83 -14.59 -21.67
N ALA B 241 -24.86 -14.79 -23.00
CA ALA B 241 -24.36 -16.02 -23.65
C ALA B 241 -22.82 -15.97 -23.78
N ALA B 242 -22.22 -17.13 -24.11
CA ALA B 242 -20.76 -17.30 -24.19
C ALA B 242 -20.40 -18.52 -25.04
N LYS B 243 -19.68 -18.30 -26.15
CA LYS B 243 -19.13 -19.38 -26.98
C LYS B 243 -17.80 -19.88 -26.38
N PHE B 244 -17.43 -21.13 -26.71
CA PHE B 244 -16.25 -21.83 -26.15
C PHE B 244 -15.71 -22.82 -27.18
N ALA B 245 -14.55 -22.51 -27.78
CA ALA B 245 -13.91 -23.40 -28.77
C ALA B 245 -13.12 -24.51 -28.04
N ILE B 246 -13.82 -25.64 -27.75
CA ILE B 246 -13.27 -26.77 -26.98
C ILE B 246 -12.39 -27.68 -27.86
N ASN B 247 -11.38 -28.32 -27.24
CA ASN B 247 -10.60 -29.40 -27.86
C ASN B 247 -10.35 -30.47 -26.80
N LEU B 248 -10.84 -31.70 -27.05
CA LEU B 248 -10.61 -32.84 -26.16
C LEU B 248 -9.18 -33.36 -26.39
N LYS B 249 -8.24 -32.67 -25.73
CA LYS B 249 -6.79 -32.89 -25.86
C LYS B 249 -6.42 -34.31 -25.40
N LYS B 250 -6.74 -34.60 -24.13
CA LYS B 250 -6.53 -35.91 -23.50
C LYS B 250 -7.76 -36.24 -22.66
N VAL B 251 -8.03 -37.53 -22.45
CA VAL B 251 -9.06 -37.98 -21.50
C VAL B 251 -8.49 -39.17 -20.73
N GLU B 252 -8.15 -38.94 -19.47
CA GLU B 252 -7.76 -39.98 -18.52
C GLU B 252 -9.01 -40.59 -17.89
N GLU B 253 -9.06 -41.93 -17.87
CA GLU B 253 -10.06 -42.68 -17.11
C GLU B 253 -9.58 -42.82 -15.65
N ARG B 254 -10.51 -42.90 -14.69
CA ARG B 254 -10.15 -42.97 -13.26
C ARG B 254 -9.67 -44.40 -12.92
N GLU B 255 -8.55 -44.47 -12.18
CA GLU B 255 -7.97 -45.71 -11.69
C GLU B 255 -7.76 -45.59 -10.18
N LEU B 256 -8.16 -46.63 -9.43
CA LEU B 256 -7.81 -46.80 -8.01
C LEU B 256 -6.79 -47.94 -7.91
N PRO B 257 -5.45 -47.63 -7.99
CA PRO B 257 -4.38 -48.66 -7.91
C PRO B 257 -3.97 -48.95 -6.45
N GLU B 258 -2.81 -49.57 -6.27
CA GLU B 258 -2.21 -49.76 -4.93
C GLU B 258 -1.83 -48.40 -4.31
N LEU B 259 -1.74 -48.35 -2.97
CA LEU B 259 -1.17 -47.21 -2.24
C LEU B 259 0.37 -47.33 -2.33
N THR B 260 0.89 -47.07 -3.55
CA THR B 260 2.29 -47.37 -3.93
C THR B 260 3.27 -46.48 -3.16
N ALA B 261 4.49 -47.00 -2.91
CA ALA B 261 5.60 -46.23 -2.31
C ALA B 261 5.92 -44.98 -3.15
N GLU B 262 5.65 -45.07 -4.45
CA GLU B 262 5.85 -43.99 -5.43
C GLU B 262 4.80 -42.87 -5.22
N PHE B 263 3.59 -43.26 -4.76
CA PHE B 263 2.50 -42.32 -4.43
C PHE B 263 2.82 -41.65 -3.10
N ILE B 264 3.25 -42.47 -2.12
CA ILE B 264 3.70 -42.01 -0.78
C ILE B 264 4.76 -40.89 -0.92
N LYS B 265 5.77 -41.19 -1.75
CA LYS B 265 6.93 -40.32 -2.01
C LYS B 265 6.55 -39.10 -2.89
N ARG B 266 5.39 -39.18 -3.58
CA ARG B 266 4.92 -38.12 -4.52
C ARG B 266 4.54 -36.83 -3.74
N PHE B 267 4.23 -37.00 -2.45
CA PHE B 267 3.92 -35.87 -1.52
C PHE B 267 5.19 -35.24 -0.94
N GLY B 268 6.37 -35.80 -1.29
CA GLY B 268 7.64 -35.34 -0.74
C GLY B 268 7.98 -36.05 0.57
N VAL B 269 7.41 -37.25 0.76
CA VAL B 269 7.73 -38.12 1.89
C VAL B 269 8.97 -38.94 1.55
N GLU B 270 10.13 -38.43 2.02
CA GLU B 270 11.47 -39.03 1.77
C GLU B 270 11.57 -40.41 2.46
N ASP B 271 10.80 -40.56 3.57
CA ASP B 271 10.74 -41.78 4.39
C ASP B 271 10.38 -43.01 3.52
N GLY B 272 9.53 -42.80 2.48
CA GLY B 272 9.22 -43.84 1.50
C GLY B 272 8.14 -44.82 1.93
N SER B 273 8.19 -45.24 3.22
CA SER B 273 7.21 -46.17 3.81
C SER B 273 5.84 -45.48 3.96
N VAL B 274 4.74 -46.27 3.86
CA VAL B 274 3.37 -45.77 4.08
C VAL B 274 3.26 -45.14 5.49
N GLU B 275 3.95 -45.74 6.46
CA GLU B 275 4.04 -45.23 7.85
C GLU B 275 4.58 -43.78 7.89
N GLY B 276 5.42 -43.40 6.90
CA GLY B 276 5.91 -42.03 6.76
C GLY B 276 4.82 -41.08 6.27
N LEU B 277 3.93 -41.60 5.39
CA LEU B 277 2.79 -40.84 4.84
C LEU B 277 1.83 -40.56 6.00
N ARG B 278 1.54 -41.64 6.76
CA ARG B 278 0.73 -41.60 7.99
C ARG B 278 1.33 -40.60 9.00
N ALA B 279 2.66 -40.63 9.14
CA ALA B 279 3.40 -39.81 10.12
C ALA B 279 3.23 -38.31 9.84
N GLU B 280 3.56 -37.92 8.59
CA GLU B 280 3.47 -36.51 8.15
C GLU B 280 2.04 -35.99 8.16
N VAL B 281 1.11 -36.81 7.66
CA VAL B 281 -0.31 -36.49 7.64
C VAL B 281 -0.82 -36.20 9.05
N ARG B 282 -0.58 -37.12 10.02
CA ARG B 282 -1.04 -36.97 11.43
C ARG B 282 -0.33 -35.80 12.14
N LYS B 283 0.93 -35.52 11.73
CA LYS B 283 1.74 -34.39 12.26
C LYS B 283 1.02 -33.07 11.93
N ASN B 284 0.56 -32.95 10.67
CA ASN B 284 -0.22 -31.79 10.20
C ASN B 284 -1.71 -31.91 10.55
N MET B 285 -2.19 -33.13 10.87
CA MET B 285 -3.60 -33.35 11.29
C MET B 285 -3.81 -32.81 12.70
N GLU B 286 -2.77 -32.88 13.54
CA GLU B 286 -2.77 -32.29 14.89
C GLU B 286 -2.81 -30.75 14.84
N ARG B 287 -1.97 -30.18 13.96
CA ARG B 287 -1.92 -28.72 13.74
C ARG B 287 -3.27 -28.21 13.23
N GLU B 288 -3.80 -28.90 12.20
CA GLU B 288 -5.11 -28.60 11.60
C GLU B 288 -6.25 -28.96 12.55
N LEU B 289 -6.02 -29.92 13.47
CA LEU B 289 -7.00 -30.29 14.52
C LEU B 289 -7.26 -29.06 15.36
N LYS B 290 -6.19 -28.55 15.99
CA LYS B 290 -6.27 -27.39 16.90
C LYS B 290 -6.73 -26.11 16.15
N SER B 291 -6.26 -25.95 14.90
CA SER B 291 -6.63 -24.81 14.03
C SER B 291 -8.12 -24.87 13.63
N ALA B 292 -8.66 -26.08 13.43
CA ALA B 292 -10.06 -26.29 13.00
C ALA B 292 -11.02 -26.23 14.18
N ILE B 293 -10.56 -26.64 15.39
CA ILE B 293 -11.32 -26.44 16.64
C ILE B 293 -11.47 -24.95 16.89
N ARG B 294 -10.33 -24.24 16.76
CA ARG B 294 -10.24 -22.79 16.88
C ARG B 294 -11.21 -22.13 15.88
N ASN B 295 -11.11 -22.55 14.60
CA ASN B 295 -11.93 -22.01 13.49
C ASN B 295 -13.42 -22.36 13.67
N ARG B 296 -13.74 -23.54 14.25
CA ARG B 296 -15.14 -23.96 14.45
C ARG B 296 -15.81 -23.09 15.51
N VAL B 297 -15.26 -23.11 16.74
CA VAL B 297 -15.82 -22.38 17.88
C VAL B 297 -15.85 -20.85 17.58
N LYS B 298 -14.84 -20.38 16.82
CA LYS B 298 -14.74 -18.98 16.36
C LYS B 298 -15.78 -18.66 15.27
N SER B 299 -16.03 -19.61 14.33
CA SER B 299 -17.04 -19.41 13.26
C SER B 299 -18.45 -19.30 13.86
N GLN B 300 -18.80 -20.24 14.75
CA GLN B 300 -20.10 -20.23 15.47
C GLN B 300 -20.21 -19.01 16.43
N ALA B 301 -19.07 -18.57 16.98
CA ALA B 301 -18.99 -17.32 17.75
C ALA B 301 -19.41 -16.11 16.88
N ILE B 302 -18.74 -15.93 15.74
CA ILE B 302 -18.97 -14.80 14.82
C ILE B 302 -20.39 -14.89 14.20
N GLU B 303 -20.84 -16.14 13.95
CA GLU B 303 -22.23 -16.45 13.54
C GLU B 303 -23.22 -15.80 14.52
N GLY B 304 -23.10 -16.18 15.81
CA GLY B 304 -24.01 -15.72 16.85
C GLY B 304 -23.92 -14.22 17.10
N LEU B 305 -22.69 -13.73 17.30
CA LEU B 305 -22.40 -12.31 17.61
C LEU B 305 -22.99 -11.38 16.54
N VAL B 306 -22.68 -11.64 15.25
CA VAL B 306 -23.18 -10.78 14.16
C VAL B 306 -24.68 -10.98 13.96
N LYS B 307 -25.14 -12.23 13.86
CA LYS B 307 -26.55 -12.56 13.49
C LYS B 307 -27.56 -12.05 14.54
N ALA B 308 -27.10 -11.96 15.81
CA ALA B 308 -27.90 -11.37 16.90
C ALA B 308 -27.76 -9.84 16.94
N ASN B 309 -26.60 -9.30 16.50
CA ASN B 309 -26.27 -7.85 16.67
C ASN B 309 -25.83 -7.22 15.35
N ASP B 310 -26.48 -7.62 14.23
CA ASP B 310 -26.13 -7.11 12.89
C ASP B 310 -26.66 -5.69 12.76
N ILE B 311 -25.80 -4.76 13.13
CA ILE B 311 -26.05 -3.34 12.99
C ILE B 311 -25.57 -2.88 11.62
N ASP B 312 -26.10 -1.75 11.16
CA ASP B 312 -25.72 -1.16 9.87
C ASP B 312 -24.86 0.07 10.16
N VAL B 313 -23.54 -0.11 10.03
CA VAL B 313 -22.54 0.93 10.31
C VAL B 313 -22.37 1.85 9.06
N PRO B 314 -21.66 3.03 9.19
CA PRO B 314 -21.28 3.88 8.06
C PRO B 314 -20.90 3.13 6.75
N ALA B 315 -21.57 3.51 5.65
CA ALA B 315 -21.36 2.93 4.31
C ALA B 315 -19.98 3.29 3.75
N ALA B 316 -19.28 4.25 4.41
CA ALA B 316 -17.88 4.58 4.13
C ALA B 316 -16.95 3.40 4.48
N LEU B 317 -17.26 2.72 5.61
CA LEU B 317 -16.54 1.51 6.05
C LEU B 317 -16.79 0.36 5.07
N ILE B 318 -18.09 0.15 4.71
CA ILE B 318 -18.50 -0.85 3.71
C ILE B 318 -17.80 -0.55 2.36
N ASP B 319 -17.68 0.73 2.02
CA ASP B 319 -17.02 1.20 0.76
C ASP B 319 -15.54 0.79 0.71
N SER B 320 -14.78 1.14 1.77
CA SER B 320 -13.34 0.89 1.86
C SER B 320 -13.04 -0.63 1.87
N GLU B 321 -13.76 -1.36 2.74
CA GLU B 321 -13.62 -2.82 2.88
C GLU B 321 -13.97 -3.55 1.56
N ILE B 322 -15.10 -3.15 0.93
CA ILE B 322 -15.53 -3.72 -0.37
C ILE B 322 -14.48 -3.44 -1.44
N ASP B 323 -13.87 -2.23 -1.43
CA ASP B 323 -12.83 -1.87 -2.41
C ASP B 323 -11.66 -2.86 -2.30
N VAL B 324 -11.14 -3.07 -1.08
CA VAL B 324 -10.02 -4.03 -0.83
C VAL B 324 -10.40 -5.47 -1.29
N LEU B 325 -11.51 -6.01 -0.75
CA LEU B 325 -11.96 -7.40 -0.99
C LEU B 325 -12.23 -7.68 -2.48
N ARG B 326 -12.91 -6.73 -3.14
CA ARG B 326 -13.43 -6.89 -4.50
C ARG B 326 -12.36 -6.57 -5.55
N ARG B 327 -11.38 -5.72 -5.19
CA ARG B 327 -10.21 -5.40 -6.04
C ARG B 327 -9.27 -6.62 -6.06
N GLN B 328 -9.06 -7.23 -4.87
CA GLN B 328 -8.28 -8.46 -4.73
C GLN B 328 -8.97 -9.65 -5.42
N ALA B 329 -10.31 -9.68 -5.39
CA ALA B 329 -11.09 -10.69 -6.11
C ALA B 329 -10.87 -10.54 -7.63
N ALA B 330 -11.09 -9.31 -8.12
CA ALA B 330 -10.95 -8.96 -9.55
C ALA B 330 -9.49 -9.08 -10.04
N GLN B 331 -8.53 -9.04 -9.11
CA GLN B 331 -7.10 -9.31 -9.39
C GLN B 331 -6.91 -10.74 -9.95
N ARG B 332 -7.75 -11.68 -9.48
CA ARG B 332 -7.81 -13.06 -10.03
C ARG B 332 -8.76 -13.08 -11.25
N PHE B 333 -9.97 -12.51 -11.08
CA PHE B 333 -11.03 -12.50 -12.10
C PHE B 333 -10.74 -11.43 -13.17
N GLY B 334 -9.82 -11.78 -14.09
CA GLY B 334 -9.47 -10.94 -15.24
C GLY B 334 -8.22 -10.11 -14.99
N GLY B 335 -8.15 -9.49 -13.81
CA GLY B 335 -7.03 -8.63 -13.43
C GLY B 335 -7.32 -7.15 -13.66
N ASN B 336 -8.61 -6.81 -13.77
CA ASN B 336 -9.08 -5.44 -14.07
C ASN B 336 -9.73 -4.83 -12.82
N GLU B 337 -9.35 -3.58 -12.51
CA GLU B 337 -9.88 -2.82 -11.36
C GLU B 337 -11.37 -2.48 -11.59
N LYS B 338 -11.70 -2.09 -12.83
CA LYS B 338 -13.08 -1.73 -13.25
C LYS B 338 -14.02 -2.95 -13.21
N GLN B 339 -13.46 -4.16 -13.49
CA GLN B 339 -14.21 -5.45 -13.43
C GLN B 339 -14.74 -5.71 -12.01
N ALA B 340 -14.01 -5.21 -11.00
CA ALA B 340 -14.41 -5.33 -9.58
C ALA B 340 -15.81 -4.77 -9.33
N LEU B 341 -16.03 -3.54 -9.81
CA LEU B 341 -17.27 -2.78 -9.57
C LEU B 341 -18.51 -3.47 -10.21
N GLU B 342 -18.27 -4.50 -11.06
CA GLU B 342 -19.31 -5.25 -11.78
C GLU B 342 -19.70 -6.56 -11.06
N LEU B 343 -19.06 -6.89 -9.92
CA LEU B 343 -19.49 -8.02 -9.05
C LEU B 343 -20.44 -7.51 -7.94
N PRO B 344 -21.53 -8.29 -7.57
CA PRO B 344 -22.51 -7.86 -6.54
C PRO B 344 -21.87 -7.56 -5.17
N ARG B 345 -21.90 -6.26 -4.79
CA ARG B 345 -21.33 -5.75 -3.52
C ARG B 345 -21.79 -6.60 -2.31
N GLU B 346 -23.05 -7.08 -2.43
CA GLU B 346 -23.76 -7.89 -1.42
C GLU B 346 -22.93 -9.09 -0.91
N LEU B 347 -22.22 -9.78 -1.84
CA LEU B 347 -21.48 -11.02 -1.50
C LEU B 347 -20.13 -10.66 -0.81
N PHE B 348 -19.68 -9.40 -1.00
CA PHE B 348 -18.45 -8.87 -0.36
C PHE B 348 -18.79 -8.16 0.95
N GLU B 349 -20.06 -7.71 1.06
CA GLU B 349 -20.59 -7.02 2.25
C GLU B 349 -20.94 -8.04 3.33
N GLU B 350 -21.24 -9.28 2.89
CA GLU B 350 -21.41 -10.43 3.79
C GLU B 350 -20.10 -10.68 4.58
N GLN B 351 -18.96 -10.29 3.95
CA GLN B 351 -17.64 -10.36 4.58
C GLN B 351 -17.41 -9.10 5.44
N ALA B 352 -17.53 -7.95 4.77
CA ALA B 352 -17.12 -6.64 5.30
C ALA B 352 -17.97 -6.21 6.51
N LYS B 353 -19.31 -6.15 6.31
CA LYS B 353 -20.25 -5.71 7.35
C LYS B 353 -20.12 -6.61 8.60
N ARG B 354 -19.92 -7.93 8.39
CA ARG B 354 -19.55 -8.84 9.50
C ARG B 354 -18.26 -8.38 10.19
N ARG B 355 -17.22 -8.06 9.39
CA ARG B 355 -15.85 -7.77 9.90
C ARG B 355 -15.86 -6.52 10.80
N VAL B 356 -16.59 -5.49 10.37
CA VAL B 356 -16.65 -4.20 11.08
C VAL B 356 -17.60 -4.27 12.30
N VAL B 357 -18.72 -5.03 12.18
CA VAL B 357 -19.64 -5.29 13.33
C VAL B 357 -18.87 -6.06 14.43
N VAL B 358 -18.05 -7.06 14.03
CA VAL B 358 -17.17 -7.81 14.94
C VAL B 358 -16.11 -6.89 15.58
N GLY B 359 -15.55 -5.97 14.76
CA GLY B 359 -14.57 -5.00 15.23
C GLY B 359 -15.11 -4.08 16.32
N LEU B 360 -16.40 -3.73 16.19
CA LEU B 360 -17.11 -2.91 17.19
C LEU B 360 -17.51 -3.75 18.42
N LEU B 361 -18.02 -4.98 18.20
CA LEU B 361 -18.51 -5.87 19.29
C LEU B 361 -17.34 -6.31 20.18
N LEU B 362 -16.40 -7.09 19.59
CA LEU B 362 -15.20 -7.59 20.30
C LEU B 362 -14.33 -6.44 20.81
N GLY B 363 -14.36 -5.30 20.07
CA GLY B 363 -13.75 -4.07 20.53
C GLY B 363 -14.29 -3.64 21.89
N GLU B 364 -15.61 -3.49 21.98
CA GLU B 364 -16.28 -3.09 23.22
C GLU B 364 -16.17 -4.16 24.32
N VAL B 365 -15.95 -5.44 23.96
CA VAL B 365 -15.75 -6.50 24.96
C VAL B 365 -14.41 -6.26 25.70
N ILE B 366 -13.30 -6.14 24.92
CA ILE B 366 -11.94 -5.94 25.49
C ILE B 366 -11.80 -4.57 26.19
N ARG B 367 -12.50 -3.54 25.68
CA ARG B 367 -12.49 -2.19 26.28
C ARG B 367 -13.29 -2.15 27.60
N THR B 368 -14.59 -2.48 27.53
CA THR B 368 -15.53 -2.36 28.68
C THR B 368 -15.14 -3.33 29.83
N ASN B 369 -14.77 -4.58 29.49
CA ASN B 369 -14.41 -5.60 30.50
C ASN B 369 -12.92 -5.47 30.90
N GLU B 370 -12.18 -4.55 30.26
CA GLU B 370 -10.74 -4.27 30.55
C GLU B 370 -9.88 -5.52 30.29
N LEU B 371 -10.22 -6.25 29.21
CA LEU B 371 -9.42 -7.39 28.76
C LEU B 371 -8.10 -6.85 28.22
N LYS B 372 -7.01 -7.19 28.88
CA LYS B 372 -5.66 -6.72 28.55
C LYS B 372 -4.87 -7.88 27.97
N ALA B 373 -3.84 -7.57 27.17
CA ALA B 373 -3.07 -8.56 26.41
C ALA B 373 -2.33 -9.53 27.35
N ASP B 374 -3.08 -10.54 27.82
CA ASP B 374 -2.64 -11.52 28.81
C ASP B 374 -1.45 -12.31 28.26
N GLU B 375 -0.26 -12.08 28.84
CA GLU B 375 1.01 -12.61 28.33
C GLU B 375 1.03 -14.15 28.36
N GLU B 376 0.24 -14.75 29.26
CA GLU B 376 0.08 -16.22 29.30
C GLU B 376 -0.69 -16.70 28.05
N ARG B 377 -1.70 -15.90 27.62
CA ARG B 377 -2.53 -16.21 26.44
C ARG B 377 -1.68 -16.09 25.18
N VAL B 378 -0.94 -14.97 25.05
CA VAL B 378 -0.16 -14.68 23.83
C VAL B 378 1.08 -15.59 23.74
N LYS B 379 1.68 -15.97 24.90
CA LYS B 379 2.79 -16.95 24.95
C LYS B 379 2.30 -18.33 24.50
N GLY B 380 1.13 -18.75 25.04
CA GLY B 380 0.52 -20.03 24.67
C GLY B 380 0.11 -20.11 23.21
N LEU B 381 -0.38 -18.98 22.69
CA LEU B 381 -0.79 -18.81 21.28
C LEU B 381 0.42 -18.95 20.35
N ILE B 382 1.47 -18.14 20.63
CA ILE B 382 2.72 -18.15 19.86
C ILE B 382 3.37 -19.55 19.93
N GLU B 383 3.33 -20.20 21.12
CA GLU B 383 3.94 -21.54 21.35
C GLU B 383 3.24 -22.58 20.45
N GLU B 384 1.89 -22.61 20.54
CA GLU B 384 1.05 -23.59 19.83
C GLU B 384 1.25 -23.48 18.31
N MET B 385 1.34 -22.24 17.80
CA MET B 385 1.61 -22.01 16.36
C MET B 385 3.11 -22.20 16.03
N ALA B 386 4.00 -21.99 17.03
CA ALA B 386 5.47 -22.11 16.87
C ALA B 386 5.91 -23.58 16.77
N SER B 387 5.04 -24.48 17.27
CA SER B 387 5.16 -25.93 17.06
C SER B 387 5.14 -26.28 15.54
N ALA B 388 4.55 -25.36 14.74
CA ALA B 388 4.56 -25.45 13.26
C ALA B 388 5.76 -24.68 12.64
N TYR B 389 6.44 -23.82 13.45
CA TYR B 389 7.63 -23.05 13.02
C TYR B 389 8.93 -23.84 13.29
N GLU B 390 10.07 -23.17 12.99
CA GLU B 390 11.41 -23.77 13.02
C GLU B 390 11.84 -24.20 14.44
N ASP B 391 11.86 -23.23 15.39
CA ASP B 391 12.37 -23.48 16.75
C ASP B 391 11.48 -22.78 17.81
N PRO B 392 10.39 -23.49 18.30
CA PRO B 392 9.28 -22.91 19.14
C PRO B 392 9.70 -21.85 20.19
N LYS B 393 10.56 -22.27 21.13
CA LYS B 393 11.00 -21.43 22.27
C LYS B 393 11.60 -20.09 21.79
N GLU B 394 12.50 -20.18 20.80
CA GLU B 394 13.16 -19.00 20.23
C GLU B 394 12.21 -18.19 19.32
N VAL B 395 11.08 -18.80 18.88
CA VAL B 395 10.03 -18.07 18.12
C VAL B 395 9.34 -17.10 19.08
N ILE B 396 8.97 -17.63 20.25
CA ILE B 396 8.34 -16.86 21.34
C ILE B 396 9.29 -15.73 21.79
N GLU B 397 10.60 -16.07 21.89
CA GLU B 397 11.69 -15.12 22.24
C GLU B 397 11.74 -13.94 21.24
N PHE B 398 11.93 -14.27 19.96
CA PHE B 398 12.16 -13.28 18.88
C PHE B 398 10.95 -12.35 18.74
N TYR B 399 9.75 -12.93 18.89
CA TYR B 399 8.49 -12.17 18.78
C TYR B 399 8.32 -11.21 19.96
N SER B 400 8.53 -11.70 21.21
CA SER B 400 8.42 -10.87 22.43
C SER B 400 9.46 -9.72 22.45
N LYS B 401 10.56 -9.91 21.71
CA LYS B 401 11.63 -8.90 21.58
C LYS B 401 11.34 -7.91 20.43
N ASN B 402 10.41 -8.25 19.53
CA ASN B 402 10.07 -7.41 18.36
C ASN B 402 8.65 -6.84 18.54
N LYS B 403 8.57 -5.56 18.99
CA LYS B 403 7.29 -4.88 19.31
C LYS B 403 6.32 -4.87 18.11
N GLU B 404 6.87 -4.77 16.88
CA GLU B 404 6.08 -4.72 15.63
C GLU B 404 5.15 -5.95 15.51
N LEU B 405 5.72 -7.14 15.68
CA LEU B 405 5.00 -8.41 15.54
C LEU B 405 4.27 -8.77 16.85
N MET B 406 4.93 -8.48 18.00
CA MET B 406 4.40 -8.76 19.35
C MET B 406 3.06 -8.04 19.58
N ASP B 407 2.96 -6.79 19.08
CA ASP B 407 1.74 -5.95 19.22
C ASP B 407 0.57 -6.65 18.53
N ASN B 408 0.82 -7.12 17.29
CA ASN B 408 -0.17 -7.82 16.47
C ASN B 408 -0.62 -9.13 17.15
N MET B 409 0.34 -9.85 17.76
CA MET B 409 0.06 -11.10 18.47
C MET B 409 -0.79 -10.84 19.73
N ARG B 410 -0.51 -9.72 20.40
CA ARG B 410 -1.26 -9.27 21.59
C ARG B 410 -2.71 -8.91 21.20
N ASN B 411 -2.85 -8.28 20.02
CA ASN B 411 -4.16 -7.88 19.45
C ASN B 411 -5.03 -9.11 19.14
N VAL B 412 -4.45 -10.09 18.42
CA VAL B 412 -5.19 -11.30 18.02
C VAL B 412 -5.49 -12.18 19.25
N ALA B 413 -4.58 -12.17 20.25
CA ALA B 413 -4.80 -12.86 21.54
C ALA B 413 -5.97 -12.23 22.29
N LEU B 414 -6.07 -10.88 22.20
CA LEU B 414 -7.18 -10.12 22.79
C LEU B 414 -8.50 -10.36 22.06
N GLU B 415 -8.46 -10.53 20.73
CA GLU B 415 -9.65 -10.84 19.92
C GLU B 415 -10.20 -12.22 20.29
N GLU B 416 -9.29 -13.20 20.44
CA GLU B 416 -9.63 -14.56 20.93
C GLU B 416 -10.16 -14.52 22.37
N GLN B 417 -9.55 -13.65 23.19
CA GLN B 417 -9.94 -13.44 24.61
C GLN B 417 -11.34 -12.80 24.68
N ALA B 418 -11.64 -11.93 23.70
CA ALA B 418 -12.93 -11.24 23.58
C ALA B 418 -14.03 -12.21 23.15
N VAL B 419 -13.67 -13.10 22.21
CA VAL B 419 -14.54 -14.18 21.74
C VAL B 419 -14.91 -15.08 22.93
N GLU B 420 -13.89 -15.65 23.60
CA GLU B 420 -14.09 -16.60 24.71
C GLU B 420 -14.74 -15.94 25.94
N ALA B 421 -14.58 -14.60 26.09
CA ALA B 421 -15.33 -13.81 27.09
C ALA B 421 -16.85 -13.94 26.88
N VAL B 422 -17.32 -13.57 25.66
CA VAL B 422 -18.77 -13.64 25.33
C VAL B 422 -19.26 -15.11 25.27
N LEU B 423 -18.34 -16.06 24.92
CA LEU B 423 -18.66 -17.51 24.90
C LEU B 423 -18.88 -18.04 26.34
N ALA B 424 -18.07 -17.53 27.30
CA ALA B 424 -18.13 -17.93 28.72
C ALA B 424 -19.51 -17.62 29.35
N LYS B 425 -20.21 -16.65 28.75
CA LYS B 425 -21.59 -16.29 29.13
C LYS B 425 -22.62 -16.96 28.20
N ALA B 426 -22.18 -17.28 26.97
CA ALA B 426 -23.03 -17.83 25.89
C ALA B 426 -23.40 -19.31 26.07
N LYS B 427 -24.26 -19.80 25.17
CA LYS B 427 -24.74 -21.18 25.17
C LYS B 427 -23.71 -22.10 24.52
N VAL B 428 -22.65 -22.47 25.29
CA VAL B 428 -21.60 -23.41 24.83
C VAL B 428 -22.13 -24.85 24.91
N THR B 429 -22.53 -25.38 23.76
CA THR B 429 -23.07 -26.74 23.63
C THR B 429 -21.94 -27.68 23.19
N GLU B 430 -21.60 -28.69 24.02
CA GLU B 430 -20.58 -29.70 23.70
C GLU B 430 -21.08 -30.59 22.55
N LYS B 431 -20.15 -31.03 21.68
CA LYS B 431 -20.49 -31.74 20.45
C LYS B 431 -19.40 -32.77 20.13
N GLU B 432 -19.61 -33.98 20.66
CA GLU B 432 -18.75 -35.15 20.38
C GLU B 432 -18.82 -35.51 18.87
N THR B 433 -17.72 -35.23 18.16
CA THR B 433 -17.60 -35.45 16.71
C THR B 433 -16.23 -36.05 16.38
N THR B 434 -15.98 -36.25 15.08
CA THR B 434 -14.74 -36.84 14.56
C THR B 434 -13.89 -35.76 13.87
N PHE B 435 -12.61 -36.10 13.57
CA PHE B 435 -11.72 -35.27 12.70
C PHE B 435 -12.41 -35.07 11.33
N ASN B 436 -13.09 -36.15 10.87
CA ASN B 436 -13.92 -36.15 9.65
C ASN B 436 -14.93 -34.99 9.69
N GLU B 437 -15.78 -34.97 10.75
CA GLU B 437 -16.84 -33.95 10.91
C GLU B 437 -16.29 -32.56 11.21
N LEU B 438 -15.07 -32.49 11.73
CA LEU B 438 -14.39 -31.22 12.02
C LEU B 438 -14.05 -30.49 10.71
N MET B 439 -13.46 -31.22 9.76
CA MET B 439 -13.12 -30.71 8.41
C MET B 439 -14.35 -30.70 7.49
N ASN B 440 -15.37 -31.51 7.81
CA ASN B 440 -16.66 -31.57 7.06
C ASN B 440 -17.61 -30.43 7.48
N GLN B 441 -17.13 -29.61 8.47
CA GLN B 441 -17.86 -28.53 9.21
C GLN B 441 -19.38 -28.47 8.90
N GLN B 442 -20.16 -29.12 9.75
CA GLN B 442 -21.60 -29.31 9.59
C GLN B 442 -22.29 -28.96 10.91
N ALA B 443 -23.22 -27.98 10.88
CA ALA B 443 -23.89 -27.40 12.07
C ALA B 443 -24.50 -28.51 12.97
N MET A 12 13.66 -26.17 7.90
CA MET A 12 13.46 -25.00 7.02
C MET A 12 14.47 -25.06 5.86
N GLN A 13 13.97 -25.10 4.60
CA GLN A 13 14.83 -25.01 3.41
C GLN A 13 15.20 -23.54 3.17
N VAL A 14 16.03 -23.00 4.06
CA VAL A 14 16.50 -21.61 4.03
C VAL A 14 18.04 -21.61 4.04
N SER A 15 18.65 -20.48 3.71
CA SER A 15 20.10 -20.31 3.80
C SER A 15 20.44 -18.83 4.00
N VAL A 16 20.49 -18.41 5.28
CA VAL A 16 20.88 -17.05 5.66
C VAL A 16 22.41 -16.86 5.48
N GLU A 17 22.76 -16.30 4.33
CA GLU A 17 24.13 -15.88 4.02
C GLU A 17 24.34 -14.45 4.54
N THR A 18 25.60 -14.08 4.82
CA THR A 18 25.95 -12.69 5.17
C THR A 18 26.44 -11.97 3.90
N THR A 19 25.69 -10.93 3.47
CA THR A 19 26.04 -10.12 2.29
C THR A 19 27.30 -9.25 2.60
N GLN A 20 27.27 -8.58 3.77
CA GLN A 20 28.41 -7.76 4.26
C GLN A 20 28.09 -7.26 5.69
N GLY A 21 28.51 -8.04 6.71
CA GLY A 21 28.45 -7.64 8.12
C GLY A 21 27.02 -7.47 8.65
N LEU A 22 26.44 -6.31 8.35
CA LEU A 22 25.03 -6.01 8.64
C LEU A 22 24.15 -6.73 7.60
N GLY A 23 24.58 -6.65 6.33
CA GLY A 23 23.87 -7.24 5.21
C GLY A 23 23.77 -8.76 5.29
N ARG A 24 22.59 -9.31 4.96
CA ARG A 24 22.29 -10.75 5.07
C ARG A 24 21.35 -11.17 3.94
N ARG A 25 21.85 -12.08 3.10
CA ARG A 25 21.15 -12.66 1.95
C ARG A 25 20.46 -13.97 2.39
N VAL A 26 19.24 -13.85 2.95
CA VAL A 26 18.46 -15.00 3.44
C VAL A 26 17.75 -15.68 2.25
N THR A 27 18.47 -16.59 1.60
CA THR A 27 17.97 -17.32 0.44
C THR A 27 17.06 -18.48 0.87
N ILE A 28 15.74 -18.26 0.75
CA ILE A 28 14.72 -19.25 1.12
C ILE A 28 14.21 -19.99 -0.13
N THR A 29 14.37 -21.31 -0.13
CA THR A 29 13.81 -22.20 -1.15
C THR A 29 12.49 -22.80 -0.61
N ILE A 30 11.37 -22.13 -0.93
CA ILE A 30 10.03 -22.63 -0.60
C ILE A 30 9.71 -23.81 -1.53
N ALA A 31 9.59 -25.02 -0.95
CA ALA A 31 9.30 -26.25 -1.71
C ALA A 31 7.98 -26.11 -2.49
N ALA A 32 7.92 -26.75 -3.68
CA ALA A 32 6.70 -26.83 -4.51
C ALA A 32 5.53 -27.41 -3.71
N ASP A 33 5.86 -28.25 -2.72
CA ASP A 33 4.92 -28.77 -1.72
C ASP A 33 4.17 -27.61 -1.04
N SER A 34 4.97 -26.73 -0.39
CA SER A 34 4.49 -25.59 0.41
C SER A 34 3.76 -24.54 -0.46
N ILE A 35 4.22 -24.38 -1.71
CA ILE A 35 3.61 -23.44 -2.66
C ILE A 35 2.24 -23.94 -3.10
N GLU A 36 2.22 -25.10 -3.82
CA GLU A 36 1.00 -25.75 -4.33
C GLU A 36 -0.07 -25.84 -3.23
N THR A 37 0.32 -26.38 -2.05
CA THR A 37 -0.59 -26.56 -0.90
C THR A 37 -1.18 -25.22 -0.42
N ALA A 38 -0.33 -24.17 -0.29
CA ALA A 38 -0.76 -22.83 0.18
C ALA A 38 -1.73 -22.17 -0.80
N VAL A 39 -1.48 -22.34 -2.11
CA VAL A 39 -2.36 -21.84 -3.19
C VAL A 39 -3.73 -22.52 -3.09
N LYS A 40 -3.72 -23.85 -2.98
CA LYS A 40 -4.93 -24.70 -2.93
C LYS A 40 -5.71 -24.49 -1.62
N SER A 41 -4.97 -24.11 -0.55
CA SER A 41 -5.56 -23.74 0.74
C SER A 41 -6.35 -22.44 0.56
N GLU A 42 -5.70 -21.40 0.00
CA GLU A 42 -6.33 -20.10 -0.25
C GLU A 42 -7.49 -20.20 -1.25
N LEU A 43 -7.38 -21.14 -2.20
CA LEU A 43 -8.41 -21.42 -3.20
C LEU A 43 -9.67 -22.00 -2.55
N VAL A 44 -9.52 -23.09 -1.73
CA VAL A 44 -10.67 -23.72 -1.06
C VAL A 44 -11.28 -22.78 -0.01
N ASN A 45 -10.41 -21.99 0.66
CA ASN A 45 -10.82 -20.97 1.64
C ASN A 45 -11.78 -19.98 0.96
N VAL A 46 -11.29 -19.25 -0.06
CA VAL A 46 -12.09 -18.21 -0.77
C VAL A 46 -13.33 -18.85 -1.47
N ALA A 47 -13.23 -20.13 -1.87
CA ALA A 47 -14.35 -20.88 -2.48
C ALA A 47 -15.45 -21.20 -1.45
N LYS A 48 -15.08 -21.41 -0.17
CA LYS A 48 -16.05 -21.77 0.89
C LYS A 48 -16.47 -20.53 1.73
N LYS A 49 -15.63 -19.48 1.69
CA LYS A 49 -15.82 -18.25 2.50
C LYS A 49 -16.71 -17.27 1.74
N VAL A 50 -16.48 -17.16 0.43
CA VAL A 50 -17.29 -16.34 -0.49
C VAL A 50 -18.44 -17.20 -1.10
N ARG A 51 -18.30 -18.55 -0.97
CA ARG A 51 -19.33 -19.54 -1.39
C ARG A 51 -19.42 -19.59 -2.94
N ILE A 52 -18.24 -19.62 -3.57
CA ILE A 52 -18.10 -19.75 -5.04
C ILE A 52 -17.09 -20.90 -5.36
N ASP A 53 -17.64 -22.14 -5.37
CA ASP A 53 -16.86 -23.38 -5.65
C ASP A 53 -16.52 -23.52 -7.16
N GLY A 54 -16.96 -22.55 -7.98
CA GLY A 54 -16.68 -22.53 -9.42
C GLY A 54 -17.90 -22.92 -10.20
N PHE A 55 -17.95 -24.20 -10.65
CA PHE A 55 -19.05 -24.73 -11.47
C PHE A 55 -20.35 -24.85 -10.66
N ARG A 56 -20.32 -25.61 -9.55
CA ARG A 56 -21.54 -25.89 -8.77
C ARG A 56 -21.19 -26.56 -7.43
N LYS A 57 -21.00 -27.90 -7.45
CA LYS A 57 -20.71 -28.70 -6.24
C LYS A 57 -20.17 -30.07 -6.67
N GLY A 58 -19.44 -30.08 -7.81
CA GLY A 58 -18.84 -31.30 -8.35
C GLY A 58 -17.51 -31.66 -7.66
N LYS A 59 -16.66 -32.45 -8.35
CA LYS A 59 -15.32 -32.83 -7.85
C LYS A 59 -14.39 -31.60 -7.97
N VAL A 60 -13.85 -31.40 -9.20
CA VAL A 60 -12.92 -30.30 -9.59
C VAL A 60 -12.01 -29.84 -8.41
N PRO A 61 -10.96 -30.64 -8.05
CA PRO A 61 -10.10 -30.31 -6.89
C PRO A 61 -9.14 -29.16 -7.24
N MET A 62 -8.72 -28.39 -6.23
CA MET A 62 -7.78 -27.27 -6.42
C MET A 62 -6.38 -27.78 -6.84
N ASN A 63 -6.18 -29.11 -6.72
CA ASN A 63 -4.99 -29.85 -7.20
C ASN A 63 -4.66 -29.51 -8.67
N ILE A 64 -5.71 -29.44 -9.50
CA ILE A 64 -5.57 -29.06 -10.93
C ILE A 64 -5.67 -27.52 -11.10
N VAL A 65 -6.64 -26.91 -10.38
CA VAL A 65 -6.99 -25.47 -10.50
C VAL A 65 -5.76 -24.57 -10.33
N ALA A 66 -4.96 -24.88 -9.29
CA ALA A 66 -3.76 -24.10 -8.93
C ALA A 66 -2.68 -24.16 -10.01
N GLN A 67 -2.20 -25.38 -10.31
CA GLN A 67 -1.03 -25.57 -11.17
C GLN A 67 -1.32 -25.16 -12.63
N ARG A 68 -2.49 -25.55 -13.15
CA ARG A 68 -2.83 -25.35 -14.58
C ARG A 68 -3.26 -23.89 -14.88
N TYR A 69 -4.06 -23.24 -14.00
CA TYR A 69 -4.58 -21.87 -14.29
C TYR A 69 -4.76 -20.98 -13.04
N GLY A 70 -4.11 -21.35 -11.92
CA GLY A 70 -4.09 -20.49 -10.71
C GLY A 70 -2.85 -19.60 -10.70
N ALA A 71 -2.71 -18.79 -11.77
CA ALA A 71 -1.54 -17.92 -11.97
C ALA A 71 -1.72 -16.55 -11.29
N SER A 72 -2.95 -16.03 -11.34
CA SER A 72 -3.29 -14.69 -10.78
C SER A 72 -3.24 -14.68 -9.25
N VAL A 73 -3.64 -15.81 -8.63
CA VAL A 73 -3.66 -15.97 -7.16
C VAL A 73 -2.22 -16.08 -6.58
N ARG A 74 -1.23 -16.31 -7.47
CA ARG A 74 0.17 -16.49 -7.07
C ARG A 74 0.77 -15.22 -6.43
N GLN A 75 0.32 -14.02 -6.84
CA GLN A 75 0.81 -12.75 -6.25
C GLN A 75 0.39 -12.67 -4.76
N ASP A 76 -0.82 -13.19 -4.47
CA ASP A 76 -1.44 -13.15 -3.14
C ASP A 76 -0.77 -14.20 -2.23
N VAL A 77 -0.59 -15.41 -2.79
CA VAL A 77 0.04 -16.55 -2.09
C VAL A 77 1.52 -16.26 -1.82
N LEU A 78 2.30 -15.96 -2.87
CA LEU A 78 3.72 -15.56 -2.73
C LEU A 78 3.84 -14.29 -1.85
N GLY A 79 2.80 -13.42 -1.90
CA GLY A 79 2.68 -12.29 -0.98
C GLY A 79 2.59 -12.72 0.49
N ASP A 80 1.87 -13.84 0.74
CA ASP A 80 1.77 -14.45 2.09
C ASP A 80 3.09 -15.13 2.46
N LEU A 81 3.70 -15.85 1.49
CA LEU A 81 4.88 -16.68 1.73
C LEU A 81 6.10 -15.80 2.09
N MET A 82 6.30 -14.71 1.32
CA MET A 82 7.42 -13.76 1.51
C MET A 82 7.12 -12.73 2.63
N SER A 83 6.43 -13.18 3.69
CA SER A 83 6.18 -12.40 4.91
C SER A 83 6.03 -13.36 6.09
N ARG A 84 5.09 -14.32 5.93
CA ARG A 84 4.77 -15.36 6.92
C ARG A 84 5.89 -16.41 7.04
N ASN A 85 6.42 -16.90 5.90
CA ASN A 85 7.51 -17.90 5.91
C ASN A 85 8.83 -17.20 6.26
N PHE A 86 8.98 -15.97 5.73
CA PHE A 86 10.13 -15.12 6.01
C PHE A 86 10.31 -14.88 7.53
N ILE A 87 9.24 -14.38 8.21
CA ILE A 87 9.33 -13.93 9.61
C ILE A 87 9.83 -15.09 10.51
N ASP A 88 9.21 -16.27 10.41
CA ASP A 88 9.56 -17.42 11.26
C ASP A 88 10.95 -18.00 10.87
N ALA A 89 11.28 -17.98 9.55
CA ALA A 89 12.62 -18.41 9.07
C ALA A 89 13.77 -17.64 9.75
N ILE A 90 13.61 -16.29 9.86
CA ILE A 90 14.62 -15.45 10.51
C ILE A 90 14.41 -15.36 12.03
N ILE A 91 13.36 -16.03 12.57
CA ILE A 91 13.12 -16.12 14.03
C ILE A 91 14.02 -17.22 14.63
N LYS A 92 14.22 -18.29 13.85
CA LYS A 92 15.00 -19.46 14.27
C LYS A 92 16.48 -19.07 14.47
N GLU A 93 16.94 -18.11 13.65
CA GLU A 93 18.27 -17.49 13.77
C GLU A 93 18.22 -16.25 14.70
N LYS A 94 17.01 -15.67 14.83
CA LYS A 94 16.73 -14.41 15.57
C LYS A 94 17.48 -13.25 14.87
N ILE A 95 16.83 -12.69 13.83
CA ILE A 95 17.40 -11.63 12.98
C ILE A 95 16.33 -10.55 12.75
N ASN A 96 16.64 -9.30 13.10
CA ASN A 96 15.70 -8.16 12.93
C ASN A 96 16.21 -7.22 11.81
N PRO A 97 15.43 -7.02 10.70
CA PRO A 97 15.82 -6.10 9.59
C PRO A 97 15.64 -4.61 9.96
N ALA A 98 16.52 -3.77 9.42
CA ALA A 98 16.40 -2.31 9.52
C ALA A 98 15.56 -1.79 8.34
N GLY A 99 14.53 -0.99 8.64
CA GLY A 99 13.63 -0.41 7.63
C GLY A 99 12.75 -1.47 6.97
N ALA A 100 13.23 -2.04 5.86
CA ALA A 100 12.48 -3.01 5.05
C ALA A 100 13.44 -4.02 4.38
N PRO A 101 13.11 -5.35 4.36
CA PRO A 101 13.94 -6.37 3.69
C PRO A 101 13.69 -6.44 2.14
N THR A 102 14.78 -6.54 1.36
CA THR A 102 14.71 -6.57 -0.12
C THR A 102 14.60 -8.03 -0.62
N TYR A 103 13.37 -8.44 -0.97
CA TYR A 103 13.06 -9.78 -1.51
C TYR A 103 13.46 -9.86 -2.99
N VAL A 104 14.62 -10.49 -3.28
CA VAL A 104 15.09 -10.73 -4.66
C VAL A 104 14.56 -12.08 -5.18
N PRO A 105 13.46 -12.09 -6.01
CA PRO A 105 12.80 -13.35 -6.47
C PRO A 105 13.56 -13.99 -7.65
N GLY A 106 13.75 -15.32 -7.56
CA GLY A 106 14.48 -16.07 -8.59
C GLY A 106 13.55 -16.68 -9.64
N GLU A 107 12.66 -15.84 -10.22
CA GLU A 107 11.59 -16.22 -11.18
C GLU A 107 10.83 -17.50 -10.78
N TYR A 108 9.62 -17.32 -10.20
CA TYR A 108 8.72 -18.44 -9.88
C TYR A 108 8.30 -19.19 -11.16
N LYS A 109 8.12 -20.52 -11.02
CA LYS A 109 7.66 -21.39 -12.11
C LYS A 109 6.60 -22.37 -11.57
N LEU A 110 5.51 -22.59 -12.35
CA LEU A 110 4.35 -23.40 -11.93
C LEU A 110 4.76 -24.88 -11.73
N GLY A 111 4.40 -25.46 -10.58
CA GLY A 111 4.76 -26.84 -10.23
C GLY A 111 6.18 -26.98 -9.67
N GLU A 112 7.01 -25.93 -9.81
CA GLU A 112 8.39 -25.89 -9.29
C GLU A 112 8.43 -25.14 -7.95
N ASP A 113 9.59 -25.17 -7.28
CA ASP A 113 9.84 -24.43 -6.04
C ASP A 113 10.05 -22.93 -6.32
N PHE A 114 10.17 -22.14 -5.24
CA PHE A 114 10.39 -20.69 -5.32
C PHE A 114 11.56 -20.31 -4.39
N THR A 115 12.72 -20.12 -5.01
CA THR A 115 13.94 -19.65 -4.34
C THR A 115 14.04 -18.12 -4.48
N TYR A 116 14.21 -17.42 -3.34
CA TYR A 116 14.35 -15.94 -3.32
C TYR A 116 15.35 -15.51 -2.23
N SER A 117 16.24 -14.58 -2.58
CA SER A 117 17.29 -14.06 -1.69
C SER A 117 16.83 -12.76 -1.03
N VAL A 118 16.47 -12.85 0.27
CA VAL A 118 16.02 -11.67 1.03
C VAL A 118 17.25 -10.92 1.58
N GLU A 119 17.73 -9.92 0.82
CA GLU A 119 18.90 -9.12 1.20
C GLU A 119 18.46 -7.92 2.06
N PHE A 120 19.03 -7.81 3.27
CA PHE A 120 18.76 -6.68 4.19
C PHE A 120 19.90 -6.54 5.19
N GLU A 121 20.11 -5.31 5.65
CA GLU A 121 21.00 -5.02 6.78
C GLU A 121 20.19 -5.13 8.07
N VAL A 122 20.77 -5.79 9.09
CA VAL A 122 20.19 -5.83 10.44
C VAL A 122 20.30 -4.45 11.11
N TYR A 123 19.44 -4.18 12.10
CA TYR A 123 19.47 -2.90 12.84
C TYR A 123 20.46 -3.01 14.03
N PRO A 124 21.61 -2.25 14.02
CA PRO A 124 22.54 -2.14 15.17
C PRO A 124 22.32 -0.86 15.99
N GLU A 125 23.34 -0.44 16.75
CA GLU A 125 23.42 0.90 17.37
C GLU A 125 23.93 1.91 16.32
N VAL A 126 24.15 3.17 16.74
CA VAL A 126 24.67 4.23 15.86
C VAL A 126 25.52 5.24 16.66
N GLU A 127 26.79 5.42 16.25
CA GLU A 127 27.73 6.33 16.92
C GLU A 127 27.65 7.73 16.33
N LEU A 128 27.39 8.71 17.20
CA LEU A 128 27.41 10.14 16.86
C LEU A 128 28.41 10.85 17.79
N GLN A 129 29.30 11.67 17.20
CA GLN A 129 30.35 12.36 17.97
C GLN A 129 30.71 13.67 17.27
N GLY A 130 30.98 14.70 18.08
CA GLY A 130 31.15 16.07 17.60
C GLY A 130 30.00 16.96 18.02
N LEU A 131 29.21 16.50 19.01
CA LEU A 131 27.96 17.15 19.47
C LEU A 131 28.20 18.64 19.81
N GLU A 132 29.20 18.90 20.67
CA GLU A 132 29.63 20.27 21.05
C GLU A 132 30.35 20.98 19.89
N ALA A 133 30.94 20.19 18.96
CA ALA A 133 31.74 20.72 17.84
C ALA A 133 30.83 21.17 16.67
N ILE A 134 29.55 20.75 16.73
CA ILE A 134 28.49 21.24 15.82
C ILE A 134 28.32 22.76 16.00
N GLU A 135 28.82 23.51 14.99
CA GLU A 135 28.73 24.96 14.97
C GLU A 135 27.31 25.40 14.58
N VAL A 136 26.58 25.94 15.57
CA VAL A 136 25.22 26.43 15.43
C VAL A 136 25.24 27.96 15.57
N GLU A 137 24.55 28.64 14.64
CA GLU A 137 24.50 30.10 14.63
C GLU A 137 23.08 30.52 14.26
N LYS A 138 22.34 30.99 15.26
CA LYS A 138 20.96 31.44 15.11
C LYS A 138 20.94 32.94 14.71
N PRO A 139 20.55 33.28 13.44
CA PRO A 139 20.47 34.69 12.99
C PRO A 139 19.26 35.39 13.64
N ILE A 140 19.55 36.18 14.69
CA ILE A 140 18.52 36.98 15.39
C ILE A 140 18.18 38.19 14.52
N VAL A 141 17.28 37.97 13.58
CA VAL A 141 16.74 39.00 12.71
C VAL A 141 15.41 39.48 13.30
N GLU A 142 14.94 40.63 12.84
CA GLU A 142 13.67 41.21 13.29
C GLU A 142 13.02 41.89 12.08
N VAL A 143 11.69 41.72 11.94
CA VAL A 143 10.91 42.38 10.88
C VAL A 143 10.86 43.90 11.17
N THR A 144 11.92 44.62 10.74
CA THR A 144 11.98 46.06 10.81
C THR A 144 11.13 46.60 9.66
N ASP A 145 10.35 47.67 9.90
CA ASP A 145 9.46 48.25 8.88
C ASP A 145 10.27 48.82 7.69
N ALA A 146 11.56 49.13 7.99
CA ALA A 146 12.55 49.51 6.98
C ALA A 146 12.92 48.31 6.09
N ASP A 147 13.08 47.12 6.73
CA ASP A 147 13.37 45.86 6.00
C ASP A 147 12.16 45.45 5.14
N VAL A 148 10.94 45.71 5.64
CA VAL A 148 9.68 45.47 4.89
C VAL A 148 9.66 46.35 3.64
N ASP A 149 9.93 47.66 3.84
CA ASP A 149 9.92 48.67 2.77
C ASP A 149 11.02 48.40 1.73
N GLY A 150 12.19 47.97 2.21
CA GLY A 150 13.35 47.71 1.36
C GLY A 150 13.18 46.47 0.50
N MET A 151 12.63 45.41 1.12
CA MET A 151 12.29 44.15 0.44
C MET A 151 11.20 44.39 -0.61
N LEU A 152 10.20 45.21 -0.24
CA LEU A 152 9.04 45.52 -1.10
C LEU A 152 9.47 46.41 -2.29
N ASP A 153 10.49 47.28 -2.04
CA ASP A 153 11.14 48.05 -3.12
C ASP A 153 11.81 47.08 -4.11
N THR A 154 12.65 46.18 -3.56
CA THR A 154 13.30 45.12 -4.34
C THR A 154 12.27 44.30 -5.15
N LEU A 155 11.06 44.12 -4.58
CA LEU A 155 9.94 43.42 -5.24
C LEU A 155 9.48 44.24 -6.49
N ARG A 156 9.02 45.50 -6.30
CA ARG A 156 8.49 46.32 -7.45
C ARG A 156 9.61 46.86 -8.39
N LYS A 157 10.89 46.65 -8.01
CA LYS A 157 12.05 47.06 -8.83
C LYS A 157 12.59 45.87 -9.67
N GLN A 158 12.60 44.67 -9.08
CA GLN A 158 13.12 43.44 -9.75
C GLN A 158 11.96 42.71 -10.47
N GLN A 159 10.84 42.51 -9.75
CA GLN A 159 9.58 41.92 -10.27
C GLN A 159 8.61 43.04 -10.73
N ALA A 160 9.17 44.08 -11.37
CA ALA A 160 8.40 45.23 -11.90
C ALA A 160 7.47 44.83 -13.08
N THR A 161 6.52 45.72 -13.44
CA THR A 161 5.54 45.47 -14.52
C THR A 161 6.20 45.59 -15.91
N TRP A 162 5.41 45.25 -16.96
CA TRP A 162 5.90 45.19 -18.34
C TRP A 162 5.00 46.07 -19.25
N LYS A 163 5.62 46.64 -20.29
CA LYS A 163 4.93 47.51 -21.27
C LYS A 163 4.99 46.85 -22.66
N GLU A 164 3.98 47.07 -23.52
CA GLU A 164 3.96 46.50 -24.89
C GLU A 164 5.09 47.10 -25.74
N LYS A 165 5.86 46.22 -26.41
CA LYS A 165 7.04 46.61 -27.19
C LYS A 165 6.87 46.23 -28.67
N ASP A 166 7.12 47.18 -29.57
CA ASP A 166 7.12 46.94 -31.03
C ASP A 166 8.56 47.00 -31.55
N GLY A 167 9.18 45.82 -31.73
CA GLY A 167 10.54 45.73 -32.26
C GLY A 167 11.19 44.38 -32.04
N ALA A 168 12.52 44.42 -31.88
CA ALA A 168 13.35 43.20 -31.76
C ALA A 168 13.56 42.82 -30.29
N VAL A 169 13.55 41.51 -29.99
CA VAL A 169 13.84 40.99 -28.64
C VAL A 169 15.31 41.31 -28.29
N GLU A 170 15.53 41.81 -27.07
CA GLU A 170 16.86 42.24 -26.59
C GLU A 170 17.08 41.65 -25.18
N ALA A 171 18.11 42.14 -24.48
CA ALA A 171 18.38 41.77 -23.07
C ALA A 171 17.60 42.68 -22.10
N GLU A 172 16.94 43.72 -22.63
CA GLU A 172 16.29 44.78 -21.82
C GLU A 172 14.75 44.67 -21.91
N ASP A 173 14.25 43.42 -22.01
CA ASP A 173 12.80 43.13 -22.13
C ASP A 173 12.46 41.67 -21.79
N ARG A 174 11.15 41.40 -21.80
CA ARG A 174 10.55 40.08 -21.60
C ARG A 174 9.95 39.62 -22.93
N VAL A 175 9.94 38.31 -23.15
CA VAL A 175 9.43 37.70 -24.37
C VAL A 175 8.69 36.38 -24.04
N THR A 176 7.42 36.31 -24.47
CA THR A 176 6.60 35.09 -24.38
C THR A 176 6.76 34.29 -25.68
N ILE A 177 7.47 33.15 -25.59
CA ILE A 177 7.75 32.24 -26.71
C ILE A 177 7.14 30.86 -26.42
N ASP A 178 6.80 30.13 -27.47
CA ASP A 178 6.52 28.69 -27.39
C ASP A 178 7.66 27.93 -28.05
N PHE A 179 8.25 26.96 -27.30
CA PHE A 179 9.41 26.17 -27.80
C PHE A 179 9.19 24.66 -27.56
N THR A 180 9.58 23.88 -28.58
CA THR A 180 9.51 22.42 -28.59
C THR A 180 10.24 21.88 -29.85
N GLY A 181 10.57 20.60 -29.85
CA GLY A 181 11.16 19.94 -31.01
C GLY A 181 11.77 18.60 -30.65
N SER A 182 13.11 18.51 -30.71
CA SER A 182 13.84 17.27 -30.39
C SER A 182 15.28 17.61 -30.00
N VAL A 183 15.77 16.98 -28.93
CA VAL A 183 17.17 17.06 -28.52
C VAL A 183 17.98 16.03 -29.34
N ASP A 184 18.65 16.53 -30.40
CA ASP A 184 19.53 15.76 -31.31
C ASP A 184 18.73 14.75 -32.17
N GLY A 185 17.40 14.85 -32.16
CA GLY A 185 16.52 13.92 -32.87
C GLY A 185 15.66 13.08 -31.94
N GLU A 186 16.03 13.03 -30.64
CA GLU A 186 15.24 12.32 -29.60
C GLU A 186 14.35 13.34 -28.87
N GLU A 187 13.21 12.87 -28.37
CA GLU A 187 12.24 13.73 -27.64
C GLU A 187 12.78 14.15 -26.24
N PHE A 188 12.01 15.01 -25.57
CA PHE A 188 12.35 15.53 -24.23
C PHE A 188 11.06 15.97 -23.51
N GLU A 189 10.44 15.00 -22.84
CA GLU A 189 9.20 15.20 -22.10
C GLU A 189 9.45 16.08 -20.86
N GLY A 190 8.70 17.19 -20.72
CA GLY A 190 8.82 18.08 -19.56
C GLY A 190 10.02 19.04 -19.63
N GLY A 191 10.84 18.92 -20.69
CA GLY A 191 11.99 19.82 -20.91
C GLY A 191 11.63 21.01 -21.80
N LYS A 192 10.31 21.18 -22.05
CA LYS A 192 9.78 22.20 -22.96
C LYS A 192 8.51 22.81 -22.39
N ALA A 193 8.19 24.03 -22.86
CA ALA A 193 7.02 24.78 -22.41
C ALA A 193 6.51 25.68 -23.55
N SER A 194 5.31 25.35 -24.07
CA SER A 194 4.57 26.20 -24.99
C SER A 194 4.00 27.42 -24.22
N ASP A 195 4.04 28.62 -24.82
CA ASP A 195 3.58 29.88 -24.18
C ASP A 195 4.44 30.17 -22.91
N PHE A 196 5.74 29.86 -23.03
CA PHE A 196 6.76 30.15 -22.01
C PHE A 196 7.02 31.65 -21.92
N VAL A 197 7.15 32.14 -20.69
CA VAL A 197 7.50 33.53 -20.40
C VAL A 197 8.97 33.63 -19.92
N LEU A 198 9.84 34.20 -20.76
CA LEU A 198 11.26 34.50 -20.41
C LEU A 198 11.38 35.98 -20.04
N ALA A 199 11.91 36.27 -18.85
CA ALA A 199 12.12 37.65 -18.37
C ALA A 199 13.58 37.86 -18.00
N MET A 200 14.11 39.02 -18.42
CA MET A 200 15.50 39.45 -18.14
C MET A 200 15.74 39.81 -16.66
N GLY A 201 17.03 40.03 -16.33
CA GLY A 201 17.46 40.59 -15.04
C GLY A 201 17.19 39.70 -13.85
N GLN A 202 17.14 38.38 -14.09
CA GLN A 202 16.86 37.35 -13.07
C GLN A 202 17.45 36.00 -13.49
N GLY A 203 17.04 34.92 -12.76
CA GLY A 203 17.59 33.55 -12.83
C GLY A 203 18.41 33.17 -14.08
N ARG A 204 19.66 32.71 -13.83
CA ARG A 204 20.64 32.38 -14.86
C ARG A 204 20.24 31.10 -15.63
N MET A 205 19.75 31.30 -16.87
CA MET A 205 19.40 30.20 -17.79
C MET A 205 20.67 29.54 -18.37
N ILE A 206 20.50 28.64 -19.35
CA ILE A 206 21.64 28.00 -20.04
C ILE A 206 22.23 28.96 -21.10
N PRO A 207 23.61 29.01 -21.23
CA PRO A 207 24.29 29.74 -22.32
C PRO A 207 23.80 29.25 -23.70
N GLY A 208 23.42 30.18 -24.57
CA GLY A 208 22.92 29.87 -25.90
C GLY A 208 21.44 30.24 -26.07
N PHE A 209 20.60 29.78 -25.11
CA PHE A 209 19.12 29.92 -25.19
C PHE A 209 18.74 31.40 -25.33
N GLU A 210 18.96 32.18 -24.25
CA GLU A 210 18.63 33.62 -24.17
C GLU A 210 19.19 34.39 -25.39
N ASP A 211 20.47 34.07 -25.72
CA ASP A 211 21.23 34.65 -26.83
C ASP A 211 20.50 34.51 -28.17
N GLY A 212 19.86 33.32 -28.36
CA GLY A 212 19.15 33.03 -29.60
C GLY A 212 17.83 33.78 -29.68
N ILE A 213 17.11 33.81 -28.54
CA ILE A 213 15.78 34.43 -28.45
C ILE A 213 15.87 35.94 -28.75
N LYS A 214 16.94 36.57 -28.22
CA LYS A 214 17.21 38.00 -28.40
C LYS A 214 17.97 38.29 -29.72
N GLY A 215 17.97 37.33 -30.67
CA GLY A 215 18.62 37.51 -31.97
C GLY A 215 17.64 37.78 -33.10
N HIS A 216 16.34 37.91 -32.75
CA HIS A 216 15.24 38.06 -33.73
C HIS A 216 14.13 39.01 -33.20
N LYS A 217 13.13 39.32 -34.06
CA LYS A 217 12.08 40.34 -33.74
C LYS A 217 10.67 39.72 -33.62
N ALA A 218 9.79 40.42 -32.86
CA ALA A 218 8.44 39.93 -32.50
C ALA A 218 7.54 39.74 -33.72
N GLY A 219 6.92 38.53 -33.83
CA GLY A 219 5.97 38.21 -34.88
C GLY A 219 6.46 37.12 -35.83
N GLU A 220 7.78 36.87 -35.86
CA GLU A 220 8.37 35.84 -36.75
C GLU A 220 8.54 34.51 -35.99
N GLU A 221 8.78 33.45 -36.76
CA GLU A 221 9.01 32.09 -36.26
C GLU A 221 10.33 31.57 -36.86
N PHE A 222 11.07 30.80 -36.04
CA PHE A 222 12.38 30.23 -36.41
C PHE A 222 12.68 29.05 -35.48
N THR A 223 13.93 28.58 -35.48
CA THR A 223 14.41 27.59 -34.50
C THR A 223 15.85 27.94 -34.09
N ILE A 224 16.13 27.81 -32.78
CA ILE A 224 17.50 27.81 -32.26
C ILE A 224 17.97 26.36 -32.08
N ASP A 225 19.28 26.18 -31.92
CA ASP A 225 19.88 24.87 -31.66
C ASP A 225 20.97 25.07 -30.62
N VAL A 226 20.64 24.77 -29.37
CA VAL A 226 21.55 25.00 -28.23
C VAL A 226 21.80 23.67 -27.50
N THR A 227 23.09 23.29 -27.42
CA THR A 227 23.53 22.09 -26.73
C THR A 227 23.34 22.27 -25.21
N PHE A 228 22.77 21.26 -24.53
CA PHE A 228 22.69 21.27 -23.07
C PHE A 228 24.10 21.10 -22.47
N PRO A 229 24.49 21.96 -21.48
CA PRO A 229 25.80 21.88 -20.79
C PRO A 229 26.09 20.50 -20.20
N GLU A 230 27.37 20.13 -20.16
CA GLU A 230 27.82 18.86 -19.56
C GLU A 230 27.72 18.91 -18.01
N GLU A 231 27.46 20.11 -17.48
CA GLU A 231 27.14 20.34 -16.07
C GLU A 231 25.64 20.09 -15.77
N TYR A 232 24.79 20.01 -16.84
CA TYR A 232 23.32 19.81 -16.71
C TYR A 232 23.01 18.48 -16.00
N HIS A 233 21.90 18.46 -15.23
CA HIS A 233 21.63 17.40 -14.21
C HIS A 233 20.76 16.24 -14.76
N ALA A 234 20.85 15.96 -16.08
CA ALA A 234 20.25 14.75 -16.70
C ALA A 234 21.12 14.31 -17.89
N GLU A 235 21.56 13.04 -17.85
CA GLU A 235 22.42 12.40 -18.88
C GLU A 235 21.84 12.52 -20.30
N ASN A 236 20.50 12.31 -20.39
CA ASN A 236 19.73 12.27 -21.65
C ASN A 236 19.99 13.49 -22.53
N LEU A 237 19.83 14.66 -21.91
CA LEU A 237 19.78 15.94 -22.59
C LEU A 237 21.20 16.53 -22.76
N LYS A 238 22.06 16.36 -21.73
CA LYS A 238 23.40 16.98 -21.71
C LYS A 238 24.32 16.34 -22.75
N GLY A 239 25.14 17.18 -23.41
CA GLY A 239 26.02 16.73 -24.49
C GLY A 239 25.35 16.76 -25.87
N LYS A 240 24.01 16.61 -25.89
CA LYS A 240 23.21 16.60 -27.14
C LYS A 240 22.66 18.02 -27.41
N ALA A 241 22.57 18.38 -28.71
CA ALA A 241 22.11 19.71 -29.15
C ALA A 241 20.58 19.74 -29.28
N ALA A 242 19.94 20.62 -28.50
CA ALA A 242 18.47 20.76 -28.45
C ALA A 242 17.95 21.69 -29.56
N LYS A 243 17.06 21.13 -30.39
CA LYS A 243 16.39 21.86 -31.48
C LYS A 243 15.08 22.45 -30.94
N PHE A 244 15.07 23.78 -30.77
CA PHE A 244 13.95 24.52 -30.17
C PHE A 244 13.31 25.43 -31.22
N ALA A 245 12.13 25.03 -31.73
CA ALA A 245 11.31 25.89 -32.59
C ALA A 245 10.81 27.09 -31.77
N ILE A 246 11.44 28.27 -31.99
CA ILE A 246 11.10 29.49 -31.24
C ILE A 246 10.14 30.35 -32.08
N ASN A 247 8.90 30.50 -31.59
CA ASN A 247 7.93 31.47 -32.09
C ASN A 247 7.90 32.66 -31.14
N LEU A 248 8.33 33.84 -31.63
CA LEU A 248 8.26 35.09 -30.88
C LEU A 248 6.80 35.60 -30.90
N LYS A 249 6.02 35.09 -29.95
CA LYS A 249 4.58 35.36 -29.83
C LYS A 249 4.36 36.78 -29.30
N LYS A 250 4.80 37.04 -28.05
CA LYS A 250 4.64 38.34 -27.37
C LYS A 250 6.01 38.87 -26.93
N VAL A 251 6.18 40.20 -26.95
CA VAL A 251 7.40 40.87 -26.43
C VAL A 251 6.97 42.14 -25.67
N GLU A 252 7.15 42.14 -24.35
CA GLU A 252 6.83 43.27 -23.46
C GLU A 252 8.13 43.76 -22.80
N GLU A 253 8.43 45.06 -22.95
CA GLU A 253 9.72 45.65 -22.54
C GLU A 253 9.77 45.94 -21.03
N ARG A 254 11.00 45.91 -20.48
CA ARG A 254 11.26 46.16 -19.05
C ARG A 254 11.04 47.65 -18.74
N GLU A 255 10.26 47.93 -17.69
CA GLU A 255 10.06 49.28 -17.15
C GLU A 255 9.77 49.16 -15.65
N LEU A 256 10.28 50.12 -14.84
CA LEU A 256 10.11 50.13 -13.38
C LEU A 256 9.00 51.14 -13.00
N PRO A 257 7.77 50.67 -12.61
CA PRO A 257 6.75 51.55 -12.02
C PRO A 257 7.01 51.77 -10.52
N GLU A 258 6.61 52.94 -10.00
CA GLU A 258 6.56 53.21 -8.55
C GLU A 258 5.46 52.35 -7.90
N LEU A 259 5.36 52.41 -6.57
CA LEU A 259 4.42 51.57 -5.83
C LEU A 259 2.99 52.13 -5.98
N THR A 260 2.31 51.63 -7.02
CA THR A 260 1.01 52.13 -7.48
C THR A 260 -0.12 51.19 -7.01
N ALA A 261 -1.32 51.77 -6.76
CA ALA A 261 -2.49 51.02 -6.25
C ALA A 261 -2.93 49.91 -7.23
N GLU A 262 -2.66 50.12 -8.54
CA GLU A 262 -2.82 49.08 -9.59
C GLU A 262 -1.91 47.86 -9.33
N PHE A 263 -0.66 48.13 -8.90
CA PHE A 263 0.33 47.08 -8.57
C PHE A 263 -0.15 46.30 -7.33
N ILE A 264 -0.51 47.07 -6.28
CA ILE A 264 -1.00 46.52 -5.00
C ILE A 264 -2.22 45.58 -5.21
N LYS A 265 -3.15 46.05 -6.05
CA LYS A 265 -4.38 45.32 -6.41
C LYS A 265 -4.06 44.01 -7.17
N ARG A 266 -2.94 44.01 -7.94
CA ARG A 266 -2.57 42.87 -8.82
C ARG A 266 -2.13 41.64 -7.98
N PHE A 267 -1.68 41.91 -6.74
CA PHE A 267 -1.29 40.87 -5.77
C PHE A 267 -2.50 40.41 -4.92
N GLY A 268 -3.72 40.81 -5.34
CA GLY A 268 -4.97 40.31 -4.74
C GLY A 268 -5.49 41.20 -3.63
N VAL A 269 -4.76 42.27 -3.30
CA VAL A 269 -5.17 43.22 -2.24
C VAL A 269 -6.31 44.11 -2.77
N GLU A 270 -7.55 43.71 -2.41
CA GLU A 270 -8.82 44.36 -2.81
C GLU A 270 -8.87 45.86 -2.42
N ASP A 271 -8.06 46.23 -1.40
CA ASP A 271 -7.98 47.61 -0.88
C ASP A 271 -7.43 48.58 -1.94
N GLY A 272 -6.41 48.12 -2.69
CA GLY A 272 -5.67 48.99 -3.62
C GLY A 272 -4.64 49.87 -2.92
N SER A 273 -5.07 50.47 -1.79
CA SER A 273 -4.19 51.20 -0.86
C SER A 273 -3.06 50.29 -0.36
N VAL A 274 -1.81 50.82 -0.43
CA VAL A 274 -0.58 50.10 -0.03
C VAL A 274 -0.66 49.60 1.43
N GLU A 275 -1.45 50.32 2.25
CA GLU A 275 -1.71 49.97 3.67
C GLU A 275 -2.13 48.48 3.82
N GLY A 276 -2.93 47.98 2.85
CA GLY A 276 -3.32 46.57 2.83
C GLY A 276 -2.14 45.65 2.53
N LEU A 277 -1.28 46.09 1.58
CA LEU A 277 -0.13 45.30 1.11
C LEU A 277 0.87 45.15 2.27
N ARG A 278 1.11 46.25 3.00
CA ARG A 278 2.06 46.30 4.12
C ARG A 278 1.70 45.28 5.20
N ALA A 279 0.42 45.28 5.58
CA ALA A 279 -0.11 44.39 6.63
C ALA A 279 -0.02 42.92 6.18
N GLU A 280 -0.54 42.63 4.98
CA GLU A 280 -0.60 41.26 4.45
C GLU A 280 0.79 40.68 4.14
N VAL A 281 1.73 41.53 3.65
CA VAL A 281 3.09 41.07 3.33
C VAL A 281 3.88 40.87 4.62
N ARG A 282 3.64 41.74 5.63
CA ARG A 282 4.24 41.61 6.97
C ARG A 282 3.81 40.30 7.63
N LYS A 283 2.50 39.99 7.54
CA LYS A 283 1.91 38.77 8.13
C LYS A 283 2.46 37.51 7.46
N ASN A 284 2.42 37.49 6.13
CA ASN A 284 2.89 36.36 5.32
C ASN A 284 4.41 36.13 5.52
N MET A 285 5.16 37.24 5.62
CA MET A 285 6.62 37.23 5.78
C MET A 285 7.02 36.96 7.25
N GLU A 286 6.11 37.23 8.21
CA GLU A 286 6.31 36.91 9.65
C GLU A 286 6.12 35.41 9.85
N ARG A 287 5.05 34.89 9.24
CA ARG A 287 4.74 33.46 9.24
C ARG A 287 5.87 32.68 8.57
N GLU A 288 6.39 33.26 7.47
CA GLU A 288 7.55 32.75 6.75
C GLU A 288 8.84 32.94 7.58
N LEU A 289 8.92 34.06 8.35
CA LEU A 289 10.11 34.38 9.19
C LEU A 289 10.31 33.33 10.28
N LYS A 290 9.18 32.91 10.90
CA LYS A 290 9.16 31.87 11.95
C LYS A 290 9.77 30.58 11.38
N SER A 291 9.22 30.17 10.23
CA SER A 291 9.66 28.98 9.49
C SER A 291 11.09 29.15 8.96
N ALA A 292 11.50 30.40 8.66
CA ALA A 292 12.81 30.70 8.07
C ALA A 292 13.94 30.52 9.09
N ILE A 293 13.76 31.11 10.28
CA ILE A 293 14.74 31.01 11.39
C ILE A 293 14.79 29.57 11.90
N ARG A 294 13.58 28.96 12.08
CA ARG A 294 13.47 27.56 12.50
C ARG A 294 14.21 26.64 11.51
N ASN A 295 13.93 26.80 10.19
CA ASN A 295 14.50 25.94 9.14
C ASN A 295 15.99 26.25 8.92
N ARG A 296 16.43 27.49 9.23
CA ARG A 296 17.84 27.88 9.12
C ARG A 296 18.66 27.09 10.16
N VAL A 297 18.29 27.26 11.44
CA VAL A 297 19.00 26.56 12.55
C VAL A 297 18.75 25.04 12.50
N LYS A 298 17.59 24.62 11.94
CA LYS A 298 17.24 23.19 11.78
C LYS A 298 18.17 22.53 10.76
N SER A 299 18.30 23.15 9.57
CA SER A 299 19.13 22.63 8.47
C SER A 299 20.62 22.65 8.84
N GLN A 300 21.05 23.71 9.55
CA GLN A 300 22.44 23.85 10.04
C GLN A 300 22.75 22.86 11.19
N ALA A 301 21.73 22.55 12.02
CA ALA A 301 21.83 21.54 13.10
C ALA A 301 22.00 20.15 12.49
N ILE A 302 21.09 19.80 11.56
CA ILE A 302 21.10 18.53 10.82
C ILE A 302 22.44 18.36 10.07
N GLU A 303 22.89 19.48 9.45
CA GLU A 303 24.18 19.54 8.75
C GLU A 303 25.31 19.17 9.70
N GLY A 304 25.24 19.75 10.91
CA GLY A 304 26.17 19.42 11.99
C GLY A 304 26.14 17.94 12.37
N LEU A 305 24.93 17.39 12.57
CA LEU A 305 24.74 15.98 13.02
C LEU A 305 25.38 14.98 12.03
N VAL A 306 25.13 15.20 10.72
CA VAL A 306 25.67 14.33 9.65
C VAL A 306 27.21 14.52 9.55
N LYS A 307 27.61 15.79 9.32
CA LYS A 307 29.01 16.17 9.01
C LYS A 307 29.96 15.92 10.20
N ALA A 308 29.40 15.83 11.42
CA ALA A 308 30.16 15.51 12.64
C ALA A 308 30.69 14.08 12.62
N ASN A 309 29.92 13.14 12.03
CA ASN A 309 30.27 11.71 12.03
C ASN A 309 29.51 10.95 10.94
N ASP A 310 30.25 10.41 9.95
CA ASP A 310 29.69 9.55 8.91
C ASP A 310 29.33 8.19 9.51
N ILE A 311 28.05 8.01 9.82
CA ILE A 311 27.52 6.74 10.35
C ILE A 311 27.27 5.74 9.21
N ASP A 312 27.23 4.44 9.53
CA ASP A 312 26.86 3.42 8.52
C ASP A 312 25.34 3.32 8.46
N VAL A 313 24.83 3.28 7.23
CA VAL A 313 23.41 3.38 6.93
C VAL A 313 22.96 2.15 6.10
N PRO A 314 21.83 1.47 6.50
CA PRO A 314 21.36 0.24 5.81
C PRO A 314 20.96 0.51 4.34
N ALA A 315 21.61 -0.23 3.41
CA ALA A 315 21.49 -0.02 1.95
C ALA A 315 20.06 -0.23 1.42
N ALA A 316 19.25 -1.02 2.16
CA ALA A 316 17.82 -1.22 1.87
C ALA A 316 17.04 0.11 1.97
N LEU A 317 17.41 0.95 2.96
CA LEU A 317 16.82 2.28 3.18
C LEU A 317 17.22 3.24 2.06
N ILE A 318 18.51 3.16 1.64
CA ILE A 318 19.05 3.95 0.53
C ILE A 318 18.32 3.56 -0.79
N ASP A 319 18.04 2.26 -0.94
CA ASP A 319 17.31 1.70 -2.10
C ASP A 319 15.89 2.30 -2.15
N SER A 320 15.20 2.27 -0.99
CA SER A 320 13.84 2.82 -0.82
C SER A 320 13.79 4.32 -1.20
N GLU A 321 14.61 5.13 -0.52
CA GLU A 321 14.65 6.59 -0.69
C GLU A 321 15.05 6.99 -2.11
N ILE A 322 16.09 6.35 -2.69
CA ILE A 322 16.53 6.60 -4.08
C ILE A 322 15.35 6.38 -5.04
N ASP A 323 14.65 5.22 -4.90
CA ASP A 323 13.53 4.89 -5.80
C ASP A 323 12.38 5.90 -5.70
N VAL A 324 12.02 6.31 -4.45
CA VAL A 324 10.89 7.24 -4.20
C VAL A 324 11.20 8.66 -4.74
N LEU A 325 12.42 9.16 -4.48
CA LEU A 325 12.87 10.48 -4.94
C LEU A 325 12.93 10.53 -6.48
N ARG A 326 13.50 9.45 -7.06
CA ARG A 326 13.69 9.27 -8.51
C ARG A 326 12.32 9.23 -9.23
N ARG A 327 11.39 8.48 -8.62
CA ARG A 327 10.02 8.29 -9.12
C ARG A 327 9.29 9.64 -9.14
N GLN A 328 9.18 10.25 -7.93
CA GLN A 328 8.44 11.49 -7.68
C GLN A 328 8.87 12.59 -8.68
N ALA A 329 10.20 12.74 -8.82
CA ALA A 329 10.81 13.69 -9.75
C ALA A 329 10.41 13.38 -11.20
N ALA A 330 10.78 12.18 -11.68
CA ALA A 330 10.60 11.78 -13.10
C ALA A 330 9.12 11.60 -13.50
N GLN A 331 8.18 11.69 -12.53
CA GLN A 331 6.73 11.74 -12.83
C GLN A 331 6.30 13.10 -13.44
N ARG A 332 6.98 14.22 -13.09
CA ARG A 332 6.70 15.54 -13.75
C ARG A 332 7.84 15.91 -14.70
N PHE A 333 9.08 15.60 -14.30
CA PHE A 333 10.25 15.71 -15.17
C PHE A 333 10.24 14.52 -16.14
N GLY A 334 9.32 14.58 -17.12
CA GLY A 334 9.11 13.52 -18.10
C GLY A 334 7.70 12.98 -18.07
N GLY A 335 7.41 12.21 -17.03
CA GLY A 335 6.15 11.46 -16.93
C GLY A 335 6.38 9.96 -17.13
N ASN A 336 7.56 9.61 -17.64
CA ASN A 336 7.95 8.22 -17.93
C ASN A 336 9.23 7.86 -17.16
N GLU A 337 9.46 6.54 -17.03
CA GLU A 337 10.56 5.97 -16.22
C GLU A 337 11.92 6.13 -16.94
N LYS A 338 11.89 6.36 -18.27
CA LYS A 338 13.10 6.59 -19.09
C LYS A 338 13.96 7.70 -18.47
N GLN A 339 13.31 8.84 -18.19
CA GLN A 339 13.95 10.04 -17.59
C GLN A 339 14.63 9.72 -16.24
N ALA A 340 14.04 8.77 -15.48
CA ALA A 340 14.57 8.31 -14.19
C ALA A 340 15.96 7.67 -14.37
N LEU A 341 16.08 6.75 -15.37
CA LEU A 341 17.35 6.08 -15.71
C LEU A 341 18.41 7.09 -16.20
N GLU A 342 17.95 8.25 -16.69
CA GLU A 342 18.81 9.33 -17.19
C GLU A 342 19.19 10.33 -16.08
N LEU A 343 18.53 10.25 -14.90
CA LEU A 343 18.81 11.19 -13.78
C LEU A 343 19.93 10.62 -12.88
N PRO A 344 21.10 11.37 -12.74
CA PRO A 344 22.26 10.91 -11.93
C PRO A 344 21.89 10.71 -10.45
N ARG A 345 21.80 9.42 -10.03
CA ARG A 345 21.29 9.04 -8.69
C ARG A 345 22.05 9.71 -7.51
N GLU A 346 23.23 10.28 -7.81
CA GLU A 346 24.06 11.04 -6.84
C GLU A 346 23.25 12.17 -6.17
N LEU A 347 22.41 12.85 -7.00
CA LEU A 347 21.60 13.98 -6.52
C LEU A 347 20.42 13.50 -5.65
N PHE A 348 20.06 12.19 -5.77
CA PHE A 348 19.02 11.56 -4.93
C PHE A 348 19.67 10.97 -3.66
N GLU A 349 20.93 10.50 -3.80
CA GLU A 349 21.66 9.74 -2.77
C GLU A 349 22.02 10.63 -1.58
N GLU A 350 22.38 11.89 -1.86
CA GLU A 350 22.77 12.86 -0.84
C GLU A 350 21.58 13.21 0.08
N GLN A 351 20.42 13.54 -0.52
CA GLN A 351 19.18 13.88 0.24
C GLN A 351 18.65 12.63 1.00
N ALA A 352 18.70 11.48 0.32
CA ALA A 352 18.34 10.18 0.90
C ALA A 352 19.17 9.91 2.16
N LYS A 353 20.51 10.09 2.01
CA LYS A 353 21.46 9.87 3.10
C LYS A 353 21.18 10.82 4.27
N ARG A 354 20.72 12.06 3.97
CA ARG A 354 20.26 13.00 5.01
C ARG A 354 19.08 12.38 5.78
N ARG A 355 18.12 11.77 5.04
CA ARG A 355 16.90 11.19 5.65
C ARG A 355 17.27 10.04 6.61
N VAL A 356 18.10 9.10 6.11
CA VAL A 356 18.43 7.86 6.83
C VAL A 356 19.38 8.14 8.03
N VAL A 357 20.31 9.10 7.87
CA VAL A 357 21.23 9.51 8.96
C VAL A 357 20.46 10.22 10.08
N VAL A 358 19.56 11.16 9.71
CA VAL A 358 18.65 11.85 10.67
C VAL A 358 17.76 10.83 11.42
N GLY A 359 17.28 9.83 10.66
CA GLY A 359 16.42 8.78 11.20
C GLY A 359 17.11 7.93 12.25
N LEU A 360 18.34 7.48 11.95
CA LEU A 360 19.14 6.66 12.86
C LEU A 360 19.56 7.49 14.10
N LEU A 361 20.09 8.72 13.87
CA LEU A 361 20.60 9.60 14.93
C LEU A 361 19.46 10.04 15.87
N LEU A 362 18.54 10.90 15.36
CA LEU A 362 17.47 11.51 16.19
C LEU A 362 16.54 10.44 16.78
N GLY A 363 16.33 9.35 16.00
CA GLY A 363 15.57 8.19 16.47
C GLY A 363 16.21 7.52 17.68
N GLU A 364 17.54 7.29 17.61
CA GLU A 364 18.30 6.66 18.70
C GLU A 364 18.35 7.57 19.93
N VAL A 365 18.34 8.91 19.71
CA VAL A 365 18.33 9.90 20.80
C VAL A 365 17.03 9.74 21.63
N ILE A 366 15.87 9.91 20.98
CA ILE A 366 14.55 9.87 21.67
C ILE A 366 14.24 8.48 22.26
N ARG A 367 14.75 7.41 21.60
CA ARG A 367 14.59 6.01 22.06
C ARG A 367 15.44 5.77 23.34
N THR A 368 16.77 5.91 23.21
CA THR A 368 17.74 5.55 24.27
C THR A 368 17.70 6.52 25.47
N ASN A 369 17.75 7.83 25.17
CA ASN A 369 17.77 8.91 26.20
C ASN A 369 16.43 9.01 26.97
N GLU A 370 15.37 8.43 26.35
CA GLU A 370 14.00 8.42 26.86
C GLU A 370 13.41 9.85 26.84
N LEU A 371 13.14 10.32 25.62
CA LEU A 371 12.45 11.60 25.35
C LEU A 371 11.01 11.29 24.94
N LYS A 372 10.03 11.99 25.53
CA LYS A 372 8.60 11.88 25.16
C LYS A 372 8.10 13.26 24.74
N ALA A 373 7.19 13.28 23.73
CA ALA A 373 6.59 14.52 23.22
C ALA A 373 5.75 15.18 24.33
N ASP A 374 6.40 16.11 25.06
CA ASP A 374 5.81 16.80 26.24
C ASP A 374 4.58 17.58 25.82
N GLU A 375 3.56 17.58 26.69
CA GLU A 375 2.19 18.01 26.36
C GLU A 375 2.18 19.43 25.79
N GLU A 376 2.89 20.35 26.46
CA GLU A 376 2.97 21.76 26.06
C GLU A 376 4.01 22.00 24.94
N ARG A 377 4.95 21.05 24.72
CA ARG A 377 5.98 21.18 23.66
C ARG A 377 5.30 20.89 22.31
N VAL A 378 4.61 19.74 22.26
CA VAL A 378 3.85 19.32 21.08
C VAL A 378 2.66 20.27 20.84
N LYS A 379 1.95 20.67 21.92
CA LYS A 379 0.87 21.68 21.85
C LYS A 379 1.42 23.00 21.30
N GLY A 380 2.63 23.41 21.78
CA GLY A 380 3.29 24.62 21.31
C GLY A 380 3.61 24.60 19.81
N LEU A 381 4.05 23.42 19.33
CA LEU A 381 4.32 23.18 17.89
C LEU A 381 2.99 23.29 17.10
N ILE A 382 1.92 22.66 17.65
CA ILE A 382 0.59 22.66 17.02
C ILE A 382 0.03 24.11 16.98
N GLU A 383 0.26 24.91 18.04
CA GLU A 383 -0.18 26.33 18.13
C GLU A 383 0.51 27.16 17.06
N GLU A 384 1.85 27.00 16.98
CA GLU A 384 2.74 27.71 16.07
C GLU A 384 2.31 27.50 14.61
N MET A 385 2.05 26.23 14.24
CA MET A 385 1.58 25.90 12.88
C MET A 385 0.07 26.19 12.70
N ALA A 386 -0.71 26.18 13.80
CA ALA A 386 -2.18 26.44 13.77
C ALA A 386 -2.48 27.91 13.50
N SER A 387 -1.50 28.77 13.84
CA SER A 387 -1.52 30.20 13.48
C SER A 387 -1.51 30.40 11.94
N ALA A 388 -1.19 29.33 11.17
CA ALA A 388 -1.30 29.32 9.70
C ALA A 388 -2.66 28.77 9.21
N TYR A 389 -3.36 28.00 10.08
CA TYR A 389 -4.65 27.34 9.73
C TYR A 389 -5.83 28.32 9.87
N GLU A 390 -7.06 27.77 9.69
CA GLU A 390 -8.32 28.55 9.68
C GLU A 390 -8.54 29.30 11.02
N ASP A 391 -8.61 28.52 12.13
CA ASP A 391 -8.68 29.07 13.52
C ASP A 391 -7.88 28.14 14.43
N PRO A 392 -6.79 28.63 15.12
CA PRO A 392 -5.89 27.78 15.94
C PRO A 392 -6.59 26.94 17.04
N LYS A 393 -7.49 27.59 17.81
CA LYS A 393 -8.04 27.03 19.06
C LYS A 393 -8.68 25.64 18.85
N GLU A 394 -9.56 25.55 17.85
CA GLU A 394 -10.25 24.30 17.53
C GLU A 394 -9.26 23.28 16.94
N VAL A 395 -8.19 23.76 16.26
CA VAL A 395 -7.17 22.88 15.66
C VAL A 395 -6.47 22.09 16.78
N ILE A 396 -6.11 22.81 17.86
CA ILE A 396 -5.48 22.20 19.06
C ILE A 396 -6.46 21.16 19.67
N GLU A 397 -7.73 21.62 19.85
CA GLU A 397 -8.81 20.84 20.49
C GLU A 397 -8.98 19.45 19.82
N PHE A 398 -9.20 19.45 18.50
CA PHE A 398 -9.55 18.21 17.76
C PHE A 398 -8.29 17.37 17.46
N TYR A 399 -7.11 18.00 17.27
CA TYR A 399 -5.83 17.23 17.11
C TYR A 399 -5.56 16.40 18.37
N SER A 400 -5.87 16.99 19.54
CA SER A 400 -5.83 16.30 20.85
C SER A 400 -6.78 15.08 20.88
N LYS A 401 -7.92 15.18 20.15
CA LYS A 401 -8.90 14.07 20.01
C LYS A 401 -8.52 13.08 18.88
N ASN A 402 -7.62 13.50 17.96
CA ASN A 402 -7.28 12.71 16.76
C ASN A 402 -6.08 11.81 17.08
N LYS A 403 -6.30 10.48 17.06
CA LYS A 403 -5.28 9.47 17.38
C LYS A 403 -4.03 9.61 16.46
N GLU A 404 -4.24 9.33 15.17
CA GLU A 404 -3.14 9.05 14.23
C GLU A 404 -2.31 10.31 13.98
N LEU A 405 -3.01 11.44 13.80
CA LEU A 405 -2.37 12.74 13.55
C LEU A 405 -1.59 13.21 14.79
N MET A 406 -2.07 12.84 16.01
CA MET A 406 -1.35 13.08 17.27
C MET A 406 -0.05 12.25 17.30
N ASP A 407 -0.10 10.99 16.80
CA ASP A 407 1.11 10.13 16.66
C ASP A 407 2.18 10.80 15.75
N ASN A 408 1.73 11.38 14.62
CA ASN A 408 2.60 12.12 13.68
C ASN A 408 3.14 13.40 14.35
N MET A 409 2.30 14.06 15.15
CA MET A 409 2.70 15.28 15.90
C MET A 409 3.67 14.93 17.04
N ARG A 410 3.59 13.69 17.56
CA ARG A 410 4.55 13.17 18.56
C ARG A 410 5.90 12.95 17.88
N ASN A 411 5.85 12.34 16.68
CA ASN A 411 7.03 12.05 15.85
C ASN A 411 7.81 13.33 15.52
N VAL A 412 7.11 14.36 14.99
CA VAL A 412 7.74 15.62 14.59
C VAL A 412 8.19 16.43 15.82
N ALA A 413 7.42 16.36 16.93
CA ALA A 413 7.77 17.03 18.19
C ALA A 413 9.00 16.39 18.82
N LEU A 414 9.19 15.07 18.60
CA LEU A 414 10.31 14.31 19.14
C LEU A 414 11.59 14.48 18.32
N GLU A 415 11.50 14.52 16.97
CA GLU A 415 12.69 14.76 16.14
C GLU A 415 13.14 16.23 16.30
N GLU A 416 12.16 17.13 16.48
CA GLU A 416 12.37 18.52 16.95
C GLU A 416 13.12 18.51 18.28
N GLN A 417 12.55 17.81 19.28
CA GLN A 417 13.07 17.76 20.67
C GLN A 417 14.43 17.05 20.73
N ALA A 418 14.68 16.14 19.76
CA ALA A 418 15.96 15.43 19.63
C ALA A 418 17.04 16.38 19.10
N VAL A 419 16.67 17.20 18.09
CA VAL A 419 17.52 18.30 17.61
C VAL A 419 17.82 19.26 18.77
N GLU A 420 16.79 19.65 19.54
CA GLU A 420 16.91 20.66 20.61
C GLU A 420 17.71 20.14 21.82
N ALA A 421 17.65 18.81 22.07
CA ALA A 421 18.45 18.16 23.15
C ALA A 421 19.96 18.22 22.81
N VAL A 422 20.31 17.79 21.59
CA VAL A 422 21.71 17.80 21.11
C VAL A 422 22.16 19.26 20.79
N LEU A 423 21.18 20.15 20.51
CA LEU A 423 21.44 21.57 20.21
C LEU A 423 21.89 22.26 21.51
N ALA A 424 21.12 22.06 22.59
CA ALA A 424 21.39 22.66 23.92
C ALA A 424 22.82 22.31 24.44
N LYS A 425 23.38 21.17 23.97
CA LYS A 425 24.75 20.74 24.30
C LYS A 425 25.78 21.26 23.27
N ALA A 426 25.31 21.48 22.02
CA ALA A 426 26.16 21.95 20.88
C ALA A 426 26.70 23.39 21.09
N LYS A 427 27.63 23.81 20.20
CA LYS A 427 28.14 25.19 20.15
C LYS A 427 27.03 26.09 19.56
N VAL A 428 26.08 26.50 20.42
CA VAL A 428 24.96 27.34 20.01
C VAL A 428 25.19 28.77 20.46
N THR A 429 25.31 29.64 19.48
CA THR A 429 25.37 31.08 19.67
C THR A 429 24.27 31.70 18.80
N GLU A 430 23.98 32.97 19.06
CA GLU A 430 23.04 33.74 18.25
C GLU A 430 23.65 35.11 17.99
N LYS A 431 23.31 35.69 16.81
CA LYS A 431 23.90 36.94 16.36
C LYS A 431 22.81 37.80 15.73
N GLU A 432 22.59 38.99 16.33
CA GLU A 432 21.68 40.02 15.81
C GLU A 432 22.09 40.42 14.38
N THR A 433 21.33 39.92 13.40
CA THR A 433 21.53 40.19 11.97
C THR A 433 20.27 40.87 11.38
N THR A 434 20.31 41.17 10.08
CA THR A 434 19.19 41.80 9.36
C THR A 434 18.46 40.76 8.48
N PHE A 435 17.26 41.14 8.00
CA PHE A 435 16.33 40.24 7.27
C PHE A 435 17.00 39.52 6.07
N ASN A 436 17.82 40.27 5.30
CA ASN A 436 18.49 39.77 4.08
C ASN A 436 19.44 38.60 4.39
N GLU A 437 20.07 38.65 5.57
CA GLU A 437 21.10 37.68 6.00
C GLU A 437 20.48 36.32 6.35
N LEU A 438 19.22 36.34 6.81
CA LEU A 438 18.48 35.12 7.18
C LEU A 438 18.16 34.29 5.93
N MET A 439 17.65 34.99 4.91
CA MET A 439 17.19 34.37 3.65
C MET A 439 18.27 34.48 2.55
N ASN A 440 19.50 34.83 2.97
CA ASN A 440 20.71 34.72 2.14
C ASN A 440 21.14 33.25 2.17
N GLN A 441 20.53 32.46 1.28
CA GLN A 441 20.87 31.03 1.07
C GLN A 441 22.36 30.89 0.73
N GLN A 442 22.78 31.72 -0.24
CA GLN A 442 24.15 31.79 -0.74
C GLN A 442 24.27 33.02 -1.64
N ALA A 443 25.16 33.95 -1.27
CA ALA A 443 25.49 35.13 -2.09
C ALA A 443 26.70 34.80 -3.01
N MET B 12 -11.07 28.57 3.80
CA MET B 12 -11.29 27.33 2.99
C MET B 12 -12.76 26.90 3.13
N GLN B 13 -13.42 26.62 1.97
CA GLN B 13 -14.89 26.48 1.88
C GLN B 13 -15.34 25.01 2.01
N VAL B 14 -16.30 24.76 2.93
CA VAL B 14 -16.89 23.40 3.14
C VAL B 14 -18.43 23.51 3.34
N SER B 15 -19.14 22.43 2.99
CA SER B 15 -20.61 22.36 3.11
C SER B 15 -21.04 20.89 3.29
N VAL B 16 -21.31 20.50 4.55
CA VAL B 16 -21.70 19.12 4.89
C VAL B 16 -23.23 18.91 4.70
N GLU B 17 -23.60 17.70 4.24
CA GLU B 17 -25.01 17.30 3.98
C GLU B 17 -25.19 15.81 4.32
N THR B 18 -26.04 15.51 5.33
CA THR B 18 -26.44 14.13 5.65
C THR B 18 -27.33 13.57 4.50
N THR B 19 -26.81 12.56 3.79
CA THR B 19 -27.43 11.98 2.58
C THR B 19 -28.26 10.71 2.90
N GLN B 20 -27.68 9.77 3.66
CA GLN B 20 -28.35 8.49 4.00
C GLN B 20 -27.94 8.04 5.40
N GLY B 21 -28.84 8.28 6.38
CA GLY B 21 -28.63 7.86 7.77
C GLY B 21 -27.40 8.50 8.42
N LEU B 22 -26.34 7.70 8.56
CA LEU B 22 -25.05 8.16 9.13
C LEU B 22 -24.18 8.80 8.01
N GLY B 23 -24.50 8.44 6.75
CA GLY B 23 -23.84 8.96 5.55
C GLY B 23 -23.97 10.47 5.42
N ARG B 24 -22.82 11.15 5.23
CA ARG B 24 -22.71 12.62 5.19
C ARG B 24 -21.75 13.03 4.06
N ARG B 25 -22.33 13.60 3.00
CA ARG B 25 -21.60 14.24 1.90
C ARG B 25 -21.02 15.59 2.37
N VAL B 26 -19.74 15.56 2.77
CA VAL B 26 -19.01 16.77 3.17
C VAL B 26 -18.40 17.40 1.89
N THR B 27 -19.16 18.29 1.24
CA THR B 27 -18.76 18.95 -0.01
C THR B 27 -17.72 20.04 0.28
N ILE B 28 -16.44 19.72 0.03
CA ILE B 28 -15.30 20.61 0.32
C ILE B 28 -14.75 21.19 -0.98
N THR B 29 -14.75 22.53 -1.08
CA THR B 29 -14.10 23.25 -2.17
C THR B 29 -12.66 23.56 -1.79
N ILE B 30 -11.72 22.74 -2.31
CA ILE B 30 -10.29 23.05 -2.23
C ILE B 30 -10.01 24.11 -3.33
N ALA B 31 -9.88 25.38 -2.90
CA ALA B 31 -9.80 26.56 -3.78
C ALA B 31 -8.64 26.43 -4.80
N ALA B 32 -8.85 26.98 -6.02
CA ALA B 32 -7.84 26.98 -7.11
C ALA B 32 -6.54 27.65 -6.65
N ASP B 33 -6.68 28.65 -5.77
CA ASP B 33 -5.55 29.33 -5.13
C ASP B 33 -4.78 28.33 -4.24
N SER B 34 -5.54 27.63 -3.36
CA SER B 34 -4.98 26.65 -2.40
C SER B 34 -4.27 25.49 -3.11
N ILE B 35 -4.75 25.14 -4.33
CA ILE B 35 -4.14 24.11 -5.16
C ILE B 35 -2.86 24.64 -5.80
N GLU B 36 -3.02 25.60 -6.74
CA GLU B 36 -1.92 26.19 -7.55
C GLU B 36 -0.71 26.60 -6.66
N THR B 37 -1.00 27.32 -5.55
CA THR B 37 0.02 27.75 -4.58
C THR B 37 0.79 26.55 -4.02
N ALA B 38 0.05 25.50 -3.58
CA ALA B 38 0.64 24.26 -3.04
C ALA B 38 1.51 23.53 -4.09
N VAL B 39 1.07 23.55 -5.38
CA VAL B 39 1.79 22.88 -6.49
C VAL B 39 3.16 23.54 -6.67
N LYS B 40 3.14 24.87 -6.82
CA LYS B 40 4.34 25.68 -7.11
C LYS B 40 5.30 25.68 -5.91
N SER B 41 4.73 25.74 -4.69
CA SER B 41 5.51 25.77 -3.44
C SER B 41 6.22 24.43 -3.20
N GLU B 42 5.52 23.31 -3.44
CA GLU B 42 6.08 21.96 -3.24
C GLU B 42 7.02 21.54 -4.40
N LEU B 43 6.80 22.12 -5.59
CA LEU B 43 7.69 21.91 -6.76
C LEU B 43 9.03 22.64 -6.53
N VAL B 44 8.99 23.93 -6.11
CA VAL B 44 10.23 24.68 -5.81
C VAL B 44 10.92 24.11 -4.55
N ASN B 45 10.10 23.63 -3.58
CA ASN B 45 10.58 22.96 -2.36
C ASN B 45 11.45 21.76 -2.76
N VAL B 46 10.85 20.79 -3.49
CA VAL B 46 11.55 19.55 -3.92
C VAL B 46 12.75 19.88 -4.86
N ALA B 47 12.63 20.99 -5.62
CA ALA B 47 13.71 21.49 -6.49
C ALA B 47 14.90 22.04 -5.67
N LYS B 48 14.63 22.62 -4.48
CA LYS B 48 15.70 23.17 -3.62
C LYS B 48 16.22 22.11 -2.63
N LYS B 49 15.35 21.13 -2.32
CA LYS B 49 15.58 20.11 -1.28
C LYS B 49 16.37 18.91 -1.86
N VAL B 50 15.88 18.37 -2.97
CA VAL B 50 16.57 17.30 -3.74
C VAL B 50 17.60 17.92 -4.72
N ARG B 51 17.58 19.29 -4.82
CA ARG B 51 18.58 20.07 -5.59
C ARG B 51 18.36 19.84 -7.12
N ILE B 52 17.08 19.56 -7.48
CA ILE B 52 16.64 19.30 -8.87
C ILE B 52 15.99 20.55 -9.49
N ASP B 53 16.79 21.62 -9.62
CA ASP B 53 16.40 22.84 -10.35
C ASP B 53 16.37 22.58 -11.88
N GLY B 54 16.99 21.45 -12.32
CA GLY B 54 17.08 21.07 -13.72
C GLY B 54 18.35 21.61 -14.35
N PHE B 55 18.36 22.92 -14.64
CA PHE B 55 19.53 23.61 -15.24
C PHE B 55 20.55 23.95 -14.13
N ARG B 56 20.28 25.03 -13.36
CA ARG B 56 21.13 25.51 -12.24
C ARG B 56 20.25 26.34 -11.29
N LYS B 57 19.78 27.47 -11.83
CA LYS B 57 18.93 28.44 -11.14
C LYS B 57 18.39 29.41 -12.21
N GLY B 58 17.81 28.81 -13.27
CA GLY B 58 17.26 29.53 -14.41
C GLY B 58 16.01 30.35 -14.07
N LYS B 59 15.58 31.21 -15.02
CA LYS B 59 14.37 32.04 -14.87
C LYS B 59 13.15 31.12 -14.65
N VAL B 60 12.66 30.48 -15.76
CA VAL B 60 11.57 29.45 -15.78
C VAL B 60 10.73 29.41 -14.48
N PRO B 61 9.64 30.25 -14.36
CA PRO B 61 8.88 30.36 -13.10
C PRO B 61 8.21 29.01 -12.75
N MET B 62 8.30 28.61 -11.48
CA MET B 62 7.69 27.36 -11.00
C MET B 62 6.15 27.42 -11.18
N ASN B 63 5.64 28.66 -11.28
CA ASN B 63 4.26 28.99 -11.65
C ASN B 63 3.85 28.36 -12.99
N ILE B 64 4.70 28.54 -14.04
CA ILE B 64 4.38 27.98 -15.37
C ILE B 64 4.60 26.46 -15.37
N VAL B 65 5.67 25.95 -14.70
CA VAL B 65 5.98 24.50 -14.63
C VAL B 65 4.78 23.72 -14.07
N ALA B 66 4.17 24.29 -13.02
CA ALA B 66 2.95 23.76 -12.39
C ALA B 66 1.77 23.70 -13.40
N GLN B 67 1.43 24.89 -13.93
CA GLN B 67 0.22 25.10 -14.73
C GLN B 67 0.34 24.55 -16.18
N ARG B 68 1.57 24.26 -16.62
CA ARG B 68 1.84 23.75 -17.98
C ARG B 68 1.84 22.22 -17.97
N TYR B 69 2.77 21.62 -17.19
CA TYR B 69 3.01 20.17 -17.19
C TYR B 69 3.24 19.61 -15.78
N GLY B 70 2.74 20.32 -14.74
CA GLY B 70 2.78 19.81 -13.36
C GLY B 70 1.53 19.01 -13.03
N ALA B 71 1.20 18.03 -13.89
CA ALA B 71 -0.03 17.24 -13.79
C ALA B 71 0.11 16.12 -12.74
N SER B 72 1.21 15.35 -12.84
CA SER B 72 1.41 14.14 -12.02
C SER B 72 1.82 14.48 -10.56
N VAL B 73 2.36 15.70 -10.32
CA VAL B 73 2.71 16.17 -8.96
C VAL B 73 1.45 16.39 -8.09
N ARG B 74 0.26 16.42 -8.75
CA ARG B 74 -1.05 16.44 -8.05
C ARG B 74 -1.23 15.22 -7.11
N GLN B 75 -0.37 14.17 -7.22
CA GLN B 75 -0.30 13.10 -6.21
C GLN B 75 0.08 13.70 -4.84
N ASP B 76 1.19 14.47 -4.81
CA ASP B 76 1.74 15.08 -3.60
C ASP B 76 0.81 16.20 -3.13
N VAL B 77 0.45 17.05 -4.11
CA VAL B 77 -0.37 18.24 -3.88
C VAL B 77 -1.77 17.84 -3.40
N LEU B 78 -2.61 17.22 -4.28
CA LEU B 78 -3.99 16.85 -3.91
C LEU B 78 -4.00 15.78 -2.80
N GLY B 79 -2.91 14.99 -2.67
CA GLY B 79 -2.76 14.10 -1.52
C GLY B 79 -2.68 14.84 -0.19
N ASP B 80 -1.97 16.00 -0.18
CA ASP B 80 -1.82 16.83 1.03
C ASP B 80 -3.10 17.66 1.27
N LEU B 81 -3.66 18.22 0.19
CA LEU B 81 -4.87 19.07 0.23
C LEU B 81 -6.09 18.25 0.71
N MET B 82 -6.21 17.01 0.20
CA MET B 82 -7.34 16.11 0.49
C MET B 82 -7.44 15.80 1.99
N SER B 83 -6.28 15.59 2.62
CA SER B 83 -6.19 15.25 4.04
C SER B 83 -6.23 16.50 4.95
N ARG B 84 -5.50 17.56 4.54
CA ARG B 84 -5.29 18.76 5.39
C ARG B 84 -6.53 19.67 5.40
N ASN B 85 -7.13 19.88 4.21
CA ASN B 85 -8.36 20.70 4.09
C ASN B 85 -9.52 19.96 4.77
N PHE B 86 -9.56 18.61 4.61
CA PHE B 86 -10.59 17.76 5.23
C PHE B 86 -10.48 17.78 6.76
N ILE B 87 -9.25 17.61 7.31
CA ILE B 87 -9.08 17.48 8.76
C ILE B 87 -9.51 18.79 9.45
N ASP B 88 -9.04 19.93 8.92
CA ASP B 88 -9.39 21.27 9.42
C ASP B 88 -10.92 21.47 9.34
N ALA B 89 -11.48 21.15 8.16
CA ALA B 89 -12.93 21.22 7.88
C ALA B 89 -13.77 20.60 9.00
N ILE B 90 -13.56 19.30 9.24
CA ILE B 90 -14.37 18.51 10.18
C ILE B 90 -13.95 18.73 11.65
N ILE B 91 -13.04 19.70 11.88
CA ILE B 91 -12.82 20.25 13.23
C ILE B 91 -13.94 21.27 13.53
N LYS B 92 -14.23 22.12 12.53
CA LYS B 92 -15.26 23.16 12.64
C LYS B 92 -16.66 22.53 12.49
N GLU B 93 -16.75 21.44 11.69
CA GLU B 93 -18.01 20.72 11.45
C GLU B 93 -18.29 19.70 12.59
N LYS B 94 -17.19 19.09 13.11
CA LYS B 94 -17.26 18.05 14.16
C LYS B 94 -18.08 16.83 13.69
N ILE B 95 -17.36 15.75 13.34
CA ILE B 95 -17.76 14.73 12.35
C ILE B 95 -16.47 13.97 11.97
N ASN B 96 -16.55 12.63 11.94
CA ASN B 96 -15.38 11.75 11.66
C ASN B 96 -15.87 10.50 10.88
N PRO B 97 -15.06 9.99 9.89
CA PRO B 97 -15.39 8.76 9.14
C PRO B 97 -15.30 7.48 9.99
N ALA B 98 -16.23 6.54 9.73
CA ALA B 98 -16.19 5.20 10.32
C ALA B 98 -15.30 4.31 9.43
N GLY B 99 -13.98 4.41 9.64
CA GLY B 99 -13.00 3.59 8.93
C GLY B 99 -12.65 4.14 7.54
N ALA B 100 -13.60 4.02 6.60
CA ALA B 100 -13.40 4.36 5.17
C ALA B 100 -14.12 5.69 4.78
N PRO B 101 -13.36 6.79 4.49
CA PRO B 101 -13.92 8.00 3.86
C PRO B 101 -13.89 7.90 2.32
N THR B 102 -15.08 7.87 1.68
CA THR B 102 -15.18 7.79 0.22
C THR B 102 -15.15 9.23 -0.36
N TYR B 103 -13.93 9.70 -0.69
CA TYR B 103 -13.72 10.99 -1.35
C TYR B 103 -14.16 10.86 -2.81
N VAL B 104 -15.45 11.18 -3.08
CA VAL B 104 -16.01 11.16 -4.44
C VAL B 104 -15.54 12.42 -5.19
N PRO B 105 -14.56 12.28 -6.14
CA PRO B 105 -13.89 13.41 -6.80
C PRO B 105 -14.52 13.74 -8.17
N GLY B 106 -13.69 14.20 -9.12
CA GLY B 106 -14.14 14.43 -10.50
C GLY B 106 -12.97 14.56 -11.45
N GLU B 107 -13.27 14.87 -12.71
CA GLU B 107 -12.26 15.18 -13.73
C GLU B 107 -11.60 16.53 -13.36
N TYR B 108 -10.40 16.46 -12.71
CA TYR B 108 -9.67 17.66 -12.29
C TYR B 108 -9.32 18.52 -13.53
N LYS B 109 -10.03 19.65 -13.66
CA LYS B 109 -9.74 20.66 -14.69
C LYS B 109 -8.54 21.50 -14.21
N LEU B 110 -7.53 21.66 -15.07
CA LEU B 110 -6.26 22.32 -14.72
C LEU B 110 -6.51 23.83 -14.46
N GLY B 111 -5.95 24.35 -13.35
CA GLY B 111 -6.12 25.74 -12.95
C GLY B 111 -7.43 26.02 -12.19
N GLU B 112 -8.34 25.05 -12.20
CA GLU B 112 -9.63 25.13 -11.49
C GLU B 112 -9.52 24.60 -10.06
N ASP B 113 -10.57 24.87 -9.28
CA ASP B 113 -10.71 24.39 -7.90
C ASP B 113 -11.20 22.94 -7.86
N PHE B 114 -10.78 22.23 -6.81
CA PHE B 114 -11.14 20.83 -6.60
C PHE B 114 -12.22 20.75 -5.51
N THR B 115 -13.47 21.02 -5.92
CA THR B 115 -14.66 20.72 -5.11
C THR B 115 -14.96 19.23 -5.22
N TYR B 116 -15.13 18.55 -4.09
CA TYR B 116 -15.42 17.11 -4.06
C TYR B 116 -16.32 16.75 -2.88
N SER B 117 -17.03 15.62 -3.02
CA SER B 117 -18.02 15.17 -2.04
C SER B 117 -17.42 14.03 -1.19
N VAL B 118 -16.98 14.38 0.03
CA VAL B 118 -16.38 13.43 0.96
C VAL B 118 -17.52 12.68 1.69
N GLU B 119 -17.97 11.58 1.09
CA GLU B 119 -19.12 10.79 1.55
C GLU B 119 -18.66 9.61 2.42
N PHE B 120 -19.22 9.51 3.63
CA PHE B 120 -18.89 8.47 4.62
C PHE B 120 -19.96 8.45 5.71
N GLU B 121 -20.10 7.32 6.39
CA GLU B 121 -20.92 7.20 7.60
C GLU B 121 -20.08 7.56 8.82
N VAL B 122 -20.68 8.27 9.77
CA VAL B 122 -20.09 8.46 11.12
C VAL B 122 -20.39 7.21 11.97
N TYR B 123 -19.56 6.97 13.01
CA TYR B 123 -19.69 5.76 13.85
C TYR B 123 -20.98 5.81 14.70
N PRO B 124 -21.94 4.84 14.50
CA PRO B 124 -23.14 4.74 15.34
C PRO B 124 -22.91 3.90 16.62
N GLU B 125 -23.71 4.17 17.67
CA GLU B 125 -23.65 3.38 18.91
C GLU B 125 -24.33 2.00 18.68
N VAL B 126 -23.52 1.04 18.21
CA VAL B 126 -23.96 -0.34 17.93
C VAL B 126 -24.26 -1.08 19.26
N GLU B 127 -25.54 -1.22 19.57
CA GLU B 127 -26.01 -1.88 20.78
C GLU B 127 -26.38 -3.32 20.44
N LEU B 128 -25.88 -4.26 21.26
CA LEU B 128 -26.13 -5.71 21.08
C LEU B 128 -26.85 -6.28 22.30
N GLN B 129 -27.65 -7.34 22.07
CA GLN B 129 -28.47 -8.01 23.11
C GLN B 129 -28.94 -9.37 22.59
N GLY B 130 -29.23 -10.30 23.51
CA GLY B 130 -29.59 -11.68 23.16
C GLY B 130 -28.37 -12.59 23.21
N LEU B 131 -27.35 -12.18 23.99
CA LEU B 131 -26.08 -12.92 24.15
C LEU B 131 -26.35 -14.37 24.56
N GLU B 132 -27.21 -14.54 25.57
CA GLU B 132 -27.63 -15.86 26.08
C GLU B 132 -28.62 -16.57 25.14
N ALA B 133 -29.28 -15.81 24.24
CA ALA B 133 -30.25 -16.37 23.28
C ALA B 133 -29.53 -16.92 22.03
N ILE B 134 -28.27 -16.50 21.84
CA ILE B 134 -27.34 -17.10 20.87
C ILE B 134 -27.09 -18.58 21.24
N GLU B 135 -27.15 -19.46 20.24
CA GLU B 135 -26.85 -20.90 20.39
C GLU B 135 -25.34 -21.15 20.17
N VAL B 136 -24.76 -22.04 20.98
CA VAL B 136 -23.35 -22.46 20.88
C VAL B 136 -23.28 -23.93 20.50
N GLU B 137 -22.64 -24.22 19.36
CA GLU B 137 -22.44 -25.60 18.91
C GLU B 137 -21.21 -26.18 19.62
N LYS B 138 -21.44 -26.98 20.67
CA LYS B 138 -20.39 -27.81 21.29
C LYS B 138 -20.56 -29.30 20.91
N PRO B 139 -20.00 -29.73 19.74
CA PRO B 139 -20.05 -31.14 19.33
C PRO B 139 -18.95 -31.93 20.05
N ILE B 140 -19.36 -32.64 21.12
CA ILE B 140 -18.44 -33.40 21.99
C ILE B 140 -18.00 -34.68 21.25
N VAL B 141 -16.94 -34.51 20.43
CA VAL B 141 -16.31 -35.60 19.69
C VAL B 141 -15.05 -36.06 20.42
N GLU B 142 -14.61 -37.27 20.11
CA GLU B 142 -13.38 -37.87 20.60
C GLU B 142 -12.94 -38.90 19.55
N VAL B 143 -11.81 -38.61 18.87
CA VAL B 143 -11.34 -39.40 17.73
C VAL B 143 -10.91 -40.80 18.16
N THR B 144 -11.86 -41.72 18.09
CA THR B 144 -11.65 -43.14 18.36
C THR B 144 -11.05 -43.78 17.09
N ASP B 145 -10.34 -44.91 17.26
CA ASP B 145 -9.69 -45.62 16.13
C ASP B 145 -10.73 -46.12 15.10
N ALA B 146 -12.00 -46.27 15.57
CA ALA B 146 -13.16 -46.54 14.70
C ALA B 146 -13.41 -45.37 13.73
N ASP B 147 -13.39 -44.13 14.26
CA ASP B 147 -13.58 -42.89 13.45
C ASP B 147 -12.42 -42.73 12.46
N VAL B 148 -11.18 -42.97 12.94
CA VAL B 148 -9.97 -42.96 12.11
C VAL B 148 -10.13 -43.93 10.93
N ASP B 149 -10.49 -45.18 11.28
CA ASP B 149 -10.57 -46.31 10.32
C ASP B 149 -11.74 -46.14 9.32
N GLY B 150 -12.84 -45.54 9.80
CA GLY B 150 -14.04 -45.35 8.99
C GLY B 150 -13.85 -44.25 7.94
N MET B 151 -13.28 -43.13 8.40
CA MET B 151 -12.90 -42.02 7.51
C MET B 151 -11.74 -42.47 6.58
N LEU B 152 -10.87 -43.37 7.11
CA LEU B 152 -9.72 -43.92 6.35
C LEU B 152 -10.25 -44.84 5.22
N ASP B 153 -11.33 -45.59 5.52
CA ASP B 153 -11.99 -46.47 4.54
C ASP B 153 -12.61 -45.62 3.43
N THR B 154 -13.35 -44.57 3.85
CA THR B 154 -13.93 -43.58 2.95
C THR B 154 -12.83 -42.94 2.06
N LEU B 155 -11.63 -42.73 2.65
CA LEU B 155 -10.46 -42.18 1.96
C LEU B 155 -9.93 -43.18 0.90
N ARG B 156 -9.57 -44.42 1.31
CA ARG B 156 -8.93 -45.41 0.38
C ARG B 156 -9.96 -46.06 -0.58
N LYS B 157 -11.25 -45.74 -0.41
CA LYS B 157 -12.31 -46.16 -1.34
C LYS B 157 -12.65 -45.03 -2.35
N GLN B 158 -12.85 -43.79 -1.87
CA GLN B 158 -13.23 -42.65 -2.74
C GLN B 158 -12.00 -42.11 -3.51
N GLN B 159 -10.87 -41.96 -2.80
CA GLN B 159 -9.57 -41.54 -3.39
C GLN B 159 -8.78 -42.76 -3.93
N ALA B 160 -9.42 -43.96 -4.00
CA ALA B 160 -8.78 -45.23 -4.42
C ALA B 160 -8.07 -45.11 -5.78
N THR B 161 -6.91 -45.80 -5.92
CA THR B 161 -6.11 -45.80 -7.16
C THR B 161 -6.91 -46.42 -8.33
N TRP B 162 -6.60 -45.95 -9.53
CA TRP B 162 -7.38 -46.21 -10.76
C TRP B 162 -6.65 -47.22 -11.64
N LYS B 163 -7.33 -47.65 -12.72
CA LYS B 163 -6.74 -48.53 -13.75
C LYS B 163 -7.12 -47.98 -15.14
N GLU B 164 -6.39 -48.37 -16.17
CA GLU B 164 -6.65 -47.91 -17.55
C GLU B 164 -7.90 -48.63 -18.13
N LYS B 165 -8.82 -47.87 -18.74
CA LYS B 165 -10.05 -48.42 -19.34
C LYS B 165 -9.93 -48.46 -20.88
N ASP B 166 -10.53 -49.50 -21.47
CA ASP B 166 -10.76 -49.60 -22.92
C ASP B 166 -12.28 -49.70 -23.15
N GLY B 167 -12.88 -48.61 -23.65
CA GLY B 167 -14.31 -48.58 -23.98
C GLY B 167 -14.87 -47.17 -24.05
N ALA B 168 -16.21 -47.09 -23.96
CA ALA B 168 -16.95 -45.81 -23.90
C ALA B 168 -16.90 -45.25 -22.48
N VAL B 169 -16.79 -43.90 -22.38
CA VAL B 169 -16.85 -43.19 -21.10
C VAL B 169 -18.25 -43.38 -20.49
N GLU B 170 -18.32 -43.64 -19.19
CA GLU B 170 -19.59 -43.85 -18.47
C GLU B 170 -19.59 -43.04 -17.17
N ALA B 171 -20.66 -43.18 -16.39
CA ALA B 171 -20.78 -42.58 -15.05
C ALA B 171 -20.25 -43.54 -13.97
N GLU B 172 -19.62 -44.65 -14.40
CA GLU B 172 -19.05 -45.70 -13.51
C GLU B 172 -17.53 -45.79 -13.68
N ASP B 173 -16.90 -44.67 -14.08
CA ASP B 173 -15.44 -44.57 -14.26
C ASP B 173 -14.97 -43.11 -14.27
N ARG B 174 -13.65 -42.94 -14.25
CA ARG B 174 -12.98 -41.62 -14.36
C ARG B 174 -12.63 -41.33 -15.83
N VAL B 175 -12.44 -40.05 -16.15
CA VAL B 175 -12.05 -39.62 -17.49
C VAL B 175 -11.23 -38.31 -17.43
N THR B 176 -9.98 -38.38 -17.93
CA THR B 176 -9.10 -37.22 -18.03
C THR B 176 -9.21 -36.60 -19.45
N ILE B 177 -9.75 -35.38 -19.52
CA ILE B 177 -10.04 -34.67 -20.78
C ILE B 177 -9.40 -33.27 -20.75
N ASP B 178 -9.93 -32.37 -21.60
CA ASP B 178 -9.76 -30.92 -21.48
C ASP B 178 -10.93 -30.26 -22.23
N PHE B 179 -11.45 -29.16 -21.68
CA PHE B 179 -12.64 -28.48 -22.21
C PHE B 179 -12.34 -26.98 -22.45
N THR B 180 -12.67 -26.50 -23.65
CA THR B 180 -12.51 -25.10 -24.07
C THR B 180 -13.27 -24.87 -25.39
N GLY B 181 -13.69 -23.63 -25.65
CA GLY B 181 -14.46 -23.31 -26.86
C GLY B 181 -15.10 -21.93 -26.77
N SER B 182 -16.43 -21.86 -26.57
CA SER B 182 -17.17 -20.60 -26.55
C SER B 182 -18.53 -20.75 -25.83
N VAL B 183 -18.74 -19.95 -24.75
CA VAL B 183 -20.03 -19.86 -24.06
C VAL B 183 -20.91 -18.82 -24.79
N ASP B 184 -22.07 -19.29 -25.32
CA ASP B 184 -23.08 -18.44 -26.02
C ASP B 184 -22.56 -17.95 -27.38
N GLY B 185 -21.41 -18.50 -27.81
CA GLY B 185 -20.76 -18.09 -29.06
C GLY B 185 -19.52 -17.24 -28.83
N GLU B 186 -19.25 -16.88 -27.56
CA GLU B 186 -18.07 -16.06 -27.18
C GLU B 186 -17.20 -16.85 -26.20
N GLU B 187 -15.88 -16.74 -26.34
CA GLU B 187 -14.91 -17.44 -25.48
C GLU B 187 -14.97 -16.95 -24.02
N PHE B 188 -14.31 -17.68 -23.12
CA PHE B 188 -14.49 -17.52 -21.66
C PHE B 188 -13.13 -17.57 -20.93
N GLU B 189 -12.99 -16.71 -19.91
CA GLU B 189 -11.74 -16.56 -19.14
C GLU B 189 -11.75 -17.41 -17.86
N GLY B 190 -10.75 -18.28 -17.69
CA GLY B 190 -10.52 -19.02 -16.43
C GLY B 190 -11.44 -20.22 -16.20
N GLY B 191 -12.58 -20.28 -16.91
CA GLY B 191 -13.57 -21.35 -16.74
C GLY B 191 -13.28 -22.60 -17.58
N LYS B 192 -11.98 -22.86 -17.79
CA LYS B 192 -11.49 -24.04 -18.52
C LYS B 192 -10.32 -24.66 -17.75
N ALA B 193 -10.05 -25.94 -18.02
CA ALA B 193 -9.02 -26.71 -17.33
C ALA B 193 -8.33 -27.63 -18.33
N SER B 194 -7.07 -27.28 -18.68
CA SER B 194 -6.19 -28.11 -19.50
C SER B 194 -5.82 -29.38 -18.70
N ASP B 195 -6.02 -30.55 -19.34
CA ASP B 195 -5.82 -31.87 -18.72
C ASP B 195 -6.76 -32.02 -17.49
N PHE B 196 -8.06 -31.76 -17.73
CA PHE B 196 -9.12 -31.89 -16.72
C PHE B 196 -9.27 -33.35 -16.27
N VAL B 197 -9.67 -33.55 -15.00
CA VAL B 197 -9.93 -34.89 -14.46
C VAL B 197 -11.34 -34.93 -13.81
N LEU B 198 -12.24 -35.70 -14.44
CA LEU B 198 -13.62 -35.93 -13.96
C LEU B 198 -13.71 -37.30 -13.27
N ALA B 199 -14.00 -37.29 -11.96
CA ALA B 199 -14.26 -38.51 -11.18
C ALA B 199 -15.77 -38.75 -11.06
N MET B 200 -16.17 -40.02 -11.18
CA MET B 200 -17.57 -40.48 -11.00
C MET B 200 -18.01 -40.45 -9.52
N GLY B 201 -19.33 -40.59 -9.29
CA GLY B 201 -19.90 -40.75 -7.95
C GLY B 201 -19.70 -39.54 -7.06
N GLN B 202 -19.91 -38.34 -7.64
CA GLN B 202 -19.65 -37.06 -6.96
C GLN B 202 -20.91 -36.17 -6.95
N GLY B 203 -20.73 -34.93 -6.45
CA GLY B 203 -21.84 -33.99 -6.28
C GLY B 203 -22.41 -33.42 -7.59
N ARG B 204 -23.01 -32.23 -7.50
CA ARG B 204 -23.84 -31.66 -8.58
C ARG B 204 -22.97 -30.90 -9.59
N MET B 205 -23.08 -31.30 -10.87
CA MET B 205 -22.35 -30.68 -12.00
C MET B 205 -23.30 -29.77 -12.81
N ILE B 206 -22.75 -29.09 -13.83
CA ILE B 206 -23.54 -28.26 -14.76
C ILE B 206 -24.32 -29.16 -15.77
N PRO B 207 -25.64 -28.87 -16.03
CA PRO B 207 -26.47 -29.66 -16.99
C PRO B 207 -25.91 -29.62 -18.43
N GLY B 208 -25.74 -30.81 -19.03
CA GLY B 208 -25.20 -30.95 -20.39
C GLY B 208 -23.84 -31.62 -20.43
N PHE B 209 -23.01 -31.34 -19.40
CA PHE B 209 -21.59 -31.72 -19.36
C PHE B 209 -21.44 -33.26 -19.31
N GLU B 210 -21.85 -33.86 -18.16
CA GLU B 210 -21.71 -35.31 -17.86
C GLU B 210 -22.25 -36.16 -19.02
N ASP B 211 -23.48 -35.82 -19.46
CA ASP B 211 -24.19 -36.48 -20.57
C ASP B 211 -23.33 -36.51 -21.84
N GLY B 212 -22.64 -35.40 -22.13
CA GLY B 212 -21.82 -35.28 -23.32
C GLY B 212 -20.59 -36.16 -23.26
N ILE B 213 -19.86 -36.06 -22.12
CA ILE B 213 -18.60 -36.78 -21.89
C ILE B 213 -18.82 -38.30 -21.99
N LYS B 214 -19.88 -38.77 -21.31
CA LYS B 214 -20.21 -40.21 -21.24
C LYS B 214 -20.99 -40.68 -22.49
N GLY B 215 -21.22 -39.78 -23.47
CA GLY B 215 -21.95 -40.13 -24.69
C GLY B 215 -21.01 -40.50 -25.83
N HIS B 216 -19.72 -40.72 -25.49
CA HIS B 216 -18.63 -40.98 -26.44
C HIS B 216 -17.58 -41.94 -25.83
N LYS B 217 -16.45 -42.17 -26.56
CA LYS B 217 -15.41 -43.13 -26.13
C LYS B 217 -13.98 -42.56 -26.28
N ALA B 218 -13.00 -43.15 -25.56
CA ALA B 218 -11.61 -42.65 -25.50
C ALA B 218 -10.91 -42.71 -26.87
N GLY B 219 -10.33 -41.57 -27.29
CA GLY B 219 -9.57 -41.48 -28.55
C GLY B 219 -10.10 -40.40 -29.47
N GLU B 220 -11.44 -40.28 -29.52
CA GLU B 220 -12.12 -39.33 -30.42
C GLU B 220 -12.30 -37.96 -29.74
N GLU B 221 -12.32 -36.91 -30.60
CA GLU B 221 -12.44 -35.51 -30.18
C GLU B 221 -13.72 -34.91 -30.81
N PHE B 222 -14.35 -33.95 -30.11
CA PHE B 222 -15.69 -33.42 -30.48
C PHE B 222 -15.95 -32.14 -29.66
N THR B 223 -17.22 -31.69 -29.62
CA THR B 223 -17.68 -30.63 -28.70
C THR B 223 -19.04 -31.00 -28.09
N ILE B 224 -19.29 -30.53 -26.86
CA ILE B 224 -20.55 -30.76 -26.14
C ILE B 224 -21.27 -29.42 -25.92
N ASP B 225 -22.58 -29.42 -26.15
CA ASP B 225 -23.44 -28.25 -25.92
C ASP B 225 -24.11 -28.40 -24.55
N VAL B 226 -23.56 -27.71 -23.55
CA VAL B 226 -24.10 -27.71 -22.17
C VAL B 226 -24.85 -26.38 -21.93
N THR B 227 -25.38 -26.18 -20.72
CA THR B 227 -25.89 -24.88 -20.25
C THR B 227 -25.60 -24.75 -18.74
N PHE B 228 -25.17 -23.56 -18.29
CA PHE B 228 -24.90 -23.29 -16.87
C PHE B 228 -26.24 -23.02 -16.13
N PRO B 229 -26.35 -23.43 -14.81
CA PRO B 229 -27.55 -23.15 -13.97
C PRO B 229 -27.84 -21.64 -13.84
N GLU B 230 -29.13 -21.28 -13.70
CA GLU B 230 -29.55 -19.87 -13.49
C GLU B 230 -29.04 -19.36 -12.13
N GLU B 231 -28.81 -20.33 -11.22
CA GLU B 231 -28.31 -20.09 -9.86
C GLU B 231 -26.76 -20.14 -9.79
N TYR B 232 -26.09 -20.26 -10.97
CA TYR B 232 -24.61 -20.19 -11.09
C TYR B 232 -24.10 -18.80 -10.64
N HIS B 233 -22.88 -18.75 -10.08
CA HIS B 233 -22.39 -17.59 -9.29
C HIS B 233 -21.68 -16.51 -10.13
N ALA B 234 -22.00 -16.44 -11.43
CA ALA B 234 -21.51 -15.38 -12.34
C ALA B 234 -22.60 -15.08 -13.38
N GLU B 235 -23.01 -13.78 -13.47
CA GLU B 235 -23.98 -13.29 -14.49
C GLU B 235 -23.52 -13.68 -15.92
N ASN B 236 -22.18 -13.73 -16.08
CA ASN B 236 -21.48 -14.06 -17.33
C ASN B 236 -21.94 -15.38 -17.95
N LEU B 237 -21.92 -16.45 -17.16
CA LEU B 237 -22.10 -17.82 -17.66
C LEU B 237 -23.50 -18.37 -17.36
N LYS B 238 -24.15 -17.87 -16.27
CA LYS B 238 -25.44 -18.43 -15.78
C LYS B 238 -26.57 -18.21 -16.81
N GLY B 239 -27.33 -19.28 -17.09
CA GLY B 239 -28.41 -19.24 -18.08
C GLY B 239 -27.93 -19.41 -19.53
N LYS B 240 -26.63 -19.14 -19.77
CA LYS B 240 -26.00 -19.22 -21.09
C LYS B 240 -25.50 -20.66 -21.34
N ALA B 241 -25.68 -21.13 -22.59
CA ALA B 241 -25.17 -22.43 -23.05
C ALA B 241 -23.67 -22.33 -23.38
N ALA B 242 -22.96 -23.47 -23.33
CA ALA B 242 -21.49 -23.48 -23.50
C ALA B 242 -21.07 -24.62 -24.45
N LYS B 243 -20.32 -24.23 -25.48
CA LYS B 243 -19.72 -25.15 -26.44
C LYS B 243 -18.31 -25.52 -25.96
N PHE B 244 -18.19 -26.69 -25.35
CA PHE B 244 -16.94 -27.21 -24.78
C PHE B 244 -16.37 -28.28 -25.70
N ALA B 245 -15.38 -27.90 -26.52
CA ALA B 245 -14.62 -28.87 -27.33
C ALA B 245 -13.91 -29.86 -26.39
N ILE B 246 -14.37 -31.12 -26.42
CA ILE B 246 -13.87 -32.20 -25.55
C ILE B 246 -12.96 -33.13 -26.35
N ASN B 247 -11.70 -33.21 -25.93
CA ASN B 247 -10.76 -34.23 -26.36
C ASN B 247 -10.77 -35.31 -25.27
N LEU B 248 -11.39 -36.49 -25.57
CA LEU B 248 -11.36 -37.66 -24.65
C LEU B 248 -9.94 -38.25 -24.66
N LYS B 249 -9.08 -37.60 -23.88
CA LYS B 249 -7.63 -37.83 -23.86
C LYS B 249 -7.34 -39.22 -23.25
N LYS B 250 -7.58 -39.34 -21.94
CA LYS B 250 -7.43 -40.58 -21.17
C LYS B 250 -8.76 -40.93 -20.48
N VAL B 251 -8.99 -42.22 -20.24
CA VAL B 251 -10.16 -42.74 -19.51
C VAL B 251 -9.71 -43.87 -18.57
N GLU B 252 -9.90 -43.65 -17.26
CA GLU B 252 -9.51 -44.60 -16.21
C GLU B 252 -10.77 -45.28 -15.69
N GLU B 253 -10.76 -46.61 -15.57
CA GLU B 253 -11.89 -47.36 -15.03
C GLU B 253 -11.82 -47.33 -13.50
N ARG B 254 -12.99 -47.11 -12.87
CA ARG B 254 -13.12 -47.11 -11.42
C ARG B 254 -13.05 -48.56 -10.92
N GLU B 255 -12.00 -48.84 -10.15
CA GLU B 255 -11.87 -50.08 -9.37
C GLU B 255 -11.39 -49.68 -7.97
N LEU B 256 -11.72 -50.49 -6.95
CA LEU B 256 -11.40 -50.17 -5.55
C LEU B 256 -10.34 -51.14 -5.00
N PRO B 257 -9.02 -50.77 -5.07
CA PRO B 257 -7.95 -51.50 -4.36
C PRO B 257 -7.85 -51.05 -2.90
N GLU B 258 -7.30 -51.93 -2.06
CA GLU B 258 -7.08 -51.66 -0.63
C GLU B 258 -5.82 -50.80 -0.43
N LEU B 259 -5.49 -50.54 0.84
CA LEU B 259 -4.43 -49.62 1.24
C LEU B 259 -3.04 -50.25 0.98
N THR B 260 -2.53 -50.03 -0.25
CA THR B 260 -1.24 -50.56 -0.74
C THR B 260 -0.09 -49.58 -0.40
N ALA B 261 1.17 -50.07 -0.33
CA ALA B 261 2.38 -49.27 -0.03
C ALA B 261 2.52 -48.02 -0.95
N GLU B 262 2.14 -48.19 -2.24
CA GLU B 262 2.15 -47.12 -3.25
C GLU B 262 1.11 -46.04 -2.95
N PHE B 263 0.00 -46.45 -2.29
CA PHE B 263 -1.10 -45.56 -1.90
C PHE B 263 -0.71 -44.81 -0.60
N ILE B 264 -0.01 -45.52 0.31
CA ILE B 264 0.61 -44.93 1.52
C ILE B 264 1.52 -43.76 1.11
N LYS B 265 2.38 -44.04 0.11
CA LYS B 265 3.34 -43.07 -0.44
C LYS B 265 2.64 -42.00 -1.32
N ARG B 266 1.37 -42.24 -1.73
CA ARG B 266 0.62 -41.29 -2.59
C ARG B 266 0.28 -40.00 -1.80
N PHE B 267 0.30 -40.12 -0.46
CA PHE B 267 0.09 -38.99 0.47
C PHE B 267 1.41 -38.61 1.16
N GLY B 268 2.54 -38.99 0.51
CA GLY B 268 3.88 -38.55 0.92
C GLY B 268 4.56 -39.45 1.94
N VAL B 269 3.78 -40.33 2.59
CA VAL B 269 4.26 -41.20 3.68
C VAL B 269 5.20 -42.30 3.13
N GLU B 270 6.52 -42.08 3.24
CA GLU B 270 7.57 -42.95 2.65
C GLU B 270 7.71 -44.29 3.42
N ASP B 271 7.10 -44.36 4.60
CA ASP B 271 7.12 -45.54 5.48
C ASP B 271 6.65 -46.82 4.78
N GLY B 272 5.60 -46.69 3.95
CA GLY B 272 5.07 -47.83 3.19
C GLY B 272 4.14 -48.71 4.01
N SER B 273 4.53 -48.98 5.27
CA SER B 273 3.69 -49.66 6.25
C SER B 273 2.46 -48.79 6.59
N VAL B 274 1.31 -49.47 6.70
CA VAL B 274 0.01 -48.83 7.03
C VAL B 274 0.11 -48.04 8.36
N GLU B 275 0.93 -48.54 9.29
CA GLU B 275 1.18 -47.91 10.61
C GLU B 275 1.69 -46.45 10.43
N GLY B 276 2.49 -46.23 9.38
CA GLY B 276 2.98 -44.89 9.06
C GLY B 276 1.85 -43.96 8.61
N LEU B 277 0.87 -44.53 7.87
CA LEU B 277 -0.27 -43.80 7.32
C LEU B 277 -1.22 -43.44 8.47
N ARG B 278 -1.35 -44.37 9.45
CA ARG B 278 -2.21 -44.19 10.64
C ARG B 278 -1.65 -43.08 11.54
N ALA B 279 -0.31 -43.03 11.64
CA ALA B 279 0.41 -42.02 12.43
C ALA B 279 0.22 -40.63 11.79
N GLU B 280 0.47 -40.54 10.47
CA GLU B 280 0.36 -39.28 9.72
C GLU B 280 -1.09 -38.77 9.67
N VAL B 281 -2.06 -39.70 9.46
CA VAL B 281 -3.47 -39.33 9.35
C VAL B 281 -3.95 -38.83 10.70
N ARG B 282 -3.62 -39.54 11.81
CA ARG B 282 -4.00 -39.11 13.18
C ARG B 282 -3.36 -37.75 13.53
N LYS B 283 -2.10 -37.54 13.07
CA LYS B 283 -1.35 -36.29 13.27
C LYS B 283 -2.10 -35.09 12.69
N ASN B 284 -2.46 -35.19 11.39
CA ASN B 284 -3.19 -34.13 10.69
C ASN B 284 -4.64 -34.04 11.22
N MET B 285 -5.23 -35.20 11.52
CA MET B 285 -6.66 -35.36 11.92
C MET B 285 -6.92 -34.71 13.28
N GLU B 286 -5.91 -34.77 14.17
CA GLU B 286 -5.98 -34.22 15.54
C GLU B 286 -5.96 -32.68 15.49
N ARG B 287 -5.04 -32.12 14.68
CA ARG B 287 -4.91 -30.66 14.51
C ARG B 287 -6.11 -30.12 13.71
N GLU B 288 -6.61 -30.95 12.77
CA GLU B 288 -7.80 -30.64 11.98
C GLU B 288 -9.05 -30.75 12.86
N LEU B 289 -9.01 -31.63 13.87
CA LEU B 289 -10.08 -31.79 14.88
C LEU B 289 -10.18 -30.50 15.72
N LYS B 290 -9.01 -30.01 16.16
CA LYS B 290 -8.89 -28.72 16.89
C LYS B 290 -9.49 -27.58 16.04
N SER B 291 -9.05 -27.50 14.78
CA SER B 291 -9.49 -26.49 13.81
C SER B 291 -10.97 -26.67 13.44
N ALA B 292 -11.46 -27.92 13.51
CA ALA B 292 -12.84 -28.28 13.17
C ALA B 292 -13.80 -27.71 14.20
N ILE B 293 -13.59 -28.06 15.48
CA ILE B 293 -14.45 -27.59 16.59
C ILE B 293 -14.31 -26.09 16.78
N ARG B 294 -13.06 -25.57 16.63
CA ARG B 294 -12.78 -24.13 16.74
C ARG B 294 -13.59 -23.37 15.67
N ASN B 295 -13.52 -23.82 14.41
CA ASN B 295 -14.24 -23.20 13.26
C ASN B 295 -15.77 -23.43 13.37
N ARG B 296 -16.17 -24.58 13.95
CA ARG B 296 -17.58 -24.95 14.11
C ARG B 296 -18.28 -23.96 15.06
N VAL B 297 -17.68 -23.81 16.25
CA VAL B 297 -18.21 -22.96 17.32
C VAL B 297 -17.95 -21.47 17.02
N LYS B 298 -16.88 -21.18 16.23
CA LYS B 298 -16.58 -19.82 15.74
C LYS B 298 -17.70 -19.35 14.82
N SER B 299 -17.94 -20.09 13.73
CA SER B 299 -18.96 -19.79 12.72
C SER B 299 -20.37 -19.75 13.35
N GLN B 300 -20.63 -20.65 14.33
CA GLN B 300 -21.89 -20.68 15.09
C GLN B 300 -22.06 -19.38 15.91
N ALA B 301 -20.99 -18.95 16.58
CA ALA B 301 -20.98 -17.72 17.40
C ALA B 301 -21.18 -16.46 16.54
N ILE B 302 -20.44 -16.38 15.41
CA ILE B 302 -20.48 -15.22 14.49
C ILE B 302 -21.89 -15.07 13.87
N GLU B 303 -22.37 -16.17 13.26
CA GLU B 303 -23.72 -16.24 12.66
C GLU B 303 -24.81 -16.08 13.75
N GLY B 304 -24.48 -16.50 14.99
CA GLY B 304 -25.34 -16.30 16.15
C GLY B 304 -25.40 -14.85 16.62
N LEU B 305 -24.26 -14.11 16.47
CA LEU B 305 -24.17 -12.68 16.81
C LEU B 305 -25.07 -11.89 15.84
N VAL B 306 -25.03 -12.27 14.54
CA VAL B 306 -25.94 -11.70 13.52
C VAL B 306 -27.41 -12.07 13.87
N LYS B 307 -27.64 -13.37 14.17
CA LYS B 307 -28.98 -13.93 14.46
C LYS B 307 -29.68 -13.19 15.63
N ALA B 308 -28.89 -12.84 16.65
CA ALA B 308 -29.39 -12.08 17.80
C ALA B 308 -29.50 -10.58 17.47
N ASN B 309 -28.61 -10.08 16.58
CA ASN B 309 -28.42 -8.62 16.37
C ASN B 309 -28.13 -8.31 14.89
N ASP B 310 -29.21 -8.27 14.09
CA ASP B 310 -29.15 -7.78 12.70
C ASP B 310 -29.18 -6.25 12.74
N ILE B 311 -27.99 -5.66 12.96
CA ILE B 311 -27.81 -4.19 13.03
C ILE B 311 -27.69 -3.58 11.61
N ASP B 312 -27.72 -2.25 11.56
CA ASP B 312 -27.43 -1.52 10.31
C ASP B 312 -25.91 -1.45 10.08
N VAL B 313 -25.53 -1.45 8.79
CA VAL B 313 -24.13 -1.50 8.36
C VAL B 313 -23.77 -0.24 7.54
N PRO B 314 -22.57 0.40 7.81
CA PRO B 314 -22.07 1.56 7.03
C PRO B 314 -21.63 1.14 5.61
N ALA B 315 -22.19 1.81 4.58
CA ALA B 315 -21.97 1.44 3.16
C ALA B 315 -20.51 1.69 2.68
N ALA B 316 -19.74 2.43 3.49
CA ALA B 316 -18.30 2.64 3.27
C ALA B 316 -17.53 1.33 3.53
N LEU B 317 -17.94 0.62 4.60
CA LEU B 317 -17.41 -0.71 4.96
C LEU B 317 -17.81 -1.73 3.89
N ILE B 318 -19.06 -1.61 3.39
CA ILE B 318 -19.58 -2.47 2.30
C ILE B 318 -18.80 -2.19 0.99
N ASP B 319 -18.48 -0.91 0.74
CA ASP B 319 -17.72 -0.50 -0.47
C ASP B 319 -16.32 -1.15 -0.46
N SER B 320 -15.59 -0.94 0.64
CA SER B 320 -14.24 -1.50 0.84
C SER B 320 -14.25 -3.05 0.75
N GLU B 321 -15.14 -3.68 1.54
CA GLU B 321 -15.17 -5.15 1.72
C GLU B 321 -15.60 -5.87 0.43
N ILE B 322 -16.66 -5.34 -0.23
CA ILE B 322 -17.12 -5.87 -1.54
C ILE B 322 -16.00 -5.73 -2.58
N ASP B 323 -15.27 -4.58 -2.59
CA ASP B 323 -14.14 -4.37 -3.51
C ASP B 323 -13.05 -5.45 -3.32
N VAL B 324 -12.73 -5.75 -2.03
CA VAL B 324 -11.71 -6.76 -1.65
C VAL B 324 -12.12 -8.18 -2.13
N LEU B 325 -13.34 -8.60 -1.78
CA LEU B 325 -13.88 -9.94 -2.14
C LEU B 325 -14.01 -10.10 -3.67
N ARG B 326 -14.48 -9.04 -4.31
CA ARG B 326 -14.68 -8.95 -5.76
C ARG B 326 -13.33 -8.98 -6.50
N ARG B 327 -12.29 -8.41 -5.86
CA ARG B 327 -10.90 -8.44 -6.37
C ARG B 327 -10.40 -9.92 -6.37
N GLN B 328 -10.47 -10.53 -5.16
CA GLN B 328 -10.01 -11.92 -4.89
C GLN B 328 -10.78 -12.97 -5.73
N ALA B 329 -12.00 -12.63 -6.16
CA ALA B 329 -12.81 -13.50 -7.04
C ALA B 329 -12.46 -13.26 -8.51
N ALA B 330 -12.67 -12.02 -8.96
CA ALA B 330 -12.59 -11.63 -10.40
C ALA B 330 -11.23 -11.94 -11.02
N GLN B 331 -10.14 -11.76 -10.24
CA GLN B 331 -8.77 -12.05 -10.72
C GLN B 331 -8.63 -13.53 -11.22
N ARG B 332 -9.41 -14.45 -10.61
CA ARG B 332 -9.36 -15.88 -10.94
C ARG B 332 -10.48 -16.19 -11.96
N PHE B 333 -11.71 -15.83 -11.55
CA PHE B 333 -12.93 -16.06 -12.33
C PHE B 333 -13.09 -14.92 -13.35
N GLY B 334 -12.19 -14.93 -14.34
CA GLY B 334 -12.15 -13.92 -15.38
C GLY B 334 -10.77 -13.29 -15.51
N GLY B 335 -10.57 -12.16 -14.84
CA GLY B 335 -9.36 -11.34 -15.01
C GLY B 335 -9.72 -9.89 -15.32
N ASN B 336 -10.71 -9.71 -16.23
CA ASN B 336 -11.22 -8.38 -16.61
C ASN B 336 -12.16 -7.80 -15.52
N GLU B 337 -12.18 -6.47 -15.47
CA GLU B 337 -13.02 -5.68 -14.53
C GLU B 337 -14.52 -5.92 -14.80
N LYS B 338 -14.87 -6.15 -16.08
CA LYS B 338 -16.25 -6.44 -16.49
C LYS B 338 -16.76 -7.70 -15.77
N GLN B 339 -15.91 -8.75 -15.73
CA GLN B 339 -16.22 -10.03 -15.02
C GLN B 339 -16.49 -9.81 -13.53
N ALA B 340 -15.77 -8.83 -12.92
CA ALA B 340 -15.95 -8.47 -11.51
C ALA B 340 -17.41 -8.08 -11.22
N LEU B 341 -17.86 -7.03 -11.94
CA LEU B 341 -19.24 -6.52 -11.82
C LEU B 341 -20.25 -7.48 -12.47
N GLU B 342 -19.74 -8.51 -13.19
CA GLU B 342 -20.57 -9.55 -13.82
C GLU B 342 -20.56 -10.86 -12.96
N LEU B 343 -20.10 -10.75 -11.69
CA LEU B 343 -20.56 -11.65 -10.61
C LEU B 343 -21.69 -10.92 -9.85
N PRO B 344 -22.80 -11.64 -9.44
CA PRO B 344 -23.83 -11.07 -8.55
C PRO B 344 -23.22 -10.66 -7.20
N ARG B 345 -22.88 -9.36 -7.08
CA ARG B 345 -22.09 -8.81 -5.94
C ARG B 345 -22.78 -9.03 -4.58
N GLU B 346 -24.09 -9.29 -4.64
CA GLU B 346 -24.95 -9.58 -3.49
C GLU B 346 -24.40 -10.78 -2.68
N LEU B 347 -23.75 -11.77 -3.38
CA LEU B 347 -23.13 -12.94 -2.71
C LEU B 347 -21.89 -12.52 -1.89
N PHE B 348 -21.19 -11.45 -2.36
CA PHE B 348 -20.05 -10.89 -1.61
C PHE B 348 -20.59 -10.16 -0.37
N GLU B 349 -21.69 -9.42 -0.58
CA GLU B 349 -22.32 -8.59 0.44
C GLU B 349 -23.00 -9.43 1.55
N GLU B 350 -23.47 -10.65 1.21
CA GLU B 350 -24.09 -11.57 2.21
C GLU B 350 -23.07 -11.93 3.32
N GLN B 351 -21.85 -12.28 2.89
CA GLN B 351 -20.73 -12.59 3.79
C GLN B 351 -20.24 -11.31 4.49
N ALA B 352 -20.04 -10.26 3.66
CA ALA B 352 -19.47 -8.98 4.08
C ALA B 352 -20.28 -8.32 5.20
N LYS B 353 -21.57 -8.06 4.89
CA LYS B 353 -22.53 -7.42 5.81
C LYS B 353 -22.51 -8.10 7.19
N ARG B 354 -22.53 -9.44 7.20
CA ARG B 354 -22.52 -10.21 8.46
C ARG B 354 -21.16 -10.06 9.20
N ARG B 355 -20.05 -9.95 8.43
CA ARG B 355 -18.70 -9.81 9.03
C ARG B 355 -18.48 -8.40 9.60
N VAL B 356 -19.13 -7.37 9.00
CA VAL B 356 -19.03 -5.98 9.50
C VAL B 356 -20.09 -5.76 10.61
N VAL B 357 -21.19 -6.56 10.59
CA VAL B 357 -22.16 -6.62 11.71
C VAL B 357 -21.41 -7.07 12.97
N VAL B 358 -20.81 -8.27 12.90
CA VAL B 358 -20.06 -8.87 14.03
C VAL B 358 -18.74 -8.10 14.27
N GLY B 359 -18.25 -7.38 13.23
CA GLY B 359 -17.12 -6.47 13.38
C GLY B 359 -17.42 -5.33 14.34
N LEU B 360 -18.63 -4.75 14.19
CA LEU B 360 -19.15 -3.71 15.08
C LEU B 360 -19.54 -4.29 16.46
N LEU B 361 -20.14 -5.50 16.46
CA LEU B 361 -20.63 -6.17 17.70
C LEU B 361 -19.47 -6.55 18.63
N LEU B 362 -18.56 -7.45 18.16
CA LEU B 362 -17.36 -7.88 18.92
C LEU B 362 -16.45 -6.70 19.27
N GLY B 363 -16.37 -5.72 18.36
CA GLY B 363 -15.68 -4.47 18.61
C GLY B 363 -16.24 -3.73 19.82
N GLU B 364 -17.58 -3.64 19.87
CA GLU B 364 -18.29 -2.98 20.97
C GLU B 364 -18.19 -3.80 22.28
N VAL B 365 -17.98 -5.13 22.18
CA VAL B 365 -17.78 -5.99 23.37
C VAL B 365 -16.45 -5.62 24.06
N ILE B 366 -15.34 -5.74 23.31
CA ILE B 366 -13.98 -5.47 23.83
C ILE B 366 -13.78 -3.99 24.22
N ARG B 367 -14.54 -3.07 23.56
CA ARG B 367 -14.52 -1.62 23.89
C ARG B 367 -15.34 -1.36 25.19
N THR B 368 -16.69 -1.57 25.12
CA THR B 368 -17.63 -1.24 26.22
C THR B 368 -17.35 -2.08 27.50
N ASN B 369 -17.30 -3.42 27.35
CA ASN B 369 -17.11 -4.35 28.49
C ASN B 369 -15.66 -4.23 29.00
N GLU B 370 -14.79 -3.69 28.13
CA GLU B 370 -13.37 -3.44 28.39
C GLU B 370 -12.65 -4.78 28.61
N LEU B 371 -12.45 -5.50 27.50
CA LEU B 371 -11.70 -6.76 27.48
C LEU B 371 -10.24 -6.48 27.08
N LYS B 372 -9.29 -6.84 27.96
CA LYS B 372 -7.85 -6.85 27.66
C LYS B 372 -7.47 -8.17 26.98
N ALA B 373 -6.48 -8.11 26.09
CA ALA B 373 -5.80 -9.32 25.57
C ALA B 373 -4.86 -9.82 26.67
N ASP B 374 -5.39 -10.72 27.53
CA ASP B 374 -4.66 -11.34 28.64
C ASP B 374 -3.31 -11.90 28.14
N GLU B 375 -2.22 -11.55 28.82
CA GLU B 375 -0.86 -12.00 28.43
C GLU B 375 -0.80 -13.54 28.29
N GLU B 376 -1.52 -14.23 29.18
CA GLU B 376 -1.64 -15.71 29.19
C GLU B 376 -2.42 -16.22 27.95
N ARG B 377 -3.43 -15.44 27.52
CA ARG B 377 -4.37 -15.79 26.43
C ARG B 377 -3.68 -15.61 25.06
N VAL B 378 -3.02 -14.45 24.88
CA VAL B 378 -2.34 -14.09 23.63
C VAL B 378 -1.06 -14.94 23.44
N LYS B 379 -0.25 -15.08 24.51
CA LYS B 379 0.97 -15.90 24.48
C LYS B 379 0.55 -17.38 24.35
N GLY B 380 -0.59 -17.75 24.98
CA GLY B 380 -1.20 -19.06 24.81
C GLY B 380 -1.59 -19.36 23.37
N LEU B 381 -2.08 -18.33 22.65
CA LEU B 381 -2.43 -18.43 21.21
C LEU B 381 -1.14 -18.67 20.39
N ILE B 382 -0.09 -17.87 20.67
CA ILE B 382 1.19 -17.99 19.98
C ILE B 382 1.77 -19.40 20.18
N GLU B 383 1.78 -19.90 21.44
CA GLU B 383 2.18 -21.28 21.81
C GLU B 383 1.34 -22.32 21.03
N GLU B 384 0.02 -22.08 20.98
CA GLU B 384 -0.98 -22.97 20.34
C GLU B 384 -0.61 -23.21 18.85
N MET B 385 -0.25 -22.12 18.14
CA MET B 385 0.15 -22.21 16.72
C MET B 385 1.68 -22.45 16.56
N ALA B 386 2.48 -22.22 17.63
CA ALA B 386 3.95 -22.38 17.58
C ALA B 386 4.35 -23.82 17.84
N SER B 387 3.41 -24.62 18.40
CA SER B 387 3.52 -26.09 18.45
C SER B 387 3.56 -26.69 17.02
N ALA B 388 3.06 -25.91 16.02
CA ALA B 388 3.16 -26.26 14.60
C ALA B 388 4.55 -25.92 14.04
N TYR B 389 5.29 -25.01 14.72
CA TYR B 389 6.67 -24.63 14.33
C TYR B 389 7.68 -25.58 14.99
N GLU B 390 8.94 -25.48 14.55
CA GLU B 390 10.03 -26.39 14.98
C GLU B 390 10.37 -26.21 16.47
N ASP B 391 10.49 -24.95 16.92
CA ASP B 391 10.68 -24.60 18.35
C ASP B 391 9.86 -23.34 18.68
N PRO B 392 8.85 -23.44 19.60
CA PRO B 392 7.99 -22.30 20.01
C PRO B 392 8.75 -21.15 20.74
N LYS B 393 9.81 -21.47 21.51
CA LYS B 393 10.50 -20.50 22.40
C LYS B 393 11.07 -19.30 21.64
N GLU B 394 11.68 -19.56 20.47
CA GLU B 394 12.21 -18.51 19.59
C GLU B 394 11.05 -17.60 19.09
N VAL B 395 9.86 -18.22 18.89
CA VAL B 395 8.69 -17.55 18.30
C VAL B 395 8.10 -16.56 19.33
N ILE B 396 8.00 -17.04 20.59
CA ILE B 396 7.56 -16.23 21.74
C ILE B 396 8.50 -15.02 21.94
N GLU B 397 9.82 -15.35 21.97
CA GLU B 397 10.91 -14.40 22.26
C GLU B 397 10.94 -13.25 21.23
N PHE B 398 10.83 -13.61 19.93
CA PHE B 398 10.93 -12.64 18.83
C PHE B 398 9.63 -11.79 18.73
N TYR B 399 8.44 -12.43 18.90
CA TYR B 399 7.15 -11.69 18.86
C TYR B 399 7.09 -10.64 20.00
N SER B 400 7.63 -11.02 21.19
CA SER B 400 7.73 -10.13 22.36
C SER B 400 8.61 -8.89 22.07
N LYS B 401 9.53 -9.02 21.11
CA LYS B 401 10.43 -7.92 20.66
C LYS B 401 9.98 -7.33 19.31
N ASN B 402 8.77 -7.70 18.86
CA ASN B 402 8.19 -7.17 17.60
C ASN B 402 6.79 -6.59 17.93
N LYS B 403 6.74 -5.26 18.17
CA LYS B 403 5.51 -4.54 18.58
C LYS B 403 4.39 -4.72 17.54
N GLU B 404 4.76 -4.55 16.26
CA GLU B 404 3.84 -4.63 15.11
C GLU B 404 3.07 -5.96 15.11
N LEU B 405 3.81 -7.08 15.07
CA LEU B 405 3.22 -8.42 14.98
C LEU B 405 2.54 -8.82 16.31
N MET B 406 3.13 -8.38 17.45
CA MET B 406 2.56 -8.59 18.80
C MET B 406 1.17 -7.93 18.91
N ASP B 407 1.03 -6.75 18.27
CA ASP B 407 -0.22 -5.96 18.28
C ASP B 407 -1.33 -6.68 17.50
N ASN B 408 -0.95 -7.28 16.34
CA ASN B 408 -1.86 -8.12 15.53
C ASN B 408 -2.26 -9.39 16.30
N MET B 409 -1.30 -9.97 17.05
CA MET B 409 -1.53 -11.15 17.88
C MET B 409 -2.49 -10.83 19.04
N ARG B 410 -2.38 -9.60 19.58
CA ARG B 410 -3.27 -9.10 20.64
C ARG B 410 -4.69 -8.89 20.09
N ASN B 411 -4.77 -8.41 18.83
CA ASN B 411 -6.04 -8.21 18.12
C ASN B 411 -6.80 -9.54 17.94
N VAL B 412 -6.12 -10.56 17.36
CA VAL B 412 -6.74 -11.88 17.09
C VAL B 412 -7.08 -12.61 18.41
N ALA B 413 -6.24 -12.38 19.44
CA ALA B 413 -6.47 -12.89 20.80
C ALA B 413 -7.76 -12.32 21.35
N LEU B 414 -7.95 -10.99 21.18
CA LEU B 414 -9.15 -10.28 21.63
C LEU B 414 -10.38 -10.59 20.76
N GLU B 415 -10.18 -11.01 19.51
CA GLU B 415 -11.27 -11.48 18.65
C GLU B 415 -11.85 -12.77 19.23
N GLU B 416 -10.96 -13.75 19.50
CA GLU B 416 -11.38 -15.02 20.14
C GLU B 416 -11.92 -14.77 21.56
N GLN B 417 -11.28 -13.84 22.31
CA GLN B 417 -11.63 -13.56 23.72
C GLN B 417 -13.01 -12.85 23.81
N ALA B 418 -13.31 -12.03 22.78
CA ALA B 418 -14.63 -11.40 22.60
C ALA B 418 -15.69 -12.47 22.31
N VAL B 419 -15.33 -13.42 21.40
CA VAL B 419 -16.16 -14.58 21.09
C VAL B 419 -16.39 -15.44 22.35
N GLU B 420 -15.33 -15.65 23.18
CA GLU B 420 -15.42 -16.52 24.37
C GLU B 420 -16.26 -15.87 25.48
N ALA B 421 -16.20 -14.53 25.58
CA ALA B 421 -17.04 -13.74 26.51
C ALA B 421 -18.54 -13.99 26.23
N VAL B 422 -18.94 -13.76 24.97
CA VAL B 422 -20.33 -13.94 24.52
C VAL B 422 -20.70 -15.44 24.40
N LEU B 423 -19.69 -16.32 24.22
CA LEU B 423 -19.87 -17.78 24.06
C LEU B 423 -20.31 -18.41 25.40
N ALA B 424 -19.55 -18.06 26.45
CA ALA B 424 -19.82 -18.52 27.83
C ALA B 424 -21.08 -17.87 28.41
N LYS B 425 -21.47 -16.70 27.84
CA LYS B 425 -22.75 -16.03 28.18
C LYS B 425 -23.92 -16.71 27.45
N ALA B 426 -23.62 -17.27 26.25
CA ALA B 426 -24.63 -17.84 25.34
C ALA B 426 -25.13 -19.23 25.77
N LYS B 427 -26.26 -19.64 25.17
CA LYS B 427 -26.90 -20.95 25.42
C LYS B 427 -26.01 -22.05 24.79
N VAL B 428 -25.13 -22.62 25.64
CA VAL B 428 -24.16 -23.64 25.23
C VAL B 428 -24.82 -25.03 25.19
N THR B 429 -25.11 -25.52 23.97
CA THR B 429 -25.63 -26.88 23.77
C THR B 429 -24.43 -27.81 23.53
N GLU B 430 -24.12 -28.65 24.52
CA GLU B 430 -23.10 -29.71 24.37
C GLU B 430 -23.83 -31.03 24.02
N LYS B 431 -23.34 -31.72 22.98
CA LYS B 431 -23.96 -32.97 22.51
C LYS B 431 -22.88 -33.85 21.89
N GLU B 432 -22.77 -35.08 22.40
CA GLU B 432 -21.77 -36.05 21.94
C GLU B 432 -22.04 -36.50 20.48
N THR B 433 -21.02 -36.36 19.64
CA THR B 433 -21.09 -36.62 18.19
C THR B 433 -19.88 -37.45 17.75
N THR B 434 -19.91 -37.94 16.50
CA THR B 434 -18.76 -38.61 15.87
C THR B 434 -18.06 -37.64 14.90
N PHE B 435 -16.88 -38.06 14.41
CA PHE B 435 -15.97 -37.25 13.57
C PHE B 435 -16.70 -36.65 12.34
N ASN B 436 -17.52 -37.47 11.67
CA ASN B 436 -18.23 -37.09 10.44
C ASN B 436 -19.30 -36.02 10.73
N GLU B 437 -20.00 -36.15 11.88
CA GLU B 437 -21.08 -35.21 12.28
C GLU B 437 -20.54 -33.79 12.51
N LEU B 438 -19.27 -33.73 12.97
CA LEU B 438 -18.54 -32.49 13.23
C LEU B 438 -18.22 -31.76 11.90
N MET B 439 -17.80 -32.52 10.88
CA MET B 439 -17.34 -31.96 9.60
C MET B 439 -18.39 -32.14 8.48
N ASN B 440 -19.63 -32.48 8.87
CA ASN B 440 -20.76 -32.63 7.95
C ASN B 440 -21.37 -31.24 7.70
N GLN B 441 -20.83 -30.59 6.66
CA GLN B 441 -21.30 -29.28 6.19
C GLN B 441 -22.73 -29.37 5.60
N GLN B 442 -23.07 -30.55 5.05
CA GLN B 442 -24.36 -30.82 4.41
C GLN B 442 -24.57 -32.34 4.27
N ALA B 443 -25.63 -32.87 4.90
CA ALA B 443 -26.02 -34.28 4.75
C ALA B 443 -26.62 -34.51 3.34
N MET A 12 13.71 -28.75 7.63
CA MET A 12 13.24 -28.10 6.37
C MET A 12 14.44 -27.86 5.44
N GLN A 13 14.21 -28.06 4.12
CA GLN A 13 15.23 -27.86 3.07
C GLN A 13 15.38 -26.34 2.75
N VAL A 14 16.05 -25.64 3.70
CA VAL A 14 16.29 -24.18 3.65
C VAL A 14 17.79 -23.93 3.89
N SER A 15 18.28 -22.73 3.49
CA SER A 15 19.71 -22.39 3.59
C SER A 15 19.90 -20.86 3.64
N VAL A 16 20.29 -20.34 4.82
CA VAL A 16 20.53 -18.91 5.04
C VAL A 16 21.99 -18.53 4.64
N GLU A 17 22.16 -18.20 3.35
CA GLU A 17 23.46 -17.84 2.75
C GLU A 17 23.80 -16.36 3.05
N THR A 18 24.71 -16.14 4.01
CA THR A 18 25.17 -14.79 4.39
C THR A 18 26.00 -14.15 3.26
N THR A 19 25.47 -13.08 2.66
CA THR A 19 26.08 -12.38 1.52
C THR A 19 27.11 -11.34 1.99
N GLN A 20 26.66 -10.37 2.79
CA GLN A 20 27.51 -9.28 3.29
C GLN A 20 27.14 -8.99 4.75
N GLY A 21 27.80 -9.73 5.67
CA GLY A 21 27.69 -9.48 7.12
C GLY A 21 26.27 -9.64 7.67
N LEU A 22 25.53 -8.52 7.71
CA LEU A 22 24.12 -8.50 8.13
C LEU A 22 23.25 -9.17 7.04
N GLY A 23 23.58 -8.83 5.77
CA GLY A 23 22.87 -9.33 4.59
C GLY A 23 22.91 -10.85 4.48
N ARG A 24 21.72 -11.46 4.42
CA ARG A 24 21.52 -12.92 4.42
C ARG A 24 20.39 -13.30 3.44
N ARG A 25 20.78 -14.04 2.42
CA ARG A 25 19.89 -14.64 1.43
C ARG A 25 19.36 -16.00 1.96
N VAL A 26 18.19 -15.96 2.63
CA VAL A 26 17.52 -17.18 3.13
C VAL A 26 16.85 -17.92 1.96
N THR A 27 17.64 -18.76 1.29
CA THR A 27 17.21 -19.56 0.14
C THR A 27 16.43 -20.80 0.63
N ILE A 28 15.11 -20.79 0.40
CA ILE A 28 14.17 -21.83 0.86
C ILE A 28 13.64 -22.62 -0.34
N THR A 29 13.85 -23.95 -0.34
CA THR A 29 13.27 -24.85 -1.34
C THR A 29 11.95 -25.44 -0.79
N ILE A 30 10.93 -25.52 -1.65
CA ILE A 30 9.64 -26.15 -1.32
C ILE A 30 9.46 -27.37 -2.23
N ALA A 31 9.14 -28.53 -1.63
CA ALA A 31 8.84 -29.78 -2.38
C ALA A 31 7.54 -29.61 -3.19
N ALA A 32 7.45 -30.29 -4.34
CA ALA A 32 6.26 -30.22 -5.23
C ALA A 32 4.99 -30.67 -4.49
N ASP A 33 5.12 -31.75 -3.69
CA ASP A 33 4.02 -32.27 -2.85
C ASP A 33 3.52 -31.21 -1.86
N SER A 34 4.48 -30.49 -1.25
CA SER A 34 4.20 -29.45 -0.24
C SER A 34 3.47 -28.24 -0.87
N ILE A 35 3.81 -27.93 -2.15
CA ILE A 35 3.16 -26.87 -2.93
C ILE A 35 1.71 -27.27 -3.22
N GLU A 36 1.54 -28.48 -3.81
CA GLU A 36 0.23 -29.01 -4.24
C GLU A 36 -0.76 -29.09 -3.07
N THR A 37 -0.28 -29.59 -1.92
CA THR A 37 -1.08 -29.70 -0.68
C THR A 37 -1.58 -28.31 -0.25
N ALA A 38 -0.66 -27.32 -0.29
CA ALA A 38 -0.97 -25.92 0.04
C ALA A 38 -2.00 -25.33 -0.94
N VAL A 39 -1.87 -25.66 -2.26
CA VAL A 39 -2.78 -25.16 -3.31
C VAL A 39 -4.22 -25.67 -3.07
N LYS A 40 -4.34 -27.00 -2.87
CA LYS A 40 -5.64 -27.68 -2.66
C LYS A 40 -6.32 -27.19 -1.37
N SER A 41 -5.51 -27.02 -0.31
CA SER A 41 -5.96 -26.48 0.99
C SER A 41 -6.52 -25.06 0.80
N GLU A 42 -5.75 -24.20 0.11
CA GLU A 42 -6.16 -22.79 -0.12
C GLU A 42 -7.31 -22.68 -1.14
N LEU A 43 -7.48 -23.71 -2.00
CA LEU A 43 -8.62 -23.78 -2.93
C LEU A 43 -9.93 -24.05 -2.18
N VAL A 44 -9.93 -25.09 -1.31
CA VAL A 44 -11.13 -25.44 -0.54
C VAL A 44 -11.42 -24.35 0.53
N ASN A 45 -10.32 -23.76 1.09
CA ASN A 45 -10.42 -22.65 2.06
C ASN A 45 -11.10 -21.44 1.41
N VAL A 46 -10.53 -20.94 0.28
CA VAL A 46 -11.11 -19.77 -0.43
C VAL A 46 -12.53 -20.09 -0.91
N ALA A 47 -12.79 -21.37 -1.24
CA ALA A 47 -14.14 -21.84 -1.60
C ALA A 47 -15.12 -21.68 -0.42
N LYS A 48 -14.61 -21.88 0.82
CA LYS A 48 -15.40 -21.63 2.05
C LYS A 48 -15.56 -20.12 2.29
N LYS A 49 -14.53 -19.34 1.93
CA LYS A 49 -14.53 -17.86 2.14
C LYS A 49 -15.56 -17.16 1.22
N VAL A 50 -15.69 -17.70 0.01
CA VAL A 50 -16.65 -17.22 -1.00
C VAL A 50 -18.06 -17.84 -0.75
N ARG A 51 -18.11 -18.87 0.14
CA ARG A 51 -19.35 -19.53 0.63
C ARG A 51 -20.04 -20.41 -0.45
N ILE A 52 -19.33 -20.66 -1.57
CA ILE A 52 -19.88 -21.45 -2.70
C ILE A 52 -19.44 -22.94 -2.60
N ASP A 53 -18.26 -23.17 -1.98
CA ASP A 53 -17.56 -24.49 -1.95
C ASP A 53 -17.01 -24.86 -3.34
N GLY A 54 -16.75 -23.82 -4.17
CA GLY A 54 -16.22 -23.98 -5.52
C GLY A 54 -17.28 -24.49 -6.49
N PHE A 55 -17.56 -25.80 -6.39
CA PHE A 55 -18.66 -26.46 -7.11
C PHE A 55 -19.74 -26.82 -6.08
N ARG A 56 -19.40 -27.78 -5.20
CA ARG A 56 -20.29 -28.28 -4.12
C ARG A 56 -19.50 -29.19 -3.15
N LYS A 57 -20.23 -29.82 -2.21
CA LYS A 57 -19.67 -30.74 -1.20
C LYS A 57 -19.35 -32.12 -1.81
N GLY A 58 -19.75 -32.32 -3.07
CA GLY A 58 -19.46 -33.55 -3.83
C GLY A 58 -19.25 -33.23 -5.30
N LYS A 59 -18.46 -34.10 -5.98
CA LYS A 59 -18.07 -33.96 -7.41
C LYS A 59 -17.09 -32.79 -7.64
N VAL A 60 -16.24 -32.96 -8.69
CA VAL A 60 -15.23 -31.99 -9.13
C VAL A 60 -14.21 -31.69 -7.99
N PRO A 61 -13.21 -32.61 -7.77
CA PRO A 61 -12.20 -32.45 -6.69
C PRO A 61 -11.16 -31.35 -7.03
N MET A 62 -10.94 -30.43 -6.06
CA MET A 62 -9.94 -29.34 -6.18
C MET A 62 -8.50 -29.89 -6.32
N ASN A 63 -8.34 -31.19 -5.99
CA ASN A 63 -7.07 -31.92 -6.16
C ASN A 63 -6.56 -31.86 -7.60
N ILE A 64 -7.43 -32.28 -8.56
CA ILE A 64 -7.06 -32.29 -9.99
C ILE A 64 -7.12 -30.86 -10.56
N VAL A 65 -8.10 -30.05 -10.09
CA VAL A 65 -8.32 -28.66 -10.54
C VAL A 65 -7.05 -27.81 -10.32
N ALA A 66 -6.39 -28.04 -9.18
CA ALA A 66 -5.13 -27.38 -8.80
C ALA A 66 -4.06 -27.51 -9.91
N GLN A 67 -3.64 -28.76 -10.12
CA GLN A 67 -2.55 -29.13 -11.04
C GLN A 67 -2.93 -28.83 -12.51
N ARG A 68 -4.20 -29.09 -12.86
CA ARG A 68 -4.66 -29.08 -14.25
C ARG A 68 -4.76 -27.65 -14.81
N TYR A 69 -5.41 -26.73 -14.05
CA TYR A 69 -5.67 -25.35 -14.51
C TYR A 69 -5.79 -24.34 -13.34
N GLY A 70 -5.34 -24.71 -12.13
CA GLY A 70 -5.37 -23.79 -10.98
C GLY A 70 -4.09 -22.95 -10.89
N ALA A 71 -3.81 -22.20 -11.97
CA ALA A 71 -2.57 -21.38 -12.11
C ALA A 71 -2.71 -20.02 -11.41
N SER A 72 -3.95 -19.48 -11.40
CA SER A 72 -4.26 -18.13 -10.87
C SER A 72 -4.11 -18.06 -9.33
N VAL A 73 -4.33 -19.21 -8.65
CA VAL A 73 -4.26 -19.30 -7.18
C VAL A 73 -2.80 -19.36 -6.69
N ARG A 74 -1.84 -19.65 -7.61
CA ARG A 74 -0.38 -19.74 -7.30
C ARG A 74 0.15 -18.43 -6.69
N GLN A 75 -0.50 -17.30 -7.03
CA GLN A 75 -0.16 -15.98 -6.46
C GLN A 75 -0.39 -15.97 -4.93
N ASP A 76 -1.59 -16.41 -4.53
CA ASP A 76 -2.02 -16.46 -3.12
C ASP A 76 -1.22 -17.53 -2.35
N VAL A 77 -1.03 -18.70 -2.99
CA VAL A 77 -0.32 -19.85 -2.40
C VAL A 77 1.15 -19.49 -2.14
N LEU A 78 1.92 -19.21 -3.21
CA LEU A 78 3.35 -18.82 -3.10
C LEU A 78 3.51 -17.54 -2.26
N GLY A 79 2.49 -16.64 -2.36
CA GLY A 79 2.43 -15.43 -1.53
C GLY A 79 2.27 -15.73 -0.04
N ASP A 80 1.60 -16.84 0.29
CA ASP A 80 1.47 -17.33 1.67
C ASP A 80 2.77 -18.02 2.10
N LEU A 81 3.30 -18.89 1.22
CA LEU A 81 4.46 -19.77 1.48
C LEU A 81 5.74 -18.97 1.74
N MET A 82 5.90 -17.83 1.03
CA MET A 82 7.10 -16.98 1.17
C MET A 82 7.19 -16.33 2.56
N SER A 83 6.05 -16.25 3.27
CA SER A 83 5.98 -15.74 4.65
C SER A 83 5.95 -16.92 5.66
N ARG A 84 5.19 -17.97 5.30
CA ARG A 84 4.91 -19.10 6.20
C ARG A 84 6.14 -20.02 6.33
N ASN A 85 6.63 -20.52 5.19
CA ASN A 85 7.85 -21.39 5.17
C ASN A 85 9.08 -20.60 5.67
N PHE A 86 9.02 -19.27 5.53
CA PHE A 86 10.05 -18.36 6.05
C PHE A 86 10.06 -18.38 7.59
N ILE A 87 8.90 -18.11 8.21
CA ILE A 87 8.79 -18.07 9.69
C ILE A 87 9.10 -19.44 10.30
N ASP A 88 8.72 -20.53 9.58
CA ASP A 88 9.01 -21.91 9.99
C ASP A 88 10.52 -22.18 9.95
N ALA A 89 11.16 -21.79 8.83
CA ALA A 89 12.61 -21.96 8.61
C ALA A 89 13.43 -21.30 9.74
N ILE A 90 12.94 -20.14 10.22
CA ILE A 90 13.64 -19.33 11.23
C ILE A 90 13.03 -19.53 12.65
N ILE A 91 12.30 -20.66 12.88
CA ILE A 91 11.79 -20.96 14.25
C ILE A 91 12.97 -21.16 15.24
N LYS A 92 13.69 -22.30 15.11
CA LYS A 92 14.73 -22.66 16.09
C LYS A 92 15.98 -21.77 15.96
N GLU A 93 16.29 -21.35 14.72
CA GLU A 93 17.44 -20.47 14.45
C GLU A 93 17.16 -19.04 14.98
N LYS A 94 15.91 -18.59 14.79
CA LYS A 94 15.41 -17.27 15.22
C LYS A 94 16.23 -16.11 14.59
N ILE A 95 15.92 -15.84 13.32
CA ILE A 95 16.58 -14.80 12.51
C ILE A 95 15.68 -13.56 12.46
N ASN A 96 16.10 -12.46 13.12
CA ASN A 96 15.37 -11.19 13.16
C ASN A 96 15.76 -10.28 11.95
N PRO A 97 14.82 -10.01 10.98
CA PRO A 97 15.06 -9.08 9.84
C PRO A 97 15.12 -7.60 10.28
N ALA A 98 15.77 -6.76 9.45
CA ALA A 98 15.80 -5.30 9.64
C ALA A 98 14.91 -4.60 8.60
N GLY A 99 13.85 -3.94 9.08
CA GLY A 99 12.97 -3.13 8.24
C GLY A 99 12.01 -3.98 7.39
N ALA A 100 12.51 -4.47 6.25
CA ALA A 100 11.70 -5.21 5.26
C ALA A 100 12.56 -6.28 4.53
N PRO A 101 12.05 -7.54 4.36
CA PRO A 101 12.76 -8.60 3.61
C PRO A 101 12.51 -8.50 2.09
N THR A 102 13.59 -8.56 1.29
CA THR A 102 13.51 -8.60 -0.17
C THR A 102 13.20 -10.04 -0.62
N TYR A 103 11.92 -10.31 -0.92
CA TYR A 103 11.48 -11.60 -1.44
C TYR A 103 11.84 -11.70 -2.94
N VAL A 104 13.00 -12.30 -3.24
CA VAL A 104 13.42 -12.59 -4.61
C VAL A 104 12.83 -13.96 -5.01
N PRO A 105 11.79 -14.00 -5.92
CA PRO A 105 11.10 -15.24 -6.29
C PRO A 105 11.91 -16.07 -7.30
N GLY A 106 12.08 -17.37 -7.00
CA GLY A 106 12.68 -18.31 -7.94
C GLY A 106 11.73 -18.65 -9.07
N GLU A 107 12.29 -19.11 -10.19
CA GLU A 107 11.50 -19.46 -11.38
C GLU A 107 10.62 -20.69 -11.10
N TYR A 108 9.29 -20.49 -11.12
CA TYR A 108 8.32 -21.57 -10.83
C TYR A 108 8.36 -22.63 -11.94
N LYS A 109 8.89 -23.80 -11.58
CA LYS A 109 8.84 -24.99 -12.43
C LYS A 109 7.53 -25.77 -12.16
N LEU A 110 6.99 -26.38 -13.21
CA LEU A 110 5.69 -27.04 -13.20
C LEU A 110 5.78 -28.41 -12.50
N GLY A 111 5.56 -28.38 -11.17
CA GLY A 111 5.47 -29.59 -10.35
C GLY A 111 6.82 -30.28 -10.11
N GLU A 112 7.92 -29.51 -10.22
CA GLU A 112 9.27 -30.01 -9.88
C GLU A 112 9.55 -29.65 -8.42
N ASP A 113 9.79 -28.35 -8.17
CA ASP A 113 10.07 -27.78 -6.83
C ASP A 113 10.20 -26.25 -6.97
N PHE A 114 10.02 -25.52 -5.86
CA PHE A 114 10.07 -24.04 -5.85
C PHE A 114 11.12 -23.55 -4.84
N THR A 115 12.32 -23.29 -5.34
CA THR A 115 13.39 -22.65 -4.55
C THR A 115 13.31 -21.12 -4.77
N TYR A 116 13.11 -20.36 -3.69
CA TYR A 116 13.15 -18.88 -3.71
C TYR A 116 14.18 -18.40 -2.68
N SER A 117 14.40 -17.07 -2.63
CA SER A 117 15.45 -16.47 -1.80
C SER A 117 14.95 -15.17 -1.14
N VAL A 118 14.90 -15.17 0.21
CA VAL A 118 14.50 -14.01 1.01
C VAL A 118 15.78 -13.28 1.49
N GLU A 119 16.20 -12.27 0.72
CA GLU A 119 17.42 -11.49 0.99
C GLU A 119 17.11 -10.29 1.88
N PHE A 120 17.80 -10.17 3.02
CA PHE A 120 17.63 -9.04 3.95
C PHE A 120 18.84 -8.95 4.88
N GLU A 121 19.16 -7.73 5.32
CA GLU A 121 20.07 -7.53 6.45
C GLU A 121 19.29 -7.83 7.73
N VAL A 122 19.92 -8.59 8.64
CA VAL A 122 19.38 -8.83 9.98
C VAL A 122 19.51 -7.56 10.82
N TYR A 123 18.56 -7.34 11.74
CA TYR A 123 18.57 -6.18 12.63
C TYR A 123 19.76 -6.27 13.61
N PRO A 124 20.77 -5.35 13.51
CA PRO A 124 21.91 -5.32 14.44
C PRO A 124 21.61 -4.47 15.69
N GLU A 125 22.58 -4.48 16.62
CA GLU A 125 22.60 -3.53 17.73
C GLU A 125 23.04 -2.15 17.19
N VAL A 126 22.25 -1.11 17.47
CA VAL A 126 22.50 0.27 17.01
C VAL A 126 22.72 1.19 18.22
N GLU A 127 23.96 1.68 18.37
CA GLU A 127 24.34 2.65 19.42
C GLU A 127 24.49 4.03 18.78
N LEU A 128 24.03 5.07 19.48
CA LEU A 128 24.23 6.47 19.10
C LEU A 128 24.83 7.25 20.28
N GLN A 129 25.80 8.14 19.98
CA GLN A 129 26.47 8.98 20.99
C GLN A 129 26.92 10.30 20.34
N GLY A 130 27.00 11.35 21.16
CA GLY A 130 27.24 12.72 20.70
C GLY A 130 26.07 13.63 21.08
N LEU A 131 25.06 13.05 21.78
CA LEU A 131 23.79 13.70 22.13
C LEU A 131 24.02 15.03 22.86
N GLU A 132 24.83 14.99 23.92
CA GLU A 132 25.20 16.17 24.73
C GLU A 132 26.07 17.17 23.92
N ALA A 133 26.75 16.66 22.88
CA ALA A 133 27.68 17.46 22.06
C ALA A 133 26.98 18.09 20.84
N ILE A 134 25.76 17.61 20.51
CA ILE A 134 24.91 18.19 19.43
C ILE A 134 24.58 19.69 19.70
N GLU A 135 24.70 20.52 18.65
CA GLU A 135 24.32 21.94 18.68
C GLU A 135 22.82 22.07 18.46
N VAL A 136 22.10 22.61 19.46
CA VAL A 136 20.68 22.95 19.31
C VAL A 136 20.59 24.43 18.90
N GLU A 137 20.65 24.69 17.59
CA GLU A 137 20.62 26.06 17.08
C GLU A 137 19.19 26.60 17.13
N LYS A 138 18.88 27.32 18.21
CA LYS A 138 17.67 28.13 18.32
C LYS A 138 17.91 29.49 17.63
N PRO A 139 17.33 29.73 16.43
CA PRO A 139 17.44 31.04 15.75
C PRO A 139 16.48 32.05 16.39
N ILE A 140 17.01 32.83 17.35
CA ILE A 140 16.23 33.82 18.12
C ILE A 140 15.87 35.01 17.23
N VAL A 141 14.76 34.84 16.50
CA VAL A 141 14.18 35.87 15.61
C VAL A 141 12.96 36.49 16.30
N GLU A 142 12.47 37.61 15.74
CA GLU A 142 11.18 38.18 16.13
C GLU A 142 10.68 39.13 15.03
N VAL A 143 9.39 39.01 14.70
CA VAL A 143 8.75 39.81 13.64
C VAL A 143 8.30 41.15 14.22
N THR A 144 9.17 42.18 14.12
CA THR A 144 8.86 43.55 14.54
C THR A 144 8.61 44.43 13.29
N ASP A 145 8.39 45.74 13.51
CA ASP A 145 8.00 46.69 12.45
C ASP A 145 9.05 46.77 11.32
N ALA A 146 10.34 46.66 11.71
CA ALA A 146 11.47 46.67 10.77
C ALA A 146 11.45 45.44 9.83
N ASP A 147 11.11 44.27 10.42
CA ASP A 147 11.07 42.99 9.68
C ASP A 147 9.88 42.96 8.72
N VAL A 148 8.69 43.38 9.21
CA VAL A 148 7.47 43.43 8.39
C VAL A 148 7.63 44.42 7.23
N ASP A 149 7.94 45.70 7.57
CA ASP A 149 8.08 46.79 6.59
C ASP A 149 9.21 46.49 5.58
N GLY A 150 10.35 46.01 6.09
CA GLY A 150 11.51 45.66 5.27
C GLY A 150 11.22 44.55 4.25
N MET A 151 10.65 43.44 4.75
CA MET A 151 10.31 42.25 3.91
C MET A 151 9.21 42.62 2.90
N LEU A 152 8.25 43.45 3.35
CA LEU A 152 7.08 43.86 2.55
C LEU A 152 7.55 44.79 1.40
N ASP A 153 8.50 45.66 1.72
CA ASP A 153 9.10 46.57 0.72
C ASP A 153 9.88 45.75 -0.32
N THR A 154 10.62 44.74 0.16
CA THR A 154 11.32 43.76 -0.69
C THR A 154 10.32 42.96 -1.56
N LEU A 155 9.14 42.67 -0.97
CA LEU A 155 8.07 41.89 -1.61
C LEU A 155 7.51 42.69 -2.81
N ARG A 156 7.25 44.00 -2.61
CA ARG A 156 6.72 44.87 -3.69
C ARG A 156 7.83 45.27 -4.69
N LYS A 157 9.09 45.20 -4.22
CA LYS A 157 10.29 45.45 -5.05
C LYS A 157 10.62 44.23 -5.94
N GLN A 158 10.23 43.02 -5.49
CA GLN A 158 10.49 41.75 -6.21
C GLN A 158 9.30 41.36 -7.11
N GLN A 159 8.09 41.32 -6.50
CA GLN A 159 6.82 40.94 -7.19
C GLN A 159 6.18 42.18 -7.90
N ALA A 160 7.05 43.06 -8.40
CA ALA A 160 6.67 44.32 -9.04
C ALA A 160 6.05 44.09 -10.44
N THR A 161 5.51 45.16 -11.04
CA THR A 161 4.75 45.10 -12.29
C THR A 161 5.66 44.96 -13.53
N TRP A 162 5.02 44.85 -14.70
CA TRP A 162 5.68 44.65 -16.01
C TRP A 162 4.97 45.53 -17.07
N LYS A 163 5.73 45.94 -18.11
CA LYS A 163 5.15 46.52 -19.35
C LYS A 163 5.84 45.86 -20.55
N GLU A 164 5.12 45.74 -21.68
CA GLU A 164 5.67 45.09 -22.89
C GLU A 164 6.79 45.97 -23.49
N LYS A 165 8.03 45.48 -23.36
CA LYS A 165 9.25 46.13 -23.84
C LYS A 165 9.32 46.16 -25.38
N ASP A 166 9.82 47.27 -25.94
CA ASP A 166 10.16 47.36 -27.36
C ASP A 166 11.69 47.36 -27.50
N GLY A 167 12.27 46.19 -27.80
CA GLY A 167 13.72 46.05 -27.98
C GLY A 167 14.22 44.64 -27.70
N ALA A 168 15.56 44.51 -27.52
CA ALA A 168 16.23 43.23 -27.33
C ALA A 168 15.90 42.59 -25.97
N VAL A 169 15.79 41.26 -25.95
CA VAL A 169 15.62 40.47 -24.72
C VAL A 169 16.93 40.52 -23.90
N GLU A 170 16.82 40.45 -22.58
CA GLU A 170 17.98 40.39 -21.68
C GLU A 170 17.67 39.51 -20.48
N ALA A 171 18.73 38.96 -19.84
CA ALA A 171 18.63 38.12 -18.63
C ALA A 171 18.07 38.92 -17.44
N GLU A 172 18.23 40.25 -17.49
CA GLU A 172 17.71 41.19 -16.47
C GLU A 172 16.37 41.81 -16.92
N ASP A 173 15.69 41.12 -17.86
CA ASP A 173 14.31 41.41 -18.28
C ASP A 173 13.49 40.11 -18.23
N ARG A 174 12.16 40.26 -18.23
CA ARG A 174 11.23 39.14 -18.35
C ARG A 174 10.90 38.91 -19.84
N VAL A 175 10.55 37.67 -20.19
CA VAL A 175 10.18 37.30 -21.56
C VAL A 175 9.26 36.05 -21.54
N THR A 176 7.99 36.26 -21.97
CA THR A 176 6.99 35.19 -22.10
C THR A 176 7.02 34.61 -23.54
N ILE A 177 7.50 33.37 -23.66
CA ILE A 177 7.71 32.68 -24.95
C ILE A 177 7.02 31.32 -24.96
N ASP A 178 7.08 30.68 -26.12
CA ASP A 178 6.65 29.29 -26.33
C ASP A 178 7.69 28.57 -27.18
N PHE A 179 8.09 27.38 -26.75
CA PHE A 179 9.17 26.62 -27.40
C PHE A 179 8.94 25.11 -27.26
N THR A 180 9.63 24.35 -28.10
CA THR A 180 9.63 22.89 -28.07
C THR A 180 11.08 22.38 -28.12
N GLY A 181 11.39 21.34 -27.32
CA GLY A 181 12.75 20.84 -27.16
C GLY A 181 12.89 19.39 -27.58
N SER A 182 13.95 19.10 -28.36
CA SER A 182 14.25 17.76 -28.86
C SER A 182 15.75 17.47 -28.72
N VAL A 183 16.07 16.66 -27.72
CA VAL A 183 17.45 16.29 -27.36
C VAL A 183 18.00 15.29 -28.38
N ASP A 184 18.93 15.80 -29.24
CA ASP A 184 19.54 15.04 -30.36
C ASP A 184 18.43 14.53 -31.35
N GLY A 185 17.35 15.33 -31.44
CA GLY A 185 16.21 15.01 -32.31
C GLY A 185 15.05 14.38 -31.57
N GLU A 186 15.29 13.90 -30.34
CA GLU A 186 14.30 13.14 -29.55
C GLU A 186 13.59 14.10 -28.57
N GLU A 187 12.27 14.31 -28.76
CA GLU A 187 11.45 15.16 -27.89
C GLU A 187 11.13 14.39 -26.58
N PHE A 188 11.93 14.68 -25.54
CA PHE A 188 11.76 14.14 -24.19
C PHE A 188 10.45 14.61 -23.53
N GLU A 189 9.97 13.81 -22.56
CA GLU A 189 8.69 14.03 -21.85
C GLU A 189 8.77 15.30 -20.97
N GLY A 190 7.80 16.21 -21.16
CA GLY A 190 7.79 17.51 -20.49
C GLY A 190 8.89 18.44 -21.00
N GLY A 191 9.38 18.15 -22.23
CA GLY A 191 10.52 18.85 -22.81
C GLY A 191 10.16 20.07 -23.62
N LYS A 192 9.16 20.81 -23.14
CA LYS A 192 8.62 22.02 -23.79
C LYS A 192 7.64 22.71 -22.84
N ALA A 193 7.45 24.01 -23.09
CA ALA A 193 6.59 24.86 -22.26
C ALA A 193 6.05 26.02 -23.11
N SER A 194 4.77 25.91 -23.48
CA SER A 194 4.03 26.98 -24.16
C SER A 194 3.62 28.04 -23.14
N ASP A 195 3.82 29.33 -23.50
CA ASP A 195 3.54 30.50 -22.62
C ASP A 195 4.45 30.50 -21.37
N PHE A 196 5.66 29.94 -21.55
CA PHE A 196 6.71 29.90 -20.51
C PHE A 196 7.14 31.34 -20.17
N VAL A 197 7.06 31.70 -18.88
CA VAL A 197 7.51 33.01 -18.40
C VAL A 197 8.93 32.88 -17.81
N LEU A 198 9.89 33.50 -18.50
CA LEU A 198 11.24 33.70 -17.98
C LEU A 198 11.29 35.07 -17.30
N ALA A 199 11.03 35.08 -15.98
CA ALA A 199 11.20 36.29 -15.16
C ALA A 199 12.68 36.48 -14.79
N MET A 200 13.07 37.74 -14.62
CA MET A 200 14.40 38.12 -14.13
C MET A 200 14.44 38.16 -12.59
N GLY A 201 15.61 38.56 -12.03
CA GLY A 201 15.79 38.71 -10.58
C GLY A 201 15.87 37.37 -9.86
N GLN A 202 16.36 36.35 -10.58
CA GLN A 202 16.44 34.95 -10.11
C GLN A 202 17.85 34.40 -10.37
N GLY A 203 18.11 33.20 -9.84
CA GLY A 203 19.36 32.48 -10.10
C GLY A 203 19.43 32.05 -11.55
N ARG A 204 20.40 32.62 -12.31
CA ARG A 204 20.46 32.54 -13.79
C ARG A 204 20.34 31.08 -14.33
N MET A 205 19.74 30.96 -15.54
CA MET A 205 19.49 29.67 -16.20
C MET A 205 20.81 29.13 -16.82
N ILE A 206 20.76 27.90 -17.36
CA ILE A 206 21.92 27.26 -18.02
C ILE A 206 22.44 28.12 -19.21
N PRO A 207 23.81 28.29 -19.33
CA PRO A 207 24.43 28.95 -20.51
C PRO A 207 24.02 28.29 -21.83
N GLY A 208 24.04 29.09 -22.90
CA GLY A 208 23.56 28.64 -24.20
C GLY A 208 22.08 28.96 -24.38
N PHE A 209 21.22 28.39 -23.48
CA PHE A 209 19.77 28.51 -23.61
C PHE A 209 19.38 29.97 -23.38
N GLU A 210 19.63 30.45 -22.15
CA GLU A 210 19.33 31.83 -21.72
C GLU A 210 19.96 32.86 -22.69
N ASP A 211 21.17 32.52 -23.17
CA ASP A 211 21.94 33.36 -24.12
C ASP A 211 21.26 33.41 -25.49
N GLY A 212 20.58 32.32 -25.89
CA GLY A 212 19.84 32.29 -27.14
C GLY A 212 18.64 33.21 -27.08
N ILE A 213 17.90 33.07 -25.95
CA ILE A 213 16.71 33.90 -25.63
C ILE A 213 17.08 35.40 -25.72
N LYS A 214 18.17 35.77 -25.01
CA LYS A 214 18.62 37.17 -24.92
C LYS A 214 19.62 37.54 -26.04
N GLY A 215 19.79 36.66 -27.04
CA GLY A 215 20.68 36.95 -28.18
C GLY A 215 19.95 37.68 -29.29
N HIS A 216 18.64 37.87 -29.08
CA HIS A 216 17.71 38.41 -30.06
C HIS A 216 16.70 39.34 -29.38
N LYS A 217 15.73 39.84 -30.18
CA LYS A 217 14.60 40.66 -29.70
C LYS A 217 13.29 39.90 -29.94
N ALA A 218 12.16 40.45 -29.47
CA ALA A 218 10.84 39.83 -29.66
C ALA A 218 10.37 39.99 -31.12
N GLY A 219 9.92 38.87 -31.70
CA GLY A 219 9.37 38.83 -33.05
C GLY A 219 9.85 37.60 -33.80
N GLU A 220 11.17 37.39 -33.77
CA GLU A 220 11.81 36.28 -34.50
C GLU A 220 11.61 34.93 -33.78
N GLU A 221 11.47 33.88 -34.60
CA GLU A 221 11.25 32.49 -34.15
C GLU A 221 12.37 31.62 -34.73
N PHE A 222 13.30 31.20 -33.86
CA PHE A 222 14.56 30.51 -34.22
C PHE A 222 14.81 29.34 -33.26
N THR A 223 15.64 28.36 -33.68
CA THR A 223 16.00 27.21 -32.83
C THR A 223 17.40 27.42 -32.21
N ILE A 224 17.62 26.91 -30.98
CA ILE A 224 18.93 26.98 -30.28
C ILE A 224 19.37 25.54 -29.92
N ASP A 225 20.62 25.21 -30.26
CA ASP A 225 21.17 23.86 -30.05
C ASP A 225 22.16 23.91 -28.88
N VAL A 226 21.68 23.51 -27.69
CA VAL A 226 22.47 23.58 -26.44
C VAL A 226 22.61 22.18 -25.83
N THR A 227 23.87 21.75 -25.64
CA THR A 227 24.18 20.46 -25.01
C THR A 227 23.85 20.52 -23.51
N PHE A 228 23.14 19.50 -23.00
CA PHE A 228 22.86 19.38 -21.56
C PHE A 228 24.16 18.99 -20.82
N PRO A 229 24.39 19.55 -19.58
CA PRO A 229 25.59 19.25 -18.74
C PRO A 229 25.93 17.74 -18.62
N GLU A 230 27.22 17.42 -18.50
CA GLU A 230 27.69 16.03 -18.33
C GLU A 230 27.20 15.43 -16.99
N GLU A 231 26.91 16.33 -16.03
CA GLU A 231 26.39 15.96 -14.69
C GLU A 231 24.85 15.96 -14.64
N TYR A 232 24.19 16.25 -15.80
CA TYR A 232 22.72 16.31 -15.89
C TYR A 232 22.14 14.90 -15.61
N HIS A 233 21.49 14.75 -14.45
CA HIS A 233 21.15 13.44 -13.83
C HIS A 233 20.08 12.64 -14.61
N ALA A 234 19.38 13.31 -15.55
CA ALA A 234 18.58 12.63 -16.58
C ALA A 234 19.53 12.28 -17.73
N GLU A 235 19.98 11.02 -17.76
CA GLU A 235 21.21 10.62 -18.47
C GLU A 235 21.04 10.44 -19.99
N ASN A 236 19.79 10.30 -20.48
CA ASN A 236 19.52 10.27 -21.94
C ASN A 236 19.53 11.71 -22.51
N LEU A 237 19.54 12.71 -21.61
CA LEU A 237 19.54 14.13 -21.96
C LEU A 237 20.97 14.70 -21.90
N LYS A 238 21.73 14.29 -20.84
CA LYS A 238 23.13 14.75 -20.64
C LYS A 238 24.00 14.38 -21.85
N GLY A 239 24.89 15.29 -22.27
CA GLY A 239 25.85 15.01 -23.35
C GLY A 239 25.29 15.17 -24.76
N LYS A 240 23.95 15.14 -24.92
CA LYS A 240 23.30 15.31 -26.22
C LYS A 240 22.94 16.79 -26.45
N ALA A 241 22.90 17.19 -27.73
CA ALA A 241 22.63 18.57 -28.16
C ALA A 241 21.11 18.80 -28.31
N ALA A 242 20.51 19.49 -27.32
CA ALA A 242 19.07 19.73 -27.24
C ALA A 242 18.65 20.93 -28.11
N LYS A 243 17.71 20.68 -29.04
CA LYS A 243 17.28 21.67 -30.05
C LYS A 243 15.93 22.29 -29.63
N PHE A 244 15.92 23.59 -29.35
CA PHE A 244 14.78 24.32 -28.78
C PHE A 244 14.29 25.40 -29.75
N ALA A 245 13.13 25.19 -30.38
CA ALA A 245 12.52 26.17 -31.29
C ALA A 245 11.91 27.33 -30.49
N ILE A 246 12.74 28.34 -30.22
CA ILE A 246 12.38 29.53 -29.43
C ILE A 246 11.55 30.53 -30.25
N ASN A 247 10.28 30.68 -29.89
CA ASN A 247 9.42 31.73 -30.43
C ASN A 247 9.42 32.92 -29.45
N LEU A 248 10.30 33.92 -29.68
CA LEU A 248 10.34 35.15 -28.86
C LEU A 248 9.07 35.97 -29.12
N LYS A 249 8.03 35.70 -28.33
CA LYS A 249 6.69 36.25 -28.55
C LYS A 249 6.53 37.57 -27.80
N LYS A 250 6.64 37.53 -26.46
CA LYS A 250 6.46 38.71 -25.59
C LYS A 250 7.68 38.91 -24.71
N VAL A 251 8.14 40.17 -24.57
CA VAL A 251 9.20 40.57 -23.63
C VAL A 251 8.60 41.64 -22.71
N GLU A 252 8.66 41.42 -21.40
CA GLU A 252 8.18 42.36 -20.39
C GLU A 252 9.39 43.01 -19.71
N GLU A 253 9.47 44.34 -19.76
CA GLU A 253 10.49 45.12 -19.07
C GLU A 253 10.08 45.27 -17.60
N ARG A 254 11.07 45.15 -16.71
CA ARG A 254 10.86 45.09 -15.27
C ARG A 254 10.50 46.48 -14.72
N GLU A 255 9.22 46.66 -14.36
CA GLU A 255 8.73 47.90 -13.77
C GLU A 255 8.74 47.77 -12.25
N LEU A 256 8.95 48.91 -11.58
CA LEU A 256 8.97 49.01 -10.11
C LEU A 256 8.01 50.13 -9.65
N PRO A 257 6.73 49.80 -9.30
CA PRO A 257 5.78 50.76 -8.69
C PRO A 257 5.85 50.73 -7.14
N GLU A 258 5.00 51.52 -6.50
CA GLU A 258 4.87 51.56 -5.04
C GLU A 258 3.82 50.55 -4.55
N LEU A 259 3.74 50.42 -3.23
CA LEU A 259 2.74 49.59 -2.54
C LEU A 259 1.38 50.33 -2.56
N THR A 260 0.69 50.22 -3.71
CA THR A 260 -0.56 50.94 -4.00
C THR A 260 -1.74 49.95 -4.06
N ALA A 261 -2.98 50.49 -4.04
CA ALA A 261 -4.24 49.70 -3.92
C ALA A 261 -4.34 48.58 -4.99
N GLU A 262 -3.99 48.92 -6.24
CA GLU A 262 -4.03 47.96 -7.37
C GLU A 262 -2.92 46.89 -7.26
N PHE A 263 -1.85 47.21 -6.49
CA PHE A 263 -0.81 46.22 -6.16
C PHE A 263 -1.34 45.28 -5.06
N ILE A 264 -2.08 45.85 -4.08
CA ILE A 264 -2.70 45.07 -2.98
C ILE A 264 -3.62 43.99 -3.59
N LYS A 265 -4.36 44.40 -4.66
CA LYS A 265 -5.17 43.49 -5.49
C LYS A 265 -4.27 42.44 -6.20
N ARG A 266 -3.09 42.87 -6.68
CA ARG A 266 -2.15 42.04 -7.49
C ARG A 266 -1.57 40.89 -6.64
N PHE A 267 -1.46 41.13 -5.33
CA PHE A 267 -1.02 40.12 -4.36
C PHE A 267 -2.16 39.12 -4.07
N GLY A 268 -3.42 39.57 -4.22
CA GLY A 268 -4.60 38.72 -3.97
C GLY A 268 -5.35 39.10 -2.69
N VAL A 269 -5.00 40.25 -2.08
CA VAL A 269 -5.66 40.74 -0.85
C VAL A 269 -6.96 41.50 -1.19
N GLU A 270 -8.05 41.07 -0.52
CA GLU A 270 -9.42 41.59 -0.74
C GLU A 270 -9.60 43.00 -0.14
N ASP A 271 -8.95 43.25 1.00
CA ASP A 271 -9.09 44.52 1.76
C ASP A 271 -8.74 45.75 0.91
N GLY A 272 -7.76 45.60 0.00
CA GLY A 272 -7.39 46.65 -0.96
C GLY A 272 -6.51 47.75 -0.36
N SER A 273 -6.61 47.97 0.96
CA SER A 273 -5.69 48.85 1.70
C SER A 273 -4.53 48.03 2.27
N VAL A 274 -3.36 48.70 2.42
CA VAL A 274 -2.13 48.11 3.00
C VAL A 274 -2.40 47.46 4.37
N GLU A 275 -3.34 48.08 5.13
CA GLU A 275 -3.78 47.63 6.46
C GLU A 275 -4.21 46.15 6.44
N GLY A 276 -4.84 45.72 5.34
CA GLY A 276 -5.22 44.32 5.15
C GLY A 276 -4.16 43.50 4.41
N LEU A 277 -3.27 44.21 3.65
CA LEU A 277 -2.19 43.57 2.85
C LEU A 277 -1.23 42.89 3.82
N ARG A 278 -0.51 43.72 4.59
CA ARG A 278 0.50 43.24 5.56
C ARG A 278 -0.16 42.60 6.79
N ALA A 279 -1.50 42.66 6.89
CA ALA A 279 -2.27 41.86 7.87
C ALA A 279 -2.26 40.38 7.43
N GLU A 280 -2.81 40.10 6.22
CA GLU A 280 -2.83 38.73 5.66
C GLU A 280 -1.39 38.18 5.52
N VAL A 281 -0.48 39.06 5.09
CA VAL A 281 0.95 38.74 5.01
C VAL A 281 1.50 38.41 6.40
N ARG A 282 1.13 39.20 7.44
CA ARG A 282 1.57 38.93 8.84
C ARG A 282 1.09 37.54 9.30
N LYS A 283 -0.12 37.12 8.88
CA LYS A 283 -0.67 35.78 9.20
C LYS A 283 0.14 34.67 8.48
N ASN A 284 0.51 34.89 7.19
CA ASN A 284 1.37 33.92 6.45
C ASN A 284 2.76 33.83 7.11
N MET A 285 3.34 35.01 7.39
CA MET A 285 4.63 35.17 8.08
C MET A 285 4.59 34.48 9.45
N GLU A 286 3.43 34.58 10.14
CA GLU A 286 3.22 33.98 11.47
C GLU A 286 3.36 32.45 11.41
N ARG A 287 2.54 31.85 10.51
CA ARG A 287 2.49 30.39 10.29
C ARG A 287 3.88 29.86 9.90
N GLU A 288 4.53 30.60 8.98
CA GLU A 288 5.87 30.24 8.46
C GLU A 288 6.99 30.56 9.46
N LEU A 289 6.74 31.49 10.40
CA LEU A 289 7.72 31.87 11.44
C LEU A 289 7.86 30.72 12.41
N LYS A 290 6.73 30.34 13.05
CA LYS A 290 6.70 29.25 14.05
C LYS A 290 7.11 27.92 13.38
N SER A 291 6.62 27.71 12.13
CA SER A 291 6.97 26.53 11.32
C SER A 291 8.49 26.46 11.12
N ALA A 292 9.09 27.60 10.71
CA ALA A 292 10.54 27.66 10.43
C ALA A 292 11.36 27.46 11.72
N ILE A 293 10.89 28.01 12.86
CA ILE A 293 11.59 27.83 14.16
C ILE A 293 11.67 26.33 14.49
N ARG A 294 10.49 25.66 14.55
CA ARG A 294 10.38 24.24 14.93
C ARG A 294 11.12 23.33 13.93
N ASN A 295 10.93 23.60 12.62
CA ASN A 295 11.51 22.78 11.53
C ASN A 295 13.04 22.91 11.48
N ARG A 296 13.56 24.16 11.56
CA ARG A 296 15.00 24.42 11.43
C ARG A 296 15.78 23.92 12.65
N VAL A 297 15.23 24.15 13.89
CA VAL A 297 15.91 23.67 15.12
C VAL A 297 15.87 22.14 15.19
N LYS A 298 14.73 21.54 14.76
CA LYS A 298 14.56 20.07 14.72
C LYS A 298 15.52 19.45 13.69
N SER A 299 15.62 20.07 12.51
CA SER A 299 16.45 19.56 11.40
C SER A 299 17.95 19.78 11.67
N GLN A 300 18.29 20.83 12.47
CA GLN A 300 19.67 21.08 12.90
C GLN A 300 20.08 20.01 13.94
N ALA A 301 19.13 19.71 14.84
CA ALA A 301 19.28 18.65 15.84
C ALA A 301 19.41 17.27 15.20
N ILE A 302 18.55 17.01 14.20
CA ILE A 302 18.50 15.74 13.43
C ILE A 302 19.83 15.55 12.67
N GLU A 303 20.28 16.65 12.04
CA GLU A 303 21.59 16.73 11.38
C GLU A 303 22.67 16.38 12.43
N GLY A 304 22.47 16.90 13.67
CA GLY A 304 23.33 16.59 14.81
C GLY A 304 23.36 15.09 15.15
N LEU A 305 22.18 14.41 15.19
CA LEU A 305 22.07 12.95 15.49
C LEU A 305 22.89 12.13 14.48
N VAL A 306 22.67 12.43 13.20
CA VAL A 306 23.33 11.72 12.09
C VAL A 306 24.85 12.00 12.09
N LYS A 307 25.22 13.29 12.06
CA LYS A 307 26.63 13.75 11.99
C LYS A 307 27.45 13.30 13.21
N ALA A 308 26.79 13.21 14.39
CA ALA A 308 27.43 12.77 15.64
C ALA A 308 27.65 11.26 15.64
N ASN A 309 26.79 10.51 14.92
CA ASN A 309 26.82 9.04 14.90
C ASN A 309 25.92 8.52 13.77
N ASP A 310 26.52 8.36 12.60
CA ASP A 310 25.89 7.67 11.47
C ASP A 310 26.20 6.17 11.60
N ILE A 311 25.19 5.36 11.29
CA ILE A 311 25.21 3.91 11.55
C ILE A 311 25.22 3.10 10.23
N ASP A 312 25.43 1.79 10.39
CA ASP A 312 25.37 0.82 9.29
C ASP A 312 23.90 0.51 9.00
N VAL A 313 23.27 1.43 8.28
CA VAL A 313 21.86 1.35 7.89
C VAL A 313 21.63 0.23 6.86
N PRO A 314 20.71 -0.75 7.15
CA PRO A 314 20.45 -1.92 6.27
C PRO A 314 19.98 -1.49 4.86
N ALA A 315 20.58 -2.09 3.82
CA ALA A 315 20.34 -1.75 2.41
C ALA A 315 18.88 -2.02 1.99
N ALA A 316 18.16 -2.82 2.78
CA ALA A 316 16.71 -3.10 2.59
C ALA A 316 15.87 -1.82 2.76
N LEU A 317 16.23 -1.02 3.78
CA LEU A 317 15.57 0.27 4.09
C LEU A 317 15.85 1.30 2.98
N ILE A 318 17.13 1.35 2.57
CA ILE A 318 17.58 2.26 1.49
C ILE A 318 16.87 1.88 0.18
N ASP A 319 16.77 0.57 -0.09
CA ASP A 319 16.15 0.00 -1.31
C ASP A 319 14.66 0.40 -1.38
N SER A 320 13.96 0.20 -0.25
CA SER A 320 12.53 0.52 -0.08
C SER A 320 12.27 2.03 -0.34
N GLU A 321 12.96 2.88 0.44
CA GLU A 321 12.82 4.34 0.38
C GLU A 321 13.27 4.92 -0.98
N ILE A 322 14.25 4.25 -1.63
CA ILE A 322 14.71 4.61 -3.00
C ILE A 322 13.58 4.35 -4.00
N ASP A 323 12.93 3.18 -3.87
CA ASP A 323 11.84 2.79 -4.78
C ASP A 323 10.65 3.76 -4.66
N VAL A 324 10.31 4.12 -3.41
CA VAL A 324 9.23 5.10 -3.12
C VAL A 324 9.57 6.49 -3.73
N LEU A 325 10.83 6.94 -3.52
CA LEU A 325 11.33 8.23 -4.07
C LEU A 325 11.47 8.20 -5.61
N ARG A 326 11.77 7.01 -6.16
CA ARG A 326 11.92 6.81 -7.62
C ARG A 326 10.58 6.96 -8.31
N ARG A 327 9.55 6.30 -7.74
CA ARG A 327 8.16 6.48 -8.18
C ARG A 327 7.76 7.95 -8.08
N GLN A 328 7.99 8.52 -6.88
CA GLN A 328 7.59 9.90 -6.52
C GLN A 328 8.21 10.96 -7.47
N ALA A 329 9.46 10.71 -7.94
CA ALA A 329 10.20 11.62 -8.84
C ALA A 329 9.78 11.41 -10.30
N ALA A 330 9.78 10.14 -10.75
CA ALA A 330 9.57 9.77 -12.17
C ALA A 330 8.12 10.00 -12.62
N GLN A 331 7.18 10.00 -11.66
CA GLN A 331 5.77 10.35 -11.93
C GLN A 331 5.60 11.87 -12.13
N ARG A 332 6.65 12.66 -11.84
CA ARG A 332 6.69 14.10 -12.13
C ARG A 332 7.40 14.32 -13.47
N PHE A 333 8.67 13.85 -13.51
CA PHE A 333 9.56 14.00 -14.68
C PHE A 333 9.25 12.91 -15.72
N GLY A 334 8.07 13.04 -16.35
CA GLY A 334 7.60 12.11 -17.37
C GLY A 334 6.24 11.52 -17.01
N GLY A 335 6.26 10.53 -16.10
CA GLY A 335 5.03 9.85 -15.62
C GLY A 335 5.11 8.34 -15.76
N ASN A 336 6.35 7.79 -15.72
CA ASN A 336 6.61 6.35 -15.92
C ASN A 336 7.42 5.78 -14.74
N GLU A 337 7.47 4.45 -14.65
CA GLU A 337 8.25 3.72 -13.62
C GLU A 337 9.70 3.54 -14.11
N LYS A 338 9.83 3.10 -15.37
CA LYS A 338 11.14 2.80 -16.01
C LYS A 338 12.02 4.06 -16.14
N GLN A 339 11.36 5.23 -16.16
CA GLN A 339 12.00 6.56 -16.19
C GLN A 339 12.94 6.74 -14.97
N ALA A 340 12.46 6.23 -13.82
CA ALA A 340 13.14 6.36 -12.50
C ALA A 340 14.52 5.69 -12.47
N LEU A 341 14.58 4.50 -13.10
CA LEU A 341 15.76 3.59 -13.05
C LEU A 341 17.03 4.23 -13.67
N GLU A 342 16.83 5.31 -14.44
CA GLU A 342 17.92 6.06 -15.08
C GLU A 342 18.56 7.07 -14.10
N LEU A 343 17.74 7.64 -13.18
CA LEU A 343 18.23 8.67 -12.23
C LEU A 343 19.16 8.01 -11.19
N PRO A 344 20.38 8.60 -10.95
CA PRO A 344 21.37 8.03 -9.99
C PRO A 344 20.79 7.94 -8.57
N ARG A 345 20.72 6.68 -8.04
CA ARG A 345 20.17 6.36 -6.71
C ARG A 345 20.70 7.29 -5.61
N GLU A 346 21.96 7.73 -5.78
CA GLU A 346 22.70 8.59 -4.82
C GLU A 346 21.91 9.86 -4.42
N LEU A 347 21.14 10.44 -5.37
CA LEU A 347 20.35 11.67 -5.09
C LEU A 347 19.14 11.33 -4.19
N PHE A 348 18.57 10.12 -4.38
CA PHE A 348 17.44 9.62 -3.56
C PHE A 348 17.98 9.21 -2.17
N GLU A 349 19.21 8.64 -2.18
CA GLU A 349 19.87 8.05 -1.01
C GLU A 349 20.26 9.07 0.03
N GLU A 350 20.37 10.37 -0.33
CA GLU A 350 20.66 11.43 0.65
C GLU A 350 19.52 11.46 1.68
N GLN A 351 18.30 11.78 1.22
CA GLN A 351 17.13 11.92 2.09
C GLN A 351 16.72 10.56 2.68
N ALA A 352 16.80 9.50 1.85
CA ALA A 352 16.46 8.13 2.27
C ALA A 352 17.30 7.71 3.48
N LYS A 353 18.65 7.66 3.27
CA LYS A 353 19.62 7.32 4.33
C LYS A 353 19.41 8.19 5.58
N ARG A 354 19.24 9.51 5.35
CA ARG A 354 18.95 10.48 6.42
C ARG A 354 17.74 10.02 7.26
N ARG A 355 16.67 9.63 6.56
CA ARG A 355 15.36 9.38 7.18
C ARG A 355 15.36 8.02 7.92
N VAL A 356 16.13 7.05 7.39
CA VAL A 356 16.24 5.71 7.99
C VAL A 356 17.17 5.74 9.22
N VAL A 357 18.20 6.63 9.18
CA VAL A 357 19.08 6.87 10.35
C VAL A 357 18.26 7.50 11.49
N VAL A 358 17.43 8.52 11.16
CA VAL A 358 16.50 9.16 12.13
C VAL A 358 15.57 8.10 12.76
N GLY A 359 14.98 7.25 11.89
CA GLY A 359 14.04 6.21 12.31
C GLY A 359 14.63 5.18 13.26
N LEU A 360 15.85 4.70 12.93
CA LEU A 360 16.56 3.68 13.72
C LEU A 360 17.05 4.26 15.07
N LEU A 361 17.70 5.45 15.01
CA LEU A 361 18.29 6.11 16.19
C LEU A 361 17.21 6.50 17.21
N LEU A 362 16.27 7.40 16.79
CA LEU A 362 15.22 7.90 17.70
C LEU A 362 14.29 6.76 18.16
N GLY A 363 14.03 5.79 17.24
CA GLY A 363 13.23 4.60 17.56
C GLY A 363 13.83 3.75 18.68
N GLU A 364 15.16 3.52 18.59
CA GLU A 364 15.94 2.77 19.60
C GLU A 364 15.87 3.49 20.98
N VAL A 365 16.01 4.83 20.93
CA VAL A 365 16.02 5.69 22.13
C VAL A 365 14.69 5.54 22.88
N ILE A 366 13.59 5.72 22.14
CA ILE A 366 12.24 5.80 22.71
C ILE A 366 11.68 4.42 23.07
N ARG A 367 12.26 3.37 22.42
CA ARG A 367 12.04 1.98 22.81
C ARG A 367 12.62 1.72 24.22
N THR A 368 13.91 2.04 24.40
CA THR A 368 14.62 1.77 25.67
C THR A 368 14.13 2.68 26.82
N ASN A 369 13.83 3.95 26.48
CA ASN A 369 13.41 4.99 27.45
C ASN A 369 11.93 4.79 27.87
N GLU A 370 11.18 4.11 26.98
CA GLU A 370 9.71 3.97 27.05
C GLU A 370 9.08 5.36 26.81
N LEU A 371 9.73 6.09 25.90
CA LEU A 371 9.36 7.45 25.52
C LEU A 371 8.23 7.36 24.49
N LYS A 372 7.04 7.75 24.93
CA LYS A 372 5.82 7.83 24.11
C LYS A 372 5.32 9.27 24.17
N ALA A 373 4.62 9.71 23.11
CA ALA A 373 4.14 11.10 22.97
C ALA A 373 3.25 11.47 24.17
N ASP A 374 3.84 12.24 25.11
CA ASP A 374 3.16 12.72 26.33
C ASP A 374 1.80 13.34 25.96
N GLU A 375 0.75 12.89 26.66
CA GLU A 375 -0.65 13.21 26.32
C GLU A 375 -0.89 14.74 26.31
N GLU A 376 -0.26 15.45 27.26
CA GLU A 376 -0.34 16.92 27.34
C GLU A 376 0.46 17.57 26.19
N ARG A 377 1.55 16.90 25.76
CA ARG A 377 2.47 17.44 24.73
C ARG A 377 1.77 17.42 23.36
N VAL A 378 1.18 16.25 23.04
CA VAL A 378 0.44 16.04 21.79
C VAL A 378 -0.85 16.89 21.80
N LYS A 379 -1.52 16.97 22.98
CA LYS A 379 -2.67 17.87 23.19
C LYS A 379 -2.26 19.34 22.92
N GLY A 380 -1.03 19.67 23.34
CA GLY A 380 -0.47 21.00 23.23
C GLY A 380 -0.27 21.45 21.79
N LEU A 381 0.44 20.61 20.99
CA LEU A 381 0.70 20.93 19.57
C LEU A 381 -0.57 20.81 18.69
N ILE A 382 -1.50 19.91 19.09
CA ILE A 382 -2.83 19.83 18.46
C ILE A 382 -3.59 21.14 18.67
N GLU A 383 -3.61 21.66 19.93
CA GLU A 383 -4.29 22.94 20.25
C GLU A 383 -3.55 24.14 19.59
N GLU A 384 -2.22 24.00 19.44
CA GLU A 384 -1.36 25.02 18.77
C GLU A 384 -1.84 25.24 17.33
N MET A 385 -1.92 24.14 16.54
CA MET A 385 -2.39 24.21 15.14
C MET A 385 -3.93 24.41 15.06
N ALA A 386 -4.66 23.95 16.09
CA ALA A 386 -6.13 24.03 16.17
C ALA A 386 -6.60 25.49 16.36
N SER A 387 -5.79 26.25 17.12
CA SER A 387 -6.03 27.68 17.38
C SER A 387 -5.87 28.50 16.08
N ALA A 388 -5.15 27.91 15.10
CA ALA A 388 -4.97 28.49 13.75
C ALA A 388 -6.10 28.06 12.79
N TYR A 389 -6.95 27.09 13.22
CA TYR A 389 -8.13 26.64 12.46
C TYR A 389 -9.38 27.45 12.88
N GLU A 390 -10.53 27.08 12.31
CA GLU A 390 -11.80 27.83 12.46
C GLU A 390 -12.39 27.70 13.88
N ASP A 391 -12.19 26.53 14.50
CA ASP A 391 -12.59 26.29 15.91
C ASP A 391 -11.65 25.25 16.53
N PRO A 392 -10.86 25.62 17.59
CA PRO A 392 -9.84 24.72 18.19
C PRO A 392 -10.44 23.43 18.77
N LYS A 393 -11.53 23.58 19.54
CA LYS A 393 -12.06 22.52 20.44
C LYS A 393 -12.57 21.31 19.64
N GLU A 394 -13.22 21.60 18.49
CA GLU A 394 -13.72 20.54 17.59
C GLU A 394 -12.55 19.78 16.95
N VAL A 395 -11.40 20.48 16.73
CA VAL A 395 -10.22 19.87 16.09
C VAL A 395 -9.60 18.89 17.08
N ILE A 396 -9.49 19.36 18.34
CA ILE A 396 -8.96 18.59 19.47
C ILE A 396 -9.74 17.26 19.62
N GLU A 397 -11.09 17.35 19.79
CA GLU A 397 -11.90 16.14 20.00
C GLU A 397 -11.86 15.23 18.76
N PHE A 398 -12.10 15.82 17.56
CA PHE A 398 -12.23 15.05 16.29
C PHE A 398 -10.97 14.20 16.05
N TYR A 399 -9.81 14.86 16.16
CA TYR A 399 -8.50 14.23 15.95
C TYR A 399 -8.28 13.13 17.01
N SER A 400 -8.52 13.48 18.28
CA SER A 400 -8.37 12.55 19.42
C SER A 400 -9.39 11.38 19.37
N LYS A 401 -10.45 11.55 18.56
CA LYS A 401 -11.52 10.55 18.36
C LYS A 401 -11.23 9.70 17.12
N ASN A 402 -10.37 10.21 16.21
CA ASN A 402 -10.01 9.51 14.98
C ASN A 402 -8.75 8.69 15.28
N LYS A 403 -8.92 7.34 15.38
CA LYS A 403 -7.88 6.39 15.84
C LYS A 403 -6.55 6.57 15.10
N GLU A 404 -6.60 6.43 13.77
CA GLU A 404 -5.40 6.33 12.94
C GLU A 404 -4.76 7.71 12.73
N LEU A 405 -5.58 8.77 12.74
CA LEU A 405 -5.08 10.16 12.73
C LEU A 405 -4.39 10.45 14.06
N MET A 406 -4.95 9.90 15.17
CA MET A 406 -4.41 10.08 16.53
C MET A 406 -3.01 9.45 16.59
N ASP A 407 -2.85 8.27 15.97
CA ASP A 407 -1.53 7.60 15.81
C ASP A 407 -0.54 8.47 14.99
N ASN A 408 -1.04 9.15 13.95
CA ASN A 408 -0.22 10.02 13.07
C ASN A 408 0.28 11.26 13.86
N MET A 409 -0.64 11.87 14.63
CA MET A 409 -0.35 13.06 15.45
C MET A 409 0.52 12.70 16.65
N ARG A 410 0.34 11.47 17.14
CA ARG A 410 1.18 10.91 18.20
C ARG A 410 2.59 10.63 17.63
N ASN A 411 2.65 10.19 16.35
CA ASN A 411 3.93 9.88 15.67
C ASN A 411 4.79 11.15 15.53
N VAL A 412 4.17 12.23 14.97
CA VAL A 412 4.87 13.53 14.77
C VAL A 412 5.21 14.17 16.14
N ALA A 413 4.34 13.95 17.15
CA ALA A 413 4.54 14.43 18.53
C ALA A 413 5.65 13.65 19.23
N LEU A 414 5.78 12.36 18.85
CA LEU A 414 6.79 11.46 19.43
C LEU A 414 8.16 11.87 18.93
N GLU A 415 8.26 12.12 17.61
CA GLU A 415 9.52 12.58 16.98
C GLU A 415 9.89 13.98 17.50
N GLU A 416 8.87 14.85 17.65
CA GLU A 416 9.03 16.21 18.25
C GLU A 416 9.67 16.08 19.64
N GLN A 417 9.09 15.21 20.46
CA GLN A 417 9.48 15.01 21.88
C GLN A 417 10.74 14.13 22.01
N ALA A 418 11.05 13.32 20.98
CA ALA A 418 12.22 12.42 20.98
C ALA A 418 13.48 13.23 20.68
N VAL A 419 13.35 14.15 19.71
CA VAL A 419 14.36 15.16 19.44
C VAL A 419 14.51 16.06 20.69
N GLU A 420 13.36 16.54 21.23
CA GLU A 420 13.32 17.43 22.42
C GLU A 420 14.04 16.76 23.63
N ALA A 421 13.85 15.43 23.77
CA ALA A 421 14.49 14.62 24.83
C ALA A 421 16.03 14.69 24.74
N VAL A 422 16.58 14.60 23.51
CA VAL A 422 18.04 14.66 23.29
C VAL A 422 18.53 16.13 23.38
N LEU A 423 17.63 17.11 23.09
CA LEU A 423 17.92 18.57 23.22
C LEU A 423 18.10 18.96 24.69
N ALA A 424 17.29 18.31 25.55
CA ALA A 424 17.33 18.49 27.02
C ALA A 424 18.71 18.12 27.60
N LYS A 425 19.45 17.27 26.88
CA LYS A 425 20.81 16.84 27.27
C LYS A 425 21.89 17.50 26.36
N ALA A 426 21.48 17.91 25.14
CA ALA A 426 22.38 18.52 24.13
C ALA A 426 22.77 19.94 24.52
N LYS A 427 23.81 20.48 23.85
CA LYS A 427 24.27 21.83 24.12
C LYS A 427 23.40 22.82 23.34
N VAL A 428 22.47 23.46 24.05
CA VAL A 428 21.54 24.44 23.49
C VAL A 428 22.25 25.77 23.21
N THR A 429 22.12 26.24 21.97
CA THR A 429 22.69 27.51 21.51
C THR A 429 21.55 28.42 21.02
N GLU A 430 21.02 29.25 21.93
CA GLU A 430 20.03 30.30 21.59
C GLU A 430 20.78 31.50 20.97
N LYS A 431 20.93 31.45 19.64
CA LYS A 431 21.75 32.40 18.88
C LYS A 431 20.87 33.47 18.24
N GLU A 432 21.24 34.75 18.42
CA GLU A 432 20.51 35.89 17.83
C GLU A 432 20.49 35.78 16.30
N THR A 433 19.28 35.82 15.73
CA THR A 433 19.06 35.65 14.28
C THR A 433 17.93 36.62 13.86
N THR A 434 17.98 37.17 12.64
CA THR A 434 16.95 38.11 12.15
C THR A 434 15.94 37.34 11.24
N PHE A 435 14.80 37.97 10.88
CA PHE A 435 13.67 37.31 10.16
C PHE A 435 14.13 36.55 8.89
N ASN A 436 14.85 37.24 8.00
CA ASN A 436 15.30 36.65 6.72
C ASN A 436 16.41 35.60 6.97
N GLU A 437 17.20 35.82 8.04
CA GLU A 437 18.32 34.93 8.42
C GLU A 437 17.80 33.58 8.97
N LEU A 438 16.50 33.51 9.32
CA LEU A 438 15.85 32.27 9.80
C LEU A 438 15.76 31.22 8.65
N MET A 439 15.32 31.70 7.47
CA MET A 439 15.20 30.88 6.26
C MET A 439 16.55 30.78 5.51
N ASN A 440 17.57 31.48 6.04
CA ASN A 440 18.92 31.56 5.44
C ASN A 440 19.97 30.90 6.38
N GLN A 441 19.51 30.40 7.57
CA GLN A 441 20.35 30.03 8.77
C GLN A 441 21.86 30.35 8.62
N GLN A 442 22.60 29.39 8.02
CA GLN A 442 24.08 29.43 7.92
C GLN A 442 24.53 29.25 6.46
N ALA A 443 23.55 29.16 5.55
CA ALA A 443 23.79 28.93 4.10
C ALA A 443 22.54 29.41 3.33
N MET B 12 -17.31 26.95 4.28
CA MET B 12 -16.95 26.59 2.88
C MET B 12 -18.16 26.02 2.14
N GLN B 13 -17.99 25.84 0.82
CA GLN B 13 -19.00 25.24 -0.08
C GLN B 13 -18.99 23.68 0.06
N VAL B 14 -19.51 23.24 1.22
CA VAL B 14 -19.55 21.83 1.63
C VAL B 14 -21.00 21.50 2.10
N SER B 15 -21.45 20.26 1.87
CA SER B 15 -22.82 19.84 2.24
C SER B 15 -22.89 18.33 2.56
N VAL B 16 -23.03 18.00 3.86
CA VAL B 16 -23.27 16.62 4.31
C VAL B 16 -24.78 16.29 4.19
N GLU B 17 -25.13 15.57 3.13
CA GLU B 17 -26.51 15.15 2.85
C GLU B 17 -26.75 13.76 3.46
N THR B 18 -27.68 13.67 4.43
CA THR B 18 -28.05 12.38 5.05
C THR B 18 -28.85 11.54 4.03
N THR B 19 -28.22 10.47 3.53
CA THR B 19 -28.82 9.60 2.50
C THR B 19 -29.88 8.68 3.13
N GLN B 20 -29.61 8.18 4.37
CA GLN B 20 -30.56 7.36 5.14
C GLN B 20 -30.04 7.12 6.58
N GLY B 21 -30.48 8.00 7.51
CA GLY B 21 -30.22 7.83 8.96
C GLY B 21 -28.76 7.95 9.35
N LEU B 22 -28.03 6.83 9.22
CA LEU B 22 -26.57 6.76 9.42
C LEU B 22 -25.86 7.24 8.14
N GLY B 23 -26.38 6.77 6.97
CA GLY B 23 -25.79 7.05 5.66
C GLY B 23 -25.80 8.54 5.32
N ARG B 24 -24.69 9.02 4.75
CA ARG B 24 -24.45 10.44 4.44
C ARG B 24 -23.56 10.60 3.18
N ARG B 25 -23.53 11.83 2.66
CA ARG B 25 -22.80 12.20 1.43
C ARG B 25 -22.28 13.65 1.55
N VAL B 26 -21.01 13.81 1.97
CA VAL B 26 -20.39 15.15 2.10
C VAL B 26 -19.90 15.63 0.72
N THR B 27 -20.78 16.35 0.02
CA THR B 27 -20.48 16.96 -1.28
C THR B 27 -19.68 18.27 -1.06
N ILE B 28 -18.39 18.26 -1.44
CA ILE B 28 -17.47 19.40 -1.29
C ILE B 28 -17.02 19.88 -2.66
N THR B 29 -17.07 21.20 -2.90
CA THR B 29 -16.53 21.83 -4.10
C THR B 29 -15.17 22.48 -3.76
N ILE B 30 -14.06 21.78 -4.09
CA ILE B 30 -12.70 22.32 -3.90
C ILE B 30 -12.40 23.34 -5.02
N ALA B 31 -12.21 24.62 -4.62
CA ALA B 31 -11.92 25.73 -5.54
C ALA B 31 -10.52 25.56 -6.19
N ALA B 32 -10.37 26.10 -7.42
CA ALA B 32 -9.14 26.01 -8.22
C ALA B 32 -7.93 26.68 -7.53
N ASP B 33 -8.23 27.61 -6.60
CA ASP B 33 -7.22 28.28 -5.75
C ASP B 33 -6.48 27.23 -4.90
N SER B 34 -7.26 26.43 -4.16
CA SER B 34 -6.75 25.39 -3.26
C SER B 34 -6.02 24.29 -4.03
N ILE B 35 -6.50 23.99 -5.25
CA ILE B 35 -5.92 22.96 -6.11
C ILE B 35 -4.52 23.42 -6.59
N GLU B 36 -4.46 24.58 -7.28
CA GLU B 36 -3.21 25.12 -7.85
C GLU B 36 -2.15 25.35 -6.76
N THR B 37 -2.54 26.01 -5.65
CA THR B 37 -1.62 26.30 -4.52
C THR B 37 -0.98 24.99 -3.99
N ALA B 38 -1.83 23.95 -3.86
CA ALA B 38 -1.41 22.63 -3.36
C ALA B 38 -0.44 21.96 -4.34
N VAL B 39 -0.71 22.06 -5.68
CA VAL B 39 0.18 21.49 -6.71
C VAL B 39 1.59 22.11 -6.61
N LYS B 40 1.63 23.44 -6.59
CA LYS B 40 2.88 24.25 -6.49
C LYS B 40 3.68 23.87 -5.22
N SER B 41 2.93 23.69 -4.11
CA SER B 41 3.48 23.23 -2.81
C SER B 41 4.10 21.82 -2.97
N GLU B 42 3.37 20.91 -3.65
CA GLU B 42 3.82 19.51 -3.86
C GLU B 42 5.00 19.42 -4.83
N LEU B 43 5.13 20.43 -5.71
CA LEU B 43 6.24 20.51 -6.68
C LEU B 43 7.54 20.94 -5.96
N VAL B 44 7.48 22.02 -5.16
CA VAL B 44 8.66 22.48 -4.40
C VAL B 44 9.03 21.44 -3.32
N ASN B 45 8.00 20.78 -2.73
CA ASN B 45 8.18 19.68 -1.77
C ASN B 45 8.97 18.54 -2.44
N VAL B 46 8.38 17.90 -3.48
CA VAL B 46 8.99 16.72 -4.17
C VAL B 46 10.40 17.06 -4.69
N ALA B 47 10.61 18.34 -5.05
CA ALA B 47 11.94 18.86 -5.41
C ALA B 47 12.93 18.72 -4.23
N LYS B 48 12.55 19.25 -3.05
CA LYS B 48 13.47 19.32 -1.88
C LYS B 48 13.62 17.95 -1.17
N LYS B 49 12.58 17.12 -1.22
CA LYS B 49 12.53 15.82 -0.53
C LYS B 49 13.39 14.80 -1.30
N VAL B 50 13.10 14.64 -2.59
CA VAL B 50 13.81 13.69 -3.48
C VAL B 50 15.26 14.18 -3.78
N ARG B 51 15.53 15.47 -3.43
CA ARG B 51 16.87 16.11 -3.51
C ARG B 51 17.25 16.51 -4.96
N ILE B 52 16.26 16.52 -5.87
CA ILE B 52 16.48 16.97 -7.26
C ILE B 52 16.58 18.51 -7.32
N ASP B 53 15.83 19.19 -6.42
CA ASP B 53 15.80 20.66 -6.23
C ASP B 53 15.13 21.38 -7.45
N GLY B 54 14.35 20.59 -8.21
CA GLY B 54 13.61 21.09 -9.38
C GLY B 54 14.48 21.11 -10.64
N PHE B 55 14.47 22.23 -11.38
CA PHE B 55 15.33 22.42 -12.56
C PHE B 55 16.70 22.96 -12.10
N ARG B 56 16.67 24.16 -11.49
CA ARG B 56 17.86 24.83 -10.91
C ARG B 56 17.43 25.67 -9.69
N LYS B 57 18.37 26.47 -9.15
CA LYS B 57 18.14 27.36 -7.98
C LYS B 57 17.57 28.74 -8.46
N GLY B 58 16.82 28.70 -9.56
CA GLY B 58 16.27 29.89 -10.18
C GLY B 58 15.60 29.54 -11.50
N LYS B 59 14.63 30.39 -11.90
CA LYS B 59 13.83 30.22 -13.15
C LYS B 59 12.90 29.00 -13.08
N VAL B 60 12.04 28.88 -14.12
CA VAL B 60 11.10 27.77 -14.32
C VAL B 60 10.22 27.58 -13.04
N PRO B 61 9.32 28.59 -12.73
CA PRO B 61 8.54 28.59 -11.48
C PRO B 61 7.48 27.48 -11.45
N MET B 62 7.39 26.77 -10.30
CA MET B 62 6.38 25.70 -10.06
C MET B 62 4.94 26.25 -10.22
N ASN B 63 4.81 27.58 -10.07
CA ASN B 63 3.57 28.33 -10.28
C ASN B 63 2.95 28.06 -11.67
N ILE B 64 3.78 28.14 -12.72
CA ILE B 64 3.31 27.87 -14.09
C ILE B 64 3.30 26.35 -14.37
N VAL B 65 4.35 25.65 -13.87
CA VAL B 65 4.53 24.19 -14.09
C VAL B 65 3.26 23.39 -13.65
N ALA B 66 2.63 23.86 -12.57
CA ALA B 66 1.38 23.30 -12.03
C ALA B 66 0.27 23.18 -13.11
N GLN B 67 -0.27 24.33 -13.54
CA GLN B 67 -1.36 24.41 -14.53
C GLN B 67 -0.91 23.92 -15.92
N ARG B 68 0.37 24.20 -16.26
CA ARG B 68 0.87 24.06 -17.64
C ARG B 68 1.01 22.57 -18.04
N TYR B 69 1.62 21.76 -17.16
CA TYR B 69 1.84 20.33 -17.43
C TYR B 69 1.97 19.50 -16.13
N GLY B 70 1.41 20.01 -15.00
CA GLY B 70 1.31 19.24 -13.76
C GLY B 70 0.05 18.38 -13.72
N ALA B 71 -0.13 17.55 -14.78
CA ALA B 71 -1.32 16.69 -14.95
C ALA B 71 -1.13 15.34 -14.24
N SER B 72 0.13 14.85 -14.21
CA SER B 72 0.49 13.57 -13.58
C SER B 72 0.44 13.68 -12.05
N VAL B 73 0.98 14.80 -11.53
CA VAL B 73 1.02 15.10 -10.08
C VAL B 73 -0.39 15.37 -9.52
N ARG B 74 -1.37 15.64 -10.41
CA ARG B 74 -2.76 15.96 -10.04
C ARG B 74 -3.41 14.81 -9.22
N GLN B 75 -2.96 13.56 -9.48
CA GLN B 75 -3.43 12.37 -8.73
C GLN B 75 -2.99 12.44 -7.25
N ASP B 76 -1.73 12.83 -7.03
CA ASP B 76 -1.13 12.97 -5.69
C ASP B 76 -1.78 14.15 -4.94
N VAL B 77 -1.91 15.28 -5.66
CA VAL B 77 -2.45 16.53 -5.12
C VAL B 77 -3.90 16.33 -4.65
N LEU B 78 -4.77 15.88 -5.58
CA LEU B 78 -6.19 15.59 -5.28
C LEU B 78 -6.29 14.42 -4.26
N GLY B 79 -5.29 13.51 -4.30
CA GLY B 79 -5.14 12.45 -3.29
C GLY B 79 -4.88 12.99 -1.88
N ASP B 80 -4.19 14.16 -1.80
CA ASP B 80 -3.95 14.85 -0.51
C ASP B 80 -5.18 15.70 -0.14
N LEU B 81 -5.76 16.38 -1.15
CA LEU B 81 -6.86 17.35 -0.97
C LEU B 81 -8.17 16.66 -0.56
N MET B 82 -8.35 15.40 -0.98
CA MET B 82 -9.54 14.62 -0.62
C MET B 82 -9.57 14.33 0.89
N SER B 83 -8.39 14.32 1.53
CA SER B 83 -8.27 14.20 2.99
C SER B 83 -8.27 15.60 3.64
N ARG B 84 -7.46 16.52 3.07
CA ARG B 84 -7.10 17.81 3.73
C ARG B 84 -8.24 18.85 3.69
N ASN B 85 -9.05 18.84 2.63
CA ASN B 85 -10.25 19.73 2.55
C ASN B 85 -11.39 19.14 3.38
N PHE B 86 -11.52 17.80 3.29
CA PHE B 86 -12.58 17.04 3.96
C PHE B 86 -12.47 17.15 5.49
N ILE B 87 -11.23 17.00 6.01
CA ILE B 87 -10.95 16.98 7.46
C ILE B 87 -11.41 18.30 8.11
N ASP B 88 -11.09 19.44 7.46
CA ASP B 88 -11.46 20.79 7.95
C ASP B 88 -12.97 21.04 7.78
N ALA B 89 -13.52 20.60 6.63
CA ALA B 89 -14.94 20.79 6.26
C ALA B 89 -15.90 20.28 7.36
N ILE B 90 -15.54 19.13 7.95
CA ILE B 90 -16.37 18.44 8.95
C ILE B 90 -15.80 18.61 10.38
N ILE B 91 -14.92 19.63 10.58
CA ILE B 91 -14.38 19.93 11.93
C ILE B 91 -15.52 20.38 12.87
N LYS B 92 -16.22 21.46 12.50
CA LYS B 92 -17.21 22.10 13.39
C LYS B 92 -18.41 21.18 13.62
N GLU B 93 -18.82 20.45 12.56
CA GLU B 93 -19.91 19.47 12.65
C GLU B 93 -19.47 18.22 13.44
N LYS B 94 -18.19 17.84 13.26
CA LYS B 94 -17.45 16.88 14.11
C LYS B 94 -17.82 15.39 13.83
N ILE B 95 -18.86 15.17 12.98
CA ILE B 95 -19.21 13.92 12.25
C ILE B 95 -18.19 12.74 12.42
N ASN B 96 -18.57 11.70 13.17
CA ASN B 96 -17.74 10.49 13.34
C ASN B 96 -18.13 9.42 12.27
N PRO B 97 -17.24 9.12 11.26
CA PRO B 97 -17.53 8.12 10.20
C PRO B 97 -17.38 6.66 10.71
N ALA B 98 -17.99 5.72 9.97
CA ALA B 98 -17.94 4.28 10.27
C ALA B 98 -16.96 3.59 9.29
N GLY B 99 -15.88 3.01 9.85
CA GLY B 99 -14.90 2.25 9.07
C GLY B 99 -14.02 3.13 8.21
N ALA B 100 -14.54 3.53 7.03
CA ALA B 100 -13.81 4.35 6.04
C ALA B 100 -14.81 5.13 5.15
N PRO B 101 -14.55 6.46 4.88
CA PRO B 101 -15.38 7.26 3.96
C PRO B 101 -15.04 6.96 2.47
N THR B 102 -16.07 6.59 1.71
CA THR B 102 -15.96 6.33 0.26
C THR B 102 -15.92 7.67 -0.51
N TYR B 103 -14.70 8.11 -0.84
CA TYR B 103 -14.49 9.33 -1.64
C TYR B 103 -14.86 9.05 -3.10
N VAL B 104 -16.09 9.39 -3.51
CA VAL B 104 -16.52 9.28 -4.92
C VAL B 104 -16.13 10.60 -5.64
N PRO B 105 -15.01 10.61 -6.43
CA PRO B 105 -14.46 11.83 -7.03
C PRO B 105 -15.22 12.22 -8.32
N GLY B 106 -15.85 13.41 -8.31
CA GLY B 106 -16.41 14.00 -9.53
C GLY B 106 -15.31 14.35 -10.52
N GLU B 107 -15.65 14.39 -11.82
CA GLU B 107 -14.66 14.60 -12.90
C GLU B 107 -13.91 15.94 -12.72
N TYR B 108 -12.59 15.90 -12.94
CA TYR B 108 -11.73 17.08 -12.95
C TYR B 108 -11.40 17.45 -14.41
N LYS B 109 -12.01 18.53 -14.90
CA LYS B 109 -11.66 19.16 -16.18
C LYS B 109 -10.76 20.38 -15.91
N LEU B 110 -9.89 20.71 -16.87
CA LEU B 110 -9.02 21.89 -16.80
C LEU B 110 -9.84 23.18 -17.00
N GLY B 111 -9.77 24.07 -16.01
CA GLY B 111 -10.56 25.31 -15.98
C GLY B 111 -11.71 25.22 -15.00
N GLU B 112 -12.14 23.98 -14.70
CA GLU B 112 -13.18 23.69 -13.71
C GLU B 112 -12.58 23.53 -12.30
N ASP B 113 -13.46 23.48 -11.31
CA ASP B 113 -13.13 23.14 -9.91
C ASP B 113 -13.01 21.61 -9.75
N PHE B 114 -12.98 21.13 -8.49
CA PHE B 114 -13.02 19.70 -8.18
C PHE B 114 -14.07 19.44 -7.09
N THR B 115 -15.31 19.15 -7.50
CA THR B 115 -16.36 18.68 -6.59
C THR B 115 -16.26 17.15 -6.46
N TYR B 116 -16.57 16.64 -5.26
CA TYR B 116 -16.67 15.19 -5.02
C TYR B 116 -17.67 14.89 -3.88
N SER B 117 -18.26 13.69 -3.93
CA SER B 117 -19.24 13.23 -2.95
C SER B 117 -18.59 12.17 -2.04
N VAL B 118 -18.29 12.57 -0.80
CA VAL B 118 -17.65 11.70 0.19
C VAL B 118 -18.75 10.95 0.97
N GLU B 119 -19.13 9.77 0.46
CA GLU B 119 -20.24 8.97 0.99
C GLU B 119 -19.76 8.01 2.09
N PHE B 120 -20.50 7.98 3.21
CA PHE B 120 -20.23 7.08 4.34
C PHE B 120 -21.41 7.09 5.32
N GLU B 121 -21.54 6.02 6.10
CA GLU B 121 -22.40 5.97 7.27
C GLU B 121 -21.60 6.52 8.46
N VAL B 122 -22.26 7.24 9.37
CA VAL B 122 -21.66 7.62 10.65
C VAL B 122 -21.68 6.42 11.59
N TYR B 123 -20.63 6.28 12.40
CA TYR B 123 -20.46 5.15 13.32
C TYR B 123 -21.56 5.12 14.40
N PRO B 124 -22.41 4.04 14.45
CA PRO B 124 -23.26 3.76 15.61
C PRO B 124 -22.58 2.76 16.58
N GLU B 125 -22.92 2.87 17.87
CA GLU B 125 -22.51 1.89 18.88
C GLU B 125 -23.57 0.78 18.92
N VAL B 126 -23.13 -0.46 19.04
CA VAL B 126 -23.99 -1.64 18.94
C VAL B 126 -24.20 -2.27 20.33
N GLU B 127 -25.49 -2.41 20.71
CA GLU B 127 -25.89 -3.05 21.96
C GLU B 127 -25.92 -4.57 21.75
N LEU B 128 -25.32 -5.32 22.68
CA LEU B 128 -25.41 -6.78 22.72
C LEU B 128 -25.86 -7.19 24.13
N GLN B 129 -26.80 -8.13 24.17
CA GLN B 129 -27.46 -8.59 25.39
C GLN B 129 -28.02 -10.00 25.16
N GLY B 130 -28.30 -10.72 26.24
CA GLY B 130 -28.71 -12.11 26.16
C GLY B 130 -27.51 -13.04 26.06
N LEU B 131 -26.36 -12.57 26.61
CA LEU B 131 -25.11 -13.35 26.68
C LEU B 131 -25.39 -14.65 27.43
N GLU B 132 -26.04 -14.50 28.58
CA GLU B 132 -26.53 -15.62 29.41
C GLU B 132 -27.59 -16.47 28.68
N ALA B 133 -28.31 -15.88 27.70
CA ALA B 133 -29.33 -16.61 26.91
C ALA B 133 -28.67 -17.44 25.78
N ILE B 134 -27.43 -17.04 25.40
CA ILE B 134 -26.59 -17.83 24.47
C ILE B 134 -26.25 -19.20 25.11
N GLU B 135 -26.77 -20.28 24.50
CA GLU B 135 -26.48 -21.68 24.88
C GLU B 135 -25.09 -22.06 24.36
N VAL B 136 -24.11 -22.16 25.26
CA VAL B 136 -22.73 -22.55 24.92
C VAL B 136 -22.64 -24.07 24.88
N GLU B 137 -22.91 -24.66 23.71
CA GLU B 137 -22.91 -26.11 23.54
C GLU B 137 -21.46 -26.56 23.33
N LYS B 138 -20.85 -27.06 24.41
CA LYS B 138 -19.51 -27.65 24.35
C LYS B 138 -19.62 -29.13 23.95
N PRO B 139 -19.20 -29.51 22.70
CA PRO B 139 -19.17 -30.92 22.28
C PRO B 139 -17.97 -31.66 22.93
N ILE B 140 -18.17 -32.10 24.19
CA ILE B 140 -17.13 -32.77 24.98
C ILE B 140 -16.96 -34.20 24.46
N VAL B 141 -15.97 -34.37 23.59
CA VAL B 141 -15.60 -35.67 23.03
C VAL B 141 -14.42 -36.27 23.78
N GLU B 142 -14.06 -37.49 23.42
CA GLU B 142 -12.88 -38.18 23.91
C GLU B 142 -12.37 -39.07 22.77
N VAL B 143 -11.07 -38.98 22.44
CA VAL B 143 -10.46 -39.83 21.43
C VAL B 143 -10.31 -41.25 22.03
N THR B 144 -11.38 -42.05 21.98
CA THR B 144 -11.39 -43.41 22.51
C THR B 144 -10.87 -44.37 21.43
N ASP B 145 -10.51 -45.59 21.84
CA ASP B 145 -10.05 -46.65 20.92
C ASP B 145 -11.16 -47.00 19.90
N ALA B 146 -12.42 -46.86 20.36
CA ALA B 146 -13.62 -47.05 19.51
C ALA B 146 -13.69 -46.00 18.39
N ASP B 147 -13.42 -44.73 18.76
CA ASP B 147 -13.40 -43.60 17.79
C ASP B 147 -12.31 -43.79 16.74
N VAL B 148 -11.08 -44.06 17.22
CA VAL B 148 -9.91 -44.20 16.34
C VAL B 148 -10.10 -45.38 15.35
N ASP B 149 -10.43 -46.56 15.90
CA ASP B 149 -10.60 -47.81 15.13
C ASP B 149 -11.73 -47.67 14.10
N GLY B 150 -12.90 -47.17 14.58
CA GLY B 150 -14.09 -46.99 13.74
C GLY B 150 -13.86 -46.04 12.57
N MET B 151 -13.27 -44.87 12.88
CA MET B 151 -12.96 -43.83 11.88
C MET B 151 -11.90 -44.33 10.88
N LEU B 152 -10.90 -45.09 11.38
CA LEU B 152 -9.79 -45.63 10.56
C LEU B 152 -10.33 -46.66 9.54
N ASP B 153 -11.30 -47.47 10.00
CA ASP B 153 -11.98 -48.47 9.16
C ASP B 153 -12.83 -47.75 8.07
N THR B 154 -13.53 -46.69 8.51
CA THR B 154 -14.30 -45.81 7.61
C THR B 154 -13.36 -45.13 6.60
N LEU B 155 -12.13 -44.81 7.04
CA LEU B 155 -11.10 -44.11 6.25
C LEU B 155 -10.61 -45.03 5.12
N ARG B 156 -10.30 -46.30 5.45
CA ARG B 156 -9.81 -47.28 4.45
C ARG B 156 -10.94 -47.70 3.49
N LYS B 157 -12.19 -47.61 3.96
CA LYS B 157 -13.38 -47.93 3.13
C LYS B 157 -13.82 -46.71 2.27
N GLN B 158 -13.52 -45.49 2.75
CA GLN B 158 -13.80 -44.22 2.05
C GLN B 158 -12.77 -43.99 0.94
N GLN B 159 -11.50 -44.23 1.30
CA GLN B 159 -10.34 -44.12 0.40
C GLN B 159 -9.92 -45.54 -0.03
N ALA B 160 -10.92 -46.38 -0.30
CA ALA B 160 -10.71 -47.74 -0.82
C ALA B 160 -10.25 -47.69 -2.29
N THR B 161 -9.73 -48.83 -2.80
CA THR B 161 -9.10 -48.91 -4.12
C THR B 161 -10.15 -48.96 -5.26
N TRP B 162 -9.63 -49.04 -6.51
CA TRP B 162 -10.41 -49.03 -7.75
C TRP B 162 -9.80 -50.07 -8.71
N LYS B 163 -10.64 -50.86 -9.42
CA LYS B 163 -10.15 -51.76 -10.50
C LYS B 163 -10.46 -51.17 -11.87
N GLU B 164 -9.83 -51.72 -12.91
CA GLU B 164 -10.15 -51.41 -14.31
C GLU B 164 -11.44 -52.14 -14.69
N LYS B 165 -12.53 -51.38 -14.90
CA LYS B 165 -13.83 -51.94 -15.26
C LYS B 165 -13.97 -52.15 -16.78
N ASP B 166 -14.48 -53.33 -17.16
CA ASP B 166 -14.82 -53.65 -18.56
C ASP B 166 -16.34 -53.58 -18.76
N GLY B 167 -16.81 -52.44 -19.31
CA GLY B 167 -18.21 -52.27 -19.68
C GLY B 167 -18.59 -50.81 -19.81
N ALA B 168 -19.89 -50.54 -19.59
CA ALA B 168 -20.45 -49.19 -19.61
C ALA B 168 -20.17 -48.46 -18.29
N VAL B 169 -20.33 -47.13 -18.30
CA VAL B 169 -20.19 -46.29 -17.10
C VAL B 169 -21.50 -46.36 -16.28
N GLU B 170 -21.38 -46.25 -14.96
CA GLU B 170 -22.49 -46.38 -14.02
C GLU B 170 -22.31 -45.36 -12.89
N ALA B 171 -23.41 -45.07 -12.16
CA ALA B 171 -23.42 -44.18 -10.99
C ALA B 171 -22.65 -44.77 -9.79
N GLU B 172 -22.24 -46.05 -9.91
CA GLU B 172 -21.43 -46.76 -8.90
C GLU B 172 -19.99 -46.99 -9.38
N ASP B 173 -19.58 -46.21 -10.40
CA ASP B 173 -18.21 -46.24 -10.95
C ASP B 173 -17.46 -44.95 -10.60
N ARG B 174 -16.14 -45.02 -10.69
CA ARG B 174 -15.28 -43.85 -10.73
C ARG B 174 -14.71 -43.75 -12.13
N VAL B 175 -14.98 -42.68 -12.85
CA VAL B 175 -14.61 -42.58 -14.28
C VAL B 175 -13.61 -41.44 -14.52
N THR B 176 -12.40 -41.79 -15.03
CA THR B 176 -11.40 -40.81 -15.44
C THR B 176 -11.61 -40.44 -16.92
N ILE B 177 -12.39 -39.39 -17.14
CA ILE B 177 -12.69 -38.85 -18.48
C ILE B 177 -11.80 -37.63 -18.75
N ASP B 178 -12.13 -36.95 -19.83
CA ASP B 178 -11.64 -35.61 -20.15
C ASP B 178 -12.72 -34.92 -20.97
N PHE B 179 -13.00 -33.64 -20.69
CA PHE B 179 -14.10 -32.92 -21.36
C PHE B 179 -13.76 -31.45 -21.56
N THR B 180 -14.55 -30.81 -22.45
CA THR B 180 -14.53 -29.37 -22.69
C THR B 180 -15.99 -28.87 -22.78
N GLY B 181 -16.24 -27.66 -22.27
CA GLY B 181 -17.60 -27.13 -22.19
C GLY B 181 -17.73 -25.74 -22.80
N SER B 182 -18.93 -25.47 -23.34
CA SER B 182 -19.29 -24.16 -23.88
C SER B 182 -20.70 -23.80 -23.42
N VAL B 183 -20.85 -22.62 -22.82
CA VAL B 183 -22.14 -22.08 -22.38
C VAL B 183 -22.55 -20.94 -23.32
N ASP B 184 -23.82 -20.98 -23.77
CA ASP B 184 -24.44 -19.89 -24.57
C ASP B 184 -23.67 -19.69 -25.91
N GLY B 185 -23.04 -20.78 -26.39
CA GLY B 185 -22.31 -20.78 -27.65
C GLY B 185 -20.81 -20.51 -27.50
N GLU B 186 -20.35 -20.13 -26.29
CA GLU B 186 -18.96 -19.71 -26.04
C GLU B 186 -18.32 -20.54 -24.92
N GLU B 187 -17.02 -20.86 -25.09
CA GLU B 187 -16.25 -21.59 -24.06
C GLU B 187 -16.07 -20.69 -22.82
N PHE B 188 -16.57 -21.16 -21.68
CA PHE B 188 -16.45 -20.44 -20.40
C PHE B 188 -15.14 -20.83 -19.69
N GLU B 189 -14.57 -19.86 -18.96
CA GLU B 189 -13.24 -19.98 -18.33
C GLU B 189 -13.25 -21.00 -17.18
N GLY B 190 -12.29 -21.95 -17.23
CA GLY B 190 -12.25 -23.07 -16.30
C GLY B 190 -13.38 -24.09 -16.54
N GLY B 191 -14.03 -23.97 -17.72
CA GLY B 191 -15.18 -24.81 -18.08
C GLY B 191 -14.80 -26.07 -18.82
N LYS B 192 -13.67 -26.64 -18.42
CA LYS B 192 -13.09 -27.84 -19.04
C LYS B 192 -12.05 -28.43 -18.08
N ALA B 193 -11.92 -29.75 -18.13
CA ALA B 193 -11.01 -30.49 -17.25
C ALA B 193 -10.62 -31.82 -17.92
N SER B 194 -9.38 -31.84 -18.45
CA SER B 194 -8.71 -33.05 -18.91
C SER B 194 -8.33 -33.93 -17.70
N ASP B 195 -8.45 -35.25 -17.86
CA ASP B 195 -8.28 -36.24 -16.77
C ASP B 195 -9.20 -35.92 -15.58
N PHE B 196 -10.46 -35.58 -15.90
CA PHE B 196 -11.49 -35.37 -14.89
C PHE B 196 -11.84 -36.71 -14.23
N VAL B 197 -11.65 -36.80 -12.92
CA VAL B 197 -11.94 -38.01 -12.16
C VAL B 197 -13.26 -37.79 -11.38
N LEU B 198 -14.31 -38.48 -11.83
CA LEU B 198 -15.63 -38.48 -11.20
C LEU B 198 -15.75 -39.71 -10.28
N ALA B 199 -15.78 -39.47 -8.96
CA ALA B 199 -16.01 -40.55 -7.97
C ALA B 199 -17.50 -40.65 -7.64
N MET B 200 -17.95 -41.89 -7.45
CA MET B 200 -19.32 -42.22 -7.00
C MET B 200 -19.46 -42.06 -5.48
N GLY B 201 -20.69 -42.27 -4.98
CA GLY B 201 -20.98 -42.26 -3.54
C GLY B 201 -20.94 -40.87 -2.90
N GLN B 202 -21.11 -39.84 -3.74
CA GLN B 202 -21.12 -38.43 -3.31
C GLN B 202 -22.52 -37.84 -3.50
N GLY B 203 -22.68 -36.56 -3.07
CA GLY B 203 -23.94 -35.82 -3.24
C GLY B 203 -24.28 -35.62 -4.72
N ARG B 204 -25.58 -35.57 -5.04
CA ARG B 204 -26.09 -35.52 -6.44
C ARG B 204 -25.45 -34.37 -7.24
N MET B 205 -24.96 -34.70 -8.45
CA MET B 205 -24.44 -33.72 -9.41
C MET B 205 -25.62 -32.95 -10.06
N ILE B 206 -25.31 -31.84 -10.78
CA ILE B 206 -26.30 -31.09 -11.58
C ILE B 206 -26.99 -32.02 -12.61
N PRO B 207 -28.32 -31.79 -12.91
CA PRO B 207 -29.08 -32.61 -13.89
C PRO B 207 -28.48 -32.50 -15.30
N GLY B 208 -28.52 -33.62 -16.03
CA GLY B 208 -27.99 -33.68 -17.40
C GLY B 208 -26.61 -34.30 -17.45
N PHE B 209 -25.65 -33.69 -16.71
CA PHE B 209 -24.21 -34.01 -16.82
C PHE B 209 -23.95 -35.48 -16.46
N GLU B 210 -24.15 -35.81 -15.16
CA GLU B 210 -23.89 -37.18 -14.63
C GLU B 210 -24.69 -38.24 -15.39
N ASP B 211 -25.90 -37.85 -15.83
CA ASP B 211 -26.81 -38.73 -16.60
C ASP B 211 -26.20 -39.12 -17.94
N GLY B 212 -25.46 -38.18 -18.56
CA GLY B 212 -24.77 -38.45 -19.82
C GLY B 212 -23.62 -39.43 -19.60
N ILE B 213 -22.83 -39.13 -18.55
CA ILE B 213 -21.66 -39.94 -18.13
C ILE B 213 -22.06 -41.42 -17.96
N LYS B 214 -23.03 -41.66 -17.06
CA LYS B 214 -23.51 -43.01 -16.72
C LYS B 214 -24.49 -43.56 -17.77
N GLY B 215 -24.71 -42.82 -18.88
CA GLY B 215 -25.62 -43.25 -19.94
C GLY B 215 -24.88 -43.84 -21.13
N HIS B 216 -23.54 -43.89 -21.05
CA HIS B 216 -22.65 -44.24 -22.18
C HIS B 216 -21.57 -45.25 -21.75
N LYS B 217 -20.81 -45.76 -22.75
CA LYS B 217 -19.81 -46.85 -22.54
C LYS B 217 -18.38 -46.34 -22.76
N ALA B 218 -17.40 -47.02 -22.12
CA ALA B 218 -15.98 -46.65 -22.22
C ALA B 218 -15.46 -46.76 -23.66
N GLY B 219 -14.65 -45.77 -24.07
CA GLY B 219 -14.00 -45.74 -25.38
C GLY B 219 -14.51 -44.62 -26.27
N GLU B 220 -15.83 -44.38 -26.22
CA GLU B 220 -16.49 -43.41 -27.11
C GLU B 220 -16.24 -41.96 -26.65
N GLU B 221 -16.34 -41.04 -27.61
CA GLU B 221 -16.24 -39.59 -27.40
C GLU B 221 -17.49 -38.94 -28.04
N PHE B 222 -18.18 -38.10 -27.27
CA PHE B 222 -19.48 -37.52 -27.61
C PHE B 222 -19.62 -36.15 -26.94
N THR B 223 -20.85 -35.60 -26.93
CA THR B 223 -21.18 -34.37 -26.19
C THR B 223 -22.53 -34.53 -25.48
N ILE B 224 -22.71 -33.76 -24.39
CA ILE B 224 -23.97 -33.72 -23.62
C ILE B 224 -24.47 -32.27 -23.56
N ASP B 225 -25.67 -32.03 -24.09
CA ASP B 225 -26.32 -30.73 -24.05
C ASP B 225 -27.16 -30.62 -22.77
N VAL B 226 -26.59 -29.98 -21.75
CA VAL B 226 -27.24 -29.80 -20.44
C VAL B 226 -27.56 -28.30 -20.24
N THR B 227 -28.01 -27.93 -19.03
CA THR B 227 -28.26 -26.54 -18.63
C THR B 227 -27.93 -26.38 -17.13
N PHE B 228 -27.18 -25.30 -16.78
CA PHE B 228 -26.88 -24.98 -15.37
C PHE B 228 -28.15 -24.53 -14.62
N PRO B 229 -28.30 -24.93 -13.30
CA PRO B 229 -29.42 -24.46 -12.43
C PRO B 229 -29.60 -22.92 -12.45
N GLU B 230 -30.85 -22.44 -12.53
CA GLU B 230 -31.16 -20.97 -12.54
C GLU B 230 -30.81 -20.30 -11.19
N GLU B 231 -30.47 -21.12 -10.17
CA GLU B 231 -30.01 -20.67 -8.85
C GLU B 231 -28.51 -20.95 -8.64
N TYR B 232 -27.78 -21.16 -9.76
CA TYR B 232 -26.31 -21.34 -9.76
C TYR B 232 -25.63 -19.98 -9.44
N HIS B 233 -24.37 -20.03 -8.96
CA HIS B 233 -23.66 -18.84 -8.43
C HIS B 233 -22.88 -18.05 -9.52
N ALA B 234 -23.38 -18.07 -10.77
CA ALA B 234 -22.83 -17.29 -11.90
C ALA B 234 -23.92 -17.10 -12.96
N GLU B 235 -24.20 -15.82 -13.31
CA GLU B 235 -25.33 -15.41 -14.17
C GLU B 235 -25.22 -15.97 -15.59
N ASN B 236 -24.05 -15.74 -16.23
CA ASN B 236 -23.84 -16.07 -17.67
C ASN B 236 -23.91 -17.58 -17.92
N LEU B 237 -23.69 -18.37 -16.85
CA LEU B 237 -23.72 -19.83 -16.89
C LEU B 237 -25.14 -20.36 -16.63
N LYS B 238 -25.82 -19.77 -15.64
CA LYS B 238 -27.10 -20.27 -15.14
C LYS B 238 -28.25 -19.91 -16.10
N GLY B 239 -29.13 -20.90 -16.35
CA GLY B 239 -30.25 -20.74 -17.28
C GLY B 239 -29.85 -21.01 -18.73
N LYS B 240 -28.55 -20.93 -19.03
CA LYS B 240 -28.00 -21.11 -20.38
C LYS B 240 -27.55 -22.58 -20.58
N ALA B 241 -27.63 -23.05 -21.84
CA ALA B 241 -27.28 -24.43 -22.21
C ALA B 241 -25.75 -24.59 -22.29
N ALA B 242 -25.26 -25.64 -21.63
CA ALA B 242 -23.83 -25.98 -21.55
C ALA B 242 -23.57 -27.31 -22.28
N LYS B 243 -22.83 -27.23 -23.39
CA LYS B 243 -22.50 -28.39 -24.25
C LYS B 243 -21.10 -28.91 -23.88
N PHE B 244 -21.05 -30.09 -23.25
CA PHE B 244 -19.82 -30.69 -22.71
C PHE B 244 -19.41 -31.90 -23.56
N ALA B 245 -18.34 -31.75 -24.35
CA ALA B 245 -17.78 -32.86 -25.14
C ALA B 245 -17.07 -33.86 -24.21
N ILE B 246 -17.80 -34.91 -23.80
CA ILE B 246 -17.31 -35.94 -22.85
C ILE B 246 -16.57 -37.04 -23.61
N ASN B 247 -15.32 -37.30 -23.21
CA ASN B 247 -14.50 -38.38 -23.76
C ASN B 247 -14.26 -39.42 -22.66
N LEU B 248 -14.99 -40.56 -22.72
CA LEU B 248 -14.87 -41.65 -21.73
C LEU B 248 -13.55 -42.41 -21.97
N LYS B 249 -12.48 -41.92 -21.33
CA LYS B 249 -11.12 -42.44 -21.56
C LYS B 249 -10.85 -43.68 -20.69
N LYS B 250 -11.14 -43.58 -19.38
CA LYS B 250 -10.94 -44.68 -18.41
C LYS B 250 -12.17 -44.80 -17.51
N VAL B 251 -12.59 -46.05 -17.23
CA VAL B 251 -13.69 -46.36 -16.30
C VAL B 251 -13.18 -47.34 -15.24
N GLU B 252 -13.13 -46.87 -13.99
CA GLU B 252 -12.78 -47.67 -12.82
C GLU B 252 -14.06 -48.13 -12.12
N GLU B 253 -13.97 -49.23 -11.39
CA GLU B 253 -15.07 -49.75 -10.58
C GLU B 253 -14.70 -49.66 -9.10
N ARG B 254 -15.71 -49.44 -8.25
CA ARG B 254 -15.52 -49.24 -6.81
C ARG B 254 -15.13 -50.56 -6.12
N GLU B 255 -13.91 -50.61 -5.57
CA GLU B 255 -13.44 -51.73 -4.71
C GLU B 255 -13.49 -51.29 -3.25
N LEU B 256 -13.70 -52.25 -2.35
CA LEU B 256 -13.62 -52.04 -0.88
C LEU B 256 -12.75 -53.14 -0.25
N PRO B 257 -11.38 -53.04 -0.34
CA PRO B 257 -10.45 -54.00 0.29
C PRO B 257 -10.28 -53.72 1.80
N GLU B 258 -9.66 -54.70 2.49
CA GLU B 258 -9.28 -54.55 3.91
C GLU B 258 -8.08 -53.59 4.06
N LEU B 259 -7.69 -53.35 5.31
CA LEU B 259 -6.57 -52.44 5.63
C LEU B 259 -5.22 -53.13 5.27
N THR B 260 -4.89 -53.07 3.97
CA THR B 260 -3.69 -53.70 3.40
C THR B 260 -2.50 -52.73 3.43
N ALA B 261 -1.27 -53.29 3.49
CA ALA B 261 -0.01 -52.50 3.40
C ALA B 261 0.03 -51.68 2.10
N GLU B 262 -0.62 -52.24 1.07
CA GLU B 262 -0.84 -51.58 -0.24
C GLU B 262 -1.55 -50.23 -0.06
N PHE B 263 -2.55 -50.21 0.84
CA PHE B 263 -3.29 -48.99 1.18
C PHE B 263 -2.38 -48.08 2.03
N ILE B 264 -1.81 -48.67 3.12
CA ILE B 264 -0.99 -47.94 4.14
C ILE B 264 0.04 -47.01 3.47
N LYS B 265 0.75 -47.58 2.48
CA LYS B 265 1.79 -46.88 1.72
C LYS B 265 1.20 -45.83 0.76
N ARG B 266 0.06 -46.16 0.11
CA ARG B 266 -0.49 -45.31 -0.99
C ARG B 266 -1.22 -44.09 -0.40
N PHE B 267 -1.56 -44.21 0.89
CA PHE B 267 -2.09 -43.10 1.71
C PHE B 267 -1.02 -41.99 1.82
N GLY B 268 0.27 -42.40 1.76
CA GLY B 268 1.41 -41.49 1.86
C GLY B 268 2.37 -41.87 2.97
N VAL B 269 1.96 -42.85 3.82
CA VAL B 269 2.78 -43.32 4.95
C VAL B 269 3.77 -44.40 4.46
N GLU B 270 5.01 -43.97 4.21
CA GLU B 270 6.09 -44.82 3.66
C GLU B 270 6.49 -45.96 4.64
N ASP B 271 6.18 -45.75 5.94
CA ASP B 271 6.45 -46.72 7.04
C ASP B 271 5.91 -48.13 6.71
N GLY B 272 4.80 -48.18 5.96
CA GLY B 272 4.26 -49.44 5.43
C GLY B 272 3.46 -50.26 6.42
N SER B 273 3.78 -50.13 7.71
CA SER B 273 3.06 -50.80 8.81
C SER B 273 1.89 -49.94 9.28
N VAL B 274 0.78 -50.62 9.69
CA VAL B 274 -0.43 -49.98 10.25
C VAL B 274 -0.06 -49.07 11.44
N GLU B 275 0.91 -49.54 12.24
CA GLU B 275 1.48 -48.80 13.39
C GLU B 275 1.89 -47.37 12.99
N GLY B 276 2.46 -47.24 11.77
CA GLY B 276 2.84 -45.93 11.24
C GLY B 276 1.65 -45.15 10.69
N LEU B 277 0.66 -45.90 10.12
CA LEU B 277 -0.51 -45.31 9.42
C LEU B 277 -1.34 -44.51 10.43
N ARG B 278 -1.87 -45.24 11.42
CA ARG B 278 -2.74 -44.68 12.45
C ARG B 278 -1.96 -43.88 13.50
N ALA B 279 -0.60 -43.94 13.45
CA ALA B 279 0.26 -43.00 14.20
C ALA B 279 0.13 -41.62 13.57
N GLU B 280 0.43 -41.53 12.26
CA GLU B 280 0.30 -40.28 11.47
C GLU B 280 -1.12 -39.71 11.60
N VAL B 281 -2.11 -40.60 11.42
CA VAL B 281 -3.53 -40.26 11.59
C VAL B 281 -3.82 -39.78 13.02
N ARG B 282 -3.18 -40.40 14.04
CA ARG B 282 -3.32 -39.96 15.45
C ARG B 282 -2.84 -38.50 15.63
N LYS B 283 -1.72 -38.13 14.96
CA LYS B 283 -1.21 -36.73 14.96
C LYS B 283 -2.23 -35.77 14.31
N ASN B 284 -2.75 -36.16 13.12
CA ASN B 284 -3.73 -35.34 12.37
C ASN B 284 -5.00 -35.10 13.20
N MET B 285 -5.58 -36.22 13.68
CA MET B 285 -6.78 -36.24 14.55
C MET B 285 -6.59 -35.35 15.78
N GLU B 286 -5.40 -35.44 16.42
CA GLU B 286 -5.07 -34.65 17.63
C GLU B 286 -5.20 -33.13 17.37
N ARG B 287 -4.47 -32.66 16.34
CA ARG B 287 -4.42 -31.23 15.97
C ARG B 287 -5.82 -30.73 15.57
N GLU B 288 -6.53 -31.56 14.78
CA GLU B 288 -7.89 -31.28 14.31
C GLU B 288 -8.91 -31.45 15.45
N LEU B 289 -8.53 -32.14 16.54
CA LEU B 289 -9.37 -32.32 17.73
C LEU B 289 -9.38 -31.00 18.52
N LYS B 290 -8.18 -30.41 18.77
CA LYS B 290 -8.08 -29.06 19.41
C LYS B 290 -8.93 -28.05 18.62
N SER B 291 -8.65 -28.02 17.31
CA SER B 291 -9.31 -27.13 16.36
C SER B 291 -10.82 -27.36 16.34
N ALA B 292 -11.25 -28.64 16.37
CA ALA B 292 -12.68 -28.99 16.33
C ALA B 292 -13.42 -28.49 17.59
N ILE B 293 -12.84 -28.71 18.79
CA ILE B 293 -13.45 -28.25 20.06
C ILE B 293 -13.61 -26.72 20.05
N ARG B 294 -12.47 -26.02 19.86
CA ARG B 294 -12.42 -24.54 19.92
C ARG B 294 -13.32 -23.88 18.86
N ASN B 295 -13.22 -24.38 17.61
CA ASN B 295 -13.93 -23.79 16.46
C ASN B 295 -15.44 -24.09 16.50
N ARG B 296 -15.84 -25.30 16.94
CA ARG B 296 -17.28 -25.68 16.96
C ARG B 296 -18.01 -24.99 18.13
N VAL B 297 -17.38 -24.92 19.33
CA VAL B 297 -18.00 -24.22 20.48
C VAL B 297 -17.99 -22.69 20.23
N LYS B 298 -16.94 -22.20 19.54
CA LYS B 298 -16.87 -20.79 19.11
C LYS B 298 -17.99 -20.51 18.10
N SER B 299 -18.16 -21.40 17.10
CA SER B 299 -19.20 -21.27 16.06
C SER B 299 -20.60 -21.23 16.69
N GLN B 300 -20.79 -22.07 17.72
CA GLN B 300 -22.05 -22.09 18.51
C GLN B 300 -22.28 -20.73 19.20
N ALA B 301 -21.21 -20.20 19.81
CA ALA B 301 -21.22 -18.87 20.43
C ALA B 301 -21.49 -17.76 19.39
N ILE B 302 -20.92 -17.91 18.18
CA ILE B 302 -21.04 -16.92 17.08
C ILE B 302 -22.51 -16.84 16.62
N GLU B 303 -23.13 -18.02 16.48
CA GLU B 303 -24.57 -18.14 16.18
C GLU B 303 -25.41 -17.50 17.29
N GLY B 304 -24.95 -17.71 18.54
CA GLY B 304 -25.54 -17.08 19.70
C GLY B 304 -25.55 -15.56 19.62
N LEU B 305 -24.36 -14.97 19.32
CA LEU B 305 -24.15 -13.50 19.24
C LEU B 305 -25.02 -12.87 18.15
N VAL B 306 -24.97 -13.45 16.93
CA VAL B 306 -25.74 -12.96 15.78
C VAL B 306 -27.25 -13.03 16.08
N LYS B 307 -27.73 -14.25 16.39
CA LYS B 307 -29.17 -14.51 16.66
C LYS B 307 -29.68 -13.70 17.88
N ALA B 308 -28.76 -13.36 18.80
CA ALA B 308 -29.06 -12.48 19.93
C ALA B 308 -29.31 -11.04 19.43
N ASN B 309 -28.40 -10.53 18.57
CA ASN B 309 -28.35 -9.09 18.22
C ASN B 309 -27.76 -8.91 16.80
N ASP B 310 -28.62 -9.05 15.77
CA ASP B 310 -28.28 -8.69 14.39
C ASP B 310 -28.79 -7.27 14.12
N ILE B 311 -27.96 -6.44 13.45
CA ILE B 311 -28.13 -4.98 13.41
C ILE B 311 -28.10 -4.44 11.96
N ASP B 312 -28.34 -3.12 11.81
CA ASP B 312 -28.11 -2.38 10.57
C ASP B 312 -26.61 -2.04 10.48
N VAL B 313 -25.88 -2.88 9.74
CA VAL B 313 -24.42 -2.76 9.57
C VAL B 313 -24.09 -1.76 8.43
N PRO B 314 -23.12 -0.79 8.65
CA PRO B 314 -22.76 0.26 7.65
C PRO B 314 -22.27 -0.31 6.29
N ALA B 315 -22.96 0.09 5.20
CA ALA B 315 -22.80 -0.49 3.84
C ALA B 315 -21.40 -0.30 3.24
N ALA B 316 -20.63 0.67 3.78
CA ALA B 316 -19.22 0.91 3.37
C ALA B 316 -18.34 -0.31 3.75
N LEU B 317 -18.55 -0.81 4.99
CA LEU B 317 -17.83 -1.99 5.53
C LEU B 317 -18.22 -3.25 4.72
N ILE B 318 -19.51 -3.34 4.37
CA ILE B 318 -20.07 -4.44 3.57
C ILE B 318 -19.41 -4.47 2.19
N ASP B 319 -19.40 -3.32 1.47
CA ASP B 319 -18.88 -3.29 0.09
C ASP B 319 -17.35 -3.48 0.09
N SER B 320 -16.66 -3.02 1.16
CA SER B 320 -15.20 -3.25 1.33
C SER B 320 -14.90 -4.77 1.44
N GLU B 321 -15.66 -5.46 2.33
CA GLU B 321 -15.51 -6.91 2.55
C GLU B 321 -15.91 -7.71 1.29
N ILE B 322 -17.08 -7.36 0.74
CA ILE B 322 -17.57 -7.88 -0.57
C ILE B 322 -16.52 -7.64 -1.67
N ASP B 323 -15.81 -6.49 -1.62
CA ASP B 323 -14.80 -6.12 -2.66
C ASP B 323 -13.57 -7.05 -2.59
N VAL B 324 -13.09 -7.32 -1.37
CA VAL B 324 -12.00 -8.29 -1.14
C VAL B 324 -12.44 -9.68 -1.66
N LEU B 325 -13.67 -10.08 -1.28
CA LEU B 325 -14.30 -11.34 -1.70
C LEU B 325 -14.58 -11.36 -3.21
N ARG B 326 -14.79 -10.17 -3.83
CA ARG B 326 -15.07 -10.04 -5.27
C ARG B 326 -13.80 -10.38 -6.05
N ARG B 327 -12.71 -9.65 -5.73
CA ARG B 327 -11.39 -9.86 -6.34
C ARG B 327 -10.96 -11.33 -6.18
N GLN B 328 -11.09 -11.83 -4.94
CA GLN B 328 -10.58 -13.14 -4.53
C GLN B 328 -11.34 -14.30 -5.22
N ALA B 329 -12.69 -14.16 -5.29
CA ALA B 329 -13.57 -15.16 -5.94
C ALA B 329 -13.34 -15.18 -7.44
N ALA B 330 -13.29 -13.97 -8.03
CA ALA B 330 -13.14 -13.79 -9.48
C ALA B 330 -11.76 -14.26 -9.98
N GLN B 331 -10.75 -14.18 -9.10
CA GLN B 331 -9.40 -14.74 -9.36
C GLN B 331 -9.40 -16.29 -9.35
N ARG B 332 -10.51 -16.91 -8.92
CA ARG B 332 -10.72 -18.37 -9.04
C ARG B 332 -11.56 -18.65 -10.30
N PHE B 333 -12.68 -17.90 -10.43
CA PHE B 333 -13.59 -17.98 -11.58
C PHE B 333 -12.99 -17.22 -12.79
N GLY B 334 -11.97 -17.84 -13.40
CA GLY B 334 -11.30 -17.28 -14.57
C GLY B 334 -10.04 -16.50 -14.19
N GLY B 335 -10.23 -15.40 -13.42
CA GLY B 335 -9.15 -14.47 -13.07
C GLY B 335 -9.41 -13.09 -13.64
N ASN B 336 -10.65 -12.59 -13.44
CA ASN B 336 -11.13 -11.32 -14.03
C ASN B 336 -11.93 -10.53 -12.98
N GLU B 337 -11.49 -9.31 -12.66
CA GLU B 337 -12.15 -8.42 -11.67
C GLU B 337 -13.59 -8.07 -12.09
N LYS B 338 -13.84 -7.99 -13.41
CA LYS B 338 -15.17 -7.68 -13.97
C LYS B 338 -16.15 -8.84 -13.79
N GLN B 339 -15.61 -10.08 -13.77
CA GLN B 339 -16.41 -11.31 -13.54
C GLN B 339 -17.05 -11.29 -12.14
N ALA B 340 -16.36 -10.64 -11.19
CA ALA B 340 -16.81 -10.49 -9.80
C ALA B 340 -18.17 -9.79 -9.70
N LEU B 341 -18.31 -8.68 -10.47
CA LEU B 341 -19.54 -7.84 -10.49
C LEU B 341 -20.76 -8.63 -11.01
N GLU B 342 -20.51 -9.79 -11.63
CA GLU B 342 -21.56 -10.71 -12.08
C GLU B 342 -22.16 -11.48 -10.90
N LEU B 343 -21.29 -11.93 -9.95
CA LEU B 343 -21.72 -12.78 -8.81
C LEU B 343 -22.57 -11.95 -7.82
N PRO B 344 -23.83 -12.42 -7.47
CA PRO B 344 -24.69 -11.72 -6.49
C PRO B 344 -24.01 -11.60 -5.10
N ARG B 345 -23.95 -10.36 -4.58
CA ARG B 345 -23.30 -10.03 -3.29
C ARG B 345 -23.78 -10.94 -2.14
N GLU B 346 -25.04 -11.41 -2.24
CA GLU B 346 -25.70 -12.18 -1.18
C GLU B 346 -25.08 -13.59 -0.99
N LEU B 347 -24.18 -14.03 -1.91
CA LEU B 347 -23.39 -15.25 -1.68
C LEU B 347 -22.13 -14.92 -0.84
N PHE B 348 -21.62 -13.67 -1.00
CA PHE B 348 -20.46 -13.15 -0.23
C PHE B 348 -20.91 -12.69 1.16
N GLU B 349 -22.19 -12.27 1.22
CA GLU B 349 -22.83 -11.66 2.39
C GLU B 349 -22.88 -12.64 3.57
N GLU B 350 -22.97 -13.95 3.25
CA GLU B 350 -23.08 -15.02 4.26
C GLU B 350 -21.85 -15.00 5.21
N GLN B 351 -20.66 -14.67 4.66
CA GLN B 351 -19.43 -14.45 5.46
C GLN B 351 -19.36 -13.00 5.95
N ALA B 352 -19.59 -12.07 5.01
CA ALA B 352 -19.38 -10.62 5.22
C ALA B 352 -20.24 -10.08 6.38
N LYS B 353 -21.59 -10.18 6.22
CA LYS B 353 -22.58 -9.83 7.26
C LYS B 353 -22.21 -10.46 8.61
N ARG B 354 -21.86 -11.76 8.56
CA ARG B 354 -21.42 -12.52 9.75
C ARG B 354 -20.20 -11.83 10.41
N ARG B 355 -19.23 -11.40 9.57
CA ARG B 355 -17.92 -10.90 10.01
C ARG B 355 -18.04 -9.48 10.61
N VAL B 356 -18.92 -8.65 10.03
CA VAL B 356 -19.10 -7.25 10.45
C VAL B 356 -20.01 -7.15 11.69
N VAL B 357 -21.07 -8.01 11.75
CA VAL B 357 -21.95 -8.09 12.95
C VAL B 357 -21.14 -8.58 14.15
N VAL B 358 -20.48 -9.75 14.00
CA VAL B 358 -19.66 -10.35 15.07
C VAL B 358 -18.43 -9.47 15.38
N GLY B 359 -17.87 -8.82 14.34
CA GLY B 359 -16.74 -7.90 14.48
C GLY B 359 -17.09 -6.69 15.34
N LEU B 360 -18.34 -6.20 15.17
CA LEU B 360 -18.89 -5.10 15.99
C LEU B 360 -19.21 -5.56 17.43
N LEU B 361 -19.95 -6.69 17.57
CA LEU B 361 -20.39 -7.24 18.88
C LEU B 361 -19.18 -7.55 19.79
N LEU B 362 -18.28 -8.42 19.28
CA LEU B 362 -17.04 -8.80 19.99
C LEU B 362 -16.06 -7.61 20.08
N GLY B 363 -16.20 -6.64 19.15
CA GLY B 363 -15.45 -5.38 19.20
C GLY B 363 -15.75 -4.58 20.45
N GLU B 364 -17.05 -4.44 20.75
CA GLU B 364 -17.52 -3.75 21.96
C GLU B 364 -17.11 -4.52 23.24
N VAL B 365 -17.04 -5.87 23.15
CA VAL B 365 -16.62 -6.71 24.29
C VAL B 365 -15.17 -6.35 24.68
N ILE B 366 -14.23 -6.54 23.72
CA ILE B 366 -12.79 -6.37 23.97
C ILE B 366 -12.43 -4.91 24.28
N ARG B 367 -13.09 -3.96 23.60
CA ARG B 367 -12.76 -2.53 23.72
C ARG B 367 -13.38 -1.90 24.98
N THR B 368 -14.68 -2.17 25.26
CA THR B 368 -15.37 -1.62 26.46
C THR B 368 -14.84 -2.27 27.76
N ASN B 369 -14.58 -3.60 27.72
CA ASN B 369 -13.94 -4.30 28.87
C ASN B 369 -12.43 -4.02 28.90
N GLU B 370 -11.90 -3.42 27.81
CA GLU B 370 -10.50 -2.95 27.72
C GLU B 370 -9.51 -4.14 27.73
N LEU B 371 -10.01 -5.35 27.42
CA LEU B 371 -9.25 -6.60 27.59
C LEU B 371 -8.27 -6.77 26.42
N LYS B 372 -7.03 -7.12 26.77
CA LYS B 372 -5.91 -7.28 25.80
C LYS B 372 -5.55 -8.75 25.72
N ALA B 373 -4.61 -9.10 24.81
CA ALA B 373 -4.15 -10.48 24.61
C ALA B 373 -3.61 -11.06 25.94
N ASP B 374 -4.53 -11.71 26.70
CA ASP B 374 -4.25 -12.30 28.02
C ASP B 374 -3.07 -13.26 27.92
N GLU B 375 -2.14 -13.14 28.88
CA GLU B 375 -0.86 -13.89 28.90
C GLU B 375 -1.07 -15.37 28.58
N GLU B 376 -1.96 -16.02 29.33
CA GLU B 376 -2.24 -17.46 29.20
C GLU B 376 -3.04 -17.78 27.93
N ARG B 377 -3.80 -16.79 27.40
CA ARG B 377 -4.66 -16.99 26.21
C ARG B 377 -3.78 -17.02 24.95
N VAL B 378 -2.99 -15.94 24.77
CA VAL B 378 -2.11 -15.77 23.60
C VAL B 378 -0.94 -16.77 23.67
N LYS B 379 -0.28 -16.90 24.85
CA LYS B 379 0.79 -17.93 25.06
C LYS B 379 0.17 -19.35 25.03
N GLY B 380 -1.14 -19.46 25.38
CA GLY B 380 -1.87 -20.72 25.23
C GLY B 380 -1.89 -21.21 23.79
N LEU B 381 -2.56 -20.46 22.89
CA LEU B 381 -2.71 -20.87 21.47
C LEU B 381 -1.33 -20.94 20.74
N ILE B 382 -0.41 -20.03 21.12
CA ILE B 382 0.99 -20.07 20.65
C ILE B 382 1.67 -21.39 21.10
N GLU B 383 1.47 -21.80 22.37
CA GLU B 383 2.10 -23.05 22.90
C GLU B 383 1.47 -24.29 22.23
N GLU B 384 0.17 -24.20 21.92
CA GLU B 384 -0.57 -25.24 21.18
C GLU B 384 0.11 -25.51 19.82
N MET B 385 0.31 -24.46 19.02
CA MET B 385 0.97 -24.59 17.70
C MET B 385 2.51 -24.79 17.84
N ALA B 386 3.10 -24.33 18.97
CA ALA B 386 4.56 -24.39 19.21
C ALA B 386 4.99 -25.81 19.59
N SER B 387 4.07 -26.57 20.21
CA SER B 387 4.27 -28.00 20.52
C SER B 387 4.38 -28.83 19.21
N ALA B 388 3.81 -28.27 18.11
CA ALA B 388 3.89 -28.85 16.77
C ALA B 388 5.18 -28.43 16.03
N TYR B 389 5.92 -27.43 16.59
CA TYR B 389 7.24 -26.99 16.05
C TYR B 389 8.37 -27.71 16.80
N GLU B 390 9.63 -27.33 16.49
CA GLU B 390 10.83 -27.96 17.08
C GLU B 390 10.93 -27.62 18.58
N ASP B 391 11.01 -26.32 18.88
CA ASP B 391 11.21 -25.81 20.24
C ASP B 391 10.26 -24.63 20.50
N PRO B 392 9.42 -24.68 21.60
CA PRO B 392 8.39 -23.66 21.86
C PRO B 392 8.99 -22.29 22.24
N LYS B 393 10.10 -22.29 23.02
CA LYS B 393 10.70 -21.07 23.60
C LYS B 393 11.08 -20.06 22.49
N GLU B 394 11.58 -20.59 21.36
CA GLU B 394 11.97 -19.76 20.20
C GLU B 394 10.74 -19.13 19.53
N VAL B 395 9.61 -19.88 19.53
CA VAL B 395 8.36 -19.46 18.87
C VAL B 395 7.78 -18.28 19.66
N ILE B 396 7.61 -18.51 20.96
CA ILE B 396 7.02 -17.56 21.89
C ILE B 396 7.88 -16.27 21.97
N GLU B 397 9.23 -16.45 22.04
CA GLU B 397 10.18 -15.32 22.16
C GLU B 397 10.24 -14.46 20.87
N PHE B 398 10.38 -15.12 19.69
CA PHE B 398 10.50 -14.40 18.40
C PHE B 398 9.20 -13.65 18.08
N TYR B 399 8.06 -14.35 18.26
CA TYR B 399 6.74 -13.77 17.98
C TYR B 399 6.49 -12.56 18.90
N SER B 400 6.81 -12.74 20.22
CA SER B 400 6.71 -11.66 21.24
C SER B 400 7.50 -10.40 20.82
N LYS B 401 8.63 -10.61 20.12
CA LYS B 401 9.48 -9.52 19.62
C LYS B 401 8.89 -8.90 18.34
N ASN B 402 8.24 -9.74 17.52
CA ASN B 402 7.75 -9.34 16.20
C ASN B 402 6.38 -8.67 16.36
N LYS B 403 6.36 -7.33 16.27
CA LYS B 403 5.13 -6.50 16.42
C LYS B 403 3.99 -7.03 15.54
N GLU B 404 4.29 -7.24 14.25
CA GLU B 404 3.27 -7.49 13.21
C GLU B 404 2.68 -8.90 13.34
N LEU B 405 3.54 -9.87 13.69
CA LEU B 405 3.12 -11.27 13.89
C LEU B 405 2.27 -11.33 15.18
N MET B 406 2.79 -10.71 16.25
CA MET B 406 2.10 -10.65 17.56
C MET B 406 0.79 -9.88 17.46
N ASP B 407 0.68 -8.95 16.49
CA ASP B 407 -0.54 -8.16 16.25
C ASP B 407 -1.66 -9.07 15.71
N ASN B 408 -1.27 -10.01 14.84
CA ASN B 408 -2.16 -11.01 14.25
C ASN B 408 -2.56 -12.06 15.31
N MET B 409 -1.58 -12.45 16.15
CA MET B 409 -1.82 -13.39 17.27
C MET B 409 -2.65 -12.72 18.37
N ARG B 410 -2.53 -11.39 18.46
CA ARG B 410 -3.31 -10.53 19.38
C ARG B 410 -4.76 -10.48 18.88
N ASN B 411 -4.90 -10.37 17.55
CA ASN B 411 -6.19 -10.34 16.85
C ASN B 411 -6.99 -11.62 17.13
N VAL B 412 -6.38 -12.78 16.80
CA VAL B 412 -7.04 -14.10 16.96
C VAL B 412 -7.25 -14.45 18.46
N ALA B 413 -6.34 -13.95 19.34
CA ALA B 413 -6.45 -14.14 20.79
C ALA B 413 -7.60 -13.31 21.36
N LEU B 414 -7.79 -12.09 20.82
CA LEU B 414 -8.89 -11.20 21.26
C LEU B 414 -10.25 -11.68 20.76
N GLU B 415 -10.30 -12.27 19.57
CA GLU B 415 -11.54 -12.92 19.06
C GLU B 415 -11.89 -14.13 19.94
N GLU B 416 -10.87 -14.98 20.18
CA GLU B 416 -10.99 -16.18 21.04
C GLU B 416 -11.44 -15.80 22.46
N GLN B 417 -10.86 -14.68 22.97
CA GLN B 417 -11.05 -14.23 24.36
C GLN B 417 -12.29 -13.33 24.49
N ALA B 418 -12.76 -12.76 23.36
CA ALA B 418 -14.03 -12.00 23.32
C ALA B 418 -15.19 -12.97 23.43
N VAL B 419 -15.08 -14.05 22.65
CA VAL B 419 -15.96 -15.22 22.76
C VAL B 419 -15.89 -15.77 24.19
N GLU B 420 -14.67 -16.03 24.69
CA GLU B 420 -14.43 -16.60 26.05
C GLU B 420 -15.05 -15.70 27.16
N ALA B 421 -14.93 -14.36 26.96
CA ALA B 421 -15.48 -13.35 27.89
C ALA B 421 -17.02 -13.40 27.94
N VAL B 422 -17.66 -13.56 26.75
CA VAL B 422 -19.13 -13.67 26.68
C VAL B 422 -19.58 -15.06 27.17
N LEU B 423 -18.70 -16.10 27.03
CA LEU B 423 -18.99 -17.49 27.51
C LEU B 423 -19.00 -17.52 29.04
N ALA B 424 -18.13 -16.71 29.65
CA ALA B 424 -18.08 -16.51 31.12
C ALA B 424 -19.43 -15.95 31.62
N LYS B 425 -20.00 -15.02 30.84
CA LYS B 425 -21.29 -14.38 31.14
C LYS B 425 -22.47 -15.24 30.62
N ALA B 426 -22.16 -16.25 29.77
CA ALA B 426 -23.17 -17.09 29.12
C ALA B 426 -23.43 -18.38 29.89
N LYS B 427 -24.56 -19.02 29.55
CA LYS B 427 -24.94 -20.31 30.10
C LYS B 427 -24.19 -21.42 29.35
N VAL B 428 -23.09 -21.89 29.95
CA VAL B 428 -22.29 -23.00 29.43
C VAL B 428 -23.00 -24.33 29.74
N THR B 429 -23.19 -25.14 28.70
CA THR B 429 -23.89 -26.42 28.77
C THR B 429 -23.06 -27.47 28.01
N GLU B 430 -22.24 -28.22 28.77
CA GLU B 430 -21.30 -29.24 28.24
C GLU B 430 -22.04 -30.58 28.01
N LYS B 431 -21.84 -31.16 26.83
CA LYS B 431 -22.56 -32.37 26.37
C LYS B 431 -21.58 -33.45 25.93
N GLU B 432 -21.80 -34.70 26.39
CA GLU B 432 -21.05 -35.88 25.93
C GLU B 432 -21.33 -36.15 24.44
N THR B 433 -20.37 -35.76 23.60
CA THR B 433 -20.43 -35.91 22.14
C THR B 433 -19.36 -36.93 21.68
N THR B 434 -19.53 -37.50 20.48
CA THR B 434 -18.61 -38.50 19.90
C THR B 434 -17.91 -37.89 18.64
N PHE B 435 -16.71 -38.41 18.29
CA PHE B 435 -15.77 -37.80 17.30
C PHE B 435 -16.42 -37.47 15.94
N ASN B 436 -17.31 -38.34 15.47
CA ASN B 436 -17.93 -38.21 14.13
C ASN B 436 -18.89 -36.99 14.08
N GLU B 437 -19.72 -36.87 15.14
CA GLU B 437 -20.74 -35.82 15.29
C GLU B 437 -20.15 -34.55 15.95
N LEU B 438 -18.88 -34.61 16.35
CA LEU B 438 -18.10 -33.42 16.74
C LEU B 438 -17.96 -32.46 15.54
N MET B 439 -17.53 -33.04 14.42
CA MET B 439 -17.30 -32.32 13.15
C MET B 439 -18.59 -32.27 12.30
N ASN B 440 -19.64 -32.94 12.80
CA ASN B 440 -21.01 -32.91 12.25
C ASN B 440 -21.96 -32.48 13.38
N GLN B 441 -21.89 -31.19 13.76
CA GLN B 441 -22.77 -30.58 14.79
C GLN B 441 -24.21 -30.38 14.25
N GLN B 442 -24.99 -29.49 14.91
CA GLN B 442 -26.40 -29.22 14.53
C GLN B 442 -26.54 -28.77 13.07
N ALA B 443 -25.58 -27.96 12.62
CA ALA B 443 -25.47 -27.49 11.23
C ALA B 443 -24.34 -28.27 10.52
N MET A 12 15.82 -22.75 11.45
CA MET A 12 15.48 -22.73 10.00
C MET A 12 16.80 -22.61 9.20
N GLN A 13 16.85 -23.21 7.99
CA GLN A 13 18.05 -23.23 7.10
C GLN A 13 18.58 -21.81 6.76
N VAL A 14 19.46 -21.27 7.63
CA VAL A 14 20.04 -19.91 7.48
C VAL A 14 21.55 -19.92 7.76
N SER A 15 22.26 -18.85 7.31
CA SER A 15 23.71 -18.70 7.53
C SER A 15 24.08 -17.23 7.78
N VAL A 16 24.23 -16.83 9.06
CA VAL A 16 24.65 -15.47 9.44
C VAL A 16 26.19 -15.29 9.25
N GLU A 17 26.60 -14.17 8.65
CA GLU A 17 28.01 -13.80 8.45
C GLU A 17 28.15 -12.27 8.50
N THR A 18 29.08 -11.77 9.33
CA THR A 18 29.39 -10.34 9.40
C THR A 18 30.09 -9.90 8.10
N THR A 19 29.40 -9.09 7.29
CA THR A 19 29.90 -8.63 5.99
C THR A 19 30.75 -7.36 6.16
N GLN A 20 30.19 -6.36 6.88
CA GLN A 20 30.88 -5.09 7.15
C GLN A 20 30.41 -4.54 8.51
N GLY A 21 31.13 -4.95 9.58
CA GLY A 21 31.00 -4.38 10.93
C GLY A 21 29.59 -4.47 11.51
N LEU A 22 28.77 -3.46 11.17
CA LEU A 22 27.35 -3.40 11.54
C LEU A 22 26.58 -4.48 10.75
N GLY A 23 26.77 -4.43 9.41
CA GLY A 23 26.09 -5.29 8.46
C GLY A 23 26.47 -6.76 8.58
N ARG A 24 25.46 -7.63 8.76
CA ARG A 24 25.63 -9.09 8.92
C ARG A 24 24.58 -9.82 8.08
N ARG A 25 25.05 -10.46 7.00
CA ARG A 25 24.23 -11.19 6.03
C ARG A 25 23.74 -12.52 6.62
N VAL A 26 22.46 -12.59 6.98
CA VAL A 26 21.77 -13.85 7.30
C VAL A 26 21.20 -14.44 6.00
N THR A 27 22.00 -15.28 5.35
CA THR A 27 21.62 -16.00 4.11
C THR A 27 20.50 -17.03 4.44
N ILE A 28 19.24 -16.66 4.13
CA ILE A 28 18.05 -17.47 4.44
C ILE A 28 17.59 -18.23 3.20
N THR A 29 17.37 -19.56 3.33
CA THR A 29 16.85 -20.39 2.23
C THR A 29 15.40 -20.83 2.52
N ILE A 30 14.44 -20.29 1.75
CA ILE A 30 13.02 -20.67 1.85
C ILE A 30 12.75 -21.83 0.88
N ALA A 31 12.29 -22.99 1.40
CA ALA A 31 12.11 -24.23 0.61
C ALA A 31 11.00 -24.09 -0.46
N ALA A 32 11.25 -24.68 -1.66
CA ALA A 32 10.41 -24.54 -2.88
C ALA A 32 8.94 -24.92 -2.64
N ASP A 33 8.75 -26.12 -2.05
CA ASP A 33 7.42 -26.67 -1.73
C ASP A 33 6.68 -25.76 -0.73
N SER A 34 7.44 -25.26 0.26
CA SER A 34 6.92 -24.39 1.33
C SER A 34 6.51 -23.01 0.79
N ILE A 35 7.22 -22.55 -0.29
CA ILE A 35 6.87 -21.31 -0.99
C ILE A 35 5.55 -21.51 -1.74
N GLU A 36 5.51 -22.51 -2.65
CA GLU A 36 4.37 -22.72 -3.58
C GLU A 36 3.07 -22.97 -2.79
N THR A 37 3.16 -23.77 -1.71
CA THR A 37 2.05 -24.02 -0.78
C THR A 37 1.55 -22.69 -0.17
N ALA A 38 2.49 -21.86 0.31
CA ALA A 38 2.18 -20.53 0.87
C ALA A 38 1.60 -19.59 -0.19
N VAL A 39 1.98 -19.78 -1.47
CA VAL A 39 1.47 -18.96 -2.59
C VAL A 39 -0.01 -19.25 -2.83
N LYS A 40 -0.33 -20.54 -3.00
CA LYS A 40 -1.69 -21.01 -3.26
C LYS A 40 -2.64 -20.73 -2.06
N SER A 41 -2.07 -20.82 -0.84
CA SER A 41 -2.79 -20.49 0.40
C SER A 41 -3.10 -18.98 0.46
N GLU A 42 -2.10 -18.11 0.21
CA GLU A 42 -2.29 -16.65 0.23
C GLU A 42 -3.15 -16.17 -0.96
N LEU A 43 -3.18 -16.97 -2.04
CA LEU A 43 -4.04 -16.71 -3.21
C LEU A 43 -5.52 -16.96 -2.86
N VAL A 44 -5.83 -18.11 -2.21
CA VAL A 44 -7.22 -18.42 -1.81
C VAL A 44 -7.69 -17.47 -0.66
N ASN A 45 -6.72 -17.07 0.22
CA ASN A 45 -6.94 -16.07 1.29
C ASN A 45 -7.39 -14.74 0.67
N VAL A 46 -6.52 -14.16 -0.20
CA VAL A 46 -6.75 -12.85 -0.84
C VAL A 46 -8.02 -12.92 -1.74
N ALA A 47 -8.32 -14.11 -2.28
CA ALA A 47 -9.53 -14.36 -3.08
C ALA A 47 -10.82 -14.33 -2.21
N LYS A 48 -10.71 -14.72 -0.92
CA LYS A 48 -11.86 -14.61 0.03
C LYS A 48 -12.01 -13.15 0.54
N LYS A 49 -10.87 -12.57 0.95
CA LYS A 49 -10.81 -11.30 1.70
C LYS A 49 -11.11 -10.08 0.78
N VAL A 50 -10.34 -9.99 -0.30
CA VAL A 50 -10.48 -8.90 -1.29
C VAL A 50 -11.66 -9.22 -2.26
N ARG A 51 -12.11 -10.51 -2.20
CA ARG A 51 -13.32 -11.04 -2.91
C ARG A 51 -13.05 -11.29 -4.42
N ILE A 52 -11.91 -10.79 -4.95
CA ILE A 52 -11.55 -10.93 -6.36
C ILE A 52 -11.10 -12.38 -6.69
N ASP A 53 -11.88 -13.04 -7.54
CA ASP A 53 -11.61 -14.41 -8.00
C ASP A 53 -10.81 -14.39 -9.33
N GLY A 54 -11.07 -13.34 -10.13
CA GLY A 54 -10.46 -13.17 -11.44
C GLY A 54 -11.51 -12.93 -12.51
N PHE A 55 -12.48 -13.87 -12.60
CA PHE A 55 -13.54 -13.85 -13.63
C PHE A 55 -14.92 -13.44 -13.04
N ARG A 56 -15.65 -14.42 -12.49
CA ARG A 56 -17.09 -14.30 -12.18
C ARG A 56 -17.48 -15.18 -10.97
N LYS A 57 -16.67 -16.23 -10.71
CA LYS A 57 -16.98 -17.25 -9.68
C LYS A 57 -15.65 -17.74 -9.08
N GLY A 58 -14.73 -18.12 -9.97
CA GLY A 58 -13.40 -18.62 -9.60
C GLY A 58 -12.55 -18.83 -10.83
N LYS A 59 -12.31 -20.13 -11.16
CA LYS A 59 -11.64 -20.57 -12.40
C LYS A 59 -10.15 -20.16 -12.44
N VAL A 60 -9.27 -21.18 -12.29
CA VAL A 60 -7.80 -21.05 -12.09
C VAL A 60 -7.43 -19.86 -11.16
N PRO A 61 -7.74 -19.95 -9.83
CA PRO A 61 -7.46 -18.88 -8.86
C PRO A 61 -6.15 -19.08 -8.03
N MET A 62 -5.54 -20.32 -8.07
CA MET A 62 -4.29 -20.57 -7.31
C MET A 62 -3.48 -21.77 -7.87
N ASN A 63 -4.19 -22.89 -8.15
CA ASN A 63 -3.63 -24.26 -8.32
C ASN A 63 -2.40 -24.30 -9.25
N ILE A 64 -2.63 -24.05 -10.55
CA ILE A 64 -1.56 -23.99 -11.56
C ILE A 64 -0.92 -22.59 -11.59
N VAL A 65 -1.72 -21.58 -11.16
CA VAL A 65 -1.41 -20.14 -11.30
C VAL A 65 -0.07 -19.79 -10.66
N ALA A 66 0.14 -20.33 -9.44
CA ALA A 66 1.38 -20.14 -8.67
C ALA A 66 2.64 -20.47 -9.50
N GLN A 67 2.77 -21.76 -9.87
CA GLN A 67 3.95 -22.31 -10.55
C GLN A 67 4.09 -21.73 -11.98
N ARG A 68 2.95 -21.54 -12.68
CA ARG A 68 2.91 -21.04 -14.06
C ARG A 68 3.36 -19.57 -14.15
N TYR A 69 2.54 -18.65 -13.62
CA TYR A 69 2.74 -17.19 -13.78
C TYR A 69 2.43 -16.41 -12.49
N GLY A 70 2.64 -17.06 -11.31
CA GLY A 70 2.43 -16.39 -10.02
C GLY A 70 3.63 -15.53 -9.61
N ALA A 71 3.82 -14.41 -10.31
CA ALA A 71 4.94 -13.46 -10.05
C ALA A 71 4.54 -12.41 -8.99
N SER A 72 3.38 -11.76 -9.23
CA SER A 72 2.91 -10.61 -8.42
C SER A 72 2.52 -11.01 -6.99
N VAL A 73 2.00 -12.24 -6.84
CA VAL A 73 1.59 -12.82 -5.54
C VAL A 73 2.81 -13.02 -4.59
N ARG A 74 4.01 -13.22 -5.17
CA ARG A 74 5.26 -13.41 -4.41
C ARG A 74 5.61 -12.16 -3.55
N GLN A 75 4.97 -11.01 -3.84
CA GLN A 75 5.05 -9.80 -2.99
C GLN A 75 4.58 -10.11 -1.57
N ASP A 76 3.30 -10.50 -1.46
CA ASP A 76 2.64 -10.81 -0.18
C ASP A 76 3.22 -12.08 0.43
N VAL A 77 3.41 -13.12 -0.43
CA VAL A 77 3.90 -14.43 0.00
C VAL A 77 5.31 -14.35 0.55
N LEU A 78 6.31 -13.95 -0.29
CA LEU A 78 7.70 -13.81 0.19
C LEU A 78 7.78 -12.68 1.22
N GLY A 79 6.86 -11.69 1.14
CA GLY A 79 6.72 -10.67 2.18
C GLY A 79 6.39 -11.26 3.55
N ASP A 80 5.63 -12.38 3.56
CA ASP A 80 5.35 -13.13 4.79
C ASP A 80 6.54 -14.04 5.13
N LEU A 81 7.00 -14.81 4.11
CA LEU A 81 8.00 -15.89 4.26
C LEU A 81 9.37 -15.37 4.72
N MET A 82 9.66 -14.09 4.36
CA MET A 82 10.88 -13.39 4.82
C MET A 82 10.87 -13.40 6.34
N SER A 83 9.89 -12.72 6.95
CA SER A 83 9.73 -12.64 8.42
C SER A 83 9.29 -13.98 9.04
N ARG A 84 8.73 -14.91 8.23
CA ARG A 84 8.26 -16.24 8.70
C ARG A 84 9.46 -17.11 9.09
N ASN A 85 10.48 -17.10 8.22
CA ASN A 85 11.72 -17.86 8.44
C ASN A 85 12.77 -17.02 9.19
N PHE A 86 12.70 -15.69 9.02
CA PHE A 86 13.61 -14.72 9.68
C PHE A 86 13.34 -14.70 11.17
N ILE A 87 12.04 -14.76 11.58
CA ILE A 87 11.70 -14.75 13.00
C ILE A 87 12.36 -15.95 13.70
N ASP A 88 12.18 -17.18 13.17
CA ASP A 88 12.79 -18.38 13.76
C ASP A 88 14.33 -18.26 13.76
N ALA A 89 14.87 -17.80 12.62
CA ALA A 89 16.34 -17.62 12.42
C ALA A 89 16.98 -16.71 13.50
N ILE A 90 16.28 -15.62 13.87
CA ILE A 90 16.81 -14.62 14.83
C ILE A 90 16.60 -15.05 16.29
N ILE A 91 15.92 -16.19 16.47
CA ILE A 91 15.68 -16.80 17.79
C ILE A 91 16.86 -17.77 18.13
N LYS A 92 17.63 -18.13 17.09
CA LYS A 92 18.83 -18.98 17.20
C LYS A 92 20.04 -18.17 17.70
N GLU A 93 20.62 -17.34 16.82
CA GLU A 93 21.80 -16.52 17.13
C GLU A 93 21.46 -15.26 17.96
N LYS A 94 20.14 -15.10 18.31
CA LYS A 94 19.63 -14.01 19.15
C LYS A 94 19.96 -12.65 18.51
N ILE A 95 19.49 -12.49 17.27
CA ILE A 95 19.81 -11.36 16.39
C ILE A 95 19.09 -10.07 16.84
N ASN A 96 19.85 -8.95 16.90
CA ASN A 96 19.31 -7.62 17.27
C ASN A 96 19.70 -6.59 16.17
N PRO A 97 18.77 -6.32 15.18
CA PRO A 97 18.98 -5.28 14.12
C PRO A 97 18.72 -3.84 14.62
N ALA A 98 19.10 -2.85 13.78
CA ALA A 98 18.81 -1.43 14.02
C ALA A 98 17.41 -1.10 13.48
N GLY A 99 16.38 -1.62 14.18
CA GLY A 99 14.99 -1.50 13.75
C GLY A 99 14.63 -2.53 12.68
N ALA A 100 15.18 -2.32 11.47
CA ALA A 100 14.90 -3.18 10.29
C ALA A 100 16.21 -3.79 9.74
N PRO A 101 16.15 -5.01 9.11
CA PRO A 101 17.27 -5.58 8.32
C PRO A 101 17.16 -5.24 6.81
N THR A 102 18.32 -5.21 6.11
CA THR A 102 18.37 -4.99 4.66
C THR A 102 18.01 -6.29 3.92
N TYR A 103 16.77 -6.36 3.40
CA TYR A 103 16.32 -7.45 2.55
C TYR A 103 16.95 -7.31 1.16
N VAL A 104 17.98 -8.11 0.89
CA VAL A 104 18.62 -8.23 -0.43
C VAL A 104 18.08 -9.50 -1.11
N PRO A 105 17.02 -9.39 -1.96
CA PRO A 105 16.48 -10.53 -2.71
C PRO A 105 17.19 -10.68 -4.07
N GLY A 106 16.58 -11.44 -4.99
CA GLY A 106 17.12 -11.61 -6.34
C GLY A 106 16.04 -12.03 -7.31
N GLU A 107 16.46 -12.37 -8.53
CA GLU A 107 15.55 -12.81 -9.60
C GLU A 107 14.95 -14.19 -9.19
N TYR A 108 13.65 -14.19 -8.85
CA TYR A 108 12.95 -15.39 -8.35
C TYR A 108 12.80 -16.45 -9.47
N LYS A 109 13.44 -17.60 -9.25
CA LYS A 109 13.33 -18.80 -10.10
C LYS A 109 11.99 -19.50 -9.77
N LEU A 110 11.13 -19.74 -10.79
CA LEU A 110 9.71 -20.11 -10.61
C LEU A 110 9.54 -21.42 -9.81
N GLY A 111 9.00 -21.28 -8.58
CA GLY A 111 8.72 -22.41 -7.69
C GLY A 111 9.97 -23.11 -7.18
N GLU A 112 11.06 -22.34 -7.02
CA GLU A 112 12.36 -22.86 -6.57
C GLU A 112 12.63 -22.42 -5.11
N ASP A 113 13.61 -23.07 -4.47
CA ASP A 113 14.06 -22.70 -3.10
C ASP A 113 14.71 -21.30 -3.14
N PHE A 114 14.02 -20.30 -2.56
CA PHE A 114 14.46 -18.90 -2.65
C PHE A 114 15.47 -18.58 -1.53
N THR A 115 16.75 -18.75 -1.87
CA THR A 115 17.86 -18.29 -1.05
C THR A 115 18.11 -16.80 -1.33
N TYR A 116 18.24 -16.01 -0.26
CA TYR A 116 18.46 -14.56 -0.34
C TYR A 116 19.21 -14.06 0.90
N SER A 117 19.70 -12.82 0.84
CA SER A 117 20.61 -12.23 1.83
C SER A 117 19.86 -11.22 2.72
N VAL A 118 19.69 -11.52 4.02
CA VAL A 118 19.07 -10.57 4.97
C VAL A 118 20.17 -9.90 5.83
N GLU A 119 20.72 -8.81 5.30
CA GLU A 119 21.86 -8.12 5.93
C GLU A 119 21.38 -7.12 6.97
N PHE A 120 21.26 -7.56 8.24
CA PHE A 120 20.89 -6.65 9.34
C PHE A 120 22.14 -5.88 9.79
N GLU A 121 22.05 -4.56 9.80
CA GLU A 121 23.04 -3.72 10.47
C GLU A 121 22.61 -3.60 11.94
N VAL A 122 23.50 -3.95 12.88
CA VAL A 122 23.29 -3.66 14.32
C VAL A 122 23.34 -2.13 14.52
N TYR A 123 22.69 -1.64 15.60
CA TYR A 123 22.51 -0.20 15.85
C TYR A 123 23.88 0.53 15.89
N PRO A 124 24.19 1.38 14.85
CA PRO A 124 25.49 2.09 14.78
C PRO A 124 25.61 3.13 15.89
N GLU A 125 26.66 2.98 16.71
CA GLU A 125 26.99 3.93 17.78
C GLU A 125 27.56 5.18 17.09
N VAL A 126 26.63 6.07 16.70
CA VAL A 126 26.91 7.20 15.80
C VAL A 126 27.74 8.29 16.51
N GLU A 127 28.97 8.49 16.00
CA GLU A 127 29.88 9.54 16.47
C GLU A 127 29.38 10.90 15.96
N LEU A 128 29.22 11.84 16.88
CA LEU A 128 28.95 13.25 16.59
C LEU A 128 30.00 14.08 17.34
N GLN A 129 30.76 14.85 16.58
CA GLN A 129 31.96 15.55 17.06
C GLN A 129 32.20 16.76 16.15
N GLY A 130 32.92 17.77 16.68
CA GLY A 130 33.17 19.00 15.94
C GLY A 130 31.95 19.90 15.92
N LEU A 131 31.27 19.99 17.09
CA LEU A 131 30.05 20.81 17.28
C LEU A 131 30.33 22.27 16.90
N GLU A 132 31.52 22.75 17.27
CA GLU A 132 31.99 24.11 16.94
C GLU A 132 32.58 24.19 15.52
N ALA A 133 32.93 23.02 14.93
CA ALA A 133 33.43 22.94 13.53
C ALA A 133 32.27 23.14 12.56
N ILE A 134 31.08 22.72 13.00
CA ILE A 134 29.80 22.97 12.31
C ILE A 134 29.58 24.49 12.16
N GLU A 135 29.93 25.03 10.97
CA GLU A 135 29.68 26.43 10.64
C GLU A 135 28.23 26.57 10.17
N VAL A 136 27.49 27.38 10.91
CA VAL A 136 26.09 27.71 10.61
C VAL A 136 26.04 29.15 10.09
N GLU A 137 25.01 29.48 9.29
CA GLU A 137 24.87 30.81 8.69
C GLU A 137 23.46 31.31 8.99
N LYS A 138 23.37 32.38 9.81
CA LYS A 138 22.12 33.13 10.01
C LYS A 138 22.09 34.30 9.01
N PRO A 139 21.23 34.25 7.95
CA PRO A 139 21.15 35.32 6.95
C PRO A 139 20.38 36.54 7.51
N ILE A 140 21.14 37.55 7.96
CA ILE A 140 20.57 38.78 8.52
C ILE A 140 19.89 39.59 7.40
N VAL A 141 18.55 39.48 7.35
CA VAL A 141 17.66 40.22 6.43
C VAL A 141 16.36 40.61 7.16
N GLU A 142 15.80 41.75 6.75
CA GLU A 142 14.43 42.17 7.10
C GLU A 142 13.80 42.79 5.86
N VAL A 143 12.49 42.55 5.67
CA VAL A 143 11.72 43.12 4.55
C VAL A 143 11.65 44.66 4.68
N THR A 144 12.64 45.32 4.07
CA THR A 144 12.69 46.78 3.92
C THR A 144 11.95 47.16 2.65
N ASP A 145 11.43 48.41 2.58
CA ASP A 145 10.68 48.90 1.40
C ASP A 145 11.58 48.93 0.14
N ALA A 146 12.90 49.07 0.35
CA ALA A 146 13.92 48.97 -0.71
C ALA A 146 14.00 47.52 -1.25
N ASP A 147 14.01 46.54 -0.32
CA ASP A 147 13.96 45.10 -0.68
C ASP A 147 12.65 44.78 -1.44
N VAL A 148 11.53 45.42 -1.02
CA VAL A 148 10.21 45.23 -1.65
C VAL A 148 10.26 45.69 -3.10
N ASP A 149 10.54 46.99 -3.32
CA ASP A 149 10.56 47.61 -4.67
C ASP A 149 11.55 46.93 -5.61
N GLY A 150 12.74 46.58 -5.09
CA GLY A 150 13.77 45.91 -5.87
C GLY A 150 13.35 44.53 -6.35
N MET A 151 12.93 43.68 -5.39
CA MET A 151 12.51 42.28 -5.67
C MET A 151 11.18 42.25 -6.47
N LEU A 152 10.32 43.25 -6.23
CA LEU A 152 9.01 43.38 -6.91
C LEU A 152 9.26 43.67 -8.39
N ASP A 153 10.16 44.64 -8.63
CA ASP A 153 10.62 45.01 -9.98
C ASP A 153 11.16 43.75 -10.68
N THR A 154 12.04 43.01 -9.97
CA THR A 154 12.64 41.77 -10.47
C THR A 154 11.57 40.74 -10.93
N LEU A 155 10.54 40.47 -10.08
CA LEU A 155 9.52 39.46 -10.40
C LEU A 155 8.53 39.95 -11.48
N ARG A 156 8.34 41.29 -11.61
CA ARG A 156 7.47 41.85 -12.68
C ARG A 156 8.26 42.10 -13.97
N LYS A 157 9.59 41.96 -13.92
CA LYS A 157 10.44 41.97 -15.12
C LYS A 157 10.69 40.52 -15.61
N GLN A 158 10.66 39.54 -14.69
CA GLN A 158 10.79 38.11 -15.06
C GLN A 158 9.44 37.52 -15.51
N GLN A 159 8.41 37.63 -14.66
CA GLN A 159 7.05 37.10 -14.94
C GLN A 159 6.19 38.16 -15.69
N ALA A 160 6.85 39.06 -16.45
CA ALA A 160 6.17 40.12 -17.23
C ALA A 160 5.36 39.56 -18.42
N THR A 161 4.65 40.49 -19.09
CA THR A 161 3.78 40.19 -20.23
C THR A 161 4.58 39.79 -21.50
N TRP A 162 3.85 39.51 -22.61
CA TRP A 162 4.45 39.00 -23.87
C TRP A 162 3.84 39.73 -25.09
N LYS A 163 4.57 39.70 -26.22
CA LYS A 163 4.15 40.32 -27.49
C LYS A 163 4.18 39.24 -28.61
N GLU A 164 2.99 38.84 -29.09
CA GLU A 164 2.83 37.75 -30.09
C GLU A 164 3.60 38.06 -31.38
N LYS A 165 4.34 37.06 -31.87
CA LYS A 165 5.32 37.24 -32.95
C LYS A 165 4.98 36.36 -34.16
N ASP A 166 4.68 37.00 -35.30
CA ASP A 166 4.68 36.33 -36.61
C ASP A 166 6.11 36.35 -37.14
N GLY A 167 6.85 35.26 -36.91
CA GLY A 167 8.24 35.18 -37.33
C GLY A 167 8.96 33.99 -36.74
N ALA A 168 10.25 33.88 -37.05
CA ALA A 168 11.10 32.78 -36.60
C ALA A 168 11.48 32.95 -35.12
N VAL A 169 11.42 31.83 -34.39
CA VAL A 169 11.74 31.77 -32.96
C VAL A 169 13.24 32.04 -32.75
N GLU A 170 13.56 32.99 -31.87
CA GLU A 170 14.94 33.26 -31.44
C GLU A 170 15.37 32.26 -30.36
N ALA A 171 16.67 32.23 -30.09
CA ALA A 171 17.27 31.45 -28.99
C ALA A 171 16.83 32.02 -27.62
N GLU A 172 16.31 33.26 -27.62
CA GLU A 172 15.79 33.94 -26.42
C GLU A 172 14.33 34.42 -26.63
N ASP A 173 13.51 33.63 -27.36
CA ASP A 173 12.04 33.84 -27.42
C ASP A 173 11.29 32.90 -26.46
N ARG A 174 9.99 33.18 -26.26
CA ARG A 174 9.04 32.20 -25.74
C ARG A 174 8.29 31.58 -26.92
N VAL A 175 7.93 30.31 -26.78
CA VAL A 175 7.10 29.60 -27.74
C VAL A 175 6.14 28.69 -26.96
N THR A 176 4.85 28.72 -27.32
CA THR A 176 3.85 27.83 -26.73
C THR A 176 3.50 26.73 -27.74
N ILE A 177 4.04 25.53 -27.51
CA ILE A 177 3.97 24.40 -28.45
C ILE A 177 3.36 23.18 -27.77
N ASP A 178 2.97 22.22 -28.59
CA ASP A 178 2.63 20.87 -28.15
C ASP A 178 3.69 19.92 -28.71
N PHE A 179 4.36 19.17 -27.82
CA PHE A 179 5.38 18.17 -28.20
C PHE A 179 4.91 16.77 -27.78
N THR A 180 5.16 15.78 -28.64
CA THR A 180 4.76 14.40 -28.43
C THR A 180 5.54 13.48 -29.39
N GLY A 181 5.59 12.20 -29.04
CA GLY A 181 6.29 11.19 -29.82
C GLY A 181 6.61 10.00 -28.96
N SER A 182 7.90 9.63 -28.87
CA SER A 182 8.33 8.50 -28.03
C SER A 182 9.84 8.59 -27.75
N VAL A 183 10.23 8.07 -26.57
CA VAL A 183 11.64 7.98 -26.16
C VAL A 183 12.11 6.55 -26.43
N ASP A 184 13.22 6.40 -27.19
CA ASP A 184 13.80 5.09 -27.60
C ASP A 184 12.93 4.38 -28.68
N GLY A 185 11.73 4.94 -28.97
CA GLY A 185 10.70 4.27 -29.76
C GLY A 185 9.49 3.87 -28.91
N GLU A 186 9.66 3.91 -27.57
CA GLU A 186 8.60 3.55 -26.60
C GLU A 186 7.93 4.84 -26.05
N GLU A 187 6.59 4.81 -25.93
CA GLU A 187 5.80 5.93 -25.44
C GLU A 187 6.16 6.19 -23.96
N PHE A 188 6.52 7.43 -23.67
CA PHE A 188 6.92 7.87 -22.32
C PHE A 188 5.66 8.36 -21.58
N GLU A 189 5.16 7.48 -20.69
CA GLU A 189 3.83 7.56 -20.05
C GLU A 189 3.54 8.94 -19.43
N GLY A 190 2.75 9.75 -20.16
CA GLY A 190 2.26 11.05 -19.67
C GLY A 190 3.35 12.10 -19.43
N GLY A 191 4.57 11.85 -19.95
CA GLY A 191 5.70 12.78 -19.83
C GLY A 191 5.66 13.89 -20.88
N LYS A 192 4.79 13.71 -21.89
CA LYS A 192 4.57 14.69 -22.97
C LYS A 192 3.55 15.74 -22.54
N ALA A 193 3.64 16.94 -23.11
CA ALA A 193 2.83 18.09 -22.70
C ALA A 193 2.25 18.80 -23.93
N SER A 194 0.94 18.66 -24.10
CA SER A 194 0.16 19.43 -25.09
C SER A 194 -0.09 20.87 -24.57
N ASP A 195 0.14 21.87 -25.46
CA ASP A 195 -0.01 23.33 -25.16
C ASP A 195 1.02 23.78 -24.08
N PHE A 196 2.17 23.09 -24.10
CA PHE A 196 3.36 23.40 -23.29
C PHE A 196 3.90 24.81 -23.60
N VAL A 197 4.51 25.46 -22.61
CA VAL A 197 5.16 26.77 -22.78
C VAL A 197 6.67 26.68 -22.46
N LEU A 198 7.49 26.93 -23.48
CA LEU A 198 8.94 27.13 -23.33
C LEU A 198 9.21 28.63 -23.21
N ALA A 199 9.47 29.11 -21.99
CA ALA A 199 9.89 30.51 -21.76
C ALA A 199 11.41 30.59 -21.72
N MET A 200 11.93 31.71 -22.24
CA MET A 200 13.37 32.05 -22.20
C MET A 200 13.78 32.62 -20.82
N GLY A 201 15.07 33.02 -20.72
CA GLY A 201 15.61 33.72 -19.54
C GLY A 201 15.85 32.78 -18.37
N GLN A 202 15.97 31.49 -18.70
CA GLN A 202 16.16 30.39 -17.76
C GLN A 202 17.49 29.68 -18.10
N GLY A 203 17.74 28.49 -17.50
CA GLY A 203 18.90 27.66 -17.87
C GLY A 203 18.85 27.12 -19.31
N ARG A 204 19.78 26.22 -19.66
CA ARG A 204 19.82 25.59 -21.01
C ARG A 204 19.30 24.15 -20.96
N MET A 205 18.80 23.65 -22.12
CA MET A 205 18.02 22.40 -22.22
C MET A 205 18.81 21.31 -22.96
N ILE A 206 18.28 20.07 -22.89
CA ILE A 206 18.78 18.90 -23.62
C ILE A 206 19.10 19.25 -25.11
N PRO A 207 20.32 18.85 -25.63
CA PRO A 207 20.77 19.21 -26.99
C PRO A 207 19.77 18.80 -28.08
N GLY A 208 19.48 19.74 -28.99
CA GLY A 208 18.60 19.49 -30.14
C GLY A 208 17.20 20.07 -29.97
N PHE A 209 16.68 20.14 -28.72
CA PHE A 209 15.27 20.51 -28.47
C PHE A 209 15.04 21.99 -28.86
N GLU A 210 15.50 22.93 -28.00
CA GLU A 210 15.41 24.39 -28.25
C GLU A 210 16.13 24.78 -29.56
N ASP A 211 17.14 23.96 -29.94
CA ASP A 211 17.89 24.11 -31.19
C ASP A 211 16.99 23.89 -32.41
N GLY A 212 16.04 22.95 -32.28
CA GLY A 212 15.05 22.69 -33.32
C GLY A 212 14.04 23.82 -33.42
N ILE A 213 13.56 24.24 -32.23
CA ILE A 213 12.54 25.28 -32.06
C ILE A 213 12.96 26.60 -32.73
N LYS A 214 14.19 27.05 -32.41
CA LYS A 214 14.75 28.31 -32.91
C LYS A 214 15.11 28.24 -34.41
N GLY A 215 15.01 27.05 -35.01
CA GLY A 215 15.38 26.86 -36.40
C GLY A 215 14.20 27.01 -37.35
N HIS A 216 13.04 27.40 -36.79
CA HIS A 216 11.75 27.41 -37.50
C HIS A 216 10.94 28.68 -37.18
N LYS A 217 9.84 28.87 -37.95
CA LYS A 217 9.02 30.12 -37.95
C LYS A 217 7.54 29.82 -37.72
N ALA A 218 6.87 30.68 -36.92
CA ALA A 218 5.49 30.46 -36.40
C ALA A 218 4.45 30.08 -37.47
N GLY A 219 3.62 29.05 -37.17
CA GLY A 219 2.53 28.62 -38.04
C GLY A 219 2.70 27.19 -38.55
N GLU A 220 3.96 26.79 -38.77
CA GLU A 220 4.30 25.49 -39.41
C GLU A 220 4.53 24.38 -38.37
N GLU A 221 4.76 23.15 -38.86
CA GLU A 221 4.99 21.95 -38.02
C GLU A 221 6.24 21.17 -38.51
N PHE A 222 6.84 20.39 -37.59
CA PHE A 222 8.06 19.60 -37.85
C PHE A 222 8.24 18.56 -36.73
N THR A 223 9.40 17.87 -36.70
CA THR A 223 9.75 16.94 -35.62
C THR A 223 11.25 17.04 -35.31
N ILE A 224 11.61 16.81 -34.05
CA ILE A 224 13.00 16.85 -33.56
C ILE A 224 13.30 15.57 -32.77
N ASP A 225 14.22 14.75 -33.28
CA ASP A 225 14.68 13.54 -32.57
C ASP A 225 15.97 13.89 -31.84
N VAL A 226 15.86 14.07 -30.52
CA VAL A 226 16.96 14.57 -29.68
C VAL A 226 17.31 13.53 -28.59
N THR A 227 18.60 13.20 -28.51
CA THR A 227 19.12 12.29 -27.49
C THR A 227 19.21 13.03 -26.13
N PHE A 228 18.72 12.37 -25.06
CA PHE A 228 18.91 12.86 -23.69
C PHE A 228 20.39 12.65 -23.25
N PRO A 229 21.00 13.64 -22.53
CA PRO A 229 22.35 13.49 -21.94
C PRO A 229 22.43 12.30 -20.98
N GLU A 230 23.60 11.66 -20.87
CA GLU A 230 23.80 10.53 -19.94
C GLU A 230 23.91 11.01 -18.47
N GLU A 231 23.79 12.34 -18.27
CA GLU A 231 23.73 12.97 -16.93
C GLU A 231 22.26 13.22 -16.52
N TYR A 232 21.31 13.00 -17.45
CA TYR A 232 19.84 13.14 -17.20
C TYR A 232 19.39 12.13 -16.12
N HIS A 233 18.42 12.55 -15.26
CA HIS A 233 18.06 11.82 -14.01
C HIS A 233 17.52 10.39 -14.25
N ALA A 234 16.46 10.25 -15.07
CA ALA A 234 15.85 8.93 -15.33
C ALA A 234 16.74 8.10 -16.29
N GLU A 235 17.23 6.95 -15.82
CA GLU A 235 18.27 6.16 -16.50
C GLU A 235 17.77 5.54 -17.82
N ASN A 236 16.52 5.07 -17.82
CA ASN A 236 15.90 4.42 -19.01
C ASN A 236 15.49 5.46 -20.08
N LEU A 237 15.70 6.76 -19.79
CA LEU A 237 15.46 7.85 -20.75
C LEU A 237 16.81 8.50 -21.16
N LYS A 238 17.82 8.47 -20.26
CA LYS A 238 19.15 9.09 -20.54
C LYS A 238 19.94 8.23 -21.54
N GLY A 239 20.51 8.87 -22.57
CA GLY A 239 21.20 8.17 -23.66
C GLY A 239 20.26 7.80 -24.81
N LYS A 240 18.94 7.75 -24.52
CA LYS A 240 17.90 7.37 -25.48
C LYS A 240 17.56 8.57 -26.39
N ALA A 241 17.41 8.30 -27.70
CA ALA A 241 16.96 9.29 -28.69
C ALA A 241 15.43 9.36 -28.66
N ALA A 242 14.89 10.57 -28.51
CA ALA A 242 13.45 10.81 -28.30
C ALA A 242 12.91 11.74 -29.38
N LYS A 243 11.94 11.24 -30.17
CA LYS A 243 11.33 12.03 -31.25
C LYS A 243 10.18 12.90 -30.69
N PHE A 244 10.16 14.17 -31.10
CA PHE A 244 9.22 15.18 -30.60
C PHE A 244 8.63 15.94 -31.79
N ALA A 245 7.46 15.50 -32.24
CA ALA A 245 6.61 16.27 -33.17
C ALA A 245 6.31 17.65 -32.56
N ILE A 246 6.92 18.70 -33.13
CA ILE A 246 6.69 20.08 -32.70
C ILE A 246 5.71 20.76 -33.66
N ASN A 247 4.51 21.05 -33.16
CA ASN A 247 3.60 22.02 -33.79
C ASN A 247 3.89 23.39 -33.19
N LEU A 248 4.34 24.36 -34.02
CA LEU A 248 4.45 25.76 -33.60
C LEU A 248 3.02 26.33 -33.50
N LYS A 249 2.40 26.01 -32.35
CA LYS A 249 1.01 26.31 -32.04
C LYS A 249 0.85 27.83 -31.87
N LYS A 250 1.71 28.40 -30.99
CA LYS A 250 1.81 29.85 -30.73
C LYS A 250 3.29 30.23 -30.56
N VAL A 251 3.66 31.44 -31.01
CA VAL A 251 4.97 32.07 -30.75
C VAL A 251 4.72 33.50 -30.25
N GLU A 252 5.38 33.86 -29.15
CA GLU A 252 5.26 35.19 -28.55
C GLU A 252 6.61 35.61 -27.95
N GLU A 253 7.10 36.76 -28.42
CA GLU A 253 8.42 37.30 -28.06
C GLU A 253 8.35 38.02 -26.70
N ARG A 254 9.52 38.21 -26.07
CA ARG A 254 9.66 38.89 -24.78
C ARG A 254 9.25 40.37 -24.86
N GLU A 255 8.48 40.82 -23.87
CA GLU A 255 8.19 42.24 -23.63
C GLU A 255 8.13 42.49 -22.14
N LEU A 256 8.98 43.40 -21.63
CA LEU A 256 9.03 43.71 -20.19
C LEU A 256 8.72 45.21 -19.99
N PRO A 257 7.42 45.64 -20.13
CA PRO A 257 7.08 47.07 -20.11
C PRO A 257 7.12 47.65 -18.67
N GLU A 258 6.12 47.33 -17.83
CA GLU A 258 6.01 47.81 -16.43
C GLU A 258 5.22 46.80 -15.59
N LEU A 259 4.92 47.18 -14.33
CA LEU A 259 4.01 46.42 -13.44
C LEU A 259 2.56 46.59 -13.96
N THR A 260 2.21 45.78 -14.98
CA THR A 260 0.93 45.90 -15.71
C THR A 260 -0.26 45.35 -14.88
N ALA A 261 -1.46 45.91 -15.12
CA ALA A 261 -2.71 45.52 -14.43
C ALA A 261 -3.03 44.02 -14.64
N GLU A 262 -2.66 43.52 -15.85
CA GLU A 262 -2.74 42.10 -16.20
C GLU A 262 -1.82 41.27 -15.29
N PHE A 263 -0.63 41.82 -14.96
CA PHE A 263 0.32 41.15 -14.07
C PHE A 263 -0.24 41.12 -12.64
N ILE A 264 -0.83 42.26 -12.20
CA ILE A 264 -1.47 42.37 -10.87
C ILE A 264 -2.50 41.24 -10.70
N LYS A 265 -3.31 41.06 -11.76
CA LYS A 265 -4.30 39.98 -11.84
C LYS A 265 -3.60 38.59 -11.89
N ARG A 266 -2.42 38.51 -12.56
CA ARG A 266 -1.70 37.24 -12.83
C ARG A 266 -1.08 36.68 -11.53
N PHE A 267 -0.77 37.62 -10.60
CA PHE A 267 -0.25 37.31 -9.25
C PHE A 267 -1.37 36.70 -8.38
N GLY A 268 -2.64 36.93 -8.79
CA GLY A 268 -3.80 36.47 -8.04
C GLY A 268 -4.48 37.60 -7.29
N VAL A 269 -4.01 38.84 -7.50
CA VAL A 269 -4.60 40.03 -6.87
C VAL A 269 -5.89 40.43 -7.63
N GLU A 270 -7.03 40.03 -7.02
CA GLU A 270 -8.39 40.30 -7.53
C GLU A 270 -8.65 41.82 -7.66
N ASP A 271 -8.00 42.60 -6.80
CA ASP A 271 -8.16 44.07 -6.73
C ASP A 271 -7.80 44.75 -8.06
N GLY A 272 -6.68 44.32 -8.67
CA GLY A 272 -6.16 44.94 -9.90
C GLY A 272 -5.39 46.24 -9.63
N SER A 273 -5.82 46.99 -8.61
CA SER A 273 -5.08 48.13 -8.06
C SER A 273 -3.79 47.65 -7.38
N VAL A 274 -2.67 48.33 -7.69
CA VAL A 274 -1.32 47.99 -7.18
C VAL A 274 -1.26 48.03 -5.64
N GLU A 275 -2.12 48.85 -4.99
CA GLU A 275 -2.21 48.89 -3.51
C GLU A 275 -2.55 47.50 -2.94
N GLY A 276 -3.38 46.74 -3.68
CA GLY A 276 -3.70 45.35 -3.33
C GLY A 276 -2.51 44.42 -3.58
N LEU A 277 -1.72 44.75 -4.64
CA LEU A 277 -0.57 43.93 -5.05
C LEU A 277 0.49 44.02 -3.97
N ARG A 278 0.70 45.24 -3.46
CA ARG A 278 1.64 45.52 -2.36
C ARG A 278 1.24 44.73 -1.12
N ALA A 279 -0.07 44.71 -0.80
CA ALA A 279 -0.63 44.01 0.36
C ALA A 279 -0.30 42.49 0.31
N GLU A 280 -0.70 41.85 -0.81
CA GLU A 280 -0.41 40.42 -1.06
C GLU A 280 1.09 40.13 -1.03
N VAL A 281 1.90 41.00 -1.68
CA VAL A 281 3.37 40.85 -1.74
C VAL A 281 3.98 40.90 -0.34
N ARG A 282 3.51 41.84 0.51
CA ARG A 282 4.03 41.98 1.89
C ARG A 282 3.71 40.71 2.71
N LYS A 283 2.50 40.15 2.51
CA LYS A 283 2.10 38.88 3.14
C LYS A 283 3.04 37.71 2.70
N ASN A 284 3.32 37.62 1.38
CA ASN A 284 4.21 36.58 0.83
C ASN A 284 5.67 36.80 1.26
N MET A 285 6.09 38.08 1.37
CA MET A 285 7.48 38.45 1.68
C MET A 285 7.80 38.13 3.14
N GLU A 286 6.86 38.46 4.05
CA GLU A 286 7.03 38.20 5.49
C GLU A 286 7.05 36.69 5.79
N ARG A 287 6.03 35.96 5.28
CA ARG A 287 5.94 34.50 5.44
C ARG A 287 7.20 33.82 4.90
N GLU A 288 7.60 34.18 3.66
CA GLU A 288 8.75 33.58 2.99
C GLU A 288 10.08 34.12 3.59
N LEU A 289 10.05 35.29 4.29
CA LEU A 289 11.24 35.80 5.02
C LEU A 289 11.55 34.82 6.15
N LYS A 290 10.56 34.64 7.07
CA LYS A 290 10.71 33.71 8.22
C LYS A 290 11.00 32.28 7.73
N SER A 291 10.30 31.87 6.64
CA SER A 291 10.43 30.53 6.04
C SER A 291 11.84 30.31 5.46
N ALA A 292 12.40 31.36 4.83
CA ALA A 292 13.74 31.30 4.22
C ALA A 292 14.86 31.32 5.27
N ILE A 293 14.66 32.09 6.38
CA ILE A 293 15.61 32.07 7.51
C ILE A 293 15.65 30.67 8.13
N ARG A 294 14.44 30.13 8.40
CA ARG A 294 14.24 28.76 8.93
C ARG A 294 14.87 27.72 7.98
N ASN A 295 14.65 27.89 6.66
CA ASN A 295 15.11 26.94 5.62
C ASN A 295 16.65 26.95 5.50
N ARG A 296 17.26 28.14 5.56
CA ARG A 296 18.72 28.30 5.38
C ARG A 296 19.48 27.84 6.62
N VAL A 297 18.98 28.20 7.82
CA VAL A 297 19.62 27.76 9.09
C VAL A 297 19.43 26.24 9.27
N LYS A 298 18.26 25.70 8.81
CA LYS A 298 17.99 24.25 8.77
C LYS A 298 19.06 23.57 7.90
N SER A 299 19.08 23.92 6.61
CA SER A 299 19.94 23.28 5.60
C SER A 299 21.44 23.41 5.94
N GLN A 300 21.87 24.59 6.43
CA GLN A 300 23.31 24.87 6.73
C GLN A 300 23.77 24.15 8.01
N ALA A 301 22.98 24.26 9.10
CA ALA A 301 23.32 23.61 10.38
C ALA A 301 23.31 22.08 10.22
N ILE A 302 22.24 21.55 9.59
CA ILE A 302 22.08 20.12 9.30
C ILE A 302 23.19 19.60 8.36
N GLU A 303 23.58 20.42 7.35
CA GLU A 303 24.69 20.07 6.45
C GLU A 303 26.01 19.99 7.24
N GLY A 304 26.14 20.89 8.25
CA GLY A 304 27.28 20.88 9.14
C GLY A 304 27.29 19.65 10.04
N LEU A 305 26.09 19.23 10.51
CA LEU A 305 25.91 18.02 11.33
C LEU A 305 26.41 16.78 10.57
N VAL A 306 25.94 16.63 9.31
CA VAL A 306 26.32 15.51 8.44
C VAL A 306 27.84 15.54 8.16
N LYS A 307 28.32 16.68 7.62
CA LYS A 307 29.72 16.87 7.21
C LYS A 307 30.68 16.95 8.42
N ALA A 308 30.13 17.06 9.65
CA ALA A 308 30.92 16.90 10.89
C ALA A 308 31.45 15.46 10.97
N ASN A 309 30.58 14.49 10.68
CA ASN A 309 30.90 13.06 10.75
C ASN A 309 30.14 12.33 9.66
N ASP A 310 30.77 12.25 8.47
CA ASP A 310 30.26 11.48 7.33
C ASP A 310 30.32 9.98 7.66
N ILE A 311 29.27 9.54 8.36
CA ILE A 311 29.11 8.15 8.80
C ILE A 311 28.55 7.28 7.66
N ASP A 312 28.62 5.96 7.82
CA ASP A 312 27.98 5.02 6.91
C ASP A 312 26.74 4.46 7.60
N VAL A 313 25.58 4.90 7.12
CA VAL A 313 24.26 4.65 7.74
C VAL A 313 23.69 3.27 7.33
N PRO A 314 22.89 2.61 8.25
CA PRO A 314 22.33 1.26 8.02
C PRO A 314 21.41 1.20 6.77
N ALA A 315 21.81 0.36 5.80
CA ALA A 315 21.23 0.31 4.44
C ALA A 315 19.74 -0.08 4.41
N ALA A 316 19.27 -0.73 5.49
CA ALA A 316 17.85 -1.06 5.68
C ALA A 316 16.96 0.20 5.67
N LEU A 317 17.40 1.20 6.47
CA LEU A 317 16.74 2.51 6.59
C LEU A 317 16.69 3.19 5.21
N ILE A 318 17.80 3.08 4.47
CA ILE A 318 17.97 3.71 3.15
C ILE A 318 17.11 2.99 2.10
N ASP A 319 16.91 1.68 2.25
CA ASP A 319 16.05 0.90 1.34
C ASP A 319 14.58 1.30 1.53
N SER A 320 14.20 1.54 2.81
CA SER A 320 12.86 2.06 3.15
C SER A 320 12.65 3.48 2.57
N GLU A 321 13.66 4.36 2.79
CA GLU A 321 13.68 5.74 2.26
C GLU A 321 13.50 5.74 0.75
N ILE A 322 14.36 4.98 0.07
CA ILE A 322 14.38 4.87 -1.40
C ILE A 322 13.03 4.37 -1.93
N ASP A 323 12.43 3.38 -1.25
CA ASP A 323 11.09 2.85 -1.62
C ASP A 323 10.06 3.99 -1.63
N VAL A 324 9.96 4.72 -0.50
CA VAL A 324 8.99 5.81 -0.32
C VAL A 324 9.26 7.00 -1.30
N LEU A 325 10.48 7.58 -1.22
CA LEU A 325 10.92 8.73 -2.05
C LEU A 325 10.75 8.47 -3.55
N ARG A 326 11.17 7.28 -4.00
CA ARG A 326 11.19 6.90 -5.42
C ARG A 326 9.82 6.44 -5.90
N ARG A 327 8.94 5.96 -4.98
CA ARG A 327 7.53 5.67 -5.32
C ARG A 327 6.80 7.00 -5.61
N GLN A 328 6.99 7.98 -4.71
CA GLN A 328 6.43 9.34 -4.87
C GLN A 328 7.00 10.03 -6.13
N ALA A 329 8.31 9.81 -6.38
CA ALA A 329 8.98 10.37 -7.56
C ALA A 329 8.40 9.80 -8.86
N ALA A 330 8.30 8.45 -8.92
CA ALA A 330 7.73 7.72 -10.07
C ALA A 330 6.24 8.01 -10.26
N GLN A 331 5.58 8.46 -9.17
CA GLN A 331 4.20 8.98 -9.21
C GLN A 331 4.12 10.28 -10.06
N ARG A 332 5.21 11.08 -10.06
CA ARG A 332 5.34 12.25 -10.96
C ARG A 332 5.89 11.81 -12.34
N PHE A 333 6.88 10.89 -12.32
CA PHE A 333 7.51 10.36 -13.54
C PHE A 333 6.63 9.24 -14.13
N GLY A 334 5.47 9.64 -14.68
CA GLY A 334 4.58 8.73 -15.38
C GLY A 334 3.38 8.29 -14.55
N GLY A 335 3.58 8.17 -13.24
CA GLY A 335 2.53 7.67 -12.33
C GLY A 335 2.45 6.15 -12.35
N ASN A 336 3.62 5.51 -12.49
CA ASN A 336 3.74 4.04 -12.61
C ASN A 336 4.90 3.54 -11.72
N GLU A 337 4.66 2.43 -11.00
CA GLU A 337 5.63 1.81 -10.08
C GLU A 337 6.86 1.26 -10.85
N LYS A 338 6.61 0.82 -12.10
CA LYS A 338 7.65 0.31 -13.03
C LYS A 338 8.76 1.36 -13.28
N GLN A 339 8.36 2.65 -13.34
CA GLN A 339 9.28 3.76 -13.60
C GLN A 339 10.26 4.01 -12.44
N ALA A 340 9.91 3.48 -11.24
CA ALA A 340 10.80 3.53 -10.06
C ALA A 340 12.03 2.63 -10.28
N LEU A 341 11.78 1.45 -10.89
CA LEU A 341 12.85 0.49 -11.26
C LEU A 341 13.75 1.06 -12.38
N GLU A 342 13.30 2.16 -13.01
CA GLU A 342 14.03 2.85 -14.07
C GLU A 342 14.64 4.18 -13.57
N LEU A 343 14.55 4.42 -12.24
CA LEU A 343 15.20 5.56 -11.55
C LEU A 343 16.35 5.04 -10.64
N PRO A 344 17.63 5.53 -10.83
CA PRO A 344 18.77 5.17 -9.95
C PRO A 344 18.54 5.59 -8.48
N ARG A 345 18.42 4.58 -7.58
CA ARG A 345 18.16 4.77 -6.14
C ARG A 345 19.21 5.70 -5.49
N GLU A 346 20.41 5.76 -6.11
CA GLU A 346 21.55 6.58 -5.67
C GLU A 346 21.15 8.07 -5.54
N LEU A 347 20.33 8.58 -6.50
CA LEU A 347 19.96 10.01 -6.50
C LEU A 347 18.92 10.31 -5.38
N PHE A 348 18.34 9.24 -4.80
CA PHE A 348 17.43 9.33 -3.64
C PHE A 348 18.24 9.06 -2.35
N GLU A 349 19.31 8.25 -2.49
CA GLU A 349 20.22 7.84 -1.39
C GLU A 349 21.05 9.03 -0.93
N GLU A 350 21.31 9.95 -1.88
CA GLU A 350 21.98 11.24 -1.62
C GLU A 350 21.30 11.96 -0.43
N GLN A 351 19.99 12.16 -0.59
CA GLN A 351 19.14 12.84 0.40
C GLN A 351 18.88 11.91 1.61
N ALA A 352 18.50 10.66 1.29
CA ALA A 352 18.09 9.65 2.28
C ALA A 352 19.14 9.44 3.38
N LYS A 353 20.39 9.14 2.94
CA LYS A 353 21.55 8.99 3.82
C LYS A 353 21.63 10.14 4.82
N ARG A 354 21.65 11.39 4.30
CA ARG A 354 21.71 12.59 5.13
C ARG A 354 20.47 12.74 6.04
N ARG A 355 19.29 12.25 5.57
CA ARG A 355 18.01 12.45 6.26
C ARG A 355 17.95 11.57 7.53
N VAL A 356 18.46 10.33 7.39
CA VAL A 356 18.56 9.40 8.54
C VAL A 356 19.78 9.75 9.42
N VAL A 357 20.83 10.41 8.83
CA VAL A 357 21.94 11.01 9.61
C VAL A 357 21.37 12.06 10.59
N VAL A 358 20.40 12.90 10.13
CA VAL A 358 19.70 13.88 11.00
C VAL A 358 19.03 13.16 12.20
N GLY A 359 18.30 12.08 11.89
CA GLY A 359 17.57 11.30 12.89
C GLY A 359 18.48 10.65 13.94
N LEU A 360 19.66 10.20 13.49
CA LEU A 360 20.68 9.60 14.38
C LEU A 360 21.32 10.67 15.29
N LEU A 361 21.80 11.78 14.66
CA LEU A 361 22.57 12.83 15.35
C LEU A 361 21.70 13.63 16.32
N LEU A 362 20.62 14.28 15.80
CA LEU A 362 19.74 15.12 16.63
C LEU A 362 18.98 14.28 17.69
N GLY A 363 18.72 13.00 17.34
CA GLY A 363 18.15 12.04 18.30
C GLY A 363 19.11 11.79 19.47
N GLU A 364 20.38 11.57 19.13
CA GLU A 364 21.49 11.39 20.10
C GLU A 364 21.61 12.62 21.02
N VAL A 365 21.44 13.83 20.43
CA VAL A 365 21.51 15.11 21.16
C VAL A 365 20.37 15.20 22.20
N ILE A 366 19.10 15.16 21.73
CA ILE A 366 17.93 15.35 22.60
C ILE A 366 17.78 14.24 23.65
N ARG A 367 18.31 13.03 23.36
CA ARG A 367 18.30 11.93 24.33
C ARG A 367 19.38 12.14 25.42
N THR A 368 20.67 12.20 25.00
CA THR A 368 21.82 12.27 25.93
C THR A 368 21.83 13.57 26.76
N ASN A 369 21.62 14.70 26.06
CA ASN A 369 21.60 16.05 26.66
C ASN A 369 20.30 16.28 27.48
N GLU A 370 19.30 15.39 27.26
CA GLU A 370 17.98 15.44 27.93
C GLU A 370 17.23 16.73 27.59
N LEU A 371 17.04 16.96 26.29
CA LEU A 371 16.30 18.11 25.78
C LEU A 371 14.79 17.79 25.78
N LYS A 372 14.05 18.52 26.59
CA LYS A 372 12.58 18.53 26.55
C LYS A 372 12.15 19.67 25.63
N ALA A 373 11.08 19.47 24.84
CA ALA A 373 10.53 20.52 23.97
C ALA A 373 10.01 21.67 24.83
N ASP A 374 10.85 22.72 24.98
CA ASP A 374 10.52 23.93 25.73
C ASP A 374 9.17 24.47 25.26
N GLU A 375 8.27 24.76 26.21
CA GLU A 375 6.89 25.14 25.91
C GLU A 375 6.83 26.44 25.05
N GLU A 376 7.88 27.28 25.19
CA GLU A 376 8.08 28.47 24.35
C GLU A 376 8.40 28.05 22.90
N ARG A 377 9.25 27.02 22.75
CA ARG A 377 9.67 26.51 21.44
C ARG A 377 8.49 25.85 20.70
N VAL A 378 7.79 24.90 21.39
CA VAL A 378 6.69 24.16 20.79
C VAL A 378 5.47 25.06 20.56
N LYS A 379 4.97 25.78 21.60
CA LYS A 379 3.78 26.65 21.46
C LYS A 379 4.10 27.91 20.63
N GLY A 380 5.38 28.33 20.60
CA GLY A 380 5.80 29.43 19.72
C GLY A 380 5.76 29.05 18.25
N LEU A 381 6.25 27.83 17.95
CA LEU A 381 6.24 27.26 16.59
C LEU A 381 4.77 27.09 16.12
N ILE A 382 3.93 26.52 17.02
CA ILE A 382 2.50 26.33 16.78
C ILE A 382 1.82 27.68 16.53
N GLU A 383 2.10 28.68 17.40
CA GLU A 383 1.53 30.04 17.33
C GLU A 383 1.80 30.65 15.95
N GLU A 384 3.07 30.49 15.51
CA GLU A 384 3.58 30.98 14.23
C GLU A 384 2.76 30.40 13.07
N MET A 385 2.77 29.06 12.93
CA MET A 385 2.04 28.36 11.83
C MET A 385 0.50 28.45 12.00
N ALA A 386 0.04 28.80 13.21
CA ALA A 386 -1.40 28.93 13.51
C ALA A 386 -1.92 30.31 13.07
N SER A 387 -1.03 31.31 13.08
CA SER A 387 -1.32 32.64 12.51
C SER A 387 -1.53 32.55 10.97
N ALA A 388 -0.96 31.49 10.35
CA ALA A 388 -1.19 31.16 8.93
C ALA A 388 -2.60 30.57 8.71
N TYR A 389 -3.27 30.14 9.80
CA TYR A 389 -4.69 29.74 9.77
C TYR A 389 -5.58 30.97 10.08
N GLU A 390 -6.89 30.74 10.29
CA GLU A 390 -7.86 31.83 10.45
C GLU A 390 -7.66 32.57 11.79
N ASP A 391 -7.56 31.82 12.90
CA ASP A 391 -7.26 32.39 14.24
C ASP A 391 -6.38 31.41 15.06
N PRO A 392 -5.17 31.87 15.56
CA PRO A 392 -4.16 30.98 16.20
C PRO A 392 -4.57 30.35 17.55
N LYS A 393 -5.23 31.14 18.43
CA LYS A 393 -5.51 30.75 19.84
C LYS A 393 -6.24 29.39 19.93
N GLU A 394 -7.29 29.26 19.13
CA GLU A 394 -8.13 28.06 19.07
C GLU A 394 -7.31 26.84 18.57
N VAL A 395 -6.34 27.12 17.68
CA VAL A 395 -5.53 26.07 17.03
C VAL A 395 -4.57 25.48 18.07
N ILE A 396 -3.91 26.36 18.83
CA ILE A 396 -3.01 26.01 19.94
C ILE A 396 -3.76 25.16 20.99
N GLU A 397 -5.02 25.60 21.29
CA GLU A 397 -5.93 24.90 22.23
C GLU A 397 -6.21 23.45 21.80
N PHE A 398 -6.62 23.25 20.53
CA PHE A 398 -6.97 21.91 19.99
C PHE A 398 -5.74 21.00 19.87
N TYR A 399 -4.57 21.59 19.58
CA TYR A 399 -3.29 20.84 19.58
C TYR A 399 -3.01 20.30 20.98
N SER A 400 -3.24 21.17 22.00
CA SER A 400 -3.13 20.79 23.42
C SER A 400 -4.26 19.82 23.88
N LYS A 401 -5.18 19.49 22.97
CA LYS A 401 -6.27 18.50 23.19
C LYS A 401 -6.10 17.27 22.28
N ASN A 402 -4.97 17.19 21.55
CA ASN A 402 -4.64 16.02 20.71
C ASN A 402 -3.18 15.63 20.98
N LYS A 403 -3.00 14.46 21.65
CA LYS A 403 -1.68 14.00 22.12
C LYS A 403 -0.73 13.79 20.93
N GLU A 404 -1.20 13.08 19.91
CA GLU A 404 -0.42 12.72 18.70
C GLU A 404 0.07 13.98 17.95
N LEU A 405 -0.83 14.96 17.83
CA LEU A 405 -0.53 16.23 17.15
C LEU A 405 0.50 17.02 17.98
N MET A 406 0.28 17.10 19.31
CA MET A 406 1.13 17.85 20.24
C MET A 406 2.54 17.22 20.31
N ASP A 407 2.61 15.89 20.11
CA ASP A 407 3.88 15.11 20.13
C ASP A 407 4.66 15.41 18.84
N ASN A 408 3.94 15.47 17.71
CA ASN A 408 4.51 15.78 16.38
C ASN A 408 5.07 17.21 16.37
N MET A 409 4.33 18.14 17.00
CA MET A 409 4.73 19.55 17.12
C MET A 409 5.88 19.69 18.13
N ARG A 410 5.87 18.83 19.15
CA ARG A 410 6.96 18.71 20.15
C ARG A 410 8.23 18.13 19.50
N ASN A 411 8.02 17.26 18.49
CA ASN A 411 9.10 16.58 17.75
C ASN A 411 9.83 17.56 16.82
N VAL A 412 9.06 18.32 16.01
CA VAL A 412 9.63 19.36 15.12
C VAL A 412 10.24 20.51 15.94
N ALA A 413 9.62 20.77 17.12
CA ALA A 413 10.16 21.71 18.10
C ALA A 413 11.52 21.23 18.60
N LEU A 414 11.62 19.91 18.92
CA LEU A 414 12.87 19.29 19.40
C LEU A 414 13.90 19.12 18.28
N GLU A 415 13.47 19.15 17.00
CA GLU A 415 14.39 19.24 15.87
C GLU A 415 15.08 20.60 15.91
N GLU A 416 14.27 21.67 15.86
CA GLU A 416 14.77 23.06 15.90
C GLU A 416 15.50 23.38 17.23
N GLN A 417 15.11 22.70 18.30
CA GLN A 417 15.69 22.92 19.65
C GLN A 417 16.99 22.10 19.80
N ALA A 418 17.07 20.92 19.13
CA ALA A 418 18.34 20.15 19.03
C ALA A 418 19.36 20.92 18.20
N VAL A 419 18.86 21.59 17.15
CA VAL A 419 19.67 22.47 16.30
C VAL A 419 20.17 23.67 17.12
N GLU A 420 19.27 24.33 17.87
CA GLU A 420 19.64 25.51 18.72
C GLU A 420 20.63 25.11 19.84
N ALA A 421 20.47 23.89 20.38
CA ALA A 421 21.37 23.32 21.40
C ALA A 421 22.79 23.15 20.85
N VAL A 422 22.91 22.61 19.61
CA VAL A 422 24.21 22.46 18.95
C VAL A 422 24.69 23.82 18.38
N LEU A 423 23.74 24.78 18.14
CA LEU A 423 24.09 26.17 17.71
C LEU A 423 24.86 26.88 18.82
N ALA A 424 24.43 26.63 20.08
CA ALA A 424 25.09 27.16 21.29
C ALA A 424 26.61 26.86 21.32
N LYS A 425 27.03 25.76 20.65
CA LYS A 425 28.45 25.40 20.51
C LYS A 425 28.96 25.70 19.08
N ALA A 426 28.06 25.69 18.09
CA ALA A 426 28.42 25.81 16.66
C ALA A 426 28.90 27.22 16.30
N LYS A 427 29.71 27.30 15.21
CA LYS A 427 30.18 28.59 14.66
C LYS A 427 29.01 29.27 13.93
N VAL A 428 28.14 29.91 14.71
CA VAL A 428 26.94 30.58 14.21
C VAL A 428 27.32 31.96 13.64
N THR A 429 27.56 31.95 12.33
CA THR A 429 28.06 33.10 11.58
C THR A 429 26.86 33.87 11.00
N GLU A 430 26.38 34.87 11.76
CA GLU A 430 25.35 35.79 11.28
C GLU A 430 25.96 36.76 10.26
N LYS A 431 25.50 36.66 9.02
CA LYS A 431 26.04 37.44 7.88
C LYS A 431 24.92 38.27 7.24
N GLU A 432 25.18 39.58 7.10
CA GLU A 432 24.22 40.55 6.56
C GLU A 432 24.03 40.32 5.05
N THR A 433 22.84 39.82 4.68
CA THR A 433 22.46 39.51 3.29
C THR A 433 21.32 40.47 2.85
N THR A 434 20.75 40.26 1.64
CA THR A 434 19.54 40.98 1.17
C THR A 434 18.46 39.98 0.74
N PHE A 435 17.18 40.45 0.66
CA PHE A 435 15.98 39.60 0.44
C PHE A 435 16.10 38.74 -0.84
N ASN A 436 16.65 39.36 -1.91
CA ASN A 436 16.87 38.70 -3.21
C ASN A 436 17.88 37.54 -3.05
N GLU A 437 19.08 37.88 -2.54
CA GLU A 437 20.23 36.95 -2.33
C GLU A 437 19.91 35.83 -1.30
N LEU A 438 18.96 36.15 -0.41
CA LEU A 438 18.44 35.24 0.63
C LEU A 438 17.92 33.93 0.01
N MET A 439 17.11 34.07 -1.04
CA MET A 439 16.42 32.95 -1.69
C MET A 439 17.15 32.54 -2.99
N ASN A 440 17.78 33.54 -3.62
CA ASN A 440 18.65 33.37 -4.79
C ASN A 440 20.08 33.11 -4.26
N GLN A 441 20.28 31.86 -3.80
CA GLN A 441 21.47 31.39 -3.05
C GLN A 441 22.80 31.69 -3.77
N GLN A 442 23.34 32.90 -3.57
CA GLN A 442 24.69 33.26 -4.03
C GLN A 442 25.68 32.93 -2.90
N ALA A 443 25.34 33.39 -1.69
CA ALA A 443 25.94 32.94 -0.42
C ALA A 443 24.84 32.93 0.66
N MET B 12 -11.90 29.00 8.43
CA MET B 12 -11.54 28.84 6.99
C MET B 12 -12.85 28.74 6.15
N GLN B 13 -12.76 29.00 4.83
CA GLN B 13 -13.93 28.95 3.91
C GLN B 13 -14.45 27.50 3.74
N VAL B 14 -15.30 27.07 4.69
CA VAL B 14 -15.83 25.69 4.75
C VAL B 14 -17.34 25.70 5.05
N SER B 15 -18.04 24.59 4.75
CA SER B 15 -19.48 24.44 5.02
C SER B 15 -19.78 23.04 5.57
N VAL B 16 -19.89 22.94 6.91
CA VAL B 16 -20.24 21.67 7.58
C VAL B 16 -21.77 21.43 7.50
N GLU B 17 -22.14 20.22 7.05
CA GLU B 17 -23.52 19.74 7.07
C GLU B 17 -23.51 18.31 7.63
N THR B 18 -24.25 18.10 8.73
CA THR B 18 -24.45 16.76 9.30
C THR B 18 -25.37 15.96 8.35
N THR B 19 -24.73 15.06 7.58
CA THR B 19 -25.37 14.29 6.51
C THR B 19 -26.49 13.38 7.07
N GLN B 20 -26.14 12.57 8.09
CA GLN B 20 -27.08 11.62 8.73
C GLN B 20 -26.42 10.99 9.98
N GLY B 21 -26.85 11.46 11.17
CA GLY B 21 -26.40 10.90 12.45
C GLY B 21 -24.90 11.08 12.69
N LEU B 22 -24.12 10.09 12.26
CA LEU B 22 -22.65 10.10 12.35
C LEU B 22 -22.08 10.93 11.17
N GLY B 23 -22.69 10.74 9.98
CA GLY B 23 -22.25 11.37 8.73
C GLY B 23 -22.21 12.89 8.81
N ARG B 24 -21.04 13.49 8.48
CA ARG B 24 -20.82 14.96 8.50
C ARG B 24 -19.96 15.36 7.29
N ARG B 25 -20.63 15.91 6.26
CA ARG B 25 -19.99 16.40 5.04
C ARG B 25 -19.55 17.86 5.24
N VAL B 26 -18.25 18.07 5.52
CA VAL B 26 -17.67 19.40 5.66
C VAL B 26 -17.09 19.82 4.30
N THR B 27 -17.91 20.48 3.48
CA THR B 27 -17.54 20.92 2.14
C THR B 27 -16.54 22.11 2.23
N ILE B 28 -15.25 21.78 2.11
CA ILE B 28 -14.14 22.75 2.26
C ILE B 28 -13.75 23.32 0.88
N THR B 29 -13.67 24.65 0.78
CA THR B 29 -13.22 25.35 -0.44
C THR B 29 -11.80 25.91 -0.23
N ILE B 30 -10.79 25.24 -0.81
CA ILE B 30 -9.40 25.71 -0.76
C ILE B 30 -9.15 26.66 -1.95
N ALA B 31 -8.61 27.86 -1.66
CA ALA B 31 -8.41 28.93 -2.66
C ALA B 31 -7.41 28.51 -3.77
N ALA B 32 -7.86 28.63 -5.05
CA ALA B 32 -7.13 28.19 -6.26
C ALA B 32 -5.69 28.75 -6.34
N ASP B 33 -5.56 30.05 -6.01
CA ASP B 33 -4.27 30.75 -6.01
C ASP B 33 -3.32 30.13 -4.96
N SER B 34 -3.89 29.86 -3.76
CA SER B 34 -3.17 29.26 -2.62
C SER B 34 -2.74 27.81 -2.92
N ILE B 35 -3.57 27.10 -3.71
CA ILE B 35 -3.28 25.73 -4.17
C ILE B 35 -2.07 25.74 -5.10
N GLU B 36 -2.21 26.51 -6.21
CA GLU B 36 -1.27 26.53 -7.34
C GLU B 36 0.14 26.99 -6.86
N THR B 37 0.15 28.05 -6.03
CA THR B 37 1.39 28.55 -5.39
C THR B 37 2.01 27.45 -4.50
N ALA B 38 1.15 26.73 -3.73
CA ALA B 38 1.59 25.62 -2.86
C ALA B 38 2.07 24.40 -3.69
N VAL B 39 1.58 24.27 -4.94
CA VAL B 39 2.07 23.23 -5.87
C VAL B 39 3.52 23.53 -6.22
N LYS B 40 3.77 24.79 -6.62
CA LYS B 40 5.13 25.27 -6.93
C LYS B 40 6.05 25.29 -5.69
N SER B 41 5.44 25.46 -4.49
CA SER B 41 6.18 25.41 -3.21
C SER B 41 6.68 23.97 -2.94
N GLU B 42 5.77 22.99 -3.07
CA GLU B 42 6.11 21.56 -2.88
C GLU B 42 7.05 21.06 -3.99
N LEU B 43 6.94 21.67 -5.19
CA LEU B 43 7.81 21.36 -6.34
C LEU B 43 9.26 21.82 -6.07
N VAL B 44 9.46 23.08 -5.60
CA VAL B 44 10.82 23.59 -5.30
C VAL B 44 11.42 22.88 -4.08
N ASN B 45 10.55 22.53 -3.10
CA ASN B 45 10.95 21.72 -1.94
C ASN B 45 11.54 20.37 -2.42
N VAL B 46 10.71 19.57 -3.12
CA VAL B 46 11.11 18.22 -3.58
C VAL B 46 12.27 18.27 -4.61
N ALA B 47 12.41 19.43 -5.30
CA ALA B 47 13.53 19.68 -6.23
C ALA B 47 14.84 19.95 -5.47
N LYS B 48 14.74 20.63 -4.30
CA LYS B 48 15.91 20.95 -3.46
C LYS B 48 16.25 19.77 -2.53
N LYS B 49 15.24 18.90 -2.32
CA LYS B 49 15.33 17.73 -1.46
C LYS B 49 15.98 16.56 -2.24
N VAL B 50 15.23 16.04 -3.22
CA VAL B 50 15.59 14.82 -3.99
C VAL B 50 16.62 15.14 -5.10
N ARG B 51 16.90 16.46 -5.30
CA ARG B 51 17.92 16.95 -6.25
C ARG B 51 17.47 16.72 -7.72
N ILE B 52 16.12 16.68 -7.93
CA ILE B 52 15.50 16.48 -9.27
C ILE B 52 14.78 17.76 -9.74
N ASP B 53 15.27 18.33 -10.85
CA ASP B 53 14.63 19.49 -11.52
C ASP B 53 13.55 18.99 -12.51
N GLY B 54 13.87 17.86 -13.17
CA GLY B 54 13.07 17.30 -14.24
C GLY B 54 13.96 16.68 -15.30
N PHE B 55 14.87 17.50 -15.85
CA PHE B 55 15.85 17.07 -16.87
C PHE B 55 17.20 16.71 -16.22
N ARG B 56 18.02 17.72 -15.92
CA ARG B 56 19.44 17.55 -15.56
C ARG B 56 19.89 18.77 -14.74
N LYS B 57 19.52 19.98 -15.21
CA LYS B 57 19.93 21.25 -14.58
C LYS B 57 18.67 22.09 -14.30
N GLY B 58 17.96 22.47 -15.38
CA GLY B 58 16.78 23.35 -15.27
C GLY B 58 15.92 23.32 -16.52
N LYS B 59 15.48 24.53 -16.97
CA LYS B 59 14.48 24.75 -18.04
C LYS B 59 13.08 24.32 -17.59
N VAL B 60 12.12 25.29 -17.71
CA VAL B 60 10.74 25.18 -17.22
C VAL B 60 10.68 24.46 -15.83
N PRO B 61 11.15 25.17 -14.74
CA PRO B 61 11.42 24.51 -13.43
C PRO B 61 10.15 23.93 -12.76
N MET B 62 9.09 24.76 -12.65
CA MET B 62 7.89 24.43 -11.86
C MET B 62 6.82 25.52 -11.96
N ASN B 63 7.28 26.79 -12.05
CA ASN B 63 6.42 28.00 -11.97
C ASN B 63 5.26 27.94 -12.98
N ILE B 64 5.59 27.57 -14.21
CA ILE B 64 4.63 27.45 -15.32
C ILE B 64 4.15 25.97 -15.50
N VAL B 65 4.96 25.00 -15.01
CA VAL B 65 4.67 23.55 -15.17
C VAL B 65 3.42 23.14 -14.36
N ALA B 66 3.37 23.60 -13.10
CA ALA B 66 2.22 23.38 -12.19
C ALA B 66 0.92 23.86 -12.83
N GLN B 67 0.98 25.11 -13.31
CA GLN B 67 -0.12 25.82 -13.99
C GLN B 67 -0.59 25.07 -15.24
N ARG B 68 0.36 24.62 -16.09
CA ARG B 68 0.08 23.92 -17.36
C ARG B 68 -0.61 22.57 -17.11
N TYR B 69 0.11 21.64 -16.46
CA TYR B 69 -0.32 20.24 -16.36
C TYR B 69 0.25 19.56 -15.09
N GLY B 70 0.55 20.35 -14.03
CA GLY B 70 1.21 19.80 -12.82
C GLY B 70 0.24 19.10 -11.87
N ALA B 71 -0.42 18.05 -12.39
CA ALA B 71 -1.53 17.34 -11.72
C ALA B 71 -1.05 16.06 -11.01
N SER B 72 0.20 15.64 -11.27
CA SER B 72 0.82 14.46 -10.64
C SER B 72 1.13 14.75 -9.15
N VAL B 73 1.95 15.80 -8.93
CA VAL B 73 2.37 16.22 -7.58
C VAL B 73 1.18 16.72 -6.72
N ARG B 74 0.01 16.95 -7.37
CA ARG B 74 -1.25 17.35 -6.69
C ARG B 74 -1.63 16.35 -5.54
N GLN B 75 -1.14 15.09 -5.62
CA GLN B 75 -1.29 14.11 -4.51
C GLN B 75 -0.69 14.66 -3.22
N ASP B 76 0.60 15.01 -3.29
CA ASP B 76 1.40 15.51 -2.16
C ASP B 76 0.90 16.88 -1.70
N VAL B 77 0.69 17.76 -2.71
CA VAL B 77 0.26 19.16 -2.49
C VAL B 77 -1.11 19.20 -1.82
N LEU B 78 -2.16 18.72 -2.54
CA LEU B 78 -3.53 18.67 -2.00
C LEU B 78 -3.57 17.82 -0.74
N GLY B 79 -2.71 16.78 -0.68
CA GLY B 79 -2.55 15.94 0.52
C GLY B 79 -2.14 16.75 1.76
N ASP B 80 -1.30 17.78 1.57
CA ASP B 80 -0.92 18.72 2.65
C ASP B 80 -2.10 19.65 2.94
N LEU B 81 -2.64 20.25 1.84
CA LEU B 81 -3.71 21.27 1.88
C LEU B 81 -5.01 20.72 2.48
N MET B 82 -5.22 19.40 2.34
CA MET B 82 -6.41 18.70 2.85
C MET B 82 -6.46 18.87 4.36
N SER B 83 -5.38 18.43 5.04
CA SER B 83 -5.24 18.57 6.51
C SER B 83 -4.95 20.03 6.92
N ARG B 84 -4.37 20.83 6.01
CA ARG B 84 -4.00 22.25 6.27
C ARG B 84 -5.27 23.09 6.55
N ASN B 85 -6.30 22.90 5.71
CA ASN B 85 -7.58 23.62 5.84
C ASN B 85 -8.55 22.87 6.78
N PHE B 86 -8.44 21.51 6.79
CA PHE B 86 -9.26 20.62 7.65
C PHE B 86 -9.02 20.91 9.13
N ILE B 87 -7.74 21.10 9.51
CA ILE B 87 -7.36 21.27 10.90
C ILE B 87 -8.04 22.53 11.48
N ASP B 88 -7.96 23.66 10.76
CA ASP B 88 -8.62 24.92 11.19
C ASP B 88 -10.14 24.71 11.24
N ALA B 89 -10.69 24.11 10.15
CA ALA B 89 -12.14 23.88 10.00
C ALA B 89 -12.78 23.11 11.19
N ILE B 90 -12.10 22.05 11.70
CA ILE B 90 -12.65 21.20 12.80
C ILE B 90 -12.44 21.85 14.18
N ILE B 91 -11.68 22.95 14.23
CA ILE B 91 -11.45 23.72 15.46
C ILE B 91 -12.42 24.91 15.50
N LYS B 92 -12.70 25.44 14.31
CA LYS B 92 -13.47 26.66 14.12
C LYS B 92 -14.97 26.35 14.27
N GLU B 93 -15.41 25.32 13.56
CA GLU B 93 -16.76 24.74 13.70
C GLU B 93 -16.83 23.91 14.99
N LYS B 94 -15.66 23.39 15.43
CA LYS B 94 -15.47 22.69 16.72
C LYS B 94 -16.27 21.36 16.73
N ILE B 95 -15.55 20.23 16.54
CA ILE B 95 -16.08 18.90 16.06
C ILE B 95 -14.85 17.98 15.80
N ASN B 96 -14.94 16.70 16.22
CA ASN B 96 -13.84 15.72 16.14
C ASN B 96 -14.23 14.51 15.25
N PRO B 97 -13.36 14.08 14.28
CA PRO B 97 -13.58 12.84 13.48
C PRO B 97 -13.19 11.55 14.24
N ALA B 98 -13.81 10.41 13.85
CA ALA B 98 -13.46 9.09 14.38
C ALA B 98 -12.18 8.57 13.70
N GLY B 99 -11.02 8.98 14.24
CA GLY B 99 -9.71 8.58 13.73
C GLY B 99 -9.26 9.45 12.56
N ALA B 100 -9.90 9.26 11.39
CA ALA B 100 -9.55 9.95 10.14
C ALA B 100 -10.85 10.41 9.40
N PRO B 101 -10.76 11.44 8.51
CA PRO B 101 -11.86 11.81 7.58
C PRO B 101 -11.73 11.14 6.18
N THR B 102 -12.83 11.16 5.38
CA THR B 102 -12.78 10.83 3.96
C THR B 102 -12.80 12.14 3.15
N TYR B 103 -11.62 12.57 2.69
CA TYR B 103 -11.50 13.72 1.78
C TYR B 103 -12.03 13.31 0.39
N VAL B 104 -13.33 13.58 0.14
CA VAL B 104 -13.99 13.23 -1.14
C VAL B 104 -13.83 14.38 -2.15
N PRO B 105 -12.95 14.22 -3.20
CA PRO B 105 -12.83 15.22 -4.27
C PRO B 105 -13.91 14.99 -5.35
N GLY B 106 -14.77 16.01 -5.55
CA GLY B 106 -15.82 15.96 -6.57
C GLY B 106 -15.23 15.91 -7.97
N GLU B 107 -14.36 16.88 -8.25
CA GLU B 107 -13.74 17.07 -9.58
C GLU B 107 -12.70 18.20 -9.45
N TYR B 108 -11.40 17.91 -9.65
CA TYR B 108 -10.37 18.96 -9.62
C TYR B 108 -10.12 19.48 -11.06
N LYS B 109 -10.74 20.63 -11.37
CA LYS B 109 -10.42 21.38 -12.59
C LYS B 109 -9.13 22.17 -12.36
N LEU B 110 -8.17 22.03 -13.30
CA LEU B 110 -6.92 22.82 -13.30
C LEU B 110 -7.26 24.30 -13.56
N GLY B 111 -6.89 25.18 -12.62
CA GLY B 111 -7.31 26.59 -12.63
C GLY B 111 -8.68 26.78 -12.02
N GLU B 112 -8.91 26.15 -10.86
CA GLU B 112 -10.18 26.20 -10.12
C GLU B 112 -9.95 25.92 -8.63
N ASP B 113 -10.81 26.51 -7.77
CA ASP B 113 -10.80 26.30 -6.31
C ASP B 113 -11.19 24.85 -5.97
N PHE B 114 -10.55 24.27 -4.94
CA PHE B 114 -10.79 22.86 -4.55
C PHE B 114 -11.93 22.81 -3.52
N THR B 115 -13.17 22.91 -4.03
CA THR B 115 -14.39 22.71 -3.25
C THR B 115 -14.70 21.21 -3.21
N TYR B 116 -14.32 20.55 -2.11
CA TYR B 116 -14.45 19.09 -1.96
C TYR B 116 -15.16 18.76 -0.64
N SER B 117 -15.83 17.59 -0.64
CA SER B 117 -16.68 17.14 0.46
C SER B 117 -15.84 16.32 1.45
N VAL B 118 -15.43 16.95 2.56
CA VAL B 118 -14.64 16.26 3.59
C VAL B 118 -15.60 15.54 4.55
N GLU B 119 -15.97 14.33 4.14
CA GLU B 119 -17.00 13.55 4.82
C GLU B 119 -16.35 12.65 5.87
N PHE B 120 -16.39 13.11 7.13
CA PHE B 120 -16.02 12.26 8.28
C PHE B 120 -17.28 11.90 9.05
N GLU B 121 -17.12 10.96 9.97
CA GLU B 121 -18.16 10.54 10.90
C GLU B 121 -17.55 10.50 12.30
N VAL B 122 -18.32 11.00 13.30
CA VAL B 122 -17.94 10.88 14.71
C VAL B 122 -18.05 9.40 15.16
N TYR B 123 -17.44 9.06 16.31
CA TYR B 123 -17.36 7.67 16.80
C TYR B 123 -18.78 7.05 16.96
N PRO B 124 -19.15 6.01 16.13
CA PRO B 124 -20.41 5.28 16.30
C PRO B 124 -20.33 4.39 17.54
N GLU B 125 -21.01 4.83 18.62
CA GLU B 125 -21.15 4.09 19.86
C GLU B 125 -21.80 2.72 19.55
N VAL B 126 -20.96 1.68 19.48
CA VAL B 126 -21.34 0.35 19.02
C VAL B 126 -21.98 -0.51 20.14
N GLU B 127 -22.96 -1.33 19.75
CA GLU B 127 -23.60 -2.32 20.61
C GLU B 127 -23.77 -3.62 19.81
N LEU B 128 -23.77 -4.75 20.54
CA LEU B 128 -24.08 -6.08 19.99
C LEU B 128 -25.20 -6.69 20.85
N GLN B 129 -26.23 -7.24 20.20
CA GLN B 129 -27.39 -7.86 20.87
C GLN B 129 -27.64 -9.25 20.27
N GLY B 130 -28.20 -10.17 21.08
CA GLY B 130 -28.39 -11.55 20.68
C GLY B 130 -27.12 -12.37 20.88
N LEU B 131 -26.38 -12.04 21.97
CA LEU B 131 -25.08 -12.64 22.29
C LEU B 131 -25.20 -14.16 22.45
N GLU B 132 -26.30 -14.57 23.09
CA GLU B 132 -26.65 -16.00 23.28
C GLU B 132 -27.39 -16.59 22.07
N ALA B 133 -27.87 -15.72 21.15
CA ALA B 133 -28.60 -16.15 19.95
C ALA B 133 -27.64 -16.36 18.76
N ILE B 134 -26.41 -15.80 18.88
CA ILE B 134 -25.34 -15.92 17.86
C ILE B 134 -25.04 -17.41 17.53
N GLU B 135 -25.12 -17.71 16.22
CA GLU B 135 -24.88 -19.05 15.69
C GLU B 135 -23.38 -19.37 15.70
N VAL B 136 -23.00 -20.32 16.57
CA VAL B 136 -21.63 -20.83 16.67
C VAL B 136 -21.59 -22.24 16.08
N GLU B 137 -20.50 -22.55 15.36
CA GLU B 137 -20.28 -23.84 14.74
C GLU B 137 -18.87 -24.31 15.11
N LYS B 138 -18.78 -25.26 16.06
CA LYS B 138 -17.49 -25.89 16.43
C LYS B 138 -17.28 -27.13 15.55
N PRO B 139 -16.32 -27.09 14.57
CA PRO B 139 -16.08 -28.21 13.65
C PRO B 139 -15.40 -29.39 14.37
N ILE B 140 -16.16 -30.48 14.58
CA ILE B 140 -15.68 -31.68 15.27
C ILE B 140 -15.37 -32.75 14.22
N VAL B 141 -14.12 -32.74 13.77
CA VAL B 141 -13.60 -33.71 12.79
C VAL B 141 -12.23 -34.21 13.27
N GLU B 142 -11.90 -35.45 12.90
CA GLU B 142 -10.60 -36.07 13.20
C GLU B 142 -10.03 -36.67 11.92
N VAL B 143 -8.72 -36.53 11.70
CA VAL B 143 -8.01 -37.18 10.59
C VAL B 143 -7.89 -38.70 10.89
N THR B 144 -9.00 -39.40 10.64
CA THR B 144 -9.08 -40.87 10.76
C THR B 144 -8.58 -41.48 9.43
N ASP B 145 -8.20 -42.77 9.43
CA ASP B 145 -7.71 -43.44 8.19
C ASP B 145 -8.80 -43.55 7.12
N ALA B 146 -10.08 -43.43 7.51
CA ALA B 146 -11.20 -43.27 6.58
C ALA B 146 -11.05 -41.94 5.80
N ASP B 147 -10.71 -40.87 6.56
CA ASP B 147 -10.48 -39.51 6.00
C ASP B 147 -9.22 -39.48 5.13
N VAL B 148 -8.16 -40.18 5.58
CA VAL B 148 -6.88 -40.18 4.86
C VAL B 148 -7.02 -40.94 3.54
N ASP B 149 -7.42 -42.23 3.61
CA ASP B 149 -7.63 -43.09 2.42
C ASP B 149 -8.68 -42.49 1.46
N GLY B 150 -9.73 -41.87 2.05
CA GLY B 150 -10.77 -41.21 1.27
C GLY B 150 -10.26 -40.03 0.46
N MET B 151 -9.59 -39.08 1.16
CA MET B 151 -9.03 -37.85 0.57
C MET B 151 -7.84 -38.17 -0.35
N LEU B 152 -7.13 -39.27 -0.04
CA LEU B 152 -5.95 -39.73 -0.80
C LEU B 152 -6.45 -40.27 -2.16
N ASP B 153 -7.52 -41.07 -2.09
CA ASP B 153 -8.23 -41.53 -3.29
C ASP B 153 -8.67 -40.32 -4.11
N THR B 154 -9.28 -39.33 -3.43
CA THR B 154 -9.78 -38.09 -4.06
C THR B 154 -8.65 -37.31 -4.80
N LEU B 155 -7.46 -37.15 -4.16
CA LEU B 155 -6.36 -36.36 -4.77
C LEU B 155 -5.68 -37.12 -5.92
N ARG B 156 -5.76 -38.48 -5.91
CA ARG B 156 -5.29 -39.28 -7.06
C ARG B 156 -6.44 -39.50 -8.09
N LYS B 157 -7.69 -39.15 -7.70
CA LYS B 157 -8.84 -39.11 -8.63
C LYS B 157 -8.97 -37.71 -9.27
N GLN B 158 -8.30 -36.69 -8.68
CA GLN B 158 -8.21 -35.34 -9.27
C GLN B 158 -6.89 -35.13 -10.04
N GLN B 159 -5.77 -35.18 -9.30
CA GLN B 159 -4.45 -34.70 -9.75
C GLN B 159 -3.51 -35.88 -10.13
N ALA B 160 -4.08 -36.90 -10.79
CA ALA B 160 -3.31 -38.06 -11.30
C ALA B 160 -2.49 -37.68 -12.57
N THR B 161 -1.61 -38.62 -13.00
CA THR B 161 -0.75 -38.44 -14.19
C THR B 161 -1.60 -38.40 -15.48
N TRP B 162 -1.24 -37.47 -16.37
CA TRP B 162 -1.95 -37.19 -17.62
C TRP B 162 -1.35 -38.00 -18.78
N LYS B 163 -2.21 -38.64 -19.58
CA LYS B 163 -1.78 -39.35 -20.81
C LYS B 163 -1.86 -38.39 -21.99
N GLU B 164 -0.87 -38.49 -22.89
CA GLU B 164 -0.85 -37.73 -24.16
C GLU B 164 -2.08 -38.11 -25.02
N LYS B 165 -2.52 -37.17 -25.87
CA LYS B 165 -3.64 -37.42 -26.80
C LYS B 165 -3.32 -36.85 -28.19
N ASP B 166 -3.86 -37.51 -29.20
CA ASP B 166 -3.83 -37.05 -30.60
C ASP B 166 -5.28 -36.96 -31.08
N GLY B 167 -5.83 -35.72 -31.09
CA GLY B 167 -7.21 -35.48 -31.50
C GLY B 167 -7.80 -34.20 -30.91
N ALA B 168 -9.15 -34.16 -30.83
CA ALA B 168 -9.91 -32.99 -30.38
C ALA B 168 -9.87 -32.82 -28.85
N VAL B 169 -10.08 -31.57 -28.40
CA VAL B 169 -10.24 -31.24 -26.99
C VAL B 169 -11.70 -31.56 -26.59
N GLU B 170 -11.89 -32.67 -25.89
CA GLU B 170 -13.20 -33.05 -25.33
C GLU B 170 -13.50 -32.22 -24.07
N ALA B 171 -14.77 -32.25 -23.62
CA ALA B 171 -15.26 -31.47 -22.46
C ALA B 171 -14.60 -31.89 -21.13
N GLU B 172 -13.93 -33.06 -21.12
CA GLU B 172 -13.23 -33.60 -19.94
C GLU B 172 -11.74 -33.91 -20.24
N ASP B 173 -11.19 -33.31 -21.30
CA ASP B 173 -9.72 -33.35 -21.57
C ASP B 173 -9.01 -32.17 -20.89
N ARG B 174 -7.67 -32.20 -20.93
CA ARG B 174 -6.84 -31.05 -20.57
C ARG B 174 -6.23 -30.46 -21.85
N VAL B 175 -5.92 -29.16 -21.81
CA VAL B 175 -5.31 -28.46 -22.94
C VAL B 175 -4.32 -27.38 -22.44
N THR B 176 -3.20 -27.23 -23.16
CA THR B 176 -2.27 -26.12 -22.98
C THR B 176 -2.29 -25.24 -24.24
N ILE B 177 -2.39 -23.92 -24.03
CA ILE B 177 -2.41 -22.90 -25.08
C ILE B 177 -1.58 -21.69 -24.60
N ASP B 178 -1.02 -20.92 -25.53
CA ASP B 178 -0.50 -19.57 -25.22
C ASP B 178 -1.38 -18.56 -25.94
N PHE B 179 -2.23 -17.86 -25.17
CA PHE B 179 -3.25 -16.95 -25.73
C PHE B 179 -2.89 -15.49 -25.46
N THR B 180 -3.19 -14.64 -26.44
CA THR B 180 -2.97 -13.20 -26.37
C THR B 180 -3.89 -12.50 -27.38
N GLY B 181 -4.14 -11.22 -27.16
CA GLY B 181 -4.97 -10.42 -28.03
C GLY B 181 -5.24 -9.07 -27.42
N SER B 182 -6.52 -8.67 -27.37
CA SER B 182 -6.92 -7.39 -26.78
C SER B 182 -8.44 -7.40 -26.51
N VAL B 183 -8.85 -6.67 -25.46
CA VAL B 183 -10.25 -6.54 -25.05
C VAL B 183 -10.79 -5.22 -25.61
N ASP B 184 -11.60 -5.31 -26.70
CA ASP B 184 -12.15 -4.14 -27.44
C ASP B 184 -11.02 -3.39 -28.22
N GLY B 185 -9.81 -4.00 -28.25
CA GLY B 185 -8.61 -3.34 -28.79
C GLY B 185 -7.70 -2.81 -27.69
N GLU B 186 -8.19 -2.84 -26.44
CA GLU B 186 -7.45 -2.38 -25.25
C GLU B 186 -6.47 -3.46 -24.78
N GLU B 187 -5.24 -3.05 -24.44
CA GLU B 187 -4.19 -3.95 -23.95
C GLU B 187 -4.39 -4.21 -22.44
N PHE B 188 -5.22 -5.24 -22.16
CA PHE B 188 -5.49 -5.75 -20.82
C PHE B 188 -4.17 -6.21 -20.12
N GLU B 189 -3.69 -5.35 -19.19
CA GLU B 189 -2.38 -5.47 -18.53
C GLU B 189 -2.34 -6.69 -17.58
N GLY B 190 -1.50 -7.69 -17.94
CA GLY B 190 -1.33 -8.91 -17.14
C GLY B 190 -2.46 -9.92 -17.29
N GLY B 191 -3.41 -9.66 -18.21
CA GLY B 191 -4.60 -10.51 -18.39
C GLY B 191 -4.39 -11.68 -19.35
N LYS B 192 -3.29 -11.65 -20.13
CA LYS B 192 -2.92 -12.73 -21.05
C LYS B 192 -2.02 -13.74 -20.32
N ALA B 193 -1.90 -14.96 -20.86
CA ALA B 193 -1.09 -16.03 -20.23
C ALA B 193 -0.49 -16.94 -21.30
N SER B 194 0.84 -16.87 -21.42
CA SER B 194 1.63 -17.75 -22.27
C SER B 194 1.83 -19.12 -21.57
N ASP B 195 1.60 -20.21 -22.34
CA ASP B 195 1.69 -21.62 -21.88
C ASP B 195 0.76 -21.86 -20.65
N PHE B 196 -0.47 -21.39 -20.80
CA PHE B 196 -1.55 -21.62 -19.84
C PHE B 196 -2.12 -23.04 -20.04
N VAL B 197 -2.25 -23.80 -18.96
CA VAL B 197 -2.72 -25.19 -19.02
C VAL B 197 -4.12 -25.33 -18.38
N LEU B 198 -5.18 -25.24 -19.21
CA LEU B 198 -6.58 -25.39 -18.76
C LEU B 198 -6.87 -26.86 -18.44
N ALA B 199 -6.98 -27.15 -17.13
CA ALA B 199 -7.38 -28.47 -16.62
C ALA B 199 -8.89 -28.49 -16.37
N MET B 200 -9.50 -29.65 -16.64
CA MET B 200 -10.91 -29.95 -16.34
C MET B 200 -11.10 -30.29 -14.84
N GLY B 201 -12.35 -30.63 -14.46
CA GLY B 201 -12.69 -31.02 -13.08
C GLY B 201 -13.23 -29.82 -12.30
N GLN B 202 -12.55 -28.69 -12.45
CA GLN B 202 -13.02 -27.36 -12.02
C GLN B 202 -14.20 -26.89 -12.92
N GLY B 203 -14.90 -25.82 -12.49
CA GLY B 203 -16.18 -25.38 -13.10
C GLY B 203 -16.06 -24.76 -14.51
N ARG B 204 -17.10 -23.98 -14.90
CA ARG B 204 -17.18 -23.33 -16.24
C ARG B 204 -16.88 -21.81 -16.12
N MET B 205 -16.28 -21.25 -17.20
CA MET B 205 -15.69 -19.89 -17.20
C MET B 205 -16.56 -18.94 -18.03
N ILE B 206 -16.01 -17.74 -18.37
CA ILE B 206 -16.61 -16.77 -19.31
C ILE B 206 -17.14 -17.48 -20.59
N PRO B 207 -18.44 -17.22 -20.98
CA PRO B 207 -19.04 -17.82 -22.20
C PRO B 207 -18.20 -17.48 -23.46
N GLY B 208 -18.08 -18.47 -24.36
CA GLY B 208 -17.36 -18.29 -25.62
C GLY B 208 -15.97 -18.90 -25.59
N PHE B 209 -15.20 -18.65 -24.50
CA PHE B 209 -13.75 -18.98 -24.44
C PHE B 209 -13.53 -20.49 -24.59
N GLU B 210 -13.84 -21.26 -23.52
CA GLU B 210 -13.61 -22.71 -23.50
C GLU B 210 -14.53 -23.45 -24.50
N ASP B 211 -15.56 -22.75 -24.99
CA ASP B 211 -16.43 -23.21 -26.08
C ASP B 211 -15.64 -23.30 -27.41
N GLY B 212 -14.73 -22.32 -27.62
CA GLY B 212 -13.84 -22.34 -28.77
C GLY B 212 -12.81 -23.46 -28.65
N ILE B 213 -12.24 -23.58 -27.44
CA ILE B 213 -11.22 -24.57 -27.07
C ILE B 213 -11.68 -26.01 -27.39
N LYS B 214 -12.86 -26.38 -26.85
CA LYS B 214 -13.43 -27.74 -27.02
C LYS B 214 -13.97 -27.98 -28.45
N GLY B 215 -13.98 -26.92 -29.29
CA GLY B 215 -14.57 -26.99 -30.61
C GLY B 215 -13.55 -27.22 -31.70
N HIS B 216 -12.33 -27.62 -31.29
CA HIS B 216 -11.17 -27.77 -32.19
C HIS B 216 -10.26 -28.93 -31.70
N LYS B 217 -9.21 -29.19 -32.50
CA LYS B 217 -8.21 -30.25 -32.23
C LYS B 217 -6.79 -29.64 -32.19
N ALA B 218 -5.81 -30.39 -31.65
CA ALA B 218 -4.42 -29.91 -31.52
C ALA B 218 -3.76 -29.71 -32.91
N GLY B 219 -3.16 -28.53 -33.12
CA GLY B 219 -2.45 -28.22 -34.36
C GLY B 219 -2.75 -26.82 -34.89
N GLU B 220 -4.05 -26.52 -35.10
CA GLU B 220 -4.47 -25.25 -35.72
C GLU B 220 -4.31 -24.05 -34.78
N GLU B 221 -4.07 -22.89 -35.40
CA GLU B 221 -3.91 -21.60 -34.72
C GLU B 221 -4.96 -20.62 -35.26
N PHE B 222 -5.90 -20.26 -34.38
CA PHE B 222 -7.09 -19.45 -34.73
C PHE B 222 -7.26 -18.33 -33.68
N THR B 223 -8.41 -17.67 -33.69
CA THR B 223 -8.79 -16.71 -32.65
C THR B 223 -10.26 -16.91 -32.26
N ILE B 224 -10.58 -16.61 -31.00
CA ILE B 224 -11.94 -16.60 -30.48
C ILE B 224 -12.25 -15.18 -29.94
N ASP B 225 -13.19 -14.49 -30.58
CA ASP B 225 -13.66 -13.18 -30.10
C ASP B 225 -14.82 -13.43 -29.15
N VAL B 226 -14.54 -13.35 -27.84
CA VAL B 226 -15.52 -13.64 -26.79
C VAL B 226 -15.78 -12.37 -25.97
N THR B 227 -17.05 -11.95 -25.89
CA THR B 227 -17.44 -10.80 -25.06
C THR B 227 -17.52 -11.26 -23.59
N PHE B 228 -16.79 -10.54 -22.71
CA PHE B 228 -16.87 -10.77 -21.28
C PHE B 228 -18.31 -10.51 -20.78
N PRO B 229 -18.87 -11.41 -19.92
CA PRO B 229 -20.24 -11.25 -19.38
C PRO B 229 -20.35 -10.01 -18.48
N GLU B 230 -21.58 -9.51 -18.31
CA GLU B 230 -21.88 -8.35 -17.45
C GLU B 230 -21.70 -8.68 -15.95
N GLU B 231 -21.53 -9.98 -15.64
CA GLU B 231 -21.25 -10.47 -14.28
C GLU B 231 -19.73 -10.53 -14.02
N TYR B 232 -18.92 -10.35 -15.08
CA TYR B 232 -17.44 -10.35 -14.99
C TYR B 232 -16.99 -9.10 -14.21
N HIS B 233 -16.29 -9.33 -13.09
CA HIS B 233 -16.11 -8.34 -12.00
C HIS B 233 -15.20 -7.14 -12.36
N ALA B 234 -14.32 -7.30 -13.34
CA ALA B 234 -13.50 -6.18 -13.86
C ALA B 234 -14.38 -5.33 -14.79
N GLU B 235 -14.86 -4.20 -14.23
CA GLU B 235 -15.85 -3.30 -14.86
C GLU B 235 -15.41 -2.78 -16.25
N ASN B 236 -14.09 -2.57 -16.43
CA ASN B 236 -13.52 -2.10 -17.72
C ASN B 236 -13.74 -3.11 -18.84
N LEU B 237 -13.51 -4.40 -18.52
CA LEU B 237 -13.45 -5.46 -19.52
C LEU B 237 -14.83 -6.09 -19.80
N LYS B 238 -15.76 -6.02 -18.81
CA LYS B 238 -17.11 -6.61 -18.96
C LYS B 238 -17.95 -5.82 -20.00
N GLY B 239 -18.64 -6.55 -20.90
CA GLY B 239 -19.38 -5.91 -22.01
C GLY B 239 -18.51 -5.72 -23.26
N LYS B 240 -17.17 -5.77 -23.08
CA LYS B 240 -16.20 -5.59 -24.18
C LYS B 240 -15.87 -6.96 -24.80
N ALA B 241 -15.81 -7.00 -26.15
CA ALA B 241 -15.46 -8.19 -26.93
C ALA B 241 -13.93 -8.40 -26.91
N ALA B 242 -13.48 -9.38 -26.11
CA ALA B 242 -12.06 -9.73 -25.97
C ALA B 242 -11.67 -10.81 -26.99
N LYS B 243 -10.82 -10.45 -27.96
CA LYS B 243 -10.33 -11.39 -28.97
C LYS B 243 -9.04 -12.09 -28.48
N PHE B 244 -9.03 -13.43 -28.55
CA PHE B 244 -7.99 -14.30 -27.98
C PHE B 244 -7.44 -15.24 -29.05
N ALA B 245 -6.21 -14.98 -29.50
CA ALA B 245 -5.49 -15.87 -30.44
C ALA B 245 -5.18 -17.21 -29.75
N ILE B 246 -5.98 -18.24 -30.07
CA ILE B 246 -5.85 -19.58 -29.49
C ILE B 246 -5.07 -20.49 -30.44
N ASN B 247 -3.93 -20.94 -29.96
CA ASN B 247 -3.12 -21.96 -30.61
C ASN B 247 -3.14 -23.22 -29.72
N LEU B 248 -3.80 -24.30 -30.18
CA LEU B 248 -3.93 -25.53 -29.39
C LEU B 248 -2.58 -26.25 -29.34
N LYS B 249 -1.76 -25.79 -28.36
CA LYS B 249 -0.33 -26.09 -28.23
C LYS B 249 -0.14 -27.56 -27.89
N LYS B 250 -0.73 -27.97 -26.76
CA LYS B 250 -0.73 -29.37 -26.28
C LYS B 250 -2.17 -29.77 -25.97
N VAL B 251 -2.55 -31.01 -26.31
CA VAL B 251 -3.84 -31.61 -25.89
C VAL B 251 -3.54 -33.01 -25.36
N GLU B 252 -3.74 -33.19 -24.06
CA GLU B 252 -3.51 -34.46 -23.37
C GLU B 252 -4.80 -34.87 -22.65
N GLU B 253 -5.12 -36.15 -22.72
CA GLU B 253 -6.37 -36.71 -22.19
C GLU B 253 -6.23 -36.99 -20.69
N ARG B 254 -7.33 -36.83 -19.96
CA ARG B 254 -7.42 -37.03 -18.51
C ARG B 254 -7.24 -38.53 -18.18
N GLU B 255 -6.16 -38.87 -17.46
CA GLU B 255 -5.90 -40.24 -17.02
C GLU B 255 -5.92 -40.30 -15.49
N LEU B 256 -6.61 -41.33 -14.97
CA LEU B 256 -6.73 -41.62 -13.54
C LEU B 256 -6.37 -43.11 -13.33
N PRO B 257 -5.05 -43.47 -13.21
CA PRO B 257 -4.64 -44.87 -13.01
C PRO B 257 -4.57 -45.24 -11.50
N GLU B 258 -3.54 -44.72 -10.79
CA GLU B 258 -3.27 -45.05 -9.38
C GLU B 258 -2.66 -43.81 -8.69
N LEU B 259 -2.20 -43.98 -7.42
CA LEU B 259 -1.34 -43.00 -6.75
C LEU B 259 0.10 -43.19 -7.29
N THR B 260 0.50 -42.32 -8.22
CA THR B 260 1.74 -42.46 -8.98
C THR B 260 2.94 -41.86 -8.23
N ALA B 261 4.14 -42.44 -8.45
CA ALA B 261 5.41 -41.99 -7.84
C ALA B 261 5.74 -40.53 -8.24
N GLU B 262 5.27 -40.12 -9.44
CA GLU B 262 5.35 -38.73 -9.91
C GLU B 262 4.53 -37.82 -8.97
N PHE B 263 3.35 -38.31 -8.51
CA PHE B 263 2.50 -37.55 -7.57
C PHE B 263 3.17 -37.53 -6.19
N ILE B 264 3.76 -38.67 -5.75
CA ILE B 264 4.49 -38.74 -4.46
C ILE B 264 5.53 -37.60 -4.41
N LYS B 265 6.27 -37.45 -5.52
CA LYS B 265 7.27 -36.37 -5.67
C LYS B 265 6.59 -34.97 -5.82
N ARG B 266 5.36 -34.93 -6.38
CA ARG B 266 4.62 -33.67 -6.66
C ARG B 266 4.13 -33.04 -5.33
N PHE B 267 3.92 -33.92 -4.34
CA PHE B 267 3.53 -33.54 -2.96
C PHE B 267 4.78 -33.06 -2.18
N GLY B 268 5.98 -33.23 -2.78
CA GLY B 268 7.24 -32.79 -2.18
C GLY B 268 7.95 -33.86 -1.37
N VAL B 269 7.39 -35.09 -1.38
CA VAL B 269 7.88 -36.21 -0.55
C VAL B 269 9.25 -36.71 -1.03
N GLU B 270 10.29 -36.36 -0.26
CA GLU B 270 11.69 -36.77 -0.48
C GLU B 270 11.94 -38.22 -0.02
N ASP B 271 11.00 -38.78 0.75
CA ASP B 271 11.03 -40.19 1.16
C ASP B 271 10.90 -41.09 -0.08
N GLY B 272 9.96 -40.71 -0.98
CA GLY B 272 9.62 -41.51 -2.15
C GLY B 272 8.68 -42.66 -1.81
N SER B 273 9.05 -43.38 -0.74
CA SER B 273 8.24 -44.43 -0.10
C SER B 273 6.80 -43.95 0.16
N VAL B 274 5.80 -44.74 -0.27
CA VAL B 274 4.37 -44.39 -0.17
C VAL B 274 3.93 -44.19 1.30
N GLU B 275 4.42 -45.05 2.20
CA GLU B 275 4.25 -44.89 3.66
C GLU B 275 4.83 -43.54 4.17
N GLY B 276 5.89 -43.04 3.49
CA GLY B 276 6.47 -41.72 3.78
C GLY B 276 5.56 -40.60 3.30
N LEU B 277 4.81 -40.88 2.19
CA LEU B 277 3.83 -39.95 1.62
C LEU B 277 2.68 -39.84 2.59
N ARG B 278 2.31 -40.99 3.21
CA ARG B 278 1.25 -41.07 4.21
C ARG B 278 1.59 -40.22 5.43
N ALA B 279 2.83 -40.33 5.94
CA ALA B 279 3.30 -39.55 7.10
C ALA B 279 3.24 -38.04 6.79
N GLU B 280 3.72 -37.69 5.58
CA GLU B 280 3.69 -36.33 5.06
C GLU B 280 2.23 -35.81 5.00
N VAL B 281 1.32 -36.69 4.54
CA VAL B 281 -0.14 -36.41 4.43
C VAL B 281 -0.79 -36.32 5.81
N ARG B 282 -0.34 -37.13 6.80
CA ARG B 282 -0.92 -37.12 8.15
C ARG B 282 -0.65 -35.76 8.80
N LYS B 283 0.62 -35.31 8.71
CA LYS B 283 1.06 -34.03 9.26
C LYS B 283 0.43 -32.84 8.50
N ASN B 284 0.34 -32.96 7.15
CA ASN B 284 -0.22 -31.90 6.28
C ASN B 284 -1.72 -31.69 6.58
N MET B 285 -2.48 -32.81 6.55
CA MET B 285 -3.92 -32.82 6.85
C MET B 285 -4.18 -32.30 8.27
N GLU B 286 -3.33 -32.70 9.24
CA GLU B 286 -3.46 -32.27 10.65
C GLU B 286 -3.16 -30.78 10.86
N ARG B 287 -2.14 -30.26 10.15
CA ARG B 287 -1.74 -28.84 10.27
C ARG B 287 -2.87 -27.96 9.70
N GLU B 288 -3.41 -28.41 8.54
CA GLU B 288 -4.55 -27.76 7.90
C GLU B 288 -5.88 -28.08 8.63
N LEU B 289 -5.90 -29.19 9.42
CA LEU B 289 -7.08 -29.57 10.24
C LEU B 289 -7.29 -28.50 11.31
N LYS B 290 -6.24 -28.28 12.13
CA LYS B 290 -6.22 -27.24 13.20
C LYS B 290 -6.60 -25.87 12.61
N SER B 291 -5.96 -25.53 11.48
CA SER B 291 -6.15 -24.28 10.74
C SER B 291 -7.60 -24.13 10.23
N ALA B 292 -8.23 -25.26 9.82
CA ALA B 292 -9.60 -25.27 9.29
C ALA B 292 -10.64 -25.19 10.40
N ILE B 293 -10.36 -25.82 11.58
CA ILE B 293 -11.27 -25.74 12.74
C ILE B 293 -11.35 -24.30 13.21
N ARG B 294 -10.15 -23.68 13.34
CA ARG B 294 -10.00 -22.27 13.69
C ARG B 294 -10.72 -21.39 12.66
N ASN B 295 -10.41 -21.58 11.36
CA ASN B 295 -10.97 -20.76 10.25
C ASN B 295 -12.50 -20.80 10.23
N ARG B 296 -13.08 -22.00 10.41
CA ARG B 296 -14.54 -22.20 10.34
C ARG B 296 -15.25 -21.59 11.54
N VAL B 297 -14.82 -21.94 12.77
CA VAL B 297 -15.44 -21.41 14.00
C VAL B 297 -15.24 -19.88 14.10
N LYS B 298 -14.11 -19.39 13.52
CA LYS B 298 -13.77 -17.97 13.47
C LYS B 298 -14.77 -17.26 12.56
N SER B 299 -14.81 -17.67 11.28
CA SER B 299 -15.64 -17.03 10.23
C SER B 299 -17.14 -17.13 10.55
N GLN B 300 -17.55 -18.21 11.26
CA GLN B 300 -18.96 -18.41 11.67
C GLN B 300 -19.29 -17.51 12.88
N ALA B 301 -18.34 -17.38 13.82
CA ALA B 301 -18.49 -16.46 14.96
C ALA B 301 -18.58 -15.00 14.48
N ILE B 302 -17.59 -14.62 13.65
CA ILE B 302 -17.52 -13.31 12.97
C ILE B 302 -18.84 -13.01 12.22
N GLU B 303 -19.31 -14.02 11.47
CA GLU B 303 -20.61 -13.97 10.77
C GLU B 303 -21.74 -13.68 11.78
N GLY B 304 -21.73 -14.40 12.92
CA GLY B 304 -22.75 -14.25 13.95
C GLY B 304 -22.69 -12.90 14.65
N LEU B 305 -21.47 -12.37 14.84
CA LEU B 305 -21.23 -11.09 15.54
C LEU B 305 -21.77 -9.91 14.71
N VAL B 306 -21.39 -9.88 13.42
CA VAL B 306 -21.83 -8.81 12.51
C VAL B 306 -23.35 -8.94 12.24
N LYS B 307 -23.79 -10.16 11.91
CA LYS B 307 -25.20 -10.45 11.60
C LYS B 307 -26.10 -10.33 12.85
N ALA B 308 -25.47 -10.31 14.06
CA ALA B 308 -26.16 -9.94 15.30
C ALA B 308 -26.68 -8.50 15.21
N ASN B 309 -25.78 -7.58 14.80
CA ASN B 309 -26.05 -6.12 14.78
C ASN B 309 -25.32 -5.50 13.58
N ASP B 310 -26.06 -5.32 12.46
CA ASP B 310 -25.53 -4.64 11.27
C ASP B 310 -25.46 -3.13 11.53
N ILE B 311 -24.36 -2.75 12.18
CA ILE B 311 -24.08 -1.36 12.57
C ILE B 311 -23.63 -0.54 11.35
N ASP B 312 -23.74 0.79 11.45
CA ASP B 312 -23.29 1.70 10.39
C ASP B 312 -21.91 2.26 10.81
N VAL B 313 -20.89 1.91 10.03
CA VAL B 313 -19.48 2.14 10.35
C VAL B 313 -18.91 3.32 9.53
N PRO B 314 -17.93 4.11 10.10
CA PRO B 314 -17.43 5.34 9.45
C PRO B 314 -16.66 5.03 8.14
N ALA B 315 -17.17 5.58 7.01
CA ALA B 315 -16.68 5.32 5.64
C ALA B 315 -15.20 5.74 5.44
N ALA B 316 -14.62 6.45 6.43
CA ALA B 316 -13.19 6.75 6.49
C ALA B 316 -12.36 5.46 6.61
N LEU B 317 -12.72 4.64 7.62
CA LEU B 317 -12.08 3.34 7.89
C LEU B 317 -12.29 2.41 6.68
N ILE B 318 -13.51 2.42 6.12
CA ILE B 318 -13.88 1.62 4.94
C ILE B 318 -13.00 2.02 3.74
N ASP B 319 -12.84 3.34 3.52
CA ASP B 319 -12.05 3.88 2.39
C ASP B 319 -10.55 3.51 2.55
N SER B 320 -10.09 3.43 3.82
CA SER B 320 -8.72 2.95 4.15
C SER B 320 -8.56 1.45 3.81
N GLU B 321 -9.59 0.64 4.14
CA GLU B 321 -9.60 -0.80 3.81
C GLU B 321 -9.54 -0.99 2.28
N ILE B 322 -10.46 -0.30 1.57
CA ILE B 322 -10.53 -0.31 0.09
C ILE B 322 -9.19 0.15 -0.50
N ASP B 323 -8.55 1.15 0.15
CA ASP B 323 -7.23 1.66 -0.25
C ASP B 323 -6.22 0.51 -0.28
N VAL B 324 -6.09 -0.22 0.85
CA VAL B 324 -5.15 -1.36 0.98
C VAL B 324 -5.50 -2.51 -0.02
N LEU B 325 -6.75 -3.00 0.06
CA LEU B 325 -7.25 -4.17 -0.71
C LEU B 325 -7.09 -3.96 -2.23
N ARG B 326 -7.44 -2.74 -2.69
CA ARG B 326 -7.50 -2.38 -4.13
C ARG B 326 -6.12 -1.92 -4.65
N ARG B 327 -5.26 -1.41 -3.73
CA ARG B 327 -3.84 -1.13 -4.02
C ARG B 327 -3.15 -2.45 -4.41
N GLN B 328 -3.32 -3.46 -3.52
CA GLN B 328 -2.79 -4.80 -3.73
C GLN B 328 -3.39 -5.45 -4.98
N ALA B 329 -4.71 -5.27 -5.18
CA ALA B 329 -5.44 -5.84 -6.33
C ALA B 329 -4.86 -5.34 -7.66
N ALA B 330 -4.82 -4.01 -7.84
CA ALA B 330 -4.33 -3.37 -9.07
C ALA B 330 -2.84 -3.64 -9.32
N GLN B 331 -2.06 -3.75 -8.22
CA GLN B 331 -0.63 -4.14 -8.29
C GLN B 331 -0.50 -5.61 -8.76
N ARG B 332 -1.47 -6.45 -8.37
CA ARG B 332 -1.43 -7.90 -8.60
C ARG B 332 -1.77 -8.17 -10.08
N PHE B 333 -2.93 -7.69 -10.49
CA PHE B 333 -3.44 -7.81 -11.85
C PHE B 333 -2.88 -6.67 -12.72
N GLY B 334 -1.57 -6.78 -13.05
CA GLY B 334 -0.93 -5.90 -14.03
C GLY B 334 0.17 -5.03 -13.43
N GLY B 335 -0.12 -4.38 -12.28
CA GLY B 335 0.83 -3.45 -11.65
C GLY B 335 0.57 -1.99 -12.03
N ASN B 336 -0.72 -1.66 -12.22
CA ASN B 336 -1.16 -0.30 -12.62
C ASN B 336 -2.46 0.04 -11.87
N GLU B 337 -2.47 1.19 -11.15
CA GLU B 337 -3.64 1.65 -10.37
C GLU B 337 -4.76 2.22 -11.30
N LYS B 338 -4.45 2.44 -12.59
CA LYS B 338 -5.47 2.77 -13.62
C LYS B 338 -6.53 1.64 -13.68
N GLN B 339 -6.08 0.39 -13.43
CA GLN B 339 -6.94 -0.79 -13.38
C GLN B 339 -7.80 -0.81 -12.08
N ALA B 340 -7.31 -0.18 -10.99
CA ALA B 340 -8.00 -0.15 -9.67
C ALA B 340 -9.39 0.49 -9.75
N LEU B 341 -9.47 1.62 -10.47
CA LEU B 341 -10.73 2.37 -10.66
C LEU B 341 -11.73 1.56 -11.53
N GLU B 342 -11.22 0.50 -12.17
CA GLU B 342 -12.03 -0.39 -13.03
C GLU B 342 -12.55 -1.61 -12.23
N LEU B 343 -12.24 -1.68 -10.91
CA LEU B 343 -12.93 -2.60 -9.98
C LEU B 343 -13.83 -1.74 -9.06
N PRO B 344 -15.19 -1.95 -9.08
CA PRO B 344 -16.12 -1.26 -8.15
C PRO B 344 -15.72 -1.49 -6.68
N ARG B 345 -15.44 -0.39 -5.94
CA ARG B 345 -14.97 -0.43 -4.53
C ARG B 345 -15.91 -1.29 -3.64
N GLU B 346 -17.19 -1.31 -4.05
CA GLU B 346 -18.28 -2.04 -3.41
C GLU B 346 -17.95 -3.53 -3.16
N LEU B 347 -17.20 -4.18 -4.09
CA LEU B 347 -16.85 -5.61 -3.93
C LEU B 347 -15.82 -5.81 -2.79
N PHE B 348 -14.98 -4.78 -2.55
CA PHE B 348 -13.99 -4.78 -1.44
C PHE B 348 -14.71 -4.42 -0.14
N GLU B 349 -15.69 -3.50 -0.30
CA GLU B 349 -16.46 -2.85 0.77
C GLU B 349 -17.30 -3.87 1.57
N GLU B 350 -17.71 -4.96 0.88
CA GLU B 350 -18.48 -6.07 1.47
C GLU B 350 -17.77 -6.58 2.75
N GLN B 351 -16.54 -7.11 2.56
CA GLN B 351 -15.71 -7.68 3.62
C GLN B 351 -15.12 -6.58 4.51
N ALA B 352 -14.60 -5.52 3.86
CA ALA B 352 -13.96 -4.36 4.54
C ALA B 352 -14.83 -3.78 5.68
N LYS B 353 -16.06 -3.38 5.31
CA LYS B 353 -17.08 -2.91 6.26
C LYS B 353 -17.22 -3.88 7.43
N ARG B 354 -17.44 -5.17 7.11
CA ARG B 354 -17.63 -6.21 8.13
C ARG B 354 -16.35 -6.45 8.97
N ARG B 355 -15.16 -6.08 8.41
CA ARG B 355 -13.85 -6.27 9.10
C ARG B 355 -13.71 -5.19 10.20
N VAL B 356 -14.09 -3.94 9.87
CA VAL B 356 -14.07 -2.84 10.87
C VAL B 356 -15.28 -2.95 11.84
N VAL B 357 -16.38 -3.61 11.39
CA VAL B 357 -17.51 -3.96 12.28
C VAL B 357 -17.01 -4.93 13.37
N VAL B 358 -16.24 -5.96 12.95
CA VAL B 358 -15.53 -6.87 13.87
C VAL B 358 -14.56 -6.10 14.80
N GLY B 359 -13.87 -5.10 14.24
CA GLY B 359 -12.96 -4.25 14.99
C GLY B 359 -13.66 -3.50 16.13
N LEU B 360 -14.90 -3.04 15.86
CA LEU B 360 -15.74 -2.32 16.84
C LEU B 360 -16.42 -3.30 17.83
N LEU B 361 -16.83 -4.49 17.34
CA LEU B 361 -17.59 -5.48 18.16
C LEU B 361 -16.68 -6.21 19.14
N LEU B 362 -15.61 -6.85 18.62
CA LEU B 362 -14.61 -7.54 19.45
C LEU B 362 -13.87 -6.53 20.34
N GLY B 363 -13.68 -5.30 19.81
CA GLY B 363 -13.15 -4.19 20.58
C GLY B 363 -14.03 -3.84 21.78
N GLU B 364 -15.36 -3.80 21.52
CA GLU B 364 -16.39 -3.57 22.55
C GLU B 364 -16.31 -4.62 23.67
N VAL B 365 -16.11 -5.90 23.26
CA VAL B 365 -16.05 -7.03 24.19
C VAL B 365 -14.84 -6.89 25.14
N ILE B 366 -13.61 -6.85 24.57
CA ILE B 366 -12.37 -6.81 25.37
C ILE B 366 -12.27 -5.54 26.25
N ARG B 367 -12.77 -4.40 25.71
CA ARG B 367 -12.72 -3.10 26.40
C ARG B 367 -13.65 -3.09 27.63
N THR B 368 -14.95 -3.40 27.40
CA THR B 368 -15.99 -3.25 28.43
C THR B 368 -16.05 -4.45 29.38
N ASN B 369 -15.92 -5.68 28.83
CA ASN B 369 -15.91 -6.94 29.63
C ASN B 369 -14.56 -7.10 30.36
N GLU B 370 -13.55 -6.26 30.00
CA GLU B 370 -12.25 -6.17 30.69
C GLU B 370 -11.47 -7.49 30.54
N LEU B 371 -11.27 -7.90 29.29
CA LEU B 371 -10.52 -9.13 28.97
C LEU B 371 -9.01 -8.83 28.95
N LYS B 372 -8.23 -9.67 29.64
CA LYS B 372 -6.75 -9.59 29.66
C LYS B 372 -6.18 -10.76 28.85
N ALA B 373 -5.22 -10.48 27.94
CA ALA B 373 -4.55 -11.51 27.14
C ALA B 373 -3.88 -12.53 28.07
N ASP B 374 -4.63 -13.62 28.37
CA ASP B 374 -4.19 -14.70 29.25
C ASP B 374 -2.91 -15.31 28.68
N GLU B 375 -1.91 -15.56 29.54
CA GLU B 375 -0.66 -16.23 29.12
C GLU B 375 -0.97 -17.61 28.52
N GLU B 376 -2.11 -18.20 28.96
CA GLU B 376 -2.74 -19.38 28.35
C GLU B 376 -3.00 -19.14 26.84
N ARG B 377 -3.75 -18.05 26.53
CA ARG B 377 -4.22 -17.79 25.17
C ARG B 377 -3.06 -17.36 24.26
N VAL B 378 -2.26 -16.38 24.72
CA VAL B 378 -1.16 -15.82 23.94
C VAL B 378 -0.05 -16.88 23.74
N LYS B 379 0.48 -17.50 24.83
CA LYS B 379 1.58 -18.49 24.69
C LYS B 379 1.06 -19.81 24.09
N GLY B 380 -0.25 -20.10 24.24
CA GLY B 380 -0.88 -21.24 23.58
C GLY B 380 -0.95 -21.09 22.07
N LEU B 381 -1.32 -19.88 21.62
CA LEU B 381 -1.42 -19.53 20.18
C LEU B 381 0.00 -19.53 19.57
N ILE B 382 0.95 -18.93 20.32
CA ILE B 382 2.37 -18.87 19.93
C ILE B 382 2.91 -20.30 19.75
N GLU B 383 2.66 -21.18 20.76
CA GLU B 383 3.11 -22.60 20.76
C GLU B 383 2.53 -23.34 19.55
N GLU B 384 1.21 -23.13 19.33
CA GLU B 384 0.41 -23.77 18.25
C GLU B 384 1.07 -23.51 16.88
N MET B 385 1.39 -22.24 16.60
CA MET B 385 2.01 -21.84 15.31
C MET B 385 3.55 -21.94 15.35
N ALA B 386 4.13 -22.11 16.57
CA ALA B 386 5.59 -22.31 16.75
C ALA B 386 5.97 -23.75 16.44
N SER B 387 4.98 -24.65 16.52
CA SER B 387 5.10 -26.03 16.04
C SER B 387 5.33 -26.09 14.50
N ALA B 388 5.11 -24.94 13.81
CA ALA B 388 5.47 -24.77 12.38
C ALA B 388 6.93 -24.28 12.24
N TYR B 389 7.48 -23.66 13.32
CA TYR B 389 8.89 -23.22 13.37
C TYR B 389 9.78 -24.38 13.86
N GLU B 390 11.11 -24.15 13.89
CA GLU B 390 12.11 -25.18 14.22
C GLU B 390 12.11 -25.49 15.73
N ASP B 391 12.11 -24.45 16.59
CA ASP B 391 12.20 -24.63 18.07
C ASP B 391 11.06 -23.87 18.79
N PRO B 392 9.86 -24.53 18.98
CA PRO B 392 8.67 -23.91 19.61
C PRO B 392 8.92 -23.12 20.92
N LYS B 393 9.41 -23.80 21.98
CA LYS B 393 9.61 -23.19 23.31
C LYS B 393 10.59 -22.00 23.24
N GLU B 394 11.59 -22.12 22.36
CA GLU B 394 12.60 -21.08 22.12
C GLU B 394 11.94 -19.84 21.46
N VAL B 395 10.91 -20.09 20.62
CA VAL B 395 10.16 -19.04 19.91
C VAL B 395 9.34 -18.23 20.92
N ILE B 396 8.64 -18.97 21.80
CA ILE B 396 7.85 -18.41 22.91
C ILE B 396 8.75 -17.53 23.82
N GLU B 397 9.97 -18.05 24.09
CA GLU B 397 10.99 -17.39 24.93
C GLU B 397 11.41 -16.03 24.32
N PHE B 398 11.74 -16.02 23.02
CA PHE B 398 12.19 -14.80 22.30
C PHE B 398 11.05 -13.77 22.20
N TYR B 399 9.81 -14.25 21.98
CA TYR B 399 8.62 -13.38 21.93
C TYR B 399 8.47 -12.65 23.27
N SER B 400 8.61 -13.40 24.38
CA SER B 400 8.59 -12.84 25.75
C SER B 400 9.66 -11.73 25.96
N LYS B 401 10.73 -11.74 25.13
CA LYS B 401 11.77 -10.69 25.15
C LYS B 401 11.36 -9.48 24.27
N ASN B 402 10.62 -9.76 23.19
CA ASN B 402 10.28 -8.75 22.15
C ASN B 402 8.87 -8.18 22.44
N LYS B 403 8.83 -6.96 23.03
CA LYS B 403 7.57 -6.28 23.40
C LYS B 403 6.69 -6.04 22.17
N GLU B 404 7.30 -5.51 21.09
CA GLU B 404 6.60 -5.11 19.85
C GLU B 404 5.81 -6.29 19.25
N LEU B 405 6.43 -7.49 19.31
CA LEU B 405 5.85 -8.72 18.77
C LEU B 405 4.75 -9.23 19.73
N MET B 406 5.06 -9.24 21.05
CA MET B 406 4.11 -9.67 22.10
C MET B 406 2.86 -8.76 22.13
N ASP B 407 3.00 -7.53 21.63
CA ASP B 407 1.90 -6.56 21.53
C ASP B 407 0.88 -7.01 20.46
N ASN B 408 1.42 -7.44 19.31
CA ASN B 408 0.63 -7.97 18.19
C ASN B 408 0.03 -9.34 18.56
N MET B 409 0.81 -10.15 19.33
CA MET B 409 0.36 -11.46 19.82
C MET B 409 -0.71 -11.29 20.92
N ARG B 410 -0.61 -10.17 21.66
CA ARG B 410 -1.62 -9.76 22.67
C ARG B 410 -2.92 -9.34 21.96
N ASN B 411 -2.75 -8.62 20.84
CA ASN B 411 -3.86 -8.16 19.99
C ASN B 411 -4.67 -9.36 19.47
N VAL B 412 -3.99 -10.29 18.78
CA VAL B 412 -4.65 -11.47 18.19
C VAL B 412 -5.20 -12.42 19.28
N ALA B 413 -4.52 -12.47 20.45
CA ALA B 413 -4.97 -13.27 21.59
C ALA B 413 -6.27 -12.72 22.19
N LEU B 414 -6.36 -11.38 22.27
CA LEU B 414 -7.54 -10.69 22.82
C LEU B 414 -8.73 -10.73 21.85
N GLU B 415 -8.46 -10.60 20.55
CA GLU B 415 -9.52 -10.71 19.52
C GLU B 415 -10.09 -12.14 19.52
N GLU B 416 -9.19 -13.14 19.64
CA GLU B 416 -9.55 -14.55 19.75
C GLU B 416 -10.38 -14.79 21.03
N GLN B 417 -9.92 -14.16 22.13
CA GLN B 417 -10.56 -14.25 23.46
C GLN B 417 -11.91 -13.53 23.50
N ALA B 418 -12.06 -12.50 22.64
CA ALA B 418 -13.30 -11.72 22.49
C ALA B 418 -14.34 -12.56 21.74
N VAL B 419 -13.86 -13.30 20.73
CA VAL B 419 -14.65 -14.34 20.05
C VAL B 419 -15.11 -15.40 21.08
N GLU B 420 -14.14 -15.92 21.88
CA GLU B 420 -14.41 -16.97 22.89
C GLU B 420 -15.42 -16.52 23.96
N ALA B 421 -15.30 -15.23 24.38
CA ALA B 421 -16.13 -14.66 25.47
C ALA B 421 -17.62 -14.74 25.13
N VAL B 422 -17.97 -14.49 23.85
CA VAL B 422 -19.34 -14.61 23.37
C VAL B 422 -19.68 -16.07 23.03
N LEU B 423 -18.69 -16.87 22.51
CA LEU B 423 -18.93 -18.31 22.17
C LEU B 423 -19.37 -19.12 23.40
N ALA B 424 -18.76 -18.80 24.56
CA ALA B 424 -19.01 -19.50 25.84
C ALA B 424 -20.43 -19.22 26.40
N LYS B 425 -21.14 -18.26 25.79
CA LYS B 425 -22.51 -17.88 26.20
C LYS B 425 -23.49 -18.05 25.01
N ALA B 426 -22.95 -18.11 23.78
CA ALA B 426 -23.76 -18.10 22.53
C ALA B 426 -24.43 -19.45 22.26
N LYS B 427 -25.28 -19.48 21.22
CA LYS B 427 -25.99 -20.69 20.81
C LYS B 427 -25.02 -21.52 19.95
N VAL B 428 -24.33 -22.45 20.62
CA VAL B 428 -23.32 -23.31 20.00
C VAL B 428 -23.95 -24.58 19.43
N THR B 429 -23.51 -24.95 18.23
CA THR B 429 -23.86 -26.20 17.57
C THR B 429 -22.58 -26.79 16.97
N GLU B 430 -22.07 -27.85 17.60
CA GLU B 430 -20.90 -28.60 17.13
C GLU B 430 -21.26 -29.41 15.87
N LYS B 431 -20.22 -29.78 15.09
CA LYS B 431 -20.39 -30.37 13.76
C LYS B 431 -19.53 -31.64 13.65
N GLU B 432 -20.05 -32.78 14.14
CA GLU B 432 -19.33 -34.07 14.10
C GLU B 432 -19.41 -34.64 12.68
N THR B 433 -18.45 -34.23 11.85
CA THR B 433 -18.40 -34.59 10.41
C THR B 433 -17.01 -35.13 10.04
N THR B 434 -16.71 -35.22 8.74
CA THR B 434 -15.42 -35.71 8.23
C THR B 434 -14.59 -34.54 7.64
N PHE B 435 -13.30 -34.83 7.38
CA PHE B 435 -12.33 -33.93 6.72
C PHE B 435 -12.88 -33.39 5.37
N ASN B 436 -13.67 -34.24 4.67
CA ASN B 436 -14.27 -33.91 3.37
C ASN B 436 -15.21 -32.70 3.51
N GLU B 437 -16.34 -32.88 4.23
CA GLU B 437 -17.42 -31.85 4.32
C GLU B 437 -16.98 -30.66 5.21
N LEU B 438 -15.87 -30.85 5.96
CA LEU B 438 -15.20 -29.78 6.70
C LEU B 438 -14.80 -28.63 5.76
N MET B 439 -14.07 -28.97 4.69
CA MET B 439 -13.48 -28.00 3.74
C MET B 439 -14.33 -27.88 2.46
N ASN B 440 -15.17 -28.88 2.22
CA ASN B 440 -16.19 -28.87 1.15
C ASN B 440 -17.47 -28.27 1.78
N GLN B 441 -17.43 -26.92 1.90
CA GLN B 441 -18.42 -26.12 2.65
C GLN B 441 -19.87 -26.30 2.12
N GLN B 442 -20.58 -27.30 2.66
CA GLN B 442 -22.03 -27.48 2.42
C GLN B 442 -22.80 -26.75 3.53
N ALA B 443 -22.34 -26.96 4.76
CA ALA B 443 -22.75 -26.20 5.96
C ALA B 443 -21.52 -26.00 6.88
N MET A 12 10.58 -29.96 4.24
CA MET A 12 10.64 -28.63 3.60
C MET A 12 12.06 -28.07 3.76
N GLN A 13 12.83 -28.08 2.65
CA GLN A 13 14.29 -27.80 2.67
C GLN A 13 14.54 -26.28 2.69
N VAL A 14 15.43 -25.83 3.60
CA VAL A 14 15.87 -24.41 3.70
C VAL A 14 17.40 -24.36 3.84
N SER A 15 18.02 -23.34 3.26
CA SER A 15 19.48 -23.14 3.33
C SER A 15 19.80 -21.63 3.35
N VAL A 16 20.18 -21.14 4.54
CA VAL A 16 20.58 -19.75 4.75
C VAL A 16 22.03 -19.53 4.24
N GLU A 17 22.15 -18.71 3.19
CA GLU A 17 23.44 -18.25 2.65
C GLU A 17 23.68 -16.82 3.15
N THR A 18 24.90 -16.29 2.97
CA THR A 18 25.25 -14.91 3.35
C THR A 18 25.64 -14.14 2.07
N THR A 19 24.88 -13.09 1.75
CA THR A 19 25.08 -12.27 0.55
C THR A 19 26.33 -11.39 0.72
N GLN A 20 26.36 -10.58 1.81
CA GLN A 20 27.50 -9.68 2.11
C GLN A 20 27.34 -9.14 3.55
N GLY A 21 28.06 -9.78 4.50
CA GLY A 21 28.12 -9.34 5.90
C GLY A 21 26.78 -9.46 6.62
N LEU A 22 26.03 -8.35 6.61
CA LEU A 22 24.67 -8.29 7.19
C LEU A 22 23.67 -8.98 6.23
N GLY A 23 23.90 -8.75 4.91
CA GLY A 23 23.06 -9.32 3.85
C GLY A 23 23.14 -10.83 3.81
N ARG A 24 21.98 -11.49 3.62
CA ARG A 24 21.83 -12.95 3.62
C ARG A 24 20.76 -13.36 2.59
N ARG A 25 20.91 -14.60 2.09
CA ARG A 25 20.08 -15.16 1.03
C ARG A 25 19.59 -16.57 1.46
N VAL A 26 18.45 -16.60 2.16
CA VAL A 26 17.85 -17.85 2.65
C VAL A 26 17.07 -18.53 1.53
N THR A 27 17.74 -19.43 0.79
CA THR A 27 17.13 -20.16 -0.32
C THR A 27 16.26 -21.29 0.25
N ILE A 28 14.92 -21.14 0.12
CA ILE A 28 13.94 -22.10 0.62
C ILE A 28 13.32 -22.89 -0.55
N THR A 29 13.52 -24.22 -0.54
CA THR A 29 12.91 -25.14 -1.51
C THR A 29 11.56 -25.66 -0.97
N ILE A 30 10.47 -25.14 -1.57
CA ILE A 30 9.11 -25.64 -1.36
C ILE A 30 8.94 -26.97 -2.12
N ALA A 31 8.42 -28.01 -1.46
CA ALA A 31 8.16 -29.32 -2.10
C ALA A 31 6.93 -29.23 -3.04
N ALA A 32 6.93 -30.06 -4.10
CA ALA A 32 5.83 -30.13 -5.08
C ALA A 32 4.52 -30.58 -4.42
N ASP A 33 4.66 -31.50 -3.45
CA ASP A 33 3.54 -31.97 -2.60
C ASP A 33 2.93 -30.80 -1.81
N SER A 34 3.82 -29.97 -1.23
CA SER A 34 3.44 -28.80 -0.42
C SER A 34 2.68 -27.76 -1.28
N ILE A 35 3.08 -27.63 -2.57
CA ILE A 35 2.41 -26.74 -3.53
C ILE A 35 0.98 -27.26 -3.82
N GLU A 36 0.88 -28.48 -4.39
CA GLU A 36 -0.40 -29.04 -4.89
C GLU A 36 -1.43 -29.22 -3.74
N THR A 37 -0.96 -29.64 -2.57
CA THR A 37 -1.83 -29.85 -1.39
C THR A 37 -2.33 -28.51 -0.82
N ALA A 38 -1.50 -27.45 -0.89
CA ALA A 38 -1.92 -26.08 -0.51
C ALA A 38 -2.93 -25.51 -1.53
N VAL A 39 -2.81 -25.94 -2.81
CA VAL A 39 -3.81 -25.65 -3.86
C VAL A 39 -5.17 -26.27 -3.46
N LYS A 40 -5.15 -27.58 -3.08
CA LYS A 40 -6.35 -28.32 -2.61
C LYS A 40 -7.00 -27.61 -1.41
N SER A 41 -6.16 -27.25 -0.43
CA SER A 41 -6.57 -26.60 0.83
C SER A 41 -7.29 -25.27 0.53
N GLU A 42 -6.63 -24.39 -0.23
CA GLU A 42 -7.12 -23.05 -0.52
C GLU A 42 -8.38 -23.08 -1.42
N LEU A 43 -8.46 -24.08 -2.33
CA LEU A 43 -9.63 -24.27 -3.21
C LEU A 43 -10.88 -24.69 -2.41
N VAL A 44 -10.75 -25.71 -1.53
CA VAL A 44 -11.90 -26.17 -0.70
C VAL A 44 -12.30 -25.11 0.35
N ASN A 45 -11.31 -24.30 0.79
CA ASN A 45 -11.56 -23.12 1.64
C ASN A 45 -12.46 -22.11 0.89
N VAL A 46 -11.92 -21.51 -0.20
CA VAL A 46 -12.63 -20.48 -0.99
C VAL A 46 -13.97 -21.02 -1.58
N ALA A 47 -14.10 -22.36 -1.66
CA ALA A 47 -15.37 -23.03 -1.96
C ALA A 47 -16.35 -22.90 -0.79
N LYS A 48 -15.94 -23.36 0.42
CA LYS A 48 -16.88 -23.53 1.56
C LYS A 48 -17.11 -22.22 2.30
N LYS A 49 -16.01 -21.60 2.73
CA LYS A 49 -16.02 -20.36 3.54
C LYS A 49 -16.72 -19.21 2.79
N VAL A 50 -16.41 -19.07 1.49
CA VAL A 50 -16.97 -17.99 0.63
C VAL A 50 -18.32 -18.44 0.00
N ARG A 51 -18.63 -19.76 0.13
CA ARG A 51 -19.96 -20.34 -0.21
C ARG A 51 -20.18 -20.42 -1.75
N ILE A 52 -19.06 -20.51 -2.49
CA ILE A 52 -19.07 -20.70 -3.98
C ILE A 52 -19.28 -22.20 -4.34
N ASP A 53 -19.18 -23.06 -3.31
CA ASP A 53 -19.24 -24.53 -3.40
C ASP A 53 -20.52 -25.08 -4.07
N GLY A 54 -21.62 -24.28 -4.05
CA GLY A 54 -22.94 -24.69 -4.57
C GLY A 54 -22.92 -25.12 -6.06
N PHE A 55 -22.51 -26.39 -6.28
CA PHE A 55 -22.36 -27.04 -7.58
C PHE A 55 -22.01 -28.52 -7.35
N ARG A 56 -20.94 -28.73 -6.56
CA ARG A 56 -20.34 -30.06 -6.32
C ARG A 56 -20.25 -30.34 -4.81
N LYS A 57 -21.25 -29.87 -4.06
CA LYS A 57 -21.26 -29.97 -2.58
C LYS A 57 -21.02 -31.40 -2.05
N GLY A 58 -21.60 -32.39 -2.76
CA GLY A 58 -21.40 -33.80 -2.43
C GLY A 58 -20.74 -34.56 -3.57
N LYS A 59 -19.85 -33.89 -4.32
CA LYS A 59 -19.20 -34.45 -5.54
C LYS A 59 -17.83 -33.82 -5.82
N VAL A 60 -17.13 -34.39 -6.83
CA VAL A 60 -15.88 -33.87 -7.41
C VAL A 60 -14.79 -33.56 -6.32
N PRO A 61 -13.96 -34.59 -5.94
CA PRO A 61 -12.88 -34.42 -4.92
C PRO A 61 -11.91 -33.27 -5.27
N MET A 62 -11.53 -32.45 -4.27
CA MET A 62 -10.69 -31.25 -4.50
C MET A 62 -9.25 -31.62 -4.90
N ASN A 63 -8.85 -32.88 -4.60
CA ASN A 63 -7.56 -33.46 -5.02
C ASN A 63 -7.39 -33.40 -6.55
N ILE A 64 -8.46 -33.76 -7.29
CA ILE A 64 -8.43 -33.74 -8.77
C ILE A 64 -8.64 -32.32 -9.31
N VAL A 65 -9.47 -31.50 -8.62
CA VAL A 65 -9.71 -30.08 -9.01
C VAL A 65 -8.38 -29.30 -9.09
N ALA A 66 -7.55 -29.51 -8.07
CA ALA A 66 -6.21 -28.91 -7.97
C ALA A 66 -5.27 -29.40 -9.10
N GLN A 67 -5.22 -30.72 -9.28
CA GLN A 67 -4.23 -31.39 -10.14
C GLN A 67 -4.60 -31.28 -11.64
N ARG A 68 -5.90 -31.06 -11.95
CA ARG A 68 -6.38 -30.98 -13.35
C ARG A 68 -6.50 -29.52 -13.83
N TYR A 69 -6.97 -28.60 -12.95
CA TYR A 69 -7.20 -27.17 -13.34
C TYR A 69 -7.09 -26.19 -12.14
N GLY A 70 -6.26 -26.53 -11.12
CA GLY A 70 -6.04 -25.64 -9.97
C GLY A 70 -4.90 -24.64 -10.21
N ALA A 71 -4.93 -23.97 -11.38
CA ALA A 71 -3.91 -22.98 -11.81
C ALA A 71 -4.37 -21.53 -11.48
N SER A 72 -5.70 -21.38 -11.32
CA SER A 72 -6.37 -20.08 -11.11
C SER A 72 -6.39 -19.65 -9.61
N VAL A 73 -5.46 -20.24 -8.85
CA VAL A 73 -5.27 -19.98 -7.41
C VAL A 73 -3.76 -20.00 -7.07
N ARG A 74 -2.92 -20.22 -8.11
CA ARG A 74 -1.50 -20.57 -7.95
C ARG A 74 -0.68 -19.42 -7.31
N GLN A 75 -1.09 -18.17 -7.56
CA GLN A 75 -0.46 -16.97 -6.98
C GLN A 75 -0.76 -16.89 -5.46
N ASP A 76 -2.02 -17.20 -5.11
CA ASP A 76 -2.50 -17.23 -3.72
C ASP A 76 -1.72 -18.28 -2.93
N VAL A 77 -1.59 -19.47 -3.56
CA VAL A 77 -0.89 -20.63 -3.01
C VAL A 77 0.59 -20.31 -2.76
N LEU A 78 1.30 -19.84 -3.81
CA LEU A 78 2.74 -19.46 -3.69
C LEU A 78 2.94 -18.39 -2.60
N GLY A 79 1.94 -17.48 -2.48
CA GLY A 79 1.90 -16.47 -1.41
C GLY A 79 1.75 -17.10 -0.02
N ASP A 80 0.93 -18.17 0.05
CA ASP A 80 0.63 -18.91 1.29
C ASP A 80 1.86 -19.76 1.72
N LEU A 81 2.59 -20.24 0.71
CA LEU A 81 3.80 -21.08 0.88
C LEU A 81 4.98 -20.23 1.36
N MET A 82 5.19 -19.06 0.70
CA MET A 82 6.32 -18.15 1.04
C MET A 82 6.08 -17.44 2.40
N SER A 83 4.88 -17.66 2.99
CA SER A 83 4.56 -17.24 4.36
C SER A 83 4.79 -18.40 5.35
N ARG A 84 4.20 -19.59 5.06
CA ARG A 84 4.23 -20.75 5.99
C ARG A 84 5.65 -21.34 6.12
N ASN A 85 6.28 -21.62 4.95
CA ASN A 85 7.65 -22.19 4.88
C ASN A 85 8.66 -21.23 5.54
N PHE A 86 8.46 -19.93 5.29
CA PHE A 86 9.33 -18.86 5.81
C PHE A 86 9.23 -18.78 7.35
N ILE A 87 7.99 -18.64 7.89
CA ILE A 87 7.76 -18.44 9.34
C ILE A 87 8.25 -19.67 10.14
N ASP A 88 8.12 -20.85 9.53
CA ASP A 88 8.61 -22.11 10.10
C ASP A 88 10.14 -22.07 10.19
N ALA A 89 10.77 -21.89 9.01
CA ALA A 89 12.24 -21.86 8.85
C ALA A 89 12.92 -20.94 9.87
N ILE A 90 12.46 -19.69 9.91
CA ILE A 90 13.09 -18.61 10.69
C ILE A 90 12.90 -18.77 12.22
N ILE A 91 12.11 -19.79 12.64
CA ILE A 91 11.99 -20.15 14.07
C ILE A 91 13.21 -20.99 14.48
N LYS A 92 13.45 -22.08 13.75
CA LYS A 92 14.53 -23.04 14.05
C LYS A 92 15.90 -22.40 13.73
N GLU A 93 15.94 -21.68 12.59
CA GLU A 93 17.14 -20.95 12.14
C GLU A 93 17.42 -19.72 13.03
N LYS A 94 16.33 -19.14 13.60
CA LYS A 94 16.36 -17.87 14.33
C LYS A 94 16.93 -16.76 13.44
N ILE A 95 16.12 -16.37 12.45
CA ILE A 95 16.47 -15.34 11.46
C ILE A 95 15.72 -14.05 11.79
N ASN A 96 16.44 -13.03 12.27
CA ASN A 96 15.88 -11.69 12.50
C ASN A 96 16.15 -10.81 11.24
N PRO A 97 15.12 -10.60 10.34
CA PRO A 97 15.28 -9.78 9.13
C PRO A 97 15.01 -8.29 9.41
N ALA A 98 15.64 -7.42 8.61
CA ALA A 98 15.44 -5.96 8.73
C ALA A 98 14.13 -5.55 8.05
N GLY A 99 13.02 -5.72 8.80
CA GLY A 99 11.68 -5.32 8.35
C GLY A 99 11.14 -6.19 7.22
N ALA A 100 11.51 -5.84 5.98
CA ALA A 100 10.99 -6.47 4.74
C ALA A 100 11.99 -7.49 4.17
N PRO A 101 11.67 -8.83 4.21
CA PRO A 101 12.48 -9.88 3.53
C PRO A 101 12.14 -9.95 2.01
N THR A 102 13.10 -9.55 1.17
CA THR A 102 12.92 -9.52 -0.30
C THR A 102 12.88 -10.95 -0.86
N TYR A 103 11.65 -11.48 -1.03
CA TYR A 103 11.44 -12.78 -1.68
C TYR A 103 11.76 -12.66 -3.18
N VAL A 104 12.89 -13.26 -3.58
CA VAL A 104 13.30 -13.35 -4.99
C VAL A 104 12.87 -14.74 -5.52
N PRO A 105 11.70 -14.86 -6.23
CA PRO A 105 11.24 -16.13 -6.80
C PRO A 105 11.95 -16.43 -8.14
N GLY A 106 12.26 -17.71 -8.37
CA GLY A 106 12.86 -18.15 -9.63
C GLY A 106 11.81 -18.45 -10.69
N GLU A 107 12.20 -19.25 -11.69
CA GLU A 107 11.28 -19.74 -12.73
C GLU A 107 10.28 -20.70 -12.07
N TYR A 108 8.97 -20.36 -12.15
CA TYR A 108 7.91 -21.16 -11.52
C TYR A 108 7.90 -22.59 -12.09
N LYS A 109 7.92 -23.57 -11.18
CA LYS A 109 7.97 -24.99 -11.51
C LYS A 109 6.52 -25.53 -11.52
N LEU A 110 6.00 -25.81 -12.74
CA LEU A 110 4.61 -26.27 -12.95
C LEU A 110 4.42 -27.66 -12.31
N GLY A 111 3.93 -27.67 -11.05
CA GLY A 111 3.66 -28.93 -10.32
C GLY A 111 4.91 -29.61 -9.77
N GLU A 112 6.08 -28.98 -9.96
CA GLU A 112 7.39 -29.46 -9.48
C GLU A 112 7.83 -28.57 -8.28
N ASP A 113 8.78 -29.08 -7.46
CA ASP A 113 9.33 -28.36 -6.30
C ASP A 113 9.98 -27.03 -6.72
N PHE A 114 9.68 -25.96 -5.98
CA PHE A 114 10.05 -24.59 -6.35
C PHE A 114 10.89 -23.93 -5.25
N THR A 115 12.07 -23.42 -5.63
CA THR A 115 12.99 -22.71 -4.71
C THR A 115 12.89 -21.19 -4.92
N TYR A 116 12.91 -20.42 -3.81
CA TYR A 116 12.96 -18.94 -3.85
C TYR A 116 14.01 -18.43 -2.83
N SER A 117 14.79 -17.42 -3.25
CA SER A 117 15.88 -16.85 -2.46
C SER A 117 15.41 -15.62 -1.65
N VAL A 118 15.28 -15.78 -0.34
CA VAL A 118 14.89 -14.68 0.56
C VAL A 118 16.12 -13.80 0.87
N GLU A 119 16.28 -12.70 0.11
CA GLU A 119 17.39 -11.74 0.32
C GLU A 119 16.96 -10.58 1.23
N PHE A 120 17.86 -10.19 2.14
CA PHE A 120 17.61 -9.16 3.17
C PHE A 120 18.91 -8.94 3.95
N GLU A 121 19.07 -7.77 4.58
CA GLU A 121 20.06 -7.60 5.64
C GLU A 121 19.40 -8.00 6.97
N VAL A 122 20.20 -8.57 7.88
CA VAL A 122 19.74 -8.86 9.24
C VAL A 122 19.53 -7.53 9.99
N TYR A 123 18.49 -7.49 10.85
CA TYR A 123 18.09 -6.27 11.56
C TYR A 123 19.19 -5.83 12.55
N PRO A 124 19.89 -4.67 12.30
CA PRO A 124 20.96 -4.19 13.19
C PRO A 124 20.38 -3.60 14.48
N GLU A 125 20.76 -4.16 15.63
CA GLU A 125 20.42 -3.61 16.94
C GLU A 125 21.25 -2.32 17.14
N VAL A 126 20.67 -1.22 16.67
CA VAL A 126 21.36 0.08 16.46
C VAL A 126 21.90 0.68 17.77
N GLU A 127 23.18 1.08 17.72
CA GLU A 127 23.86 1.81 18.79
C GLU A 127 24.22 3.22 18.29
N LEU A 128 23.80 4.23 19.08
CA LEU A 128 24.07 5.65 18.79
C LEU A 128 24.71 6.32 20.01
N GLN A 129 25.55 7.33 19.75
CA GLN A 129 26.28 8.07 20.77
C GLN A 129 26.55 9.49 20.28
N GLY A 130 26.53 10.45 21.22
CA GLY A 130 26.76 11.87 20.93
C GLY A 130 25.48 12.69 20.96
N LEU A 131 24.46 12.21 21.72
CA LEU A 131 23.13 12.86 21.81
C LEU A 131 23.25 14.29 22.39
N GLU A 132 24.18 14.46 23.35
CA GLU A 132 24.52 15.76 23.96
C GLU A 132 25.54 16.53 23.09
N ALA A 133 26.27 15.80 22.20
CA ALA A 133 27.27 16.39 21.29
C ALA A 133 26.59 16.96 20.02
N ILE A 134 25.33 16.56 19.80
CA ILE A 134 24.47 17.14 18.76
C ILE A 134 24.23 18.64 19.06
N GLU A 135 24.86 19.50 18.24
CA GLU A 135 24.62 20.95 18.27
C GLU A 135 23.21 21.25 17.71
N VAL A 136 22.53 22.19 18.35
CA VAL A 136 21.12 22.50 18.11
C VAL A 136 20.98 23.99 17.84
N GLU A 137 20.39 24.32 16.68
CA GLU A 137 20.11 25.70 16.28
C GLU A 137 18.67 26.05 16.71
N LYS A 138 18.55 26.98 17.66
CA LYS A 138 17.28 27.63 18.01
C LYS A 138 17.36 29.11 17.58
N PRO A 139 16.93 29.45 16.31
CA PRO A 139 16.94 30.83 15.81
C PRO A 139 15.87 31.67 16.50
N ILE A 140 16.25 32.40 17.56
CA ILE A 140 15.33 33.25 18.31
C ILE A 140 14.91 34.45 17.45
N VAL A 141 13.78 34.28 16.76
CA VAL A 141 13.16 35.27 15.88
C VAL A 141 11.73 35.56 16.40
N GLU A 142 11.31 36.82 16.28
CA GLU A 142 9.94 37.26 16.57
C GLU A 142 9.52 38.20 15.44
N VAL A 143 8.35 37.95 14.83
CA VAL A 143 7.83 38.79 13.74
C VAL A 143 7.52 40.21 14.28
N THR A 144 8.46 41.13 14.08
CA THR A 144 8.28 42.56 14.37
C THR A 144 8.03 43.30 13.04
N ASP A 145 7.68 44.59 13.14
CA ASP A 145 7.42 45.44 11.95
C ASP A 145 8.68 45.64 11.10
N ALA A 146 9.85 45.42 11.71
CA ALA A 146 11.16 45.39 11.03
C ALA A 146 11.21 44.21 10.04
N ASP A 147 10.84 43.02 10.55
CA ASP A 147 10.81 41.77 9.75
C ASP A 147 9.74 41.85 8.66
N VAL A 148 8.54 42.36 9.03
CA VAL A 148 7.40 42.50 8.10
C VAL A 148 7.76 43.45 6.96
N ASP A 149 7.98 44.73 7.29
CA ASP A 149 8.25 45.79 6.28
C ASP A 149 9.61 45.59 5.56
N GLY A 150 10.57 44.92 6.22
CA GLY A 150 11.85 44.59 5.58
C GLY A 150 11.70 43.55 4.49
N MET A 151 11.06 42.41 4.86
CA MET A 151 10.74 41.33 3.91
C MET A 151 9.74 41.83 2.84
N LEU A 152 8.87 42.78 3.24
CA LEU A 152 7.84 43.36 2.37
C LEU A 152 8.48 44.34 1.36
N ASP A 153 9.58 45.00 1.75
CA ASP A 153 10.39 45.82 0.82
C ASP A 153 11.03 44.89 -0.23
N THR A 154 11.70 43.83 0.29
CA THR A 154 12.31 42.79 -0.54
C THR A 154 11.26 42.16 -1.49
N LEU A 155 10.02 42.04 -0.98
CA LEU A 155 8.88 41.45 -1.71
C LEU A 155 8.42 42.40 -2.83
N ARG A 156 8.14 43.66 -2.45
CA ARG A 156 7.54 44.67 -3.37
C ARG A 156 8.52 45.07 -4.49
N LYS A 157 9.82 44.84 -4.25
CA LYS A 157 10.90 45.14 -5.21
C LYS A 157 11.24 43.91 -6.09
N GLN A 158 11.41 42.73 -5.46
CA GLN A 158 11.83 41.48 -6.17
C GLN A 158 10.65 40.81 -6.91
N GLN A 159 9.42 41.12 -6.51
CA GLN A 159 8.20 40.60 -7.17
C GLN A 159 7.35 41.78 -7.70
N ALA A 160 8.04 42.92 -7.96
CA ALA A 160 7.43 44.17 -8.44
C ALA A 160 6.67 44.00 -9.77
N THR A 161 5.70 44.90 -9.98
CA THR A 161 4.92 44.97 -11.22
C THR A 161 5.80 45.39 -12.41
N TRP A 162 5.32 45.09 -13.61
CA TRP A 162 6.13 45.14 -14.85
C TRP A 162 5.64 46.23 -15.80
N LYS A 163 6.53 46.65 -16.71
CA LYS A 163 6.17 47.53 -17.85
C LYS A 163 6.15 46.69 -19.14
N GLU A 164 5.98 47.36 -20.28
CA GLU A 164 6.19 46.78 -21.61
C GLU A 164 7.48 47.41 -22.19
N LYS A 165 8.45 46.58 -22.61
CA LYS A 165 9.77 47.06 -23.06
C LYS A 165 9.80 47.26 -24.59
N ASP A 166 10.75 48.09 -25.04
CA ASP A 166 11.01 48.34 -26.47
C ASP A 166 12.50 48.07 -26.75
N GLY A 167 12.82 46.90 -27.35
CA GLY A 167 14.20 46.61 -27.79
C GLY A 167 14.58 45.14 -27.70
N ALA A 168 15.78 44.87 -27.16
CA ALA A 168 16.34 43.52 -26.99
C ALA A 168 15.90 42.90 -25.66
N VAL A 169 16.64 41.89 -25.18
CA VAL A 169 16.48 41.33 -23.81
C VAL A 169 17.79 41.56 -23.03
N GLU A 170 17.69 42.18 -21.85
CA GLU A 170 18.82 42.31 -20.91
C GLU A 170 18.56 41.42 -19.66
N ALA A 171 19.41 41.57 -18.62
CA ALA A 171 19.29 40.82 -17.37
C ALA A 171 18.37 41.51 -16.35
N GLU A 172 17.69 42.58 -16.79
CA GLU A 172 16.72 43.35 -15.96
C GLU A 172 15.32 43.30 -16.61
N ASP A 173 14.98 42.12 -17.17
CA ASP A 173 13.73 41.92 -17.94
C ASP A 173 13.00 40.64 -17.52
N ARG A 174 11.79 40.49 -18.07
CA ARG A 174 10.96 39.29 -17.93
C ARG A 174 10.41 38.94 -19.31
N VAL A 175 10.96 37.91 -19.93
CA VAL A 175 10.62 37.54 -21.29
C VAL A 175 9.58 36.38 -21.31
N THR A 176 8.38 36.66 -21.85
CA THR A 176 7.36 35.63 -22.09
C THR A 176 7.55 35.05 -23.50
N ILE A 177 7.90 33.76 -23.54
CA ILE A 177 8.26 33.01 -24.75
C ILE A 177 7.69 31.59 -24.64
N ASP A 178 8.32 30.66 -25.36
CA ASP A 178 8.34 29.24 -25.03
C ASP A 178 9.59 28.60 -25.59
N PHE A 179 10.03 27.51 -24.95
CA PHE A 179 11.13 26.67 -25.42
C PHE A 179 10.55 25.30 -25.76
N THR A 180 10.64 24.93 -27.04
CA THR A 180 10.19 23.64 -27.57
C THR A 180 11.17 23.18 -28.65
N GLY A 181 11.40 21.87 -28.72
CA GLY A 181 12.34 21.31 -29.68
C GLY A 181 12.67 19.87 -29.36
N SER A 182 13.95 19.50 -29.48
CA SER A 182 14.39 18.11 -29.38
C SER A 182 15.76 18.03 -28.70
N VAL A 183 15.90 17.07 -27.77
CA VAL A 183 17.17 16.75 -27.11
C VAL A 183 17.71 15.48 -27.75
N ASP A 184 18.92 15.56 -28.34
CA ASP A 184 19.57 14.42 -29.04
C ASP A 184 18.77 14.01 -30.32
N GLY A 185 17.81 14.87 -30.73
CA GLY A 185 16.89 14.58 -31.85
C GLY A 185 15.54 14.07 -31.38
N GLU A 186 15.48 13.64 -30.10
CA GLU A 186 14.27 13.02 -29.52
C GLU A 186 13.41 14.05 -28.78
N GLU A 187 12.09 13.81 -28.80
CA GLU A 187 11.10 14.62 -28.08
C GLU A 187 11.07 14.20 -26.60
N PHE A 188 11.84 14.93 -25.80
CA PHE A 188 11.89 14.81 -24.34
C PHE A 188 10.49 15.02 -23.69
N GLU A 189 10.08 14.03 -22.87
CA GLU A 189 8.72 13.92 -22.27
C GLU A 189 8.39 15.12 -21.36
N GLY A 190 7.62 16.09 -21.92
CA GLY A 190 7.06 17.21 -21.15
C GLY A 190 8.08 18.17 -20.53
N GLY A 191 9.37 18.05 -20.95
CA GLY A 191 10.45 18.92 -20.44
C GLY A 191 10.42 20.31 -21.08
N LYS A 192 9.64 20.44 -22.17
CA LYS A 192 9.34 21.71 -22.82
C LYS A 192 8.14 22.39 -22.14
N ALA A 193 7.98 23.70 -22.39
CA ALA A 193 6.91 24.50 -21.77
C ALA A 193 6.44 25.59 -22.73
N SER A 194 5.29 25.35 -23.39
CA SER A 194 4.64 26.33 -24.27
C SER A 194 3.94 27.41 -23.42
N ASP A 195 4.16 28.70 -23.77
CA ASP A 195 3.76 29.88 -22.96
C ASP A 195 4.54 29.89 -21.62
N PHE A 196 5.87 29.87 -21.78
CA PHE A 196 6.83 30.00 -20.67
C PHE A 196 7.05 31.49 -20.36
N VAL A 197 7.47 31.81 -19.13
CA VAL A 197 7.82 33.17 -18.73
C VAL A 197 9.07 33.16 -17.80
N LEU A 198 10.19 33.71 -18.31
CA LEU A 198 11.44 33.87 -17.57
C LEU A 198 11.50 35.29 -16.98
N ALA A 199 11.58 35.38 -15.64
CA ALA A 199 11.79 36.66 -14.95
C ALA A 199 13.22 36.75 -14.43
N MET A 200 13.71 37.98 -14.27
CA MET A 200 14.95 38.26 -13.53
C MET A 200 14.62 38.45 -12.03
N GLY A 201 15.65 38.73 -11.23
CA GLY A 201 15.49 38.91 -9.77
C GLY A 201 15.49 37.58 -9.04
N GLN A 202 16.03 36.57 -9.74
CA GLN A 202 16.10 35.18 -9.30
C GLN A 202 17.60 34.75 -9.30
N GLY A 203 17.86 33.44 -9.12
CA GLY A 203 19.21 32.89 -9.29
C GLY A 203 19.63 32.82 -10.77
N ARG A 204 20.13 31.65 -11.22
CA ARG A 204 20.59 31.43 -12.62
C ARG A 204 20.22 30.01 -13.06
N MET A 205 19.85 29.89 -14.35
CA MET A 205 19.40 28.64 -15.00
C MET A 205 20.62 27.97 -15.67
N ILE A 206 20.40 26.80 -16.33
CA ILE A 206 21.45 26.06 -17.06
C ILE A 206 22.21 26.98 -18.06
N PRO A 207 23.58 27.08 -17.94
CA PRO A 207 24.41 27.94 -18.80
C PRO A 207 24.21 27.67 -20.29
N GLY A 208 23.80 28.72 -21.03
CA GLY A 208 23.48 28.62 -22.44
C GLY A 208 22.08 29.14 -22.73
N PHE A 209 21.12 28.73 -21.87
CA PHE A 209 19.69 29.07 -22.06
C PHE A 209 19.49 30.59 -22.01
N GLU A 210 19.59 31.17 -20.79
CA GLU A 210 19.39 32.61 -20.56
C GLU A 210 20.36 33.47 -21.40
N ASP A 211 21.54 32.90 -21.67
CA ASP A 211 22.59 33.55 -22.45
C ASP A 211 22.19 33.68 -23.94
N GLY A 212 21.37 32.71 -24.41
CA GLY A 212 20.79 32.81 -25.74
C GLY A 212 19.72 33.89 -25.78
N ILE A 213 18.83 33.83 -24.78
CA ILE A 213 17.68 34.74 -24.61
C ILE A 213 18.13 36.23 -24.67
N LYS A 214 19.03 36.61 -23.74
CA LYS A 214 19.52 38.00 -23.60
C LYS A 214 20.66 38.29 -24.58
N GLY A 215 20.96 37.33 -25.47
CA GLY A 215 21.95 37.53 -26.53
C GLY A 215 21.27 37.91 -27.85
N HIS A 216 19.95 38.12 -27.80
CA HIS A 216 19.10 38.36 -28.98
C HIS A 216 18.09 39.48 -28.69
N LYS A 217 17.43 39.93 -29.78
CA LYS A 217 16.47 41.05 -29.73
C LYS A 217 15.04 40.53 -29.79
N ALA A 218 14.12 41.20 -29.09
CA ALA A 218 12.70 40.79 -29.03
C ALA A 218 12.05 40.77 -30.42
N GLY A 219 11.01 39.94 -30.58
CA GLY A 219 10.30 39.79 -31.86
C GLY A 219 10.74 38.56 -32.64
N GLU A 220 12.06 38.26 -32.62
CA GLU A 220 12.65 37.21 -33.50
C GLU A 220 12.43 35.79 -32.95
N GLU A 221 12.63 34.80 -33.84
CA GLU A 221 12.53 33.36 -33.52
C GLU A 221 13.82 32.66 -33.97
N PHE A 222 14.39 31.86 -33.05
CA PHE A 222 15.67 31.18 -33.23
C PHE A 222 15.73 29.95 -32.33
N THR A 223 16.63 29.02 -32.63
CA THR A 223 16.86 27.85 -31.78
C THR A 223 18.20 28.02 -31.03
N ILE A 224 18.19 27.70 -29.72
CA ILE A 224 19.42 27.62 -28.90
C ILE A 224 19.73 26.14 -28.63
N ASP A 225 20.90 25.68 -29.08
CA ASP A 225 21.36 24.31 -28.86
C ASP A 225 22.27 24.30 -27.63
N VAL A 226 21.71 23.94 -26.48
CA VAL A 226 22.45 23.91 -25.20
C VAL A 226 22.48 22.47 -24.65
N THR A 227 23.67 22.06 -24.20
CA THR A 227 23.89 20.76 -23.56
C THR A 227 23.44 20.82 -22.09
N PHE A 228 22.65 19.80 -21.65
CA PHE A 228 22.26 19.68 -20.22
C PHE A 228 23.49 19.34 -19.35
N PRO A 229 23.60 19.94 -18.12
CA PRO A 229 24.72 19.68 -17.18
C PRO A 229 24.87 18.19 -16.80
N GLU A 230 26.10 17.79 -16.45
CA GLU A 230 26.38 16.47 -15.85
C GLU A 230 25.77 16.35 -14.43
N GLU A 231 25.41 17.52 -13.86
CA GLU A 231 24.67 17.62 -12.59
C GLU A 231 23.18 17.24 -12.78
N TYR A 232 22.71 17.22 -14.05
CA TYR A 232 21.29 16.97 -14.38
C TYR A 232 20.91 15.50 -14.12
N HIS A 233 19.69 15.31 -13.60
CA HIS A 233 19.22 14.05 -12.98
C HIS A 233 18.73 12.97 -13.99
N ALA A 234 19.01 13.13 -15.29
CA ALA A 234 18.58 12.13 -16.31
C ALA A 234 19.67 11.97 -17.37
N GLU A 235 19.97 10.70 -17.71
CA GLU A 235 21.18 10.31 -18.48
C GLU A 235 21.04 10.67 -19.98
N ASN A 236 19.87 10.34 -20.57
CA ASN A 236 19.60 10.57 -22.02
C ASN A 236 19.37 12.07 -22.35
N LEU A 237 19.43 12.93 -21.31
CA LEU A 237 19.33 14.39 -21.46
C LEU A 237 20.70 15.06 -21.17
N LYS A 238 21.38 14.62 -20.08
CA LYS A 238 22.67 15.20 -19.65
C LYS A 238 23.80 14.78 -20.62
N GLY A 239 24.64 15.75 -21.05
CA GLY A 239 25.70 15.48 -22.05
C GLY A 239 25.20 15.61 -23.48
N LYS A 240 23.87 15.53 -23.67
CA LYS A 240 23.22 15.61 -25.00
C LYS A 240 22.87 17.07 -25.32
N ALA A 241 23.13 17.47 -26.58
CA ALA A 241 22.81 18.80 -27.10
C ALA A 241 21.31 18.93 -27.39
N ALA A 242 20.69 20.01 -26.87
CA ALA A 242 19.23 20.19 -26.88
C ALA A 242 18.85 21.49 -27.60
N LYS A 243 18.12 21.35 -28.73
CA LYS A 243 17.65 22.49 -29.51
C LYS A 243 16.33 23.03 -28.93
N PHE A 244 16.29 24.35 -28.64
CA PHE A 244 15.12 25.04 -28.07
C PHE A 244 14.73 26.22 -28.96
N ALA A 245 13.68 26.03 -29.78
CA ALA A 245 13.12 27.08 -30.63
C ALA A 245 12.48 28.19 -29.77
N ILE A 246 13.33 29.16 -29.37
CA ILE A 246 12.94 30.34 -28.61
C ILE A 246 12.26 31.36 -29.54
N ASN A 247 11.00 31.64 -29.25
CA ASN A 247 10.22 32.65 -29.95
C ASN A 247 10.05 33.88 -29.04
N LEU A 248 10.96 34.87 -29.18
CA LEU A 248 10.92 36.10 -28.37
C LEU A 248 9.64 36.89 -28.69
N LYS A 249 8.59 36.60 -27.91
CA LYS A 249 7.26 37.21 -28.08
C LYS A 249 7.20 38.52 -27.30
N LYS A 250 7.13 38.40 -25.96
CA LYS A 250 6.88 39.53 -25.06
C LYS A 250 8.08 39.71 -24.13
N VAL A 251 8.44 40.97 -23.85
CA VAL A 251 9.53 41.31 -22.90
C VAL A 251 9.03 42.43 -21.97
N GLU A 252 8.63 42.06 -20.76
CA GLU A 252 8.24 42.99 -19.69
C GLU A 252 9.47 43.36 -18.88
N GLU A 253 9.91 44.62 -18.96
CA GLU A 253 11.09 45.08 -18.22
C GLU A 253 10.69 45.40 -16.78
N ARG A 254 11.66 45.23 -15.87
CA ARG A 254 11.53 45.62 -14.46
C ARG A 254 11.19 47.11 -14.32
N GLU A 255 10.20 47.38 -13.47
CA GLU A 255 9.74 48.73 -13.14
C GLU A 255 9.37 48.73 -11.65
N LEU A 256 9.79 49.75 -10.91
CA LEU A 256 9.48 49.88 -9.46
C LEU A 256 8.60 51.13 -9.24
N PRO A 257 7.22 51.00 -9.32
CA PRO A 257 6.31 52.13 -9.03
C PRO A 257 6.22 52.38 -7.51
N GLU A 258 5.60 51.41 -6.82
CA GLU A 258 5.31 51.43 -5.38
C GLU A 258 4.42 50.19 -5.07
N LEU A 259 4.31 49.84 -3.78
CA LEU A 259 3.26 48.94 -3.29
C LEU A 259 1.88 49.61 -3.51
N THR A 260 1.34 49.44 -4.73
CA THR A 260 0.06 50.02 -5.16
C THR A 260 -1.07 49.00 -4.93
N ALA A 261 -2.34 49.47 -5.01
CA ALA A 261 -3.54 48.61 -4.92
C ALA A 261 -3.50 47.53 -6.01
N GLU A 262 -2.87 47.88 -7.16
CA GLU A 262 -2.60 46.97 -8.29
C GLU A 262 -1.78 45.75 -7.84
N PHE A 263 -0.81 46.02 -6.95
CA PHE A 263 0.11 45.00 -6.41
C PHE A 263 -0.59 44.23 -5.26
N ILE A 264 -1.43 44.94 -4.47
CA ILE A 264 -2.25 44.33 -3.39
C ILE A 264 -3.15 43.21 -3.99
N LYS A 265 -3.74 43.50 -5.17
CA LYS A 265 -4.59 42.56 -5.94
C LYS A 265 -3.82 41.31 -6.44
N ARG A 266 -2.47 41.40 -6.51
CA ARG A 266 -1.63 40.29 -7.03
C ARG A 266 -1.73 39.05 -6.11
N PHE A 267 -2.00 39.31 -4.82
CA PHE A 267 -2.19 38.25 -3.79
C PHE A 267 -3.66 37.86 -3.64
N GLY A 268 -4.53 38.39 -4.52
CA GLY A 268 -5.97 38.17 -4.43
C GLY A 268 -6.62 38.98 -3.33
N VAL A 269 -5.88 39.99 -2.81
CA VAL A 269 -6.41 40.90 -1.80
C VAL A 269 -7.19 42.02 -2.52
N GLU A 270 -8.44 41.68 -2.87
CA GLU A 270 -9.40 42.59 -3.54
C GLU A 270 -9.66 43.82 -2.65
N ASP A 271 -9.51 43.60 -1.32
CA ASP A 271 -9.63 44.61 -0.24
C ASP A 271 -8.92 45.93 -0.58
N GLY A 272 -7.71 45.80 -1.18
CA GLY A 272 -6.99 46.96 -1.73
C GLY A 272 -6.22 47.77 -0.69
N SER A 273 -6.80 47.91 0.52
CA SER A 273 -6.15 48.56 1.67
C SER A 273 -4.89 47.78 2.05
N VAL A 274 -3.78 48.51 2.25
CA VAL A 274 -2.47 47.92 2.58
C VAL A 274 -2.54 47.13 3.90
N GLU A 275 -3.39 47.58 4.84
CA GLU A 275 -3.62 46.87 6.13
C GLU A 275 -4.28 45.50 5.91
N GLY A 276 -4.99 45.32 4.76
CA GLY A 276 -5.46 44.00 4.33
C GLY A 276 -4.28 43.12 3.95
N LEU A 277 -3.28 43.73 3.28
CA LEU A 277 -2.07 43.05 2.79
C LEU A 277 -1.14 42.77 3.99
N ARG A 278 -1.20 43.68 4.98
CA ARG A 278 -0.43 43.59 6.24
C ARG A 278 -0.92 42.36 7.02
N ALA A 279 -2.25 42.16 6.99
CA ALA A 279 -2.95 41.07 7.70
C ALA A 279 -2.62 39.71 7.07
N GLU A 280 -2.77 39.66 5.72
CA GLU A 280 -2.44 38.45 4.94
C GLU A 280 -0.98 38.04 5.19
N VAL A 281 -0.04 38.97 4.93
CA VAL A 281 1.40 38.76 5.10
C VAL A 281 1.76 38.38 6.55
N ARG A 282 1.17 39.06 7.54
CA ARG A 282 1.45 38.82 8.98
C ARG A 282 1.12 37.36 9.36
N LYS A 283 -0.09 36.92 8.98
CA LYS A 283 -0.58 35.56 9.30
C LYS A 283 0.21 34.48 8.52
N ASN A 284 0.53 34.76 7.24
CA ASN A 284 1.36 33.84 6.40
C ASN A 284 2.77 33.70 6.99
N MET A 285 3.34 34.83 7.44
CA MET A 285 4.69 34.88 8.03
C MET A 285 4.71 34.17 9.39
N GLU A 286 3.60 34.27 10.16
CA GLU A 286 3.50 33.62 11.48
C GLU A 286 3.36 32.10 11.33
N ARG A 287 2.56 31.66 10.33
CA ARG A 287 2.41 30.22 10.01
C ARG A 287 3.79 29.66 9.60
N GLU A 288 4.48 30.39 8.71
CA GLU A 288 5.83 30.03 8.26
C GLU A 288 6.88 30.24 9.36
N LEU A 289 6.60 31.09 10.37
CA LEU A 289 7.51 31.31 11.51
C LEU A 289 7.55 30.04 12.36
N LYS A 290 6.35 29.59 12.77
CA LYS A 290 6.18 28.37 13.59
C LYS A 290 6.73 27.13 12.83
N SER A 291 6.33 27.02 11.54
CA SER A 291 6.79 25.95 10.64
C SER A 291 8.31 25.98 10.46
N ALA A 292 8.88 27.19 10.32
CA ALA A 292 10.32 27.38 10.11
C ALA A 292 11.11 26.93 11.33
N ILE A 293 10.79 27.51 12.51
CA ILE A 293 11.47 27.17 13.79
C ILE A 293 11.44 25.65 14.04
N ARG A 294 10.23 25.07 13.91
CA ARG A 294 10.00 23.65 14.19
C ARG A 294 10.85 22.78 13.24
N ASN A 295 10.77 23.07 11.92
CA ASN A 295 11.50 22.33 10.86
C ASN A 295 13.02 22.64 10.86
N ARG A 296 13.41 23.81 11.43
CA ARG A 296 14.81 24.25 11.50
C ARG A 296 15.54 23.36 12.50
N VAL A 297 15.02 23.38 13.75
CA VAL A 297 15.57 22.57 14.84
C VAL A 297 15.35 21.08 14.59
N LYS A 298 14.23 20.74 13.90
CA LYS A 298 13.92 19.36 13.51
C LYS A 298 15.05 18.84 12.62
N SER A 299 15.27 19.47 11.45
CA SER A 299 16.23 19.01 10.44
C SER A 299 17.69 19.06 10.97
N GLN A 300 17.98 20.06 11.85
CA GLN A 300 19.27 20.17 12.55
C GLN A 300 19.51 18.93 13.45
N ALA A 301 18.47 18.56 14.22
CA ALA A 301 18.53 17.42 15.16
C ALA A 301 18.34 16.07 14.42
N ILE A 302 17.73 16.10 13.22
CA ILE A 302 17.49 14.89 12.41
C ILE A 302 18.82 14.45 11.78
N GLU A 303 19.44 15.38 11.02
CA GLU A 303 20.74 15.12 10.39
C GLU A 303 21.87 15.19 11.44
N GLY A 304 21.60 15.87 12.58
CA GLY A 304 22.48 15.82 13.75
C GLY A 304 22.47 14.46 14.42
N LEU A 305 21.28 13.83 14.47
CA LEU A 305 21.10 12.44 14.94
C LEU A 305 21.94 11.51 14.06
N VAL A 306 21.74 11.63 12.72
CA VAL A 306 22.49 10.84 11.74
C VAL A 306 24.02 11.07 11.90
N LYS A 307 24.40 12.35 12.04
CA LYS A 307 25.82 12.76 12.16
C LYS A 307 26.47 12.18 13.43
N ALA A 308 25.64 12.02 14.49
CA ALA A 308 26.08 11.39 15.75
C ALA A 308 26.53 9.93 15.53
N ASN A 309 25.90 9.23 14.54
CA ASN A 309 26.21 7.81 14.25
C ASN A 309 25.67 7.40 12.87
N ASP A 310 26.47 7.72 11.82
CA ASP A 310 26.20 7.28 10.44
C ASP A 310 26.45 5.76 10.33
N ILE A 311 25.43 4.99 10.69
CA ILE A 311 25.50 3.52 10.72
C ILE A 311 25.27 2.92 9.32
N ASP A 312 25.65 1.63 9.15
CA ASP A 312 25.39 0.86 7.93
C ASP A 312 23.96 0.31 8.00
N VAL A 313 23.02 1.15 7.55
CA VAL A 313 21.59 0.81 7.49
C VAL A 313 21.29 -0.25 6.41
N PRO A 314 20.35 -1.20 6.69
CA PRO A 314 19.96 -2.28 5.75
C PRO A 314 19.47 -1.74 4.39
N ALA A 315 20.20 -2.13 3.33
CA ALA A 315 20.00 -1.61 1.95
C ALA A 315 18.56 -1.83 1.45
N ALA A 316 17.90 -2.90 1.93
CA ALA A 316 16.50 -3.23 1.58
C ALA A 316 15.54 -2.03 1.82
N LEU A 317 15.72 -1.35 2.98
CA LEU A 317 14.91 -0.18 3.37
C LEU A 317 15.21 1.03 2.47
N ILE A 318 16.49 1.17 2.07
CA ILE A 318 16.95 2.28 1.21
C ILE A 318 16.38 2.10 -0.20
N ASP A 319 16.42 0.87 -0.71
CA ASP A 319 15.92 0.53 -2.06
C ASP A 319 14.40 0.56 -2.10
N SER A 320 13.74 0.26 -0.96
CA SER A 320 12.28 0.36 -0.82
C SER A 320 11.84 1.85 -0.91
N GLU A 321 12.52 2.71 -0.12
CA GLU A 321 12.26 4.17 -0.12
C GLU A 321 12.61 4.75 -1.51
N ILE A 322 13.79 4.35 -2.05
CA ILE A 322 14.24 4.72 -3.42
C ILE A 322 13.16 4.34 -4.45
N ASP A 323 12.56 3.14 -4.28
CA ASP A 323 11.53 2.61 -5.19
C ASP A 323 10.25 3.47 -5.16
N VAL A 324 9.84 3.91 -3.96
CA VAL A 324 8.71 4.85 -3.79
C VAL A 324 9.05 6.21 -4.46
N LEU A 325 10.28 6.68 -4.23
CA LEU A 325 10.79 7.96 -4.77
C LEU A 325 10.98 7.87 -6.31
N ARG A 326 11.26 6.65 -6.82
CA ARG A 326 11.45 6.37 -8.25
C ARG A 326 10.08 6.28 -8.93
N ARG A 327 9.09 5.75 -8.20
CA ARG A 327 7.71 5.62 -8.69
C ARG A 327 7.12 7.01 -8.90
N GLN A 328 7.29 7.88 -7.87
CA GLN A 328 6.83 9.29 -7.91
C GLN A 328 7.58 10.05 -9.01
N ALA A 329 8.94 9.97 -8.98
CA ALA A 329 9.81 10.68 -9.93
C ALA A 329 9.42 10.37 -11.38
N ALA A 330 9.46 9.08 -11.72
CA ALA A 330 9.17 8.59 -13.06
C ALA A 330 7.73 8.91 -13.49
N GLN A 331 6.77 8.82 -12.53
CA GLN A 331 5.35 9.21 -12.75
C GLN A 331 5.24 10.70 -13.17
N ARG A 332 6.14 11.53 -12.59
CA ARG A 332 6.13 12.99 -12.78
C ARG A 332 6.80 13.33 -14.13
N PHE A 333 8.05 12.86 -14.29
CA PHE A 333 8.87 13.05 -15.49
C PHE A 333 8.48 12.01 -16.56
N GLY A 334 7.34 12.25 -17.20
CA GLY A 334 6.90 11.47 -18.36
C GLY A 334 5.85 10.41 -18.03
N GLY A 335 6.15 9.55 -17.05
CA GLY A 335 5.23 8.50 -16.60
C GLY A 335 5.64 7.10 -17.06
N ASN A 336 6.96 6.79 -17.02
CA ASN A 336 7.49 5.46 -17.40
C ASN A 336 8.63 5.03 -16.45
N GLU A 337 8.75 3.71 -16.24
CA GLU A 337 9.62 3.11 -15.23
C GLU A 337 11.10 3.05 -15.70
N LYS A 338 11.34 3.10 -17.02
CA LYS A 338 12.72 2.94 -17.59
C LYS A 338 13.60 4.15 -17.32
N GLN A 339 13.02 5.34 -17.52
CA GLN A 339 13.70 6.63 -17.28
C GLN A 339 13.92 6.88 -15.78
N ALA A 340 13.24 6.10 -14.90
CA ALA A 340 13.46 6.12 -13.44
C ALA A 340 14.91 5.75 -13.11
N LEU A 341 15.39 4.64 -13.72
CA LEU A 341 16.74 4.09 -13.47
C LEU A 341 17.84 5.13 -13.78
N GLU A 342 17.56 5.99 -14.78
CA GLU A 342 18.46 7.07 -15.23
C GLU A 342 18.70 8.13 -14.15
N LEU A 343 17.74 8.29 -13.21
CA LEU A 343 17.92 9.19 -12.05
C LEU A 343 18.84 8.48 -11.03
N PRO A 344 20.13 8.94 -10.85
CA PRO A 344 21.11 8.25 -9.98
C PRO A 344 20.61 8.16 -8.51
N ARG A 345 20.57 6.93 -7.97
CA ARG A 345 20.00 6.63 -6.63
C ARG A 345 20.53 7.55 -5.52
N GLU A 346 21.78 8.04 -5.69
CA GLU A 346 22.49 8.89 -4.70
C GLU A 346 21.70 10.17 -4.36
N LEU A 347 20.91 10.70 -5.35
CA LEU A 347 20.09 11.91 -5.13
C LEU A 347 18.91 11.58 -4.20
N PHE A 348 18.41 10.34 -4.31
CA PHE A 348 17.29 9.83 -3.50
C PHE A 348 17.80 9.37 -2.12
N GLU A 349 19.06 8.90 -2.08
CA GLU A 349 19.68 8.29 -0.88
C GLU A 349 20.02 9.34 0.20
N GLU A 350 20.33 10.58 -0.23
CA GLU A 350 20.57 11.70 0.73
C GLU A 350 19.26 12.16 1.42
N GLN A 351 18.13 11.55 1.05
CA GLN A 351 16.88 11.59 1.84
C GLN A 351 16.71 10.24 2.57
N ALA A 352 16.61 9.17 1.76
CA ALA A 352 16.29 7.80 2.20
C ALA A 352 17.17 7.30 3.34
N LYS A 353 18.51 7.24 3.10
CA LYS A 353 19.47 6.71 4.09
C LYS A 353 19.38 7.51 5.39
N ARG A 354 19.31 8.86 5.26
CA ARG A 354 19.08 9.77 6.41
C ARG A 354 17.79 9.38 7.18
N ARG A 355 16.74 9.06 6.40
CA ARG A 355 15.37 8.89 6.92
C ARG A 355 15.24 7.57 7.71
N VAL A 356 15.92 6.52 7.23
CA VAL A 356 15.90 5.19 7.87
C VAL A 356 16.92 5.12 9.03
N VAL A 357 18.05 5.87 8.92
CA VAL A 357 19.00 6.04 10.05
C VAL A 357 18.24 6.63 11.25
N VAL A 358 17.57 7.78 11.02
CA VAL A 358 16.72 8.44 12.02
C VAL A 358 15.59 7.51 12.54
N GLY A 359 15.01 6.72 11.62
CA GLY A 359 13.98 5.73 11.98
C GLY A 359 14.46 4.73 13.02
N LEU A 360 15.71 4.27 12.85
CA LEU A 360 16.37 3.36 13.81
C LEU A 360 16.83 4.12 15.08
N LEU A 361 17.34 5.36 14.90
CA LEU A 361 17.97 6.14 15.99
C LEU A 361 16.92 6.65 16.98
N LEU A 362 16.00 7.52 16.51
CA LEU A 362 14.90 8.07 17.34
C LEU A 362 14.01 6.95 17.91
N GLY A 363 13.87 5.87 17.12
CA GLY A 363 13.22 4.65 17.56
C GLY A 363 13.92 4.08 18.81
N GLU A 364 15.25 3.95 18.74
CA GLU A 364 16.04 3.39 19.85
C GLU A 364 16.19 4.40 21.01
N VAL A 365 16.02 5.73 20.73
CA VAL A 365 16.02 6.76 21.78
C VAL A 365 14.83 6.53 22.71
N ILE A 366 13.64 6.43 22.08
CA ILE A 366 12.36 6.31 22.81
C ILE A 366 12.22 4.92 23.44
N ARG A 367 12.82 3.88 22.82
CA ARG A 367 12.84 2.51 23.39
C ARG A 367 13.76 2.42 24.63
N THR A 368 15.01 2.92 24.51
CA THR A 368 16.02 2.87 25.61
C THR A 368 15.59 3.75 26.81
N ASN A 369 15.20 5.00 26.51
CA ASN A 369 14.75 5.99 27.53
C ASN A 369 13.34 5.61 28.05
N GLU A 370 12.62 4.83 27.22
CA GLU A 370 11.26 4.36 27.48
C GLU A 370 10.30 5.56 27.66
N LEU A 371 10.00 6.23 26.54
CA LEU A 371 8.98 7.29 26.48
C LEU A 371 8.01 6.95 25.35
N LYS A 372 6.73 7.31 25.53
CA LYS A 372 5.66 7.02 24.56
C LYS A 372 5.00 8.35 24.16
N ALA A 373 3.94 8.27 23.34
CA ALA A 373 3.19 9.45 22.88
C ALA A 373 2.44 10.06 24.07
N ASP A 374 3.13 11.00 24.74
CA ASP A 374 2.61 11.69 25.92
C ASP A 374 1.30 12.40 25.56
N GLU A 375 0.23 12.14 26.36
CA GLU A 375 -1.13 12.70 26.13
C GLU A 375 -1.10 14.20 25.83
N GLU A 376 -0.38 14.94 26.67
CA GLU A 376 -0.33 16.40 26.57
C GLU A 376 0.52 16.85 25.35
N ARG A 377 1.48 16.01 24.90
CA ARG A 377 2.33 16.36 23.74
C ARG A 377 1.59 16.10 22.42
N VAL A 378 0.96 14.91 22.29
CA VAL A 378 0.19 14.55 21.08
C VAL A 378 -1.04 15.47 20.94
N LYS A 379 -1.78 15.62 22.05
CA LYS A 379 -3.04 16.39 22.08
C LYS A 379 -2.74 17.90 22.09
N GLY A 380 -1.56 18.27 22.64
CA GLY A 380 -1.04 19.62 22.54
C GLY A 380 -0.66 20.00 21.12
N LEU A 381 -0.04 19.06 20.37
CA LEU A 381 0.36 19.26 18.96
C LEU A 381 -0.91 19.40 18.09
N ILE A 382 -1.90 18.52 18.35
CA ILE A 382 -3.22 18.58 17.72
C ILE A 382 -3.86 19.95 17.99
N GLU A 383 -3.76 20.42 19.26
CA GLU A 383 -4.28 21.74 19.69
C GLU A 383 -3.56 22.90 18.94
N GLU A 384 -2.22 22.75 18.74
CA GLU A 384 -1.38 23.76 18.03
C GLU A 384 -1.91 23.99 16.60
N MET A 385 -2.11 22.88 15.86
CA MET A 385 -2.64 22.97 14.47
C MET A 385 -4.17 23.18 14.47
N ALA A 386 -4.84 22.83 15.59
CA ALA A 386 -6.30 23.00 15.75
C ALA A 386 -6.69 24.47 15.87
N SER A 387 -5.75 25.27 16.43
CA SER A 387 -5.84 26.74 16.46
C SER A 387 -6.06 27.32 15.05
N ALA A 388 -5.49 26.64 14.03
CA ALA A 388 -5.62 27.01 12.61
C ALA A 388 -6.97 26.55 12.02
N TYR A 389 -7.60 25.51 12.62
CA TYR A 389 -8.90 24.95 12.13
C TYR A 389 -10.08 25.77 12.71
N GLU A 390 -11.31 25.31 12.41
CA GLU A 390 -12.57 25.95 12.83
C GLU A 390 -12.66 26.11 14.37
N ASP A 391 -12.90 25.00 15.08
CA ASP A 391 -12.94 24.97 16.55
C ASP A 391 -12.04 23.82 17.04
N PRO A 392 -10.95 24.12 17.83
CA PRO A 392 -10.05 23.09 18.44
C PRO A 392 -10.79 21.88 19.06
N LYS A 393 -11.90 22.16 19.77
CA LYS A 393 -12.72 21.14 20.45
C LYS A 393 -13.13 20.01 19.49
N GLU A 394 -13.64 20.43 18.31
CA GLU A 394 -14.11 19.52 17.25
C GLU A 394 -12.93 18.71 16.67
N VAL A 395 -11.74 19.32 16.68
CA VAL A 395 -10.54 18.75 16.04
C VAL A 395 -10.02 17.61 16.91
N ILE A 396 -9.70 17.97 18.16
CA ILE A 396 -9.19 17.07 19.19
C ILE A 396 -10.15 15.89 19.41
N GLU A 397 -11.47 16.21 19.48
CA GLU A 397 -12.54 15.20 19.59
C GLU A 397 -12.46 14.17 18.44
N PHE A 398 -12.70 14.65 17.19
CA PHE A 398 -12.83 13.76 16.00
C PHE A 398 -11.55 12.97 15.71
N TYR A 399 -10.40 13.57 16.02
CA TYR A 399 -9.08 12.95 15.83
C TYR A 399 -8.92 11.78 16.81
N SER A 400 -9.10 12.07 18.12
CA SER A 400 -9.03 11.04 19.19
C SER A 400 -10.14 9.96 19.04
N LYS A 401 -11.22 10.36 18.34
CA LYS A 401 -12.36 9.48 18.01
C LYS A 401 -11.93 8.39 17.01
N ASN A 402 -11.10 8.78 16.02
CA ASN A 402 -10.71 7.86 14.93
C ASN A 402 -9.40 7.17 15.31
N LYS A 403 -9.38 5.81 15.28
CA LYS A 403 -8.19 5.00 15.59
C LYS A 403 -7.02 5.43 14.70
N GLU A 404 -7.28 5.51 13.39
CA GLU A 404 -6.26 5.79 12.38
C GLU A 404 -5.64 7.19 12.57
N LEU A 405 -6.51 8.21 12.73
CA LEU A 405 -6.07 9.61 12.85
C LEU A 405 -5.28 9.80 14.17
N MET A 406 -5.88 9.34 15.29
CA MET A 406 -5.29 9.42 16.63
C MET A 406 -3.87 8.80 16.64
N ASP A 407 -3.78 7.54 16.18
CA ASP A 407 -2.54 6.75 16.21
C ASP A 407 -1.42 7.37 15.34
N ASN A 408 -1.81 7.88 14.17
CA ASN A 408 -0.89 8.57 13.24
C ASN A 408 -0.32 9.83 13.92
N MET A 409 -1.21 10.59 14.59
CA MET A 409 -0.80 11.78 15.35
C MET A 409 0.07 11.42 16.57
N ARG A 410 -0.18 10.24 17.17
CA ARG A 410 0.61 9.75 18.31
C ARG A 410 2.05 9.47 17.85
N ASN A 411 2.16 8.81 16.69
CA ASN A 411 3.45 8.42 16.12
C ASN A 411 4.30 9.66 15.74
N VAL A 412 3.69 10.60 14.99
CA VAL A 412 4.41 11.83 14.55
C VAL A 412 4.79 12.72 15.76
N ALA A 413 3.95 12.66 16.83
CA ALA A 413 4.21 13.40 18.08
C ALA A 413 5.19 12.64 18.99
N LEU A 414 5.34 11.32 18.77
CA LEU A 414 6.33 10.49 19.50
C LEU A 414 7.72 10.77 18.94
N GLU A 415 7.84 10.88 17.60
CA GLU A 415 9.10 11.28 16.94
C GLU A 415 9.40 12.78 17.17
N GLU A 416 8.33 13.60 17.23
CA GLU A 416 8.43 15.00 17.67
C GLU A 416 9.04 15.07 19.08
N GLN A 417 8.48 14.25 20.00
CA GLN A 417 8.91 14.18 21.41
C GLN A 417 10.28 13.46 21.52
N ALA A 418 10.61 12.62 20.52
CA ALA A 418 11.91 11.92 20.44
C ALA A 418 13.03 12.93 20.20
N VAL A 419 12.77 13.84 19.25
CA VAL A 419 13.64 14.99 18.98
C VAL A 419 13.73 15.88 20.22
N GLU A 420 12.56 16.23 20.81
CA GLU A 420 12.50 17.06 22.05
C GLU A 420 13.30 16.42 23.21
N ALA A 421 13.27 15.08 23.28
CA ALA A 421 13.95 14.30 24.33
C ALA A 421 15.48 14.42 24.20
N VAL A 422 16.00 14.32 22.96
CA VAL A 422 17.44 14.47 22.70
C VAL A 422 17.87 15.93 22.87
N LEU A 423 16.97 16.89 22.51
CA LEU A 423 17.24 18.36 22.62
C LEU A 423 17.36 18.77 24.10
N ALA A 424 16.54 18.13 24.95
CA ALA A 424 16.55 18.35 26.42
C ALA A 424 17.95 18.04 27.04
N LYS A 425 18.75 17.25 26.31
CA LYS A 425 20.12 16.86 26.73
C LYS A 425 21.20 17.44 25.78
N ALA A 426 20.80 17.81 24.55
CA ALA A 426 21.74 18.24 23.48
C ALA A 426 22.23 19.67 23.69
N LYS A 427 23.31 20.03 22.96
CA LYS A 427 23.91 21.38 22.99
C LYS A 427 22.93 22.34 22.28
N VAL A 428 22.00 22.93 23.05
CA VAL A 428 21.01 23.89 22.51
C VAL A 428 21.57 25.31 22.59
N THR A 429 21.61 25.98 21.44
CA THR A 429 22.07 27.36 21.33
C THR A 429 20.86 28.25 20.99
N GLU A 430 20.32 28.97 22.01
CA GLU A 430 19.27 29.99 21.77
C GLU A 430 19.93 31.24 21.14
N LYS A 431 20.05 31.18 19.80
CA LYS A 431 20.83 32.12 18.99
C LYS A 431 19.85 33.00 18.21
N GLU A 432 19.80 34.30 18.56
CA GLU A 432 18.83 35.24 17.95
C GLU A 432 19.21 35.61 16.50
N THR A 433 18.18 35.79 15.67
CA THR A 433 18.32 36.13 14.23
C THR A 433 17.10 36.96 13.77
N THR A 434 17.10 37.37 12.50
CA THR A 434 15.94 38.01 11.85
C THR A 434 15.17 36.96 11.03
N PHE A 435 13.97 37.36 10.54
CA PHE A 435 13.12 36.51 9.67
C PHE A 435 13.86 36.12 8.37
N ASN A 436 14.73 37.05 7.91
CA ASN A 436 15.60 36.83 6.74
C ASN A 436 16.58 35.69 7.04
N GLU A 437 17.34 35.85 8.14
CA GLU A 437 18.39 34.88 8.55
C GLU A 437 17.81 33.52 8.99
N LEU A 438 16.51 33.47 9.24
CA LEU A 438 15.80 32.22 9.61
C LEU A 438 15.77 31.24 8.40
N MET A 439 15.61 31.80 7.19
CA MET A 439 15.61 31.02 5.92
C MET A 439 16.98 31.09 5.23
N ASN A 440 17.72 32.19 5.46
CA ASN A 440 19.00 32.50 4.75
C ASN A 440 20.25 32.09 5.57
N GLN A 441 19.99 31.55 6.80
CA GLN A 441 20.98 31.08 7.83
C GLN A 441 22.47 31.30 7.46
N GLN A 442 22.97 32.50 7.79
CA GLN A 442 24.31 32.97 7.40
C GLN A 442 25.39 32.22 8.22
N ALA A 443 25.40 32.47 9.53
CA ALA A 443 26.37 31.88 10.47
C ALA A 443 25.88 32.13 11.92
N MET B 12 -14.76 25.00 4.86
CA MET B 12 -14.43 24.84 3.42
C MET B 12 -15.73 24.55 2.63
N GLN B 13 -15.71 24.78 1.29
CA GLN B 13 -16.89 24.62 0.40
C GLN B 13 -17.33 23.14 0.30
N VAL B 14 -18.15 22.71 1.27
CA VAL B 14 -18.64 21.32 1.38
C VAL B 14 -20.13 21.30 1.71
N SER B 15 -20.77 20.14 1.51
CA SER B 15 -22.18 19.91 1.86
C SER B 15 -22.46 18.41 2.05
N VAL B 16 -22.95 18.05 3.26
CA VAL B 16 -23.28 16.65 3.61
C VAL B 16 -24.77 16.35 3.32
N GLU B 17 -25.03 15.89 2.09
CA GLU B 17 -26.32 15.30 1.66
C GLU B 17 -26.45 13.87 2.25
N THR B 18 -27.63 13.25 2.15
CA THR B 18 -27.85 11.84 2.53
C THR B 18 -28.31 11.06 1.29
N THR B 19 -27.77 9.84 1.10
CA THR B 19 -28.14 8.95 -0.01
C THR B 19 -29.03 7.78 0.47
N GLN B 20 -28.64 7.13 1.58
CA GLN B 20 -29.40 6.00 2.14
C GLN B 20 -29.17 5.91 3.67
N GLY B 21 -29.97 6.70 4.42
CA GLY B 21 -30.04 6.60 5.89
C GLY B 21 -28.71 6.88 6.60
N LEU B 22 -27.92 5.80 6.79
CA LEU B 22 -26.56 5.88 7.34
C LEU B 22 -25.64 6.53 6.29
N GLY B 23 -25.76 6.00 5.05
CA GLY B 23 -25.01 6.48 3.88
C GLY B 23 -25.28 7.95 3.58
N ARG B 24 -24.25 8.79 3.77
CA ARG B 24 -24.32 10.24 3.55
C ARG B 24 -23.33 10.66 2.46
N ARG B 25 -23.83 11.51 1.57
CA ARG B 25 -23.15 12.07 0.42
C ARG B 25 -22.49 13.41 0.78
N VAL B 26 -21.23 13.37 1.24
CA VAL B 26 -20.45 14.58 1.55
C VAL B 26 -19.79 15.08 0.24
N THR B 27 -20.51 15.95 -0.49
CA THR B 27 -20.02 16.58 -1.71
C THR B 27 -19.08 17.72 -1.36
N ILE B 28 -17.79 17.56 -1.72
CA ILE B 28 -16.73 18.52 -1.39
C ILE B 28 -16.20 19.18 -2.67
N THR B 29 -16.38 20.52 -2.77
CA THR B 29 -15.86 21.33 -3.88
C THR B 29 -14.51 21.96 -3.44
N ILE B 30 -13.39 21.29 -3.77
CA ILE B 30 -12.04 21.81 -3.50
C ILE B 30 -11.72 22.90 -4.54
N ALA B 31 -11.59 24.16 -4.10
CA ALA B 31 -11.32 25.32 -4.98
C ALA B 31 -10.00 25.15 -5.74
N ALA B 32 -9.94 25.66 -7.00
CA ALA B 32 -8.76 25.52 -7.89
C ALA B 32 -7.50 26.10 -7.25
N ASP B 33 -7.66 27.23 -6.55
CA ASP B 33 -6.56 27.96 -5.86
C ASP B 33 -5.95 27.09 -4.76
N SER B 34 -6.82 26.40 -4.01
CA SER B 34 -6.44 25.47 -2.94
C SER B 34 -5.57 24.32 -3.49
N ILE B 35 -5.98 23.81 -4.68
CA ILE B 35 -5.27 22.75 -5.39
C ILE B 35 -3.90 23.27 -5.84
N GLU B 36 -3.90 24.41 -6.58
CA GLU B 36 -2.70 25.06 -7.15
C GLU B 36 -1.60 25.22 -6.09
N THR B 37 -1.96 25.84 -4.95
CA THR B 37 -1.07 26.06 -3.80
C THR B 37 -0.41 24.73 -3.37
N ALA B 38 -1.24 23.68 -3.21
CA ALA B 38 -0.80 22.35 -2.77
C ALA B 38 0.11 21.66 -3.81
N VAL B 39 -0.18 21.85 -5.13
CA VAL B 39 0.62 21.26 -6.23
C VAL B 39 2.05 21.83 -6.22
N LYS B 40 2.11 23.17 -6.17
CA LYS B 40 3.37 23.93 -6.29
C LYS B 40 4.24 23.73 -5.03
N SER B 41 3.58 23.70 -3.85
CA SER B 41 4.24 23.39 -2.57
C SER B 41 4.81 21.96 -2.61
N GLU B 42 4.01 20.99 -3.08
CA GLU B 42 4.41 19.57 -3.14
C GLU B 42 5.50 19.33 -4.20
N LEU B 43 5.49 20.15 -5.27
CA LEU B 43 6.49 20.07 -6.35
C LEU B 43 7.87 20.57 -5.87
N VAL B 44 7.90 21.71 -5.14
CA VAL B 44 9.17 22.22 -4.59
C VAL B 44 9.68 21.31 -3.44
N ASN B 45 8.74 20.65 -2.71
CA ASN B 45 9.07 19.59 -1.72
C ASN B 45 9.86 18.46 -2.42
N VAL B 46 9.21 17.75 -3.36
CA VAL B 46 9.81 16.60 -4.06
C VAL B 46 11.09 17.01 -4.86
N ALA B 47 11.15 18.29 -5.26
CA ALA B 47 12.34 18.87 -5.89
C ALA B 47 13.53 18.92 -4.91
N LYS B 48 13.28 19.35 -3.65
CA LYS B 48 14.39 19.61 -2.68
C LYS B 48 14.62 18.42 -1.72
N LYS B 49 13.55 17.98 -1.01
CA LYS B 49 13.59 16.84 -0.06
C LYS B 49 14.12 15.57 -0.74
N VAL B 50 13.54 15.23 -1.89
CA VAL B 50 13.92 14.03 -2.66
C VAL B 50 15.14 14.33 -3.57
N ARG B 51 15.43 15.66 -3.75
CA ARG B 51 16.69 16.16 -4.36
C ARG B 51 16.71 15.90 -5.89
N ILE B 52 15.51 15.93 -6.52
CA ILE B 52 15.35 15.67 -7.98
C ILE B 52 15.53 16.97 -8.81
N ASP B 53 15.69 18.13 -8.15
CA ASP B 53 15.78 19.44 -8.84
C ASP B 53 17.11 19.58 -9.64
N GLY B 54 18.06 20.42 -9.17
CA GLY B 54 19.30 20.70 -9.90
C GLY B 54 19.11 21.68 -11.08
N PHE B 55 18.09 21.40 -11.93
CA PHE B 55 17.81 22.12 -13.18
C PHE B 55 17.44 23.60 -12.92
N ARG B 56 16.35 23.80 -12.17
CA ARG B 56 15.75 25.14 -11.96
C ARG B 56 15.98 25.60 -10.51
N LYS B 57 17.16 25.25 -9.98
CA LYS B 57 17.61 25.50 -8.58
C LYS B 57 17.21 26.91 -8.02
N GLY B 58 17.42 27.95 -8.85
CA GLY B 58 17.03 29.32 -8.50
C GLY B 58 16.26 30.00 -9.62
N LYS B 59 15.47 29.21 -10.37
CA LYS B 59 14.83 29.65 -11.63
C LYS B 59 13.51 28.90 -11.87
N VAL B 60 12.83 29.30 -12.97
CA VAL B 60 11.57 28.70 -13.46
C VAL B 60 10.51 28.59 -12.31
N PRO B 61 9.68 29.68 -12.11
CA PRO B 61 8.65 29.73 -11.03
C PRO B 61 7.79 28.47 -10.96
N MET B 62 7.65 27.87 -9.77
CA MET B 62 6.90 26.61 -9.57
C MET B 62 5.39 26.81 -9.91
N ASN B 63 4.96 28.09 -9.84
CA ASN B 63 3.64 28.58 -10.26
C ASN B 63 3.33 28.13 -11.70
N ILE B 64 4.26 28.43 -12.63
CA ILE B 64 4.10 28.05 -14.04
C ILE B 64 4.44 26.56 -14.26
N VAL B 65 5.37 25.98 -13.45
CA VAL B 65 5.74 24.54 -13.53
C VAL B 65 4.50 23.63 -13.40
N ALA B 66 3.66 23.95 -12.40
CA ALA B 66 2.39 23.23 -12.16
C ALA B 66 1.39 23.44 -13.31
N GLN B 67 1.29 24.67 -13.79
CA GLN B 67 0.27 25.10 -14.77
C GLN B 67 0.70 24.75 -16.23
N ARG B 68 2.00 24.43 -16.43
CA ARG B 68 2.54 24.03 -17.75
C ARG B 68 2.56 22.50 -17.88
N TYR B 69 3.10 21.82 -16.85
CA TYR B 69 3.31 20.36 -16.89
C TYR B 69 3.19 19.73 -15.48
N GLY B 70 2.29 20.25 -14.63
CA GLY B 70 2.01 19.65 -13.32
C GLY B 70 0.76 18.76 -13.35
N ALA B 71 0.47 18.15 -14.51
CA ALA B 71 -0.71 17.27 -14.70
C ALA B 71 -0.42 15.83 -14.21
N SER B 72 0.81 15.34 -14.47
CA SER B 72 1.24 13.97 -14.06
C SER B 72 1.29 13.81 -12.52
N VAL B 73 1.61 14.92 -11.82
CA VAL B 73 1.73 14.94 -10.35
C VAL B 73 0.35 15.07 -9.66
N ARG B 74 -0.73 15.25 -10.45
CA ARG B 74 -2.12 15.39 -9.91
C ARG B 74 -2.57 14.11 -9.17
N GLN B 75 -1.96 12.97 -9.51
CA GLN B 75 -2.17 11.70 -8.78
C GLN B 75 -1.76 11.88 -7.30
N ASP B 76 -0.52 12.37 -7.11
CA ASP B 76 0.09 12.59 -5.79
C ASP B 76 -0.71 13.65 -5.02
N VAL B 77 -0.96 14.79 -5.69
CA VAL B 77 -1.63 15.95 -5.11
C VAL B 77 -3.05 15.59 -4.65
N LEU B 78 -3.91 15.13 -5.59
CA LEU B 78 -5.32 14.78 -5.28
C LEU B 78 -5.38 13.63 -4.26
N GLY B 79 -4.39 12.72 -4.31
CA GLY B 79 -4.24 11.64 -3.33
C GLY B 79 -3.96 12.18 -1.92
N ASP B 80 -3.23 13.32 -1.86
CA ASP B 80 -2.92 14.02 -0.59
C ASP B 80 -4.11 14.90 -0.16
N LEU B 81 -4.86 15.44 -1.15
CA LEU B 81 -5.97 16.38 -0.90
C LEU B 81 -7.22 15.66 -0.37
N MET B 82 -7.44 14.42 -0.84
CA MET B 82 -8.56 13.56 -0.37
C MET B 82 -8.35 13.16 1.11
N SER B 83 -7.15 13.41 1.64
CA SER B 83 -6.86 13.26 3.06
C SER B 83 -6.97 14.62 3.80
N ARG B 84 -6.17 15.63 3.39
CA ARG B 84 -6.04 16.90 4.14
C ARG B 84 -7.31 17.78 4.01
N ASN B 85 -7.80 17.96 2.77
CA ASN B 85 -8.98 18.83 2.51
C ASN B 85 -10.24 18.20 3.11
N PHE B 86 -10.30 16.86 3.08
CA PHE B 86 -11.40 16.10 3.70
C PHE B 86 -11.39 16.28 5.23
N ILE B 87 -10.22 16.03 5.87
CA ILE B 87 -10.10 16.02 7.35
C ILE B 87 -10.36 17.43 7.94
N ASP B 88 -10.02 18.47 7.16
CA ASP B 88 -10.32 19.88 7.50
C ASP B 88 -11.83 20.16 7.34
N ALA B 89 -12.34 19.83 6.14
CA ALA B 89 -13.73 20.12 5.71
C ALA B 89 -14.79 19.64 6.71
N ILE B 90 -14.54 18.49 7.32
CA ILE B 90 -15.51 17.78 8.16
C ILE B 90 -15.49 18.26 9.62
N ILE B 91 -14.62 19.24 9.94
CA ILE B 91 -14.54 19.84 11.29
C ILE B 91 -15.58 20.98 11.41
N LYS B 92 -16.86 20.57 11.52
CA LYS B 92 -18.00 21.44 11.89
C LYS B 92 -19.22 20.54 12.14
N GLU B 93 -19.50 19.65 11.18
CA GLU B 93 -20.51 18.58 11.34
C GLU B 93 -20.01 17.55 12.35
N LYS B 94 -18.67 17.43 12.41
CA LYS B 94 -17.92 16.62 13.41
C LYS B 94 -17.95 15.11 13.10
N ILE B 95 -18.90 14.68 12.22
CA ILE B 95 -18.85 13.41 11.42
C ILE B 95 -18.67 12.09 12.25
N ASN B 96 -19.17 10.99 11.69
CA ASN B 96 -18.99 9.64 12.24
C ASN B 96 -18.77 8.67 11.07
N PRO B 97 -17.51 8.48 10.57
CA PRO B 97 -17.23 7.64 9.39
C PRO B 97 -17.08 6.16 9.78
N ALA B 98 -17.87 5.29 9.10
CA ALA B 98 -17.81 3.85 9.31
C ALA B 98 -16.56 3.23 8.65
N GLY B 99 -15.44 3.25 9.39
CA GLY B 99 -14.19 2.63 8.97
C GLY B 99 -13.41 3.45 7.94
N ALA B 100 -13.91 3.45 6.69
CA ALA B 100 -13.26 4.13 5.55
C ALA B 100 -14.33 4.71 4.59
N PRO B 101 -14.25 6.04 4.23
CA PRO B 101 -15.19 6.65 3.29
C PRO B 101 -14.80 6.39 1.80
N THR B 102 -15.83 6.13 0.98
CA THR B 102 -15.69 5.93 -0.47
C THR B 102 -15.69 7.30 -1.20
N TYR B 103 -14.52 7.71 -1.67
CA TYR B 103 -14.34 8.92 -2.49
C TYR B 103 -14.71 8.59 -3.95
N VAL B 104 -15.83 9.13 -4.44
CA VAL B 104 -16.24 9.01 -5.85
C VAL B 104 -15.98 10.36 -6.57
N PRO B 105 -14.81 10.52 -7.28
CA PRO B 105 -14.56 11.70 -8.11
C PRO B 105 -15.13 11.56 -9.52
N GLY B 106 -15.57 12.69 -10.10
CA GLY B 106 -15.94 12.74 -11.52
C GLY B 106 -14.72 13.03 -12.37
N GLU B 107 -14.60 14.27 -12.88
CA GLU B 107 -13.42 14.74 -13.59
C GLU B 107 -12.68 15.77 -12.72
N TYR B 108 -11.38 15.91 -12.92
CA TYR B 108 -10.61 17.03 -12.37
C TYR B 108 -10.94 18.28 -13.19
N LYS B 109 -11.54 19.29 -12.55
CA LYS B 109 -11.97 20.53 -13.21
C LYS B 109 -10.74 21.46 -13.32
N LEU B 110 -10.01 21.33 -14.44
CA LEU B 110 -8.73 22.05 -14.66
C LEU B 110 -8.93 23.57 -14.67
N GLY B 111 -8.21 24.26 -13.75
CA GLY B 111 -8.29 25.72 -13.60
C GLY B 111 -9.67 26.19 -13.16
N GLU B 112 -10.44 25.31 -12.50
CA GLU B 112 -11.84 25.55 -12.15
C GLU B 112 -12.10 25.13 -10.68
N ASP B 113 -11.94 23.82 -10.37
CA ASP B 113 -12.05 23.28 -8.99
C ASP B 113 -11.78 21.75 -8.99
N PHE B 114 -12.26 21.05 -7.95
CA PHE B 114 -12.30 19.58 -7.89
C PHE B 114 -13.42 19.16 -6.93
N THR B 115 -14.64 19.05 -7.47
CA THR B 115 -15.78 18.49 -6.73
C THR B 115 -15.74 16.95 -6.78
N TYR B 116 -15.77 16.31 -5.61
CA TYR B 116 -15.91 14.84 -5.52
C TYR B 116 -16.93 14.47 -4.43
N SER B 117 -17.71 13.44 -4.73
CA SER B 117 -18.80 12.95 -3.89
C SER B 117 -18.29 11.84 -2.95
N VAL B 118 -18.01 12.21 -1.70
CA VAL B 118 -17.47 11.30 -0.69
C VAL B 118 -18.61 10.68 0.13
N GLU B 119 -18.97 9.42 -0.20
CA GLU B 119 -20.05 8.67 0.48
C GLU B 119 -19.47 7.73 1.54
N PHE B 120 -20.21 7.57 2.65
CA PHE B 120 -19.91 6.60 3.72
C PHE B 120 -21.14 6.43 4.59
N GLU B 121 -21.34 5.24 5.14
CA GLU B 121 -22.28 5.01 6.22
C GLU B 121 -21.74 5.70 7.49
N VAL B 122 -22.63 6.37 8.23
CA VAL B 122 -22.28 6.85 9.58
C VAL B 122 -22.23 5.63 10.50
N TYR B 123 -21.13 5.53 11.27
CA TYR B 123 -20.77 4.32 12.02
C TYR B 123 -21.87 3.94 13.04
N PRO B 124 -22.68 2.87 12.74
CA PRO B 124 -23.79 2.47 13.61
C PRO B 124 -23.24 1.71 14.83
N GLU B 125 -23.18 2.43 15.97
CA GLU B 125 -22.60 1.91 17.22
C GLU B 125 -23.38 0.65 17.66
N VAL B 126 -22.70 -0.50 17.58
CA VAL B 126 -23.32 -1.84 17.68
C VAL B 126 -24.03 -2.06 19.03
N GLU B 127 -25.31 -2.42 18.95
CA GLU B 127 -26.13 -2.78 20.10
C GLU B 127 -25.93 -4.29 20.35
N LEU B 128 -25.06 -4.62 21.32
CA LEU B 128 -24.68 -6.01 21.63
C LEU B 128 -25.50 -6.54 22.83
N GLN B 129 -26.10 -7.73 22.66
CA GLN B 129 -26.90 -8.43 23.69
C GLN B 129 -26.86 -9.92 23.38
N GLY B 130 -27.03 -10.76 24.42
CA GLY B 130 -26.99 -12.21 24.25
C GLY B 130 -25.68 -12.80 24.73
N LEU B 131 -24.74 -11.92 25.18
CA LEU B 131 -23.39 -12.35 25.66
C LEU B 131 -23.52 -13.36 26.83
N GLU B 132 -24.61 -13.20 27.59
CA GLU B 132 -24.97 -14.06 28.74
C GLU B 132 -26.06 -15.08 28.37
N ALA B 133 -26.75 -14.88 27.22
CA ALA B 133 -27.99 -15.61 26.84
C ALA B 133 -27.73 -16.71 25.78
N ILE B 134 -26.56 -16.69 25.13
CA ILE B 134 -26.11 -17.74 24.18
C ILE B 134 -25.77 -19.03 24.98
N GLU B 135 -25.79 -20.20 24.32
CA GLU B 135 -25.27 -21.45 24.90
C GLU B 135 -24.05 -21.94 24.10
N VAL B 136 -23.02 -22.37 24.84
CA VAL B 136 -21.73 -22.77 24.30
C VAL B 136 -21.75 -24.26 23.93
N GLU B 137 -21.38 -24.58 22.70
CA GLU B 137 -21.20 -25.97 22.28
C GLU B 137 -19.77 -26.41 22.63
N LYS B 138 -19.62 -27.17 23.72
CA LYS B 138 -18.35 -27.84 24.08
C LYS B 138 -18.51 -29.36 23.89
N PRO B 139 -18.24 -29.91 22.66
CA PRO B 139 -18.32 -31.35 22.39
C PRO B 139 -17.21 -32.11 23.12
N ILE B 140 -17.58 -32.70 24.27
CA ILE B 140 -16.70 -33.56 25.06
C ILE B 140 -16.50 -34.88 24.31
N VAL B 141 -15.57 -34.83 23.36
CA VAL B 141 -15.16 -35.96 22.51
C VAL B 141 -13.70 -36.30 22.84
N GLU B 142 -13.33 -37.56 22.66
CA GLU B 142 -11.96 -38.05 22.90
C GLU B 142 -11.57 -38.98 21.76
N VAL B 143 -10.28 -38.98 21.39
CA VAL B 143 -9.71 -40.00 20.51
C VAL B 143 -9.42 -41.24 21.37
N THR B 144 -10.46 -42.07 21.56
CA THR B 144 -10.34 -43.37 22.24
C THR B 144 -10.02 -44.42 21.19
N ASP B 145 -9.51 -45.60 21.60
CA ASP B 145 -9.25 -46.73 20.68
C ASP B 145 -10.56 -47.23 20.04
N ALA B 146 -11.69 -47.03 20.75
CA ALA B 146 -13.04 -47.31 20.22
C ALA B 146 -13.33 -46.41 19.00
N ASP B 147 -13.03 -45.09 19.16
CA ASP B 147 -13.17 -44.09 18.08
C ASP B 147 -12.16 -44.35 16.95
N VAL B 148 -10.95 -44.83 17.30
CA VAL B 148 -9.89 -45.12 16.32
C VAL B 148 -10.32 -46.26 15.40
N ASP B 149 -10.77 -47.38 16.00
CA ASP B 149 -11.17 -48.59 15.26
C ASP B 149 -12.47 -48.35 14.47
N GLY B 150 -13.42 -47.59 15.06
CA GLY B 150 -14.66 -47.23 14.38
C GLY B 150 -14.41 -46.40 13.12
N MET B 151 -13.59 -45.34 13.26
CA MET B 151 -13.24 -44.44 12.15
C MET B 151 -12.35 -45.17 11.14
N LEU B 152 -11.47 -46.08 11.61
CA LEU B 152 -10.52 -46.82 10.74
C LEU B 152 -11.32 -47.75 9.81
N ASP B 153 -12.35 -48.41 10.38
CA ASP B 153 -13.34 -49.20 9.63
C ASP B 153 -14.01 -48.30 8.57
N THR B 154 -14.58 -47.17 9.03
CA THR B 154 -15.26 -46.18 8.17
C THR B 154 -14.32 -45.64 7.05
N LEU B 155 -13.02 -45.58 7.37
CA LEU B 155 -11.96 -45.05 6.48
C LEU B 155 -11.74 -46.04 5.30
N ARG B 156 -11.39 -47.29 5.66
CA ARG B 156 -11.08 -48.36 4.69
C ARG B 156 -12.33 -48.81 3.91
N LYS B 157 -13.53 -48.60 4.51
CA LYS B 157 -14.81 -48.98 3.91
C LYS B 157 -15.31 -47.91 2.93
N GLN B 158 -15.22 -46.62 3.32
CA GLN B 158 -15.70 -45.48 2.48
C GLN B 158 -14.75 -45.23 1.29
N GLN B 159 -13.44 -45.44 1.52
CA GLN B 159 -12.41 -45.19 0.48
C GLN B 159 -11.70 -46.52 0.11
N ALA B 160 -12.50 -47.60 0.01
CA ALA B 160 -12.00 -48.94 -0.38
C ALA B 160 -11.39 -48.95 -1.80
N THR B 161 -10.37 -49.81 -1.97
CA THR B 161 -9.58 -49.89 -3.21
C THR B 161 -10.39 -50.47 -4.38
N TRP B 162 -10.21 -49.85 -5.56
CA TRP B 162 -11.03 -50.07 -6.76
C TRP B 162 -10.44 -51.17 -7.66
N LYS B 163 -11.26 -51.71 -8.57
CA LYS B 163 -10.84 -52.68 -9.59
C LYS B 163 -11.56 -52.41 -10.91
N GLU B 164 -10.98 -52.86 -12.04
CA GLU B 164 -11.51 -52.56 -13.39
C GLU B 164 -12.83 -53.33 -13.66
N LYS B 165 -13.82 -52.63 -14.25
CA LYS B 165 -15.16 -53.17 -14.51
C LYS B 165 -15.31 -53.52 -15.99
N ASP B 166 -15.94 -54.67 -16.27
CA ASP B 166 -16.31 -55.07 -17.63
C ASP B 166 -17.84 -54.96 -17.78
N GLY B 167 -18.30 -53.85 -18.37
CA GLY B 167 -19.73 -53.62 -18.58
C GLY B 167 -20.09 -52.14 -18.61
N ALA B 168 -21.31 -51.83 -18.18
CA ALA B 168 -21.85 -50.47 -18.13
C ALA B 168 -21.37 -49.73 -16.87
N VAL B 169 -22.00 -48.57 -16.57
CA VAL B 169 -21.76 -47.84 -15.31
C VAL B 169 -23.07 -47.81 -14.51
N GLU B 170 -23.12 -48.49 -13.36
CA GLU B 170 -24.29 -48.40 -12.47
C GLU B 170 -24.10 -47.23 -11.50
N ALA B 171 -25.17 -46.94 -10.73
CA ALA B 171 -25.18 -45.86 -9.71
C ALA B 171 -24.21 -46.16 -8.55
N GLU B 172 -23.77 -47.43 -8.44
CA GLU B 172 -22.83 -47.88 -7.41
C GLU B 172 -21.45 -48.20 -8.02
N ASP B 173 -21.06 -47.48 -9.11
CA ASP B 173 -19.71 -47.63 -9.72
C ASP B 173 -19.00 -46.27 -9.88
N ARG B 174 -17.72 -46.35 -10.18
CA ARG B 174 -16.83 -45.22 -10.47
C ARG B 174 -16.51 -45.21 -11.98
N VAL B 175 -16.17 -44.03 -12.51
CA VAL B 175 -15.76 -43.88 -13.92
C VAL B 175 -14.74 -42.71 -14.05
N THR B 176 -13.54 -43.02 -14.58
CA THR B 176 -12.55 -42.00 -14.97
C THR B 176 -12.75 -41.64 -16.46
N ILE B 177 -13.11 -40.37 -16.71
CA ILE B 177 -13.42 -39.83 -18.06
C ILE B 177 -12.70 -38.48 -18.26
N ASP B 178 -13.16 -37.72 -19.25
CA ASP B 178 -12.98 -36.27 -19.33
C ASP B 178 -14.19 -35.66 -20.02
N PHE B 179 -14.69 -34.52 -19.50
CA PHE B 179 -15.91 -33.88 -20.00
C PHE B 179 -15.62 -32.42 -20.41
N THR B 180 -16.10 -32.05 -21.61
CA THR B 180 -15.96 -30.69 -22.18
C THR B 180 -16.84 -30.54 -23.42
N GLY B 181 -17.12 -29.28 -23.78
CA GLY B 181 -17.93 -28.97 -24.95
C GLY B 181 -18.32 -27.51 -24.94
N SER B 182 -19.61 -27.22 -24.76
CA SER B 182 -20.12 -25.83 -24.77
C SER B 182 -21.55 -25.76 -24.17
N VAL B 183 -21.81 -24.66 -23.42
CA VAL B 183 -23.15 -24.32 -22.92
C VAL B 183 -23.94 -23.61 -24.04
N ASP B 184 -24.68 -24.42 -24.81
CA ASP B 184 -25.51 -23.97 -25.96
C ASP B 184 -24.63 -23.35 -27.07
N GLY B 185 -23.33 -23.67 -27.08
CA GLY B 185 -22.37 -23.12 -28.05
C GLY B 185 -21.43 -22.09 -27.44
N GLU B 186 -21.64 -21.73 -26.16
CA GLU B 186 -20.80 -20.75 -25.45
C GLU B 186 -19.82 -21.46 -24.50
N GLU B 187 -18.77 -20.74 -24.06
CA GLU B 187 -17.74 -21.29 -23.16
C GLU B 187 -18.10 -21.11 -21.69
N PHE B 188 -17.50 -21.96 -20.86
CA PHE B 188 -17.72 -22.01 -19.40
C PHE B 188 -16.35 -22.08 -18.69
N GLU B 189 -15.91 -20.90 -18.21
CA GLU B 189 -14.54 -20.68 -17.69
C GLU B 189 -14.29 -21.41 -16.35
N GLY B 190 -13.52 -22.52 -16.43
CA GLY B 190 -13.15 -23.32 -15.26
C GLY B 190 -14.26 -24.26 -14.80
N GLY B 191 -15.25 -24.52 -15.68
CA GLY B 191 -16.41 -25.37 -15.37
C GLY B 191 -16.27 -26.82 -15.87
N LYS B 192 -15.04 -27.19 -16.29
CA LYS B 192 -14.74 -28.52 -16.86
C LYS B 192 -13.44 -29.09 -16.28
N ALA B 193 -13.21 -30.40 -16.52
CA ALA B 193 -12.05 -31.13 -16.01
C ALA B 193 -11.59 -32.20 -17.02
N SER B 194 -10.40 -31.99 -17.59
CA SER B 194 -9.69 -33.01 -18.37
C SER B 194 -9.12 -34.08 -17.41
N ASP B 195 -9.27 -35.36 -17.80
CA ASP B 195 -8.96 -36.54 -16.95
C ASP B 195 -9.67 -36.47 -15.58
N PHE B 196 -11.00 -36.33 -15.66
CA PHE B 196 -11.91 -36.30 -14.50
C PHE B 196 -12.15 -37.73 -13.96
N VAL B 197 -12.56 -37.84 -12.69
CA VAL B 197 -13.03 -39.10 -12.12
C VAL B 197 -14.28 -38.86 -11.22
N LEU B 198 -15.39 -39.51 -11.59
CA LEU B 198 -16.62 -39.59 -10.79
C LEU B 198 -16.57 -40.87 -9.93
N ALA B 199 -16.74 -40.73 -8.61
CA ALA B 199 -16.82 -41.87 -7.70
C ALA B 199 -18.21 -41.93 -7.06
N MET B 200 -18.70 -43.15 -6.85
CA MET B 200 -19.94 -43.40 -6.09
C MET B 200 -19.68 -43.27 -4.58
N GLY B 201 -20.77 -43.32 -3.79
CA GLY B 201 -20.67 -43.24 -2.31
C GLY B 201 -20.71 -41.82 -1.79
N GLN B 202 -20.46 -40.85 -2.69
CA GLN B 202 -20.66 -39.42 -2.45
C GLN B 202 -22.18 -39.11 -2.50
N GLY B 203 -22.53 -37.80 -2.48
CA GLY B 203 -23.92 -37.36 -2.70
C GLY B 203 -24.36 -37.51 -4.17
N ARG B 204 -24.99 -36.47 -4.74
CA ARG B 204 -25.46 -36.47 -6.14
C ARG B 204 -25.08 -35.14 -6.81
N MET B 205 -24.72 -35.24 -8.10
CA MET B 205 -24.24 -34.11 -8.93
C MET B 205 -25.46 -33.33 -9.50
N ILE B 206 -25.19 -32.31 -10.35
CA ILE B 206 -26.24 -31.60 -11.12
C ILE B 206 -27.08 -32.60 -11.98
N PRO B 207 -28.44 -32.41 -12.08
CA PRO B 207 -29.33 -33.27 -12.90
C PRO B 207 -28.86 -33.38 -14.37
N GLY B 208 -28.94 -34.59 -14.92
CA GLY B 208 -28.58 -34.87 -16.31
C GLY B 208 -27.24 -35.57 -16.43
N PHE B 209 -26.24 -35.08 -15.65
CA PHE B 209 -24.84 -35.55 -15.73
C PHE B 209 -24.77 -37.07 -15.47
N GLU B 210 -25.05 -37.46 -14.21
CA GLU B 210 -24.98 -38.86 -13.75
C GLU B 210 -25.96 -39.76 -14.52
N ASP B 211 -27.04 -39.17 -15.05
CA ASP B 211 -28.05 -39.87 -15.84
C ASP B 211 -27.48 -40.35 -17.18
N GLY B 212 -26.54 -39.56 -17.73
CA GLY B 212 -25.84 -39.95 -18.95
C GLY B 212 -24.81 -41.03 -18.65
N ILE B 213 -24.01 -40.75 -17.60
CA ILE B 213 -22.94 -41.64 -17.10
C ILE B 213 -23.47 -43.08 -16.85
N LYS B 214 -24.56 -43.18 -16.06
CA LYS B 214 -25.12 -44.47 -15.63
C LYS B 214 -26.09 -45.07 -16.67
N GLY B 215 -26.20 -44.39 -17.83
CA GLY B 215 -27.07 -44.84 -18.91
C GLY B 215 -26.29 -45.38 -20.09
N HIS B 216 -24.97 -45.59 -19.91
CA HIS B 216 -24.04 -45.97 -21.00
C HIS B 216 -22.98 -46.99 -20.52
N LYS B 217 -22.28 -47.59 -21.50
CA LYS B 217 -21.32 -48.70 -21.27
C LYS B 217 -19.89 -48.30 -21.63
N ALA B 218 -18.92 -48.88 -20.90
CA ALA B 218 -17.48 -48.58 -21.04
C ALA B 218 -16.97 -48.83 -22.47
N GLY B 219 -16.22 -47.86 -23.02
CA GLY B 219 -15.60 -47.99 -24.34
C GLY B 219 -16.16 -47.00 -25.36
N GLU B 220 -17.41 -46.56 -25.18
CA GLU B 220 -18.09 -45.68 -26.16
C GLU B 220 -17.81 -44.19 -25.87
N GLU B 221 -18.05 -43.36 -26.91
CA GLU B 221 -17.84 -41.91 -26.87
C GLU B 221 -19.15 -41.21 -27.30
N PHE B 222 -19.59 -40.22 -26.52
CA PHE B 222 -20.86 -39.51 -26.76
C PHE B 222 -20.79 -38.10 -26.13
N THR B 223 -21.94 -37.41 -26.09
CA THR B 223 -22.05 -36.11 -25.41
C THR B 223 -23.40 -35.98 -24.69
N ILE B 224 -23.40 -35.49 -23.45
CA ILE B 224 -24.61 -35.32 -22.62
C ILE B 224 -24.99 -33.84 -22.55
N ASP B 225 -26.17 -33.50 -23.09
CA ASP B 225 -26.71 -32.14 -23.06
C ASP B 225 -27.53 -31.96 -21.78
N VAL B 226 -26.90 -31.37 -20.74
CA VAL B 226 -27.50 -31.25 -19.39
C VAL B 226 -27.73 -29.77 -19.03
N THR B 227 -28.95 -29.45 -18.57
CA THR B 227 -29.32 -28.09 -18.17
C THR B 227 -28.77 -27.78 -16.76
N PHE B 228 -28.00 -26.67 -16.66
CA PHE B 228 -27.51 -26.16 -15.38
C PHE B 228 -28.69 -25.63 -14.51
N PRO B 229 -28.71 -25.94 -13.17
CA PRO B 229 -29.78 -25.47 -12.25
C PRO B 229 -29.81 -23.94 -12.08
N GLU B 230 -30.98 -23.36 -11.81
CA GLU B 230 -31.10 -21.94 -11.41
C GLU B 230 -30.43 -21.68 -10.03
N GLU B 231 -30.13 -22.78 -9.31
CA GLU B 231 -29.42 -22.77 -8.02
C GLU B 231 -27.88 -22.75 -8.23
N TYR B 232 -27.44 -22.90 -9.50
CA TYR B 232 -26.01 -22.84 -9.88
C TYR B 232 -25.50 -21.38 -9.75
N HIS B 233 -24.26 -21.25 -9.25
CA HIS B 233 -23.70 -19.96 -8.79
C HIS B 233 -23.25 -19.00 -9.93
N ALA B 234 -23.46 -19.36 -11.20
CA ALA B 234 -23.02 -18.53 -12.36
C ALA B 234 -24.21 -18.32 -13.33
N GLU B 235 -24.52 -17.05 -13.61
CA GLU B 235 -25.83 -16.62 -14.15
C GLU B 235 -26.02 -16.97 -15.65
N ASN B 236 -25.03 -16.65 -16.48
CA ASN B 236 -25.10 -16.89 -17.95
C ASN B 236 -24.75 -18.34 -18.34
N LEU B 237 -24.41 -19.19 -17.35
CA LEU B 237 -24.27 -20.65 -17.57
C LEU B 237 -25.56 -21.37 -17.18
N LYS B 238 -26.18 -20.93 -16.06
CA LYS B 238 -27.39 -21.56 -15.51
C LYS B 238 -28.62 -21.27 -16.38
N GLY B 239 -29.58 -22.23 -16.41
CA GLY B 239 -30.79 -22.13 -17.22
C GLY B 239 -30.63 -22.76 -18.59
N LYS B 240 -29.42 -22.64 -19.17
CA LYS B 240 -29.10 -23.24 -20.48
C LYS B 240 -28.43 -24.61 -20.29
N ALA B 241 -28.46 -25.40 -21.37
CA ALA B 241 -27.93 -26.76 -21.39
C ALA B 241 -26.52 -26.78 -22.01
N ALA B 242 -25.68 -27.70 -21.54
CA ALA B 242 -24.28 -27.82 -21.97
C ALA B 242 -24.00 -29.24 -22.45
N LYS B 243 -23.44 -29.37 -23.66
CA LYS B 243 -23.06 -30.66 -24.24
C LYS B 243 -21.65 -31.04 -23.76
N PHE B 244 -21.59 -32.03 -22.86
CA PHE B 244 -20.36 -32.56 -22.26
C PHE B 244 -19.98 -33.87 -22.97
N ALA B 245 -18.98 -33.79 -23.85
CA ALA B 245 -18.42 -34.95 -24.54
C ALA B 245 -17.83 -35.96 -23.54
N ILE B 246 -18.64 -36.99 -23.20
CA ILE B 246 -18.24 -38.05 -22.29
C ILE B 246 -17.62 -39.21 -23.09
N ASN B 247 -16.31 -39.38 -22.95
CA ASN B 247 -15.59 -40.55 -23.44
C ASN B 247 -15.38 -41.50 -22.25
N LEU B 248 -16.17 -42.60 -22.19
CA LEU B 248 -16.07 -43.60 -21.09
C LEU B 248 -14.74 -44.38 -21.22
N LYS B 249 -13.66 -43.75 -20.71
CA LYS B 249 -12.29 -44.26 -20.76
C LYS B 249 -12.16 -45.49 -19.86
N LYS B 250 -12.27 -45.23 -18.55
CA LYS B 250 -12.02 -46.22 -17.50
C LYS B 250 -13.26 -46.26 -16.61
N VAL B 251 -13.73 -47.46 -16.26
CA VAL B 251 -14.86 -47.65 -15.32
C VAL B 251 -14.41 -48.59 -14.21
N GLU B 252 -14.26 -48.06 -13.00
CA GLU B 252 -13.82 -48.83 -11.83
C GLU B 252 -15.05 -49.31 -11.08
N GLU B 253 -15.16 -50.63 -10.91
CA GLU B 253 -16.24 -51.23 -10.15
C GLU B 253 -15.91 -51.18 -8.66
N ARG B 254 -16.90 -50.77 -7.86
CA ARG B 254 -16.75 -50.61 -6.42
C ARG B 254 -16.76 -52.00 -5.77
N GLU B 255 -15.63 -52.37 -5.17
CA GLU B 255 -15.46 -53.65 -4.47
C GLU B 255 -14.91 -53.32 -3.07
N LEU B 256 -15.31 -54.14 -2.07
CA LEU B 256 -14.82 -54.02 -0.68
C LEU B 256 -13.89 -55.22 -0.37
N PRO B 257 -12.55 -55.10 -0.62
CA PRO B 257 -11.58 -56.18 -0.34
C PRO B 257 -11.18 -56.20 1.15
N GLU B 258 -10.38 -55.19 1.56
CA GLU B 258 -9.79 -55.08 2.90
C GLU B 258 -8.95 -53.78 2.97
N LEU B 259 -8.54 -53.40 4.19
CA LEU B 259 -7.51 -52.38 4.42
C LEU B 259 -6.16 -52.89 3.84
N THR B 260 -5.91 -52.58 2.56
CA THR B 260 -4.73 -53.08 1.82
C THR B 260 -3.59 -52.03 1.81
N ALA B 261 -2.36 -52.51 1.51
CA ALA B 261 -1.13 -51.67 1.47
C ALA B 261 -1.25 -50.53 0.43
N GLU B 262 -2.06 -50.80 -0.64
CA GLU B 262 -2.50 -49.77 -1.64
C GLU B 262 -3.01 -48.51 -0.93
N PHE B 263 -3.89 -48.75 0.06
CA PHE B 263 -4.62 -47.71 0.78
C PHE B 263 -3.76 -47.15 1.93
N ILE B 264 -2.97 -48.04 2.59
CA ILE B 264 -2.03 -47.62 3.67
C ILE B 264 -1.10 -46.50 3.13
N LYS B 265 -0.48 -46.77 1.98
CA LYS B 265 0.47 -45.85 1.34
C LYS B 265 -0.24 -44.67 0.62
N ARG B 266 -1.60 -44.70 0.54
CA ARG B 266 -2.39 -43.64 -0.14
C ARG B 266 -2.29 -42.32 0.65
N PHE B 267 -2.10 -42.43 1.98
CA PHE B 267 -1.90 -41.27 2.88
C PHE B 267 -0.42 -40.86 2.93
N GLY B 268 0.42 -41.48 2.07
CA GLY B 268 1.85 -41.21 2.04
C GLY B 268 2.59 -41.91 3.16
N VAL B 269 1.96 -42.97 3.73
CA VAL B 269 2.58 -43.78 4.78
C VAL B 269 3.65 -44.69 4.16
N GLU B 270 4.88 -44.14 4.12
CA GLU B 270 6.09 -44.82 3.60
C GLU B 270 6.43 -46.04 4.47
N ASP B 271 6.06 -45.96 5.76
CA ASP B 271 6.17 -47.06 6.74
C ASP B 271 5.57 -48.36 6.14
N GLY B 272 4.41 -48.22 5.47
CA GLY B 272 3.81 -49.31 4.70
C GLY B 272 3.00 -50.30 5.53
N SER B 273 3.49 -50.59 6.76
CA SER B 273 2.80 -51.50 7.69
C SER B 273 1.60 -50.77 8.31
N VAL B 274 0.54 -51.55 8.58
CA VAL B 274 -0.76 -51.05 9.10
C VAL B 274 -0.59 -50.33 10.45
N GLU B 275 0.33 -50.81 11.30
CA GLU B 275 0.65 -50.19 12.61
C GLU B 275 1.16 -48.75 12.41
N GLY B 276 1.83 -48.50 11.27
CA GLY B 276 2.28 -47.16 10.91
C GLY B 276 1.11 -46.28 10.45
N LEU B 277 0.09 -46.92 9.84
CA LEU B 277 -1.13 -46.22 9.35
C LEU B 277 -1.97 -45.82 10.57
N ARG B 278 -2.01 -46.72 11.57
CA ARG B 278 -2.76 -46.55 12.82
C ARG B 278 -2.14 -45.39 13.64
N ALA B 279 -0.79 -45.31 13.57
CA ALA B 279 0.02 -44.31 14.26
C ALA B 279 -0.18 -42.93 13.63
N GLU B 280 -0.01 -42.86 12.29
CA GLU B 280 -0.21 -41.62 11.52
C GLU B 280 -1.64 -41.08 11.68
N VAL B 281 -2.63 -41.99 11.59
CA VAL B 281 -4.05 -41.65 11.79
C VAL B 281 -4.31 -41.13 13.21
N ARG B 282 -3.68 -41.74 14.24
CA ARG B 282 -3.80 -41.30 15.64
C ARG B 282 -3.29 -39.83 15.81
N LYS B 283 -2.13 -39.55 15.18
CA LYS B 283 -1.54 -38.18 15.19
C LYS B 283 -2.46 -37.17 14.47
N ASN B 284 -2.95 -37.56 13.26
CA ASN B 284 -3.85 -36.70 12.45
C ASN B 284 -5.24 -36.56 13.11
N MET B 285 -5.59 -37.56 13.95
CA MET B 285 -6.82 -37.54 14.75
C MET B 285 -6.71 -36.48 15.82
N GLU B 286 -5.56 -36.45 16.51
CA GLU B 286 -5.27 -35.43 17.56
C GLU B 286 -5.35 -34.00 16.96
N ARG B 287 -4.68 -33.83 15.80
CA ARG B 287 -4.66 -32.56 15.04
C ARG B 287 -6.09 -32.12 14.69
N GLU B 288 -6.84 -33.03 14.06
CA GLU B 288 -8.21 -32.79 13.59
C GLU B 288 -9.17 -32.57 14.80
N LEU B 289 -8.90 -33.28 15.91
CA LEU B 289 -9.76 -33.28 17.12
C LEU B 289 -9.75 -31.87 17.72
N LYS B 290 -8.55 -31.42 18.13
CA LYS B 290 -8.39 -30.16 18.88
C LYS B 290 -8.78 -28.94 18.02
N SER B 291 -8.37 -28.98 16.74
CA SER B 291 -8.70 -27.94 15.76
C SER B 291 -10.23 -27.87 15.56
N ALA B 292 -10.89 -29.04 15.44
CA ALA B 292 -12.35 -29.11 15.26
C ALA B 292 -13.11 -28.75 16.54
N ILE B 293 -12.47 -28.91 17.72
CA ILE B 293 -13.04 -28.43 19.01
C ILE B 293 -13.13 -26.90 18.97
N ARG B 294 -11.99 -26.27 18.63
CA ARG B 294 -11.92 -24.80 18.55
C ARG B 294 -12.76 -24.26 17.38
N ASN B 295 -12.89 -25.06 16.30
CA ASN B 295 -13.69 -24.68 15.13
C ASN B 295 -15.19 -24.98 15.34
N ARG B 296 -15.53 -25.92 16.26
CA ARG B 296 -16.94 -26.22 16.57
C ARG B 296 -17.49 -25.14 17.50
N VAL B 297 -16.72 -24.82 18.57
CA VAL B 297 -17.10 -23.73 19.47
C VAL B 297 -17.05 -22.38 18.71
N LYS B 298 -16.11 -22.24 17.74
CA LYS B 298 -16.11 -21.11 16.78
C LYS B 298 -17.47 -21.05 16.06
N SER B 299 -17.86 -22.18 15.42
CA SER B 299 -19.10 -22.27 14.61
C SER B 299 -20.35 -21.84 15.42
N GLN B 300 -20.61 -22.52 16.55
CA GLN B 300 -21.85 -22.34 17.34
C GLN B 300 -21.86 -21.00 18.11
N ALA B 301 -20.68 -20.58 18.65
CA ALA B 301 -20.59 -19.30 19.40
C ALA B 301 -20.75 -18.11 18.45
N ILE B 302 -19.95 -18.09 17.37
CA ILE B 302 -20.01 -17.01 16.34
C ILE B 302 -21.41 -16.91 15.72
N GLU B 303 -21.98 -18.06 15.34
CA GLU B 303 -23.34 -18.11 14.76
C GLU B 303 -24.36 -17.62 15.81
N GLY B 304 -24.13 -17.99 17.09
CA GLY B 304 -24.94 -17.52 18.22
C GLY B 304 -24.85 -16.00 18.43
N LEU B 305 -23.63 -15.44 18.24
CA LEU B 305 -23.35 -14.00 18.36
C LEU B 305 -24.18 -13.23 17.33
N VAL B 306 -24.08 -13.67 16.06
CA VAL B 306 -24.80 -13.06 14.93
C VAL B 306 -26.33 -13.23 15.12
N LYS B 307 -26.74 -14.45 15.50
CA LYS B 307 -28.17 -14.83 15.63
C LYS B 307 -28.87 -14.00 16.73
N ALA B 308 -28.10 -13.70 17.80
CA ALA B 308 -28.59 -12.87 18.93
C ALA B 308 -28.55 -11.37 18.57
N ASN B 309 -27.73 -10.98 17.55
CA ASN B 309 -27.51 -9.56 17.20
C ASN B 309 -27.66 -9.32 15.69
N ASP B 310 -28.90 -9.05 15.27
CA ASP B 310 -29.21 -8.55 13.92
C ASP B 310 -28.98 -7.03 13.91
N ILE B 311 -27.70 -6.66 13.78
CA ILE B 311 -27.21 -5.28 13.95
C ILE B 311 -27.16 -4.53 12.61
N ASP B 312 -26.96 -3.22 12.70
CA ASP B 312 -26.80 -2.33 11.55
C ASP B 312 -25.34 -2.37 11.07
N VAL B 313 -25.08 -3.21 10.08
CA VAL B 313 -23.75 -3.37 9.49
C VAL B 313 -23.45 -2.21 8.50
N PRO B 314 -22.24 -1.59 8.58
CA PRO B 314 -21.85 -0.48 7.68
C PRO B 314 -21.51 -1.00 6.28
N ALA B 315 -22.38 -0.68 5.30
CA ALA B 315 -22.36 -1.28 3.95
C ALA B 315 -21.00 -1.19 3.25
N ALA B 316 -20.24 -0.11 3.51
CA ALA B 316 -18.88 0.11 2.94
C ALA B 316 -17.92 -1.06 3.25
N LEU B 317 -18.02 -1.57 4.50
CA LEU B 317 -17.21 -2.71 4.97
C LEU B 317 -17.59 -3.99 4.18
N ILE B 318 -18.90 -4.24 4.06
CA ILE B 318 -19.44 -5.45 3.38
C ILE B 318 -19.10 -5.40 1.88
N ASP B 319 -19.11 -4.18 1.30
CA ASP B 319 -18.77 -3.95 -0.12
C ASP B 319 -17.25 -4.08 -0.35
N SER B 320 -16.44 -3.75 0.68
CA SER B 320 -14.98 -3.99 0.64
C SER B 320 -14.71 -5.51 0.59
N GLU B 321 -15.34 -6.26 1.51
CA GLU B 321 -15.22 -7.71 1.56
C GLU B 321 -15.85 -8.37 0.32
N ILE B 322 -16.96 -7.81 -0.20
CA ILE B 322 -17.62 -8.32 -1.42
C ILE B 322 -16.71 -8.09 -2.63
N ASP B 323 -16.03 -6.93 -2.65
CA ASP B 323 -15.04 -6.59 -3.69
C ASP B 323 -13.90 -7.64 -3.72
N VAL B 324 -13.31 -7.92 -2.54
CA VAL B 324 -12.25 -8.94 -2.37
C VAL B 324 -12.75 -10.33 -2.82
N LEU B 325 -13.90 -10.76 -2.27
CA LEU B 325 -14.46 -12.12 -2.48
C LEU B 325 -14.94 -12.33 -3.93
N ARG B 326 -15.43 -11.24 -4.55
CA ARG B 326 -15.85 -11.26 -5.97
C ARG B 326 -14.62 -11.40 -6.88
N ARG B 327 -13.54 -10.67 -6.54
CA ARG B 327 -12.28 -10.74 -7.29
C ARG B 327 -11.68 -12.15 -7.19
N GLN B 328 -11.71 -12.73 -5.96
CA GLN B 328 -11.18 -14.09 -5.67
C GLN B 328 -11.98 -15.15 -6.43
N ALA B 329 -13.32 -14.99 -6.44
CA ALA B 329 -14.24 -15.90 -7.15
C ALA B 329 -13.92 -15.94 -8.64
N ALA B 330 -13.98 -14.75 -9.24
CA ALA B 330 -13.71 -14.54 -10.66
C ALA B 330 -12.28 -14.98 -11.04
N GLN B 331 -11.34 -14.82 -10.08
CA GLN B 331 -9.94 -15.28 -10.20
C GLN B 331 -9.87 -16.81 -10.34
N ARG B 332 -10.81 -17.52 -9.67
CA ARG B 332 -10.91 -19.01 -9.79
C ARG B 332 -11.57 -19.36 -11.15
N PHE B 333 -12.59 -18.57 -11.56
CA PHE B 333 -13.30 -18.77 -12.84
C PHE B 333 -12.55 -18.08 -13.99
N GLY B 334 -11.32 -18.57 -14.22
CA GLY B 334 -10.48 -18.17 -15.34
C GLY B 334 -9.78 -16.82 -15.18
N GLY B 335 -10.08 -16.09 -14.08
CA GLY B 335 -9.50 -14.75 -13.88
C GLY B 335 -10.26 -13.69 -14.68
N ASN B 336 -11.59 -13.82 -14.74
CA ASN B 336 -12.48 -12.89 -15.49
C ASN B 336 -13.29 -12.06 -14.48
N GLU B 337 -12.85 -10.79 -14.23
CA GLU B 337 -13.46 -9.90 -13.21
C GLU B 337 -14.95 -9.62 -13.49
N LYS B 338 -15.35 -9.68 -14.77
CA LYS B 338 -16.75 -9.47 -15.21
C LYS B 338 -17.65 -10.65 -14.81
N GLN B 339 -17.08 -11.88 -14.83
CA GLN B 339 -17.78 -13.12 -14.42
C GLN B 339 -18.24 -13.02 -12.94
N ALA B 340 -17.49 -12.24 -12.12
CA ALA B 340 -17.79 -12.00 -10.69
C ALA B 340 -19.23 -11.51 -10.47
N LEU B 341 -19.64 -10.52 -11.28
CA LEU B 341 -20.94 -9.83 -11.15
C LEU B 341 -22.14 -10.81 -11.31
N GLU B 342 -21.87 -11.95 -11.97
CA GLU B 342 -22.87 -13.00 -12.24
C GLU B 342 -23.09 -13.93 -11.03
N LEU B 343 -22.09 -14.02 -10.14
CA LEU B 343 -22.22 -14.79 -8.89
C LEU B 343 -23.05 -13.94 -7.89
N PRO B 344 -24.25 -14.44 -7.42
CA PRO B 344 -25.10 -13.71 -6.43
C PRO B 344 -24.33 -13.25 -5.18
N ARG B 345 -24.32 -11.92 -4.93
CA ARG B 345 -23.57 -11.29 -3.81
C ARG B 345 -23.93 -11.95 -2.45
N GLU B 346 -25.16 -12.48 -2.36
CA GLU B 346 -25.72 -13.11 -1.14
C GLU B 346 -24.84 -14.27 -0.63
N LEU B 347 -24.16 -14.99 -1.56
CA LEU B 347 -23.30 -16.14 -1.19
C LEU B 347 -21.99 -15.62 -0.55
N PHE B 348 -21.54 -14.43 -0.99
CA PHE B 348 -20.31 -13.77 -0.48
C PHE B 348 -20.60 -13.08 0.85
N GLU B 349 -21.82 -12.54 0.97
CA GLU B 349 -22.30 -11.80 2.14
C GLU B 349 -22.44 -12.73 3.36
N GLU B 350 -22.71 -14.03 3.11
CA GLU B 350 -22.87 -15.03 4.20
C GLU B 350 -21.50 -15.35 4.87
N GLN B 351 -20.41 -14.83 4.30
CA GLN B 351 -19.08 -14.81 4.95
C GLN B 351 -18.79 -13.38 5.46
N ALA B 352 -18.91 -12.42 4.53
CA ALA B 352 -18.56 -11.00 4.74
C ALA B 352 -19.33 -10.37 5.91
N LYS B 353 -20.68 -10.34 5.79
CA LYS B 353 -21.56 -9.76 6.80
C LYS B 353 -21.40 -10.47 8.16
N ARG B 354 -21.17 -11.80 8.13
CA ARG B 354 -20.81 -12.56 9.34
C ARG B 354 -19.54 -11.98 9.97
N ARG B 355 -18.51 -11.71 9.13
CA ARG B 355 -17.17 -11.28 9.61
C ARG B 355 -17.24 -9.85 10.22
N VAL B 356 -18.07 -8.97 9.61
CA VAL B 356 -18.23 -7.59 10.10
C VAL B 356 -19.07 -7.58 11.40
N VAL B 357 -20.09 -8.47 11.51
CA VAL B 357 -20.91 -8.62 12.74
C VAL B 357 -20.03 -9.06 13.92
N VAL B 358 -19.16 -10.06 13.66
CA VAL B 358 -18.18 -10.57 14.63
C VAL B 358 -17.20 -9.45 15.07
N GLY B 359 -16.75 -8.66 14.07
CA GLY B 359 -15.83 -7.54 14.31
C GLY B 359 -16.42 -6.46 15.21
N LEU B 360 -17.66 -6.05 14.91
CA LEU B 360 -18.38 -5.00 15.67
C LEU B 360 -18.68 -5.48 17.09
N LEU B 361 -19.28 -6.68 17.19
CA LEU B 361 -19.69 -7.30 18.48
C LEU B 361 -18.49 -7.49 19.39
N LEU B 362 -17.55 -8.37 19.01
CA LEU B 362 -16.38 -8.73 19.84
C LEU B 362 -15.49 -7.51 20.10
N GLY B 363 -15.53 -6.53 19.18
CA GLY B 363 -14.87 -5.24 19.38
C GLY B 363 -15.43 -4.50 20.59
N GLU B 364 -16.74 -4.20 20.56
CA GLU B 364 -17.42 -3.50 21.67
C GLU B 364 -17.59 -4.39 22.93
N VAL B 365 -17.36 -5.71 22.80
CA VAL B 365 -17.23 -6.59 23.97
C VAL B 365 -15.95 -6.18 24.71
N ILE B 366 -14.82 -6.25 24.00
CA ILE B 366 -13.49 -6.03 24.59
C ILE B 366 -13.20 -4.54 24.85
N ARG B 367 -14.03 -3.63 24.27
CA ARG B 367 -13.92 -2.18 24.55
C ARG B 367 -14.84 -1.76 25.72
N THR B 368 -16.14 -2.14 25.69
CA THR B 368 -17.11 -1.72 26.73
C THR B 368 -16.86 -2.48 28.06
N ASN B 369 -16.44 -3.76 27.96
CA ASN B 369 -16.04 -4.57 29.13
C ASN B 369 -14.61 -4.20 29.54
N GLU B 370 -13.83 -3.75 28.54
CA GLU B 370 -12.42 -3.36 28.66
C GLU B 370 -11.56 -4.58 29.05
N LEU B 371 -11.22 -5.38 28.05
CA LEU B 371 -10.24 -6.48 28.18
C LEU B 371 -9.29 -6.47 26.97
N LYS B 372 -8.13 -7.13 27.14
CA LYS B 372 -7.06 -7.21 26.13
C LYS B 372 -6.64 -8.68 25.99
N ALA B 373 -5.75 -8.94 25.00
CA ALA B 373 -5.15 -10.26 24.81
C ALA B 373 -4.26 -10.58 26.02
N ASP B 374 -4.80 -11.41 26.94
CA ASP B 374 -4.10 -11.81 28.16
C ASP B 374 -2.71 -12.41 27.81
N GLU B 375 -1.64 -11.78 28.35
CA GLU B 375 -0.22 -12.14 28.07
C GLU B 375 0.02 -13.66 28.13
N GLU B 376 -0.50 -14.28 29.20
CA GLU B 376 -0.32 -15.72 29.45
C GLU B 376 -1.13 -16.56 28.45
N ARG B 377 -2.32 -16.04 28.02
CA ARG B 377 -3.21 -16.77 27.10
C ARG B 377 -2.65 -16.73 25.66
N VAL B 378 -2.12 -15.57 25.24
CA VAL B 378 -1.59 -15.41 23.88
C VAL B 378 -0.23 -16.13 23.75
N LYS B 379 0.68 -15.95 24.72
CA LYS B 379 1.98 -16.67 24.73
C LYS B 379 1.78 -18.17 25.00
N GLY B 380 0.69 -18.50 25.73
CA GLY B 380 0.27 -19.88 25.96
C GLY B 380 -0.27 -20.54 24.71
N LEU B 381 -1.02 -19.78 23.90
CA LEU B 381 -1.58 -20.26 22.61
C LEU B 381 -0.42 -20.51 21.62
N ILE B 382 0.56 -19.57 21.65
CA ILE B 382 1.82 -19.70 20.93
C ILE B 382 2.53 -21.00 21.37
N GLU B 383 2.62 -21.23 22.70
CA GLU B 383 3.24 -22.44 23.30
C GLU B 383 2.53 -23.74 22.81
N GLU B 384 1.18 -23.70 22.72
CA GLU B 384 0.35 -24.84 22.27
C GLU B 384 0.71 -25.22 20.83
N MET B 385 0.69 -24.23 19.92
CA MET B 385 1.03 -24.47 18.50
C MET B 385 2.56 -24.69 18.32
N ALA B 386 3.35 -24.19 19.30
CA ALA B 386 4.81 -24.31 19.31
C ALA B 386 5.26 -25.73 19.62
N SER B 387 4.42 -26.44 20.40
CA SER B 387 4.57 -27.89 20.64
C SER B 387 4.61 -28.68 19.31
N ALA B 388 3.87 -28.16 18.29
CA ALA B 388 3.84 -28.75 16.94
C ALA B 388 5.11 -28.40 16.13
N TYR B 389 5.87 -27.38 16.57
CA TYR B 389 7.18 -27.02 15.97
C TYR B 389 8.31 -27.82 16.63
N GLU B 390 9.57 -27.50 16.26
CA GLU B 390 10.76 -28.23 16.74
C GLU B 390 10.98 -28.02 18.25
N ASP B 391 11.23 -26.77 18.66
CA ASP B 391 11.36 -26.37 20.07
C ASP B 391 10.45 -25.16 20.31
N PRO B 392 9.45 -25.25 21.26
CA PRO B 392 8.61 -24.09 21.68
C PRO B 392 9.43 -22.84 22.05
N LYS B 393 10.60 -23.08 22.71
CA LYS B 393 11.56 -22.02 23.11
C LYS B 393 11.85 -21.06 21.94
N GLU B 394 12.22 -21.65 20.79
CA GLU B 394 12.59 -20.90 19.57
C GLU B 394 11.40 -20.05 19.07
N VAL B 395 10.17 -20.58 19.24
CA VAL B 395 8.96 -20.03 18.63
C VAL B 395 8.57 -18.75 19.38
N ILE B 396 8.43 -18.92 20.70
CA ILE B 396 8.04 -17.86 21.64
C ILE B 396 9.10 -16.74 21.66
N GLU B 397 10.39 -17.15 21.75
CA GLU B 397 11.55 -16.23 21.80
C GLU B 397 11.61 -15.34 20.54
N PHE B 398 11.49 -15.99 19.37
CA PHE B 398 11.54 -15.29 18.07
C PHE B 398 10.37 -14.29 17.94
N TYR B 399 9.15 -14.73 18.31
CA TYR B 399 7.96 -13.88 18.22
C TYR B 399 8.04 -12.67 19.17
N SER B 400 8.67 -12.86 20.34
CA SER B 400 8.88 -11.79 21.33
C SER B 400 9.70 -10.59 20.77
N LYS B 401 10.44 -10.81 19.66
CA LYS B 401 11.08 -9.72 18.90
C LYS B 401 10.16 -9.31 17.74
N ASN B 402 9.46 -10.28 17.13
CA ASN B 402 8.76 -10.07 15.85
C ASN B 402 7.42 -9.39 16.12
N LYS B 403 7.39 -8.05 15.96
CA LYS B 403 6.22 -7.19 16.22
C LYS B 403 4.96 -7.75 15.56
N GLU B 404 5.06 -8.01 14.25
CA GLU B 404 3.87 -8.23 13.41
C GLU B 404 3.24 -9.61 13.67
N LEU B 405 4.08 -10.63 13.89
CA LEU B 405 3.60 -11.99 14.17
C LEU B 405 3.00 -12.03 15.60
N MET B 406 3.70 -11.37 16.54
CA MET B 406 3.23 -11.22 17.93
C MET B 406 1.83 -10.56 17.95
N ASP B 407 1.70 -9.48 17.18
CA ASP B 407 0.48 -8.65 17.12
C ASP B 407 -0.69 -9.41 16.47
N ASN B 408 -0.36 -10.23 15.45
CA ASN B 408 -1.33 -11.10 14.76
C ASN B 408 -1.84 -12.19 15.73
N MET B 409 -0.90 -12.76 16.51
CA MET B 409 -1.24 -13.77 17.53
C MET B 409 -2.08 -13.14 18.66
N ARG B 410 -1.81 -11.86 18.97
CA ARG B 410 -2.59 -11.12 19.97
C ARG B 410 -4.01 -10.84 19.45
N ASN B 411 -4.13 -10.60 18.14
CA ASN B 411 -5.42 -10.37 17.47
C ASN B 411 -6.31 -11.63 17.52
N VAL B 412 -5.74 -12.78 17.09
CA VAL B 412 -6.49 -14.06 17.04
C VAL B 412 -6.81 -14.57 18.47
N ALA B 413 -5.89 -14.31 19.42
CA ALA B 413 -6.05 -14.71 20.82
C ALA B 413 -7.03 -13.77 21.56
N LEU B 414 -7.07 -12.48 21.15
CA LEU B 414 -8.00 -11.49 21.74
C LEU B 414 -9.41 -11.86 21.30
N GLU B 415 -9.56 -12.20 20.00
CA GLU B 415 -10.83 -12.66 19.43
C GLU B 415 -11.31 -13.95 20.12
N GLU B 416 -10.39 -14.92 20.26
CA GLU B 416 -10.70 -16.24 20.85
C GLU B 416 -11.06 -16.09 22.34
N GLN B 417 -10.39 -15.14 23.02
CA GLN B 417 -10.59 -14.84 24.45
C GLN B 417 -11.76 -13.83 24.65
N ALA B 418 -12.18 -13.16 23.55
CA ALA B 418 -13.38 -12.29 23.53
C ALA B 418 -14.64 -13.17 23.49
N VAL B 419 -14.57 -14.20 22.63
CA VAL B 419 -15.55 -15.29 22.58
C VAL B 419 -15.59 -15.98 23.96
N GLU B 420 -14.40 -16.37 24.46
CA GLU B 420 -14.22 -17.03 25.79
C GLU B 420 -14.82 -16.18 26.94
N ALA B 421 -14.68 -14.86 26.84
CA ALA B 421 -15.25 -13.90 27.82
C ALA B 421 -16.78 -13.97 27.87
N VAL B 422 -17.43 -14.15 26.68
CA VAL B 422 -18.90 -14.28 26.59
C VAL B 422 -19.34 -15.74 26.86
N LEU B 423 -18.40 -16.71 26.68
CA LEU B 423 -18.65 -18.15 27.00
C LEU B 423 -18.71 -18.34 28.52
N ALA B 424 -17.89 -17.53 29.23
CA ALA B 424 -17.88 -17.45 30.70
C ALA B 424 -19.24 -16.95 31.24
N LYS B 425 -19.98 -16.22 30.39
CA LYS B 425 -21.31 -15.68 30.71
C LYS B 425 -22.43 -16.57 30.17
N ALA B 426 -22.11 -17.34 29.13
CA ALA B 426 -23.07 -18.18 28.38
C ALA B 426 -23.24 -19.56 29.05
N LYS B 427 -24.37 -20.23 28.73
CA LYS B 427 -24.69 -21.59 29.19
C LYS B 427 -23.75 -22.62 28.51
N VAL B 428 -22.63 -22.96 29.17
CA VAL B 428 -21.68 -23.96 28.66
C VAL B 428 -22.31 -25.36 28.72
N THR B 429 -22.40 -26.01 27.55
CA THR B 429 -22.99 -27.33 27.39
C THR B 429 -21.88 -28.37 27.22
N GLU B 430 -21.66 -29.20 28.26
CA GLU B 430 -20.70 -30.32 28.21
C GLU B 430 -21.31 -31.48 27.39
N LYS B 431 -21.21 -31.33 26.06
CA LYS B 431 -21.83 -32.21 25.07
C LYS B 431 -21.02 -33.50 24.91
N GLU B 432 -21.28 -34.51 25.77
CA GLU B 432 -20.61 -35.82 25.67
C GLU B 432 -20.96 -36.52 24.34
N THR B 433 -19.98 -36.52 23.41
CA THR B 433 -20.16 -37.09 22.05
C THR B 433 -18.89 -37.88 21.63
N THR B 434 -18.93 -38.46 20.41
CA THR B 434 -17.81 -39.24 19.84
C THR B 434 -17.09 -38.43 18.75
N PHE B 435 -15.91 -38.95 18.29
CA PHE B 435 -15.04 -38.32 17.27
C PHE B 435 -15.84 -37.90 16.02
N ASN B 436 -16.73 -38.81 15.56
CA ASN B 436 -17.53 -38.62 14.33
C ASN B 436 -18.55 -37.48 14.49
N GLU B 437 -19.18 -37.40 15.67
CA GLU B 437 -20.27 -36.44 15.96
C GLU B 437 -19.75 -34.99 16.12
N LEU B 438 -18.41 -34.84 16.19
CA LEU B 438 -17.75 -33.53 16.27
C LEU B 438 -17.81 -32.79 14.91
N MET B 439 -17.48 -33.51 13.83
CA MET B 439 -17.51 -32.95 12.44
C MET B 439 -18.94 -33.08 11.87
N ASN B 440 -19.52 -34.28 12.05
CA ASN B 440 -20.89 -34.61 11.61
C ASN B 440 -21.85 -34.12 12.69
N GLN B 441 -22.25 -32.86 12.57
CA GLN B 441 -23.20 -32.21 13.50
C GLN B 441 -24.59 -32.88 13.37
N GLN B 442 -24.78 -33.98 14.12
CA GLN B 442 -26.04 -34.75 14.11
C GLN B 442 -27.12 -33.97 14.88
N ALA B 443 -26.75 -33.51 16.10
CA ALA B 443 -27.61 -32.70 16.97
C ALA B 443 -26.74 -32.00 18.04
N MET A 12 13.80 -29.61 5.80
CA MET A 12 13.84 -28.73 4.61
C MET A 12 15.28 -28.34 4.26
N GLN A 13 15.62 -28.42 2.96
CA GLN A 13 16.94 -28.04 2.44
C GLN A 13 17.02 -26.50 2.33
N VAL A 14 17.32 -25.85 3.46
CA VAL A 14 17.51 -24.39 3.54
C VAL A 14 18.95 -24.09 3.98
N SER A 15 19.44 -22.89 3.62
CA SER A 15 20.80 -22.47 3.95
C SER A 15 20.92 -20.94 3.87
N VAL A 16 21.24 -20.30 5.00
CA VAL A 16 21.60 -18.88 5.02
C VAL A 16 23.06 -18.71 4.54
N GLU A 17 23.23 -17.97 3.44
CA GLU A 17 24.53 -17.53 2.92
C GLU A 17 24.80 -16.10 3.42
N THR A 18 26.08 -15.74 3.62
CA THR A 18 26.50 -14.35 3.82
C THR A 18 27.02 -13.81 2.47
N THR A 19 26.31 -12.82 1.89
CA THR A 19 26.69 -12.23 0.61
C THR A 19 27.82 -11.19 0.82
N GLN A 20 27.62 -10.30 1.82
CA GLN A 20 28.62 -9.28 2.18
C GLN A 20 28.28 -8.68 3.56
N GLY A 21 28.90 -9.24 4.62
CA GLY A 21 28.80 -8.71 5.99
C GLY A 21 27.39 -8.79 6.58
N LEU A 22 26.62 -7.71 6.36
CA LEU A 22 25.20 -7.62 6.76
C LEU A 22 24.32 -8.45 5.80
N GLY A 23 24.69 -8.38 4.50
CA GLY A 23 23.96 -9.05 3.42
C GLY A 23 23.94 -10.57 3.58
N ARG A 24 22.74 -11.16 3.39
CA ARG A 24 22.48 -12.60 3.59
C ARG A 24 21.41 -13.10 2.60
N ARG A 25 21.66 -14.29 2.04
CA ARG A 25 20.82 -14.94 1.03
C ARG A 25 20.36 -16.31 1.57
N VAL A 26 19.17 -16.35 2.18
CA VAL A 26 18.59 -17.57 2.76
C VAL A 26 17.93 -18.41 1.64
N THR A 27 18.73 -19.30 1.03
CA THR A 27 18.30 -20.20 -0.05
C THR A 27 17.41 -21.32 0.52
N ILE A 28 16.15 -21.36 0.08
CA ILE A 28 15.13 -22.32 0.58
C ILE A 28 14.60 -23.18 -0.58
N THR A 29 14.75 -24.51 -0.44
CA THR A 29 14.21 -25.50 -1.36
C THR A 29 12.84 -25.99 -0.81
N ILE A 30 11.76 -25.67 -1.52
CA ILE A 30 10.40 -26.14 -1.21
C ILE A 30 10.12 -27.40 -2.06
N ALA A 31 9.91 -28.54 -1.39
CA ALA A 31 9.57 -29.83 -2.05
C ALA A 31 8.25 -29.72 -2.82
N ALA A 32 8.16 -30.43 -3.97
CA ALA A 32 6.95 -30.47 -4.81
C ALA A 32 5.74 -31.08 -4.05
N ASP A 33 6.05 -31.91 -3.01
CA ASP A 33 5.05 -32.44 -2.07
C ASP A 33 4.44 -31.30 -1.24
N SER A 34 5.30 -30.42 -0.68
CA SER A 34 4.90 -29.25 0.13
C SER A 34 3.98 -28.32 -0.69
N ILE A 35 4.30 -28.21 -1.99
CA ILE A 35 3.53 -27.42 -2.95
C ILE A 35 2.14 -28.05 -3.16
N GLU A 36 2.08 -29.31 -3.63
CA GLU A 36 0.81 -30.02 -3.97
C GLU A 36 -0.15 -30.18 -2.76
N THR A 37 0.41 -30.35 -1.55
CA THR A 37 -0.37 -30.41 -0.31
C THR A 37 -1.16 -29.09 -0.12
N ALA A 38 -0.40 -27.97 -0.16
CA ALA A 38 -0.96 -26.61 -0.02
C ALA A 38 -1.76 -26.20 -1.27
N VAL A 39 -1.53 -26.88 -2.42
CA VAL A 39 -2.33 -26.69 -3.64
C VAL A 39 -3.77 -27.14 -3.39
N LYS A 40 -3.93 -28.43 -3.01
CA LYS A 40 -5.27 -29.02 -2.75
C LYS A 40 -5.97 -28.32 -1.58
N SER A 41 -5.18 -28.02 -0.51
CA SER A 41 -5.68 -27.35 0.70
C SER A 41 -6.21 -25.94 0.38
N GLU A 42 -5.36 -25.08 -0.22
CA GLU A 42 -5.74 -23.68 -0.49
C GLU A 42 -6.77 -23.57 -1.62
N LEU A 43 -6.82 -24.57 -2.53
CA LEU A 43 -7.88 -24.64 -3.57
C LEU A 43 -9.25 -24.94 -2.95
N VAL A 44 -9.33 -25.93 -2.03
CA VAL A 44 -10.63 -26.27 -1.37
C VAL A 44 -11.05 -25.15 -0.38
N ASN A 45 -10.04 -24.48 0.23
CA ASN A 45 -10.26 -23.30 1.11
C ASN A 45 -10.91 -22.16 0.33
N VAL A 46 -10.26 -21.72 -0.77
CA VAL A 46 -10.76 -20.63 -1.63
C VAL A 46 -12.06 -21.06 -2.35
N ALA A 47 -12.25 -22.40 -2.49
CA ALA A 47 -13.50 -23.00 -2.98
C ALA A 47 -14.66 -22.81 -1.97
N LYS A 48 -14.34 -22.80 -0.66
CA LYS A 48 -15.36 -22.54 0.39
C LYS A 48 -15.60 -21.01 0.57
N LYS A 49 -14.51 -20.24 0.50
CA LYS A 49 -14.51 -18.78 0.77
C LYS A 49 -15.22 -17.98 -0.34
N VAL A 50 -14.98 -18.38 -1.60
CA VAL A 50 -15.56 -17.73 -2.80
C VAL A 50 -16.73 -18.57 -3.36
N ARG A 51 -17.08 -19.68 -2.65
CA ARG A 51 -18.21 -20.59 -2.98
C ARG A 51 -17.94 -21.46 -4.25
N ILE A 52 -16.80 -21.23 -4.93
CA ILE A 52 -16.48 -21.93 -6.20
C ILE A 52 -15.84 -23.31 -5.93
N ASP A 53 -16.67 -24.26 -5.46
CA ASP A 53 -16.28 -25.67 -5.28
C ASP A 53 -16.61 -26.43 -6.58
N GLY A 54 -15.90 -26.04 -7.65
CA GLY A 54 -16.19 -26.47 -9.01
C GLY A 54 -17.55 -25.95 -9.48
N PHE A 55 -18.60 -26.71 -9.16
CA PHE A 55 -19.99 -26.39 -9.52
C PHE A 55 -20.79 -26.02 -8.25
N ARG A 56 -20.51 -26.74 -7.14
CA ARG A 56 -21.11 -26.49 -5.80
C ARG A 56 -20.64 -27.59 -4.82
N LYS A 57 -20.79 -28.85 -5.28
CA LYS A 57 -20.41 -30.06 -4.53
C LYS A 57 -20.40 -31.26 -5.51
N GLY A 58 -19.64 -31.09 -6.62
CA GLY A 58 -19.49 -32.13 -7.64
C GLY A 58 -18.34 -33.06 -7.31
N LYS A 59 -17.17 -32.76 -7.90
CA LYS A 59 -15.90 -33.44 -7.64
C LYS A 59 -14.76 -32.59 -8.21
N VAL A 60 -14.43 -32.84 -9.51
CA VAL A 60 -13.30 -32.23 -10.25
C VAL A 60 -12.05 -31.98 -9.33
N PRO A 61 -11.20 -33.06 -9.08
CA PRO A 61 -10.09 -33.01 -8.10
C PRO A 61 -9.15 -31.79 -8.28
N MET A 62 -8.83 -31.15 -7.14
CA MET A 62 -8.00 -29.92 -7.08
C MET A 62 -6.61 -30.13 -7.71
N ASN A 63 -6.10 -31.39 -7.60
CA ASN A 63 -4.87 -31.84 -8.26
C ASN A 63 -4.95 -31.65 -9.78
N ILE A 64 -6.05 -32.14 -10.40
CA ILE A 64 -6.26 -32.09 -11.86
C ILE A 64 -6.40 -30.63 -12.32
N VAL A 65 -7.24 -29.85 -11.57
CA VAL A 65 -7.47 -28.43 -11.83
C VAL A 65 -6.14 -27.67 -11.94
N ALA A 66 -5.30 -27.86 -10.92
CA ALA A 66 -3.97 -27.25 -10.83
C ALA A 66 -3.05 -27.70 -11.98
N GLN A 67 -2.84 -29.01 -12.05
CA GLN A 67 -1.81 -29.68 -12.87
C GLN A 67 -2.03 -29.37 -14.36
N ARG A 68 -3.31 -29.39 -14.78
CA ARG A 68 -3.70 -29.19 -16.19
C ARG A 68 -3.72 -27.69 -16.57
N TYR A 69 -4.61 -26.93 -15.90
CA TYR A 69 -4.98 -25.56 -16.34
C TYR A 69 -4.96 -24.55 -15.19
N GLY A 70 -4.47 -24.97 -14.01
CA GLY A 70 -4.42 -24.10 -12.83
C GLY A 70 -2.99 -23.85 -12.44
N ALA A 71 -2.15 -23.53 -13.45
CA ALA A 71 -0.74 -23.17 -13.26
C ALA A 71 -0.61 -21.90 -12.38
N SER A 72 -1.69 -21.11 -12.34
CA SER A 72 -1.81 -19.91 -11.51
C SER A 72 -1.91 -20.22 -10.00
N VAL A 73 -2.24 -21.50 -9.61
CA VAL A 73 -2.27 -21.87 -8.17
C VAL A 73 -0.84 -21.97 -7.62
N ARG A 74 0.13 -22.25 -8.51
CA ARG A 74 1.54 -22.38 -8.13
C ARG A 74 2.04 -21.08 -7.46
N GLN A 75 1.65 -19.92 -8.01
CA GLN A 75 2.11 -18.61 -7.49
C GLN A 75 1.40 -18.22 -6.17
N ASP A 76 0.13 -18.66 -6.00
CA ASP A 76 -0.65 -18.44 -4.74
C ASP A 76 0.01 -19.22 -3.59
N VAL A 77 0.16 -20.52 -3.85
CA VAL A 77 0.72 -21.50 -2.92
C VAL A 77 2.15 -21.11 -2.53
N LEU A 78 3.03 -20.96 -3.53
CA LEU A 78 4.43 -20.53 -3.32
C LEU A 78 4.48 -19.13 -2.70
N GLY A 79 3.49 -18.27 -3.02
CA GLY A 79 3.33 -16.96 -2.37
C GLY A 79 3.06 -17.07 -0.87
N ASP A 80 2.33 -18.15 -0.48
CA ASP A 80 2.03 -18.45 0.94
C ASP A 80 3.23 -19.20 1.60
N LEU A 81 3.94 -20.00 0.80
CA LEU A 81 5.07 -20.82 1.26
C LEU A 81 6.33 -19.94 1.45
N MET A 82 6.43 -18.82 0.70
CA MET A 82 7.52 -17.83 0.87
C MET A 82 7.27 -16.92 2.10
N SER A 83 6.30 -17.29 2.95
CA SER A 83 6.12 -16.70 4.28
C SER A 83 6.07 -17.82 5.35
N ARG A 84 5.37 -18.94 5.05
CA ARG A 84 5.27 -20.13 5.95
C ARG A 84 6.63 -20.88 6.04
N ASN A 85 7.15 -21.32 4.88
CA ASN A 85 8.43 -22.05 4.80
C ASN A 85 9.61 -21.10 5.10
N PHE A 86 9.41 -19.79 4.79
CA PHE A 86 10.38 -18.74 5.12
C PHE A 86 10.56 -18.60 6.63
N ILE A 87 9.43 -18.38 7.38
CA ILE A 87 9.50 -18.17 8.84
C ILE A 87 10.09 -19.43 9.52
N ASP A 88 9.63 -20.62 9.09
CA ASP A 88 10.05 -21.92 9.64
C ASP A 88 11.58 -22.08 9.48
N ALA A 89 12.07 -21.83 8.24
CA ALA A 89 13.49 -21.88 7.91
C ALA A 89 14.32 -21.00 8.87
N ILE A 90 13.96 -19.71 8.95
CA ILE A 90 14.70 -18.71 9.76
C ILE A 90 14.39 -18.85 11.27
N ILE A 91 13.52 -19.82 11.67
CA ILE A 91 13.31 -20.14 13.09
C ILE A 91 14.58 -20.81 13.63
N LYS A 92 14.93 -21.98 13.06
CA LYS A 92 16.04 -22.80 13.55
C LYS A 92 17.40 -22.27 13.04
N GLU A 93 17.37 -21.59 11.87
CA GLU A 93 18.52 -20.82 11.36
C GLU A 93 18.79 -19.57 12.24
N LYS A 94 17.71 -19.06 12.87
CA LYS A 94 17.73 -17.89 13.78
C LYS A 94 18.27 -16.64 13.07
N ILE A 95 17.47 -16.12 12.11
CA ILE A 95 17.87 -14.96 11.29
C ILE A 95 16.89 -13.79 11.56
N ASN A 96 17.41 -12.66 12.12
CA ASN A 96 16.60 -11.43 12.32
C ASN A 96 16.88 -10.41 11.17
N PRO A 97 15.95 -10.27 10.16
CA PRO A 97 16.09 -9.28 9.05
C PRO A 97 15.96 -7.82 9.56
N ALA A 98 16.51 -6.87 8.78
CA ALA A 98 16.30 -5.43 9.03
C ALA A 98 15.36 -4.85 7.97
N GLY A 99 14.30 -4.17 8.44
CA GLY A 99 13.31 -3.52 7.58
C GLY A 99 12.34 -4.49 6.94
N ALA A 100 12.79 -5.12 5.83
CA ALA A 100 11.96 -6.07 5.03
C ALA A 100 12.88 -7.02 4.24
N PRO A 101 12.53 -8.35 4.17
CA PRO A 101 13.30 -9.34 3.40
C PRO A 101 12.85 -9.43 1.91
N THR A 102 13.80 -9.24 0.98
CA THR A 102 13.52 -9.29 -0.46
C THR A 102 13.46 -10.76 -0.92
N TYR A 103 12.23 -11.26 -1.10
CA TYR A 103 11.97 -12.63 -1.58
C TYR A 103 12.32 -12.71 -3.06
N VAL A 104 13.42 -13.41 -3.39
CA VAL A 104 13.89 -13.57 -4.78
C VAL A 104 13.51 -14.99 -5.26
N PRO A 105 12.40 -15.12 -6.07
CA PRO A 105 12.05 -16.40 -6.73
C PRO A 105 12.82 -16.55 -8.05
N GLY A 106 12.30 -17.39 -8.96
CA GLY A 106 12.87 -17.53 -10.29
C GLY A 106 11.95 -18.28 -11.21
N GLU A 107 12.50 -18.69 -12.36
CA GLU A 107 11.80 -19.53 -13.35
C GLU A 107 11.52 -20.90 -12.70
N TYR A 108 10.24 -21.13 -12.30
CA TYR A 108 9.83 -22.41 -11.68
C TYR A 108 10.00 -23.55 -12.70
N LYS A 109 10.95 -24.45 -12.41
CA LYS A 109 11.17 -25.65 -13.23
C LYS A 109 9.95 -26.57 -13.04
N LEU A 110 9.05 -26.56 -14.04
CA LEU A 110 7.76 -27.28 -13.99
C LEU A 110 7.99 -28.80 -13.92
N GLY A 111 7.40 -29.44 -12.89
CA GLY A 111 7.60 -30.87 -12.62
C GLY A 111 8.55 -31.10 -11.45
N GLU A 112 9.50 -30.17 -11.28
CA GLU A 112 10.46 -30.17 -10.17
C GLU A 112 9.94 -29.33 -9.00
N ASP A 113 10.81 -29.20 -7.98
CA ASP A 113 10.54 -28.41 -6.76
C ASP A 113 10.64 -26.88 -7.04
N PHE A 114 10.68 -26.08 -5.97
CA PHE A 114 10.87 -24.63 -6.06
C PHE A 114 12.01 -24.18 -5.13
N THR A 115 13.23 -24.10 -5.68
CA THR A 115 14.37 -23.51 -5.00
C THR A 115 14.39 -22.00 -5.28
N TYR A 116 14.22 -21.20 -4.23
CA TYR A 116 14.35 -19.72 -4.29
C TYR A 116 15.35 -19.28 -3.21
N SER A 117 15.52 -17.96 -3.06
CA SER A 117 16.44 -17.40 -2.07
C SER A 117 15.93 -16.04 -1.61
N VAL A 118 16.04 -15.76 -0.30
CA VAL A 118 15.57 -14.50 0.29
C VAL A 118 16.79 -13.63 0.64
N GLU A 119 16.98 -12.53 -0.12
CA GLU A 119 18.10 -11.59 0.09
C GLU A 119 17.65 -10.44 0.99
N PHE A 120 18.51 -10.09 1.95
CA PHE A 120 18.29 -9.00 2.90
C PHE A 120 19.53 -8.85 3.76
N GLU A 121 19.67 -7.67 4.37
CA GLU A 121 20.69 -7.41 5.38
C GLU A 121 20.02 -7.50 6.76
N VAL A 122 20.75 -8.03 7.74
CA VAL A 122 20.34 -8.06 9.15
C VAL A 122 20.56 -6.69 9.80
N TYR A 123 20.07 -6.53 11.04
CA TYR A 123 20.14 -5.26 11.81
C TYR A 123 21.60 -4.75 11.96
N PRO A 124 21.97 -3.58 11.35
CA PRO A 124 23.24 -2.90 11.63
C PRO A 124 23.13 -2.11 12.94
N GLU A 125 23.96 -2.49 13.92
CA GLU A 125 23.99 -1.86 15.23
C GLU A 125 24.59 -0.45 15.10
N VAL A 126 23.69 0.53 14.89
CA VAL A 126 24.02 1.95 14.72
C VAL A 126 24.70 2.51 15.99
N GLU A 127 25.91 3.07 15.82
CA GLU A 127 26.63 3.74 16.90
C GLU A 127 26.00 5.12 17.13
N LEU A 128 25.27 5.28 18.24
CA LEU A 128 24.77 6.60 18.66
C LEU A 128 25.97 7.42 19.13
N GLN A 129 26.55 8.15 18.18
CA GLN A 129 27.80 8.90 18.34
C GLN A 129 27.53 10.36 17.99
N GLY A 130 28.28 11.26 18.64
CA GLY A 130 28.28 12.68 18.31
C GLY A 130 27.04 13.46 18.73
N LEU A 131 26.18 12.88 19.60
CA LEU A 131 24.89 13.51 20.02
C LEU A 131 25.09 14.91 20.63
N GLU A 132 26.22 15.10 21.31
CA GLU A 132 26.63 16.40 21.89
C GLU A 132 27.53 17.20 20.90
N ALA A 133 28.10 16.49 19.91
CA ALA A 133 29.03 17.08 18.92
C ALA A 133 28.29 17.65 17.69
N ILE A 134 27.00 17.27 17.53
CA ILE A 134 26.15 17.72 16.41
C ILE A 134 25.99 19.26 16.41
N GLU A 135 26.59 19.89 15.37
CA GLU A 135 26.53 21.34 15.16
C GLU A 135 25.10 21.74 14.79
N VAL A 136 24.35 22.11 15.82
CA VAL A 136 23.03 22.72 15.69
C VAL A 136 23.22 24.24 15.60
N GLU A 137 22.58 24.86 14.62
CA GLU A 137 22.56 26.31 14.48
C GLU A 137 21.11 26.78 14.64
N LYS A 138 20.90 27.67 15.62
CA LYS A 138 19.65 28.40 15.78
C LYS A 138 19.84 29.80 15.18
N PRO A 139 19.31 30.06 13.94
CA PRO A 139 19.26 31.42 13.37
C PRO A 139 18.26 32.26 14.19
N ILE A 140 18.80 33.02 15.17
CA ILE A 140 18.00 33.89 16.04
C ILE A 140 17.47 35.06 15.18
N VAL A 141 16.29 34.82 14.60
CA VAL A 141 15.61 35.75 13.70
C VAL A 141 14.34 36.28 14.37
N GLU A 142 13.98 37.50 14.00
CA GLU A 142 12.68 38.11 14.34
C GLU A 142 12.20 38.79 13.07
N VAL A 143 10.86 38.94 12.93
CA VAL A 143 10.30 39.74 11.84
C VAL A 143 10.47 41.22 12.23
N THR A 144 11.68 41.74 11.95
CA THR A 144 12.04 43.12 12.19
C THR A 144 11.34 43.96 11.13
N ASP A 145 10.67 45.05 11.55
CA ASP A 145 9.94 45.95 10.61
C ASP A 145 10.90 46.53 9.56
N ALA A 146 12.17 46.70 9.98
CA ALA A 146 13.26 47.19 9.13
C ALA A 146 13.60 46.13 8.06
N ASP A 147 13.51 44.85 8.45
CA ASP A 147 13.75 43.72 7.54
C ASP A 147 12.56 43.56 6.57
N VAL A 148 11.35 43.89 7.07
CA VAL A 148 10.12 43.87 6.24
C VAL A 148 10.26 44.85 5.08
N ASP A 149 10.62 46.11 5.41
CA ASP A 149 10.79 47.17 4.40
C ASP A 149 12.00 46.94 3.48
N GLY A 150 13.09 46.37 4.05
CA GLY A 150 14.28 45.99 3.26
C GLY A 150 13.98 44.89 2.26
N MET A 151 13.25 43.86 2.74
CA MET A 151 12.84 42.70 1.93
C MET A 151 11.84 43.15 0.87
N LEU A 152 11.00 44.14 1.24
CA LEU A 152 9.93 44.66 0.37
C LEU A 152 10.54 45.44 -0.81
N ASP A 153 11.58 46.25 -0.52
CA ASP A 153 12.34 46.96 -1.56
C ASP A 153 13.02 45.95 -2.50
N THR A 154 13.65 44.94 -1.90
CA THR A 154 14.25 43.81 -2.63
C THR A 154 13.18 43.03 -3.45
N LEU A 155 11.96 42.95 -2.90
CA LEU A 155 10.83 42.18 -3.46
C LEU A 155 10.26 42.88 -4.70
N ARG A 156 10.18 44.23 -4.64
CA ARG A 156 9.71 45.04 -5.77
C ARG A 156 10.78 45.08 -6.88
N LYS A 157 12.07 45.00 -6.48
CA LYS A 157 13.20 44.94 -7.43
C LYS A 157 13.46 43.50 -7.95
N GLN A 158 12.99 42.47 -7.22
CA GLN A 158 13.15 41.04 -7.61
C GLN A 158 12.04 40.63 -8.58
N GLN A 159 10.80 40.85 -8.17
CA GLN A 159 9.58 40.67 -9.00
C GLN A 159 9.27 41.99 -9.73
N ALA A 160 10.31 42.63 -10.27
CA ALA A 160 10.21 43.94 -10.94
C ALA A 160 9.23 43.90 -12.13
N THR A 161 8.51 45.02 -12.36
CA THR A 161 7.55 45.16 -13.46
C THR A 161 8.27 45.14 -14.83
N TRP A 162 7.49 44.99 -15.89
CA TRP A 162 8.00 44.73 -17.24
C TRP A 162 7.46 45.80 -18.20
N LYS A 163 8.38 46.44 -18.93
CA LYS A 163 8.04 47.32 -20.07
C LYS A 163 8.36 46.55 -21.35
N GLU A 164 7.47 46.64 -22.36
CA GLU A 164 7.71 46.01 -23.67
C GLU A 164 8.90 46.69 -24.37
N LYS A 165 10.01 45.95 -24.46
CA LYS A 165 11.27 46.44 -25.03
C LYS A 165 11.26 46.28 -26.56
N ASP A 166 11.75 47.31 -27.27
CA ASP A 166 11.97 47.26 -28.73
C ASP A 166 13.48 47.13 -28.99
N GLY A 167 13.92 45.89 -29.25
CA GLY A 167 15.31 45.61 -29.59
C GLY A 167 15.66 44.14 -29.42
N ALA A 168 16.92 43.87 -29.10
CA ALA A 168 17.42 42.50 -28.88
C ALA A 168 17.29 42.10 -27.40
N VAL A 169 17.48 40.80 -27.14
CA VAL A 169 17.41 40.23 -25.78
C VAL A 169 18.84 40.13 -25.22
N GLU A 170 19.05 40.62 -23.99
CA GLU A 170 20.27 40.31 -23.21
C GLU A 170 19.88 39.36 -22.07
N ALA A 171 20.88 38.92 -21.31
CA ALA A 171 20.68 38.08 -20.11
C ALA A 171 19.97 38.85 -18.97
N GLU A 172 19.88 40.20 -19.11
CA GLU A 172 19.25 41.09 -18.13
C GLU A 172 17.82 41.51 -18.56
N ASP A 173 17.23 40.78 -19.53
CA ASP A 173 15.86 41.06 -20.01
C ASP A 173 14.96 39.83 -19.84
N ARG A 174 13.64 40.08 -19.73
CA ARG A 174 12.61 39.05 -19.85
C ARG A 174 12.32 38.83 -21.34
N VAL A 175 11.98 37.60 -21.70
CA VAL A 175 11.48 37.27 -23.03
C VAL A 175 10.40 36.19 -22.91
N THR A 176 9.15 36.57 -23.25
CA THR A 176 8.01 35.65 -23.30
C THR A 176 8.01 34.99 -24.69
N ILE A 177 8.67 33.83 -24.76
CA ILE A 177 8.82 33.05 -25.99
C ILE A 177 7.83 31.89 -26.01
N ASP A 178 7.50 31.43 -27.20
CA ASP A 178 6.82 30.15 -27.40
C ASP A 178 7.77 29.26 -28.19
N PHE A 179 8.04 28.06 -27.67
CA PHE A 179 8.97 27.11 -28.30
C PHE A 179 8.51 25.68 -28.11
N THR A 180 9.01 24.83 -28.99
CA THR A 180 8.86 23.38 -28.91
C THR A 180 10.21 22.74 -29.25
N GLY A 181 10.47 21.56 -28.68
CA GLY A 181 11.78 20.92 -28.82
C GLY A 181 11.70 19.40 -28.92
N SER A 182 12.76 18.81 -29.48
CA SER A 182 12.96 17.37 -29.53
C SER A 182 14.45 17.06 -29.34
N VAL A 183 14.74 16.04 -28.53
CA VAL A 183 16.12 15.57 -28.29
C VAL A 183 16.61 14.78 -29.52
N ASP A 184 17.35 15.48 -30.41
CA ASP A 184 17.95 14.92 -31.65
C ASP A 184 16.87 14.55 -32.71
N GLY A 185 15.60 14.90 -32.44
CA GLY A 185 14.47 14.50 -33.28
C GLY A 185 13.46 13.65 -32.51
N GLU A 186 13.84 13.16 -31.31
CA GLU A 186 12.94 12.41 -30.42
C GLU A 186 12.15 13.39 -29.54
N GLU A 187 10.82 13.46 -29.75
CA GLU A 187 9.94 14.36 -28.97
C GLU A 187 9.91 13.88 -27.50
N PHE A 188 10.68 14.57 -26.65
CA PHE A 188 10.73 14.30 -25.21
C PHE A 188 9.55 14.99 -24.52
N GLU A 189 8.69 14.16 -23.87
CA GLU A 189 7.38 14.58 -23.34
C GLU A 189 7.53 15.63 -22.21
N GLY A 190 7.02 16.84 -22.49
CA GLY A 190 7.15 18.00 -21.60
C GLY A 190 8.17 19.00 -22.11
N GLY A 191 8.78 18.68 -23.27
CA GLY A 191 9.82 19.50 -23.88
C GLY A 191 9.29 20.56 -24.82
N LYS A 192 8.44 21.43 -24.27
CA LYS A 192 7.85 22.57 -24.96
C LYS A 192 7.13 23.45 -23.93
N ALA A 193 7.03 24.73 -24.27
CA ALA A 193 6.35 25.72 -23.45
C ALA A 193 5.99 26.94 -24.31
N SER A 194 4.73 26.95 -24.80
CA SER A 194 4.13 28.12 -25.45
C SER A 194 3.93 29.21 -24.38
N ASP A 195 4.25 30.48 -24.73
CA ASP A 195 4.12 31.64 -23.80
C ASP A 195 4.97 31.47 -22.52
N PHE A 196 6.13 30.81 -22.69
CA PHE A 196 7.15 30.66 -21.64
C PHE A 196 7.78 32.03 -21.34
N VAL A 197 7.70 32.48 -20.09
CA VAL A 197 8.28 33.77 -19.66
C VAL A 197 9.66 33.51 -19.03
N LEU A 198 10.72 33.67 -19.84
CA LEU A 198 12.10 33.65 -19.35
C LEU A 198 12.41 35.02 -18.73
N ALA A 199 11.99 35.19 -17.46
CA ALA A 199 12.35 36.35 -16.65
C ALA A 199 13.76 36.15 -16.08
N MET A 200 14.62 37.14 -16.32
CA MET A 200 15.98 37.21 -15.76
C MET A 200 15.98 37.31 -14.21
N GLY A 201 17.19 37.41 -13.63
CA GLY A 201 17.38 37.49 -12.17
C GLY A 201 17.46 36.12 -11.53
N GLN A 202 17.84 35.12 -12.35
CA GLN A 202 17.87 33.69 -11.96
C GLN A 202 19.23 33.07 -12.31
N GLY A 203 19.33 31.73 -12.17
CA GLY A 203 20.47 30.97 -12.70
C GLY A 203 20.33 30.76 -14.19
N ARG A 204 21.48 30.72 -14.90
CA ARG A 204 21.50 30.58 -16.37
C ARG A 204 21.25 29.12 -16.78
N MET A 205 20.65 28.95 -17.98
CA MET A 205 20.23 27.63 -18.49
C MET A 205 21.39 26.91 -19.20
N ILE A 206 21.20 25.61 -19.51
CA ILE A 206 22.20 24.72 -20.15
C ILE A 206 22.86 25.35 -21.41
N PRO A 207 24.18 25.02 -21.68
CA PRO A 207 24.95 25.54 -22.84
C PRO A 207 24.21 25.32 -24.18
N GLY A 208 23.88 26.44 -24.85
CA GLY A 208 23.11 26.45 -26.09
C GLY A 208 21.90 27.36 -25.99
N PHE A 209 21.06 27.12 -24.95
CA PHE A 209 19.74 27.75 -24.84
C PHE A 209 19.87 29.24 -24.50
N GLU A 210 20.38 29.51 -23.28
CA GLU A 210 20.59 30.88 -22.75
C GLU A 210 21.40 31.74 -23.75
N ASP A 211 22.40 31.09 -24.37
CA ASP A 211 23.30 31.68 -25.37
C ASP A 211 22.55 32.14 -26.63
N GLY A 212 21.55 31.33 -27.05
CA GLY A 212 20.74 31.64 -28.23
C GLY A 212 19.81 32.82 -27.98
N ILE A 213 19.10 32.73 -26.84
CA ILE A 213 18.13 33.74 -26.38
C ILE A 213 18.78 35.14 -26.31
N LYS A 214 19.91 35.23 -25.59
CA LYS A 214 20.63 36.50 -25.37
C LYS A 214 21.41 36.95 -26.63
N GLY A 215 21.34 36.17 -27.73
CA GLY A 215 22.11 36.45 -28.94
C GLY A 215 21.22 36.72 -30.15
N HIS A 216 19.94 37.09 -29.91
CA HIS A 216 18.93 37.35 -30.97
C HIS A 216 17.94 38.47 -30.56
N LYS A 217 17.07 38.90 -31.51
CA LYS A 217 16.09 40.01 -31.31
C LYS A 217 14.66 39.56 -31.65
N ALA A 218 13.64 40.29 -31.11
CA ALA A 218 12.21 39.95 -31.34
C ALA A 218 11.80 40.14 -32.81
N GLY A 219 10.78 39.37 -33.23
CA GLY A 219 10.27 39.42 -34.61
C GLY A 219 10.74 38.24 -35.44
N GLU A 220 11.93 37.70 -35.12
CA GLU A 220 12.51 36.54 -35.84
C GLU A 220 12.10 35.21 -35.16
N GLU A 221 11.96 34.18 -35.99
CA GLU A 221 11.55 32.83 -35.58
C GLU A 221 12.61 31.84 -36.09
N PHE A 222 13.41 31.29 -35.16
CA PHE A 222 14.59 30.47 -35.46
C PHE A 222 14.56 29.18 -34.63
N THR A 223 15.70 28.44 -34.63
CA THR A 223 15.86 27.21 -33.84
C THR A 223 17.30 27.14 -33.28
N ILE A 224 17.44 26.63 -32.05
CA ILE A 224 18.73 26.49 -31.36
C ILE A 224 19.00 25.00 -31.03
N ASP A 225 20.09 24.45 -31.57
CA ASP A 225 20.52 23.08 -31.26
C ASP A 225 21.48 23.14 -30.06
N VAL A 226 20.98 22.73 -28.89
CA VAL A 226 21.72 22.74 -27.62
C VAL A 226 22.17 21.30 -27.30
N THR A 227 22.81 21.08 -26.13
CA THR A 227 23.12 19.73 -25.63
C THR A 227 22.85 19.67 -24.11
N PHE A 228 22.19 18.57 -23.66
CA PHE A 228 22.01 18.30 -22.22
C PHE A 228 23.33 17.77 -21.61
N PRO A 229 23.78 18.31 -20.44
CA PRO A 229 25.03 17.86 -19.76
C PRO A 229 24.83 16.58 -18.93
N GLU A 230 25.94 15.91 -18.56
CA GLU A 230 25.92 14.75 -17.64
C GLU A 230 25.49 15.16 -16.21
N GLU A 231 25.58 16.46 -15.92
CA GLU A 231 25.11 17.07 -14.65
C GLU A 231 23.56 17.10 -14.61
N TYR A 232 22.92 16.95 -15.78
CA TYR A 232 21.47 16.84 -15.89
C TYR A 232 21.03 15.45 -15.37
N HIS A 233 20.00 15.43 -14.51
CA HIS A 233 19.66 14.26 -13.65
C HIS A 233 18.74 13.22 -14.34
N ALA A 234 18.81 13.11 -15.69
CA ALA A 234 18.04 12.11 -16.45
C ALA A 234 18.91 11.54 -17.57
N GLU A 235 19.29 10.25 -17.42
CA GLU A 235 20.12 9.50 -18.40
C GLU A 235 19.48 9.48 -19.80
N ASN A 236 18.13 9.51 -19.80
CA ASN A 236 17.29 9.57 -21.02
C ASN A 236 17.73 10.71 -21.97
N LEU A 237 17.84 11.93 -21.42
CA LEU A 237 18.03 13.16 -22.21
C LEU A 237 19.51 13.60 -22.25
N LYS A 238 20.24 13.35 -21.14
CA LYS A 238 21.62 13.85 -21.00
C LYS A 238 22.57 13.15 -21.99
N GLY A 239 23.52 13.93 -22.54
CA GLY A 239 24.49 13.43 -23.50
C GLY A 239 24.09 13.68 -24.95
N LYS A 240 22.79 13.91 -25.20
CA LYS A 240 22.28 14.13 -26.57
C LYS A 240 22.02 15.63 -26.81
N ALA A 241 21.95 15.99 -28.11
CA ALA A 241 21.56 17.34 -28.55
C ALA A 241 20.02 17.48 -28.56
N ALA A 242 19.52 18.72 -28.52
CA ALA A 242 18.08 19.02 -28.52
C ALA A 242 17.79 20.33 -29.26
N LYS A 243 16.91 20.25 -30.27
CA LYS A 243 16.58 21.40 -31.16
C LYS A 243 15.31 22.10 -30.68
N PHE A 244 15.44 23.37 -30.27
CA PHE A 244 14.33 24.20 -29.73
C PHE A 244 13.98 25.32 -30.73
N ALA A 245 12.82 25.21 -31.38
CA ALA A 245 12.32 26.24 -32.30
C ALA A 245 11.86 27.48 -31.52
N ILE A 246 12.80 28.41 -31.32
CA ILE A 246 12.57 29.62 -30.51
C ILE A 246 11.90 30.70 -31.36
N ASN A 247 10.69 31.06 -30.96
CA ASN A 247 9.98 32.22 -31.48
C ASN A 247 10.05 33.31 -30.41
N LEU A 248 10.89 34.36 -30.64
CA LEU A 248 10.99 35.52 -29.73
C LEU A 248 9.73 36.39 -29.86
N LYS A 249 8.65 35.89 -29.23
CA LYS A 249 7.30 36.42 -29.37
C LYS A 249 7.18 37.80 -28.71
N LYS A 250 7.60 37.89 -27.43
CA LYS A 250 7.57 39.15 -26.65
C LYS A 250 8.93 39.32 -25.97
N VAL A 251 9.49 40.55 -26.02
CA VAL A 251 10.69 40.93 -25.25
C VAL A 251 10.30 42.09 -24.34
N GLU A 252 10.53 41.92 -23.03
CA GLU A 252 10.16 42.89 -22.00
C GLU A 252 11.37 43.16 -21.08
N GLU A 253 11.74 44.42 -20.96
CA GLU A 253 12.88 44.86 -20.15
C GLU A 253 12.47 44.98 -18.67
N ARG A 254 13.43 44.71 -17.77
CA ARG A 254 13.30 44.91 -16.31
C ARG A 254 13.02 46.39 -15.98
N GLU A 255 12.00 46.61 -15.14
CA GLU A 255 11.63 47.94 -14.65
C GLU A 255 11.38 47.80 -13.14
N LEU A 256 12.25 48.38 -12.30
CA LEU A 256 12.10 48.34 -10.83
C LEU A 256 11.03 49.38 -10.41
N PRO A 257 9.78 48.95 -10.06
CA PRO A 257 8.64 49.86 -9.87
C PRO A 257 8.59 50.48 -8.47
N GLU A 258 7.79 51.55 -8.34
CA GLU A 258 7.39 52.07 -7.04
C GLU A 258 6.29 51.19 -6.44
N LEU A 259 6.11 51.29 -5.12
CA LEU A 259 5.14 50.49 -4.37
C LEU A 259 3.72 51.10 -4.52
N THR A 260 3.15 50.92 -5.72
CA THR A 260 1.83 51.47 -6.09
C THR A 260 0.72 50.46 -5.78
N ALA A 261 -0.53 50.97 -5.69
CA ALA A 261 -1.73 50.16 -5.41
C ALA A 261 -1.89 49.00 -6.41
N GLU A 262 -1.58 49.29 -7.69
CA GLU A 262 -1.64 48.30 -8.79
C GLU A 262 -0.64 47.15 -8.57
N PHE A 263 0.47 47.47 -7.88
CA PHE A 263 1.52 46.51 -7.56
C PHE A 263 1.06 45.65 -6.36
N ILE A 264 0.45 46.34 -5.34
CA ILE A 264 -0.12 45.68 -4.13
C ILE A 264 -1.13 44.58 -4.53
N LYS A 265 -1.97 44.92 -5.53
CA LYS A 265 -3.02 44.03 -6.06
C LYS A 265 -2.44 42.78 -6.76
N ARG A 266 -1.17 42.86 -7.23
CA ARG A 266 -0.52 41.74 -7.97
C ARG A 266 -0.14 40.59 -7.03
N PHE A 267 -0.12 40.88 -5.71
CA PHE A 267 0.07 39.86 -4.66
C PHE A 267 -1.26 39.14 -4.33
N GLY A 268 -2.37 39.70 -4.85
CA GLY A 268 -3.71 39.24 -4.52
C GLY A 268 -4.23 39.86 -3.24
N VAL A 269 -3.59 40.96 -2.80
CA VAL A 269 -4.07 41.77 -1.68
C VAL A 269 -5.29 42.58 -2.16
N GLU A 270 -6.48 42.08 -1.80
CA GLU A 270 -7.79 42.67 -2.15
C GLU A 270 -7.93 44.10 -1.58
N ASP A 271 -7.20 44.37 -0.49
CA ASP A 271 -7.17 45.69 0.16
C ASP A 271 -6.61 46.77 -0.79
N GLY A 272 -5.57 46.40 -1.57
CA GLY A 272 -5.01 47.28 -2.60
C GLY A 272 -4.13 48.42 -2.08
N SER A 273 -4.30 48.80 -0.80
CA SER A 273 -3.45 49.81 -0.13
C SER A 273 -2.23 49.11 0.51
N VAL A 274 -1.12 49.88 0.64
CA VAL A 274 0.17 49.38 1.19
C VAL A 274 0.00 48.85 2.63
N GLU A 275 -0.91 49.48 3.39
CA GLU A 275 -1.29 49.03 4.75
C GLU A 275 -1.76 47.56 4.73
N GLY A 276 -2.54 47.20 3.69
CA GLY A 276 -3.02 45.83 3.51
C GLY A 276 -1.91 44.90 3.06
N LEU A 277 -0.87 45.47 2.40
CA LEU A 277 0.28 44.70 1.90
C LEU A 277 1.08 44.21 3.11
N ARG A 278 1.52 45.17 3.94
CA ARG A 278 2.29 44.89 5.18
C ARG A 278 1.51 43.97 6.14
N ALA A 279 0.16 44.11 6.14
CA ALA A 279 -0.74 43.29 6.99
C ALA A 279 -0.73 41.81 6.55
N GLU A 280 -1.14 41.57 5.28
CA GLU A 280 -1.21 40.22 4.70
C GLU A 280 0.15 39.52 4.71
N VAL A 281 1.21 40.27 4.33
CA VAL A 281 2.59 39.77 4.30
C VAL A 281 3.10 39.49 5.73
N ARG A 282 2.70 40.29 6.74
CA ARG A 282 3.04 40.02 8.17
C ARG A 282 2.45 38.68 8.61
N LYS A 283 1.15 38.50 8.31
CA LYS A 283 0.41 37.26 8.60
C LYS A 283 1.11 36.05 7.94
N ASN A 284 1.58 36.24 6.69
CA ASN A 284 2.40 35.24 5.97
C ASN A 284 3.75 35.03 6.70
N MET A 285 4.35 36.13 7.19
CA MET A 285 5.69 36.15 7.85
C MET A 285 5.68 35.36 9.16
N GLU A 286 4.50 35.27 9.82
CA GLU A 286 4.30 34.33 10.95
C GLU A 286 4.59 32.89 10.49
N ARG A 287 3.91 32.47 9.41
CA ARG A 287 4.01 31.10 8.85
C ARG A 287 5.45 30.84 8.36
N GLU A 288 6.06 31.85 7.72
CA GLU A 288 7.41 31.75 7.17
C GLU A 288 8.46 31.68 8.30
N LEU A 289 8.22 32.43 9.40
CA LEU A 289 9.15 32.48 10.55
C LEU A 289 9.19 31.10 11.23
N LYS A 290 8.00 30.60 11.65
CA LYS A 290 7.88 29.30 12.34
C LYS A 290 8.45 28.16 11.45
N SER A 291 7.96 28.07 10.20
CA SER A 291 8.33 27.00 9.26
C SER A 291 9.84 27.02 8.92
N ALA A 292 10.42 28.24 8.82
CA ALA A 292 11.87 28.39 8.51
C ALA A 292 12.73 28.05 9.73
N ILE A 293 12.25 28.35 10.96
CA ILE A 293 12.95 27.93 12.19
C ILE A 293 13.04 26.39 12.22
N ARG A 294 11.86 25.75 12.02
CA ARG A 294 11.75 24.28 11.99
C ARG A 294 12.64 23.67 10.87
N ASN A 295 12.54 24.24 9.66
CA ASN A 295 13.23 23.71 8.46
C ASN A 295 14.75 23.87 8.59
N ARG A 296 15.22 25.10 8.90
CA ARG A 296 16.67 25.40 9.06
C ARG A 296 17.29 24.54 10.17
N VAL A 297 16.66 24.53 11.38
CA VAL A 297 17.25 23.85 12.55
C VAL A 297 17.24 22.31 12.37
N LYS A 298 16.18 21.76 11.72
CA LYS A 298 16.10 20.32 11.43
C LYS A 298 17.08 19.92 10.33
N SER A 299 17.21 20.73 9.27
CA SER A 299 18.15 20.45 8.16
C SER A 299 19.60 20.41 8.69
N GLN A 300 19.92 21.38 9.56
CA GLN A 300 21.25 21.49 10.21
C GLN A 300 21.47 20.33 11.20
N ALA A 301 20.40 19.97 11.96
CA ALA A 301 20.42 18.89 12.95
C ALA A 301 20.66 17.53 12.29
N ILE A 302 19.85 17.23 11.26
CA ILE A 302 19.87 15.95 10.53
C ILE A 302 21.19 15.80 9.73
N GLU A 303 21.68 16.94 9.18
CA GLU A 303 23.02 17.03 8.58
C GLU A 303 24.07 16.62 9.62
N GLY A 304 23.93 17.18 10.84
CA GLY A 304 24.78 16.85 11.97
C GLY A 304 24.61 15.41 12.46
N LEU A 305 23.38 14.84 12.32
CA LEU A 305 23.07 13.43 12.73
C LEU A 305 23.91 12.47 11.90
N VAL A 306 23.88 12.68 10.58
CA VAL A 306 24.66 11.87 9.62
C VAL A 306 26.18 12.13 9.83
N LYS A 307 26.56 13.42 9.94
CA LYS A 307 27.95 13.86 10.19
C LYS A 307 28.52 13.26 11.50
N ALA A 308 27.63 13.03 12.48
CA ALA A 308 27.97 12.43 13.78
C ALA A 308 28.42 10.97 13.63
N ASN A 309 27.79 10.24 12.66
CA ASN A 309 28.08 8.82 12.40
C ASN A 309 27.29 8.38 11.15
N ASP A 310 27.98 8.37 10.00
CA ASP A 310 27.42 7.89 8.74
C ASP A 310 27.58 6.36 8.68
N ILE A 311 26.47 5.66 8.90
CA ILE A 311 26.42 4.18 8.86
C ILE A 311 25.97 3.72 7.47
N ASP A 312 26.20 2.43 7.16
CA ASP A 312 25.71 1.79 5.93
C ASP A 312 24.52 0.89 6.31
N VAL A 313 23.33 1.45 6.12
CA VAL A 313 22.03 0.77 6.36
C VAL A 313 21.72 -0.26 5.24
N PRO A 314 20.83 -1.28 5.52
CA PRO A 314 20.52 -2.39 4.57
C PRO A 314 20.10 -1.93 3.16
N ALA A 315 20.76 -2.51 2.14
CA ALA A 315 20.50 -2.22 0.71
C ALA A 315 19.08 -2.60 0.28
N ALA A 316 18.43 -3.48 1.07
CA ALA A 316 17.01 -3.85 0.90
C ALA A 316 16.10 -2.62 1.10
N LEU A 317 16.40 -1.84 2.17
CA LEU A 317 15.65 -0.60 2.52
C LEU A 317 15.81 0.45 1.41
N ILE A 318 17.08 0.69 1.01
CA ILE A 318 17.42 1.64 -0.05
C ILE A 318 16.68 1.26 -1.33
N ASP A 319 16.82 0.00 -1.77
CA ASP A 319 16.23 -0.49 -3.03
C ASP A 319 14.68 -0.44 -3.00
N SER A 320 14.10 -0.67 -1.81
CA SER A 320 12.64 -0.62 -1.60
C SER A 320 12.10 0.82 -1.80
N GLU A 321 12.64 1.77 -1.01
CA GLU A 321 12.24 3.19 -1.08
C GLU A 321 12.62 3.79 -2.45
N ILE A 322 13.76 3.33 -3.02
CA ILE A 322 14.23 3.73 -4.35
C ILE A 322 13.27 3.18 -5.41
N ASP A 323 12.72 1.97 -5.20
CA ASP A 323 11.76 1.35 -6.14
C ASP A 323 10.48 2.18 -6.22
N VAL A 324 9.97 2.58 -5.03
CA VAL A 324 8.80 3.46 -4.92
C VAL A 324 9.10 4.84 -5.57
N LEU A 325 10.32 5.35 -5.32
CA LEU A 325 10.81 6.63 -5.86
C LEU A 325 11.03 6.56 -7.39
N ARG A 326 11.45 5.40 -7.91
CA ARG A 326 11.71 5.20 -9.35
C ARG A 326 10.38 5.17 -10.08
N ARG A 327 9.44 4.40 -9.53
CA ARG A 327 8.06 4.26 -10.04
C ARG A 327 7.39 5.64 -10.15
N GLN A 328 7.38 6.37 -9.02
CA GLN A 328 6.64 7.63 -8.88
C GLN A 328 7.32 8.79 -9.65
N ALA A 329 8.67 8.80 -9.69
CA ALA A 329 9.43 9.83 -10.43
C ALA A 329 9.36 9.58 -11.94
N ALA A 330 9.35 8.31 -12.35
CA ALA A 330 9.16 7.92 -13.76
C ALA A 330 7.76 8.39 -14.25
N GLN A 331 6.79 8.20 -13.34
CA GLN A 331 5.40 8.67 -13.48
C GLN A 331 5.32 10.24 -13.51
N ARG A 332 6.34 10.92 -12.92
CA ARG A 332 6.33 12.39 -12.79
C ARG A 332 7.19 13.06 -13.88
N PHE A 333 8.49 12.83 -13.81
CA PHE A 333 9.47 13.31 -14.80
C PHE A 333 9.40 12.41 -16.06
N GLY A 334 8.34 12.62 -16.86
CA GLY A 334 8.16 11.94 -18.14
C GLY A 334 6.77 11.31 -18.29
N GLY A 335 6.34 10.58 -17.24
CA GLY A 335 5.05 9.87 -17.25
C GLY A 335 5.15 8.51 -17.93
N ASN A 336 6.32 7.86 -17.82
CA ASN A 336 6.63 6.55 -18.46
C ASN A 336 7.37 5.67 -17.45
N GLU A 337 6.99 4.38 -17.35
CA GLU A 337 7.63 3.41 -16.41
C GLU A 337 9.11 3.20 -16.77
N LYS A 338 9.35 3.15 -18.09
CA LYS A 338 10.67 2.95 -18.69
C LYS A 338 11.67 4.10 -18.34
N GLN A 339 11.13 5.30 -17.98
CA GLN A 339 11.96 6.46 -17.54
C GLN A 339 12.80 6.12 -16.30
N ALA A 340 12.22 5.33 -15.37
CA ALA A 340 12.81 4.97 -14.05
C ALA A 340 14.24 4.42 -14.18
N LEU A 341 14.42 3.55 -15.18
CA LEU A 341 15.67 2.84 -15.45
C LEU A 341 16.77 3.84 -15.91
N GLU A 342 16.32 4.98 -16.45
CA GLU A 342 17.18 6.07 -16.94
C GLU A 342 17.21 7.27 -15.96
N LEU A 343 16.87 7.03 -14.68
CA LEU A 343 17.23 7.98 -13.58
C LEU A 343 18.25 7.28 -12.65
N PRO A 344 19.48 7.88 -12.45
CA PRO A 344 20.50 7.32 -11.53
C PRO A 344 19.98 7.26 -10.07
N ARG A 345 19.76 6.02 -9.58
CA ARG A 345 19.23 5.71 -8.21
C ARG A 345 19.92 6.52 -7.09
N GLU A 346 21.19 6.93 -7.33
CA GLU A 346 22.01 7.72 -6.38
C GLU A 346 21.29 8.99 -5.90
N LEU A 347 20.56 9.67 -6.83
CA LEU A 347 19.85 10.92 -6.51
C LEU A 347 18.63 10.67 -5.60
N PHE A 348 18.07 9.43 -5.69
CA PHE A 348 16.93 9.00 -4.85
C PHE A 348 17.45 8.57 -3.46
N GLU A 349 18.66 8.01 -3.48
CA GLU A 349 19.37 7.49 -2.32
C GLU A 349 19.72 8.62 -1.32
N GLU A 350 20.00 9.83 -1.87
CA GLU A 350 20.34 11.03 -1.09
C GLU A 350 19.20 11.43 -0.12
N GLN A 351 17.96 11.12 -0.53
CA GLN A 351 16.76 11.31 0.31
C GLN A 351 16.51 10.06 1.18
N ALA A 352 16.28 8.92 0.50
CA ALA A 352 15.81 7.66 1.12
C ALA A 352 16.83 7.09 2.12
N LYS A 353 18.08 6.80 1.63
CA LYS A 353 19.12 6.16 2.47
C LYS A 353 19.43 7.01 3.70
N ARG A 354 19.48 8.32 3.48
CA ARG A 354 19.70 9.30 4.55
C ARG A 354 18.54 9.27 5.56
N ARG A 355 17.30 9.09 5.05
CA ARG A 355 16.08 9.08 5.89
C ARG A 355 16.07 7.82 6.79
N VAL A 356 16.47 6.66 6.24
CA VAL A 356 16.51 5.40 7.02
C VAL A 356 17.76 5.35 7.96
N VAL A 357 18.89 6.01 7.56
CA VAL A 357 20.08 6.19 8.46
C VAL A 357 19.67 6.93 9.73
N VAL A 358 18.99 8.07 9.53
CA VAL A 358 18.47 8.90 10.63
C VAL A 358 17.29 8.17 11.34
N GLY A 359 16.63 7.27 10.60
CA GLY A 359 15.61 6.37 11.17
C GLY A 359 16.21 5.41 12.21
N LEU A 360 17.45 4.95 11.97
CA LEU A 360 18.22 4.16 12.97
C LEU A 360 18.76 5.08 14.09
N LEU A 361 19.29 6.27 13.70
CA LEU A 361 19.88 7.24 14.65
C LEU A 361 18.81 7.72 15.67
N LEU A 362 17.88 8.59 15.20
CA LEU A 362 16.81 9.15 16.05
C LEU A 362 15.87 8.06 16.61
N GLY A 363 15.73 6.94 15.86
CA GLY A 363 14.97 5.78 16.31
C GLY A 363 15.54 5.16 17.59
N GLU A 364 16.87 4.92 17.58
CA GLU A 364 17.57 4.35 18.75
C GLU A 364 17.86 5.41 19.82
N VAL A 365 17.74 6.71 19.49
CA VAL A 365 17.77 7.79 20.52
C VAL A 365 16.54 7.62 21.42
N ILE A 366 15.35 7.66 20.81
CA ILE A 366 14.05 7.63 21.52
C ILE A 366 13.77 6.24 22.15
N ARG A 367 14.34 5.20 21.51
CA ARG A 367 14.27 3.80 22.01
C ARG A 367 15.14 3.64 23.27
N THR A 368 16.46 3.89 23.16
CA THR A 368 17.45 3.59 24.23
C THR A 368 17.31 4.56 25.42
N ASN A 369 17.07 5.85 25.13
CA ASN A 369 16.83 6.89 26.18
C ASN A 369 15.50 6.62 26.90
N GLU A 370 14.57 5.97 26.15
CA GLU A 370 13.21 5.70 26.56
C GLU A 370 12.46 7.03 26.77
N LEU A 371 12.13 7.68 25.64
CA LEU A 371 11.29 8.88 25.62
C LEU A 371 10.11 8.63 24.69
N LYS A 372 8.95 9.13 25.07
CA LYS A 372 7.68 8.92 24.36
C LYS A 372 6.99 10.28 24.21
N ALA A 373 6.13 10.42 23.17
CA ALA A 373 5.39 11.65 22.86
C ALA A 373 4.59 12.15 24.08
N ASP A 374 5.24 13.03 24.86
CA ASP A 374 4.66 13.70 26.04
C ASP A 374 3.42 14.49 25.64
N GLU A 375 2.37 14.49 26.48
CA GLU A 375 1.05 15.09 26.16
C GLU A 375 1.20 16.56 25.72
N GLU A 376 1.99 17.35 26.49
CA GLU A 376 2.26 18.77 26.18
C GLU A 376 3.08 18.91 24.88
N ARG A 377 3.93 17.90 24.60
CA ARG A 377 4.87 17.90 23.45
C ARG A 377 4.09 17.68 22.14
N VAL A 378 3.35 16.54 22.07
CA VAL A 378 2.53 16.15 20.92
C VAL A 378 1.40 17.18 20.69
N LYS A 379 0.72 17.60 21.79
CA LYS A 379 -0.36 18.60 21.73
C LYS A 379 0.19 19.97 21.32
N GLY A 380 1.43 20.28 21.75
CA GLY A 380 2.12 21.53 21.36
C GLY A 380 2.40 21.61 19.87
N LEU A 381 2.83 20.47 19.30
CA LEU A 381 3.04 20.34 17.84
C LEU A 381 1.67 20.50 17.11
N ILE A 382 0.66 19.77 17.63
CA ILE A 382 -0.73 19.80 17.12
C ILE A 382 -1.28 21.23 17.19
N GLU A 383 -0.94 21.95 18.28
CA GLU A 383 -1.46 23.30 18.56
C GLU A 383 -0.83 24.33 17.60
N GLU A 384 0.49 24.19 17.36
CA GLU A 384 1.24 25.07 16.44
C GLU A 384 0.69 24.92 15.02
N MET A 385 0.52 23.66 14.55
CA MET A 385 -0.05 23.42 13.22
C MET A 385 -1.53 23.86 13.18
N ALA A 386 -2.26 23.66 14.31
CA ALA A 386 -3.72 23.96 14.43
C ALA A 386 -4.02 25.46 14.37
N SER A 387 -3.05 26.27 14.82
CA SER A 387 -3.09 27.73 14.70
C SER A 387 -3.16 28.16 13.21
N ALA A 388 -2.63 27.30 12.33
CA ALA A 388 -2.66 27.50 10.87
C ALA A 388 -3.96 26.93 10.23
N TYR A 389 -4.77 26.17 11.01
CA TYR A 389 -6.10 25.67 10.55
C TYR A 389 -7.17 26.73 10.80
N GLU A 390 -8.40 26.43 10.34
CA GLU A 390 -9.59 27.30 10.52
C GLU A 390 -10.03 27.33 12.00
N ASP A 391 -9.85 26.18 12.68
CA ASP A 391 -10.17 26.03 14.11
C ASP A 391 -9.11 25.16 14.78
N PRO A 392 -8.45 25.60 15.90
CA PRO A 392 -7.44 24.78 16.62
C PRO A 392 -8.05 23.65 17.51
N LYS A 393 -9.11 23.98 18.27
CA LYS A 393 -9.63 23.11 19.36
C LYS A 393 -10.11 21.76 18.79
N GLU A 394 -10.84 21.86 17.66
CA GLU A 394 -11.37 20.70 16.94
C GLU A 394 -10.25 19.85 16.29
N VAL A 395 -9.04 20.45 16.03
CA VAL A 395 -7.89 19.69 15.51
C VAL A 395 -7.38 18.78 16.63
N ILE A 396 -7.15 19.43 17.78
CA ILE A 396 -6.64 18.76 18.99
C ILE A 396 -7.58 17.58 19.38
N GLU A 397 -8.90 17.87 19.42
CA GLU A 397 -9.93 16.89 19.82
C GLU A 397 -10.05 15.73 18.81
N PHE A 398 -10.23 16.06 17.51
CA PHE A 398 -10.47 15.06 16.44
C PHE A 398 -9.28 14.08 16.33
N TYR A 399 -8.06 14.64 16.42
CA TYR A 399 -6.83 13.85 16.39
C TYR A 399 -6.74 12.93 17.62
N SER A 400 -7.02 13.48 18.83
CA SER A 400 -6.99 12.71 20.11
C SER A 400 -7.91 11.45 20.08
N LYS A 401 -9.04 11.57 19.36
CA LYS A 401 -10.03 10.47 19.23
C LYS A 401 -9.66 9.46 18.14
N ASN A 402 -8.85 9.89 17.15
CA ASN A 402 -8.56 9.07 15.96
C ASN A 402 -7.13 8.52 16.07
N LYS A 403 -7.04 7.19 16.21
CA LYS A 403 -5.78 6.47 16.57
C LYS A 403 -4.79 6.52 15.39
N GLU A 404 -5.29 6.28 14.16
CA GLU A 404 -4.49 6.33 12.92
C GLU A 404 -3.81 7.72 12.76
N LEU A 405 -4.51 8.79 13.19
CA LEU A 405 -3.95 10.15 13.25
C LEU A 405 -2.90 10.23 14.37
N MET A 406 -3.25 9.75 15.57
CA MET A 406 -2.35 9.80 16.75
C MET A 406 -1.09 8.93 16.58
N ASP A 407 -1.09 8.02 15.59
CA ASP A 407 0.10 7.24 15.21
C ASP A 407 1.01 8.05 14.28
N ASN A 408 0.40 8.75 13.30
CA ASN A 408 1.13 9.72 12.43
C ASN A 408 1.72 10.85 13.31
N MET A 409 0.94 11.25 14.33
CA MET A 409 1.31 12.29 15.28
C MET A 409 2.26 11.75 16.35
N ARG A 410 2.25 10.41 16.56
CA ARG A 410 3.24 9.73 17.44
C ARG A 410 4.61 9.81 16.76
N ASN A 411 4.62 9.51 15.43
CA ASN A 411 5.82 9.58 14.58
C ASN A 411 6.41 10.99 14.55
N VAL A 412 5.57 12.00 14.19
CA VAL A 412 6.04 13.40 14.01
C VAL A 412 6.37 14.07 15.36
N ALA A 413 5.70 13.66 16.46
CA ALA A 413 5.97 14.20 17.81
C ALA A 413 7.30 13.65 18.33
N LEU A 414 7.52 12.34 18.11
CA LEU A 414 8.80 11.69 18.44
C LEU A 414 9.90 12.08 17.45
N GLU A 415 9.53 12.56 16.26
CA GLU A 415 10.47 13.13 15.30
C GLU A 415 10.99 14.46 15.85
N GLU A 416 10.03 15.31 16.25
CA GLU A 416 10.29 16.64 16.82
C GLU A 416 11.00 16.52 18.18
N GLN A 417 10.66 15.46 18.95
CA GLN A 417 11.19 15.24 20.31
C GLN A 417 12.53 14.47 20.25
N ALA A 418 12.78 13.73 19.14
CA ALA A 418 14.09 13.07 18.89
C ALA A 418 15.12 14.13 18.54
N VAL A 419 14.73 15.00 17.58
CA VAL A 419 15.51 16.18 17.20
C VAL A 419 15.71 17.08 18.44
N GLU A 420 14.65 17.29 19.21
CA GLU A 420 14.71 18.10 20.46
C GLU A 420 15.66 17.46 21.51
N ALA A 421 15.61 16.11 21.62
CA ALA A 421 16.38 15.35 22.62
C ALA A 421 17.89 15.49 22.37
N VAL A 422 18.29 15.27 21.11
CA VAL A 422 19.70 15.39 20.70
C VAL A 422 20.14 16.87 20.76
N LEU A 423 19.23 17.80 20.35
CA LEU A 423 19.47 19.27 20.38
C LEU A 423 19.62 19.79 21.82
N ALA A 424 18.95 19.13 22.78
CA ALA A 424 19.03 19.50 24.22
C ALA A 424 20.46 19.32 24.76
N LYS A 425 21.26 18.46 24.08
CA LYS A 425 22.64 18.14 24.50
C LYS A 425 23.68 18.52 23.42
N ALA A 426 23.22 18.81 22.19
CA ALA A 426 24.10 19.00 21.00
C ALA A 426 24.91 20.30 21.07
N LYS A 427 25.84 20.46 20.11
CA LYS A 427 26.65 21.68 19.95
C LYS A 427 25.72 22.78 19.38
N VAL A 428 24.95 23.40 20.28
CA VAL A 428 23.95 24.41 19.94
C VAL A 428 24.61 25.78 19.84
N THR A 429 24.41 26.42 18.69
CA THR A 429 24.97 27.73 18.37
C THR A 429 23.83 28.74 18.25
N GLU A 430 23.60 29.52 19.31
CA GLU A 430 22.73 30.70 19.24
C GLU A 430 23.44 31.73 18.35
N LYS A 431 22.91 31.95 17.15
CA LYS A 431 23.58 32.76 16.12
C LYS A 431 22.57 33.71 15.50
N GLU A 432 22.76 35.02 15.77
CA GLU A 432 21.87 36.08 15.27
C GLU A 432 21.80 36.06 13.74
N THR A 433 20.59 36.22 13.21
CA THR A 433 20.35 36.23 11.76
C THR A 433 19.16 37.17 11.46
N THR A 434 19.18 37.82 10.29
CA THR A 434 18.04 38.61 9.81
C THR A 434 17.01 37.66 9.13
N PHE A 435 15.75 38.11 9.03
CA PHE A 435 14.65 37.33 8.41
C PHE A 435 14.97 37.08 6.90
N ASN A 436 15.71 38.02 6.29
CA ASN A 436 16.20 37.92 4.91
C ASN A 436 17.21 36.75 4.76
N GLU A 437 18.23 36.75 5.65
CA GLU A 437 19.33 35.76 5.60
C GLU A 437 18.87 34.37 6.08
N LEU A 438 17.73 34.33 6.80
CA LEU A 438 17.08 33.09 7.27
C LEU A 438 16.76 32.17 6.07
N MET A 439 16.06 32.73 5.08
CA MET A 439 15.69 32.02 3.83
C MET A 439 16.91 31.86 2.90
N ASN A 440 17.89 32.79 3.00
CA ASN A 440 19.12 32.78 2.17
C ASN A 440 19.96 31.51 2.43
N GLN A 441 19.91 31.01 3.69
CA GLN A 441 20.66 29.80 4.11
C GLN A 441 20.23 28.56 3.30
N GLN A 442 18.92 28.42 3.08
CA GLN A 442 18.30 27.32 2.34
C GLN A 442 16.83 27.66 2.09
N ALA A 443 16.34 27.45 0.86
CA ALA A 443 14.93 27.61 0.47
C ALA A 443 14.38 29.04 0.78
N MET B 12 -13.93 27.61 1.15
CA MET B 12 -14.32 26.24 0.72
C MET B 12 -15.85 26.14 0.63
N GLN B 13 -16.32 25.08 -0.04
CA GLN B 13 -17.76 24.71 -0.11
C GLN B 13 -17.89 23.23 0.21
N VAL B 14 -17.99 22.91 1.51
CA VAL B 14 -18.16 21.51 1.98
C VAL B 14 -19.63 21.27 2.36
N SER B 15 -20.16 20.10 2.00
CA SER B 15 -21.57 19.76 2.21
C SER B 15 -21.74 18.25 2.43
N VAL B 16 -22.04 17.88 3.68
CA VAL B 16 -22.33 16.48 4.03
C VAL B 16 -23.80 16.16 3.67
N GLU B 17 -23.97 15.42 2.57
CA GLU B 17 -25.26 14.88 2.12
C GLU B 17 -25.41 13.44 2.65
N THR B 18 -26.49 13.19 3.40
CA THR B 18 -26.81 11.84 3.87
C THR B 18 -27.32 10.98 2.70
N THR B 19 -26.67 9.82 2.46
CA THR B 19 -27.06 8.88 1.40
C THR B 19 -28.06 7.84 1.95
N GLN B 20 -27.72 7.21 3.10
CA GLN B 20 -28.61 6.23 3.78
C GLN B 20 -28.09 5.95 5.21
N GLY B 21 -28.71 6.62 6.20
CA GLY B 21 -28.47 6.36 7.63
C GLY B 21 -27.04 6.67 8.07
N LEU B 22 -26.20 5.62 8.09
CA LEU B 22 -24.76 5.73 8.40
C LEU B 22 -24.03 6.51 7.29
N GLY B 23 -24.50 6.29 6.04
CA GLY B 23 -23.92 6.85 4.83
C GLY B 23 -23.99 8.37 4.77
N ARG B 24 -22.81 9.01 4.71
CA ARG B 24 -22.65 10.47 4.65
C ARG B 24 -21.60 10.84 3.57
N ARG B 25 -22.14 11.27 2.43
CA ARG B 25 -21.38 11.78 1.28
C ARG B 25 -20.97 13.25 1.50
N VAL B 26 -19.76 13.49 2.02
CA VAL B 26 -19.23 14.84 2.22
C VAL B 26 -18.66 15.36 0.88
N THR B 27 -19.49 16.07 0.12
CA THR B 27 -19.09 16.66 -1.16
C THR B 27 -18.37 18.00 -0.91
N ILE B 28 -17.08 18.06 -1.31
CA ILE B 28 -16.19 19.21 -1.07
C ILE B 28 -15.76 19.84 -2.41
N THR B 29 -15.81 21.17 -2.49
CA THR B 29 -15.31 21.97 -3.63
C THR B 29 -13.95 22.59 -3.25
N ILE B 30 -12.89 22.19 -3.98
CA ILE B 30 -11.53 22.74 -3.81
C ILE B 30 -11.28 23.79 -4.91
N ALA B 31 -11.04 25.07 -4.51
CA ALA B 31 -10.87 26.21 -5.45
C ALA B 31 -9.61 26.06 -6.33
N ALA B 32 -9.75 26.41 -7.64
CA ALA B 32 -8.69 26.24 -8.67
C ALA B 32 -7.39 26.97 -8.33
N ASP B 33 -7.54 28.14 -7.70
CA ASP B 33 -6.43 28.99 -7.25
C ASP B 33 -5.54 28.23 -6.25
N SER B 34 -6.18 27.61 -5.25
CA SER B 34 -5.49 26.84 -4.21
C SER B 34 -4.96 25.50 -4.75
N ILE B 35 -5.60 24.97 -5.82
CA ILE B 35 -5.10 23.79 -6.54
C ILE B 35 -3.77 24.14 -7.25
N GLU B 36 -3.77 25.28 -7.95
CA GLU B 36 -2.65 25.74 -8.81
C GLU B 36 -1.43 26.14 -7.95
N THR B 37 -1.71 26.82 -6.82
CA THR B 37 -0.69 27.19 -5.83
C THR B 37 -0.09 25.92 -5.18
N ALA B 38 -0.96 24.91 -4.96
CA ALA B 38 -0.53 23.59 -4.47
C ALA B 38 0.27 22.83 -5.55
N VAL B 39 -0.03 23.08 -6.86
CA VAL B 39 0.77 22.49 -7.97
C VAL B 39 2.21 23.04 -7.89
N LYS B 40 2.32 24.38 -7.74
CA LYS B 40 3.62 25.07 -7.50
C LYS B 40 4.39 24.41 -6.33
N SER B 41 3.69 24.27 -5.19
CA SER B 41 4.25 23.71 -3.95
C SER B 41 4.79 22.28 -4.14
N GLU B 42 3.93 21.36 -4.64
CA GLU B 42 4.30 19.94 -4.80
C GLU B 42 5.44 19.75 -5.81
N LEU B 43 5.41 20.54 -6.91
CA LEU B 43 6.46 20.53 -7.94
C LEU B 43 7.84 20.95 -7.36
N VAL B 44 7.90 22.10 -6.63
CA VAL B 44 9.18 22.61 -6.10
C VAL B 44 9.74 21.69 -4.97
N ASN B 45 8.82 21.11 -4.16
CA ASN B 45 9.17 20.15 -3.09
C ASN B 45 9.84 18.89 -3.68
N VAL B 46 9.14 18.22 -4.64
CA VAL B 46 9.67 17.02 -5.30
C VAL B 46 10.93 17.37 -6.12
N ALA B 47 11.03 18.64 -6.58
CA ALA B 47 12.23 19.18 -7.25
C ALA B 47 13.43 19.31 -6.27
N LYS B 48 13.14 19.55 -4.96
CA LYS B 48 14.20 19.59 -3.93
C LYS B 48 14.67 18.17 -3.57
N LYS B 49 13.70 17.25 -3.36
CA LYS B 49 13.98 15.86 -2.92
C LYS B 49 14.72 15.04 -3.99
N VAL B 50 14.25 15.13 -5.24
CA VAL B 50 14.81 14.38 -6.39
C VAL B 50 15.97 15.17 -7.06
N ARG B 51 16.17 16.44 -6.60
CA ARG B 51 17.27 17.34 -7.04
C ARG B 51 17.11 17.81 -8.52
N ILE B 52 15.92 17.58 -9.09
CA ILE B 52 15.58 18.00 -10.46
C ILE B 52 14.73 19.30 -10.38
N ASP B 53 15.39 20.39 -9.97
CA ASP B 53 14.77 21.73 -9.92
C ASP B 53 14.99 22.43 -11.26
N GLY B 54 14.12 22.08 -12.22
CA GLY B 54 14.29 22.43 -13.63
C GLY B 54 15.41 21.61 -14.25
N PHE B 55 16.65 21.92 -13.85
CA PHE B 55 17.87 21.17 -14.19
C PHE B 55 18.57 20.77 -12.87
N ARG B 56 18.67 21.75 -11.95
CA ARG B 56 19.26 21.57 -10.61
C ARG B 56 19.00 22.83 -9.76
N LYS B 57 19.26 24.01 -10.38
CA LYS B 57 18.94 25.35 -9.80
C LYS B 57 19.15 26.43 -10.90
N GLY B 58 18.51 26.21 -12.06
CA GLY B 58 18.56 27.17 -13.18
C GLY B 58 17.39 28.13 -13.10
N LYS B 59 16.29 27.77 -13.77
CA LYS B 59 15.00 28.47 -13.67
C LYS B 59 13.87 27.48 -14.04
N VAL B 60 13.24 27.66 -15.25
CA VAL B 60 12.00 26.96 -15.68
C VAL B 60 11.02 26.75 -14.48
N PRO B 61 10.39 27.87 -13.99
CA PRO B 61 9.67 27.87 -12.70
C PRO B 61 8.30 27.18 -12.79
N MET B 62 7.81 26.72 -11.62
CA MET B 62 6.53 26.00 -11.48
C MET B 62 5.36 26.93 -11.86
N ASN B 63 5.61 28.25 -11.75
CA ASN B 63 4.72 29.34 -12.17
C ASN B 63 4.22 29.14 -13.62
N ILE B 64 5.15 28.75 -14.49
CA ILE B 64 4.88 28.48 -15.92
C ILE B 64 4.40 27.02 -16.08
N VAL B 65 5.27 26.07 -15.65
CA VAL B 65 5.11 24.62 -15.88
C VAL B 65 3.70 24.10 -15.49
N ALA B 66 3.20 24.57 -14.33
CA ALA B 66 1.89 24.15 -13.79
C ALA B 66 0.73 24.45 -14.78
N GLN B 67 0.55 25.74 -15.07
CA GLN B 67 -0.58 26.24 -15.87
C GLN B 67 -0.46 25.82 -17.36
N ARG B 68 0.78 25.79 -17.87
CA ARG B 68 1.06 25.55 -19.30
C ARG B 68 0.91 24.06 -19.69
N TYR B 69 1.50 23.15 -18.89
CA TYR B 69 1.50 21.70 -19.22
C TYR B 69 1.64 20.81 -17.97
N GLY B 70 1.27 21.33 -16.78
CA GLY B 70 1.27 20.55 -15.55
C GLY B 70 -0.06 19.83 -15.34
N ALA B 71 -0.52 19.13 -16.39
CA ALA B 71 -1.80 18.41 -16.40
C ALA B 71 -1.67 17.06 -15.69
N SER B 72 -0.51 16.40 -15.91
CA SER B 72 -0.24 15.03 -15.42
C SER B 72 0.11 15.00 -13.91
N VAL B 73 0.52 16.17 -13.35
CA VAL B 73 0.87 16.28 -11.91
C VAL B 73 -0.39 16.47 -11.04
N ARG B 74 -1.55 16.68 -11.70
CA ARG B 74 -2.85 16.86 -11.00
C ARG B 74 -3.17 15.68 -10.06
N GLN B 75 -2.73 14.47 -10.42
CA GLN B 75 -2.94 13.28 -9.59
C GLN B 75 -2.17 13.38 -8.24
N ASP B 76 -0.94 13.91 -8.28
CA ASP B 76 -0.09 14.10 -7.08
C ASP B 76 -0.63 15.25 -6.20
N VAL B 77 -0.94 16.37 -6.87
CA VAL B 77 -1.44 17.60 -6.23
C VAL B 77 -2.78 17.33 -5.55
N LEU B 78 -3.78 16.89 -6.35
CA LEU B 78 -5.10 16.46 -5.84
C LEU B 78 -4.94 15.25 -4.91
N GLY B 79 -3.89 14.43 -5.11
CA GLY B 79 -3.51 13.39 -4.13
C GLY B 79 -3.26 13.97 -2.74
N ASP B 80 -2.59 15.13 -2.69
CA ASP B 80 -2.34 15.86 -1.43
C ASP B 80 -3.63 16.57 -0.96
N LEU B 81 -4.41 17.11 -1.92
CA LEU B 81 -5.57 17.97 -1.63
C LEU B 81 -6.83 17.17 -1.23
N MET B 82 -6.95 15.91 -1.70
CA MET B 82 -8.09 15.03 -1.38
C MET B 82 -7.98 14.54 0.07
N SER B 83 -6.73 14.46 0.56
CA SER B 83 -6.46 14.15 1.97
C SER B 83 -6.51 15.47 2.80
N ARG B 84 -5.91 16.56 2.26
CA ARG B 84 -5.74 17.86 2.96
C ARG B 84 -7.09 18.54 3.24
N ASN B 85 -7.84 18.83 2.17
CA ASN B 85 -9.13 19.54 2.24
C ASN B 85 -10.17 18.72 3.00
N PHE B 86 -10.07 17.37 2.89
CA PHE B 86 -10.97 16.46 3.61
C PHE B 86 -10.71 16.54 5.13
N ILE B 87 -9.44 16.26 5.55
CA ILE B 87 -9.08 16.21 6.99
C ILE B 87 -9.32 17.57 7.68
N ASP B 88 -9.09 18.67 6.93
CA ASP B 88 -9.30 20.05 7.43
C ASP B 88 -10.79 20.36 7.58
N ALA B 89 -11.58 20.01 6.52
CA ALA B 89 -13.05 20.22 6.52
C ALA B 89 -13.71 19.51 7.72
N ILE B 90 -13.29 18.26 7.95
CA ILE B 90 -13.86 17.41 9.01
C ILE B 90 -13.23 17.71 10.39
N ILE B 91 -12.38 18.76 10.47
CA ILE B 91 -11.95 19.33 11.76
C ILE B 91 -13.14 20.04 12.39
N LYS B 92 -13.60 21.12 11.73
CA LYS B 92 -14.66 21.99 12.26
C LYS B 92 -16.02 21.30 12.22
N GLU B 93 -16.25 20.51 11.15
CA GLU B 93 -17.50 19.74 10.99
C GLU B 93 -17.51 18.49 11.89
N LYS B 94 -16.29 18.01 12.25
CA LYS B 94 -16.04 16.93 13.26
C LYS B 94 -16.45 15.51 12.79
N ILE B 95 -17.24 15.44 11.69
CA ILE B 95 -17.44 14.26 10.79
C ILE B 95 -16.49 13.06 11.08
N ASN B 96 -17.04 12.01 11.73
CA ASN B 96 -16.29 10.77 12.03
C ASN B 96 -16.56 9.70 10.96
N PRO B 97 -15.59 9.41 10.02
CA PRO B 97 -15.74 8.34 9.01
C PRO B 97 -15.37 6.94 9.57
N ALA B 98 -15.86 5.88 8.90
CA ALA B 98 -15.52 4.48 9.23
C ALA B 98 -15.06 3.74 7.97
N GLY B 99 -14.16 2.77 8.18
CA GLY B 99 -13.57 2.00 7.08
C GLY B 99 -12.61 2.84 6.28
N ALA B 100 -13.13 3.45 5.19
CA ALA B 100 -12.33 4.29 4.28
C ALA B 100 -13.24 5.39 3.66
N PRO B 101 -12.84 6.70 3.75
CA PRO B 101 -13.53 7.78 3.02
C PRO B 101 -13.32 7.64 1.50
N THR B 102 -14.33 7.05 0.85
CA THR B 102 -14.33 6.78 -0.59
C THR B 102 -14.51 8.08 -1.39
N TYR B 103 -13.36 8.66 -1.79
CA TYR B 103 -13.32 9.89 -2.61
C TYR B 103 -13.84 9.58 -4.02
N VAL B 104 -15.13 9.85 -4.26
CA VAL B 104 -15.76 9.66 -5.59
C VAL B 104 -15.70 10.99 -6.35
N PRO B 105 -14.71 11.16 -7.29
CA PRO B 105 -14.48 12.43 -7.98
C PRO B 105 -15.21 12.52 -9.33
N GLY B 106 -14.70 13.39 -10.21
CA GLY B 106 -15.15 13.48 -11.59
C GLY B 106 -14.02 13.93 -12.48
N GLU B 107 -14.36 14.32 -13.72
CA GLU B 107 -13.41 14.88 -14.68
C GLU B 107 -12.86 16.21 -14.12
N TYR B 108 -11.52 16.33 -13.98
CA TYR B 108 -10.89 17.57 -13.53
C TYR B 108 -11.18 18.66 -14.57
N LYS B 109 -12.03 19.63 -14.18
CA LYS B 109 -12.38 20.76 -15.03
C LYS B 109 -11.15 21.69 -15.10
N LEU B 110 -10.37 21.53 -16.17
CA LEU B 110 -9.07 22.19 -16.37
C LEU B 110 -9.20 23.72 -16.33
N GLY B 111 -8.59 24.34 -15.32
CA GLY B 111 -8.61 25.79 -15.13
C GLY B 111 -9.58 26.23 -14.04
N GLU B 112 -10.68 25.47 -13.88
CA GLU B 112 -11.68 25.69 -12.81
C GLU B 112 -11.46 24.71 -11.65
N ASP B 113 -12.33 24.81 -10.64
CA ASP B 113 -12.22 24.06 -9.37
C ASP B 113 -12.36 22.53 -9.55
N PHE B 114 -12.12 21.80 -8.46
CA PHE B 114 -12.29 20.34 -8.40
C PHE B 114 -13.24 19.99 -7.25
N THR B 115 -14.49 19.67 -7.60
CA THR B 115 -15.51 19.21 -6.67
C THR B 115 -15.57 17.67 -6.70
N TYR B 116 -15.65 17.03 -5.52
CA TYR B 116 -15.72 15.56 -5.41
C TYR B 116 -16.61 15.16 -4.24
N SER B 117 -17.37 14.08 -4.44
CA SER B 117 -18.31 13.54 -3.46
C SER B 117 -17.61 12.44 -2.63
N VAL B 118 -17.20 12.79 -1.39
CA VAL B 118 -16.49 11.84 -0.52
C VAL B 118 -17.51 10.97 0.25
N GLU B 119 -17.84 9.81 -0.34
CA GLU B 119 -18.82 8.87 0.23
C GLU B 119 -18.16 7.95 1.27
N PHE B 120 -18.91 7.62 2.32
CA PHE B 120 -18.51 6.67 3.37
C PHE B 120 -19.71 6.47 4.30
N GLU B 121 -19.51 5.66 5.35
CA GLU B 121 -20.46 5.53 6.47
C GLU B 121 -19.72 5.89 7.77
N VAL B 122 -20.48 6.27 8.80
CA VAL B 122 -19.95 6.51 10.15
C VAL B 122 -19.84 5.18 10.91
N TYR B 123 -19.06 5.18 12.01
CA TYR B 123 -18.80 3.96 12.81
C TYR B 123 -20.07 3.50 13.56
N PRO B 124 -20.63 2.29 13.24
CA PRO B 124 -21.76 1.72 13.99
C PRO B 124 -21.29 0.92 15.21
N GLU B 125 -21.55 1.46 16.41
CA GLU B 125 -21.29 0.76 17.68
C GLU B 125 -22.28 -0.39 17.82
N VAL B 126 -21.87 -1.57 17.33
CA VAL B 126 -22.74 -2.74 17.20
C VAL B 126 -23.11 -3.31 18.59
N GLU B 127 -24.38 -3.73 18.72
CA GLU B 127 -24.90 -4.37 19.92
C GLU B 127 -24.70 -5.88 19.77
N LEU B 128 -24.07 -6.51 20.76
CA LEU B 128 -23.96 -7.98 20.84
C LEU B 128 -25.27 -8.53 21.41
N GLN B 129 -25.92 -9.46 20.69
CA GLN B 129 -27.23 -10.02 21.11
C GLN B 129 -27.22 -11.55 21.00
N GLY B 130 -27.90 -12.19 21.97
CA GLY B 130 -28.11 -13.63 21.99
C GLY B 130 -26.86 -14.45 22.29
N LEU B 131 -25.93 -13.86 23.08
CA LEU B 131 -24.65 -14.53 23.44
C LEU B 131 -24.91 -15.90 24.07
N GLU B 132 -25.74 -15.88 25.12
CA GLU B 132 -26.19 -17.09 25.84
C GLU B 132 -27.20 -17.94 25.03
N ALA B 133 -27.64 -17.43 23.86
CA ALA B 133 -28.54 -18.18 22.96
C ALA B 133 -27.74 -18.99 21.93
N ILE B 134 -26.50 -18.52 21.61
CA ILE B 134 -25.57 -19.21 20.67
C ILE B 134 -25.26 -20.66 21.12
N GLU B 135 -25.74 -21.66 20.33
CA GLU B 135 -25.42 -23.08 20.55
C GLU B 135 -23.96 -23.33 20.14
N VAL B 136 -23.05 -23.32 21.12
CA VAL B 136 -21.63 -23.61 20.92
C VAL B 136 -21.39 -25.13 20.99
N GLU B 137 -21.36 -25.78 19.83
CA GLU B 137 -21.17 -27.23 19.75
C GLU B 137 -19.68 -27.53 19.89
N LYS B 138 -19.31 -28.02 21.09
CA LYS B 138 -18.01 -28.69 21.29
C LYS B 138 -18.24 -30.19 21.09
N PRO B 139 -17.85 -30.77 19.90
CA PRO B 139 -17.96 -32.21 19.65
C PRO B 139 -16.98 -32.97 20.55
N ILE B 140 -17.50 -33.52 21.66
CA ILE B 140 -16.72 -34.34 22.59
C ILE B 140 -16.42 -35.70 21.92
N VAL B 141 -15.40 -35.67 21.07
CA VAL B 141 -14.92 -36.81 20.32
C VAL B 141 -13.60 -37.31 20.92
N GLU B 142 -13.30 -38.56 20.63
CA GLU B 142 -12.04 -39.21 21.01
C GLU B 142 -11.57 -40.03 19.80
N VAL B 143 -10.25 -40.13 19.60
CA VAL B 143 -9.68 -41.05 18.61
C VAL B 143 -9.74 -42.46 19.23
N THR B 144 -10.97 -43.02 19.23
CA THR B 144 -11.25 -44.34 19.78
C THR B 144 -10.67 -45.39 18.83
N ASP B 145 -10.21 -46.53 19.36
CA ASP B 145 -9.61 -47.60 18.52
C ASP B 145 -10.67 -48.17 17.54
N ALA B 146 -11.96 -48.08 17.96
CA ALA B 146 -13.13 -48.44 17.14
C ALA B 146 -13.34 -47.41 16.01
N ASP B 147 -13.01 -46.13 16.29
CA ASP B 147 -13.06 -45.06 15.29
C ASP B 147 -11.91 -45.21 14.29
N VAL B 148 -10.74 -45.70 14.78
CA VAL B 148 -9.58 -45.98 13.92
C VAL B 148 -9.95 -47.09 12.92
N ASP B 149 -10.49 -48.22 13.46
CA ASP B 149 -10.97 -49.37 12.64
C ASP B 149 -12.03 -48.93 11.61
N GLY B 150 -13.08 -48.26 12.11
CA GLY B 150 -14.25 -47.89 11.31
C GLY B 150 -13.91 -46.93 10.18
N MET B 151 -13.16 -45.87 10.51
CA MET B 151 -12.75 -44.84 9.54
C MET B 151 -11.78 -45.42 8.51
N LEU B 152 -10.82 -46.27 8.97
CA LEU B 152 -9.79 -46.87 8.10
C LEU B 152 -10.44 -47.87 7.10
N ASP B 153 -11.48 -48.56 7.57
CA ASP B 153 -12.27 -49.51 6.76
C ASP B 153 -13.04 -48.72 5.66
N THR B 154 -13.72 -47.65 6.09
CA THR B 154 -14.42 -46.72 5.19
C THR B 154 -13.42 -46.02 4.23
N LEU B 155 -12.16 -45.85 4.69
CA LEU B 155 -11.07 -45.23 3.89
C LEU B 155 -10.66 -46.19 2.75
N ARG B 156 -10.45 -47.48 3.08
CA ARG B 156 -10.00 -48.48 2.08
C ARG B 156 -11.12 -48.88 1.11
N LYS B 157 -12.38 -48.68 1.52
CA LYS B 157 -13.56 -48.93 0.65
C LYS B 157 -13.93 -47.70 -0.22
N GLN B 158 -13.81 -46.49 0.34
CA GLN B 158 -14.13 -45.24 -0.39
C GLN B 158 -13.01 -44.96 -1.42
N GLN B 159 -11.76 -44.98 -0.92
CA GLN B 159 -10.53 -44.86 -1.72
C GLN B 159 -10.06 -46.27 -2.16
N ALA B 160 -11.03 -47.10 -2.61
CA ALA B 160 -10.80 -48.49 -3.03
C ALA B 160 -9.83 -48.58 -4.24
N THR B 161 -9.30 -49.80 -4.47
CA THR B 161 -8.47 -50.09 -5.64
C THR B 161 -9.35 -50.17 -6.90
N TRP B 162 -8.69 -50.15 -8.05
CA TRP B 162 -9.32 -50.06 -9.37
C TRP B 162 -8.78 -51.18 -10.26
N LYS B 163 -9.56 -51.54 -11.29
CA LYS B 163 -9.14 -52.50 -12.32
C LYS B 163 -9.79 -52.09 -13.64
N GLU B 164 -9.04 -52.14 -14.76
CA GLU B 164 -9.54 -51.66 -16.05
C GLU B 164 -10.69 -52.55 -16.55
N LYS B 165 -11.83 -51.94 -16.71
CA LYS B 165 -13.07 -52.58 -17.14
C LYS B 165 -13.22 -52.45 -18.66
N ASP B 166 -13.54 -53.57 -19.32
CA ASP B 166 -13.97 -53.59 -20.73
C ASP B 166 -15.50 -53.51 -20.74
N GLY B 167 -16.03 -52.31 -20.98
CA GLY B 167 -17.48 -52.09 -20.98
C GLY B 167 -17.85 -50.62 -20.91
N ALA B 168 -19.14 -50.37 -20.64
CA ALA B 168 -19.68 -49.00 -20.50
C ALA B 168 -19.40 -48.43 -19.11
N VAL B 169 -19.67 -47.14 -18.92
CA VAL B 169 -19.48 -46.44 -17.63
C VAL B 169 -20.81 -46.46 -16.86
N GLU B 170 -20.86 -47.12 -15.70
CA GLU B 170 -21.99 -46.97 -14.75
C GLU B 170 -21.69 -45.81 -13.79
N ALA B 171 -22.70 -45.46 -13.00
CA ALA B 171 -22.62 -44.35 -12.02
C ALA B 171 -21.72 -44.73 -10.81
N GLU B 172 -21.25 -45.99 -10.75
CA GLU B 172 -20.30 -46.48 -9.73
C GLU B 172 -18.97 -46.95 -10.34
N ASP B 173 -18.66 -46.53 -11.57
CA ASP B 173 -17.34 -46.78 -12.19
C ASP B 173 -16.49 -45.50 -12.15
N ARG B 174 -15.18 -45.70 -12.04
CA ARG B 174 -14.16 -44.66 -12.29
C ARG B 174 -13.97 -44.56 -13.80
N VAL B 175 -13.67 -43.37 -14.29
CA VAL B 175 -13.46 -43.15 -15.72
C VAL B 175 -12.45 -42.01 -15.94
N THR B 176 -11.21 -42.42 -16.30
CA THR B 176 -10.10 -41.52 -16.60
C THR B 176 -10.09 -41.20 -18.11
N ILE B 177 -10.60 -40.01 -18.43
CA ILE B 177 -10.73 -39.52 -19.81
C ILE B 177 -9.76 -38.38 -20.08
N ASP B 178 -9.73 -37.96 -21.33
CA ASP B 178 -9.14 -36.68 -21.75
C ASP B 178 -10.15 -35.99 -22.65
N PHE B 179 -10.55 -34.77 -22.26
CA PHE B 179 -11.57 -34.02 -22.99
C PHE B 179 -11.10 -32.59 -23.22
N THR B 180 -11.63 -32.00 -24.29
CA THR B 180 -11.46 -30.59 -24.63
C THR B 180 -12.85 -30.00 -24.92
N GLY B 181 -13.14 -28.84 -24.31
CA GLY B 181 -14.48 -28.27 -24.31
C GLY B 181 -14.48 -26.76 -24.46
N SER B 182 -15.63 -26.21 -24.89
CA SER B 182 -15.72 -24.79 -25.26
C SER B 182 -17.17 -24.31 -25.15
N VAL B 183 -17.37 -23.10 -24.61
CA VAL B 183 -18.70 -22.50 -24.45
C VAL B 183 -19.11 -21.90 -25.81
N ASP B 184 -20.04 -22.59 -26.50
CA ASP B 184 -20.60 -22.18 -27.82
C ASP B 184 -19.55 -22.37 -28.97
N GLY B 185 -18.42 -23.00 -28.63
CA GLY B 185 -17.28 -23.13 -29.54
C GLY B 185 -16.11 -22.25 -29.13
N GLU B 186 -16.35 -21.31 -28.20
CA GLU B 186 -15.33 -20.41 -27.65
C GLU B 186 -14.57 -21.09 -26.50
N GLU B 187 -13.25 -21.23 -26.68
CA GLU B 187 -12.34 -21.90 -25.73
C GLU B 187 -12.22 -21.04 -24.45
N PHE B 188 -12.96 -21.42 -23.41
CA PHE B 188 -12.95 -20.71 -22.11
C PHE B 188 -11.70 -21.12 -21.30
N GLU B 189 -11.24 -20.20 -20.42
CA GLU B 189 -9.95 -20.34 -19.70
C GLU B 189 -9.95 -21.58 -18.80
N GLY B 190 -9.26 -22.63 -19.27
CA GLY B 190 -9.16 -23.90 -18.58
C GLY B 190 -10.28 -24.85 -18.95
N GLY B 191 -10.71 -24.77 -20.23
CA GLY B 191 -11.83 -25.56 -20.72
C GLY B 191 -11.44 -26.94 -21.23
N LYS B 192 -10.59 -27.64 -20.47
CA LYS B 192 -10.09 -28.98 -20.82
C LYS B 192 -9.40 -29.61 -19.62
N ALA B 193 -9.28 -30.94 -19.65
CA ALA B 193 -8.56 -31.70 -18.64
C ALA B 193 -8.23 -33.09 -19.19
N SER B 194 -6.95 -33.28 -19.55
CA SER B 194 -6.41 -34.58 -19.98
C SER B 194 -6.11 -35.45 -18.74
N ASP B 195 -6.27 -36.78 -18.88
CA ASP B 195 -6.09 -37.76 -17.78
C ASP B 195 -7.06 -37.49 -16.60
N PHE B 196 -8.17 -36.77 -16.89
CA PHE B 196 -9.19 -36.42 -15.89
C PHE B 196 -9.87 -37.68 -15.35
N VAL B 197 -9.68 -37.95 -14.06
CA VAL B 197 -10.25 -39.13 -13.40
C VAL B 197 -11.55 -38.74 -12.68
N LEU B 198 -12.68 -39.09 -13.30
CA LEU B 198 -13.99 -39.03 -12.65
C LEU B 198 -14.20 -40.34 -11.88
N ALA B 199 -13.71 -40.34 -10.64
CA ALA B 199 -13.96 -41.41 -9.67
C ALA B 199 -15.24 -41.10 -8.87
N MET B 200 -16.13 -42.10 -8.80
CA MET B 200 -17.38 -42.04 -8.02
C MET B 200 -17.13 -41.92 -6.48
N GLY B 201 -18.22 -41.93 -5.70
CA GLY B 201 -18.16 -41.83 -4.23
C GLY B 201 -18.10 -40.37 -3.77
N GLN B 202 -18.61 -39.48 -4.64
CA GLN B 202 -18.58 -38.02 -4.45
C GLN B 202 -20.00 -37.45 -4.55
N GLY B 203 -20.12 -36.11 -4.61
CA GLY B 203 -21.42 -35.43 -4.71
C GLY B 203 -22.02 -35.48 -6.13
N ARG B 204 -22.74 -34.40 -6.50
CA ARG B 204 -23.47 -34.32 -7.78
C ARG B 204 -22.86 -33.25 -8.71
N MET B 205 -22.52 -33.69 -9.94
CA MET B 205 -22.06 -32.80 -11.02
C MET B 205 -23.28 -32.16 -11.71
N ILE B 206 -23.07 -31.04 -12.45
CA ILE B 206 -24.12 -30.40 -13.27
C ILE B 206 -24.76 -31.42 -14.27
N PRO B 207 -26.13 -31.50 -14.35
CA PRO B 207 -26.83 -32.43 -15.26
C PRO B 207 -26.44 -32.17 -16.74
N GLY B 208 -25.66 -33.10 -17.31
CA GLY B 208 -25.15 -32.96 -18.65
C GLY B 208 -23.86 -33.75 -18.86
N PHE B 209 -22.80 -33.36 -18.11
CA PHE B 209 -21.43 -33.85 -18.34
C PHE B 209 -21.31 -35.34 -17.98
N GLU B 210 -21.34 -35.64 -16.66
CA GLU B 210 -21.27 -37.03 -16.11
C GLU B 210 -22.35 -37.95 -16.72
N ASP B 211 -23.50 -37.35 -17.05
CA ASP B 211 -24.64 -38.02 -17.71
C ASP B 211 -24.24 -38.52 -19.11
N GLY B 212 -23.40 -37.73 -19.81
CA GLY B 212 -22.87 -38.11 -21.12
C GLY B 212 -21.82 -39.20 -21.01
N ILE B 213 -20.93 -39.03 -20.02
CA ILE B 213 -19.80 -39.96 -19.74
C ILE B 213 -20.32 -41.39 -19.52
N LYS B 214 -21.35 -41.50 -18.64
CA LYS B 214 -21.95 -42.79 -18.27
C LYS B 214 -22.87 -43.37 -19.36
N GLY B 215 -23.09 -42.60 -20.44
CA GLY B 215 -24.01 -43.00 -21.50
C GLY B 215 -23.33 -43.74 -22.64
N HIS B 216 -22.04 -44.10 -22.44
CA HIS B 216 -21.16 -44.62 -23.51
C HIS B 216 -20.14 -45.64 -22.96
N LYS B 217 -19.38 -46.27 -23.90
CA LYS B 217 -18.42 -47.36 -23.57
C LYS B 217 -16.95 -46.92 -23.78
N ALA B 218 -16.02 -47.59 -23.09
CA ALA B 218 -14.57 -47.32 -23.20
C ALA B 218 -14.05 -47.62 -24.62
N GLY B 219 -13.14 -46.78 -25.11
CA GLY B 219 -12.50 -46.94 -26.42
C GLY B 219 -12.94 -45.89 -27.42
N GLU B 220 -14.20 -45.44 -27.32
CA GLU B 220 -14.78 -44.49 -28.28
C GLU B 220 -14.53 -43.04 -27.85
N GLU B 221 -14.75 -42.12 -28.83
CA GLU B 221 -14.79 -40.68 -28.61
C GLU B 221 -16.14 -40.13 -29.14
N PHE B 222 -16.61 -39.04 -28.53
CA PHE B 222 -17.90 -38.39 -28.87
C PHE B 222 -17.87 -36.94 -28.37
N THR B 223 -19.03 -36.27 -28.40
CA THR B 223 -19.17 -34.92 -27.84
C THR B 223 -20.49 -34.79 -27.07
N ILE B 224 -20.48 -33.93 -26.02
CA ILE B 224 -21.67 -33.69 -25.17
C ILE B 224 -21.92 -32.17 -25.04
N ASP B 225 -23.14 -31.75 -25.41
CA ASP B 225 -23.62 -30.38 -25.26
C ASP B 225 -24.29 -30.23 -23.88
N VAL B 226 -23.71 -29.38 -23.00
CA VAL B 226 -24.23 -29.17 -21.63
C VAL B 226 -24.45 -27.64 -21.41
N THR B 227 -25.65 -27.26 -20.96
CA THR B 227 -25.96 -25.85 -20.63
C THR B 227 -25.70 -25.62 -19.13
N PHE B 228 -24.97 -24.54 -18.82
CA PHE B 228 -24.66 -24.15 -17.43
C PHE B 228 -25.95 -23.71 -16.69
N PRO B 229 -26.23 -24.30 -15.48
CA PRO B 229 -27.44 -23.96 -14.67
C PRO B 229 -27.58 -22.48 -14.32
N GLU B 230 -28.82 -22.06 -13.99
CA GLU B 230 -29.14 -20.70 -13.58
C GLU B 230 -28.38 -20.31 -12.28
N GLU B 231 -28.11 -21.32 -11.42
CA GLU B 231 -27.38 -21.12 -10.15
C GLU B 231 -25.85 -21.23 -10.30
N TYR B 232 -25.36 -21.38 -11.56
CA TYR B 232 -23.90 -21.52 -11.84
C TYR B 232 -23.13 -20.21 -11.49
N HIS B 233 -21.85 -20.39 -11.03
CA HIS B 233 -21.03 -19.32 -10.40
C HIS B 233 -20.80 -18.08 -11.29
N ALA B 234 -20.60 -18.30 -12.60
CA ALA B 234 -20.30 -17.23 -13.55
C ALA B 234 -21.56 -16.84 -14.34
N GLU B 235 -22.01 -15.58 -14.16
CA GLU B 235 -23.08 -14.94 -14.96
C GLU B 235 -22.82 -15.09 -16.48
N ASN B 236 -21.55 -14.84 -16.86
CA ASN B 236 -21.09 -14.87 -18.27
C ASN B 236 -21.40 -16.23 -18.96
N LEU B 237 -21.21 -17.32 -18.19
CA LEU B 237 -21.31 -18.70 -18.70
C LEU B 237 -22.72 -19.30 -18.51
N LYS B 238 -23.44 -18.89 -17.43
CA LYS B 238 -24.75 -19.50 -17.10
C LYS B 238 -25.82 -19.07 -18.12
N GLY B 239 -26.61 -20.06 -18.59
CA GLY B 239 -27.56 -19.86 -19.69
C GLY B 239 -26.97 -20.29 -21.03
N LYS B 240 -25.63 -20.20 -21.16
CA LYS B 240 -24.88 -20.64 -22.35
C LYS B 240 -24.54 -22.14 -22.26
N ALA B 241 -24.24 -22.75 -23.41
CA ALA B 241 -23.97 -24.19 -23.52
C ALA B 241 -22.52 -24.44 -23.94
N ALA B 242 -21.78 -25.20 -23.10
CA ALA B 242 -20.42 -25.66 -23.39
C ALA B 242 -20.48 -27.10 -23.92
N LYS B 243 -19.85 -27.33 -25.08
CA LYS B 243 -19.79 -28.64 -25.74
C LYS B 243 -18.40 -29.25 -25.55
N PHE B 244 -18.35 -30.56 -25.23
CA PHE B 244 -17.14 -31.24 -24.72
C PHE B 244 -16.84 -32.50 -25.56
N ALA B 245 -15.73 -32.47 -26.30
CA ALA B 245 -15.20 -33.63 -27.03
C ALA B 245 -14.59 -34.64 -26.03
N ILE B 246 -15.41 -35.63 -25.62
CA ILE B 246 -15.00 -36.65 -24.65
C ILE B 246 -14.25 -37.80 -25.34
N ASN B 247 -13.10 -38.17 -24.78
CA ASN B 247 -12.35 -39.37 -25.18
C ASN B 247 -12.37 -40.36 -24.00
N LEU B 248 -13.26 -41.38 -24.06
CA LEU B 248 -13.29 -42.46 -23.06
C LEU B 248 -12.05 -43.34 -23.25
N LYS B 249 -10.96 -42.96 -22.56
CA LYS B 249 -9.68 -43.65 -22.62
C LYS B 249 -9.68 -44.86 -21.67
N LYS B 250 -9.92 -44.59 -20.37
CA LYS B 250 -9.94 -45.62 -19.31
C LYS B 250 -11.28 -45.56 -18.57
N VAL B 251 -11.95 -46.71 -18.49
CA VAL B 251 -13.07 -46.94 -17.58
C VAL B 251 -12.63 -48.04 -16.62
N GLU B 252 -12.39 -47.66 -15.37
CA GLU B 252 -11.86 -48.55 -14.32
C GLU B 252 -12.98 -48.85 -13.31
N GLU B 253 -13.12 -50.11 -12.97
CA GLU B 253 -14.15 -50.61 -12.08
C GLU B 253 -13.75 -50.40 -10.61
N ARG B 254 -14.73 -49.94 -9.82
CA ARG B 254 -14.57 -49.62 -8.40
C ARG B 254 -14.58 -50.93 -7.59
N GLU B 255 -13.39 -51.37 -7.17
CA GLU B 255 -13.17 -52.69 -6.58
C GLU B 255 -12.69 -52.53 -5.11
N LEU B 256 -13.50 -53.03 -4.15
CA LEU B 256 -13.21 -52.89 -2.69
C LEU B 256 -12.18 -53.94 -2.23
N PRO B 257 -10.90 -53.55 -1.93
CA PRO B 257 -9.82 -54.50 -1.61
C PRO B 257 -9.70 -54.78 -0.10
N GLU B 258 -8.79 -55.69 0.25
CA GLU B 258 -8.32 -55.84 1.63
C GLU B 258 -7.23 -54.82 1.92
N LEU B 259 -6.90 -54.66 3.20
CA LEU B 259 -5.87 -53.71 3.64
C LEU B 259 -4.48 -54.33 3.38
N THR B 260 -4.08 -54.29 2.11
CA THR B 260 -2.90 -54.98 1.56
C THR B 260 -1.67 -54.04 1.55
N ALA B 261 -0.46 -54.64 1.54
CA ALA B 261 0.82 -53.88 1.58
C ALA B 261 0.92 -52.87 0.42
N GLU B 262 0.41 -53.27 -0.76
CA GLU B 262 0.36 -52.40 -1.95
C GLU B 262 -0.51 -51.14 -1.71
N PHE B 263 -1.58 -51.31 -0.91
CA PHE B 263 -2.47 -50.20 -0.52
C PHE B 263 -1.73 -49.27 0.46
N ILE B 264 -1.04 -49.91 1.44
CA ILE B 264 -0.23 -49.21 2.47
C ILE B 264 0.79 -48.26 1.80
N LYS B 265 1.48 -48.81 0.78
CA LYS B 265 2.53 -48.10 0.00
C LYS B 265 1.96 -46.93 -0.84
N ARG B 266 0.64 -46.96 -1.14
CA ARG B 266 0.00 -45.94 -2.02
C ARG B 266 -0.02 -44.55 -1.33
N PHE B 267 0.05 -44.56 0.01
CA PHE B 267 0.09 -43.34 0.85
C PHE B 267 1.54 -42.91 1.13
N GLY B 268 2.51 -43.60 0.49
CA GLY B 268 3.92 -43.34 0.71
C GLY B 268 4.36 -43.72 2.13
N VAL B 269 3.82 -44.84 2.63
CA VAL B 269 4.22 -45.39 3.93
C VAL B 269 5.39 -46.36 3.69
N GLU B 270 6.61 -45.87 4.01
CA GLU B 270 7.88 -46.61 3.84
C GLU B 270 7.85 -47.91 4.65
N ASP B 271 7.16 -47.86 5.82
CA ASP B 271 7.02 -48.99 6.75
C ASP B 271 6.51 -50.26 6.03
N GLY B 272 5.51 -50.09 5.13
CA GLY B 272 5.00 -51.19 4.31
C GLY B 272 4.00 -52.10 5.03
N SER B 273 4.26 -52.35 6.33
CA SER B 273 3.38 -53.13 7.20
C SER B 273 2.20 -52.24 7.68
N VAL B 274 1.01 -52.87 7.81
CA VAL B 274 -0.23 -52.20 8.27
C VAL B 274 -0.02 -51.50 9.62
N GLU B 275 0.83 -52.11 10.48
CA GLU B 275 1.22 -51.57 11.81
C GLU B 275 1.67 -50.11 11.72
N GLY B 276 2.43 -49.77 10.65
CA GLY B 276 2.93 -48.41 10.44
C GLY B 276 1.89 -47.51 9.78
N LEU B 277 0.95 -48.12 9.03
CA LEU B 277 -0.12 -47.36 8.32
C LEU B 277 -1.09 -46.82 9.37
N ARG B 278 -1.64 -47.74 10.17
CA ARG B 278 -2.59 -47.44 11.25
C ARG B 278 -1.98 -46.45 12.27
N ALA B 279 -0.67 -46.65 12.55
CA ALA B 279 0.13 -45.76 13.42
C ALA B 279 0.10 -44.34 12.86
N GLU B 280 0.68 -44.14 11.65
CA GLU B 280 0.78 -42.83 10.99
C GLU B 280 -0.59 -42.15 10.84
N VAL B 281 -1.61 -42.94 10.50
CA VAL B 281 -2.99 -42.46 10.35
C VAL B 281 -3.47 -41.81 11.66
N ARG B 282 -3.36 -42.53 12.79
CA ARG B 282 -3.81 -42.01 14.10
C ARG B 282 -2.94 -40.82 14.57
N LYS B 283 -1.63 -40.88 14.27
CA LYS B 283 -0.66 -39.80 14.63
C LYS B 283 -1.06 -38.48 13.94
N ASN B 284 -1.45 -38.58 12.66
CA ASN B 284 -1.97 -37.45 11.87
C ASN B 284 -3.39 -37.08 12.32
N MET B 285 -4.20 -38.08 12.73
CA MET B 285 -5.60 -37.86 13.20
C MET B 285 -5.63 -37.08 14.52
N GLU B 286 -4.50 -37.07 15.26
CA GLU B 286 -4.29 -36.16 16.41
C GLU B 286 -4.34 -34.67 15.96
N ARG B 287 -3.58 -34.35 14.90
CA ARG B 287 -3.50 -32.97 14.35
C ARG B 287 -4.80 -32.61 13.61
N GLU B 288 -5.45 -33.64 13.03
CA GLU B 288 -6.76 -33.51 12.38
C GLU B 288 -7.87 -33.39 13.44
N LEU B 289 -7.62 -33.96 14.64
CA LEU B 289 -8.51 -33.83 15.80
C LEU B 289 -8.51 -32.35 16.24
N LYS B 290 -7.29 -31.77 16.35
CA LYS B 290 -7.10 -30.33 16.65
C LYS B 290 -7.82 -29.45 15.60
N SER B 291 -7.47 -29.66 14.32
CA SER B 291 -8.01 -28.90 13.18
C SER B 291 -9.55 -28.93 13.17
N ALA B 292 -10.12 -30.14 13.33
CA ALA B 292 -11.56 -30.37 13.25
C ALA B 292 -12.31 -29.79 14.46
N ILE B 293 -11.79 -29.97 15.70
CA ILE B 293 -12.42 -29.40 16.92
C ILE B 293 -12.49 -27.87 16.81
N ARG B 294 -11.33 -27.26 16.50
CA ARG B 294 -11.21 -25.80 16.35
C ARG B 294 -12.18 -25.30 15.25
N ASN B 295 -12.21 -26.01 14.10
CA ASN B 295 -13.06 -25.64 12.95
C ASN B 295 -14.55 -25.74 13.30
N ARG B 296 -14.94 -26.84 13.99
CA ARG B 296 -16.34 -27.10 14.38
C ARG B 296 -16.85 -26.01 15.31
N VAL B 297 -16.17 -25.84 16.46
CA VAL B 297 -16.63 -24.95 17.54
C VAL B 297 -16.55 -23.46 17.12
N LYS B 298 -15.52 -23.09 16.31
CA LYS B 298 -15.35 -21.69 15.82
C LYS B 298 -16.38 -21.37 14.74
N SER B 299 -16.57 -22.26 13.75
CA SER B 299 -17.54 -22.05 12.66
C SER B 299 -18.97 -21.99 13.23
N GLN B 300 -19.24 -22.85 14.24
CA GLN B 300 -20.54 -22.90 14.95
C GLN B 300 -20.75 -21.65 15.83
N ALA B 301 -19.65 -21.16 16.44
CA ALA B 301 -19.65 -19.93 17.25
C ALA B 301 -20.01 -18.71 16.39
N ILE B 302 -19.26 -18.53 15.28
CA ILE B 302 -19.41 -17.40 14.35
C ILE B 302 -20.81 -17.43 13.68
N GLU B 303 -21.23 -18.66 13.30
CA GLU B 303 -22.59 -18.96 12.79
C GLU B 303 -23.61 -18.43 13.79
N GLY B 304 -23.40 -18.80 15.07
CA GLY B 304 -24.25 -18.39 16.18
C GLY B 304 -24.20 -16.89 16.50
N LEU B 305 -23.02 -16.25 16.27
CA LEU B 305 -22.81 -14.80 16.50
C LEU B 305 -23.73 -13.99 15.58
N VAL B 306 -23.78 -14.41 14.31
CA VAL B 306 -24.65 -13.78 13.29
C VAL B 306 -26.13 -14.24 13.48
N LYS B 307 -26.29 -15.53 13.83
CA LYS B 307 -27.59 -16.21 14.01
C LYS B 307 -28.42 -15.52 15.11
N ALA B 308 -27.73 -15.14 16.18
CA ALA B 308 -28.33 -14.52 17.36
C ALA B 308 -28.35 -12.98 17.24
N ASN B 309 -27.72 -12.42 16.18
CA ASN B 309 -27.56 -10.96 16.04
C ASN B 309 -27.33 -10.60 14.55
N ASP B 310 -28.43 -10.39 13.81
CA ASP B 310 -28.38 -10.02 12.39
C ASP B 310 -28.24 -8.50 12.27
N ILE B 311 -27.05 -8.04 11.90
CA ILE B 311 -26.76 -6.61 11.69
C ILE B 311 -26.44 -6.33 10.20
N ASP B 312 -26.47 -5.04 9.84
CA ASP B 312 -25.91 -4.57 8.56
C ASP B 312 -24.65 -3.74 8.87
N VAL B 313 -23.81 -3.56 7.85
CA VAL B 313 -22.46 -2.98 7.97
C VAL B 313 -22.24 -1.92 6.88
N PRO B 314 -21.30 -0.94 7.08
CA PRO B 314 -20.96 0.10 6.06
C PRO B 314 -20.68 -0.45 4.64
N ALA B 315 -21.26 0.22 3.62
CA ALA B 315 -21.14 -0.16 2.19
C ALA B 315 -19.71 0.01 1.65
N ALA B 316 -18.89 0.82 2.36
CA ALA B 316 -17.46 1.00 2.07
C ALA B 316 -16.68 -0.31 2.30
N LEU B 317 -17.09 -1.04 3.37
CA LEU B 317 -16.51 -2.33 3.75
C LEU B 317 -16.88 -3.41 2.72
N ILE B 318 -18.12 -3.33 2.19
CA ILE B 318 -18.59 -4.21 1.09
C ILE B 318 -17.75 -3.94 -0.18
N ASP B 319 -17.64 -2.67 -0.57
CA ASP B 319 -16.88 -2.24 -1.76
C ASP B 319 -15.45 -2.80 -1.72
N SER B 320 -14.77 -2.51 -0.59
CA SER B 320 -13.37 -2.89 -0.37
C SER B 320 -13.19 -4.43 -0.36
N GLU B 321 -13.86 -5.12 0.57
CA GLU B 321 -13.66 -6.58 0.80
C GLU B 321 -14.20 -7.45 -0.36
N ILE B 322 -15.38 -7.09 -0.92
CA ILE B 322 -15.90 -7.77 -2.13
C ILE B 322 -14.92 -7.56 -3.30
N ASP B 323 -14.33 -6.33 -3.44
CA ASP B 323 -13.32 -6.06 -4.49
C ASP B 323 -12.04 -6.90 -4.29
N VAL B 324 -11.63 -7.11 -3.02
CA VAL B 324 -10.48 -7.97 -2.70
C VAL B 324 -10.75 -9.41 -3.16
N LEU B 325 -11.99 -9.89 -2.92
CA LEU B 325 -12.43 -11.23 -3.36
C LEU B 325 -12.65 -11.30 -4.88
N ARG B 326 -13.07 -10.16 -5.49
CA ARG B 326 -13.31 -10.05 -6.96
C ARG B 326 -11.99 -10.21 -7.71
N ARG B 327 -10.96 -9.52 -7.19
CA ARG B 327 -9.60 -9.56 -7.70
C ARG B 327 -9.03 -10.99 -7.51
N GLN B 328 -9.10 -11.49 -6.27
CA GLN B 328 -8.53 -12.81 -5.89
C GLN B 328 -9.42 -13.99 -6.38
N ALA B 329 -10.52 -13.69 -7.10
CA ALA B 329 -11.25 -14.68 -7.91
C ALA B 329 -10.82 -14.57 -9.39
N ALA B 330 -11.17 -13.44 -10.01
CA ALA B 330 -11.05 -13.25 -11.48
C ALA B 330 -9.59 -13.29 -11.99
N GLN B 331 -8.69 -12.64 -11.24
CA GLN B 331 -7.24 -12.60 -11.55
C GLN B 331 -6.57 -13.96 -11.17
N ARG B 332 -7.29 -14.80 -10.41
CA ARG B 332 -6.75 -16.04 -9.84
C ARG B 332 -7.18 -17.22 -10.73
N PHE B 333 -8.49 -17.46 -10.79
CA PHE B 333 -9.13 -18.51 -11.63
C PHE B 333 -9.27 -18.01 -13.10
N GLY B 334 -8.18 -17.47 -13.67
CA GLY B 334 -8.18 -16.97 -15.04
C GLY B 334 -7.00 -16.05 -15.33
N GLY B 335 -6.98 -14.90 -14.64
CA GLY B 335 -5.93 -13.88 -14.84
C GLY B 335 -6.47 -12.60 -15.45
N ASN B 336 -7.82 -12.42 -15.39
CA ASN B 336 -8.53 -11.28 -15.99
C ASN B 336 -9.50 -10.69 -14.97
N GLU B 337 -9.22 -9.45 -14.52
CA GLU B 337 -9.96 -8.78 -13.43
C GLU B 337 -11.40 -8.44 -13.86
N LYS B 338 -11.61 -8.24 -15.17
CA LYS B 338 -12.94 -7.95 -15.76
C LYS B 338 -13.95 -9.10 -15.53
N GLN B 339 -13.44 -10.34 -15.38
CA GLN B 339 -14.27 -11.54 -15.15
C GLN B 339 -14.99 -11.50 -13.79
N ALA B 340 -14.51 -10.63 -12.88
CA ALA B 340 -15.08 -10.44 -11.52
C ALA B 340 -16.54 -9.98 -11.58
N LEU B 341 -16.79 -9.04 -12.49
CA LEU B 341 -18.12 -8.45 -12.72
C LEU B 341 -19.10 -9.53 -13.26
N GLU B 342 -18.50 -10.55 -13.90
CA GLU B 342 -19.22 -11.69 -14.49
C GLU B 342 -19.52 -12.78 -13.44
N LEU B 343 -19.21 -12.51 -12.16
CA LEU B 343 -19.69 -13.34 -11.02
C LEU B 343 -20.65 -12.48 -10.17
N PRO B 344 -21.89 -13.00 -9.84
CA PRO B 344 -22.81 -12.32 -8.90
C PRO B 344 -22.13 -12.07 -7.54
N ARG B 345 -21.95 -10.77 -7.21
CA ARG B 345 -21.22 -10.30 -5.99
C ARG B 345 -21.72 -10.96 -4.68
N GLU B 346 -22.96 -11.47 -4.73
CA GLU B 346 -23.64 -12.18 -3.63
C GLU B 346 -22.76 -13.30 -3.05
N LEU B 347 -22.06 -14.05 -3.93
CA LEU B 347 -21.20 -15.19 -3.49
C LEU B 347 -19.92 -14.69 -2.81
N PHE B 348 -19.51 -13.44 -3.08
CA PHE B 348 -18.38 -12.78 -2.40
C PHE B 348 -18.86 -12.19 -1.05
N GLU B 349 -20.11 -11.69 -1.08
CA GLU B 349 -20.71 -10.91 0.00
C GLU B 349 -21.02 -11.77 1.25
N GLU B 350 -21.55 -13.00 1.01
CA GLU B 350 -21.92 -13.95 2.09
C GLU B 350 -20.76 -14.25 3.04
N GLN B 351 -19.53 -14.19 2.51
CA GLN B 351 -18.31 -14.32 3.31
C GLN B 351 -17.85 -12.93 3.80
N ALA B 352 -17.50 -12.03 2.85
CA ALA B 352 -16.83 -10.74 3.14
C ALA B 352 -17.68 -9.82 4.04
N LYS B 353 -18.94 -9.54 3.61
CA LYS B 353 -19.87 -8.65 4.37
C LYS B 353 -20.12 -9.22 5.77
N ARG B 354 -20.25 -10.55 5.84
CA ARG B 354 -20.47 -11.27 7.09
C ARG B 354 -19.17 -11.35 7.92
N ARG B 355 -18.00 -11.21 7.24
CA ARG B 355 -16.70 -11.26 7.92
C ARG B 355 -16.37 -9.89 8.55
N VAL B 356 -16.91 -8.80 7.95
CA VAL B 356 -16.83 -7.45 8.56
C VAL B 356 -17.94 -7.29 9.62
N VAL B 357 -19.05 -8.09 9.49
CA VAL B 357 -20.02 -8.30 10.60
C VAL B 357 -19.27 -8.87 11.82
N VAL B 358 -18.52 -9.97 11.60
CA VAL B 358 -17.67 -10.62 12.63
C VAL B 358 -16.59 -9.64 13.16
N GLY B 359 -16.04 -8.82 12.24
CA GLY B 359 -15.05 -7.78 12.58
C GLY B 359 -15.61 -6.73 13.54
N LEU B 360 -16.89 -6.36 13.32
CA LEU B 360 -17.63 -5.48 14.23
C LEU B 360 -17.92 -6.19 15.56
N LEU B 361 -18.46 -7.43 15.49
CA LEU B 361 -18.93 -8.18 16.67
C LEU B 361 -17.80 -8.43 17.66
N LEU B 362 -16.80 -9.21 17.21
CA LEU B 362 -15.64 -9.61 18.02
C LEU B 362 -14.77 -8.39 18.41
N GLY B 363 -14.70 -7.39 17.51
CA GLY B 363 -14.01 -6.12 17.79
C GLY B 363 -14.63 -5.36 18.95
N GLU B 364 -15.98 -5.32 18.95
CA GLU B 364 -16.76 -4.62 19.97
C GLU B 364 -16.71 -5.38 21.30
N VAL B 365 -16.58 -6.73 21.24
CA VAL B 365 -16.37 -7.58 22.43
C VAL B 365 -15.06 -7.17 23.11
N ILE B 366 -13.94 -7.29 22.37
CA ILE B 366 -12.58 -7.10 22.91
C ILE B 366 -12.32 -5.66 23.34
N ARG B 367 -13.02 -4.67 22.73
CA ARG B 367 -12.86 -3.25 23.11
C ARG B 367 -13.77 -2.85 24.29
N THR B 368 -15.09 -3.15 24.22
CA THR B 368 -16.07 -2.77 25.30
C THR B 368 -15.77 -3.52 26.61
N ASN B 369 -15.51 -4.84 26.50
CA ASN B 369 -15.14 -5.70 27.64
C ASN B 369 -13.71 -5.35 28.11
N GLU B 370 -12.92 -4.82 27.16
CA GLU B 370 -11.52 -4.42 27.36
C GLU B 370 -10.68 -5.63 27.78
N LEU B 371 -10.47 -6.55 26.84
CA LEU B 371 -9.61 -7.73 27.05
C LEU B 371 -8.43 -7.64 26.08
N LYS B 372 -7.25 -8.05 26.56
CA LYS B 372 -5.99 -8.00 25.81
C LYS B 372 -5.57 -9.44 25.56
N ALA B 373 -4.84 -9.69 24.44
CA ALA B 373 -4.22 -10.99 24.18
C ALA B 373 -3.24 -11.33 25.30
N ASP B 374 -3.78 -11.99 26.33
CA ASP B 374 -3.05 -12.47 27.52
C ASP B 374 -1.81 -13.27 27.09
N GLU B 375 -0.65 -13.00 27.72
CA GLU B 375 0.65 -13.54 27.29
C GLU B 375 0.62 -15.08 27.23
N GLU B 376 -0.02 -15.71 28.22
CA GLU B 376 -0.19 -17.18 28.28
C GLU B 376 -1.18 -17.68 27.21
N ARG B 377 -2.17 -16.85 26.85
CA ARG B 377 -3.22 -17.18 25.86
C ARG B 377 -2.61 -17.24 24.44
N VAL B 378 -1.94 -16.13 24.05
CA VAL B 378 -1.27 -16.01 22.75
C VAL B 378 -0.11 -17.02 22.64
N LYS B 379 0.69 -17.16 23.73
CA LYS B 379 1.81 -18.13 23.80
C LYS B 379 1.29 -19.57 23.85
N GLY B 380 0.05 -19.77 24.34
CA GLY B 380 -0.59 -21.10 24.35
C GLY B 380 -0.93 -21.57 22.94
N LEU B 381 -1.53 -20.65 22.16
CA LEU B 381 -1.80 -20.86 20.72
C LEU B 381 -0.46 -21.16 19.98
N ILE B 382 0.54 -20.28 20.25
CA ILE B 382 1.89 -20.38 19.69
C ILE B 382 2.57 -21.70 20.12
N GLU B 383 2.35 -22.15 21.36
CA GLU B 383 3.00 -23.37 21.91
C GLU B 383 2.46 -24.62 21.19
N GLU B 384 1.12 -24.66 21.03
CA GLU B 384 0.44 -25.78 20.35
C GLU B 384 0.90 -25.89 18.88
N MET B 385 1.01 -24.74 18.18
CA MET B 385 1.49 -24.73 16.78
C MET B 385 3.03 -24.87 16.67
N ALA B 386 3.76 -24.49 17.74
CA ALA B 386 5.25 -24.55 17.78
C ALA B 386 5.73 -25.99 17.97
N SER B 387 4.91 -26.77 18.69
CA SER B 387 5.09 -28.22 18.86
C SER B 387 5.00 -28.95 17.48
N ALA B 388 4.31 -28.31 16.52
CA ALA B 388 4.18 -28.82 15.14
C ALA B 388 5.41 -28.42 14.27
N TYR B 389 6.21 -27.44 14.74
CA TYR B 389 7.41 -26.96 14.00
C TYR B 389 8.67 -27.76 14.40
N GLU B 390 9.83 -27.33 13.87
CA GLU B 390 11.15 -27.95 14.10
C GLU B 390 11.50 -28.06 15.60
N ASP B 391 11.54 -26.90 16.27
CA ASP B 391 11.88 -26.82 17.71
C ASP B 391 11.27 -25.52 18.29
N PRO B 392 10.32 -25.63 19.29
CA PRO B 392 9.51 -24.48 19.79
C PRO B 392 10.33 -23.31 20.37
N LYS B 393 11.55 -23.62 20.85
CA LYS B 393 12.44 -22.68 21.58
C LYS B 393 12.65 -21.39 20.77
N GLU B 394 13.10 -21.60 19.52
CA GLU B 394 13.42 -20.54 18.58
C GLU B 394 12.15 -19.89 18.00
N VAL B 395 10.99 -20.60 18.10
CA VAL B 395 9.71 -20.11 17.56
C VAL B 395 9.23 -18.97 18.47
N ILE B 396 9.06 -19.35 19.74
CA ILE B 396 8.65 -18.45 20.82
C ILE B 396 9.66 -17.28 20.95
N GLU B 397 10.98 -17.62 20.95
CA GLU B 397 12.06 -16.64 21.13
C GLU B 397 12.03 -15.56 20.01
N PHE B 398 12.06 -16.02 18.72
CA PHE B 398 12.10 -15.11 17.56
C PHE B 398 10.86 -14.22 17.51
N TYR B 399 9.68 -14.81 17.79
CA TYR B 399 8.41 -14.06 17.80
C TYR B 399 8.45 -12.93 18.85
N SER B 400 8.88 -13.29 20.08
CA SER B 400 9.04 -12.33 21.20
C SER B 400 10.00 -11.18 20.84
N LYS B 401 11.02 -11.49 20.01
CA LYS B 401 12.00 -10.50 19.53
C LYS B 401 11.43 -9.65 18.37
N ASN B 402 10.45 -10.19 17.63
CA ASN B 402 9.99 -9.60 16.36
C ASN B 402 8.50 -9.26 16.43
N LYS B 403 8.22 -7.97 16.68
CA LYS B 403 6.85 -7.46 16.93
C LYS B 403 5.97 -7.46 15.67
N GLU B 404 6.58 -7.46 14.47
CA GLU B 404 5.82 -7.48 13.18
C GLU B 404 4.96 -8.75 13.11
N LEU B 405 5.46 -9.83 13.74
CA LEU B 405 4.79 -11.13 13.79
C LEU B 405 4.10 -11.30 15.16
N MET B 406 4.71 -10.75 16.23
CA MET B 406 4.23 -10.91 17.63
C MET B 406 2.84 -10.25 17.78
N ASP B 407 2.75 -8.96 17.38
CA ASP B 407 1.47 -8.20 17.37
C ASP B 407 0.42 -8.85 16.47
N ASN B 408 0.87 -9.45 15.35
CA ASN B 408 -0.02 -10.22 14.44
C ASN B 408 -0.62 -11.42 15.19
N MET B 409 0.22 -12.12 15.97
CA MET B 409 -0.21 -13.27 16.79
C MET B 409 -1.13 -12.80 17.93
N ARG B 410 -0.90 -11.58 18.42
CA ARG B 410 -1.74 -10.95 19.45
C ARG B 410 -3.12 -10.57 18.90
N ASN B 411 -3.16 -10.14 17.62
CA ASN B 411 -4.41 -9.77 16.91
C ASN B 411 -5.26 -11.03 16.67
N VAL B 412 -4.62 -12.10 16.14
CA VAL B 412 -5.32 -13.37 15.85
C VAL B 412 -5.72 -14.09 17.16
N ALA B 413 -4.92 -13.86 18.23
CA ALA B 413 -5.22 -14.38 19.57
C ALA B 413 -6.32 -13.56 20.24
N LEU B 414 -6.46 -12.27 19.86
CA LEU B 414 -7.57 -11.42 20.31
C LEU B 414 -8.89 -11.85 19.64
N GLU B 415 -8.82 -12.25 18.35
CA GLU B 415 -9.96 -12.83 17.63
C GLU B 415 -10.36 -14.17 18.27
N GLU B 416 -9.32 -14.99 18.56
CA GLU B 416 -9.47 -16.33 19.18
C GLU B 416 -10.04 -16.20 20.62
N GLN B 417 -9.59 -15.16 21.33
CA GLN B 417 -10.00 -14.88 22.71
C GLN B 417 -11.33 -14.13 22.75
N ALA B 418 -11.69 -13.48 21.62
CA ALA B 418 -13.00 -12.83 21.42
C ALA B 418 -14.09 -13.89 21.30
N VAL B 419 -13.78 -14.91 20.46
CA VAL B 419 -14.60 -16.12 20.34
C VAL B 419 -14.72 -16.78 21.73
N GLU B 420 -13.56 -17.03 22.37
CA GLU B 420 -13.48 -17.63 23.73
C GLU B 420 -14.33 -16.86 24.77
N ALA B 421 -14.28 -15.52 24.70
CA ALA B 421 -14.99 -14.62 25.64
C ALA B 421 -16.51 -14.81 25.55
N VAL B 422 -17.04 -14.81 24.30
CA VAL B 422 -18.48 -14.99 24.07
C VAL B 422 -18.90 -16.46 24.31
N LEU B 423 -17.97 -17.43 24.09
CA LEU B 423 -18.22 -18.88 24.38
C LEU B 423 -18.42 -19.08 25.88
N ALA B 424 -17.58 -18.37 26.67
CA ALA B 424 -17.59 -18.46 28.15
C ALA B 424 -18.91 -17.96 28.78
N LYS B 425 -19.78 -17.31 27.97
CA LYS B 425 -21.14 -16.90 28.40
C LYS B 425 -22.24 -17.55 27.52
N ALA B 426 -21.84 -18.19 26.42
CA ALA B 426 -22.77 -18.78 25.44
C ALA B 426 -23.34 -20.14 25.88
N LYS B 427 -24.30 -20.66 25.10
CA LYS B 427 -24.97 -21.94 25.36
C LYS B 427 -24.04 -23.09 24.87
N VAL B 428 -23.03 -23.40 25.70
CA VAL B 428 -21.96 -24.36 25.37
C VAL B 428 -22.49 -25.80 25.42
N THR B 429 -22.85 -26.32 24.23
CA THR B 429 -23.31 -27.69 24.06
C THR B 429 -22.10 -28.61 23.88
N GLU B 430 -21.58 -29.11 25.01
CA GLU B 430 -20.49 -30.10 25.03
C GLU B 430 -21.08 -31.48 24.67
N LYS B 431 -21.23 -31.69 23.36
CA LYS B 431 -22.03 -32.76 22.75
C LYS B 431 -21.16 -33.99 22.43
N GLU B 432 -21.43 -35.12 23.11
CA GLU B 432 -20.74 -36.40 22.86
C GLU B 432 -20.94 -36.84 21.39
N THR B 433 -19.82 -37.10 20.71
CA THR B 433 -19.80 -37.55 19.30
C THR B 433 -18.58 -38.48 19.07
N THR B 434 -18.58 -39.19 17.94
CA THR B 434 -17.45 -40.04 17.53
C THR B 434 -16.54 -39.26 16.55
N PHE B 435 -15.36 -39.83 16.24
CA PHE B 435 -14.44 -39.25 15.24
C PHE B 435 -15.12 -39.25 13.84
N ASN B 436 -15.96 -40.27 13.59
CA ASN B 436 -16.80 -40.33 12.39
C ASN B 436 -17.77 -39.13 12.35
N GLU B 437 -18.44 -38.86 13.50
CA GLU B 437 -19.40 -37.74 13.64
C GLU B 437 -18.73 -36.36 13.54
N LEU B 438 -17.44 -36.30 13.94
CA LEU B 438 -16.64 -35.06 13.94
C LEU B 438 -16.59 -34.45 12.52
N MET B 439 -16.25 -35.29 11.53
CA MET B 439 -16.22 -34.88 10.10
C MET B 439 -17.63 -34.92 9.48
N ASN B 440 -18.52 -35.77 10.04
CA ASN B 440 -19.91 -35.95 9.53
C ASN B 440 -20.76 -34.68 9.74
N GLN B 441 -20.45 -33.88 10.79
CA GLN B 441 -21.20 -32.65 11.14
C GLN B 441 -21.29 -31.70 9.94
N GLN B 442 -20.15 -31.13 9.54
CA GLN B 442 -20.07 -30.19 8.40
C GLN B 442 -18.60 -29.96 8.03
N ALA B 443 -18.31 -29.97 6.72
CA ALA B 443 -16.96 -29.76 6.15
C ALA B 443 -15.98 -30.91 6.54
N MET A 12 12.39 -25.74 4.81
CA MET A 12 13.04 -25.01 3.70
C MET A 12 14.54 -24.85 3.99
N GLN A 13 15.35 -24.81 2.92
CA GLN A 13 16.81 -24.64 3.01
C GLN A 13 17.13 -23.19 3.43
N VAL A 14 17.72 -23.00 4.62
CA VAL A 14 18.04 -21.65 5.15
C VAL A 14 19.54 -21.58 5.54
N SER A 15 20.15 -20.38 5.36
CA SER A 15 21.55 -20.15 5.75
C SER A 15 21.81 -18.65 5.94
N VAL A 16 22.15 -18.24 7.17
CA VAL A 16 22.57 -16.86 7.47
C VAL A 16 24.08 -16.68 7.21
N GLU A 17 24.38 -16.17 6.02
CA GLU A 17 25.73 -15.71 5.64
C GLU A 17 25.96 -14.31 6.20
N THR A 18 27.06 -14.10 6.93
CA THR A 18 27.47 -12.78 7.40
C THR A 18 28.02 -11.97 6.21
N THR A 19 27.39 -10.82 5.93
CA THR A 19 27.77 -9.94 4.81
C THR A 19 29.04 -9.14 5.17
N GLN A 20 28.93 -8.28 6.21
CA GLN A 20 30.07 -7.46 6.69
C GLN A 20 29.83 -7.10 8.17
N GLY A 21 30.31 -8.00 9.07
CA GLY A 21 30.29 -7.77 10.52
C GLY A 21 28.89 -7.61 11.10
N LEU A 22 28.42 -6.35 11.14
CA LEU A 22 27.04 -5.99 11.57
C LEU A 22 26.02 -6.62 10.60
N GLY A 23 26.36 -6.52 9.30
CA GLY A 23 25.50 -6.98 8.22
C GLY A 23 25.56 -8.49 8.02
N ARG A 24 24.38 -9.09 7.88
CA ARG A 24 24.19 -10.54 7.66
C ARG A 24 23.06 -10.74 6.65
N ARG A 25 22.90 -11.99 6.18
CA ARG A 25 22.08 -12.32 5.02
C ARG A 25 21.51 -13.74 5.17
N VAL A 26 20.27 -13.82 5.66
CA VAL A 26 19.56 -15.11 5.82
C VAL A 26 18.99 -15.54 4.45
N THR A 27 19.85 -16.20 3.67
CA THR A 27 19.49 -16.74 2.35
C THR A 27 18.62 -18.00 2.53
N ILE A 28 17.31 -17.84 2.21
CA ILE A 28 16.30 -18.90 2.35
C ILE A 28 15.81 -19.35 0.96
N THR A 29 16.17 -20.58 0.59
CA THR A 29 15.66 -21.26 -0.59
C THR A 29 14.41 -22.08 -0.21
N ILE A 30 13.23 -21.51 -0.48
CA ILE A 30 11.93 -22.19 -0.28
C ILE A 30 11.69 -23.17 -1.45
N ALA A 31 11.45 -24.45 -1.12
CA ALA A 31 11.18 -25.49 -2.14
C ALA A 31 9.75 -25.36 -2.69
N ALA A 32 9.50 -26.00 -3.84
CA ALA A 32 8.20 -25.99 -4.56
C ALA A 32 7.04 -26.41 -3.66
N ASP A 33 7.29 -27.45 -2.84
CA ASP A 33 6.30 -28.05 -1.91
C ASP A 33 5.73 -27.00 -0.95
N SER A 34 6.65 -26.24 -0.34
CA SER A 34 6.34 -25.22 0.67
C SER A 34 5.54 -24.05 0.04
N ILE A 35 5.93 -23.69 -1.20
CA ILE A 35 5.25 -22.66 -1.99
C ILE A 35 3.80 -23.09 -2.26
N GLU A 36 3.65 -24.33 -2.78
CA GLU A 36 2.34 -24.91 -3.19
C GLU A 36 1.36 -24.99 -2.02
N THR A 37 1.81 -25.55 -0.87
CA THR A 37 1.00 -25.66 0.35
C THR A 37 0.43 -24.28 0.73
N ALA A 38 1.32 -23.26 0.70
CA ALA A 38 0.95 -21.87 0.99
C ALA A 38 -0.06 -21.31 -0.04
N VAL A 39 0.16 -21.59 -1.35
CA VAL A 39 -0.72 -21.06 -2.42
C VAL A 39 -2.16 -21.57 -2.22
N LYS A 40 -2.29 -22.91 -2.14
CA LYS A 40 -3.58 -23.62 -2.09
C LYS A 40 -4.35 -23.27 -0.79
N SER A 41 -3.61 -23.22 0.35
CA SER A 41 -4.19 -22.82 1.65
C SER A 41 -4.73 -21.37 1.60
N GLU A 42 -3.91 -20.43 1.09
CA GLU A 42 -4.31 -19.01 1.03
C GLU A 42 -5.35 -18.76 -0.08
N LEU A 43 -5.44 -19.68 -1.07
CA LEU A 43 -6.48 -19.64 -2.12
C LEU A 43 -7.85 -19.98 -1.52
N VAL A 44 -7.94 -21.09 -0.73
CA VAL A 44 -9.21 -21.47 -0.10
C VAL A 44 -9.60 -20.44 0.99
N ASN A 45 -8.59 -19.88 1.68
CA ASN A 45 -8.79 -18.79 2.67
C ASN A 45 -9.45 -17.58 1.98
N VAL A 46 -8.79 -17.03 0.95
CA VAL A 46 -9.26 -15.84 0.23
C VAL A 46 -10.62 -16.12 -0.48
N ALA A 47 -10.85 -17.39 -0.88
CA ALA A 47 -12.14 -17.83 -1.44
C ALA A 47 -13.25 -17.82 -0.38
N LYS A 48 -12.90 -18.11 0.89
CA LYS A 48 -13.86 -18.17 2.01
C LYS A 48 -14.17 -16.77 2.56
N LYS A 49 -13.14 -15.91 2.69
CA LYS A 49 -13.28 -14.61 3.35
C LYS A 49 -13.82 -13.52 2.39
N VAL A 50 -13.54 -13.69 1.10
CA VAL A 50 -14.12 -12.83 0.03
C VAL A 50 -15.49 -13.41 -0.41
N ARG A 51 -15.77 -14.65 0.07
CA ARG A 51 -17.12 -15.30 -0.03
C ARG A 51 -17.40 -15.69 -1.52
N ILE A 52 -16.31 -15.97 -2.28
CA ILE A 52 -16.40 -16.40 -3.69
C ILE A 52 -15.52 -17.66 -3.94
N ASP A 53 -16.14 -18.85 -3.82
CA ASP A 53 -15.44 -20.13 -4.02
C ASP A 53 -15.50 -20.53 -5.49
N GLY A 54 -14.50 -20.06 -6.27
CA GLY A 54 -14.39 -20.33 -7.70
C GLY A 54 -15.53 -19.71 -8.50
N PHE A 55 -16.59 -20.50 -8.70
CA PHE A 55 -17.81 -20.05 -9.39
C PHE A 55 -18.85 -19.59 -8.33
N ARG A 56 -19.26 -20.54 -7.47
CA ARG A 56 -20.21 -20.29 -6.36
C ARG A 56 -19.86 -21.19 -5.17
N LYS A 57 -20.01 -22.52 -5.35
CA LYS A 57 -19.92 -23.52 -4.25
C LYS A 57 -18.63 -24.36 -4.35
N GLY A 58 -17.58 -23.76 -4.92
CA GLY A 58 -16.27 -24.41 -5.07
C GLY A 58 -16.06 -24.95 -6.46
N LYS A 59 -15.73 -26.26 -6.54
CA LYS A 59 -15.34 -26.97 -7.78
C LYS A 59 -13.97 -26.51 -8.30
N VAL A 60 -13.38 -27.33 -9.21
CA VAL A 60 -12.06 -27.08 -9.82
C VAL A 60 -10.97 -27.07 -8.70
N PRO A 61 -10.33 -28.26 -8.40
CA PRO A 61 -9.32 -28.42 -7.29
C PRO A 61 -8.36 -27.21 -7.12
N MET A 62 -8.21 -26.74 -5.87
CA MET A 62 -7.37 -25.54 -5.52
C MET A 62 -5.91 -25.73 -6.00
N ASN A 63 -5.51 -27.02 -6.08
CA ASN A 63 -4.20 -27.46 -6.57
C ASN A 63 -3.95 -26.99 -8.00
N ILE A 64 -4.93 -27.25 -8.90
CA ILE A 64 -4.80 -26.89 -10.33
C ILE A 64 -5.16 -25.41 -10.57
N VAL A 65 -5.96 -24.81 -9.66
CA VAL A 65 -6.21 -23.35 -9.67
C VAL A 65 -4.87 -22.61 -9.49
N ALA A 66 -4.05 -23.14 -8.57
CA ALA A 66 -2.67 -22.67 -8.34
C ALA A 66 -1.79 -22.87 -9.60
N GLN A 67 -1.66 -24.15 -10.04
CA GLN A 67 -0.71 -24.56 -11.09
C GLN A 67 -1.05 -23.95 -12.48
N ARG A 68 -2.35 -23.73 -12.76
CA ARG A 68 -2.80 -23.15 -14.04
C ARG A 68 -2.69 -21.62 -14.01
N TYR A 69 -3.54 -20.96 -13.19
CA TYR A 69 -3.72 -19.50 -13.22
C TYR A 69 -3.58 -18.87 -11.82
N GLY A 70 -2.75 -19.50 -10.96
CA GLY A 70 -2.42 -18.93 -9.64
C GLY A 70 -1.11 -18.14 -9.67
N ALA A 71 -0.89 -17.38 -10.76
CA ALA A 71 0.30 -16.49 -10.90
C ALA A 71 0.01 -15.11 -10.29
N SER A 72 -1.28 -14.72 -10.29
CA SER A 72 -1.76 -13.43 -9.77
C SER A 72 -1.70 -13.39 -8.22
N VAL A 73 -1.73 -14.58 -7.59
CA VAL A 73 -1.69 -14.71 -6.11
C VAL A 73 -0.23 -14.76 -5.59
N ARG A 74 0.76 -14.84 -6.52
CA ARG A 74 2.20 -14.96 -6.18
C ARG A 74 2.70 -13.81 -5.27
N GLN A 75 2.12 -12.61 -5.45
CA GLN A 75 2.43 -11.44 -4.60
C GLN A 75 2.13 -11.75 -3.11
N ASP A 76 0.89 -12.21 -2.87
CA ASP A 76 0.38 -12.57 -1.54
C ASP A 76 1.18 -13.74 -0.95
N VAL A 77 1.31 -14.81 -1.76
CA VAL A 77 1.97 -16.06 -1.37
C VAL A 77 3.42 -15.81 -0.95
N LEU A 78 4.24 -15.23 -1.85
CA LEU A 78 5.66 -14.96 -1.59
C LEU A 78 5.82 -13.99 -0.41
N GLY A 79 4.93 -12.97 -0.36
CA GLY A 79 4.84 -12.05 0.77
C GLY A 79 4.51 -12.73 2.09
N ASP A 80 3.74 -13.84 2.01
CA ASP A 80 3.30 -14.63 3.18
C ASP A 80 4.39 -15.65 3.58
N LEU A 81 5.14 -16.12 2.57
CA LEU A 81 6.23 -17.10 2.73
C LEU A 81 7.45 -16.46 3.39
N MET A 82 7.76 -15.21 2.99
CA MET A 82 8.91 -14.46 3.53
C MET A 82 8.71 -14.09 5.01
N SER A 83 7.45 -14.19 5.48
CA SER A 83 7.10 -14.05 6.91
C SER A 83 7.21 -15.43 7.60
N ARG A 84 6.40 -16.40 7.10
CA ARG A 84 6.18 -17.72 7.75
C ARG A 84 7.45 -18.60 7.79
N ASN A 85 8.34 -18.46 6.80
CA ASN A 85 9.56 -19.28 6.69
C ASN A 85 10.71 -18.63 7.47
N PHE A 86 10.83 -17.30 7.37
CA PHE A 86 11.85 -16.53 8.10
C PHE A 86 11.63 -16.67 9.61
N ILE A 87 10.37 -16.52 10.06
CA ILE A 87 10.02 -16.51 11.49
C ILE A 87 10.31 -17.89 12.16
N ASP A 88 10.25 -18.97 11.35
CA ASP A 88 10.59 -20.33 11.81
C ASP A 88 12.12 -20.53 11.83
N ALA A 89 12.76 -20.12 10.73
CA ALA A 89 14.21 -20.33 10.48
C ALA A 89 15.09 -19.71 11.59
N ILE A 90 14.62 -18.58 12.12
CA ILE A 90 15.37 -17.79 13.10
C ILE A 90 15.17 -18.29 14.55
N ILE A 91 14.33 -19.34 14.71
CA ILE A 91 14.19 -20.07 15.98
C ILE A 91 15.21 -21.24 15.97
N LYS A 92 16.47 -20.89 15.68
CA LYS A 92 17.64 -21.79 15.60
C LYS A 92 18.90 -20.91 15.63
N GLU A 93 18.84 -19.80 14.90
CA GLU A 93 19.98 -18.92 14.63
C GLU A 93 20.06 -17.71 15.58
N LYS A 94 18.95 -17.42 16.32
CA LYS A 94 18.85 -16.25 17.23
C LYS A 94 19.11 -14.93 16.48
N ILE A 95 18.43 -14.79 15.33
CA ILE A 95 18.57 -13.61 14.45
C ILE A 95 17.93 -12.36 15.06
N ASN A 96 18.76 -11.37 15.40
CA ASN A 96 18.30 -10.06 15.94
C ASN A 96 18.44 -8.97 14.85
N PRO A 97 17.33 -8.60 14.14
CA PRO A 97 17.33 -7.49 13.17
C PRO A 97 17.07 -6.11 13.83
N ALA A 98 17.85 -5.09 13.44
CA ALA A 98 17.63 -3.70 13.87
C ALA A 98 16.71 -3.00 12.87
N GLY A 99 15.55 -2.52 13.36
CA GLY A 99 14.58 -1.83 12.53
C GLY A 99 13.79 -2.79 11.65
N ALA A 100 14.33 -3.10 10.46
CA ALA A 100 13.68 -3.97 9.47
C ALA A 100 14.75 -4.69 8.61
N PRO A 101 14.60 -6.04 8.37
CA PRO A 101 15.48 -6.78 7.45
C PRO A 101 15.00 -6.68 5.98
N THR A 102 15.96 -6.48 5.06
CA THR A 102 15.67 -6.32 3.62
C THR A 102 15.48 -7.69 2.95
N TYR A 103 14.21 -8.02 2.60
CA TYR A 103 13.88 -9.27 1.89
C TYR A 103 14.16 -9.10 0.38
N VAL A 104 15.42 -9.35 -0.02
CA VAL A 104 15.86 -9.22 -1.42
C VAL A 104 15.46 -10.50 -2.20
N PRO A 105 14.50 -10.40 -3.19
CA PRO A 105 14.08 -11.56 -4.01
C PRO A 105 15.18 -11.95 -5.03
N GLY A 106 16.13 -12.78 -4.58
CA GLY A 106 17.28 -13.18 -5.39
C GLY A 106 16.89 -14.04 -6.60
N GLU A 107 15.93 -14.94 -6.40
CA GLU A 107 15.56 -15.97 -7.39
C GLU A 107 14.15 -16.51 -7.11
N TYR A 108 13.41 -16.79 -8.19
CA TYR A 108 12.13 -17.53 -8.14
C TYR A 108 11.97 -18.33 -9.45
N LYS A 109 12.52 -19.56 -9.47
CA LYS A 109 12.25 -20.54 -10.53
C LYS A 109 10.85 -21.14 -10.26
N LEU A 110 9.95 -21.03 -11.26
CA LEU A 110 8.54 -21.41 -11.14
C LEU A 110 8.43 -22.94 -10.91
N GLY A 111 8.05 -23.32 -9.69
CA GLY A 111 7.83 -24.73 -9.34
C GLY A 111 9.12 -25.48 -9.02
N GLU A 112 10.22 -24.72 -8.80
CA GLU A 112 11.51 -25.28 -8.37
C GLU A 112 11.85 -24.74 -6.97
N ASP A 113 12.07 -23.41 -6.89
CA ASP A 113 12.53 -22.76 -5.65
C ASP A 113 12.11 -21.29 -5.56
N PHE A 114 12.37 -20.69 -4.39
CA PHE A 114 12.26 -19.26 -4.13
C PHE A 114 13.40 -18.86 -3.16
N THR A 115 14.58 -18.57 -3.73
CA THR A 115 15.75 -18.11 -2.97
C THR A 115 15.68 -16.58 -2.76
N TYR A 116 15.56 -16.15 -1.50
CA TYR A 116 15.56 -14.71 -1.16
C TYR A 116 16.55 -14.45 0.00
N SER A 117 17.34 -13.38 -0.14
CA SER A 117 18.37 -12.98 0.81
C SER A 117 17.79 -11.96 1.81
N VAL A 118 17.53 -12.40 3.05
CA VAL A 118 17.01 -11.52 4.12
C VAL A 118 18.19 -10.81 4.82
N GLU A 119 18.61 -9.68 4.24
CA GLU A 119 19.76 -8.91 4.73
C GLU A 119 19.37 -8.02 5.92
N PHE A 120 19.61 -8.52 7.14
CA PHE A 120 19.43 -7.75 8.38
C PHE A 120 20.79 -7.28 8.89
N GLU A 121 20.78 -6.24 9.70
CA GLU A 121 21.97 -5.73 10.40
C GLU A 121 21.61 -5.59 11.89
N VAL A 122 22.53 -6.01 12.77
CA VAL A 122 22.38 -5.80 14.23
C VAL A 122 22.61 -4.31 14.53
N TYR A 123 22.04 -3.84 15.64
CA TYR A 123 21.99 -2.41 15.98
C TYR A 123 23.40 -1.84 16.30
N PRO A 124 23.92 -0.89 15.47
CA PRO A 124 25.12 -0.10 15.81
C PRO A 124 24.68 1.07 16.71
N GLU A 125 25.24 1.11 17.94
CA GLU A 125 24.86 2.10 18.95
C GLU A 125 25.16 3.53 18.46
N VAL A 126 24.08 4.31 18.25
CA VAL A 126 24.19 5.72 17.88
C VAL A 126 24.94 6.51 18.97
N GLU A 127 26.15 6.95 18.64
CA GLU A 127 26.96 7.77 19.52
C GLU A 127 26.53 9.22 19.35
N LEU A 128 25.80 9.74 20.34
CA LEU A 128 25.27 11.11 20.31
C LEU A 128 26.09 12.00 21.26
N GLN A 129 27.08 12.65 20.68
CA GLN A 129 27.88 13.68 21.35
C GLN A 129 27.48 15.04 20.73
N GLY A 130 28.35 16.05 20.82
CA GLY A 130 28.10 17.33 20.16
C GLY A 130 27.73 18.44 21.12
N LEU A 131 27.74 18.16 22.43
CA LEU A 131 27.42 19.17 23.46
C LEU A 131 28.55 20.24 23.54
N GLU A 132 29.69 19.91 22.89
CA GLU A 132 30.87 20.78 22.71
C GLU A 132 31.11 21.09 21.20
N ALA A 133 30.35 20.42 20.30
CA ALA A 133 30.65 20.42 18.83
C ALA A 133 29.48 20.98 17.99
N ILE A 134 28.31 21.24 18.62
CA ILE A 134 27.14 21.79 17.91
C ILE A 134 27.07 23.31 18.15
N GLU A 135 27.55 24.06 17.17
CA GLU A 135 27.44 25.51 17.13
C GLU A 135 26.00 25.87 16.73
N VAL A 136 25.18 26.19 17.73
CA VAL A 136 23.77 26.53 17.54
C VAL A 136 23.70 27.98 17.07
N GLU A 137 22.93 28.26 16.01
CA GLU A 137 22.84 29.59 15.43
C GLU A 137 21.37 29.93 15.18
N LYS A 138 20.78 30.72 16.08
CA LYS A 138 19.40 31.24 15.94
C LYS A 138 19.42 32.56 15.12
N PRO A 139 19.00 32.56 13.82
CA PRO A 139 19.00 33.79 12.99
C PRO A 139 17.92 34.78 13.46
N ILE A 140 18.35 35.76 14.28
CA ILE A 140 17.48 36.80 14.85
C ILE A 140 17.08 37.79 13.75
N VAL A 141 15.93 37.49 13.14
CA VAL A 141 15.29 38.31 12.10
C VAL A 141 13.98 38.91 12.64
N GLU A 142 13.34 39.75 11.82
CA GLU A 142 12.00 40.30 12.09
C GLU A 142 11.43 40.89 10.80
N VAL A 143 10.11 40.77 10.61
CA VAL A 143 9.41 41.46 9.53
C VAL A 143 9.34 42.96 9.88
N THR A 144 10.43 43.66 9.58
CA THR A 144 10.55 45.10 9.81
C THR A 144 10.18 45.83 8.51
N ASP A 145 9.74 47.10 8.62
CA ASP A 145 9.40 47.96 7.45
C ASP A 145 10.54 47.99 6.42
N ALA A 146 11.78 48.02 6.93
CA ALA A 146 13.01 47.96 6.12
C ALA A 146 13.12 46.65 5.32
N ASP A 147 12.83 45.52 5.98
CA ASP A 147 12.91 44.17 5.37
C ASP A 147 11.80 43.97 4.33
N VAL A 148 10.59 44.46 4.66
CA VAL A 148 9.43 44.38 3.76
C VAL A 148 9.71 45.15 2.48
N ASP A 149 10.13 46.43 2.64
CA ASP A 149 10.38 47.38 1.54
C ASP A 149 11.55 46.91 0.65
N GLY A 150 12.61 46.39 1.29
CA GLY A 150 13.80 45.88 0.58
C GLY A 150 13.52 44.61 -0.23
N MET A 151 12.79 43.66 0.39
CA MET A 151 12.42 42.39 -0.27
C MET A 151 11.39 42.67 -1.38
N LEU A 152 10.50 43.65 -1.13
CA LEU A 152 9.46 44.06 -2.09
C LEU A 152 10.13 44.70 -3.31
N ASP A 153 11.20 45.49 -3.05
CA ASP A 153 12.06 46.08 -4.09
C ASP A 153 12.61 44.97 -4.99
N THR A 154 13.35 44.02 -4.39
CA THR A 154 13.96 42.88 -5.12
C THR A 154 12.88 42.03 -5.85
N LEU A 155 11.67 41.94 -5.24
CA LEU A 155 10.54 41.16 -5.79
C LEU A 155 10.07 41.78 -7.13
N ARG A 156 9.57 43.03 -7.07
CA ARG A 156 8.97 43.71 -8.25
C ARG A 156 10.03 44.19 -9.25
N LYS A 157 11.31 44.20 -8.84
CA LYS A 157 12.41 44.56 -9.74
C LYS A 157 12.89 43.32 -10.54
N GLN A 158 13.00 42.14 -9.88
CA GLN A 158 13.43 40.89 -10.56
C GLN A 158 12.26 40.30 -11.38
N GLN A 159 11.10 40.14 -10.70
CA GLN A 159 9.85 39.60 -11.29
C GLN A 159 8.99 40.74 -11.91
N ALA A 160 9.65 41.75 -12.50
CA ALA A 160 8.99 42.92 -13.12
C ALA A 160 8.09 42.51 -14.30
N THR A 161 7.00 43.29 -14.53
CA THR A 161 6.03 43.04 -15.59
C THR A 161 6.70 43.12 -16.98
N TRP A 162 6.40 42.12 -17.82
CA TRP A 162 7.14 41.86 -19.06
C TRP A 162 6.61 42.73 -20.22
N LYS A 163 7.27 42.60 -21.39
CA LYS A 163 6.86 43.27 -22.63
C LYS A 163 7.04 42.30 -23.82
N GLU A 164 6.25 42.51 -24.88
CA GLU A 164 6.33 41.69 -26.10
C GLU A 164 7.66 41.98 -26.83
N LYS A 165 8.63 41.05 -26.72
CA LYS A 165 9.93 41.18 -27.43
C LYS A 165 9.75 40.94 -28.93
N ASP A 166 10.49 41.70 -29.74
CA ASP A 166 10.52 41.55 -31.19
C ASP A 166 12.00 41.55 -31.64
N GLY A 167 12.54 40.34 -31.85
CA GLY A 167 13.95 40.19 -32.25
C GLY A 167 14.59 38.92 -31.69
N ALA A 168 15.93 38.91 -31.67
CA ALA A 168 16.75 37.74 -31.29
C ALA A 168 16.80 37.57 -29.75
N VAL A 169 16.38 36.38 -29.28
CA VAL A 169 16.31 36.02 -27.85
C VAL A 169 17.73 35.97 -27.24
N GLU A 170 17.86 36.36 -25.96
CA GLU A 170 19.10 36.18 -25.16
C GLU A 170 18.75 35.53 -23.82
N ALA A 171 19.78 35.24 -23.02
CA ALA A 171 19.63 34.64 -21.67
C ALA A 171 19.09 35.69 -20.66
N GLU A 172 19.02 36.96 -21.10
CA GLU A 172 18.45 38.07 -20.32
C GLU A 172 16.99 38.34 -20.73
N ASP A 173 16.37 37.38 -21.45
CA ASP A 173 14.96 37.47 -21.89
C ASP A 173 14.16 36.23 -21.49
N ARG A 174 12.85 36.41 -21.38
CA ARG A 174 11.87 35.33 -21.21
C ARG A 174 11.39 34.87 -22.59
N VAL A 175 10.96 33.60 -22.69
CA VAL A 175 10.43 33.04 -23.94
C VAL A 175 9.39 31.91 -23.63
N THR A 176 8.16 32.08 -24.16
CA THR A 176 7.11 31.05 -24.11
C THR A 176 7.07 30.25 -25.43
N ILE A 177 7.48 28.98 -25.34
CA ILE A 177 7.60 28.06 -26.48
C ILE A 177 7.12 26.66 -26.07
N ASP A 178 6.68 25.88 -27.04
CA ASP A 178 6.42 24.45 -26.86
C ASP A 178 7.57 23.67 -27.49
N PHE A 179 8.39 23.05 -26.62
CA PHE A 179 9.51 22.19 -27.06
C PHE A 179 9.07 20.73 -26.93
N THR A 180 9.25 19.98 -28.02
CA THR A 180 8.96 18.55 -28.06
C THR A 180 9.90 17.88 -29.05
N GLY A 181 10.10 16.59 -28.85
CA GLY A 181 10.98 15.80 -29.68
C GLY A 181 11.28 14.49 -29.03
N SER A 182 12.58 14.13 -28.96
CA SER A 182 13.00 12.81 -28.51
C SER A 182 14.47 12.84 -28.05
N VAL A 183 14.72 12.18 -26.91
CA VAL A 183 16.06 11.97 -26.35
C VAL A 183 16.63 10.65 -26.89
N ASP A 184 17.69 10.79 -27.72
CA ASP A 184 18.44 9.66 -28.34
C ASP A 184 17.56 8.91 -29.37
N GLY A 185 16.44 9.56 -29.77
CA GLY A 185 15.47 8.97 -30.71
C GLY A 185 14.20 8.50 -30.02
N GLU A 186 14.17 8.54 -28.68
CA GLU A 186 13.04 8.02 -27.86
C GLU A 186 12.32 9.15 -27.12
N GLU A 187 10.98 9.10 -27.13
CA GLU A 187 10.13 10.08 -26.44
C GLU A 187 10.13 9.79 -24.92
N PHE A 188 11.02 10.48 -24.22
CA PHE A 188 11.11 10.51 -22.74
C PHE A 188 9.75 10.88 -22.07
N GLU A 189 9.39 10.08 -21.05
CA GLU A 189 8.08 10.15 -20.38
C GLU A 189 7.98 11.37 -19.45
N GLY A 190 7.15 12.36 -19.87
CA GLY A 190 6.84 13.55 -19.06
C GLY A 190 7.93 14.62 -19.08
N GLY A 191 8.94 14.47 -19.97
CA GLY A 191 10.07 15.41 -20.02
C GLY A 191 9.87 16.55 -21.03
N LYS A 192 8.89 16.40 -21.93
CA LYS A 192 8.54 17.45 -22.92
C LYS A 192 7.37 18.28 -22.36
N ALA A 193 7.25 19.53 -22.83
CA ALA A 193 6.31 20.51 -22.25
C ALA A 193 5.73 21.43 -23.33
N SER A 194 4.44 21.20 -23.64
CA SER A 194 3.64 22.07 -24.52
C SER A 194 3.25 23.35 -23.74
N ASP A 195 3.58 24.51 -24.31
CA ASP A 195 3.42 25.83 -23.66
C ASP A 195 4.31 25.92 -22.39
N PHE A 196 5.60 25.80 -22.63
CA PHE A 196 6.67 26.02 -21.64
C PHE A 196 6.99 27.52 -21.57
N VAL A 197 7.19 28.05 -20.36
CA VAL A 197 7.63 29.44 -20.16
C VAL A 197 9.00 29.42 -19.44
N LEU A 198 9.98 30.04 -20.09
CA LEU A 198 11.32 30.28 -19.53
C LEU A 198 11.40 31.73 -19.06
N ALA A 199 11.52 31.96 -17.75
CA ALA A 199 11.79 33.30 -17.20
C ALA A 199 13.30 33.45 -16.95
N MET A 200 13.84 34.62 -17.32
CA MET A 200 15.25 34.99 -17.04
C MET A 200 15.43 35.44 -15.58
N GLY A 201 16.70 35.78 -15.23
CA GLY A 201 17.05 36.24 -13.89
C GLY A 201 17.17 35.10 -12.88
N GLN A 202 17.06 33.86 -13.40
CA GLN A 202 17.28 32.61 -12.65
C GLN A 202 18.72 32.13 -12.94
N GLY A 203 19.04 30.89 -12.53
CA GLY A 203 20.31 30.26 -12.91
C GLY A 203 20.34 29.87 -14.39
N ARG A 204 21.49 29.34 -14.84
CA ARG A 204 21.68 28.92 -16.24
C ARG A 204 20.93 27.59 -16.51
N MET A 205 20.78 27.25 -17.81
CA MET A 205 20.16 25.99 -18.27
C MET A 205 21.25 25.08 -18.86
N ILE A 206 20.85 23.82 -19.15
CA ILE A 206 21.77 22.79 -19.69
C ILE A 206 22.38 23.22 -21.06
N PRO A 207 23.70 22.89 -21.30
CA PRO A 207 24.37 23.16 -22.60
C PRO A 207 23.65 22.50 -23.79
N GLY A 208 23.63 23.19 -24.92
CA GLY A 208 22.85 22.80 -26.08
C GLY A 208 21.52 23.55 -26.13
N PHE A 209 20.73 23.41 -25.04
CA PHE A 209 19.37 23.97 -24.96
C PHE A 209 19.43 25.49 -24.95
N GLU A 210 20.02 26.05 -23.86
CA GLU A 210 20.12 27.52 -23.64
C GLU A 210 20.76 28.23 -24.84
N ASP A 211 21.81 27.59 -25.37
CA ASP A 211 22.60 28.09 -26.51
C ASP A 211 21.76 28.22 -27.79
N GLY A 212 20.77 27.31 -27.94
CA GLY A 212 19.88 27.32 -29.11
C GLY A 212 18.81 28.38 -28.99
N ILE A 213 18.18 28.41 -27.79
CA ILE A 213 17.11 29.36 -27.44
C ILE A 213 17.58 30.81 -27.65
N LYS A 214 18.75 31.13 -27.06
CA LYS A 214 19.34 32.47 -27.11
C LYS A 214 20.15 32.70 -28.41
N GLY A 215 20.11 31.73 -29.34
CA GLY A 215 20.88 31.82 -30.59
C GLY A 215 20.00 32.07 -31.80
N HIS A 216 18.70 32.33 -31.56
CA HIS A 216 17.68 32.44 -32.62
C HIS A 216 16.70 33.59 -32.35
N LYS A 217 15.89 33.94 -33.37
CA LYS A 217 15.01 35.12 -33.34
C LYS A 217 13.53 34.72 -33.33
N ALA A 218 12.73 35.52 -32.59
CA ALA A 218 11.28 35.29 -32.38
C ALA A 218 10.52 35.10 -33.71
N GLY A 219 9.62 34.09 -33.75
CA GLY A 219 8.73 33.87 -34.90
C GLY A 219 9.04 32.59 -35.66
N GLU A 220 10.31 32.16 -35.68
CA GLU A 220 10.76 31.00 -36.47
C GLU A 220 10.53 29.67 -35.72
N GLU A 221 10.62 28.57 -36.48
CA GLU A 221 10.66 27.20 -35.94
C GLU A 221 11.98 26.54 -36.36
N PHE A 222 12.51 25.67 -35.48
CA PHE A 222 13.78 24.94 -35.71
C PHE A 222 13.86 23.76 -34.73
N THR A 223 15.03 23.11 -34.65
CA THR A 223 15.32 22.08 -33.63
C THR A 223 16.75 22.26 -33.11
N ILE A 224 17.03 21.70 -31.91
CA ILE A 224 18.36 21.75 -31.29
C ILE A 224 18.78 20.36 -30.75
N ASP A 225 19.93 19.86 -31.23
CA ASP A 225 20.60 18.70 -30.63
C ASP A 225 21.39 19.16 -29.41
N VAL A 226 20.87 18.83 -28.22
CA VAL A 226 21.55 19.07 -26.95
C VAL A 226 22.11 17.73 -26.42
N THR A 227 22.98 17.78 -25.43
CA THR A 227 23.43 16.58 -24.69
C THR A 227 23.19 16.83 -23.20
N PHE A 228 22.50 15.87 -22.55
CA PHE A 228 22.30 15.88 -21.10
C PHE A 228 23.62 15.48 -20.38
N PRO A 229 23.93 16.11 -19.21
CA PRO A 229 25.07 15.68 -18.34
C PRO A 229 25.03 14.19 -18.00
N GLU A 230 26.18 13.48 -18.07
CA GLU A 230 26.27 12.07 -17.62
C GLU A 230 26.27 11.96 -16.09
N GLU A 231 26.27 13.13 -15.40
CA GLU A 231 26.02 13.24 -13.95
C GLU A 231 24.51 13.46 -13.65
N TYR A 232 23.66 13.55 -14.70
CA TYR A 232 22.20 13.73 -14.52
C TYR A 232 21.60 12.56 -13.72
N HIS A 233 20.69 12.90 -12.79
CA HIS A 233 20.19 12.00 -11.73
C HIS A 233 19.28 10.83 -12.24
N ALA A 234 19.12 10.69 -13.57
CA ALA A 234 18.35 9.57 -14.18
C ALA A 234 19.21 8.92 -15.26
N GLU A 235 19.35 7.59 -15.17
CA GLU A 235 20.28 6.77 -15.98
C GLU A 235 19.93 6.87 -17.49
N ASN A 236 18.63 6.79 -17.80
CA ASN A 236 18.13 6.76 -19.19
C ASN A 236 18.29 8.11 -19.92
N LEU A 237 18.51 9.20 -19.16
CA LEU A 237 18.68 10.56 -19.74
C LEU A 237 20.14 11.02 -19.70
N LYS A 238 20.93 10.50 -18.73
CA LYS A 238 22.31 10.97 -18.49
C LYS A 238 23.22 10.63 -19.69
N GLY A 239 23.87 11.65 -20.26
CA GLY A 239 24.82 11.46 -21.37
C GLY A 239 24.16 11.44 -22.74
N LYS A 240 22.84 11.18 -22.78
CA LYS A 240 22.06 11.05 -24.02
C LYS A 240 21.88 12.42 -24.69
N ALA A 241 21.96 12.41 -26.03
CA ALA A 241 21.62 13.57 -26.85
C ALA A 241 20.09 13.68 -27.01
N ALA A 242 19.59 14.85 -27.44
CA ALA A 242 18.14 15.11 -27.55
C ALA A 242 17.85 16.14 -28.63
N LYS A 243 16.93 15.81 -29.55
CA LYS A 243 16.46 16.73 -30.59
C LYS A 243 15.17 17.41 -30.13
N PHE A 244 15.28 18.71 -29.81
CA PHE A 244 14.16 19.54 -29.31
C PHE A 244 13.70 20.48 -30.42
N ALA A 245 12.57 20.16 -31.05
CA ALA A 245 11.95 21.03 -32.05
C ALA A 245 11.35 22.28 -31.36
N ILE A 246 12.13 23.38 -31.36
CA ILE A 246 11.77 24.65 -30.73
C ILE A 246 10.87 25.47 -31.66
N ASN A 247 9.65 25.76 -31.20
CA ASN A 247 8.70 26.62 -31.91
C ASN A 247 8.65 27.99 -31.23
N LEU A 248 9.46 28.96 -31.72
CA LEU A 248 9.49 30.34 -31.16
C LEU A 248 8.18 31.06 -31.48
N LYS A 249 7.18 30.89 -30.60
CA LYS A 249 5.89 31.57 -30.70
C LYS A 249 5.98 32.92 -29.97
N LYS A 250 6.06 32.87 -28.63
CA LYS A 250 5.99 34.07 -27.79
C LYS A 250 7.35 34.30 -27.12
N VAL A 251 7.86 35.53 -27.18
CA VAL A 251 9.09 35.93 -26.48
C VAL A 251 8.82 37.23 -25.73
N GLU A 252 9.07 37.24 -24.42
CA GLU A 252 8.84 38.39 -23.55
C GLU A 252 10.20 38.96 -23.10
N GLU A 253 10.44 40.24 -23.41
CA GLU A 253 11.67 40.94 -22.98
C GLU A 253 11.50 41.41 -21.54
N ARG A 254 12.58 41.33 -20.75
CA ARG A 254 12.58 41.81 -19.36
C ARG A 254 12.70 43.35 -19.37
N GLU A 255 11.86 44.02 -18.59
CA GLU A 255 11.81 45.49 -18.52
C GLU A 255 11.38 45.94 -17.12
N LEU A 256 11.83 47.14 -16.72
CA LEU A 256 11.45 47.76 -15.43
C LEU A 256 10.56 48.99 -15.68
N PRO A 257 9.20 48.83 -15.63
CA PRO A 257 8.27 49.98 -15.62
C PRO A 257 8.12 50.53 -14.17
N GLU A 258 7.43 49.76 -13.30
CA GLU A 258 7.24 50.05 -11.85
C GLU A 258 6.27 49.00 -11.24
N LEU A 259 6.16 49.00 -9.90
CA LEU A 259 5.16 48.24 -9.12
C LEU A 259 3.73 48.68 -9.51
N THR A 260 3.20 48.08 -10.60
CA THR A 260 1.88 48.41 -11.17
C THR A 260 0.76 47.52 -10.59
N ALA A 261 -0.50 47.95 -10.79
CA ALA A 261 -1.72 47.25 -10.31
C ALA A 261 -1.83 45.83 -10.90
N GLU A 262 -1.35 45.68 -12.14
CA GLU A 262 -1.32 44.38 -12.86
C GLU A 262 -0.36 43.38 -12.19
N PHE A 263 0.55 43.92 -11.36
CA PHE A 263 1.47 43.12 -10.54
C PHE A 263 0.89 42.96 -9.10
N ILE A 264 0.29 44.06 -8.56
CA ILE A 264 -0.34 44.07 -7.21
C ILE A 264 -1.33 42.89 -7.09
N LYS A 265 -2.31 42.88 -8.02
CA LYS A 265 -3.40 41.88 -8.06
C LYS A 265 -2.88 40.45 -8.31
N ARG A 266 -1.62 40.34 -8.82
CA ARG A 266 -1.05 39.05 -9.26
C ARG A 266 -0.66 38.16 -8.05
N PHE A 267 -0.82 38.71 -6.82
CA PHE A 267 -0.63 37.97 -5.55
C PHE A 267 -2.00 37.69 -4.87
N GLY A 268 -3.10 37.86 -5.65
CA GLY A 268 -4.46 37.61 -5.16
C GLY A 268 -4.94 38.66 -4.16
N VAL A 269 -4.55 39.92 -4.40
CA VAL A 269 -4.82 41.05 -3.50
C VAL A 269 -6.26 41.57 -3.68
N GLU A 270 -7.09 41.36 -2.65
CA GLU A 270 -8.51 41.78 -2.61
C GLU A 270 -8.61 43.30 -2.42
N ASP A 271 -7.70 43.85 -1.61
CA ASP A 271 -7.65 45.29 -1.26
C ASP A 271 -7.38 46.16 -2.50
N GLY A 272 -6.64 45.62 -3.46
CA GLY A 272 -6.36 46.31 -4.73
C GLY A 272 -5.21 47.32 -4.64
N SER A 273 -5.14 48.07 -3.53
CA SER A 273 -4.09 49.09 -3.31
C SER A 273 -2.78 48.43 -2.84
N VAL A 274 -1.67 49.21 -2.93
CA VAL A 274 -0.30 48.72 -2.65
C VAL A 274 -0.16 48.28 -1.18
N GLU A 275 -0.82 48.99 -0.25
CA GLU A 275 -0.88 48.61 1.19
C GLU A 275 -1.51 47.21 1.36
N GLY A 276 -2.40 46.84 0.43
CA GLY A 276 -2.97 45.49 0.39
C GLY A 276 -1.98 44.47 -0.15
N LEU A 277 -1.09 44.92 -1.06
CA LEU A 277 -0.05 44.06 -1.65
C LEU A 277 0.97 43.70 -0.56
N ARG A 278 1.38 44.75 0.17
CA ARG A 278 2.27 44.65 1.33
C ARG A 278 1.62 43.82 2.44
N ALA A 279 0.28 43.88 2.53
CA ALA A 279 -0.50 43.08 3.49
C ALA A 279 -0.40 41.58 3.17
N GLU A 280 -0.63 41.21 1.89
CA GLU A 280 -0.62 39.80 1.44
C GLU A 280 0.81 39.22 1.46
N VAL A 281 1.79 40.07 1.09
CA VAL A 281 3.21 39.71 1.11
C VAL A 281 3.67 39.51 2.57
N ARG A 282 3.20 40.37 3.50
CA ARG A 282 3.52 40.24 4.96
C ARG A 282 2.73 39.07 5.58
N LYS A 283 1.56 38.76 5.00
CA LYS A 283 0.72 37.62 5.41
C LYS A 283 1.48 36.32 5.09
N ASN A 284 2.15 36.32 3.92
CA ASN A 284 3.05 35.25 3.49
C ASN A 284 4.33 35.27 4.33
N MET A 285 4.83 36.49 4.66
CA MET A 285 6.04 36.69 5.51
C MET A 285 5.81 36.18 6.94
N GLU A 286 4.55 36.08 7.36
CA GLU A 286 4.18 35.42 8.62
C GLU A 286 4.72 33.97 8.62
N ARG A 287 4.27 33.22 7.57
CA ARG A 287 4.68 31.84 7.33
C ARG A 287 6.20 31.77 7.12
N GLU A 288 6.71 32.60 6.20
CA GLU A 288 8.14 32.62 5.80
C GLU A 288 9.05 32.85 7.01
N LEU A 289 8.73 33.87 7.82
CA LEU A 289 9.55 34.30 8.98
C LEU A 289 9.62 33.16 10.01
N LYS A 290 8.43 32.70 10.47
CA LYS A 290 8.37 31.70 11.57
C LYS A 290 8.89 30.31 11.11
N SER A 291 8.47 29.91 9.90
CA SER A 291 8.94 28.66 9.25
C SER A 291 10.45 28.69 9.04
N ALA A 292 11.00 29.88 8.73
CA ALA A 292 12.45 30.05 8.57
C ALA A 292 13.16 29.98 9.92
N ILE A 293 12.59 30.56 11.00
CA ILE A 293 13.19 30.47 12.34
C ILE A 293 13.35 29.00 12.75
N ARG A 294 12.26 28.22 12.57
CA ARG A 294 12.28 26.79 12.90
C ARG A 294 13.26 26.03 11.97
N ASN A 295 13.04 26.10 10.64
CA ASN A 295 13.87 25.38 9.64
C ASN A 295 15.37 25.75 9.71
N ARG A 296 15.68 27.01 10.10
CA ARG A 296 17.07 27.51 10.15
C ARG A 296 17.75 27.08 11.45
N VAL A 297 17.07 27.22 12.62
CA VAL A 297 17.66 26.77 13.90
C VAL A 297 17.75 25.22 13.92
N LYS A 298 16.79 24.57 13.21
CA LYS A 298 16.78 23.11 13.01
C LYS A 298 17.96 22.73 12.10
N SER A 299 18.16 23.43 10.97
CA SER A 299 19.25 23.10 10.03
C SER A 299 20.62 23.26 10.72
N GLN A 300 20.82 24.36 11.47
CA GLN A 300 22.07 24.59 12.23
C GLN A 300 22.27 23.47 13.29
N ALA A 301 21.17 23.10 13.97
CA ALA A 301 21.13 22.00 14.96
C ALA A 301 21.56 20.67 14.33
N ILE A 302 20.90 20.32 13.22
CA ILE A 302 20.98 19.00 12.59
C ILE A 302 22.33 18.83 11.87
N GLU A 303 22.77 19.90 11.17
CA GLU A 303 24.10 19.94 10.57
C GLU A 303 25.16 19.89 11.67
N GLY A 304 24.86 20.47 12.85
CA GLY A 304 25.71 20.33 14.04
C GLY A 304 25.77 18.90 14.56
N LEU A 305 24.60 18.21 14.58
CA LEU A 305 24.46 16.80 15.05
C LEU A 305 25.31 15.86 14.20
N VAL A 306 25.24 16.04 12.88
CA VAL A 306 25.97 15.20 11.91
C VAL A 306 27.48 15.55 11.92
N LYS A 307 27.79 16.87 11.87
CA LYS A 307 29.19 17.41 12.01
C LYS A 307 29.88 16.84 13.25
N ALA A 308 29.09 16.73 14.32
CA ALA A 308 29.54 16.18 15.59
C ALA A 308 29.74 14.65 15.49
N ASN A 309 28.81 13.96 14.80
CA ASN A 309 28.68 12.49 14.85
C ASN A 309 28.10 11.95 13.52
N ASP A 310 29.00 11.59 12.59
CA ASP A 310 28.64 10.80 11.38
C ASP A 310 28.55 9.32 11.79
N ILE A 311 27.41 8.96 12.38
CA ILE A 311 27.16 7.60 12.89
C ILE A 311 26.96 6.60 11.72
N ASP A 312 27.19 5.31 12.01
CA ASP A 312 27.01 4.23 11.03
C ASP A 312 25.61 3.65 11.23
N VAL A 313 24.74 3.97 10.28
CA VAL A 313 23.32 3.62 10.30
C VAL A 313 23.07 2.30 9.53
N PRO A 314 22.13 1.41 10.03
CA PRO A 314 21.83 0.13 9.35
C PRO A 314 21.23 0.38 7.94
N ALA A 315 22.03 0.05 6.90
CA ALA A 315 21.75 0.38 5.48
C ALA A 315 20.40 -0.16 4.98
N ALA A 316 19.81 -1.12 5.73
CA ALA A 316 18.48 -1.68 5.46
C ALA A 316 17.37 -0.60 5.60
N LEU A 317 17.50 0.24 6.65
CA LEU A 317 16.56 1.37 6.92
C LEU A 317 16.68 2.43 5.81
N ILE A 318 17.94 2.67 5.37
CA ILE A 318 18.25 3.64 4.30
C ILE A 318 17.71 3.11 2.96
N ASP A 319 17.82 1.78 2.75
CA ASP A 319 17.39 1.10 1.51
C ASP A 319 15.86 1.13 1.38
N SER A 320 15.18 0.97 2.54
CA SER A 320 13.71 1.05 2.64
C SER A 320 13.24 2.49 2.32
N GLU A 321 13.95 3.48 2.93
CA GLU A 321 13.67 4.90 2.73
C GLU A 321 13.95 5.31 1.27
N ILE A 322 15.00 4.71 0.68
CA ILE A 322 15.35 4.87 -0.74
C ILE A 322 14.19 4.36 -1.61
N ASP A 323 13.69 3.16 -1.27
CA ASP A 323 12.62 2.49 -2.02
C ASP A 323 11.36 3.38 -2.09
N VAL A 324 11.01 3.99 -0.94
CA VAL A 324 9.89 4.96 -0.85
C VAL A 324 10.15 6.17 -1.79
N LEU A 325 11.31 6.85 -1.58
CA LEU A 325 11.68 8.08 -2.32
C LEU A 325 11.81 7.83 -3.85
N ARG A 326 12.26 6.62 -4.20
CA ARG A 326 12.66 6.25 -5.58
C ARG A 326 11.45 5.80 -6.39
N ARG A 327 10.53 5.09 -5.72
CA ARG A 327 9.22 4.74 -6.30
C ARG A 327 8.42 6.04 -6.54
N GLN A 328 8.45 6.95 -5.55
CA GLN A 328 7.77 8.26 -5.63
C GLN A 328 8.44 9.18 -6.69
N ALA A 329 9.76 9.00 -6.92
CA ALA A 329 10.52 9.76 -7.94
C ALA A 329 10.18 9.29 -9.36
N ALA A 330 10.07 7.96 -9.50
CA ALA A 330 9.58 7.32 -10.73
C ALA A 330 8.13 7.76 -11.01
N GLN A 331 7.37 7.94 -9.91
CA GLN A 331 5.99 8.45 -9.93
C GLN A 331 5.94 9.99 -10.20
N ARG A 332 7.11 10.63 -10.34
CA ARG A 332 7.20 12.01 -10.87
C ARG A 332 7.50 11.94 -12.38
N PHE A 333 8.62 11.29 -12.71
CA PHE A 333 9.09 11.14 -14.11
C PHE A 333 8.30 10.03 -14.82
N GLY A 334 7.07 10.41 -15.24
CA GLY A 334 6.19 9.53 -16.02
C GLY A 334 5.20 8.78 -15.16
N GLY A 335 5.71 8.10 -14.11
CA GLY A 335 4.90 7.22 -13.27
C GLY A 335 5.08 5.76 -13.65
N ASN A 336 6.33 5.40 -14.04
CA ASN A 336 6.62 4.07 -14.61
C ASN A 336 7.77 3.40 -13.84
N GLU A 337 7.68 2.06 -13.74
CA GLU A 337 8.56 1.21 -12.92
C GLU A 337 10.02 1.22 -13.43
N LYS A 338 10.20 1.32 -14.76
CA LYS A 338 11.54 1.30 -15.39
C LYS A 338 12.43 2.44 -14.83
N GLN A 339 11.78 3.58 -14.55
CA GLN A 339 12.44 4.80 -14.10
C GLN A 339 13.08 4.61 -12.71
N ALA A 340 12.38 3.84 -11.85
CA ALA A 340 12.81 3.59 -10.46
C ALA A 340 14.22 2.93 -10.42
N LEU A 341 14.38 1.83 -11.18
CA LEU A 341 15.65 1.06 -11.24
C LEU A 341 16.82 1.91 -11.80
N GLU A 342 16.45 2.97 -12.56
CA GLU A 342 17.41 3.87 -13.23
C GLU A 342 17.75 5.11 -12.38
N LEU A 343 17.13 5.20 -11.19
CA LEU A 343 17.42 6.28 -10.24
C LEU A 343 18.34 5.73 -9.13
N PRO A 344 19.69 6.01 -9.20
CA PRO A 344 20.68 5.48 -8.24
C PRO A 344 20.44 5.95 -6.79
N ARG A 345 20.47 4.98 -5.84
CA ARG A 345 20.24 5.20 -4.38
C ARG A 345 21.08 6.38 -3.84
N GLU A 346 22.25 6.53 -4.47
CA GLU A 346 23.29 7.50 -4.13
C GLU A 346 22.75 8.95 -4.09
N LEU A 347 21.80 9.29 -4.98
CA LEU A 347 21.24 10.67 -5.01
C LEU A 347 20.23 10.88 -3.85
N PHE A 348 19.57 9.77 -3.43
CA PHE A 348 18.51 9.79 -2.39
C PHE A 348 19.12 9.80 -0.97
N GLU A 349 20.35 9.22 -0.85
CA GLU A 349 21.12 9.15 0.43
C GLU A 349 21.10 10.48 1.23
N GLU A 350 21.28 11.62 0.50
CA GLU A 350 21.52 12.95 1.10
C GLU A 350 20.40 13.37 2.07
N GLN A 351 19.15 13.00 1.76
CA GLN A 351 18.00 13.22 2.65
C GLN A 351 17.76 11.97 3.49
N ALA A 352 17.63 10.80 2.81
CA ALA A 352 17.22 9.53 3.44
C ALA A 352 18.14 9.10 4.60
N LYS A 353 19.41 8.81 4.24
CA LYS A 353 20.43 8.32 5.17
C LYS A 353 20.62 9.32 6.31
N ARG A 354 20.64 10.61 5.93
CA ARG A 354 20.77 11.72 6.87
C ARG A 354 19.57 11.77 7.84
N ARG A 355 18.36 11.43 7.35
CA ARG A 355 17.12 11.53 8.16
C ARG A 355 17.09 10.39 9.20
N VAL A 356 17.56 9.19 8.81
CA VAL A 356 17.64 8.06 9.76
C VAL A 356 18.76 8.30 10.80
N VAL A 357 19.85 9.01 10.38
CA VAL A 357 20.90 9.50 11.31
C VAL A 357 20.27 10.39 12.40
N VAL A 358 19.47 11.39 11.94
CA VAL A 358 18.72 12.32 12.83
C VAL A 358 17.72 11.56 13.73
N GLY A 359 17.11 10.51 13.15
CA GLY A 359 16.12 9.68 13.86
C GLY A 359 16.72 8.92 15.03
N LEU A 360 17.95 8.40 14.84
CA LEU A 360 18.68 7.68 15.90
C LEU A 360 19.26 8.67 16.95
N LEU A 361 19.84 9.80 16.45
CA LEU A 361 20.42 10.86 17.30
C LEU A 361 19.36 11.45 18.24
N LEU A 362 18.37 12.17 17.66
CA LEU A 362 17.28 12.80 18.43
C LEU A 362 16.42 11.76 19.18
N GLY A 363 16.42 10.51 18.67
CA GLY A 363 15.82 9.38 19.37
C GLY A 363 16.46 9.13 20.73
N GLU A 364 17.76 8.83 20.73
CA GLU A 364 18.50 8.58 21.97
C GLU A 364 18.73 9.86 22.81
N VAL A 365 18.49 11.07 22.22
CA VAL A 365 18.44 12.31 23.00
C VAL A 365 17.25 12.24 23.97
N ILE A 366 16.03 12.05 23.42
CA ILE A 366 14.80 12.01 24.23
C ILE A 366 14.76 10.77 25.14
N ARG A 367 15.45 9.67 24.74
CA ARG A 367 15.55 8.44 25.57
C ARG A 367 16.51 8.65 26.79
N THR A 368 17.74 9.15 26.53
CA THR A 368 18.77 9.37 27.60
C THR A 368 18.32 10.47 28.58
N ASN A 369 17.78 11.57 28.01
CA ASN A 369 17.26 12.71 28.78
C ASN A 369 15.95 12.34 29.51
N GLU A 370 15.33 11.21 29.09
CA GLU A 370 14.08 10.66 29.66
C GLU A 370 12.84 11.49 29.25
N LEU A 371 13.03 12.42 28.29
CA LEU A 371 12.03 13.48 28.03
C LEU A 371 10.93 12.93 27.10
N LYS A 372 9.70 13.39 27.34
CA LYS A 372 8.49 13.00 26.59
C LYS A 372 7.81 14.28 26.13
N ALA A 373 6.89 14.16 25.15
CA ALA A 373 6.12 15.32 24.65
C ALA A 373 5.22 15.84 25.77
N ASP A 374 5.82 16.72 26.58
CA ASP A 374 5.19 17.39 27.74
C ASP A 374 3.85 17.99 27.32
N GLU A 375 2.81 17.82 28.18
CA GLU A 375 1.42 18.20 27.86
C GLU A 375 1.33 19.65 27.35
N GLU A 376 2.02 20.55 28.06
CA GLU A 376 2.06 21.99 27.74
C GLU A 376 3.00 22.28 26.55
N ARG A 377 4.02 21.43 26.32
CA ARG A 377 4.99 21.64 25.22
C ARG A 377 4.32 21.28 23.88
N VAL A 378 3.68 20.10 23.84
CA VAL A 378 2.90 19.65 22.69
C VAL A 378 1.67 20.55 22.51
N LYS A 379 1.03 21.00 23.63
CA LYS A 379 -0.11 21.94 23.59
C LYS A 379 0.35 23.33 23.11
N GLY A 380 1.64 23.65 23.35
CA GLY A 380 2.24 24.91 22.87
C GLY A 380 2.51 24.88 21.38
N LEU A 381 2.98 23.72 20.89
CA LEU A 381 3.21 23.47 19.45
C LEU A 381 1.84 23.46 18.73
N ILE A 382 0.85 22.78 19.36
CA ILE A 382 -0.52 22.71 18.87
C ILE A 382 -1.13 24.12 18.89
N GLU A 383 -0.81 24.95 19.91
CA GLU A 383 -1.29 26.36 20.01
C GLU A 383 -0.73 27.18 18.83
N GLU A 384 0.58 26.98 18.56
CA GLU A 384 1.31 27.60 17.44
C GLU A 384 0.57 27.37 16.10
N MET A 385 0.31 26.10 15.77
CA MET A 385 -0.41 25.74 14.52
C MET A 385 -1.93 26.05 14.62
N ALA A 386 -2.49 26.04 15.85
CA ALA A 386 -3.94 26.26 16.10
C ALA A 386 -4.34 27.71 15.89
N SER A 387 -3.37 28.61 16.11
CA SER A 387 -3.51 30.05 15.83
C SER A 387 -3.74 30.30 14.32
N ALA A 388 -3.36 29.30 13.49
CA ALA A 388 -3.56 29.34 12.04
C ALA A 388 -4.92 28.71 11.62
N TYR A 389 -5.64 28.07 12.59
CA TYR A 389 -7.01 27.50 12.36
C TYR A 389 -8.10 28.52 12.75
N GLU A 390 -9.36 28.08 12.59
CA GLU A 390 -10.56 28.93 12.85
C GLU A 390 -10.96 28.88 14.35
N ASP A 391 -10.43 27.90 15.11
CA ASP A 391 -10.73 27.75 16.55
C ASP A 391 -9.58 26.99 17.24
N PRO A 392 -8.69 27.68 18.02
CA PRO A 392 -7.53 27.02 18.71
C PRO A 392 -7.95 25.91 19.69
N LYS A 393 -8.97 26.21 20.53
CA LYS A 393 -9.43 25.31 21.60
C LYS A 393 -9.92 23.97 21.00
N GLU A 394 -10.62 24.06 19.85
CA GLU A 394 -11.18 22.88 19.16
C GLU A 394 -10.09 22.11 18.40
N VAL A 395 -8.90 22.75 18.16
CA VAL A 395 -7.73 22.05 17.57
C VAL A 395 -7.13 21.16 18.65
N ILE A 396 -6.83 21.77 19.80
CA ILE A 396 -6.24 21.08 20.97
C ILE A 396 -7.18 19.93 21.42
N GLU A 397 -8.50 20.22 21.35
CA GLU A 397 -9.59 19.25 21.61
C GLU A 397 -9.48 18.03 20.66
N PHE A 398 -9.74 18.25 19.35
CA PHE A 398 -9.87 17.15 18.35
C PHE A 398 -8.57 16.33 18.25
N TYR A 399 -7.42 17.01 18.34
CA TYR A 399 -6.10 16.35 18.32
C TYR A 399 -5.93 15.43 19.54
N SER A 400 -6.15 15.97 20.76
CA SER A 400 -6.06 15.17 22.02
C SER A 400 -7.12 14.04 22.03
N LYS A 401 -8.21 14.23 21.26
CA LYS A 401 -9.32 13.26 21.12
C LYS A 401 -8.89 12.13 20.15
N ASN A 402 -8.07 12.48 19.13
CA ASN A 402 -7.73 11.57 18.02
C ASN A 402 -6.44 10.81 18.34
N LYS A 403 -6.43 9.50 18.03
CA LYS A 403 -5.29 8.61 18.29
C LYS A 403 -4.09 9.00 17.40
N GLU A 404 -4.29 8.92 16.06
CA GLU A 404 -3.20 9.12 15.07
C GLU A 404 -2.60 10.53 15.15
N LEU A 405 -3.46 11.52 15.48
CA LEU A 405 -3.02 12.91 15.67
C LEU A 405 -2.23 13.06 16.95
N MET A 406 -2.65 12.37 18.03
CA MET A 406 -1.92 12.42 19.31
C MET A 406 -0.51 11.82 19.13
N ASP A 407 -0.41 10.73 18.34
CA ASP A 407 0.89 10.09 18.01
C ASP A 407 1.77 11.03 17.17
N ASN A 408 1.17 11.57 16.09
CA ASN A 408 1.86 12.43 15.12
C ASN A 408 2.41 13.70 15.78
N MET A 409 1.57 14.34 16.61
CA MET A 409 1.93 15.58 17.33
C MET A 409 2.92 15.27 18.46
N ARG A 410 2.82 14.07 19.05
CA ARG A 410 3.75 13.62 20.10
C ARG A 410 5.15 13.40 19.49
N ASN A 411 5.17 12.89 18.24
CA ASN A 411 6.41 12.66 17.46
C ASN A 411 7.08 14.00 17.15
N VAL A 412 6.33 14.91 16.46
CA VAL A 412 6.88 16.21 16.03
C VAL A 412 7.28 17.09 17.23
N ALA A 413 6.54 16.93 18.36
CA ALA A 413 6.84 17.65 19.61
C ALA A 413 8.06 17.07 20.29
N LEU A 414 8.25 15.74 20.19
CA LEU A 414 9.44 15.07 20.75
C LEU A 414 10.71 15.41 19.97
N GLU A 415 10.60 15.52 18.63
CA GLU A 415 11.72 15.91 17.77
C GLU A 415 12.08 17.39 18.01
N GLU A 416 11.02 18.22 18.13
CA GLU A 416 11.14 19.66 18.42
C GLU A 416 11.82 19.86 19.79
N GLN A 417 11.37 19.08 20.78
CA GLN A 417 11.83 19.14 22.18
C GLN A 417 13.22 18.48 22.31
N ALA A 418 13.52 17.55 21.39
CA ALA A 418 14.84 16.90 21.28
C ALA A 418 15.88 17.92 20.83
N VAL A 419 15.51 18.71 19.80
CA VAL A 419 16.33 19.81 19.30
C VAL A 419 16.53 20.83 20.45
N GLU A 420 15.44 21.24 21.11
CA GLU A 420 15.48 22.16 22.28
C GLU A 420 16.46 21.69 23.37
N ALA A 421 16.38 20.39 23.71
CA ALA A 421 17.25 19.76 24.71
C ALA A 421 18.74 19.87 24.32
N VAL A 422 19.09 19.32 23.14
CA VAL A 422 20.48 19.24 22.67
C VAL A 422 21.09 20.64 22.42
N LEU A 423 20.24 21.63 22.04
CA LEU A 423 20.68 23.03 21.84
C LEU A 423 21.00 23.67 23.18
N ALA A 424 20.06 23.53 24.14
CA ALA A 424 20.20 24.10 25.50
C ALA A 424 21.38 23.46 26.26
N LYS A 425 21.85 22.30 25.79
CA LYS A 425 23.03 21.61 26.32
C LYS A 425 24.29 21.84 25.43
N ALA A 426 24.09 22.45 24.25
CA ALA A 426 25.19 22.89 23.34
C ALA A 426 25.43 24.40 23.48
N LYS A 427 26.31 24.95 22.61
CA LYS A 427 26.62 26.39 22.59
C LYS A 427 25.58 27.13 21.74
N VAL A 428 24.56 27.69 22.43
CA VAL A 428 23.51 28.51 21.78
C VAL A 428 24.05 29.91 21.51
N THR A 429 24.16 30.22 20.22
CA THR A 429 24.56 31.52 19.72
C THR A 429 23.41 32.01 18.83
N GLU A 430 23.32 33.32 18.60
CA GLU A 430 22.20 33.90 17.87
C GLU A 430 22.69 35.04 16.96
N LYS A 431 22.41 34.90 15.66
CA LYS A 431 22.96 35.74 14.59
C LYS A 431 21.92 36.77 14.11
N GLU A 432 22.20 38.06 14.29
CA GLU A 432 21.35 39.14 13.73
C GLU A 432 21.39 39.05 12.18
N THR A 433 20.21 38.79 11.60
CA THR A 433 20.06 38.55 10.16
C THR A 433 18.90 39.39 9.60
N THR A 434 18.95 39.73 8.30
CA THR A 434 17.83 40.33 7.56
C THR A 434 17.02 39.24 6.83
N PHE A 435 15.82 39.61 6.36
CA PHE A 435 14.85 38.66 5.75
C PHE A 435 15.42 38.04 4.46
N ASN A 436 16.25 38.83 3.74
CA ASN A 436 16.93 38.38 2.51
C ASN A 436 17.96 37.30 2.86
N GLU A 437 18.95 37.66 3.71
CA GLU A 437 20.04 36.75 4.15
C GLU A 437 19.51 35.53 4.96
N LEU A 438 18.27 35.63 5.46
CA LEU A 438 17.57 34.51 6.12
C LEU A 438 17.22 33.41 5.09
N MET A 439 16.68 33.85 3.94
CA MET A 439 16.26 32.97 2.84
C MET A 439 17.45 32.63 1.92
N ASN A 440 18.52 33.43 2.04
CA ASN A 440 19.73 33.35 1.16
C ASN A 440 20.91 32.66 1.87
N GLN A 441 20.75 32.36 3.19
CA GLN A 441 21.82 31.92 4.16
C GLN A 441 23.27 31.92 3.61
N GLN A 442 23.80 33.14 3.44
CA GLN A 442 25.23 33.38 3.15
C GLN A 442 25.81 34.25 4.29
N ALA A 443 25.16 34.14 5.46
CA ALA A 443 25.43 34.99 6.63
C ALA A 443 24.90 34.27 7.91
N MET B 12 -12.21 27.92 1.74
CA MET B 12 -12.98 26.81 1.10
C MET B 12 -14.36 26.69 1.73
N GLN B 13 -15.29 26.03 1.02
CA GLN B 13 -16.70 25.89 1.45
C GLN B 13 -16.98 24.44 1.90
N VAL B 14 -17.82 24.26 2.94
CA VAL B 14 -18.25 22.92 3.43
C VAL B 14 -19.79 22.89 3.54
N SER B 15 -20.38 21.69 3.31
CA SER B 15 -21.84 21.49 3.41
C SER B 15 -22.15 20.04 3.80
N VAL B 16 -22.53 19.81 5.08
CA VAL B 16 -22.91 18.48 5.57
C VAL B 16 -24.43 18.22 5.39
N GLU B 17 -24.77 17.07 4.80
CA GLU B 17 -26.16 16.56 4.70
C GLU B 17 -26.15 15.09 5.15
N THR B 18 -27.16 14.72 5.94
CA THR B 18 -27.27 13.38 6.52
C THR B 18 -27.72 12.35 5.45
N THR B 19 -26.84 11.39 5.15
CA THR B 19 -27.09 10.33 4.14
C THR B 19 -27.98 9.21 4.72
N GLN B 20 -27.52 8.61 5.83
CA GLN B 20 -28.09 7.35 6.35
C GLN B 20 -28.24 7.44 7.88
N GLY B 21 -28.92 8.52 8.34
CA GLY B 21 -29.22 8.73 9.76
C GLY B 21 -27.97 8.98 10.60
N LEU B 22 -27.27 7.87 10.91
CA LEU B 22 -25.93 7.90 11.52
C LEU B 22 -24.93 8.44 10.48
N GLY B 23 -25.17 8.03 9.22
CA GLY B 23 -24.37 8.46 8.08
C GLY B 23 -24.49 9.95 7.78
N ARG B 24 -23.38 10.69 7.95
CA ARG B 24 -23.29 12.13 7.67
C ARG B 24 -22.25 12.38 6.57
N ARG B 25 -22.68 13.11 5.55
CA ARG B 25 -21.92 13.38 4.32
C ARG B 25 -21.48 14.85 4.32
N VAL B 26 -20.23 15.08 4.74
CA VAL B 26 -19.63 16.42 4.78
C VAL B 26 -19.06 16.75 3.39
N THR B 27 -19.92 17.29 2.50
CA THR B 27 -19.55 17.61 1.12
C THR B 27 -18.73 18.92 1.10
N ILE B 28 -17.40 18.80 0.92
CA ILE B 28 -16.45 19.93 0.99
C ILE B 28 -15.96 20.29 -0.41
N THR B 29 -16.12 21.56 -0.79
CA THR B 29 -15.61 22.11 -2.04
C THR B 29 -14.27 22.82 -1.79
N ILE B 30 -13.17 22.19 -2.21
CA ILE B 30 -11.84 22.80 -2.24
C ILE B 30 -11.69 23.58 -3.56
N ALA B 31 -11.34 24.88 -3.46
CA ALA B 31 -11.20 25.75 -4.63
C ALA B 31 -9.88 25.47 -5.38
N ALA B 32 -9.84 25.88 -6.67
CA ALA B 32 -8.67 25.69 -7.56
C ALA B 32 -7.38 26.31 -6.99
N ASP B 33 -7.55 27.37 -6.17
CA ASP B 33 -6.45 28.05 -5.47
C ASP B 33 -5.71 27.05 -4.57
N SER B 34 -6.48 26.46 -3.64
CA SER B 34 -5.96 25.54 -2.61
C SER B 34 -5.47 24.20 -3.21
N ILE B 35 -5.96 23.86 -4.42
CA ILE B 35 -5.53 22.67 -5.16
C ILE B 35 -4.17 22.93 -5.82
N GLU B 36 -4.12 23.87 -6.78
CA GLU B 36 -2.93 24.14 -7.60
C GLU B 36 -1.72 24.60 -6.75
N THR B 37 -1.99 25.45 -5.73
CA THR B 37 -0.94 25.91 -4.80
C THR B 37 -0.30 24.69 -4.09
N ALA B 38 -1.16 23.76 -3.64
CA ALA B 38 -0.72 22.54 -2.95
C ALA B 38 -0.01 21.56 -3.90
N VAL B 39 -0.39 21.56 -5.21
CA VAL B 39 0.28 20.72 -6.23
C VAL B 39 1.74 21.17 -6.38
N LYS B 40 1.93 22.48 -6.61
CA LYS B 40 3.26 23.08 -6.83
C LYS B 40 4.13 23.01 -5.55
N SER B 41 3.46 23.16 -4.38
CA SER B 41 4.10 23.03 -3.07
C SER B 41 4.62 21.59 -2.85
N GLU B 42 3.77 20.58 -3.12
CA GLU B 42 4.17 19.15 -2.98
C GLU B 42 5.19 18.75 -4.07
N LEU B 43 5.19 19.47 -5.21
CA LEU B 43 6.20 19.29 -6.27
C LEU B 43 7.60 19.72 -5.76
N VAL B 44 7.72 20.96 -5.23
CA VAL B 44 9.03 21.44 -4.73
C VAL B 44 9.47 20.66 -3.47
N ASN B 45 8.48 20.29 -2.61
CA ASN B 45 8.73 19.47 -1.41
C ASN B 45 9.35 18.12 -1.81
N VAL B 46 8.64 17.37 -2.68
CA VAL B 46 9.10 16.06 -3.15
C VAL B 46 10.43 16.19 -3.93
N ALA B 47 10.64 17.34 -4.61
CA ALA B 47 11.90 17.64 -5.33
C ALA B 47 13.07 17.86 -4.34
N LYS B 48 12.76 18.36 -3.12
CA LYS B 48 13.78 18.60 -2.07
C LYS B 48 14.13 17.28 -1.35
N LYS B 49 13.11 16.55 -0.90
CA LYS B 49 13.28 15.37 -0.02
C LYS B 49 13.74 14.13 -0.81
N VAL B 50 13.39 14.07 -2.10
CA VAL B 50 13.83 13.00 -3.00
C VAL B 50 15.15 13.39 -3.71
N ARG B 51 15.52 14.69 -3.60
CA ARG B 51 16.83 15.23 -4.05
C ARG B 51 16.91 15.19 -5.61
N ILE B 52 15.81 15.63 -6.25
CA ILE B 52 15.69 15.69 -7.72
C ILE B 52 15.22 17.11 -8.15
N ASP B 53 16.15 18.08 -8.07
CA ASP B 53 15.90 19.49 -8.44
C ASP B 53 15.87 19.66 -9.98
N GLY B 54 14.68 19.38 -10.57
CA GLY B 54 14.43 19.56 -12.02
C GLY B 54 15.46 18.82 -12.88
N PHE B 55 16.39 19.59 -13.47
CA PHE B 55 17.56 19.04 -14.15
C PHE B 55 18.64 18.68 -13.11
N ARG B 56 19.37 19.70 -12.60
CA ARG B 56 20.43 19.53 -11.58
C ARG B 56 20.48 20.77 -10.65
N LYS B 57 19.50 21.69 -10.81
CA LYS B 57 19.56 23.05 -10.23
C LYS B 57 18.19 23.74 -10.28
N GLY B 58 17.13 22.91 -10.20
CA GLY B 58 15.76 23.39 -10.34
C GLY B 58 15.45 23.74 -11.78
N LYS B 59 15.14 25.03 -12.03
CA LYS B 59 14.73 25.58 -13.36
C LYS B 59 13.36 25.01 -13.81
N VAL B 60 12.76 25.68 -14.81
CA VAL B 60 11.42 25.33 -15.36
C VAL B 60 10.33 25.50 -14.27
N PRO B 61 9.66 26.72 -14.21
CA PRO B 61 8.65 27.08 -13.17
C PRO B 61 7.67 25.94 -12.78
N MET B 62 7.40 25.82 -11.47
CA MET B 62 6.58 24.72 -10.89
C MET B 62 5.13 24.76 -11.44
N ASN B 63 4.72 25.98 -11.87
CA ASN B 63 3.41 26.26 -12.50
C ASN B 63 3.17 25.32 -13.70
N ILE B 64 4.12 25.34 -14.65
CA ILE B 64 4.03 24.57 -15.91
C ILE B 64 4.44 23.10 -15.71
N VAL B 65 5.23 22.80 -14.65
CA VAL B 65 5.56 21.40 -14.28
C VAL B 65 4.26 20.67 -13.87
N ALA B 66 3.45 21.37 -13.04
CA ALA B 66 2.13 20.89 -12.62
C ALA B 66 1.17 20.81 -13.82
N GLN B 67 1.10 21.92 -14.56
CA GLN B 67 0.07 22.16 -15.59
C GLN B 67 0.24 21.25 -16.81
N ARG B 68 1.50 21.00 -17.21
CA ARG B 68 1.83 20.12 -18.36
C ARG B 68 1.73 18.64 -17.98
N TYR B 69 2.57 18.19 -17.01
CA TYR B 69 2.77 16.75 -16.73
C TYR B 69 2.68 16.41 -15.23
N GLY B 70 1.99 17.25 -14.43
CA GLY B 70 1.75 16.97 -13.00
C GLY B 70 0.50 16.11 -12.77
N ALA B 71 0.37 15.01 -13.55
CA ALA B 71 -0.78 14.08 -13.48
C ALA B 71 -0.49 12.92 -12.51
N SER B 72 0.79 12.48 -12.48
CA SER B 72 1.25 11.34 -11.64
C SER B 72 1.48 11.75 -10.18
N VAL B 73 1.56 13.08 -9.93
CA VAL B 73 1.69 13.65 -8.57
C VAL B 73 0.30 14.00 -8.00
N ARG B 74 -0.73 14.05 -8.88
CA ARG B 74 -2.09 14.52 -8.54
C ARG B 74 -2.73 13.61 -7.46
N GLN B 75 -2.39 12.30 -7.52
CA GLN B 75 -2.82 11.28 -6.53
C GLN B 75 -2.25 11.61 -5.13
N ASP B 76 -0.95 11.95 -5.10
CA ASP B 76 -0.21 12.29 -3.87
C ASP B 76 -0.84 13.54 -3.22
N VAL B 77 -0.97 14.60 -4.05
CA VAL B 77 -1.47 15.91 -3.62
C VAL B 77 -2.89 15.79 -3.05
N LEU B 78 -3.85 15.33 -3.89
CA LEU B 78 -5.27 15.16 -3.47
C LEU B 78 -5.38 14.19 -2.28
N GLY B 79 -4.56 13.13 -2.32
CA GLY B 79 -4.48 12.14 -1.25
C GLY B 79 -4.09 12.76 0.10
N ASP B 80 -3.25 13.81 0.05
CA ASP B 80 -2.78 14.52 1.26
C ASP B 80 -3.77 15.67 1.62
N LEU B 81 -4.38 16.27 0.58
CA LEU B 81 -5.36 17.39 0.71
C LEU B 81 -6.63 16.94 1.41
N MET B 82 -7.06 15.69 1.14
CA MET B 82 -8.28 15.11 1.73
C MET B 82 -8.19 15.07 3.26
N SER B 83 -6.98 14.88 3.79
CA SER B 83 -6.73 14.93 5.24
C SER B 83 -6.57 16.40 5.71
N ARG B 84 -5.77 17.19 4.97
CA ARG B 84 -5.40 18.59 5.34
C ARG B 84 -6.61 19.56 5.40
N ASN B 85 -7.63 19.32 4.56
CA ASN B 85 -8.84 20.18 4.51
C ASN B 85 -9.95 19.61 5.41
N PHE B 86 -9.96 18.28 5.59
CA PHE B 86 -10.89 17.60 6.51
C PHE B 86 -10.64 18.07 7.95
N ILE B 87 -9.36 18.00 8.38
CA ILE B 87 -8.94 18.33 9.75
C ILE B 87 -9.28 19.80 10.08
N ASP B 88 -9.15 20.67 9.08
CA ASP B 88 -9.47 22.09 9.20
C ASP B 88 -10.99 22.28 9.38
N ALA B 89 -11.75 21.73 8.40
CA ALA B 89 -13.21 21.89 8.30
C ALA B 89 -13.96 21.50 9.57
N ILE B 90 -13.57 20.36 10.15
CA ILE B 90 -14.25 19.77 11.32
C ILE B 90 -13.98 20.55 12.62
N ILE B 91 -12.93 21.40 12.60
CA ILE B 91 -12.57 22.26 13.74
C ILE B 91 -13.37 23.57 13.62
N LYS B 92 -14.70 23.41 13.83
CA LYS B 92 -15.74 24.46 13.80
C LYS B 92 -17.12 23.80 13.88
N GLU B 93 -17.25 22.60 13.30
CA GLU B 93 -18.56 21.98 13.03
C GLU B 93 -19.04 21.06 14.15
N LYS B 94 -18.09 20.39 14.87
CA LYS B 94 -18.42 19.25 15.77
C LYS B 94 -18.96 18.08 14.92
N ILE B 95 -18.12 17.04 14.73
CA ILE B 95 -18.17 16.09 13.59
C ILE B 95 -16.85 15.29 13.61
N ASN B 96 -17.01 13.96 13.67
CA ASN B 96 -15.92 12.98 13.83
C ASN B 96 -16.39 11.61 13.28
N PRO B 97 -15.56 10.92 12.43
CA PRO B 97 -15.88 9.57 11.89
C PRO B 97 -15.79 8.45 12.96
N ALA B 98 -16.73 7.50 12.91
CA ALA B 98 -16.65 6.28 13.73
C ALA B 98 -15.65 5.31 13.12
N GLY B 99 -14.41 5.35 13.64
CA GLY B 99 -13.33 4.46 13.20
C GLY B 99 -12.58 5.01 12.01
N ALA B 100 -13.27 5.13 10.87
CA ALA B 100 -12.65 5.54 9.58
C ALA B 100 -13.60 6.47 8.80
N PRO B 101 -13.08 7.55 8.15
CA PRO B 101 -13.83 8.32 7.13
C PRO B 101 -13.82 7.61 5.76
N THR B 102 -14.62 8.12 4.83
CA THR B 102 -14.70 7.64 3.45
C THR B 102 -14.78 8.87 2.53
N TYR B 103 -13.61 9.30 2.02
CA TYR B 103 -13.48 10.47 1.14
C TYR B 103 -13.95 10.07 -0.27
N VAL B 104 -15.27 10.18 -0.50
CA VAL B 104 -15.89 9.87 -1.79
C VAL B 104 -15.64 11.04 -2.75
N PRO B 105 -14.97 10.82 -3.93
CA PRO B 105 -14.86 11.85 -4.99
C PRO B 105 -16.24 12.12 -5.62
N GLY B 106 -17.02 13.02 -4.99
CA GLY B 106 -18.40 13.32 -5.39
C GLY B 106 -18.46 13.85 -6.83
N GLU B 107 -17.69 14.90 -7.08
CA GLU B 107 -17.47 15.47 -8.41
C GLU B 107 -16.16 16.26 -8.39
N TYR B 108 -15.32 15.99 -9.39
CA TYR B 108 -14.03 16.66 -9.55
C TYR B 108 -13.67 16.68 -11.05
N LYS B 109 -13.78 17.85 -11.66
CA LYS B 109 -13.18 18.13 -12.96
C LYS B 109 -11.77 18.66 -12.71
N LEU B 110 -10.78 18.07 -13.39
CA LEU B 110 -9.34 18.28 -13.16
C LEU B 110 -8.97 19.77 -13.34
N GLY B 111 -8.72 20.45 -12.21
CA GLY B 111 -8.23 21.84 -12.21
C GLY B 111 -9.30 22.86 -11.84
N GLU B 112 -10.58 22.46 -11.91
CA GLU B 112 -11.72 23.37 -11.63
C GLU B 112 -11.92 23.52 -10.11
N ASP B 113 -12.37 22.43 -9.46
CA ASP B 113 -12.65 22.40 -8.01
C ASP B 113 -12.87 20.96 -7.54
N PHE B 114 -12.39 20.66 -6.32
CA PHE B 114 -12.45 19.32 -5.71
C PHE B 114 -13.56 19.27 -4.66
N THR B 115 -14.80 19.08 -5.14
CA THR B 115 -15.96 18.84 -4.27
C THR B 115 -16.02 17.34 -3.94
N TYR B 116 -15.47 16.96 -2.77
CA TYR B 116 -15.45 15.57 -2.32
C TYR B 116 -16.45 15.38 -1.17
N SER B 117 -17.26 14.34 -1.34
CA SER B 117 -18.29 13.91 -0.41
C SER B 117 -17.61 13.12 0.73
N VAL B 118 -17.29 13.80 1.84
CA VAL B 118 -16.56 13.21 2.95
C VAL B 118 -17.56 12.48 3.87
N GLU B 119 -17.87 11.23 3.51
CA GLU B 119 -18.93 10.44 4.14
C GLU B 119 -18.37 9.52 5.22
N PHE B 120 -19.17 9.31 6.25
CA PHE B 120 -18.90 8.38 7.35
C PHE B 120 -20.21 8.17 8.11
N GLU B 121 -20.19 7.33 9.15
CA GLU B 121 -21.28 7.25 10.13
C GLU B 121 -20.72 7.56 11.52
N VAL B 122 -21.60 8.04 12.40
CA VAL B 122 -21.34 8.11 13.85
C VAL B 122 -21.68 6.75 14.46
N TYR B 123 -20.95 6.36 15.53
CA TYR B 123 -20.91 4.98 16.01
C TYR B 123 -22.22 4.56 16.70
N PRO B 124 -22.97 3.56 16.11
CA PRO B 124 -24.07 2.91 16.83
C PRO B 124 -23.47 1.93 17.87
N GLU B 125 -23.64 2.29 19.16
CA GLU B 125 -22.99 1.61 20.30
C GLU B 125 -23.32 0.10 20.31
N VAL B 126 -22.24 -0.70 20.24
CA VAL B 126 -22.31 -2.17 20.23
C VAL B 126 -22.97 -2.71 21.52
N GLU B 127 -24.11 -3.37 21.35
CA GLU B 127 -24.74 -4.15 22.42
C GLU B 127 -24.21 -5.58 22.32
N LEU B 128 -23.81 -6.16 23.46
CA LEU B 128 -23.40 -7.56 23.53
C LEU B 128 -24.15 -8.25 24.68
N GLN B 129 -25.29 -8.85 24.33
CA GLN B 129 -26.09 -9.68 25.23
C GLN B 129 -25.92 -11.14 24.81
N GLY B 130 -26.75 -12.03 25.38
CA GLY B 130 -26.75 -13.44 25.03
C GLY B 130 -25.74 -14.24 25.83
N LEU B 131 -25.30 -13.71 26.98
CA LEU B 131 -24.37 -14.41 27.89
C LEU B 131 -25.05 -15.65 28.53
N GLU B 132 -26.39 -15.74 28.39
CA GLU B 132 -27.20 -16.91 28.82
C GLU B 132 -27.90 -17.58 27.60
N ALA B 133 -27.57 -17.14 26.37
CA ALA B 133 -28.29 -17.59 25.13
C ALA B 133 -27.36 -18.31 24.14
N ILE B 134 -26.09 -17.84 24.07
CA ILE B 134 -25.08 -18.35 23.12
C ILE B 134 -24.76 -19.83 23.41
N GLU B 135 -25.36 -20.72 22.63
CA GLU B 135 -25.15 -22.17 22.73
C GLU B 135 -23.91 -22.57 21.91
N VAL B 136 -22.74 -22.56 22.57
CA VAL B 136 -21.44 -22.91 21.97
C VAL B 136 -21.29 -24.44 21.96
N GLU B 137 -20.58 -24.98 20.98
CA GLU B 137 -20.40 -26.41 20.84
C GLU B 137 -18.91 -26.76 20.86
N LYS B 138 -18.53 -27.64 21.81
CA LYS B 138 -17.20 -28.27 21.86
C LYS B 138 -17.35 -29.72 21.37
N PRO B 139 -17.02 -30.02 20.08
CA PRO B 139 -17.03 -31.41 19.59
C PRO B 139 -15.81 -32.17 20.18
N ILE B 140 -16.04 -32.81 21.35
CA ILE B 140 -15.01 -33.58 22.05
C ILE B 140 -14.72 -34.85 21.25
N VAL B 141 -13.73 -34.73 20.38
CA VAL B 141 -13.33 -35.78 19.42
C VAL B 141 -11.91 -36.27 19.74
N GLU B 142 -11.52 -37.35 19.06
CA GLU B 142 -10.16 -37.91 19.16
C GLU B 142 -9.82 -38.64 17.86
N VAL B 143 -8.52 -38.77 17.58
CA VAL B 143 -8.01 -39.62 16.49
C VAL B 143 -8.06 -41.09 16.97
N THR B 144 -9.26 -41.68 16.92
CA THR B 144 -9.48 -43.09 17.28
C THR B 144 -8.99 -43.98 16.12
N ASP B 145 -8.60 -45.23 16.42
CA ASP B 145 -8.20 -46.21 15.38
C ASP B 145 -9.37 -46.48 14.40
N ALA B 146 -10.60 -46.36 14.93
CA ALA B 146 -11.84 -46.39 14.16
C ALA B 146 -11.88 -45.25 13.13
N ASP B 147 -11.54 -44.02 13.58
CA ASP B 147 -11.48 -42.81 12.74
C ASP B 147 -10.39 -42.92 11.68
N VAL B 148 -9.22 -43.48 12.06
CA VAL B 148 -8.09 -43.68 11.14
C VAL B 148 -8.52 -44.60 9.98
N ASP B 149 -9.19 -45.71 10.35
CA ASP B 149 -9.68 -46.72 9.37
C ASP B 149 -10.71 -46.13 8.40
N GLY B 150 -11.75 -45.47 8.98
CA GLY B 150 -12.86 -44.91 8.20
C GLY B 150 -12.44 -43.76 7.29
N MET B 151 -11.62 -42.85 7.82
CA MET B 151 -11.07 -41.71 7.06
C MET B 151 -10.19 -42.24 5.91
N LEU B 152 -9.32 -43.22 6.23
CA LEU B 152 -8.41 -43.85 5.25
C LEU B 152 -9.22 -44.47 4.09
N ASP B 153 -10.32 -45.16 4.46
CA ASP B 153 -11.20 -45.85 3.52
C ASP B 153 -11.88 -44.87 2.55
N THR B 154 -12.54 -43.85 3.12
CA THR B 154 -13.24 -42.80 2.34
C THR B 154 -12.25 -42.03 1.44
N LEU B 155 -11.00 -41.88 1.93
CA LEU B 155 -9.91 -41.23 1.17
C LEU B 155 -9.53 -42.09 -0.06
N ARG B 156 -9.16 -43.36 0.18
CA ARG B 156 -8.66 -44.28 -0.87
C ARG B 156 -9.75 -44.73 -1.84
N LYS B 157 -11.03 -44.53 -1.46
CA LYS B 157 -12.18 -44.85 -2.32
C LYS B 157 -12.66 -43.63 -3.14
N GLN B 158 -12.85 -42.46 -2.50
CA GLN B 158 -13.37 -41.26 -3.20
C GLN B 158 -12.26 -40.55 -4.00
N GLN B 159 -11.06 -40.41 -3.39
CA GLN B 159 -9.86 -39.84 -4.06
C GLN B 159 -9.02 -40.96 -4.73
N ALA B 160 -9.70 -42.05 -5.17
CA ALA B 160 -9.06 -43.30 -5.64
C ALA B 160 -8.17 -43.10 -6.88
N THR B 161 -7.31 -44.11 -7.13
CA THR B 161 -6.44 -44.17 -8.31
C THR B 161 -7.28 -44.35 -9.59
N TRP B 162 -6.79 -43.76 -10.68
CA TRP B 162 -7.53 -43.59 -11.93
C TRP B 162 -6.99 -44.57 -13.01
N LYS B 163 -7.92 -45.12 -13.80
CA LYS B 163 -7.57 -45.92 -14.99
C LYS B 163 -7.97 -45.14 -16.25
N GLU B 164 -7.46 -45.57 -17.41
CA GLU B 164 -7.78 -44.93 -18.70
C GLU B 164 -9.17 -45.40 -19.17
N LYS B 165 -10.15 -44.48 -19.20
CA LYS B 165 -11.50 -44.77 -19.69
C LYS B 165 -11.54 -44.69 -21.22
N ASP B 166 -11.94 -45.78 -21.87
CA ASP B 166 -12.23 -45.79 -23.31
C ASP B 166 -13.76 -45.74 -23.49
N GLY B 167 -14.28 -44.54 -23.74
CA GLY B 167 -15.72 -44.32 -23.90
C GLY B 167 -16.12 -42.87 -23.68
N ALA B 168 -17.45 -42.63 -23.58
CA ALA B 168 -17.99 -41.29 -23.32
C ALA B 168 -17.85 -40.91 -21.84
N VAL B 169 -17.70 -39.61 -21.56
CA VAL B 169 -17.52 -39.09 -20.20
C VAL B 169 -18.84 -39.17 -19.40
N GLU B 170 -18.77 -39.46 -18.09
CA GLU B 170 -19.91 -39.33 -17.16
C GLU B 170 -19.52 -38.44 -15.97
N ALA B 171 -20.52 -38.08 -15.16
CA ALA B 171 -20.33 -37.27 -13.95
C ALA B 171 -19.69 -38.11 -12.83
N GLU B 172 -19.82 -39.44 -12.93
CA GLU B 172 -19.22 -40.41 -11.99
C GLU B 172 -17.81 -40.85 -12.47
N ASP B 173 -17.20 -40.05 -13.37
CA ASP B 173 -15.83 -40.27 -13.86
C ASP B 173 -14.97 -38.99 -13.70
N ARG B 174 -13.72 -39.10 -14.12
CA ARG B 174 -12.78 -37.98 -14.24
C ARG B 174 -12.52 -37.69 -15.74
N VAL B 175 -12.13 -36.44 -16.04
CA VAL B 175 -11.71 -36.04 -17.38
C VAL B 175 -10.65 -34.91 -17.29
N THR B 176 -9.49 -35.12 -17.93
CA THR B 176 -8.45 -34.09 -18.08
C THR B 176 -8.52 -33.47 -19.51
N ILE B 177 -8.88 -32.18 -19.54
CA ILE B 177 -9.05 -31.37 -20.76
C ILE B 177 -8.33 -30.03 -20.60
N ASP B 178 -8.59 -29.09 -21.53
CA ASP B 178 -8.24 -27.67 -21.37
C ASP B 178 -9.44 -26.84 -21.85
N PHE B 179 -10.09 -26.08 -20.96
CA PHE B 179 -11.22 -25.20 -21.33
C PHE B 179 -10.72 -23.75 -21.48
N THR B 180 -11.16 -23.08 -22.56
CA THR B 180 -10.84 -21.69 -22.87
C THR B 180 -11.70 -21.20 -24.04
N GLY B 181 -11.78 -19.88 -24.23
CA GLY B 181 -12.53 -19.31 -25.33
C GLY B 181 -12.77 -17.82 -25.13
N SER B 182 -14.05 -17.44 -24.94
CA SER B 182 -14.45 -16.04 -24.81
C SER B 182 -15.92 -15.98 -24.34
N VAL B 183 -16.20 -15.12 -23.34
CA VAL B 183 -17.56 -14.87 -22.84
C VAL B 183 -18.30 -13.97 -23.82
N ASP B 184 -19.15 -14.61 -24.66
CA ASP B 184 -19.99 -13.95 -25.68
C ASP B 184 -19.13 -13.29 -26.80
N GLY B 185 -17.85 -13.69 -26.87
CA GLY B 185 -16.89 -13.11 -27.83
C GLY B 185 -15.88 -12.19 -27.17
N GLU B 186 -16.10 -11.87 -25.88
CA GLU B 186 -15.18 -11.05 -25.07
C GLU B 186 -14.23 -11.95 -24.27
N GLU B 187 -12.92 -11.72 -24.43
CA GLU B 187 -11.87 -12.47 -23.72
C GLU B 187 -11.89 -12.13 -22.23
N PHE B 188 -11.85 -13.16 -21.37
CA PHE B 188 -11.91 -13.01 -19.91
C PHE B 188 -10.57 -13.45 -19.27
N GLU B 189 -9.98 -12.50 -18.52
CA GLU B 189 -8.65 -12.63 -17.88
C GLU B 189 -8.68 -13.68 -16.75
N GLY B 190 -7.73 -14.65 -16.83
CA GLY B 190 -7.66 -15.78 -15.90
C GLY B 190 -8.68 -16.86 -16.18
N GLY B 191 -9.50 -16.66 -17.24
CA GLY B 191 -10.58 -17.57 -17.59
C GLY B 191 -10.14 -18.62 -18.60
N LYS B 192 -9.25 -19.51 -18.12
CA LYS B 192 -8.68 -20.62 -18.89
C LYS B 192 -7.83 -21.50 -17.97
N ALA B 193 -7.70 -22.78 -18.35
CA ALA B 193 -6.97 -23.76 -17.54
C ALA B 193 -6.53 -24.94 -18.44
N SER B 194 -5.26 -24.91 -18.89
CA SER B 194 -4.64 -26.00 -19.62
C SER B 194 -4.22 -27.11 -18.64
N ASP B 195 -4.59 -28.36 -18.96
CA ASP B 195 -4.42 -29.54 -18.09
C ASP B 195 -5.34 -29.42 -16.86
N PHE B 196 -6.58 -29.02 -17.14
CA PHE B 196 -7.68 -29.01 -16.16
C PHE B 196 -8.17 -30.44 -15.90
N VAL B 197 -8.32 -30.82 -14.62
CA VAL B 197 -8.89 -32.10 -14.22
C VAL B 197 -10.24 -31.88 -13.51
N LEU B 198 -11.32 -32.36 -14.15
CA LEU B 198 -12.63 -32.51 -13.50
C LEU B 198 -12.72 -33.93 -12.92
N ALA B 199 -12.54 -34.03 -11.61
CA ALA B 199 -12.71 -35.30 -10.88
C ALA B 199 -14.08 -35.32 -10.20
N MET B 200 -14.73 -36.48 -10.24
CA MET B 200 -15.93 -36.76 -9.43
C MET B 200 -15.55 -36.87 -7.93
N GLY B 201 -16.58 -36.90 -7.07
CA GLY B 201 -16.38 -36.93 -5.62
C GLY B 201 -16.58 -35.56 -4.99
N GLN B 202 -16.45 -34.51 -5.83
CA GLN B 202 -16.79 -33.13 -5.47
C GLN B 202 -18.33 -32.95 -5.49
N GLY B 203 -18.80 -31.70 -5.37
CA GLY B 203 -20.20 -31.37 -5.65
C GLY B 203 -20.49 -31.31 -7.16
N ARG B 204 -21.67 -30.80 -7.53
CA ARG B 204 -22.06 -30.63 -8.94
C ARG B 204 -21.29 -29.46 -9.59
N MET B 205 -21.05 -29.54 -10.90
CA MET B 205 -20.36 -28.48 -11.68
C MET B 205 -21.36 -27.31 -11.95
N ILE B 206 -20.99 -26.33 -12.78
CA ILE B 206 -21.96 -25.34 -13.28
C ILE B 206 -22.80 -25.97 -14.41
N PRO B 207 -24.17 -25.78 -14.39
CA PRO B 207 -25.05 -26.21 -15.49
C PRO B 207 -24.61 -25.63 -16.86
N GLY B 208 -24.79 -26.40 -17.92
CA GLY B 208 -24.29 -26.06 -19.25
C GLY B 208 -22.96 -26.73 -19.53
N PHE B 209 -21.97 -26.46 -18.66
CA PHE B 209 -20.59 -26.95 -18.82
C PHE B 209 -20.54 -28.47 -18.71
N GLU B 210 -20.99 -29.00 -17.54
CA GLU B 210 -21.00 -30.45 -17.23
C GLU B 210 -21.75 -31.24 -18.31
N ASP B 211 -22.85 -30.64 -18.82
CA ASP B 211 -23.68 -31.21 -19.90
C ASP B 211 -22.87 -31.46 -21.18
N GLY B 212 -21.94 -30.54 -21.48
CA GLY B 212 -21.09 -30.66 -22.66
C GLY B 212 -20.07 -31.77 -22.47
N ILE B 213 -19.38 -31.67 -21.31
CA ILE B 213 -18.32 -32.60 -20.88
C ILE B 213 -18.77 -34.06 -21.01
N LYS B 214 -19.85 -34.41 -20.30
CA LYS B 214 -20.39 -35.79 -20.26
C LYS B 214 -21.31 -36.09 -21.44
N GLY B 215 -21.58 -35.08 -22.29
CA GLY B 215 -22.50 -35.24 -23.41
C GLY B 215 -21.78 -35.64 -24.69
N HIS B 216 -20.51 -36.06 -24.53
CA HIS B 216 -19.59 -36.34 -25.62
C HIS B 216 -18.64 -37.49 -25.22
N LYS B 217 -17.81 -37.93 -26.18
CA LYS B 217 -16.94 -39.11 -26.03
C LYS B 217 -15.47 -38.71 -26.13
N ALA B 218 -14.60 -39.50 -25.47
CA ALA B 218 -13.15 -39.25 -25.44
C ALA B 218 -12.53 -39.25 -26.85
N GLY B 219 -11.45 -38.47 -27.02
CA GLY B 219 -10.73 -38.40 -28.28
C GLY B 219 -11.09 -37.18 -29.12
N GLU B 220 -12.37 -36.77 -29.10
CA GLU B 220 -12.85 -35.63 -29.92
C GLU B 220 -12.51 -34.29 -29.24
N GLU B 221 -12.39 -33.24 -30.07
CA GLU B 221 -12.17 -31.86 -29.61
C GLU B 221 -13.23 -30.96 -30.27
N PHE B 222 -13.85 -30.08 -29.47
CA PHE B 222 -15.00 -29.25 -29.88
C PHE B 222 -15.07 -28.01 -29.00
N THR B 223 -16.21 -27.29 -29.05
CA THR B 223 -16.51 -26.18 -28.15
C THR B 223 -17.97 -26.25 -27.68
N ILE B 224 -18.27 -25.60 -26.54
CA ILE B 224 -19.63 -25.50 -25.98
C ILE B 224 -19.96 -24.01 -25.69
N ASP B 225 -21.16 -23.58 -26.10
CA ASP B 225 -21.72 -22.26 -25.75
C ASP B 225 -22.63 -22.44 -24.53
N VAL B 226 -22.07 -22.23 -23.33
CA VAL B 226 -22.83 -22.27 -22.05
C VAL B 226 -23.24 -20.84 -21.68
N THR B 227 -23.75 -20.65 -20.45
CA THR B 227 -24.02 -19.31 -19.90
C THR B 227 -23.68 -19.31 -18.41
N PHE B 228 -22.88 -18.31 -17.96
CA PHE B 228 -22.59 -18.12 -16.52
C PHE B 228 -23.89 -17.75 -15.77
N PRO B 229 -24.11 -18.31 -14.53
CA PRO B 229 -25.27 -17.98 -13.67
C PRO B 229 -25.49 -16.46 -13.49
N GLU B 230 -26.76 -16.04 -13.41
CA GLU B 230 -27.11 -14.61 -13.14
C GLU B 230 -26.70 -14.22 -11.70
N GLU B 231 -26.49 -15.22 -10.83
CA GLU B 231 -25.96 -15.02 -9.46
C GLU B 231 -24.42 -14.93 -9.43
N TYR B 232 -23.74 -15.24 -10.57
CA TYR B 232 -22.26 -15.33 -10.62
C TYR B 232 -21.62 -13.97 -10.20
N HIS B 233 -20.49 -14.07 -9.49
CA HIS B 233 -19.90 -12.97 -8.69
C HIS B 233 -19.19 -11.87 -9.53
N ALA B 234 -19.20 -11.96 -10.87
CA ALA B 234 -18.60 -10.94 -11.75
C ALA B 234 -19.62 -10.53 -12.80
N GLU B 235 -19.84 -9.21 -12.94
CA GLU B 235 -20.97 -8.64 -13.71
C GLU B 235 -20.87 -8.96 -15.20
N ASN B 236 -19.67 -8.75 -15.77
CA ASN B 236 -19.45 -8.91 -17.23
C ASN B 236 -19.54 -10.39 -17.67
N LEU B 237 -19.32 -11.31 -16.71
CA LEU B 237 -19.34 -12.77 -16.97
C LEU B 237 -20.77 -13.31 -16.80
N LYS B 238 -21.46 -12.87 -15.72
CA LYS B 238 -22.78 -13.40 -15.34
C LYS B 238 -23.85 -13.04 -16.38
N GLY B 239 -24.75 -14.00 -16.66
CA GLY B 239 -25.87 -13.79 -17.59
C GLY B 239 -25.48 -13.89 -19.07
N LYS B 240 -24.18 -13.71 -19.36
CA LYS B 240 -23.66 -13.77 -20.72
C LYS B 240 -23.27 -15.22 -21.06
N ALA B 241 -23.39 -15.57 -22.36
CA ALA B 241 -22.94 -16.85 -22.89
C ALA B 241 -21.40 -16.95 -22.84
N ALA B 242 -20.87 -18.18 -22.81
CA ALA B 242 -19.44 -18.43 -22.62
C ALA B 242 -19.00 -19.61 -23.50
N LYS B 243 -18.05 -19.32 -24.39
CA LYS B 243 -17.48 -20.30 -25.33
C LYS B 243 -16.31 -21.03 -24.64
N PHE B 244 -16.40 -22.37 -24.61
CA PHE B 244 -15.40 -23.24 -23.98
C PHE B 244 -15.01 -24.37 -24.93
N ALA B 245 -13.86 -24.20 -25.59
CA ALA B 245 -13.22 -25.25 -26.39
C ALA B 245 -12.87 -26.45 -25.51
N ILE B 246 -13.77 -27.45 -25.49
CA ILE B 246 -13.57 -28.68 -24.71
C ILE B 246 -12.81 -29.70 -25.57
N ASN B 247 -11.52 -29.84 -25.27
CA ASN B 247 -10.65 -30.83 -25.90
C ASN B 247 -10.68 -32.11 -25.05
N LEU B 248 -11.59 -33.07 -25.35
CA LEU B 248 -11.63 -34.36 -24.64
C LEU B 248 -10.38 -35.19 -25.01
N LYS B 249 -9.30 -34.92 -24.28
CA LYS B 249 -8.00 -35.55 -24.48
C LYS B 249 -7.93 -36.81 -23.63
N LYS B 250 -7.91 -36.62 -22.31
CA LYS B 250 -7.74 -37.70 -21.34
C LYS B 250 -9.04 -37.82 -20.55
N VAL B 251 -9.60 -39.03 -20.46
CA VAL B 251 -10.81 -39.32 -19.66
C VAL B 251 -10.47 -40.52 -18.78
N GLU B 252 -10.42 -40.30 -17.47
CA GLU B 252 -10.04 -41.34 -16.49
C GLU B 252 -11.30 -41.90 -15.82
N GLU B 253 -11.43 -43.23 -15.82
CA GLU B 253 -12.52 -43.92 -15.13
C GLU B 253 -12.16 -44.12 -13.65
N ARG B 254 -13.13 -43.81 -12.77
CA ARG B 254 -12.93 -43.86 -11.31
C ARG B 254 -12.97 -45.33 -10.85
N GLU B 255 -11.77 -45.92 -10.76
CA GLU B 255 -11.56 -47.34 -10.43
C GLU B 255 -11.19 -47.49 -8.95
N LEU B 256 -11.56 -48.64 -8.36
CA LEU B 256 -11.18 -49.01 -6.99
C LEU B 256 -10.33 -50.30 -7.01
N PRO B 257 -9.00 -50.21 -7.33
CA PRO B 257 -8.09 -51.39 -7.31
C PRO B 257 -7.79 -51.80 -5.86
N GLU B 258 -7.04 -50.93 -5.16
CA GLU B 258 -6.63 -51.10 -3.75
C GLU B 258 -5.79 -49.88 -3.32
N LEU B 259 -5.61 -49.73 -1.99
CA LEU B 259 -4.66 -48.78 -1.40
C LEU B 259 -3.21 -49.17 -1.82
N THR B 260 -2.79 -48.67 -2.99
CA THR B 260 -1.52 -49.06 -3.64
C THR B 260 -0.40 -48.07 -3.31
N ALA B 261 0.86 -48.54 -3.49
CA ALA B 261 2.08 -47.74 -3.20
C ALA B 261 2.13 -46.45 -4.03
N GLU B 262 1.60 -46.50 -5.28
CA GLU B 262 1.49 -45.31 -6.16
C GLU B 262 0.52 -44.27 -5.58
N PHE B 263 -0.49 -44.74 -4.81
CA PHE B 263 -1.46 -43.87 -4.15
C PHE B 263 -0.81 -43.25 -2.90
N ILE B 264 -0.06 -44.09 -2.16
CA ILE B 264 0.69 -43.69 -0.95
C ILE B 264 1.62 -42.50 -1.30
N LYS B 265 2.44 -42.69 -2.33
CA LYS B 265 3.44 -41.69 -2.78
C LYS B 265 2.76 -40.45 -3.43
N ARG B 266 1.43 -40.50 -3.68
CA ARG B 266 0.68 -39.38 -4.30
C ARG B 266 0.51 -38.22 -3.29
N PHE B 267 0.66 -38.53 -1.99
CA PHE B 267 0.71 -37.51 -0.92
C PHE B 267 2.13 -36.94 -0.77
N GLY B 268 3.11 -37.62 -1.41
CA GLY B 268 4.52 -37.28 -1.29
C GLY B 268 5.17 -37.97 -0.10
N VAL B 269 4.63 -39.15 0.27
CA VAL B 269 5.15 -39.98 1.37
C VAL B 269 6.60 -40.40 1.07
N GLU B 270 7.53 -39.82 1.84
CA GLU B 270 8.98 -40.03 1.69
C GLU B 270 9.36 -41.48 2.08
N ASP B 271 8.64 -42.02 3.07
CA ASP B 271 8.79 -43.40 3.54
C ASP B 271 8.37 -44.39 2.43
N GLY B 272 7.37 -44.00 1.61
CA GLY B 272 6.91 -44.80 0.47
C GLY B 272 5.95 -45.93 0.84
N SER B 273 6.22 -46.61 1.97
CA SER B 273 5.38 -47.74 2.45
C SER B 273 4.13 -47.20 3.16
N VAL B 274 3.07 -48.05 3.16
CA VAL B 274 1.73 -47.71 3.68
C VAL B 274 1.81 -47.26 5.16
N GLU B 275 2.65 -47.94 5.96
CA GLU B 275 2.86 -47.59 7.38
C GLU B 275 3.35 -46.13 7.53
N GLY B 276 4.15 -45.67 6.54
CA GLY B 276 4.63 -44.27 6.51
C GLY B 276 3.52 -43.30 6.16
N LEU B 277 2.54 -43.76 5.35
CA LEU B 277 1.34 -42.98 4.98
C LEU B 277 0.54 -42.75 6.25
N ARG B 278 0.28 -43.86 6.96
CA ARG B 278 -0.51 -43.88 8.20
C ARG B 278 0.22 -43.14 9.35
N ALA B 279 1.56 -43.11 9.28
CA ALA B 279 2.41 -42.41 10.27
C ALA B 279 2.25 -40.89 10.12
N GLU B 280 2.52 -40.37 8.89
CA GLU B 280 2.39 -38.92 8.63
C GLU B 280 0.92 -38.49 8.73
N VAL B 281 0.00 -39.42 8.40
CA VAL B 281 -1.46 -39.22 8.60
C VAL B 281 -1.80 -39.20 10.10
N ARG B 282 -1.08 -39.96 10.94
CA ARG B 282 -1.22 -39.87 12.42
C ARG B 282 -0.87 -38.45 12.89
N LYS B 283 0.33 -37.96 12.50
CA LYS B 283 0.78 -36.60 12.88
C LYS B 283 -0.16 -35.51 12.30
N ASN B 284 -0.64 -35.71 11.06
CA ASN B 284 -1.50 -34.73 10.37
C ASN B 284 -2.90 -34.70 11.00
N MET B 285 -3.48 -35.88 11.28
CA MET B 285 -4.81 -36.01 11.90
C MET B 285 -4.78 -35.46 13.34
N GLU B 286 -3.62 -35.57 14.01
CA GLU B 286 -3.40 -34.97 15.35
C GLU B 286 -3.40 -33.41 15.27
N ARG B 287 -2.60 -32.89 14.31
CA ARG B 287 -2.49 -31.45 14.02
C ARG B 287 -3.86 -30.86 13.69
N GLU B 288 -4.60 -31.57 12.81
CA GLU B 288 -5.93 -31.13 12.35
C GLU B 288 -7.01 -31.44 13.39
N LEU B 289 -6.74 -32.41 14.31
CA LEU B 289 -7.65 -32.70 15.45
C LEU B 289 -7.74 -31.43 16.29
N LYS B 290 -6.58 -30.99 16.81
CA LYS B 290 -6.51 -29.85 17.75
C LYS B 290 -6.76 -28.50 17.05
N SER B 291 -6.37 -28.41 15.76
CA SER B 291 -6.68 -27.25 14.91
C SER B 291 -8.20 -27.14 14.75
N ALA B 292 -8.87 -28.29 14.48
CA ALA B 292 -10.33 -28.34 14.31
C ALA B 292 -11.07 -28.13 15.64
N ILE B 293 -10.46 -28.53 16.78
CA ILE B 293 -11.02 -28.23 18.11
C ILE B 293 -11.09 -26.71 18.29
N ARG B 294 -9.94 -26.06 18.00
CA ARG B 294 -9.79 -24.61 18.11
C ARG B 294 -10.82 -23.90 17.20
N ASN B 295 -10.81 -24.30 15.92
CA ASN B 295 -11.60 -23.67 14.85
C ASN B 295 -13.11 -23.88 15.05
N ARG B 296 -13.51 -25.09 15.51
CA ARG B 296 -14.93 -25.44 15.65
C ARG B 296 -15.54 -24.84 16.93
N VAL B 297 -14.80 -24.86 18.07
CA VAL B 297 -15.33 -24.24 19.30
C VAL B 297 -15.43 -22.71 19.12
N LYS B 298 -14.39 -22.12 18.46
CA LYS B 298 -14.39 -20.68 18.16
C LYS B 298 -15.51 -20.34 17.16
N SER B 299 -15.69 -21.16 16.10
CA SER B 299 -16.71 -20.88 15.05
C SER B 299 -18.11 -20.88 15.65
N GLN B 300 -18.43 -21.93 16.44
CA GLN B 300 -19.73 -22.06 17.13
C GLN B 300 -19.97 -20.88 18.10
N ALA B 301 -18.91 -20.48 18.82
CA ALA B 301 -18.93 -19.30 19.70
C ALA B 301 -19.23 -18.02 18.90
N ILE B 302 -18.53 -17.84 17.76
CA ILE B 302 -18.61 -16.62 16.92
C ILE B 302 -20.02 -16.49 16.29
N GLU B 303 -20.54 -17.63 15.80
CA GLU B 303 -21.89 -17.71 15.24
C GLU B 303 -22.93 -17.42 16.33
N GLY B 304 -22.60 -17.83 17.58
CA GLY B 304 -23.40 -17.51 18.75
C GLY B 304 -23.38 -16.02 19.10
N LEU B 305 -22.19 -15.38 18.98
CA LEU B 305 -22.00 -13.92 19.24
C LEU B 305 -22.88 -13.10 18.30
N VAL B 306 -22.82 -13.46 17.00
CA VAL B 306 -23.64 -12.82 15.96
C VAL B 306 -25.13 -13.13 16.18
N LYS B 307 -25.45 -14.40 16.55
CA LYS B 307 -26.84 -14.86 16.84
C LYS B 307 -27.45 -14.01 17.98
N ALA B 308 -26.59 -13.68 18.95
CA ALA B 308 -26.96 -12.85 20.10
C ALA B 308 -27.13 -11.39 19.69
N ASN B 309 -26.27 -10.91 18.76
CA ASN B 309 -26.14 -9.47 18.45
C ASN B 309 -25.43 -9.26 17.10
N ASP B 310 -26.22 -9.34 16.02
CA ASP B 310 -25.82 -8.94 14.68
C ASP B 310 -26.00 -7.41 14.59
N ILE B 311 -25.05 -6.68 15.19
CA ILE B 311 -25.15 -5.23 15.44
C ILE B 311 -25.05 -4.41 14.15
N ASP B 312 -25.54 -3.16 14.24
CA ASP B 312 -25.37 -2.16 13.18
C ASP B 312 -23.96 -1.60 13.28
N VAL B 313 -23.30 -1.48 12.13
CA VAL B 313 -21.87 -1.18 12.03
C VAL B 313 -21.65 -0.07 10.98
N PRO B 314 -20.81 0.99 11.28
CA PRO B 314 -20.59 2.14 10.38
C PRO B 314 -20.14 1.72 8.97
N ALA B 315 -20.91 2.17 7.95
CA ALA B 315 -20.76 1.75 6.54
C ALA B 315 -19.36 2.04 5.96
N ALA B 316 -18.61 2.96 6.59
CA ALA B 316 -17.22 3.28 6.21
C ALA B 316 -16.30 2.04 6.39
N LEU B 317 -16.54 1.30 7.49
CA LEU B 317 -15.81 0.04 7.82
C LEU B 317 -16.18 -1.06 6.81
N ILE B 318 -17.43 -1.02 6.31
CA ILE B 318 -17.93 -1.96 5.28
C ILE B 318 -17.23 -1.67 3.95
N ASP B 319 -17.13 -0.39 3.56
CA ASP B 319 -16.43 0.03 2.32
C ASP B 319 -14.93 -0.32 2.38
N SER B 320 -14.36 -0.18 3.59
CA SER B 320 -12.94 -0.49 3.85
C SER B 320 -12.66 -2.00 3.68
N GLU B 321 -13.45 -2.83 4.36
CA GLU B 321 -13.26 -4.29 4.35
C GLU B 321 -13.61 -4.87 2.97
N ILE B 322 -14.70 -4.35 2.34
CA ILE B 322 -15.08 -4.68 0.95
C ILE B 322 -13.91 -4.32 0.01
N ASP B 323 -13.28 -3.15 0.23
CA ASP B 323 -12.13 -2.69 -0.58
C ASP B 323 -10.99 -3.71 -0.55
N VAL B 324 -10.63 -4.17 0.67
CA VAL B 324 -9.57 -5.19 0.88
C VAL B 324 -9.93 -6.53 0.18
N LEU B 325 -11.16 -7.01 0.46
CA LEU B 325 -11.69 -8.29 -0.09
C LEU B 325 -11.75 -8.25 -1.62
N ARG B 326 -12.13 -7.09 -2.18
CA ARG B 326 -12.37 -6.91 -3.62
C ARG B 326 -11.06 -6.59 -4.35
N ARG B 327 -10.09 -6.04 -3.61
CA ARG B 327 -8.71 -5.80 -4.08
C ARG B 327 -8.11 -7.18 -4.37
N GLN B 328 -8.12 -8.04 -3.33
CA GLN B 328 -7.65 -9.44 -3.43
C GLN B 328 -8.51 -10.27 -4.41
N ALA B 329 -9.83 -9.99 -4.49
CA ALA B 329 -10.76 -10.71 -5.40
C ALA B 329 -10.33 -10.54 -6.86
N ALA B 330 -10.26 -9.27 -7.28
CA ALA B 330 -9.82 -8.89 -8.63
C ALA B 330 -8.38 -9.39 -8.88
N GLN B 331 -7.55 -9.28 -7.84
CA GLN B 331 -6.13 -9.72 -7.86
C GLN B 331 -6.00 -11.27 -7.94
N ARG B 332 -7.12 -12.02 -7.80
CA ARG B 332 -7.16 -13.46 -8.11
C ARG B 332 -7.67 -13.65 -9.55
N PHE B 333 -8.91 -13.18 -9.79
CA PHE B 333 -9.62 -13.36 -11.05
C PHE B 333 -9.16 -12.31 -12.09
N GLY B 334 -7.96 -12.55 -12.64
CA GLY B 334 -7.43 -11.76 -13.76
C GLY B 334 -6.30 -10.82 -13.36
N GLY B 335 -6.42 -10.22 -12.17
CA GLY B 335 -5.47 -9.18 -11.70
C GLY B 335 -5.77 -7.83 -12.35
N ASN B 336 -7.06 -7.54 -12.52
CA ASN B 336 -7.57 -6.41 -13.34
C ASN B 336 -8.34 -5.39 -12.47
N GLU B 337 -8.46 -4.15 -12.98
CA GLU B 337 -9.05 -3.00 -12.24
C GLU B 337 -10.57 -2.95 -12.43
N LYS B 338 -11.02 -2.90 -13.71
CA LYS B 338 -12.43 -2.62 -14.07
C LYS B 338 -13.38 -3.75 -13.61
N GLN B 339 -12.90 -5.01 -13.64
CA GLN B 339 -13.67 -6.18 -13.14
C GLN B 339 -13.95 -6.08 -11.62
N ALA B 340 -13.05 -5.38 -10.88
CA ALA B 340 -13.20 -5.20 -9.41
C ALA B 340 -14.50 -4.43 -9.08
N LEU B 341 -14.64 -3.23 -9.69
CA LEU B 341 -15.77 -2.30 -9.40
C LEU B 341 -17.16 -2.93 -9.71
N GLU B 342 -17.16 -4.08 -10.42
CA GLU B 342 -18.36 -4.84 -10.74
C GLU B 342 -18.96 -5.54 -9.52
N LEU B 343 -18.08 -6.14 -8.67
CA LEU B 343 -18.54 -6.98 -7.53
C LEU B 343 -19.29 -6.12 -6.48
N PRO B 344 -20.63 -6.35 -6.28
CA PRO B 344 -21.43 -5.60 -5.28
C PRO B 344 -21.10 -6.04 -3.83
N ARG B 345 -21.17 -5.06 -2.89
CA ARG B 345 -20.82 -5.26 -1.46
C ARG B 345 -21.57 -6.45 -0.84
N GLU B 346 -22.77 -6.70 -1.38
CA GLU B 346 -23.71 -7.74 -0.92
C GLU B 346 -23.06 -9.14 -0.89
N LEU B 347 -22.15 -9.44 -1.84
CA LEU B 347 -21.53 -10.78 -1.90
C LEU B 347 -20.40 -10.91 -0.84
N PHE B 348 -19.82 -9.76 -0.43
CA PHE B 348 -18.74 -9.69 0.58
C PHE B 348 -19.33 -9.57 1.99
N GLU B 349 -20.55 -8.99 2.02
CA GLU B 349 -21.26 -8.53 3.22
C GLU B 349 -21.30 -9.58 4.34
N GLU B 350 -21.63 -10.83 3.97
CA GLU B 350 -21.77 -11.96 4.92
C GLU B 350 -20.53 -12.09 5.84
N GLN B 351 -19.34 -11.98 5.25
CA GLN B 351 -18.06 -12.10 5.98
C GLN B 351 -17.66 -10.75 6.59
N ALA B 352 -17.71 -9.69 5.76
CA ALA B 352 -17.21 -8.34 6.13
C ALA B 352 -17.98 -7.73 7.31
N LYS B 353 -19.31 -7.67 7.15
CA LYS B 353 -20.24 -7.16 8.18
C LYS B 353 -20.01 -7.96 9.48
N ARG B 354 -19.90 -9.30 9.35
CA ARG B 354 -19.62 -10.20 10.50
C ARG B 354 -18.20 -9.97 11.06
N ARG B 355 -17.25 -9.56 10.21
CA ARG B 355 -15.83 -9.39 10.58
C ARG B 355 -15.70 -8.20 11.54
N VAL B 356 -16.40 -7.10 11.19
CA VAL B 356 -16.40 -5.89 12.02
C VAL B 356 -17.31 -6.07 13.26
N VAL B 357 -18.48 -6.76 13.11
CA VAL B 357 -19.40 -7.08 14.23
C VAL B 357 -18.67 -7.82 15.36
N VAL B 358 -18.01 -8.94 15.00
CA VAL B 358 -17.28 -9.79 15.95
C VAL B 358 -16.09 -9.03 16.58
N GLY B 359 -15.47 -8.14 15.78
CA GLY B 359 -14.38 -7.27 16.28
C GLY B 359 -14.85 -6.34 17.39
N LEU B 360 -16.07 -5.80 17.22
CA LEU B 360 -16.71 -4.88 18.21
C LEU B 360 -17.27 -5.65 19.42
N LEU B 361 -17.83 -6.85 19.17
CA LEU B 361 -18.40 -7.71 20.23
C LEU B 361 -17.30 -8.17 21.18
N LEU B 362 -16.31 -8.93 20.64
CA LEU B 362 -15.17 -9.47 21.43
C LEU B 362 -14.30 -8.35 22.02
N GLY B 363 -14.27 -7.19 21.35
CA GLY B 363 -13.63 -5.99 21.87
C GLY B 363 -14.28 -5.50 23.15
N GLU B 364 -15.60 -5.33 23.13
CA GLU B 364 -16.35 -4.90 24.32
C GLU B 364 -16.58 -6.06 25.32
N VAL B 365 -16.30 -7.33 24.92
CA VAL B 365 -16.28 -8.46 25.87
C VAL B 365 -15.11 -8.25 26.85
N ILE B 366 -13.92 -7.97 26.29
CA ILE B 366 -12.70 -7.80 27.08
C ILE B 366 -12.69 -6.44 27.80
N ARG B 367 -13.40 -5.42 27.24
CA ARG B 367 -13.62 -4.12 27.94
C ARG B 367 -14.55 -4.28 29.17
N THR B 368 -15.73 -4.91 28.98
CA THR B 368 -16.77 -5.06 30.04
C THR B 368 -16.29 -6.01 31.16
N ASN B 369 -15.67 -7.13 30.76
CA ASN B 369 -15.10 -8.11 31.69
C ASN B 369 -13.76 -7.59 32.26
N GLU B 370 -13.25 -6.47 31.68
CA GLU B 370 -12.06 -5.74 32.16
C GLU B 370 -10.80 -6.62 32.11
N LEU B 371 -10.77 -7.56 31.15
CA LEU B 371 -9.69 -8.54 31.04
C LEU B 371 -8.66 -8.06 30.00
N LYS B 372 -7.44 -8.55 30.18
CA LYS B 372 -6.28 -8.25 29.33
C LYS B 372 -5.64 -9.58 28.97
N ALA B 373 -4.79 -9.61 27.92
CA ALA B 373 -4.07 -10.82 27.52
C ALA B 373 -3.13 -11.25 28.64
N ASP B 374 -3.65 -12.14 29.52
CA ASP B 374 -2.93 -12.64 30.69
C ASP B 374 -1.58 -13.23 30.25
N GLU B 375 -0.54 -13.01 31.08
CA GLU B 375 0.84 -13.37 30.75
C GLU B 375 0.95 -14.86 30.40
N GLU B 376 0.31 -15.72 31.22
CA GLU B 376 0.30 -17.18 31.00
C GLU B 376 -0.65 -17.60 29.87
N ARG B 377 -1.63 -16.73 29.52
CA ARG B 377 -2.58 -17.03 28.44
C ARG B 377 -1.87 -16.92 27.08
N VAL B 378 -1.14 -15.79 26.90
CA VAL B 378 -0.36 -15.54 25.68
C VAL B 378 0.90 -16.44 25.67
N LYS B 379 1.49 -16.69 26.86
CA LYS B 379 2.64 -17.61 27.04
C LYS B 379 2.24 -19.02 26.55
N GLY B 380 1.03 -19.44 26.98
CA GLY B 380 0.49 -20.76 26.68
C GLY B 380 0.01 -20.90 25.24
N LEU B 381 -0.49 -19.81 24.64
CA LEU B 381 -0.93 -19.79 23.22
C LEU B 381 0.30 -19.95 22.30
N ILE B 382 1.34 -19.10 22.56
CA ILE B 382 2.62 -19.18 21.84
C ILE B 382 3.23 -20.58 22.04
N GLU B 383 3.18 -21.10 23.28
CA GLU B 383 3.66 -22.47 23.63
C GLU B 383 2.89 -23.56 22.87
N GLU B 384 1.57 -23.35 22.71
CA GLU B 384 0.67 -24.28 22.02
C GLU B 384 1.10 -24.45 20.55
N MET B 385 1.28 -23.33 19.84
CA MET B 385 1.75 -23.38 18.44
C MET B 385 3.27 -23.70 18.37
N ALA B 386 3.99 -23.42 19.48
CA ALA B 386 5.45 -23.65 19.58
C ALA B 386 5.79 -25.13 19.66
N SER B 387 4.86 -25.92 20.24
CA SER B 387 4.98 -27.39 20.31
C SER B 387 5.08 -28.02 18.90
N ALA B 388 4.64 -27.27 17.86
CA ALA B 388 4.75 -27.67 16.45
C ALA B 388 6.12 -27.24 15.85
N TYR B 389 6.73 -26.17 16.41
CA TYR B 389 8.07 -25.68 15.98
C TYR B 389 9.19 -26.54 16.58
N GLU B 390 10.44 -26.27 16.18
CA GLU B 390 11.61 -27.10 16.53
C GLU B 390 11.93 -27.00 18.05
N ASP B 391 12.35 -25.81 18.52
CA ASP B 391 12.55 -25.54 19.97
C ASP B 391 11.45 -24.60 20.48
N PRO B 392 10.33 -25.13 21.08
CA PRO B 392 9.26 -24.31 21.73
C PRO B 392 9.81 -23.21 22.65
N LYS B 393 10.81 -23.60 23.45
CA LYS B 393 11.50 -22.75 24.43
C LYS B 393 11.96 -21.43 23.77
N GLU B 394 12.71 -21.61 22.65
CA GLU B 394 13.27 -20.51 21.88
C GLU B 394 12.18 -19.74 21.11
N VAL B 395 11.01 -20.40 20.83
CA VAL B 395 9.90 -19.73 20.11
C VAL B 395 9.32 -18.65 21.01
N ILE B 396 8.96 -19.07 22.22
CA ILE B 396 8.29 -18.22 23.20
C ILE B 396 9.25 -17.07 23.62
N GLU B 397 10.51 -17.45 23.91
CA GLU B 397 11.57 -16.52 24.32
C GLU B 397 11.86 -15.46 23.22
N PHE B 398 11.96 -15.92 21.95
CA PHE B 398 12.31 -15.03 20.81
C PHE B 398 11.14 -14.08 20.47
N TYR B 399 9.93 -14.64 20.39
CA TYR B 399 8.70 -13.90 20.03
C TYR B 399 8.43 -12.79 21.07
N SER B 400 8.57 -13.17 22.36
CA SER B 400 8.35 -12.27 23.51
C SER B 400 9.32 -11.04 23.47
N LYS B 401 10.46 -11.20 22.78
CA LYS B 401 11.46 -10.14 22.61
C LYS B 401 10.99 -9.10 21.59
N ASN B 402 10.33 -9.56 20.50
CA ASN B 402 9.99 -8.67 19.36
C ASN B 402 8.70 -7.90 19.67
N LYS B 403 8.72 -6.58 19.44
CA LYS B 403 7.67 -5.64 19.91
C LYS B 403 6.30 -5.96 19.27
N GLU B 404 6.26 -5.81 17.94
CA GLU B 404 5.03 -5.93 17.12
C GLU B 404 4.52 -7.37 17.06
N LEU B 405 5.42 -8.34 17.26
CA LEU B 405 5.09 -9.77 17.27
C LEU B 405 4.48 -10.17 18.62
N MET B 406 5.07 -9.66 19.71
CA MET B 406 4.55 -9.86 21.08
C MET B 406 3.16 -9.19 21.21
N ASP B 407 3.02 -8.02 20.56
CA ASP B 407 1.76 -7.25 20.50
C ASP B 407 0.69 -8.01 19.69
N ASN B 408 1.10 -8.55 18.52
CA ASN B 408 0.21 -9.32 17.62
C ASN B 408 -0.33 -10.57 18.34
N MET B 409 0.60 -11.28 19.01
CA MET B 409 0.27 -12.47 19.80
C MET B 409 -0.58 -12.13 21.03
N ARG B 410 -0.38 -10.91 21.56
CA ARG B 410 -1.15 -10.37 22.70
C ARG B 410 -2.61 -10.09 22.26
N ASN B 411 -2.77 -9.59 21.03
CA ASN B 411 -4.08 -9.25 20.46
C ASN B 411 -4.88 -10.52 20.14
N VAL B 412 -4.21 -11.53 19.52
CA VAL B 412 -4.87 -12.83 19.23
C VAL B 412 -5.14 -13.62 20.52
N ALA B 413 -4.32 -13.36 21.57
CA ALA B 413 -4.54 -13.92 22.91
C ALA B 413 -5.78 -13.28 23.55
N LEU B 414 -5.98 -11.98 23.30
CA LEU B 414 -7.19 -11.26 23.75
C LEU B 414 -8.44 -11.73 23.00
N GLU B 415 -8.29 -12.02 21.68
CA GLU B 415 -9.38 -12.57 20.84
C GLU B 415 -9.80 -13.95 21.38
N GLU B 416 -8.80 -14.81 21.61
CA GLU B 416 -8.97 -16.19 22.10
C GLU B 416 -9.55 -16.17 23.52
N GLN B 417 -9.06 -15.23 24.34
CA GLN B 417 -9.48 -15.08 25.75
C GLN B 417 -10.85 -14.38 25.83
N ALA B 418 -11.22 -13.64 24.76
CA ALA B 418 -12.55 -13.03 24.63
C ALA B 418 -13.60 -14.08 24.31
N VAL B 419 -13.22 -15.02 23.41
CA VAL B 419 -14.01 -16.22 23.12
C VAL B 419 -14.17 -17.03 24.43
N GLU B 420 -13.04 -17.24 25.11
CA GLU B 420 -12.99 -17.98 26.40
C GLU B 420 -13.85 -17.27 27.48
N ALA B 421 -13.82 -15.92 27.46
CA ALA B 421 -14.58 -15.08 28.40
C ALA B 421 -16.08 -15.30 28.27
N VAL B 422 -16.58 -15.21 27.02
CA VAL B 422 -18.00 -15.45 26.73
C VAL B 422 -18.34 -16.93 26.97
N LEU B 423 -17.36 -17.86 26.78
CA LEU B 423 -17.56 -19.31 27.08
C LEU B 423 -17.80 -19.51 28.59
N ALA B 424 -17.08 -18.73 29.41
CA ALA B 424 -17.16 -18.80 30.88
C ALA B 424 -18.57 -18.45 31.43
N LYS B 425 -19.40 -17.78 30.59
CA LYS B 425 -20.78 -17.39 30.98
C LYS B 425 -21.85 -18.07 30.10
N ALA B 426 -21.52 -18.35 28.82
CA ALA B 426 -22.50 -18.82 27.81
C ALA B 426 -22.84 -20.30 27.98
N LYS B 427 -23.89 -20.74 27.25
CA LYS B 427 -24.33 -22.14 27.25
C LYS B 427 -23.37 -22.98 26.38
N VAL B 428 -22.23 -23.31 26.97
CA VAL B 428 -21.19 -24.11 26.31
C VAL B 428 -21.45 -25.57 26.64
N THR B 429 -21.76 -26.35 25.61
CA THR B 429 -22.06 -27.77 25.74
C THR B 429 -20.95 -28.54 25.03
N GLU B 430 -20.59 -29.71 25.56
CA GLU B 430 -19.54 -30.56 25.01
C GLU B 430 -20.16 -31.84 24.42
N LYS B 431 -20.11 -31.95 23.08
CA LYS B 431 -20.68 -33.09 22.34
C LYS B 431 -19.63 -34.19 22.22
N GLU B 432 -19.95 -35.39 22.74
CA GLU B 432 -19.10 -36.58 22.56
C GLU B 432 -19.21 -37.03 21.08
N THR B 433 -18.15 -36.71 20.32
CA THR B 433 -18.08 -36.96 18.88
C THR B 433 -16.73 -37.65 18.56
N THR B 434 -16.55 -38.12 17.33
CA THR B 434 -15.26 -38.66 16.84
C THR B 434 -14.81 -37.90 15.57
N PHE B 435 -13.49 -38.05 15.22
CA PHE B 435 -12.79 -37.23 14.20
C PHE B 435 -13.54 -37.12 12.85
N ASN B 436 -14.28 -38.19 12.48
CA ASN B 436 -15.02 -38.21 11.20
C ASN B 436 -16.09 -37.09 11.20
N GLU B 437 -16.99 -37.07 12.21
CA GLU B 437 -18.11 -36.10 12.26
C GLU B 437 -17.60 -34.69 12.65
N LEU B 438 -16.35 -34.62 13.13
CA LEU B 438 -15.63 -33.36 13.35
C LEU B 438 -15.41 -32.63 12.01
N MET B 439 -14.92 -33.40 11.02
CA MET B 439 -14.62 -32.89 9.66
C MET B 439 -15.90 -32.93 8.79
N ASN B 440 -16.85 -33.78 9.19
CA ASN B 440 -18.14 -33.99 8.49
C ASN B 440 -19.24 -33.02 9.04
N GLN B 441 -18.84 -32.17 10.03
CA GLN B 441 -19.72 -31.31 10.91
C GLN B 441 -21.25 -31.55 10.77
N GLN B 442 -21.71 -32.69 11.34
CA GLN B 442 -23.14 -33.01 11.46
C GLN B 442 -23.46 -33.50 12.90
N ALA B 443 -22.54 -33.20 13.84
CA ALA B 443 -22.64 -33.64 15.24
C ALA B 443 -21.93 -32.62 16.17
N MET A 12 10.80 -28.81 6.74
CA MET A 12 11.18 -27.65 5.90
C MET A 12 12.71 -27.53 5.87
N GLN A 13 13.29 -27.39 4.66
CA GLN A 13 14.76 -27.29 4.46
C GLN A 13 15.13 -25.81 4.25
N VAL A 14 15.67 -25.15 5.30
CA VAL A 14 16.06 -23.72 5.23
C VAL A 14 17.59 -23.58 5.26
N SER A 15 18.10 -22.49 4.64
CA SER A 15 19.53 -22.23 4.56
C SER A 15 19.79 -20.71 4.45
N VAL A 16 20.23 -20.11 5.56
CA VAL A 16 20.63 -18.69 5.61
C VAL A 16 22.14 -18.55 5.29
N GLU A 17 22.48 -17.50 4.53
CA GLU A 17 23.88 -17.15 4.22
C GLU A 17 24.08 -15.65 4.50
N THR A 18 24.97 -15.33 5.45
CA THR A 18 25.43 -13.95 5.65
C THR A 18 26.25 -13.52 4.43
N THR A 19 25.60 -12.77 3.54
CA THR A 19 26.18 -12.34 2.26
C THR A 19 27.27 -11.27 2.50
N GLN A 20 26.95 -10.29 3.37
CA GLN A 20 27.89 -9.22 3.75
C GLN A 20 27.45 -8.62 5.09
N GLY A 21 28.10 -9.07 6.18
CA GLY A 21 27.94 -8.48 7.52
C GLY A 21 26.51 -8.58 8.09
N LEU A 22 25.68 -7.59 7.72
CA LEU A 22 24.27 -7.52 8.11
C LEU A 22 23.42 -8.32 7.09
N GLY A 23 23.82 -8.21 5.81
CA GLY A 23 23.15 -8.88 4.69
C GLY A 23 23.09 -10.40 4.83
N ARG A 24 21.90 -10.96 4.59
CA ARG A 24 21.58 -12.38 4.76
C ARG A 24 20.50 -12.80 3.75
N ARG A 25 20.81 -13.87 3.00
CA ARG A 25 19.87 -14.55 2.11
C ARG A 25 19.35 -15.81 2.81
N VAL A 26 18.08 -15.80 3.22
CA VAL A 26 17.44 -17.00 3.81
C VAL A 26 16.69 -17.77 2.71
N THR A 27 17.39 -18.74 2.11
CA THR A 27 16.83 -19.60 1.05
C THR A 27 16.06 -20.79 1.68
N ILE A 28 14.74 -20.78 1.52
CA ILE A 28 13.84 -21.78 2.12
C ILE A 28 13.20 -22.65 1.02
N THR A 29 13.17 -23.97 1.27
CA THR A 29 12.60 -24.98 0.37
C THR A 29 11.42 -25.67 1.09
N ILE A 30 10.20 -25.38 0.62
CA ILE A 30 8.95 -25.99 1.11
C ILE A 30 8.56 -27.12 0.15
N ALA A 31 8.50 -28.37 0.64
CA ALA A 31 8.16 -29.54 -0.20
C ALA A 31 6.66 -29.55 -0.55
N ALA A 32 6.30 -30.36 -1.57
CA ALA A 32 4.97 -30.37 -2.21
C ALA A 32 3.82 -30.64 -1.22
N ASP A 33 4.10 -31.34 -0.10
CA ASP A 33 3.08 -31.74 0.89
C ASP A 33 2.50 -30.51 1.63
N SER A 34 3.38 -29.63 2.14
CA SER A 34 2.97 -28.48 2.96
C SER A 34 2.34 -27.39 2.08
N ILE A 35 2.80 -27.32 0.81
CA ILE A 35 2.20 -26.45 -0.20
C ILE A 35 0.77 -26.91 -0.50
N GLU A 36 0.63 -28.22 -0.83
CA GLU A 36 -0.64 -28.85 -1.21
C GLU A 36 -1.70 -28.67 -0.12
N THR A 37 -1.28 -28.89 1.15
CA THR A 37 -2.15 -28.72 2.33
C THR A 37 -2.70 -27.28 2.41
N ALA A 38 -1.82 -26.28 2.16
CA ALA A 38 -2.19 -24.85 2.19
C ALA A 38 -3.07 -24.46 0.98
N VAL A 39 -2.83 -25.10 -0.19
CA VAL A 39 -3.64 -24.88 -1.40
C VAL A 39 -5.08 -25.37 -1.16
N LYS A 40 -5.20 -26.63 -0.71
CA LYS A 40 -6.48 -27.28 -0.40
C LYS A 40 -7.24 -26.50 0.70
N SER A 41 -6.48 -26.05 1.72
CA SER A 41 -7.01 -25.27 2.84
C SER A 41 -7.63 -23.96 2.35
N GLU A 42 -6.82 -23.10 1.74
CA GLU A 42 -7.25 -21.76 1.29
C GLU A 42 -8.33 -21.84 0.19
N LEU A 43 -8.32 -22.93 -0.61
CA LEU A 43 -9.38 -23.20 -1.61
C LEU A 43 -10.73 -23.43 -0.92
N VAL A 44 -10.82 -24.44 -0.02
CA VAL A 44 -12.11 -24.79 0.65
C VAL A 44 -12.61 -23.61 1.52
N ASN A 45 -11.65 -22.90 2.17
CA ASN A 45 -11.91 -21.70 2.97
C ASN A 45 -12.62 -20.65 2.10
N VAL A 46 -11.90 -20.07 1.12
CA VAL A 46 -12.42 -18.94 0.31
C VAL A 46 -13.68 -19.36 -0.48
N ALA A 47 -13.77 -20.65 -0.86
CA ALA A 47 -14.90 -21.19 -1.62
C ALA A 47 -16.14 -21.36 -0.73
N LYS A 48 -15.98 -21.60 0.59
CA LYS A 48 -17.14 -21.80 1.49
C LYS A 48 -17.26 -20.67 2.55
N LYS A 49 -16.41 -19.64 2.42
CA LYS A 49 -16.47 -18.43 3.27
C LYS A 49 -17.11 -17.29 2.45
N VAL A 50 -16.63 -17.07 1.22
CA VAL A 50 -17.28 -16.17 0.23
C VAL A 50 -18.59 -16.82 -0.28
N ARG A 51 -18.61 -18.17 -0.21
CA ARG A 51 -19.79 -19.01 -0.54
C ARG A 51 -20.00 -19.04 -2.08
N ILE A 52 -19.09 -19.74 -2.75
CA ILE A 52 -19.14 -20.09 -4.18
C ILE A 52 -18.94 -21.61 -4.29
N ASP A 53 -20.06 -22.38 -4.32
CA ASP A 53 -20.04 -23.86 -4.29
C ASP A 53 -19.85 -24.43 -5.71
N GLY A 54 -18.64 -24.21 -6.26
CA GLY A 54 -18.27 -24.64 -7.62
C GLY A 54 -19.16 -23.99 -8.69
N PHE A 55 -20.36 -24.57 -8.86
CA PHE A 55 -21.43 -24.04 -9.70
C PHE A 55 -22.52 -23.38 -8.82
N ARG A 56 -23.15 -24.22 -7.97
CA ARG A 56 -24.24 -23.83 -7.07
C ARG A 56 -24.68 -25.09 -6.31
N LYS A 57 -25.06 -26.12 -7.10
CA LYS A 57 -25.44 -27.47 -6.60
C LYS A 57 -24.33 -28.49 -6.94
N GLY A 58 -23.08 -28.00 -6.99
CA GLY A 58 -21.93 -28.83 -7.34
C GLY A 58 -21.19 -29.29 -6.09
N LYS A 59 -19.88 -29.52 -6.23
CA LYS A 59 -18.96 -29.81 -5.12
C LYS A 59 -17.55 -29.68 -5.69
N VAL A 60 -17.16 -30.68 -6.53
CA VAL A 60 -15.84 -30.78 -7.18
C VAL A 60 -14.68 -30.54 -6.16
N PRO A 61 -14.15 -31.62 -5.48
CA PRO A 61 -13.16 -31.47 -4.38
C PRO A 61 -11.88 -30.72 -4.80
N MET A 62 -11.28 -30.06 -3.82
CA MET A 62 -10.03 -29.30 -3.96
C MET A 62 -8.87 -30.21 -4.41
N ASN A 63 -8.96 -31.51 -4.06
CA ASN A 63 -8.00 -32.57 -4.49
C ASN A 63 -7.90 -32.66 -6.03
N ILE A 64 -8.99 -32.27 -6.72
CA ILE A 64 -9.01 -32.14 -8.18
C ILE A 64 -8.40 -30.77 -8.58
N VAL A 65 -9.20 -29.70 -8.35
CA VAL A 65 -8.95 -28.36 -8.96
C VAL A 65 -7.58 -27.76 -8.63
N ALA A 66 -7.00 -28.15 -7.46
CA ALA A 66 -5.66 -27.68 -7.05
C ALA A 66 -4.59 -28.16 -8.04
N GLN A 67 -4.43 -29.48 -8.13
CA GLN A 67 -3.35 -30.10 -8.91
C GLN A 67 -3.69 -30.24 -10.41
N ARG A 68 -4.96 -29.97 -10.79
CA ARG A 68 -5.38 -29.98 -12.21
C ARG A 68 -5.18 -28.60 -12.88
N TYR A 69 -5.54 -27.48 -12.21
CA TYR A 69 -5.40 -26.13 -12.82
C TYR A 69 -5.34 -24.98 -11.78
N GLY A 70 -5.06 -25.31 -10.50
CA GLY A 70 -5.10 -24.32 -9.41
C GLY A 70 -3.79 -23.59 -9.21
N ALA A 71 -3.16 -23.15 -10.31
CA ALA A 71 -1.90 -22.37 -10.29
C ALA A 71 -2.16 -20.94 -9.79
N SER A 72 -3.37 -20.41 -10.10
CA SER A 72 -3.77 -19.03 -9.78
C SER A 72 -3.72 -18.76 -8.26
N VAL A 73 -4.25 -19.72 -7.46
CA VAL A 73 -4.34 -19.58 -5.98
C VAL A 73 -2.95 -19.67 -5.31
N ARG A 74 -1.94 -20.24 -6.03
CA ARG A 74 -0.54 -20.34 -5.53
C ARG A 74 0.04 -18.96 -5.16
N GLN A 75 -0.50 -17.88 -5.74
CA GLN A 75 -0.08 -16.51 -5.41
C GLN A 75 -0.38 -16.19 -3.92
N ASP A 76 -1.59 -16.54 -3.46
CA ASP A 76 -2.03 -16.31 -2.06
C ASP A 76 -1.39 -17.33 -1.13
N VAL A 77 -1.39 -18.60 -1.58
CA VAL A 77 -0.82 -19.74 -0.85
C VAL A 77 0.65 -19.48 -0.56
N LEU A 78 1.49 -19.42 -1.61
CA LEU A 78 2.94 -19.11 -1.49
C LEU A 78 3.13 -17.71 -0.89
N GLY A 79 2.21 -16.77 -1.21
CA GLY A 79 2.20 -15.45 -0.58
C GLY A 79 2.16 -15.50 0.96
N ASP A 80 1.41 -16.48 1.50
CA ASP A 80 1.29 -16.68 2.96
C ASP A 80 2.48 -17.52 3.45
N LEU A 81 2.78 -18.61 2.74
CA LEU A 81 3.83 -19.60 3.11
C LEU A 81 5.22 -18.96 3.18
N MET A 82 5.50 -17.98 2.30
CA MET A 82 6.78 -17.25 2.30
C MET A 82 6.98 -16.47 3.61
N SER A 83 5.86 -16.04 4.23
CA SER A 83 5.87 -15.38 5.54
C SER A 83 5.93 -16.41 6.69
N ARG A 84 5.08 -17.46 6.61
CA ARG A 84 4.85 -18.41 7.72
C ARG A 84 6.07 -19.31 7.98
N ASN A 85 6.61 -19.87 6.89
CA ASN A 85 7.78 -20.76 6.94
C ASN A 85 9.05 -19.97 7.32
N PHE A 86 9.09 -18.69 6.89
CA PHE A 86 10.21 -17.78 7.20
C PHE A 86 10.23 -17.39 8.67
N ILE A 87 9.06 -16.97 9.20
CA ILE A 87 8.92 -16.42 10.57
C ILE A 87 9.22 -17.52 11.61
N ASP A 88 9.11 -18.80 11.19
CA ASP A 88 9.49 -19.96 12.02
C ASP A 88 10.97 -20.37 11.79
N ALA A 89 11.43 -20.29 10.53
CA ALA A 89 12.84 -20.59 10.15
C ALA A 89 13.86 -19.73 10.95
N ILE A 90 13.44 -18.49 11.24
CA ILE A 90 14.29 -17.50 11.94
C ILE A 90 14.05 -17.51 13.47
N ILE A 91 13.32 -18.52 13.99
CA ILE A 91 13.02 -18.63 15.44
C ILE A 91 14.28 -19.08 16.23
N LYS A 92 14.86 -20.24 15.85
CA LYS A 92 16.12 -20.75 16.44
C LYS A 92 17.29 -19.79 16.15
N GLU A 93 17.26 -19.18 14.97
CA GLU A 93 18.35 -18.33 14.47
C GLU A 93 18.23 -16.86 14.94
N LYS A 94 17.02 -16.50 15.45
CA LYS A 94 16.70 -15.14 16.00
C LYS A 94 16.99 -14.00 14.98
N ILE A 95 16.90 -14.34 13.68
CA ILE A 95 17.20 -13.41 12.57
C ILE A 95 16.03 -12.43 12.38
N ASN A 96 16.30 -11.15 12.66
CA ASN A 96 15.30 -10.07 12.53
C ASN A 96 15.61 -9.25 11.25
N PRO A 97 14.68 -9.20 10.23
CA PRO A 97 14.85 -8.37 9.01
C PRO A 97 14.77 -6.85 9.30
N ALA A 98 15.66 -6.05 8.67
CA ALA A 98 15.69 -4.59 8.83
C ALA A 98 14.62 -3.94 7.91
N GLY A 99 13.37 -3.92 8.43
CA GLY A 99 12.26 -3.24 7.76
C GLY A 99 11.62 -4.11 6.67
N ALA A 100 12.25 -4.15 5.48
CA ALA A 100 11.69 -4.78 4.26
C ALA A 100 12.49 -6.03 3.84
N PRO A 101 11.97 -7.28 4.15
CA PRO A 101 12.55 -8.53 3.63
C PRO A 101 12.06 -8.83 2.18
N THR A 102 13.00 -8.81 1.24
CA THR A 102 12.74 -9.02 -0.19
C THR A 102 12.71 -10.54 -0.54
N TYR A 103 11.51 -11.14 -0.52
CA TYR A 103 11.31 -12.57 -0.85
C TYR A 103 11.41 -12.77 -2.37
N VAL A 104 12.58 -13.27 -2.83
CA VAL A 104 12.83 -13.56 -4.26
C VAL A 104 12.36 -15.00 -4.58
N PRO A 105 11.18 -15.18 -5.26
CA PRO A 105 10.59 -16.50 -5.49
C PRO A 105 11.23 -17.24 -6.68
N GLY A 106 11.57 -18.52 -6.46
CA GLY A 106 12.10 -19.38 -7.53
C GLY A 106 11.00 -20.00 -8.37
N GLU A 107 11.30 -21.11 -9.04
CA GLU A 107 10.33 -21.79 -9.92
C GLU A 107 9.42 -22.69 -9.09
N TYR A 108 8.09 -22.49 -9.19
CA TYR A 108 7.12 -23.45 -8.65
C TYR A 108 7.10 -24.66 -9.59
N LYS A 109 7.74 -25.75 -9.16
CA LYS A 109 7.78 -27.01 -9.92
C LYS A 109 6.50 -27.82 -9.57
N LEU A 110 5.78 -28.25 -10.61
CA LEU A 110 4.47 -28.93 -10.47
C LEU A 110 4.67 -30.33 -9.86
N GLY A 111 4.02 -30.56 -8.71
CA GLY A 111 4.12 -31.83 -7.99
C GLY A 111 5.41 -31.99 -7.19
N GLU A 112 6.22 -30.91 -7.15
CA GLU A 112 7.54 -30.89 -6.49
C GLU A 112 7.58 -29.76 -5.45
N ASP A 113 8.78 -29.54 -4.88
CA ASP A 113 9.02 -28.47 -3.92
C ASP A 113 9.07 -27.09 -4.62
N PHE A 114 8.96 -26.05 -3.79
CA PHE A 114 9.17 -24.66 -4.18
C PHE A 114 10.29 -24.08 -3.30
N THR A 115 11.12 -23.22 -3.88
CA THR A 115 12.26 -22.59 -3.19
C THR A 115 12.20 -21.06 -3.40
N TYR A 116 12.57 -20.28 -2.36
CA TYR A 116 12.63 -18.80 -2.43
C TYR A 116 13.80 -18.26 -1.57
N SER A 117 14.55 -17.31 -2.12
CA SER A 117 15.72 -16.69 -1.47
C SER A 117 15.34 -15.30 -0.90
N VAL A 118 15.32 -15.15 0.43
CA VAL A 118 14.91 -13.88 1.07
C VAL A 118 16.14 -12.95 1.26
N GLU A 119 16.24 -11.93 0.38
CA GLU A 119 17.26 -10.86 0.44
C GLU A 119 16.89 -9.81 1.51
N PHE A 120 17.79 -9.55 2.48
CA PHE A 120 17.62 -8.47 3.47
C PHE A 120 18.90 -8.33 4.31
N GLU A 121 19.13 -7.14 4.85
CA GLU A 121 20.11 -6.93 5.93
C GLU A 121 19.38 -7.02 7.28
N VAL A 122 20.12 -7.31 8.36
CA VAL A 122 19.60 -7.22 9.74
C VAL A 122 19.94 -5.83 10.31
N TYR A 123 19.07 -5.31 11.20
CA TYR A 123 19.24 -3.96 11.80
C TYR A 123 20.46 -3.95 12.75
N PRO A 124 21.50 -3.11 12.48
CA PRO A 124 22.61 -2.92 13.43
C PRO A 124 22.31 -1.81 14.47
N GLU A 125 22.97 -1.90 15.63
CA GLU A 125 22.92 -0.83 16.63
C GLU A 125 23.76 0.34 16.14
N VAL A 126 23.08 1.30 15.52
CA VAL A 126 23.69 2.45 14.87
C VAL A 126 24.42 3.37 15.88
N GLU A 127 25.67 3.72 15.56
CA GLU A 127 26.48 4.65 16.33
C GLU A 127 26.16 6.09 15.91
N LEU A 128 26.09 6.97 16.90
CA LEU A 128 25.91 8.42 16.72
C LEU A 128 27.07 9.14 17.44
N GLN A 129 27.62 10.18 16.79
CA GLN A 129 28.88 10.83 17.21
C GLN A 129 28.85 12.32 16.84
N GLY A 130 29.71 13.11 17.52
CA GLY A 130 29.78 14.55 17.31
C GLY A 130 28.52 15.28 17.75
N LEU A 131 27.78 14.69 18.71
CA LEU A 131 26.42 15.15 19.13
C LEU A 131 26.45 16.60 19.66
N GLU A 132 27.60 16.95 20.23
CA GLU A 132 27.89 18.28 20.83
C GLU A 132 28.79 19.11 19.90
N ALA A 133 29.34 18.46 18.86
CA ALA A 133 30.16 19.14 17.82
C ALA A 133 29.25 19.70 16.72
N ILE A 134 27.99 19.18 16.67
CA ILE A 134 26.93 19.61 15.73
C ILE A 134 26.80 21.15 15.70
N GLU A 135 27.18 21.74 14.54
CA GLU A 135 26.93 23.14 14.23
C GLU A 135 25.42 23.37 14.13
N VAL A 136 24.84 23.99 15.17
CA VAL A 136 23.45 24.46 15.16
C VAL A 136 23.46 25.99 15.07
N GLU A 137 22.52 26.54 14.30
CA GLU A 137 22.33 27.99 14.20
C GLU A 137 20.95 28.35 14.79
N LYS A 138 20.90 29.48 15.50
CA LYS A 138 19.68 30.08 16.05
C LYS A 138 19.62 31.55 15.60
N PRO A 139 19.07 31.80 14.37
CA PRO A 139 18.89 33.16 13.85
C PRO A 139 17.75 33.89 14.60
N ILE A 140 18.14 34.75 15.57
CA ILE A 140 17.21 35.52 16.40
C ILE A 140 16.63 36.67 15.55
N VAL A 141 15.56 36.32 14.82
CA VAL A 141 14.90 37.17 13.83
C VAL A 141 13.57 37.74 14.34
N GLU A 142 12.97 38.63 13.53
CA GLU A 142 11.61 39.14 13.71
C GLU A 142 11.18 39.83 12.41
N VAL A 143 9.89 39.67 12.06
CA VAL A 143 9.29 40.36 10.92
C VAL A 143 8.92 41.81 11.36
N THR A 144 9.93 42.70 11.30
CA THR A 144 9.81 44.09 11.76
C THR A 144 9.30 45.00 10.64
N ASP A 145 8.95 46.25 10.97
CA ASP A 145 8.38 47.22 10.01
C ASP A 145 9.35 47.49 8.83
N ALA A 146 10.65 47.60 9.15
CA ALA A 146 11.71 47.83 8.15
C ALA A 146 11.87 46.60 7.24
N ASP A 147 11.73 45.42 7.85
CA ASP A 147 11.83 44.12 7.18
C ASP A 147 10.67 43.93 6.18
N VAL A 148 9.42 44.20 6.63
CA VAL A 148 8.22 44.06 5.79
C VAL A 148 8.25 45.08 4.65
N ASP A 149 8.62 46.34 4.97
CA ASP A 149 8.60 47.44 3.98
C ASP A 149 9.68 47.22 2.92
N GLY A 150 10.85 46.74 3.35
CA GLY A 150 11.96 46.42 2.44
C GLY A 150 11.63 45.22 1.55
N MET A 151 10.97 44.20 2.14
CA MET A 151 10.51 43.00 1.42
C MET A 151 9.41 43.39 0.41
N LEU A 152 8.51 44.30 0.84
CA LEU A 152 7.36 44.76 0.04
C LEU A 152 7.86 45.66 -1.11
N ASP A 153 8.97 46.38 -0.84
CA ASP A 153 9.68 47.17 -1.84
C ASP A 153 10.26 46.24 -2.90
N THR A 154 10.94 45.16 -2.47
CA THR A 154 11.50 44.13 -3.37
C THR A 154 10.37 43.45 -4.19
N LEU A 155 9.21 43.26 -3.53
CA LEU A 155 8.03 42.59 -4.11
C LEU A 155 7.49 43.44 -5.30
N ARG A 156 7.24 44.73 -5.05
CA ARG A 156 6.76 45.67 -6.10
C ARG A 156 7.88 45.95 -7.14
N LYS A 157 9.15 45.84 -6.72
CA LYS A 157 10.32 46.13 -7.58
C LYS A 157 10.56 45.00 -8.58
N GLN A 158 10.21 43.75 -8.19
CA GLN A 158 10.44 42.55 -9.01
C GLN A 158 9.15 42.12 -9.74
N GLN A 159 8.00 42.31 -9.07
CA GLN A 159 6.74 41.63 -9.44
C GLN A 159 5.56 42.64 -9.59
N ALA A 160 5.86 43.85 -10.11
CA ALA A 160 4.81 44.82 -10.54
C ALA A 160 4.26 44.41 -11.92
N THR A 161 3.21 45.14 -12.40
CA THR A 161 2.61 44.88 -13.72
C THR A 161 3.52 45.45 -14.84
N TRP A 162 3.96 44.56 -15.75
CA TRP A 162 4.86 44.87 -16.87
C TRP A 162 4.03 45.49 -18.02
N LYS A 163 4.66 46.31 -18.88
CA LYS A 163 4.01 46.85 -20.09
C LYS A 163 4.23 45.91 -21.28
N GLU A 164 3.55 46.18 -22.39
CA GLU A 164 3.77 45.46 -23.67
C GLU A 164 5.10 45.93 -24.29
N LYS A 165 5.70 45.11 -25.17
CA LYS A 165 6.94 45.48 -25.88
C LYS A 165 6.78 45.31 -27.38
N ASP A 166 7.22 46.33 -28.15
CA ASP A 166 7.33 46.25 -29.61
C ASP A 166 8.80 46.52 -30.00
N GLY A 167 9.49 45.44 -30.39
CA GLY A 167 10.90 45.49 -30.81
C GLY A 167 11.51 44.10 -30.79
N ALA A 168 12.78 44.00 -30.37
CA ALA A 168 13.45 42.70 -30.18
C ALA A 168 13.06 42.09 -28.82
N VAL A 169 13.84 41.11 -28.36
CA VAL A 169 13.82 40.65 -26.98
C VAL A 169 15.24 40.91 -26.41
N GLU A 170 15.35 41.58 -25.26
CA GLU A 170 16.63 41.72 -24.54
C GLU A 170 16.62 40.79 -23.32
N ALA A 171 17.76 40.75 -22.61
CA ALA A 171 17.86 40.02 -21.34
C ALA A 171 17.01 40.72 -20.26
N GLU A 172 16.81 42.04 -20.42
CA GLU A 172 16.10 42.90 -19.44
C GLU A 172 14.57 42.96 -19.71
N ASP A 173 14.00 41.88 -20.26
CA ASP A 173 12.54 41.81 -20.55
C ASP A 173 11.92 40.50 -20.02
N ARG A 174 10.59 40.51 -19.98
CA ARG A 174 9.75 39.32 -19.82
C ARG A 174 9.28 38.90 -21.21
N VAL A 175 9.12 37.59 -21.42
CA VAL A 175 8.79 37.06 -22.74
C VAL A 175 8.07 35.70 -22.57
N THR A 176 6.77 35.70 -22.89
CA THR A 176 5.95 34.50 -22.85
C THR A 176 6.09 33.73 -24.19
N ILE A 177 6.70 32.52 -24.09
CA ILE A 177 7.08 31.66 -25.22
C ILE A 177 6.64 30.21 -24.93
N ASP A 178 7.35 29.26 -25.56
CA ASP A 178 7.29 27.82 -25.24
C ASP A 178 8.55 27.15 -25.80
N PHE A 179 8.77 25.89 -25.43
CA PHE A 179 9.88 25.09 -25.97
C PHE A 179 9.50 23.61 -26.07
N THR A 180 9.89 23.00 -27.20
CA THR A 180 9.63 21.59 -27.53
C THR A 180 10.39 21.22 -28.81
N GLY A 181 10.58 19.92 -29.02
CA GLY A 181 11.25 19.40 -30.21
C GLY A 181 11.91 18.06 -29.91
N SER A 182 13.23 18.00 -30.05
CA SER A 182 14.01 16.78 -29.82
C SER A 182 15.45 17.15 -29.48
N VAL A 183 16.04 16.47 -28.47
CA VAL A 183 17.43 16.70 -28.07
C VAL A 183 18.32 15.80 -28.94
N ASP A 184 19.01 16.42 -29.93
CA ASP A 184 19.92 15.71 -30.87
C ASP A 184 19.13 14.73 -31.77
N GLY A 185 17.82 15.02 -31.93
CA GLY A 185 16.89 14.13 -32.63
C GLY A 185 16.34 13.02 -31.74
N GLU A 186 16.36 13.24 -30.41
CA GLU A 186 15.79 12.30 -29.42
C GLU A 186 14.56 12.94 -28.75
N GLU A 187 13.39 12.31 -28.93
CA GLU A 187 12.13 12.81 -28.37
C GLU A 187 12.06 12.44 -26.87
N PHE A 188 12.50 13.40 -26.05
CA PHE A 188 12.45 13.35 -24.57
C PHE A 188 11.02 13.09 -24.04
N GLU A 189 10.94 12.32 -22.94
CA GLU A 189 9.65 11.85 -22.38
C GLU A 189 9.08 12.85 -21.36
N GLY A 190 8.19 13.74 -21.86
CA GLY A 190 7.42 14.66 -21.02
C GLY A 190 8.16 15.92 -20.57
N GLY A 191 9.47 16.01 -20.85
CA GLY A 191 10.31 17.13 -20.38
C GLY A 191 10.29 18.35 -21.29
N LYS A 192 9.11 18.99 -21.38
CA LYS A 192 8.89 20.22 -22.18
C LYS A 192 7.79 21.07 -21.55
N ALA A 193 7.61 22.30 -22.09
CA ALA A 193 6.66 23.28 -21.55
C ALA A 193 5.99 24.08 -22.68
N SER A 194 4.68 23.88 -22.84
CA SER A 194 3.82 24.75 -23.65
C SER A 194 3.42 25.95 -22.78
N ASP A 195 3.51 27.16 -23.37
CA ASP A 195 3.29 28.44 -22.69
C ASP A 195 4.23 28.58 -21.47
N PHE A 196 5.52 28.67 -21.78
CA PHE A 196 6.56 29.04 -20.82
C PHE A 196 6.60 30.57 -20.71
N VAL A 197 7.18 31.09 -19.63
CA VAL A 197 7.48 32.52 -19.50
C VAL A 197 8.87 32.70 -18.90
N LEU A 198 9.70 33.51 -19.56
CA LEU A 198 11.02 33.92 -19.06
C LEU A 198 10.96 35.39 -18.65
N ALA A 199 11.13 35.68 -17.36
CA ALA A 199 11.25 37.05 -16.87
C ALA A 199 12.69 37.30 -16.40
N MET A 200 13.17 38.51 -16.66
CA MET A 200 14.45 39.02 -16.12
C MET A 200 14.42 39.16 -14.58
N GLY A 201 15.56 39.57 -14.02
CA GLY A 201 15.69 39.85 -12.57
C GLY A 201 16.06 38.60 -11.78
N GLN A 202 15.32 37.52 -12.04
CA GLN A 202 15.58 36.20 -11.47
C GLN A 202 16.75 35.50 -12.19
N GLY A 203 17.20 34.37 -11.60
CA GLY A 203 18.19 33.52 -12.22
C GLY A 203 17.61 32.83 -13.45
N ARG A 204 18.23 33.09 -14.60
CA ARG A 204 17.74 32.62 -15.91
C ARG A 204 18.00 31.11 -16.14
N MET A 205 17.70 30.65 -17.36
CA MET A 205 17.78 29.22 -17.75
C MET A 205 19.24 28.83 -18.10
N ILE A 206 19.42 27.74 -18.88
CA ILE A 206 20.75 27.28 -19.33
C ILE A 206 21.38 28.26 -20.36
N PRO A 207 22.75 28.39 -20.36
CA PRO A 207 23.50 29.19 -21.36
C PRO A 207 23.19 28.74 -22.79
N GLY A 208 22.99 29.71 -23.68
CA GLY A 208 22.63 29.43 -25.06
C GLY A 208 21.14 29.55 -25.31
N PHE A 209 20.32 28.92 -24.44
CA PHE A 209 18.85 28.94 -24.55
C PHE A 209 18.36 30.39 -24.53
N GLU A 210 18.63 31.07 -23.39
CA GLU A 210 18.27 32.48 -23.17
C GLU A 210 18.86 33.40 -24.26
N ASP A 211 20.10 33.08 -24.71
CA ASP A 211 20.83 33.82 -25.77
C ASP A 211 20.09 33.70 -27.12
N GLY A 212 19.35 32.58 -27.28
CA GLY A 212 18.49 32.39 -28.44
C GLY A 212 17.29 33.31 -28.39
N ILE A 213 16.63 33.31 -27.22
CA ILE A 213 15.38 34.07 -26.98
C ILE A 213 15.60 35.58 -27.21
N LYS A 214 16.70 36.09 -26.62
CA LYS A 214 17.08 37.51 -26.69
C LYS A 214 17.87 37.84 -27.97
N GLY A 215 18.11 36.83 -28.81
CA GLY A 215 18.86 37.03 -30.06
C GLY A 215 17.93 37.17 -31.25
N HIS A 216 16.66 37.51 -30.97
CA HIS A 216 15.58 37.55 -31.98
C HIS A 216 14.56 38.66 -31.67
N LYS A 217 13.65 38.89 -32.64
CA LYS A 217 12.66 39.98 -32.58
C LYS A 217 11.26 39.44 -32.29
N ALA A 218 10.49 40.17 -31.46
CA ALA A 218 9.14 39.79 -31.01
C ALA A 218 8.20 39.47 -32.18
N GLY A 219 7.46 38.36 -32.06
CA GLY A 219 6.41 37.99 -33.01
C GLY A 219 6.82 36.89 -33.99
N GLU A 220 8.12 36.58 -34.07
CA GLU A 220 8.62 35.53 -34.97
C GLU A 220 8.58 34.15 -34.28
N GLU A 221 8.78 33.10 -35.08
CA GLU A 221 8.87 31.71 -34.61
C GLU A 221 10.09 31.06 -35.26
N PHE A 222 10.89 30.34 -34.46
CA PHE A 222 12.19 29.78 -34.88
C PHE A 222 12.52 28.53 -34.04
N THR A 223 13.75 28.01 -34.18
CA THR A 223 14.27 26.93 -33.33
C THR A 223 15.67 27.31 -32.81
N ILE A 224 16.01 26.84 -31.60
CA ILE A 224 17.35 27.02 -30.99
C ILE A 224 17.97 25.65 -30.74
N ASP A 225 19.27 25.54 -31.01
CA ASP A 225 20.02 24.27 -30.91
C ASP A 225 21.16 24.47 -29.90
N VAL A 226 20.87 24.13 -28.63
CA VAL A 226 21.76 24.43 -27.48
C VAL A 226 22.06 23.13 -26.69
N THR A 227 23.35 22.91 -26.37
CA THR A 227 23.80 21.73 -25.63
C THR A 227 23.37 21.83 -24.14
N PHE A 228 22.69 20.76 -23.65
CA PHE A 228 22.37 20.62 -22.21
C PHE A 228 23.68 20.53 -21.38
N PRO A 229 23.69 21.10 -20.13
CA PRO A 229 24.84 20.99 -19.20
C PRO A 229 25.34 19.54 -19.04
N GLU A 230 26.65 19.36 -18.98
CA GLU A 230 27.29 18.04 -18.83
C GLU A 230 27.06 17.47 -17.40
N GLU A 231 26.55 18.34 -16.50
CA GLU A 231 26.16 17.99 -15.13
C GLU A 231 24.62 17.93 -14.98
N TYR A 232 23.90 17.95 -16.11
CA TYR A 232 22.41 17.87 -16.12
C TYR A 232 21.90 16.54 -15.50
N HIS A 233 20.70 16.59 -14.91
CA HIS A 233 20.12 15.50 -14.07
C HIS A 233 19.53 14.32 -14.92
N ALA A 234 19.94 14.19 -16.19
CA ALA A 234 19.53 13.09 -17.08
C ALA A 234 20.72 12.72 -17.99
N GLU A 235 21.07 11.42 -18.01
CA GLU A 235 22.29 10.87 -18.62
C GLU A 235 22.33 11.12 -20.15
N ASN A 236 21.24 10.78 -20.84
CA ASN A 236 21.17 10.82 -22.33
C ASN A 236 21.11 12.28 -22.84
N LEU A 237 20.55 13.18 -22.01
CA LEU A 237 20.36 14.60 -22.37
C LEU A 237 21.65 15.42 -22.14
N LYS A 238 22.40 15.10 -21.05
CA LYS A 238 23.61 15.85 -20.67
C LYS A 238 24.76 15.63 -21.70
N GLY A 239 25.12 16.71 -22.42
CA GLY A 239 26.14 16.64 -23.48
C GLY A 239 25.54 16.64 -24.89
N LYS A 240 24.25 16.27 -25.00
CA LYS A 240 23.48 16.29 -26.26
C LYS A 240 22.92 17.71 -26.53
N ALA A 241 22.77 18.05 -27.82
CA ALA A 241 22.33 19.40 -28.27
C ALA A 241 20.82 19.42 -28.54
N ALA A 242 20.08 20.12 -27.66
CA ALA A 242 18.61 20.19 -27.67
C ALA A 242 18.09 21.18 -28.73
N LYS A 243 17.14 20.70 -29.55
CA LYS A 243 16.49 21.49 -30.60
C LYS A 243 15.08 21.91 -30.09
N PHE A 244 14.87 23.22 -29.93
CA PHE A 244 13.67 23.80 -29.27
C PHE A 244 13.01 24.87 -30.14
N ALA A 245 11.84 24.54 -30.71
CA ALA A 245 11.01 25.50 -31.44
C ALA A 245 10.44 26.56 -30.48
N ILE A 246 11.04 27.76 -30.54
CA ILE A 246 10.64 28.92 -29.73
C ILE A 246 9.69 29.80 -30.54
N ASN A 247 8.45 29.92 -30.10
CA ASN A 247 7.47 30.83 -30.69
C ASN A 247 7.35 32.06 -29.78
N LEU A 248 7.88 33.22 -30.23
CA LEU A 248 7.77 34.50 -29.49
C LEU A 248 6.30 34.99 -29.57
N LYS A 249 5.46 34.43 -28.67
CA LYS A 249 4.04 34.74 -28.58
C LYS A 249 3.84 36.17 -28.09
N LYS A 250 4.25 36.40 -26.83
CA LYS A 250 4.06 37.67 -26.13
C LYS A 250 5.40 38.11 -25.54
N VAL A 251 5.70 39.41 -25.60
CA VAL A 251 6.92 39.98 -24.98
C VAL A 251 6.50 41.22 -24.17
N GLU A 252 6.71 41.15 -22.86
CA GLU A 252 6.38 42.21 -21.91
C GLU A 252 7.66 42.97 -21.54
N GLU A 253 7.67 44.29 -21.76
CA GLU A 253 8.83 45.12 -21.41
C GLU A 253 8.77 45.50 -19.92
N ARG A 254 9.97 45.61 -19.32
CA ARG A 254 10.15 45.93 -17.89
C ARG A 254 9.57 47.33 -17.58
N GLU A 255 8.64 47.38 -16.62
CA GLU A 255 8.01 48.62 -16.19
C GLU A 255 7.49 48.43 -14.76
N LEU A 256 7.73 49.43 -13.92
CA LEU A 256 7.25 49.47 -12.52
C LEU A 256 6.33 50.68 -12.38
N PRO A 257 4.97 50.50 -12.57
CA PRO A 257 4.01 51.63 -12.53
C PRO A 257 3.96 52.31 -11.15
N GLU A 258 3.40 51.59 -10.16
CA GLU A 258 3.24 52.03 -8.76
C GLU A 258 2.59 50.88 -7.96
N LEU A 259 2.15 51.17 -6.72
CA LEU A 259 1.38 50.21 -5.91
C LEU A 259 -0.08 50.16 -6.40
N THR A 260 -0.26 49.48 -7.54
CA THR A 260 -1.52 49.46 -8.30
C THR A 260 -2.65 48.71 -7.54
N ALA A 261 -3.90 49.20 -7.65
CA ALA A 261 -5.07 48.55 -7.02
C ALA A 261 -5.25 47.09 -7.51
N GLU A 262 -4.85 46.85 -8.78
CA GLU A 262 -4.82 45.50 -9.38
C GLU A 262 -3.73 44.62 -8.72
N PHE A 263 -2.61 45.26 -8.30
CA PHE A 263 -1.50 44.58 -7.63
C PHE A 263 -1.99 44.10 -6.25
N ILE A 264 -2.61 45.04 -5.50
CA ILE A 264 -3.22 44.77 -4.17
C ILE A 264 -4.28 43.63 -4.28
N LYS A 265 -5.11 43.73 -5.33
CA LYS A 265 -6.15 42.74 -5.68
C LYS A 265 -5.54 41.35 -5.98
N ARG A 266 -4.30 41.32 -6.52
CA ARG A 266 -3.66 40.08 -7.00
C ARG A 266 -3.27 39.16 -5.80
N PHE A 267 -3.13 39.78 -4.61
CA PHE A 267 -2.85 39.06 -3.34
C PHE A 267 -4.16 38.75 -2.58
N GLY A 268 -5.31 38.92 -3.27
CA GLY A 268 -6.61 38.57 -2.74
C GLY A 268 -7.22 39.65 -1.84
N VAL A 269 -6.51 40.80 -1.68
CA VAL A 269 -7.00 41.92 -0.88
C VAL A 269 -8.08 42.67 -1.68
N GLU A 270 -9.33 42.20 -1.48
CA GLU A 270 -10.52 42.65 -2.23
C GLU A 270 -10.87 44.12 -1.94
N ASP A 271 -10.54 44.57 -0.72
CA ASP A 271 -10.84 45.93 -0.26
C ASP A 271 -9.92 46.98 -0.89
N GLY A 272 -8.76 46.55 -1.42
CA GLY A 272 -7.80 47.47 -2.06
C GLY A 272 -6.98 48.31 -1.07
N SER A 273 -7.51 48.48 0.17
CA SER A 273 -6.83 49.13 1.30
C SER A 273 -5.47 48.46 1.59
N VAL A 274 -4.40 49.27 1.51
CA VAL A 274 -2.99 48.81 1.70
C VAL A 274 -2.80 48.22 3.12
N GLU A 275 -3.62 48.72 4.08
CA GLU A 275 -3.76 48.13 5.44
C GLU A 275 -3.91 46.60 5.36
N GLY A 276 -4.84 46.15 4.48
CA GLY A 276 -5.11 44.74 4.28
C GLY A 276 -3.94 44.00 3.65
N LEU A 277 -3.17 44.73 2.81
CA LEU A 277 -2.06 44.15 2.02
C LEU A 277 -0.88 43.85 2.97
N ARG A 278 -0.57 44.84 3.83
CA ARG A 278 0.55 44.78 4.78
C ARG A 278 0.26 43.77 5.89
N ALA A 279 -0.98 43.78 6.38
CA ALA A 279 -1.43 42.88 7.45
C ALA A 279 -1.41 41.42 6.96
N GLU A 280 -1.96 41.18 5.76
CA GLU A 280 -2.07 39.83 5.17
C GLU A 280 -0.68 39.28 4.76
N VAL A 281 0.18 40.14 4.18
CA VAL A 281 1.53 39.71 3.75
C VAL A 281 2.39 39.39 4.98
N ARG A 282 2.31 40.25 6.03
CA ARG A 282 3.03 40.04 7.31
C ARG A 282 2.49 38.78 8.02
N LYS A 283 1.17 38.53 7.90
CA LYS A 283 0.50 37.32 8.44
C LYS A 283 1.08 36.05 7.79
N ASN A 284 1.26 36.09 6.46
CA ASN A 284 1.92 35.02 5.69
C ASN A 284 3.40 34.91 6.10
N MET A 285 4.04 36.06 6.34
CA MET A 285 5.45 36.16 6.74
C MET A 285 5.66 35.64 8.16
N GLU A 286 4.61 35.65 9.02
CA GLU A 286 4.66 35.04 10.37
C GLU A 286 4.70 33.52 10.25
N ARG A 287 3.84 32.97 9.37
CA ARG A 287 3.78 31.54 9.08
C ARG A 287 5.15 31.07 8.52
N GLU A 288 5.67 31.82 7.54
CA GLU A 288 6.94 31.51 6.88
C GLU A 288 8.11 31.65 7.87
N LEU A 289 8.07 32.70 8.72
CA LEU A 289 9.12 33.00 9.73
C LEU A 289 9.26 31.82 10.70
N LYS A 290 8.12 31.47 11.32
CA LYS A 290 8.01 30.44 12.35
C LYS A 290 8.45 29.07 11.77
N SER A 291 7.97 28.80 10.54
CA SER A 291 8.26 27.57 9.79
C SER A 291 9.75 27.51 9.41
N ALA A 292 10.34 28.68 9.09
CA ALA A 292 11.76 28.79 8.66
C ALA A 292 12.71 28.72 9.85
N ILE A 293 12.24 29.12 11.04
CA ILE A 293 13.03 29.00 12.29
C ILE A 293 13.09 27.54 12.71
N ARG A 294 11.91 26.89 12.72
CA ARG A 294 11.81 25.45 13.00
C ARG A 294 12.66 24.66 11.98
N ASN A 295 12.46 25.00 10.68
CA ASN A 295 13.17 24.37 9.56
C ASN A 295 14.68 24.56 9.68
N ARG A 296 15.14 25.79 9.96
CA ARG A 296 16.58 26.10 9.98
C ARG A 296 17.29 25.44 11.15
N VAL A 297 16.74 25.53 12.37
CA VAL A 297 17.39 24.95 13.56
C VAL A 297 17.42 23.40 13.46
N LYS A 298 16.30 22.80 13.00
CA LYS A 298 16.18 21.35 12.88
C LYS A 298 17.06 20.81 11.74
N SER A 299 16.98 21.43 10.55
CA SER A 299 17.74 21.00 9.35
C SER A 299 19.24 21.22 9.54
N GLN A 300 19.61 22.26 10.30
CA GLN A 300 21.01 22.50 10.68
C GLN A 300 21.49 21.37 11.63
N ALA A 301 20.59 20.95 12.54
CA ALA A 301 20.81 19.78 13.42
C ALA A 301 20.83 18.45 12.64
N ILE A 302 20.00 18.32 11.57
CA ILE A 302 19.90 17.10 10.74
C ILE A 302 21.21 16.89 9.97
N GLU A 303 21.58 17.94 9.23
CA GLU A 303 22.87 18.02 8.54
C GLU A 303 24.03 17.99 9.54
N GLY A 304 23.76 18.42 10.78
CA GLY A 304 24.69 18.23 11.89
C GLY A 304 24.89 16.75 12.24
N LEU A 305 23.78 15.98 12.37
CA LEU A 305 23.82 14.53 12.70
C LEU A 305 24.61 13.77 11.62
N VAL A 306 24.36 14.11 10.35
CA VAL A 306 25.01 13.46 9.19
C VAL A 306 26.50 13.87 9.10
N LYS A 307 26.78 15.18 9.08
CA LYS A 307 28.16 15.70 8.88
C LYS A 307 29.09 15.32 10.05
N ALA A 308 28.52 15.24 11.28
CA ALA A 308 29.26 14.84 12.48
C ALA A 308 29.31 13.31 12.64
N ASN A 309 28.48 12.58 11.85
CA ASN A 309 28.34 11.11 11.99
C ASN A 309 27.58 10.55 10.78
N ASP A 310 28.30 10.38 9.65
CA ASP A 310 27.75 9.73 8.46
C ASP A 310 28.08 8.23 8.52
N ILE A 311 27.05 7.46 8.87
CA ILE A 311 27.14 6.01 9.07
C ILE A 311 27.15 5.24 7.74
N ASP A 312 27.35 3.92 7.86
CA ASP A 312 27.15 2.97 6.76
C ASP A 312 25.67 2.54 6.77
N VAL A 313 25.07 2.39 5.57
CA VAL A 313 23.61 2.22 5.41
C VAL A 313 23.28 0.93 4.59
N PRO A 314 22.28 0.10 5.06
CA PRO A 314 21.88 -1.16 4.37
C PRO A 314 21.28 -0.91 2.97
N ALA A 315 21.92 -1.45 1.92
CA ALA A 315 21.69 -1.05 0.51
C ALA A 315 20.31 -1.46 -0.02
N ALA A 316 19.60 -2.39 0.66
CA ALA A 316 18.21 -2.76 0.31
C ALA A 316 17.26 -1.57 0.56
N LEU A 317 17.46 -0.89 1.71
CA LEU A 317 16.67 0.30 2.12
C LEU A 317 16.88 1.44 1.10
N ILE A 318 18.16 1.63 0.70
CA ILE A 318 18.56 2.66 -0.29
C ILE A 318 17.92 2.35 -1.64
N ASP A 319 18.09 1.12 -2.11
CA ASP A 319 17.60 0.66 -3.43
C ASP A 319 16.08 0.84 -3.57
N SER A 320 15.35 0.46 -2.49
CA SER A 320 13.87 0.61 -2.43
C SER A 320 13.46 2.10 -2.42
N GLU A 321 14.16 2.90 -1.58
CA GLU A 321 13.88 4.34 -1.42
C GLU A 321 14.08 5.09 -2.75
N ILE A 322 15.24 4.83 -3.40
CA ILE A 322 15.60 5.34 -4.74
C ILE A 322 14.53 4.95 -5.76
N ASP A 323 14.08 3.67 -5.72
CA ASP A 323 13.05 3.15 -6.65
C ASP A 323 11.72 3.93 -6.55
N VAL A 324 11.25 4.18 -5.32
CA VAL A 324 10.02 4.96 -5.05
C VAL A 324 10.19 6.41 -5.56
N LEU A 325 11.36 7.01 -5.24
CA LEU A 325 11.71 8.38 -5.67
C LEU A 325 11.82 8.48 -7.20
N ARG A 326 12.31 7.40 -7.85
CA ARG A 326 12.47 7.34 -9.32
C ARG A 326 11.10 7.29 -9.98
N ARG A 327 10.24 6.40 -9.47
CA ARG A 327 8.92 6.12 -10.04
C ARG A 327 8.04 7.38 -9.96
N GLN A 328 8.05 8.02 -8.77
CA GLN A 328 7.25 9.23 -8.51
C GLN A 328 7.78 10.44 -9.31
N ALA A 329 9.12 10.54 -9.44
CA ALA A 329 9.78 11.62 -10.22
C ALA A 329 9.41 11.50 -11.70
N ALA A 330 9.56 10.29 -12.24
CA ALA A 330 9.28 9.98 -13.65
C ALA A 330 7.79 10.18 -13.96
N GLN A 331 6.94 9.86 -12.98
CA GLN A 331 5.48 10.04 -13.06
C GLN A 331 5.10 11.53 -12.94
N ARG A 332 6.04 12.38 -12.46
CA ARG A 332 5.79 13.83 -12.26
C ARG A 332 6.34 14.65 -13.44
N PHE A 333 7.67 14.63 -13.62
CA PHE A 333 8.42 15.45 -14.59
C PHE A 333 8.28 14.91 -16.04
N GLY A 334 7.26 14.07 -16.29
CA GLY A 334 7.08 13.43 -17.60
C GLY A 334 5.80 12.61 -17.67
N GLY A 335 5.50 11.87 -16.59
CA GLY A 335 4.33 10.99 -16.53
C GLY A 335 4.60 9.59 -17.10
N ASN A 336 5.88 9.23 -17.24
CA ASN A 336 6.31 7.96 -17.87
C ASN A 336 7.27 7.22 -16.93
N GLU A 337 6.92 5.97 -16.58
CA GLU A 337 7.63 5.15 -15.57
C GLU A 337 9.01 4.64 -16.10
N LYS A 338 9.10 4.46 -17.44
CA LYS A 338 10.36 4.01 -18.12
C LYS A 338 11.49 5.04 -17.85
N GLN A 339 11.10 6.32 -17.86
CA GLN A 339 11.98 7.49 -17.68
C GLN A 339 12.75 7.42 -16.33
N ALA A 340 12.14 6.75 -15.31
CA ALA A 340 12.69 6.63 -13.94
C ALA A 340 14.14 6.12 -13.92
N LEU A 341 14.31 4.94 -14.53
CA LEU A 341 15.57 4.17 -14.50
C LEU A 341 16.72 4.92 -15.23
N GLU A 342 16.32 5.88 -16.08
CA GLU A 342 17.23 6.71 -16.87
C GLU A 342 17.99 7.71 -15.96
N LEU A 343 17.32 8.25 -14.90
CA LEU A 343 17.94 9.30 -14.05
C LEU A 343 19.02 8.69 -13.12
N PRO A 344 20.20 9.40 -12.94
CA PRO A 344 21.28 8.97 -12.02
C PRO A 344 20.77 8.77 -10.57
N ARG A 345 20.85 7.52 -10.05
CA ARG A 345 20.32 7.15 -8.71
C ARG A 345 20.90 8.07 -7.60
N GLU A 346 22.13 8.58 -7.85
CA GLU A 346 22.90 9.44 -6.94
C GLU A 346 22.09 10.70 -6.51
N LEU A 347 21.25 11.25 -7.43
CA LEU A 347 20.48 12.48 -7.12
C LEU A 347 19.29 12.16 -6.20
N PHE A 348 18.79 10.90 -6.25
CA PHE A 348 17.71 10.43 -5.37
C PHE A 348 18.29 10.06 -4.00
N GLU A 349 19.50 9.46 -4.06
CA GLU A 349 20.23 8.94 -2.90
C GLU A 349 20.76 10.07 -2.01
N GLU A 350 20.85 11.29 -2.57
CA GLU A 350 21.31 12.47 -1.83
C GLU A 350 20.36 12.77 -0.65
N GLN A 351 19.04 12.67 -0.90
CA GLN A 351 18.01 12.87 0.14
C GLN A 351 17.63 11.53 0.80
N ALA A 352 17.63 10.45 0.00
CA ALA A 352 17.28 9.09 0.47
C ALA A 352 18.20 8.63 1.61
N LYS A 353 19.52 8.70 1.36
CA LYS A 353 20.54 8.35 2.36
C LYS A 353 20.41 9.26 3.60
N ARG A 354 20.04 10.55 3.41
CA ARG A 354 19.72 11.43 4.56
C ARG A 354 18.52 10.88 5.36
N ARG A 355 17.51 10.35 4.63
CA ARG A 355 16.26 9.88 5.25
C ARG A 355 16.50 8.60 6.08
N VAL A 356 17.34 7.68 5.57
CA VAL A 356 17.67 6.43 6.27
C VAL A 356 18.70 6.67 7.40
N VAL A 357 19.75 7.52 7.16
CA VAL A 357 20.79 7.85 8.18
C VAL A 357 20.13 8.49 9.41
N VAL A 358 19.35 9.55 9.17
CA VAL A 358 18.62 10.27 10.23
C VAL A 358 17.52 9.37 10.86
N GLY A 359 16.95 8.46 10.04
CA GLY A 359 15.98 7.48 10.51
C GLY A 359 16.56 6.51 11.53
N LEU A 360 17.82 6.10 11.31
CA LEU A 360 18.56 5.20 12.21
C LEU A 360 19.01 5.96 13.47
N LEU A 361 19.64 7.14 13.26
CA LEU A 361 20.22 7.98 14.35
C LEU A 361 19.15 8.43 15.35
N LEU A 362 18.10 9.10 14.84
CA LEU A 362 16.98 9.61 15.68
C LEU A 362 16.12 8.45 16.21
N GLY A 363 16.07 7.33 15.45
CA GLY A 363 15.37 6.11 15.88
C GLY A 363 15.98 5.53 17.14
N GLU A 364 17.32 5.49 17.15
CA GLU A 364 18.15 5.00 18.27
C GLU A 364 17.85 5.83 19.55
N VAL A 365 17.70 7.16 19.34
CA VAL A 365 17.41 8.11 20.43
C VAL A 365 16.04 7.83 21.06
N ILE A 366 14.95 7.99 20.27
CA ILE A 366 13.54 7.84 20.76
C ILE A 366 13.28 6.43 21.33
N ARG A 367 14.01 5.43 20.81
CA ARG A 367 13.97 4.06 21.32
C ARG A 367 14.58 3.96 22.74
N THR A 368 15.90 4.21 22.85
CA THR A 368 16.67 3.89 24.06
C THR A 368 16.43 4.94 25.18
N ASN A 369 16.38 6.22 24.79
CA ASN A 369 16.03 7.34 25.69
C ASN A 369 14.55 7.20 26.13
N GLU A 370 13.79 6.43 25.32
CA GLU A 370 12.39 6.06 25.57
C GLU A 370 11.54 7.35 25.61
N LEU A 371 11.58 8.07 24.50
CA LEU A 371 10.88 9.34 24.34
C LEU A 371 9.40 9.07 24.01
N LYS A 372 8.49 9.62 24.83
CA LYS A 372 7.04 9.64 24.57
C LYS A 372 6.70 11.02 24.04
N ALA A 373 5.78 11.09 23.07
CA ALA A 373 5.24 12.36 22.58
C ALA A 373 4.42 13.03 23.71
N ASP A 374 5.14 13.76 24.60
CA ASP A 374 4.53 14.49 25.73
C ASP A 374 3.50 15.48 25.23
N GLU A 375 2.46 15.71 26.05
CA GLU A 375 1.31 16.55 25.68
C GLU A 375 1.77 17.93 25.18
N GLU A 376 2.76 18.51 25.86
CA GLU A 376 3.33 19.81 25.50
C GLU A 376 3.97 19.79 24.09
N ARG A 377 4.65 18.67 23.75
CA ARG A 377 5.36 18.51 22.47
C ARG A 377 4.37 18.28 21.30
N VAL A 378 3.52 17.23 21.44
CA VAL A 378 2.55 16.86 20.40
C VAL A 378 1.51 17.98 20.19
N LYS A 379 0.89 18.46 21.30
CA LYS A 379 -0.09 19.57 21.27
C LYS A 379 0.61 20.90 20.88
N GLY A 380 1.91 21.06 21.23
CA GLY A 380 2.71 22.21 20.78
C GLY A 380 2.77 22.31 19.26
N LEU A 381 3.07 21.17 18.60
CA LEU A 381 3.11 21.07 17.12
C LEU A 381 1.70 21.29 16.54
N ILE A 382 0.70 20.63 17.19
CA ILE A 382 -0.72 20.76 16.81
C ILE A 382 -1.11 22.25 16.84
N GLU A 383 -0.64 22.98 17.87
CA GLU A 383 -0.99 24.39 18.10
C GLU A 383 -0.32 25.29 17.04
N GLU A 384 0.96 24.95 16.70
CA GLU A 384 1.71 25.59 15.59
C GLU A 384 0.86 25.62 14.30
N MET A 385 0.35 24.43 13.91
CA MET A 385 -0.50 24.32 12.68
C MET A 385 -1.98 24.71 12.96
N ALA A 386 -2.41 24.69 14.24
CA ALA A 386 -3.80 24.98 14.62
C ALA A 386 -4.10 26.48 14.58
N SER A 387 -3.03 27.29 14.69
CA SER A 387 -3.09 28.74 14.43
C SER A 387 -3.64 29.04 13.00
N ALA A 388 -3.49 28.07 12.07
CA ALA A 388 -4.10 28.14 10.71
C ALA A 388 -5.53 27.60 10.70
N TYR A 389 -5.86 26.68 11.63
CA TYR A 389 -7.19 26.01 11.71
C TYR A 389 -8.21 26.93 12.42
N GLU A 390 -9.51 26.59 12.29
CA GLU A 390 -10.63 27.44 12.78
C GLU A 390 -10.58 27.65 14.30
N ASP A 391 -10.65 26.56 15.08
CA ASP A 391 -10.52 26.61 16.55
C ASP A 391 -9.44 25.61 17.00
N PRO A 392 -8.20 26.10 17.34
CA PRO A 392 -7.09 25.27 17.88
C PRO A 392 -7.50 24.24 18.95
N LYS A 393 -8.33 24.68 19.91
CA LYS A 393 -8.76 23.84 21.06
C LYS A 393 -9.48 22.57 20.56
N GLU A 394 -10.35 22.74 19.54
CA GLU A 394 -11.11 21.65 18.91
C GLU A 394 -10.18 20.72 18.09
N VAL A 395 -9.02 21.25 17.64
CA VAL A 395 -8.04 20.47 16.85
C VAL A 395 -7.33 19.49 17.78
N ILE A 396 -6.82 20.05 18.88
CA ILE A 396 -6.16 19.30 19.95
C ILE A 396 -7.12 18.24 20.55
N GLU A 397 -8.41 18.64 20.68
CA GLU A 397 -9.52 17.79 21.15
C GLU A 397 -9.74 16.56 20.23
N PHE A 398 -10.05 16.83 18.94
CA PHE A 398 -10.40 15.79 17.95
C PHE A 398 -9.23 14.82 17.72
N TYR A 399 -8.01 15.38 17.69
CA TYR A 399 -6.78 14.61 17.53
C TYR A 399 -6.57 13.67 18.72
N SER A 400 -6.63 14.21 19.97
CA SER A 400 -6.45 13.40 21.20
C SER A 400 -7.54 12.32 21.34
N LYS A 401 -8.70 12.55 20.70
CA LYS A 401 -9.81 11.58 20.67
C LYS A 401 -9.44 10.37 19.74
N ASN A 402 -8.67 10.65 18.68
CA ASN A 402 -8.32 9.64 17.65
C ASN A 402 -6.87 9.17 17.85
N LYS A 403 -6.72 7.93 18.34
CA LYS A 403 -5.40 7.29 18.58
C LYS A 403 -4.59 7.23 17.28
N GLU A 404 -5.26 6.90 16.16
CA GLU A 404 -4.58 6.62 14.90
C GLU A 404 -4.06 7.91 14.25
N LEU A 405 -4.76 9.03 14.51
CA LEU A 405 -4.29 10.37 14.13
C LEU A 405 -3.07 10.71 15.03
N MET A 406 -3.22 10.43 16.34
CA MET A 406 -2.18 10.65 17.36
C MET A 406 -0.99 9.68 17.21
N ASP A 407 -1.12 8.64 16.38
CA ASP A 407 0.01 7.73 16.03
C ASP A 407 0.98 8.48 15.10
N ASN A 408 0.39 9.14 14.08
CA ASN A 408 1.12 10.00 13.12
C ASN A 408 1.65 11.25 13.84
N MET A 409 0.81 11.80 14.76
CA MET A 409 1.18 12.97 15.58
C MET A 409 2.24 12.59 16.63
N ARG A 410 2.26 11.31 17.04
CA ARG A 410 3.30 10.78 17.94
C ARG A 410 4.63 10.74 17.19
N ASN A 411 4.58 10.23 15.94
CA ASN A 411 5.76 10.11 15.05
C ASN A 411 6.41 11.49 14.80
N VAL A 412 5.60 12.47 14.35
CA VAL A 412 6.11 13.83 14.02
C VAL A 412 6.60 14.56 15.28
N ALA A 413 5.93 14.34 16.43
CA ALA A 413 6.32 14.94 17.73
C ALA A 413 7.62 14.34 18.24
N LEU A 414 7.82 13.03 17.98
CA LEU A 414 9.05 12.31 18.34
C LEU A 414 10.19 12.64 17.38
N GLU A 415 9.84 13.04 16.15
CA GLU A 415 10.81 13.49 15.15
C GLU A 415 11.40 14.85 15.62
N GLU A 416 10.48 15.78 16.02
CA GLU A 416 10.85 17.04 16.72
C GLU A 416 11.76 16.74 17.92
N GLN A 417 11.22 15.89 18.82
CA GLN A 417 11.78 15.61 20.15
C GLN A 417 13.09 14.81 20.07
N ALA A 418 13.29 14.08 18.96
CA ALA A 418 14.53 13.35 18.70
C ALA A 418 15.63 14.34 18.29
N VAL A 419 15.25 15.26 17.37
CA VAL A 419 16.12 16.38 16.98
C VAL A 419 16.49 17.22 18.23
N GLU A 420 15.51 17.45 19.12
CA GLU A 420 15.66 18.34 20.29
C GLU A 420 16.39 17.64 21.46
N ALA A 421 16.27 16.29 21.56
CA ALA A 421 17.01 15.48 22.55
C ALA A 421 18.53 15.64 22.36
N VAL A 422 18.98 15.53 21.09
CA VAL A 422 20.38 15.72 20.73
C VAL A 422 20.74 17.22 20.64
N LEU A 423 19.74 18.07 20.28
CA LEU A 423 19.90 19.55 20.16
C LEU A 423 20.26 20.18 21.51
N ALA A 424 19.69 19.58 22.59
CA ALA A 424 19.91 20.01 23.98
C ALA A 424 21.41 20.02 24.34
N LYS A 425 22.17 19.03 23.82
CA LYS A 425 23.64 18.94 24.03
C LYS A 425 24.41 19.63 22.89
N ALA A 426 23.80 19.65 21.68
CA ALA A 426 24.42 20.16 20.43
C ALA A 426 24.84 21.63 20.56
N LYS A 427 25.96 21.98 19.90
CA LYS A 427 26.57 23.31 20.00
C LYS A 427 25.72 24.31 19.20
N VAL A 428 24.81 24.99 19.93
CA VAL A 428 23.88 25.97 19.39
C VAL A 428 24.49 27.38 19.42
N THR A 429 24.41 28.10 18.29
CA THR A 429 24.97 29.46 18.17
C THR A 429 23.82 30.48 18.07
N GLU A 430 23.90 31.58 18.82
CA GLU A 430 22.93 32.70 18.72
C GLU A 430 23.39 33.66 17.61
N LYS A 431 22.44 34.17 16.81
CA LYS A 431 22.75 35.10 15.70
C LYS A 431 21.53 35.99 15.37
N GLU A 432 21.52 37.25 15.86
CA GLU A 432 20.45 38.21 15.56
C GLU A 432 20.43 38.54 14.04
N THR A 433 19.27 38.32 13.42
CA THR A 433 19.08 38.40 11.95
C THR A 433 17.64 38.98 11.66
N THR A 434 17.22 39.12 10.38
CA THR A 434 15.81 39.43 10.00
C THR A 434 15.22 38.30 9.11
N PHE A 435 13.91 38.42 8.77
CA PHE A 435 13.15 37.44 7.95
C PHE A 435 13.80 37.25 6.57
N ASN A 436 14.09 38.38 5.89
CA ASN A 436 14.69 38.37 4.53
C ASN A 436 16.05 37.64 4.53
N GLU A 437 16.87 37.92 5.55
CA GLU A 437 18.25 37.40 5.65
C GLU A 437 18.27 35.95 6.18
N LEU A 438 17.20 35.57 6.90
CA LEU A 438 16.95 34.20 7.37
C LEU A 438 16.81 33.24 6.17
N MET A 439 16.10 33.73 5.14
CA MET A 439 15.75 32.94 3.94
C MET A 439 16.73 33.19 2.79
N ASN A 440 17.54 34.25 2.91
CA ASN A 440 18.67 34.51 2.00
C ASN A 440 19.97 34.05 2.69
N GLN A 441 19.92 32.81 3.24
CA GLN A 441 21.04 32.18 3.94
C GLN A 441 22.21 31.93 2.96
N GLN A 442 21.87 31.34 1.81
CA GLN A 442 22.82 31.04 0.72
C GLN A 442 22.04 30.65 -0.54
N ALA A 443 22.06 31.52 -1.56
CA ALA A 443 21.33 31.33 -2.82
C ALA A 443 22.30 31.52 -4.01
N MET B 12 -11.37 29.04 2.36
CA MET B 12 -11.98 27.72 2.07
C MET B 12 -13.49 27.76 2.35
N GLN B 13 -14.28 27.06 1.52
CA GLN B 13 -15.74 26.97 1.65
C GLN B 13 -16.12 25.49 1.84
N VAL B 14 -16.98 25.18 2.83
CA VAL B 14 -17.41 23.79 3.12
C VAL B 14 -18.95 23.71 3.23
N SER B 15 -19.55 22.56 2.86
CA SER B 15 -20.99 22.33 3.04
C SER B 15 -21.25 20.84 3.36
N VAL B 16 -21.46 20.53 4.65
CA VAL B 16 -21.84 19.19 5.12
C VAL B 16 -23.37 19.02 4.99
N GLU B 17 -23.82 17.84 4.52
CA GLU B 17 -25.25 17.50 4.40
C GLU B 17 -25.46 16.02 4.73
N THR B 18 -26.46 15.72 5.59
CA THR B 18 -26.85 14.35 5.91
C THR B 18 -27.76 13.80 4.78
N THR B 19 -27.21 12.86 4.00
CA THR B 19 -27.86 12.32 2.79
C THR B 19 -28.89 11.23 3.14
N GLN B 20 -28.44 10.19 3.87
CA GLN B 20 -29.31 9.07 4.29
C GLN B 20 -28.80 8.50 5.62
N GLY B 21 -29.45 8.91 6.73
CA GLY B 21 -29.17 8.40 8.07
C GLY B 21 -27.73 8.66 8.53
N LEU B 22 -26.86 7.67 8.27
CA LEU B 22 -25.43 7.74 8.60
C LEU B 22 -24.68 8.51 7.49
N GLY B 23 -25.11 8.25 6.24
CA GLY B 23 -24.49 8.84 5.04
C GLY B 23 -24.54 10.36 5.02
N ARG B 24 -23.40 10.98 4.67
CA ARG B 24 -23.19 12.44 4.71
C ARG B 24 -22.20 12.86 3.60
N ARG B 25 -22.60 13.86 2.81
CA ARG B 25 -21.77 14.47 1.76
C ARG B 25 -21.21 15.80 2.28
N VAL B 26 -19.89 15.89 2.43
CA VAL B 26 -19.20 17.15 2.79
C VAL B 26 -18.53 17.71 1.51
N THR B 27 -19.25 18.63 0.84
CA THR B 27 -18.81 19.30 -0.39
C THR B 27 -17.94 20.53 -0.03
N ILE B 28 -16.62 20.37 -0.21
CA ILE B 28 -15.61 21.39 0.15
C ILE B 28 -14.98 22.01 -1.11
N THR B 29 -15.18 23.32 -1.28
CA THR B 29 -14.45 24.14 -2.24
C THR B 29 -13.04 24.45 -1.71
N ILE B 30 -12.03 23.88 -2.37
CA ILE B 30 -10.62 24.29 -2.20
C ILE B 30 -10.38 25.48 -3.13
N ALA B 31 -10.20 26.67 -2.55
CA ALA B 31 -9.99 27.92 -3.30
C ALA B 31 -8.53 28.06 -3.74
N ALA B 32 -8.29 28.97 -4.70
CA ALA B 32 -7.02 29.10 -5.44
C ALA B 32 -5.79 29.37 -4.54
N ASP B 33 -6.01 30.04 -3.39
CA ASP B 33 -4.92 30.42 -2.45
C ASP B 33 -4.30 29.18 -1.76
N SER B 34 -5.18 28.28 -1.27
CA SER B 34 -4.77 27.06 -0.55
C SER B 34 -4.05 26.09 -1.49
N ILE B 35 -4.47 26.11 -2.77
CA ILE B 35 -3.82 25.34 -3.84
C ILE B 35 -2.42 25.92 -4.10
N GLU B 36 -2.37 27.23 -4.38
CA GLU B 36 -1.16 27.98 -4.80
C GLU B 36 0.01 27.80 -3.80
N THR B 37 -0.29 28.05 -2.51
CA THR B 37 0.69 27.97 -1.42
C THR B 37 1.24 26.53 -1.28
N ALA B 38 0.33 25.54 -1.31
CA ALA B 38 0.67 24.12 -1.18
C ALA B 38 1.39 23.60 -2.44
N VAL B 39 1.15 24.25 -3.61
CA VAL B 39 1.85 23.93 -4.86
C VAL B 39 3.32 24.34 -4.73
N LYS B 40 3.59 25.61 -4.34
CA LYS B 40 4.98 26.10 -4.14
C LYS B 40 5.73 25.23 -3.09
N SER B 41 5.02 24.92 -1.99
CA SER B 41 5.55 24.10 -0.89
C SER B 41 5.93 22.69 -1.39
N GLU B 42 5.03 22.06 -2.17
CA GLU B 42 5.23 20.69 -2.67
C GLU B 42 6.25 20.66 -3.84
N LEU B 43 6.41 21.83 -4.51
CA LEU B 43 7.42 22.03 -5.59
C LEU B 43 8.83 22.01 -4.97
N VAL B 44 9.07 22.83 -3.93
CA VAL B 44 10.39 22.87 -3.24
C VAL B 44 10.66 21.53 -2.54
N ASN B 45 9.58 20.88 -2.00
CA ASN B 45 9.65 19.51 -1.44
C ASN B 45 10.27 18.56 -2.48
N VAL B 46 9.57 18.28 -3.59
CA VAL B 46 10.05 17.32 -4.60
C VAL B 46 11.39 17.77 -5.24
N ALA B 47 11.61 19.09 -5.35
CA ALA B 47 12.85 19.65 -5.91
C ALA B 47 14.04 19.47 -4.95
N LYS B 48 13.77 19.17 -3.65
CA LYS B 48 14.83 18.76 -2.68
C LYS B 48 14.75 17.27 -2.25
N LYS B 49 13.62 16.58 -2.55
CA LYS B 49 13.45 15.14 -2.20
C LYS B 49 14.05 14.25 -3.29
N VAL B 50 13.74 14.61 -4.54
CA VAL B 50 14.36 14.02 -5.74
C VAL B 50 15.68 14.78 -6.05
N ARG B 51 15.68 16.07 -5.68
CA ARG B 51 16.79 17.03 -5.91
C ARG B 51 17.00 17.26 -7.42
N ILE B 52 16.03 17.97 -8.02
CA ILE B 52 16.08 18.46 -9.40
C ILE B 52 15.83 19.98 -9.35
N ASP B 53 16.91 20.75 -9.43
CA ASP B 53 16.86 22.23 -9.41
C ASP B 53 16.77 22.74 -10.86
N GLY B 54 15.60 22.48 -11.48
CA GLY B 54 15.34 22.84 -12.87
C GLY B 54 16.23 22.05 -13.83
N PHE B 55 17.42 22.61 -14.09
CA PHE B 55 18.44 22.01 -14.97
C PHE B 55 19.66 21.59 -14.13
N ARG B 56 20.33 22.62 -13.57
CA ARG B 56 21.55 22.49 -12.77
C ARG B 56 21.90 23.91 -12.30
N LYS B 57 22.47 24.72 -13.23
CA LYS B 57 22.79 26.15 -12.96
C LYS B 57 21.57 27.05 -13.16
N GLY B 58 20.64 26.60 -14.04
CA GLY B 58 19.41 27.34 -14.33
C GLY B 58 18.44 27.33 -13.14
N LYS B 59 18.23 28.52 -12.53
CA LYS B 59 17.37 28.69 -11.33
C LYS B 59 15.90 28.43 -11.70
N VAL B 60 15.34 29.34 -12.56
CA VAL B 60 13.93 29.28 -13.03
C VAL B 60 12.94 29.25 -11.82
N PRO B 61 12.43 30.44 -11.34
CA PRO B 61 11.58 30.54 -10.13
C PRO B 61 10.33 29.62 -10.18
N MET B 62 9.96 29.06 -9.00
CA MET B 62 8.85 28.10 -8.87
C MET B 62 7.50 28.74 -9.24
N ASN B 63 7.45 30.09 -9.22
CA ASN B 63 6.28 30.89 -9.65
C ASN B 63 5.89 30.54 -11.11
N ILE B 64 6.91 30.53 -12.00
CA ILE B 64 6.74 30.23 -13.44
C ILE B 64 6.13 28.83 -13.63
N VAL B 65 6.86 27.81 -13.11
CA VAL B 65 6.49 26.41 -13.31
C VAL B 65 5.13 26.09 -12.70
N ALA B 66 4.79 26.75 -11.56
CA ALA B 66 3.48 26.57 -10.89
C ALA B 66 2.34 27.06 -11.80
N GLN B 67 2.36 28.38 -12.10
CA GLN B 67 1.26 29.08 -12.77
C GLN B 67 1.01 28.58 -14.20
N ARG B 68 2.10 28.18 -14.90
CA ARG B 68 2.02 27.80 -16.32
C ARG B 68 1.77 26.30 -16.51
N TYR B 69 2.52 25.44 -15.77
CA TYR B 69 2.49 23.97 -15.99
C TYR B 69 2.77 23.18 -14.69
N GLY B 70 2.30 23.70 -13.54
CA GLY B 70 2.49 23.02 -12.24
C GLY B 70 1.45 21.93 -11.96
N ALA B 71 0.82 21.41 -13.03
CA ALA B 71 -0.19 20.33 -12.95
C ALA B 71 0.46 18.95 -12.73
N SER B 72 1.79 18.89 -12.97
CA SER B 72 2.61 17.68 -12.77
C SER B 72 2.64 17.24 -11.29
N VAL B 73 2.44 18.22 -10.38
CA VAL B 73 2.42 17.99 -8.93
C VAL B 73 1.00 18.19 -8.34
N ARG B 74 0.03 18.62 -9.18
CA ARG B 74 -1.32 19.04 -8.74
C ARG B 74 -2.06 17.90 -8.01
N GLN B 75 -1.90 16.67 -8.50
CA GLN B 75 -2.61 15.49 -7.96
C GLN B 75 -2.13 15.17 -6.52
N ASP B 76 -0.86 15.47 -6.26
CA ASP B 76 -0.21 15.27 -4.95
C ASP B 76 -0.62 16.38 -3.98
N VAL B 77 -0.55 17.63 -4.48
CA VAL B 77 -0.97 18.84 -3.76
C VAL B 77 -2.42 18.68 -3.28
N LEU B 78 -3.34 18.56 -4.27
CA LEU B 78 -4.78 18.33 -4.02
C LEU B 78 -4.99 17.05 -3.19
N GLY B 79 -4.17 16.01 -3.47
CA GLY B 79 -4.18 14.78 -2.68
C GLY B 79 -3.95 14.99 -1.19
N ASP B 80 -3.11 16.00 -0.84
CA ASP B 80 -2.82 16.36 0.57
C ASP B 80 -3.88 17.36 1.09
N LEU B 81 -4.33 18.28 0.21
CA LEU B 81 -5.33 19.32 0.54
C LEU B 81 -6.69 18.69 0.86
N MET B 82 -7.01 17.57 0.20
CA MET B 82 -8.27 16.84 0.45
C MET B 82 -8.26 16.17 1.84
N SER B 83 -7.08 16.08 2.46
CA SER B 83 -6.92 15.63 3.86
C SER B 83 -6.95 16.85 4.82
N ARG B 84 -6.16 17.90 4.49
CA ARG B 84 -5.95 19.07 5.39
C ARG B 84 -7.22 19.94 5.51
N ASN B 85 -7.97 20.06 4.42
CA ASN B 85 -9.21 20.86 4.35
C ASN B 85 -10.37 20.08 4.99
N PHE B 86 -10.36 18.74 4.79
CA PHE B 86 -11.37 17.83 5.36
C PHE B 86 -11.27 17.82 6.89
N ILE B 87 -10.03 17.71 7.42
CA ILE B 87 -9.82 17.63 8.87
C ILE B 87 -10.28 18.93 9.55
N ASP B 88 -9.99 20.10 8.91
CA ASP B 88 -10.40 21.42 9.44
C ASP B 88 -11.93 21.57 9.44
N ALA B 89 -12.57 21.13 8.34
CA ALA B 89 -14.04 21.12 8.19
C ALA B 89 -14.74 20.34 9.32
N ILE B 90 -14.12 19.22 9.74
CA ILE B 90 -14.69 18.35 10.79
C ILE B 90 -14.05 18.64 12.18
N ILE B 91 -13.32 19.77 12.30
CA ILE B 91 -12.81 20.26 13.61
C ILE B 91 -13.98 20.89 14.40
N LYS B 92 -14.79 21.72 13.72
CA LYS B 92 -16.01 22.33 14.29
C LYS B 92 -17.12 21.27 14.48
N GLU B 93 -17.42 20.54 13.39
CA GLU B 93 -18.54 19.58 13.35
C GLU B 93 -18.24 18.31 14.18
N LYS B 94 -16.93 17.97 14.27
CA LYS B 94 -16.38 16.88 15.15
C LYS B 94 -16.71 15.45 14.65
N ILE B 95 -17.58 15.36 13.62
CA ILE B 95 -17.82 14.17 12.74
C ILE B 95 -16.83 12.99 12.96
N ASN B 96 -17.35 11.87 13.47
CA ASN B 96 -16.60 10.61 13.56
C ASN B 96 -17.05 9.69 12.40
N PRO B 97 -16.26 9.59 11.28
CA PRO B 97 -16.63 8.76 10.10
C PRO B 97 -16.40 7.26 10.33
N ALA B 98 -17.30 6.43 9.78
CA ALA B 98 -17.13 4.97 9.73
C ALA B 98 -16.12 4.62 8.61
N GLY B 99 -14.90 4.26 9.01
CA GLY B 99 -13.86 3.85 8.08
C GLY B 99 -13.15 5.03 7.44
N ALA B 100 -13.61 5.44 6.24
CA ALA B 100 -12.94 6.45 5.40
C ALA B 100 -13.96 7.22 4.53
N PRO B 101 -13.71 8.53 4.22
CA PRO B 101 -14.57 9.31 3.29
C PRO B 101 -14.30 8.95 1.82
N THR B 102 -15.38 8.80 1.03
CA THR B 102 -15.28 8.55 -0.41
C THR B 102 -15.05 9.89 -1.12
N TYR B 103 -13.77 10.14 -1.46
CA TYR B 103 -13.34 11.34 -2.19
C TYR B 103 -13.91 11.31 -3.62
N VAL B 104 -14.97 12.10 -3.86
CA VAL B 104 -15.48 12.37 -5.22
C VAL B 104 -14.97 13.75 -5.67
N PRO B 105 -13.77 13.83 -6.33
CA PRO B 105 -13.18 15.11 -6.74
C PRO B 105 -13.82 15.64 -8.04
N GLY B 106 -14.03 16.96 -8.11
CA GLY B 106 -14.54 17.61 -9.32
C GLY B 106 -13.43 17.88 -10.32
N GLU B 107 -13.77 18.62 -11.38
CA GLU B 107 -12.80 19.06 -12.40
C GLU B 107 -11.94 20.18 -11.81
N TYR B 108 -10.61 19.98 -11.75
CA TYR B 108 -9.69 21.05 -11.40
C TYR B 108 -9.69 22.07 -12.53
N LYS B 109 -10.33 23.21 -12.30
CA LYS B 109 -10.34 24.32 -13.25
C LYS B 109 -9.02 25.10 -13.13
N LEU B 110 -8.47 25.49 -14.29
CA LEU B 110 -7.11 26.01 -14.43
C LEU B 110 -6.91 27.25 -13.53
N GLY B 111 -6.15 27.07 -12.43
CA GLY B 111 -5.86 28.16 -11.48
C GLY B 111 -7.11 28.74 -10.80
N GLU B 112 -8.09 27.85 -10.54
CA GLU B 112 -9.44 28.24 -10.09
C GLU B 112 -9.94 27.24 -9.02
N ASP B 113 -11.26 27.29 -8.77
CA ASP B 113 -11.98 26.39 -7.85
C ASP B 113 -11.67 24.89 -8.08
N PHE B 114 -11.47 24.16 -6.97
CA PHE B 114 -11.45 22.70 -6.96
C PHE B 114 -12.37 22.21 -5.83
N THR B 115 -13.64 21.99 -6.16
CA THR B 115 -14.62 21.39 -5.24
C THR B 115 -14.49 19.85 -5.25
N TYR B 116 -14.48 19.23 -4.04
CA TYR B 116 -14.55 17.77 -3.88
C TYR B 116 -15.62 17.43 -2.82
N SER B 117 -16.47 16.45 -3.14
CA SER B 117 -17.52 15.97 -2.22
C SER B 117 -17.10 14.64 -1.60
N VAL B 118 -16.80 14.66 -0.29
CA VAL B 118 -16.46 13.44 0.46
C VAL B 118 -17.73 12.83 1.07
N GLU B 119 -18.19 11.71 0.48
CA GLU B 119 -19.42 11.02 0.88
C GLU B 119 -19.08 9.78 1.72
N PHE B 120 -19.62 9.72 2.94
CA PHE B 120 -19.31 8.66 3.90
C PHE B 120 -20.43 8.52 4.92
N GLU B 121 -20.59 7.33 5.46
CA GLU B 121 -21.45 7.08 6.61
C GLU B 121 -20.65 7.37 7.88
N VAL B 122 -21.28 8.02 8.87
CA VAL B 122 -20.68 8.21 10.20
C VAL B 122 -20.72 6.89 10.99
N TYR B 123 -19.89 6.81 12.04
CA TYR B 123 -19.72 5.60 12.86
C TYR B 123 -21.04 5.23 13.58
N PRO B 124 -21.72 4.11 13.19
CA PRO B 124 -23.02 3.74 13.77
C PRO B 124 -22.87 2.92 15.08
N GLU B 125 -23.63 3.33 16.12
CA GLU B 125 -23.75 2.57 17.36
C GLU B 125 -24.58 1.30 17.09
N VAL B 126 -23.87 0.20 16.90
CA VAL B 126 -24.44 -1.08 16.50
C VAL B 126 -25.12 -1.78 17.70
N GLU B 127 -26.24 -2.47 17.42
CA GLU B 127 -27.03 -3.17 18.42
C GLU B 127 -26.77 -4.68 18.35
N LEU B 128 -26.49 -5.28 19.52
CA LEU B 128 -26.34 -6.73 19.70
C LEU B 128 -27.25 -7.18 20.86
N GLN B 129 -28.39 -7.74 20.47
CA GLN B 129 -29.41 -8.31 21.38
C GLN B 129 -29.29 -9.84 21.38
N GLY B 130 -30.19 -10.49 22.14
CA GLY B 130 -30.25 -11.96 22.22
C GLY B 130 -28.96 -12.59 22.73
N LEU B 131 -28.29 -11.88 23.65
CA LEU B 131 -26.92 -12.24 24.13
C LEU B 131 -26.91 -13.68 24.68
N GLU B 132 -27.95 -13.99 25.46
CA GLU B 132 -28.16 -15.33 26.07
C GLU B 132 -28.99 -16.25 25.15
N ALA B 133 -29.57 -15.70 24.07
CA ALA B 133 -30.41 -16.47 23.12
C ALA B 133 -29.54 -17.11 22.01
N ILE B 134 -28.32 -16.55 21.83
CA ILE B 134 -27.31 -17.10 20.91
C ILE B 134 -26.81 -18.46 21.42
N GLU B 135 -26.94 -19.49 20.59
CA GLU B 135 -26.43 -20.84 20.89
C GLU B 135 -24.92 -20.92 20.59
N VAL B 136 -24.20 -21.65 21.45
CA VAL B 136 -22.75 -21.83 21.36
C VAL B 136 -22.45 -23.31 21.06
N GLU B 137 -21.71 -23.54 19.95
CA GLU B 137 -21.35 -24.87 19.49
C GLU B 137 -20.20 -25.45 20.33
N LYS B 138 -20.54 -26.36 21.25
CA LYS B 138 -19.58 -27.22 21.95
C LYS B 138 -19.69 -28.66 21.41
N PRO B 139 -18.91 -29.04 20.36
CA PRO B 139 -18.86 -30.42 19.88
C PRO B 139 -17.87 -31.23 20.74
N ILE B 140 -18.40 -32.00 21.71
CA ILE B 140 -17.58 -32.82 22.62
C ILE B 140 -17.11 -34.07 21.87
N VAL B 141 -16.07 -33.84 21.06
CA VAL B 141 -15.45 -34.85 20.23
C VAL B 141 -14.39 -35.62 21.02
N GLU B 142 -13.99 -36.77 20.48
CA GLU B 142 -12.90 -37.58 21.04
C GLU B 142 -12.34 -38.44 19.91
N VAL B 143 -11.09 -38.16 19.53
CA VAL B 143 -10.37 -38.91 18.50
C VAL B 143 -9.93 -40.26 19.09
N THR B 144 -10.87 -41.23 19.09
CA THR B 144 -10.64 -42.59 19.60
C THR B 144 -9.95 -43.41 18.51
N ASP B 145 -9.17 -44.42 18.90
CA ASP B 145 -8.36 -45.25 17.97
C ASP B 145 -9.23 -45.90 16.87
N ALA B 146 -10.46 -46.30 17.29
CA ALA B 146 -11.45 -46.94 16.41
C ALA B 146 -11.98 -45.95 15.37
N ASP B 147 -12.14 -44.67 15.80
CA ASP B 147 -12.67 -43.59 14.94
C ASP B 147 -11.55 -43.03 14.03
N VAL B 148 -10.27 -43.18 14.48
CA VAL B 148 -9.09 -42.87 13.66
C VAL B 148 -9.07 -43.80 12.46
N ASP B 149 -9.15 -45.12 12.75
CA ASP B 149 -9.13 -46.16 11.70
C ASP B 149 -10.40 -46.11 10.83
N GLY B 150 -11.55 -45.76 11.45
CA GLY B 150 -12.81 -45.59 10.70
C GLY B 150 -12.72 -44.48 9.66
N MET B 151 -12.18 -43.31 10.10
CA MET B 151 -11.93 -42.16 9.22
C MET B 151 -10.90 -42.52 8.15
N LEU B 152 -9.86 -43.26 8.58
CA LEU B 152 -8.74 -43.66 7.72
C LEU B 152 -9.22 -44.69 6.68
N ASP B 153 -10.28 -45.47 7.04
CA ASP B 153 -10.93 -46.42 6.13
C ASP B 153 -11.69 -45.64 5.06
N THR B 154 -12.49 -44.66 5.49
CA THR B 154 -13.21 -43.73 4.58
C THR B 154 -12.21 -43.03 3.61
N LEU B 155 -11.05 -42.65 4.18
CA LEU B 155 -9.97 -41.94 3.47
C LEU B 155 -9.38 -42.86 2.37
N ARG B 156 -8.98 -44.07 2.77
CA ARG B 156 -8.32 -45.04 1.87
C ARG B 156 -9.32 -45.70 0.91
N LYS B 157 -10.63 -45.59 1.21
CA LYS B 157 -11.69 -46.19 0.38
C LYS B 157 -12.06 -45.24 -0.77
N GLN B 158 -12.30 -43.95 -0.43
CA GLN B 158 -12.73 -42.93 -1.40
C GLN B 158 -11.52 -42.41 -2.20
N GLN B 159 -10.37 -42.23 -1.54
CA GLN B 159 -9.15 -41.68 -2.19
C GLN B 159 -8.18 -42.83 -2.62
N ALA B 160 -8.74 -44.05 -2.75
CA ALA B 160 -7.99 -45.28 -3.15
C ALA B 160 -7.36 -45.16 -4.55
N THR B 161 -6.44 -46.10 -4.84
CA THR B 161 -5.77 -46.21 -6.14
C THR B 161 -6.74 -46.74 -7.21
N TRP B 162 -6.42 -46.43 -8.48
CA TRP B 162 -7.31 -46.64 -9.63
C TRP B 162 -6.69 -47.64 -10.62
N LYS B 163 -7.54 -48.28 -11.43
CA LYS B 163 -7.10 -49.13 -12.57
C LYS B 163 -7.38 -48.39 -13.88
N GLU B 164 -6.60 -48.71 -14.92
CA GLU B 164 -6.83 -48.22 -16.28
C GLU B 164 -8.02 -49.00 -16.90
N LYS B 165 -8.91 -48.28 -17.58
CA LYS B 165 -10.16 -48.85 -18.13
C LYS B 165 -10.09 -48.97 -19.66
N ASP B 166 -10.85 -49.94 -20.20
CA ASP B 166 -11.00 -50.15 -21.65
C ASP B 166 -12.50 -50.38 -21.97
N GLY B 167 -13.18 -49.32 -22.42
CA GLY B 167 -14.61 -49.36 -22.77
C GLY B 167 -15.28 -48.01 -22.55
N ALA B 168 -16.64 -48.00 -22.55
CA ALA B 168 -17.45 -46.78 -22.33
C ALA B 168 -17.51 -46.43 -20.84
N VAL B 169 -17.62 -45.13 -20.52
CA VAL B 169 -17.66 -44.64 -19.13
C VAL B 169 -19.03 -45.01 -18.48
N GLU B 170 -19.02 -45.84 -17.42
CA GLU B 170 -20.23 -46.12 -16.60
C GLU B 170 -20.44 -45.00 -15.54
N ALA B 171 -21.43 -45.22 -14.65
CA ALA B 171 -21.75 -44.29 -13.55
C ALA B 171 -20.74 -44.42 -12.38
N GLU B 172 -19.94 -45.51 -12.39
CA GLU B 172 -18.97 -45.82 -11.32
C GLU B 172 -17.52 -45.68 -11.84
N ASP B 173 -17.26 -44.63 -12.64
CA ASP B 173 -15.91 -44.39 -13.22
C ASP B 173 -15.39 -42.97 -12.94
N ARG B 174 -14.06 -42.90 -12.93
CA ARG B 174 -13.29 -41.65 -12.98
C ARG B 174 -12.83 -41.43 -14.43
N VAL B 175 -12.57 -40.17 -14.82
CA VAL B 175 -12.18 -39.83 -16.19
C VAL B 175 -11.30 -38.55 -16.20
N THR B 176 -10.02 -38.70 -16.61
CA THR B 176 -9.09 -37.56 -16.75
C THR B 176 -9.14 -37.04 -18.21
N ILE B 177 -9.73 -35.84 -18.38
CA ILE B 177 -10.06 -35.24 -19.69
C ILE B 177 -9.84 -33.72 -19.65
N ASP B 178 -10.40 -33.03 -20.65
CA ASP B 178 -10.55 -31.57 -20.65
C ASP B 178 -11.95 -31.20 -21.16
N PHE B 179 -12.48 -30.08 -20.65
CA PHE B 179 -13.70 -29.45 -21.15
C PHE B 179 -13.40 -27.97 -21.41
N THR B 180 -13.68 -27.51 -22.65
CA THR B 180 -13.31 -26.19 -23.14
C THR B 180 -14.06 -25.90 -24.45
N GLY B 181 -14.47 -24.64 -24.67
CA GLY B 181 -15.19 -24.27 -25.90
C GLY B 181 -15.74 -22.87 -25.83
N SER B 182 -17.08 -22.74 -25.79
CA SER B 182 -17.76 -21.44 -25.76
C SER B 182 -19.19 -21.63 -25.23
N VAL B 183 -19.55 -20.86 -24.20
CA VAL B 183 -20.89 -20.86 -23.61
C VAL B 183 -21.76 -19.85 -24.36
N ASP B 184 -22.59 -20.37 -25.30
CA ASP B 184 -23.52 -19.56 -26.13
C ASP B 184 -22.73 -18.61 -27.06
N GLY B 185 -21.52 -19.06 -27.44
CA GLY B 185 -20.61 -18.28 -28.29
C GLY B 185 -19.65 -17.40 -27.51
N GLU B 186 -19.75 -17.44 -26.16
CA GLU B 186 -18.88 -16.65 -25.27
C GLU B 186 -17.73 -17.52 -24.73
N GLU B 187 -16.48 -17.05 -24.94
CA GLU B 187 -15.28 -17.74 -24.45
C GLU B 187 -15.10 -17.44 -22.94
N PHE B 188 -15.81 -18.25 -22.14
CA PHE B 188 -15.77 -18.24 -20.66
C PHE B 188 -14.32 -18.28 -20.13
N GLU B 189 -13.85 -17.12 -19.64
CA GLU B 189 -12.44 -16.91 -19.24
C GLU B 189 -12.12 -17.64 -17.92
N GLY B 190 -11.60 -18.86 -18.06
CA GLY B 190 -11.16 -19.68 -16.95
C GLY B 190 -12.30 -20.35 -16.17
N GLY B 191 -13.46 -20.51 -16.83
CA GLY B 191 -14.57 -21.33 -16.31
C GLY B 191 -14.44 -22.79 -16.75
N LYS B 192 -13.26 -23.12 -17.29
CA LYS B 192 -12.92 -24.42 -17.88
C LYS B 192 -11.62 -24.96 -17.26
N ALA B 193 -11.34 -26.25 -17.52
CA ALA B 193 -10.16 -26.93 -16.96
C ALA B 193 -9.61 -27.95 -17.98
N SER B 194 -8.38 -27.69 -18.46
CA SER B 194 -7.63 -28.63 -19.30
C SER B 194 -6.86 -29.60 -18.40
N ASP B 195 -6.90 -30.90 -18.77
CA ASP B 195 -6.31 -32.02 -17.98
C ASP B 195 -6.99 -32.08 -16.58
N PHE B 196 -8.31 -31.86 -16.61
CA PHE B 196 -9.24 -32.02 -15.47
C PHE B 196 -9.41 -33.52 -15.16
N VAL B 197 -9.92 -33.84 -13.95
CA VAL B 197 -10.31 -35.21 -13.60
C VAL B 197 -11.68 -35.20 -12.89
N LEU B 198 -12.65 -35.93 -13.46
CA LEU B 198 -13.96 -36.15 -12.86
C LEU B 198 -13.96 -37.53 -12.18
N ALA B 199 -13.89 -37.56 -10.85
CA ALA B 199 -13.94 -38.80 -10.06
C ALA B 199 -15.33 -38.96 -9.44
N MET B 200 -15.90 -40.17 -9.57
CA MET B 200 -17.17 -40.54 -8.90
C MET B 200 -16.95 -40.74 -7.39
N GLY B 201 -18.06 -40.87 -6.67
CA GLY B 201 -18.05 -40.90 -5.20
C GLY B 201 -17.99 -39.50 -4.60
N GLN B 202 -18.18 -38.50 -5.48
CA GLN B 202 -18.17 -37.07 -5.15
C GLN B 202 -19.38 -36.36 -5.76
N GLY B 203 -19.62 -35.12 -5.31
CA GLY B 203 -20.63 -34.26 -5.91
C GLY B 203 -20.19 -33.82 -7.31
N ARG B 204 -20.89 -34.37 -8.32
CA ARG B 204 -20.54 -34.21 -9.75
C ARG B 204 -20.81 -32.77 -10.25
N MET B 205 -20.53 -32.56 -11.54
CA MET B 205 -20.70 -31.26 -12.21
C MET B 205 -22.17 -31.05 -12.65
N ILE B 206 -22.40 -30.00 -13.46
CA ILE B 206 -23.74 -29.59 -13.94
C ILE B 206 -24.48 -30.72 -14.73
N PRO B 207 -25.87 -30.74 -14.66
CA PRO B 207 -26.70 -31.69 -15.44
C PRO B 207 -26.39 -31.65 -16.96
N GLY B 208 -26.32 -32.85 -17.57
CA GLY B 208 -25.97 -32.98 -18.99
C GLY B 208 -24.51 -33.34 -19.19
N PHE B 209 -23.62 -32.70 -18.39
CA PHE B 209 -22.15 -32.89 -18.50
C PHE B 209 -21.80 -34.37 -18.33
N GLU B 210 -22.08 -34.89 -17.11
CA GLU B 210 -21.79 -36.29 -16.73
C GLU B 210 -22.43 -37.30 -17.71
N ASP B 211 -23.61 -36.94 -18.24
CA ASP B 211 -24.39 -37.79 -19.17
C ASP B 211 -23.70 -37.88 -20.54
N GLY B 212 -22.96 -36.81 -20.91
CA GLY B 212 -22.18 -36.79 -22.14
C GLY B 212 -20.92 -37.63 -22.00
N ILE B 213 -20.29 -37.51 -20.81
CA ILE B 213 -19.08 -38.25 -20.43
C ILE B 213 -19.33 -39.76 -20.55
N LYS B 214 -20.43 -40.20 -19.89
CA LYS B 214 -20.86 -41.60 -19.87
C LYS B 214 -21.68 -41.95 -21.13
N GLY B 215 -21.75 -41.01 -22.09
CA GLY B 215 -22.48 -41.20 -23.34
C GLY B 215 -21.57 -41.67 -24.45
N HIS B 216 -20.27 -41.82 -24.12
CA HIS B 216 -19.22 -42.18 -25.10
C HIS B 216 -18.15 -43.08 -24.45
N LYS B 217 -17.20 -43.54 -25.29
CA LYS B 217 -16.15 -44.49 -24.89
C LYS B 217 -14.77 -43.81 -24.83
N ALA B 218 -13.88 -44.41 -24.03
CA ALA B 218 -12.51 -43.92 -23.83
C ALA B 218 -11.69 -44.00 -25.13
N GLY B 219 -11.01 -42.91 -25.49
CA GLY B 219 -10.12 -42.87 -26.66
C GLY B 219 -10.63 -42.02 -27.80
N GLU B 220 -11.81 -41.38 -27.64
CA GLU B 220 -12.40 -40.51 -28.69
C GLU B 220 -12.54 -39.05 -28.21
N GLU B 221 -12.65 -38.13 -29.17
CA GLU B 221 -12.80 -36.68 -28.93
C GLU B 221 -14.11 -36.20 -29.56
N PHE B 222 -14.83 -35.33 -28.85
CA PHE B 222 -16.14 -34.80 -29.30
C PHE B 222 -16.48 -33.53 -28.50
N THR B 223 -17.72 -33.03 -28.64
CA THR B 223 -18.25 -31.95 -27.79
C THR B 223 -19.65 -32.32 -27.30
N ILE B 224 -20.03 -31.76 -26.14
CA ILE B 224 -21.39 -31.82 -25.59
C ILE B 224 -21.94 -30.38 -25.56
N ASP B 225 -23.27 -30.26 -25.55
CA ASP B 225 -23.99 -28.97 -25.54
C ASP B 225 -25.02 -28.99 -24.42
N VAL B 226 -24.63 -28.47 -23.24
CA VAL B 226 -25.47 -28.47 -22.03
C VAL B 226 -25.81 -27.02 -21.67
N THR B 227 -26.53 -26.79 -20.56
CA THR B 227 -26.90 -25.43 -20.11
C THR B 227 -26.48 -25.26 -18.63
N PHE B 228 -25.87 -24.09 -18.31
CA PHE B 228 -25.57 -23.71 -16.93
C PHE B 228 -26.86 -23.44 -16.14
N PRO B 229 -26.91 -23.84 -14.82
CA PRO B 229 -28.07 -23.56 -13.94
C PRO B 229 -28.44 -22.07 -13.90
N GLU B 230 -29.75 -21.79 -13.78
CA GLU B 230 -30.28 -20.42 -13.62
C GLU B 230 -29.72 -19.75 -12.35
N GLU B 231 -29.34 -20.60 -11.38
CA GLU B 231 -28.83 -20.19 -10.06
C GLU B 231 -27.28 -20.08 -10.04
N TYR B 232 -26.63 -20.33 -11.20
CA TYR B 232 -25.15 -20.32 -11.32
C TYR B 232 -24.57 -18.91 -11.01
N HIS B 233 -23.40 -18.89 -10.32
CA HIS B 233 -22.83 -17.67 -9.68
C HIS B 233 -22.23 -16.64 -10.68
N ALA B 234 -22.28 -16.93 -11.99
CA ALA B 234 -21.87 -15.98 -13.05
C ALA B 234 -23.07 -15.71 -13.96
N GLU B 235 -23.44 -14.42 -14.08
CA GLU B 235 -24.70 -13.99 -14.73
C GLU B 235 -24.66 -14.19 -16.26
N ASN B 236 -23.48 -13.99 -16.86
CA ASN B 236 -23.31 -14.10 -18.34
C ASN B 236 -23.27 -15.58 -18.80
N LEU B 237 -23.14 -16.52 -17.84
CA LEU B 237 -23.03 -17.96 -18.16
C LEU B 237 -24.32 -18.71 -17.76
N LYS B 238 -24.99 -18.25 -16.67
CA LYS B 238 -26.23 -18.89 -16.17
C LYS B 238 -27.37 -18.74 -17.18
N GLY B 239 -28.02 -19.86 -17.55
CA GLY B 239 -29.09 -19.87 -18.54
C GLY B 239 -28.58 -20.07 -19.98
N LYS B 240 -27.28 -19.80 -20.20
CA LYS B 240 -26.63 -19.92 -21.52
C LYS B 240 -26.21 -21.39 -21.79
N ALA B 241 -26.25 -21.79 -23.07
CA ALA B 241 -25.93 -23.15 -23.52
C ALA B 241 -24.40 -23.32 -23.74
N ALA B 242 -23.76 -24.06 -22.82
CA ALA B 242 -22.31 -24.28 -22.80
C ALA B 242 -21.88 -25.41 -23.76
N LYS B 243 -20.93 -25.08 -24.67
CA LYS B 243 -20.26 -26.05 -25.54
C LYS B 243 -18.95 -26.51 -24.87
N PHE B 244 -18.87 -27.81 -24.54
CA PHE B 244 -17.71 -28.41 -23.86
C PHE B 244 -17.09 -29.49 -24.76
N ALA B 245 -15.94 -29.18 -25.38
CA ALA B 245 -15.14 -30.15 -26.13
C ALA B 245 -14.59 -31.22 -25.16
N ILE B 246 -15.37 -32.31 -25.01
CA ILE B 246 -15.00 -33.45 -24.18
C ILE B 246 -14.12 -34.38 -25.01
N ASN B 247 -12.84 -34.38 -24.70
CA ASN B 247 -11.85 -35.22 -25.37
C ASN B 247 -11.46 -36.34 -24.39
N LEU B 248 -12.15 -37.51 -24.49
CA LEU B 248 -11.95 -38.65 -23.59
C LEU B 248 -10.53 -39.22 -23.75
N LYS B 249 -9.59 -38.63 -22.97
CA LYS B 249 -8.18 -39.02 -22.97
C LYS B 249 -7.99 -40.30 -22.15
N LYS B 250 -8.20 -40.17 -20.83
CA LYS B 250 -7.98 -41.28 -19.88
C LYS B 250 -9.26 -41.49 -19.06
N VAL B 251 -9.60 -42.76 -18.83
CA VAL B 251 -10.73 -43.15 -17.96
C VAL B 251 -10.21 -44.20 -16.97
N GLU B 252 -10.22 -43.88 -15.68
CA GLU B 252 -9.74 -44.76 -14.61
C GLU B 252 -10.95 -45.37 -13.90
N GLU B 253 -11.04 -46.70 -13.88
CA GLU B 253 -12.17 -47.39 -13.25
C GLU B 253 -11.93 -47.54 -11.75
N ARG B 254 -13.04 -47.43 -11.00
CA ARG B 254 -13.09 -47.64 -9.54
C ARG B 254 -12.80 -49.11 -9.22
N GLU B 255 -11.70 -49.32 -8.51
CA GLU B 255 -11.23 -50.64 -8.08
C GLU B 255 -10.42 -50.37 -6.81
N LEU B 256 -10.98 -50.76 -5.67
CA LEU B 256 -10.44 -50.43 -4.35
C LEU B 256 -9.66 -51.65 -3.79
N PRO B 257 -8.29 -51.69 -3.93
CA PRO B 257 -7.48 -52.87 -3.55
C PRO B 257 -7.30 -52.97 -2.02
N GLU B 258 -6.50 -52.04 -1.47
CA GLU B 258 -6.15 -51.99 -0.04
C GLU B 258 -5.53 -50.63 0.30
N LEU B 259 -5.03 -50.53 1.55
CA LEU B 259 -4.22 -49.39 2.01
C LEU B 259 -2.78 -49.57 1.47
N THR B 260 -2.63 -49.35 0.15
CA THR B 260 -1.42 -49.68 -0.62
C THR B 260 -0.17 -48.92 -0.14
N ALA B 261 1.01 -49.59 -0.20
CA ALA B 261 2.32 -48.98 0.20
C ALA B 261 2.62 -47.69 -0.59
N GLU B 262 2.21 -47.66 -1.87
CA GLU B 262 2.37 -46.49 -2.77
C GLU B 262 1.39 -45.36 -2.38
N PHE B 263 0.26 -45.74 -1.73
CA PHE B 263 -0.73 -44.77 -1.22
C PHE B 263 -0.14 -44.10 0.04
N ILE B 264 0.35 -44.95 0.97
CA ILE B 264 1.09 -44.54 2.20
C ILE B 264 2.22 -43.56 1.83
N LYS B 265 2.95 -43.93 0.77
CA LYS B 265 4.08 -43.20 0.21
C LYS B 265 3.68 -41.77 -0.21
N ARG B 266 2.44 -41.62 -0.74
CA ARG B 266 1.96 -40.37 -1.38
C ARG B 266 1.78 -39.24 -0.35
N PHE B 267 1.59 -39.62 0.93
CA PHE B 267 1.46 -38.68 2.06
C PHE B 267 2.83 -38.25 2.63
N GLY B 268 3.92 -38.66 1.93
CA GLY B 268 5.27 -38.30 2.34
C GLY B 268 5.85 -39.23 3.38
N VAL B 269 5.19 -40.38 3.59
CA VAL B 269 5.66 -41.41 4.53
C VAL B 269 6.73 -42.26 3.84
N GLU B 270 7.99 -41.80 3.98
CA GLU B 270 9.17 -42.45 3.39
C GLU B 270 9.62 -43.67 4.23
N ASP B 271 8.95 -43.86 5.38
CA ASP B 271 9.11 -45.06 6.22
C ASP B 271 8.62 -46.30 5.47
N GLY B 272 7.55 -46.11 4.65
CA GLY B 272 6.87 -47.22 3.97
C GLY B 272 5.86 -47.91 4.91
N SER B 273 6.31 -48.13 6.16
CA SER B 273 5.50 -48.65 7.27
C SER B 273 4.24 -47.78 7.49
N VAL B 274 3.07 -48.45 7.52
CA VAL B 274 1.75 -47.81 7.74
C VAL B 274 1.71 -47.05 9.09
N GLU B 275 2.54 -47.51 10.05
CA GLU B 275 2.74 -46.85 11.36
C GLU B 275 3.09 -45.35 11.16
N GLY B 276 3.94 -45.05 10.14
CA GLY B 276 4.31 -43.67 9.81
C GLY B 276 3.12 -42.87 9.29
N LEU B 277 2.18 -43.55 8.61
CA LEU B 277 0.96 -42.94 8.06
C LEU B 277 0.01 -42.63 9.22
N ARG B 278 -0.03 -43.55 10.21
CA ARG B 278 -0.83 -43.39 11.44
C ARG B 278 -0.31 -42.20 12.26
N ALA B 279 1.03 -42.07 12.32
CA ALA B 279 1.71 -41.00 13.04
C ALA B 279 1.35 -39.64 12.43
N GLU B 280 1.61 -39.50 11.12
CA GLU B 280 1.41 -38.25 10.38
C GLU B 280 -0.09 -37.91 10.25
N VAL B 281 -0.98 -38.92 10.11
CA VAL B 281 -2.42 -38.67 9.95
C VAL B 281 -2.99 -38.20 11.30
N ARG B 282 -2.65 -38.88 12.43
CA ARG B 282 -3.15 -38.52 13.78
C ARG B 282 -2.65 -37.11 14.17
N LYS B 283 -1.40 -36.80 13.78
CA LYS B 283 -0.79 -35.46 13.95
C LYS B 283 -1.62 -34.39 13.21
N ASN B 284 -1.91 -34.67 11.92
CA ASN B 284 -2.72 -33.80 11.05
C ASN B 284 -4.18 -33.71 11.57
N MET B 285 -4.70 -34.83 12.08
CA MET B 285 -6.09 -34.96 12.57
C MET B 285 -6.28 -34.12 13.84
N GLU B 286 -5.28 -34.15 14.74
CA GLU B 286 -5.29 -33.40 16.01
C GLU B 286 -5.30 -31.89 15.72
N ARG B 287 -4.42 -31.50 14.77
CA ARG B 287 -4.30 -30.11 14.28
C ARG B 287 -5.65 -29.60 13.75
N GLU B 288 -6.27 -30.39 12.86
CA GLU B 288 -7.57 -30.05 12.23
C GLU B 288 -8.71 -30.12 13.27
N LEU B 289 -8.57 -31.02 14.27
CA LEU B 289 -9.58 -31.26 15.33
C LEU B 289 -9.75 -29.97 16.15
N LYS B 290 -8.62 -29.49 16.70
CA LYS B 290 -8.54 -28.26 17.50
C LYS B 290 -9.06 -27.05 16.67
N SER B 291 -8.65 -27.02 15.39
CA SER B 291 -9.03 -25.95 14.45
C SER B 291 -10.52 -26.00 14.11
N ALA B 292 -11.11 -27.22 14.09
CA ALA B 292 -12.53 -27.43 13.74
C ALA B 292 -13.42 -27.11 14.94
N ILE B 293 -12.95 -27.37 16.17
CA ILE B 293 -13.67 -27.00 17.42
C ILE B 293 -13.68 -25.47 17.58
N ARG B 294 -12.51 -24.84 17.34
CA ARG B 294 -12.36 -23.38 17.37
C ARG B 294 -13.24 -22.74 16.27
N ASN B 295 -13.17 -23.31 15.06
CA ASN B 295 -13.93 -22.84 13.88
C ASN B 295 -15.43 -22.97 14.10
N ARG B 296 -15.85 -24.08 14.71
CA ARG B 296 -17.27 -24.38 14.98
C ARG B 296 -17.86 -23.40 16.03
N VAL B 297 -17.16 -23.25 17.18
CA VAL B 297 -17.64 -22.39 18.27
C VAL B 297 -17.69 -20.91 17.81
N LYS B 298 -16.64 -20.47 17.07
CA LYS B 298 -16.53 -19.11 16.57
C LYS B 298 -17.57 -18.82 15.49
N SER B 299 -17.73 -19.74 14.52
CA SER B 299 -18.65 -19.55 13.38
C SER B 299 -20.12 -19.56 13.85
N GLN B 300 -20.43 -20.42 14.83
CA GLN B 300 -21.78 -20.48 15.41
C GLN B 300 -22.07 -19.19 16.19
N ALA B 301 -21.05 -18.71 16.93
CA ALA B 301 -21.11 -17.46 17.68
C ALA B 301 -21.28 -16.24 16.77
N ILE B 302 -20.48 -16.17 15.69
CA ILE B 302 -20.45 -15.07 14.72
C ILE B 302 -21.79 -15.00 13.97
N GLU B 303 -22.18 -16.14 13.39
CA GLU B 303 -23.48 -16.28 12.73
C GLU B 303 -24.64 -16.14 13.73
N GLY B 304 -24.38 -16.38 15.04
CA GLY B 304 -25.37 -16.14 16.10
C GLY B 304 -25.55 -14.65 16.42
N LEU B 305 -24.42 -13.89 16.40
CA LEU B 305 -24.41 -12.43 16.63
C LEU B 305 -25.13 -11.73 15.46
N VAL B 306 -24.90 -12.25 14.24
CA VAL B 306 -25.60 -11.78 13.03
C VAL B 306 -27.09 -12.24 13.07
N LYS B 307 -27.33 -13.51 13.51
CA LYS B 307 -28.68 -14.11 13.60
C LYS B 307 -29.59 -13.28 14.52
N ALA B 308 -28.98 -12.76 15.59
CA ALA B 308 -29.63 -11.88 16.54
C ALA B 308 -29.96 -10.52 15.89
N ASN B 309 -29.00 -10.00 15.08
CA ASN B 309 -29.05 -8.60 14.59
C ASN B 309 -28.27 -8.47 13.27
N ASP B 310 -28.97 -8.71 12.16
CA ASP B 310 -28.46 -8.41 10.81
C ASP B 310 -28.74 -6.93 10.57
N ILE B 311 -27.79 -6.09 11.05
CA ILE B 311 -27.93 -4.63 11.14
C ILE B 311 -27.90 -3.95 9.76
N ASP B 312 -28.20 -2.64 9.74
CA ASP B 312 -27.91 -1.77 8.58
C ASP B 312 -26.43 -1.37 8.62
N VAL B 313 -25.79 -1.35 7.45
CA VAL B 313 -24.32 -1.29 7.31
C VAL B 313 -23.86 -0.05 6.51
N PRO B 314 -22.64 0.52 6.82
CA PRO B 314 -22.04 1.65 6.05
C PRO B 314 -21.64 1.20 4.61
N ALA B 315 -22.47 1.58 3.62
CA ALA B 315 -22.44 1.04 2.24
C ALA B 315 -21.10 1.29 1.51
N ALA B 316 -20.37 2.35 1.91
CA ALA B 316 -19.03 2.66 1.37
C ALA B 316 -18.05 1.51 1.66
N LEU B 317 -18.10 1.00 2.91
CA LEU B 317 -17.27 -0.13 3.37
C LEU B 317 -17.61 -1.39 2.56
N ILE B 318 -18.92 -1.67 2.42
CA ILE B 318 -19.42 -2.89 1.73
C ILE B 318 -19.03 -2.83 0.24
N ASP B 319 -19.04 -1.62 -0.34
CA ASP B 319 -18.63 -1.38 -1.74
C ASP B 319 -17.12 -1.69 -1.90
N SER B 320 -16.31 -1.21 -0.94
CA SER B 320 -14.86 -1.46 -0.89
C SER B 320 -14.56 -2.97 -0.84
N GLU B 321 -15.10 -3.65 0.20
CA GLU B 321 -14.96 -5.09 0.39
C GLU B 321 -15.50 -5.87 -0.81
N ILE B 322 -16.60 -5.39 -1.43
CA ILE B 322 -17.21 -6.02 -2.62
C ILE B 322 -16.20 -6.06 -3.77
N ASP B 323 -15.56 -4.91 -4.02
CA ASP B 323 -14.57 -4.80 -5.11
C ASP B 323 -13.35 -5.71 -4.85
N VAL B 324 -12.90 -5.72 -3.58
CA VAL B 324 -11.78 -6.57 -3.14
C VAL B 324 -12.12 -8.08 -3.28
N LEU B 325 -13.37 -8.45 -2.93
CA LEU B 325 -13.85 -9.85 -2.96
C LEU B 325 -14.02 -10.34 -4.41
N ARG B 326 -14.60 -9.47 -5.27
CA ARG B 326 -14.81 -9.76 -6.71
C ARG B 326 -13.46 -9.98 -7.39
N ARG B 327 -12.56 -8.99 -7.18
CA ARG B 327 -11.23 -8.95 -7.82
C ARG B 327 -10.45 -10.20 -7.41
N GLN B 328 -10.42 -10.48 -6.08
CA GLN B 328 -9.71 -11.62 -5.50
C GLN B 328 -10.26 -12.97 -6.03
N ALA B 329 -11.60 -13.03 -6.18
CA ALA B 329 -12.29 -14.23 -6.67
C ALA B 329 -11.87 -14.54 -8.11
N ALA B 330 -12.13 -13.60 -9.02
CA ALA B 330 -11.87 -13.76 -10.47
C ALA B 330 -10.37 -13.83 -10.79
N GLN B 331 -9.54 -13.27 -9.90
CA GLN B 331 -8.06 -13.37 -9.96
C GLN B 331 -7.61 -14.85 -9.85
N ARG B 332 -8.44 -15.68 -9.20
CA ARG B 332 -8.21 -17.14 -9.03
C ARG B 332 -9.04 -17.90 -10.08
N PHE B 333 -10.34 -17.57 -10.18
CA PHE B 333 -11.29 -18.17 -11.14
C PHE B 333 -11.04 -17.56 -12.54
N GLY B 334 -9.95 -18.01 -13.19
CA GLY B 334 -9.60 -17.59 -14.53
C GLY B 334 -8.35 -16.71 -14.57
N GLY B 335 -8.24 -15.81 -13.59
CA GLY B 335 -7.12 -14.87 -13.52
C GLY B 335 -7.35 -13.63 -14.37
N ASN B 336 -8.54 -13.01 -14.21
CA ASN B 336 -8.93 -11.80 -14.95
C ASN B 336 -9.69 -10.83 -14.01
N GLU B 337 -9.19 -9.59 -13.92
CA GLU B 337 -9.76 -8.53 -13.06
C GLU B 337 -11.07 -7.98 -13.66
N LYS B 338 -11.12 -7.87 -15.01
CA LYS B 338 -12.31 -7.43 -15.77
C LYS B 338 -13.50 -8.36 -15.44
N GLN B 339 -13.22 -9.68 -15.41
CA GLN B 339 -14.23 -10.74 -15.21
C GLN B 339 -14.92 -10.63 -13.82
N ALA B 340 -14.23 -10.00 -12.86
CA ALA B 340 -14.72 -9.78 -11.48
C ALA B 340 -16.08 -9.07 -11.45
N LEU B 341 -16.14 -7.95 -12.21
CA LEU B 341 -17.30 -7.03 -12.25
C LEU B 341 -18.58 -7.73 -12.79
N GLU B 342 -18.40 -8.91 -13.39
CA GLU B 342 -19.49 -9.72 -13.96
C GLU B 342 -20.30 -10.40 -12.84
N LEU B 343 -19.61 -10.92 -11.79
CA LEU B 343 -20.28 -11.74 -10.75
C LEU B 343 -21.23 -10.85 -9.91
N PRO B 344 -22.54 -11.27 -9.72
CA PRO B 344 -23.54 -10.47 -8.96
C PRO B 344 -23.05 -10.11 -7.53
N ARG B 345 -22.93 -8.79 -7.32
CA ARG B 345 -22.50 -8.14 -6.06
C ARG B 345 -23.13 -8.80 -4.81
N GLU B 346 -24.40 -9.18 -4.97
CA GLU B 346 -25.27 -9.74 -3.92
C GLU B 346 -24.62 -10.95 -3.21
N LEU B 347 -23.86 -11.79 -3.97
CA LEU B 347 -23.25 -13.01 -3.39
C LEU B 347 -22.03 -12.62 -2.51
N PHE B 348 -21.39 -11.47 -2.83
CA PHE B 348 -20.24 -10.95 -2.05
C PHE B 348 -20.74 -10.06 -0.90
N GLU B 349 -21.97 -9.53 -1.08
CA GLU B 349 -22.62 -8.58 -0.15
C GLU B 349 -22.73 -9.22 1.25
N GLU B 350 -23.07 -10.53 1.26
CA GLU B 350 -23.13 -11.34 2.48
C GLU B 350 -21.81 -11.24 3.28
N GLN B 351 -20.68 -11.59 2.60
CA GLN B 351 -19.33 -11.68 3.20
C GLN B 351 -18.82 -10.30 3.67
N ALA B 352 -19.00 -9.27 2.83
CA ALA B 352 -18.63 -7.89 3.17
C ALA B 352 -19.36 -7.44 4.44
N LYS B 353 -20.69 -7.63 4.41
CA LYS B 353 -21.58 -7.35 5.54
C LYS B 353 -21.12 -8.14 6.79
N ARG B 354 -20.71 -9.41 6.63
CA ARG B 354 -20.14 -10.21 7.74
C ARG B 354 -18.90 -9.51 8.32
N ARG B 355 -18.04 -8.95 7.42
CA ARG B 355 -16.76 -8.33 7.83
C ARG B 355 -17.02 -7.07 8.68
N VAL B 356 -17.91 -6.19 8.18
CA VAL B 356 -18.21 -4.92 8.85
C VAL B 356 -19.08 -5.13 10.12
N VAL B 357 -20.04 -6.08 10.07
CA VAL B 357 -20.98 -6.36 11.19
C VAL B 357 -20.22 -6.96 12.37
N VAL B 358 -19.36 -7.97 12.11
CA VAL B 358 -18.50 -8.57 13.15
C VAL B 358 -17.54 -7.52 13.75
N GLY B 359 -16.97 -6.68 12.86
CA GLY B 359 -16.06 -5.61 13.26
C GLY B 359 -16.72 -4.57 14.17
N LEU B 360 -18.01 -4.28 13.88
CA LEU B 360 -18.81 -3.35 14.68
C LEU B 360 -19.25 -3.99 16.01
N LEU B 361 -19.76 -5.25 15.95
CA LEU B 361 -20.34 -5.95 17.12
C LEU B 361 -19.27 -6.21 18.18
N LEU B 362 -18.20 -6.94 17.79
CA LEU B 362 -17.10 -7.28 18.70
C LEU B 362 -16.33 -6.00 19.10
N GLY B 363 -16.27 -5.03 18.17
CA GLY B 363 -15.68 -3.72 18.42
C GLY B 363 -16.40 -2.95 19.53
N GLU B 364 -17.73 -3.04 19.51
CA GLU B 364 -18.64 -2.36 20.46
C GLU B 364 -18.40 -2.92 21.88
N VAL B 365 -18.18 -4.25 21.94
CA VAL B 365 -17.92 -4.97 23.21
C VAL B 365 -16.57 -4.54 23.81
N ILE B 366 -15.47 -4.72 23.03
CA ILE B 366 -14.09 -4.46 23.50
C ILE B 366 -13.87 -2.97 23.81
N ARG B 367 -14.65 -2.09 23.15
CA ARG B 367 -14.69 -0.65 23.45
C ARG B 367 -15.38 -0.39 24.81
N THR B 368 -16.71 -0.64 24.88
CA THR B 368 -17.55 -0.20 26.01
C THR B 368 -17.26 -0.99 27.30
N ASN B 369 -17.12 -2.33 27.18
CA ASN B 369 -16.75 -3.23 28.31
C ASN B 369 -15.25 -3.04 28.67
N GLU B 370 -14.50 -2.42 27.75
CA GLU B 370 -13.09 -2.05 27.91
C GLU B 370 -12.22 -3.33 28.03
N LEU B 371 -12.36 -4.22 27.04
CA LEU B 371 -11.68 -5.52 27.03
C LEU B 371 -10.23 -5.37 26.54
N LYS B 372 -9.30 -5.93 27.33
CA LYS B 372 -7.92 -6.21 26.90
C LYS B 372 -7.80 -7.71 26.63
N ALA B 373 -6.93 -8.06 25.66
CA ALA B 373 -6.59 -9.45 25.33
C ALA B 373 -5.83 -10.06 26.51
N ASP B 374 -6.59 -10.75 27.41
CA ASP B 374 -6.05 -11.34 28.66
C ASP B 374 -4.78 -12.13 28.39
N GLU B 375 -3.79 -11.99 29.30
CA GLU B 375 -2.48 -12.63 29.16
C GLU B 375 -2.62 -14.14 28.90
N GLU B 376 -3.57 -14.78 29.61
CA GLU B 376 -3.86 -16.21 29.42
C GLU B 376 -4.40 -16.49 28.00
N ARG B 377 -5.25 -15.58 27.47
CA ARG B 377 -5.91 -15.75 26.16
C ARG B 377 -4.89 -15.61 25.01
N VAL B 378 -4.09 -14.52 25.05
CA VAL B 378 -3.12 -14.21 23.98
C VAL B 378 -1.90 -15.16 24.05
N LYS B 379 -1.30 -15.32 25.26
CA LYS B 379 -0.17 -16.25 25.48
C LYS B 379 -0.60 -17.70 25.16
N GLY B 380 -1.83 -18.06 25.57
CA GLY B 380 -2.38 -19.39 25.35
C GLY B 380 -2.60 -19.72 23.88
N LEU B 381 -3.16 -18.75 23.12
CA LEU B 381 -3.39 -18.88 21.66
C LEU B 381 -2.03 -19.04 20.94
N ILE B 382 -1.06 -18.19 21.33
CA ILE B 382 0.31 -18.22 20.80
C ILE B 382 0.98 -19.58 21.11
N GLU B 383 0.72 -20.11 22.33
CA GLU B 383 1.31 -21.39 22.80
C GLU B 383 0.73 -22.57 21.98
N GLU B 384 -0.61 -22.51 21.72
CA GLU B 384 -1.31 -23.50 20.88
C GLU B 384 -0.67 -23.58 19.48
N MET B 385 -0.53 -22.41 18.82
CA MET B 385 0.02 -22.34 17.45
C MET B 385 1.56 -22.59 17.46
N ALA B 386 2.22 -22.28 18.59
CA ALA B 386 3.69 -22.45 18.75
C ALA B 386 4.05 -23.94 18.87
N SER B 387 3.14 -24.73 19.45
CA SER B 387 3.22 -26.20 19.48
C SER B 387 3.09 -26.80 18.06
N ALA B 388 2.58 -26.00 17.10
CA ALA B 388 2.54 -26.37 15.66
C ALA B 388 3.76 -25.78 14.90
N TYR B 389 4.64 -25.07 15.61
CA TYR B 389 5.89 -24.50 15.05
C TYR B 389 7.12 -25.25 15.62
N GLU B 390 8.34 -24.78 15.25
CA GLU B 390 9.62 -25.37 15.69
C GLU B 390 9.80 -25.30 17.22
N ASP B 391 10.13 -24.09 17.74
CA ASP B 391 10.53 -23.90 19.15
C ASP B 391 9.53 -22.94 19.83
N PRO B 392 8.51 -23.48 20.58
CA PRO B 392 7.45 -22.68 21.24
C PRO B 392 7.96 -21.41 22.00
N LYS B 393 8.91 -21.61 22.92
CA LYS B 393 9.42 -20.54 23.82
C LYS B 393 10.04 -19.38 22.98
N GLU B 394 10.90 -19.75 22.00
CA GLU B 394 11.52 -18.76 21.09
C GLU B 394 10.49 -18.17 20.10
N VAL B 395 9.33 -18.84 19.89
CA VAL B 395 8.24 -18.31 19.03
C VAL B 395 7.59 -17.15 19.77
N ILE B 396 7.26 -17.39 21.03
CA ILE B 396 6.68 -16.38 21.94
C ILE B 396 7.63 -15.17 22.07
N GLU B 397 8.95 -15.46 22.22
CA GLU B 397 10.02 -14.44 22.33
C GLU B 397 10.04 -13.52 21.10
N PHE B 398 10.29 -14.11 19.91
CA PHE B 398 10.51 -13.35 18.67
C PHE B 398 9.22 -12.58 18.26
N TYR B 399 8.06 -13.23 18.46
CA TYR B 399 6.77 -12.63 18.12
C TYR B 399 6.47 -11.40 19.00
N SER B 400 6.74 -11.51 20.33
CA SER B 400 6.57 -10.37 21.27
C SER B 400 7.62 -9.27 20.99
N LYS B 401 8.72 -9.64 20.32
CA LYS B 401 9.77 -8.69 19.87
C LYS B 401 9.49 -8.16 18.45
N ASN B 402 8.40 -8.63 17.82
CA ASN B 402 7.98 -8.16 16.49
C ASN B 402 6.56 -7.59 16.61
N LYS B 403 6.50 -6.25 16.84
CA LYS B 403 5.25 -5.49 17.04
C LYS B 403 4.23 -5.75 15.89
N GLU B 404 4.77 -5.92 14.67
CA GLU B 404 3.98 -6.04 13.44
C GLU B 404 2.91 -7.16 13.56
N LEU B 405 3.35 -8.43 13.69
CA LEU B 405 2.42 -9.57 13.74
C LEU B 405 1.80 -9.70 15.15
N MET B 406 2.46 -9.08 16.17
CA MET B 406 2.01 -9.15 17.58
C MET B 406 0.73 -8.33 17.75
N ASP B 407 0.61 -7.24 16.98
CA ASP B 407 -0.60 -6.39 16.94
C ASP B 407 -1.76 -7.17 16.29
N ASN B 408 -1.42 -8.02 15.29
CA ASN B 408 -2.36 -8.96 14.67
C ASN B 408 -2.76 -10.08 15.65
N MET B 409 -1.78 -10.53 16.47
CA MET B 409 -2.03 -11.55 17.52
C MET B 409 -2.90 -10.97 18.65
N ARG B 410 -2.77 -9.66 18.87
CA ARG B 410 -3.57 -8.91 19.85
C ARG B 410 -5.00 -8.73 19.31
N ASN B 411 -5.10 -8.47 17.99
CA ASN B 411 -6.39 -8.33 17.27
C ASN B 411 -7.22 -9.63 17.37
N VAL B 412 -6.60 -10.77 16.97
CA VAL B 412 -7.27 -12.09 16.95
C VAL B 412 -7.59 -12.59 18.37
N ALA B 413 -6.75 -12.22 19.34
CA ALA B 413 -6.97 -12.54 20.76
C ALA B 413 -8.19 -11.78 21.28
N LEU B 414 -8.26 -10.45 20.99
CA LEU B 414 -9.40 -9.58 21.38
C LEU B 414 -10.68 -9.97 20.63
N GLU B 415 -10.52 -10.49 19.40
CA GLU B 415 -11.63 -10.98 18.57
C GLU B 415 -12.29 -12.16 19.29
N GLU B 416 -11.49 -13.24 19.50
CA GLU B 416 -11.98 -14.48 20.11
C GLU B 416 -12.43 -14.25 21.56
N GLN B 417 -11.78 -13.31 22.26
CA GLN B 417 -12.09 -12.98 23.66
C GLN B 417 -13.35 -12.10 23.76
N ALA B 418 -13.65 -11.29 22.72
CA ALA B 418 -14.92 -10.55 22.61
C ALA B 418 -16.07 -11.52 22.35
N VAL B 419 -15.78 -12.53 21.50
CA VAL B 419 -16.67 -13.67 21.23
C VAL B 419 -16.94 -14.45 22.53
N GLU B 420 -15.90 -14.71 23.32
CA GLU B 420 -16.00 -15.50 24.56
C GLU B 420 -16.55 -14.67 25.74
N ALA B 421 -16.47 -13.32 25.64
CA ALA B 421 -17.14 -12.41 26.58
C ALA B 421 -18.67 -12.56 26.50
N VAL B 422 -19.22 -12.59 25.27
CA VAL B 422 -20.67 -12.78 25.04
C VAL B 422 -21.05 -14.29 25.18
N LEU B 423 -20.10 -15.19 24.88
CA LEU B 423 -20.25 -16.67 25.08
C LEU B 423 -20.41 -17.02 26.57
N ALA B 424 -19.71 -16.27 27.43
CA ALA B 424 -19.79 -16.40 28.90
C ALA B 424 -21.22 -16.10 29.44
N LYS B 425 -22.07 -15.49 28.59
CA LYS B 425 -23.48 -15.19 28.92
C LYS B 425 -24.45 -15.92 27.96
N ALA B 426 -23.92 -16.36 26.81
CA ALA B 426 -24.72 -17.01 25.75
C ALA B 426 -25.10 -18.45 26.13
N LYS B 427 -26.10 -18.99 25.42
CA LYS B 427 -26.63 -20.34 25.66
C LYS B 427 -25.67 -21.38 25.08
N VAL B 428 -24.75 -21.84 25.93
CA VAL B 428 -23.75 -22.87 25.59
C VAL B 428 -24.38 -24.26 25.72
N THR B 429 -24.14 -25.15 24.73
CA THR B 429 -24.69 -26.52 24.74
C THR B 429 -23.64 -27.54 24.30
N GLU B 430 -23.33 -28.49 25.20
CA GLU B 430 -22.41 -29.60 24.91
C GLU B 430 -23.18 -30.72 24.20
N LYS B 431 -22.66 -31.11 23.03
CA LYS B 431 -23.22 -32.16 22.19
C LYS B 431 -22.07 -33.09 21.81
N GLU B 432 -22.11 -34.34 22.32
CA GLU B 432 -21.07 -35.35 22.03
C GLU B 432 -21.05 -35.67 20.54
N THR B 433 -19.85 -35.57 19.95
CA THR B 433 -19.59 -35.80 18.53
C THR B 433 -18.31 -36.68 18.41
N THR B 434 -18.00 -37.13 17.19
CA THR B 434 -16.72 -37.81 16.88
C THR B 434 -15.92 -36.96 15.88
N PHE B 435 -14.70 -37.42 15.52
CA PHE B 435 -13.84 -36.71 14.55
C PHE B 435 -14.52 -36.66 13.17
N ASN B 436 -15.08 -37.82 12.77
CA ASN B 436 -15.79 -37.97 11.48
C ASN B 436 -16.99 -37.03 11.39
N GLU B 437 -17.91 -37.14 12.36
CA GLU B 437 -19.21 -36.43 12.35
C GLU B 437 -19.05 -34.91 12.57
N LEU B 438 -17.88 -34.49 13.08
CA LEU B 438 -17.51 -33.07 13.25
C LEU B 438 -17.32 -32.40 11.86
N MET B 439 -16.59 -33.10 10.98
CA MET B 439 -16.21 -32.59 9.65
C MET B 439 -17.18 -33.08 8.56
N ASN B 440 -18.00 -34.08 8.91
CA ASN B 440 -19.12 -34.57 8.08
C ASN B 440 -20.44 -34.03 8.71
N GLN B 441 -20.35 -32.80 9.25
CA GLN B 441 -21.45 -32.08 9.92
C GLN B 441 -22.72 -32.04 9.03
N GLN B 442 -23.89 -32.20 9.69
CA GLN B 442 -25.21 -32.20 9.03
C GLN B 442 -25.39 -30.93 8.16
N ALA B 443 -25.37 -31.11 6.84
CA ALA B 443 -25.47 -30.04 5.85
C ALA B 443 -25.80 -30.67 4.47
N MET A 12 11.48 -29.34 3.55
CA MET A 12 11.97 -28.16 2.81
C MET A 12 13.42 -27.85 3.22
N GLN A 13 14.13 -27.05 2.40
CA GLN A 13 15.58 -26.82 2.55
C GLN A 13 15.91 -25.31 2.54
N VAL A 14 16.90 -24.89 3.35
CA VAL A 14 17.42 -23.50 3.34
C VAL A 14 18.95 -23.52 3.36
N SER A 15 19.55 -22.40 2.92
CA SER A 15 20.99 -22.16 3.04
C SER A 15 21.25 -20.66 3.19
N VAL A 16 22.04 -20.28 4.20
CA VAL A 16 22.46 -18.89 4.46
C VAL A 16 23.92 -18.68 4.01
N GLU A 17 24.18 -17.54 3.37
CA GLU A 17 25.51 -17.12 2.92
C GLU A 17 25.80 -15.73 3.47
N THR A 18 26.71 -15.64 4.45
CA THR A 18 27.15 -14.36 5.00
C THR A 18 28.09 -13.67 3.99
N THR A 19 27.54 -12.64 3.30
CA THR A 19 28.21 -11.94 2.19
C THR A 19 29.35 -11.05 2.70
N GLN A 20 29.11 -10.35 3.83
CA GLN A 20 30.13 -9.56 4.54
C GLN A 20 29.57 -9.17 5.92
N GLY A 21 30.02 -9.88 6.98
CA GLY A 21 29.75 -9.54 8.37
C GLY A 21 28.26 -9.51 8.72
N LEU A 22 27.62 -8.36 8.45
CA LEU A 22 26.18 -8.14 8.67
C LEU A 22 25.36 -8.84 7.55
N GLY A 23 25.87 -8.70 6.30
CA GLY A 23 25.19 -9.21 5.10
C GLY A 23 25.03 -10.72 5.10
N ARG A 24 23.80 -11.17 4.77
CA ARG A 24 23.36 -12.58 4.90
C ARG A 24 22.29 -12.88 3.84
N ARG A 25 22.75 -13.39 2.69
CA ARG A 25 21.89 -13.87 1.60
C ARG A 25 21.37 -15.29 1.94
N VAL A 26 20.16 -15.35 2.49
CA VAL A 26 19.50 -16.63 2.86
C VAL A 26 18.67 -17.16 1.66
N THR A 27 19.27 -18.07 0.89
CA THR A 27 18.59 -18.72 -0.25
C THR A 27 17.72 -19.87 0.28
N ILE A 28 16.40 -19.64 0.27
CA ILE A 28 15.42 -20.60 0.77
C ILE A 28 14.78 -21.36 -0.40
N THR A 29 14.92 -22.70 -0.34
CA THR A 29 14.46 -23.63 -1.36
C THR A 29 13.12 -24.25 -0.93
N ILE A 30 12.03 -23.76 -1.55
CA ILE A 30 10.67 -24.29 -1.35
C ILE A 30 10.51 -25.54 -2.22
N ALA A 31 10.24 -26.70 -1.60
CA ALA A 31 10.02 -27.98 -2.32
C ALA A 31 8.79 -27.87 -3.25
N ALA A 32 8.81 -28.64 -4.37
CA ALA A 32 7.65 -28.73 -5.30
C ALA A 32 6.39 -29.21 -4.56
N ASP A 33 6.63 -30.09 -3.56
CA ASP A 33 5.63 -30.54 -2.58
C ASP A 33 5.00 -29.32 -1.86
N SER A 34 5.89 -28.50 -1.25
CA SER A 34 5.52 -27.32 -0.44
C SER A 34 4.81 -26.24 -1.29
N ILE A 35 5.17 -26.17 -2.60
CA ILE A 35 4.54 -25.26 -3.56
C ILE A 35 3.09 -25.71 -3.80
N GLU A 36 2.93 -26.95 -4.35
CA GLU A 36 1.62 -27.49 -4.74
C GLU A 36 0.63 -27.55 -3.57
N THR A 37 1.13 -27.96 -2.39
CA THR A 37 0.34 -28.03 -1.15
C THR A 37 -0.28 -26.65 -0.83
N ALA A 38 0.57 -25.61 -0.88
CA ALA A 38 0.16 -24.22 -0.59
C ALA A 38 -0.82 -23.68 -1.66
N VAL A 39 -0.53 -23.95 -2.95
CA VAL A 39 -1.37 -23.48 -4.09
C VAL A 39 -2.80 -24.03 -3.94
N LYS A 40 -2.89 -25.37 -3.87
CA LYS A 40 -4.17 -26.10 -3.83
C LYS A 40 -4.95 -25.79 -2.54
N SER A 41 -4.23 -25.67 -1.40
CA SER A 41 -4.82 -25.33 -0.09
C SER A 41 -5.46 -23.94 -0.14
N GLU A 42 -4.65 -22.89 -0.39
CA GLU A 42 -5.12 -21.49 -0.32
C GLU A 42 -6.23 -21.22 -1.37
N LEU A 43 -6.11 -21.89 -2.55
CA LEU A 43 -7.14 -21.84 -3.60
C LEU A 43 -8.49 -22.38 -3.10
N VAL A 44 -8.55 -23.66 -2.63
CA VAL A 44 -9.82 -24.28 -2.21
C VAL A 44 -10.43 -23.55 -1.00
N ASN A 45 -9.56 -23.10 -0.07
CA ASN A 45 -9.96 -22.34 1.13
C ASN A 45 -10.71 -21.07 0.71
N VAL A 46 -9.99 -20.14 0.02
CA VAL A 46 -10.55 -18.83 -0.39
C VAL A 46 -11.83 -19.04 -1.23
N ALA A 47 -11.79 -20.04 -2.14
CA ALA A 47 -12.86 -20.29 -3.09
C ALA A 47 -14.09 -20.94 -2.42
N LYS A 48 -13.91 -21.62 -1.25
CA LYS A 48 -15.08 -22.20 -0.53
C LYS A 48 -15.66 -21.21 0.50
N LYS A 49 -14.84 -20.23 0.95
CA LYS A 49 -15.33 -19.15 1.84
C LYS A 49 -16.08 -18.07 1.02
N VAL A 50 -15.63 -17.86 -0.25
CA VAL A 50 -16.34 -16.99 -1.22
C VAL A 50 -17.46 -17.82 -1.93
N ARG A 51 -17.33 -19.18 -1.84
CA ARG A 51 -18.36 -20.16 -2.29
C ARG A 51 -18.46 -20.20 -3.85
N ILE A 52 -17.33 -19.88 -4.51
CA ILE A 52 -17.20 -19.85 -5.97
C ILE A 52 -16.22 -20.95 -6.47
N ASP A 53 -15.97 -21.95 -5.61
CA ASP A 53 -15.01 -23.05 -5.87
C ASP A 53 -15.37 -23.86 -7.14
N GLY A 54 -16.49 -24.60 -7.08
CA GLY A 54 -16.96 -25.40 -8.20
C GLY A 54 -18.24 -24.83 -8.76
N PHE A 55 -19.13 -25.71 -9.21
CA PHE A 55 -20.40 -25.32 -9.85
C PHE A 55 -21.53 -25.11 -8.82
N ARG A 56 -21.17 -25.17 -7.52
CA ARG A 56 -22.10 -25.14 -6.35
C ARG A 56 -22.84 -26.48 -6.22
N LYS A 57 -23.51 -26.87 -7.33
CA LYS A 57 -24.02 -28.24 -7.55
C LYS A 57 -22.84 -29.21 -7.82
N GLY A 58 -21.67 -28.63 -8.16
CA GLY A 58 -20.46 -29.41 -8.48
C GLY A 58 -19.30 -29.12 -7.52
N LYS A 59 -18.41 -30.11 -7.35
CA LYS A 59 -17.26 -30.04 -6.41
C LYS A 59 -16.00 -29.60 -7.19
N VAL A 60 -15.53 -30.49 -8.11
CA VAL A 60 -14.30 -30.30 -8.91
C VAL A 60 -13.04 -30.14 -8.00
N PRO A 61 -12.27 -31.26 -7.73
CA PRO A 61 -11.12 -31.23 -6.78
C PRO A 61 -10.06 -30.19 -7.19
N MET A 62 -9.76 -29.25 -6.27
CA MET A 62 -8.83 -28.12 -6.51
C MET A 62 -7.40 -28.59 -6.87
N ASN A 63 -7.09 -29.85 -6.49
CA ASN A 63 -5.80 -30.50 -6.76
C ASN A 63 -5.43 -30.44 -8.27
N ILE A 64 -6.43 -30.66 -9.14
CA ILE A 64 -6.23 -30.58 -10.59
C ILE A 64 -6.33 -29.11 -11.08
N VAL A 65 -7.30 -28.33 -10.52
CA VAL A 65 -7.58 -26.91 -10.92
C VAL A 65 -6.30 -26.05 -10.86
N ALA A 66 -5.52 -26.26 -9.78
CA ALA A 66 -4.24 -25.57 -9.57
C ALA A 66 -3.26 -25.84 -10.72
N GLN A 67 -3.04 -27.13 -11.03
CA GLN A 67 -2.03 -27.56 -12.02
C GLN A 67 -2.60 -27.59 -13.45
N ARG A 68 -3.90 -27.25 -13.63
CA ARG A 68 -4.50 -27.04 -14.97
C ARG A 68 -4.43 -25.55 -15.37
N TYR A 69 -4.92 -24.64 -14.50
CA TYR A 69 -5.01 -23.20 -14.83
C TYR A 69 -4.89 -22.29 -13.60
N GLY A 70 -4.39 -22.82 -12.47
CA GLY A 70 -4.18 -22.03 -11.25
C GLY A 70 -2.78 -21.42 -11.20
N ALA A 71 -2.34 -20.85 -12.34
CA ALA A 71 -1.03 -20.18 -12.49
C ALA A 71 -1.11 -18.72 -12.04
N SER A 72 -2.32 -18.12 -12.16
CA SER A 72 -2.59 -16.70 -11.84
C SER A 72 -2.56 -16.41 -10.31
N VAL A 73 -2.47 -17.47 -9.49
CA VAL A 73 -2.39 -17.35 -8.00
C VAL A 73 -0.93 -17.42 -7.52
N ARG A 74 0.02 -17.76 -8.43
CA ARG A 74 1.45 -17.99 -8.08
C ARG A 74 2.09 -16.77 -7.37
N GLN A 75 1.62 -15.54 -7.70
CA GLN A 75 2.04 -14.30 -7.02
C GLN A 75 1.72 -14.37 -5.51
N ASP A 76 0.43 -14.66 -5.23
CA ASP A 76 -0.12 -14.78 -3.87
C ASP A 76 0.60 -15.88 -3.08
N VAL A 77 0.65 -17.08 -3.68
CA VAL A 77 1.20 -18.29 -3.04
C VAL A 77 2.69 -18.09 -2.72
N LEU A 78 3.53 -17.82 -3.76
CA LEU A 78 4.99 -17.63 -3.57
C LEU A 78 5.27 -16.46 -2.60
N GLY A 79 4.47 -15.38 -2.72
CA GLY A 79 4.55 -14.24 -1.82
C GLY A 79 4.22 -14.60 -0.36
N ASP A 80 3.29 -15.57 -0.17
CA ASP A 80 2.88 -16.05 1.16
C ASP A 80 3.96 -17.00 1.72
N LEU A 81 4.53 -17.81 0.80
CA LEU A 81 5.57 -18.80 1.10
C LEU A 81 6.89 -18.10 1.50
N MET A 82 7.12 -16.89 0.95
CA MET A 82 8.30 -16.07 1.31
C MET A 82 8.34 -15.78 2.80
N SER A 83 7.18 -15.42 3.37
CA SER A 83 7.05 -15.18 4.82
C SER A 83 7.01 -16.53 5.59
N ARG A 84 6.19 -17.47 5.06
CA ARG A 84 5.85 -18.77 5.70
C ARG A 84 7.12 -19.61 6.01
N ASN A 85 8.07 -19.65 5.05
CA ASN A 85 9.32 -20.40 5.19
C ASN A 85 10.37 -19.59 5.97
N PHE A 86 10.51 -18.29 5.61
CA PHE A 86 11.56 -17.40 6.14
C PHE A 86 11.50 -17.26 7.67
N ILE A 87 10.29 -17.06 8.20
CA ILE A 87 10.07 -16.76 9.62
C ILE A 87 10.70 -17.83 10.55
N ASP A 88 10.52 -19.13 10.21
CA ASP A 88 11.05 -20.25 11.02
C ASP A 88 12.47 -20.65 10.58
N ALA A 89 12.76 -20.51 9.28
CA ALA A 89 14.08 -20.86 8.69
C ALA A 89 15.24 -20.20 9.46
N ILE A 90 15.10 -18.89 9.69
CA ILE A 90 16.13 -18.05 10.32
C ILE A 90 16.22 -18.25 11.84
N ILE A 91 15.26 -19.01 12.44
CA ILE A 91 15.21 -19.23 13.90
C ILE A 91 16.36 -20.16 14.36
N LYS A 92 16.66 -21.19 13.56
CA LYS A 92 17.77 -22.13 13.80
C LYS A 92 19.13 -21.42 13.68
N GLU A 93 19.22 -20.50 12.72
CA GLU A 93 20.42 -19.67 12.50
C GLU A 93 20.46 -18.44 13.45
N LYS A 94 19.34 -18.22 14.20
CA LYS A 94 19.20 -17.11 15.20
C LYS A 94 19.26 -15.71 14.53
N ILE A 95 19.08 -15.68 13.20
CA ILE A 95 19.21 -14.45 12.39
C ILE A 95 17.88 -13.68 12.34
N ASN A 96 17.96 -12.35 12.48
CA ASN A 96 16.83 -11.43 12.22
C ASN A 96 17.29 -10.39 11.16
N PRO A 97 16.38 -9.96 10.24
CA PRO A 97 16.68 -8.85 9.31
C PRO A 97 16.64 -7.48 10.02
N ALA A 98 17.55 -6.57 9.61
CA ALA A 98 17.49 -5.17 10.03
C ALA A 98 16.36 -4.48 9.23
N GLY A 99 15.28 -4.09 9.93
CA GLY A 99 14.17 -3.35 9.34
C GLY A 99 13.32 -4.19 8.38
N ALA A 100 13.78 -4.29 7.10
CA ALA A 100 13.08 -5.00 6.03
C ALA A 100 14.09 -5.76 5.14
N PRO A 101 13.91 -7.10 4.91
CA PRO A 101 14.80 -7.89 4.03
C PRO A 101 14.38 -7.82 2.53
N THR A 102 15.39 -7.83 1.64
CA THR A 102 15.19 -7.76 0.18
C THR A 102 15.01 -9.19 -0.39
N TYR A 103 13.74 -9.63 -0.55
CA TYR A 103 13.41 -10.93 -1.17
C TYR A 103 13.61 -10.86 -2.68
N VAL A 104 14.69 -11.50 -3.18
CA VAL A 104 14.92 -11.69 -4.61
C VAL A 104 14.40 -13.09 -5.01
N PRO A 105 13.23 -13.18 -5.73
CA PRO A 105 12.69 -14.48 -6.19
C PRO A 105 13.49 -15.04 -7.37
N GLY A 106 13.77 -16.35 -7.33
CA GLY A 106 14.38 -17.06 -8.46
C GLY A 106 13.38 -17.31 -9.57
N GLU A 107 13.84 -17.90 -10.67
CA GLU A 107 12.98 -18.25 -11.81
C GLU A 107 12.12 -19.47 -11.44
N TYR A 108 10.78 -19.31 -11.48
CA TYR A 108 9.84 -20.41 -11.17
C TYR A 108 9.98 -21.53 -12.21
N LYS A 109 10.72 -22.58 -11.84
CA LYS A 109 10.91 -23.76 -12.68
C LYS A 109 9.65 -24.65 -12.54
N LEU A 110 8.87 -24.71 -13.63
CA LEU A 110 7.60 -25.48 -13.67
C LEU A 110 7.88 -26.98 -13.50
N GLY A 111 7.10 -27.63 -12.61
CA GLY A 111 7.26 -29.06 -12.31
C GLY A 111 8.53 -29.35 -11.51
N GLU A 112 8.95 -28.37 -10.70
CA GLU A 112 10.19 -28.45 -9.90
C GLU A 112 10.11 -27.45 -8.73
N ASP A 113 11.04 -27.61 -7.77
CA ASP A 113 11.12 -26.77 -6.58
C ASP A 113 11.54 -25.32 -6.93
N PHE A 114 11.10 -24.38 -6.06
CA PHE A 114 11.39 -22.94 -6.18
C PHE A 114 12.47 -22.56 -5.16
N THR A 115 13.22 -21.48 -5.44
CA THR A 115 14.22 -20.92 -4.52
C THR A 115 14.21 -19.38 -4.63
N TYR A 116 14.40 -18.68 -3.50
CA TYR A 116 14.48 -17.21 -3.48
C TYR A 116 15.61 -16.77 -2.52
N SER A 117 16.46 -15.85 -3.00
CA SER A 117 17.61 -15.31 -2.25
C SER A 117 17.18 -14.07 -1.45
N VAL A 118 17.00 -14.23 -0.14
CA VAL A 118 16.65 -13.13 0.76
C VAL A 118 17.93 -12.40 1.18
N GLU A 119 18.26 -11.32 0.47
CA GLU A 119 19.46 -10.50 0.74
C GLU A 119 19.11 -9.43 1.78
N PHE A 120 19.84 -9.43 2.90
CA PHE A 120 19.67 -8.42 3.96
C PHE A 120 20.90 -8.44 4.86
N GLU A 121 21.06 -7.36 5.62
CA GLU A 121 22.06 -7.27 6.69
C GLU A 121 21.33 -7.31 8.04
N VAL A 122 22.05 -7.72 9.09
CA VAL A 122 21.56 -7.57 10.48
C VAL A 122 21.96 -6.16 11.00
N TYR A 123 21.49 -5.82 12.21
CA TYR A 123 21.64 -4.48 12.80
C TYR A 123 23.15 -4.15 13.07
N PRO A 124 23.66 -2.95 12.64
CA PRO A 124 25.08 -2.54 12.86
C PRO A 124 25.31 -1.96 14.28
N GLU A 125 26.43 -1.23 14.45
CA GLU A 125 26.74 -0.50 15.70
C GLU A 125 26.71 1.01 15.44
N VAL A 126 26.40 1.78 16.50
CA VAL A 126 26.17 3.23 16.41
C VAL A 126 26.42 3.88 17.79
N GLU A 127 27.48 4.71 17.88
CA GLU A 127 27.86 5.44 19.10
C GLU A 127 27.82 6.94 18.78
N LEU A 128 26.95 7.70 19.50
CA LEU A 128 26.75 9.16 19.27
C LEU A 128 28.07 9.91 19.53
N GLN A 129 28.83 10.11 18.44
CA GLN A 129 30.17 10.71 18.48
C GLN A 129 30.08 12.19 18.09
N GLY A 130 31.00 13.01 18.64
CA GLY A 130 31.10 14.43 18.30
C GLY A 130 29.87 15.23 18.69
N LEU A 131 29.19 14.78 19.76
CA LEU A 131 27.90 15.32 20.21
C LEU A 131 27.97 16.85 20.42
N GLU A 132 28.90 17.25 21.30
CA GLU A 132 29.15 18.66 21.65
C GLU A 132 30.11 19.34 20.62
N ALA A 133 30.39 18.64 19.51
CA ALA A 133 31.20 19.18 18.39
C ALA A 133 30.28 19.57 17.21
N ILE A 134 29.09 18.93 17.15
CA ILE A 134 28.02 19.26 16.18
C ILE A 134 27.56 20.71 16.40
N GLU A 135 27.99 21.61 15.50
CA GLU A 135 27.66 23.03 15.58
C GLU A 135 26.25 23.28 15.01
N VAL A 136 25.33 23.65 15.92
CA VAL A 136 23.92 23.88 15.64
C VAL A 136 23.73 25.28 15.03
N GLU A 137 23.28 25.35 13.78
CA GLU A 137 22.96 26.61 13.12
C GLU A 137 21.57 27.07 13.54
N LYS A 138 21.52 27.96 14.54
CA LYS A 138 20.31 28.70 14.89
C LYS A 138 20.46 30.15 14.37
N PRO A 139 19.95 30.42 13.12
CA PRO A 139 20.00 31.77 12.52
C PRO A 139 18.94 32.69 13.17
N ILE A 140 19.42 33.68 13.92
CA ILE A 140 18.56 34.62 14.64
C ILE A 140 18.09 35.72 13.66
N VAL A 141 17.05 35.37 12.90
CA VAL A 141 16.37 36.27 11.97
C VAL A 141 15.08 36.78 12.65
N GLU A 142 14.75 38.04 12.38
CA GLU A 142 13.54 38.70 12.91
C GLU A 142 12.89 39.48 11.77
N VAL A 143 11.65 39.10 11.41
CA VAL A 143 10.87 39.82 10.39
C VAL A 143 10.43 41.19 10.94
N THR A 144 11.28 42.19 10.74
CA THR A 144 10.93 43.59 10.97
C THR A 144 10.27 44.10 9.70
N ASP A 145 9.58 45.25 9.78
CA ASP A 145 8.93 45.86 8.61
C ASP A 145 9.98 46.38 7.60
N ALA A 146 11.23 46.55 8.08
CA ALA A 146 12.40 46.84 7.25
C ALA A 146 12.73 45.62 6.36
N ASP A 147 12.73 44.40 6.98
CA ASP A 147 12.88 43.12 6.23
C ASP A 147 11.77 43.00 5.19
N VAL A 148 10.50 43.23 5.64
CA VAL A 148 9.30 43.16 4.79
C VAL A 148 9.45 44.08 3.57
N ASP A 149 9.84 45.35 3.81
CA ASP A 149 9.86 46.40 2.77
C ASP A 149 10.98 46.18 1.75
N GLY A 150 12.18 45.84 2.24
CA GLY A 150 13.34 45.56 1.38
C GLY A 150 13.10 44.33 0.49
N MET A 151 12.57 43.27 1.13
CA MET A 151 12.16 42.04 0.45
C MET A 151 10.99 42.32 -0.52
N LEU A 152 10.10 43.27 -0.16
CA LEU A 152 8.92 43.65 -0.97
C LEU A 152 9.38 44.34 -2.26
N ASP A 153 10.43 45.20 -2.14
CA ASP A 153 11.09 45.83 -3.29
C ASP A 153 11.61 44.72 -4.22
N THR A 154 12.46 43.84 -3.63
CA THR A 154 13.06 42.70 -4.33
C THR A 154 11.98 41.77 -4.96
N LEU A 155 10.81 41.67 -4.30
CA LEU A 155 9.71 40.76 -4.70
C LEU A 155 9.00 41.32 -5.95
N ARG A 156 8.57 42.60 -5.88
CA ARG A 156 7.81 43.25 -6.96
C ARG A 156 8.72 43.64 -8.14
N LYS A 157 10.04 43.61 -7.90
CA LYS A 157 11.05 43.82 -8.95
C LYS A 157 11.40 42.50 -9.66
N GLN A 158 11.57 41.42 -8.87
CA GLN A 158 11.87 40.05 -9.39
C GLN A 158 10.67 39.52 -10.21
N GLN A 159 9.47 39.75 -9.67
CA GLN A 159 8.20 39.30 -10.25
C GLN A 159 7.43 40.49 -10.83
N ALA A 160 8.19 41.51 -11.30
CA ALA A 160 7.61 42.69 -11.99
C ALA A 160 6.84 42.28 -13.26
N THR A 161 5.91 43.13 -13.70
CA THR A 161 5.17 42.90 -14.95
C THR A 161 6.08 43.17 -16.16
N TRP A 162 5.69 42.63 -17.33
CA TRP A 162 6.52 42.62 -18.56
C TRP A 162 5.83 43.45 -19.67
N LYS A 163 6.38 43.39 -20.89
CA LYS A 163 5.75 43.98 -22.11
C LYS A 163 5.89 43.00 -23.27
N GLU A 164 4.96 43.03 -24.23
CA GLU A 164 5.05 42.24 -25.46
C GLU A 164 6.13 42.86 -26.38
N LYS A 165 7.17 42.07 -26.67
CA LYS A 165 8.32 42.49 -27.48
C LYS A 165 8.22 41.89 -28.89
N ASP A 166 8.64 42.68 -29.89
CA ASP A 166 8.84 42.23 -31.28
C ASP A 166 10.30 42.49 -31.64
N GLY A 167 11.10 41.42 -31.75
CA GLY A 167 12.48 41.52 -32.19
C GLY A 167 13.33 40.36 -31.73
N ALA A 168 14.62 40.64 -31.41
CA ALA A 168 15.59 39.63 -30.97
C ALA A 168 15.23 39.03 -29.60
N VAL A 169 15.72 37.82 -29.36
CA VAL A 169 15.61 37.17 -28.04
C VAL A 169 16.95 37.36 -27.31
N GLU A 170 16.88 37.61 -26.00
CA GLU A 170 18.06 37.69 -25.12
C GLU A 170 17.70 36.95 -23.81
N ALA A 171 18.72 36.61 -23.02
CA ALA A 171 18.57 35.97 -21.71
C ALA A 171 17.74 36.82 -20.72
N GLU A 172 17.69 38.16 -20.95
CA GLU A 172 16.91 39.10 -20.12
C GLU A 172 15.45 39.25 -20.62
N ASP A 173 15.02 38.40 -21.56
CA ASP A 173 13.63 38.44 -22.10
C ASP A 173 12.88 37.16 -21.70
N ARG A 174 11.57 37.32 -21.38
CA ARG A 174 10.65 36.21 -21.21
C ARG A 174 10.13 35.75 -22.58
N VAL A 175 10.78 34.73 -23.14
CA VAL A 175 10.45 34.22 -24.47
C VAL A 175 9.52 33.00 -24.38
N THR A 176 8.38 33.10 -25.07
CA THR A 176 7.41 32.01 -25.20
C THR A 176 7.71 31.25 -26.51
N ILE A 177 8.08 29.97 -26.38
CA ILE A 177 8.47 29.10 -27.50
C ILE A 177 7.75 27.75 -27.39
N ASP A 178 8.07 26.85 -28.33
CA ASP A 178 7.83 25.41 -28.17
C ASP A 178 9.01 24.68 -28.80
N PHE A 179 9.41 23.55 -28.19
CA PHE A 179 10.54 22.74 -28.68
C PHE A 179 10.24 21.25 -28.53
N THR A 180 10.73 20.47 -29.49
CA THR A 180 10.70 19.01 -29.49
C THR A 180 11.72 18.48 -30.50
N GLY A 181 12.09 17.21 -30.37
CA GLY A 181 13.09 16.60 -31.23
C GLY A 181 13.40 15.17 -30.81
N SER A 182 14.69 14.84 -30.70
CA SER A 182 15.14 13.46 -30.43
C SER A 182 16.55 13.46 -29.82
N VAL A 183 16.71 12.73 -28.70
CA VAL A 183 18.01 12.52 -28.02
C VAL A 183 18.37 11.03 -28.17
N ASP A 184 19.68 10.72 -28.34
CA ASP A 184 20.18 9.34 -28.53
C ASP A 184 19.62 8.72 -29.85
N GLY A 185 19.06 9.60 -30.72
CA GLY A 185 18.44 9.20 -31.99
C GLY A 185 16.90 9.20 -31.93
N GLU A 186 16.30 9.06 -30.73
CA GLU A 186 14.83 8.87 -30.57
C GLU A 186 14.21 9.92 -29.65
N GLU A 187 12.88 10.07 -29.73
CA GLU A 187 12.14 11.07 -28.96
C GLU A 187 12.11 10.69 -27.47
N PHE A 188 12.84 11.48 -26.68
CA PHE A 188 12.93 11.34 -25.22
C PHE A 188 11.56 11.51 -24.52
N GLU A 189 11.27 10.56 -23.59
CA GLU A 189 9.99 10.46 -22.88
C GLU A 189 9.87 11.57 -21.80
N GLY A 190 9.00 12.56 -22.06
CA GLY A 190 8.61 13.58 -21.07
C GLY A 190 9.67 14.65 -20.82
N GLY A 191 10.71 14.71 -21.68
CA GLY A 191 11.81 15.68 -21.54
C GLY A 191 11.56 16.98 -22.31
N LYS A 192 10.55 16.97 -23.20
CA LYS A 192 10.16 18.13 -24.03
C LYS A 192 9.03 18.90 -23.36
N ALA A 193 8.84 20.16 -23.78
CA ALA A 193 7.84 21.07 -23.19
C ALA A 193 7.16 21.90 -24.28
N SER A 194 5.88 21.61 -24.52
CA SER A 194 5.02 22.40 -25.41
C SER A 194 4.63 23.73 -24.73
N ASP A 195 4.78 24.83 -25.49
CA ASP A 195 4.49 26.21 -25.03
C ASP A 195 5.37 26.56 -23.80
N PHE A 196 6.68 26.37 -23.98
CA PHE A 196 7.69 26.61 -22.94
C PHE A 196 7.93 28.12 -22.82
N VAL A 197 7.76 28.67 -21.62
CA VAL A 197 7.90 30.11 -21.38
C VAL A 197 9.12 30.36 -20.46
N LEU A 198 10.26 30.68 -21.11
CA LEU A 198 11.53 30.97 -20.43
C LEU A 198 11.54 32.43 -19.96
N ALA A 199 11.51 32.63 -18.64
CA ALA A 199 11.60 33.96 -18.02
C ALA A 199 12.92 34.08 -17.24
N MET A 200 13.54 35.26 -17.30
CA MET A 200 14.71 35.60 -16.48
C MET A 200 14.30 35.85 -15.01
N GLY A 201 15.30 36.08 -14.16
CA GLY A 201 15.08 36.23 -12.70
C GLY A 201 15.40 34.94 -11.98
N GLN A 202 15.20 33.82 -12.69
CA GLN A 202 15.64 32.49 -12.29
C GLN A 202 17.09 32.27 -12.75
N GLY A 203 17.62 31.06 -12.51
CA GLY A 203 18.91 30.64 -13.06
C GLY A 203 18.85 30.43 -14.58
N ARG A 204 20.02 30.12 -15.17
CA ARG A 204 20.18 29.99 -16.64
C ARG A 204 19.56 28.69 -17.19
N MET A 205 19.82 28.40 -18.47
CA MET A 205 19.48 27.14 -19.13
C MET A 205 20.76 26.34 -19.40
N ILE A 206 20.64 25.20 -20.10
CA ILE A 206 21.81 24.45 -20.60
C ILE A 206 22.49 25.21 -21.76
N PRO A 207 23.86 25.35 -21.73
CA PRO A 207 24.64 25.97 -22.83
C PRO A 207 24.38 25.28 -24.19
N GLY A 208 24.48 26.06 -25.28
CA GLY A 208 24.10 25.59 -26.61
C GLY A 208 22.64 25.86 -26.91
N PHE A 209 21.76 25.27 -26.07
CA PHE A 209 20.31 25.42 -26.16
C PHE A 209 19.91 26.89 -25.95
N GLU A 210 20.33 27.46 -24.79
CA GLU A 210 20.09 28.87 -24.43
C GLU A 210 20.66 29.79 -25.51
N ASP A 211 21.87 29.44 -26.00
CA ASP A 211 22.57 30.21 -27.03
C ASP A 211 21.86 30.13 -28.39
N GLY A 212 21.00 29.10 -28.57
CA GLY A 212 20.11 29.02 -29.73
C GLY A 212 18.98 30.03 -29.57
N ILE A 213 18.30 29.93 -28.41
CA ILE A 213 17.14 30.76 -28.05
C ILE A 213 17.48 32.27 -28.17
N LYS A 214 18.49 32.70 -27.40
CA LYS A 214 18.95 34.11 -27.37
C LYS A 214 19.86 34.46 -28.56
N GLY A 215 20.10 33.49 -29.48
CA GLY A 215 20.96 33.70 -30.64
C GLY A 215 20.18 33.97 -31.90
N HIS A 216 18.85 34.12 -31.73
CA HIS A 216 17.89 34.30 -32.83
C HIS A 216 16.77 35.27 -32.40
N LYS A 217 15.77 35.48 -33.27
CA LYS A 217 14.69 36.47 -33.04
C LYS A 217 13.31 35.88 -33.30
N ALA A 218 12.26 36.42 -32.62
CA ALA A 218 10.87 35.94 -32.74
C ALA A 218 10.34 36.11 -34.18
N GLY A 219 9.54 35.13 -34.62
CA GLY A 219 8.97 35.13 -35.97
C GLY A 219 9.59 34.08 -36.88
N GLU A 220 10.58 33.31 -36.37
CA GLU A 220 11.30 32.31 -37.18
C GLU A 220 11.25 30.92 -36.54
N GLU A 221 11.36 29.90 -37.40
CA GLU A 221 11.45 28.48 -37.01
C GLU A 221 12.78 27.90 -37.55
N PHE A 222 13.53 27.26 -36.66
CA PHE A 222 14.84 26.62 -36.98
C PHE A 222 15.00 25.40 -36.08
N THR A 223 16.08 24.62 -36.26
CA THR A 223 16.39 23.49 -35.38
C THR A 223 17.87 23.52 -34.97
N ILE A 224 18.10 23.53 -33.65
CA ILE A 224 19.45 23.47 -33.07
C ILE A 224 19.83 22.01 -32.78
N ASP A 225 21.12 21.78 -32.51
CA ASP A 225 21.64 20.48 -32.07
C ASP A 225 22.66 20.70 -30.94
N VAL A 226 22.40 20.08 -29.76
CA VAL A 226 23.27 20.18 -28.57
C VAL A 226 23.42 18.81 -27.92
N THR A 227 24.62 18.52 -27.40
CA THR A 227 24.86 17.34 -26.57
C THR A 227 24.41 17.66 -25.13
N PHE A 228 23.50 16.83 -24.57
CA PHE A 228 23.01 17.00 -23.19
C PHE A 228 24.20 16.97 -22.19
N PRO A 229 24.21 17.88 -21.17
CA PRO A 229 25.35 18.02 -20.20
C PRO A 229 25.57 16.73 -19.40
N GLU A 230 26.82 16.39 -19.13
CA GLU A 230 27.19 15.22 -18.31
C GLU A 230 26.82 15.42 -16.82
N GLU A 231 26.49 16.69 -16.47
CA GLU A 231 25.99 17.08 -15.14
C GLU A 231 24.47 16.89 -15.04
N TYR A 232 23.81 16.55 -16.19
CA TYR A 232 22.35 16.36 -16.26
C TYR A 232 21.92 15.12 -15.44
N HIS A 233 20.66 15.14 -14.96
CA HIS A 233 20.16 14.21 -13.94
C HIS A 233 19.78 12.80 -14.46
N ALA A 234 19.98 12.53 -15.76
CA ALA A 234 19.60 11.23 -16.39
C ALA A 234 20.65 10.83 -17.44
N GLU A 235 21.27 9.64 -17.23
CA GLU A 235 22.27 9.07 -18.15
C GLU A 235 21.62 8.54 -19.45
N ASN A 236 20.28 8.42 -19.43
CA ASN A 236 19.46 8.17 -20.64
C ASN A 236 19.78 9.23 -21.73
N LEU A 237 19.91 10.50 -21.28
CA LEU A 237 20.02 11.68 -22.18
C LEU A 237 21.46 12.24 -22.23
N LYS A 238 22.14 12.32 -21.06
CA LYS A 238 23.42 13.05 -20.94
C LYS A 238 24.55 12.34 -21.70
N GLY A 239 25.44 13.13 -22.33
CA GLY A 239 26.53 12.59 -23.16
C GLY A 239 26.11 12.33 -24.61
N LYS A 240 24.78 12.20 -24.83
CA LYS A 240 24.20 11.96 -26.16
C LYS A 240 23.84 13.29 -26.83
N ALA A 241 24.05 13.34 -28.15
CA ALA A 241 23.61 14.46 -29.00
C ALA A 241 22.07 14.50 -29.10
N ALA A 242 21.53 15.71 -29.16
CA ALA A 242 20.09 15.97 -29.15
C ALA A 242 19.74 17.02 -30.21
N LYS A 243 18.63 16.79 -30.92
CA LYS A 243 18.08 17.73 -31.90
C LYS A 243 16.83 18.41 -31.32
N PHE A 244 16.67 19.71 -31.59
CA PHE A 244 15.58 20.54 -31.03
C PHE A 244 15.08 21.52 -32.08
N ALA A 245 13.92 21.23 -32.66
CA ALA A 245 13.20 22.19 -33.48
C ALA A 245 12.67 23.31 -32.58
N ILE A 246 13.32 24.49 -32.66
CA ILE A 246 12.94 25.69 -31.90
C ILE A 246 12.01 26.57 -32.76
N ASN A 247 10.80 26.80 -32.25
CA ASN A 247 9.83 27.73 -32.83
C ASN A 247 9.75 28.95 -31.89
N LEU A 248 10.44 30.05 -32.27
CA LEU A 248 10.39 31.31 -31.52
C LEU A 248 9.05 32.01 -31.81
N LYS A 249 8.04 31.71 -30.98
CA LYS A 249 6.69 32.23 -31.11
C LYS A 249 6.65 33.72 -30.77
N LYS A 250 6.75 34.00 -29.45
CA LYS A 250 6.57 35.35 -28.88
C LYS A 250 7.75 35.63 -27.95
N VAL A 251 8.01 36.92 -27.73
CA VAL A 251 8.97 37.39 -26.71
C VAL A 251 8.28 38.47 -25.88
N GLU A 252 8.64 38.56 -24.59
CA GLU A 252 8.13 39.56 -23.65
C GLU A 252 9.33 40.16 -22.91
N GLU A 253 9.57 41.45 -23.09
CA GLU A 253 10.77 42.13 -22.58
C GLU A 253 10.58 42.53 -21.11
N ARG A 254 11.70 42.56 -20.36
CA ARG A 254 11.70 42.72 -18.90
C ARG A 254 11.47 44.19 -18.51
N GLU A 255 10.22 44.48 -18.12
CA GLU A 255 9.86 45.76 -17.49
C GLU A 255 10.05 45.65 -15.98
N LEU A 256 10.39 46.76 -15.33
CA LEU A 256 10.45 46.89 -13.87
C LEU A 256 9.63 48.13 -13.43
N PRO A 257 8.27 48.02 -13.36
CA PRO A 257 7.43 49.07 -12.73
C PRO A 257 7.32 48.87 -11.22
N GLU A 258 6.42 49.61 -10.57
CA GLU A 258 6.15 49.48 -9.14
C GLU A 258 5.18 48.31 -8.85
N LEU A 259 4.70 48.29 -7.60
CA LEU A 259 3.76 47.27 -7.11
C LEU A 259 2.36 47.49 -7.76
N THR A 260 2.21 46.98 -8.99
CA THR A 260 1.01 47.18 -9.84
C THR A 260 -0.17 46.33 -9.33
N ALA A 261 -1.40 46.78 -9.61
CA ALA A 261 -2.64 46.01 -9.31
C ALA A 261 -2.65 44.67 -10.07
N GLU A 262 -1.97 44.66 -11.24
CA GLU A 262 -1.72 43.44 -12.05
C GLU A 262 -0.90 42.40 -11.26
N PHE A 263 0.00 42.89 -10.39
CA PHE A 263 0.80 42.05 -9.48
C PHE A 263 -0.11 41.59 -8.32
N ILE A 264 -0.77 42.58 -7.66
CA ILE A 264 -1.64 42.39 -6.48
C ILE A 264 -2.62 41.21 -6.67
N LYS A 265 -3.37 41.27 -7.78
CA LYS A 265 -4.40 40.28 -8.10
C LYS A 265 -3.79 38.91 -8.52
N ARG A 266 -2.56 38.94 -9.06
CA ARG A 266 -1.86 37.75 -9.59
C ARG A 266 -1.33 36.88 -8.42
N PHE A 267 -1.04 37.57 -7.30
CA PHE A 267 -0.71 36.93 -6.02
C PHE A 267 -1.99 36.69 -5.18
N GLY A 268 -3.16 36.93 -5.82
CA GLY A 268 -4.46 36.55 -5.26
C GLY A 268 -4.94 37.40 -4.10
N VAL A 269 -4.36 38.61 -3.95
CA VAL A 269 -4.73 39.55 -2.88
C VAL A 269 -6.13 40.14 -3.17
N GLU A 270 -7.14 39.45 -2.59
CA GLU A 270 -8.57 39.80 -2.70
C GLU A 270 -8.85 41.19 -2.13
N ASP A 271 -8.04 41.60 -1.13
CA ASP A 271 -8.13 42.92 -0.49
C ASP A 271 -8.02 44.05 -1.53
N GLY A 272 -7.20 43.82 -2.57
CA GLY A 272 -7.08 44.76 -3.70
C GLY A 272 -6.10 45.89 -3.42
N SER A 273 -6.24 46.52 -2.23
CA SER A 273 -5.34 47.58 -1.78
C SER A 273 -3.99 46.97 -1.36
N VAL A 274 -2.93 47.78 -1.55
CA VAL A 274 -1.54 47.44 -1.19
C VAL A 274 -1.42 47.06 0.29
N GLU A 275 -2.22 47.72 1.15
CA GLU A 275 -2.25 47.44 2.61
C GLU A 275 -2.58 45.97 2.90
N GLY A 276 -3.37 45.32 2.00
CA GLY A 276 -3.66 43.89 2.09
C GLY A 276 -2.51 43.04 1.60
N LEU A 277 -1.77 43.54 0.57
CA LEU A 277 -0.64 42.82 -0.04
C LEU A 277 0.45 42.64 1.03
N ARG A 278 0.82 43.77 1.65
CA ARG A 278 1.89 43.84 2.64
C ARG A 278 1.52 43.08 3.92
N ALA A 279 0.22 43.09 4.28
CA ALA A 279 -0.29 42.40 5.48
C ALA A 279 -0.20 40.87 5.31
N GLU A 280 -0.72 40.37 4.16
CA GLU A 280 -0.71 38.94 3.83
C GLU A 280 0.71 38.45 3.55
N VAL A 281 1.59 39.36 3.06
CA VAL A 281 3.03 39.11 2.96
C VAL A 281 3.58 38.84 4.35
N ARG A 282 3.43 39.81 5.30
CA ARG A 282 3.91 39.70 6.70
C ARG A 282 3.46 38.38 7.36
N LYS A 283 2.16 38.04 7.17
CA LYS A 283 1.53 36.86 7.77
C LYS A 283 2.17 35.57 7.23
N ASN A 284 2.21 35.43 5.88
CA ASN A 284 2.79 34.25 5.20
C ASN A 284 4.31 34.18 5.49
N MET A 285 4.93 35.36 5.61
CA MET A 285 6.38 35.55 5.82
C MET A 285 6.79 35.01 7.20
N GLU A 286 5.91 35.25 8.18
CA GLU A 286 6.05 34.78 9.58
C GLU A 286 5.83 33.25 9.67
N ARG A 287 4.82 32.74 8.90
CA ARG A 287 4.57 31.27 8.76
C ARG A 287 5.81 30.57 8.17
N GLU A 288 6.38 31.18 7.10
CA GLU A 288 7.59 30.66 6.42
C GLU A 288 8.82 30.86 7.32
N LEU A 289 8.79 31.91 8.18
CA LEU A 289 9.87 32.19 9.15
C LEU A 289 10.03 31.00 10.09
N LYS A 290 8.91 30.60 10.77
CA LYS A 290 8.91 29.43 11.67
C LYS A 290 9.42 28.16 10.94
N SER A 291 8.75 27.83 9.82
CA SER A 291 9.01 26.60 9.06
C SER A 291 10.46 26.55 8.53
N ALA A 292 11.01 27.72 8.15
CA ALA A 292 12.38 27.83 7.61
C ALA A 292 13.42 27.70 8.71
N ILE A 293 13.14 28.29 9.90
CA ILE A 293 14.02 28.15 11.08
C ILE A 293 14.17 26.66 11.44
N ARG A 294 13.01 25.98 11.56
CA ARG A 294 12.95 24.54 11.89
C ARG A 294 13.66 23.71 10.80
N ASN A 295 13.44 24.11 9.52
CA ASN A 295 14.07 23.46 8.36
C ASN A 295 15.61 23.58 8.41
N ARG A 296 16.11 24.79 8.70
CA ARG A 296 17.56 25.08 8.70
C ARG A 296 18.27 24.35 9.84
N VAL A 297 17.73 24.52 11.07
CA VAL A 297 18.35 23.99 12.29
C VAL A 297 18.30 22.45 12.30
N LYS A 298 17.18 21.87 11.81
CA LYS A 298 17.03 20.42 11.76
C LYS A 298 17.92 19.83 10.67
N SER A 299 17.92 20.42 9.45
CA SER A 299 18.76 19.95 8.33
C SER A 299 20.25 20.00 8.68
N GLN A 300 20.66 21.07 9.40
CA GLN A 300 22.04 21.20 9.92
C GLN A 300 22.33 20.11 10.97
N ALA A 301 21.34 19.84 11.83
CA ALA A 301 21.42 18.77 12.84
C ALA A 301 21.61 17.40 12.17
N ILE A 302 20.89 17.18 11.06
CA ILE A 302 20.97 15.95 10.26
C ILE A 302 22.41 15.79 9.70
N GLU A 303 22.91 16.88 9.05
CA GLU A 303 24.26 16.95 8.49
C GLU A 303 25.34 16.69 9.56
N GLY A 304 25.18 17.34 10.73
CA GLY A 304 26.18 17.32 11.80
C GLY A 304 26.21 15.99 12.51
N LEU A 305 25.01 15.43 12.79
CA LEU A 305 24.84 14.12 13.43
C LEU A 305 25.52 13.03 12.60
N VAL A 306 25.17 12.98 11.30
CA VAL A 306 25.72 11.95 10.40
C VAL A 306 27.23 12.14 10.19
N LYS A 307 27.67 13.40 9.94
CA LYS A 307 29.10 13.72 9.71
C LYS A 307 29.96 13.31 10.93
N ALA A 308 29.42 13.53 12.14
CA ALA A 308 30.10 13.20 13.41
C ALA A 308 30.12 11.69 13.69
N ASN A 309 29.20 10.91 13.06
CA ASN A 309 29.11 9.45 13.26
C ASN A 309 28.52 8.78 12.01
N ASP A 310 29.34 8.78 10.94
CA ASP A 310 28.94 8.23 9.63
C ASP A 310 29.30 6.74 9.59
N ILE A 311 28.39 5.93 10.12
CA ILE A 311 28.51 4.47 10.17
C ILE A 311 28.05 3.83 8.85
N ASP A 312 28.48 2.59 8.61
CA ASP A 312 28.00 1.78 7.48
C ASP A 312 26.64 1.20 7.85
N VAL A 313 25.71 1.25 6.90
CA VAL A 313 24.30 0.92 7.14
C VAL A 313 23.81 -0.14 6.14
N PRO A 314 22.89 -1.08 6.58
CA PRO A 314 22.36 -2.18 5.74
C PRO A 314 21.83 -1.72 4.36
N ALA A 315 22.40 -2.32 3.30
CA ALA A 315 22.06 -2.02 1.90
C ALA A 315 20.62 -2.43 1.54
N ALA A 316 19.99 -3.25 2.41
CA ALA A 316 18.56 -3.59 2.31
C ALA A 316 17.69 -2.32 2.56
N LEU A 317 18.07 -1.55 3.61
CA LEU A 317 17.43 -0.26 3.95
C LEU A 317 17.68 0.76 2.84
N ILE A 318 18.93 0.74 2.29
CA ILE A 318 19.32 1.57 1.16
C ILE A 318 18.42 1.26 -0.05
N ASP A 319 18.21 -0.04 -0.37
CA ASP A 319 17.42 -0.46 -1.56
C ASP A 319 15.92 -0.14 -1.36
N SER A 320 15.45 -0.21 -0.10
CA SER A 320 14.06 0.11 0.27
C SER A 320 13.77 1.61 0.02
N GLU A 321 14.62 2.49 0.58
CA GLU A 321 14.50 3.93 0.37
C GLU A 321 14.76 4.28 -1.11
N ILE A 322 15.73 3.58 -1.73
CA ILE A 322 16.06 3.70 -3.19
C ILE A 322 14.84 3.30 -4.02
N ASP A 323 14.06 2.32 -3.54
CA ASP A 323 12.85 1.84 -4.22
C ASP A 323 11.80 2.97 -4.24
N VAL A 324 11.61 3.61 -3.06
CA VAL A 324 10.76 4.82 -2.94
C VAL A 324 11.25 5.93 -3.91
N LEU A 325 12.58 6.14 -3.93
CA LEU A 325 13.24 7.24 -4.66
C LEU A 325 13.23 7.02 -6.18
N ARG A 326 13.41 5.77 -6.63
CA ARG A 326 13.50 5.44 -8.07
C ARG A 326 12.09 5.44 -8.67
N ARG A 327 11.11 4.88 -7.90
CA ARG A 327 9.69 4.90 -8.24
C ARG A 327 9.21 6.36 -8.42
N GLN A 328 9.44 7.17 -7.36
CA GLN A 328 8.95 8.56 -7.28
C GLN A 328 9.55 9.41 -8.41
N ALA A 329 10.90 9.40 -8.51
CA ALA A 329 11.65 10.24 -9.46
C ALA A 329 11.34 9.88 -10.91
N ALA A 330 11.35 8.57 -11.23
CA ALA A 330 11.07 8.09 -12.60
C ALA A 330 9.60 8.36 -13.00
N GLN A 331 8.70 8.34 -12.00
CA GLN A 331 7.28 8.69 -12.18
C GLN A 331 7.09 10.23 -12.31
N ARG A 332 8.15 11.04 -12.09
CA ARG A 332 8.12 12.50 -12.36
C ARG A 332 8.66 12.75 -13.77
N PHE A 333 9.93 12.38 -13.96
CA PHE A 333 10.68 12.61 -15.20
C PHE A 333 10.31 11.53 -16.23
N GLY A 334 9.14 11.74 -16.84
CA GLY A 334 8.60 10.87 -17.87
C GLY A 334 7.34 10.16 -17.40
N GLY A 335 7.45 9.48 -16.24
CA GLY A 335 6.38 8.60 -15.77
C GLY A 335 6.58 7.18 -16.29
N ASN A 336 7.84 6.72 -16.25
CA ASN A 336 8.21 5.38 -16.73
C ASN A 336 9.30 4.79 -15.81
N GLU A 337 9.16 3.49 -15.47
CA GLU A 337 10.08 2.77 -14.54
C GLU A 337 11.46 2.56 -15.20
N LYS A 338 11.45 2.39 -16.54
CA LYS A 338 12.66 2.13 -17.36
C LYS A 338 13.71 3.25 -17.18
N GLN A 339 13.21 4.49 -17.03
CA GLN A 339 14.04 5.71 -16.87
C GLN A 339 14.91 5.63 -15.60
N ALA A 340 14.34 5.05 -14.51
CA ALA A 340 14.96 4.98 -13.16
C ALA A 340 16.35 4.33 -13.20
N LEU A 341 16.45 3.23 -13.98
CA LEU A 341 17.69 2.41 -14.07
C LEU A 341 18.85 3.19 -14.70
N GLU A 342 18.51 4.29 -15.38
CA GLU A 342 19.47 5.14 -16.10
C GLU A 342 19.73 6.47 -15.33
N LEU A 343 19.27 6.56 -14.07
CA LEU A 343 19.75 7.60 -13.12
C LEU A 343 20.82 6.95 -12.21
N PRO A 344 22.05 7.58 -12.07
CA PRO A 344 23.14 7.04 -11.22
C PRO A 344 22.70 6.89 -9.74
N ARG A 345 22.52 5.63 -9.29
CA ARG A 345 21.92 5.30 -7.97
C ARG A 345 22.62 6.00 -6.79
N GLU A 346 23.90 6.38 -6.98
CA GLU A 346 24.71 7.10 -5.98
C GLU A 346 23.98 8.34 -5.43
N LEU A 347 23.30 9.09 -6.33
CA LEU A 347 22.59 10.35 -5.93
C LEU A 347 21.41 10.03 -5.00
N PHE A 348 20.82 8.81 -5.16
CA PHE A 348 19.72 8.33 -4.32
C PHE A 348 20.29 7.82 -2.98
N GLU A 349 21.45 7.12 -3.05
CA GLU A 349 22.07 6.41 -1.91
C GLU A 349 22.70 7.37 -0.90
N GLU A 350 23.05 8.59 -1.34
CA GLU A 350 23.53 9.67 -0.45
C GLU A 350 22.39 10.11 0.49
N GLN A 351 21.19 10.28 -0.10
CA GLN A 351 19.98 10.69 0.62
C GLN A 351 19.49 9.55 1.54
N ALA A 352 19.49 8.32 1.00
CA ALA A 352 19.03 7.13 1.70
C ALA A 352 19.90 6.83 2.92
N LYS A 353 21.23 6.72 2.68
CA LYS A 353 22.23 6.52 3.74
C LYS A 353 22.10 7.60 4.82
N ARG A 354 21.92 8.86 4.38
CA ARG A 354 21.65 10.00 5.29
C ARG A 354 20.40 9.69 6.16
N ARG A 355 19.33 9.19 5.50
CA ARG A 355 18.00 9.01 6.11
C ARG A 355 18.03 7.90 7.19
N VAL A 356 18.74 6.81 6.89
CA VAL A 356 18.77 5.62 7.75
C VAL A 356 19.83 5.75 8.86
N VAL A 357 20.98 6.45 8.59
CA VAL A 357 21.97 6.77 9.63
C VAL A 357 21.31 7.68 10.69
N VAL A 358 20.51 8.70 10.22
CA VAL A 358 19.68 9.54 11.12
C VAL A 358 18.69 8.68 11.95
N GLY A 359 18.05 7.71 11.29
CA GLY A 359 17.13 6.78 11.95
C GLY A 359 17.79 5.98 13.07
N LEU A 360 19.07 5.63 12.86
CA LEU A 360 19.90 4.92 13.85
C LEU A 360 20.41 5.86 14.95
N LEU A 361 20.73 7.12 14.59
CA LEU A 361 21.31 8.12 15.53
C LEU A 361 20.24 8.62 16.50
N LEU A 362 19.19 9.28 15.96
CA LEU A 362 18.04 9.78 16.76
C LEU A 362 17.36 8.62 17.50
N GLY A 363 17.31 7.45 16.83
CA GLY A 363 16.81 6.22 17.45
C GLY A 363 17.58 5.83 18.70
N GLU A 364 18.92 5.81 18.57
CA GLU A 364 19.85 5.45 19.67
C GLU A 364 19.68 6.43 20.85
N VAL A 365 19.49 7.73 20.54
CA VAL A 365 19.29 8.80 21.54
C VAL A 365 18.03 8.49 22.38
N ILE A 366 16.89 8.35 21.69
CA ILE A 366 15.56 8.27 22.32
C ILE A 366 15.36 6.96 23.09
N ARG A 367 16.07 5.89 22.64
CA ARG A 367 16.05 4.59 23.34
C ARG A 367 16.93 4.63 24.62
N THR A 368 18.22 5.03 24.48
CA THR A 368 19.17 5.01 25.61
C THR A 368 18.77 6.02 26.71
N ASN A 369 18.58 7.29 26.30
CA ASN A 369 18.15 8.39 27.21
C ASN A 369 16.76 8.09 27.79
N GLU A 370 15.97 7.29 27.05
CA GLU A 370 14.60 6.91 27.40
C GLU A 370 13.72 8.17 27.42
N LEU A 371 13.61 8.81 26.24
CA LEU A 371 12.80 10.02 26.05
C LEU A 371 11.63 9.68 25.13
N LYS A 372 10.55 10.45 25.30
CA LYS A 372 9.27 10.26 24.63
C LYS A 372 8.94 11.55 23.86
N ALA A 373 8.01 11.47 22.89
CA ALA A 373 7.37 12.66 22.29
C ALA A 373 6.67 13.43 23.43
N ASP A 374 7.43 14.37 24.03
CA ASP A 374 7.04 15.12 25.25
C ASP A 374 5.63 15.71 25.10
N GLU A 375 4.80 15.54 26.16
CA GLU A 375 3.39 15.99 26.23
C GLU A 375 3.22 17.40 25.63
N GLU A 376 3.97 18.36 26.17
CA GLU A 376 3.81 19.77 25.81
C GLU A 376 4.47 20.09 24.45
N ARG A 377 5.36 19.20 23.96
CA ARG A 377 6.02 19.36 22.64
C ARG A 377 5.09 18.89 21.52
N VAL A 378 4.36 17.78 21.74
CA VAL A 378 3.43 17.23 20.74
C VAL A 378 2.12 18.06 20.71
N LYS A 379 1.62 18.43 21.92
CA LYS A 379 0.47 19.35 22.05
C LYS A 379 0.86 20.73 21.51
N GLY A 380 2.10 21.17 21.83
CA GLY A 380 2.63 22.44 21.36
C GLY A 380 2.85 22.48 19.85
N LEU A 381 3.24 21.34 19.25
CA LEU A 381 3.50 21.24 17.78
C LEU A 381 2.17 21.29 17.02
N ILE A 382 1.17 20.50 17.50
CA ILE A 382 -0.18 20.50 16.94
C ILE A 382 -0.79 21.91 17.07
N GLU A 383 -0.62 22.53 18.26
CA GLU A 383 -1.08 23.91 18.55
C GLU A 383 -0.36 24.93 17.65
N GLU A 384 0.95 24.69 17.38
CA GLU A 384 1.80 25.58 16.57
C GLU A 384 1.26 25.68 15.14
N MET A 385 1.07 24.50 14.50
CA MET A 385 0.53 24.42 13.12
C MET A 385 -0.98 24.77 13.10
N ALA A 386 -1.66 24.59 14.26
CA ALA A 386 -3.08 24.92 14.41
C ALA A 386 -3.29 26.43 14.56
N SER A 387 -2.26 27.14 15.06
CA SER A 387 -2.22 28.61 15.10
C SER A 387 -2.09 29.17 13.67
N ALA A 388 -1.50 28.35 12.77
CA ALA A 388 -1.47 28.63 11.33
C ALA A 388 -2.83 28.29 10.66
N TYR A 389 -3.78 27.73 11.45
CA TYR A 389 -5.18 27.50 11.03
C TYR A 389 -6.08 28.52 11.77
N GLU A 390 -7.42 28.44 11.53
CA GLU A 390 -8.40 29.38 12.12
C GLU A 390 -8.68 29.06 13.60
N ASP A 391 -9.11 27.81 13.89
CA ASP A 391 -9.51 27.37 15.24
C ASP A 391 -8.57 26.25 15.74
N PRO A 392 -7.45 26.62 16.46
CA PRO A 392 -6.52 25.63 17.07
C PRO A 392 -7.21 24.52 17.89
N LYS A 393 -8.13 24.97 18.78
CA LYS A 393 -8.84 24.12 19.75
C LYS A 393 -9.48 22.89 19.07
N GLU A 394 -10.21 23.13 17.96
CA GLU A 394 -10.89 22.05 17.19
C GLU A 394 -9.89 21.08 16.53
N VAL A 395 -8.70 21.63 16.14
CA VAL A 395 -7.67 20.85 15.43
C VAL A 395 -7.09 19.81 16.39
N ILE A 396 -6.80 20.30 17.60
CA ILE A 396 -6.27 19.50 18.71
C ILE A 396 -7.30 18.42 19.13
N GLU A 397 -8.62 18.82 19.20
CA GLU A 397 -9.73 17.89 19.53
C GLU A 397 -9.77 16.68 18.58
N PHE A 398 -9.91 16.96 17.26
CA PHE A 398 -10.10 15.91 16.25
C PHE A 398 -8.85 15.01 16.14
N TYR A 399 -7.66 15.64 16.13
CA TYR A 399 -6.39 14.92 15.96
C TYR A 399 -6.13 13.97 17.14
N SER A 400 -6.37 14.48 18.38
CA SER A 400 -6.22 13.69 19.62
C SER A 400 -7.17 12.48 19.64
N LYS A 401 -8.33 12.61 18.97
CA LYS A 401 -9.32 11.54 18.81
C LYS A 401 -8.80 10.48 17.81
N ASN A 402 -8.12 10.94 16.74
CA ASN A 402 -7.79 10.07 15.59
C ASN A 402 -6.35 9.56 15.73
N LYS A 403 -6.20 8.29 16.18
CA LYS A 403 -4.88 7.66 16.45
C LYS A 403 -4.07 7.51 15.14
N GLU A 404 -4.78 7.44 14.00
CA GLU A 404 -4.19 7.36 12.65
C GLU A 404 -3.30 8.61 12.41
N LEU A 405 -3.94 9.79 12.50
CA LEU A 405 -3.30 11.09 12.29
C LEU A 405 -2.32 11.38 13.46
N MET A 406 -2.71 10.97 14.67
CA MET A 406 -1.94 11.17 15.92
C MET A 406 -0.59 10.44 15.86
N ASP A 407 -0.56 9.25 15.22
CA ASP A 407 0.68 8.44 15.08
C ASP A 407 1.69 9.16 14.16
N ASN A 408 1.17 9.75 13.07
CA ASN A 408 1.96 10.57 12.12
C ASN A 408 2.52 11.82 12.84
N MET A 409 1.66 12.47 13.66
CA MET A 409 2.04 13.64 14.46
C MET A 409 2.96 13.25 15.62
N ARG A 410 2.88 11.98 16.06
CA ARG A 410 3.76 11.43 17.12
C ARG A 410 5.15 11.20 16.51
N ASN A 411 5.17 10.78 15.22
CA ASN A 411 6.42 10.60 14.46
C ASN A 411 7.15 11.93 14.32
N VAL A 412 6.49 12.94 13.70
CA VAL A 412 7.13 14.25 13.47
C VAL A 412 7.49 14.95 14.82
N ALA A 413 6.67 14.70 15.87
CA ALA A 413 6.92 15.25 17.23
C ALA A 413 8.17 14.64 17.85
N LEU A 414 8.23 13.29 17.92
CA LEU A 414 9.32 12.56 18.59
C LEU A 414 10.63 12.81 17.84
N GLU A 415 10.58 12.76 16.50
CA GLU A 415 11.76 12.93 15.64
C GLU A 415 12.31 14.37 15.69
N GLU A 416 11.44 15.40 15.60
CA GLU A 416 11.88 16.82 15.70
C GLU A 416 12.33 17.17 17.15
N GLN A 417 11.73 16.49 18.14
CA GLN A 417 12.09 16.68 19.57
C GLN A 417 13.28 15.77 19.96
N ALA A 418 13.58 14.76 19.11
CA ALA A 418 14.81 13.95 19.22
C ALA A 418 15.98 14.77 18.72
N VAL A 419 15.73 15.49 17.60
CA VAL A 419 16.63 16.50 17.05
C VAL A 419 16.87 17.61 18.12
N GLU A 420 15.77 18.12 18.72
CA GLU A 420 15.83 19.17 19.76
C GLU A 420 16.66 18.68 20.98
N ALA A 421 16.43 17.42 21.39
CA ALA A 421 17.10 16.79 22.55
C ALA A 421 18.62 16.62 22.31
N VAL A 422 19.01 16.24 21.07
CA VAL A 422 20.44 16.04 20.73
C VAL A 422 21.14 17.42 20.50
N LEU A 423 20.36 18.42 20.05
CA LEU A 423 20.84 19.82 19.88
C LEU A 423 21.02 20.49 21.24
N ALA A 424 20.20 20.06 22.23
CA ALA A 424 20.30 20.51 23.63
C ALA A 424 21.68 20.18 24.23
N LYS A 425 22.33 19.13 23.69
CA LYS A 425 23.69 18.72 24.09
C LYS A 425 24.74 19.05 23.01
N ALA A 426 24.29 19.40 21.79
CA ALA A 426 25.19 19.79 20.69
C ALA A 426 25.60 21.26 20.82
N LYS A 427 26.72 21.64 20.16
CA LYS A 427 27.32 22.98 20.28
C LYS A 427 26.43 24.04 19.57
N VAL A 428 25.49 24.63 20.33
CA VAL A 428 24.53 25.62 19.79
C VAL A 428 25.23 26.96 19.51
N THR A 429 24.92 27.55 18.33
CA THR A 429 25.52 28.79 17.85
C THR A 429 24.41 29.75 17.38
N GLU A 430 24.27 30.90 18.06
CA GLU A 430 23.30 31.95 17.71
C GLU A 430 23.94 32.88 16.65
N LYS A 431 23.53 32.75 15.38
CA LYS A 431 24.06 33.58 14.28
C LYS A 431 22.95 34.50 13.74
N GLU A 432 22.92 35.75 14.23
CA GLU A 432 21.94 36.77 13.80
C GLU A 432 22.12 37.09 12.31
N THR A 433 21.02 37.01 11.57
CA THR A 433 21.01 37.13 10.09
C THR A 433 19.72 37.84 9.63
N THR A 434 19.69 38.20 8.35
CA THR A 434 18.53 38.82 7.68
C THR A 434 17.60 37.72 7.14
N PHE A 435 16.30 38.06 6.96
CA PHE A 435 15.27 37.15 6.43
C PHE A 435 15.72 36.41 5.15
N ASN A 436 16.42 37.13 4.25
CA ASN A 436 16.83 36.58 2.95
C ASN A 436 18.03 35.62 3.07
N GLU A 437 18.86 35.82 4.13
CA GLU A 437 20.00 34.92 4.45
C GLU A 437 19.50 33.56 5.00
N LEU A 438 18.24 33.54 5.47
CA LEU A 438 17.59 32.33 6.01
C LEU A 438 17.25 31.32 4.89
N MET A 439 16.78 31.84 3.74
CA MET A 439 16.39 31.00 2.59
C MET A 439 17.58 30.81 1.62
N ASN A 440 18.47 31.80 1.55
CA ASN A 440 19.66 31.79 0.69
C ASN A 440 20.86 32.17 1.56
N GLN A 441 21.61 31.15 2.00
CA GLN A 441 22.70 31.28 2.98
C GLN A 441 23.81 32.22 2.48
N GLN A 442 24.05 32.21 1.16
CA GLN A 442 25.20 32.90 0.54
C GLN A 442 25.01 34.44 0.55
N ALA A 443 23.74 34.91 0.59
CA ALA A 443 23.41 36.34 0.42
C ALA A 443 21.97 36.64 0.95
N MET B 12 -11.03 27.02 0.71
CA MET B 12 -11.62 25.76 0.20
C MET B 12 -13.13 25.90 0.02
N GLN B 13 -13.73 24.96 -0.73
CA GLN B 13 -15.18 24.90 -0.99
C GLN B 13 -15.66 23.51 -0.57
N VAL B 14 -15.91 23.32 0.73
CA VAL B 14 -16.22 22.00 1.31
C VAL B 14 -17.66 21.97 1.86
N SER B 15 -18.39 20.87 1.57
CA SER B 15 -19.80 20.72 1.96
C SER B 15 -20.12 19.25 2.28
N VAL B 16 -20.36 18.97 3.58
CA VAL B 16 -20.78 17.64 4.07
C VAL B 16 -22.29 17.43 3.79
N GLU B 17 -22.62 16.27 3.22
CA GLU B 17 -23.99 15.87 2.88
C GLU B 17 -24.27 14.49 3.47
N THR B 18 -25.06 14.44 4.56
CA THR B 18 -25.54 13.18 5.13
C THR B 18 -26.49 12.50 4.11
N THR B 19 -25.97 11.45 3.45
CA THR B 19 -26.69 10.71 2.40
C THR B 19 -27.82 9.86 3.03
N GLN B 20 -27.45 8.95 3.96
CA GLN B 20 -28.41 8.08 4.66
C GLN B 20 -27.85 7.75 6.06
N GLY B 21 -28.36 8.47 7.08
CA GLY B 21 -28.07 8.19 8.48
C GLY B 21 -26.60 8.32 8.85
N LEU B 22 -25.87 7.18 8.78
CA LEU B 22 -24.43 7.12 9.05
C LEU B 22 -23.65 7.76 7.88
N GLY B 23 -24.14 7.49 6.65
CA GLY B 23 -23.51 7.95 5.41
C GLY B 23 -23.42 9.46 5.29
N ARG B 24 -22.19 9.97 5.15
CA ARG B 24 -21.90 11.40 4.95
C ARG B 24 -20.87 11.57 3.81
N ARG B 25 -21.38 12.07 2.67
CA ARG B 25 -20.58 12.44 1.52
C ARG B 25 -20.09 13.90 1.65
N VAL B 26 -18.83 14.08 2.03
CA VAL B 26 -18.20 15.42 2.10
C VAL B 26 -17.67 15.79 0.70
N THR B 27 -18.48 16.54 -0.07
CA THR B 27 -18.08 17.00 -1.41
C THR B 27 -17.12 18.21 -1.25
N ILE B 28 -15.86 17.99 -1.64
CA ILE B 28 -14.79 19.00 -1.56
C ILE B 28 -14.37 19.44 -2.97
N THR B 29 -14.73 20.68 -3.33
CA THR B 29 -14.22 21.36 -4.51
C THR B 29 -12.94 22.12 -4.14
N ILE B 30 -11.78 21.48 -4.39
CA ILE B 30 -10.46 22.06 -4.13
C ILE B 30 -10.14 23.09 -5.23
N ALA B 31 -9.82 24.33 -4.82
CA ALA B 31 -9.42 25.41 -5.74
C ALA B 31 -8.10 25.04 -6.45
N ALA B 32 -7.96 25.49 -7.72
CA ALA B 32 -6.75 25.25 -8.55
C ALA B 32 -5.47 25.80 -7.88
N ASP B 33 -5.66 26.77 -6.96
CA ASP B 33 -4.62 27.25 -6.06
C ASP B 33 -4.04 26.09 -5.24
N SER B 34 -4.89 25.49 -4.38
CA SER B 34 -4.50 24.44 -3.42
C SER B 34 -4.05 23.14 -4.12
N ILE B 35 -4.43 22.99 -5.41
CA ILE B 35 -3.98 21.86 -6.25
C ILE B 35 -2.58 22.14 -6.80
N GLU B 36 -2.48 23.13 -7.72
CA GLU B 36 -1.28 23.32 -8.58
C GLU B 36 -0.11 23.93 -7.80
N THR B 37 -0.40 24.75 -6.77
CA THR B 37 0.65 25.27 -5.86
C THR B 37 1.28 24.10 -5.09
N ALA B 38 0.44 23.12 -4.69
CA ALA B 38 0.91 21.88 -4.02
C ALA B 38 1.65 20.97 -5.00
N VAL B 39 1.26 20.97 -6.30
CA VAL B 39 1.99 20.25 -7.37
C VAL B 39 3.44 20.76 -7.44
N LYS B 40 3.58 22.08 -7.66
CA LYS B 40 4.90 22.76 -7.78
C LYS B 40 5.74 22.59 -6.50
N SER B 41 5.05 22.68 -5.34
CA SER B 41 5.67 22.53 -4.01
C SER B 41 6.32 21.14 -3.85
N GLU B 42 5.50 20.07 -3.96
CA GLU B 42 5.96 18.69 -3.72
C GLU B 42 6.97 18.24 -4.80
N LEU B 43 6.84 18.80 -6.02
CA LEU B 43 7.79 18.57 -7.12
C LEU B 43 9.19 19.09 -6.74
N VAL B 44 9.31 20.41 -6.43
CA VAL B 44 10.62 21.02 -6.12
C VAL B 44 11.22 20.42 -4.83
N ASN B 45 10.33 20.07 -3.86
CA ASN B 45 10.72 19.41 -2.60
C ASN B 45 11.43 18.07 -2.89
N VAL B 46 10.70 17.11 -3.52
CA VAL B 46 11.24 15.75 -3.75
C VAL B 46 12.47 15.80 -4.66
N ALA B 47 12.44 16.71 -5.65
CA ALA B 47 13.54 16.89 -6.60
C ALA B 47 14.75 17.56 -5.93
N LYS B 48 14.52 18.30 -4.81
CA LYS B 48 15.62 18.92 -4.01
C LYS B 48 16.29 17.85 -3.12
N LYS B 49 15.46 16.94 -2.55
CA LYS B 49 15.98 15.83 -1.71
C LYS B 49 16.83 14.86 -2.55
N VAL B 50 16.29 14.51 -3.73
CA VAL B 50 16.95 13.64 -4.71
C VAL B 50 18.07 14.42 -5.47
N ARG B 51 17.98 15.77 -5.41
CA ARG B 51 19.03 16.72 -5.86
C ARG B 51 19.18 16.68 -7.42
N ILE B 52 18.06 16.35 -8.09
CA ILE B 52 18.00 16.25 -9.57
C ILE B 52 17.09 17.34 -10.18
N ASP B 53 16.71 18.32 -9.35
CA ASP B 53 15.84 19.45 -9.75
C ASP B 53 16.52 20.32 -10.84
N GLY B 54 15.75 20.59 -11.92
CA GLY B 54 16.23 21.37 -13.06
C GLY B 54 17.28 20.64 -13.89
N PHE B 55 17.99 21.40 -14.74
CA PHE B 55 19.07 20.87 -15.60
C PHE B 55 20.42 20.85 -14.85
N ARG B 56 20.44 21.43 -13.62
CA ARG B 56 21.61 21.54 -12.72
C ARG B 56 22.59 22.63 -13.21
N LYS B 57 22.97 22.60 -14.50
CA LYS B 57 23.56 23.77 -15.19
C LYS B 57 22.48 24.86 -15.31
N GLY B 58 21.27 24.42 -15.69
CA GLY B 58 20.10 25.28 -15.76
C GLY B 58 19.17 25.08 -14.57
N LYS B 59 18.44 26.14 -14.18
CA LYS B 59 17.47 26.09 -13.07
C LYS B 59 16.15 25.52 -13.61
N VAL B 60 15.53 26.25 -14.58
CA VAL B 60 14.21 25.91 -15.15
C VAL B 60 13.12 25.85 -14.03
N PRO B 61 12.39 26.99 -13.77
CA PRO B 61 11.44 27.10 -12.63
C PRO B 61 10.38 25.98 -12.62
N MET B 62 10.24 25.30 -11.46
CA MET B 62 9.25 24.23 -11.23
C MET B 62 7.81 24.75 -11.47
N ASN B 63 7.66 26.09 -11.32
CA ASN B 63 6.45 26.86 -11.68
C ASN B 63 5.91 26.43 -13.06
N ILE B 64 6.76 26.56 -14.09
CA ILE B 64 6.38 26.23 -15.46
C ILE B 64 6.36 24.69 -15.68
N VAL B 65 7.37 23.97 -15.10
CA VAL B 65 7.52 22.49 -15.27
C VAL B 65 6.22 21.74 -14.93
N ALA B 66 5.59 22.15 -13.82
CA ALA B 66 4.32 21.57 -13.36
C ALA B 66 3.19 21.78 -14.38
N GLN B 67 2.96 23.04 -14.77
CA GLN B 67 1.82 23.43 -15.63
C GLN B 67 2.10 23.17 -17.12
N ARG B 68 3.34 22.74 -17.47
CA ARG B 68 3.69 22.29 -18.85
C ARG B 68 3.52 20.76 -18.98
N TYR B 69 4.25 20.00 -18.14
CA TYR B 69 4.33 18.53 -18.26
C TYR B 69 4.45 17.83 -16.89
N GLY B 70 3.99 18.49 -15.81
CA GLY B 70 3.96 17.89 -14.47
C GLY B 70 2.61 17.24 -14.17
N ALA B 71 2.11 16.45 -15.13
CA ALA B 71 0.80 15.75 -15.02
C ALA B 71 0.98 14.36 -14.37
N SER B 72 2.19 13.79 -14.48
CA SER B 72 2.53 12.47 -13.94
C SER B 72 2.48 12.44 -12.39
N VAL B 73 2.70 13.62 -11.77
CA VAL B 73 2.68 13.78 -10.30
C VAL B 73 1.25 14.07 -9.78
N ARG B 74 0.32 14.44 -10.69
CA ARG B 74 -1.06 14.89 -10.33
C ARG B 74 -1.80 13.86 -9.45
N GLN B 75 -1.50 12.56 -9.65
CA GLN B 75 -2.10 11.46 -8.84
C GLN B 75 -1.56 11.50 -7.40
N ASP B 76 -0.22 11.68 -7.28
CA ASP B 76 0.46 11.78 -5.96
C ASP B 76 -0.07 12.98 -5.18
N VAL B 77 -0.21 14.12 -5.89
CA VAL B 77 -0.70 15.37 -5.32
C VAL B 77 -2.13 15.21 -4.81
N LEU B 78 -3.07 14.80 -5.71
CA LEU B 78 -4.51 14.59 -5.34
C LEU B 78 -4.65 13.60 -4.18
N GLY B 79 -3.82 12.52 -4.25
CA GLY B 79 -3.74 11.51 -3.19
C GLY B 79 -3.22 12.08 -1.86
N ASP B 80 -2.35 13.11 -1.95
CA ASP B 80 -1.83 13.83 -0.77
C ASP B 80 -2.89 14.84 -0.27
N LEU B 81 -3.71 15.38 -1.21
CA LEU B 81 -4.76 16.38 -0.90
C LEU B 81 -5.95 15.69 -0.19
N MET B 82 -6.11 14.37 -0.45
CA MET B 82 -7.10 13.50 0.24
C MET B 82 -6.90 13.51 1.78
N SER B 83 -5.71 13.94 2.23
CA SER B 83 -5.46 14.23 3.65
C SER B 83 -5.28 15.76 3.85
N ARG B 84 -4.34 16.38 3.11
CA ARG B 84 -3.91 17.80 3.32
C ARG B 84 -5.07 18.84 3.24
N ASN B 85 -6.17 18.49 2.52
CA ASN B 85 -7.39 19.34 2.44
C ASN B 85 -8.51 18.77 3.31
N PHE B 86 -8.72 17.44 3.20
CA PHE B 86 -9.86 16.75 3.85
C PHE B 86 -9.77 16.81 5.39
N ILE B 87 -8.57 16.49 5.93
CA ILE B 87 -8.33 16.43 7.39
C ILE B 87 -8.58 17.80 8.05
N ASP B 88 -8.41 18.88 7.27
CA ASP B 88 -8.67 20.27 7.70
C ASP B 88 -10.17 20.61 7.58
N ALA B 89 -10.76 20.19 6.43
CA ALA B 89 -12.18 20.46 6.08
C ALA B 89 -13.16 19.96 7.14
N ILE B 90 -12.80 18.85 7.78
CA ILE B 90 -13.65 18.15 8.76
C ILE B 90 -13.42 18.66 10.21
N ILE B 91 -12.55 19.68 10.37
CA ILE B 91 -12.30 20.33 11.67
C ILE B 91 -13.33 21.48 11.88
N LYS B 92 -14.63 21.10 11.84
CA LYS B 92 -15.76 21.98 12.14
C LYS B 92 -16.87 21.15 12.80
N GLU B 93 -17.59 20.32 12.01
CA GLU B 93 -18.69 19.46 12.53
C GLU B 93 -18.15 18.17 13.21
N LYS B 94 -16.80 18.07 13.36
CA LYS B 94 -16.08 16.97 14.05
C LYS B 94 -16.01 15.67 13.21
N ILE B 95 -16.80 15.64 12.10
CA ILE B 95 -16.79 14.65 10.98
C ILE B 95 -15.67 13.57 11.08
N ASN B 96 -15.98 12.43 11.72
CA ASN B 96 -15.04 11.31 11.88
C ASN B 96 -15.45 10.13 10.95
N PRO B 97 -14.70 9.90 9.83
CA PRO B 97 -14.94 8.74 8.92
C PRO B 97 -14.60 7.40 9.59
N ALA B 98 -15.59 6.48 9.64
CA ALA B 98 -15.40 5.13 10.17
C ALA B 98 -14.90 4.18 9.07
N GLY B 99 -13.79 3.48 9.36
CA GLY B 99 -13.20 2.51 8.44
C GLY B 99 -12.29 3.16 7.40
N ALA B 100 -12.90 3.66 6.32
CA ALA B 100 -12.18 4.27 5.18
C ALA B 100 -13.09 5.25 4.41
N PRO B 101 -12.62 6.52 4.13
CA PRO B 101 -13.36 7.48 3.29
C PRO B 101 -13.10 7.21 1.78
N THR B 102 -14.15 6.88 1.03
CA THR B 102 -14.06 6.64 -0.41
C THR B 102 -14.00 7.98 -1.16
N TYR B 103 -12.78 8.46 -1.44
CA TYR B 103 -12.54 9.69 -2.21
C TYR B 103 -12.82 9.41 -3.70
N VAL B 104 -14.09 9.61 -4.11
CA VAL B 104 -14.53 9.41 -5.50
C VAL B 104 -14.24 10.70 -6.31
N PRO B 105 -13.17 10.71 -7.17
CA PRO B 105 -12.72 11.93 -7.87
C PRO B 105 -13.50 12.19 -9.17
N GLY B 106 -13.66 13.49 -9.50
CA GLY B 106 -14.25 13.90 -10.78
C GLY B 106 -13.21 13.91 -11.90
N GLU B 107 -13.46 14.73 -12.93
CA GLU B 107 -12.53 14.93 -14.04
C GLU B 107 -11.53 16.04 -13.67
N TYR B 108 -10.22 15.76 -13.82
CA TYR B 108 -9.15 16.75 -13.52
C TYR B 108 -9.28 17.97 -14.44
N LYS B 109 -9.08 19.16 -13.84
CA LYS B 109 -9.21 20.45 -14.51
C LYS B 109 -7.89 21.23 -14.41
N LEU B 110 -7.31 21.58 -15.57
CA LEU B 110 -6.07 22.35 -15.67
C LEU B 110 -6.42 23.85 -15.62
N GLY B 111 -6.09 24.49 -14.47
CA GLY B 111 -6.37 25.92 -14.27
C GLY B 111 -7.71 26.18 -13.59
N GLU B 112 -8.70 25.30 -13.85
CA GLU B 112 -10.01 25.31 -13.16
C GLU B 112 -9.91 24.44 -11.89
N ASP B 113 -10.76 24.75 -10.91
CA ASP B 113 -10.89 23.98 -9.66
C ASP B 113 -11.44 22.56 -9.91
N PHE B 114 -11.14 21.64 -8.98
CA PHE B 114 -11.45 20.20 -9.10
C PHE B 114 -12.31 19.75 -7.90
N THR B 115 -13.31 18.90 -8.16
CA THR B 115 -14.20 18.36 -7.12
C THR B 115 -13.97 16.84 -6.93
N TYR B 116 -13.98 16.37 -5.67
CA TYR B 116 -14.17 14.95 -5.34
C TYR B 116 -15.21 14.81 -4.22
N SER B 117 -15.96 13.70 -4.26
CA SER B 117 -17.00 13.36 -3.29
C SER B 117 -16.45 12.30 -2.32
N VAL B 118 -16.26 12.69 -1.05
CA VAL B 118 -15.72 11.79 -0.02
C VAL B 118 -16.87 11.03 0.66
N GLU B 119 -17.19 9.84 0.12
CA GLU B 119 -18.33 9.01 0.58
C GLU B 119 -17.85 8.00 1.64
N PHE B 120 -18.39 8.14 2.86
CA PHE B 120 -18.12 7.22 3.98
C PHE B 120 -19.36 7.15 4.88
N GLU B 121 -19.29 6.33 5.93
CA GLU B 121 -20.27 6.33 7.03
C GLU B 121 -19.52 6.62 8.35
N VAL B 122 -20.26 7.06 9.38
CA VAL B 122 -19.72 7.20 10.75
C VAL B 122 -19.99 5.91 11.56
N TYR B 123 -19.54 5.90 12.83
CA TYR B 123 -19.60 4.71 13.70
C TYR B 123 -21.07 4.30 13.99
N PRO B 124 -21.45 2.99 13.81
CA PRO B 124 -22.80 2.46 14.14
C PRO B 124 -22.92 2.10 15.65
N GLU B 125 -23.85 1.19 15.97
CA GLU B 125 -23.97 0.58 17.29
C GLU B 125 -23.95 -0.95 17.14
N VAL B 126 -23.59 -1.63 18.24
CA VAL B 126 -23.48 -3.09 18.30
C VAL B 126 -23.57 -3.53 19.78
N GLU B 127 -24.58 -4.35 20.10
CA GLU B 127 -24.72 -4.99 21.42
C GLU B 127 -24.89 -6.49 21.22
N LEU B 128 -24.13 -7.28 21.97
CA LEU B 128 -24.21 -8.75 21.92
C LEU B 128 -25.50 -9.25 22.59
N GLN B 129 -26.46 -9.66 21.76
CA GLN B 129 -27.79 -10.12 22.20
C GLN B 129 -27.72 -11.61 22.55
N GLY B 130 -28.35 -12.00 23.67
CA GLY B 130 -28.43 -13.42 24.09
C GLY B 130 -27.07 -14.11 24.15
N LEU B 131 -26.07 -13.40 24.71
CA LEU B 131 -24.64 -13.81 24.78
C LEU B 131 -24.48 -15.23 25.32
N GLU B 132 -25.26 -15.52 26.39
CA GLU B 132 -25.24 -16.82 27.07
C GLU B 132 -26.19 -17.83 26.41
N ALA B 133 -27.16 -17.32 25.61
CA ALA B 133 -28.17 -18.15 24.92
C ALA B 133 -27.60 -18.74 23.61
N ILE B 134 -26.52 -18.11 23.09
CA ILE B 134 -25.76 -18.60 21.92
C ILE B 134 -25.27 -20.05 22.14
N GLU B 135 -25.84 -21.00 21.35
CA GLU B 135 -25.48 -22.43 21.40
C GLU B 135 -24.32 -22.72 20.44
N VAL B 136 -23.26 -23.35 20.95
CA VAL B 136 -22.02 -23.63 20.19
C VAL B 136 -21.68 -25.14 20.25
N GLU B 137 -21.16 -25.70 19.14
CA GLU B 137 -20.87 -27.14 19.01
C GLU B 137 -19.38 -27.42 19.33
N LYS B 138 -19.14 -28.16 20.43
CA LYS B 138 -17.84 -28.78 20.70
C LYS B 138 -17.94 -30.31 20.47
N PRO B 139 -17.42 -30.82 19.30
CA PRO B 139 -17.37 -32.26 19.03
C PRO B 139 -16.27 -32.96 19.87
N ILE B 140 -16.69 -33.69 20.91
CA ILE B 140 -15.81 -34.52 21.74
C ILE B 140 -15.38 -35.76 20.91
N VAL B 141 -14.23 -35.60 20.23
CA VAL B 141 -13.65 -36.57 19.29
C VAL B 141 -12.27 -37.04 19.80
N GLU B 142 -11.82 -38.20 19.28
CA GLU B 142 -10.47 -38.78 19.57
C GLU B 142 -9.98 -39.53 18.32
N VAL B 143 -8.70 -39.35 17.94
CA VAL B 143 -8.08 -40.15 16.85
C VAL B 143 -7.67 -41.52 17.41
N THR B 144 -8.60 -42.50 17.36
CA THR B 144 -8.33 -43.90 17.75
C THR B 144 -8.13 -44.73 16.48
N ASP B 145 -7.59 -45.96 16.61
CA ASP B 145 -7.33 -46.85 15.45
C ASP B 145 -8.60 -47.29 14.71
N ALA B 146 -9.77 -47.13 15.35
CA ALA B 146 -11.06 -47.33 14.70
C ALA B 146 -11.29 -46.24 13.64
N ASP B 147 -11.08 -44.98 14.09
CA ASP B 147 -11.16 -43.78 13.23
C ASP B 147 -10.10 -43.83 12.12
N VAL B 148 -8.86 -44.25 12.49
CA VAL B 148 -7.72 -44.33 11.55
C VAL B 148 -8.01 -45.35 10.45
N ASP B 149 -8.30 -46.61 10.85
CA ASP B 149 -8.54 -47.73 9.91
C ASP B 149 -9.73 -47.44 9.00
N GLY B 150 -10.84 -46.95 9.59
CA GLY B 150 -12.08 -46.66 8.85
C GLY B 150 -11.93 -45.54 7.82
N MET B 151 -11.39 -44.39 8.29
CA MET B 151 -11.15 -43.20 7.44
C MET B 151 -10.17 -43.53 6.31
N LEU B 152 -9.12 -44.31 6.67
CA LEU B 152 -8.03 -44.68 5.74
C LEU B 152 -8.51 -45.70 4.70
N ASP B 153 -9.44 -46.59 5.10
CA ASP B 153 -10.06 -47.57 4.19
C ASP B 153 -10.92 -46.84 3.14
N THR B 154 -11.77 -45.92 3.64
CA THR B 154 -12.59 -45.03 2.79
C THR B 154 -11.69 -44.15 1.88
N LEU B 155 -10.53 -43.73 2.43
CA LEU B 155 -9.53 -42.91 1.71
C LEU B 155 -8.93 -43.71 0.55
N ARG B 156 -8.45 -44.94 0.84
CA ARG B 156 -7.71 -45.76 -0.14
C ARG B 156 -8.65 -46.33 -1.23
N LYS B 157 -9.95 -46.38 -0.92
CA LYS B 157 -10.99 -46.73 -1.90
C LYS B 157 -11.39 -45.52 -2.77
N GLN B 158 -11.54 -44.34 -2.14
CA GLN B 158 -11.92 -43.08 -2.85
C GLN B 158 -10.74 -42.50 -3.66
N GLN B 159 -9.52 -42.89 -3.29
CA GLN B 159 -8.27 -42.48 -3.97
C GLN B 159 -7.58 -43.71 -4.57
N ALA B 160 -8.38 -44.76 -4.88
CA ALA B 160 -7.89 -46.02 -5.46
C ALA B 160 -7.24 -45.83 -6.85
N THR B 161 -6.58 -46.88 -7.32
CA THR B 161 -5.72 -46.84 -8.52
C THR B 161 -6.55 -46.78 -9.83
N TRP B 162 -5.83 -46.75 -10.97
CA TRP B 162 -6.42 -46.57 -12.30
C TRP B 162 -5.86 -47.62 -13.27
N LYS B 163 -6.64 -47.95 -14.30
CA LYS B 163 -6.21 -48.80 -15.42
C LYS B 163 -6.59 -48.09 -16.73
N GLU B 164 -5.91 -48.45 -17.82
CA GLU B 164 -6.26 -47.97 -19.16
C GLU B 164 -7.55 -48.67 -19.62
N LYS B 165 -8.63 -47.89 -19.85
CA LYS B 165 -9.97 -48.46 -20.11
C LYS B 165 -10.19 -48.71 -21.61
N ASP B 166 -10.98 -49.75 -21.91
CA ASP B 166 -11.52 -50.01 -23.26
C ASP B 166 -13.04 -49.80 -23.23
N GLY B 167 -13.54 -48.71 -23.86
CA GLY B 167 -14.98 -48.46 -23.99
C GLY B 167 -15.37 -46.99 -23.84
N ALA B 168 -16.61 -46.76 -23.37
CA ALA B 168 -17.16 -45.41 -23.15
C ALA B 168 -16.71 -44.84 -21.80
N VAL B 169 -16.97 -43.55 -21.58
CA VAL B 169 -16.79 -42.92 -20.27
C VAL B 169 -18.07 -43.21 -19.43
N GLU B 170 -17.88 -43.77 -18.24
CA GLU B 170 -18.97 -44.05 -17.28
C GLU B 170 -18.77 -43.10 -16.08
N ALA B 171 -19.81 -42.94 -15.25
CA ALA B 171 -19.77 -42.12 -14.02
C ALA B 171 -18.69 -42.61 -13.01
N GLU B 172 -18.28 -43.90 -13.14
CA GLU B 172 -17.24 -44.51 -12.30
C GLU B 172 -15.89 -44.62 -13.04
N ASP B 173 -15.62 -43.64 -13.93
CA ASP B 173 -14.33 -43.58 -14.67
C ASP B 173 -13.63 -42.23 -14.49
N ARG B 174 -12.43 -42.18 -15.08
CA ARG B 174 -11.63 -40.98 -15.21
C ARG B 174 -11.44 -40.70 -16.70
N VAL B 175 -11.29 -39.43 -17.06
CA VAL B 175 -11.10 -39.05 -18.46
C VAL B 175 -10.30 -37.73 -18.56
N THR B 176 -9.15 -37.82 -19.24
CA THR B 176 -8.36 -36.66 -19.63
C THR B 176 -8.88 -36.16 -21.01
N ILE B 177 -9.19 -34.86 -21.06
CA ILE B 177 -9.76 -34.16 -22.22
C ILE B 177 -9.23 -32.73 -22.26
N ASP B 178 -9.57 -31.99 -23.31
CA ASP B 178 -9.49 -30.52 -23.30
C ASP B 178 -10.84 -29.98 -23.77
N PHE B 179 -11.36 -28.96 -23.07
CA PHE B 179 -12.66 -28.35 -23.39
C PHE B 179 -12.52 -26.82 -23.50
N THR B 180 -12.99 -26.31 -24.65
CA THR B 180 -13.08 -24.87 -24.95
C THR B 180 -13.83 -24.69 -26.27
N GLY B 181 -14.33 -23.47 -26.51
CA GLY B 181 -15.04 -23.14 -27.73
C GLY B 181 -15.48 -21.70 -27.70
N SER B 182 -16.73 -21.46 -27.25
CA SER B 182 -17.29 -20.12 -27.12
C SER B 182 -18.56 -20.15 -26.23
N VAL B 183 -18.57 -19.32 -25.18
CA VAL B 183 -19.75 -19.13 -24.31
C VAL B 183 -20.64 -18.05 -24.93
N ASP B 184 -21.89 -18.43 -25.27
CA ASP B 184 -22.92 -17.53 -25.85
C ASP B 184 -22.54 -17.09 -27.29
N GLY B 185 -21.49 -17.72 -27.85
CA GLY B 185 -20.96 -17.38 -29.17
C GLY B 185 -19.71 -16.50 -29.11
N GLU B 186 -19.27 -16.13 -27.89
CA GLU B 186 -18.05 -15.32 -27.66
C GLU B 186 -17.06 -16.04 -26.72
N GLU B 187 -15.85 -15.47 -26.59
CA GLU B 187 -14.78 -16.01 -25.76
C GLU B 187 -15.05 -15.84 -24.25
N PHE B 188 -14.24 -16.54 -23.44
CA PHE B 188 -14.43 -16.68 -21.99
C PHE B 188 -13.08 -16.92 -21.29
N GLU B 189 -12.78 -16.11 -20.26
CA GLU B 189 -11.49 -16.15 -19.53
C GLU B 189 -11.60 -17.00 -18.25
N GLY B 190 -10.68 -17.97 -18.09
CA GLY B 190 -10.57 -18.77 -16.85
C GLY B 190 -11.51 -19.97 -16.76
N GLY B 191 -12.64 -19.92 -17.50
CA GLY B 191 -13.68 -20.97 -17.45
C GLY B 191 -13.44 -22.12 -18.42
N LYS B 192 -12.14 -22.47 -18.63
CA LYS B 192 -11.71 -23.56 -19.51
C LYS B 192 -10.49 -24.26 -18.90
N ALA B 193 -10.20 -25.47 -19.39
CA ALA B 193 -9.05 -26.26 -18.93
C ALA B 193 -8.64 -27.25 -20.04
N SER B 194 -7.45 -27.03 -20.60
CA SER B 194 -6.82 -27.95 -21.56
C SER B 194 -6.09 -29.06 -20.78
N ASP B 195 -6.20 -30.31 -21.28
CA ASP B 195 -5.59 -31.52 -20.67
C ASP B 195 -6.17 -31.78 -19.25
N PHE B 196 -7.43 -31.32 -19.06
CA PHE B 196 -8.23 -31.49 -17.83
C PHE B 196 -8.49 -32.98 -17.55
N VAL B 197 -8.21 -33.42 -16.32
CA VAL B 197 -8.32 -34.82 -15.92
C VAL B 197 -9.48 -34.97 -14.91
N LEU B 198 -10.68 -35.31 -15.43
CA LEU B 198 -11.89 -35.55 -14.63
C LEU B 198 -11.77 -36.92 -13.93
N ALA B 199 -11.49 -36.92 -12.62
CA ALA B 199 -11.49 -38.13 -11.79
C ALA B 199 -12.78 -38.20 -10.97
N MET B 200 -13.49 -39.35 -11.05
CA MET B 200 -14.71 -39.61 -10.24
C MET B 200 -14.36 -39.78 -8.75
N GLY B 201 -15.40 -40.03 -7.93
CA GLY B 201 -15.26 -40.12 -6.48
C GLY B 201 -15.43 -38.76 -5.81
N GLN B 202 -15.86 -37.78 -6.63
CA GLN B 202 -16.05 -36.38 -6.26
C GLN B 202 -17.48 -35.97 -6.62
N GLY B 203 -17.89 -34.76 -6.19
CA GLY B 203 -19.18 -34.19 -6.58
C GLY B 203 -19.27 -33.94 -8.09
N ARG B 204 -20.52 -33.86 -8.60
CA ARG B 204 -20.83 -33.86 -10.05
C ARG B 204 -20.44 -32.55 -10.76
N MET B 205 -20.88 -32.39 -12.02
CA MET B 205 -20.65 -31.16 -12.82
C MET B 205 -21.99 -30.59 -13.31
N ILE B 206 -21.94 -29.65 -14.28
CA ILE B 206 -23.13 -28.98 -14.84
C ILE B 206 -23.88 -29.89 -15.84
N PRO B 207 -25.25 -29.78 -15.91
CA PRO B 207 -26.08 -30.52 -16.91
C PRO B 207 -25.69 -30.20 -18.36
N GLY B 208 -25.81 -31.22 -19.23
CA GLY B 208 -25.35 -31.14 -20.60
C GLY B 208 -23.89 -31.52 -20.74
N PHE B 209 -23.01 -30.83 -19.96
CA PHE B 209 -21.55 -31.00 -20.03
C PHE B 209 -21.17 -32.44 -19.67
N GLU B 210 -21.48 -32.82 -18.41
CA GLU B 210 -21.18 -34.15 -17.87
C GLU B 210 -21.85 -35.25 -18.72
N ASP B 211 -23.06 -34.94 -19.21
CA ASP B 211 -23.88 -35.84 -20.05
C ASP B 211 -23.25 -36.04 -21.44
N GLY B 212 -22.39 -35.07 -21.84
CA GLY B 212 -21.59 -35.20 -23.06
C GLY B 212 -20.37 -36.08 -22.81
N ILE B 213 -19.64 -35.73 -21.72
CA ILE B 213 -18.37 -36.38 -21.33
C ILE B 213 -18.57 -37.90 -21.18
N LYS B 214 -19.51 -38.30 -20.30
CA LYS B 214 -19.81 -39.71 -20.01
C LYS B 214 -20.93 -40.25 -20.94
N GLY B 215 -21.22 -39.50 -22.03
CA GLY B 215 -22.21 -39.93 -23.02
C GLY B 215 -21.56 -40.37 -24.32
N HIS B 216 -20.22 -40.54 -24.30
CA HIS B 216 -19.42 -40.80 -25.50
C HIS B 216 -18.24 -41.75 -25.20
N LYS B 217 -17.66 -42.32 -26.27
CA LYS B 217 -16.63 -43.37 -26.18
C LYS B 217 -15.24 -42.81 -26.48
N ALA B 218 -14.22 -43.38 -25.82
CA ALA B 218 -12.81 -42.95 -25.95
C ALA B 218 -12.35 -42.97 -27.43
N GLY B 219 -11.55 -41.94 -27.80
CA GLY B 219 -10.96 -41.85 -29.14
C GLY B 219 -11.56 -40.74 -29.99
N GLU B 220 -12.86 -40.47 -29.82
CA GLU B 220 -13.60 -39.51 -30.66
C GLU B 220 -13.43 -38.06 -30.18
N GLU B 221 -13.67 -37.12 -31.11
CA GLU B 221 -13.69 -35.68 -30.86
C GLU B 221 -15.07 -35.14 -31.28
N PHE B 222 -15.63 -34.23 -30.48
CA PHE B 222 -16.97 -33.65 -30.73
C PHE B 222 -17.07 -32.27 -30.06
N THR B 223 -18.25 -31.66 -30.13
CA THR B 223 -18.58 -30.44 -29.37
C THR B 223 -19.92 -30.65 -28.64
N ILE B 224 -20.12 -29.91 -27.54
CA ILE B 224 -21.36 -29.96 -26.73
C ILE B 224 -21.84 -28.53 -26.41
N ASP B 225 -23.02 -28.17 -26.92
CA ASP B 225 -23.67 -26.88 -26.61
C ASP B 225 -24.47 -27.06 -25.31
N VAL B 226 -23.84 -26.68 -24.18
CA VAL B 226 -24.42 -26.82 -22.84
C VAL B 226 -24.60 -25.44 -22.21
N THR B 227 -25.75 -25.24 -21.56
CA THR B 227 -26.07 -24.00 -20.87
C THR B 227 -25.59 -24.08 -19.41
N PHE B 228 -24.85 -23.05 -18.96
CA PHE B 228 -24.48 -22.93 -17.54
C PHE B 228 -25.74 -22.71 -16.69
N PRO B 229 -25.84 -23.39 -15.49
CA PRO B 229 -26.91 -23.12 -14.50
C PRO B 229 -27.06 -21.62 -14.18
N GLU B 230 -28.30 -21.18 -14.02
CA GLU B 230 -28.62 -19.78 -13.66
C GLU B 230 -28.16 -19.46 -12.21
N GLU B 231 -27.82 -20.53 -11.45
CA GLU B 231 -27.27 -20.44 -10.07
C GLU B 231 -25.72 -20.49 -10.06
N TYR B 232 -25.08 -20.57 -11.25
CA TYR B 232 -23.60 -20.59 -11.38
C TYR B 232 -22.99 -19.27 -10.83
N HIS B 233 -21.76 -19.37 -10.29
CA HIS B 233 -21.14 -18.30 -9.46
C HIS B 233 -20.67 -17.04 -10.24
N ALA B 234 -20.92 -16.97 -11.56
CA ALA B 234 -20.49 -15.82 -12.40
C ALA B 234 -21.59 -15.48 -13.43
N GLU B 235 -22.06 -14.21 -13.38
CA GLU B 235 -23.05 -13.62 -14.30
C GLU B 235 -22.67 -13.81 -15.78
N ASN B 236 -21.36 -13.67 -16.07
CA ASN B 236 -20.78 -13.78 -17.42
C ASN B 236 -21.16 -15.10 -18.12
N LEU B 237 -21.14 -16.19 -17.34
CA LEU B 237 -21.33 -17.56 -17.87
C LEU B 237 -22.76 -18.08 -17.63
N LYS B 238 -23.35 -17.77 -16.44
CA LYS B 238 -24.62 -18.39 -15.98
C LYS B 238 -25.81 -17.99 -16.88
N GLY B 239 -26.54 -19.00 -17.39
CA GLY B 239 -27.68 -18.78 -18.28
C GLY B 239 -27.32 -18.84 -19.77
N LYS B 240 -26.01 -18.65 -20.08
CA LYS B 240 -25.51 -18.60 -21.46
C LYS B 240 -25.15 -20.02 -21.95
N ALA B 241 -25.52 -20.34 -23.20
CA ALA B 241 -25.24 -21.64 -23.85
C ALA B 241 -23.83 -21.63 -24.48
N ALA B 242 -22.91 -22.36 -23.84
CA ALA B 242 -21.51 -22.50 -24.26
C ALA B 242 -21.29 -23.78 -25.07
N LYS B 243 -20.57 -23.65 -26.19
CA LYS B 243 -20.12 -24.80 -27.00
C LYS B 243 -18.71 -25.21 -26.57
N PHE B 244 -18.56 -26.49 -26.18
CA PHE B 244 -17.31 -27.06 -25.66
C PHE B 244 -16.86 -28.21 -26.56
N ALA B 245 -15.79 -27.99 -27.33
CA ALA B 245 -15.17 -29.02 -28.14
C ALA B 245 -14.45 -30.03 -27.25
N ILE B 246 -15.08 -31.19 -27.03
CA ILE B 246 -14.55 -32.27 -26.18
C ILE B 246 -13.75 -33.26 -27.04
N ASN B 247 -12.42 -33.22 -26.91
CA ASN B 247 -11.53 -34.24 -27.47
C ASN B 247 -11.23 -35.27 -26.36
N LEU B 248 -11.84 -36.47 -26.46
CA LEU B 248 -11.60 -37.57 -25.52
C LEU B 248 -10.18 -38.12 -25.75
N LYS B 249 -9.22 -37.57 -24.97
CA LYS B 249 -7.79 -37.90 -25.08
C LYS B 249 -7.52 -39.30 -24.50
N LYS B 250 -7.78 -39.45 -23.19
CA LYS B 250 -7.55 -40.72 -22.45
C LYS B 250 -8.75 -41.00 -21.54
N VAL B 251 -9.16 -42.27 -21.44
CA VAL B 251 -10.19 -42.73 -20.48
C VAL B 251 -9.60 -43.88 -19.67
N GLU B 252 -9.55 -43.71 -18.34
CA GLU B 252 -8.96 -44.67 -17.40
C GLU B 252 -10.00 -45.11 -16.37
N GLU B 253 -10.17 -46.43 -16.22
CA GLU B 253 -11.19 -47.02 -15.36
C GLU B 253 -10.68 -47.12 -13.90
N ARG B 254 -11.59 -46.82 -12.95
CA ARG B 254 -11.37 -46.98 -11.50
C ARG B 254 -11.10 -48.45 -11.15
N GLU B 255 -9.93 -48.70 -10.58
CA GLU B 255 -9.54 -50.01 -10.06
C GLU B 255 -9.45 -49.86 -8.54
N LEU B 256 -10.09 -50.77 -7.79
CA LEU B 256 -10.09 -50.76 -6.31
C LEU B 256 -9.18 -51.91 -5.79
N PRO B 257 -7.85 -51.66 -5.54
CA PRO B 257 -6.94 -52.68 -4.96
C PRO B 257 -6.78 -52.53 -3.44
N GLU B 258 -5.94 -53.39 -2.86
CA GLU B 258 -5.54 -53.30 -1.44
C GLU B 258 -4.33 -52.37 -1.30
N LEU B 259 -4.03 -52.01 -0.05
CA LEU B 259 -3.03 -50.99 0.27
C LEU B 259 -1.59 -51.57 0.08
N THR B 260 -0.98 -51.23 -1.08
CA THR B 260 0.35 -51.71 -1.50
C THR B 260 1.37 -50.54 -1.50
N ALA B 261 2.68 -50.85 -1.65
CA ALA B 261 3.78 -49.84 -1.62
C ALA B 261 3.62 -48.79 -2.74
N GLU B 262 3.11 -49.25 -3.90
CA GLU B 262 2.85 -48.39 -5.07
C GLU B 262 1.67 -47.43 -4.82
N PHE B 263 0.96 -47.62 -3.71
CA PHE B 263 -0.08 -46.70 -3.23
C PHE B 263 0.52 -45.80 -2.12
N ILE B 264 1.29 -46.43 -1.19
CA ILE B 264 1.95 -45.75 -0.03
C ILE B 264 2.77 -44.53 -0.49
N LYS B 265 3.50 -44.72 -1.60
CA LYS B 265 4.41 -43.72 -2.18
C LYS B 265 3.69 -42.41 -2.61
N ARG B 266 2.38 -42.50 -2.93
CA ARG B 266 1.59 -41.36 -3.48
C ARG B 266 1.35 -40.27 -2.41
N PHE B 267 1.42 -40.66 -1.14
CA PHE B 267 1.30 -39.74 0.01
C PHE B 267 2.63 -39.01 0.29
N GLY B 268 3.71 -39.44 -0.41
CA GLY B 268 5.06 -38.97 -0.12
C GLY B 268 5.73 -39.81 0.96
N VAL B 269 5.00 -40.83 1.45
CA VAL B 269 5.50 -41.76 2.46
C VAL B 269 6.38 -42.82 1.77
N GLU B 270 7.68 -42.47 1.64
CA GLU B 270 8.71 -43.33 1.01
C GLU B 270 9.09 -44.53 1.93
N ASP B 271 8.56 -44.51 3.18
CA ASP B 271 8.72 -45.61 4.16
C ASP B 271 8.34 -46.98 3.55
N GLY B 272 7.34 -46.96 2.63
CA GLY B 272 6.99 -48.13 1.83
C GLY B 272 6.05 -49.11 2.53
N SER B 273 6.30 -49.33 3.84
CA SER B 273 5.47 -50.21 4.67
C SER B 273 4.17 -49.49 5.05
N VAL B 274 3.05 -50.23 4.94
CA VAL B 274 1.69 -49.78 5.34
C VAL B 274 1.69 -49.25 6.79
N GLU B 275 2.48 -49.91 7.64
CA GLU B 275 2.64 -49.57 9.06
C GLU B 275 3.09 -48.10 9.24
N GLY B 276 3.98 -47.64 8.31
CA GLY B 276 4.49 -46.27 8.33
C GLY B 276 3.46 -45.29 7.80
N LEU B 277 2.60 -45.79 6.87
CA LEU B 277 1.56 -44.98 6.22
C LEU B 277 0.52 -44.60 7.27
N ARG B 278 0.03 -45.65 7.96
CA ARG B 278 -0.98 -45.56 9.01
C ARG B 278 -0.51 -44.66 10.17
N ALA B 279 0.79 -44.74 10.49
CA ALA B 279 1.42 -43.96 11.56
C ALA B 279 1.47 -42.45 11.20
N GLU B 280 1.91 -42.16 9.96
CA GLU B 280 1.93 -40.77 9.43
C GLU B 280 0.50 -40.24 9.18
N VAL B 281 -0.46 -41.17 9.00
CA VAL B 281 -1.89 -40.84 8.92
C VAL B 281 -2.40 -40.43 10.30
N ARG B 282 -2.00 -41.17 11.37
CA ARG B 282 -2.33 -40.79 12.78
C ARG B 282 -1.80 -39.36 13.07
N LYS B 283 -0.55 -39.11 12.60
CA LYS B 283 0.12 -37.79 12.71
C LYS B 283 -0.72 -36.69 12.04
N ASN B 284 -1.08 -36.91 10.75
CA ASN B 284 -1.87 -35.97 9.94
C ASN B 284 -3.26 -35.75 10.57
N MET B 285 -3.85 -36.83 11.09
CA MET B 285 -5.20 -36.83 11.68
C MET B 285 -5.23 -36.10 13.01
N GLU B 286 -4.09 -36.05 13.73
CA GLU B 286 -3.95 -35.26 14.97
C GLU B 286 -3.97 -33.74 14.63
N ARG B 287 -3.26 -33.37 13.55
CA ARG B 287 -3.25 -31.99 13.00
C ARG B 287 -4.64 -31.61 12.48
N GLU B 288 -5.33 -32.60 11.86
CA GLU B 288 -6.71 -32.46 11.39
C GLU B 288 -7.67 -32.36 12.59
N LEU B 289 -7.34 -33.06 13.69
CA LEU B 289 -8.15 -33.08 14.93
C LEU B 289 -8.23 -31.65 15.47
N LYS B 290 -7.04 -31.04 15.72
CA LYS B 290 -6.92 -29.65 16.19
C LYS B 290 -7.64 -28.66 15.24
N SER B 291 -7.28 -28.71 13.95
CA SER B 291 -7.76 -27.78 12.91
C SER B 291 -9.30 -27.80 12.80
N ALA B 292 -9.86 -29.02 12.81
CA ALA B 292 -11.30 -29.24 12.67
C ALA B 292 -12.05 -28.90 13.96
N ILE B 293 -11.41 -29.09 15.14
CA ILE B 293 -12.00 -28.67 16.43
C ILE B 293 -12.21 -27.16 16.43
N ARG B 294 -11.14 -26.40 16.11
CA ARG B 294 -11.19 -24.92 16.09
C ARG B 294 -12.16 -24.44 15.00
N ASN B 295 -12.19 -25.17 13.86
CA ASN B 295 -13.13 -24.89 12.75
C ASN B 295 -14.58 -25.02 13.24
N ARG B 296 -14.94 -26.18 13.82
CA ARG B 296 -16.33 -26.46 14.25
C ARG B 296 -16.79 -25.48 15.34
N VAL B 297 -16.01 -25.39 16.44
CA VAL B 297 -16.40 -24.59 17.62
C VAL B 297 -16.46 -23.09 17.28
N LYS B 298 -15.42 -22.56 16.57
CA LYS B 298 -15.34 -21.12 16.29
C LYS B 298 -16.33 -20.73 15.18
N SER B 299 -16.46 -21.54 14.10
CA SER B 299 -17.43 -21.23 13.02
C SER B 299 -18.87 -21.23 13.57
N GLN B 300 -19.20 -22.24 14.41
CA GLN B 300 -20.54 -22.37 15.01
C GLN B 300 -20.82 -21.18 15.95
N ALA B 301 -19.80 -20.82 16.77
CA ALA B 301 -19.83 -19.66 17.66
C ALA B 301 -20.14 -18.39 16.86
N ILE B 302 -19.28 -18.10 15.87
CA ILE B 302 -19.34 -16.90 15.03
C ILE B 302 -20.72 -16.76 14.32
N GLU B 303 -21.23 -17.89 13.79
CA GLU B 303 -22.56 -17.94 13.18
C GLU B 303 -23.64 -17.58 14.20
N GLY B 304 -23.49 -18.08 15.45
CA GLY B 304 -24.43 -17.78 16.54
C GLY B 304 -24.29 -16.36 17.08
N LEU B 305 -23.05 -15.81 16.99
CA LEU B 305 -22.70 -14.45 17.45
C LEU B 305 -23.42 -13.41 16.57
N VAL B 306 -23.39 -13.65 15.24
CA VAL B 306 -24.08 -12.79 14.27
C VAL B 306 -25.60 -13.06 14.31
N LYS B 307 -25.99 -14.36 14.36
CA LYS B 307 -27.41 -14.80 14.39
C LYS B 307 -28.15 -14.19 15.59
N ALA B 308 -27.40 -14.00 16.69
CA ALA B 308 -27.91 -13.36 17.91
C ALA B 308 -28.43 -11.94 17.63
N ASN B 309 -27.67 -11.18 16.80
CA ASN B 309 -27.96 -9.77 16.53
C ASN B 309 -27.33 -9.38 15.17
N ASP B 310 -28.07 -9.67 14.10
CA ASP B 310 -27.70 -9.33 12.71
C ASP B 310 -27.82 -7.81 12.51
N ILE B 311 -26.73 -7.09 12.85
CA ILE B 311 -26.67 -5.62 12.72
C ILE B 311 -26.34 -5.23 11.26
N ASP B 312 -26.66 -3.98 10.90
CA ASP B 312 -26.26 -3.40 9.60
C ASP B 312 -25.07 -2.47 9.85
N VAL B 313 -24.16 -2.41 8.88
CA VAL B 313 -22.80 -1.88 9.06
C VAL B 313 -22.39 -0.93 7.90
N PRO B 314 -21.50 0.09 8.18
CA PRO B 314 -20.99 1.06 7.18
C PRO B 314 -20.55 0.44 5.84
N ALA B 315 -21.18 0.90 4.74
CA ALA B 315 -21.03 0.36 3.38
C ALA B 315 -19.58 0.45 2.87
N ALA B 316 -18.85 1.49 3.29
CA ALA B 316 -17.45 1.74 2.88
C ALA B 316 -16.54 0.54 3.23
N LEU B 317 -16.78 -0.05 4.41
CA LEU B 317 -16.06 -1.23 4.91
C LEU B 317 -16.32 -2.44 4.00
N ILE B 318 -17.60 -2.62 3.61
CA ILE B 318 -18.04 -3.69 2.73
C ILE B 318 -17.36 -3.53 1.35
N ASP B 319 -17.51 -2.33 0.73
CA ASP B 319 -16.96 -2.03 -0.63
C ASP B 319 -15.44 -2.27 -0.71
N SER B 320 -14.71 -1.84 0.34
CA SER B 320 -13.27 -2.08 0.49
C SER B 320 -12.98 -3.60 0.53
N GLU B 321 -13.76 -4.31 1.36
CA GLU B 321 -13.65 -5.77 1.53
C GLU B 321 -14.02 -6.50 0.23
N ILE B 322 -14.98 -5.92 -0.55
CA ILE B 322 -15.43 -6.52 -1.83
C ILE B 322 -14.30 -6.41 -2.82
N ASP B 323 -13.60 -5.25 -2.82
CA ASP B 323 -12.45 -5.01 -3.69
C ASP B 323 -11.34 -6.04 -3.41
N VAL B 324 -11.06 -6.28 -2.11
CA VAL B 324 -10.09 -7.33 -1.67
C VAL B 324 -10.52 -8.72 -2.20
N LEU B 325 -11.80 -9.09 -1.95
CA LEU B 325 -12.35 -10.42 -2.28
C LEU B 325 -12.48 -10.64 -3.80
N ARG B 326 -12.80 -9.57 -4.56
CA ARG B 326 -13.07 -9.67 -6.01
C ARG B 326 -11.77 -9.64 -6.81
N ARG B 327 -10.73 -8.96 -6.24
CA ARG B 327 -9.36 -9.04 -6.77
C ARG B 327 -8.83 -10.48 -6.52
N GLN B 328 -9.02 -10.95 -5.27
CA GLN B 328 -8.59 -12.28 -4.82
C GLN B 328 -9.32 -13.42 -5.59
N ALA B 329 -10.49 -13.10 -6.17
CA ALA B 329 -11.32 -14.05 -6.95
C ALA B 329 -10.98 -14.00 -8.45
N ALA B 330 -11.13 -12.80 -9.03
CA ALA B 330 -10.98 -12.58 -10.49
C ALA B 330 -9.55 -12.81 -10.97
N GLN B 331 -8.56 -12.55 -10.09
CA GLN B 331 -7.14 -12.78 -10.41
C GLN B 331 -6.78 -14.30 -10.29
N ARG B 332 -7.79 -15.14 -9.99
CA ARG B 332 -7.70 -16.61 -10.15
C ARG B 332 -8.44 -16.95 -11.46
N PHE B 333 -9.74 -16.61 -11.48
CA PHE B 333 -10.67 -16.91 -12.59
C PHE B 333 -10.44 -15.91 -13.75
N GLY B 334 -9.34 -16.13 -14.49
CA GLY B 334 -8.98 -15.33 -15.65
C GLY B 334 -7.66 -14.60 -15.45
N GLY B 335 -7.57 -13.85 -14.35
CA GLY B 335 -6.37 -13.04 -14.04
C GLY B 335 -6.60 -11.54 -14.25
N ASN B 336 -7.78 -11.18 -14.78
CA ASN B 336 -8.13 -9.80 -15.16
C ASN B 336 -9.16 -9.20 -14.19
N GLU B 337 -9.10 -7.86 -14.03
CA GLU B 337 -9.92 -7.11 -13.04
C GLU B 337 -11.40 -7.03 -13.49
N LYS B 338 -11.63 -7.09 -14.82
CA LYS B 338 -12.97 -6.92 -15.41
C LYS B 338 -13.88 -8.13 -15.09
N GLN B 339 -13.24 -9.30 -14.87
CA GLN B 339 -13.94 -10.55 -14.51
C GLN B 339 -14.50 -10.52 -13.07
N ALA B 340 -14.02 -9.56 -12.26
CA ALA B 340 -14.52 -9.34 -10.89
C ALA B 340 -15.98 -8.88 -10.92
N LEU B 341 -16.25 -7.94 -11.84
CA LEU B 341 -17.58 -7.33 -12.03
C LEU B 341 -18.57 -8.35 -12.62
N GLU B 342 -18.03 -9.45 -13.18
CA GLU B 342 -18.82 -10.54 -13.74
C GLU B 342 -19.32 -11.51 -12.64
N LEU B 343 -18.87 -11.33 -11.37
CA LEU B 343 -19.44 -12.06 -10.21
C LEU B 343 -20.39 -11.12 -9.46
N PRO B 344 -21.68 -11.53 -9.18
CA PRO B 344 -22.65 -10.74 -8.37
C PRO B 344 -22.09 -10.38 -6.98
N ARG B 345 -21.94 -9.06 -6.70
CA ARG B 345 -21.29 -8.54 -5.46
C ARG B 345 -21.84 -9.19 -4.17
N GLU B 346 -23.14 -9.59 -4.21
CA GLU B 346 -23.86 -10.25 -3.09
C GLU B 346 -23.05 -11.40 -2.47
N LEU B 347 -22.42 -12.25 -3.34
CA LEU B 347 -21.71 -13.46 -2.88
C LEU B 347 -20.42 -13.10 -2.11
N PHE B 348 -19.88 -11.89 -2.39
CA PHE B 348 -18.72 -11.34 -1.66
C PHE B 348 -19.20 -10.71 -0.35
N GLU B 349 -20.36 -10.00 -0.42
CA GLU B 349 -20.92 -9.20 0.70
C GLU B 349 -21.42 -10.06 1.86
N GLU B 350 -21.69 -11.35 1.61
CA GLU B 350 -22.07 -12.31 2.66
C GLU B 350 -20.89 -12.57 3.61
N GLN B 351 -19.68 -12.73 3.04
CA GLN B 351 -18.44 -12.94 3.80
C GLN B 351 -17.92 -11.59 4.35
N ALA B 352 -18.10 -10.52 3.56
CA ALA B 352 -17.64 -9.17 3.91
C ALA B 352 -18.37 -8.64 5.15
N LYS B 353 -19.72 -8.64 5.06
CA LYS B 353 -20.59 -8.22 6.17
C LYS B 353 -20.29 -9.06 7.42
N ARG B 354 -20.10 -10.38 7.21
CA ARG B 354 -19.64 -11.32 8.27
C ARG B 354 -18.32 -10.81 8.91
N ARG B 355 -17.37 -10.39 8.05
CA ARG B 355 -16.00 -10.03 8.47
C ARG B 355 -16.01 -8.79 9.39
N VAL B 356 -16.77 -7.77 8.99
CA VAL B 356 -16.83 -6.48 9.71
C VAL B 356 -17.80 -6.53 10.92
N VAL B 357 -18.91 -7.31 10.80
CA VAL B 357 -19.88 -7.48 11.91
C VAL B 357 -19.20 -8.21 13.08
N VAL B 358 -18.48 -9.33 12.80
CA VAL B 358 -17.70 -10.07 13.81
C VAL B 358 -16.62 -9.18 14.46
N GLY B 359 -16.03 -8.31 13.62
CA GLY B 359 -15.08 -7.29 14.09
C GLY B 359 -15.71 -6.35 15.13
N LEU B 360 -16.97 -5.95 14.89
CA LEU B 360 -17.73 -5.12 15.84
C LEU B 360 -18.25 -5.92 17.05
N LEU B 361 -18.57 -7.22 16.84
CA LEU B 361 -19.14 -8.09 17.91
C LEU B 361 -18.06 -8.40 18.95
N LEU B 362 -17.02 -9.17 18.53
CA LEU B 362 -15.90 -9.54 19.40
C LEU B 362 -15.15 -8.28 19.88
N GLY B 363 -15.12 -7.23 19.01
CA GLY B 363 -14.54 -5.94 19.32
C GLY B 363 -15.22 -5.27 20.52
N GLU B 364 -16.57 -5.25 20.49
CA GLU B 364 -17.39 -4.67 21.58
C GLU B 364 -17.11 -5.40 22.91
N VAL B 365 -17.00 -6.74 22.84
CA VAL B 365 -16.76 -7.59 24.01
C VAL B 365 -15.40 -7.22 24.68
N ILE B 366 -14.34 -7.23 23.86
CA ILE B 366 -12.95 -7.10 24.35
C ILE B 366 -12.60 -5.66 24.75
N ARG B 367 -13.36 -4.67 24.21
CA ARG B 367 -13.21 -3.26 24.60
C ARG B 367 -13.97 -2.95 25.92
N THR B 368 -15.25 -3.36 26.01
CA THR B 368 -16.13 -2.99 27.15
C THR B 368 -15.81 -3.80 28.41
N ASN B 369 -15.50 -5.10 28.22
CA ASN B 369 -15.08 -5.99 29.31
C ASN B 369 -13.60 -5.73 29.63
N GLU B 370 -12.88 -5.23 28.59
CA GLU B 370 -11.45 -4.92 28.65
C GLU B 370 -10.65 -6.21 28.89
N LEU B 371 -10.41 -6.96 27.80
CA LEU B 371 -9.50 -8.11 27.81
C LEU B 371 -8.48 -7.94 26.68
N LYS B 372 -7.21 -8.19 27.01
CA LYS B 372 -6.05 -7.94 26.14
C LYS B 372 -5.32 -9.28 25.94
N ALA B 373 -4.39 -9.35 24.94
CA ALA B 373 -3.58 -10.55 24.65
C ALA B 373 -2.97 -11.15 25.93
N ASP B 374 -3.66 -12.18 26.45
CA ASP B 374 -3.29 -12.88 27.70
C ASP B 374 -1.95 -13.60 27.49
N GLU B 375 -0.91 -13.16 28.23
CA GLU B 375 0.49 -13.65 28.14
C GLU B 375 0.57 -15.18 28.07
N GLU B 376 -0.20 -15.85 28.95
CA GLU B 376 -0.18 -17.31 29.08
C GLU B 376 -0.83 -17.99 27.86
N ARG B 377 -1.89 -17.35 27.30
CA ARG B 377 -2.66 -17.93 26.18
C ARG B 377 -1.98 -17.65 24.82
N VAL B 378 -1.28 -16.51 24.71
CA VAL B 378 -0.58 -16.13 23.47
C VAL B 378 0.73 -16.94 23.36
N LYS B 379 1.50 -17.01 24.46
CA LYS B 379 2.77 -17.78 24.49
C LYS B 379 2.48 -19.28 24.63
N GLY B 380 1.30 -19.62 25.18
CA GLY B 380 0.79 -20.99 25.17
C GLY B 380 0.44 -21.46 23.77
N LEU B 381 -0.22 -20.58 22.97
CA LEU B 381 -0.59 -20.86 21.56
C LEU B 381 0.70 -20.99 20.71
N ILE B 382 1.69 -20.09 20.96
CA ILE B 382 3.01 -20.14 20.31
C ILE B 382 3.67 -21.51 20.58
N GLU B 383 3.77 -21.87 21.89
CA GLU B 383 4.38 -23.15 22.33
C GLU B 383 3.65 -24.36 21.72
N GLU B 384 2.30 -24.28 21.64
CA GLU B 384 1.46 -25.35 21.10
C GLU B 384 1.82 -25.63 19.63
N MET B 385 1.80 -24.59 18.79
CA MET B 385 2.14 -24.75 17.35
C MET B 385 3.67 -24.93 17.14
N ALA B 386 4.47 -24.52 18.16
CA ALA B 386 5.94 -24.65 18.12
C ALA B 386 6.37 -26.09 18.44
N SER B 387 5.51 -26.82 19.19
CA SER B 387 5.69 -28.27 19.45
C SER B 387 5.51 -29.10 18.15
N ALA B 388 4.93 -28.46 17.11
CA ALA B 388 4.83 -29.04 15.76
C ALA B 388 6.15 -28.84 14.97
N TYR B 389 7.05 -27.97 15.48
CA TYR B 389 8.42 -27.83 14.94
C TYR B 389 9.38 -28.71 15.77
N GLU B 390 10.63 -28.82 15.31
CA GLU B 390 11.68 -29.65 15.96
C GLU B 390 11.98 -29.16 17.39
N ASP B 391 12.21 -27.84 17.51
CA ASP B 391 12.54 -27.20 18.79
C ASP B 391 11.58 -26.01 19.03
N PRO B 392 10.53 -26.18 19.91
CA PRO B 392 9.63 -25.08 20.34
C PRO B 392 10.41 -23.89 20.95
N LYS B 393 11.43 -24.23 21.78
CA LYS B 393 12.28 -23.29 22.55
C LYS B 393 12.65 -22.05 21.73
N GLU B 394 13.34 -22.32 20.61
CA GLU B 394 13.92 -21.31 19.73
C GLU B 394 12.83 -20.47 19.05
N VAL B 395 11.67 -21.09 18.80
CA VAL B 395 10.55 -20.47 18.08
C VAL B 395 9.93 -19.39 18.97
N ILE B 396 9.77 -19.76 20.26
CA ILE B 396 9.27 -18.86 21.33
C ILE B 396 10.25 -17.69 21.54
N GLU B 397 11.58 -18.01 21.62
CA GLU B 397 12.67 -17.01 21.80
C GLU B 397 12.61 -15.93 20.71
N PHE B 398 12.58 -16.38 19.45
CA PHE B 398 12.65 -15.49 18.27
C PHE B 398 11.36 -14.65 18.15
N TYR B 399 10.19 -15.29 18.36
CA TYR B 399 8.88 -14.60 18.24
C TYR B 399 8.72 -13.50 19.29
N SER B 400 9.12 -13.80 20.54
CA SER B 400 9.09 -12.83 21.66
C SER B 400 9.94 -11.57 21.35
N LYS B 401 10.97 -11.76 20.52
CA LYS B 401 11.86 -10.68 20.03
C LYS B 401 11.25 -10.00 18.78
N ASN B 402 10.51 -10.78 17.97
CA ASN B 402 10.00 -10.32 16.66
C ASN B 402 8.61 -9.74 16.85
N LYS B 403 8.53 -8.39 16.91
CA LYS B 403 7.26 -7.67 17.18
C LYS B 403 6.22 -7.94 16.07
N GLU B 404 6.70 -8.08 14.81
CA GLU B 404 5.84 -8.26 13.62
C GLU B 404 5.01 -9.57 13.77
N LEU B 405 5.72 -10.67 14.05
CA LEU B 405 5.11 -12.00 14.22
C LEU B 405 4.37 -12.05 15.58
N MET B 406 4.88 -11.30 16.58
CA MET B 406 4.27 -11.18 17.92
C MET B 406 2.87 -10.54 17.80
N ASP B 407 2.70 -9.61 16.82
CA ASP B 407 1.39 -8.98 16.52
C ASP B 407 0.43 -9.98 15.87
N ASN B 408 0.97 -10.86 15.00
CA ASN B 408 0.19 -11.93 14.33
C ASN B 408 -0.37 -12.93 15.36
N MET B 409 0.50 -13.33 16.31
CA MET B 409 0.14 -14.26 17.39
C MET B 409 -0.75 -13.56 18.42
N ARG B 410 -0.55 -12.24 18.60
CA ARG B 410 -1.40 -11.40 19.45
C ARG B 410 -2.82 -11.34 18.86
N ASN B 411 -2.91 -11.29 17.51
CA ASN B 411 -4.20 -11.31 16.78
C ASN B 411 -4.92 -12.64 16.98
N VAL B 412 -4.25 -13.77 16.61
CA VAL B 412 -4.89 -15.11 16.67
C VAL B 412 -5.33 -15.44 18.11
N ALA B 413 -4.53 -15.01 19.11
CA ALA B 413 -4.77 -15.34 20.52
C ALA B 413 -5.81 -14.41 21.17
N LEU B 414 -5.85 -13.11 20.78
CA LEU B 414 -6.84 -12.14 21.34
C LEU B 414 -8.23 -12.49 20.76
N GLU B 415 -8.28 -12.79 19.44
CA GLU B 415 -9.49 -13.23 18.76
C GLU B 415 -9.95 -14.60 19.27
N GLU B 416 -8.99 -15.52 19.55
CA GLU B 416 -9.31 -16.84 20.14
C GLU B 416 -9.82 -16.66 21.59
N GLN B 417 -9.28 -15.63 22.28
CA GLN B 417 -9.65 -15.27 23.66
C GLN B 417 -10.99 -14.52 23.68
N ALA B 418 -11.32 -13.86 22.55
CA ALA B 418 -12.60 -13.15 22.36
C ALA B 418 -13.72 -14.17 22.17
N VAL B 419 -13.44 -15.20 21.34
CA VAL B 419 -14.32 -16.35 21.16
C VAL B 419 -14.41 -17.15 22.49
N GLU B 420 -13.27 -17.28 23.19
CA GLU B 420 -13.19 -17.99 24.49
C GLU B 420 -14.04 -17.26 25.57
N ALA B 421 -13.99 -15.92 25.53
CA ALA B 421 -14.69 -15.05 26.50
C ALA B 421 -16.21 -15.15 26.35
N VAL B 422 -16.71 -15.17 25.10
CA VAL B 422 -18.13 -15.38 24.84
C VAL B 422 -18.51 -16.84 25.19
N LEU B 423 -17.62 -17.83 24.91
CA LEU B 423 -17.87 -19.26 25.22
C LEU B 423 -17.97 -19.52 26.74
N ALA B 424 -17.20 -18.74 27.53
CA ALA B 424 -17.23 -18.80 29.01
C ALA B 424 -18.62 -18.41 29.56
N LYS B 425 -19.38 -17.64 28.74
CA LYS B 425 -20.76 -17.24 29.05
C LYS B 425 -21.78 -18.09 28.26
N ALA B 426 -21.42 -18.47 27.02
CA ALA B 426 -22.34 -19.03 26.01
C ALA B 426 -22.66 -20.49 26.34
N LYS B 427 -23.82 -20.94 25.83
CA LYS B 427 -24.30 -22.31 26.01
C LYS B 427 -23.47 -23.24 25.09
N VAL B 428 -22.38 -23.78 25.66
CA VAL B 428 -21.44 -24.65 24.95
C VAL B 428 -21.90 -26.11 25.09
N THR B 429 -22.29 -26.70 23.95
CA THR B 429 -22.75 -28.09 23.86
C THR B 429 -21.55 -29.00 23.53
N GLU B 430 -20.87 -29.52 24.57
CA GLU B 430 -19.75 -30.46 24.41
C GLU B 430 -20.34 -31.87 24.13
N LYS B 431 -20.64 -32.11 22.85
CA LYS B 431 -21.38 -33.28 22.37
C LYS B 431 -20.41 -34.35 21.84
N GLU B 432 -20.61 -35.63 22.26
CA GLU B 432 -19.81 -36.78 21.76
C GLU B 432 -19.92 -36.89 20.21
N THR B 433 -18.79 -37.06 19.53
CA THR B 433 -18.73 -37.07 18.05
C THR B 433 -17.60 -37.99 17.56
N THR B 434 -17.75 -38.51 16.33
CA THR B 434 -16.73 -39.35 15.67
C THR B 434 -15.89 -38.47 14.71
N PHE B 435 -14.65 -38.91 14.40
CA PHE B 435 -13.69 -38.15 13.55
C PHE B 435 -14.30 -37.83 12.17
N ASN B 436 -15.07 -38.77 11.61
CA ASN B 436 -15.75 -38.61 10.31
C ASN B 436 -16.76 -37.44 10.35
N GLU B 437 -17.59 -37.40 11.42
CA GLU B 437 -18.62 -36.33 11.62
C GLU B 437 -17.96 -34.96 11.89
N LEU B 438 -16.73 -34.99 12.45
CA LEU B 438 -15.96 -33.80 12.79
C LEU B 438 -15.60 -32.99 11.53
N MET B 439 -15.05 -33.67 10.51
CA MET B 439 -14.71 -33.04 9.21
C MET B 439 -15.98 -32.80 8.38
N ASN B 440 -16.82 -33.85 8.30
CA ASN B 440 -18.08 -33.81 7.54
C ASN B 440 -19.16 -33.22 8.44
N GLN B 441 -19.16 -31.87 8.54
CA GLN B 441 -20.12 -31.10 9.36
C GLN B 441 -21.57 -31.23 8.84
N GLN B 442 -21.69 -31.70 7.59
CA GLN B 442 -22.98 -31.89 6.90
C GLN B 442 -23.74 -33.10 7.48
N ALA B 443 -22.98 -34.03 8.11
CA ALA B 443 -23.51 -35.21 8.80
C ALA B 443 -22.40 -35.79 9.71
N MET A 12 11.15 -24.72 5.97
CA MET A 12 11.46 -24.50 4.53
C MET A 12 12.97 -24.64 4.28
N GLN A 13 13.37 -24.50 3.00
CA GLN A 13 14.77 -24.53 2.58
C GLN A 13 15.39 -23.13 2.80
N VAL A 14 15.61 -22.75 4.08
CA VAL A 14 16.18 -21.44 4.45
C VAL A 14 17.69 -21.58 4.72
N SER A 15 18.48 -20.57 4.33
CA SER A 15 19.95 -20.59 4.47
C SER A 15 20.47 -19.19 4.87
N VAL A 16 20.75 -19.01 6.17
CA VAL A 16 21.38 -17.77 6.68
C VAL A 16 22.89 -17.73 6.28
N GLU A 17 23.35 -16.54 5.89
CA GLU A 17 24.73 -16.28 5.45
C GLU A 17 25.06 -14.80 5.74
N THR A 18 26.30 -14.36 5.49
CA THR A 18 26.71 -12.95 5.67
C THR A 18 27.25 -12.38 4.34
N THR A 19 26.91 -11.11 4.06
CA THR A 19 27.40 -10.37 2.89
C THR A 19 28.59 -9.46 3.29
N GLN A 20 28.35 -8.49 4.18
CA GLN A 20 29.40 -7.58 4.69
C GLN A 20 28.97 -7.06 6.07
N GLY A 21 29.61 -7.61 7.14
CA GLY A 21 29.41 -7.17 8.51
C GLY A 21 27.95 -7.14 8.96
N LEU A 22 27.36 -5.92 8.94
CA LEU A 22 25.94 -5.70 9.29
C LEU A 22 25.03 -6.45 8.31
N GLY A 23 25.37 -6.33 7.00
CA GLY A 23 24.65 -7.00 5.92
C GLY A 23 24.80 -8.51 6.00
N ARG A 24 23.70 -9.22 6.33
CA ARG A 24 23.68 -10.68 6.48
C ARG A 24 22.47 -11.23 5.69
N ARG A 25 22.72 -12.22 4.83
CA ARG A 25 21.78 -12.68 3.80
C ARG A 25 21.10 -14.01 4.24
N VAL A 26 19.81 -13.93 4.62
CA VAL A 26 18.99 -15.14 4.88
C VAL A 26 18.27 -15.54 3.57
N THR A 27 18.94 -16.36 2.76
CA THR A 27 18.43 -16.84 1.47
C THR A 27 17.36 -17.93 1.69
N ILE A 28 16.09 -17.54 1.56
CA ILE A 28 14.94 -18.43 1.74
C ILE A 28 14.45 -18.96 0.38
N THR A 29 14.72 -20.24 0.12
CA THR A 29 14.21 -20.95 -1.04
C THR A 29 12.87 -21.65 -0.67
N ILE A 30 11.77 -21.13 -1.24
CA ILE A 30 10.44 -21.75 -1.09
C ILE A 30 10.35 -22.94 -2.06
N ALA A 31 10.20 -24.17 -1.54
CA ALA A 31 10.02 -25.39 -2.37
C ALA A 31 8.75 -25.27 -3.23
N ALA A 32 8.76 -25.92 -4.41
CA ALA A 32 7.64 -25.88 -5.39
C ALA A 32 6.33 -26.37 -4.76
N ASP A 33 6.43 -27.39 -3.89
CA ASP A 33 5.30 -27.90 -3.07
C ASP A 33 4.71 -26.79 -2.19
N SER A 34 5.60 -26.07 -1.48
CA SER A 34 5.22 -25.00 -0.54
C SER A 34 4.54 -23.82 -1.27
N ILE A 35 4.93 -23.60 -2.54
CA ILE A 35 4.32 -22.56 -3.41
C ILE A 35 2.94 -23.03 -3.86
N GLU A 36 2.88 -24.23 -4.48
CA GLU A 36 1.65 -24.82 -5.06
C GLU A 36 0.52 -24.87 -4.02
N THR A 37 0.77 -25.58 -2.91
CA THR A 37 -0.21 -25.75 -1.82
C THR A 37 -0.74 -24.39 -1.32
N ALA A 38 0.18 -23.41 -1.20
CA ALA A 38 -0.14 -22.04 -0.76
C ALA A 38 -1.09 -21.35 -1.75
N VAL A 39 -0.77 -21.42 -3.07
CA VAL A 39 -1.58 -20.75 -4.12
C VAL A 39 -3.00 -21.33 -4.18
N LYS A 40 -3.08 -22.66 -4.18
CA LYS A 40 -4.34 -23.42 -4.30
C LYS A 40 -5.25 -23.16 -3.10
N SER A 41 -4.64 -23.20 -1.89
CA SER A 41 -5.32 -22.88 -0.63
C SER A 41 -5.82 -21.43 -0.64
N GLU A 42 -4.96 -20.48 -1.09
CA GLU A 42 -5.32 -19.06 -1.15
C GLU A 42 -6.47 -18.79 -2.13
N LEU A 43 -6.50 -19.57 -3.23
CA LEU A 43 -7.56 -19.47 -4.24
C LEU A 43 -8.91 -19.93 -3.65
N VAL A 44 -8.95 -21.13 -3.04
CA VAL A 44 -10.21 -21.67 -2.45
C VAL A 44 -10.66 -20.83 -1.23
N ASN A 45 -9.67 -20.34 -0.43
CA ASN A 45 -9.93 -19.46 0.73
C ASN A 45 -10.65 -18.20 0.26
N VAL A 46 -9.97 -17.39 -0.59
CA VAL A 46 -10.49 -16.10 -1.08
C VAL A 46 -11.82 -16.29 -1.86
N ALA A 47 -11.97 -17.47 -2.51
CA ALA A 47 -13.23 -17.84 -3.17
C ALA A 47 -14.39 -17.94 -2.14
N LYS A 48 -14.13 -18.58 -0.98
CA LYS A 48 -15.18 -18.80 0.04
C LYS A 48 -15.30 -17.60 1.01
N LYS A 49 -14.24 -16.79 1.07
CA LYS A 49 -14.13 -15.64 1.98
C LYS A 49 -14.88 -14.45 1.40
N VAL A 50 -14.78 -14.30 0.07
CA VAL A 50 -15.40 -13.20 -0.69
C VAL A 50 -16.64 -13.72 -1.45
N ARG A 51 -17.09 -14.97 -1.13
CA ARG A 51 -18.36 -15.57 -1.65
C ARG A 51 -18.30 -15.78 -3.22
N ILE A 52 -17.08 -15.77 -3.79
CA ILE A 52 -16.81 -15.96 -5.24
C ILE A 52 -16.95 -17.46 -5.65
N ASP A 53 -17.05 -18.36 -4.66
CA ASP A 53 -17.20 -19.83 -4.90
C ASP A 53 -18.58 -20.20 -5.51
N GLY A 54 -19.46 -19.18 -5.70
CA GLY A 54 -20.73 -19.33 -6.40
C GLY A 54 -20.57 -19.60 -7.90
N PHE A 55 -20.37 -20.89 -8.23
CA PHE A 55 -20.17 -21.39 -9.61
C PHE A 55 -20.66 -22.87 -9.70
N ARG A 56 -21.36 -23.31 -8.63
CA ARG A 56 -21.64 -24.74 -8.30
C ARG A 56 -20.35 -25.38 -7.72
N LYS A 57 -20.52 -26.19 -6.67
CA LYS A 57 -19.43 -26.70 -5.84
C LYS A 57 -18.93 -28.06 -6.34
N GLY A 58 -18.67 -28.12 -7.65
CA GLY A 58 -18.18 -29.31 -8.31
C GLY A 58 -17.47 -28.96 -9.59
N LYS A 59 -16.41 -29.73 -9.92
CA LYS A 59 -15.58 -29.57 -11.13
C LYS A 59 -14.72 -28.29 -11.10
N VAL A 60 -13.68 -28.29 -11.96
CA VAL A 60 -12.68 -27.21 -12.09
C VAL A 60 -12.03 -26.87 -10.72
N PRO A 61 -11.12 -27.75 -10.20
CA PRO A 61 -10.38 -27.50 -8.95
C PRO A 61 -9.35 -26.36 -9.12
N MET A 62 -9.20 -25.54 -8.06
CA MET A 62 -8.20 -24.45 -7.98
C MET A 62 -6.77 -25.03 -7.94
N ASN A 63 -6.69 -26.35 -7.68
CA ASN A 63 -5.46 -27.15 -7.79
C ASN A 63 -4.88 -27.05 -9.23
N ILE A 64 -5.76 -27.24 -10.22
CA ILE A 64 -5.41 -27.16 -11.65
C ILE A 64 -5.20 -25.67 -12.04
N VAL A 65 -6.18 -24.83 -11.66
CA VAL A 65 -6.21 -23.38 -11.95
C VAL A 65 -4.89 -22.66 -11.59
N ALA A 66 -4.34 -23.04 -10.40
CA ALA A 66 -3.09 -22.45 -9.87
C ALA A 66 -1.91 -22.63 -10.85
N GLN A 67 -1.57 -23.89 -11.14
CA GLN A 67 -0.40 -24.22 -11.97
C GLN A 67 -0.60 -23.73 -13.42
N ARG A 68 -1.82 -23.92 -13.97
CA ARG A 68 -2.13 -23.61 -15.38
C ARG A 68 -2.04 -22.10 -15.68
N TYR A 69 -2.78 -21.28 -14.91
CA TYR A 69 -2.89 -19.83 -15.19
C TYR A 69 -3.08 -18.98 -13.91
N GLY A 70 -2.76 -19.56 -12.74
CA GLY A 70 -2.82 -18.81 -11.46
C GLY A 70 -1.52 -18.04 -11.23
N ALA A 71 -1.11 -17.27 -12.24
CA ALA A 71 0.17 -16.54 -12.23
C ALA A 71 -0.01 -15.09 -11.72
N SER A 72 -1.23 -14.53 -11.91
CA SER A 72 -1.58 -13.17 -11.44
C SER A 72 -1.62 -13.11 -9.89
N VAL A 73 -2.14 -14.20 -9.28
CA VAL A 73 -2.28 -14.33 -7.81
C VAL A 73 -0.90 -14.58 -7.13
N ARG A 74 0.15 -14.91 -7.93
CA ARG A 74 1.50 -15.24 -7.41
C ARG A 74 2.09 -14.06 -6.61
N GLN A 75 1.73 -12.81 -6.97
CA GLN A 75 2.16 -11.60 -6.23
C GLN A 75 1.65 -11.63 -4.78
N ASP A 76 0.33 -11.87 -4.65
CA ASP A 76 -0.37 -11.96 -3.35
C ASP A 76 0.17 -13.14 -2.52
N VAL A 77 0.28 -14.32 -3.16
CA VAL A 77 0.68 -15.56 -2.49
C VAL A 77 2.14 -15.49 -2.01
N LEU A 78 3.08 -15.17 -2.94
CA LEU A 78 4.51 -15.02 -2.59
C LEU A 78 4.70 -13.92 -1.53
N GLY A 79 3.83 -12.87 -1.60
CA GLY A 79 3.77 -11.85 -0.54
C GLY A 79 3.38 -12.43 0.83
N ASP A 80 2.44 -13.40 0.83
CA ASP A 80 2.00 -14.12 2.05
C ASP A 80 3.12 -15.07 2.55
N LEU A 81 3.86 -15.64 1.57
CA LEU A 81 4.97 -16.56 1.82
C LEU A 81 6.22 -15.80 2.32
N MET A 82 6.33 -14.48 1.99
CA MET A 82 7.42 -13.63 2.52
C MET A 82 7.34 -13.57 4.04
N SER A 83 6.13 -13.27 4.55
CA SER A 83 5.87 -13.20 5.99
C SER A 83 5.87 -14.59 6.65
N ARG A 84 5.28 -15.60 5.95
CA ARG A 84 5.14 -16.99 6.45
C ARG A 84 6.52 -17.65 6.70
N ASN A 85 7.42 -17.49 5.73
CA ASN A 85 8.76 -18.14 5.78
C ASN A 85 9.70 -17.36 6.69
N PHE A 86 9.59 -16.01 6.65
CA PHE A 86 10.40 -15.11 7.47
C PHE A 86 10.15 -15.39 8.96
N ILE A 87 8.85 -15.41 9.36
CA ILE A 87 8.47 -15.54 10.78
C ILE A 87 9.00 -16.86 11.40
N ASP A 88 9.06 -17.93 10.60
CA ASP A 88 9.60 -19.23 11.06
C ASP A 88 11.14 -19.14 11.17
N ALA A 89 11.79 -18.73 10.05
CA ALA A 89 13.26 -18.74 9.91
C ALA A 89 13.98 -17.85 10.95
N ILE A 90 13.30 -16.80 11.44
CA ILE A 90 13.88 -15.86 12.42
C ILE A 90 13.77 -16.37 13.87
N ILE A 91 12.92 -17.41 14.08
CA ILE A 91 12.76 -18.07 15.39
C ILE A 91 13.83 -19.18 15.54
N LYS A 92 15.09 -18.72 15.71
CA LYS A 92 16.28 -19.57 15.97
C LYS A 92 17.50 -18.66 16.13
N GLU A 93 17.94 -18.09 14.99
CA GLU A 93 19.23 -17.39 14.87
C GLU A 93 19.16 -15.93 15.36
N LYS A 94 18.04 -15.56 16.04
CA LYS A 94 17.82 -14.22 16.63
C LYS A 94 17.81 -13.13 15.53
N ILE A 95 17.32 -13.52 14.33
CA ILE A 95 17.33 -12.66 13.13
C ILE A 95 16.38 -11.45 13.33
N ASN A 96 16.96 -10.33 13.79
CA ASN A 96 16.25 -9.07 14.05
C ASN A 96 16.79 -7.99 13.10
N PRO A 97 16.02 -7.61 12.03
CA PRO A 97 16.40 -6.49 11.14
C PRO A 97 16.26 -5.11 11.84
N ALA A 98 17.27 -4.25 11.61
CA ALA A 98 17.26 -2.87 12.10
C ALA A 98 16.41 -2.02 11.16
N GLY A 99 15.12 -1.87 11.51
CA GLY A 99 14.15 -1.15 10.69
C GLY A 99 13.54 -2.05 9.62
N ALA A 100 14.22 -2.18 8.47
CA ALA A 100 13.70 -2.90 7.29
C ALA A 100 14.83 -3.67 6.57
N PRO A 101 14.63 -5.01 6.27
CA PRO A 101 15.58 -5.80 5.47
C PRO A 101 15.29 -5.71 3.95
N THR A 102 16.32 -5.93 3.14
CA THR A 102 16.20 -5.97 1.68
C THR A 102 15.81 -7.39 1.22
N TYR A 103 14.55 -7.55 0.76
CA TYR A 103 14.07 -8.79 0.13
C TYR A 103 14.47 -8.76 -1.36
N VAL A 104 15.54 -9.49 -1.70
CA VAL A 104 16.04 -9.64 -3.08
C VAL A 104 15.37 -10.87 -3.74
N PRO A 105 14.31 -10.70 -4.60
CA PRO A 105 13.67 -11.84 -5.27
C PRO A 105 14.50 -12.31 -6.49
N GLY A 106 14.77 -13.63 -6.53
CA GLY A 106 15.54 -14.24 -7.61
C GLY A 106 14.80 -14.21 -8.94
N GLU A 107 14.02 -15.27 -9.19
CA GLU A 107 13.20 -15.40 -10.41
C GLU A 107 12.30 -16.64 -10.24
N TYR A 108 10.97 -16.46 -10.37
CA TYR A 108 10.00 -17.56 -10.23
C TYR A 108 9.89 -18.36 -11.55
N LYS A 109 9.51 -19.65 -11.43
CA LYS A 109 9.20 -20.50 -12.58
C LYS A 109 8.08 -21.50 -12.18
N LEU A 110 7.07 -21.66 -13.06
CA LEU A 110 5.89 -22.53 -12.81
C LEU A 110 6.32 -23.99 -12.72
N GLY A 111 6.14 -24.60 -11.52
CA GLY A 111 6.49 -26.00 -11.27
C GLY A 111 7.81 -26.14 -10.54
N GLU A 112 8.70 -25.16 -10.73
CA GLU A 112 9.97 -25.05 -9.99
C GLU A 112 9.76 -24.25 -8.69
N ASP A 113 10.77 -24.33 -7.83
CA ASP A 113 10.85 -23.57 -6.57
C ASP A 113 11.15 -22.08 -6.84
N PHE A 114 11.02 -21.27 -5.78
CA PHE A 114 11.37 -19.84 -5.78
C PHE A 114 12.40 -19.59 -4.69
N THR A 115 13.20 -18.52 -4.84
CA THR A 115 14.23 -18.11 -3.89
C THR A 115 14.19 -16.58 -3.73
N TYR A 116 14.34 -16.10 -2.48
CA TYR A 116 14.50 -14.67 -2.19
C TYR A 116 15.44 -14.49 -0.98
N SER A 117 16.47 -13.65 -1.17
CA SER A 117 17.51 -13.38 -0.17
C SER A 117 17.10 -12.20 0.72
N VAL A 118 16.68 -12.52 1.95
CA VAL A 118 16.32 -11.50 2.97
C VAL A 118 17.61 -10.98 3.64
N GLU A 119 18.22 -9.98 3.01
CA GLU A 119 19.44 -9.34 3.52
C GLU A 119 19.06 -8.33 4.62
N PHE A 120 19.03 -8.81 5.88
CA PHE A 120 18.79 -7.97 7.05
C PHE A 120 20.12 -7.42 7.56
N GLU A 121 20.06 -6.33 8.32
CA GLU A 121 21.24 -5.77 9.01
C GLU A 121 20.93 -5.66 10.49
N VAL A 122 21.86 -6.17 11.33
CA VAL A 122 21.79 -5.98 12.80
C VAL A 122 22.04 -4.51 13.13
N TYR A 123 21.46 -4.03 14.26
CA TYR A 123 21.53 -2.62 14.65
C TYR A 123 22.99 -2.18 14.91
N PRO A 124 23.55 -1.24 14.07
CA PRO A 124 24.86 -0.65 14.35
C PRO A 124 24.72 0.47 15.39
N GLU A 125 25.29 0.25 16.60
CA GLU A 125 25.30 1.26 17.66
C GLU A 125 26.12 2.48 17.19
N VAL A 126 25.40 3.48 16.69
CA VAL A 126 25.95 4.65 16.00
C VAL A 126 26.75 5.55 16.96
N GLU A 127 27.94 6.00 16.51
CA GLU A 127 28.75 6.97 17.23
C GLU A 127 28.26 8.39 16.92
N LEU A 128 27.93 9.14 17.98
CA LEU A 128 27.54 10.55 17.92
C LEU A 128 28.45 11.34 18.88
N GLN A 129 29.50 11.93 18.29
CA GLN A 129 30.60 12.57 19.04
C GLN A 129 30.76 14.03 18.58
N GLY A 130 31.33 14.89 19.46
CA GLY A 130 31.51 16.32 19.17
C GLY A 130 30.18 17.07 19.13
N LEU A 131 29.16 16.50 19.82
CA LEU A 131 27.78 17.02 19.86
C LEU A 131 27.73 18.48 20.33
N GLU A 132 28.53 18.77 21.35
CA GLU A 132 28.65 20.11 21.95
C GLU A 132 29.65 21.00 21.15
N ALA A 133 30.46 20.38 20.27
CA ALA A 133 31.44 21.09 19.44
C ALA A 133 30.82 21.50 18.08
N ILE A 134 29.69 20.86 17.71
CA ILE A 134 28.87 21.21 16.51
C ILE A 134 28.49 22.71 16.56
N GLU A 135 28.74 23.45 15.47
CA GLU A 135 28.44 24.89 15.39
C GLU A 135 27.10 25.10 14.67
N VAL A 136 26.19 25.85 15.33
CA VAL A 136 24.76 25.96 14.94
C VAL A 136 24.36 27.45 14.82
N GLU A 137 23.58 27.78 13.79
CA GLU A 137 23.05 29.13 13.57
C GLU A 137 21.60 29.21 14.07
N LYS A 138 21.33 30.11 15.02
CA LYS A 138 19.96 30.54 15.35
C LYS A 138 19.70 31.91 14.66
N PRO A 139 19.02 31.93 13.46
CA PRO A 139 18.73 33.18 12.72
C PRO A 139 17.66 34.05 13.45
N ILE A 140 18.11 35.12 14.11
CA ILE A 140 17.21 36.05 14.83
C ILE A 140 16.65 37.07 13.82
N VAL A 141 15.60 36.64 13.10
CA VAL A 141 14.98 37.40 12.02
C VAL A 141 13.72 38.13 12.49
N GLU A 142 13.38 39.23 11.77
CA GLU A 142 12.16 40.02 11.98
C GLU A 142 11.68 40.51 10.61
N VAL A 143 10.39 40.26 10.28
CA VAL A 143 9.77 40.74 9.04
C VAL A 143 9.43 42.23 9.17
N THR A 144 10.41 43.10 8.90
CA THR A 144 10.22 44.57 8.94
C THR A 144 9.46 45.01 7.68
N ASP A 145 8.90 46.23 7.69
CA ASP A 145 8.20 46.82 6.51
C ASP A 145 9.18 47.04 5.35
N ALA A 146 10.47 47.24 5.68
CA ALA A 146 11.57 47.30 4.71
C ALA A 146 11.76 45.93 4.02
N ASP A 147 11.65 44.85 4.82
CA ASP A 147 11.74 43.46 4.33
C ASP A 147 10.48 43.07 3.54
N VAL A 148 9.30 43.58 3.96
CA VAL A 148 8.03 43.31 3.28
C VAL A 148 8.08 43.87 1.86
N ASP A 149 8.30 45.20 1.78
CA ASP A 149 8.33 45.91 0.50
C ASP A 149 9.63 45.63 -0.28
N GLY A 150 10.70 45.21 0.43
CA GLY A 150 11.96 44.82 -0.22
C GLY A 150 11.84 43.54 -1.02
N MET A 151 11.33 42.48 -0.36
CA MET A 151 11.01 41.20 -1.02
C MET A 151 9.92 41.43 -2.07
N LEU A 152 8.96 42.32 -1.74
CA LEU A 152 7.85 42.68 -2.63
C LEU A 152 8.37 43.45 -3.87
N ASP A 153 9.49 44.19 -3.71
CA ASP A 153 10.14 44.89 -4.82
C ASP A 153 10.79 43.87 -5.76
N THR A 154 11.53 42.91 -5.16
CA THR A 154 12.12 41.77 -5.89
C THR A 154 11.02 40.94 -6.60
N LEU A 155 9.84 40.87 -5.95
CA LEU A 155 8.65 40.17 -6.46
C LEU A 155 8.14 40.88 -7.72
N ARG A 156 7.83 42.19 -7.61
CA ARG A 156 7.29 42.99 -8.74
C ARG A 156 8.39 43.35 -9.76
N LYS A 157 9.66 43.00 -9.43
CA LYS A 157 10.78 43.05 -10.39
C LYS A 157 10.74 41.82 -11.30
N GLN A 158 10.63 40.62 -10.66
CA GLN A 158 10.58 39.32 -11.37
C GLN A 158 9.13 38.96 -11.81
N GLN A 159 8.16 39.80 -11.42
CA GLN A 159 6.75 39.72 -11.88
C GLN A 159 6.31 41.08 -12.47
N ALA A 160 7.31 41.87 -12.94
CA ALA A 160 7.08 43.13 -13.67
C ALA A 160 6.24 42.87 -14.94
N THR A 161 5.30 43.78 -15.22
CA THR A 161 4.31 43.63 -16.31
C THR A 161 5.00 43.49 -17.67
N TRP A 162 4.32 42.83 -18.61
CA TRP A 162 4.91 42.46 -19.90
C TRP A 162 4.33 43.30 -21.03
N LYS A 163 5.16 44.21 -21.56
CA LYS A 163 4.84 44.96 -22.78
C LYS A 163 5.16 44.08 -24.00
N GLU A 164 4.25 44.06 -24.98
CA GLU A 164 4.43 43.30 -26.23
C GLU A 164 5.57 43.92 -27.07
N LYS A 165 6.57 43.11 -27.43
CA LYS A 165 7.76 43.57 -28.17
C LYS A 165 7.71 43.13 -29.64
N ASP A 166 8.08 44.05 -30.55
CA ASP A 166 8.28 43.74 -31.99
C ASP A 166 9.78 43.82 -32.32
N GLY A 167 10.43 42.64 -32.41
CA GLY A 167 11.85 42.56 -32.77
C GLY A 167 12.45 41.19 -32.49
N ALA A 168 13.78 41.12 -32.52
CA ALA A 168 14.53 39.89 -32.19
C ALA A 168 14.54 39.68 -30.66
N VAL A 169 14.58 38.40 -30.23
CA VAL A 169 14.70 38.07 -28.81
C VAL A 169 16.15 38.34 -28.39
N GLU A 170 16.31 39.02 -27.23
CA GLU A 170 17.60 39.44 -26.70
C GLU A 170 17.81 38.81 -25.32
N ALA A 171 18.79 39.34 -24.56
CA ALA A 171 19.21 38.79 -23.27
C ALA A 171 18.11 38.87 -22.20
N GLU A 172 17.44 40.04 -22.08
CA GLU A 172 16.47 40.30 -20.98
C GLU A 172 15.03 40.53 -21.52
N ASP A 173 14.57 39.66 -22.43
CA ASP A 173 13.17 39.65 -22.89
C ASP A 173 12.38 38.48 -22.30
N ARG A 174 11.09 38.44 -22.66
CA ARG A 174 10.22 37.26 -22.47
C ARG A 174 9.91 36.68 -23.85
N VAL A 175 9.73 35.36 -23.91
CA VAL A 175 9.21 34.69 -25.10
C VAL A 175 8.23 33.56 -24.69
N THR A 176 6.96 33.72 -25.07
CA THR A 176 5.95 32.67 -24.94
C THR A 176 6.03 31.78 -26.20
N ILE A 177 6.39 30.51 -26.02
CA ILE A 177 6.53 29.55 -27.13
C ILE A 177 5.74 28.27 -26.85
N ASP A 178 5.79 27.36 -27.81
CA ASP A 178 5.54 25.93 -27.60
C ASP A 178 6.66 25.19 -28.31
N PHE A 179 7.21 24.16 -27.67
CA PHE A 179 8.28 23.35 -28.27
C PHE A 179 8.02 21.86 -28.07
N THR A 180 8.42 21.10 -29.08
CA THR A 180 8.28 19.66 -29.13
C THR A 180 9.37 19.09 -30.06
N GLY A 181 9.76 17.84 -29.83
CA GLY A 181 10.81 17.21 -30.61
C GLY A 181 11.19 15.87 -30.05
N SER A 182 12.46 15.49 -30.21
CA SER A 182 12.97 14.19 -29.78
C SER A 182 14.46 14.30 -29.44
N VAL A 183 14.88 13.52 -28.45
CA VAL A 183 16.27 13.47 -28.00
C VAL A 183 17.01 12.42 -28.85
N ASP A 184 17.89 12.91 -29.75
CA ASP A 184 18.76 12.07 -30.61
C ASP A 184 17.93 11.20 -31.60
N GLY A 185 16.66 11.60 -31.80
CA GLY A 185 15.74 10.89 -32.68
C GLY A 185 14.60 10.21 -31.94
N GLU A 186 14.81 9.91 -30.63
CA GLU A 186 13.80 9.20 -29.82
C GLU A 186 13.04 10.21 -28.92
N GLU A 187 11.69 10.22 -29.03
CA GLU A 187 10.84 11.13 -28.26
C GLU A 187 10.70 10.65 -26.81
N PHE A 188 11.42 11.34 -25.91
CA PHE A 188 11.26 11.21 -24.45
C PHE A 188 9.81 11.54 -24.03
N GLU A 189 9.26 10.66 -23.17
CA GLU A 189 7.83 10.65 -22.80
C GLU A 189 7.44 11.92 -22.02
N GLY A 190 6.47 12.68 -22.58
CA GLY A 190 6.01 13.94 -21.99
C GLY A 190 7.03 15.07 -22.13
N GLY A 191 8.00 14.88 -23.04
CA GLY A 191 9.10 15.81 -23.23
C GLY A 191 8.76 16.93 -24.21
N LYS A 192 7.78 17.73 -23.82
CA LYS A 192 7.31 18.89 -24.59
C LYS A 192 6.60 19.86 -23.64
N ALA A 193 6.45 21.10 -24.10
CA ALA A 193 5.82 22.17 -23.33
C ALA A 193 5.10 23.12 -24.27
N SER A 194 3.80 22.85 -24.49
CA SER A 194 2.89 23.77 -25.18
C SER A 194 2.54 24.91 -24.23
N ASP A 195 2.42 26.15 -24.78
CA ASP A 195 2.08 27.38 -24.03
C ASP A 195 3.16 27.74 -22.97
N PHE A 196 4.39 27.25 -23.20
CA PHE A 196 5.57 27.57 -22.35
C PHE A 196 5.88 29.07 -22.44
N VAL A 197 6.49 29.63 -21.39
CA VAL A 197 6.96 31.02 -21.39
C VAL A 197 8.30 31.14 -20.66
N LEU A 198 9.34 31.48 -21.43
CA LEU A 198 10.65 31.87 -20.88
C LEU A 198 10.57 33.33 -20.46
N ALA A 199 10.91 33.60 -19.20
CA ALA A 199 11.06 34.96 -18.67
C ALA A 199 12.52 35.20 -18.30
N MET A 200 12.95 36.45 -18.41
CA MET A 200 14.23 36.91 -17.84
C MET A 200 14.12 37.09 -16.31
N GLY A 201 15.25 37.41 -15.65
CA GLY A 201 15.29 37.63 -14.20
C GLY A 201 15.31 36.33 -13.41
N GLN A 202 15.97 35.32 -14.00
CA GLN A 202 16.10 33.96 -13.46
C GLN A 202 17.59 33.60 -13.28
N GLY A 203 17.86 32.32 -12.96
CA GLY A 203 19.23 31.79 -12.96
C GLY A 203 19.68 31.42 -14.37
N ARG A 204 20.18 30.18 -14.55
CA ARG A 204 20.58 29.66 -15.88
C ARG A 204 20.43 28.12 -15.87
N MET A 205 19.73 27.59 -16.89
CA MET A 205 19.45 26.14 -17.08
C MET A 205 20.65 25.49 -17.83
N ILE A 206 20.43 24.37 -18.56
CA ILE A 206 21.45 23.76 -19.43
C ILE A 206 21.93 24.75 -20.52
N PRO A 207 23.28 24.80 -20.81
CA PRO A 207 23.85 25.77 -21.77
C PRO A 207 23.53 25.41 -23.24
N GLY A 208 22.41 25.96 -23.74
CA GLY A 208 22.01 25.74 -25.12
C GLY A 208 20.68 26.40 -25.47
N PHE A 209 19.65 26.11 -24.66
CA PHE A 209 18.24 26.52 -24.93
C PHE A 209 18.14 28.03 -25.17
N GLU A 210 18.48 28.79 -24.11
CA GLU A 210 18.34 30.25 -24.07
C GLU A 210 19.17 30.94 -25.17
N ASP A 211 20.33 30.33 -25.49
CA ASP A 211 21.23 30.78 -26.57
C ASP A 211 20.54 30.66 -27.94
N GLY A 212 19.74 29.60 -28.10
CA GLY A 212 18.98 29.38 -29.34
C GLY A 212 17.89 30.43 -29.49
N ILE A 213 17.17 30.63 -28.39
CA ILE A 213 16.08 31.60 -28.26
C ILE A 213 16.53 33.02 -28.70
N LYS A 214 17.63 33.51 -28.08
CA LYS A 214 18.18 34.86 -28.35
C LYS A 214 19.02 34.90 -29.63
N GLY A 215 19.09 33.78 -30.37
CA GLY A 215 19.84 33.71 -31.62
C GLY A 215 18.92 33.84 -32.83
N HIS A 216 17.66 34.27 -32.58
CA HIS A 216 16.59 34.31 -33.59
C HIS A 216 15.66 35.52 -33.36
N LYS A 217 14.73 35.71 -34.32
CA LYS A 217 13.83 36.88 -34.36
C LYS A 217 12.36 36.45 -34.38
N ALA A 218 11.48 37.27 -33.77
CA ALA A 218 10.04 36.96 -33.64
C ALA A 218 9.34 36.85 -35.02
N GLY A 219 8.41 35.89 -35.12
CA GLY A 219 7.62 35.68 -36.34
C GLY A 219 7.99 34.41 -37.07
N GLU A 220 9.12 33.79 -36.69
CA GLU A 220 9.56 32.49 -37.23
C GLU A 220 9.27 31.38 -36.21
N GLU A 221 9.19 30.15 -36.71
CA GLU A 221 9.11 28.95 -35.89
C GLU A 221 10.22 28.02 -36.38
N PHE A 222 11.25 27.83 -35.55
CA PHE A 222 12.50 27.13 -35.93
C PHE A 222 12.70 25.90 -35.05
N THR A 223 13.90 25.29 -35.13
CA THR A 223 14.28 24.16 -34.27
C THR A 223 15.73 24.32 -33.79
N ILE A 224 15.96 24.16 -32.49
CA ILE A 224 17.32 24.09 -31.89
C ILE A 224 17.72 22.63 -31.66
N ASP A 225 18.98 22.41 -31.26
CA ASP A 225 19.51 21.09 -30.92
C ASP A 225 20.56 21.25 -29.81
N VAL A 226 20.18 20.84 -28.59
CA VAL A 226 21.01 21.06 -27.38
C VAL A 226 21.31 19.70 -26.71
N THR A 227 22.60 19.45 -26.43
CA THR A 227 23.05 18.19 -25.82
C THR A 227 22.97 18.29 -24.28
N PHE A 228 22.20 17.36 -23.66
CA PHE A 228 22.07 17.28 -22.19
C PHE A 228 23.43 16.85 -21.55
N PRO A 229 23.83 17.43 -20.37
CA PRO A 229 25.11 17.09 -19.68
C PRO A 229 25.00 15.78 -18.85
N GLU A 230 26.14 15.31 -18.33
CA GLU A 230 26.18 14.15 -17.39
C GLU A 230 25.52 14.50 -16.04
N GLU A 231 25.37 15.81 -15.77
CA GLU A 231 24.63 16.32 -14.60
C GLU A 231 23.11 16.12 -14.78
N TYR A 232 22.69 15.91 -16.05
CA TYR A 232 21.31 15.55 -16.37
C TYR A 232 21.12 14.07 -16.02
N HIS A 233 20.28 13.83 -15.00
CA HIS A 233 20.21 12.54 -14.30
C HIS A 233 19.20 11.54 -14.93
N ALA A 234 19.02 11.58 -16.25
CA ALA A 234 18.25 10.55 -16.99
C ALA A 234 19.15 10.03 -18.13
N GLU A 235 19.45 8.72 -18.08
CA GLU A 235 20.57 8.09 -18.83
C GLU A 235 20.40 8.22 -20.36
N ASN A 236 19.21 7.82 -20.87
CA ASN A 236 18.95 7.77 -22.32
C ASN A 236 18.91 9.18 -22.97
N LEU A 237 18.87 10.23 -22.12
CA LEU A 237 18.75 11.62 -22.56
C LEU A 237 20.09 12.38 -22.44
N LYS A 238 20.84 12.11 -21.35
CA LYS A 238 22.15 12.74 -21.11
C LYS A 238 23.19 12.22 -22.13
N GLY A 239 24.10 13.10 -22.58
CA GLY A 239 25.06 12.78 -23.64
C GLY A 239 24.46 12.90 -25.05
N LYS A 240 23.11 12.88 -25.13
CA LYS A 240 22.35 12.93 -26.39
C LYS A 240 21.96 14.38 -26.72
N ALA A 241 21.86 14.66 -28.02
CA ALA A 241 21.50 15.99 -28.56
C ALA A 241 20.00 16.01 -28.91
N ALA A 242 19.23 16.78 -28.13
CA ALA A 242 17.77 16.89 -28.25
C ALA A 242 17.37 18.04 -29.17
N LYS A 243 16.56 17.74 -30.20
CA LYS A 243 16.00 18.77 -31.09
C LYS A 243 14.68 19.30 -30.50
N PHE A 244 14.45 20.61 -30.66
CA PHE A 244 13.30 21.32 -30.07
C PHE A 244 12.75 22.34 -31.07
N ALA A 245 11.59 22.02 -31.67
CA ALA A 245 10.87 22.93 -32.56
C ALA A 245 10.33 24.13 -31.77
N ILE A 246 11.19 25.16 -31.60
CA ILE A 246 10.85 26.39 -30.89
C ILE A 246 9.95 27.24 -31.77
N ASN A 247 8.66 27.20 -31.47
CA ASN A 247 7.63 27.94 -32.20
C ASN A 247 7.37 29.27 -31.47
N LEU A 248 8.04 30.35 -31.94
CA LEU A 248 7.92 31.69 -31.34
C LEU A 248 6.49 32.21 -31.52
N LYS A 249 5.64 32.00 -30.50
CA LYS A 249 4.28 32.57 -30.47
C LYS A 249 4.39 34.08 -30.24
N LYS A 250 4.80 34.43 -29.01
CA LYS A 250 4.79 35.80 -28.49
C LYS A 250 6.19 36.14 -27.97
N VAL A 251 6.65 37.39 -28.19
CA VAL A 251 7.92 37.90 -27.62
C VAL A 251 7.62 39.22 -26.89
N GLU A 252 7.61 39.17 -25.56
CA GLU A 252 7.35 40.34 -24.70
C GLU A 252 8.67 40.91 -24.19
N GLU A 253 8.55 41.92 -23.32
CA GLU A 253 9.68 42.63 -22.73
C GLU A 253 9.24 43.14 -21.35
N ARG A 254 10.21 43.25 -20.42
CA ARG A 254 9.97 43.76 -19.05
C ARG A 254 9.48 45.22 -19.09
N GLU A 255 8.46 45.50 -18.28
CA GLU A 255 7.88 46.85 -18.13
C GLU A 255 7.53 47.07 -16.66
N LEU A 256 7.99 48.20 -16.10
CA LEU A 256 7.76 48.59 -14.70
C LEU A 256 7.06 49.96 -14.67
N PRO A 257 5.69 50.00 -14.84
CA PRO A 257 4.93 51.26 -14.83
C PRO A 257 4.66 51.71 -13.38
N GLU A 258 3.92 50.86 -12.64
CA GLU A 258 3.58 51.06 -11.23
C GLU A 258 3.00 49.76 -10.67
N LEU A 259 3.12 49.54 -9.34
CA LEU A 259 2.43 48.47 -8.62
C LEU A 259 0.92 48.81 -8.55
N THR A 260 0.20 48.49 -9.63
CA THR A 260 -1.21 48.87 -9.84
C THR A 260 -2.15 47.84 -9.20
N ALA A 261 -3.39 48.31 -8.88
CA ALA A 261 -4.46 47.46 -8.32
C ALA A 261 -4.80 46.30 -9.28
N GLU A 262 -4.59 46.50 -10.59
CA GLU A 262 -4.76 45.45 -11.61
C GLU A 262 -3.75 44.31 -11.44
N PHE A 263 -2.52 44.64 -10.96
CA PHE A 263 -1.52 43.64 -10.59
C PHE A 263 -1.95 42.95 -9.28
N ILE A 264 -2.32 43.78 -8.28
CA ILE A 264 -2.73 43.33 -6.92
C ILE A 264 -3.81 42.24 -6.99
N LYS A 265 -4.80 42.48 -7.87
CA LYS A 265 -5.91 41.54 -8.13
C LYS A 265 -5.41 40.26 -8.82
N ARG A 266 -4.46 40.41 -9.77
CA ARG A 266 -3.99 39.30 -10.62
C ARG A 266 -3.03 38.39 -9.83
N PHE A 267 -2.51 38.95 -8.72
CA PHE A 267 -1.69 38.23 -7.75
C PHE A 267 -2.58 37.30 -6.89
N GLY A 268 -3.89 37.61 -6.83
CA GLY A 268 -4.85 36.83 -6.07
C GLY A 268 -5.56 37.64 -5.00
N VAL A 269 -5.00 38.82 -4.68
CA VAL A 269 -5.55 39.71 -3.64
C VAL A 269 -6.76 40.47 -4.19
N GLU A 270 -7.95 39.88 -3.98
CA GLU A 270 -9.26 40.43 -4.43
C GLU A 270 -9.63 41.73 -3.70
N ASP A 271 -8.94 42.01 -2.59
CA ASP A 271 -9.11 43.24 -1.79
C ASP A 271 -8.85 44.51 -2.65
N GLY A 272 -7.94 44.40 -3.63
CA GLY A 272 -7.70 45.48 -4.59
C GLY A 272 -6.73 46.53 -4.10
N SER A 273 -6.93 46.99 -2.85
CA SER A 273 -6.06 47.97 -2.20
C SER A 273 -4.66 47.36 -2.00
N VAL A 274 -3.62 48.13 -2.36
CA VAL A 274 -2.22 47.72 -2.21
C VAL A 274 -1.89 47.41 -0.73
N GLU A 275 -2.55 48.14 0.20
CA GLU A 275 -2.46 47.88 1.66
C GLU A 275 -2.92 46.44 1.98
N GLY A 276 -3.94 45.96 1.23
CA GLY A 276 -4.42 44.58 1.35
C GLY A 276 -3.38 43.57 0.85
N LEU A 277 -2.56 44.01 -0.13
CA LEU A 277 -1.47 43.20 -0.69
C LEU A 277 -0.36 43.06 0.36
N ARG A 278 0.00 44.18 1.03
CA ARG A 278 0.99 44.18 2.15
C ARG A 278 0.54 43.21 3.27
N ALA A 279 -0.78 43.24 3.55
CA ALA A 279 -1.42 42.38 4.57
C ALA A 279 -1.22 40.91 4.22
N GLU A 280 -1.72 40.49 3.04
CA GLU A 280 -1.66 39.09 2.57
C GLU A 280 -0.21 38.57 2.49
N VAL A 281 0.68 39.40 1.89
CA VAL A 281 2.09 39.07 1.74
C VAL A 281 2.74 38.80 3.11
N ARG A 282 2.53 39.69 4.10
CA ARG A 282 3.12 39.52 5.45
C ARG A 282 2.44 38.38 6.27
N LYS A 283 1.14 38.10 5.98
CA LYS A 283 0.40 36.98 6.61
C LYS A 283 0.95 35.61 6.15
N ASN A 284 1.32 35.52 4.86
CA ASN A 284 1.98 34.31 4.32
C ASN A 284 3.46 34.29 4.73
N MET A 285 4.10 35.50 4.78
CA MET A 285 5.50 35.67 5.25
C MET A 285 5.64 35.12 6.66
N GLU A 286 4.58 35.27 7.46
CA GLU A 286 4.47 34.74 8.84
C GLU A 286 4.74 33.22 8.86
N ARG A 287 3.86 32.47 8.15
CA ARG A 287 3.91 30.99 8.09
C ARG A 287 5.27 30.53 7.53
N GLU A 288 5.74 31.24 6.49
CA GLU A 288 7.02 30.96 5.84
C GLU A 288 8.22 31.39 6.71
N LEU A 289 8.00 32.37 7.62
CA LEU A 289 9.04 32.87 8.54
C LEU A 289 9.40 31.76 9.51
N LYS A 290 8.39 31.26 10.25
CA LYS A 290 8.61 30.18 11.23
C LYS A 290 9.07 28.86 10.55
N SER A 291 8.55 28.62 9.32
CA SER A 291 8.94 27.43 8.52
C SER A 291 10.39 27.52 8.04
N ALA A 292 10.83 28.76 7.70
CA ALA A 292 12.21 29.02 7.26
C ALA A 292 13.18 28.94 8.44
N ILE A 293 12.70 29.34 9.65
CA ILE A 293 13.48 29.18 10.90
C ILE A 293 13.75 27.69 11.14
N ARG A 294 12.66 26.89 11.08
CA ARG A 294 12.71 25.41 11.16
C ARG A 294 13.79 24.88 10.22
N ASN A 295 13.58 25.07 8.90
CA ASN A 295 14.45 24.53 7.84
C ASN A 295 15.90 25.05 7.94
N ARG A 296 16.08 26.32 8.40
CA ARG A 296 17.42 26.95 8.47
C ARG A 296 18.26 26.34 9.60
N VAL A 297 17.77 26.44 10.85
CA VAL A 297 18.52 25.93 12.01
C VAL A 297 18.62 24.39 11.96
N LYS A 298 17.58 23.74 11.40
CA LYS A 298 17.56 22.28 11.25
C LYS A 298 18.61 21.84 10.24
N SER A 299 18.72 22.54 9.07
CA SER A 299 19.74 22.20 8.06
C SER A 299 21.17 22.42 8.60
N GLN A 300 21.38 23.52 9.38
CA GLN A 300 22.68 23.78 10.06
C GLN A 300 23.02 22.66 11.08
N ALA A 301 22.02 22.28 11.89
CA ALA A 301 22.17 21.29 12.96
C ALA A 301 22.47 19.91 12.37
N ILE A 302 21.52 19.43 11.53
CA ILE A 302 21.59 18.16 10.81
C ILE A 302 22.91 18.02 10.01
N GLU A 303 23.32 19.13 9.34
CA GLU A 303 24.62 19.23 8.67
C GLU A 303 25.71 18.85 9.66
N GLY A 304 25.77 19.60 10.78
CA GLY A 304 26.79 19.43 11.81
C GLY A 304 26.80 18.04 12.46
N LEU A 305 25.61 17.42 12.60
CA LEU A 305 25.44 16.07 13.16
C LEU A 305 26.15 15.04 12.27
N VAL A 306 25.82 15.05 10.97
CA VAL A 306 26.41 14.11 9.99
C VAL A 306 27.90 14.46 9.73
N LYS A 307 28.18 15.78 9.73
CA LYS A 307 29.51 16.39 9.44
C LYS A 307 30.53 15.96 10.49
N ALA A 308 30.05 15.87 11.74
CA ALA A 308 30.85 15.40 12.87
C ALA A 308 31.16 13.89 12.75
N ASN A 309 30.20 13.10 12.20
CA ASN A 309 30.24 11.62 12.28
C ASN A 309 29.82 10.99 10.95
N ASP A 310 30.80 10.78 10.05
CA ASP A 310 30.61 10.05 8.79
C ASP A 310 30.63 8.54 9.10
N ILE A 311 29.46 8.02 9.48
CA ILE A 311 29.29 6.63 9.96
C ILE A 311 29.13 5.62 8.80
N ASP A 312 29.15 4.32 9.16
CA ASP A 312 28.81 3.20 8.25
C ASP A 312 27.29 3.01 8.30
N VAL A 313 26.65 3.27 7.16
CA VAL A 313 25.19 3.45 7.07
C VAL A 313 24.52 2.15 6.55
N PRO A 314 23.44 1.62 7.23
CA PRO A 314 22.68 0.45 6.75
C PRO A 314 22.09 0.66 5.33
N ALA A 315 22.66 -0.08 4.36
CA ALA A 315 22.32 0.02 2.93
C ALA A 315 20.93 -0.56 2.63
N ALA A 316 20.37 -1.34 3.57
CA ALA A 316 19.04 -1.96 3.44
C ALA A 316 17.92 -0.92 3.63
N LEU A 317 18.17 0.01 4.58
CA LEU A 317 17.25 1.14 4.86
C LEU A 317 17.25 2.11 3.67
N ILE A 318 18.46 2.37 3.17
CA ILE A 318 18.72 3.21 2.00
C ILE A 318 18.08 2.59 0.75
N ASP A 319 18.23 1.25 0.61
CA ASP A 319 17.72 0.47 -0.56
C ASP A 319 16.18 0.50 -0.61
N SER A 320 15.54 0.28 0.56
CA SER A 320 14.09 0.34 0.71
C SER A 320 13.58 1.74 0.34
N GLU A 321 14.24 2.77 0.90
CA GLU A 321 13.92 4.17 0.61
C GLU A 321 14.21 4.53 -0.86
N ILE A 322 15.26 3.93 -1.48
CA ILE A 322 15.62 4.15 -2.90
C ILE A 322 14.49 3.63 -3.80
N ASP A 323 13.93 2.46 -3.43
CA ASP A 323 12.78 1.86 -4.12
C ASP A 323 11.55 2.79 -4.05
N VAL A 324 11.24 3.26 -2.82
CA VAL A 324 10.12 4.19 -2.57
C VAL A 324 10.27 5.48 -3.41
N LEU A 325 11.46 6.10 -3.33
CA LEU A 325 11.80 7.37 -4.01
C LEU A 325 11.75 7.23 -5.53
N ARG A 326 12.29 6.11 -6.04
CA ARG A 326 12.36 5.82 -7.48
C ARG A 326 10.96 5.70 -8.07
N ARG A 327 10.13 4.86 -7.42
CA ARG A 327 8.74 4.61 -7.85
C ARG A 327 7.93 5.93 -7.80
N GLN A 328 8.07 6.65 -6.68
CA GLN A 328 7.32 7.88 -6.37
C GLN A 328 7.69 9.02 -7.34
N ALA A 329 8.98 9.06 -7.75
CA ALA A 329 9.50 10.07 -8.70
C ALA A 329 9.03 9.77 -10.13
N ALA A 330 9.28 8.51 -10.58
CA ALA A 330 8.91 8.04 -11.94
C ALA A 330 7.40 8.02 -12.17
N GLN A 331 6.62 7.99 -11.06
CA GLN A 331 5.15 8.18 -11.08
C GLN A 331 4.78 9.52 -11.77
N ARG A 332 5.67 10.52 -11.61
CA ARG A 332 5.56 11.84 -12.29
C ARG A 332 6.37 11.87 -13.60
N PHE A 333 7.56 11.21 -13.60
CA PHE A 333 8.40 11.12 -14.82
C PHE A 333 7.83 10.04 -15.78
N GLY A 334 6.70 10.39 -16.41
CA GLY A 334 6.04 9.55 -17.39
C GLY A 334 4.94 8.67 -16.79
N GLY A 335 5.06 8.34 -15.48
CA GLY A 335 4.14 7.40 -14.82
C GLY A 335 4.74 6.00 -14.75
N ASN A 336 5.73 5.75 -15.62
CA ASN A 336 6.36 4.43 -15.80
C ASN A 336 7.48 4.23 -14.77
N GLU A 337 7.33 3.18 -13.94
CA GLU A 337 8.25 2.83 -12.83
C GLU A 337 9.65 2.43 -13.36
N LYS A 338 9.72 2.00 -14.64
CA LYS A 338 10.98 1.55 -15.28
C LYS A 338 11.94 2.74 -15.56
N GLN A 339 11.36 3.95 -15.78
CA GLN A 339 12.12 5.19 -16.05
C GLN A 339 13.01 5.58 -14.86
N ALA A 340 12.56 5.17 -13.65
CA ALA A 340 13.24 5.42 -12.37
C ALA A 340 14.68 4.88 -12.34
N LEU A 341 14.85 3.70 -12.95
CA LEU A 341 16.11 2.95 -12.93
C LEU A 341 17.22 3.64 -13.75
N GLU A 342 16.84 4.69 -14.51
CA GLU A 342 17.80 5.52 -15.28
C GLU A 342 18.31 6.70 -14.46
N LEU A 343 17.59 7.08 -13.39
CA LEU A 343 18.05 8.13 -12.47
C LEU A 343 19.08 7.50 -11.50
N PRO A 344 20.36 8.02 -11.48
CA PRO A 344 21.45 7.48 -10.62
C PRO A 344 21.05 7.37 -9.14
N ARG A 345 21.20 6.16 -8.57
CA ARG A 345 20.85 5.88 -7.16
C ARG A 345 21.51 6.87 -6.17
N GLU A 346 22.68 7.42 -6.59
CA GLU A 346 23.45 8.45 -5.85
C GLU A 346 22.57 9.63 -5.42
N LEU A 347 21.69 10.11 -6.32
CA LEU A 347 20.83 11.29 -6.03
C LEU A 347 19.74 10.91 -5.02
N PHE A 348 19.30 9.63 -5.04
CA PHE A 348 18.26 9.13 -4.13
C PHE A 348 18.87 8.90 -2.73
N GLU A 349 20.16 8.55 -2.74
CA GLU A 349 20.97 8.27 -1.55
C GLU A 349 21.32 9.57 -0.82
N GLU A 350 21.56 10.64 -1.59
CA GLU A 350 21.85 11.99 -1.06
C GLU A 350 20.62 12.61 -0.35
N GLN A 351 19.49 11.89 -0.38
CA GLN A 351 18.36 12.10 0.52
C GLN A 351 18.35 10.99 1.60
N ALA A 352 18.24 9.73 1.11
CA ALA A 352 18.00 8.54 1.92
C ALA A 352 19.06 8.33 3.00
N LYS A 353 20.33 8.15 2.57
CA LYS A 353 21.50 7.95 3.45
C LYS A 353 21.56 9.04 4.52
N ARG A 354 21.33 10.29 4.10
CA ARG A 354 21.31 11.46 5.00
C ARG A 354 20.18 11.30 6.05
N ARG A 355 18.99 10.85 5.59
CA ARG A 355 17.76 10.79 6.42
C ARG A 355 17.92 9.69 7.49
N VAL A 356 18.49 8.54 7.08
CA VAL A 356 18.67 7.39 7.97
C VAL A 356 19.88 7.60 8.92
N VAL A 357 20.92 8.36 8.47
CA VAL A 357 22.02 8.79 9.36
C VAL A 357 21.47 9.68 10.48
N VAL A 358 20.57 10.60 10.12
CA VAL A 358 19.84 11.45 11.08
C VAL A 358 18.94 10.59 11.99
N GLY A 359 18.32 9.56 11.39
CA GLY A 359 17.45 8.63 12.12
C GLY A 359 18.22 7.78 13.12
N LEU A 360 19.51 7.55 12.85
CA LEU A 360 20.43 6.86 13.76
C LEU A 360 20.94 7.83 14.86
N LEU A 361 21.44 9.02 14.44
CA LEU A 361 22.06 10.02 15.34
C LEU A 361 21.03 10.57 16.33
N LEU A 362 19.97 11.23 15.80
CA LEU A 362 18.87 11.78 16.61
C LEU A 362 18.08 10.65 17.30
N GLY A 363 18.05 9.47 16.65
CA GLY A 363 17.46 8.26 17.24
C GLY A 363 18.17 7.86 18.52
N GLU A 364 19.51 7.91 18.48
CA GLU A 364 20.38 7.54 19.61
C GLU A 364 20.29 8.60 20.72
N VAL A 365 19.97 9.86 20.35
CA VAL A 365 19.71 10.94 21.33
C VAL A 365 18.42 10.62 22.11
N ILE A 366 17.29 10.53 21.39
CA ILE A 366 15.95 10.31 22.00
C ILE A 366 15.84 8.95 22.71
N ARG A 367 16.71 7.97 22.34
CA ARG A 367 16.80 6.65 23.00
C ARG A 367 17.72 6.69 24.26
N THR A 368 19.02 7.01 24.05
CA THR A 368 20.05 6.93 25.12
C THR A 368 19.86 8.03 26.18
N ASN A 369 19.68 9.28 25.70
CA ASN A 369 19.42 10.45 26.56
C ASN A 369 17.94 10.40 27.03
N GLU A 370 17.14 9.57 26.31
CA GLU A 370 15.74 9.26 26.64
C GLU A 370 14.89 10.53 26.65
N LEU A 371 14.68 11.08 25.44
CA LEU A 371 13.83 12.27 25.28
C LEU A 371 12.37 11.86 25.26
N LYS A 372 11.62 12.42 26.20
CA LYS A 372 10.18 12.26 26.33
C LYS A 372 9.54 13.30 25.40
N ALA A 373 8.51 12.91 24.64
CA ALA A 373 7.74 13.85 23.78
C ALA A 373 7.02 14.86 24.67
N ASP A 374 7.76 15.93 25.05
CA ASP A 374 7.36 16.94 26.03
C ASP A 374 6.06 17.62 25.58
N GLU A 375 5.01 17.53 26.41
CA GLU A 375 3.64 17.96 26.04
C GLU A 375 3.59 19.44 25.64
N GLU A 376 4.46 20.28 26.24
CA GLU A 376 4.56 21.70 25.91
C GLU A 376 5.29 21.91 24.56
N ARG A 377 6.25 21.01 24.24
CA ARG A 377 7.03 21.07 22.98
C ARG A 377 6.14 20.65 21.81
N VAL A 378 5.49 19.46 21.95
CA VAL A 378 4.64 18.89 20.90
C VAL A 378 3.37 19.75 20.71
N LYS A 379 2.67 20.11 21.82
CA LYS A 379 1.47 20.97 21.74
C LYS A 379 1.90 22.38 21.30
N GLY A 380 3.12 22.81 21.69
CA GLY A 380 3.67 24.09 21.28
C GLY A 380 3.78 24.23 19.76
N LEU A 381 4.38 23.21 19.08
CA LEU A 381 4.54 23.23 17.61
C LEU A 381 3.20 22.98 16.89
N ILE A 382 2.31 22.16 17.53
CA ILE A 382 0.92 21.97 17.05
C ILE A 382 0.18 23.32 17.06
N GLU A 383 0.32 24.05 18.19
CA GLU A 383 -0.39 25.34 18.43
C GLU A 383 0.20 26.44 17.53
N GLU A 384 1.50 26.30 17.25
CA GLU A 384 2.26 27.19 16.36
C GLU A 384 1.65 27.11 14.94
N MET A 385 1.62 25.88 14.37
CA MET A 385 1.02 25.65 13.03
C MET A 385 -0.53 25.82 13.07
N ALA A 386 -1.11 25.68 14.29
CA ALA A 386 -2.56 25.83 14.52
C ALA A 386 -2.98 27.29 14.49
N SER A 387 -2.05 28.19 14.84
CA SER A 387 -2.23 29.64 14.71
C SER A 387 -2.27 30.07 13.22
N ALA A 388 -2.00 29.11 12.29
CA ALA A 388 -2.20 29.30 10.84
C ALA A 388 -3.54 28.65 10.38
N TYR A 389 -4.15 27.81 11.25
CA TYR A 389 -5.47 27.17 10.99
C TYR A 389 -6.61 28.07 11.51
N GLU A 390 -7.86 27.54 11.44
CA GLU A 390 -9.10 28.23 11.89
C GLU A 390 -9.00 28.68 13.36
N ASP A 391 -9.01 27.69 14.27
CA ASP A 391 -8.94 27.92 15.73
C ASP A 391 -7.97 26.89 16.34
N PRO A 392 -6.78 27.33 16.89
CA PRO A 392 -5.78 26.45 17.53
C PRO A 392 -6.40 25.51 18.58
N LYS A 393 -7.42 26.05 19.28
CA LYS A 393 -8.20 25.34 20.32
C LYS A 393 -8.64 23.95 19.81
N GLU A 394 -9.38 23.96 18.69
CA GLU A 394 -9.97 22.77 18.08
C GLU A 394 -8.92 21.95 17.29
N VAL A 395 -7.72 22.54 17.01
CA VAL A 395 -6.67 21.83 16.26
C VAL A 395 -5.98 20.86 17.22
N ILE A 396 -5.52 21.42 18.33
CA ILE A 396 -4.92 20.67 19.45
C ILE A 396 -5.91 19.60 19.94
N GLU A 397 -7.17 20.03 20.16
CA GLU A 397 -8.29 19.16 20.57
C GLU A 397 -8.44 17.95 19.63
N PHE A 398 -8.74 18.21 18.35
CA PHE A 398 -9.11 17.15 17.37
C PHE A 398 -7.92 16.24 17.04
N TYR A 399 -6.71 16.81 16.96
CA TYR A 399 -5.48 16.03 16.66
C TYR A 399 -5.17 15.07 17.82
N SER A 400 -5.34 15.57 19.07
CA SER A 400 -5.16 14.75 20.30
C SER A 400 -6.22 13.63 20.40
N LYS A 401 -7.35 13.77 19.66
CA LYS A 401 -8.38 12.70 19.55
C LYS A 401 -7.90 11.55 18.63
N ASN A 402 -7.03 11.87 17.65
CA ASN A 402 -6.55 10.86 16.69
C ASN A 402 -5.17 10.38 17.16
N LYS A 403 -5.14 9.16 17.72
CA LYS A 403 -3.97 8.59 18.42
C LYS A 403 -2.74 8.54 17.50
N GLU A 404 -2.92 7.95 16.30
CA GLU A 404 -1.86 7.79 15.30
C GLU A 404 -1.27 9.14 14.84
N LEU A 405 -2.15 10.14 14.67
CA LEU A 405 -1.75 11.51 14.29
C LEU A 405 -0.99 12.18 15.44
N MET A 406 -1.43 11.88 16.67
CA MET A 406 -0.81 12.38 17.91
C MET A 406 0.63 11.84 18.00
N ASP A 407 0.81 10.56 17.61
CA ASP A 407 2.13 9.89 17.58
C ASP A 407 3.03 10.42 16.45
N ASN A 408 2.41 10.83 15.31
CA ASN A 408 3.13 11.52 14.20
C ASN A 408 3.69 12.85 14.71
N MET A 409 2.86 13.55 15.51
CA MET A 409 3.25 14.82 16.13
C MET A 409 4.32 14.60 17.22
N ARG A 410 4.24 13.45 17.93
CA ARG A 410 5.25 13.07 18.94
C ARG A 410 6.59 12.74 18.26
N ASN A 411 6.49 12.14 17.05
CA ASN A 411 7.65 11.77 16.21
C ASN A 411 8.42 13.03 15.78
N VAL A 412 7.70 13.97 15.13
CA VAL A 412 8.33 15.23 14.65
C VAL A 412 8.79 16.10 15.84
N ALA A 413 8.06 16.01 16.97
CA ALA A 413 8.45 16.68 18.23
C ALA A 413 9.78 16.15 18.73
N LEU A 414 9.92 14.81 18.75
CA LEU A 414 11.15 14.14 19.22
C LEU A 414 12.33 14.43 18.29
N GLU A 415 12.06 14.54 16.97
CA GLU A 415 13.10 14.92 15.98
C GLU A 415 13.63 16.32 16.27
N GLU A 416 12.72 17.29 16.37
CA GLU A 416 13.06 18.72 16.57
C GLU A 416 13.52 19.02 18.01
N GLN A 417 13.17 18.11 18.94
CA GLN A 417 13.62 18.17 20.35
C GLN A 417 14.98 17.48 20.49
N ALA A 418 15.27 16.49 19.61
CA ALA A 418 16.59 15.84 19.53
C ALA A 418 17.61 16.80 18.93
N VAL A 419 17.13 17.59 17.95
CA VAL A 419 17.86 18.73 17.41
C VAL A 419 18.09 19.75 18.55
N GLU A 420 17.01 20.28 19.15
CA GLU A 420 17.11 21.35 20.17
C GLU A 420 17.91 20.90 21.43
N ALA A 421 17.91 19.58 21.70
CA ALA A 421 18.70 18.97 22.79
C ALA A 421 20.20 19.12 22.54
N VAL A 422 20.64 18.69 21.35
CA VAL A 422 22.05 18.74 20.96
C VAL A 422 22.48 20.20 20.72
N LEU A 423 21.52 21.11 20.37
CA LEU A 423 21.79 22.56 20.20
C LEU A 423 22.09 23.20 21.56
N ALA A 424 21.27 22.84 22.57
CA ALA A 424 21.42 23.32 23.97
C ALA A 424 22.73 22.83 24.62
N LYS A 425 23.47 21.96 23.90
CA LYS A 425 24.84 21.55 24.23
C LYS A 425 25.86 22.23 23.28
N ALA A 426 25.44 22.40 22.01
CA ALA A 426 26.29 22.86 20.89
C ALA A 426 26.56 24.38 20.92
N LYS A 427 27.37 24.84 19.96
CA LYS A 427 27.74 26.26 19.80
C LYS A 427 26.59 27.03 19.12
N VAL A 428 25.57 27.40 19.92
CA VAL A 428 24.45 28.25 19.47
C VAL A 428 24.92 29.69 19.26
N THR A 429 25.23 30.02 18.00
CA THR A 429 25.51 31.39 17.59
C THR A 429 24.21 32.00 17.04
N GLU A 430 23.51 32.71 17.94
CA GLU A 430 22.29 33.46 17.59
C GLU A 430 22.65 34.63 16.64
N LYS A 431 22.61 34.33 15.34
CA LYS A 431 23.06 35.22 14.26
C LYS A 431 21.87 36.09 13.86
N GLU A 432 21.91 37.39 14.24
CA GLU A 432 20.82 38.34 13.94
C GLU A 432 20.76 38.57 12.41
N THR A 433 19.55 38.48 11.86
CA THR A 433 19.32 38.40 10.41
C THR A 433 18.02 39.16 10.06
N THR A 434 17.87 39.58 8.80
CA THR A 434 16.60 40.14 8.29
C THR A 434 15.77 39.03 7.61
N PHE A 435 14.52 39.35 7.22
CA PHE A 435 13.67 38.41 6.44
C PHE A 435 14.34 38.14 5.06
N ASN A 436 14.88 39.21 4.45
CA ASN A 436 15.59 39.15 3.16
C ASN A 436 16.76 38.14 3.26
N GLU A 437 17.65 38.38 4.23
CA GLU A 437 18.85 37.56 4.44
C GLU A 437 18.56 36.21 5.12
N LEU A 438 17.30 35.92 5.45
CA LEU A 438 16.89 34.57 5.90
C LEU A 438 16.77 33.63 4.69
N MET A 439 15.99 34.06 3.69
CA MET A 439 15.62 33.22 2.52
C MET A 439 16.58 33.46 1.35
N ASN A 440 16.98 34.73 1.17
CA ASN A 440 18.03 35.14 0.20
C ASN A 440 19.36 35.31 0.97
N GLN A 441 19.69 34.28 1.77
CA GLN A 441 20.81 34.31 2.72
C GLN A 441 22.18 34.27 2.00
N GLN A 442 22.84 35.43 1.92
CA GLN A 442 24.25 35.54 1.48
C GLN A 442 25.18 35.21 2.67
N ALA A 443 24.79 35.68 3.88
CA ALA A 443 25.57 35.47 5.11
C ALA A 443 24.61 35.32 6.32
N MET B 12 -10.77 27.38 0.27
CA MET B 12 -11.79 26.40 -0.18
C MET B 12 -13.14 26.65 0.49
N GLN B 13 -14.21 26.08 -0.11
CA GLN B 13 -15.58 26.18 0.42
C GLN B 13 -16.07 24.76 0.76
N VAL B 14 -16.61 24.58 1.98
CA VAL B 14 -17.06 23.24 2.45
C VAL B 14 -18.55 23.31 2.85
N SER B 15 -19.27 22.21 2.63
CA SER B 15 -20.71 22.12 2.92
C SER B 15 -21.04 20.72 3.48
N VAL B 16 -21.17 20.64 4.82
CA VAL B 16 -21.60 19.40 5.50
C VAL B 16 -23.13 19.26 5.44
N GLU B 17 -23.62 18.02 5.28
CA GLU B 17 -25.05 17.70 5.23
C GLU B 17 -25.25 16.27 5.76
N THR B 18 -26.27 16.07 6.60
CA THR B 18 -26.61 14.75 7.16
C THR B 18 -27.44 13.95 6.14
N THR B 19 -26.84 12.86 5.62
CA THR B 19 -27.45 12.01 4.58
C THR B 19 -28.62 11.19 5.16
N GLN B 20 -28.37 10.51 6.30
CA GLN B 20 -29.36 9.71 7.03
C GLN B 20 -28.85 9.42 8.47
N GLY B 21 -29.20 10.32 9.41
CA GLY B 21 -28.92 10.14 10.85
C GLY B 21 -27.44 10.14 11.20
N LEU B 22 -26.87 8.92 11.30
CA LEU B 22 -25.43 8.70 11.59
C LEU B 22 -24.60 9.03 10.33
N GLY B 23 -25.23 8.82 9.15
CA GLY B 23 -24.63 9.09 7.84
C GLY B 23 -24.68 10.57 7.49
N ARG B 24 -23.51 11.14 7.12
CA ARG B 24 -23.35 12.57 6.78
C ARG B 24 -22.37 12.73 5.59
N ARG B 25 -22.15 14.00 5.16
CA ARG B 25 -21.42 14.32 3.92
C ARG B 25 -20.79 15.72 4.00
N VAL B 26 -19.46 15.79 4.13
CA VAL B 26 -18.72 17.08 4.04
C VAL B 26 -18.24 17.28 2.58
N THR B 27 -19.08 17.92 1.76
CA THR B 27 -18.74 18.21 0.35
C THR B 27 -17.76 19.40 0.29
N ILE B 28 -16.46 19.11 0.05
CA ILE B 28 -15.39 20.12 0.06
C ILE B 28 -14.98 20.50 -1.38
N THR B 29 -15.36 21.70 -1.77
CA THR B 29 -14.92 22.33 -3.02
C THR B 29 -13.50 22.93 -2.84
N ILE B 30 -12.46 22.14 -3.21
CA ILE B 30 -11.06 22.62 -3.19
C ILE B 30 -10.89 23.63 -4.33
N ALA B 31 -10.90 24.93 -4.00
CA ALA B 31 -10.75 26.02 -4.99
C ALA B 31 -9.31 26.06 -5.56
N ALA B 32 -9.13 26.84 -6.64
CA ALA B 32 -7.88 26.86 -7.44
C ALA B 32 -6.63 27.18 -6.63
N ASP B 33 -6.77 27.98 -5.56
CA ASP B 33 -5.63 28.36 -4.70
C ASP B 33 -4.95 27.15 -4.06
N SER B 34 -5.74 26.27 -3.39
CA SER B 34 -5.20 25.09 -2.68
C SER B 34 -4.73 24.01 -3.66
N ILE B 35 -5.26 24.02 -4.91
CA ILE B 35 -4.79 23.13 -5.97
C ILE B 35 -3.43 23.61 -6.46
N GLU B 36 -3.41 24.77 -7.17
CA GLU B 36 -2.21 25.33 -7.82
C GLU B 36 -1.02 25.44 -6.84
N THR B 37 -1.26 26.05 -5.66
CA THR B 37 -0.20 26.24 -4.65
C THR B 37 0.40 24.88 -4.24
N ALA B 38 -0.46 23.90 -3.90
CA ALA B 38 -0.01 22.58 -3.43
C ALA B 38 0.70 21.79 -4.55
N VAL B 39 0.23 21.93 -5.81
CA VAL B 39 0.81 21.24 -6.98
C VAL B 39 2.26 21.70 -7.18
N LYS B 40 2.44 23.01 -7.30
CA LYS B 40 3.72 23.63 -7.67
C LYS B 40 4.71 23.63 -6.48
N SER B 41 4.18 23.82 -5.24
CA SER B 41 4.98 23.77 -4.00
C SER B 41 5.50 22.36 -3.74
N GLU B 42 4.63 21.33 -3.92
CA GLU B 42 5.04 19.92 -3.74
C GLU B 42 5.87 19.43 -4.93
N LEU B 43 5.73 20.07 -6.12
CA LEU B 43 6.58 19.77 -7.28
C LEU B 43 8.04 20.16 -6.95
N VAL B 44 8.25 21.45 -6.57
CA VAL B 44 9.60 21.95 -6.22
C VAL B 44 10.12 21.28 -4.92
N ASN B 45 9.18 20.97 -3.98
CA ASN B 45 9.51 20.29 -2.71
C ASN B 45 10.16 18.95 -3.02
N VAL B 46 9.41 18.06 -3.70
CA VAL B 46 9.85 16.69 -4.00
C VAL B 46 11.02 16.70 -5.02
N ALA B 47 11.14 17.79 -5.82
CA ALA B 47 12.31 18.02 -6.67
C ALA B 47 13.57 18.23 -5.84
N LYS B 48 13.45 18.98 -4.71
CA LYS B 48 14.61 19.26 -3.84
C LYS B 48 14.87 18.09 -2.88
N LYS B 49 13.78 17.40 -2.51
CA LYS B 49 13.81 16.26 -1.59
C LYS B 49 14.60 15.11 -2.23
N VAL B 50 14.23 14.79 -3.48
CA VAL B 50 14.83 13.69 -4.26
C VAL B 50 16.08 14.21 -5.06
N ARG B 51 16.65 15.37 -4.64
CA ARG B 51 17.98 15.88 -5.11
C ARG B 51 17.97 16.28 -6.62
N ILE B 52 16.77 16.33 -7.21
CA ILE B 52 16.52 16.66 -8.64
C ILE B 52 16.68 18.19 -8.90
N ASP B 53 16.77 18.96 -7.79
CA ASP B 53 17.16 20.40 -7.80
C ASP B 53 18.59 20.62 -8.37
N GLY B 54 19.38 19.52 -8.39
CA GLY B 54 20.71 19.50 -9.01
C GLY B 54 20.69 19.76 -10.52
N PHE B 55 19.50 19.64 -11.14
CA PHE B 55 19.27 20.03 -12.55
C PHE B 55 18.97 21.57 -12.62
N ARG B 56 19.86 22.35 -11.97
CA ARG B 56 19.80 23.82 -11.93
C ARG B 56 18.53 24.34 -11.19
N LYS B 57 18.48 25.65 -10.92
CA LYS B 57 17.34 26.31 -10.23
C LYS B 57 16.91 27.57 -11.00
N GLY B 58 17.25 27.61 -12.30
CA GLY B 58 16.92 28.72 -13.19
C GLY B 58 16.33 28.23 -14.51
N LYS B 59 15.33 28.98 -15.03
CA LYS B 59 14.56 28.65 -16.26
C LYS B 59 13.61 27.45 -16.04
N VAL B 60 12.53 27.44 -16.84
CA VAL B 60 11.44 26.43 -16.79
C VAL B 60 10.84 26.32 -15.35
N PRO B 61 10.02 27.33 -14.92
CA PRO B 61 9.32 27.30 -13.61
C PRO B 61 8.38 26.08 -13.45
N MET B 62 8.30 25.56 -12.22
CA MET B 62 7.43 24.41 -11.85
C MET B 62 5.94 24.76 -12.04
N ASN B 63 5.65 26.07 -12.08
CA ASN B 63 4.32 26.64 -12.37
C ASN B 63 3.83 26.17 -13.76
N ILE B 64 4.74 26.28 -14.74
CA ILE B 64 4.49 25.87 -16.14
C ILE B 64 4.46 24.33 -16.23
N VAL B 65 5.51 23.69 -15.67
CA VAL B 65 5.70 22.22 -15.68
C VAL B 65 4.43 21.50 -15.19
N ALA B 66 3.87 22.02 -14.09
CA ALA B 66 2.67 21.50 -13.44
C ALA B 66 1.44 21.57 -14.37
N GLN B 67 0.99 22.80 -14.68
CA GLN B 67 -0.31 23.03 -15.32
C GLN B 67 -0.34 22.50 -16.78
N ARG B 68 0.79 22.67 -17.50
CA ARG B 68 0.86 22.32 -18.94
C ARG B 68 0.91 20.80 -19.17
N TYR B 69 1.86 20.10 -18.50
CA TYR B 69 2.12 18.66 -18.77
C TYR B 69 2.38 17.84 -17.50
N GLY B 70 2.16 18.44 -16.31
CA GLY B 70 2.28 17.71 -15.04
C GLY B 70 0.95 17.15 -14.60
N ALA B 71 0.41 16.22 -15.39
CA ALA B 71 -0.86 15.53 -15.07
C ALA B 71 -0.64 14.51 -13.93
N SER B 72 0.55 13.90 -13.94
CA SER B 72 0.93 12.79 -13.05
C SER B 72 1.16 13.24 -11.58
N VAL B 73 1.51 14.53 -11.37
CA VAL B 73 1.75 15.10 -10.02
C VAL B 73 0.42 15.25 -9.24
N ARG B 74 -0.72 15.34 -9.97
CA ARG B 74 -2.07 15.44 -9.38
C ARG B 74 -2.39 14.22 -8.47
N GLN B 75 -1.76 13.06 -8.73
CA GLN B 75 -1.90 11.86 -7.88
C GLN B 75 -1.42 12.16 -6.45
N ASP B 76 -0.14 12.61 -6.36
CA ASP B 76 0.53 12.95 -5.09
C ASP B 76 -0.22 14.08 -4.37
N VAL B 77 -0.49 15.15 -5.13
CA VAL B 77 -1.07 16.40 -4.61
C VAL B 77 -2.50 16.19 -4.11
N LEU B 78 -3.43 15.74 -5.01
CA LEU B 78 -4.84 15.50 -4.62
C LEU B 78 -4.92 14.41 -3.53
N GLY B 79 -3.98 13.44 -3.58
CA GLY B 79 -3.81 12.45 -2.51
C GLY B 79 -3.54 13.10 -1.16
N ASP B 80 -2.72 14.17 -1.15
CA ASP B 80 -2.42 14.95 0.07
C ASP B 80 -3.60 15.88 0.45
N LEU B 81 -4.26 16.46 -0.58
CA LEU B 81 -5.36 17.44 -0.40
C LEU B 81 -6.62 16.77 0.18
N MET B 82 -6.79 15.46 -0.10
CA MET B 82 -7.92 14.67 0.44
C MET B 82 -7.86 14.59 1.97
N SER B 83 -6.64 14.52 2.52
CA SER B 83 -6.43 14.53 3.98
C SER B 83 -6.27 15.97 4.52
N ARG B 84 -5.63 16.85 3.70
CA ARG B 84 -5.21 18.21 4.14
C ARG B 84 -6.41 19.15 4.27
N ASN B 85 -7.31 19.15 3.28
CA ASN B 85 -8.51 20.04 3.28
C ASN B 85 -9.58 19.48 4.21
N PHE B 86 -9.62 18.14 4.36
CA PHE B 86 -10.54 17.47 5.31
C PHE B 86 -10.16 17.85 6.75
N ILE B 87 -8.89 17.57 7.12
CA ILE B 87 -8.38 17.78 8.51
C ILE B 87 -8.49 19.26 8.94
N ASP B 88 -8.50 20.17 7.94
CA ASP B 88 -8.66 21.63 8.15
C ASP B 88 -10.14 21.97 8.40
N ALA B 89 -10.98 21.58 7.41
CA ALA B 89 -12.43 21.92 7.36
C ALA B 89 -13.20 21.49 8.61
N ILE B 90 -12.78 20.36 9.17
CA ILE B 90 -13.48 19.71 10.29
C ILE B 90 -13.08 20.31 11.66
N ILE B 91 -12.23 21.35 11.64
CA ILE B 91 -11.87 22.15 12.84
C ILE B 91 -12.97 23.23 13.06
N LYS B 92 -14.21 22.72 13.26
CA LYS B 92 -15.44 23.48 13.53
C LYS B 92 -16.52 22.46 13.97
N GLU B 93 -16.93 21.62 13.02
CA GLU B 93 -18.00 20.62 13.22
C GLU B 93 -17.52 19.46 14.10
N LYS B 94 -16.17 19.26 14.15
CA LYS B 94 -15.49 18.23 14.97
C LYS B 94 -15.69 16.79 14.40
N ILE B 95 -16.36 16.70 13.22
CA ILE B 95 -16.48 15.51 12.33
C ILE B 95 -15.67 14.27 12.78
N ASN B 96 -16.34 13.29 13.40
CA ASN B 96 -15.71 12.09 13.94
C ASN B 96 -16.38 10.85 13.30
N PRO B 97 -15.82 10.32 12.15
CA PRO B 97 -16.36 9.12 11.47
C PRO B 97 -16.12 7.81 12.27
N ALA B 98 -16.53 6.68 11.66
CA ALA B 98 -16.28 5.33 12.21
C ALA B 98 -14.92 4.77 11.73
N GLY B 99 -13.97 5.67 11.44
CA GLY B 99 -12.64 5.30 10.92
C GLY B 99 -12.52 5.54 9.43
N ALA B 100 -13.40 4.89 8.63
CA ALA B 100 -13.35 4.93 7.15
C ALA B 100 -14.40 5.91 6.57
N PRO B 101 -13.98 7.09 6.01
CA PRO B 101 -14.86 7.99 5.25
C PRO B 101 -14.81 7.75 3.71
N THR B 102 -15.97 7.83 3.05
CA THR B 102 -16.11 7.69 1.59
C THR B 102 -15.75 9.02 0.89
N TYR B 103 -14.55 9.09 0.33
CA TYR B 103 -14.11 10.21 -0.53
C TYR B 103 -14.64 9.97 -1.95
N VAL B 104 -15.76 10.63 -2.28
CA VAL B 104 -16.31 10.64 -3.65
C VAL B 104 -15.62 11.79 -4.43
N PRO B 105 -14.63 11.49 -5.33
CA PRO B 105 -13.83 12.53 -6.01
C PRO B 105 -14.61 13.23 -7.13
N GLY B 106 -14.19 14.47 -7.47
CA GLY B 106 -14.75 15.23 -8.58
C GLY B 106 -13.93 15.08 -9.84
N GLU B 107 -14.51 15.45 -10.98
CA GLU B 107 -13.82 15.43 -12.28
C GLU B 107 -12.97 16.69 -12.41
N TYR B 108 -11.68 16.58 -12.05
CA TYR B 108 -10.72 17.68 -12.16
C TYR B 108 -10.48 18.00 -13.65
N LYS B 109 -11.16 19.03 -14.13
CA LYS B 109 -10.98 19.59 -15.48
C LYS B 109 -9.77 20.56 -15.45
N LEU B 110 -9.12 20.76 -16.61
CA LEU B 110 -7.89 21.58 -16.71
C LEU B 110 -8.19 23.05 -16.36
N GLY B 111 -7.69 23.49 -15.19
CA GLY B 111 -7.97 24.83 -14.67
C GLY B 111 -9.35 24.95 -14.05
N GLU B 112 -9.74 23.89 -13.30
CA GLU B 112 -11.02 23.82 -12.57
C GLU B 112 -10.73 23.56 -11.08
N ASP B 113 -11.73 23.79 -10.21
CA ASP B 113 -11.68 23.40 -8.80
C ASP B 113 -11.95 21.88 -8.65
N PHE B 114 -11.49 21.30 -7.55
CA PHE B 114 -11.68 19.86 -7.25
C PHE B 114 -12.67 19.72 -6.07
N THR B 115 -13.96 19.60 -6.39
CA THR B 115 -14.99 19.30 -5.38
C THR B 115 -15.05 17.79 -5.13
N TYR B 116 -14.77 17.35 -3.90
CA TYR B 116 -14.91 15.95 -3.50
C TYR B 116 -15.87 15.84 -2.30
N SER B 117 -16.89 15.00 -2.46
CA SER B 117 -17.92 14.74 -1.46
C SER B 117 -17.35 13.77 -0.41
N VAL B 118 -16.83 14.32 0.71
CA VAL B 118 -16.21 13.53 1.78
C VAL B 118 -17.29 13.02 2.72
N GLU B 119 -17.97 11.95 2.29
CA GLU B 119 -19.02 11.30 3.07
C GLU B 119 -18.39 10.46 4.18
N PHE B 120 -19.11 10.31 5.28
CA PHE B 120 -18.64 9.58 6.46
C PHE B 120 -19.86 9.22 7.30
N GLU B 121 -19.73 8.15 8.09
CA GLU B 121 -20.76 7.77 9.06
C GLU B 121 -20.08 7.68 10.42
N VAL B 122 -20.61 8.44 11.40
CA VAL B 122 -20.06 8.52 12.77
C VAL B 122 -20.15 7.15 13.46
N TYR B 123 -19.17 6.84 14.34
CA TYR B 123 -19.05 5.53 15.01
C TYR B 123 -20.26 5.28 15.94
N PRO B 124 -21.22 4.37 15.55
CA PRO B 124 -22.44 4.14 16.31
C PRO B 124 -22.25 3.04 17.38
N GLU B 125 -22.22 3.45 18.65
CA GLU B 125 -22.15 2.50 19.78
C GLU B 125 -23.43 1.62 19.81
N VAL B 126 -23.24 0.31 19.90
CA VAL B 126 -24.30 -0.68 19.68
C VAL B 126 -24.69 -1.36 21.01
N GLU B 127 -25.95 -1.79 21.12
CA GLU B 127 -26.43 -2.60 22.25
C GLU B 127 -26.89 -3.95 21.70
N LEU B 128 -26.15 -5.00 22.05
CA LEU B 128 -26.41 -6.37 21.59
C LEU B 128 -27.09 -7.18 22.69
N GLN B 129 -27.91 -8.16 22.27
CA GLN B 129 -28.74 -8.95 23.21
C GLN B 129 -29.19 -10.24 22.52
N GLY B 130 -29.78 -11.16 23.31
CA GLY B 130 -30.17 -12.48 22.83
C GLY B 130 -29.01 -13.46 22.91
N LEU B 131 -28.00 -13.11 23.72
CA LEU B 131 -26.79 -13.92 23.93
C LEU B 131 -27.19 -15.31 24.46
N GLU B 132 -28.01 -15.32 25.52
CA GLU B 132 -28.56 -16.57 26.11
C GLU B 132 -29.53 -17.30 25.14
N ALA B 133 -29.93 -16.64 24.03
CA ALA B 133 -30.72 -17.28 22.96
C ALA B 133 -29.80 -17.89 21.89
N ILE B 134 -28.59 -17.30 21.73
CA ILE B 134 -27.53 -17.84 20.85
C ILE B 134 -27.05 -19.19 21.41
N GLU B 135 -27.43 -20.27 20.73
CA GLU B 135 -27.02 -21.64 21.09
C GLU B 135 -25.65 -21.94 20.45
N VAL B 136 -24.63 -21.95 21.31
CA VAL B 136 -23.22 -22.14 20.96
C VAL B 136 -22.93 -23.64 20.73
N GLU B 137 -22.12 -23.93 19.71
CA GLU B 137 -21.69 -25.29 19.37
C GLU B 137 -20.20 -25.47 19.70
N LYS B 138 -19.88 -26.27 20.73
CA LYS B 138 -18.50 -26.71 21.04
C LYS B 138 -18.33 -28.18 20.61
N PRO B 139 -17.92 -28.46 19.32
CA PRO B 139 -17.76 -29.84 18.81
C PRO B 139 -16.59 -30.57 19.47
N ILE B 140 -16.92 -31.53 20.35
CA ILE B 140 -15.93 -32.37 21.01
C ILE B 140 -15.53 -33.49 20.05
N VAL B 141 -14.40 -33.28 19.35
CA VAL B 141 -13.89 -34.19 18.30
C VAL B 141 -12.40 -34.48 18.53
N GLU B 142 -11.90 -35.56 17.91
CA GLU B 142 -10.46 -35.89 17.84
C GLU B 142 -10.14 -36.45 16.44
N VAL B 143 -8.86 -36.41 16.07
CA VAL B 143 -8.34 -37.16 14.91
C VAL B 143 -8.17 -38.63 15.33
N THR B 144 -9.29 -39.38 15.35
CA THR B 144 -9.28 -40.78 15.78
C THR B 144 -8.75 -41.66 14.63
N ASP B 145 -8.23 -42.84 14.97
CA ASP B 145 -7.74 -43.84 13.98
C ASP B 145 -8.87 -44.25 13.01
N ALA B 146 -10.12 -44.15 13.49
CA ALA B 146 -11.34 -44.37 12.71
C ALA B 146 -11.52 -43.29 11.62
N ASP B 147 -11.26 -42.02 12.00
CA ASP B 147 -11.29 -40.87 11.06
C ASP B 147 -10.20 -41.01 10.03
N VAL B 148 -8.97 -41.31 10.49
CA VAL B 148 -7.79 -41.43 9.62
C VAL B 148 -7.99 -42.54 8.58
N ASP B 149 -8.49 -43.71 9.05
CA ASP B 149 -8.70 -44.91 8.20
C ASP B 149 -9.84 -44.69 7.20
N GLY B 150 -10.98 -44.16 7.69
CA GLY B 150 -12.19 -43.93 6.86
C GLY B 150 -11.99 -42.84 5.82
N MET B 151 -11.28 -41.76 6.23
CA MET B 151 -10.92 -40.65 5.33
C MET B 151 -9.95 -41.14 4.26
N LEU B 152 -8.96 -41.95 4.69
CA LEU B 152 -7.93 -42.50 3.79
C LEU B 152 -8.55 -43.51 2.81
N ASP B 153 -9.61 -44.20 3.27
CA ASP B 153 -10.44 -45.11 2.44
C ASP B 153 -11.12 -44.29 1.33
N THR B 154 -11.75 -43.17 1.74
CA THR B 154 -12.39 -42.21 0.79
C THR B 154 -11.35 -41.61 -0.19
N LEU B 155 -10.15 -41.30 0.36
CA LEU B 155 -9.06 -40.62 -0.35
C LEU B 155 -8.57 -41.50 -1.49
N ARG B 156 -8.22 -42.76 -1.18
CA ARG B 156 -7.75 -43.73 -2.17
C ARG B 156 -8.90 -44.10 -3.15
N LYS B 157 -10.14 -44.16 -2.63
CA LYS B 157 -11.33 -44.48 -3.45
C LYS B 157 -11.60 -43.38 -4.49
N GLN B 158 -11.14 -42.15 -4.22
CA GLN B 158 -11.21 -41.02 -5.18
C GLN B 158 -9.91 -40.80 -5.99
N GLN B 159 -8.74 -41.07 -5.39
CA GLN B 159 -7.43 -40.59 -5.93
C GLN B 159 -6.42 -41.73 -6.13
N ALA B 160 -6.89 -42.99 -6.25
CA ALA B 160 -6.01 -44.16 -6.55
C ALA B 160 -5.48 -44.08 -8.00
N THR B 161 -4.50 -44.95 -8.31
CA THR B 161 -3.83 -45.00 -9.62
C THR B 161 -4.86 -45.30 -10.75
N TRP B 162 -4.97 -44.33 -11.67
CA TRP B 162 -6.02 -44.28 -12.71
C TRP B 162 -5.70 -45.22 -13.89
N LYS B 163 -6.75 -45.83 -14.47
CA LYS B 163 -6.62 -46.71 -15.63
C LYS B 163 -6.92 -45.94 -16.93
N GLU B 164 -5.98 -46.03 -17.90
CA GLU B 164 -6.12 -45.36 -19.21
C GLU B 164 -7.24 -46.05 -20.02
N LYS B 165 -8.29 -45.30 -20.35
CA LYS B 165 -9.52 -45.85 -20.94
C LYS B 165 -9.57 -45.66 -22.46
N ASP B 166 -10.16 -46.65 -23.15
CA ASP B 166 -10.46 -46.62 -24.58
C ASP B 166 -11.96 -46.91 -24.76
N GLY B 167 -12.78 -45.86 -24.92
CA GLY B 167 -14.24 -45.98 -25.05
C GLY B 167 -14.93 -44.64 -24.98
N ALA B 168 -16.24 -44.65 -24.68
CA ALA B 168 -17.03 -43.41 -24.54
C ALA B 168 -16.65 -42.69 -23.24
N VAL B 169 -16.49 -41.35 -23.29
CA VAL B 169 -16.29 -40.53 -22.10
C VAL B 169 -17.60 -40.56 -21.27
N GLU B 170 -17.55 -41.24 -20.12
CA GLU B 170 -18.71 -41.42 -19.24
C GLU B 170 -18.55 -40.56 -17.98
N ALA B 171 -19.52 -40.70 -17.05
CA ALA B 171 -19.56 -39.95 -15.79
C ALA B 171 -18.63 -40.57 -14.71
N GLU B 172 -18.01 -41.73 -15.02
CA GLU B 172 -17.06 -42.42 -14.10
C GLU B 172 -15.61 -42.36 -14.64
N ASP B 173 -15.34 -41.33 -15.48
CA ASP B 173 -14.03 -41.14 -16.12
C ASP B 173 -13.24 -39.99 -15.49
N ARG B 174 -11.92 -40.01 -15.72
CA ARG B 174 -11.06 -38.83 -15.52
C ARG B 174 -10.48 -38.43 -16.87
N VAL B 175 -11.15 -37.48 -17.54
CA VAL B 175 -10.87 -37.12 -18.93
C VAL B 175 -10.07 -35.80 -19.02
N THR B 176 -8.81 -35.90 -19.50
CA THR B 176 -7.95 -34.74 -19.73
C THR B 176 -8.32 -34.06 -21.06
N ILE B 177 -8.80 -32.81 -20.96
CA ILE B 177 -9.30 -32.00 -22.09
C ILE B 177 -8.69 -30.57 -22.04
N ASP B 178 -9.28 -29.69 -22.85
CA ASP B 178 -9.09 -28.24 -22.77
C ASP B 178 -10.45 -27.57 -23.00
N PHE B 179 -10.74 -26.52 -22.22
CA PHE B 179 -11.92 -25.68 -22.44
C PHE B 179 -11.43 -24.30 -22.88
N THR B 180 -11.71 -23.94 -24.15
CA THR B 180 -11.18 -22.73 -24.79
C THR B 180 -12.09 -22.32 -25.96
N GLY B 181 -12.05 -21.04 -26.32
CA GLY B 181 -12.85 -20.51 -27.42
C GLY B 181 -13.19 -19.07 -27.14
N SER B 182 -14.47 -18.79 -26.81
CA SER B 182 -14.93 -17.43 -26.49
C SER B 182 -16.34 -17.48 -25.88
N VAL B 183 -16.57 -16.55 -24.95
CA VAL B 183 -17.88 -16.32 -24.31
C VAL B 183 -18.64 -15.27 -25.15
N ASP B 184 -19.56 -15.75 -26.03
CA ASP B 184 -20.44 -14.90 -26.89
C ASP B 184 -19.60 -14.09 -27.91
N GLY B 185 -18.41 -14.64 -28.25
CA GLY B 185 -17.50 -14.00 -29.19
C GLY B 185 -16.35 -13.27 -28.49
N GLU B 186 -16.50 -13.04 -27.17
CA GLU B 186 -15.46 -12.39 -26.37
C GLU B 186 -14.80 -13.44 -25.46
N GLU B 187 -13.48 -13.69 -25.65
CA GLU B 187 -12.75 -14.66 -24.81
C GLU B 187 -12.57 -14.10 -23.40
N PHE B 188 -12.30 -14.99 -22.46
CA PHE B 188 -12.23 -14.69 -21.03
C PHE B 188 -10.77 -14.73 -20.58
N GLU B 189 -10.35 -13.62 -19.93
CA GLU B 189 -8.94 -13.23 -19.73
C GLU B 189 -8.10 -14.32 -19.05
N GLY B 190 -7.50 -15.18 -19.88
CA GLY B 190 -6.65 -16.31 -19.43
C GLY B 190 -7.37 -17.34 -18.55
N GLY B 191 -8.70 -17.19 -18.38
CA GLY B 191 -9.50 -18.02 -17.46
C GLY B 191 -9.75 -19.43 -17.98
N LYS B 192 -9.37 -19.65 -19.24
CA LYS B 192 -9.41 -20.96 -19.90
C LYS B 192 -8.14 -21.75 -19.59
N ALA B 193 -8.24 -23.08 -19.65
CA ALA B 193 -7.14 -23.99 -19.32
C ALA B 193 -7.01 -25.08 -20.37
N SER B 194 -5.90 -25.05 -21.10
CA SER B 194 -5.41 -26.22 -21.85
C SER B 194 -4.85 -27.22 -20.83
N ASP B 195 -4.77 -28.51 -21.22
CA ASP B 195 -4.18 -29.60 -20.37
C ASP B 195 -4.96 -29.78 -19.04
N PHE B 196 -6.22 -29.31 -19.03
CA PHE B 196 -7.16 -29.45 -17.90
C PHE B 196 -7.56 -30.93 -17.75
N VAL B 197 -7.79 -31.41 -16.52
CA VAL B 197 -8.21 -32.80 -16.30
C VAL B 197 -9.50 -32.85 -15.45
N LEU B 198 -10.60 -33.25 -16.10
CA LEU B 198 -11.90 -33.42 -15.45
C LEU B 198 -11.96 -34.79 -14.75
N ALA B 199 -11.90 -34.79 -13.41
CA ALA B 199 -12.10 -36.00 -12.61
C ALA B 199 -13.59 -36.14 -12.21
N MET B 200 -14.01 -37.38 -12.05
CA MET B 200 -15.36 -37.74 -11.56
C MET B 200 -15.34 -37.88 -10.02
N GLY B 201 -16.50 -38.26 -9.44
CA GLY B 201 -16.62 -38.53 -8.02
C GLY B 201 -16.48 -37.26 -7.19
N GLN B 202 -17.24 -36.24 -7.61
CA GLN B 202 -17.22 -34.88 -7.06
C GLN B 202 -18.66 -34.39 -6.86
N GLY B 203 -18.84 -33.09 -6.56
CA GLY B 203 -20.12 -32.41 -6.72
C GLY B 203 -20.43 -32.16 -8.20
N ARG B 204 -21.37 -31.25 -8.51
CA ARG B 204 -21.74 -30.92 -9.90
C ARG B 204 -21.34 -29.49 -10.26
N MET B 205 -21.13 -29.29 -11.57
CA MET B 205 -20.79 -27.99 -12.18
C MET B 205 -22.08 -27.34 -12.73
N ILE B 206 -21.94 -26.19 -13.42
CA ILE B 206 -23.04 -25.53 -14.16
C ILE B 206 -23.67 -26.51 -15.20
N PRO B 207 -25.05 -26.65 -15.20
CA PRO B 207 -25.77 -27.56 -16.15
C PRO B 207 -25.49 -27.22 -17.63
N GLY B 208 -24.74 -28.12 -18.30
CA GLY B 208 -24.40 -27.98 -19.71
C GLY B 208 -23.06 -28.59 -20.01
N PHE B 209 -22.01 -28.10 -19.29
CA PHE B 209 -20.60 -28.47 -19.52
C PHE B 209 -20.41 -29.99 -19.40
N GLU B 210 -20.68 -30.50 -18.17
CA GLU B 210 -20.57 -31.94 -17.80
C GLU B 210 -21.19 -32.85 -18.88
N ASP B 211 -22.43 -32.48 -19.26
CA ASP B 211 -23.28 -33.23 -20.19
C ASP B 211 -22.63 -33.36 -21.57
N GLY B 212 -21.92 -32.30 -21.98
CA GLY B 212 -21.26 -32.28 -23.29
C GLY B 212 -20.07 -33.20 -23.33
N ILE B 213 -19.23 -33.08 -22.29
CA ILE B 213 -17.99 -33.86 -22.15
C ILE B 213 -18.30 -35.37 -22.14
N LYS B 214 -19.29 -35.74 -21.31
CA LYS B 214 -19.71 -37.15 -21.16
C LYS B 214 -20.69 -37.60 -22.27
N GLY B 215 -20.85 -36.77 -23.34
CA GLY B 215 -21.76 -37.09 -24.44
C GLY B 215 -21.04 -37.53 -25.70
N HIS B 216 -19.73 -37.85 -25.59
CA HIS B 216 -18.87 -38.16 -26.76
C HIS B 216 -17.84 -39.25 -26.42
N LYS B 217 -17.27 -39.90 -27.45
CA LYS B 217 -16.28 -40.99 -27.31
C LYS B 217 -14.85 -40.46 -27.46
N ALA B 218 -13.91 -41.17 -26.85
CA ALA B 218 -12.47 -40.83 -26.89
C ALA B 218 -11.91 -40.83 -28.33
N GLY B 219 -11.10 -39.80 -28.65
CA GLY B 219 -10.49 -39.67 -29.97
C GLY B 219 -11.02 -38.47 -30.73
N GLU B 220 -12.36 -38.31 -30.75
CA GLU B 220 -13.01 -37.16 -31.41
C GLU B 220 -12.82 -35.92 -30.56
N GLU B 221 -12.74 -34.76 -31.22
CA GLU B 221 -12.49 -33.47 -30.58
C GLU B 221 -13.58 -32.50 -31.02
N PHE B 222 -14.46 -32.13 -30.07
CA PHE B 222 -15.73 -31.41 -30.34
C PHE B 222 -15.72 -30.01 -29.73
N THR B 223 -16.87 -29.31 -29.78
CA THR B 223 -17.07 -28.04 -29.10
C THR B 223 -18.44 -28.03 -28.39
N ILE B 224 -18.47 -27.52 -27.14
CA ILE B 224 -19.70 -27.37 -26.35
C ILE B 224 -19.96 -25.88 -26.07
N ASP B 225 -21.17 -25.41 -26.39
CA ASP B 225 -21.60 -24.03 -26.09
C ASP B 225 -22.58 -24.07 -24.92
N VAL B 226 -22.17 -23.49 -23.78
CA VAL B 226 -22.99 -23.46 -22.55
C VAL B 226 -23.04 -22.01 -22.01
N THR B 227 -24.25 -21.54 -21.71
CA THR B 227 -24.49 -20.19 -21.17
C THR B 227 -24.18 -20.15 -19.66
N PHE B 228 -23.41 -19.13 -19.22
CA PHE B 228 -23.17 -18.90 -17.79
C PHE B 228 -24.49 -18.50 -17.08
N PRO B 229 -24.80 -19.09 -15.88
CA PRO B 229 -26.05 -18.80 -15.13
C PRO B 229 -26.08 -17.36 -14.60
N GLU B 230 -27.29 -16.83 -14.37
CA GLU B 230 -27.50 -15.54 -13.69
C GLU B 230 -27.07 -15.62 -12.21
N GLU B 231 -26.91 -16.87 -11.72
CA GLU B 231 -26.41 -17.19 -10.38
C GLU B 231 -24.86 -17.15 -10.33
N TYR B 232 -24.20 -16.97 -11.50
CA TYR B 232 -22.74 -16.92 -11.61
C TYR B 232 -22.17 -15.62 -10.99
N HIS B 233 -20.98 -15.76 -10.36
CA HIS B 233 -20.36 -14.73 -9.48
C HIS B 233 -19.79 -13.48 -10.23
N ALA B 234 -20.03 -13.33 -11.53
CA ALA B 234 -19.56 -12.15 -12.30
C ALA B 234 -20.59 -11.77 -13.35
N GLU B 235 -21.08 -10.51 -13.24
CA GLU B 235 -22.12 -9.92 -14.09
C GLU B 235 -21.74 -9.97 -15.59
N ASN B 236 -20.47 -9.62 -15.90
CA ASN B 236 -19.99 -9.51 -17.30
C ASN B 236 -19.96 -10.87 -18.03
N LEU B 237 -19.70 -11.96 -17.29
CA LEU B 237 -19.61 -13.31 -17.89
C LEU B 237 -20.98 -13.99 -17.93
N LYS B 238 -21.84 -13.70 -16.92
CA LYS B 238 -23.17 -14.33 -16.80
C LYS B 238 -24.11 -13.85 -17.92
N GLY B 239 -24.98 -14.74 -18.40
CA GLY B 239 -25.93 -14.44 -19.47
C GLY B 239 -25.39 -14.74 -20.86
N LYS B 240 -24.04 -14.76 -21.01
CA LYS B 240 -23.37 -15.01 -22.29
C LYS B 240 -23.11 -16.53 -22.48
N ALA B 241 -23.22 -16.99 -23.73
CA ALA B 241 -22.99 -18.39 -24.10
C ALA B 241 -21.51 -18.63 -24.46
N ALA B 242 -20.81 -19.40 -23.62
CA ALA B 242 -19.38 -19.72 -23.80
C ALA B 242 -19.20 -21.02 -24.60
N LYS B 243 -18.58 -20.92 -25.79
CA LYS B 243 -18.22 -22.11 -26.59
C LYS B 243 -16.82 -22.61 -26.18
N PHE B 244 -16.66 -23.94 -26.15
CA PHE B 244 -15.47 -24.62 -25.62
C PHE B 244 -15.04 -25.74 -26.56
N ALA B 245 -14.01 -25.48 -27.37
CA ALA B 245 -13.33 -26.49 -28.19
C ALA B 245 -12.68 -27.57 -27.30
N ILE B 246 -13.49 -28.59 -26.96
CA ILE B 246 -13.09 -29.71 -26.12
C ILE B 246 -12.37 -30.77 -26.96
N ASN B 247 -11.03 -30.78 -26.87
CA ASN B 247 -10.20 -31.78 -27.54
C ASN B 247 -9.88 -32.86 -26.51
N LEU B 248 -10.44 -34.07 -26.70
CA LEU B 248 -10.23 -35.22 -25.78
C LEU B 248 -8.78 -35.70 -25.89
N LYS B 249 -7.90 -35.05 -25.11
CA LYS B 249 -6.44 -35.29 -25.12
C LYS B 249 -6.14 -36.69 -24.59
N LYS B 250 -6.60 -36.93 -23.34
CA LYS B 250 -6.54 -38.24 -22.69
C LYS B 250 -7.89 -38.53 -22.06
N VAL B 251 -8.26 -39.82 -22.00
CA VAL B 251 -9.49 -40.29 -21.36
C VAL B 251 -9.12 -41.46 -20.45
N GLU B 252 -8.99 -41.19 -19.15
CA GLU B 252 -8.75 -42.21 -18.12
C GLU B 252 -10.08 -42.57 -17.45
N GLU B 253 -10.01 -43.42 -16.42
CA GLU B 253 -11.19 -43.91 -15.69
C GLU B 253 -10.73 -44.35 -14.29
N ARG B 254 -11.68 -44.39 -13.34
CA ARG B 254 -11.43 -44.80 -11.94
C ARG B 254 -10.98 -46.28 -11.84
N GLU B 255 -9.92 -46.51 -11.05
CA GLU B 255 -9.41 -47.86 -10.74
C GLU B 255 -8.82 -47.83 -9.33
N LEU B 256 -9.19 -48.84 -8.52
CA LEU B 256 -8.80 -48.94 -7.10
C LEU B 256 -8.07 -50.28 -6.87
N PRO B 257 -6.73 -50.36 -7.17
CA PRO B 257 -5.97 -51.61 -6.99
C PRO B 257 -5.68 -51.90 -5.48
N GLU B 258 -4.73 -51.15 -4.86
CA GLU B 258 -4.35 -51.26 -3.43
C GLU B 258 -3.73 -49.93 -2.97
N LEU B 259 -3.44 -49.87 -1.65
CA LEU B 259 -2.80 -48.72 -0.99
C LEU B 259 -1.25 -48.90 -1.06
N THR B 260 -0.73 -48.97 -2.29
CA THR B 260 0.68 -49.29 -2.58
C THR B 260 1.58 -48.05 -2.47
N ALA B 261 2.91 -48.29 -2.47
CA ALA B 261 3.94 -47.23 -2.46
C ALA B 261 3.79 -46.27 -3.66
N GLU B 262 3.23 -46.78 -4.78
CA GLU B 262 2.88 -45.97 -5.97
C GLU B 262 1.93 -44.80 -5.59
N PHE B 263 1.01 -45.10 -4.65
CA PHE B 263 0.05 -44.13 -4.11
C PHE B 263 0.71 -43.30 -3.00
N ILE B 264 1.46 -43.99 -2.10
CA ILE B 264 2.10 -43.36 -0.91
C ILE B 264 3.03 -42.19 -1.31
N LYS B 265 3.82 -42.42 -2.38
CA LYS B 265 4.79 -41.42 -2.90
C LYS B 265 4.08 -40.19 -3.51
N ARG B 266 2.79 -40.34 -3.90
CA ARG B 266 2.03 -39.29 -4.63
C ARG B 266 1.90 -37.99 -3.78
N PHE B 267 1.98 -38.16 -2.46
CA PHE B 267 1.79 -37.08 -1.46
C PHE B 267 3.14 -36.54 -0.95
N GLY B 268 4.25 -37.02 -1.56
CA GLY B 268 5.59 -36.62 -1.16
C GLY B 268 6.08 -37.36 0.07
N VAL B 269 5.46 -38.51 0.36
CA VAL B 269 5.90 -39.40 1.44
C VAL B 269 7.03 -40.29 0.90
N GLU B 270 8.26 -39.78 1.02
CA GLU B 270 9.49 -40.40 0.47
C GLU B 270 9.89 -41.67 1.24
N ASP B 271 9.19 -41.91 2.35
CA ASP B 271 9.29 -43.13 3.16
C ASP B 271 8.84 -44.36 2.35
N GLY B 272 7.79 -44.20 1.51
CA GLY B 272 7.28 -45.28 0.67
C GLY B 272 6.34 -46.24 1.40
N SER B 273 6.67 -46.56 2.67
CA SER B 273 5.82 -47.38 3.54
C SER B 273 4.58 -46.60 3.98
N VAL B 274 3.44 -47.32 4.02
CA VAL B 274 2.10 -46.76 4.39
C VAL B 274 2.14 -46.08 5.78
N GLU B 275 2.99 -46.64 6.67
CA GLU B 275 3.22 -46.13 8.04
C GLU B 275 3.62 -44.64 8.02
N GLY B 276 4.46 -44.27 7.01
CA GLY B 276 4.87 -42.87 6.83
C GLY B 276 3.71 -42.00 6.39
N LEU B 277 2.83 -42.57 5.54
CA LEU B 277 1.70 -41.86 4.93
C LEU B 277 0.65 -41.59 6.01
N ARG B 278 0.46 -42.57 6.89
CA ARG B 278 -0.53 -42.54 7.98
C ARG B 278 -0.14 -41.46 9.01
N ALA B 279 1.19 -41.39 9.27
CA ALA B 279 1.79 -40.39 10.16
C ALA B 279 1.59 -38.97 9.60
N GLU B 280 1.95 -38.80 8.30
CA GLU B 280 1.77 -37.53 7.57
C GLU B 280 0.32 -37.06 7.60
N VAL B 281 -0.61 -37.99 7.33
CA VAL B 281 -2.05 -37.72 7.35
C VAL B 281 -2.49 -37.22 8.73
N ARG B 282 -2.04 -37.90 9.82
CA ARG B 282 -2.37 -37.51 11.20
C ARG B 282 -1.81 -36.10 11.54
N LYS B 283 -0.57 -35.81 11.08
CA LYS B 283 0.13 -34.53 11.33
C LYS B 283 -0.58 -33.34 10.67
N ASN B 284 -1.00 -33.54 9.41
CA ASN B 284 -1.81 -32.56 8.66
C ASN B 284 -3.17 -32.39 9.36
N MET B 285 -3.84 -33.54 9.61
CA MET B 285 -5.17 -33.61 10.28
C MET B 285 -5.17 -32.90 11.63
N GLU B 286 -4.01 -32.89 12.31
CA GLU B 286 -3.85 -32.23 13.60
C GLU B 286 -4.04 -30.70 13.43
N ARG B 287 -3.22 -30.12 12.51
CA ARG B 287 -3.31 -28.69 12.13
C ARG B 287 -4.73 -28.33 11.69
N GLU B 288 -5.34 -29.26 10.92
CA GLU B 288 -6.71 -29.16 10.42
C GLU B 288 -7.72 -29.17 11.59
N LEU B 289 -7.46 -30.03 12.60
CA LEU B 289 -8.36 -30.26 13.74
C LEU B 289 -8.50 -28.97 14.55
N LYS B 290 -7.35 -28.40 15.02
CA LYS B 290 -7.37 -27.18 15.85
C LYS B 290 -7.97 -25.98 15.08
N SER B 291 -7.47 -25.75 13.84
CA SER B 291 -7.95 -24.66 12.96
C SER B 291 -9.48 -24.72 12.81
N ALA B 292 -9.97 -25.94 12.49
CA ALA B 292 -11.40 -26.18 12.28
C ALA B 292 -12.21 -26.00 13.56
N ILE B 293 -11.66 -26.41 14.74
CA ILE B 293 -12.34 -26.24 16.05
C ILE B 293 -12.62 -24.76 16.34
N ARG B 294 -11.52 -23.96 16.32
CA ARG B 294 -11.60 -22.53 16.64
C ARG B 294 -12.53 -21.83 15.64
N ASN B 295 -12.33 -22.11 14.35
CA ASN B 295 -13.10 -21.50 13.25
C ASN B 295 -14.54 -22.06 13.16
N ARG B 296 -14.80 -23.26 13.73
CA ARG B 296 -16.15 -23.87 13.75
C ARG B 296 -17.00 -23.11 14.75
N VAL B 297 -16.55 -23.08 16.03
CA VAL B 297 -17.30 -22.40 17.08
C VAL B 297 -17.34 -20.88 16.82
N LYS B 298 -16.27 -20.36 16.17
CA LYS B 298 -16.19 -18.95 15.73
C LYS B 298 -17.31 -18.66 14.72
N SER B 299 -17.39 -19.44 13.63
CA SER B 299 -18.38 -19.21 12.56
C SER B 299 -19.83 -19.37 13.06
N GLN B 300 -20.06 -20.37 13.94
CA GLN B 300 -21.38 -20.61 14.59
C GLN B 300 -21.77 -19.44 15.53
N ALA B 301 -20.78 -18.94 16.29
CA ALA B 301 -20.98 -17.84 17.25
C ALA B 301 -21.30 -16.53 16.53
N ILE B 302 -20.46 -16.22 15.53
CA ILE B 302 -20.57 -15.02 14.68
C ILE B 302 -21.92 -15.01 13.95
N GLU B 303 -22.27 -16.17 13.34
CA GLU B 303 -23.55 -16.36 12.63
C GLU B 303 -24.73 -16.10 13.60
N GLY B 304 -24.60 -16.65 14.82
CA GLY B 304 -25.57 -16.44 15.91
C GLY B 304 -25.68 -14.98 16.36
N LEU B 305 -24.54 -14.27 16.42
CA LEU B 305 -24.46 -12.85 16.85
C LEU B 305 -25.18 -11.93 15.86
N VAL B 306 -24.92 -12.13 14.55
CA VAL B 306 -25.54 -11.34 13.48
C VAL B 306 -27.05 -11.66 13.41
N LYS B 307 -27.38 -12.97 13.39
CA LYS B 307 -28.78 -13.48 13.35
C LYS B 307 -29.58 -13.00 14.59
N ALA B 308 -28.88 -12.82 15.73
CA ALA B 308 -29.48 -12.25 16.95
C ALA B 308 -29.78 -10.76 16.77
N ASN B 309 -28.85 -10.03 16.10
CA ASN B 309 -28.83 -8.55 16.09
C ASN B 309 -28.51 -8.01 14.68
N ASP B 310 -29.57 -7.76 13.85
CA ASP B 310 -29.44 -6.99 12.59
C ASP B 310 -29.37 -5.50 12.94
N ILE B 311 -28.16 -5.06 13.27
CA ILE B 311 -27.89 -3.70 13.78
C ILE B 311 -27.64 -2.69 12.64
N ASP B 312 -27.68 -1.39 13.00
CA ASP B 312 -27.41 -0.28 12.06
C ASP B 312 -25.89 -0.13 11.88
N VAL B 313 -25.36 -0.79 10.85
CA VAL B 313 -23.93 -0.79 10.52
C VAL B 313 -23.60 0.35 9.53
N PRO B 314 -22.45 1.09 9.73
CA PRO B 314 -21.99 2.12 8.79
C PRO B 314 -21.64 1.53 7.41
N ALA B 315 -22.41 1.92 6.39
CA ALA B 315 -22.22 1.47 5.01
C ALA B 315 -20.93 2.06 4.40
N ALA B 316 -20.34 3.07 5.10
CA ALA B 316 -19.04 3.65 4.73
C ALA B 316 -17.89 2.66 5.03
N LEU B 317 -18.03 1.88 6.13
CA LEU B 317 -17.08 0.82 6.50
C LEU B 317 -17.16 -0.32 5.46
N ILE B 318 -18.43 -0.67 5.14
CA ILE B 318 -18.77 -1.69 4.13
C ILE B 318 -18.27 -1.26 2.74
N ASP B 319 -18.41 0.05 2.43
CA ASP B 319 -18.01 0.65 1.13
C ASP B 319 -16.49 0.60 0.94
N SER B 320 -15.76 1.04 1.99
CA SER B 320 -14.29 1.02 2.00
C SER B 320 -13.77 -0.42 1.81
N GLU B 321 -14.36 -1.34 2.60
CA GLU B 321 -14.01 -2.77 2.54
C GLU B 321 -14.39 -3.38 1.18
N ILE B 322 -15.53 -2.94 0.61
CA ILE B 322 -15.99 -3.40 -0.73
C ILE B 322 -14.99 -2.98 -1.81
N ASP B 323 -14.45 -1.75 -1.68
CA ASP B 323 -13.50 -1.18 -2.63
C ASP B 323 -12.16 -1.94 -2.59
N VAL B 324 -11.69 -2.22 -1.35
CA VAL B 324 -10.46 -3.01 -1.12
C VAL B 324 -10.61 -4.43 -1.69
N LEU B 325 -11.72 -5.11 -1.31
CA LEU B 325 -12.05 -6.48 -1.76
C LEU B 325 -12.15 -6.55 -3.28
N ARG B 326 -12.80 -5.54 -3.88
CA ARG B 326 -12.97 -5.40 -5.33
C ARG B 326 -11.60 -5.34 -6.03
N ARG B 327 -10.71 -4.46 -5.51
CA ARG B 327 -9.38 -4.23 -6.08
C ARG B 327 -8.55 -5.54 -6.04
N GLN B 328 -8.51 -6.18 -4.84
CA GLN B 328 -7.70 -7.41 -4.62
C GLN B 328 -8.25 -8.60 -5.42
N ALA B 329 -9.59 -8.65 -5.59
CA ALA B 329 -10.27 -9.72 -6.35
C ALA B 329 -9.89 -9.63 -7.83
N ALA B 330 -10.17 -8.46 -8.45
CA ALA B 330 -9.93 -8.23 -9.87
C ALA B 330 -8.42 -8.23 -10.23
N GLN B 331 -7.57 -7.89 -9.23
CA GLN B 331 -6.08 -8.00 -9.31
C GLN B 331 -5.64 -9.49 -9.42
N ARG B 332 -6.39 -10.35 -8.75
CA ARG B 332 -6.04 -11.76 -8.54
C ARG B 332 -6.55 -12.62 -9.71
N PHE B 333 -7.85 -12.51 -9.99
CA PHE B 333 -8.55 -13.29 -11.03
C PHE B 333 -8.42 -12.57 -12.40
N GLY B 334 -7.22 -12.02 -12.69
CA GLY B 334 -6.97 -11.29 -13.93
C GLY B 334 -5.72 -10.41 -13.86
N GLY B 335 -5.83 -9.31 -13.09
CA GLY B 335 -4.75 -8.32 -12.94
C GLY B 335 -5.31 -6.91 -12.89
N ASN B 336 -6.13 -6.57 -13.90
CA ASN B 336 -6.80 -5.26 -14.05
C ASN B 336 -8.10 -5.18 -13.20
N GLU B 337 -8.39 -3.96 -12.71
CA GLU B 337 -9.42 -3.69 -11.66
C GLU B 337 -10.82 -3.28 -12.21
N LYS B 338 -11.04 -3.27 -13.55
CA LYS B 338 -12.41 -2.96 -14.11
C LYS B 338 -13.38 -4.13 -13.82
N GLN B 339 -12.78 -5.32 -13.68
CA GLN B 339 -13.45 -6.60 -13.47
C GLN B 339 -14.12 -6.63 -12.09
N ALA B 340 -13.63 -5.76 -11.19
CA ALA B 340 -14.20 -5.52 -9.87
C ALA B 340 -15.64 -4.99 -9.97
N LEU B 341 -15.82 -4.02 -10.89
CA LEU B 341 -17.12 -3.39 -11.16
C LEU B 341 -18.05 -4.40 -11.86
N GLU B 342 -17.45 -5.40 -12.52
CA GLU B 342 -18.16 -6.51 -13.17
C GLU B 342 -18.51 -7.64 -12.17
N LEU B 343 -17.99 -7.55 -10.93
CA LEU B 343 -18.27 -8.51 -9.84
C LEU B 343 -19.37 -7.94 -8.90
N PRO B 344 -20.58 -8.60 -8.77
CA PRO B 344 -21.72 -8.13 -7.91
C PRO B 344 -21.29 -7.80 -6.46
N ARG B 345 -21.51 -6.53 -6.02
CA ARG B 345 -21.09 -6.02 -4.69
C ARG B 345 -21.58 -6.92 -3.53
N GLU B 346 -22.72 -7.59 -3.77
CA GLU B 346 -23.40 -8.51 -2.83
C GLU B 346 -22.46 -9.61 -2.29
N LEU B 347 -21.55 -10.13 -3.16
CA LEU B 347 -20.63 -11.21 -2.74
C LEU B 347 -19.50 -10.64 -1.86
N PHE B 348 -19.19 -9.34 -2.04
CA PHE B 348 -18.19 -8.63 -1.24
C PHE B 348 -18.81 -8.24 0.12
N GLU B 349 -20.12 -7.94 0.07
CA GLU B 349 -20.94 -7.52 1.23
C GLU B 349 -21.06 -8.66 2.25
N GLU B 350 -21.23 -9.89 1.73
CA GLU B 350 -21.34 -11.10 2.55
C GLU B 350 -20.04 -11.46 3.30
N GLN B 351 -18.99 -10.64 3.10
CA GLN B 351 -17.82 -10.61 3.98
C GLN B 351 -17.90 -9.33 4.83
N ALA B 352 -17.89 -8.17 4.13
CA ALA B 352 -17.76 -6.83 4.73
C ALA B 352 -18.82 -6.52 5.79
N LYS B 353 -20.11 -6.60 5.39
CA LYS B 353 -21.27 -6.39 6.29
C LYS B 353 -21.16 -7.26 7.55
N ARG B 354 -20.75 -8.53 7.36
CA ARG B 354 -20.55 -9.48 8.48
C ARG B 354 -19.40 -9.00 9.38
N ARG B 355 -18.32 -8.45 8.76
CA ARG B 355 -17.11 -8.02 9.49
C ARG B 355 -17.37 -6.78 10.34
N VAL B 356 -18.26 -5.88 9.84
CA VAL B 356 -18.59 -4.63 10.54
C VAL B 356 -19.68 -4.86 11.63
N VAL B 357 -20.56 -5.88 11.42
CA VAL B 357 -21.49 -6.34 12.49
C VAL B 357 -20.65 -6.90 13.66
N VAL B 358 -19.67 -7.78 13.35
CA VAL B 358 -18.73 -8.35 14.35
C VAL B 358 -17.92 -7.22 15.05
N GLY B 359 -17.42 -6.29 14.21
CA GLY B 359 -16.60 -5.17 14.66
C GLY B 359 -17.32 -4.29 15.69
N LEU B 360 -18.62 -4.03 15.43
CA LEU B 360 -19.48 -3.30 16.38
C LEU B 360 -19.78 -4.15 17.62
N LEU B 361 -20.36 -5.37 17.42
CA LEU B 361 -20.88 -6.23 18.52
C LEU B 361 -19.77 -6.65 19.48
N LEU B 362 -18.77 -7.41 18.99
CA LEU B 362 -17.65 -7.90 19.82
C LEU B 362 -16.76 -6.74 20.28
N GLY B 363 -16.68 -5.67 19.46
CA GLY B 363 -16.00 -4.43 19.84
C GLY B 363 -16.63 -3.78 21.07
N GLU B 364 -17.96 -3.83 21.13
CA GLU B 364 -18.73 -3.29 22.26
C GLU B 364 -18.55 -4.14 23.51
N VAL B 365 -18.47 -5.48 23.31
CA VAL B 365 -18.27 -6.43 24.43
C VAL B 365 -16.91 -6.13 25.11
N ILE B 366 -15.86 -6.07 24.30
CA ILE B 366 -14.48 -5.89 24.79
C ILE B 366 -14.24 -4.46 25.32
N ARG B 367 -15.02 -3.47 24.83
CA ARG B 367 -14.98 -2.09 25.34
C ARG B 367 -15.72 -1.98 26.71
N THR B 368 -17.05 -2.24 26.68
CA THR B 368 -17.95 -2.11 27.86
C THR B 368 -17.56 -3.06 29.00
N ASN B 369 -17.50 -4.37 28.69
CA ASN B 369 -17.19 -5.42 29.68
C ASN B 369 -15.70 -5.40 30.07
N GLU B 370 -14.90 -4.68 29.24
CA GLU B 370 -13.45 -4.54 29.41
C GLU B 370 -12.75 -5.90 29.35
N LEU B 371 -12.73 -6.48 28.13
CA LEU B 371 -12.01 -7.73 27.86
C LEU B 371 -10.60 -7.38 27.40
N LYS B 372 -9.63 -7.73 28.22
CA LYS B 372 -8.21 -7.53 27.93
C LYS B 372 -7.73 -8.70 27.04
N ALA B 373 -6.69 -8.47 26.24
CA ALA B 373 -5.95 -9.53 25.53
C ALA B 373 -5.33 -10.48 26.57
N ASP B 374 -6.16 -11.46 26.96
CA ASP B 374 -5.90 -12.39 28.07
C ASP B 374 -4.56 -13.10 27.89
N GLU B 375 -3.55 -12.74 28.73
CA GLU B 375 -2.14 -13.18 28.55
C GLU B 375 -2.01 -14.71 28.52
N GLU B 376 -2.85 -15.40 29.31
CA GLU B 376 -2.91 -16.87 29.37
C GLU B 376 -3.44 -17.45 28.05
N ARG B 377 -4.44 -16.77 27.45
CA ARG B 377 -5.14 -17.22 26.25
C ARG B 377 -4.26 -16.99 25.00
N VAL B 378 -3.62 -15.79 24.94
CA VAL B 378 -2.75 -15.42 23.82
C VAL B 378 -1.46 -16.26 23.83
N LYS B 379 -0.83 -16.42 25.03
CA LYS B 379 0.35 -17.29 25.18
C LYS B 379 -0.03 -18.74 24.90
N GLY B 380 -1.27 -19.10 25.31
CA GLY B 380 -1.85 -20.42 25.06
C GLY B 380 -1.87 -20.78 23.58
N LEU B 381 -2.51 -19.93 22.74
CA LEU B 381 -2.65 -20.20 21.28
C LEU B 381 -1.32 -19.97 20.53
N ILE B 382 -0.45 -19.05 21.05
CA ILE B 382 0.91 -18.85 20.51
C ILE B 382 1.73 -20.13 20.70
N GLU B 383 1.74 -20.69 21.94
CA GLU B 383 2.49 -21.91 22.27
C GLU B 383 1.90 -23.14 21.53
N GLU B 384 0.58 -23.10 21.36
CA GLU B 384 -0.20 -24.14 20.67
C GLU B 384 0.29 -24.28 19.21
N MET B 385 0.35 -23.14 18.48
CA MET B 385 0.90 -23.11 17.10
C MET B 385 2.45 -23.16 17.11
N ALA B 386 3.06 -22.79 18.26
CA ALA B 386 4.53 -22.76 18.44
C ALA B 386 5.12 -24.16 18.51
N SER B 387 4.30 -25.10 19.00
CA SER B 387 4.61 -26.54 18.99
C SER B 387 4.90 -27.02 17.56
N ALA B 388 4.28 -26.36 16.55
CA ALA B 388 4.47 -26.67 15.12
C ALA B 388 5.71 -25.95 14.54
N TYR B 389 6.24 -24.93 15.27
CA TYR B 389 7.48 -24.19 14.88
C TYR B 389 8.73 -24.92 15.44
N GLU B 390 9.90 -24.23 15.37
CA GLU B 390 11.20 -24.73 15.88
C GLU B 390 11.13 -25.10 17.38
N ASP B 391 11.01 -24.07 18.24
CA ASP B 391 10.89 -24.24 19.71
C ASP B 391 9.88 -23.21 20.23
N PRO B 392 8.77 -23.64 20.92
CA PRO B 392 7.83 -22.74 21.64
C PRO B 392 8.53 -21.60 22.40
N LYS B 393 9.62 -21.98 23.13
CA LYS B 393 10.50 -21.04 23.90
C LYS B 393 10.75 -19.74 23.11
N GLU B 394 11.32 -19.95 21.91
CA GLU B 394 11.82 -18.90 21.04
C GLU B 394 10.68 -18.18 20.29
N VAL B 395 9.50 -18.84 20.19
CA VAL B 395 8.35 -18.25 19.45
C VAL B 395 7.71 -17.19 20.34
N ILE B 396 7.38 -17.62 21.57
CA ILE B 396 6.80 -16.77 22.61
C ILE B 396 7.77 -15.60 22.92
N GLU B 397 9.08 -15.93 22.99
CA GLU B 397 10.18 -14.95 23.18
C GLU B 397 10.16 -13.86 22.08
N PHE B 398 10.36 -14.27 20.81
CA PHE B 398 10.56 -13.35 19.67
C PHE B 398 9.30 -12.52 19.39
N TYR B 399 8.12 -13.16 19.56
CA TYR B 399 6.82 -12.46 19.45
C TYR B 399 6.74 -11.35 20.51
N SER B 400 7.05 -11.70 21.78
CA SER B 400 7.06 -10.74 22.91
C SER B 400 8.04 -9.56 22.65
N LYS B 401 9.15 -9.86 21.94
CA LYS B 401 10.14 -8.85 21.50
C LYS B 401 9.59 -7.96 20.37
N ASN B 402 8.79 -8.56 19.47
CA ASN B 402 8.32 -7.89 18.25
C ASN B 402 6.94 -7.31 18.55
N LYS B 403 6.92 -6.02 18.93
CA LYS B 403 5.77 -5.39 19.59
C LYS B 403 4.51 -5.39 18.71
N GLU B 404 4.67 -4.97 17.43
CA GLU B 404 3.55 -4.89 16.46
C GLU B 404 2.94 -6.28 16.21
N LEU B 405 3.82 -7.30 16.13
CA LEU B 405 3.44 -8.72 15.96
C LEU B 405 2.63 -9.17 17.18
N MET B 406 3.12 -8.77 18.37
CA MET B 406 2.52 -9.14 19.65
C MET B 406 1.11 -8.54 19.74
N ASP B 407 0.95 -7.32 19.18
CA ASP B 407 -0.36 -6.64 19.12
C ASP B 407 -1.31 -7.31 18.10
N ASN B 408 -0.75 -7.89 17.01
CA ASN B 408 -1.54 -8.70 16.06
C ASN B 408 -2.04 -9.98 16.74
N MET B 409 -1.16 -10.57 17.59
CA MET B 409 -1.51 -11.76 18.35
C MET B 409 -2.51 -11.45 19.46
N ARG B 410 -2.37 -10.25 20.05
CA ARG B 410 -3.31 -9.73 21.07
C ARG B 410 -4.68 -9.49 20.42
N ASN B 411 -4.65 -9.02 19.15
CA ASN B 411 -5.86 -8.69 18.38
C ASN B 411 -6.66 -9.96 18.09
N VAL B 412 -6.00 -10.95 17.45
CA VAL B 412 -6.66 -12.23 17.07
C VAL B 412 -7.11 -13.03 18.31
N ALA B 413 -6.29 -12.97 19.38
CA ALA B 413 -6.61 -13.62 20.65
C ALA B 413 -7.82 -12.97 21.30
N LEU B 414 -7.88 -11.62 21.25
CA LEU B 414 -8.99 -10.85 21.84
C LEU B 414 -10.26 -11.03 20.98
N GLU B 415 -10.09 -11.31 19.67
CA GLU B 415 -11.23 -11.65 18.79
C GLU B 415 -11.84 -12.98 19.26
N GLU B 416 -10.99 -14.01 19.38
CA GLU B 416 -11.41 -15.37 19.78
C GLU B 416 -11.82 -15.44 21.28
N GLN B 417 -11.30 -14.50 22.08
CA GLN B 417 -11.62 -14.39 23.53
C GLN B 417 -12.88 -13.53 23.73
N ALA B 418 -13.14 -12.60 22.78
CA ALA B 418 -14.41 -11.85 22.72
C ALA B 418 -15.55 -12.80 22.40
N VAL B 419 -15.28 -13.70 21.42
CA VAL B 419 -16.16 -14.82 21.09
C VAL B 419 -16.38 -15.67 22.35
N GLU B 420 -15.30 -16.27 22.89
CA GLU B 420 -15.36 -17.20 24.05
C GLU B 420 -16.12 -16.60 25.27
N ALA B 421 -15.91 -15.29 25.50
CA ALA B 421 -16.58 -14.57 26.58
C ALA B 421 -18.10 -14.48 26.34
N VAL B 422 -18.52 -14.01 25.15
CA VAL B 422 -19.95 -13.88 24.82
C VAL B 422 -20.63 -15.28 24.75
N LEU B 423 -19.81 -16.34 24.52
CA LEU B 423 -20.27 -17.75 24.57
C LEU B 423 -20.59 -18.15 26.01
N ALA B 424 -19.72 -17.74 26.96
CA ALA B 424 -19.93 -17.99 28.41
C ALA B 424 -21.26 -17.40 28.91
N LYS B 425 -21.66 -16.24 28.34
CA LYS B 425 -22.94 -15.56 28.66
C LYS B 425 -24.07 -16.04 27.73
N ALA B 426 -23.76 -17.02 26.85
CA ALA B 426 -24.71 -17.61 25.88
C ALA B 426 -25.09 -19.05 26.27
N LYS B 427 -26.06 -19.64 25.52
CA LYS B 427 -26.53 -21.01 25.75
C LYS B 427 -25.53 -22.00 25.11
N VAL B 428 -24.53 -22.45 25.90
CA VAL B 428 -23.49 -23.38 25.38
C VAL B 428 -24.03 -24.82 25.35
N THR B 429 -23.81 -25.51 24.21
CA THR B 429 -24.05 -26.95 24.05
C THR B 429 -22.87 -27.55 23.28
N GLU B 430 -22.33 -28.67 23.78
CA GLU B 430 -21.21 -29.36 23.13
C GLU B 430 -21.74 -30.49 22.21
N LYS B 431 -21.07 -30.68 21.08
CA LYS B 431 -21.45 -31.70 20.08
C LYS B 431 -20.33 -32.73 19.97
N GLU B 432 -20.49 -33.86 20.67
CA GLU B 432 -19.55 -34.98 20.63
C GLU B 432 -19.65 -35.68 19.25
N THR B 433 -18.66 -35.40 18.40
CA THR B 433 -18.56 -35.91 17.03
C THR B 433 -17.10 -36.32 16.74
N THR B 434 -16.75 -36.49 15.46
CA THR B 434 -15.41 -36.87 15.02
C THR B 434 -14.87 -35.84 13.99
N PHE B 435 -13.56 -36.01 13.60
CA PHE B 435 -12.83 -35.10 12.66
C PHE B 435 -13.64 -34.82 11.38
N ASN B 436 -14.24 -35.88 10.81
CA ASN B 436 -15.05 -35.80 9.57
C ASN B 436 -16.31 -34.95 9.78
N GLU B 437 -16.99 -35.17 10.91
CA GLU B 437 -18.28 -34.51 11.23
C GLU B 437 -18.11 -33.04 11.64
N LEU B 438 -16.87 -32.68 12.00
CA LEU B 438 -16.46 -31.31 12.34
C LEU B 438 -16.51 -30.39 11.09
N MET B 439 -16.01 -30.94 9.96
CA MET B 439 -15.82 -30.18 8.70
C MET B 439 -17.00 -30.42 7.74
N ASN B 440 -17.33 -31.70 7.56
CA ASN B 440 -18.54 -32.12 6.87
C ASN B 440 -19.70 -32.09 7.87
N GLN B 441 -20.31 -30.92 8.00
CA GLN B 441 -21.48 -30.68 8.85
C GLN B 441 -22.70 -31.47 8.31
N GLN B 442 -22.85 -32.71 8.80
CA GLN B 442 -24.03 -33.56 8.51
C GLN B 442 -25.25 -33.03 9.28
N ALA B 443 -24.98 -32.58 10.51
CA ALA B 443 -25.96 -31.94 11.39
C ALA B 443 -25.17 -31.25 12.53
N MET A 12 8.61 -29.48 5.28
CA MET A 12 9.28 -28.51 4.37
C MET A 12 10.76 -28.38 4.74
N GLN A 13 11.58 -28.06 3.73
CA GLN A 13 13.05 -27.99 3.86
C GLN A 13 13.52 -26.60 3.41
N VAL A 14 14.55 -26.05 4.09
CA VAL A 14 15.16 -24.75 3.72
C VAL A 14 16.70 -24.86 3.74
N SER A 15 17.36 -23.93 3.03
CA SER A 15 18.82 -23.86 2.95
C SER A 15 19.26 -22.39 2.80
N VAL A 16 19.70 -21.79 3.91
CA VAL A 16 20.20 -20.40 3.94
C VAL A 16 21.68 -20.36 3.50
N GLU A 17 21.99 -19.50 2.51
CA GLU A 17 23.33 -19.40 1.90
C GLU A 17 23.71 -17.92 1.78
N THR A 18 24.76 -17.49 2.51
CA THR A 18 25.19 -16.09 2.53
C THR A 18 25.79 -15.68 1.17
N THR A 19 25.05 -14.86 0.43
CA THR A 19 25.42 -14.42 -0.92
C THR A 19 26.36 -13.20 -0.88
N GLN A 20 26.11 -12.24 0.04
CA GLN A 20 26.87 -10.98 0.11
C GLN A 20 26.78 -10.38 1.53
N GLY A 21 27.57 -10.97 2.47
CA GLY A 21 27.68 -10.46 3.86
C GLY A 21 26.38 -10.58 4.66
N LEU A 22 25.57 -9.51 4.60
CA LEU A 22 24.23 -9.49 5.21
C LEU A 22 23.24 -10.26 4.31
N GLY A 23 23.48 -10.16 2.99
CA GLY A 23 22.68 -10.82 1.97
C GLY A 23 22.75 -12.34 2.07
N ARG A 24 21.58 -12.97 2.27
CA ARG A 24 21.45 -14.42 2.39
C ARG A 24 20.27 -14.93 1.56
N ARG A 25 20.58 -15.87 0.67
CA ARG A 25 19.62 -16.63 -0.11
C ARG A 25 19.11 -17.83 0.70
N VAL A 26 17.92 -17.68 1.30
CA VAL A 26 17.21 -18.78 1.95
C VAL A 26 16.38 -19.53 0.89
N THR A 27 17.00 -20.54 0.27
CA THR A 27 16.33 -21.39 -0.73
C THR A 27 15.36 -22.36 -0.01
N ILE A 28 14.06 -22.11 -0.17
CA ILE A 28 12.99 -22.88 0.49
C ILE A 28 12.31 -23.82 -0.52
N THR A 29 12.15 -25.08 -0.12
CA THR A 29 11.44 -26.11 -0.87
C THR A 29 10.19 -26.53 -0.07
N ILE A 30 9.01 -26.18 -0.60
CA ILE A 30 7.71 -26.57 -0.03
C ILE A 30 7.31 -27.93 -0.64
N ALA A 31 6.91 -28.89 0.21
CA ALA A 31 6.51 -30.24 -0.23
C ALA A 31 5.27 -30.18 -1.14
N ALA A 32 5.26 -31.02 -2.20
CA ALA A 32 4.18 -31.09 -3.21
C ALA A 32 2.79 -31.28 -2.58
N ASP A 33 2.73 -32.23 -1.62
CA ASP A 33 1.52 -32.53 -0.85
C ASP A 33 1.05 -31.31 -0.05
N SER A 34 2.00 -30.57 0.55
CA SER A 34 1.69 -29.38 1.38
C SER A 34 1.13 -28.22 0.52
N ILE A 35 1.63 -28.11 -0.74
CA ILE A 35 1.13 -27.14 -1.72
C ILE A 35 -0.32 -27.49 -2.06
N GLU A 36 -0.52 -28.75 -2.51
CA GLU A 36 -1.82 -29.27 -2.94
C GLU A 36 -2.88 -29.14 -1.84
N THR A 37 -2.52 -29.51 -0.60
CA THR A 37 -3.42 -29.45 0.55
C THR A 37 -3.85 -27.99 0.81
N ALA A 38 -2.91 -27.05 0.64
CA ALA A 38 -3.16 -25.60 0.80
C ALA A 38 -4.05 -25.06 -0.34
N VAL A 39 -3.88 -25.60 -1.57
CA VAL A 39 -4.71 -25.22 -2.74
C VAL A 39 -6.17 -25.63 -2.50
N LYS A 40 -6.35 -26.91 -2.18
CA LYS A 40 -7.67 -27.53 -1.94
C LYS A 40 -8.35 -26.91 -0.71
N SER A 41 -7.52 -26.56 0.30
CA SER A 41 -7.96 -25.86 1.52
C SER A 41 -8.55 -24.49 1.17
N GLU A 42 -7.71 -23.59 0.60
CA GLU A 42 -8.11 -22.21 0.30
C GLU A 42 -9.25 -22.14 -0.73
N LEU A 43 -9.33 -23.16 -1.60
CA LEU A 43 -10.44 -23.31 -2.55
C LEU A 43 -11.76 -23.59 -1.83
N VAL A 44 -11.81 -24.65 -0.98
CA VAL A 44 -13.07 -25.02 -0.27
C VAL A 44 -13.46 -23.94 0.78
N ASN A 45 -12.43 -23.29 1.34
CA ASN A 45 -12.60 -22.16 2.27
C ASN A 45 -13.33 -21.02 1.56
N VAL A 46 -12.70 -20.47 0.50
CA VAL A 46 -13.27 -19.35 -0.29
C VAL A 46 -14.55 -19.80 -1.03
N ALA A 47 -14.74 -21.12 -1.19
CA ALA A 47 -15.99 -21.69 -1.71
C ALA A 47 -17.12 -21.50 -0.69
N LYS A 48 -16.83 -21.75 0.61
CA LYS A 48 -17.84 -21.60 1.68
C LYS A 48 -18.01 -20.11 2.04
N LYS A 49 -16.96 -19.32 1.76
CA LYS A 49 -16.95 -17.87 2.01
C LYS A 49 -17.84 -17.15 0.97
N VAL A 50 -17.70 -17.55 -0.31
CA VAL A 50 -18.51 -16.99 -1.43
C VAL A 50 -19.84 -17.80 -1.60
N ARG A 51 -20.05 -18.82 -0.72
CA ARG A 51 -21.36 -19.51 -0.54
C ARG A 51 -21.70 -20.46 -1.72
N ILE A 52 -20.68 -20.85 -2.50
CA ILE A 52 -20.81 -21.71 -3.71
C ILE A 52 -19.58 -22.63 -3.85
N ASP A 53 -19.81 -23.94 -4.07
CA ASP A 53 -18.74 -24.96 -4.24
C ASP A 53 -18.03 -24.76 -5.60
N GLY A 54 -18.87 -24.73 -6.64
CA GLY A 54 -18.41 -24.66 -8.03
C GLY A 54 -19.61 -24.72 -8.96
N PHE A 55 -20.17 -25.93 -9.14
CA PHE A 55 -21.43 -26.14 -9.87
C PHE A 55 -22.66 -26.00 -8.93
N ARG A 56 -22.38 -25.83 -7.61
CA ARG A 56 -23.38 -25.65 -6.54
C ARG A 56 -24.08 -26.99 -6.26
N LYS A 57 -24.98 -27.41 -7.17
CA LYS A 57 -25.65 -28.73 -7.12
C LYS A 57 -24.62 -29.85 -7.33
N GLY A 58 -23.70 -29.61 -8.28
CA GLY A 58 -22.51 -30.44 -8.42
C GLY A 58 -21.43 -29.97 -7.48
N LYS A 59 -21.15 -30.76 -6.42
CA LYS A 59 -20.10 -30.41 -5.44
C LYS A 59 -18.74 -30.42 -6.14
N VAL A 60 -18.43 -31.59 -6.75
CA VAL A 60 -17.17 -31.85 -7.48
C VAL A 60 -15.97 -31.78 -6.51
N PRO A 61 -15.50 -32.95 -5.92
CA PRO A 61 -14.39 -33.01 -4.93
C PRO A 61 -13.26 -31.99 -5.18
N MET A 62 -12.99 -31.13 -4.17
CA MET A 62 -12.08 -29.97 -4.31
C MET A 62 -10.65 -30.41 -4.68
N ASN A 63 -10.35 -31.67 -4.33
CA ASN A 63 -9.11 -32.39 -4.69
C ASN A 63 -8.81 -32.26 -6.20
N ILE A 64 -9.81 -32.59 -7.03
CA ILE A 64 -9.66 -32.68 -8.49
C ILE A 64 -9.87 -31.29 -9.14
N VAL A 65 -10.68 -30.43 -8.48
CA VAL A 65 -10.90 -29.03 -8.92
C VAL A 65 -9.57 -28.25 -8.91
N ALA A 66 -8.82 -28.44 -7.82
CA ALA A 66 -7.51 -27.82 -7.61
C ALA A 66 -6.52 -28.21 -8.70
N GLN A 67 -6.37 -29.53 -8.87
CA GLN A 67 -5.35 -30.13 -9.74
C GLN A 67 -5.65 -29.87 -11.23
N ARG A 68 -6.97 -29.82 -11.58
CA ARG A 68 -7.42 -29.53 -12.96
C ARG A 68 -7.32 -28.04 -13.31
N TYR A 69 -8.10 -27.17 -12.60
CA TYR A 69 -8.23 -25.74 -12.99
C TYR A 69 -8.18 -24.78 -11.78
N GLY A 70 -7.55 -25.19 -10.66
CA GLY A 70 -7.33 -24.29 -9.52
C GLY A 70 -6.07 -23.44 -9.70
N ALA A 71 -5.96 -22.75 -10.85
CA ALA A 71 -4.74 -22.02 -11.25
C ALA A 71 -4.64 -20.65 -10.57
N SER A 72 -5.78 -19.93 -10.50
CA SER A 72 -5.85 -18.56 -9.97
C SER A 72 -5.55 -18.50 -8.46
N VAL A 73 -6.00 -19.54 -7.73
CA VAL A 73 -5.87 -19.61 -6.26
C VAL A 73 -4.40 -19.80 -5.83
N ARG A 74 -3.51 -20.23 -6.77
CA ARG A 74 -2.05 -20.35 -6.51
C ARG A 74 -1.45 -19.02 -6.03
N GLN A 75 -2.13 -17.90 -6.35
CA GLN A 75 -1.81 -16.57 -5.82
C GLN A 75 -1.96 -16.55 -4.29
N ASP A 76 -3.17 -16.92 -3.80
CA ASP A 76 -3.49 -17.04 -2.37
C ASP A 76 -2.52 -18.03 -1.68
N VAL A 77 -2.44 -19.22 -2.28
CA VAL A 77 -1.69 -20.36 -1.76
C VAL A 77 -0.20 -20.03 -1.65
N LEU A 78 0.50 -19.91 -2.80
CA LEU A 78 1.95 -19.64 -2.83
C LEU A 78 2.26 -18.30 -2.13
N GLY A 79 1.34 -17.31 -2.27
CA GLY A 79 1.47 -16.03 -1.59
C GLY A 79 1.46 -16.16 -0.06
N ASP A 80 0.69 -17.13 0.45
CA ASP A 80 0.61 -17.41 1.91
C ASP A 80 1.80 -18.28 2.34
N LEU A 81 2.17 -19.24 1.49
CA LEU A 81 3.22 -20.24 1.76
C LEU A 81 4.62 -19.56 1.85
N MET A 82 4.86 -18.56 0.98
CA MET A 82 6.13 -17.81 0.94
C MET A 82 6.42 -17.15 2.31
N SER A 83 5.35 -16.77 3.04
CA SER A 83 5.45 -16.19 4.38
C SER A 83 5.41 -17.29 5.48
N ARG A 84 4.58 -18.35 5.28
CA ARG A 84 4.42 -19.45 6.29
C ARG A 84 5.73 -20.22 6.52
N ASN A 85 6.27 -20.78 5.42
CA ASN A 85 7.50 -21.61 5.47
C ASN A 85 8.69 -20.77 5.96
N PHE A 86 8.72 -19.49 5.51
CA PHE A 86 9.79 -18.55 5.83
C PHE A 86 9.82 -18.24 7.35
N ILE A 87 8.66 -17.77 7.89
CA ILE A 87 8.56 -17.32 9.30
C ILE A 87 8.90 -18.49 10.27
N ASP A 88 8.43 -19.70 9.93
CA ASP A 88 8.66 -20.91 10.72
C ASP A 88 10.16 -21.26 10.73
N ALA A 89 10.73 -21.39 9.51
CA ALA A 89 12.12 -21.85 9.31
C ALA A 89 13.17 -20.97 10.01
N ILE A 90 12.90 -19.65 10.05
CA ILE A 90 13.85 -18.66 10.62
C ILE A 90 13.77 -18.61 12.16
N ILE A 91 12.80 -19.34 12.76
CA ILE A 91 12.66 -19.49 14.22
C ILE A 91 13.58 -20.62 14.71
N LYS A 92 14.89 -20.31 14.66
CA LYS A 92 16.00 -21.17 15.11
C LYS A 92 17.32 -20.47 14.74
N GLU A 93 17.38 -20.02 13.48
CA GLU A 93 18.60 -19.44 12.88
C GLU A 93 18.71 -17.93 13.13
N LYS A 94 17.68 -17.35 13.81
CA LYS A 94 17.62 -15.92 14.20
C LYS A 94 17.65 -14.99 12.96
N ILE A 95 17.18 -15.50 11.80
CA ILE A 95 17.23 -14.74 10.54
C ILE A 95 16.18 -13.62 10.57
N ASN A 96 16.65 -12.41 10.91
CA ASN A 96 15.83 -11.19 10.93
C ASN A 96 16.03 -10.48 9.57
N PRO A 97 15.04 -10.56 8.63
CA PRO A 97 15.16 -9.91 7.30
C PRO A 97 15.05 -8.38 7.39
N ALA A 98 15.60 -7.68 6.38
CA ALA A 98 15.49 -6.22 6.25
C ALA A 98 15.14 -5.85 4.81
N GLY A 99 14.28 -4.83 4.66
CA GLY A 99 13.84 -4.33 3.37
C GLY A 99 12.70 -5.18 2.79
N ALA A 100 13.06 -6.15 1.94
CA ALA A 100 12.08 -7.00 1.24
C ALA A 100 12.72 -8.39 0.95
N PRO A 101 12.18 -9.50 1.54
CA PRO A 101 12.56 -10.87 1.16
C PRO A 101 12.15 -11.16 -0.29
N THR A 102 13.07 -10.90 -1.23
CA THR A 102 12.84 -11.06 -2.67
C THR A 102 12.67 -12.55 -3.01
N TYR A 103 11.40 -12.99 -3.06
CA TYR A 103 11.04 -14.35 -3.45
C TYR A 103 11.26 -14.52 -4.95
N VAL A 104 12.30 -15.29 -5.31
CA VAL A 104 12.66 -15.57 -6.70
C VAL A 104 12.13 -16.97 -7.06
N PRO A 105 10.91 -17.07 -7.70
CA PRO A 105 10.27 -18.35 -8.01
C PRO A 105 10.70 -18.87 -9.39
N GLY A 106 11.91 -19.46 -9.44
CA GLY A 106 12.48 -19.97 -10.68
C GLY A 106 11.71 -21.15 -11.25
N GLU A 107 11.38 -22.12 -10.37
CA GLU A 107 10.69 -23.37 -10.76
C GLU A 107 9.49 -23.66 -9.84
N TYR A 108 8.28 -23.32 -10.31
CA TYR A 108 7.04 -23.89 -9.77
C TYR A 108 6.79 -25.20 -10.53
N LYS A 109 7.12 -26.31 -9.89
CA LYS A 109 6.97 -27.63 -10.49
C LYS A 109 5.49 -28.04 -10.43
N LEU A 110 4.87 -28.21 -11.60
CA LEU A 110 3.44 -28.48 -11.75
C LEU A 110 3.12 -29.88 -11.21
N GLY A 111 2.48 -29.93 -10.02
CA GLY A 111 2.11 -31.16 -9.35
C GLY A 111 3.24 -31.73 -8.49
N GLU A 112 4.29 -30.93 -8.29
CA GLU A 112 5.49 -31.31 -7.51
C GLU A 112 5.93 -30.08 -6.66
N ASP A 113 7.00 -30.23 -5.84
CA ASP A 113 7.47 -29.24 -4.86
C ASP A 113 7.74 -27.84 -5.46
N PHE A 114 7.68 -26.82 -4.59
CA PHE A 114 7.94 -25.42 -4.98
C PHE A 114 9.23 -24.95 -4.33
N THR A 115 10.32 -24.98 -5.12
CA THR A 115 11.61 -24.44 -4.72
C THR A 115 11.74 -22.99 -5.22
N TYR A 116 12.01 -22.07 -4.29
CA TYR A 116 12.14 -20.63 -4.56
C TYR A 116 13.23 -20.02 -3.67
N SER A 117 13.97 -19.08 -4.25
CA SER A 117 15.13 -18.45 -3.65
C SER A 117 14.76 -17.14 -2.93
N VAL A 118 14.69 -17.18 -1.58
CA VAL A 118 14.33 -15.99 -0.78
C VAL A 118 15.59 -15.15 -0.51
N GLU A 119 15.85 -14.18 -1.39
CA GLU A 119 17.06 -13.34 -1.37
C GLU A 119 16.76 -11.97 -0.72
N PHE A 120 17.55 -11.63 0.30
CA PHE A 120 17.42 -10.38 1.07
C PHE A 120 18.68 -10.18 1.88
N GLU A 121 18.82 -9.03 2.53
CA GLU A 121 19.88 -8.80 3.52
C GLU A 121 19.24 -8.80 4.91
N VAL A 122 19.98 -9.31 5.91
CA VAL A 122 19.55 -9.30 7.32
C VAL A 122 19.80 -7.93 7.96
N TYR A 123 19.11 -7.65 9.07
CA TYR A 123 19.15 -6.35 9.75
C TYR A 123 20.50 -6.16 10.50
N PRO A 124 21.27 -5.06 10.20
CA PRO A 124 22.54 -4.75 10.90
C PRO A 124 22.31 -3.99 12.23
N GLU A 125 23.35 -4.00 13.07
CA GLU A 125 23.30 -3.43 14.43
C GLU A 125 23.67 -1.94 14.36
N VAL A 126 22.63 -1.08 14.28
CA VAL A 126 22.80 0.38 14.19
C VAL A 126 23.13 0.98 15.58
N GLU A 127 24.41 1.26 15.78
CA GLU A 127 24.95 1.72 17.07
C GLU A 127 25.07 3.24 17.05
N LEU A 128 23.92 3.91 17.24
CA LEU A 128 23.85 5.37 17.37
C LEU A 128 24.75 5.85 18.53
N GLN A 129 25.65 6.80 18.21
CA GLN A 129 26.63 7.32 19.17
C GLN A 129 27.09 8.70 18.72
N GLY A 130 27.34 9.59 19.70
CA GLY A 130 27.65 11.00 19.43
C GLY A 130 26.42 11.88 19.60
N LEU A 131 25.44 11.38 20.39
CA LEU A 131 24.16 12.06 20.64
C LEU A 131 24.39 13.48 21.20
N GLU A 132 25.31 13.58 22.18
CA GLU A 132 25.67 14.85 22.82
C GLU A 132 26.62 15.70 21.94
N ALA A 133 27.16 15.10 20.87
CA ALA A 133 28.05 15.78 19.91
C ALA A 133 27.24 16.41 18.77
N ILE A 134 26.03 15.85 18.52
CA ILE A 134 25.06 16.41 17.55
C ILE A 134 24.70 17.87 17.92
N GLU A 135 25.15 18.82 17.09
CA GLU A 135 24.96 20.27 17.32
C GLU A 135 23.59 20.71 16.80
N VAL A 136 22.81 21.35 17.69
CA VAL A 136 21.41 21.75 17.44
C VAL A 136 21.34 23.26 17.24
N GLU A 137 20.75 23.68 16.12
CA GLU A 137 20.50 25.08 15.81
C GLU A 137 19.13 25.49 16.37
N LYS A 138 19.14 26.38 17.37
CA LYS A 138 17.94 27.13 17.76
C LYS A 138 18.06 28.55 17.18
N PRO A 139 17.47 28.81 15.96
CA PRO A 139 17.43 30.15 15.39
C PRO A 139 16.39 30.98 16.14
N ILE A 140 16.85 31.75 17.13
CA ILE A 140 16.00 32.60 17.98
C ILE A 140 15.52 33.80 17.15
N VAL A 141 14.48 33.54 16.35
CA VAL A 141 13.90 34.50 15.42
C VAL A 141 12.63 35.12 16.00
N GLU A 142 12.36 36.37 15.62
CA GLU A 142 11.13 37.09 16.01
C GLU A 142 10.63 37.89 14.81
N VAL A 143 9.31 37.93 14.60
CA VAL A 143 8.68 38.73 13.54
C VAL A 143 8.41 40.15 14.10
N THR A 144 9.45 40.99 14.09
CA THR A 144 9.40 42.37 14.63
C THR A 144 9.02 43.37 13.52
N ASP A 145 9.09 44.68 13.83
CA ASP A 145 8.74 45.77 12.91
C ASP A 145 9.57 45.73 11.62
N ALA A 146 10.87 45.47 11.76
CA ALA A 146 11.81 45.38 10.62
C ALA A 146 11.51 44.15 9.75
N ASP A 147 10.94 43.10 10.35
CA ASP A 147 10.59 41.85 9.64
C ASP A 147 9.28 42.00 8.86
N VAL A 148 8.29 42.67 9.48
CA VAL A 148 6.99 42.92 8.83
C VAL A 148 7.17 43.92 7.66
N ASP A 149 7.80 45.08 7.98
CA ASP A 149 8.14 46.12 7.01
C ASP A 149 9.10 45.59 5.94
N GLY A 150 10.16 44.89 6.39
CA GLY A 150 11.20 44.36 5.51
C GLY A 150 10.68 43.31 4.55
N MET A 151 9.78 42.41 5.03
CA MET A 151 9.17 41.38 4.18
C MET A 151 8.24 42.05 3.17
N LEU A 152 7.41 43.01 3.64
CA LEU A 152 6.47 43.75 2.78
C LEU A 152 7.20 44.57 1.69
N ASP A 153 8.37 45.11 2.06
CA ASP A 153 9.21 45.91 1.14
C ASP A 153 9.79 44.99 0.07
N THR A 154 10.36 43.86 0.51
CA THR A 154 10.88 42.81 -0.37
C THR A 154 9.74 42.22 -1.24
N LEU A 155 8.52 42.15 -0.67
CA LEU A 155 7.34 41.54 -1.33
C LEU A 155 6.90 42.40 -2.53
N ARG A 156 6.71 43.71 -2.28
CA ARG A 156 6.27 44.68 -3.30
C ARG A 156 7.38 44.93 -4.34
N LYS A 157 8.66 44.86 -3.91
CA LYS A 157 9.82 45.15 -4.78
C LYS A 157 10.28 43.91 -5.57
N GLN A 158 9.99 42.69 -5.07
CA GLN A 158 10.36 41.43 -5.77
C GLN A 158 9.24 41.04 -6.75
N GLN A 159 7.99 41.13 -6.27
CA GLN A 159 6.77 40.87 -7.08
C GLN A 159 6.23 42.21 -7.62
N ALA A 160 7.16 43.07 -8.08
CA ALA A 160 6.86 44.42 -8.59
C ALA A 160 5.91 44.37 -9.79
N THR A 161 5.05 45.40 -9.90
CA THR A 161 4.00 45.49 -10.92
C THR A 161 4.58 45.58 -12.34
N TRP A 162 3.73 45.25 -13.33
CA TRP A 162 4.14 45.06 -14.72
C TRP A 162 3.55 46.15 -15.63
N LYS A 163 4.39 46.63 -16.57
CA LYS A 163 4.01 47.63 -17.58
C LYS A 163 4.65 47.24 -18.91
N GLU A 164 3.84 47.08 -19.96
CA GLU A 164 4.30 46.56 -21.27
C GLU A 164 5.39 47.46 -21.88
N LYS A 165 6.62 46.92 -21.95
CA LYS A 165 7.81 47.65 -22.40
C LYS A 165 7.77 47.93 -23.92
N ASP A 166 8.39 49.04 -24.33
CA ASP A 166 8.72 49.33 -25.74
C ASP A 166 10.25 49.37 -25.86
N GLY A 167 10.86 48.26 -26.35
CA GLY A 167 12.32 48.18 -26.48
C GLY A 167 12.83 46.75 -26.61
N ALA A 168 13.98 46.45 -25.97
CA ALA A 168 14.60 45.11 -26.01
C ALA A 168 14.62 44.48 -24.62
N VAL A 169 14.63 43.13 -24.58
CA VAL A 169 14.70 42.36 -23.32
C VAL A 169 16.02 42.69 -22.60
N GLU A 170 15.92 43.27 -21.41
CA GLU A 170 17.07 43.61 -20.55
C GLU A 170 16.98 42.72 -19.28
N ALA A 171 18.09 42.60 -18.54
CA ALA A 171 18.15 41.81 -17.29
C ALA A 171 17.24 42.38 -16.16
N GLU A 172 16.63 43.56 -16.39
CA GLU A 172 15.63 44.15 -15.49
C GLU A 172 14.24 44.21 -16.17
N ASP A 173 13.87 43.12 -16.88
CA ASP A 173 12.52 42.96 -17.50
C ASP A 173 11.94 41.55 -17.28
N ARG A 174 10.65 41.43 -17.62
CA ARG A 174 9.91 40.16 -17.66
C ARG A 174 9.59 39.84 -19.12
N VAL A 175 10.03 38.69 -19.62
CA VAL A 175 9.84 38.30 -21.01
C VAL A 175 8.87 37.08 -21.10
N THR A 176 7.65 37.35 -21.60
CA THR A 176 6.60 36.35 -21.79
C THR A 176 6.65 35.79 -23.24
N ILE A 177 7.14 34.57 -23.39
CA ILE A 177 7.38 33.93 -24.69
C ILE A 177 6.82 32.52 -24.71
N ASP A 178 6.72 31.96 -25.90
CA ASP A 178 6.59 30.52 -26.10
C ASP A 178 7.81 30.06 -26.87
N PHE A 179 8.32 28.89 -26.52
CA PHE A 179 9.44 28.28 -27.24
C PHE A 179 9.31 26.77 -27.26
N THR A 180 9.86 26.17 -28.31
CA THR A 180 9.92 24.72 -28.47
C THR A 180 11.39 24.32 -28.67
N GLY A 181 11.79 23.23 -28.02
CA GLY A 181 13.20 22.83 -27.94
C GLY A 181 13.43 21.40 -28.34
N SER A 182 14.56 21.14 -29.01
CA SER A 182 14.99 19.80 -29.41
C SER A 182 16.51 19.71 -29.26
N VAL A 183 16.99 18.59 -28.67
CA VAL A 183 18.41 18.36 -28.39
C VAL A 183 19.01 17.47 -29.49
N ASP A 184 20.07 17.99 -30.15
CA ASP A 184 20.82 17.29 -31.22
C ASP A 184 19.92 17.08 -32.47
N GLY A 185 18.83 17.86 -32.54
CA GLY A 185 17.83 17.74 -33.60
C GLY A 185 16.74 16.72 -33.31
N GLU A 186 16.68 16.21 -32.05
CA GLU A 186 15.65 15.27 -31.59
C GLU A 186 14.83 15.88 -30.44
N GLU A 187 13.48 15.78 -30.56
CA GLU A 187 12.51 16.27 -29.56
C GLU A 187 12.68 15.45 -28.25
N PHE A 188 12.45 16.08 -27.10
CA PHE A 188 12.62 15.44 -25.78
C PHE A 188 11.43 15.75 -24.86
N GLU A 189 11.20 14.86 -23.90
CA GLU A 189 10.05 14.93 -22.98
C GLU A 189 10.11 16.19 -22.09
N GLY A 190 9.15 17.10 -22.32
CA GLY A 190 9.12 18.41 -21.65
C GLY A 190 9.97 19.45 -22.37
N GLY A 191 10.19 19.24 -23.69
CA GLY A 191 11.02 20.09 -24.52
C GLY A 191 10.25 21.23 -25.17
N LYS A 192 9.51 21.98 -24.34
CA LYS A 192 8.76 23.20 -24.74
C LYS A 192 8.06 23.79 -23.52
N ALA A 193 7.64 25.06 -23.64
CA ALA A 193 6.93 25.78 -22.58
C ALA A 193 6.10 26.92 -23.20
N SER A 194 4.79 26.69 -23.31
CA SER A 194 3.82 27.65 -23.87
C SER A 194 3.55 28.77 -22.86
N ASP A 195 3.74 30.03 -23.28
CA ASP A 195 3.49 31.24 -22.46
C ASP A 195 4.45 31.28 -21.25
N PHE A 196 5.67 30.77 -21.48
CA PHE A 196 6.76 30.79 -20.48
C PHE A 196 7.14 32.24 -20.19
N VAL A 197 6.97 32.65 -18.95
CA VAL A 197 7.08 34.05 -18.55
C VAL A 197 8.24 34.23 -17.56
N LEU A 198 9.42 34.50 -18.13
CA LEU A 198 10.67 34.65 -17.36
C LEU A 198 10.75 36.05 -16.75
N ALA A 199 10.48 36.15 -15.45
CA ALA A 199 10.66 37.39 -14.68
C ALA A 199 12.04 37.41 -14.03
N MET A 200 12.72 38.56 -14.15
CA MET A 200 13.98 38.85 -13.46
C MET A 200 13.78 38.99 -11.94
N GLY A 201 14.89 39.21 -11.22
CA GLY A 201 14.86 39.34 -9.76
C GLY A 201 14.89 37.98 -9.09
N GLN A 202 13.97 37.11 -9.52
CA GLN A 202 14.05 35.67 -9.29
C GLN A 202 15.20 35.07 -10.12
N GLY A 203 15.72 33.93 -9.66
CA GLY A 203 16.78 33.22 -10.38
C GLY A 203 16.32 32.76 -11.75
N ARG A 204 17.05 33.18 -12.77
CA ARG A 204 16.69 32.94 -14.19
C ARG A 204 17.18 31.55 -14.66
N MET A 205 17.15 31.34 -15.99
CA MET A 205 17.48 30.04 -16.62
C MET A 205 19.00 29.87 -16.76
N ILE A 206 19.44 28.73 -17.36
CA ILE A 206 20.87 28.41 -17.51
C ILE A 206 21.63 29.48 -18.35
N PRO A 207 22.89 29.83 -17.95
CA PRO A 207 23.81 30.65 -18.77
C PRO A 207 23.94 30.11 -20.21
N GLY A 208 23.83 31.01 -21.19
CA GLY A 208 23.74 30.62 -22.61
C GLY A 208 22.35 30.90 -23.15
N PHE A 209 21.35 30.26 -22.50
CA PHE A 209 19.92 30.43 -22.84
C PHE A 209 19.54 31.90 -22.61
N GLU A 210 19.78 32.33 -21.34
CA GLU A 210 19.55 33.71 -20.85
C GLU A 210 20.15 34.77 -21.81
N ASP A 211 21.38 34.47 -22.28
CA ASP A 211 22.18 35.40 -23.11
C ASP A 211 21.52 35.63 -24.49
N GLY A 212 20.75 34.63 -24.96
CA GLY A 212 20.00 34.77 -26.21
C GLY A 212 18.80 35.67 -26.02
N ILE A 213 18.00 35.32 -25.00
CA ILE A 213 16.74 35.99 -24.64
C ILE A 213 16.95 37.50 -24.45
N LYS A 214 17.91 37.85 -23.57
CA LYS A 214 18.18 39.24 -23.19
C LYS A 214 19.05 39.97 -24.24
N GLY A 215 19.37 39.29 -25.35
CA GLY A 215 20.17 39.89 -26.42
C GLY A 215 19.33 40.35 -27.58
N HIS A 216 18.00 40.24 -27.43
CA HIS A 216 17.02 40.48 -28.51
C HIS A 216 15.81 41.27 -27.98
N LYS A 217 14.84 41.55 -28.89
CA LYS A 217 13.71 42.45 -28.58
C LYS A 217 12.36 41.85 -29.00
N ALA A 218 11.29 42.20 -28.26
CA ALA A 218 9.93 41.67 -28.48
C ALA A 218 9.42 41.98 -29.90
N GLY A 219 8.69 41.01 -30.47
CA GLY A 219 8.15 41.13 -31.83
C GLY A 219 8.84 40.18 -32.80
N GLU A 220 10.13 39.89 -32.57
CA GLU A 220 10.90 38.98 -33.45
C GLU A 220 10.76 37.53 -32.96
N GLU A 221 10.79 36.61 -33.93
CA GLU A 221 10.74 35.16 -33.67
C GLU A 221 11.94 34.50 -34.36
N PHE A 222 12.83 33.92 -33.55
CA PHE A 222 14.12 33.35 -33.98
C PHE A 222 14.37 32.04 -33.23
N THR A 223 15.62 31.52 -33.29
CA THR A 223 16.01 30.31 -32.55
C THR A 223 17.40 30.47 -31.92
N ILE A 224 17.53 30.11 -30.62
CA ILE A 224 18.84 30.01 -29.93
C ILE A 224 19.32 28.55 -29.95
N ASP A 225 20.60 28.33 -29.65
CA ASP A 225 21.19 26.98 -29.63
C ASP A 225 22.21 26.91 -28.51
N VAL A 226 21.85 26.22 -27.40
CA VAL A 226 22.68 26.18 -26.18
C VAL A 226 22.91 24.73 -25.74
N THR A 227 24.17 24.40 -25.43
CA THR A 227 24.54 23.07 -24.95
C THR A 227 24.14 22.91 -23.47
N PHE A 228 23.40 21.83 -23.17
CA PHE A 228 23.05 21.49 -21.77
C PHE A 228 24.32 21.12 -20.98
N PRO A 229 24.50 21.69 -19.74
CA PRO A 229 25.63 21.36 -18.84
C PRO A 229 25.73 19.85 -18.52
N GLU A 230 26.93 19.34 -18.26
CA GLU A 230 27.14 17.96 -17.77
C GLU A 230 26.50 17.76 -16.36
N GLU A 231 26.20 18.89 -15.72
CA GLU A 231 25.51 18.97 -14.42
C GLU A 231 23.99 18.71 -14.57
N TYR A 232 23.47 18.90 -15.80
CA TYR A 232 22.03 18.75 -16.12
C TYR A 232 21.56 17.31 -15.85
N HIS A 233 20.30 17.17 -15.36
CA HIS A 233 19.78 15.92 -14.74
C HIS A 233 19.81 14.69 -15.68
N ALA A 234 19.59 14.92 -16.98
CA ALA A 234 19.43 13.84 -17.99
C ALA A 234 20.66 13.79 -18.91
N GLU A 235 21.22 12.57 -19.08
CA GLU A 235 22.57 12.35 -19.64
C GLU A 235 22.61 12.40 -21.17
N ASN A 236 21.48 12.13 -21.83
CA ASN A 236 21.40 12.11 -23.31
C ASN A 236 21.21 13.54 -23.83
N LEU A 237 20.68 14.42 -22.96
CA LEU A 237 20.41 15.82 -23.28
C LEU A 237 21.66 16.68 -23.05
N LYS A 238 22.43 16.33 -22.00
CA LYS A 238 23.68 17.03 -21.66
C LYS A 238 24.78 16.70 -22.70
N GLY A 239 25.66 17.67 -22.96
CA GLY A 239 26.76 17.49 -23.92
C GLY A 239 26.38 17.88 -25.35
N LYS A 240 25.12 17.65 -25.71
CA LYS A 240 24.58 18.02 -27.03
C LYS A 240 23.92 19.41 -26.91
N ALA A 241 23.90 20.13 -28.04
CA ALA A 241 23.29 21.47 -28.13
C ALA A 241 21.80 21.35 -28.45
N ALA A 242 21.00 22.17 -27.77
CA ALA A 242 19.55 22.19 -27.90
C ALA A 242 19.12 23.47 -28.60
N LYS A 243 18.39 23.33 -29.73
CA LYS A 243 17.84 24.46 -30.46
C LYS A 243 16.43 24.80 -29.92
N PHE A 244 16.19 26.09 -29.67
CA PHE A 244 14.98 26.61 -29.03
C PHE A 244 14.40 27.71 -29.90
N ALA A 245 13.26 27.44 -30.55
CA ALA A 245 12.55 28.45 -31.36
C ALA A 245 11.91 29.51 -30.44
N ILE A 246 12.70 30.55 -30.12
CA ILE A 246 12.31 31.62 -29.20
C ILE A 246 11.42 32.63 -29.93
N ASN A 247 10.12 32.58 -29.62
CA ASN A 247 9.14 33.51 -30.16
C ASN A 247 8.94 34.64 -29.14
N LEU A 248 9.71 35.74 -29.30
CA LEU A 248 9.59 36.91 -28.43
C LEU A 248 8.23 37.58 -28.68
N LYS A 249 7.26 37.20 -27.84
CA LYS A 249 5.89 37.68 -27.94
C LYS A 249 5.74 39.01 -27.16
N LYS A 250 5.76 38.91 -25.82
CA LYS A 250 5.54 40.06 -24.91
C LYS A 250 6.75 40.25 -24.00
N VAL A 251 7.02 41.51 -23.63
CA VAL A 251 8.02 41.87 -22.61
C VAL A 251 7.42 43.00 -21.76
N GLU A 252 7.12 42.68 -20.50
CA GLU A 252 6.63 43.64 -19.50
C GLU A 252 7.82 44.11 -18.66
N GLU A 253 7.97 45.42 -18.59
CA GLU A 253 9.03 46.08 -17.87
C GLU A 253 8.72 46.10 -16.36
N ARG A 254 9.78 46.01 -15.56
CA ARG A 254 9.71 46.07 -14.09
C ARG A 254 9.30 47.48 -13.64
N GLU A 255 8.34 47.53 -12.72
CA GLU A 255 7.85 48.78 -12.14
C GLU A 255 7.70 48.55 -10.63
N LEU A 256 8.65 49.08 -9.86
CA LEU A 256 8.67 48.98 -8.39
C LEU A 256 7.60 49.92 -7.77
N PRO A 257 6.47 49.36 -7.24
CA PRO A 257 5.34 50.16 -6.73
C PRO A 257 5.35 50.31 -5.19
N GLU A 258 4.38 51.07 -4.68
CA GLU A 258 4.02 51.06 -3.26
C GLU A 258 3.10 49.86 -2.98
N LEU A 259 2.67 49.70 -1.74
CA LEU A 259 1.70 48.66 -1.39
C LEU A 259 0.29 49.16 -1.80
N THR A 260 0.01 49.08 -3.11
CA THR A 260 -1.23 49.59 -3.74
C THR A 260 -2.23 48.45 -3.96
N ALA A 261 -3.51 48.81 -4.19
CA ALA A 261 -4.63 47.85 -4.39
C ALA A 261 -4.35 46.89 -5.57
N GLU A 262 -3.60 47.38 -6.57
CA GLU A 262 -3.19 46.59 -7.75
C GLU A 262 -2.36 45.36 -7.32
N PHE A 263 -1.58 45.55 -6.26
CA PHE A 263 -0.71 44.53 -5.68
C PHE A 263 -1.49 43.70 -4.63
N ILE A 264 -2.35 44.37 -3.83
CA ILE A 264 -3.18 43.71 -2.79
C ILE A 264 -4.07 42.62 -3.42
N LYS A 265 -4.64 42.94 -4.59
CA LYS A 265 -5.55 42.05 -5.33
C LYS A 265 -4.81 40.89 -6.03
N ARG A 266 -3.45 40.96 -6.11
CA ARG A 266 -2.63 39.87 -6.70
C ARG A 266 -2.94 38.57 -5.94
N PHE A 267 -2.93 38.69 -4.60
CA PHE A 267 -3.14 37.55 -3.68
C PHE A 267 -4.63 37.25 -3.47
N GLY A 268 -5.52 37.98 -4.16
CA GLY A 268 -6.97 37.78 -4.06
C GLY A 268 -7.52 38.23 -2.71
N VAL A 269 -6.88 39.24 -2.11
CA VAL A 269 -7.32 39.82 -0.84
C VAL A 269 -8.60 40.64 -1.07
N GLU A 270 -9.75 39.98 -0.82
CA GLU A 270 -11.10 40.54 -0.97
C GLU A 270 -11.28 41.83 -0.14
N ASP A 271 -10.58 41.89 1.01
CA ASP A 271 -10.57 43.05 1.92
C ASP A 271 -10.19 44.33 1.18
N GLY A 272 -9.20 44.22 0.28
CA GLY A 272 -8.75 45.33 -0.56
C GLY A 272 -7.77 46.26 0.14
N SER A 273 -8.05 46.58 1.42
CA SER A 273 -7.18 47.45 2.24
C SER A 273 -6.00 46.66 2.80
N VAL A 274 -4.88 47.38 3.02
CA VAL A 274 -3.65 46.83 3.63
C VAL A 274 -3.95 46.17 4.99
N GLU A 275 -4.92 46.73 5.73
CA GLU A 275 -5.30 46.25 7.07
C GLU A 275 -5.73 44.75 7.04
N GLY A 276 -6.25 44.29 5.88
CA GLY A 276 -6.56 42.86 5.68
C GLY A 276 -5.35 42.09 5.15
N LEU A 277 -4.50 42.79 4.35
CA LEU A 277 -3.31 42.20 3.70
C LEU A 277 -2.33 41.76 4.78
N ARG A 278 -1.92 42.72 5.64
CA ARG A 278 -0.98 42.49 6.75
C ARG A 278 -1.50 41.46 7.76
N ALA A 279 -2.85 41.37 7.88
CA ALA A 279 -3.51 40.40 8.78
C ALA A 279 -3.30 38.97 8.27
N GLU A 280 -3.60 38.75 6.99
CA GLU A 280 -3.45 37.42 6.35
C GLU A 280 -1.98 37.07 6.12
N VAL A 281 -1.15 38.10 5.90
CA VAL A 281 0.31 37.95 5.83
C VAL A 281 0.86 37.61 7.21
N ARG A 282 0.23 38.12 8.29
CA ARG A 282 0.61 37.79 9.68
C ARG A 282 0.20 36.34 10.02
N LYS A 283 -0.92 35.87 9.42
CA LYS A 283 -1.32 34.43 9.51
C LYS A 283 -0.21 33.57 8.88
N ASN A 284 0.22 33.99 7.66
CA ASN A 284 1.28 33.33 6.88
C ASN A 284 2.62 33.39 7.63
N MET A 285 2.89 34.54 8.27
CA MET A 285 4.13 34.78 9.02
C MET A 285 4.21 33.82 10.20
N GLU A 286 3.12 33.74 10.98
CA GLU A 286 3.06 32.90 12.18
C GLU A 286 3.26 31.40 11.84
N ARG A 287 2.45 30.92 10.88
CA ARG A 287 2.43 29.51 10.44
C ARG A 287 3.79 29.12 9.84
N GLU A 288 4.31 29.92 8.89
CA GLU A 288 5.56 29.59 8.18
C GLU A 288 6.79 29.84 9.04
N LEU A 289 6.70 30.75 10.03
CA LEU A 289 7.81 31.01 11.00
C LEU A 289 7.98 29.76 11.86
N LYS A 290 6.84 29.33 12.46
CA LYS A 290 6.81 28.17 13.35
C LYS A 290 7.23 26.88 12.60
N SER A 291 6.70 26.75 11.36
CA SER A 291 6.97 25.60 10.48
C SER A 291 8.42 25.60 10.00
N ALA A 292 8.99 26.81 9.76
CA ALA A 292 10.40 26.96 9.33
C ALA A 292 11.34 26.56 10.47
N ILE A 293 11.03 27.00 11.70
CA ILE A 293 11.78 26.62 12.90
C ILE A 293 11.76 25.09 13.09
N ARG A 294 10.56 24.50 13.00
CA ARG A 294 10.36 23.06 13.20
C ARG A 294 11.12 22.24 12.13
N ASN A 295 11.00 22.68 10.87
CA ASN A 295 11.61 22.01 9.70
C ASN A 295 13.14 22.15 9.73
N ARG A 296 13.63 23.33 10.15
CA ARG A 296 15.07 23.67 10.15
C ARG A 296 15.79 22.89 11.27
N VAL A 297 15.19 22.90 12.49
CA VAL A 297 15.77 22.22 13.65
C VAL A 297 15.71 20.69 13.47
N LYS A 298 14.60 20.20 12.83
CA LYS A 298 14.46 18.77 12.52
C LYS A 298 15.53 18.36 11.51
N SER A 299 15.63 19.08 10.38
CA SER A 299 16.57 18.74 9.29
C SER A 299 18.03 18.82 9.75
N GLN A 300 18.33 19.77 10.67
CA GLN A 300 19.67 19.87 11.29
C GLN A 300 19.95 18.67 12.21
N ALA A 301 18.94 18.27 12.99
CA ALA A 301 19.01 17.08 13.85
C ALA A 301 19.28 15.83 13.00
N ILE A 302 18.49 15.66 11.92
CA ILE A 302 18.60 14.55 10.96
C ILE A 302 20.00 14.50 10.35
N GLU A 303 20.50 15.70 9.97
CA GLU A 303 21.83 15.90 9.40
C GLU A 303 22.90 15.37 10.40
N GLY A 304 22.73 15.78 11.67
CA GLY A 304 23.66 15.41 12.75
C GLY A 304 23.57 13.95 13.14
N LEU A 305 22.35 13.37 13.03
CA LEU A 305 22.08 11.96 13.34
C LEU A 305 22.85 11.06 12.38
N VAL A 306 22.70 11.35 11.07
CA VAL A 306 23.39 10.59 10.03
C VAL A 306 24.90 10.88 10.08
N LYS A 307 25.28 12.15 10.33
CA LYS A 307 26.71 12.57 10.42
C LYS A 307 27.41 11.85 11.59
N ALA A 308 26.64 11.57 12.65
CA ALA A 308 27.11 10.78 13.81
C ALA A 308 27.31 9.30 13.42
N ASN A 309 26.48 8.78 12.48
CA ASN A 309 26.44 7.35 12.13
C ASN A 309 26.11 7.17 10.63
N ASP A 310 27.11 7.42 9.75
CA ASP A 310 26.97 7.20 8.31
C ASP A 310 27.17 5.71 8.01
N ILE A 311 26.14 4.91 8.36
CA ILE A 311 26.14 3.48 8.09
C ILE A 311 25.55 3.23 6.68
N ASP A 312 25.88 2.07 6.12
CA ASP A 312 25.31 1.61 4.84
C ASP A 312 24.37 0.45 5.13
N VAL A 313 23.07 0.74 5.00
CA VAL A 313 21.98 -0.20 5.27
C VAL A 313 21.92 -1.32 4.19
N PRO A 314 21.13 -2.42 4.43
CA PRO A 314 20.82 -3.44 3.40
C PRO A 314 20.39 -2.84 2.05
N ALA A 315 20.84 -3.49 0.94
CA ALA A 315 20.68 -3.00 -0.44
C ALA A 315 19.21 -2.69 -0.77
N ALA A 316 18.30 -3.57 -0.30
CA ALA A 316 16.86 -3.50 -0.54
C ALA A 316 16.23 -2.13 -0.15
N LEU A 317 16.73 -1.54 0.95
CA LEU A 317 16.20 -0.27 1.51
C LEU A 317 16.43 0.90 0.54
N ILE A 318 17.72 1.20 0.25
CA ILE A 318 18.09 2.32 -0.64
C ILE A 318 17.80 1.98 -2.11
N ASP A 319 17.62 0.69 -2.44
CA ASP A 319 17.18 0.26 -3.78
C ASP A 319 15.74 0.76 -4.03
N SER A 320 14.87 0.44 -3.03
CA SER A 320 13.46 0.87 -3.04
C SER A 320 13.35 2.40 -3.00
N GLU A 321 14.13 3.06 -2.11
CA GLU A 321 14.14 4.53 -1.97
C GLU A 321 14.53 5.22 -3.29
N ILE A 322 15.69 4.81 -3.86
CA ILE A 322 16.16 5.28 -5.16
C ILE A 322 15.04 5.14 -6.22
N ASP A 323 14.40 3.95 -6.26
CA ASP A 323 13.41 3.60 -7.28
C ASP A 323 12.13 4.46 -7.18
N VAL A 324 11.68 4.73 -5.93
CA VAL A 324 10.48 5.54 -5.66
C VAL A 324 10.75 7.02 -6.06
N LEU A 325 11.94 7.53 -5.69
CA LEU A 325 12.35 8.91 -6.05
C LEU A 325 12.67 9.02 -7.56
N ARG A 326 13.06 7.90 -8.19
CA ARG A 326 13.30 7.84 -9.65
C ARG A 326 11.96 7.99 -10.38
N ARG A 327 10.95 7.24 -9.91
CA ARG A 327 9.57 7.34 -10.42
C ARG A 327 9.08 8.78 -10.30
N GLN A 328 9.16 9.30 -9.06
CA GLN A 328 8.60 10.61 -8.67
C GLN A 328 9.24 11.76 -9.46
N ALA A 329 10.57 11.65 -9.67
CA ALA A 329 11.34 12.63 -10.44
C ALA A 329 10.96 12.55 -11.92
N ALA A 330 11.05 11.34 -12.49
CA ALA A 330 10.89 11.10 -13.94
C ALA A 330 9.51 11.48 -14.46
N GLN A 331 8.44 11.29 -13.63
CA GLN A 331 7.05 11.68 -14.00
C GLN A 331 6.95 13.19 -14.35
N ARG A 332 7.84 13.99 -13.75
CA ARG A 332 7.83 15.46 -13.89
C ARG A 332 8.93 15.90 -14.89
N PHE A 333 10.18 15.45 -14.65
CA PHE A 333 11.38 15.85 -15.41
C PHE A 333 11.51 15.02 -16.72
N GLY A 334 10.36 14.67 -17.30
CA GLY A 334 10.30 13.82 -18.48
C GLY A 334 8.89 13.25 -18.68
N GLY A 335 8.65 12.06 -18.14
CA GLY A 335 7.37 11.37 -18.27
C GLY A 335 7.51 9.88 -18.00
N ASN A 336 8.35 9.21 -18.80
CA ASN A 336 8.63 7.77 -18.65
C ASN A 336 9.67 7.53 -17.55
N GLU A 337 9.63 6.34 -16.95
CA GLU A 337 10.55 5.94 -15.87
C GLU A 337 11.92 5.52 -16.45
N LYS A 338 11.97 5.27 -17.78
CA LYS A 338 13.24 4.99 -18.51
C LYS A 338 14.17 6.23 -18.42
N GLN A 339 13.53 7.41 -18.37
CA GLN A 339 14.21 8.72 -18.19
C GLN A 339 15.00 8.73 -16.86
N ALA A 340 14.41 8.08 -15.83
CA ALA A 340 14.95 8.05 -14.46
C ALA A 340 16.31 7.35 -14.37
N LEU A 341 16.50 6.29 -15.20
CA LEU A 341 17.74 5.47 -15.20
C LEU A 341 18.98 6.30 -15.55
N GLU A 342 18.78 7.45 -16.21
CA GLU A 342 19.85 8.38 -16.58
C GLU A 342 20.30 9.23 -15.38
N LEU A 343 19.38 9.50 -14.43
CA LEU A 343 19.70 10.27 -13.23
C LEU A 343 20.46 9.33 -12.28
N PRO A 344 21.79 9.59 -12.03
CA PRO A 344 22.63 8.69 -11.23
C PRO A 344 22.15 8.60 -9.78
N ARG A 345 22.19 7.38 -9.22
CA ARG A 345 21.77 7.10 -7.84
C ARG A 345 22.52 8.02 -6.84
N GLU A 346 23.69 8.54 -7.26
CA GLU A 346 24.51 9.50 -6.49
C GLU A 346 23.68 10.66 -5.92
N LEU A 347 22.77 11.23 -6.77
CA LEU A 347 21.96 12.40 -6.36
C LEU A 347 20.78 11.97 -5.48
N PHE A 348 20.40 10.68 -5.60
CA PHE A 348 19.30 10.09 -4.81
C PHE A 348 19.86 9.60 -3.46
N GLU A 349 21.18 9.33 -3.44
CA GLU A 349 21.89 8.71 -2.30
C GLU A 349 21.98 9.74 -1.15
N GLU A 350 22.17 11.02 -1.53
CA GLU A 350 22.25 12.17 -0.60
C GLU A 350 20.95 12.36 0.22
N GLN A 351 19.82 11.84 -0.30
CA GLN A 351 18.50 11.87 0.39
C GLN A 351 18.21 10.52 1.06
N ALA A 352 18.25 9.45 0.25
CA ALA A 352 17.86 8.10 0.66
C ALA A 352 18.67 7.63 1.87
N LYS A 353 20.01 7.89 1.86
CA LYS A 353 20.92 7.59 2.99
C LYS A 353 20.34 8.14 4.31
N ARG A 354 19.91 9.39 4.28
CA ARG A 354 19.30 10.06 5.45
C ARG A 354 17.96 9.41 5.81
N ARG A 355 17.19 9.02 4.75
CA ARG A 355 15.81 8.53 4.90
C ARG A 355 15.83 7.16 5.65
N VAL A 356 16.73 6.29 5.20
CA VAL A 356 16.84 4.92 5.72
C VAL A 356 17.61 4.91 7.06
N VAL A 357 18.77 5.60 7.13
CA VAL A 357 19.65 5.56 8.30
C VAL A 357 18.94 6.17 9.52
N VAL A 358 18.20 7.30 9.32
CA VAL A 358 17.37 7.88 10.39
C VAL A 358 16.18 6.96 10.74
N GLY A 359 15.70 6.18 9.75
CA GLY A 359 14.71 5.12 10.00
C GLY A 359 15.23 4.08 11.00
N LEU A 360 16.53 3.72 10.87
CA LEU A 360 17.23 2.82 11.80
C LEU A 360 17.54 3.52 13.15
N LEU A 361 17.97 4.80 13.09
CA LEU A 361 18.42 5.57 14.28
C LEU A 361 17.24 5.89 15.21
N LEU A 362 16.27 6.69 14.69
CA LEU A 362 15.07 7.09 15.44
C LEU A 362 14.20 5.87 15.79
N GLY A 363 14.24 4.84 14.91
CA GLY A 363 13.62 3.55 15.20
C GLY A 363 14.19 2.95 16.48
N GLU A 364 15.53 2.85 16.53
CA GLU A 364 16.28 2.35 17.68
C GLU A 364 15.91 3.12 18.98
N VAL A 365 15.74 4.45 18.84
CA VAL A 365 15.37 5.33 19.96
C VAL A 365 13.99 4.92 20.53
N ILE A 366 12.94 5.03 19.69
CA ILE A 366 11.54 4.77 20.11
C ILE A 366 11.33 3.32 20.60
N ARG A 367 12.21 2.39 20.16
CA ARG A 367 12.19 0.99 20.65
C ARG A 367 12.82 0.87 22.06
N THR A 368 14.16 1.01 22.17
CA THR A 368 14.89 0.68 23.42
C THR A 368 14.68 1.74 24.52
N ASN A 369 14.54 3.02 24.13
CA ASN A 369 14.32 4.11 25.09
C ASN A 369 12.84 4.13 25.53
N GLU A 370 12.00 3.31 24.85
CA GLU A 370 10.57 3.14 25.12
C GLU A 370 9.84 4.48 24.97
N LEU A 371 9.56 4.84 23.72
CA LEU A 371 8.74 6.00 23.39
C LEU A 371 7.41 5.50 22.81
N LYS A 372 6.31 5.81 23.53
CA LYS A 372 4.94 5.58 23.05
C LYS A 372 4.39 6.94 22.65
N ALA A 373 3.19 6.99 22.08
CA ALA A 373 2.54 8.28 21.79
C ALA A 373 2.18 9.01 23.09
N ASP A 374 3.14 9.78 23.60
CA ASP A 374 3.01 10.58 24.83
C ASP A 374 1.90 11.62 24.63
N GLU A 375 0.93 11.65 25.57
CA GLU A 375 -0.26 12.52 25.54
C GLU A 375 0.13 13.98 25.23
N GLU A 376 1.18 14.46 25.91
CA GLU A 376 1.67 15.85 25.77
C GLU A 376 2.31 16.07 24.38
N ARG A 377 2.97 15.03 23.83
CA ARG A 377 3.69 15.12 22.55
C ARG A 377 2.70 15.17 21.39
N VAL A 378 1.72 14.24 21.41
CA VAL A 378 0.71 14.13 20.35
C VAL A 378 -0.27 15.32 20.41
N LYS A 379 -0.65 15.74 21.65
CA LYS A 379 -1.50 16.94 21.85
C LYS A 379 -0.73 18.20 21.44
N GLY A 380 0.58 18.22 21.74
CA GLY A 380 1.45 19.36 21.38
C GLY A 380 1.49 19.60 19.88
N LEU A 381 1.74 18.51 19.14
CA LEU A 381 1.82 18.53 17.67
C LEU A 381 0.46 18.93 17.06
N ILE A 382 -0.60 18.17 17.44
CA ILE A 382 -1.95 18.36 16.89
C ILE A 382 -2.46 19.79 17.17
N GLU A 383 -2.30 20.29 18.41
CA GLU A 383 -2.76 21.63 18.82
C GLU A 383 -1.96 22.72 18.06
N GLU A 384 -0.64 22.51 17.93
CA GLU A 384 0.24 23.45 17.21
C GLU A 384 -0.24 23.67 15.76
N MET A 385 -0.50 22.56 15.04
CA MET A 385 -1.02 22.65 13.65
C MET A 385 -2.53 23.01 13.65
N ALA A 386 -3.23 22.72 14.78
CA ALA A 386 -4.68 23.01 14.93
C ALA A 386 -4.94 24.51 15.08
N SER A 387 -3.91 25.24 15.54
CA SER A 387 -3.91 26.72 15.55
C SER A 387 -4.03 27.29 14.12
N ALA A 388 -3.65 26.48 13.11
CA ALA A 388 -3.81 26.82 11.68
C ALA A 388 -5.20 26.41 11.15
N TYR A 389 -5.92 25.53 11.90
CA TYR A 389 -7.31 25.15 11.57
C TYR A 389 -8.29 26.23 12.09
N GLU A 390 -9.56 26.13 11.68
CA GLU A 390 -10.62 27.06 12.12
C GLU A 390 -10.93 26.88 13.61
N ASP A 391 -10.99 25.61 14.08
CA ASP A 391 -11.39 25.29 15.46
C ASP A 391 -10.50 24.14 16.02
N PRO A 392 -9.38 24.48 16.75
CA PRO A 392 -8.41 23.48 17.31
C PRO A 392 -9.03 22.37 18.18
N LYS A 393 -9.99 22.78 19.04
CA LYS A 393 -10.65 21.89 20.02
C LYS A 393 -11.24 20.64 19.32
N GLU A 394 -11.94 20.88 18.20
CA GLU A 394 -12.61 19.81 17.45
C GLU A 394 -11.66 19.13 16.44
N VAL A 395 -10.40 19.64 16.31
CA VAL A 395 -9.36 18.92 15.56
C VAL A 395 -8.91 17.75 16.42
N ILE A 396 -8.56 18.10 17.67
CA ILE A 396 -8.13 17.14 18.70
C ILE A 396 -9.27 16.11 18.97
N GLU A 397 -10.54 16.63 18.98
CA GLU A 397 -11.76 15.80 19.12
C GLU A 397 -11.90 14.80 17.95
N PHE A 398 -11.95 15.34 16.71
CA PHE A 398 -12.16 14.53 15.48
C PHE A 398 -11.15 13.38 15.40
N TYR A 399 -9.89 13.72 15.67
CA TYR A 399 -8.79 12.75 15.65
C TYR A 399 -9.00 11.68 16.74
N SER A 400 -9.37 12.13 17.97
CA SER A 400 -9.66 11.22 19.10
C SER A 400 -10.78 10.20 18.75
N LYS A 401 -11.70 10.58 17.85
CA LYS A 401 -12.74 9.66 17.33
C LYS A 401 -12.19 8.80 16.16
N ASN A 402 -11.26 9.38 15.38
CA ASN A 402 -10.78 8.76 14.13
C ASN A 402 -9.46 8.04 14.42
N LYS A 403 -9.57 6.74 14.78
CA LYS A 403 -8.43 5.92 15.23
C LYS A 403 -7.29 5.89 14.20
N GLU A 404 -7.68 5.85 12.91
CA GLU A 404 -6.73 5.83 11.78
C GLU A 404 -5.84 7.08 11.76
N LEU A 405 -6.49 8.25 11.71
CA LEU A 405 -5.80 9.55 11.59
C LEU A 405 -4.94 9.79 12.84
N MET A 406 -5.53 9.59 14.03
CA MET A 406 -4.82 9.80 15.30
C MET A 406 -3.62 8.85 15.42
N ASP A 407 -3.73 7.59 14.95
CA ASP A 407 -2.61 6.62 15.01
C ASP A 407 -1.44 7.08 14.11
N ASN A 408 -1.77 7.67 12.96
CA ASN A 408 -0.79 8.29 12.06
C ASN A 408 -0.14 9.50 12.76
N MET A 409 -0.95 10.24 13.53
CA MET A 409 -0.50 11.38 14.34
C MET A 409 0.33 10.91 15.55
N ARG A 410 0.12 9.65 15.98
CA ARG A 410 0.91 9.01 17.05
C ARG A 410 2.31 8.66 16.49
N ASN A 411 2.34 8.18 15.23
CA ASN A 411 3.60 7.84 14.52
C ASN A 411 4.46 9.09 14.27
N VAL A 412 3.85 10.17 13.73
CA VAL A 412 4.56 11.44 13.49
C VAL A 412 4.94 12.12 14.82
N ALA A 413 4.14 11.88 15.88
CA ALA A 413 4.46 12.31 17.25
C ALA A 413 5.69 11.57 17.76
N LEU A 414 5.83 10.28 17.36
CA LEU A 414 7.02 9.47 17.68
C LEU A 414 8.26 9.91 16.89
N GLU A 415 8.06 10.43 15.66
CA GLU A 415 9.16 11.09 14.91
C GLU A 415 9.65 12.31 15.70
N GLU A 416 8.68 13.17 16.10
CA GLU A 416 8.93 14.36 16.92
C GLU A 416 9.54 14.00 18.29
N GLN A 417 9.12 12.87 18.86
CA GLN A 417 9.54 12.43 20.21
C GLN A 417 10.93 11.80 20.18
N ALA A 418 11.24 11.13 19.05
CA ALA A 418 12.56 10.51 18.84
C ALA A 418 13.63 11.57 18.58
N VAL A 419 13.26 12.59 17.77
CA VAL A 419 14.11 13.77 17.53
C VAL A 419 14.28 14.58 18.83
N GLU A 420 13.16 14.84 19.54
CA GLU A 420 13.16 15.56 20.84
C GLU A 420 14.06 14.87 21.87
N ALA A 421 13.95 13.52 21.92
CA ALA A 421 14.75 12.67 22.79
C ALA A 421 16.25 12.95 22.62
N VAL A 422 16.76 12.76 21.39
CA VAL A 422 18.19 12.94 21.09
C VAL A 422 18.64 14.42 21.27
N LEU A 423 17.73 15.39 20.97
CA LEU A 423 18.00 16.84 21.15
C LEU A 423 18.20 17.19 22.64
N ALA A 424 17.47 16.50 23.52
CA ALA A 424 17.57 16.67 24.98
C ALA A 424 18.98 16.33 25.52
N LYS A 425 19.67 15.41 24.83
CA LYS A 425 21.05 15.00 25.17
C LYS A 425 22.07 15.77 24.30
N ALA A 426 21.62 16.27 23.14
CA ALA A 426 22.49 16.88 22.11
C ALA A 426 23.01 18.27 22.52
N LYS A 427 24.04 18.72 21.80
CA LYS A 427 24.70 20.01 22.05
C LYS A 427 23.84 21.16 21.46
N VAL A 428 22.86 21.61 22.24
CA VAL A 428 21.94 22.67 21.81
C VAL A 428 22.62 24.04 21.96
N THR A 429 22.53 24.88 20.92
CA THR A 429 23.07 26.26 20.94
C THR A 429 22.00 27.25 20.42
N GLU A 430 21.75 28.30 21.22
CA GLU A 430 20.82 29.38 20.86
C GLU A 430 21.56 30.46 20.07
N LYS A 431 20.99 30.88 18.93
CA LYS A 431 21.63 31.82 17.99
C LYS A 431 20.61 32.87 17.56
N GLU A 432 20.85 34.14 17.94
CA GLU A 432 19.94 35.25 17.63
C GLU A 432 19.85 35.49 16.11
N THR A 433 18.64 35.43 15.60
CA THR A 433 18.32 35.66 14.18
C THR A 433 16.94 36.37 14.10
N THR A 434 16.46 36.61 12.87
CA THR A 434 15.14 37.23 12.64
C THR A 434 14.40 36.49 11.51
N PHE A 435 13.10 36.83 11.30
CA PHE A 435 12.20 36.18 10.31
C PHE A 435 12.84 36.17 8.91
N ASN A 436 13.39 37.33 8.50
CA ASN A 436 13.99 37.51 7.16
C ASN A 436 15.26 36.64 6.98
N GLU A 437 16.02 36.45 8.08
CA GLU A 437 17.28 35.68 8.09
C GLU A 437 17.01 34.18 8.08
N LEU A 438 15.93 33.76 8.76
CA LEU A 438 15.56 32.34 8.91
C LEU A 438 15.27 31.70 7.53
N MET A 439 14.53 32.44 6.71
CA MET A 439 14.05 31.96 5.40
C MET A 439 15.03 32.33 4.26
N ASN A 440 16.14 32.98 4.64
CA ASN A 440 17.28 33.23 3.74
C ASN A 440 18.33 32.12 3.93
N GLN A 441 18.53 31.76 5.20
CA GLN A 441 19.49 30.72 5.61
C GLN A 441 18.94 29.33 5.21
N GLN A 442 19.83 28.48 4.65
CA GLN A 442 19.45 27.16 4.12
C GLN A 442 20.11 26.06 4.97
N ALA A 443 21.45 25.99 4.94
CA ALA A 443 22.24 25.05 5.72
C ALA A 443 23.65 25.66 5.95
N MET B 12 -12.13 28.63 -0.51
CA MET B 12 -12.70 27.31 -0.80
C MET B 12 -14.10 27.20 -0.19
N GLN B 13 -14.97 26.43 -0.85
CA GLN B 13 -16.40 26.29 -0.47
C GLN B 13 -16.74 24.81 -0.29
N VAL B 14 -17.73 24.52 0.57
CA VAL B 14 -18.22 23.16 0.82
C VAL B 14 -19.77 23.14 0.77
N SER B 15 -20.34 22.01 0.35
CA SER B 15 -21.78 21.79 0.36
C SER B 15 -22.08 20.30 0.64
N VAL B 16 -22.32 20.00 1.92
CA VAL B 16 -22.71 18.65 2.37
C VAL B 16 -24.16 18.35 1.90
N GLU B 17 -24.25 17.62 0.80
CA GLU B 17 -25.53 17.20 0.20
C GLU B 17 -25.87 15.81 0.76
N THR B 18 -26.96 15.71 1.55
CA THR B 18 -27.38 14.45 2.17
C THR B 18 -28.08 13.55 1.13
N THR B 19 -27.31 12.63 0.54
CA THR B 19 -27.77 11.77 -0.56
C THR B 19 -28.78 10.71 -0.05
N GLN B 20 -28.39 10.01 1.03
CA GLN B 20 -29.24 8.99 1.67
C GLN B 20 -28.80 8.84 3.14
N GLY B 21 -29.30 9.76 4.00
CA GLY B 21 -29.07 9.72 5.44
C GLY B 21 -27.60 9.80 5.84
N LEU B 22 -26.95 8.62 5.96
CA LEU B 22 -25.51 8.50 6.26
C LEU B 22 -24.71 9.02 5.05
N GLY B 23 -25.17 8.62 3.84
CA GLY B 23 -24.54 8.99 2.58
C GLY B 23 -24.60 10.49 2.32
N ARG B 24 -23.43 11.13 2.33
CA ARG B 24 -23.28 12.58 2.22
C ARG B 24 -22.30 12.92 1.10
N ARG B 25 -22.87 13.42 0.01
CA ARG B 25 -22.15 14.00 -1.13
C ARG B 25 -21.66 15.42 -0.77
N VAL B 26 -20.55 15.49 -0.03
CA VAL B 26 -19.94 16.76 0.38
C VAL B 26 -19.15 17.33 -0.80
N THR B 27 -19.83 18.12 -1.63
CA THR B 27 -19.25 18.74 -2.83
C THR B 27 -18.40 19.96 -2.43
N ILE B 28 -17.07 19.88 -2.66
CA ILE B 28 -16.10 20.90 -2.22
C ILE B 28 -15.39 21.50 -3.43
N THR B 29 -15.38 22.85 -3.51
CA THR B 29 -14.69 23.61 -4.57
C THR B 29 -13.42 24.26 -4.00
N ILE B 30 -12.26 23.86 -4.51
CA ILE B 30 -10.95 24.45 -4.16
C ILE B 30 -10.63 25.58 -5.16
N ALA B 31 -10.18 26.74 -4.64
CA ALA B 31 -9.95 27.96 -5.46
C ALA B 31 -8.72 27.83 -6.37
N ALA B 32 -8.68 28.69 -7.40
CA ALA B 32 -7.61 28.72 -8.43
C ALA B 32 -6.20 28.76 -7.82
N ASP B 33 -5.90 29.85 -7.11
CA ASP B 33 -4.56 30.09 -6.52
C ASP B 33 -4.28 29.13 -5.35
N SER B 34 -5.34 28.54 -4.76
CA SER B 34 -5.20 27.54 -3.68
C SER B 34 -4.66 26.21 -4.22
N ILE B 35 -5.09 25.86 -5.45
CA ILE B 35 -4.53 24.71 -6.19
C ILE B 35 -3.10 25.04 -6.62
N GLU B 36 -2.95 26.22 -7.27
CA GLU B 36 -1.69 26.69 -7.86
C GLU B 36 -0.54 26.69 -6.84
N THR B 37 -0.74 27.41 -5.70
CA THR B 37 0.25 27.52 -4.62
C THR B 37 0.68 26.13 -4.12
N ALA B 38 -0.29 25.18 -4.09
CA ALA B 38 -0.04 23.78 -3.68
C ALA B 38 0.79 23.02 -4.73
N VAL B 39 0.52 23.27 -6.05
CA VAL B 39 1.28 22.64 -7.15
C VAL B 39 2.76 23.07 -7.09
N LYS B 40 2.95 24.38 -6.96
CA LYS B 40 4.27 25.05 -6.89
C LYS B 40 5.02 24.58 -5.62
N SER B 41 4.27 24.47 -4.50
CA SER B 41 4.78 23.97 -3.21
C SER B 41 5.35 22.55 -3.35
N GLU B 42 4.51 21.60 -3.80
CA GLU B 42 4.87 20.18 -3.87
C GLU B 42 5.99 19.91 -4.88
N LEU B 43 6.02 20.70 -5.97
CA LEU B 43 7.11 20.64 -6.96
C LEU B 43 8.45 21.05 -6.35
N VAL B 44 8.52 22.25 -5.71
CA VAL B 44 9.79 22.73 -5.12
C VAL B 44 10.21 21.85 -3.93
N ASN B 45 9.21 21.33 -3.19
CA ASN B 45 9.43 20.44 -2.03
C ASN B 45 10.13 19.16 -2.48
N VAL B 46 9.49 18.41 -3.40
CA VAL B 46 10.05 17.15 -3.92
C VAL B 46 11.39 17.41 -4.66
N ALA B 47 11.54 18.61 -5.25
CA ALA B 47 12.80 19.04 -5.87
C ALA B 47 13.92 19.20 -4.80
N LYS B 48 13.54 19.70 -3.59
CA LYS B 48 14.51 19.88 -2.48
C LYS B 48 14.77 18.55 -1.75
N LYS B 49 13.78 17.64 -1.81
CA LYS B 49 13.86 16.33 -1.18
C LYS B 49 14.80 15.42 -2.00
N VAL B 50 14.48 15.27 -3.30
CA VAL B 50 15.34 14.55 -4.28
C VAL B 50 16.66 15.32 -4.51
N ARG B 51 16.66 16.62 -4.10
CA ARG B 51 17.87 17.48 -3.97
C ARG B 51 18.38 18.00 -5.34
N ILE B 52 17.53 17.85 -6.37
CA ILE B 52 17.82 18.32 -7.73
C ILE B 52 16.86 19.44 -8.14
N ASP B 53 17.42 20.44 -8.83
CA ASP B 53 16.65 21.51 -9.48
C ASP B 53 16.06 20.97 -10.81
N GLY B 54 16.70 19.89 -11.33
CA GLY B 54 16.36 19.30 -12.63
C GLY B 54 17.08 20.00 -13.75
N PHE B 55 16.86 21.31 -13.83
CA PHE B 55 17.56 22.22 -14.76
C PHE B 55 18.98 22.52 -14.22
N ARG B 56 19.12 22.29 -12.89
CA ARG B 56 20.37 22.40 -12.11
C ARG B 56 20.81 23.87 -12.01
N LYS B 57 21.44 24.39 -13.08
CA LYS B 57 22.03 25.75 -13.10
C LYS B 57 21.01 26.79 -13.63
N GLY B 58 19.73 26.51 -13.37
CA GLY B 58 18.64 27.42 -13.62
C GLY B 58 17.65 27.32 -12.49
N LYS B 59 17.43 28.43 -11.77
CA LYS B 59 16.54 28.46 -10.59
C LYS B 59 15.08 28.42 -11.05
N VAL B 60 14.77 29.28 -12.06
CA VAL B 60 13.50 29.27 -12.83
C VAL B 60 12.24 29.22 -11.91
N PRO B 61 11.62 30.41 -11.55
CA PRO B 61 10.49 30.50 -10.59
C PRO B 61 9.45 29.37 -10.77
N MET B 62 9.31 28.53 -9.72
CA MET B 62 8.43 27.33 -9.73
C MET B 62 6.95 27.69 -10.04
N ASN B 63 6.62 28.98 -9.81
CA ASN B 63 5.33 29.59 -10.15
C ASN B 63 4.92 29.32 -11.61
N ILE B 64 5.86 29.61 -12.53
CA ILE B 64 5.62 29.51 -13.98
C ILE B 64 5.81 28.04 -14.46
N VAL B 65 6.75 27.33 -13.80
CA VAL B 65 7.10 25.93 -14.12
C VAL B 65 5.87 25.01 -13.93
N ALA B 66 5.19 25.23 -12.80
CA ALA B 66 3.98 24.48 -12.42
C ALA B 66 2.86 24.66 -13.44
N GLN B 67 2.56 25.94 -13.76
CA GLN B 67 1.41 26.28 -14.58
C GLN B 67 1.65 25.92 -16.06
N ARG B 68 2.93 25.94 -16.51
CA ARG B 68 3.30 25.63 -17.91
C ARG B 68 3.18 24.13 -18.22
N TYR B 69 3.94 23.25 -17.52
CA TYR B 69 3.97 21.80 -17.84
C TYR B 69 3.73 20.90 -16.60
N GLY B 70 3.44 21.51 -15.43
CA GLY B 70 3.24 20.74 -14.19
C GLY B 70 1.81 20.22 -14.05
N ALA B 71 1.21 19.76 -15.15
CA ALA B 71 -0.13 19.13 -15.16
C ALA B 71 -0.04 17.68 -14.65
N SER B 72 1.12 17.05 -14.88
CA SER B 72 1.43 15.67 -14.44
C SER B 72 1.33 15.54 -12.90
N VAL B 73 1.88 16.53 -12.19
CA VAL B 73 1.94 16.52 -10.72
C VAL B 73 0.57 16.82 -10.08
N ARG B 74 -0.43 17.26 -10.90
CA ARG B 74 -1.81 17.51 -10.40
C ARG B 74 -2.40 16.24 -9.74
N GLN B 75 -1.89 15.06 -10.12
CA GLN B 75 -2.22 13.78 -9.46
C GLN B 75 -1.83 13.84 -7.96
N ASP B 76 -0.53 14.14 -7.70
CA ASP B 76 0.01 14.27 -6.34
C ASP B 76 -0.72 15.39 -5.56
N VAL B 77 -0.75 16.58 -6.18
CA VAL B 77 -1.24 17.81 -5.57
C VAL B 77 -2.73 17.68 -5.18
N LEU B 78 -3.60 17.44 -6.19
CA LEU B 78 -5.05 17.26 -5.95
C LEU B 78 -5.28 16.04 -5.05
N GLY B 79 -4.44 15.00 -5.23
CA GLY B 79 -4.46 13.81 -4.37
C GLY B 79 -4.18 14.12 -2.91
N ASP B 80 -3.39 15.19 -2.64
CA ASP B 80 -3.17 15.67 -1.26
C ASP B 80 -4.30 16.61 -0.83
N LEU B 81 -4.74 17.50 -1.73
CA LEU B 81 -5.79 18.51 -1.44
C LEU B 81 -7.10 17.83 -0.99
N MET B 82 -7.35 16.62 -1.54
CA MET B 82 -8.51 15.77 -1.19
C MET B 82 -8.56 15.43 0.31
N SER B 83 -7.39 15.37 0.97
CA SER B 83 -7.30 15.13 2.42
C SER B 83 -7.10 16.45 3.18
N ARG B 84 -6.16 17.30 2.70
CA ARG B 84 -5.67 18.51 3.45
C ARG B 84 -6.76 19.60 3.56
N ASN B 85 -7.60 19.72 2.52
CA ASN B 85 -8.71 20.72 2.50
C ASN B 85 -9.93 20.14 3.21
N PHE B 86 -10.20 18.86 2.93
CA PHE B 86 -11.35 18.12 3.46
C PHE B 86 -11.33 18.04 4.99
N ILE B 87 -10.12 17.84 5.57
CA ILE B 87 -9.96 17.67 7.03
C ILE B 87 -10.44 18.94 7.78
N ASP B 88 -9.98 20.12 7.33
CA ASP B 88 -10.39 21.40 7.92
C ASP B 88 -11.88 21.65 7.68
N ALA B 89 -12.29 21.36 6.42
CA ALA B 89 -13.66 21.59 5.92
C ALA B 89 -14.76 20.96 6.82
N ILE B 90 -14.46 19.79 7.41
CA ILE B 90 -15.44 19.03 8.23
C ILE B 90 -15.27 19.28 9.75
N ILE B 91 -14.17 19.96 10.15
CA ILE B 91 -13.90 20.25 11.58
C ILE B 91 -14.65 21.54 11.99
N LYS B 92 -15.97 21.37 12.07
CA LYS B 92 -16.96 22.30 12.62
C LYS B 92 -18.37 21.78 12.34
N GLU B 93 -18.49 20.96 11.27
CA GLU B 93 -19.77 20.46 10.76
C GLU B 93 -20.33 19.28 11.57
N LYS B 94 -19.45 18.56 12.33
CA LYS B 94 -19.81 17.30 13.02
C LYS B 94 -20.19 16.22 11.96
N ILE B 95 -19.28 15.25 11.74
CA ILE B 95 -19.19 14.41 10.52
C ILE B 95 -17.81 13.72 10.55
N ASN B 96 -17.84 12.37 10.48
CA ASN B 96 -16.65 11.51 10.49
C ASN B 96 -16.91 10.35 9.50
N PRO B 97 -16.10 10.21 8.40
CA PRO B 97 -16.29 9.14 7.38
C PRO B 97 -16.19 7.70 7.94
N ALA B 98 -16.92 6.77 7.32
CA ALA B 98 -16.88 5.33 7.67
C ALA B 98 -16.45 4.51 6.45
N GLY B 99 -15.37 3.72 6.63
CA GLY B 99 -14.86 2.85 5.57
C GLY B 99 -13.90 3.58 4.65
N ALA B 100 -14.46 4.27 3.63
CA ALA B 100 -13.68 4.95 2.59
C ALA B 100 -14.46 6.15 2.02
N PRO B 101 -13.89 7.41 2.11
CA PRO B 101 -14.48 8.59 1.45
C PRO B 101 -14.22 8.55 -0.06
N THR B 102 -15.30 8.34 -0.84
CA THR B 102 -15.24 8.31 -2.30
C THR B 102 -15.10 9.75 -2.84
N TYR B 103 -13.84 10.21 -2.96
CA TYR B 103 -13.51 11.51 -3.55
C TYR B 103 -13.71 11.39 -5.07
N VAL B 104 -14.95 11.65 -5.54
CA VAL B 104 -15.27 11.63 -6.97
C VAL B 104 -14.60 12.86 -7.63
N PRO B 105 -13.51 12.66 -8.45
CA PRO B 105 -12.70 13.75 -9.00
C PRO B 105 -13.47 14.51 -10.12
N GLY B 106 -14.11 15.62 -9.73
CA GLY B 106 -14.71 16.54 -10.70
C GLY B 106 -13.64 17.17 -11.59
N GLU B 107 -14.04 17.57 -12.81
CA GLU B 107 -13.13 18.08 -13.84
C GLU B 107 -12.28 19.26 -13.31
N TYR B 108 -10.97 19.02 -13.13
CA TYR B 108 -10.02 20.09 -12.78
C TYR B 108 -10.02 21.14 -13.91
N LYS B 109 -10.57 22.30 -13.60
CA LYS B 109 -10.59 23.44 -14.51
C LYS B 109 -9.28 24.21 -14.31
N LEU B 110 -8.48 24.25 -15.41
CA LEU B 110 -7.08 24.69 -15.42
C LEU B 110 -6.90 26.08 -14.77
N GLY B 111 -6.47 26.06 -13.49
CA GLY B 111 -6.19 27.28 -12.74
C GLY B 111 -7.42 28.14 -12.52
N GLU B 112 -8.55 27.48 -12.25
CA GLU B 112 -9.84 28.15 -12.02
C GLU B 112 -10.48 27.61 -10.74
N ASP B 113 -10.69 26.28 -10.70
CA ASP B 113 -11.28 25.60 -9.54
C ASP B 113 -11.17 24.07 -9.66
N PHE B 114 -11.27 23.38 -8.51
CA PHE B 114 -11.35 21.92 -8.43
C PHE B 114 -12.53 21.55 -7.53
N THR B 115 -13.71 21.43 -8.15
CA THR B 115 -14.92 20.97 -7.50
C THR B 115 -15.00 19.44 -7.58
N TYR B 116 -14.80 18.76 -6.43
CA TYR B 116 -14.88 17.28 -6.35
C TYR B 116 -15.98 16.88 -5.37
N SER B 117 -16.69 15.80 -5.71
CA SER B 117 -17.84 15.30 -4.95
C SER B 117 -17.37 14.26 -3.92
N VAL B 118 -17.22 14.69 -2.66
CA VAL B 118 -16.71 13.82 -1.58
C VAL B 118 -17.88 13.03 -0.97
N GLU B 119 -18.21 11.88 -1.60
CA GLU B 119 -19.32 11.03 -1.20
C GLU B 119 -18.85 9.96 -0.20
N PHE B 120 -19.43 9.96 0.99
CA PHE B 120 -19.12 8.98 2.04
C PHE B 120 -20.28 8.87 3.01
N GLU B 121 -20.45 7.69 3.58
CA GLU B 121 -21.38 7.49 4.68
C GLU B 121 -20.62 7.78 5.98
N VAL B 122 -21.23 8.57 6.86
CA VAL B 122 -20.67 8.87 8.19
C VAL B 122 -20.82 7.63 9.10
N TYR B 123 -19.98 7.59 10.16
CA TYR B 123 -19.98 6.49 11.12
C TYR B 123 -21.24 6.55 12.02
N PRO B 124 -22.17 5.55 11.92
CA PRO B 124 -23.36 5.48 12.80
C PRO B 124 -23.06 4.73 14.12
N GLU B 125 -24.00 4.81 15.06
CA GLU B 125 -23.92 4.10 16.33
C GLU B 125 -24.35 2.64 16.11
N VAL B 126 -23.34 1.76 15.92
CA VAL B 126 -23.57 0.32 15.81
C VAL B 126 -24.18 -0.25 17.11
N GLU B 127 -25.44 -0.71 16.98
CA GLU B 127 -26.22 -1.23 18.10
C GLU B 127 -25.94 -2.72 18.29
N LEU B 128 -25.56 -3.10 19.52
CA LEU B 128 -25.37 -4.49 19.94
C LEU B 128 -26.19 -4.74 21.21
N GLN B 129 -26.94 -5.85 21.23
CA GLN B 129 -27.89 -6.20 22.29
C GLN B 129 -28.23 -7.70 22.20
N GLY B 130 -28.78 -8.27 23.29
CA GLY B 130 -29.17 -9.69 23.31
C GLY B 130 -27.99 -10.61 23.58
N LEU B 131 -26.93 -10.03 24.21
CA LEU B 131 -25.69 -10.74 24.57
C LEU B 131 -26.02 -12.01 25.38
N GLU B 132 -26.95 -11.84 26.34
CA GLU B 132 -27.45 -12.95 27.19
C GLU B 132 -28.10 -14.07 26.36
N ALA B 133 -28.77 -13.68 25.26
CA ALA B 133 -29.53 -14.61 24.40
C ALA B 133 -28.64 -15.25 23.31
N ILE B 134 -27.47 -14.64 23.05
CA ILE B 134 -26.43 -15.20 22.14
C ILE B 134 -25.93 -16.56 22.68
N GLU B 135 -26.45 -17.65 22.07
CA GLU B 135 -26.07 -19.04 22.41
C GLU B 135 -24.73 -19.37 21.77
N VAL B 136 -23.81 -19.99 22.55
CA VAL B 136 -22.42 -20.28 22.10
C VAL B 136 -22.04 -21.75 22.42
N GLU B 137 -21.23 -22.36 21.53
CA GLU B 137 -20.73 -23.74 21.71
C GLU B 137 -19.50 -23.80 22.63
N LYS B 138 -19.50 -24.74 23.57
CA LYS B 138 -18.27 -25.32 24.15
C LYS B 138 -18.35 -26.85 23.99
N PRO B 139 -17.96 -27.40 22.80
CA PRO B 139 -17.98 -28.86 22.56
C PRO B 139 -16.80 -29.53 23.29
N ILE B 140 -17.09 -30.04 24.49
CA ILE B 140 -16.14 -30.79 25.30
C ILE B 140 -15.87 -32.14 24.61
N VAL B 141 -14.85 -32.13 23.76
CA VAL B 141 -14.44 -33.27 22.94
C VAL B 141 -13.20 -33.95 23.53
N GLU B 142 -12.99 -35.20 23.12
CA GLU B 142 -11.86 -36.03 23.53
C GLU B 142 -11.47 -36.91 22.34
N VAL B 143 -10.19 -36.83 21.92
CA VAL B 143 -9.65 -37.72 20.88
C VAL B 143 -9.48 -39.14 21.48
N THR B 144 -10.59 -39.90 21.50
CA THR B 144 -10.65 -41.27 22.03
C THR B 144 -10.31 -42.27 20.93
N ASP B 145 -9.81 -43.47 21.31
CA ASP B 145 -9.41 -44.53 20.35
C ASP B 145 -10.58 -44.97 19.46
N ALA B 146 -11.80 -44.87 20.01
CA ALA B 146 -13.05 -45.14 19.28
C ALA B 146 -13.22 -44.20 18.08
N ASP B 147 -12.89 -42.90 18.29
CA ASP B 147 -13.09 -41.84 17.30
C ASP B 147 -11.94 -41.86 16.30
N VAL B 148 -10.71 -42.12 16.81
CA VAL B 148 -9.50 -42.28 15.97
C VAL B 148 -9.73 -43.42 14.97
N ASP B 149 -10.26 -44.55 15.49
CA ASP B 149 -10.62 -45.75 14.71
C ASP B 149 -11.67 -45.42 13.63
N GLY B 150 -12.79 -44.80 14.06
CA GLY B 150 -13.90 -44.46 13.17
C GLY B 150 -13.50 -43.53 12.03
N MET B 151 -12.76 -42.46 12.40
CA MET B 151 -12.24 -41.45 11.46
C MET B 151 -11.27 -42.10 10.47
N LEU B 152 -10.33 -42.92 11.01
CA LEU B 152 -9.24 -43.56 10.23
C LEU B 152 -9.82 -44.60 9.26
N ASP B 153 -10.89 -45.29 9.68
CA ASP B 153 -11.58 -46.28 8.84
C ASP B 153 -12.25 -45.55 7.67
N THR B 154 -13.03 -44.51 7.99
CA THR B 154 -13.66 -43.63 6.98
C THR B 154 -12.60 -42.99 6.04
N LEU B 155 -11.42 -42.71 6.61
CA LEU B 155 -10.29 -42.08 5.90
C LEU B 155 -9.74 -43.04 4.82
N ARG B 156 -9.47 -44.30 5.22
CA ARG B 156 -8.94 -45.33 4.29
C ARG B 156 -10.03 -45.85 3.33
N LYS B 157 -11.30 -45.66 3.73
CA LYS B 157 -12.48 -46.12 2.97
C LYS B 157 -12.95 -45.05 1.94
N GLN B 158 -12.63 -43.77 2.20
CA GLN B 158 -12.92 -42.67 1.25
C GLN B 158 -11.74 -42.44 0.29
N GLN B 159 -10.50 -42.50 0.84
CA GLN B 159 -9.24 -42.45 0.04
C GLN B 159 -8.84 -43.89 -0.39
N ALA B 160 -9.85 -44.71 -0.69
CA ALA B 160 -9.68 -46.14 -0.96
C ALA B 160 -8.88 -46.40 -2.24
N THR B 161 -8.28 -47.60 -2.32
CA THR B 161 -7.38 -47.99 -3.42
C THR B 161 -8.17 -48.21 -4.72
N TRP B 162 -7.47 -48.01 -5.86
CA TRP B 162 -8.09 -48.02 -7.19
C TRP B 162 -7.50 -49.16 -8.02
N LYS B 163 -8.31 -50.19 -8.24
CA LYS B 163 -7.95 -51.34 -9.10
C LYS B 163 -8.41 -51.09 -10.54
N GLU B 164 -7.93 -51.93 -11.46
CA GLU B 164 -8.32 -51.84 -12.88
C GLU B 164 -9.73 -52.41 -13.09
N LYS B 165 -10.45 -51.88 -14.10
CA LYS B 165 -11.81 -52.31 -14.45
C LYS B 165 -11.97 -52.42 -15.97
N ASP B 166 -12.74 -53.44 -16.41
CA ASP B 166 -13.11 -53.62 -17.82
C ASP B 166 -14.64 -53.76 -17.89
N GLY B 167 -15.33 -52.65 -18.22
CA GLY B 167 -16.78 -52.63 -18.25
C GLY B 167 -17.34 -51.23 -18.19
N ALA B 168 -18.61 -51.13 -17.78
CA ALA B 168 -19.35 -49.86 -17.74
C ALA B 168 -19.12 -49.11 -16.42
N VAL B 169 -19.04 -47.77 -16.50
CA VAL B 169 -18.86 -46.89 -15.34
C VAL B 169 -20.14 -46.94 -14.47
N GLU B 170 -20.04 -47.55 -13.29
CA GLU B 170 -21.20 -47.72 -12.39
C GLU B 170 -21.15 -46.71 -11.23
N ALA B 171 -22.14 -46.83 -10.32
CA ALA B 171 -22.31 -45.94 -9.16
C ALA B 171 -21.08 -45.92 -8.23
N GLU B 172 -20.47 -47.09 -8.03
CA GLU B 172 -19.37 -47.29 -7.07
C GLU B 172 -18.02 -47.40 -7.80
N ASP B 173 -17.83 -46.59 -8.86
CA ASP B 173 -16.58 -46.55 -9.66
C ASP B 173 -16.05 -45.11 -9.80
N ARG B 174 -14.73 -45.03 -9.99
CA ARG B 174 -14.01 -43.80 -10.38
C ARG B 174 -13.75 -43.86 -11.89
N VAL B 175 -13.60 -42.67 -12.52
CA VAL B 175 -13.34 -42.55 -13.93
C VAL B 175 -12.50 -41.28 -14.23
N THR B 176 -11.26 -41.48 -14.71
CA THR B 176 -10.39 -40.39 -15.17
C THR B 176 -10.61 -40.14 -16.67
N ILE B 177 -11.46 -39.16 -16.98
CA ILE B 177 -11.77 -38.72 -18.34
C ILE B 177 -10.98 -37.46 -18.71
N ASP B 178 -11.27 -36.96 -19.90
CA ASP B 178 -10.99 -35.60 -20.32
C ASP B 178 -12.22 -35.10 -21.09
N PHE B 179 -12.62 -33.85 -20.85
CA PHE B 179 -13.78 -33.26 -21.53
C PHE B 179 -13.55 -31.79 -21.85
N THR B 180 -14.31 -31.30 -22.84
CA THR B 180 -14.35 -29.90 -23.21
C THR B 180 -15.83 -29.51 -23.42
N GLY B 181 -16.28 -28.45 -22.72
CA GLY B 181 -17.69 -28.07 -22.69
C GLY B 181 -17.98 -26.69 -23.24
N SER B 182 -19.20 -26.49 -23.74
CA SER B 182 -19.67 -25.20 -24.28
C SER B 182 -21.16 -25.03 -23.94
N VAL B 183 -21.51 -23.90 -23.29
CA VAL B 183 -22.91 -23.56 -22.96
C VAL B 183 -23.55 -22.90 -24.18
N ASP B 184 -24.48 -23.65 -24.82
CA ASP B 184 -25.30 -23.18 -25.95
C ASP B 184 -24.40 -22.77 -27.17
N GLY B 185 -23.19 -23.37 -27.23
CA GLY B 185 -22.21 -23.09 -28.28
C GLY B 185 -21.01 -22.29 -27.80
N GLU B 186 -21.18 -21.53 -26.70
CA GLU B 186 -20.12 -20.67 -26.16
C GLU B 186 -19.21 -21.47 -25.20
N GLU B 187 -17.93 -21.60 -25.57
CA GLU B 187 -16.89 -22.25 -24.75
C GLU B 187 -16.74 -21.43 -23.45
N PHE B 188 -17.39 -21.93 -22.38
CA PHE B 188 -17.50 -21.20 -21.12
C PHE B 188 -16.27 -21.45 -20.24
N GLU B 189 -16.09 -20.54 -19.28
CA GLU B 189 -14.91 -20.50 -18.41
C GLU B 189 -14.98 -21.61 -17.34
N GLY B 190 -13.94 -22.47 -17.31
CA GLY B 190 -13.91 -23.66 -16.45
C GLY B 190 -14.72 -24.82 -17.03
N GLY B 191 -15.01 -24.74 -18.35
CA GLY B 191 -15.84 -25.71 -19.05
C GLY B 191 -15.10 -26.94 -19.54
N LYS B 192 -13.78 -26.89 -19.51
CA LYS B 192 -12.92 -28.02 -19.89
C LYS B 192 -12.00 -28.40 -18.72
N ALA B 193 -11.69 -29.69 -18.65
CA ALA B 193 -10.84 -30.26 -17.63
C ALA B 193 -10.30 -31.59 -18.16
N SER B 194 -9.07 -31.54 -18.71
CA SER B 194 -8.35 -32.73 -19.14
C SER B 194 -7.76 -33.46 -17.92
N ASP B 195 -7.71 -34.80 -18.00
CA ASP B 195 -7.24 -35.71 -16.91
C ASP B 195 -8.18 -35.62 -15.67
N PHE B 196 -9.43 -35.19 -15.93
CA PHE B 196 -10.46 -35.05 -14.89
C PHE B 196 -10.79 -36.41 -14.28
N VAL B 197 -10.58 -36.54 -12.98
CA VAL B 197 -10.71 -37.82 -12.28
C VAL B 197 -11.91 -37.75 -11.31
N LEU B 198 -13.07 -38.23 -11.78
CA LEU B 198 -14.29 -38.26 -10.97
C LEU B 198 -14.26 -39.48 -10.03
N ALA B 199 -14.21 -39.22 -8.72
CA ALA B 199 -14.27 -40.27 -7.69
C ALA B 199 -15.69 -40.35 -7.10
N MET B 200 -16.16 -41.59 -6.92
CA MET B 200 -17.45 -41.89 -6.27
C MET B 200 -17.40 -41.65 -4.75
N GLY B 201 -18.56 -41.80 -4.09
CA GLY B 201 -18.68 -41.59 -2.64
C GLY B 201 -18.96 -40.12 -2.31
N GLN B 202 -18.13 -39.24 -2.91
CA GLN B 202 -18.29 -37.79 -2.82
C GLN B 202 -19.41 -37.28 -3.74
N GLY B 203 -19.86 -36.04 -3.47
CA GLY B 203 -20.81 -35.34 -4.34
C GLY B 203 -20.20 -35.06 -5.69
N ARG B 204 -20.70 -35.77 -6.71
CA ARG B 204 -20.17 -35.72 -8.08
C ARG B 204 -20.67 -34.46 -8.83
N MET B 205 -20.57 -34.47 -10.17
CA MET B 205 -20.93 -33.33 -11.00
C MET B 205 -22.46 -33.23 -11.19
N ILE B 206 -22.87 -32.18 -11.94
CA ILE B 206 -24.29 -31.87 -12.21
C ILE B 206 -25.07 -33.02 -12.88
N PRO B 207 -26.43 -33.10 -12.66
CA PRO B 207 -27.32 -34.03 -13.38
C PRO B 207 -27.26 -33.83 -14.91
N GLY B 208 -27.50 -34.91 -15.66
CA GLY B 208 -27.28 -34.91 -17.10
C GLY B 208 -25.85 -35.33 -17.42
N PHE B 209 -24.86 -34.53 -16.90
CA PHE B 209 -23.43 -34.80 -17.08
C PHE B 209 -23.09 -36.15 -16.45
N GLU B 210 -23.28 -36.22 -15.12
CA GLU B 210 -23.07 -37.42 -14.30
C GLU B 210 -23.85 -38.62 -14.86
N ASP B 211 -25.06 -38.35 -15.37
CA ASP B 211 -25.96 -39.36 -15.94
C ASP B 211 -25.39 -39.94 -17.25
N GLY B 212 -24.59 -39.13 -17.96
CA GLY B 212 -23.88 -39.59 -19.15
C GLY B 212 -22.72 -40.50 -18.76
N ILE B 213 -21.89 -39.99 -17.84
CA ILE B 213 -20.68 -40.67 -17.34
C ILE B 213 -20.99 -42.09 -16.84
N LYS B 214 -21.98 -42.19 -15.94
CA LYS B 214 -22.34 -43.46 -15.28
C LYS B 214 -23.31 -44.30 -16.14
N GLY B 215 -23.54 -43.91 -17.41
CA GLY B 215 -24.42 -44.65 -18.32
C GLY B 215 -23.70 -45.12 -19.57
N HIS B 216 -22.36 -45.19 -19.50
CA HIS B 216 -21.50 -45.56 -20.64
C HIS B 216 -20.34 -46.46 -20.17
N LYS B 217 -19.61 -47.06 -21.14
CA LYS B 217 -18.57 -48.07 -20.86
C LYS B 217 -17.18 -47.58 -21.26
N ALA B 218 -16.15 -48.08 -20.56
CA ALA B 218 -14.75 -47.64 -20.74
C ALA B 218 -14.23 -47.90 -22.17
N GLY B 219 -13.36 -46.98 -22.64
CA GLY B 219 -12.71 -47.11 -23.94
C GLY B 219 -13.56 -46.62 -25.11
N GLU B 220 -14.52 -45.71 -24.84
CA GLU B 220 -15.32 -45.05 -25.90
C GLU B 220 -15.17 -43.53 -25.81
N GLU B 221 -15.36 -42.86 -26.96
CA GLU B 221 -15.29 -41.40 -27.09
C GLU B 221 -16.59 -40.90 -27.70
N PHE B 222 -17.28 -39.99 -26.99
CA PHE B 222 -18.62 -39.50 -27.35
C PHE B 222 -18.79 -38.04 -26.89
N THR B 223 -20.04 -37.54 -26.98
CA THR B 223 -20.40 -36.22 -26.47
C THR B 223 -21.82 -36.25 -25.87
N ILE B 224 -21.96 -35.74 -24.65
CA ILE B 224 -23.26 -35.57 -23.97
C ILE B 224 -23.72 -34.12 -24.15
N ASP B 225 -25.01 -33.92 -24.41
CA ASP B 225 -25.59 -32.58 -24.55
C ASP B 225 -26.58 -32.37 -23.40
N VAL B 226 -26.09 -31.77 -22.33
CA VAL B 226 -26.83 -31.61 -21.08
C VAL B 226 -27.38 -30.18 -20.96
N THR B 227 -28.00 -29.84 -19.83
CA THR B 227 -28.52 -28.48 -19.57
C THR B 227 -28.20 -28.09 -18.13
N PHE B 228 -27.72 -26.85 -17.95
CA PHE B 228 -27.21 -26.34 -16.67
C PHE B 228 -28.35 -26.07 -15.65
N PRO B 229 -28.12 -26.42 -14.34
CA PRO B 229 -29.14 -26.27 -13.27
C PRO B 229 -29.37 -24.81 -12.86
N GLU B 230 -30.58 -24.49 -12.40
CA GLU B 230 -30.94 -23.17 -11.85
C GLU B 230 -30.19 -22.88 -10.52
N GLU B 231 -29.54 -23.91 -9.98
CA GLU B 231 -28.71 -23.84 -8.78
C GLU B 231 -27.30 -23.30 -9.13
N TYR B 232 -26.87 -23.49 -10.40
CA TYR B 232 -25.49 -23.18 -10.86
C TYR B 232 -25.13 -21.69 -10.64
N HIS B 233 -23.82 -21.43 -10.36
CA HIS B 233 -23.33 -20.14 -9.81
C HIS B 233 -23.60 -18.91 -10.71
N ALA B 234 -23.69 -19.13 -12.03
CA ALA B 234 -23.78 -18.05 -13.03
C ALA B 234 -25.10 -18.14 -13.81
N GLU B 235 -25.88 -17.02 -13.80
CA GLU B 235 -27.24 -16.94 -14.41
C GLU B 235 -27.22 -17.11 -15.93
N ASN B 236 -26.24 -16.45 -16.58
CA ASN B 236 -26.09 -16.46 -18.05
C ASN B 236 -25.87 -17.90 -18.59
N LEU B 237 -25.06 -18.69 -17.86
CA LEU B 237 -24.75 -20.06 -18.26
C LEU B 237 -25.90 -21.04 -17.95
N LYS B 238 -26.57 -20.83 -16.79
CA LYS B 238 -27.59 -21.76 -16.29
C LYS B 238 -28.90 -21.64 -17.09
N GLY B 239 -29.59 -22.78 -17.28
CA GLY B 239 -30.82 -22.84 -18.06
C GLY B 239 -30.57 -23.21 -19.53
N LYS B 240 -29.34 -22.98 -20.01
CA LYS B 240 -28.94 -23.25 -21.41
C LYS B 240 -28.32 -24.65 -21.55
N ALA B 241 -28.48 -25.23 -22.76
CA ALA B 241 -28.03 -26.58 -23.08
C ALA B 241 -26.52 -26.60 -23.37
N ALA B 242 -25.76 -27.18 -22.44
CA ALA B 242 -24.29 -27.23 -22.49
C ALA B 242 -23.83 -28.60 -23.00
N LYS B 243 -23.08 -28.61 -24.10
CA LYS B 243 -22.51 -29.84 -24.68
C LYS B 243 -21.13 -30.13 -24.05
N PHE B 244 -20.73 -31.42 -24.02
CA PHE B 244 -19.52 -31.89 -23.35
C PHE B 244 -18.96 -33.10 -24.10
N ALA B 245 -17.75 -32.96 -24.66
CA ALA B 245 -17.08 -34.05 -25.38
C ALA B 245 -16.36 -34.98 -24.38
N ILE B 246 -17.02 -36.10 -24.01
CA ILE B 246 -16.51 -37.02 -22.98
C ILE B 246 -15.67 -38.13 -23.63
N ASN B 247 -14.48 -38.34 -23.09
CA ASN B 247 -13.59 -39.43 -23.51
C ASN B 247 -13.30 -40.32 -22.30
N LEU B 248 -13.92 -41.53 -22.26
CA LEU B 248 -13.71 -42.49 -21.17
C LEU B 248 -12.32 -43.14 -21.30
N LYS B 249 -11.31 -42.40 -20.86
CA LYS B 249 -9.90 -42.76 -20.96
C LYS B 249 -9.56 -43.85 -19.93
N LYS B 250 -9.80 -43.55 -18.65
CA LYS B 250 -9.52 -44.47 -17.53
C LYS B 250 -10.79 -44.64 -16.69
N VAL B 251 -11.07 -45.88 -16.28
CA VAL B 251 -12.14 -46.21 -15.32
C VAL B 251 -11.54 -47.14 -14.26
N GLU B 252 -11.19 -46.55 -13.11
CA GLU B 252 -10.57 -47.25 -11.99
C GLU B 252 -11.67 -47.66 -10.99
N GLU B 253 -11.75 -48.96 -10.69
CA GLU B 253 -12.77 -49.51 -9.79
C GLU B 253 -12.35 -49.29 -8.33
N ARG B 254 -13.33 -48.87 -7.51
CA ARG B 254 -13.12 -48.52 -6.10
C ARG B 254 -13.06 -49.83 -5.28
N GLU B 255 -11.88 -50.09 -4.69
CA GLU B 255 -11.64 -51.27 -3.83
C GLU B 255 -11.47 -50.82 -2.37
N LEU B 256 -11.83 -51.70 -1.42
CA LEU B 256 -11.75 -51.43 0.04
C LEU B 256 -10.85 -52.48 0.74
N PRO B 257 -9.50 -52.25 0.80
CA PRO B 257 -8.55 -53.15 1.48
C PRO B 257 -8.28 -52.74 2.95
N GLU B 258 -7.19 -53.29 3.52
CA GLU B 258 -6.71 -52.89 4.84
C GLU B 258 -5.77 -51.67 4.74
N LEU B 259 -5.31 -51.19 5.91
CA LEU B 259 -4.43 -50.02 6.02
C LEU B 259 -2.99 -50.44 5.65
N THR B 260 -2.74 -50.57 4.33
CA THR B 260 -1.49 -51.12 3.78
C THR B 260 -0.43 -50.03 3.57
N ALA B 261 0.85 -50.45 3.50
CA ALA B 261 2.02 -49.56 3.33
C ALA B 261 1.90 -48.71 2.05
N GLU B 262 1.29 -49.30 1.01
CA GLU B 262 1.01 -48.62 -0.27
C GLU B 262 0.09 -47.40 -0.07
N PHE B 263 -0.81 -47.51 0.93
CA PHE B 263 -1.71 -46.43 1.32
C PHE B 263 -1.00 -45.45 2.28
N ILE B 264 -0.15 -45.98 3.19
CA ILE B 264 0.59 -45.15 4.18
C ILE B 264 1.51 -44.13 3.43
N LYS B 265 2.09 -44.57 2.29
CA LYS B 265 2.94 -43.74 1.43
C LYS B 265 2.19 -42.53 0.81
N ARG B 266 0.83 -42.62 0.72
CA ARG B 266 -0.02 -41.57 0.09
C ARG B 266 0.30 -40.20 0.71
N PHE B 267 0.28 -40.16 2.04
CA PHE B 267 0.42 -38.92 2.83
C PHE B 267 1.90 -38.52 3.02
N GLY B 268 2.80 -39.13 2.22
CA GLY B 268 4.23 -38.81 2.27
C GLY B 268 4.91 -39.37 3.52
N VAL B 269 4.25 -40.34 4.18
CA VAL B 269 4.78 -41.01 5.36
C VAL B 269 5.86 -42.01 4.91
N GLU B 270 7.12 -41.54 4.93
CA GLU B 270 8.29 -42.33 4.50
C GLU B 270 8.47 -43.55 5.43
N ASP B 271 8.07 -43.38 6.71
CA ASP B 271 8.14 -44.43 7.75
C ASP B 271 7.49 -45.74 7.25
N GLY B 272 6.34 -45.60 6.55
CA GLY B 272 5.69 -46.72 5.87
C GLY B 272 4.86 -47.61 6.77
N SER B 273 5.30 -47.79 8.04
CA SER B 273 4.54 -48.52 9.05
C SER B 273 3.41 -47.63 9.58
N VAL B 274 2.35 -48.27 10.12
CA VAL B 274 1.19 -47.58 10.70
C VAL B 274 1.63 -46.64 11.84
N GLU B 275 2.70 -47.00 12.57
CA GLU B 275 3.28 -46.17 13.65
C GLU B 275 3.70 -44.77 13.14
N GLY B 276 4.07 -44.68 11.85
CA GLY B 276 4.31 -43.38 11.22
C GLY B 276 3.01 -42.66 10.91
N LEU B 277 2.01 -43.45 10.44
CA LEU B 277 0.73 -42.92 9.95
C LEU B 277 -0.06 -42.30 11.10
N ARG B 278 -0.14 -43.04 12.23
CA ARG B 278 -0.87 -42.61 13.44
C ARG B 278 -0.19 -41.39 14.09
N ALA B 279 1.14 -41.27 13.90
CA ALA B 279 1.94 -40.15 14.43
C ALA B 279 1.65 -38.86 13.65
N GLU B 280 1.67 -38.96 12.31
CA GLU B 280 1.35 -37.81 11.43
C GLU B 280 -0.13 -37.41 11.58
N VAL B 281 -1.01 -38.43 11.66
CA VAL B 281 -2.46 -38.23 11.89
C VAL B 281 -2.69 -37.63 13.29
N ARG B 282 -1.85 -37.98 14.28
CA ARG B 282 -1.92 -37.37 15.63
C ARG B 282 -1.57 -35.86 15.56
N LYS B 283 -0.51 -35.54 14.80
CA LYS B 283 -0.06 -34.15 14.57
C LYS B 283 -1.18 -33.31 13.89
N ASN B 284 -1.81 -33.89 12.84
CA ASN B 284 -2.93 -33.25 12.12
C ASN B 284 -4.12 -33.07 13.06
N MET B 285 -4.64 -34.20 13.60
CA MET B 285 -5.84 -34.22 14.46
C MET B 285 -5.68 -33.35 15.71
N GLU B 286 -4.42 -33.11 16.16
CA GLU B 286 -4.12 -32.17 17.26
C GLU B 286 -4.53 -30.73 16.86
N ARG B 287 -3.88 -30.25 15.78
CA ARG B 287 -4.05 -28.89 15.27
C ARG B 287 -5.50 -28.66 14.79
N GLU B 288 -6.09 -29.73 14.22
CA GLU B 288 -7.45 -29.72 13.70
C GLU B 288 -8.47 -29.72 14.84
N LEU B 289 -8.16 -30.45 15.94
CA LEU B 289 -8.99 -30.46 17.17
C LEU B 289 -9.11 -29.02 17.68
N LYS B 290 -7.94 -28.36 17.81
CA LYS B 290 -7.85 -26.94 18.20
C LYS B 290 -8.65 -26.03 17.26
N SER B 291 -8.41 -26.20 15.94
CA SER B 291 -9.01 -25.36 14.89
C SER B 291 -10.53 -25.53 14.84
N ALA B 292 -11.02 -26.74 15.18
CA ALA B 292 -12.44 -27.10 15.13
C ALA B 292 -13.19 -26.59 16.37
N ILE B 293 -12.53 -26.63 17.55
CA ILE B 293 -13.05 -26.02 18.79
C ILE B 293 -13.20 -24.51 18.59
N ARG B 294 -12.13 -23.90 18.06
CA ARG B 294 -12.05 -22.47 17.78
C ARG B 294 -13.12 -22.08 16.74
N ASN B 295 -13.28 -22.94 15.71
CA ASN B 295 -14.27 -22.76 14.64
C ASN B 295 -15.69 -22.76 15.21
N ARG B 296 -15.98 -23.75 16.07
CA ARG B 296 -17.31 -23.93 16.70
C ARG B 296 -17.70 -22.71 17.57
N VAL B 297 -16.85 -22.41 18.57
CA VAL B 297 -17.12 -21.35 19.54
C VAL B 297 -17.25 -19.98 18.84
N LYS B 298 -16.34 -19.73 17.86
CA LYS B 298 -16.37 -18.49 17.08
C LYS B 298 -17.65 -18.42 16.23
N SER B 299 -17.88 -19.43 15.37
CA SER B 299 -18.95 -19.40 14.36
C SER B 299 -20.33 -19.25 15.03
N GLN B 300 -20.52 -19.92 16.18
CA GLN B 300 -21.79 -19.88 16.94
C GLN B 300 -21.94 -18.54 17.68
N ALA B 301 -20.84 -18.01 18.25
CA ALA B 301 -20.84 -16.65 18.85
C ALA B 301 -21.23 -15.59 17.81
N ILE B 302 -20.52 -15.62 16.66
CA ILE B 302 -20.71 -14.70 15.52
C ILE B 302 -22.13 -14.83 14.93
N GLU B 303 -22.63 -16.09 14.87
CA GLU B 303 -24.00 -16.40 14.46
C GLU B 303 -24.98 -15.65 15.37
N GLY B 304 -24.72 -15.73 16.69
CA GLY B 304 -25.51 -15.03 17.70
C GLY B 304 -25.46 -13.52 17.58
N LEU B 305 -24.24 -12.96 17.31
CA LEU B 305 -24.02 -11.51 17.16
C LEU B 305 -24.86 -10.94 16.02
N VAL B 306 -24.82 -11.63 14.86
CA VAL B 306 -25.57 -11.23 13.67
C VAL B 306 -27.09 -11.41 13.91
N LYS B 307 -27.48 -12.62 14.37
CA LYS B 307 -28.90 -12.97 14.64
C LYS B 307 -29.56 -11.97 15.62
N ALA B 308 -28.76 -11.46 16.55
CA ALA B 308 -29.18 -10.40 17.47
C ALA B 308 -29.24 -9.03 16.76
N ASN B 309 -28.19 -8.72 15.95
CA ASN B 309 -27.95 -7.33 15.45
C ASN B 309 -27.27 -7.36 14.06
N ASP B 310 -28.01 -7.81 13.05
CA ASP B 310 -27.60 -7.71 11.63
C ASP B 310 -28.01 -6.32 11.13
N ILE B 311 -27.17 -5.34 11.48
CA ILE B 311 -27.47 -3.91 11.28
C ILE B 311 -27.19 -3.45 9.84
N ASP B 312 -27.78 -2.31 9.45
CA ASP B 312 -27.44 -1.63 8.19
C ASP B 312 -26.05 -1.02 8.31
N VAL B 313 -25.28 -1.12 7.24
CA VAL B 313 -23.86 -0.74 7.22
C VAL B 313 -23.59 0.25 6.07
N PRO B 314 -22.59 1.19 6.25
CA PRO B 314 -22.15 2.11 5.18
C PRO B 314 -21.79 1.37 3.87
N ALA B 315 -22.18 1.98 2.71
CA ALA B 315 -22.06 1.37 1.38
C ALA B 315 -20.62 0.93 1.07
N ALA B 316 -19.65 1.80 1.45
CA ALA B 316 -18.21 1.60 1.21
C ALA B 316 -17.69 0.24 1.76
N LEU B 317 -18.29 -0.22 2.88
CA LEU B 317 -17.90 -1.46 3.58
C LEU B 317 -18.21 -2.71 2.72
N ILE B 318 -19.51 -2.96 2.47
CA ILE B 318 -19.95 -4.13 1.67
C ILE B 318 -19.60 -3.95 0.18
N ASP B 319 -19.34 -2.71 -0.26
CA ASP B 319 -18.86 -2.44 -1.65
C ASP B 319 -17.40 -2.91 -1.79
N SER B 320 -16.60 -2.64 -0.74
CA SER B 320 -15.21 -3.12 -0.65
C SER B 320 -15.19 -4.66 -0.65
N GLU B 321 -16.00 -5.26 0.23
CA GLU B 321 -16.06 -6.73 0.38
C GLU B 321 -16.65 -7.41 -0.87
N ILE B 322 -17.64 -6.76 -1.51
CA ILE B 322 -18.24 -7.24 -2.77
C ILE B 322 -17.16 -7.21 -3.87
N ASP B 323 -16.34 -6.14 -3.91
CA ASP B 323 -15.30 -5.97 -4.93
C ASP B 323 -14.23 -7.07 -4.82
N VAL B 324 -13.70 -7.24 -3.59
CA VAL B 324 -12.70 -8.26 -3.27
C VAL B 324 -13.23 -9.66 -3.65
N LEU B 325 -14.48 -9.95 -3.26
CA LEU B 325 -15.11 -11.24 -3.56
C LEU B 325 -15.47 -11.39 -5.06
N ARG B 326 -15.77 -10.29 -5.77
CA ARG B 326 -16.07 -10.35 -7.23
C ARG B 326 -14.82 -10.83 -7.97
N ARG B 327 -13.71 -10.13 -7.73
CA ARG B 327 -12.40 -10.44 -8.33
C ARG B 327 -11.99 -11.87 -7.97
N GLN B 328 -11.88 -12.11 -6.65
CA GLN B 328 -11.27 -13.34 -6.09
C GLN B 328 -12.07 -14.59 -6.48
N ALA B 329 -13.41 -14.47 -6.44
CA ALA B 329 -14.30 -15.57 -6.82
C ALA B 329 -14.24 -15.80 -8.32
N ALA B 330 -14.49 -14.75 -9.11
CA ALA B 330 -14.67 -14.89 -10.57
C ALA B 330 -13.42 -15.39 -11.29
N GLN B 331 -12.22 -15.10 -10.76
CA GLN B 331 -10.96 -15.66 -11.27
C GLN B 331 -10.96 -17.21 -11.13
N ARG B 332 -11.54 -17.70 -10.02
CA ARG B 332 -11.58 -19.14 -9.69
C ARG B 332 -12.75 -19.84 -10.41
N PHE B 333 -13.97 -19.30 -10.23
CA PHE B 333 -15.24 -19.87 -10.76
C PHE B 333 -15.43 -19.49 -12.25
N GLY B 334 -14.31 -19.25 -12.95
CA GLY B 334 -14.33 -18.76 -14.31
C GLY B 334 -12.92 -18.50 -14.83
N GLY B 335 -12.45 -17.25 -14.64
CA GLY B 335 -11.14 -16.82 -15.12
C GLY B 335 -11.04 -15.30 -15.24
N ASN B 336 -12.18 -14.63 -15.50
CA ASN B 336 -12.25 -13.15 -15.60
C ASN B 336 -13.12 -12.58 -14.48
N GLU B 337 -12.78 -11.36 -14.02
CA GLU B 337 -13.54 -10.60 -13.00
C GLU B 337 -14.93 -10.19 -13.54
N LYS B 338 -15.05 -10.09 -14.88
CA LYS B 338 -16.31 -9.74 -15.55
C LYS B 338 -17.36 -10.86 -15.37
N GLN B 339 -16.86 -12.11 -15.22
CA GLN B 339 -17.70 -13.31 -15.04
C GLN B 339 -18.50 -13.22 -13.71
N ALA B 340 -17.99 -12.41 -12.74
CA ALA B 340 -18.62 -12.20 -11.42
C ALA B 340 -20.05 -11.64 -11.52
N LEU B 341 -20.29 -10.82 -12.55
CA LEU B 341 -21.56 -10.11 -12.74
C LEU B 341 -22.68 -11.06 -13.22
N GLU B 342 -22.29 -12.31 -13.55
CA GLU B 342 -23.25 -13.40 -13.83
C GLU B 342 -23.75 -14.02 -12.52
N LEU B 343 -22.91 -13.96 -11.46
CA LEU B 343 -23.21 -14.58 -10.15
C LEU B 343 -24.17 -13.66 -9.38
N PRO B 344 -25.33 -14.19 -8.88
CA PRO B 344 -26.29 -13.42 -8.04
C PRO B 344 -25.58 -12.71 -6.87
N ARG B 345 -25.76 -11.37 -6.76
CA ARG B 345 -25.06 -10.52 -5.77
C ARG B 345 -25.19 -11.07 -4.33
N GLU B 346 -26.32 -11.76 -4.10
CA GLU B 346 -26.71 -12.33 -2.80
C GLU B 346 -25.63 -13.27 -2.23
N LEU B 347 -24.91 -14.03 -3.09
CA LEU B 347 -23.89 -15.00 -2.61
C LEU B 347 -22.58 -14.29 -2.20
N PHE B 348 -22.42 -13.01 -2.63
CA PHE B 348 -21.31 -12.14 -2.19
C PHE B 348 -21.74 -11.38 -0.92
N GLU B 349 -23.02 -10.97 -0.93
CA GLU B 349 -23.62 -10.10 0.08
C GLU B 349 -23.82 -10.83 1.43
N GLU B 350 -24.18 -12.12 1.37
CA GLU B 350 -24.35 -12.96 2.58
C GLU B 350 -23.04 -13.11 3.38
N GLN B 351 -21.90 -12.89 2.72
CA GLN B 351 -20.58 -12.87 3.36
C GLN B 351 -20.26 -11.45 3.85
N ALA B 352 -20.28 -10.51 2.88
CA ALA B 352 -19.92 -9.10 3.10
C ALA B 352 -20.65 -8.51 4.31
N LYS B 353 -21.99 -8.65 4.28
CA LYS B 353 -22.90 -8.15 5.32
C LYS B 353 -22.43 -8.57 6.72
N ARG B 354 -22.29 -9.88 6.94
CA ARG B 354 -21.87 -10.43 8.24
C ARG B 354 -20.42 -10.02 8.57
N ARG B 355 -19.57 -9.83 7.53
CA ARG B 355 -18.12 -9.56 7.71
C ARG B 355 -17.97 -8.16 8.35
N VAL B 356 -18.72 -7.20 7.79
CA VAL B 356 -18.65 -5.79 8.19
C VAL B 356 -19.53 -5.51 9.44
N VAL B 357 -20.68 -6.22 9.57
CA VAL B 357 -21.56 -6.11 10.74
C VAL B 357 -20.80 -6.54 12.00
N VAL B 358 -20.17 -7.73 11.95
CA VAL B 358 -19.33 -8.25 13.04
C VAL B 358 -18.10 -7.34 13.26
N GLY B 359 -17.59 -6.76 12.16
CA GLY B 359 -16.49 -5.80 12.23
C GLY B 359 -16.84 -4.56 13.05
N LEU B 360 -18.11 -4.10 12.91
CA LEU B 360 -18.64 -2.95 13.67
C LEU B 360 -19.01 -3.35 15.12
N LEU B 361 -19.58 -4.57 15.29
CA LEU B 361 -20.04 -5.08 16.61
C LEU B 361 -18.82 -5.27 17.55
N LEU B 362 -17.89 -6.14 17.12
CA LEU B 362 -16.63 -6.43 17.85
C LEU B 362 -15.74 -5.17 17.93
N GLY B 363 -15.86 -4.31 16.91
CA GLY B 363 -15.19 -3.01 16.90
C GLY B 363 -15.65 -2.12 18.05
N GLU B 364 -16.98 -2.05 18.23
CA GLU B 364 -17.59 -1.23 19.27
C GLU B 364 -17.28 -1.79 20.67
N VAL B 365 -17.03 -3.12 20.75
CA VAL B 365 -16.59 -3.76 22.00
C VAL B 365 -15.18 -3.27 22.39
N ILE B 366 -14.19 -3.48 21.49
CA ILE B 366 -12.77 -3.14 21.77
C ILE B 366 -12.56 -1.63 21.96
N ARG B 367 -13.45 -0.78 21.36
CA ARG B 367 -13.42 0.69 21.58
C ARG B 367 -14.12 1.09 22.90
N THR B 368 -15.45 0.81 23.02
CA THR B 368 -16.27 1.30 24.17
C THR B 368 -15.88 0.62 25.49
N ASN B 369 -15.72 -0.73 25.46
CA ASN B 369 -15.32 -1.52 26.65
C ASN B 369 -13.83 -1.30 26.92
N GLU B 370 -13.12 -0.73 25.90
CA GLU B 370 -11.68 -0.46 25.92
C GLU B 370 -10.92 -1.76 26.22
N LEU B 371 -10.81 -2.61 25.21
CA LEU B 371 -10.04 -3.84 25.31
C LEU B 371 -8.58 -3.56 24.92
N LYS B 372 -7.68 -3.79 25.87
CA LYS B 372 -6.23 -3.60 25.67
C LYS B 372 -5.68 -4.88 25.03
N ALA B 373 -4.68 -4.74 24.15
CA ALA B 373 -3.93 -5.87 23.62
C ALA B 373 -3.22 -6.61 24.77
N ASP B 374 -3.96 -7.54 25.40
CA ASP B 374 -3.64 -8.12 26.71
C ASP B 374 -2.59 -9.22 26.56
N GLU B 375 -1.46 -9.06 27.28
CA GLU B 375 -0.24 -9.91 27.17
C GLU B 375 -0.59 -11.41 27.29
N GLU B 376 -1.46 -11.75 28.25
CA GLU B 376 -1.90 -13.12 28.52
C GLU B 376 -2.65 -13.68 27.30
N ARG B 377 -3.53 -12.85 26.70
CA ARG B 377 -4.44 -13.27 25.62
C ARG B 377 -3.65 -13.48 24.31
N VAL B 378 -2.80 -12.49 23.99
CA VAL B 378 -2.01 -12.49 22.75
C VAL B 378 -0.97 -13.62 22.78
N LYS B 379 -0.21 -13.73 23.88
CA LYS B 379 0.83 -14.77 24.03
C LYS B 379 0.17 -16.15 24.18
N GLY B 380 -1.05 -16.19 24.74
CA GLY B 380 -1.83 -17.44 24.84
C GLY B 380 -2.18 -18.01 23.47
N LEU B 381 -2.69 -17.12 22.59
CA LEU B 381 -3.04 -17.47 21.19
C LEU B 381 -1.78 -17.92 20.43
N ILE B 382 -0.71 -17.09 20.55
CA ILE B 382 0.60 -17.35 19.92
C ILE B 382 1.12 -18.72 20.34
N GLU B 383 1.08 -19.01 21.67
CA GLU B 383 1.61 -20.26 22.25
C GLU B 383 0.82 -21.46 21.69
N GLU B 384 -0.52 -21.29 21.63
CA GLU B 384 -1.45 -22.32 21.13
C GLU B 384 -1.06 -22.75 19.69
N MET B 385 -0.84 -21.76 18.80
CA MET B 385 -0.42 -22.05 17.41
C MET B 385 1.11 -22.35 17.31
N ALA B 386 1.88 -21.88 18.31
CA ALA B 386 3.36 -22.00 18.35
C ALA B 386 3.79 -23.43 18.67
N SER B 387 2.94 -24.12 19.46
CA SER B 387 3.11 -25.55 19.79
C SER B 387 3.11 -26.42 18.51
N ALA B 388 2.56 -25.88 17.41
CA ALA B 388 2.58 -26.52 16.08
C ALA B 388 3.78 -26.05 15.23
N TYR B 389 4.34 -24.87 15.57
CA TYR B 389 5.51 -24.33 14.85
C TYR B 389 6.80 -24.97 15.38
N GLU B 390 7.95 -24.56 14.79
CA GLU B 390 9.25 -25.19 15.02
C GLU B 390 9.64 -25.14 16.52
N ASP B 391 9.80 -23.92 17.07
CA ASP B 391 10.25 -23.73 18.46
C ASP B 391 9.28 -22.76 19.18
N PRO B 392 8.23 -23.28 19.91
CA PRO B 392 7.14 -22.46 20.53
C PRO B 392 7.64 -21.18 21.27
N LYS B 393 8.57 -21.40 22.22
CA LYS B 393 9.14 -20.34 23.06
C LYS B 393 9.84 -19.28 22.19
N GLU B 394 10.58 -19.75 21.18
CA GLU B 394 11.32 -18.89 20.23
C GLU B 394 10.37 -18.32 19.14
N VAL B 395 9.12 -18.82 19.05
CA VAL B 395 8.10 -18.23 18.14
C VAL B 395 7.63 -16.93 18.79
N ILE B 396 7.28 -17.06 20.07
CA ILE B 396 6.89 -15.92 20.94
C ILE B 396 8.05 -14.89 20.99
N GLU B 397 9.28 -15.41 21.18
CA GLU B 397 10.51 -14.62 21.31
C GLU B 397 10.85 -13.90 19.99
N PHE B 398 10.69 -14.59 18.85
CA PHE B 398 10.98 -14.01 17.52
C PHE B 398 9.96 -12.90 17.20
N TYR B 399 8.69 -13.08 17.60
CA TYR B 399 7.65 -12.05 17.44
C TYR B 399 7.95 -10.83 18.31
N SER B 400 8.52 -11.06 19.50
CA SER B 400 9.01 -9.99 20.40
C SER B 400 10.06 -9.07 19.70
N LYS B 401 10.73 -9.61 18.65
CA LYS B 401 11.60 -8.82 17.74
C LYS B 401 10.79 -8.34 16.51
N ASN B 402 9.80 -9.15 16.08
CA ASN B 402 9.07 -8.96 14.80
C ASN B 402 7.79 -8.19 15.11
N LYS B 403 7.92 -6.85 15.21
CA LYS B 403 6.85 -5.94 15.63
C LYS B 403 5.67 -5.93 14.64
N GLU B 404 5.96 -6.22 13.35
CA GLU B 404 4.95 -6.22 12.30
C GLU B 404 3.92 -7.34 12.54
N LEU B 405 4.45 -8.58 12.71
CA LEU B 405 3.61 -9.77 12.97
C LEU B 405 3.07 -9.71 14.41
N MET B 406 3.86 -9.10 15.33
CA MET B 406 3.50 -8.95 16.75
C MET B 406 2.17 -8.18 16.88
N ASP B 407 2.09 -7.00 16.24
CA ASP B 407 0.88 -6.16 16.24
C ASP B 407 -0.30 -6.84 15.51
N ASN B 408 0.00 -7.67 14.48
CA ASN B 408 -1.02 -8.49 13.80
C ASN B 408 -1.65 -9.48 14.79
N MET B 409 -0.80 -10.07 15.65
CA MET B 409 -1.22 -11.01 16.70
C MET B 409 -2.03 -10.29 17.79
N ARG B 410 -1.68 -9.02 18.06
CA ARG B 410 -2.42 -8.18 19.02
C ARG B 410 -3.81 -7.78 18.47
N ASN B 411 -3.88 -7.60 17.13
CA ASN B 411 -5.15 -7.31 16.42
C ASN B 411 -6.10 -8.52 16.49
N VAL B 412 -5.60 -9.71 16.12
CA VAL B 412 -6.39 -10.95 16.16
C VAL B 412 -6.69 -11.37 17.62
N ALA B 413 -5.81 -10.97 18.55
CA ALA B 413 -6.01 -11.21 20.00
C ALA B 413 -7.17 -10.36 20.51
N LEU B 414 -7.27 -9.11 19.99
CA LEU B 414 -8.40 -8.22 20.29
C LEU B 414 -9.70 -8.73 19.66
N GLU B 415 -9.62 -9.38 18.47
CA GLU B 415 -10.78 -10.04 17.86
C GLU B 415 -11.28 -11.19 18.76
N GLU B 416 -10.34 -12.05 19.21
CA GLU B 416 -10.65 -13.16 20.12
C GLU B 416 -11.07 -12.67 21.51
N GLN B 417 -10.57 -11.48 21.92
CA GLN B 417 -10.91 -10.86 23.22
C GLN B 417 -12.26 -10.16 23.13
N ALA B 418 -12.62 -9.69 21.93
CA ALA B 418 -13.93 -9.05 21.67
C ALA B 418 -15.03 -10.10 21.66
N VAL B 419 -14.70 -11.28 21.07
CA VAL B 419 -15.55 -12.48 21.13
C VAL B 419 -15.66 -12.94 22.60
N GLU B 420 -14.50 -13.07 23.28
CA GLU B 420 -14.42 -13.49 24.70
C GLU B 420 -15.25 -12.56 25.61
N ALA B 421 -15.19 -11.26 25.29
CA ALA B 421 -15.92 -10.21 26.01
C ALA B 421 -17.43 -10.47 25.98
N VAL B 422 -18.00 -10.70 24.77
CA VAL B 422 -19.44 -10.98 24.61
C VAL B 422 -19.79 -12.38 25.17
N LEU B 423 -18.82 -13.34 25.14
CA LEU B 423 -18.99 -14.70 25.73
C LEU B 423 -19.18 -14.62 27.25
N ALA B 424 -18.51 -13.63 27.87
CA ALA B 424 -18.64 -13.35 29.32
C ALA B 424 -20.09 -13.01 29.73
N LYS B 425 -20.92 -12.56 28.77
CA LYS B 425 -22.34 -12.23 29.02
C LYS B 425 -23.29 -13.20 28.27
N ALA B 426 -22.71 -14.08 27.43
CA ALA B 426 -23.49 -14.92 26.49
C ALA B 426 -23.95 -16.24 27.13
N LYS B 427 -24.97 -16.85 26.49
CA LYS B 427 -25.49 -18.16 26.88
C LYS B 427 -24.57 -19.27 26.31
N VAL B 428 -23.40 -19.42 26.94
CA VAL B 428 -22.39 -20.38 26.51
C VAL B 428 -22.67 -21.74 27.18
N THR B 429 -23.00 -22.74 26.36
CA THR B 429 -23.44 -24.06 26.83
C THR B 429 -22.33 -25.10 26.58
N GLU B 430 -21.91 -25.77 27.68
CA GLU B 430 -20.93 -26.85 27.64
C GLU B 430 -21.65 -28.16 27.24
N LYS B 431 -21.28 -28.73 26.09
CA LYS B 431 -21.90 -29.94 25.53
C LYS B 431 -20.85 -31.04 25.42
N GLU B 432 -21.23 -32.30 25.68
CA GLU B 432 -20.35 -33.46 25.43
C GLU B 432 -20.39 -33.78 23.92
N THR B 433 -19.23 -33.69 23.27
CA THR B 433 -19.09 -33.94 21.82
C THR B 433 -17.82 -34.80 21.59
N THR B 434 -17.62 -35.31 20.37
CA THR B 434 -16.39 -36.04 19.98
C THR B 434 -15.82 -35.44 18.68
N PHE B 435 -14.59 -35.86 18.30
CA PHE B 435 -13.81 -35.28 17.18
C PHE B 435 -14.61 -35.25 15.85
N ASN B 436 -15.20 -36.40 15.47
CA ASN B 436 -15.96 -36.54 14.21
C ASN B 436 -17.23 -35.66 14.19
N GLU B 437 -17.92 -35.57 15.34
CA GLU B 437 -19.15 -34.75 15.49
C GLU B 437 -18.81 -33.25 15.66
N LEU B 438 -17.56 -32.98 16.08
CA LEU B 438 -17.03 -31.61 16.25
C LEU B 438 -16.91 -30.93 14.88
N MET B 439 -16.44 -31.72 13.91
CA MET B 439 -16.22 -31.28 12.52
C MET B 439 -17.42 -31.60 11.63
N ASN B 440 -18.53 -32.03 12.26
CA ASN B 440 -19.84 -32.11 11.60
C ASN B 440 -20.43 -30.68 11.55
N GLN B 441 -19.85 -29.89 10.64
CA GLN B 441 -20.16 -28.48 10.44
C GLN B 441 -19.50 -28.02 9.12
N GLN B 442 -20.27 -28.08 8.04
CA GLN B 442 -19.84 -27.59 6.70
C GLN B 442 -20.40 -26.19 6.48
N ALA B 443 -21.65 -25.98 6.91
CA ALA B 443 -22.36 -24.70 6.80
C ALA B 443 -23.23 -24.48 8.05
N MET A 12 15.57 -23.80 11.04
CA MET A 12 15.47 -23.78 9.56
C MET A 12 16.79 -23.19 8.98
N GLN A 13 17.07 -23.49 7.69
CA GLN A 13 18.36 -23.19 7.00
C GLN A 13 18.72 -21.68 7.02
N VAL A 14 19.57 -21.29 8.00
CA VAL A 14 20.12 -19.92 8.13
C VAL A 14 21.66 -19.98 8.34
N SER A 15 22.39 -18.97 7.85
CA SER A 15 23.86 -18.86 8.06
C SER A 15 24.27 -17.39 8.27
N VAL A 16 24.64 -17.05 9.53
CA VAL A 16 25.00 -15.68 9.92
C VAL A 16 26.48 -15.36 9.57
N GLU A 17 26.68 -14.16 9.03
CA GLU A 17 27.99 -13.56 8.72
C GLU A 17 27.94 -12.07 9.19
N THR A 18 29.09 -11.40 9.28
CA THR A 18 29.16 -9.98 9.64
C THR A 18 29.44 -9.14 8.36
N THR A 19 28.49 -8.27 7.99
CA THR A 19 28.63 -7.37 6.82
C THR A 19 29.61 -6.22 7.13
N GLN A 20 29.39 -5.55 8.28
CA GLN A 20 30.19 -4.39 8.70
C GLN A 20 29.92 -4.07 10.18
N GLY A 21 30.54 -4.86 11.09
CA GLY A 21 30.44 -4.67 12.55
C GLY A 21 29.02 -4.86 13.08
N LEU A 22 28.25 -3.75 13.01
CA LEU A 22 26.81 -3.74 13.35
C LEU A 22 26.04 -4.55 12.29
N GLY A 23 26.45 -4.35 11.02
CA GLY A 23 25.90 -5.06 9.88
C GLY A 23 26.18 -6.56 9.93
N ARG A 24 25.15 -7.37 9.68
CA ARG A 24 25.21 -8.84 9.76
C ARG A 24 24.40 -9.45 8.61
N ARG A 25 25.07 -10.26 7.80
CA ARG A 25 24.50 -10.95 6.63
C ARG A 25 24.11 -12.38 7.01
N VAL A 26 22.84 -12.55 7.40
CA VAL A 26 22.28 -13.89 7.65
C VAL A 26 21.69 -14.42 6.33
N THR A 27 22.49 -15.22 5.62
CA THR A 27 22.07 -15.84 4.37
C THR A 27 21.12 -17.02 4.66
N ILE A 28 19.83 -16.86 4.29
CA ILE A 28 18.76 -17.83 4.59
C ILE A 28 18.31 -18.52 3.29
N THR A 29 17.91 -19.80 3.39
CA THR A 29 17.42 -20.60 2.24
C THR A 29 15.98 -21.12 2.52
N ILE A 30 15.01 -20.71 1.67
CA ILE A 30 13.60 -21.17 1.75
C ILE A 30 13.39 -22.34 0.79
N ALA A 31 12.84 -23.46 1.28
CA ALA A 31 12.50 -24.63 0.44
C ALA A 31 11.40 -24.26 -0.59
N ALA A 32 11.53 -24.77 -1.84
CA ALA A 32 10.54 -24.54 -2.92
C ALA A 32 9.14 -25.05 -2.55
N ASP A 33 9.12 -26.12 -1.74
CA ASP A 33 7.87 -26.69 -1.17
C ASP A 33 7.20 -25.63 -0.28
N SER A 34 8.01 -25.03 0.61
CA SER A 34 7.57 -23.99 1.55
C SER A 34 7.15 -22.71 0.82
N ILE A 35 7.80 -22.41 -0.34
CA ILE A 35 7.46 -21.25 -1.18
C ILE A 35 6.07 -21.46 -1.80
N GLU A 36 5.92 -22.59 -2.54
CA GLU A 36 4.72 -22.91 -3.35
C GLU A 36 3.47 -22.99 -2.43
N THR A 37 3.64 -23.73 -1.30
CA THR A 37 2.62 -23.83 -0.24
C THR A 37 2.24 -22.44 0.29
N ALA A 38 3.25 -21.58 0.51
CA ALA A 38 3.06 -20.22 1.03
C ALA A 38 2.42 -19.27 0.00
N VAL A 39 2.61 -19.54 -1.32
CA VAL A 39 1.94 -18.74 -2.37
C VAL A 39 0.45 -19.05 -2.32
N LYS A 40 0.13 -20.36 -2.31
CA LYS A 40 -1.25 -20.85 -2.17
C LYS A 40 -1.89 -20.37 -0.85
N SER A 41 -1.06 -20.29 0.23
CA SER A 41 -1.49 -19.83 1.56
C SER A 41 -1.92 -18.37 1.50
N GLU A 42 -1.02 -17.46 1.06
CA GLU A 42 -1.27 -16.01 0.99
C GLU A 42 -2.46 -15.67 0.08
N LEU A 43 -2.56 -16.41 -1.05
CA LEU A 43 -3.66 -16.25 -2.01
C LEU A 43 -5.02 -16.68 -1.40
N VAL A 44 -5.07 -17.85 -0.70
CA VAL A 44 -6.32 -18.33 -0.08
C VAL A 44 -6.67 -17.51 1.18
N ASN A 45 -5.62 -16.93 1.84
CA ASN A 45 -5.77 -16.03 3.01
C ASN A 45 -6.53 -14.77 2.56
N VAL A 46 -5.95 -14.04 1.59
CA VAL A 46 -6.56 -12.81 1.06
C VAL A 46 -7.93 -13.10 0.39
N ALA A 47 -8.07 -14.32 -0.20
CA ALA A 47 -9.35 -14.77 -0.78
C ALA A 47 -10.39 -15.12 0.30
N LYS A 48 -9.93 -15.51 1.52
CA LYS A 48 -10.85 -15.86 2.65
C LYS A 48 -11.25 -14.59 3.42
N LYS A 49 -10.33 -13.63 3.47
CA LYS A 49 -10.50 -12.39 4.22
C LYS A 49 -11.31 -11.39 3.37
N VAL A 50 -10.71 -10.93 2.26
CA VAL A 50 -11.32 -9.94 1.35
C VAL A 50 -12.55 -10.53 0.62
N ARG A 51 -12.50 -11.86 0.37
CA ARG A 51 -13.58 -12.64 -0.28
C ARG A 51 -13.82 -12.17 -1.72
N ILE A 52 -12.68 -12.04 -2.45
CA ILE A 52 -12.64 -11.80 -3.90
C ILE A 52 -12.64 -13.15 -4.65
N ASP A 53 -13.81 -13.81 -4.62
CA ASP A 53 -14.08 -15.05 -5.36
C ASP A 53 -14.06 -14.79 -6.88
N GLY A 54 -14.65 -13.64 -7.27
CA GLY A 54 -14.75 -13.25 -8.68
C GLY A 54 -15.82 -14.07 -9.40
N PHE A 55 -15.45 -15.30 -9.76
CA PHE A 55 -16.31 -16.26 -10.50
C PHE A 55 -17.39 -16.93 -9.61
N ARG A 56 -17.56 -16.44 -8.35
CA ARG A 56 -18.59 -16.90 -7.39
C ARG A 56 -18.26 -18.30 -6.85
N LYS A 57 -18.43 -19.32 -7.70
CA LYS A 57 -18.11 -20.72 -7.41
C LYS A 57 -17.59 -21.34 -8.72
N GLY A 58 -16.63 -20.63 -9.32
CA GLY A 58 -16.10 -20.96 -10.63
C GLY A 58 -14.90 -21.90 -10.60
N LYS A 59 -13.84 -21.52 -11.32
CA LYS A 59 -12.66 -22.37 -11.59
C LYS A 59 -11.38 -21.57 -11.26
N VAL A 60 -10.23 -22.08 -11.78
CA VAL A 60 -8.91 -21.46 -11.70
C VAL A 60 -8.44 -21.36 -10.22
N PRO A 61 -7.95 -22.50 -9.62
CA PRO A 61 -7.42 -22.51 -8.24
C PRO A 61 -6.16 -21.63 -8.12
N MET A 62 -5.89 -21.17 -6.88
CA MET A 62 -4.77 -20.26 -6.57
C MET A 62 -3.40 -20.86 -6.90
N ASN A 63 -3.32 -22.21 -6.99
CA ASN A 63 -2.11 -22.93 -7.41
C ASN A 63 -1.71 -22.58 -8.86
N ILE A 64 -2.72 -22.56 -9.77
CA ILE A 64 -2.49 -22.23 -11.18
C ILE A 64 -2.19 -20.72 -11.33
N VAL A 65 -2.94 -19.87 -10.59
CA VAL A 65 -2.72 -18.40 -10.54
C VAL A 65 -1.26 -18.09 -10.15
N ALA A 66 -0.79 -18.84 -9.13
CA ALA A 66 0.59 -18.75 -8.60
C ALA A 66 1.63 -19.10 -9.68
N GLN A 67 1.55 -20.36 -10.13
CA GLN A 67 2.53 -21.00 -11.03
C GLN A 67 2.62 -20.28 -12.40
N ARG A 68 1.48 -19.74 -12.86
CA ARG A 68 1.36 -19.10 -14.18
C ARG A 68 1.77 -17.61 -14.16
N TYR A 69 1.13 -16.81 -13.30
CA TYR A 69 1.31 -15.33 -13.31
C TYR A 69 1.31 -14.70 -11.89
N GLY A 70 1.65 -15.51 -10.86
CA GLY A 70 1.68 -15.02 -9.47
C GLY A 70 3.01 -14.36 -9.10
N ALA A 71 3.49 -13.45 -9.96
CA ALA A 71 4.73 -12.69 -9.74
C ALA A 71 4.49 -11.48 -8.82
N SER A 72 3.27 -10.95 -8.87
CA SER A 72 2.84 -9.74 -8.12
C SER A 72 2.62 -10.05 -6.62
N VAL A 73 2.14 -11.28 -6.32
CA VAL A 73 1.85 -11.73 -4.94
C VAL A 73 3.15 -12.04 -4.16
N ARG A 74 4.33 -11.94 -4.83
CA ARG A 74 5.66 -12.12 -4.19
C ARG A 74 5.85 -11.19 -2.96
N GLN A 75 5.15 -10.03 -2.97
CA GLN A 75 5.09 -9.12 -1.82
C GLN A 75 4.56 -9.85 -0.57
N ASP A 76 3.37 -10.45 -0.74
CA ASP A 76 2.68 -11.21 0.32
C ASP A 76 3.51 -12.43 0.74
N VAL A 77 3.79 -13.29 -0.28
CA VAL A 77 4.46 -14.58 -0.11
C VAL A 77 5.84 -14.38 0.53
N LEU A 78 6.77 -13.76 -0.23
CA LEU A 78 8.15 -13.59 0.23
C LEU A 78 8.17 -12.67 1.45
N GLY A 79 7.28 -11.66 1.51
CA GLY A 79 7.18 -10.81 2.71
C GLY A 79 6.83 -11.61 3.97
N ASP A 80 6.03 -12.69 3.81
CA ASP A 80 5.59 -13.54 4.94
C ASP A 80 6.69 -14.56 5.30
N LEU A 81 7.31 -15.14 4.26
CA LEU A 81 8.37 -16.17 4.38
C LEU A 81 9.64 -15.58 5.00
N MET A 82 10.07 -14.43 4.47
CA MET A 82 11.29 -13.72 4.91
C MET A 82 11.25 -13.44 6.42
N SER A 83 10.07 -13.02 6.93
CA SER A 83 9.85 -12.76 8.36
C SER A 83 9.69 -14.07 9.15
N ARG A 84 9.00 -15.07 8.54
CA ARG A 84 8.80 -16.44 9.12
C ARG A 84 10.16 -17.12 9.41
N ASN A 85 11.13 -16.83 8.54
CA ASN A 85 12.49 -17.39 8.59
C ASN A 85 13.41 -16.54 9.48
N PHE A 86 13.17 -15.22 9.43
CA PHE A 86 13.91 -14.22 10.23
C PHE A 86 13.64 -14.42 11.73
N ILE A 87 12.40 -14.85 12.03
CA ILE A 87 11.93 -15.09 13.41
C ILE A 87 12.33 -16.54 13.89
N ASP A 88 13.40 -17.07 13.29
CA ASP A 88 14.22 -18.18 13.83
C ASP A 88 15.68 -17.71 13.81
N ALA A 89 16.08 -17.18 12.63
CA ALA A 89 17.48 -16.77 12.30
C ALA A 89 18.18 -15.97 13.42
N ILE A 90 17.51 -14.90 13.88
CA ILE A 90 18.07 -13.99 14.91
C ILE A 90 18.07 -14.62 16.30
N ILE A 91 17.11 -15.54 16.56
CA ILE A 91 16.90 -16.11 17.90
C ILE A 91 18.01 -17.11 18.21
N LYS A 92 18.41 -17.86 17.16
CA LYS A 92 19.33 -18.99 17.22
C LYS A 92 20.66 -18.59 17.87
N GLU A 93 21.30 -17.55 17.30
CA GLU A 93 22.60 -17.03 17.76
C GLU A 93 22.42 -15.86 18.74
N LYS A 94 21.16 -15.42 18.94
CA LYS A 94 20.79 -14.24 19.76
C LYS A 94 21.32 -12.94 19.14
N ILE A 95 20.48 -12.31 18.28
CA ILE A 95 20.80 -11.05 17.58
C ILE A 95 19.55 -10.14 17.62
N ASN A 96 19.77 -8.81 17.71
CA ASN A 96 18.71 -7.79 17.79
C ASN A 96 18.88 -6.76 16.66
N PRO A 97 18.05 -6.81 15.57
CA PRO A 97 18.10 -5.83 14.44
C PRO A 97 17.58 -4.43 14.87
N ALA A 98 18.02 -3.38 14.17
CA ALA A 98 17.48 -2.02 14.36
C ALA A 98 16.34 -1.75 13.35
N GLY A 99 15.09 -1.89 13.81
CA GLY A 99 13.91 -1.57 13.02
C GLY A 99 13.45 -2.71 12.12
N ALA A 100 14.25 -3.00 11.08
CA ALA A 100 13.92 -3.97 10.04
C ALA A 100 15.21 -4.50 9.35
N PRO A 101 15.17 -5.69 8.69
CA PRO A 101 16.26 -6.18 7.83
C PRO A 101 16.07 -5.88 6.32
N THR A 102 17.19 -5.65 5.62
CA THR A 102 17.22 -5.49 4.17
C THR A 102 17.47 -6.86 3.52
N TYR A 103 16.39 -7.45 2.99
CA TYR A 103 16.43 -8.76 2.31
C TYR A 103 16.97 -8.58 0.87
N VAL A 104 18.29 -8.73 0.72
CA VAL A 104 18.97 -8.68 -0.58
C VAL A 104 18.67 -10.00 -1.34
N PRO A 105 18.03 -9.92 -2.57
CA PRO A 105 17.71 -11.14 -3.37
C PRO A 105 19.00 -11.85 -3.86
N GLY A 106 19.32 -12.99 -3.22
CA GLY A 106 20.52 -13.77 -3.54
C GLY A 106 20.30 -14.72 -4.72
N GLU A 107 20.20 -16.02 -4.45
CA GLU A 107 19.94 -17.05 -5.48
C GLU A 107 18.44 -17.39 -5.50
N TYR A 108 17.83 -17.32 -6.69
CA TYR A 108 16.45 -17.77 -6.92
C TYR A 108 16.39 -18.55 -8.25
N LYS A 109 16.47 -19.87 -8.15
CA LYS A 109 16.30 -20.80 -9.27
C LYS A 109 14.84 -21.29 -9.23
N LEU A 110 14.18 -21.31 -10.41
CA LEU A 110 12.75 -21.65 -10.54
C LEU A 110 12.50 -23.10 -10.07
N GLY A 111 11.68 -23.23 -9.01
CA GLY A 111 11.30 -24.54 -8.46
C GLY A 111 12.47 -25.30 -7.84
N GLU A 112 13.24 -24.61 -7.00
CA GLU A 112 14.40 -25.20 -6.31
C GLU A 112 14.40 -24.71 -4.86
N ASP A 113 14.54 -23.38 -4.71
CA ASP A 113 14.57 -22.70 -3.40
C ASP A 113 14.67 -21.18 -3.62
N PHE A 114 14.80 -20.44 -2.52
CA PHE A 114 15.11 -19.00 -2.54
C PHE A 114 16.12 -18.69 -1.43
N THR A 115 17.40 -18.63 -1.81
CA THR A 115 18.47 -18.15 -0.95
C THR A 115 18.55 -16.62 -1.06
N TYR A 116 18.63 -15.92 0.07
CA TYR A 116 18.65 -14.45 0.11
C TYR A 116 19.47 -13.96 1.30
N SER A 117 20.20 -12.87 1.06
CA SER A 117 21.13 -12.26 2.01
C SER A 117 20.37 -11.28 2.92
N VAL A 118 20.03 -11.72 4.16
CA VAL A 118 19.32 -10.88 5.13
C VAL A 118 20.34 -9.97 5.84
N GLU A 119 20.56 -8.78 5.27
CA GLU A 119 21.52 -7.82 5.78
C GLU A 119 20.80 -6.76 6.62
N PHE A 120 20.96 -6.88 7.93
CA PHE A 120 20.45 -5.90 8.90
C PHE A 120 21.61 -5.43 9.76
N GLU A 121 21.51 -4.20 10.24
CA GLU A 121 22.46 -3.64 11.17
C GLU A 121 21.77 -3.54 12.55
N VAL A 122 22.46 -4.06 13.57
CA VAL A 122 21.98 -3.99 14.97
C VAL A 122 22.13 -2.54 15.45
N TYR A 123 21.23 -2.11 16.36
CA TYR A 123 21.14 -0.70 16.78
C TYR A 123 22.44 -0.24 17.48
N PRO A 124 23.20 0.73 16.87
CA PRO A 124 24.32 1.39 17.53
C PRO A 124 23.88 2.71 18.17
N GLU A 125 24.83 3.36 18.83
CA GLU A 125 24.68 4.74 19.33
C GLU A 125 25.32 5.70 18.30
N VAL A 126 25.59 6.94 18.74
CA VAL A 126 26.24 7.96 17.91
C VAL A 126 27.01 8.92 18.83
N GLU A 127 28.05 9.57 18.30
CA GLU A 127 28.78 10.62 19.02
C GLU A 127 28.39 11.98 18.46
N LEU A 128 27.97 12.88 19.35
CA LEU A 128 27.75 14.29 19.03
C LEU A 128 29.10 14.93 18.71
N GLN A 129 29.22 15.50 17.51
CA GLN A 129 30.45 16.15 17.05
C GLN A 129 30.11 17.52 16.45
N GLY A 130 31.03 18.49 16.65
CA GLY A 130 30.89 19.83 16.10
C GLY A 130 30.14 20.79 17.03
N LEU A 131 30.02 20.43 18.33
CA LEU A 131 29.23 21.21 19.34
C LEU A 131 29.67 22.69 19.41
N GLU A 132 30.96 22.91 19.10
CA GLU A 132 31.57 24.25 18.97
C GLU A 132 32.06 24.50 17.52
N ALA A 133 32.15 23.44 16.70
CA ALA A 133 32.87 23.46 15.40
C ALA A 133 31.94 23.63 14.19
N ILE A 134 30.62 23.63 14.41
CA ILE A 134 29.63 23.87 13.33
C ILE A 134 29.33 25.38 13.27
N GLU A 135 29.82 26.03 12.19
CA GLU A 135 29.52 27.44 11.92
C GLU A 135 28.15 27.55 11.25
N VAL A 136 27.14 27.94 12.04
CA VAL A 136 25.75 28.16 11.56
C VAL A 136 25.55 29.66 11.31
N GLU A 137 24.58 30.03 10.48
CA GLU A 137 24.29 31.43 10.13
C GLU A 137 22.95 31.90 10.74
N LYS A 138 22.97 33.02 11.49
CA LYS A 138 21.77 33.84 11.77
C LYS A 138 21.88 35.15 10.96
N PRO A 139 21.28 35.21 9.73
CA PRO A 139 21.19 36.45 8.95
C PRO A 139 20.15 37.40 9.56
N ILE A 140 20.62 38.41 10.31
CA ILE A 140 19.77 39.43 10.93
C ILE A 140 19.20 40.33 9.82
N VAL A 141 18.09 39.85 9.22
CA VAL A 141 17.47 40.46 8.04
C VAL A 141 16.32 41.39 8.42
N GLU A 142 16.02 42.31 7.49
CA GLU A 142 14.91 43.26 7.62
C GLU A 142 14.19 43.35 6.26
N VAL A 143 12.85 43.19 6.26
CA VAL A 143 12.02 43.52 5.09
C VAL A 143 11.93 45.06 5.02
N THR A 144 12.98 45.64 4.43
CA THR A 144 13.14 47.08 4.28
C THR A 144 12.39 47.56 3.02
N ASP A 145 11.99 48.84 2.97
CA ASP A 145 11.35 49.43 1.77
C ASP A 145 12.28 49.30 0.54
N ALA A 146 13.61 49.36 0.79
CA ALA A 146 14.65 49.10 -0.22
C ALA A 146 14.52 47.67 -0.79
N ASP A 147 14.39 46.68 0.12
CA ASP A 147 14.28 45.26 -0.24
C ASP A 147 13.03 44.99 -1.07
N VAL A 148 11.88 45.46 -0.54
CA VAL A 148 10.57 45.34 -1.19
C VAL A 148 10.63 45.94 -2.61
N ASP A 149 11.17 47.17 -2.71
CA ASP A 149 11.18 47.96 -3.96
C ASP A 149 12.12 47.36 -5.03
N GLY A 150 13.29 46.85 -4.60
CA GLY A 150 14.26 46.23 -5.51
C GLY A 150 13.74 44.92 -6.07
N MET A 151 13.16 44.10 -5.16
CA MET A 151 12.50 42.83 -5.53
C MET A 151 11.24 43.12 -6.38
N LEU A 152 10.61 44.29 -6.14
CA LEU A 152 9.40 44.77 -6.85
C LEU A 152 9.78 45.17 -8.29
N ASP A 153 10.99 45.74 -8.46
CA ASP A 153 11.55 46.08 -9.78
C ASP A 153 11.80 44.79 -10.56
N THR A 154 12.47 43.83 -9.90
CA THR A 154 12.73 42.48 -10.44
C THR A 154 11.39 41.79 -10.83
N LEU A 155 10.35 42.02 -10.01
CA LEU A 155 9.00 41.48 -10.21
C LEU A 155 8.33 42.14 -11.43
N ARG A 156 8.55 43.47 -11.60
CA ARG A 156 7.99 44.26 -12.72
C ARG A 156 8.57 43.77 -14.06
N LYS A 157 9.87 43.36 -14.02
CA LYS A 157 10.58 42.83 -15.21
C LYS A 157 10.20 41.35 -15.47
N GLN A 158 10.02 40.58 -14.38
CA GLN A 158 9.71 39.13 -14.44
C GLN A 158 8.23 38.90 -14.84
N GLN A 159 7.37 39.86 -14.52
CA GLN A 159 5.92 39.80 -14.80
C GLN A 159 5.53 40.90 -15.80
N ALA A 160 6.52 41.29 -16.63
CA ALA A 160 6.30 42.18 -17.78
C ALA A 160 5.49 41.45 -18.86
N THR A 161 4.70 42.22 -19.62
CA THR A 161 3.77 41.69 -20.64
C THR A 161 4.51 41.20 -21.91
N TRP A 162 3.75 40.83 -22.95
CA TRP A 162 4.31 40.09 -24.12
C TRP A 162 3.92 40.76 -25.45
N LYS A 163 4.80 40.61 -26.44
CA LYS A 163 4.64 41.17 -27.80
C LYS A 163 4.91 40.05 -28.81
N GLU A 164 3.87 39.63 -29.54
CA GLU A 164 3.92 38.52 -30.51
C GLU A 164 5.02 38.77 -31.56
N LYS A 165 6.16 38.08 -31.37
CA LYS A 165 7.38 38.30 -32.14
C LYS A 165 7.28 37.67 -33.54
N ASP A 166 7.60 38.46 -34.56
CA ASP A 166 7.75 37.99 -35.94
C ASP A 166 9.26 37.94 -36.24
N GLY A 167 9.84 36.73 -36.12
CA GLY A 167 11.28 36.54 -36.29
C GLY A 167 11.73 35.17 -35.81
N ALA A 168 13.04 35.03 -35.59
CA ALA A 168 13.65 33.78 -35.10
C ALA A 168 13.57 33.71 -33.57
N VAL A 169 13.32 32.48 -33.07
CA VAL A 169 13.15 32.21 -31.63
C VAL A 169 14.48 32.39 -30.89
N GLU A 170 14.41 32.92 -29.66
CA GLU A 170 15.56 33.14 -28.78
C GLU A 170 15.18 32.74 -27.34
N ALA A 171 16.21 32.75 -26.46
CA ALA A 171 16.03 32.56 -25.01
C ALA A 171 15.61 33.88 -24.32
N GLU A 172 15.35 34.91 -25.14
CA GLU A 172 14.90 36.26 -24.71
C GLU A 172 13.39 36.43 -24.94
N ASP A 173 12.72 35.35 -25.40
CA ASP A 173 11.28 35.35 -25.75
C ASP A 173 10.53 34.36 -24.85
N ARG A 174 9.22 34.57 -24.69
CA ARG A 174 8.30 33.54 -24.20
C ARG A 174 7.79 32.72 -25.39
N VAL A 175 8.44 31.59 -25.64
CA VAL A 175 8.06 30.70 -26.74
C VAL A 175 7.23 29.53 -26.18
N THR A 176 5.92 29.59 -26.42
CA THR A 176 5.02 28.48 -26.16
C THR A 176 5.28 27.39 -27.20
N ILE A 177 6.02 26.35 -26.79
CA ILE A 177 6.33 25.20 -27.66
C ILE A 177 5.38 24.05 -27.33
N ASP A 178 5.59 22.92 -27.98
CA ASP A 178 4.85 21.69 -27.73
C ASP A 178 5.85 20.56 -28.00
N PHE A 179 6.28 19.83 -26.95
CA PHE A 179 7.34 18.82 -27.08
C PHE A 179 6.94 17.50 -26.42
N THR A 180 7.34 16.42 -27.10
CA THR A 180 7.14 15.04 -26.67
C THR A 180 7.99 14.11 -27.54
N GLY A 181 8.28 12.92 -27.02
CA GLY A 181 9.08 11.92 -27.73
C GLY A 181 9.44 10.77 -26.81
N SER A 182 10.70 10.32 -26.85
CA SER A 182 11.17 9.19 -26.04
C SER A 182 12.67 9.34 -25.73
N VAL A 183 13.06 8.80 -24.57
CA VAL A 183 14.45 8.72 -24.11
C VAL A 183 14.99 7.30 -24.42
N ASP A 184 15.91 7.24 -25.41
CA ASP A 184 16.64 6.01 -25.80
C ASP A 184 15.69 4.92 -26.34
N GLY A 185 14.52 5.37 -26.82
CA GLY A 185 13.49 4.50 -27.38
C GLY A 185 12.28 4.36 -26.46
N GLU A 186 12.49 4.57 -25.15
CA GLU A 186 11.45 4.34 -24.12
C GLU A 186 10.76 5.67 -23.74
N GLU A 187 9.43 5.60 -23.57
CA GLU A 187 8.60 6.74 -23.12
C GLU A 187 8.95 7.14 -21.67
N PHE A 188 8.71 8.42 -21.37
CA PHE A 188 9.02 9.02 -20.06
C PHE A 188 7.86 9.91 -19.62
N GLU A 189 7.36 9.66 -18.40
CA GLU A 189 6.17 10.33 -17.85
C GLU A 189 6.58 11.57 -17.03
N GLY A 190 5.90 12.70 -17.28
CA GLY A 190 6.12 13.95 -16.52
C GLY A 190 7.17 14.87 -17.14
N GLY A 191 8.24 14.27 -17.70
CA GLY A 191 9.38 15.02 -18.25
C GLY A 191 9.10 15.70 -19.59
N LYS A 192 7.96 15.35 -20.23
CA LYS A 192 7.50 15.99 -21.48
C LYS A 192 6.17 16.71 -21.25
N ALA A 193 5.99 17.83 -21.94
CA ALA A 193 4.87 18.75 -21.72
C ALA A 193 4.33 19.27 -23.06
N SER A 194 3.21 18.68 -23.49
CA SER A 194 2.44 19.15 -24.65
C SER A 194 1.84 20.55 -24.35
N ASP A 195 2.11 21.51 -25.25
CA ASP A 195 1.72 22.94 -25.11
C ASP A 195 2.41 23.56 -23.88
N PHE A 196 3.74 23.53 -23.91
CA PHE A 196 4.59 24.09 -22.85
C PHE A 196 4.87 25.56 -23.13
N VAL A 197 4.61 26.42 -22.13
CA VAL A 197 4.86 27.87 -22.23
C VAL A 197 6.26 28.19 -21.66
N LEU A 198 7.28 28.29 -22.54
CA LEU A 198 8.67 28.62 -22.13
C LEU A 198 8.84 30.15 -22.06
N ALA A 199 8.61 30.71 -20.86
CA ALA A 199 8.92 32.12 -20.59
C ALA A 199 10.41 32.27 -20.28
N MET A 200 10.96 33.42 -20.67
CA MET A 200 12.34 33.81 -20.35
C MET A 200 12.41 34.52 -18.98
N GLY A 201 13.63 34.93 -18.58
CA GLY A 201 13.86 35.58 -17.29
C GLY A 201 14.20 34.60 -16.18
N GLN A 202 14.34 33.32 -16.57
CA GLN A 202 14.64 32.19 -15.66
C GLN A 202 16.17 31.93 -15.70
N GLY A 203 16.60 30.82 -15.08
CA GLY A 203 17.91 30.25 -15.35
C GLY A 203 17.92 29.55 -16.71
N ARG A 204 19.11 29.26 -17.26
CA ARG A 204 19.23 28.50 -18.51
C ARG A 204 19.16 27.00 -18.19
N MET A 205 18.68 26.19 -19.15
CA MET A 205 18.37 24.76 -18.96
C MET A 205 19.53 23.87 -19.46
N ILE A 206 19.32 22.53 -19.47
CA ILE A 206 20.27 21.54 -20.02
C ILE A 206 20.74 21.95 -21.46
N PRO A 207 22.10 22.11 -21.67
CA PRO A 207 22.68 22.48 -22.98
C PRO A 207 22.27 21.50 -24.09
N GLY A 208 21.52 22.02 -25.07
CA GLY A 208 20.96 21.21 -26.14
C GLY A 208 19.50 21.57 -26.38
N PHE A 209 18.72 21.63 -25.27
CA PHE A 209 17.26 21.82 -25.35
C PHE A 209 16.94 23.25 -25.83
N GLU A 210 17.08 24.25 -24.93
CA GLU A 210 16.82 25.67 -25.29
C GLU A 210 17.74 26.13 -26.42
N ASP A 211 18.93 25.51 -26.50
CA ASP A 211 19.92 25.74 -27.57
C ASP A 211 19.33 25.38 -28.95
N GLY A 212 18.48 24.33 -28.97
CA GLY A 212 17.76 23.92 -30.17
C GLY A 212 16.60 24.85 -30.47
N ILE A 213 15.89 25.27 -29.40
CA ILE A 213 14.71 26.16 -29.49
C ILE A 213 15.10 27.50 -30.15
N LYS A 214 16.22 28.08 -29.68
CA LYS A 214 16.76 29.35 -30.20
C LYS A 214 17.61 29.13 -31.47
N GLY A 215 17.63 27.89 -31.99
CA GLY A 215 18.39 27.57 -33.19
C GLY A 215 17.53 27.62 -34.45
N HIS A 216 16.27 28.05 -34.28
CA HIS A 216 15.25 28.03 -35.35
C HIS A 216 14.35 29.28 -35.30
N LYS A 217 13.44 29.38 -36.29
CA LYS A 217 12.58 30.56 -36.51
C LYS A 217 11.10 30.20 -36.34
N ALA A 218 10.31 31.17 -35.84
CA ALA A 218 8.91 30.98 -35.40
C ALA A 218 8.01 30.33 -36.48
N GLY A 219 7.04 29.50 -36.04
CA GLY A 219 6.03 28.91 -36.93
C GLY A 219 6.31 27.48 -37.33
N GLU A 220 7.60 27.16 -37.53
CA GLU A 220 8.04 25.84 -38.05
C GLU A 220 8.01 24.76 -36.95
N GLU A 221 8.43 23.53 -37.34
CA GLU A 221 8.60 22.39 -36.42
C GLU A 221 9.98 21.76 -36.65
N PHE A 222 10.54 21.18 -35.59
CA PHE A 222 11.87 20.53 -35.60
C PHE A 222 12.01 19.63 -34.38
N THR A 223 12.80 18.57 -34.48
CA THR A 223 12.96 17.58 -33.41
C THR A 223 14.39 17.62 -32.87
N ILE A 224 14.56 18.04 -31.60
CA ILE A 224 15.87 18.12 -30.94
C ILE A 224 16.15 16.82 -30.16
N ASP A 225 17.28 16.18 -30.47
CA ASP A 225 17.73 14.95 -29.82
C ASP A 225 18.90 15.30 -28.88
N VAL A 226 18.59 15.42 -27.57
CA VAL A 226 19.57 15.87 -26.55
C VAL A 226 19.82 14.77 -25.50
N THR A 227 21.09 14.52 -25.19
CA THR A 227 21.49 13.58 -24.12
C THR A 227 21.31 14.27 -22.75
N PHE A 228 20.56 13.62 -21.84
CA PHE A 228 20.45 14.07 -20.44
C PHE A 228 21.82 13.94 -19.74
N PRO A 229 22.23 14.96 -18.94
CA PRO A 229 23.47 14.89 -18.13
C PRO A 229 23.50 13.69 -17.17
N GLU A 230 24.69 13.16 -16.89
CA GLU A 230 24.89 12.09 -15.91
C GLU A 230 24.58 12.58 -14.47
N GLU A 231 24.50 13.92 -14.30
CA GLU A 231 24.13 14.58 -13.03
C GLU A 231 22.60 14.83 -12.95
N TYR A 232 21.85 14.45 -14.01
CA TYR A 232 20.37 14.55 -14.03
C TYR A 232 19.76 13.58 -12.99
N HIS A 233 18.49 13.81 -12.62
CA HIS A 233 17.86 13.18 -11.46
C HIS A 233 17.52 11.69 -11.69
N ALA A 234 16.71 11.38 -12.72
CA ALA A 234 16.22 10.00 -12.98
C ALA A 234 17.27 9.17 -13.74
N GLU A 235 17.59 7.97 -13.19
CA GLU A 235 18.63 7.04 -13.73
C GLU A 235 18.28 6.56 -15.15
N ASN A 236 17.01 6.19 -15.33
CA ASN A 236 16.46 5.65 -16.59
C ASN A 236 16.59 6.68 -17.75
N LEU A 237 16.69 7.98 -17.40
CA LEU A 237 16.75 9.07 -18.38
C LEU A 237 18.19 9.62 -18.54
N LYS A 238 18.95 9.71 -17.43
CA LYS A 238 20.28 10.36 -17.41
C LYS A 238 21.34 9.49 -18.12
N GLY A 239 22.16 10.14 -18.96
CA GLY A 239 23.16 9.43 -19.77
C GLY A 239 22.61 9.02 -21.14
N LYS A 240 21.27 8.94 -21.25
CA LYS A 240 20.57 8.55 -22.50
C LYS A 240 20.17 9.81 -23.29
N ALA A 241 20.07 9.68 -24.62
CA ALA A 241 19.55 10.73 -25.51
C ALA A 241 18.01 10.68 -25.56
N ALA A 242 17.39 11.83 -25.81
CA ALA A 242 15.93 11.99 -25.82
C ALA A 242 15.52 12.88 -26.99
N LYS A 243 14.59 12.39 -27.83
CA LYS A 243 14.05 13.19 -28.94
C LYS A 243 12.84 14.01 -28.46
N PHE A 244 12.79 15.26 -28.89
CA PHE A 244 11.74 16.22 -28.52
C PHE A 244 11.23 16.89 -29.79
N ALA A 245 10.06 16.45 -30.25
CA ALA A 245 9.41 17.00 -31.44
C ALA A 245 8.84 18.39 -31.12
N ILE A 246 9.66 19.42 -31.32
CA ILE A 246 9.31 20.82 -30.98
C ILE A 246 8.39 21.43 -32.06
N ASN A 247 7.13 21.66 -31.70
CA ASN A 247 6.20 22.51 -32.47
C ASN A 247 6.28 23.94 -31.91
N LEU A 248 6.67 24.92 -32.76
CA LEU A 248 6.67 26.34 -32.38
C LEU A 248 5.23 26.88 -32.51
N LYS A 249 4.47 26.76 -31.42
CA LYS A 249 3.06 27.15 -31.35
C LYS A 249 2.93 28.68 -31.29
N LYS A 250 3.53 29.31 -30.25
CA LYS A 250 3.58 30.78 -30.08
C LYS A 250 5.01 31.22 -29.75
N VAL A 251 5.42 32.39 -30.27
CA VAL A 251 6.72 33.03 -29.97
C VAL A 251 6.43 34.50 -29.65
N GLU A 252 6.30 34.79 -28.36
CA GLU A 252 5.88 36.08 -27.83
C GLU A 252 7.04 36.67 -27.00
N GLU A 253 7.64 37.72 -27.51
CA GLU A 253 8.84 38.33 -26.94
C GLU A 253 8.46 39.18 -25.71
N ARG A 254 9.44 39.45 -24.84
CA ARG A 254 9.25 40.34 -23.68
C ARG A 254 8.93 41.77 -24.12
N GLU A 255 7.91 42.34 -23.50
CA GLU A 255 7.63 43.78 -23.55
C GLU A 255 7.58 44.25 -22.10
N LEU A 256 8.48 45.18 -21.72
CA LEU A 256 8.55 45.73 -20.36
C LEU A 256 8.12 47.22 -20.38
N PRO A 257 6.77 47.52 -20.35
CA PRO A 257 6.28 48.91 -20.30
C PRO A 257 6.35 49.43 -18.86
N GLU A 258 5.55 48.80 -17.98
CA GLU A 258 5.49 49.08 -16.54
C GLU A 258 4.70 47.95 -15.86
N LEU A 259 4.72 47.94 -14.52
CA LEU A 259 3.92 47.03 -13.70
C LEU A 259 2.41 47.33 -13.93
N THR A 260 1.77 46.50 -14.78
CA THR A 260 0.40 46.73 -15.26
C THR A 260 -0.67 46.39 -14.18
N ALA A 261 -1.79 47.16 -14.21
CA ALA A 261 -2.97 46.95 -13.33
C ALA A 261 -3.59 45.56 -13.57
N GLU A 262 -3.43 45.08 -14.83
CA GLU A 262 -3.74 43.71 -15.23
C GLU A 262 -3.02 42.71 -14.30
N PHE A 263 -1.70 42.95 -14.04
CA PHE A 263 -0.92 42.08 -13.16
C PHE A 263 -1.31 42.29 -11.69
N ILE A 264 -1.54 43.57 -11.28
CA ILE A 264 -1.93 43.92 -9.89
C ILE A 264 -3.12 43.04 -9.45
N LYS A 265 -4.16 43.00 -10.30
CA LYS A 265 -5.32 42.10 -10.10
C LYS A 265 -4.92 40.61 -10.23
N ARG A 266 -3.98 40.28 -11.14
CA ARG A 266 -3.63 38.88 -11.50
C ARG A 266 -2.80 38.19 -10.37
N PHE A 267 -2.17 39.04 -9.53
CA PHE A 267 -1.41 38.62 -8.34
C PHE A 267 -2.38 38.26 -7.20
N GLY A 268 -3.66 38.66 -7.35
CA GLY A 268 -4.70 38.41 -6.35
C GLY A 268 -5.03 39.65 -5.55
N VAL A 269 -4.42 40.82 -5.91
CA VAL A 269 -4.67 42.09 -5.23
C VAL A 269 -6.03 42.65 -5.69
N GLU A 270 -7.08 42.23 -4.97
CA GLU A 270 -8.48 42.63 -5.21
C GLU A 270 -8.65 44.15 -4.99
N ASP A 271 -7.82 44.68 -4.06
CA ASP A 271 -7.72 46.12 -3.73
C ASP A 271 -7.37 46.97 -4.97
N GLY A 272 -6.47 46.43 -5.81
CA GLY A 272 -6.16 47.03 -7.11
C GLY A 272 -5.20 48.22 -7.08
N SER A 273 -5.19 48.98 -5.97
CA SER A 273 -4.20 50.05 -5.77
C SER A 273 -2.79 49.45 -5.64
N VAL A 274 -1.80 50.04 -6.33
CA VAL A 274 -0.39 49.59 -6.26
C VAL A 274 0.14 49.72 -4.82
N GLU A 275 -0.37 50.72 -4.08
CA GLU A 275 -0.10 50.89 -2.63
C GLU A 275 -0.54 49.62 -1.85
N GLY A 276 -1.65 49.01 -2.32
CA GLY A 276 -2.17 47.76 -1.77
C GLY A 276 -1.37 46.55 -2.25
N LEU A 277 -0.71 46.69 -3.42
CA LEU A 277 0.15 45.64 -4.00
C LEU A 277 1.40 45.53 -3.13
N ARG A 278 1.91 46.68 -2.67
CA ARG A 278 3.03 46.76 -1.72
C ARG A 278 2.67 46.06 -0.40
N ALA A 279 1.40 46.24 0.04
CA ALA A 279 0.87 45.62 1.27
C ALA A 279 0.78 44.08 1.11
N GLU A 280 0.37 43.61 -0.08
CA GLU A 280 0.31 42.16 -0.40
C GLU A 280 1.70 41.55 -0.48
N VAL A 281 2.64 42.33 -1.01
CA VAL A 281 4.05 41.97 -1.08
C VAL A 281 4.66 41.93 0.34
N ARG A 282 4.17 42.80 1.25
CA ARG A 282 4.53 42.73 2.68
C ARG A 282 4.01 41.41 3.30
N LYS A 283 2.73 41.04 3.00
CA LYS A 283 2.12 39.76 3.47
C LYS A 283 3.03 38.58 3.11
N ASN A 284 3.33 38.49 1.80
CA ASN A 284 4.07 37.38 1.18
C ASN A 284 5.51 37.33 1.72
N MET A 285 6.24 38.45 1.58
CA MET A 285 7.67 38.55 1.95
C MET A 285 7.88 38.24 3.44
N GLU A 286 7.00 38.77 4.33
CA GLU A 286 7.07 38.51 5.80
C GLU A 286 6.95 37.01 6.12
N ARG A 287 5.92 36.37 5.54
CA ARG A 287 5.64 34.92 5.73
C ARG A 287 6.86 34.09 5.29
N GLU A 288 7.38 34.41 4.09
CA GLU A 288 8.52 33.73 3.47
C GLU A 288 9.85 34.12 4.15
N LEU A 289 9.87 35.29 4.83
CA LEU A 289 11.06 35.80 5.54
C LEU A 289 11.31 34.94 6.78
N LYS A 290 10.24 34.75 7.58
CA LYS A 290 10.29 33.92 8.80
C LYS A 290 10.59 32.44 8.42
N SER A 291 10.02 32.01 7.28
CA SER A 291 10.26 30.66 6.72
C SER A 291 11.70 30.53 6.15
N ALA A 292 12.27 31.64 5.65
CA ALA A 292 13.64 31.67 5.08
C ALA A 292 14.70 31.64 6.18
N ILE A 293 14.44 32.35 7.30
CA ILE A 293 15.32 32.33 8.49
C ILE A 293 15.26 30.94 9.14
N ARG A 294 14.02 30.41 9.29
CA ARG A 294 13.75 29.05 9.79
C ARG A 294 14.59 28.04 8.99
N ASN A 295 14.38 28.06 7.66
CA ASN A 295 15.03 27.16 6.71
C ASN A 295 16.56 27.30 6.75
N ARG A 296 17.07 28.54 6.69
CA ARG A 296 18.53 28.82 6.56
C ARG A 296 19.29 28.36 7.80
N VAL A 297 18.80 28.75 8.99
CA VAL A 297 19.42 28.37 10.26
C VAL A 297 19.35 26.84 10.43
N LYS A 298 18.22 26.22 9.99
CA LYS A 298 18.07 24.75 10.00
C LYS A 298 18.92 24.07 8.91
N SER A 299 19.24 24.77 7.80
CA SER A 299 20.05 24.20 6.70
C SER A 299 21.49 24.02 7.18
N GLN A 300 22.07 25.14 7.66
CA GLN A 300 23.45 25.16 8.20
C GLN A 300 23.58 24.28 9.45
N ALA A 301 22.57 24.33 10.35
CA ALA A 301 22.57 23.53 11.59
C ALA A 301 22.49 22.02 11.30
N ILE A 302 21.44 21.59 10.58
CA ILE A 302 21.17 20.15 10.29
C ILE A 302 22.29 19.53 9.44
N GLU A 303 22.62 20.18 8.31
CA GLU A 303 23.66 19.69 7.39
C GLU A 303 25.04 19.75 8.07
N GLY A 304 25.25 20.78 8.91
CA GLY A 304 26.45 20.89 9.73
C GLY A 304 26.59 19.73 10.73
N LEU A 305 25.47 19.40 11.42
CA LEU A 305 25.39 18.32 12.44
C LEU A 305 25.75 16.98 11.82
N VAL A 306 25.06 16.64 10.72
CA VAL A 306 25.28 15.37 10.01
C VAL A 306 26.71 15.29 9.49
N LYS A 307 27.14 16.31 8.72
CA LYS A 307 28.46 16.30 8.04
C LYS A 307 29.64 16.34 9.05
N ALA A 308 29.36 16.87 10.29
CA ALA A 308 30.35 16.88 11.39
C ALA A 308 30.66 15.44 11.89
N ASN A 309 29.66 14.54 11.79
CA ASN A 309 29.83 13.11 12.12
C ASN A 309 29.02 12.30 11.12
N ASP A 310 29.46 12.40 9.84
CA ASP A 310 28.78 11.76 8.70
C ASP A 310 28.94 10.25 8.80
N ILE A 311 27.91 9.59 9.30
CA ILE A 311 27.85 8.13 9.44
C ILE A 311 26.74 7.55 8.54
N ASP A 312 26.80 6.24 8.34
CA ASP A 312 25.74 5.47 7.69
C ASP A 312 25.05 4.65 8.77
N VAL A 313 23.72 4.72 8.80
CA VAL A 313 22.88 4.12 9.86
C VAL A 313 22.40 2.72 9.42
N PRO A 314 21.76 1.93 10.35
CA PRO A 314 20.99 0.73 9.98
C PRO A 314 20.10 0.94 8.75
N ALA A 315 20.38 0.13 7.71
CA ALA A 315 19.79 0.22 6.37
C ALA A 315 18.26 0.34 6.38
N ALA A 316 17.61 -0.21 7.44
CA ALA A 316 16.16 -0.18 7.65
C ALA A 316 15.55 1.24 7.59
N LEU A 317 16.14 2.15 8.39
CA LEU A 317 15.61 3.51 8.62
C LEU A 317 15.59 4.30 7.28
N ILE A 318 16.79 4.38 6.68
CA ILE A 318 16.99 5.05 5.39
C ILE A 318 16.20 4.35 4.27
N ASP A 319 16.14 3.00 4.24
CA ASP A 319 15.45 2.27 3.14
C ASP A 319 13.92 2.44 3.22
N SER A 320 13.41 2.63 4.44
CA SER A 320 11.98 2.95 4.67
C SER A 320 11.68 4.37 4.14
N GLU A 321 12.56 5.34 4.48
CA GLU A 321 12.48 6.73 3.97
C GLU A 321 12.63 6.77 2.42
N ILE A 322 13.52 5.88 1.89
CA ILE A 322 13.74 5.68 0.45
C ILE A 322 12.41 5.27 -0.18
N ASP A 323 11.81 4.19 0.37
CA ASP A 323 10.62 3.52 -0.15
C ASP A 323 9.43 4.50 -0.25
N VAL A 324 9.26 5.30 0.83
CA VAL A 324 8.25 6.38 0.88
C VAL A 324 8.50 7.39 -0.27
N LEU A 325 9.69 8.02 -0.28
CA LEU A 325 10.05 9.07 -1.28
C LEU A 325 10.12 8.52 -2.73
N ARG A 326 10.34 7.20 -2.87
CA ARG A 326 10.58 6.52 -4.14
C ARG A 326 9.25 6.28 -4.87
N ARG A 327 8.32 5.65 -4.11
CA ARG A 327 6.96 5.35 -4.57
C ARG A 327 6.19 6.67 -4.83
N GLN A 328 6.37 7.63 -3.90
CA GLN A 328 5.72 8.95 -3.94
C GLN A 328 6.19 9.74 -5.19
N ALA A 329 7.50 9.65 -5.49
CA ALA A 329 8.10 10.29 -6.68
C ALA A 329 7.52 9.69 -7.96
N ALA A 330 7.54 8.35 -8.07
CA ALA A 330 7.02 7.61 -9.26
C ALA A 330 5.50 7.85 -9.46
N GLN A 331 4.78 8.09 -8.34
CA GLN A 331 3.33 8.41 -8.35
C GLN A 331 3.10 9.84 -8.91
N ARG A 332 4.11 10.73 -8.80
CA ARG A 332 4.04 12.11 -9.32
C ARG A 332 4.46 12.13 -10.80
N PHE A 333 5.61 11.53 -11.09
CA PHE A 333 6.20 11.46 -12.44
C PHE A 333 5.59 10.29 -13.22
N GLY A 334 4.24 10.20 -13.21
CA GLY A 334 3.51 9.19 -13.97
C GLY A 334 2.23 8.74 -13.29
N GLY A 335 2.37 8.23 -12.05
CA GLY A 335 1.27 7.59 -11.32
C GLY A 335 1.56 6.13 -11.07
N ASN A 336 2.42 5.55 -11.93
CA ASN A 336 2.84 4.14 -11.85
C ASN A 336 3.99 4.02 -10.84
N GLU A 337 3.72 3.38 -9.69
CA GLU A 337 4.70 3.19 -8.61
C GLU A 337 5.68 2.03 -8.88
N LYS A 338 5.46 1.32 -10.01
CA LYS A 338 6.44 0.34 -10.53
C LYS A 338 7.66 1.07 -11.15
N GLN A 339 7.49 2.36 -11.51
CA GLN A 339 8.58 3.21 -12.05
C GLN A 339 9.62 3.58 -10.95
N ALA A 340 9.23 3.35 -9.68
CA ALA A 340 10.08 3.62 -8.50
C ALA A 340 11.42 2.87 -8.57
N LEU A 341 11.36 1.64 -9.10
CA LEU A 341 12.54 0.74 -9.20
C LEU A 341 13.59 1.28 -10.21
N GLU A 342 13.16 2.20 -11.09
CA GLU A 342 14.04 2.87 -12.07
C GLU A 342 14.80 4.05 -11.41
N LEU A 343 14.31 4.49 -10.24
CA LEU A 343 14.93 5.56 -9.45
C LEU A 343 15.86 4.93 -8.38
N PRO A 344 17.20 5.16 -8.44
CA PRO A 344 18.17 4.53 -7.51
C PRO A 344 18.05 5.11 -6.10
N ARG A 345 17.96 4.21 -5.10
CA ARG A 345 17.74 4.57 -3.67
C ARG A 345 18.79 5.60 -3.17
N GLU A 346 19.99 5.54 -3.80
CA GLU A 346 21.15 6.41 -3.51
C GLU A 346 20.80 7.91 -3.55
N LEU A 347 19.92 8.33 -4.50
CA LEU A 347 19.56 9.76 -4.64
C LEU A 347 18.58 10.19 -3.53
N PHE A 348 17.81 9.20 -2.99
CA PHE A 348 16.86 9.44 -1.88
C PHE A 348 17.63 9.39 -0.55
N GLU A 349 18.75 8.61 -0.56
CA GLU A 349 19.59 8.34 0.61
C GLU A 349 20.32 9.61 1.10
N GLU A 350 20.44 10.63 0.22
CA GLU A 350 20.99 11.94 0.60
C GLU A 350 20.10 12.51 1.73
N GLN A 351 18.84 12.80 1.38
CA GLN A 351 17.80 13.33 2.30
C GLN A 351 17.60 12.42 3.52
N ALA A 352 17.30 11.14 3.22
CA ALA A 352 17.10 10.08 4.22
C ALA A 352 18.19 10.10 5.31
N LYS A 353 19.46 9.93 4.88
CA LYS A 353 20.61 9.79 5.78
C LYS A 353 20.82 11.06 6.61
N ARG A 354 20.48 12.24 6.05
CA ARG A 354 20.48 13.49 6.82
C ARG A 354 19.45 13.39 7.97
N ARG A 355 18.22 12.93 7.65
CA ARG A 355 17.10 12.92 8.61
C ARG A 355 17.29 11.88 9.73
N VAL A 356 17.93 10.75 9.39
CA VAL A 356 18.14 9.64 10.34
C VAL A 356 19.39 9.90 11.23
N VAL A 357 20.47 10.49 10.66
CA VAL A 357 21.67 10.89 11.47
C VAL A 357 21.29 12.03 12.42
N VAL A 358 20.33 12.88 11.98
CA VAL A 358 19.63 13.84 12.88
C VAL A 358 18.86 13.08 13.97
N GLY A 359 18.08 12.06 13.56
CA GLY A 359 17.30 11.22 14.49
C GLY A 359 18.16 10.50 15.53
N LEU A 360 19.45 10.29 15.20
CA LEU A 360 20.45 9.73 16.12
C LEU A 360 21.05 10.85 17.01
N LEU A 361 21.61 11.90 16.37
CA LEU A 361 22.32 13.02 17.06
C LEU A 361 21.37 13.78 17.98
N LEU A 362 20.33 14.39 17.37
CA LEU A 362 19.29 15.14 18.10
C LEU A 362 18.48 14.22 19.02
N GLY A 363 18.34 12.94 18.59
CA GLY A 363 17.76 11.90 19.44
C GLY A 363 18.49 11.79 20.77
N GLU A 364 19.82 11.69 20.68
CA GLU A 364 20.73 11.59 21.83
C GLU A 364 20.66 12.85 22.71
N VAL A 365 20.44 14.03 22.07
CA VAL A 365 20.33 15.31 22.79
C VAL A 365 19.05 15.32 23.65
N ILE A 366 17.87 15.17 23.00
CA ILE A 366 16.56 15.23 23.69
C ILE A 366 16.42 14.11 24.76
N ARG A 367 17.11 12.97 24.55
CA ARG A 367 17.22 11.89 25.55
C ARG A 367 18.09 12.32 26.75
N THR A 368 19.42 12.44 26.53
CA THR A 368 20.42 12.59 27.62
C THR A 368 20.32 13.98 28.31
N ASN A 369 20.16 15.04 27.50
CA ASN A 369 19.98 16.43 27.99
C ASN A 369 18.55 16.64 28.56
N GLU A 370 17.63 15.67 28.25
CA GLU A 370 16.24 15.64 28.77
C GLU A 370 15.44 16.87 28.31
N LEU A 371 15.30 17.02 26.98
CA LEU A 371 14.55 18.14 26.38
C LEU A 371 13.08 17.76 26.25
N LYS A 372 12.20 18.62 26.77
CA LYS A 372 10.73 18.41 26.81
C LYS A 372 10.07 19.34 25.79
N ALA A 373 8.74 19.26 25.64
CA ALA A 373 7.98 20.27 24.88
C ALA A 373 7.69 21.46 25.81
N ASP A 374 8.76 22.22 26.10
CA ASP A 374 8.70 23.42 26.94
C ASP A 374 7.79 24.47 26.31
N GLU A 375 6.89 25.02 27.14
CA GLU A 375 5.71 25.83 26.73
C GLU A 375 6.10 26.98 25.79
N GLU A 376 7.22 27.65 26.15
CA GLU A 376 7.82 28.74 25.35
C GLU A 376 8.09 28.24 23.92
N ARG A 377 8.80 27.10 23.82
CA ARG A 377 9.33 26.59 22.56
C ARG A 377 8.20 26.06 21.68
N VAL A 378 7.40 25.13 22.25
CA VAL A 378 6.33 24.44 21.53
C VAL A 378 5.18 25.42 21.17
N LYS A 379 4.62 26.15 22.16
CA LYS A 379 3.45 27.04 21.94
C LYS A 379 3.87 28.40 21.36
N GLY A 380 5.16 28.76 21.46
CA GLY A 380 5.69 29.89 20.69
C GLY A 380 5.73 29.56 19.20
N LEU A 381 6.26 28.36 18.88
CA LEU A 381 6.26 27.81 17.51
C LEU A 381 4.81 27.77 16.95
N ILE A 382 3.89 27.21 17.78
CA ILE A 382 2.46 27.09 17.47
C ILE A 382 1.85 28.48 17.18
N GLU A 383 2.15 29.47 18.04
CA GLU A 383 1.65 30.85 17.91
C GLU A 383 2.07 31.46 16.56
N GLU A 384 3.37 31.27 16.20
CA GLU A 384 3.96 31.79 14.95
C GLU A 384 3.24 31.20 13.72
N MET A 385 3.12 29.85 13.68
CA MET A 385 2.45 29.13 12.55
C MET A 385 0.91 29.26 12.61
N ALA A 386 0.36 29.64 13.78
CA ALA A 386 -1.10 29.87 13.95
C ALA A 386 -1.51 31.19 13.32
N SER A 387 -0.61 32.19 13.45
CA SER A 387 -0.76 33.50 12.78
C SER A 387 -0.62 33.38 11.24
N ALA A 388 -0.17 32.19 10.77
CA ALA A 388 -0.17 31.84 9.35
C ALA A 388 -1.52 31.24 8.92
N TYR A 389 -2.31 30.71 9.88
CA TYR A 389 -3.66 30.14 9.61
C TYR A 389 -4.73 31.23 9.53
N GLU A 390 -5.99 30.79 9.40
CA GLU A 390 -7.17 31.66 9.35
C GLU A 390 -7.37 32.40 10.68
N ASP A 391 -7.58 31.62 11.76
CA ASP A 391 -7.91 32.17 13.10
C ASP A 391 -6.90 31.67 14.16
N PRO A 392 -5.82 32.47 14.45
CA PRO A 392 -4.74 32.09 15.40
C PRO A 392 -5.23 31.59 16.78
N LYS A 393 -6.14 32.39 17.41
CA LYS A 393 -6.64 32.11 18.80
C LYS A 393 -7.16 30.67 18.91
N GLU A 394 -8.07 30.32 17.97
CA GLU A 394 -8.66 28.98 17.88
C GLU A 394 -7.58 27.90 17.71
N VAL A 395 -6.51 28.21 16.93
CA VAL A 395 -5.50 27.20 16.55
C VAL A 395 -4.68 26.81 17.78
N ILE A 396 -4.17 27.83 18.48
CA ILE A 396 -3.36 27.65 19.72
C ILE A 396 -4.20 26.91 20.80
N GLU A 397 -5.49 27.33 20.91
CA GLU A 397 -6.48 26.76 21.86
C GLU A 397 -6.67 25.23 21.66
N PHE A 398 -7.02 24.83 20.42
CA PHE A 398 -7.33 23.43 20.08
C PHE A 398 -6.08 22.54 20.09
N TYR A 399 -4.94 23.09 19.60
CA TYR A 399 -3.63 22.40 19.64
C TYR A 399 -3.32 21.98 21.09
N SER A 400 -3.40 22.98 22.01
CA SER A 400 -3.14 22.77 23.44
C SER A 400 -4.13 21.76 24.08
N LYS A 401 -5.30 21.57 23.44
CA LYS A 401 -6.34 20.60 23.90
C LYS A 401 -6.08 19.18 23.37
N ASN A 402 -5.50 19.06 22.16
CA ASN A 402 -5.42 17.76 21.44
C ASN A 402 -4.06 17.13 21.71
N LYS A 403 -4.00 16.11 22.59
CA LYS A 403 -2.74 15.47 23.05
C LYS A 403 -1.96 14.84 21.88
N GLU A 404 -2.68 14.18 20.94
CA GLU A 404 -2.08 13.47 19.80
C GLU A 404 -1.36 14.47 18.88
N LEU A 405 -1.97 15.66 18.76
CA LEU A 405 -1.41 16.78 18.00
C LEU A 405 -0.28 17.46 18.81
N MET A 406 -0.42 17.51 20.16
CA MET A 406 0.63 18.05 21.07
C MET A 406 1.90 17.20 20.98
N ASP A 407 1.73 15.89 20.71
CA ASP A 407 2.83 14.92 20.57
C ASP A 407 3.63 15.15 19.27
N ASN A 408 2.91 15.53 18.19
CA ASN A 408 3.52 15.86 16.89
C ASN A 408 4.14 17.26 16.94
N MET A 409 3.50 18.18 17.70
CA MET A 409 4.03 19.53 17.95
C MET A 409 5.21 19.44 18.92
N ARG A 410 5.24 18.37 19.75
CA ARG A 410 6.38 18.04 20.61
C ARG A 410 7.55 17.56 19.75
N ASN A 411 7.23 16.71 18.74
CA ASN A 411 8.21 16.19 17.78
C ASN A 411 8.93 17.34 17.02
N VAL A 412 8.15 18.29 16.45
CA VAL A 412 8.72 19.43 15.69
C VAL A 412 9.40 20.45 16.64
N ALA A 413 8.85 20.60 17.87
CA ALA A 413 9.42 21.48 18.89
C ALA A 413 10.80 20.99 19.32
N LEU A 414 10.92 19.64 19.46
CA LEU A 414 12.18 18.97 19.86
C LEU A 414 13.16 18.84 18.69
N GLU A 415 12.65 18.86 17.44
CA GLU A 415 13.51 19.03 16.25
C GLU A 415 14.25 20.39 16.39
N GLU A 416 13.44 21.46 16.49
CA GLU A 416 13.94 22.84 16.67
C GLU A 416 14.80 22.97 17.95
N GLN A 417 14.35 22.37 19.07
CA GLN A 417 14.93 22.58 20.42
C GLN A 417 16.25 21.82 20.59
N ALA A 418 16.30 20.60 20.03
CA ALA A 418 17.55 19.79 20.02
C ALA A 418 18.60 20.49 19.18
N VAL A 419 18.15 21.12 18.07
CA VAL A 419 19.01 22.04 17.31
C VAL A 419 19.42 23.25 18.19
N GLU A 420 18.47 23.90 18.90
CA GLU A 420 18.75 25.11 19.72
C GLU A 420 19.79 24.83 20.82
N ALA A 421 19.78 23.59 21.36
CA ALA A 421 20.72 23.14 22.40
C ALA A 421 22.18 23.24 21.90
N VAL A 422 22.49 22.53 20.80
CA VAL A 422 23.84 22.54 20.18
C VAL A 422 24.15 23.91 19.53
N LEU A 423 23.11 24.55 18.99
CA LEU A 423 23.21 25.80 18.21
C LEU A 423 23.69 26.95 19.09
N ALA A 424 23.07 27.09 20.27
CA ALA A 424 23.38 28.16 21.23
C ALA A 424 24.84 28.12 21.73
N LYS A 425 25.50 26.95 21.56
CA LYS A 425 26.87 26.72 22.05
C LYS A 425 27.88 26.58 20.87
N ALA A 426 27.35 26.40 19.64
CA ALA A 426 28.16 26.35 18.39
C ALA A 426 28.46 27.77 17.90
N LYS A 427 29.46 27.92 17.00
CA LYS A 427 29.78 29.23 16.39
C LYS A 427 28.63 29.65 15.45
N VAL A 428 27.78 30.57 15.91
CA VAL A 428 26.69 31.08 15.09
C VAL A 428 27.03 32.49 14.61
N THR A 429 27.38 32.60 13.33
CA THR A 429 27.71 33.85 12.69
C THR A 429 26.41 34.65 12.48
N GLU A 430 26.14 35.54 13.44
CA GLU A 430 24.99 36.47 13.38
C GLU A 430 25.45 37.77 12.70
N LYS A 431 24.90 38.05 11.50
CA LYS A 431 25.38 39.14 10.63
C LYS A 431 24.22 39.96 10.05
N GLU A 432 24.45 41.26 9.89
CA GLU A 432 23.47 42.21 9.36
C GLU A 432 23.27 41.95 7.86
N THR A 433 22.08 41.44 7.52
CA THR A 433 21.75 40.97 6.17
C THR A 433 20.43 41.64 5.71
N THR A 434 20.21 41.71 4.40
CA THR A 434 18.94 42.20 3.82
C THR A 434 18.12 41.03 3.26
N PHE A 435 16.86 41.29 2.87
CA PHE A 435 15.98 40.28 2.24
C PHE A 435 16.61 39.77 0.94
N ASN A 436 17.15 40.69 0.11
CA ASN A 436 17.77 40.35 -1.19
C ASN A 436 19.03 39.47 -1.00
N GLU A 437 19.79 39.74 0.08
CA GLU A 437 21.00 38.96 0.42
C GLU A 437 20.63 37.56 0.98
N LEU A 438 19.50 37.48 1.70
CA LEU A 438 18.98 36.21 2.28
C LEU A 438 18.37 35.32 1.18
N MET A 439 17.62 35.97 0.28
CA MET A 439 16.83 35.32 -0.78
C MET A 439 17.67 35.23 -2.09
N ASN A 440 18.99 35.45 -1.95
CA ASN A 440 19.98 35.30 -3.03
C ASN A 440 20.20 33.79 -3.26
N GLN A 441 19.39 33.26 -4.18
CA GLN A 441 19.37 31.83 -4.58
C GLN A 441 20.77 31.33 -5.01
N GLN A 442 21.01 30.02 -4.81
CA GLN A 442 22.33 29.35 -4.96
C GLN A 442 23.00 29.66 -6.32
N ALA A 443 22.35 29.24 -7.41
CA ALA A 443 22.87 29.41 -8.78
C ALA A 443 22.35 30.74 -9.38
N MET B 12 -11.90 30.89 6.41
CA MET B 12 -12.09 29.87 5.37
C MET B 12 -13.51 29.31 5.44
N GLN B 13 -14.09 29.09 4.25
CA GLN B 13 -15.53 28.84 4.06
C GLN B 13 -15.90 27.39 4.42
N VAL B 14 -16.69 27.21 5.50
CA VAL B 14 -17.21 25.89 5.92
C VAL B 14 -18.72 25.95 6.14
N SER B 15 -19.38 24.78 6.08
CA SER B 15 -20.81 24.65 6.42
C SER B 15 -21.07 23.22 6.94
N VAL B 16 -21.19 23.10 8.28
CA VAL B 16 -21.39 21.81 8.95
C VAL B 16 -22.89 21.40 8.92
N GLU B 17 -23.24 20.59 7.91
CA GLU B 17 -24.54 19.90 7.81
C GLU B 17 -24.43 18.55 8.57
N THR B 18 -25.58 17.90 8.83
CA THR B 18 -25.63 16.54 9.41
C THR B 18 -26.02 15.53 8.30
N THR B 19 -25.30 14.39 8.26
CA THR B 19 -25.54 13.31 7.27
C THR B 19 -26.63 12.35 7.80
N GLN B 20 -26.41 11.85 9.03
CA GLN B 20 -27.31 10.87 9.69
C GLN B 20 -26.84 10.67 11.15
N GLY B 21 -27.37 11.50 12.06
CA GLY B 21 -27.12 11.40 13.52
C GLY B 21 -25.64 11.50 13.90
N LEU B 22 -24.94 10.35 13.84
CA LEU B 22 -23.49 10.23 14.10
C LEU B 22 -22.71 10.97 12.99
N GLY B 23 -23.17 10.74 11.74
CA GLY B 23 -22.55 11.33 10.56
C GLY B 23 -22.93 12.80 10.38
N ARG B 24 -21.94 13.63 10.01
CA ARG B 24 -22.11 15.08 9.77
C ARG B 24 -21.24 15.52 8.58
N ARG B 25 -21.88 16.23 7.65
CA ARG B 25 -21.29 16.64 6.36
C ARG B 25 -20.77 18.08 6.44
N VAL B 26 -19.49 18.25 6.81
CA VAL B 26 -18.85 19.58 6.86
C VAL B 26 -18.42 19.97 5.43
N THR B 27 -19.33 20.61 4.70
CA THR B 27 -19.09 21.06 3.33
C THR B 27 -18.15 22.29 3.35
N ILE B 28 -16.89 22.08 2.91
CA ILE B 28 -15.82 23.11 2.95
C ILE B 28 -15.44 23.53 1.51
N THR B 29 -15.30 24.85 1.29
CA THR B 29 -14.94 25.45 0.00
C THR B 29 -13.51 26.04 0.08
N ILE B 30 -12.55 25.38 -0.60
CA ILE B 30 -11.15 25.85 -0.70
C ILE B 30 -10.95 26.53 -2.06
N ALA B 31 -10.68 27.85 -2.06
CA ALA B 31 -10.47 28.66 -3.29
C ALA B 31 -9.33 28.08 -4.15
N ALA B 32 -9.51 28.06 -5.50
CA ALA B 32 -8.50 27.54 -6.45
C ALA B 32 -7.19 28.34 -6.41
N ASP B 33 -7.28 29.57 -5.89
CA ASP B 33 -6.12 30.44 -5.66
C ASP B 33 -5.24 29.83 -4.55
N SER B 34 -5.92 29.47 -3.43
CA SER B 34 -5.30 28.85 -2.25
C SER B 34 -4.74 27.44 -2.58
N ILE B 35 -5.46 26.72 -3.48
CA ILE B 35 -5.04 25.42 -3.99
C ILE B 35 -3.76 25.57 -4.81
N GLU B 36 -3.78 26.49 -5.80
CA GLU B 36 -2.67 26.74 -6.75
C GLU B 36 -1.38 27.13 -6.00
N THR B 37 -1.55 28.00 -4.98
CA THR B 37 -0.47 28.41 -4.06
C THR B 37 0.12 27.17 -3.38
N ALA B 38 -0.77 26.31 -2.83
CA ALA B 38 -0.39 25.07 -2.15
C ALA B 38 0.16 24.00 -3.13
N VAL B 39 -0.19 24.10 -4.45
CA VAL B 39 0.36 23.19 -5.47
C VAL B 39 1.84 23.51 -5.64
N LYS B 40 2.13 24.80 -5.92
CA LYS B 40 3.52 25.29 -6.08
C LYS B 40 4.35 25.03 -4.81
N SER B 41 3.70 25.25 -3.65
CA SER B 41 4.31 25.07 -2.32
C SER B 41 4.74 23.61 -2.10
N GLU B 42 3.78 22.66 -2.13
CA GLU B 42 4.06 21.23 -1.84
C GLU B 42 5.01 20.62 -2.88
N LEU B 43 4.87 21.06 -4.15
CA LEU B 43 5.79 20.69 -5.26
C LEU B 43 7.25 21.06 -4.92
N VAL B 44 7.51 22.34 -4.58
CA VAL B 44 8.87 22.82 -4.32
C VAL B 44 9.42 22.27 -2.98
N ASN B 45 8.50 22.05 -2.00
CA ASN B 45 8.83 21.44 -0.68
C ASN B 45 9.48 20.08 -0.92
N VAL B 46 8.70 19.15 -1.50
CA VAL B 46 9.15 17.78 -1.78
C VAL B 46 10.38 17.80 -2.72
N ALA B 47 10.36 18.70 -3.74
CA ALA B 47 11.46 18.82 -4.72
C ALA B 47 12.78 19.28 -4.08
N LYS B 48 12.71 19.98 -2.91
CA LYS B 48 13.93 20.35 -2.15
C LYS B 48 14.24 19.31 -1.06
N LYS B 49 13.20 18.54 -0.66
CA LYS B 49 13.36 17.45 0.32
C LYS B 49 14.15 16.29 -0.33
N VAL B 50 13.49 15.59 -1.28
CA VAL B 50 14.10 14.46 -2.03
C VAL B 50 15.25 14.94 -2.98
N ARG B 51 15.31 16.28 -3.19
CA ARG B 51 16.40 16.99 -3.92
C ARG B 51 16.23 16.89 -5.47
N ILE B 52 15.30 16.03 -5.95
CA ILE B 52 15.02 15.91 -7.39
C ILE B 52 14.01 16.98 -7.85
N ASP B 53 14.57 18.15 -8.16
CA ASP B 53 13.84 19.31 -8.69
C ASP B 53 13.76 19.22 -10.24
N GLY B 54 13.55 20.37 -10.90
CA GLY B 54 13.57 20.45 -12.35
C GLY B 54 14.98 20.29 -12.93
N PHE B 55 15.74 21.41 -13.05
CA PHE B 55 16.98 21.45 -13.87
C PHE B 55 18.14 22.17 -13.15
N ARG B 56 18.14 22.11 -11.79
CA ARG B 56 19.25 22.57 -10.90
C ARG B 56 19.36 24.12 -10.78
N LYS B 57 19.57 24.81 -11.92
CA LYS B 57 19.89 26.26 -11.97
C LYS B 57 18.61 27.15 -11.97
N GLY B 58 17.55 26.67 -11.28
CA GLY B 58 16.28 27.41 -11.15
C GLY B 58 15.60 27.65 -12.50
N LYS B 59 15.03 26.58 -13.07
CA LYS B 59 14.47 26.59 -14.43
C LYS B 59 13.07 25.95 -14.40
N VAL B 60 12.11 26.56 -15.16
CA VAL B 60 10.69 26.18 -15.20
C VAL B 60 10.05 26.37 -13.80
N PRO B 61 9.46 27.59 -13.49
CA PRO B 61 8.91 27.90 -12.16
C PRO B 61 7.74 26.95 -11.82
N MET B 62 7.48 26.80 -10.51
CA MET B 62 6.52 25.82 -9.98
C MET B 62 5.07 26.13 -10.42
N ASN B 63 4.86 27.40 -10.84
CA ASN B 63 3.58 27.86 -11.45
C ASN B 63 3.32 27.14 -12.78
N ILE B 64 4.33 27.10 -13.66
CA ILE B 64 4.21 26.44 -14.99
C ILE B 64 4.12 24.91 -14.81
N VAL B 65 4.90 24.36 -13.85
CA VAL B 65 4.85 22.92 -13.48
C VAL B 65 3.43 22.53 -13.02
N ALA B 66 2.85 23.38 -12.16
CA ALA B 66 1.49 23.20 -11.61
C ALA B 66 0.42 23.25 -12.72
N GLN B 67 0.43 24.39 -13.44
CA GLN B 67 -0.57 24.74 -14.46
C GLN B 67 -0.60 23.73 -15.62
N ARG B 68 0.61 23.25 -16.02
CA ARG B 68 0.75 22.36 -17.18
C ARG B 68 0.48 20.88 -16.81
N TYR B 69 1.23 20.34 -15.82
CA TYR B 69 1.20 18.89 -15.50
C TYR B 69 1.18 18.60 -13.98
N GLY B 70 0.72 19.59 -13.18
CA GLY B 70 0.54 19.40 -11.74
C GLY B 70 -0.84 18.83 -11.40
N ALA B 71 -1.12 17.63 -11.94
CA ALA B 71 -2.41 16.91 -11.75
C ALA B 71 -2.22 15.69 -10.83
N SER B 72 -1.02 15.08 -10.89
CA SER B 72 -0.64 13.91 -10.06
C SER B 72 -0.40 14.32 -8.58
N VAL B 73 -0.08 15.62 -8.40
CA VAL B 73 0.26 16.21 -7.10
C VAL B 73 -0.99 16.43 -6.20
N ARG B 74 -2.21 16.08 -6.71
CA ARG B 74 -3.47 16.21 -5.93
C ARG B 74 -3.39 15.52 -4.56
N GLN B 75 -2.63 14.41 -4.50
CA GLN B 75 -2.39 13.67 -3.23
C GLN B 75 -1.69 14.60 -2.21
N ASP B 76 -0.58 15.22 -2.63
CA ASP B 76 0.21 16.18 -1.81
C ASP B 76 -0.66 17.37 -1.37
N VAL B 77 -1.17 18.10 -2.39
CA VAL B 77 -1.91 19.35 -2.24
C VAL B 77 -3.17 19.13 -1.42
N LEU B 78 -4.12 18.36 -1.99
CA LEU B 78 -5.43 18.12 -1.35
C LEU B 78 -5.21 17.41 -0.02
N GLY B 79 -4.23 16.47 0.06
CA GLY B 79 -3.91 15.79 1.31
C GLY B 79 -3.47 16.75 2.42
N ASP B 80 -2.75 17.84 2.04
CA ASP B 80 -2.24 18.83 3.00
C ASP B 80 -3.37 19.79 3.38
N LEU B 81 -4.17 20.21 2.37
CA LEU B 81 -5.29 21.16 2.53
C LEU B 81 -6.45 20.53 3.33
N MET B 82 -6.61 19.20 3.20
CA MET B 82 -7.68 18.45 3.90
C MET B 82 -7.54 18.64 5.40
N SER B 83 -6.31 18.45 5.90
CA SER B 83 -5.99 18.61 7.33
C SER B 83 -5.82 20.10 7.70
N ARG B 84 -5.22 20.90 6.78
CA ARG B 84 -4.90 22.34 6.99
C ARG B 84 -6.18 23.17 7.26
N ASN B 85 -7.25 22.84 6.51
CA ASN B 85 -8.54 23.56 6.62
C ASN B 85 -9.45 22.90 7.67
N PHE B 86 -9.42 21.54 7.76
CA PHE B 86 -10.23 20.78 8.75
C PHE B 86 -9.82 21.16 10.19
N ILE B 87 -8.50 21.34 10.43
CA ILE B 87 -7.96 21.58 11.78
C ILE B 87 -8.52 22.88 12.37
N ASP B 88 -8.76 23.90 11.52
CA ASP B 88 -9.35 25.19 11.93
C ASP B 88 -10.89 25.06 12.02
N ALA B 89 -11.47 24.46 10.96
CA ALA B 89 -12.93 24.28 10.78
C ALA B 89 -13.61 23.66 12.01
N ILE B 90 -12.93 22.67 12.60
CA ILE B 90 -13.47 21.86 13.69
C ILE B 90 -13.48 22.60 15.03
N ILE B 91 -12.63 23.64 15.18
CA ILE B 91 -12.47 24.32 16.49
C ILE B 91 -13.73 25.15 16.79
N LYS B 92 -14.31 25.71 15.72
CA LYS B 92 -15.56 26.49 15.75
C LYS B 92 -16.71 25.69 16.41
N GLU B 93 -16.75 24.37 16.12
CA GLU B 93 -17.81 23.46 16.60
C GLU B 93 -17.27 22.42 17.61
N LYS B 94 -15.95 22.49 17.88
CA LYS B 94 -15.18 21.55 18.76
C LYS B 94 -15.05 20.10 18.20
N ILE B 95 -15.83 19.77 17.13
CA ILE B 95 -15.84 18.47 16.36
C ILE B 95 -14.79 17.41 16.79
N ASN B 96 -15.26 16.29 17.36
CA ASN B 96 -14.43 15.12 17.70
C ASN B 96 -14.91 13.90 16.87
N PRO B 97 -14.27 13.60 15.71
CA PRO B 97 -14.57 12.39 14.91
C PRO B 97 -13.92 11.12 15.51
N ALA B 98 -14.49 9.96 15.20
CA ALA B 98 -13.90 8.66 15.57
C ALA B 98 -12.99 8.19 14.44
N GLY B 99 -11.69 8.04 14.76
CA GLY B 99 -10.66 7.68 13.78
C GLY B 99 -10.22 8.88 12.94
N ALA B 100 -11.09 9.29 12.01
CA ALA B 100 -10.81 10.38 11.04
C ALA B 100 -12.14 10.87 10.41
N PRO B 101 -12.13 11.98 9.61
CA PRO B 101 -13.23 12.30 8.68
C PRO B 101 -13.03 11.65 7.28
N THR B 102 -14.14 11.30 6.62
CA THR B 102 -14.13 10.85 5.23
C THR B 102 -14.32 12.06 4.31
N TYR B 103 -13.19 12.55 3.76
CA TYR B 103 -13.18 13.68 2.81
C TYR B 103 -13.74 13.22 1.46
N VAL B 104 -15.06 13.35 1.29
CA VAL B 104 -15.75 12.99 0.05
C VAL B 104 -15.60 14.14 -0.98
N PRO B 105 -14.96 13.87 -2.18
CA PRO B 105 -14.77 14.91 -3.23
C PRO B 105 -16.12 15.42 -3.76
N GLY B 106 -16.41 16.70 -3.49
CA GLY B 106 -17.64 17.34 -3.93
C GLY B 106 -17.47 18.05 -5.24
N GLU B 107 -17.81 19.34 -5.27
CA GLU B 107 -17.71 20.18 -6.46
C GLU B 107 -16.23 20.56 -6.70
N TYR B 108 -15.58 19.79 -7.59
CA TYR B 108 -14.22 20.05 -8.05
C TYR B 108 -14.30 20.86 -9.36
N LYS B 109 -14.33 22.19 -9.22
CA LYS B 109 -14.45 23.11 -10.36
C LYS B 109 -13.04 23.55 -10.78
N LEU B 110 -12.62 23.10 -11.97
CA LEU B 110 -11.32 23.43 -12.58
C LEU B 110 -11.21 24.96 -12.76
N GLY B 111 -10.38 25.59 -11.90
CA GLY B 111 -10.12 27.03 -11.97
C GLY B 111 -11.24 27.89 -11.41
N GLU B 112 -11.78 27.47 -10.26
CA GLU B 112 -12.73 28.28 -9.48
C GLU B 112 -12.50 28.00 -7.99
N ASP B 113 -12.67 26.72 -7.59
CA ASP B 113 -12.45 26.26 -6.20
C ASP B 113 -12.62 24.72 -6.10
N PHE B 114 -12.56 24.21 -4.86
CA PHE B 114 -12.78 22.80 -4.53
C PHE B 114 -13.66 22.75 -3.27
N THR B 115 -14.98 22.68 -3.50
CA THR B 115 -15.95 22.36 -2.45
C THR B 115 -15.98 20.83 -2.26
N TYR B 116 -15.95 20.34 -1.02
CA TYR B 116 -15.99 18.90 -0.74
C TYR B 116 -16.72 18.61 0.58
N SER B 117 -17.35 17.43 0.64
CA SER B 117 -18.17 17.00 1.76
C SER B 117 -17.27 16.25 2.77
N VAL B 118 -16.80 16.98 3.78
CA VAL B 118 -15.95 16.41 4.84
C VAL B 118 -16.85 15.71 5.88
N GLU B 119 -17.22 14.46 5.58
CA GLU B 119 -18.21 13.70 6.33
C GLU B 119 -17.55 12.83 7.38
N PHE B 120 -17.52 13.33 8.63
CA PHE B 120 -17.02 12.56 9.77
C PHE B 120 -18.20 11.90 10.49
N GLU B 121 -17.92 10.80 11.20
CA GLU B 121 -18.87 10.18 12.13
C GLU B 121 -18.19 10.06 13.49
N VAL B 122 -18.91 10.45 14.55
CA VAL B 122 -18.42 10.36 15.94
C VAL B 122 -18.52 8.89 16.44
N TYR B 123 -17.88 8.60 17.59
CA TYR B 123 -17.92 7.26 18.20
C TYR B 123 -19.30 6.99 18.84
N PRO B 124 -20.07 5.96 18.37
CA PRO B 124 -21.28 5.51 19.07
C PRO B 124 -20.96 4.43 20.14
N GLU B 125 -21.68 4.49 21.27
CA GLU B 125 -21.63 3.43 22.29
C GLU B 125 -22.27 2.17 21.72
N VAL B 126 -21.43 1.23 21.26
CA VAL B 126 -21.86 -0.02 20.61
C VAL B 126 -22.53 -0.97 21.63
N GLU B 127 -23.63 -1.61 21.21
CA GLU B 127 -24.39 -2.54 22.05
C GLU B 127 -24.05 -3.99 21.69
N LEU B 128 -23.57 -4.75 22.68
CA LEU B 128 -23.45 -6.21 22.57
C LEU B 128 -24.88 -6.80 22.51
N GLN B 129 -25.23 -7.33 21.35
CA GLN B 129 -26.56 -7.92 21.09
C GLN B 129 -26.39 -9.36 20.61
N GLY B 130 -27.46 -10.17 20.75
CA GLY B 130 -27.49 -11.54 20.26
C GLY B 130 -26.80 -12.53 21.18
N LEU B 131 -26.58 -12.13 22.45
CA LEU B 131 -25.93 -12.99 23.48
C LEU B 131 -26.69 -14.34 23.61
N GLU B 132 -28.00 -14.28 23.37
CA GLU B 132 -28.94 -15.40 23.49
C GLU B 132 -29.55 -15.81 22.13
N ALA B 133 -29.03 -15.24 21.02
CA ALA B 133 -29.57 -15.46 19.65
C ALA B 133 -28.58 -16.21 18.75
N ILE B 134 -27.27 -15.92 18.91
CA ILE B 134 -26.19 -16.50 18.08
C ILE B 134 -26.19 -18.05 18.15
N GLU B 135 -26.19 -18.69 16.97
CA GLU B 135 -26.07 -20.15 16.84
C GLU B 135 -24.63 -20.50 16.43
N VAL B 136 -23.76 -20.79 17.40
CA VAL B 136 -22.33 -21.11 17.14
C VAL B 136 -22.19 -22.62 16.82
N GLU B 137 -21.21 -22.98 15.98
CA GLU B 137 -20.96 -24.39 15.59
C GLU B 137 -19.63 -24.89 16.20
N LYS B 138 -19.71 -25.96 17.00
CA LYS B 138 -18.56 -26.83 17.30
C LYS B 138 -18.64 -28.08 16.39
N PRO B 139 -17.88 -28.13 15.25
CA PRO B 139 -17.88 -29.30 14.34
C PRO B 139 -17.10 -30.46 14.99
N ILE B 140 -17.85 -31.39 15.60
CA ILE B 140 -17.28 -32.51 16.36
C ILE B 140 -16.80 -33.60 15.38
N VAL B 141 -15.53 -33.45 14.96
CA VAL B 141 -14.85 -34.33 14.01
C VAL B 141 -13.51 -34.81 14.59
N GLU B 142 -13.08 -36.02 14.20
CA GLU B 142 -11.78 -36.60 14.59
C GLU B 142 -11.05 -37.09 13.32
N VAL B 143 -9.71 -37.09 13.33
CA VAL B 143 -8.91 -37.61 12.18
C VAL B 143 -8.92 -39.15 12.24
N THR B 144 -10.05 -39.71 11.79
CA THR B 144 -10.37 -41.13 11.84
C THR B 144 -9.68 -41.83 10.66
N ASP B 145 -9.25 -43.10 10.84
CA ASP B 145 -8.64 -43.92 9.75
C ASP B 145 -9.62 -44.08 8.55
N ALA B 146 -10.93 -44.03 8.84
CA ALA B 146 -12.00 -44.01 7.83
C ALA B 146 -11.95 -42.72 7.00
N ASP B 147 -11.63 -41.59 7.67
CA ASP B 147 -11.52 -40.26 7.04
C ASP B 147 -10.16 -40.06 6.37
N VAL B 148 -9.12 -40.75 6.87
CA VAL B 148 -7.76 -40.67 6.32
C VAL B 148 -7.70 -41.45 5.01
N ASP B 149 -8.25 -42.69 5.04
CA ASP B 149 -8.32 -43.57 3.87
C ASP B 149 -9.48 -43.14 2.94
N GLY B 150 -10.52 -42.52 3.52
CA GLY B 150 -11.62 -41.91 2.75
C GLY B 150 -11.14 -40.71 1.93
N MET B 151 -10.36 -39.82 2.59
CA MET B 151 -9.72 -38.67 1.93
C MET B 151 -8.69 -39.19 0.93
N LEU B 152 -8.00 -40.30 1.29
CA LEU B 152 -7.00 -40.96 0.42
C LEU B 152 -7.65 -41.43 -0.89
N ASP B 153 -8.88 -41.98 -0.77
CA ASP B 153 -9.69 -42.45 -1.91
C ASP B 153 -10.04 -41.25 -2.82
N THR B 154 -10.55 -40.18 -2.16
CA THR B 154 -10.87 -38.90 -2.82
C THR B 154 -9.61 -38.31 -3.51
N LEU B 155 -8.44 -38.49 -2.86
CA LEU B 155 -7.15 -37.96 -3.32
C LEU B 155 -6.68 -38.71 -4.57
N ARG B 156 -6.72 -40.05 -4.52
CA ARG B 156 -6.19 -40.91 -5.60
C ARG B 156 -7.11 -40.89 -6.85
N LYS B 157 -8.40 -40.52 -6.64
CA LYS B 157 -9.33 -40.19 -7.76
C LYS B 157 -9.05 -38.77 -8.33
N GLN B 158 -8.89 -37.77 -7.42
CA GLN B 158 -8.71 -36.35 -7.81
C GLN B 158 -7.30 -36.08 -8.38
N GLN B 159 -6.36 -36.93 -8.02
CA GLN B 159 -4.95 -36.83 -8.44
C GLN B 159 -4.60 -38.02 -9.33
N ALA B 160 -5.64 -38.52 -10.06
CA ALA B 160 -5.51 -39.54 -11.10
C ALA B 160 -4.54 -39.05 -12.20
N THR B 161 -3.74 -40.00 -12.74
CA THR B 161 -2.66 -39.69 -13.69
C THR B 161 -3.20 -39.19 -15.03
N TRP B 162 -2.30 -38.63 -15.85
CA TRP B 162 -2.65 -37.96 -17.10
C TRP B 162 -2.05 -38.71 -18.29
N LYS B 163 -2.77 -38.69 -19.41
CA LYS B 163 -2.35 -39.31 -20.68
C LYS B 163 -2.76 -38.40 -21.85
N GLU B 164 -2.45 -38.80 -23.08
CA GLU B 164 -2.83 -38.05 -24.29
C GLU B 164 -4.23 -38.49 -24.74
N LYS B 165 -5.04 -37.55 -25.27
CA LYS B 165 -6.39 -37.86 -25.80
C LYS B 165 -6.44 -37.69 -27.32
N ASP B 166 -6.97 -38.71 -28.01
CA ASP B 166 -7.27 -38.66 -29.44
C ASP B 166 -8.79 -38.48 -29.64
N GLY B 167 -9.20 -37.22 -29.89
CA GLY B 167 -10.60 -36.90 -30.17
C GLY B 167 -10.92 -35.43 -29.92
N ALA B 168 -12.19 -35.17 -29.60
CA ALA B 168 -12.70 -33.82 -29.33
C ALA B 168 -12.61 -33.50 -27.83
N VAL B 169 -12.53 -32.19 -27.51
CA VAL B 169 -12.34 -31.71 -26.14
C VAL B 169 -13.65 -31.81 -25.34
N GLU B 170 -13.53 -32.19 -24.05
CA GLU B 170 -14.64 -32.20 -23.09
C GLU B 170 -14.24 -31.42 -21.83
N ALA B 171 -15.25 -31.02 -21.05
CA ALA B 171 -15.05 -30.36 -19.75
C ALA B 171 -14.58 -31.38 -18.68
N GLU B 172 -14.72 -32.69 -19.00
CA GLU B 172 -14.27 -33.80 -18.14
C GLU B 172 -12.89 -34.34 -18.57
N ASP B 173 -12.07 -33.49 -19.22
CA ASP B 173 -10.65 -33.80 -19.54
C ASP B 173 -9.72 -32.89 -18.75
N ARG B 174 -8.41 -32.96 -19.07
CA ARG B 174 -7.45 -31.90 -18.71
C ARG B 174 -6.94 -31.26 -20.00
N VAL B 175 -7.53 -30.13 -20.36
CA VAL B 175 -7.20 -29.43 -21.61
C VAL B 175 -6.40 -28.16 -21.29
N THR B 176 -5.13 -28.17 -21.67
CA THR B 176 -4.28 -26.99 -21.60
C THR B 176 -4.67 -26.03 -22.74
N ILE B 177 -5.24 -24.88 -22.38
CA ILE B 177 -5.68 -23.85 -23.32
C ILE B 177 -4.89 -22.56 -23.10
N ASP B 178 -4.57 -21.88 -24.18
CA ASP B 178 -3.89 -20.59 -24.17
C ASP B 178 -4.92 -19.56 -24.66
N PHE B 179 -5.38 -18.66 -23.76
CA PHE B 179 -6.52 -17.77 -24.05
C PHE B 179 -6.25 -16.32 -23.61
N THR B 180 -6.82 -15.40 -24.39
CA THR B 180 -6.79 -13.96 -24.16
C THR B 180 -7.71 -13.28 -25.21
N GLY B 181 -8.07 -12.03 -24.98
CA GLY B 181 -8.91 -11.28 -25.90
C GLY B 181 -9.16 -9.88 -25.37
N SER B 182 -10.43 -9.51 -25.19
CA SER B 182 -10.82 -8.23 -24.59
C SER B 182 -12.23 -8.37 -23.98
N VAL B 183 -12.40 -7.76 -22.80
CA VAL B 183 -13.69 -7.69 -22.09
C VAL B 183 -14.45 -6.43 -22.55
N ASP B 184 -15.35 -6.62 -23.54
CA ASP B 184 -16.34 -5.61 -23.99
C ASP B 184 -15.65 -4.36 -24.59
N GLY B 185 -14.45 -4.60 -25.15
CA GLY B 185 -13.63 -3.56 -25.76
C GLY B 185 -12.61 -2.97 -24.80
N GLU B 186 -12.35 -3.66 -23.67
CA GLU B 186 -11.38 -3.21 -22.65
C GLU B 186 -10.39 -4.34 -22.29
N GLU B 187 -9.13 -3.97 -22.00
CA GLU B 187 -8.08 -4.90 -21.56
C GLU B 187 -8.30 -5.24 -20.06
N PHE B 188 -7.98 -6.49 -19.70
CA PHE B 188 -8.16 -7.04 -18.35
C PHE B 188 -6.81 -7.57 -17.83
N GLU B 189 -6.18 -6.76 -16.95
CA GLU B 189 -4.84 -7.01 -16.41
C GLU B 189 -4.82 -8.28 -15.53
N GLY B 190 -4.15 -9.33 -16.03
CA GLY B 190 -3.94 -10.57 -15.28
C GLY B 190 -5.19 -11.46 -15.14
N GLY B 191 -6.26 -11.13 -15.90
CA GLY B 191 -7.53 -11.92 -15.87
C GLY B 191 -7.54 -13.04 -16.91
N LYS B 192 -6.34 -13.51 -17.26
CA LYS B 192 -6.09 -14.46 -18.36
C LYS B 192 -4.76 -15.18 -18.10
N ALA B 193 -4.58 -16.32 -18.76
CA ALA B 193 -3.44 -17.21 -18.52
C ALA B 193 -2.94 -17.80 -19.85
N SER B 194 -1.79 -17.28 -20.32
CA SER B 194 -1.06 -17.80 -21.49
C SER B 194 -0.39 -19.13 -21.11
N ASP B 195 -0.88 -20.25 -21.69
CA ASP B 195 -0.58 -21.62 -21.25
C ASP B 195 -1.27 -21.89 -19.89
N PHE B 196 -2.60 -21.94 -19.95
CA PHE B 196 -3.47 -22.32 -18.81
C PHE B 196 -3.78 -23.80 -18.90
N VAL B 197 -3.94 -24.47 -17.75
CA VAL B 197 -4.29 -25.89 -17.69
C VAL B 197 -5.67 -26.07 -17.00
N LEU B 198 -6.68 -26.51 -17.77
CA LEU B 198 -8.05 -26.76 -17.26
C LEU B 198 -8.21 -28.25 -16.87
N ALA B 199 -8.16 -28.53 -15.55
CA ALA B 199 -8.30 -29.89 -15.00
C ALA B 199 -9.69 -30.09 -14.39
N MET B 200 -10.39 -31.14 -14.83
CA MET B 200 -11.71 -31.52 -14.30
C MET B 200 -11.63 -32.11 -12.87
N GLY B 201 -12.82 -32.39 -12.31
CA GLY B 201 -12.96 -33.06 -11.00
C GLY B 201 -13.18 -32.07 -9.87
N GLN B 202 -13.00 -30.78 -10.18
CA GLN B 202 -13.06 -29.67 -9.21
C GLN B 202 -14.38 -28.90 -9.39
N GLY B 203 -14.50 -27.74 -8.73
CA GLY B 203 -15.56 -26.77 -9.02
C GLY B 203 -15.38 -26.18 -10.42
N ARG B 204 -16.46 -26.15 -11.22
CA ARG B 204 -16.42 -25.71 -12.64
C ARG B 204 -16.79 -24.21 -12.79
N MET B 205 -16.41 -23.64 -13.94
CA MET B 205 -16.45 -22.18 -14.22
C MET B 205 -17.84 -21.72 -14.72
N ILE B 206 -17.97 -20.39 -14.92
CA ILE B 206 -19.18 -19.72 -15.43
C ILE B 206 -19.74 -20.40 -16.72
N PRO B 207 -21.10 -20.70 -16.76
CA PRO B 207 -21.76 -21.31 -17.95
C PRO B 207 -21.59 -20.43 -19.20
N GLY B 208 -20.69 -20.86 -20.09
CA GLY B 208 -20.33 -20.10 -21.27
C GLY B 208 -18.94 -20.48 -21.76
N PHE B 209 -17.97 -20.42 -20.83
CA PHE B 209 -16.55 -20.57 -21.17
C PHE B 209 -16.25 -22.02 -21.57
N GLU B 210 -16.39 -22.93 -20.59
CA GLU B 210 -16.08 -24.37 -20.76
C GLU B 210 -16.97 -25.00 -21.83
N ASP B 211 -18.18 -24.42 -22.00
CA ASP B 211 -19.14 -24.78 -23.07
C ASP B 211 -18.48 -24.67 -24.46
N GLY B 212 -17.72 -23.58 -24.66
CA GLY B 212 -17.02 -23.34 -25.92
C GLY B 212 -15.82 -24.26 -26.09
N ILE B 213 -15.12 -24.49 -24.96
CA ILE B 213 -13.93 -25.36 -24.89
C ILE B 213 -14.28 -26.78 -25.36
N LYS B 214 -15.40 -27.31 -24.84
CA LYS B 214 -15.90 -28.65 -25.21
C LYS B 214 -16.79 -28.62 -26.46
N GLY B 215 -16.76 -27.50 -27.22
CA GLY B 215 -17.56 -27.36 -28.43
C GLY B 215 -16.72 -27.54 -29.70
N HIS B 216 -15.47 -28.03 -29.52
CA HIS B 216 -14.49 -28.18 -30.61
C HIS B 216 -13.64 -29.45 -30.40
N LYS B 217 -12.79 -29.72 -31.40
CA LYS B 217 -11.84 -30.87 -31.40
C LYS B 217 -10.41 -30.34 -31.30
N ALA B 218 -9.47 -31.21 -30.94
CA ALA B 218 -8.06 -30.84 -30.69
C ALA B 218 -7.32 -30.41 -31.98
N GLY B 219 -6.23 -29.64 -31.79
CA GLY B 219 -5.32 -29.28 -32.87
C GLY B 219 -5.68 -27.99 -33.60
N GLU B 220 -6.83 -27.41 -33.27
CA GLU B 220 -7.35 -26.19 -33.93
C GLU B 220 -7.56 -25.06 -32.89
N GLU B 221 -7.69 -23.83 -33.39
CA GLU B 221 -7.95 -22.63 -32.57
C GLU B 221 -9.33 -22.05 -32.90
N PHE B 222 -9.87 -21.25 -31.99
CA PHE B 222 -11.17 -20.57 -32.14
C PHE B 222 -11.26 -19.39 -31.18
N THR B 223 -12.45 -18.78 -31.07
CA THR B 223 -12.73 -17.73 -30.10
C THR B 223 -14.14 -17.91 -29.51
N ILE B 224 -14.28 -17.59 -28.21
CA ILE B 224 -15.56 -17.66 -27.47
C ILE B 224 -15.86 -16.31 -26.81
N ASP B 225 -17.09 -15.83 -26.96
CA ASP B 225 -17.56 -14.59 -26.32
C ASP B 225 -18.48 -14.96 -25.16
N VAL B 226 -17.97 -14.84 -23.92
CA VAL B 226 -18.73 -15.21 -22.70
C VAL B 226 -18.85 -13.98 -21.79
N THR B 227 -20.09 -13.68 -21.36
CA THR B 227 -20.38 -12.55 -20.48
C THR B 227 -20.11 -12.94 -19.02
N PHE B 228 -19.39 -12.06 -18.29
CA PHE B 228 -19.18 -12.20 -16.84
C PHE B 228 -20.50 -11.87 -16.09
N PRO B 229 -20.81 -12.60 -14.96
CA PRO B 229 -21.98 -12.30 -14.10
C PRO B 229 -21.99 -10.84 -13.60
N GLU B 230 -23.18 -10.25 -13.47
CA GLU B 230 -23.34 -8.91 -12.85
C GLU B 230 -23.07 -8.96 -11.33
N GLU B 231 -22.90 -10.19 -10.80
CA GLU B 231 -22.58 -10.48 -9.40
C GLU B 231 -21.05 -10.71 -9.24
N TYR B 232 -20.31 -10.66 -10.37
CA TYR B 232 -18.83 -10.85 -10.40
C TYR B 232 -18.14 -9.74 -9.58
N HIS B 233 -17.06 -10.11 -8.87
CA HIS B 233 -16.36 -9.23 -7.88
C HIS B 233 -15.36 -8.24 -8.54
N ALA B 234 -15.64 -7.78 -9.76
CA ALA B 234 -14.88 -6.71 -10.43
C ALA B 234 -15.86 -5.82 -11.23
N GLU B 235 -15.84 -4.50 -10.94
CA GLU B 235 -16.83 -3.51 -11.44
C GLU B 235 -16.76 -3.35 -12.97
N ASN B 236 -15.52 -3.30 -13.48
CA ASN B 236 -15.24 -3.09 -14.91
C ASN B 236 -15.56 -4.37 -15.74
N LEU B 237 -15.51 -5.55 -15.07
CA LEU B 237 -15.68 -6.86 -15.75
C LEU B 237 -17.12 -7.40 -15.65
N LYS B 238 -17.84 -7.07 -14.55
CA LYS B 238 -19.18 -7.66 -14.27
C LYS B 238 -20.23 -7.12 -15.25
N GLY B 239 -20.98 -8.03 -15.89
CA GLY B 239 -21.99 -7.67 -16.90
C GLY B 239 -21.42 -7.55 -18.31
N LYS B 240 -20.08 -7.43 -18.41
CA LYS B 240 -19.37 -7.19 -19.68
C LYS B 240 -19.08 -8.52 -20.41
N ALA B 241 -19.35 -8.56 -21.73
CA ALA B 241 -19.07 -9.72 -22.60
C ALA B 241 -17.58 -9.73 -23.00
N ALA B 242 -16.89 -10.84 -22.78
CA ALA B 242 -15.43 -10.97 -23.01
C ALA B 242 -15.16 -12.02 -24.07
N LYS B 243 -14.41 -11.64 -25.13
CA LYS B 243 -13.98 -12.59 -26.16
C LYS B 243 -12.64 -13.24 -25.75
N PHE B 244 -12.47 -14.53 -26.12
CA PHE B 244 -11.33 -15.37 -25.70
C PHE B 244 -10.89 -16.25 -26.86
N ALA B 245 -9.78 -15.89 -27.50
CA ALA B 245 -9.14 -16.69 -28.55
C ALA B 245 -8.52 -17.95 -27.94
N ILE B 246 -9.29 -19.05 -27.96
CA ILE B 246 -8.91 -20.32 -27.37
C ILE B 246 -7.96 -21.09 -28.30
N ASN B 247 -6.72 -21.25 -27.86
CA ASN B 247 -5.73 -22.09 -28.49
C ASN B 247 -5.70 -23.42 -27.71
N LEU B 248 -6.26 -24.49 -28.29
CA LEU B 248 -6.21 -25.85 -27.70
C LEU B 248 -4.76 -26.34 -27.76
N LYS B 249 -3.98 -25.97 -26.74
CA LYS B 249 -2.52 -26.17 -26.70
C LYS B 249 -2.21 -27.67 -26.49
N LYS B 250 -2.81 -28.26 -25.44
CA LYS B 250 -2.78 -29.71 -25.17
C LYS B 250 -4.19 -30.18 -24.84
N VAL B 251 -4.57 -31.36 -25.35
CA VAL B 251 -5.84 -32.02 -25.02
C VAL B 251 -5.51 -33.41 -24.45
N GLU B 252 -5.45 -33.45 -23.12
CA GLU B 252 -5.01 -34.61 -22.34
C GLU B 252 -6.22 -35.21 -21.61
N GLU B 253 -6.10 -36.47 -21.19
CA GLU B 253 -7.24 -37.26 -20.68
C GLU B 253 -6.96 -37.73 -19.23
N ARG B 254 -8.05 -37.76 -18.44
CA ARG B 254 -8.09 -38.35 -17.09
C ARG B 254 -7.89 -39.87 -17.17
N GLU B 255 -6.94 -40.39 -16.37
CA GLU B 255 -6.68 -41.82 -16.24
C GLU B 255 -6.56 -42.17 -14.76
N LEU B 256 -7.40 -43.10 -14.27
CA LEU B 256 -7.38 -43.58 -12.87
C LEU B 256 -6.84 -45.03 -12.84
N PRO B 257 -5.47 -45.26 -12.83
CA PRO B 257 -4.89 -46.62 -12.76
C PRO B 257 -4.80 -47.09 -11.29
N GLU B 258 -3.99 -46.36 -10.49
CA GLU B 258 -3.83 -46.58 -9.03
C GLU B 258 -2.96 -45.43 -8.47
N LEU B 259 -2.93 -45.29 -7.14
CA LEU B 259 -2.00 -44.37 -6.44
C LEU B 259 -0.56 -44.94 -6.57
N THR B 260 0.12 -44.54 -7.63
CA THR B 260 1.45 -45.04 -8.01
C THR B 260 2.58 -44.25 -7.35
N ALA B 261 3.74 -44.93 -7.16
CA ALA B 261 5.00 -44.35 -6.62
C ALA B 261 5.46 -43.12 -7.44
N GLU B 262 5.19 -43.19 -8.76
CA GLU B 262 5.41 -42.10 -9.73
C GLU B 262 4.72 -40.80 -9.25
N PHE B 263 3.51 -40.96 -8.67
CA PHE B 263 2.76 -39.84 -8.08
C PHE B 263 3.30 -39.51 -6.68
N ILE B 264 3.53 -40.55 -5.84
CA ILE B 264 3.98 -40.38 -4.41
C ILE B 264 5.17 -39.41 -4.32
N LYS B 265 6.14 -39.60 -5.23
CA LYS B 265 7.29 -38.68 -5.39
C LYS B 265 6.83 -37.24 -5.73
N ARG B 266 5.91 -37.13 -6.71
CA ARG B 266 5.46 -35.83 -7.29
C ARG B 266 4.61 -35.03 -6.28
N PHE B 267 4.03 -35.74 -5.30
CA PHE B 267 3.22 -35.14 -4.23
C PHE B 267 4.13 -34.38 -3.22
N GLY B 268 5.43 -34.73 -3.24
CA GLY B 268 6.43 -34.12 -2.34
C GLY B 268 7.02 -35.14 -1.38
N VAL B 269 6.50 -36.38 -1.42
CA VAL B 269 6.97 -37.47 -0.55
C VAL B 269 8.23 -38.10 -1.19
N GLU B 270 9.38 -37.48 -0.90
CA GLU B 270 10.72 -37.94 -1.33
C GLU B 270 11.02 -39.31 -0.70
N ASP B 271 10.49 -39.49 0.53
CA ASP B 271 10.54 -40.76 1.29
C ASP B 271 10.01 -41.95 0.47
N GLY B 272 8.99 -41.70 -0.36
CA GLY B 272 8.50 -42.66 -1.34
C GLY B 272 7.58 -43.74 -0.79
N SER B 273 7.79 -44.16 0.47
CA SER B 273 6.93 -45.12 1.17
C SER B 273 5.48 -44.63 1.15
N VAL B 274 4.53 -45.48 0.70
CA VAL B 274 3.10 -45.09 0.64
C VAL B 274 2.54 -44.89 2.08
N GLU B 275 3.05 -45.70 3.03
CA GLU B 275 2.82 -45.49 4.47
C GLU B 275 3.42 -44.14 4.93
N GLY B 276 4.46 -43.64 4.22
CA GLY B 276 5.00 -42.30 4.43
C GLY B 276 4.09 -41.22 3.86
N LEU B 277 3.31 -41.60 2.81
CA LEU B 277 2.30 -40.72 2.18
C LEU B 277 1.15 -40.56 3.19
N ARG B 278 0.84 -41.66 3.90
CA ARG B 278 -0.15 -41.67 5.00
C ARG B 278 0.30 -40.71 6.11
N ALA B 279 1.62 -40.69 6.39
CA ALA B 279 2.22 -39.82 7.43
C ALA B 279 2.08 -38.34 7.05
N GLU B 280 2.33 -38.03 5.75
CA GLU B 280 2.17 -36.66 5.22
C GLU B 280 0.69 -36.23 5.21
N VAL B 281 -0.20 -37.20 4.98
CA VAL B 281 -1.65 -37.02 5.07
C VAL B 281 -2.06 -36.73 6.53
N ARG B 282 -1.42 -37.42 7.49
CA ARG B 282 -1.65 -37.16 8.93
C ARG B 282 -1.19 -35.73 9.29
N LYS B 283 -0.05 -35.28 8.68
CA LYS B 283 0.48 -33.90 8.85
C LYS B 283 -0.57 -32.87 8.40
N ASN B 284 -1.00 -32.99 7.12
CA ASN B 284 -1.98 -32.08 6.50
C ASN B 284 -3.30 -32.08 7.28
N MET B 285 -3.89 -33.28 7.46
CA MET B 285 -5.22 -33.45 8.07
C MET B 285 -5.25 -32.91 9.51
N GLU B 286 -4.24 -33.25 10.35
CA GLU B 286 -4.20 -32.79 11.77
C GLU B 286 -4.08 -31.26 11.88
N ARG B 287 -3.09 -30.68 11.17
CA ARG B 287 -2.83 -29.22 11.22
C ARG B 287 -4.06 -28.45 10.74
N GLU B 288 -4.60 -28.86 9.59
CA GLU B 288 -5.76 -28.21 8.96
C GLU B 288 -7.07 -28.60 9.68
N LEU B 289 -7.06 -29.67 10.52
CA LEU B 289 -8.22 -30.03 11.38
C LEU B 289 -8.34 -28.98 12.48
N LYS B 290 -7.23 -28.80 13.24
CA LYS B 290 -7.15 -27.82 14.34
C LYS B 290 -7.45 -26.40 13.82
N SER B 291 -6.87 -26.08 12.64
CA SER B 291 -7.05 -24.78 11.98
C SER B 291 -8.48 -24.61 11.45
N ALA B 292 -9.12 -25.70 10.96
CA ALA B 292 -10.51 -25.66 10.43
C ALA B 292 -11.53 -25.49 11.56
N ILE B 293 -11.31 -26.16 12.71
CA ILE B 293 -12.20 -26.03 13.88
C ILE B 293 -12.09 -24.62 14.46
N ARG B 294 -10.83 -24.16 14.64
CA ARG B 294 -10.54 -22.81 15.16
C ARG B 294 -11.17 -21.74 14.26
N ASN B 295 -10.93 -21.87 12.94
CA ASN B 295 -11.39 -20.89 11.93
C ASN B 295 -12.92 -20.95 11.79
N ARG B 296 -13.53 -22.14 11.90
CA ARG B 296 -15.00 -22.31 11.77
C ARG B 296 -15.70 -21.64 12.95
N VAL B 297 -15.34 -22.05 14.18
CA VAL B 297 -15.99 -21.54 15.41
C VAL B 297 -15.74 -20.01 15.55
N LYS B 298 -14.53 -19.55 15.12
CA LYS B 298 -14.17 -18.12 15.12
C LYS B 298 -15.05 -17.35 14.12
N SER B 299 -15.12 -17.83 12.86
CA SER B 299 -15.83 -17.14 11.76
C SER B 299 -17.35 -17.10 12.00
N GLN B 300 -17.90 -18.17 12.63
CA GLN B 300 -19.35 -18.26 12.92
C GLN B 300 -19.70 -17.45 14.19
N ALA B 301 -18.74 -17.36 15.14
CA ALA B 301 -18.88 -16.51 16.33
C ALA B 301 -18.87 -15.02 15.94
N ILE B 302 -17.89 -14.64 15.09
CA ILE B 302 -17.75 -13.27 14.58
C ILE B 302 -18.96 -12.89 13.72
N GLU B 303 -19.34 -13.80 12.80
CA GLU B 303 -20.57 -13.66 11.99
C GLU B 303 -21.79 -13.52 12.91
N GLY B 304 -21.76 -14.25 14.04
CA GLY B 304 -22.79 -14.16 15.07
C GLY B 304 -22.93 -12.75 15.64
N LEU B 305 -21.83 -12.21 16.20
CA LEU B 305 -21.79 -10.88 16.84
C LEU B 305 -22.21 -9.77 15.85
N VAL B 306 -21.64 -9.83 14.63
CA VAL B 306 -21.89 -8.82 13.58
C VAL B 306 -23.36 -8.87 13.11
N LYS B 307 -23.86 -10.10 12.82
CA LYS B 307 -25.24 -10.31 12.34
C LYS B 307 -26.27 -9.98 13.44
N ALA B 308 -25.83 -10.08 14.70
CA ALA B 308 -26.63 -9.69 15.87
C ALA B 308 -26.66 -8.17 16.05
N ASN B 309 -25.62 -7.47 15.55
CA ASN B 309 -25.43 -6.02 15.77
C ASN B 309 -24.89 -5.38 14.49
N ASP B 310 -25.77 -5.27 13.48
CA ASP B 310 -25.46 -4.63 12.19
C ASP B 310 -25.58 -3.11 12.33
N ILE B 311 -24.55 -2.49 12.90
CA ILE B 311 -24.49 -1.03 13.07
C ILE B 311 -23.71 -0.37 11.90
N ASP B 312 -23.84 0.96 11.83
CA ASP B 312 -23.03 1.79 10.93
C ASP B 312 -21.84 2.35 11.73
N VAL B 313 -20.64 1.96 11.29
CA VAL B 313 -19.37 2.40 11.88
C VAL B 313 -18.86 3.63 11.10
N PRO B 314 -18.22 4.64 11.79
CA PRO B 314 -17.45 5.72 11.14
C PRO B 314 -16.70 5.27 9.87
N ALA B 315 -17.14 5.86 8.74
CA ALA B 315 -16.68 5.53 7.38
C ALA B 315 -15.16 5.64 7.21
N ALA B 316 -14.52 6.41 8.11
CA ALA B 316 -13.05 6.60 8.14
C ALA B 316 -12.30 5.26 8.30
N LEU B 317 -12.71 4.47 9.32
CA LEU B 317 -12.05 3.20 9.69
C LEU B 317 -12.19 2.19 8.54
N ILE B 318 -13.44 2.10 8.07
CA ILE B 318 -13.85 1.22 6.97
C ILE B 318 -13.06 1.59 5.69
N ASP B 319 -13.04 2.89 5.36
CA ASP B 319 -12.39 3.40 4.11
C ASP B 319 -10.85 3.36 4.19
N SER B 320 -10.31 3.33 5.43
CA SER B 320 -8.88 3.10 5.67
C SER B 320 -8.51 1.65 5.29
N GLU B 321 -9.34 0.69 5.78
CA GLU B 321 -9.22 -0.73 5.41
C GLU B 321 -9.45 -0.94 3.89
N ILE B 322 -10.41 -0.19 3.30
CA ILE B 322 -10.65 -0.15 1.83
C ILE B 322 -9.34 0.22 1.14
N ASP B 323 -8.75 1.36 1.56
CA ASP B 323 -7.53 1.91 0.95
C ASP B 323 -6.40 0.87 0.91
N VAL B 324 -6.09 0.26 2.07
CA VAL B 324 -5.05 -0.77 2.19
C VAL B 324 -5.32 -1.96 1.22
N LEU B 325 -6.49 -2.61 1.42
CA LEU B 325 -6.88 -3.85 0.71
C LEU B 325 -7.04 -3.62 -0.82
N ARG B 326 -7.53 -2.44 -1.21
CA ARG B 326 -7.93 -2.12 -2.60
C ARG B 326 -6.72 -1.71 -3.43
N ARG B 327 -5.84 -0.88 -2.80
CA ARG B 327 -4.57 -0.46 -3.41
C ARG B 327 -3.69 -1.69 -3.67
N GLN B 328 -3.60 -2.55 -2.62
CA GLN B 328 -2.81 -3.80 -2.64
C GLN B 328 -3.41 -4.79 -3.67
N ALA B 329 -4.76 -4.86 -3.74
CA ALA B 329 -5.48 -5.77 -4.66
C ALA B 329 -5.17 -5.42 -6.12
N ALA B 330 -5.31 -4.12 -6.46
CA ALA B 330 -5.00 -3.61 -7.82
C ALA B 330 -3.50 -3.80 -8.17
N GLN B 331 -2.64 -3.66 -7.14
CA GLN B 331 -1.19 -3.91 -7.27
C GLN B 331 -0.91 -5.43 -7.49
N ARG B 332 -1.86 -6.31 -7.09
CA ARG B 332 -1.71 -7.78 -7.24
C ARG B 332 -2.30 -8.22 -8.60
N PHE B 333 -3.63 -8.07 -8.75
CA PHE B 333 -4.40 -8.50 -9.93
C PHE B 333 -4.36 -7.43 -11.04
N GLY B 334 -3.19 -6.79 -11.21
CA GLY B 334 -3.03 -5.73 -12.22
C GLY B 334 -1.62 -5.19 -12.27
N GLY B 335 -1.03 -4.99 -11.07
CA GLY B 335 0.35 -4.48 -10.95
C GLY B 335 0.37 -2.98 -10.73
N ASN B 336 -0.73 -2.32 -11.14
CA ASN B 336 -0.93 -0.88 -11.02
C ASN B 336 -2.06 -0.62 -10.03
N GLU B 337 -1.76 0.14 -8.97
CA GLU B 337 -2.77 0.56 -7.98
C GLU B 337 -3.71 1.66 -8.55
N LYS B 338 -3.38 2.15 -9.76
CA LYS B 338 -4.28 3.00 -10.58
C LYS B 338 -5.58 2.24 -10.97
N GLN B 339 -5.48 0.88 -11.06
CA GLN B 339 -6.61 -0.01 -11.40
C GLN B 339 -7.69 -0.03 -10.29
N ALA B 340 -7.30 0.39 -9.05
CA ALA B 340 -8.14 0.33 -7.84
C ALA B 340 -9.52 0.97 -8.04
N LEU B 341 -9.54 2.09 -8.79
CA LEU B 341 -10.77 2.86 -9.08
C LEU B 341 -11.83 1.99 -9.80
N GLU B 342 -11.36 1.10 -10.69
CA GLU B 342 -12.21 0.18 -11.47
C GLU B 342 -12.61 -1.07 -10.67
N LEU B 343 -12.02 -1.27 -9.48
CA LEU B 343 -12.29 -2.44 -8.62
C LEU B 343 -13.19 -1.94 -7.44
N PRO B 344 -14.43 -2.50 -7.25
CA PRO B 344 -15.47 -1.87 -6.39
C PRO B 344 -15.17 -1.99 -4.87
N ARG B 345 -14.95 -0.82 -4.23
CA ARG B 345 -14.61 -0.72 -2.78
C ARG B 345 -15.67 -1.40 -1.89
N GLU B 346 -16.89 -1.53 -2.45
CA GLU B 346 -18.06 -2.17 -1.82
C GLU B 346 -17.75 -3.59 -1.32
N LEU B 347 -16.93 -4.36 -2.08
CA LEU B 347 -16.61 -5.76 -1.66
C LEU B 347 -15.59 -5.76 -0.50
N PHE B 348 -14.79 -4.66 -0.40
CA PHE B 348 -13.82 -4.47 0.69
C PHE B 348 -14.55 -3.93 1.93
N GLU B 349 -15.66 -3.19 1.67
CA GLU B 349 -16.51 -2.57 2.70
C GLU B 349 -17.14 -3.62 3.62
N GLU B 350 -17.47 -4.76 3.02
CA GLU B 350 -18.04 -5.93 3.72
C GLU B 350 -17.02 -6.43 4.78
N GLN B 351 -15.79 -6.76 4.33
CA GLN B 351 -14.68 -7.27 5.18
C GLN B 351 -14.24 -6.22 6.24
N ALA B 352 -13.94 -5.01 5.76
CA ALA B 352 -13.65 -3.83 6.60
C ALA B 352 -14.63 -3.71 7.77
N LYS B 353 -15.94 -3.63 7.43
CA LYS B 353 -17.01 -3.44 8.41
C LYS B 353 -17.06 -4.62 9.40
N ARG B 354 -16.68 -5.85 8.96
CA ARG B 354 -16.51 -6.99 9.87
C ARG B 354 -15.42 -6.67 10.90
N ARG B 355 -14.26 -6.18 10.41
CA ARG B 355 -13.05 -5.98 11.26
C ARG B 355 -13.29 -4.89 12.31
N VAL B 356 -14.00 -3.82 11.91
CA VAL B 356 -14.25 -2.65 12.76
C VAL B 356 -15.44 -2.90 13.73
N VAL B 357 -16.48 -3.67 13.30
CA VAL B 357 -17.59 -4.10 14.18
C VAL B 357 -17.07 -5.09 15.25
N VAL B 358 -16.04 -5.90 14.90
CA VAL B 358 -15.26 -6.71 15.87
C VAL B 358 -14.57 -5.77 16.87
N GLY B 359 -13.85 -4.77 16.33
CA GLY B 359 -13.12 -3.79 17.13
C GLY B 359 -14.00 -3.00 18.09
N LEU B 360 -15.27 -2.79 17.72
CA LEU B 360 -16.26 -2.11 18.56
C LEU B 360 -16.86 -3.08 19.61
N LEU B 361 -17.55 -4.15 19.12
CA LEU B 361 -18.22 -5.16 19.98
C LEU B 361 -17.24 -5.83 20.96
N LEU B 362 -16.24 -6.54 20.39
CA LEU B 362 -15.25 -7.29 21.18
C LEU B 362 -14.31 -6.34 21.93
N GLY B 363 -14.15 -5.12 21.40
CA GLY B 363 -13.43 -4.05 22.08
C GLY B 363 -14.09 -3.69 23.42
N GLU B 364 -15.41 -3.47 23.36
CA GLU B 364 -16.25 -3.12 24.52
C GLU B 364 -16.16 -4.23 25.60
N VAL B 365 -16.14 -5.51 25.12
CA VAL B 365 -16.02 -6.69 25.98
C VAL B 365 -14.69 -6.67 26.76
N ILE B 366 -13.55 -6.68 26.02
CA ILE B 366 -12.20 -6.76 26.65
C ILE B 366 -11.93 -5.56 27.59
N ARG B 367 -12.51 -4.38 27.25
CA ARG B 367 -12.45 -3.17 28.09
C ARG B 367 -13.15 -3.39 29.45
N THR B 368 -14.50 -3.50 29.43
CA THR B 368 -15.30 -3.48 30.69
C THR B 368 -15.26 -4.81 31.45
N ASN B 369 -15.20 -5.94 30.72
CA ASN B 369 -15.06 -7.28 31.33
C ASN B 369 -13.62 -7.50 31.85
N GLU B 370 -12.71 -6.54 31.53
CA GLU B 370 -11.32 -6.49 32.05
C GLU B 370 -10.51 -7.70 31.57
N LEU B 371 -10.74 -8.07 30.29
CA LEU B 371 -10.05 -9.21 29.67
C LEU B 371 -8.61 -8.79 29.36
N LYS B 372 -7.66 -9.44 30.04
CA LYS B 372 -6.22 -9.21 29.87
C LYS B 372 -5.66 -10.45 29.20
N ALA B 373 -4.72 -10.30 28.24
CA ALA B 373 -4.15 -11.43 27.48
C ALA B 373 -3.48 -12.43 28.43
N ASP B 374 -4.30 -13.39 28.92
CA ASP B 374 -3.85 -14.44 29.84
C ASP B 374 -2.70 -15.21 29.24
N GLU B 375 -1.62 -15.39 30.03
CA GLU B 375 -0.43 -16.13 29.61
C GLU B 375 -0.79 -17.53 29.09
N GLU B 376 -1.85 -18.12 29.66
CA GLU B 376 -2.45 -19.38 29.19
C GLU B 376 -2.86 -19.27 27.70
N ARG B 377 -3.64 -18.22 27.39
CA ARG B 377 -4.29 -18.08 26.08
C ARG B 377 -3.27 -17.65 24.99
N VAL B 378 -2.35 -16.73 25.36
CA VAL B 378 -1.35 -16.19 24.43
C VAL B 378 -0.24 -17.22 24.16
N LYS B 379 0.25 -17.95 25.22
CA LYS B 379 1.24 -19.03 25.01
C LYS B 379 0.59 -20.22 24.31
N GLY B 380 -0.72 -20.43 24.55
CA GLY B 380 -1.51 -21.44 23.84
C GLY B 380 -1.49 -21.21 22.32
N LEU B 381 -1.83 -19.95 21.93
CA LEU B 381 -1.76 -19.47 20.54
C LEU B 381 -0.35 -19.69 19.96
N ILE B 382 0.65 -19.08 20.63
CA ILE B 382 2.06 -19.05 20.16
C ILE B 382 2.59 -20.47 19.93
N GLU B 383 2.34 -21.39 20.88
CA GLU B 383 2.80 -22.78 20.79
C GLU B 383 2.06 -23.55 19.67
N GLU B 384 0.75 -23.29 19.51
CA GLU B 384 -0.09 -23.95 18.46
C GLU B 384 0.48 -23.63 17.06
N MET B 385 0.76 -22.33 16.81
CA MET B 385 1.36 -21.85 15.53
C MET B 385 2.88 -22.14 15.50
N ALA B 386 3.51 -22.33 16.68
CA ALA B 386 4.95 -22.66 16.76
C ALA B 386 5.19 -24.13 16.43
N SER B 387 4.16 -24.98 16.61
CA SER B 387 4.18 -26.39 16.18
C SER B 387 4.39 -26.49 14.65
N ALA B 388 3.90 -25.46 13.92
CA ALA B 388 4.10 -25.31 12.47
C ALA B 388 5.57 -24.95 12.14
N TYR B 389 6.28 -24.31 13.10
CA TYR B 389 7.73 -24.02 12.95
C TYR B 389 8.52 -25.28 13.35
N GLU B 390 9.73 -25.40 12.80
CA GLU B 390 10.67 -26.49 13.14
C GLU B 390 11.44 -26.19 14.43
N ASP B 391 11.34 -24.95 14.92
CA ASP B 391 12.08 -24.48 16.10
C ASP B 391 11.12 -23.76 17.08
N PRO B 392 10.12 -24.51 17.70
CA PRO B 392 9.05 -23.90 18.54
C PRO B 392 9.56 -23.18 19.80
N LYS B 393 10.51 -23.82 20.52
CA LYS B 393 11.07 -23.28 21.80
C LYS B 393 11.60 -21.85 21.59
N GLU B 394 12.39 -21.68 20.52
CA GLU B 394 12.99 -20.37 20.14
C GLU B 394 11.89 -19.32 19.91
N VAL B 395 10.74 -19.76 19.38
CA VAL B 395 9.63 -18.89 19.00
C VAL B 395 8.96 -18.34 20.27
N ILE B 396 8.52 -19.26 21.14
CA ILE B 396 7.85 -18.94 22.42
C ILE B 396 8.75 -18.02 23.30
N GLU B 397 10.04 -18.41 23.36
CA GLU B 397 11.09 -17.76 24.17
C GLU B 397 11.31 -16.30 23.75
N PHE B 398 11.59 -16.09 22.45
CA PHE B 398 11.94 -14.76 21.92
C PHE B 398 10.72 -13.83 21.89
N TYR B 399 9.52 -14.40 21.63
CA TYR B 399 8.25 -13.63 21.72
C TYR B 399 8.11 -13.07 23.13
N SER B 400 8.33 -13.93 24.14
CA SER B 400 8.30 -13.56 25.58
C SER B 400 9.29 -12.40 25.91
N LYS B 401 10.41 -12.33 25.15
CA LYS B 401 11.41 -11.24 25.28
C LYS B 401 10.98 -9.98 24.50
N ASN B 402 10.23 -10.16 23.41
CA ASN B 402 9.92 -9.06 22.46
C ASN B 402 8.46 -8.60 22.66
N LYS B 403 8.30 -7.53 23.46
CA LYS B 403 6.99 -6.96 23.83
C LYS B 403 6.27 -6.39 22.60
N GLU B 404 7.05 -5.94 21.60
CA GLU B 404 6.54 -5.33 20.36
C GLU B 404 5.62 -6.33 19.63
N LEU B 405 6.11 -7.56 19.48
CA LEU B 405 5.36 -8.66 18.87
C LEU B 405 4.32 -9.20 19.86
N MET B 406 4.64 -9.19 21.17
CA MET B 406 3.69 -9.59 22.25
C MET B 406 2.47 -8.66 22.30
N ASP B 407 2.59 -7.42 21.78
CA ASP B 407 1.47 -6.47 21.70
C ASP B 407 0.47 -6.89 20.60
N ASN B 408 1.02 -7.39 19.47
CA ASN B 408 0.22 -7.96 18.36
C ASN B 408 -0.37 -9.31 18.80
N MET B 409 0.42 -10.09 19.56
CA MET B 409 -0.01 -11.38 20.11
C MET B 409 -1.00 -11.17 21.26
N ARG B 410 -0.96 -9.98 21.88
CA ARG B 410 -1.92 -9.54 22.92
C ARG B 410 -3.25 -9.19 22.26
N ASN B 411 -3.17 -8.47 21.12
CA ASN B 411 -4.34 -8.07 20.32
C ASN B 411 -5.11 -9.30 19.81
N VAL B 412 -4.38 -10.27 19.20
CA VAL B 412 -5.00 -11.52 18.71
C VAL B 412 -5.49 -12.37 19.88
N ALA B 413 -4.72 -12.41 21.00
CA ALA B 413 -5.11 -13.17 22.20
C ALA B 413 -6.41 -12.65 22.80
N LEU B 414 -6.58 -11.32 22.74
CA LEU B 414 -7.76 -10.63 23.29
C LEU B 414 -8.94 -10.67 22.32
N GLU B 415 -8.69 -10.79 21.01
CA GLU B 415 -9.77 -10.98 20.04
C GLU B 415 -10.37 -12.40 20.23
N GLU B 416 -9.48 -13.40 20.31
CA GLU B 416 -9.86 -14.80 20.60
C GLU B 416 -10.56 -14.87 21.97
N GLN B 417 -9.98 -14.19 22.98
CA GLN B 417 -10.47 -14.20 24.38
C GLN B 417 -11.84 -13.51 24.50
N ALA B 418 -12.05 -12.45 23.70
CA ALA B 418 -13.32 -11.73 23.64
C ALA B 418 -14.41 -12.61 23.05
N VAL B 419 -14.04 -13.36 21.98
CA VAL B 419 -14.88 -14.42 21.41
C VAL B 419 -15.20 -15.49 22.49
N GLU B 420 -14.15 -15.96 23.20
CA GLU B 420 -14.27 -17.04 24.22
C GLU B 420 -15.22 -16.64 25.38
N ALA B 421 -15.16 -15.35 25.77
CA ALA B 421 -15.95 -14.80 26.90
C ALA B 421 -17.46 -14.82 26.57
N VAL B 422 -17.81 -14.27 25.40
CA VAL B 422 -19.22 -14.24 24.92
C VAL B 422 -19.67 -15.66 24.52
N LEU B 423 -18.73 -16.49 24.03
CA LEU B 423 -18.99 -17.85 23.53
C LEU B 423 -19.46 -18.75 24.68
N ALA B 424 -18.65 -18.78 25.75
CA ALA B 424 -18.87 -19.63 26.94
C ALA B 424 -20.26 -19.40 27.57
N LYS B 425 -20.82 -18.20 27.36
CA LYS B 425 -22.13 -17.80 27.91
C LYS B 425 -23.25 -17.92 26.85
N ALA B 426 -22.89 -17.89 25.54
CA ALA B 426 -23.85 -17.97 24.40
C ALA B 426 -24.20 -19.43 24.04
N LYS B 427 -25.11 -19.60 23.04
CA LYS B 427 -25.52 -20.92 22.53
C LYS B 427 -24.48 -21.44 21.52
N VAL B 428 -23.52 -22.20 22.04
CA VAL B 428 -22.49 -22.88 21.25
C VAL B 428 -22.91 -24.34 21.09
N THR B 429 -23.50 -24.65 19.93
CA THR B 429 -24.11 -25.93 19.67
C THR B 429 -23.12 -26.82 18.91
N GLU B 430 -22.74 -27.92 19.55
CA GLU B 430 -21.94 -28.99 18.92
C GLU B 430 -22.75 -29.65 17.79
N LYS B 431 -22.03 -30.19 16.81
CA LYS B 431 -22.63 -30.81 15.63
C LYS B 431 -21.63 -31.88 15.16
N GLU B 432 -21.94 -33.14 15.45
CA GLU B 432 -21.07 -34.29 15.15
C GLU B 432 -21.07 -34.56 13.64
N THR B 433 -19.88 -34.53 13.04
CA THR B 433 -19.67 -34.70 11.60
C THR B 433 -18.38 -35.52 11.37
N THR B 434 -18.02 -35.70 10.09
CA THR B 434 -16.73 -36.29 9.69
C THR B 434 -15.83 -35.22 9.06
N PHE B 435 -14.54 -35.57 8.82
CA PHE B 435 -13.56 -34.69 8.14
C PHE B 435 -14.06 -34.36 6.73
N ASN B 436 -14.74 -35.35 6.10
CA ASN B 436 -15.35 -35.21 4.77
C ASN B 436 -16.44 -34.13 4.76
N GLU B 437 -17.09 -33.92 5.93
CA GLU B 437 -18.17 -32.94 6.11
C GLU B 437 -17.66 -31.60 6.65
N LEU B 438 -16.53 -31.62 7.39
CA LEU B 438 -15.86 -30.39 7.89
C LEU B 438 -15.23 -29.63 6.72
N MET B 439 -14.52 -30.40 5.88
CA MET B 439 -13.76 -29.89 4.73
C MET B 439 -14.65 -29.95 3.45
N ASN B 440 -15.99 -30.05 3.66
CA ASN B 440 -16.99 -30.09 2.58
C ASN B 440 -17.27 -28.65 2.11
N GLN B 441 -16.33 -28.13 1.31
CA GLN B 441 -16.42 -26.79 0.73
C GLN B 441 -17.52 -26.80 -0.36
N GLN B 442 -18.24 -25.67 -0.51
CA GLN B 442 -19.48 -25.59 -1.32
C GLN B 442 -19.25 -25.82 -2.83
N ALA B 443 -17.98 -25.78 -3.29
CA ALA B 443 -17.62 -26.06 -4.70
C ALA B 443 -17.41 -27.59 -4.87
#